data_9I9L
#
_entry.id   9I9L
#
_cell.length_a   1.00
_cell.length_b   1.00
_cell.length_c   1.00
_cell.angle_alpha   90.00
_cell.angle_beta   90.00
_cell.angle_gamma   90.00
#
_symmetry.space_group_name_H-M   'P 1'
#
loop_
_entity.id
_entity.type
_entity.pdbx_description
1 polymer 'Photosystem I P700 chlorophyll a apoprotein A1'
2 polymer 'Photosystem I P700 chlorophyll a apoprotein A2'
3 polymer 'Photosystem I iron-sulfur center'
4 polymer 'Photosystem I reaction center subunit II'
5 polymer 'Photosystem I reaction center subunit IV'
6 polymer 'Photosystem I reaction center subunit III'
7 polymer 'Photosystem I reaction center subunit VIII'
8 polymer 'Photosystem I reaction center subunit IX'
9 polymer 'Photosystem I reaction center subunit PsaK'
10 polymer 'Photosystem I reaction center subunit XI'
11 polymer 'Photosystem I reaction center subunit XII'
12 polymer 'Photosystem one PsaX'
13 non-polymer 'CHLOROPHYLL A ISOMER'
14 non-polymer 'Chlorophyll F'
15 non-polymer 'CHLOROPHYLL A'
16 non-polymer PHYLLOQUINONE
17 non-polymer 'IRON/SULFUR CLUSTER'
18 non-polymer BETA-CAROTENE
19 non-polymer 1,2-DIPALMITOYL-PHOSPHATIDYL-GLYCEROLE
20 non-polymer DODECYL-BETA-D-MALTOSIDE
21 non-polymer 1,2-DISTEAROYL-MONOGALACTOSYL-DIGLYCERIDE
22 non-polymer EICOSANE
23 non-polymer 'CALCIUM ION'
24 water water
#
loop_
_entity_poly.entity_id
_entity_poly.type
_entity_poly.pdbx_seq_one_letter_code
_entity_poly.pdbx_strand_id
1 'polypeptide(L)'
;MTITPEREQKVRVVVDNDPVPTSPELWAKPGHFDRTLARGPKTTTWIWNLHANAHDFDTHTSDLEDISRKIFAAHFGHLA
VIFIWLSGMYFHGAKFSNFEAWMANPTGVKPSAQVVWSLVGQDILNADVGGGFHGIQITSGLFQLWRAAGITNTFQLYCT
AIGGLVMAAIMLFAGWFHYHKRAPKLEWFQNWEAMMNHHLAGLLGLGCLGWAGHQIHVALPVNKLLDAGVAIKDIPLPHE
FILNTSLMAELYPSFAKGLVPFFTLQWGQYADFLTFKGGLNPVTGGLWLSDTAHHHLALAVLFIVAGHFYRTNWGIGHSF
KEMLDDAKSPNMLPFLNFIGPVGHEGLDKIFETSWHANLSIHLVQFGTASLLVAHHMYAMPPYPYLATDYATALSLFTHH
VWIAGFCIVGGAAHAAIFMVRDYDPAHHVNNILDRTLRHRDVIISHLAWVCQFLGFHSFAMYCHNDTMRAFGRPQDMFSD
TGIQLQPIFAQWIQHIHTAAVGAAQVAQPLGDVFGGVRGIELSGLGTTAPGIGAPVSYAWGGGMVAVGGKVAMMPIALGT
ADFLIHHIHAFTIHVTVLVLFKGVLFARGSRLVPDKANLGFRFPCDGPGRGGTCQVSAWDHVFLGLFWMYNSLSMVVFHF
SWKMQSDVWGTVDSDGIVTHLTGGNFATSSITNNGWLRDFLWAQSAQVIQSYNSSLSAYGLMFLAGHFIFGFSLMFLFSG
RGYWQELIESIVWAHNKLKVAPAIQPRALSIVHGRAVGVAHYLLGGIVTTWAFFLARMSAIG
;
A,N,a
2 'polypeptide(L)'
;MATKFPKFSQDLAQDPTTRRIWYAMATAHDFELHDGMTEENLYQKIFASHFGHLAIIFLWASGVLFHVAWQGNFEQWIKD
PLNVRPIAHAIWDAQFGPPAIEAFTRAGATNPVDICYSGVYHWWYTIGMRTNNELYVGAIFLLLLAALFLFAGWLHLQPR
YRPTLGWFKSAEPRLNHHLAGLFGVSSLAWAAHLIHVAIPESRGQHVGWDNFLFTPPHPAGLGAFFTGNWSAYAQNPDTA
QHVFNSSQGAGTAILTFLGGFHPQTQSLWLTDMAHHHVAIAVLFIIAGHMYRTNWGIGHSIKEMLNSKSFFGAKVEGPFN
LPHQGLYDTINNSLHFQLSFALAALGVASSLTAQHMYSMPPYAFIGQDFTTQAALYTHHQYIAGFLMVGAFSHAGIFWIR
DYDPEQNKGNVLDRMLRHKEAIISHLSWVSLFLGFHTLGLYVHNDVEVAFGAAEKQVLIEPVFAQFIQAAHGKALYGFNT
LLSNPDSIASTAWPNHANVWLPGWLDAVNNTTNSLFLTIGPGDFYVHHAIALGLHVTTLVLVKGALDARGSKLMPDKKDF
GYAFPCDGPGRGGTCDISAWDASYLAVFWMLNTLGWVTFYWHWKHLAIWEGNIAQFNESSTYLMGWFRDYLWLHSAQLIN
GYNPYGTNSLAIWSWMFLWGHLAWAVSFMFLITWRGYWQELIETLVWAHEKTPLSFGYWRDKPVALSIVQARLVGLTHFT
VGYIATYGAFLIASTAGKFG
;
B,O,b
3 'polypeptide(L)'
;MSHTVKIYDTCIGCTQCVRACPTDVLEMVPWDGCKAAQIASSPRTEDCVGCKRCETACPTDFLSIRVYLGAETTRSMGLA
Y
;
C,P,c
4 'polypeptide(L)'
;MAETLEGQTPIFGGGTGGLLTKAEREEKYVITWTSPKEQVFEMPTGGSAIMRQGKNKLEIARKEYGIALGGQQLRAKFKI
NDYKIYRVYPNGETQMIHPADGVFPEKVNQGRPKVRYVDRNIGSNPSPAKLKFSGVQPYDAP
;
D,Q,d
5 'polypeptide(L)' MVERGSKVRILRRESYWYQDVGLVASVDKSGIKYPVIVRFDKVNYAGVNTNNFADFELLEIEKPKA E,R,e
6 'polypeptide(L)'
;MRRLLFTLAIAFVIWGSTIPTASAANSTLVPCSKSPAFQARMKNAPDTYYFNKPFKAYAKYELCGTDGLPHLPLDRLDRA
TDVLVPIGLFLYVAGFIGWSGRSYLRATKSASDPEMKEIFIDLPLALQSISKAVLWPLLALQEFLSGDLTARDEEIPISP
R
;
F,S,f
7 'polypeptide(L)' MVDMTQLTGSYAASWLPWIMIPLIFYILPFPVFALIFIWIEKEAGTADEEV I,T,g
8 'polypeptide(L)' MQHVFKYLTLAPVMATFTMVALSVVLIMLQIWFPGLQYGTYFKPTP J,U,h
9 'polypeptide(L)' MTVPNTISWSPQVALIISASSLLILLIASRSIKYPQVGAKLPVNLPVLGSPSVGTFVASMAFGHVVGAGIVLGLSNLGWL K,V,i
10 'polypeptide(L)'
;MTNTANPSVESKLNYRLDTDPVQPYKGDPFNSNFSTAITDSPLARAFINNLPAYRKGLTPFMRGLEIGMAHGYFLVGPEV
VVGPLRETAHGANLSGLITAIYIAVSACLGISIFAITTFQGDPRGAYGSTSKDSLRPLRNRDEWYQLNGGIFLGAMGGAV
FAYLLLENFDALDSILRGGVNVN
;
L,W,j
11 'polypeptide(L)' MMNISDTQVFVALVVALLPGLLAFRLATELYK M,Y,k
12 'polypeptide(L)' APFPFRTIVSLILLAGNILVAAIYFHIIN X,Z,l
#
loop_
_chem_comp.id
_chem_comp.type
_chem_comp.name
_chem_comp.formula
BCR non-polymer BETA-CAROTENE 'C40 H56'
CA non-polymer 'CALCIUM ION' 'Ca 2'
CL0 non-polymer 'CHLOROPHYLL A ISOMER' 'C55 H72 Mg N4 O5 2'
CLA non-polymer 'CHLOROPHYLL A' 'C55 H72 Mg N4 O5'
F6C non-polymer 'Chlorophyll F' 'C55 H68 Mg N4 O6'
LFA non-polymer EICOSANE 'C20 H42'
LHG non-polymer 1,2-DIPALMITOYL-PHOSPHATIDYL-GLYCEROLE 'C38 H75 O10 P'
LMG non-polymer 1,2-DISTEAROYL-MONOGALACTOSYL-DIGLYCERIDE 'C45 H86 O10'
LMT D-saccharide DODECYL-BETA-D-MALTOSIDE 'C24 H46 O11'
PQN non-polymer PHYLLOQUINONE 'C31 H46 O2'
SF4 non-polymer 'IRON/SULFUR CLUSTER' 'Fe4 S4'
#
# COMPACT_ATOMS: atom_id res chain seq x y z
N GLN A 9 47.11 -0.13 -71.70
CA GLN A 9 48.19 0.84 -71.66
C GLN A 9 48.42 1.34 -70.23
N LYS A 10 47.33 1.46 -69.47
CA LYS A 10 47.44 1.96 -68.11
C LYS A 10 48.27 1.03 -67.24
N VAL A 11 48.08 -0.27 -67.37
CA VAL A 11 48.85 -1.26 -66.63
C VAL A 11 50.10 -1.59 -67.44
N ARG A 12 51.27 -1.29 -66.87
CA ARG A 12 52.53 -1.46 -67.57
C ARG A 12 53.64 -1.62 -66.55
N VAL A 13 54.78 -2.10 -67.03
CA VAL A 13 55.93 -2.39 -66.17
C VAL A 13 56.93 -1.24 -66.29
N VAL A 14 57.20 -0.58 -65.17
CA VAL A 14 58.16 0.50 -65.09
C VAL A 14 59.09 0.26 -63.91
N VAL A 15 60.40 0.33 -64.15
CA VAL A 15 61.41 0.05 -63.14
C VAL A 15 62.55 1.05 -63.24
N ASP A 16 63.29 1.16 -62.15
CA ASP A 16 64.57 1.86 -62.08
C ASP A 16 65.71 0.86 -62.16
N ASN A 17 66.76 1.26 -62.86
CA ASN A 17 67.91 0.39 -63.12
C ASN A 17 69.04 0.77 -62.16
N ASP A 18 69.54 -0.23 -61.42
CA ASP A 18 70.61 -0.06 -60.46
C ASP A 18 70.37 1.10 -59.49
N PRO A 19 69.26 1.06 -58.73
CA PRO A 19 69.00 2.18 -57.80
C PRO A 19 69.87 2.15 -56.57
N VAL A 20 70.32 0.96 -56.13
CA VAL A 20 71.13 0.81 -54.94
C VAL A 20 72.35 -0.04 -55.29
N PRO A 21 73.57 0.49 -55.19
CA PRO A 21 74.75 -0.33 -55.45
C PRO A 21 74.87 -1.47 -54.45
N THR A 22 75.42 -2.59 -54.91
CA THR A 22 75.60 -3.78 -54.07
C THR A 22 76.98 -3.71 -53.44
N SER A 23 77.06 -3.12 -52.26
CA SER A 23 78.31 -2.98 -51.54
C SER A 23 78.13 -3.35 -50.07
N PRO A 24 79.12 -3.98 -49.46
CA PRO A 24 79.06 -4.29 -48.02
C PRO A 24 79.52 -3.16 -47.10
N GLU A 25 79.66 -1.94 -47.62
CA GLU A 25 80.15 -0.83 -46.80
C GLU A 25 79.20 -0.53 -45.65
N LEU A 26 77.90 -0.51 -45.92
CA LEU A 26 76.92 -0.21 -44.89
C LEU A 26 76.74 -1.36 -43.89
N TRP A 27 77.29 -2.54 -44.18
CA TRP A 27 77.28 -3.61 -43.19
C TRP A 27 78.09 -3.24 -41.96
N ALA A 28 79.12 -2.40 -42.15
CA ALA A 28 79.96 -1.93 -41.05
C ALA A 28 79.46 -0.63 -40.45
N LYS A 29 78.24 -0.22 -40.78
CA LYS A 29 77.64 1.01 -40.25
C LYS A 29 76.29 0.65 -39.63
N PRO A 30 76.30 0.04 -38.44
CA PRO A 30 75.03 -0.31 -37.79
C PRO A 30 74.20 0.92 -37.51
N GLY A 31 72.89 0.78 -37.69
CA GLY A 31 71.99 1.90 -37.50
C GLY A 31 72.02 2.95 -38.58
N HIS A 32 72.57 2.62 -39.76
CA HIS A 32 72.65 3.58 -40.85
C HIS A 32 71.27 4.00 -41.34
N PHE A 33 70.27 3.11 -41.21
CA PHE A 33 68.93 3.40 -41.72
C PHE A 33 68.24 4.51 -40.93
N ASP A 34 68.68 4.78 -39.72
CA ASP A 34 68.06 5.78 -38.86
C ASP A 34 69.02 6.95 -38.63
N ARG A 35 68.48 8.16 -38.71
CA ARG A 35 69.32 9.35 -38.51
C ARG A 35 69.88 9.39 -37.09
N THR A 36 69.06 9.09 -36.09
CA THR A 36 69.53 9.10 -34.71
C THR A 36 70.55 8.00 -34.47
N LEU A 37 70.30 6.80 -34.99
CA LEU A 37 71.17 5.67 -34.74
C LEU A 37 72.46 5.73 -35.53
N ALA A 38 72.52 6.56 -36.58
CA ALA A 38 73.71 6.61 -37.42
C ALA A 38 74.93 7.18 -36.72
N ARG A 39 74.74 8.01 -35.70
CA ARG A 39 75.86 8.63 -35.00
C ARG A 39 76.63 7.66 -34.11
N GLY A 40 76.09 6.48 -33.85
CA GLY A 40 76.75 5.50 -33.02
C GLY A 40 76.18 5.47 -31.61
N PRO A 41 76.63 4.51 -30.82
CA PRO A 41 76.06 4.34 -29.47
C PRO A 41 76.71 5.25 -28.45
N LYS A 42 75.88 5.81 -27.58
CA LYS A 42 76.33 6.48 -26.37
C LYS A 42 75.88 5.77 -25.10
N THR A 43 74.74 5.08 -25.16
CA THR A 43 74.24 4.26 -24.07
C THR A 43 73.81 2.91 -24.64
N THR A 44 73.53 1.96 -23.74
CA THR A 44 73.11 0.63 -24.18
C THR A 44 71.73 0.65 -24.82
N THR A 45 70.94 1.71 -24.61
CA THR A 45 69.66 1.84 -25.28
C THR A 45 69.81 1.88 -26.80
N TRP A 46 70.99 2.27 -27.29
CA TRP A 46 71.22 2.36 -28.73
C TRP A 46 71.08 0.99 -29.39
N ILE A 47 71.59 -0.06 -28.75
CA ILE A 47 71.51 -1.41 -29.33
C ILE A 47 70.06 -1.85 -29.44
N TRP A 48 69.29 -1.66 -28.37
CA TRP A 48 67.88 -2.04 -28.39
C TRP A 48 67.11 -1.23 -29.43
N ASN A 49 67.43 0.06 -29.56
CA ASN A 49 66.77 0.87 -30.58
C ASN A 49 67.14 0.40 -31.98
N LEU A 50 68.40 0.00 -32.19
CA LEU A 50 68.83 -0.52 -33.48
C LEU A 50 68.06 -1.77 -33.86
N HIS A 51 67.91 -2.70 -32.90
CA HIS A 51 67.17 -3.92 -33.21
C HIS A 51 65.68 -3.68 -33.33
N ALA A 52 65.14 -2.70 -32.60
CA ALA A 52 63.70 -2.46 -32.61
C ALA A 52 63.22 -1.75 -33.88
N ASN A 53 64.07 -0.93 -34.50
CA ASN A 53 63.71 -0.17 -35.67
C ASN A 53 64.28 -0.76 -36.95
N ALA A 54 64.75 -2.00 -36.92
CA ALA A 54 65.44 -2.59 -38.07
C ALA A 54 64.53 -2.70 -39.28
N HIS A 55 63.28 -3.13 -39.07
CA HIS A 55 62.36 -3.40 -40.16
C HIS A 55 61.21 -2.41 -40.23
N ASP A 56 61.30 -1.29 -39.52
CA ASP A 56 60.29 -0.23 -39.60
C ASP A 56 60.68 0.69 -40.76
N PHE A 57 60.38 0.23 -41.98
CA PHE A 57 60.90 0.87 -43.18
C PHE A 57 60.35 2.29 -43.36
N ASP A 58 59.11 2.54 -42.95
CA ASP A 58 58.53 3.87 -43.15
C ASP A 58 59.18 4.94 -42.27
N THR A 59 59.97 4.55 -41.26
CA THR A 59 60.76 5.51 -40.51
C THR A 59 62.19 5.64 -41.03
N HIS A 60 62.62 4.72 -41.89
CA HIS A 60 63.92 4.89 -42.55
C HIS A 60 63.87 6.03 -43.56
N THR A 61 62.78 6.15 -44.29
CA THR A 61 62.63 7.17 -45.31
C THR A 61 61.16 7.51 -45.47
N SER A 62 60.90 8.69 -46.01
CA SER A 62 59.54 9.15 -46.28
C SER A 62 59.09 8.85 -47.70
N ASP A 63 59.92 8.20 -48.51
CA ASP A 63 59.60 7.90 -49.90
C ASP A 63 58.84 6.58 -49.96
N LEU A 64 57.59 6.64 -50.42
CA LEU A 64 56.76 5.44 -50.49
C LEU A 64 57.32 4.41 -51.47
N GLU A 65 57.91 4.88 -52.57
CA GLU A 65 58.45 3.96 -53.59
C GLU A 65 59.60 3.14 -53.03
N ASP A 66 60.54 3.78 -52.33
CA ASP A 66 61.64 3.05 -51.71
C ASP A 66 61.12 2.08 -50.65
N ILE A 67 60.12 2.51 -49.88
CA ILE A 67 59.52 1.63 -48.89
C ILE A 67 58.96 0.38 -49.56
N SER A 68 58.22 0.56 -50.66
CA SER A 68 57.62 -0.59 -51.35
C SER A 68 58.68 -1.51 -51.91
N ARG A 69 59.75 -0.95 -52.46
CA ARG A 69 60.85 -1.79 -52.95
C ARG A 69 61.46 -2.60 -51.82
N LYS A 70 61.63 -1.99 -50.65
CA LYS A 70 62.12 -2.72 -49.49
C LYS A 70 61.16 -3.84 -49.11
N ILE A 71 59.85 -3.57 -49.14
CA ILE A 71 58.86 -4.60 -48.83
C ILE A 71 59.03 -5.79 -49.77
N PHE A 72 59.16 -5.51 -51.06
CA PHE A 72 59.25 -6.57 -52.06
C PHE A 72 60.49 -7.43 -51.84
N ALA A 73 61.65 -6.78 -51.63
CA ALA A 73 62.88 -7.54 -51.41
C ALA A 73 62.81 -8.35 -50.12
N ALA A 74 62.29 -7.76 -49.04
CA ALA A 74 62.17 -8.48 -47.78
C ALA A 74 61.22 -9.67 -47.90
N HIS A 75 60.16 -9.53 -48.70
CA HIS A 75 59.26 -10.65 -48.91
C HIS A 75 59.96 -11.79 -49.65
N PHE A 76 60.79 -11.45 -50.64
CA PHE A 76 61.59 -12.49 -51.27
C PHE A 76 62.52 -13.17 -50.27
N GLY A 77 63.13 -12.39 -49.38
CA GLY A 77 63.98 -12.99 -48.36
C GLY A 77 63.23 -13.94 -47.44
N HIS A 78 62.03 -13.54 -47.00
CA HIS A 78 61.24 -14.41 -46.14
C HIS A 78 60.80 -15.67 -46.87
N LEU A 79 60.49 -15.55 -48.16
CA LEU A 79 60.18 -16.73 -48.97
C LEU A 79 61.38 -17.68 -49.02
N ALA A 80 62.59 -17.12 -49.17
CA ALA A 80 63.78 -17.95 -49.15
C ALA A 80 63.94 -18.66 -47.80
N VAL A 81 63.65 -17.96 -46.71
CA VAL A 81 63.73 -18.57 -45.38
C VAL A 81 62.74 -19.73 -45.27
N ILE A 82 61.51 -19.52 -45.74
CA ILE A 82 60.50 -20.58 -45.69
C ILE A 82 60.92 -21.77 -46.53
N PHE A 83 61.52 -21.51 -47.70
CA PHE A 83 62.00 -22.61 -48.53
C PHE A 83 63.11 -23.39 -47.85
N ILE A 84 64.01 -22.69 -47.15
CA ILE A 84 65.06 -23.38 -46.41
C ILE A 84 64.46 -24.27 -45.33
N TRP A 85 63.45 -23.76 -44.63
CA TRP A 85 62.80 -24.56 -43.59
C TRP A 85 62.12 -25.79 -44.18
N LEU A 86 61.42 -25.62 -45.30
CA LEU A 86 60.76 -26.77 -45.94
C LEU A 86 61.78 -27.79 -46.42
N SER A 87 62.88 -27.33 -47.01
CA SER A 87 63.93 -28.23 -47.43
C SER A 87 64.52 -28.98 -46.25
N GLY A 88 64.68 -28.30 -45.12
CA GLY A 88 65.15 -28.99 -43.92
C GLY A 88 64.20 -30.08 -43.46
N MET A 89 62.90 -29.78 -43.48
CA MET A 89 61.92 -30.79 -43.09
C MET A 89 61.98 -32.00 -44.01
N TYR A 90 62.04 -31.76 -45.32
CA TYR A 90 62.10 -32.88 -46.27
C TYR A 90 63.40 -33.66 -46.13
N PHE A 91 64.52 -32.98 -45.92
CA PHE A 91 65.79 -33.69 -45.78
C PHE A 91 65.82 -34.52 -44.51
N HIS A 92 65.27 -34.00 -43.41
CA HIS A 92 65.24 -34.78 -42.18
C HIS A 92 64.26 -35.94 -42.28
N GLY A 93 63.20 -35.79 -43.07
CA GLY A 93 62.33 -36.92 -43.34
C GLY A 93 62.94 -37.93 -44.29
N ALA A 94 63.93 -37.53 -45.08
CA ALA A 94 64.59 -38.44 -46.02
C ALA A 94 65.80 -39.14 -45.41
N LYS A 95 66.47 -38.52 -44.45
CA LYS A 95 67.76 -39.01 -43.97
C LYS A 95 67.74 -39.52 -42.54
N PHE A 96 66.97 -38.88 -41.65
CA PHE A 96 66.99 -39.25 -40.25
C PHE A 96 65.60 -39.60 -39.75
N SER A 97 64.87 -40.44 -40.49
CA SER A 97 63.51 -40.78 -40.13
C SER A 97 63.27 -42.27 -40.30
N ASN A 98 62.10 -42.71 -39.85
CA ASN A 98 61.59 -44.05 -40.08
C ASN A 98 60.41 -44.03 -41.04
N PHE A 99 60.50 -43.17 -42.07
CA PHE A 99 59.37 -42.95 -42.96
C PHE A 99 58.97 -44.22 -43.70
N GLU A 100 59.95 -44.98 -44.20
CA GLU A 100 59.64 -46.19 -44.94
C GLU A 100 58.97 -47.23 -44.03
N ALA A 101 59.50 -47.41 -42.83
CA ALA A 101 58.90 -48.35 -41.88
C ALA A 101 57.48 -47.91 -41.51
N TRP A 102 57.27 -46.61 -41.34
CA TRP A 102 55.93 -46.11 -41.05
C TRP A 102 54.99 -46.35 -42.21
N MET A 103 55.45 -46.15 -43.44
CA MET A 103 54.61 -46.44 -44.60
C MET A 103 54.29 -47.93 -44.68
N ALA A 104 55.21 -48.79 -44.25
CA ALA A 104 54.91 -50.22 -44.20
C ALA A 104 53.81 -50.53 -43.20
N ASN A 105 53.86 -49.92 -42.01
CA ASN A 105 52.91 -50.17 -40.93
C ASN A 105 52.44 -48.84 -40.36
N PRO A 106 51.50 -48.17 -41.04
CA PRO A 106 51.06 -46.85 -40.56
C PRO A 106 50.43 -46.85 -39.18
N THR A 107 49.71 -47.92 -38.82
CA THR A 107 48.97 -47.95 -37.57
C THR A 107 49.79 -48.48 -36.39
N GLY A 108 51.00 -48.97 -36.63
CA GLY A 108 51.79 -49.54 -35.55
C GLY A 108 53.16 -48.93 -35.38
N VAL A 109 53.43 -47.83 -36.08
CA VAL A 109 54.72 -47.16 -36.04
C VAL A 109 54.49 -45.68 -35.73
N LYS A 110 55.21 -45.17 -34.75
CA LYS A 110 55.16 -43.75 -34.44
C LYS A 110 56.09 -42.98 -35.37
N PRO A 111 55.59 -41.95 -36.06
CA PRO A 111 56.47 -41.14 -36.92
C PRO A 111 57.58 -40.49 -36.11
N SER A 112 58.78 -40.45 -36.70
CA SER A 112 59.94 -39.86 -36.06
C SER A 112 60.90 -39.38 -37.12
N ALA A 113 61.36 -38.13 -37.01
CA ALA A 113 62.29 -37.58 -38.00
C ALA A 113 63.39 -36.75 -37.36
N GLN A 114 63.62 -36.89 -36.06
CA GLN A 114 64.69 -36.18 -35.36
C GLN A 114 65.46 -37.18 -34.51
N VAL A 115 66.77 -37.25 -34.73
CA VAL A 115 67.66 -38.15 -33.99
C VAL A 115 68.74 -37.32 -33.32
N VAL A 116 68.94 -37.53 -32.03
CA VAL A 116 69.90 -36.76 -31.25
C VAL A 116 71.21 -37.53 -31.13
N TRP A 117 72.29 -36.80 -30.92
CA TRP A 117 73.59 -37.41 -30.71
C TRP A 117 73.74 -37.84 -29.25
N SER A 118 74.75 -38.67 -29.00
CA SER A 118 74.97 -39.30 -27.69
C SER A 118 76.22 -38.68 -27.06
N LEU A 119 76.03 -37.61 -26.30
CA LEU A 119 77.18 -37.02 -25.62
C LEU A 119 76.98 -36.80 -24.13
N VAL A 120 75.79 -36.41 -23.69
CA VAL A 120 75.57 -36.06 -22.29
C VAL A 120 74.36 -36.82 -21.74
N GLY A 121 74.09 -37.99 -22.30
CA GLY A 121 72.92 -38.76 -21.90
C GLY A 121 71.63 -38.32 -22.54
N GLN A 122 71.66 -37.35 -23.45
CA GLN A 122 70.46 -36.92 -24.15
C GLN A 122 69.96 -37.96 -25.14
N ASP A 123 70.75 -39.00 -25.42
CA ASP A 123 70.31 -40.07 -26.30
C ASP A 123 69.14 -40.86 -25.72
N ILE A 124 68.83 -40.67 -24.43
CA ILE A 124 67.61 -41.23 -23.86
C ILE A 124 66.38 -40.67 -24.55
N LEU A 125 66.50 -39.50 -25.19
CA LEU A 125 65.37 -38.91 -25.91
C LEU A 125 65.07 -39.64 -27.21
N ASN A 126 65.94 -40.55 -27.65
CA ASN A 126 65.69 -41.37 -28.83
C ASN A 126 64.69 -42.46 -28.46
N ALA A 127 63.42 -42.09 -28.49
CA ALA A 127 62.35 -43.02 -28.12
C ALA A 127 62.25 -44.15 -29.12
N ASP A 128 61.93 -45.34 -28.61
CA ASP A 128 61.70 -46.50 -29.48
C ASP A 128 60.36 -46.30 -30.18
N VAL A 129 60.40 -45.78 -31.41
CA VAL A 129 59.20 -45.36 -32.10
C VAL A 129 58.64 -46.45 -33.01
N GLY A 130 59.18 -47.67 -32.93
CA GLY A 130 58.75 -48.75 -33.78
C GLY A 130 59.49 -48.75 -35.11
N GLY A 131 59.32 -49.86 -35.84
CA GLY A 131 60.06 -50.04 -37.06
C GLY A 131 61.55 -50.14 -36.87
N GLY A 132 62.00 -50.56 -35.70
CA GLY A 132 63.42 -50.60 -35.41
C GLY A 132 64.09 -49.25 -35.42
N PHE A 133 63.40 -48.20 -34.96
CA PHE A 133 63.91 -46.85 -35.00
C PHE A 133 63.88 -46.21 -33.62
N HIS A 134 64.96 -45.49 -33.30
CA HIS A 134 65.07 -44.73 -32.06
C HIS A 134 65.21 -43.26 -32.41
N GLY A 135 64.20 -42.47 -32.07
CA GLY A 135 64.22 -41.05 -32.34
C GLY A 135 63.08 -40.37 -31.63
N ILE A 136 62.99 -39.05 -31.83
CA ILE A 136 61.94 -38.25 -31.23
C ILE A 136 60.68 -38.37 -32.07
N GLN A 137 59.57 -38.74 -31.43
CA GLN A 137 58.30 -38.86 -32.13
C GLN A 137 57.81 -37.48 -32.54
N ILE A 138 57.70 -37.27 -33.85
CA ILE A 138 57.26 -35.98 -34.37
C ILE A 138 55.75 -35.91 -34.39
N THR A 139 55.21 -34.70 -34.23
CA THR A 139 53.76 -34.47 -34.25
C THR A 139 53.35 -33.48 -35.32
N SER A 140 54.22 -33.22 -36.29
CA SER A 140 53.92 -32.26 -37.35
C SER A 140 53.03 -32.82 -38.44
N GLY A 141 52.84 -34.14 -38.50
CA GLY A 141 52.02 -34.73 -39.54
C GLY A 141 52.66 -34.75 -40.90
N LEU A 142 54.00 -34.68 -40.97
CA LEU A 142 54.68 -34.69 -42.25
C LEU A 142 54.48 -36.02 -42.97
N PHE A 143 54.54 -37.13 -42.23
CA PHE A 143 54.42 -38.45 -42.86
C PHE A 143 53.05 -38.63 -43.51
N GLN A 144 51.99 -38.21 -42.82
CA GLN A 144 50.64 -38.32 -43.39
C GLN A 144 50.50 -37.44 -44.62
N LEU A 145 51.04 -36.22 -44.58
CA LEU A 145 51.03 -35.35 -45.75
C LEU A 145 51.75 -35.99 -46.93
N TRP A 146 52.93 -36.56 -46.69
CA TRP A 146 53.70 -37.15 -47.78
C TRP A 146 52.99 -38.39 -48.33
N ARG A 147 52.37 -39.19 -47.46
CA ARG A 147 51.62 -40.35 -47.93
C ARG A 147 50.43 -39.93 -48.78
N ALA A 148 49.73 -38.87 -48.37
CA ALA A 148 48.61 -38.38 -49.16
C ALA A 148 49.06 -37.84 -50.51
N ALA A 149 50.30 -37.37 -50.61
CA ALA A 149 50.85 -36.87 -51.86
C ALA A 149 51.38 -37.98 -52.76
N GLY A 150 51.38 -39.22 -52.30
CA GLY A 150 51.89 -40.33 -53.07
C GLY A 150 53.34 -40.66 -52.86
N ILE A 151 54.05 -39.93 -52.00
CA ILE A 151 55.45 -40.22 -51.74
C ILE A 151 55.57 -41.52 -50.98
N THR A 152 56.43 -42.42 -51.46
CA THR A 152 56.59 -43.74 -50.86
C THR A 152 58.01 -44.08 -50.45
N ASN A 153 59.02 -43.35 -50.90
CA ASN A 153 60.40 -43.65 -50.56
C ASN A 153 61.13 -42.37 -50.19
N THR A 154 62.30 -42.54 -49.54
CA THR A 154 63.07 -41.40 -49.08
C THR A 154 63.77 -40.66 -50.21
N PHE A 155 63.95 -41.29 -51.37
CA PHE A 155 64.61 -40.63 -52.48
C PHE A 155 63.79 -39.45 -52.98
N GLN A 156 62.47 -39.60 -53.05
CA GLN A 156 61.61 -38.50 -53.45
C GLN A 156 61.69 -37.34 -52.45
N LEU A 157 61.74 -37.65 -51.15
CA LEU A 157 61.90 -36.61 -50.15
C LEU A 157 63.24 -35.90 -50.30
N TYR A 158 64.30 -36.66 -50.60
CA TYR A 158 65.60 -36.04 -50.84
C TYR A 158 65.57 -35.11 -52.04
N CYS A 159 64.91 -35.54 -53.11
CA CYS A 159 64.78 -34.68 -54.29
C CYS A 159 63.99 -33.42 -53.97
N THR A 160 62.93 -33.56 -53.17
CA THR A 160 62.14 -32.38 -52.78
C THR A 160 62.97 -31.44 -51.92
N ALA A 161 63.82 -31.98 -51.04
CA ALA A 161 64.71 -31.13 -50.24
C ALA A 161 65.70 -30.37 -51.12
N ILE A 162 66.27 -31.04 -52.11
CA ILE A 162 67.17 -30.36 -53.03
C ILE A 162 66.44 -29.26 -53.80
N GLY A 163 65.23 -29.57 -54.26
CA GLY A 163 64.43 -28.55 -54.93
C GLY A 163 64.10 -27.37 -54.04
N GLY A 164 63.84 -27.63 -52.76
CA GLY A 164 63.58 -26.56 -51.83
C GLY A 164 64.80 -25.66 -51.62
N LEU A 165 65.98 -26.26 -51.52
CA LEU A 165 67.19 -25.47 -51.42
C LEU A 165 67.39 -24.61 -52.67
N VAL A 166 67.15 -25.20 -53.84
CA VAL A 166 67.29 -24.45 -55.09
C VAL A 166 66.29 -23.30 -55.13
N MET A 167 65.05 -23.55 -54.69
CA MET A 167 64.04 -22.49 -54.66
C MET A 167 64.42 -21.39 -53.69
N ALA A 168 65.00 -21.74 -52.54
CA ALA A 168 65.46 -20.72 -51.61
C ALA A 168 66.54 -19.85 -52.23
N ALA A 169 67.50 -20.47 -52.91
CA ALA A 169 68.53 -19.69 -53.59
C ALA A 169 67.92 -18.78 -54.65
N ILE A 170 66.94 -19.29 -55.40
CA ILE A 170 66.29 -18.49 -56.43
C ILE A 170 65.56 -17.30 -55.81
N MET A 171 64.87 -17.52 -54.69
CA MET A 171 64.16 -16.43 -54.04
C MET A 171 65.13 -15.36 -53.51
N LEU A 172 66.26 -15.80 -52.95
CA LEU A 172 67.24 -14.83 -52.49
C LEU A 172 67.80 -14.00 -53.64
N PHE A 173 68.12 -14.67 -54.75
CA PHE A 173 68.60 -13.94 -55.91
C PHE A 173 67.53 -12.99 -56.46
N ALA A 174 66.27 -13.41 -56.41
CA ALA A 174 65.18 -12.55 -56.88
C ALA A 174 65.07 -11.31 -56.02
N GLY A 175 65.19 -11.46 -54.70
CA GLY A 175 65.16 -10.29 -53.83
C GLY A 175 66.31 -9.34 -54.12
N TRP A 176 67.51 -9.89 -54.28
CA TRP A 176 68.66 -9.03 -54.60
C TRP A 176 68.45 -8.33 -55.93
N PHE A 177 67.95 -9.05 -56.93
CA PHE A 177 67.75 -8.48 -58.26
C PHE A 177 66.70 -7.38 -58.25
N HIS A 178 65.58 -7.61 -57.57
CA HIS A 178 64.50 -6.64 -57.58
C HIS A 178 64.68 -5.51 -56.59
N TYR A 179 65.71 -5.56 -55.72
CA TYR A 179 66.06 -4.37 -54.96
C TYR A 179 67.24 -3.61 -55.54
N HIS A 180 68.32 -4.29 -55.91
CA HIS A 180 69.56 -3.63 -56.30
C HIS A 180 69.72 -3.46 -57.81
N LYS A 181 68.94 -4.16 -58.62
CA LYS A 181 69.13 -4.12 -60.08
C LYS A 181 67.94 -3.53 -60.82
N ARG A 182 66.73 -4.04 -60.61
CA ARG A 182 65.53 -3.57 -61.30
C ARG A 182 64.44 -3.37 -60.26
N ALA A 183 64.30 -2.14 -59.78
CA ALA A 183 63.35 -1.85 -58.71
C ALA A 183 62.09 -1.22 -59.29
N PRO A 184 60.93 -1.86 -59.16
CA PRO A 184 59.72 -1.29 -59.76
C PRO A 184 59.34 0.04 -59.14
N LYS A 185 58.73 0.90 -59.97
CA LYS A 185 58.27 2.20 -59.51
C LYS A 185 57.10 2.05 -58.54
N LEU A 186 56.72 3.17 -57.94
CA LEU A 186 55.55 3.18 -57.07
C LEU A 186 54.27 2.88 -57.86
N GLU A 187 54.22 3.31 -59.12
CA GLU A 187 53.05 3.05 -59.94
C GLU A 187 52.82 1.56 -60.14
N TRP A 188 53.91 0.78 -60.23
CA TRP A 188 53.78 -0.66 -60.41
C TRP A 188 53.06 -1.30 -59.24
N PHE A 189 53.40 -0.90 -58.01
CA PHE A 189 52.79 -1.49 -56.82
C PHE A 189 51.32 -1.11 -56.66
N GLN A 190 50.87 -0.03 -57.30
CA GLN A 190 49.52 0.48 -57.11
C GLN A 190 48.52 -0.10 -58.10
N ASN A 191 48.89 -1.18 -58.79
CA ASN A 191 47.99 -1.83 -59.75
C ASN A 191 47.15 -2.87 -59.01
N TRP A 192 46.08 -2.39 -58.37
CA TRP A 192 45.20 -3.28 -57.61
C TRP A 192 44.56 -4.32 -58.51
N GLU A 193 44.03 -3.88 -59.66
CA GLU A 193 43.27 -4.78 -60.52
C GLU A 193 44.16 -5.87 -61.10
N ALA A 194 45.32 -5.49 -61.63
CA ALA A 194 46.24 -6.48 -62.20
C ALA A 194 46.74 -7.44 -61.13
N MET A 195 47.08 -6.92 -59.95
CA MET A 195 47.56 -7.78 -58.87
C MET A 195 46.49 -8.78 -58.45
N MET A 196 45.26 -8.32 -58.30
CA MET A 196 44.17 -9.22 -57.91
C MET A 196 43.91 -10.27 -58.98
N ASN A 197 43.90 -9.85 -60.25
CA ASN A 197 43.68 -10.80 -61.33
C ASN A 197 44.76 -11.88 -61.35
N HIS A 198 46.01 -11.46 -61.24
CA HIS A 198 47.12 -12.41 -61.31
C HIS A 198 47.15 -13.33 -60.10
N HIS A 199 46.82 -12.81 -58.91
CA HIS A 199 46.86 -13.63 -57.71
C HIS A 199 45.62 -14.51 -57.55
N LEU A 200 44.52 -14.17 -58.23
CA LEU A 200 43.35 -15.03 -58.17
C LEU A 200 43.40 -16.12 -59.23
N ALA A 201 43.68 -15.74 -60.49
CA ALA A 201 43.68 -16.73 -61.56
C ALA A 201 45.02 -17.45 -61.67
N GLY A 202 46.12 -16.73 -61.45
CA GLY A 202 47.44 -17.29 -61.68
C GLY A 202 48.09 -17.93 -60.48
N LEU A 203 47.81 -17.43 -59.28
CA LEU A 203 48.41 -17.99 -58.07
C LEU A 203 47.52 -19.06 -57.44
N LEU A 204 46.30 -18.67 -57.03
CA LEU A 204 45.39 -19.64 -56.44
C LEU A 204 44.83 -20.59 -57.48
N GLY A 205 44.36 -20.04 -58.61
CA GLY A 205 43.72 -20.88 -59.61
C GLY A 205 44.68 -21.86 -60.25
N LEU A 206 45.82 -21.38 -60.74
CA LEU A 206 46.77 -22.26 -61.39
C LEU A 206 47.41 -23.23 -60.42
N GLY A 207 47.64 -22.80 -59.18
CA GLY A 207 48.16 -23.71 -58.18
C GLY A 207 47.18 -24.82 -57.85
N CYS A 208 45.90 -24.47 -57.72
CA CYS A 208 44.88 -25.48 -57.49
C CYS A 208 44.79 -26.44 -58.67
N LEU A 209 44.88 -25.91 -59.89
CA LEU A 209 44.85 -26.77 -61.08
C LEU A 209 46.03 -27.72 -61.10
N GLY A 210 47.22 -27.21 -60.80
CA GLY A 210 48.40 -28.06 -60.79
C GLY A 210 48.33 -29.13 -59.71
N TRP A 211 47.85 -28.78 -58.53
CA TRP A 211 47.71 -29.78 -57.47
C TRP A 211 46.63 -30.79 -57.80
N ALA A 212 45.55 -30.37 -58.45
CA ALA A 212 44.55 -31.33 -58.90
C ALA A 212 45.14 -32.29 -59.92
N GLY A 213 45.96 -31.78 -60.84
CA GLY A 213 46.63 -32.66 -61.79
C GLY A 213 47.57 -33.65 -61.10
N HIS A 214 48.35 -33.17 -60.12
CA HIS A 214 49.23 -34.07 -59.38
C HIS A 214 48.44 -35.13 -58.64
N GLN A 215 47.33 -34.74 -58.00
CA GLN A 215 46.51 -35.70 -57.30
C GLN A 215 45.95 -36.75 -58.27
N ILE A 216 45.34 -36.30 -59.35
CA ILE A 216 44.68 -37.21 -60.28
C ILE A 216 45.68 -38.18 -60.90
N HIS A 217 46.85 -37.68 -61.30
CA HIS A 217 47.80 -38.51 -62.01
C HIS A 217 48.79 -39.24 -61.12
N VAL A 218 48.93 -38.83 -59.85
CA VAL A 218 49.91 -39.45 -58.97
C VAL A 218 49.29 -39.91 -57.66
N ALA A 219 48.64 -38.98 -56.94
CA ALA A 219 48.23 -39.27 -55.57
C ALA A 219 47.11 -40.31 -55.50
N LEU A 220 46.05 -40.12 -56.29
CA LEU A 220 44.95 -41.08 -56.27
C LEU A 220 45.36 -42.50 -56.64
N PRO A 221 46.10 -42.76 -57.73
CA PRO A 221 46.44 -44.16 -58.03
C PRO A 221 47.33 -44.80 -56.98
N VAL A 222 48.36 -44.07 -56.52
CA VAL A 222 49.28 -44.61 -55.52
C VAL A 222 48.54 -44.91 -54.23
N ASN A 223 47.68 -43.98 -53.79
CA ASN A 223 46.95 -44.19 -52.55
C ASN A 223 45.88 -45.27 -52.68
N LYS A 224 45.27 -45.40 -53.87
CA LYS A 224 44.34 -46.50 -54.10
C LYS A 224 45.05 -47.84 -54.00
N LEU A 225 46.24 -47.95 -54.59
CA LEU A 225 47.02 -49.17 -54.44
C LEU A 225 47.40 -49.42 -52.99
N LEU A 226 47.81 -48.37 -52.28
CA LEU A 226 48.19 -48.52 -50.88
C LEU A 226 47.02 -49.01 -50.03
N ASP A 227 45.84 -48.43 -50.24
CA ASP A 227 44.66 -48.84 -49.48
C ASP A 227 44.19 -50.24 -49.89
N ALA A 228 44.45 -50.63 -51.14
CA ALA A 228 44.14 -51.99 -51.56
C ALA A 228 45.01 -53.03 -50.87
N GLY A 229 46.13 -52.62 -50.28
CA GLY A 229 46.98 -53.50 -49.50
C GLY A 229 48.22 -54.00 -50.21
N VAL A 230 48.51 -53.53 -51.42
CA VAL A 230 49.70 -53.98 -52.13
C VAL A 230 50.92 -53.32 -51.51
N ALA A 231 52.06 -54.03 -51.56
CA ALA A 231 53.27 -53.58 -50.90
C ALA A 231 53.87 -52.37 -51.62
N ILE A 232 54.80 -51.70 -50.93
CA ILE A 232 55.43 -50.51 -51.48
C ILE A 232 56.23 -50.85 -52.74
N LYS A 233 57.02 -51.93 -52.68
CA LYS A 233 57.89 -52.28 -53.79
C LYS A 233 57.11 -52.68 -55.04
N ASP A 234 55.87 -53.16 -54.88
CA ASP A 234 55.06 -53.55 -56.03
C ASP A 234 54.28 -52.39 -56.64
N ILE A 235 54.27 -51.23 -55.99
CA ILE A 235 53.61 -50.05 -56.53
C ILE A 235 54.57 -49.39 -57.52
N PRO A 236 54.17 -49.21 -58.78
CA PRO A 236 55.07 -48.57 -59.75
C PRO A 236 55.26 -47.09 -59.43
N LEU A 237 56.35 -46.54 -59.96
CA LEU A 237 56.68 -45.14 -59.71
C LEU A 237 55.62 -44.23 -60.35
N PRO A 238 55.46 -43.00 -59.83
CA PRO A 238 54.39 -42.13 -60.34
C PRO A 238 54.46 -41.88 -61.84
N HIS A 239 55.66 -41.72 -62.39
CA HIS A 239 55.77 -41.46 -63.83
C HIS A 239 55.27 -42.64 -64.65
N GLU A 240 55.47 -43.87 -64.14
CA GLU A 240 54.92 -45.03 -64.83
C GLU A 240 53.40 -44.96 -64.91
N PHE A 241 52.76 -44.29 -63.94
CA PHE A 241 51.32 -44.12 -64.00
C PHE A 241 50.90 -43.19 -65.13
N ILE A 242 51.82 -42.38 -65.62
CA ILE A 242 51.53 -41.46 -66.71
C ILE A 242 51.89 -42.06 -68.07
N LEU A 243 53.08 -42.66 -68.16
CA LEU A 243 53.51 -43.28 -69.40
C LEU A 243 52.62 -44.45 -69.79
N ASN A 244 52.36 -45.34 -68.85
CA ASN A 244 51.55 -46.53 -69.11
C ASN A 244 50.10 -46.20 -68.81
N THR A 245 49.35 -45.87 -69.87
CA THR A 245 47.93 -45.55 -69.71
C THR A 245 47.11 -46.77 -69.30
N SER A 246 47.64 -47.98 -69.49
CA SER A 246 46.92 -49.18 -69.10
C SER A 246 46.71 -49.22 -67.59
N LEU A 247 47.68 -48.71 -66.81
CA LEU A 247 47.50 -48.63 -65.37
C LEU A 247 46.35 -47.69 -65.01
N MET A 248 46.26 -46.55 -65.71
CA MET A 248 45.11 -45.67 -65.54
C MET A 248 43.81 -46.39 -65.87
N ALA A 249 43.79 -47.15 -66.96
CA ALA A 249 42.57 -47.86 -67.34
C ALA A 249 42.18 -48.89 -66.28
N GLU A 250 43.16 -49.61 -65.74
CA GLU A 250 42.88 -50.62 -64.73
C GLU A 250 42.37 -49.99 -63.43
N LEU A 251 43.04 -48.94 -62.96
CA LEU A 251 42.62 -48.32 -61.70
C LEU A 251 41.33 -47.53 -61.88
N TYR A 252 41.23 -46.75 -62.96
CA TYR A 252 40.05 -45.93 -63.23
C TYR A 252 39.65 -46.12 -64.69
N PRO A 253 38.57 -46.85 -64.96
CA PRO A 253 38.23 -47.17 -66.36
C PRO A 253 38.02 -45.94 -67.24
N SER A 254 37.55 -44.82 -66.67
CA SER A 254 37.28 -43.64 -67.49
C SER A 254 38.52 -43.12 -68.18
N PHE A 255 39.70 -43.37 -67.61
CA PHE A 255 40.94 -42.93 -68.24
C PHE A 255 41.17 -43.59 -69.59
N ALA A 256 40.48 -44.70 -69.86
CA ALA A 256 40.58 -45.33 -71.18
C ALA A 256 39.99 -44.46 -72.28
N LYS A 257 39.18 -43.47 -71.92
CA LYS A 257 38.52 -42.61 -72.89
C LYS A 257 39.25 -41.29 -73.13
N GLY A 258 40.40 -41.09 -72.48
CA GLY A 258 41.21 -39.92 -72.73
C GLY A 258 40.53 -38.63 -72.31
N LEU A 259 40.82 -37.57 -73.07
CA LEU A 259 40.31 -36.23 -72.80
C LEU A 259 39.01 -35.92 -73.51
N VAL A 260 38.44 -36.89 -74.23
CA VAL A 260 37.22 -36.63 -75.01
C VAL A 260 36.06 -36.18 -74.12
N PRO A 261 35.74 -36.85 -73.00
CA PRO A 261 34.61 -36.37 -72.18
C PRO A 261 34.79 -34.96 -71.65
N PHE A 262 36.03 -34.55 -71.35
CA PHE A 262 36.24 -33.21 -70.83
C PHE A 262 35.87 -32.13 -71.84
N PHE A 263 36.27 -32.31 -73.10
CA PHE A 263 36.05 -31.29 -74.11
C PHE A 263 34.63 -31.32 -74.68
N THR A 264 33.89 -32.40 -74.46
CA THR A 264 32.53 -32.53 -74.95
C THR A 264 31.50 -32.23 -73.86
N LEU A 265 31.93 -31.75 -72.70
CA LEU A 265 31.05 -31.49 -71.57
C LEU A 265 30.24 -32.72 -71.19
N GLN A 266 30.92 -33.86 -71.16
CA GLN A 266 30.34 -35.12 -70.71
C GLN A 266 31.06 -35.55 -69.44
N TRP A 267 31.26 -34.59 -68.53
CA TRP A 267 32.10 -34.79 -67.37
C TRP A 267 31.60 -35.90 -66.46
N GLY A 268 30.33 -36.29 -66.57
CA GLY A 268 29.78 -37.32 -65.72
C GLY A 268 30.46 -38.67 -65.87
N GLN A 269 31.16 -38.90 -66.98
CA GLN A 269 31.90 -40.12 -67.16
C GLN A 269 33.19 -40.16 -66.36
N TYR A 270 33.62 -39.02 -65.81
CA TYR A 270 34.80 -38.93 -64.97
C TYR A 270 34.49 -39.19 -63.50
N ALA A 271 33.28 -39.61 -63.18
CA ALA A 271 32.85 -39.74 -61.79
C ALA A 271 33.60 -40.86 -61.04
N ASP A 272 34.33 -41.71 -61.74
CA ASP A 272 35.04 -42.80 -61.06
C ASP A 272 36.27 -42.29 -60.30
N PHE A 273 36.91 -41.22 -60.78
CA PHE A 273 38.04 -40.64 -60.07
C PHE A 273 37.80 -39.21 -59.61
N LEU A 274 36.71 -38.57 -60.03
CA LEU A 274 36.26 -37.30 -59.46
C LEU A 274 34.94 -37.58 -58.76
N THR A 275 35.03 -38.04 -57.52
CA THR A 275 33.86 -38.47 -56.79
C THR A 275 33.35 -37.32 -55.90
N PHE A 276 32.19 -37.55 -55.31
CA PHE A 276 31.52 -36.56 -54.48
C PHE A 276 30.96 -37.26 -53.25
N LYS A 277 31.75 -38.16 -52.67
CA LYS A 277 31.25 -39.11 -51.69
C LYS A 277 30.94 -38.44 -50.35
N GLY A 278 31.87 -37.64 -49.85
CA GLY A 278 31.81 -37.19 -48.47
C GLY A 278 32.33 -38.26 -47.53
N GLY A 279 32.26 -37.96 -46.23
CA GLY A 279 32.69 -38.92 -45.23
C GLY A 279 34.19 -39.14 -45.23
N LEU A 280 34.59 -40.32 -44.79
CA LEU A 280 35.99 -40.68 -44.65
C LEU A 280 36.26 -42.05 -45.26
N ASN A 281 37.48 -42.25 -45.69
CA ASN A 281 37.93 -43.55 -46.16
C ASN A 281 37.98 -44.52 -44.99
N PRO A 282 37.28 -45.66 -45.06
CA PRO A 282 37.30 -46.60 -43.92
C PRO A 282 38.68 -47.16 -43.64
N VAL A 283 39.52 -47.31 -44.66
CA VAL A 283 40.83 -47.94 -44.46
C VAL A 283 41.76 -47.04 -43.66
N THR A 284 41.79 -45.74 -44.00
CA THR A 284 42.78 -44.83 -43.43
C THR A 284 42.21 -43.82 -42.46
N GLY A 285 40.93 -43.49 -42.56
CA GLY A 285 40.32 -42.48 -41.72
C GLY A 285 40.41 -41.07 -42.25
N GLY A 286 41.15 -40.86 -43.34
CA GLY A 286 41.23 -39.55 -43.97
C GLY A 286 40.18 -39.37 -45.05
N LEU A 287 40.13 -38.17 -45.59
CA LEU A 287 39.20 -37.86 -46.66
C LEU A 287 39.57 -38.64 -47.93
N TRP A 288 38.56 -38.95 -48.74
CA TRP A 288 38.80 -39.58 -50.02
C TRP A 288 39.63 -38.66 -50.91
N LEU A 289 40.72 -39.20 -51.47
CA LEU A 289 41.59 -38.37 -52.28
C LEU A 289 40.93 -37.95 -53.58
N SER A 290 40.02 -38.77 -54.11
CA SER A 290 39.25 -38.36 -55.28
C SER A 290 38.31 -37.20 -54.93
N ASP A 291 37.75 -37.21 -53.73
CA ASP A 291 36.95 -36.07 -53.27
C ASP A 291 37.79 -34.80 -53.24
N THR A 292 39.00 -34.88 -52.70
CA THR A 292 39.86 -33.70 -52.65
C THR A 292 40.33 -33.29 -54.05
N ALA A 293 40.50 -34.24 -54.96
CA ALA A 293 40.86 -33.90 -56.33
C ALA A 293 39.75 -33.11 -57.02
N HIS A 294 38.50 -33.58 -56.88
CA HIS A 294 37.38 -32.82 -57.43
C HIS A 294 37.26 -31.46 -56.75
N HIS A 295 37.50 -31.41 -55.44
CA HIS A 295 37.44 -30.16 -54.68
C HIS A 295 38.45 -29.16 -55.22
N HIS A 296 39.70 -29.60 -55.42
CA HIS A 296 40.74 -28.71 -55.90
C HIS A 296 40.52 -28.31 -57.36
N LEU A 297 39.97 -29.20 -58.18
CA LEU A 297 39.63 -28.83 -59.55
C LEU A 297 38.55 -27.76 -59.58
N ALA A 298 37.51 -27.92 -58.75
CA ALA A 298 36.47 -26.91 -58.66
C ALA A 298 37.02 -25.59 -58.16
N LEU A 299 37.92 -25.65 -57.17
CA LEU A 299 38.57 -24.43 -56.69
C LEU A 299 39.38 -23.76 -57.78
N ALA A 300 40.11 -24.54 -58.58
CA ALA A 300 40.90 -23.98 -59.66
C ALA A 300 40.01 -23.26 -60.66
N VAL A 301 38.90 -23.90 -61.06
CA VAL A 301 38.00 -23.28 -62.01
C VAL A 301 37.42 -22.00 -61.44
N LEU A 302 36.98 -22.05 -60.18
CA LEU A 302 36.35 -20.88 -59.56
C LEU A 302 37.34 -19.74 -59.41
N PHE A 303 38.58 -20.04 -59.01
CA PHE A 303 39.58 -19.00 -58.85
C PHE A 303 39.98 -18.39 -60.18
N ILE A 304 40.13 -19.22 -61.21
CA ILE A 304 40.46 -18.69 -62.54
C ILE A 304 39.33 -17.79 -63.04
N VAL A 305 38.09 -18.18 -62.81
CA VAL A 305 36.96 -17.33 -63.18
C VAL A 305 37.00 -16.02 -62.41
N ALA A 306 37.28 -16.09 -61.10
CA ALA A 306 37.37 -14.88 -60.28
C ALA A 306 38.51 -13.98 -60.73
N GLY A 307 39.55 -14.55 -61.33
CA GLY A 307 40.68 -13.77 -61.79
C GLY A 307 40.44 -12.94 -63.02
N HIS A 308 39.22 -12.95 -63.56
CA HIS A 308 38.85 -12.10 -64.69
C HIS A 308 37.78 -11.10 -64.28
N PHE A 309 37.81 -10.68 -63.02
CA PHE A 309 36.80 -9.78 -62.47
C PHE A 309 37.19 -8.32 -62.57
N TYR A 310 38.48 -8.01 -62.55
CA TYR A 310 38.96 -6.64 -62.46
C TYR A 310 39.48 -6.14 -63.80
N ARG A 311 39.28 -4.84 -64.05
CA ARG A 311 39.63 -4.24 -65.33
C ARG A 311 41.08 -3.80 -65.32
N THR A 312 41.90 -4.43 -66.19
CA THR A 312 43.32 -4.09 -66.27
C THR A 312 43.64 -3.21 -67.48
N ASN A 313 43.40 -3.70 -68.70
CA ASN A 313 43.88 -3.01 -69.89
C ASN A 313 42.95 -3.09 -71.09
N TRP A 314 41.77 -3.69 -70.97
CA TRP A 314 40.92 -3.90 -72.13
C TRP A 314 39.47 -3.48 -71.88
N GLY A 315 39.24 -2.62 -70.88
CA GLY A 315 37.92 -2.08 -70.64
C GLY A 315 37.01 -3.00 -69.86
N ILE A 316 37.08 -4.30 -70.15
CA ILE A 316 36.27 -5.28 -69.44
C ILE A 316 36.73 -5.39 -68.00
N GLY A 317 35.78 -5.49 -67.08
CA GLY A 317 36.08 -5.69 -65.68
C GLY A 317 35.50 -4.60 -64.80
N HIS A 318 35.61 -4.84 -63.50
CA HIS A 318 35.17 -3.91 -62.48
C HIS A 318 36.34 -3.07 -61.98
N SER A 319 36.01 -1.90 -61.46
CA SER A 319 36.99 -0.96 -60.93
C SER A 319 36.83 -0.83 -59.43
N PHE A 320 37.94 -0.89 -58.70
CA PHE A 320 37.89 -0.74 -57.25
C PHE A 320 37.35 0.64 -56.86
N LYS A 321 37.85 1.69 -57.52
CA LYS A 321 37.49 3.05 -57.15
C LYS A 321 36.01 3.32 -57.40
N GLU A 322 35.49 2.90 -58.56
CA GLU A 322 34.07 3.13 -58.86
C GLU A 322 33.17 2.40 -57.88
N MET A 323 33.52 1.14 -57.58
CA MET A 323 32.71 0.35 -56.66
C MET A 323 32.74 0.94 -55.26
N LEU A 324 33.91 1.40 -54.80
CA LEU A 324 33.99 2.03 -53.49
C LEU A 324 33.21 3.32 -53.45
N ASP A 325 33.27 4.12 -54.52
CA ASP A 325 32.57 5.39 -54.56
C ASP A 325 31.06 5.22 -54.66
N ASP A 326 30.59 4.12 -55.25
CA ASP A 326 29.15 3.90 -55.36
C ASP A 326 28.52 3.41 -54.06
N ALA A 327 29.31 2.86 -53.14
CA ALA A 327 28.78 2.28 -51.91
C ALA A 327 28.55 3.38 -50.88
N LYS A 328 27.40 4.04 -51.02
CA LYS A 328 27.01 5.11 -50.10
C LYS A 328 25.50 5.31 -50.22
N SER A 329 24.96 6.05 -49.27
CA SER A 329 23.55 6.42 -49.33
C SER A 329 23.32 7.36 -50.52
N PRO A 330 22.18 7.24 -51.21
CA PRO A 330 21.06 6.31 -50.99
C PRO A 330 21.14 5.06 -51.87
N ASN A 331 22.34 4.69 -52.32
CA ASN A 331 22.51 3.53 -53.18
C ASN A 331 22.55 2.21 -52.42
N MET A 332 22.54 2.26 -51.09
CA MET A 332 22.60 1.06 -50.28
C MET A 332 21.19 0.49 -50.09
N LEU A 333 21.11 -0.60 -49.34
CA LEU A 333 19.80 -1.13 -48.95
C LEU A 333 19.10 -0.13 -48.03
N PRO A 334 17.76 -0.16 -47.98
CA PRO A 334 17.04 0.86 -47.20
C PRO A 334 17.44 0.89 -45.73
N PHE A 335 17.74 -0.26 -45.13
CA PHE A 335 18.18 -0.29 -43.73
C PHE A 335 19.69 -0.18 -43.57
N LEU A 336 20.44 -0.13 -44.68
CA LEU A 336 21.88 0.02 -44.64
C LEU A 336 22.33 1.41 -45.08
N ASN A 337 21.40 2.36 -45.19
CA ASN A 337 21.73 3.71 -45.65
C ASN A 337 22.28 4.59 -44.53
N PHE A 338 22.40 4.08 -43.31
CA PHE A 338 22.92 4.85 -42.20
C PHE A 338 24.40 5.18 -42.35
N ILE A 339 25.09 4.58 -43.31
CA ILE A 339 26.52 4.79 -43.50
C ILE A 339 26.79 6.18 -44.07
N GLY A 340 25.73 6.92 -44.37
CA GLY A 340 25.85 8.31 -44.75
C GLY A 340 25.97 8.51 -46.25
N PRO A 341 25.88 9.77 -46.69
CA PRO A 341 25.94 10.08 -48.12
C PRO A 341 27.32 9.99 -48.74
N VAL A 342 28.37 9.84 -47.94
CA VAL A 342 29.71 9.65 -48.46
C VAL A 342 30.09 8.17 -48.51
N GLY A 343 29.78 7.43 -47.45
CA GLY A 343 29.98 5.99 -47.46
C GLY A 343 31.43 5.60 -47.63
N HIS A 344 31.68 4.67 -48.55
CA HIS A 344 33.02 4.14 -48.77
C HIS A 344 33.89 5.05 -49.64
N GLU A 345 33.36 6.19 -50.07
CA GLU A 345 34.16 7.13 -50.86
C GLU A 345 35.30 7.69 -50.02
N GLY A 346 36.51 7.67 -50.58
CA GLY A 346 37.69 8.10 -49.90
C GLY A 346 38.55 6.98 -49.35
N LEU A 347 38.03 5.76 -49.28
CA LEU A 347 38.81 4.63 -48.78
C LEU A 347 39.89 4.20 -49.77
N ASP A 348 39.74 4.55 -51.05
CA ASP A 348 40.74 4.13 -52.04
C ASP A 348 42.10 4.76 -51.79
N LYS A 349 42.14 5.95 -51.20
CA LYS A 349 43.42 6.57 -50.88
C LYS A 349 44.18 5.79 -49.82
N ILE A 350 43.47 5.16 -48.89
CA ILE A 350 44.11 4.32 -47.89
C ILE A 350 44.92 3.22 -48.56
N PHE A 351 44.31 2.53 -49.53
CA PHE A 351 45.02 1.47 -50.22
C PHE A 351 46.04 2.02 -51.21
N GLU A 352 45.86 3.26 -51.65
CA GLU A 352 46.89 3.90 -52.48
C GLU A 352 48.17 4.11 -51.68
N THR A 353 48.06 4.57 -50.43
CA THR A 353 49.22 5.07 -49.71
C THR A 353 49.68 4.24 -48.53
N SER A 354 48.81 3.43 -47.94
CA SER A 354 49.09 2.78 -46.65
C SER A 354 49.36 1.29 -46.87
N TRP A 355 50.60 0.87 -46.57
CA TRP A 355 50.90 -0.54 -46.48
C TRP A 355 50.35 -1.16 -45.20
N HIS A 356 50.27 -0.36 -44.12
CA HIS A 356 49.90 -0.90 -42.82
C HIS A 356 48.45 -1.38 -42.80
N ALA A 357 47.54 -0.66 -43.46
CA ALA A 357 46.15 -1.10 -43.50
C ALA A 357 46.01 -2.43 -44.23
N ASN A 358 46.71 -2.58 -45.35
CA ASN A 358 46.68 -3.85 -46.07
C ASN A 358 47.27 -4.96 -45.22
N LEU A 359 48.38 -4.69 -44.52
CA LEU A 359 48.96 -5.70 -43.65
C LEU A 359 47.99 -6.10 -42.55
N SER A 360 47.26 -5.13 -41.99
CA SER A 360 46.27 -5.42 -40.97
C SER A 360 45.18 -6.35 -41.50
N ILE A 361 44.62 -6.01 -42.66
CA ILE A 361 43.55 -6.81 -43.24
C ILE A 361 44.05 -8.22 -43.54
N HIS A 362 45.25 -8.33 -44.11
CA HIS A 362 45.77 -9.63 -44.52
C HIS A 362 46.14 -10.49 -43.32
N LEU A 363 46.65 -9.88 -42.25
CA LEU A 363 46.91 -10.63 -41.02
C LEU A 363 45.61 -11.13 -40.41
N VAL A 364 44.56 -10.30 -40.42
CA VAL A 364 43.27 -10.75 -39.91
C VAL A 364 42.75 -11.93 -40.71
N GLN A 365 42.86 -11.86 -42.04
CA GLN A 365 42.36 -12.95 -42.85
C GLN A 365 43.24 -14.19 -42.76
N PHE A 366 44.54 -14.04 -42.52
CA PHE A 366 45.38 -15.20 -42.25
C PHE A 366 44.99 -15.87 -40.94
N GLY A 367 44.66 -15.08 -39.91
CA GLY A 367 44.13 -15.67 -38.70
C GLY A 367 42.84 -16.42 -38.94
N THR A 368 41.94 -15.84 -39.73
CA THR A 368 40.70 -16.53 -40.09
C THR A 368 40.99 -17.84 -40.79
N ALA A 369 41.92 -17.82 -41.75
CA ALA A 369 42.26 -19.01 -42.50
C ALA A 369 42.84 -20.09 -41.61
N SER A 370 43.71 -19.70 -40.67
CA SER A 370 44.32 -20.69 -39.78
C SER A 370 43.30 -21.28 -38.82
N LEU A 371 42.36 -20.46 -38.34
CA LEU A 371 41.28 -20.99 -37.50
C LEU A 371 40.44 -22.00 -38.27
N LEU A 372 40.08 -21.65 -39.51
CA LEU A 372 39.33 -22.59 -40.34
C LEU A 372 40.13 -23.86 -40.58
N VAL A 373 41.44 -23.72 -40.77
CA VAL A 373 42.30 -24.89 -40.97
C VAL A 373 42.21 -25.80 -39.76
N ALA A 374 42.39 -25.24 -38.57
CA ALA A 374 42.35 -26.07 -37.36
C ALA A 374 41.02 -26.79 -37.21
N HIS A 375 39.92 -26.05 -37.31
CA HIS A 375 38.60 -26.65 -37.09
C HIS A 375 38.30 -27.71 -38.16
N HIS A 376 38.42 -27.33 -39.43
CA HIS A 376 38.06 -28.24 -40.51
C HIS A 376 39.05 -29.37 -40.68
N MET A 377 40.24 -29.27 -40.09
CA MET A 377 41.21 -30.36 -40.14
C MET A 377 40.99 -31.35 -39.02
N TYR A 378 40.56 -30.91 -37.83
CA TYR A 378 40.26 -31.97 -36.87
C TYR A 378 38.93 -32.62 -37.19
N ALA A 379 37.96 -31.83 -37.69
CA ALA A 379 36.62 -32.37 -37.89
C ALA A 379 36.54 -33.27 -39.12
N MET A 380 37.25 -32.92 -40.19
CA MET A 380 37.29 -33.71 -41.42
C MET A 380 38.75 -33.99 -41.74
N PRO A 381 39.33 -35.00 -41.12
CA PRO A 381 40.77 -35.28 -41.30
C PRO A 381 41.07 -35.55 -42.76
N PRO A 382 41.92 -34.72 -43.37
CA PRO A 382 42.21 -34.87 -44.81
C PRO A 382 43.33 -35.82 -45.15
N TYR A 383 44.11 -36.27 -44.17
CA TYR A 383 45.26 -37.10 -44.48
C TYR A 383 45.06 -38.53 -43.96
N PRO A 384 45.62 -39.53 -44.64
CA PRO A 384 45.47 -40.91 -44.17
C PRO A 384 46.20 -41.12 -42.85
N TYR A 385 45.53 -41.81 -41.92
CA TYR A 385 46.09 -42.13 -40.61
C TYR A 385 46.46 -40.88 -39.83
N LEU A 386 45.72 -39.79 -40.05
CA LEU A 386 45.89 -38.56 -39.28
C LEU A 386 44.97 -38.51 -38.08
N ALA A 387 43.71 -38.92 -38.25
CA ALA A 387 42.75 -38.86 -37.15
C ALA A 387 43.15 -39.79 -36.00
N THR A 388 43.68 -40.97 -36.32
CA THR A 388 44.06 -41.93 -35.30
C THR A 388 45.42 -41.63 -34.70
N ASP A 389 46.19 -40.70 -35.27
CA ASP A 389 47.42 -40.21 -34.66
C ASP A 389 47.04 -39.03 -33.79
N TYR A 390 46.64 -39.33 -32.55
CA TYR A 390 46.01 -38.32 -31.69
C TYR A 390 46.96 -37.17 -31.38
N ALA A 391 48.23 -37.49 -31.12
CA ALA A 391 49.20 -36.45 -30.81
C ALA A 391 49.35 -35.47 -31.96
N THR A 392 49.42 -35.99 -33.20
CA THR A 392 49.54 -35.13 -34.36
C THR A 392 48.32 -34.24 -34.53
N ALA A 393 47.11 -34.79 -34.34
CA ALA A 393 45.90 -33.98 -34.49
C ALA A 393 45.85 -32.86 -33.47
N LEU A 394 46.13 -33.20 -32.19
CA LEU A 394 46.13 -32.18 -31.16
C LEU A 394 47.18 -31.10 -31.44
N SER A 395 48.38 -31.53 -31.84
CA SER A 395 49.45 -30.57 -32.11
C SER A 395 49.07 -29.65 -33.25
N LEU A 396 48.52 -30.19 -34.34
CA LEU A 396 48.14 -29.37 -35.49
C LEU A 396 47.07 -28.36 -35.10
N PHE A 397 46.03 -28.81 -34.39
CA PHE A 397 44.96 -27.90 -33.99
C PHE A 397 45.50 -26.77 -33.13
N THR A 398 46.28 -27.13 -32.09
CA THR A 398 46.80 -26.11 -31.18
C THR A 398 47.72 -25.14 -31.89
N HIS A 399 48.61 -25.66 -32.74
CA HIS A 399 49.57 -24.82 -33.43
C HIS A 399 48.87 -23.81 -34.32
N HIS A 400 47.90 -24.26 -35.11
CA HIS A 400 47.25 -23.33 -36.02
C HIS A 400 46.33 -22.36 -35.27
N VAL A 401 45.74 -22.79 -34.15
CA VAL A 401 44.98 -21.85 -33.34
C VAL A 401 45.88 -20.73 -32.83
N TRP A 402 47.06 -21.09 -32.33
CA TRP A 402 47.98 -20.07 -31.81
C TRP A 402 48.45 -19.13 -32.91
N ILE A 403 48.78 -19.70 -34.08
CA ILE A 403 49.20 -18.86 -35.20
C ILE A 403 48.10 -17.88 -35.57
N ALA A 404 46.86 -18.35 -35.60
CA ALA A 404 45.73 -17.47 -35.92
C ALA A 404 45.59 -16.35 -34.91
N GLY A 405 45.73 -16.67 -33.63
CA GLY A 405 45.62 -15.63 -32.61
C GLY A 405 46.69 -14.56 -32.74
N PHE A 406 47.93 -15.00 -32.98
CA PHE A 406 49.01 -14.03 -33.18
C PHE A 406 48.76 -13.17 -34.41
N CYS A 407 48.26 -13.79 -35.49
CA CYS A 407 47.97 -13.03 -36.71
C CYS A 407 46.89 -12.00 -36.47
N ILE A 408 45.85 -12.35 -35.71
CA ILE A 408 44.78 -11.40 -35.42
C ILE A 408 45.30 -10.23 -34.60
N VAL A 409 46.13 -10.52 -33.59
CA VAL A 409 46.71 -9.45 -32.78
C VAL A 409 47.56 -8.53 -33.65
N GLY A 410 48.34 -9.12 -34.57
CA GLY A 410 49.14 -8.30 -35.47
C GLY A 410 48.30 -7.44 -36.39
N GLY A 411 47.18 -7.99 -36.87
CA GLY A 411 46.27 -7.19 -37.68
C GLY A 411 45.75 -5.98 -36.92
N ALA A 412 45.35 -6.19 -35.67
CA ALA A 412 44.89 -5.07 -34.85
C ALA A 412 46.01 -4.05 -34.64
N ALA A 413 47.23 -4.53 -34.36
CA ALA A 413 48.35 -3.64 -34.12
C ALA A 413 48.65 -2.77 -35.34
N HIS A 414 48.67 -3.38 -36.52
CA HIS A 414 48.98 -2.60 -37.71
C HIS A 414 47.81 -1.74 -38.17
N ALA A 415 46.58 -2.10 -37.81
CA ALA A 415 45.48 -1.15 -37.98
C ALA A 415 45.69 0.10 -37.13
N ALA A 416 46.11 -0.09 -35.88
CA ALA A 416 46.42 1.06 -35.04
C ALA A 416 47.58 1.87 -35.60
N ILE A 417 48.58 1.19 -36.16
CA ILE A 417 49.71 1.88 -36.78
C ILE A 417 49.25 2.72 -37.96
N PHE A 418 48.37 2.17 -38.79
CA PHE A 418 47.82 2.94 -39.89
C PHE A 418 47.08 4.17 -39.38
N MET A 419 46.27 3.98 -38.32
CA MET A 419 45.53 5.11 -37.77
C MET A 419 46.47 6.21 -37.29
N VAL A 420 47.55 5.84 -36.62
CA VAL A 420 48.46 6.85 -36.08
C VAL A 420 49.23 7.54 -37.20
N ARG A 421 49.73 6.78 -38.17
CA ARG A 421 50.72 7.29 -39.12
C ARG A 421 50.13 7.66 -40.47
N ASP A 422 49.36 6.77 -41.09
CA ASP A 422 48.93 6.97 -42.47
C ASP A 422 47.57 7.65 -42.60
N TYR A 423 46.79 7.70 -41.53
CA TYR A 423 45.47 8.30 -41.61
C TYR A 423 45.57 9.80 -41.86
N ASP A 424 44.81 10.28 -42.84
CA ASP A 424 44.78 11.69 -43.19
C ASP A 424 43.35 12.21 -43.05
N PRO A 425 43.08 13.16 -42.16
CA PRO A 425 41.70 13.63 -41.97
C PRO A 425 41.08 14.23 -43.22
N ALA A 426 41.89 14.82 -44.11
CA ALA A 426 41.35 15.42 -45.32
C ALA A 426 40.76 14.38 -46.26
N HIS A 427 41.30 13.16 -46.25
CA HIS A 427 40.79 12.12 -47.13
C HIS A 427 39.46 11.54 -46.66
N HIS A 428 39.11 11.74 -45.39
CA HIS A 428 37.94 11.09 -44.79
C HIS A 428 37.05 12.17 -44.18
N VAL A 429 36.14 12.72 -44.98
CA VAL A 429 35.23 13.77 -44.56
C VAL A 429 33.82 13.17 -44.61
N ASN A 430 33.26 12.87 -43.44
CA ASN A 430 31.91 12.32 -43.30
C ASN A 430 31.76 10.96 -43.98
N ASN A 431 32.87 10.27 -44.25
CA ASN A 431 32.80 8.92 -44.78
C ASN A 431 32.65 7.93 -43.63
N ILE A 432 32.69 6.63 -43.92
CA ILE A 432 32.39 5.63 -42.90
C ILE A 432 33.48 5.59 -41.84
N LEU A 433 34.75 5.76 -42.24
CA LEU A 433 35.83 5.80 -41.26
C LEU A 433 35.67 6.97 -40.30
N ASP A 434 35.35 8.15 -40.84
CA ASP A 434 35.14 9.33 -40.01
C ASP A 434 33.97 9.12 -39.05
N ARG A 435 32.87 8.55 -39.53
CA ARG A 435 31.71 8.33 -38.69
C ARG A 435 32.00 7.30 -37.60
N THR A 436 32.77 6.26 -37.93
CA THR A 436 33.19 5.30 -36.92
C THR A 436 34.03 5.96 -35.84
N LEU A 437 34.99 6.80 -36.26
CA LEU A 437 35.77 7.54 -35.28
C LEU A 437 34.90 8.47 -34.45
N ARG A 438 33.80 8.97 -35.03
CA ARG A 438 32.94 9.91 -34.32
C ARG A 438 31.92 9.24 -33.41
N HIS A 439 31.67 7.94 -33.55
CA HIS A 439 30.85 7.23 -32.56
C HIS A 439 31.62 6.08 -31.91
N ARG A 440 32.96 6.21 -31.89
CA ARG A 440 33.79 5.28 -31.14
C ARG A 440 33.37 5.16 -29.68
N ASP A 441 32.86 6.24 -29.08
CA ASP A 441 32.40 6.15 -27.69
C ASP A 441 31.21 5.21 -27.58
N VAL A 442 30.25 5.33 -28.48
CA VAL A 442 29.12 4.40 -28.52
C VAL A 442 29.64 2.97 -28.64
N ILE A 443 30.55 2.76 -29.60
CA ILE A 443 31.03 1.41 -29.88
C ILE A 443 31.71 0.82 -28.66
N ILE A 444 32.61 1.58 -28.04
CA ILE A 444 33.40 1.06 -26.93
C ILE A 444 32.53 0.84 -25.70
N SER A 445 31.59 1.74 -25.44
CA SER A 445 30.71 1.56 -24.29
C SER A 445 29.85 0.32 -24.43
N HIS A 446 29.28 0.11 -25.63
CA HIS A 446 28.47 -1.09 -25.83
C HIS A 446 29.31 -2.35 -25.75
N LEU A 447 30.54 -2.30 -26.29
CA LEU A 447 31.42 -3.46 -26.20
C LEU A 447 31.80 -3.76 -24.76
N ALA A 448 32.07 -2.74 -23.95
CA ALA A 448 32.37 -2.95 -22.55
C ALA A 448 31.18 -3.57 -21.81
N TRP A 449 29.97 -3.08 -22.09
CA TRP A 449 28.80 -3.65 -21.45
C TRP A 449 28.60 -5.11 -21.83
N VAL A 450 28.76 -5.45 -23.11
CA VAL A 450 28.55 -6.83 -23.51
C VAL A 450 29.65 -7.71 -22.96
N CYS A 451 30.87 -7.19 -22.83
CA CYS A 451 31.93 -7.95 -22.19
C CYS A 451 31.60 -8.25 -20.74
N GLN A 452 31.07 -7.26 -20.02
CA GLN A 452 30.66 -7.52 -18.63
C GLN A 452 29.55 -8.55 -18.56
N PHE A 453 28.56 -8.44 -19.45
CA PHE A 453 27.47 -9.41 -19.48
C PHE A 453 27.98 -10.82 -19.72
N LEU A 454 28.86 -10.98 -20.71
CA LEU A 454 29.40 -12.29 -21.02
C LEU A 454 30.25 -12.83 -19.88
N GLY A 455 31.07 -11.97 -19.27
CA GLY A 455 31.89 -12.43 -18.15
C GLY A 455 31.05 -12.92 -16.99
N PHE A 456 30.05 -12.14 -16.61
CA PHE A 456 29.14 -12.61 -15.56
C PHE A 456 28.49 -13.93 -15.97
N HIS A 457 27.67 -13.91 -17.01
CA HIS A 457 26.88 -15.07 -17.38
C HIS A 457 27.70 -16.21 -17.97
N SER A 458 29.02 -16.21 -17.96
CA SER A 458 29.76 -17.47 -18.13
C SER A 458 30.59 -17.81 -16.90
N PHE A 459 31.51 -16.93 -16.49
CA PHE A 459 32.45 -17.31 -15.43
C PHE A 459 31.77 -17.29 -14.06
N ALA A 460 30.87 -16.33 -13.82
CA ALA A 460 30.15 -16.34 -12.56
C ALA A 460 29.26 -17.56 -12.45
N MET A 461 28.78 -18.07 -13.58
CA MET A 461 28.00 -19.32 -13.55
C MET A 461 28.90 -20.51 -13.25
N TYR A 462 30.14 -20.50 -13.76
CA TYR A 462 31.10 -21.53 -13.35
C TYR A 462 31.36 -21.47 -11.85
N CYS A 463 31.52 -20.27 -11.31
CA CYS A 463 31.73 -20.12 -9.86
C CYS A 463 30.50 -20.56 -9.08
N HIS A 464 29.31 -20.28 -9.61
CA HIS A 464 28.07 -20.79 -9.01
C HIS A 464 28.07 -22.30 -8.97
N ASN A 465 28.51 -22.94 -10.06
CA ASN A 465 28.60 -24.40 -10.08
C ASN A 465 29.57 -24.90 -9.03
N ASP A 466 30.73 -24.24 -8.91
CA ASP A 466 31.70 -24.60 -7.88
C ASP A 466 31.08 -24.54 -6.49
N THR A 467 30.43 -23.42 -6.17
CA THR A 467 29.86 -23.25 -4.83
C THR A 467 28.76 -24.26 -4.58
N MET A 468 27.91 -24.51 -5.57
CA MET A 468 26.83 -25.48 -5.40
C MET A 468 27.37 -26.88 -5.18
N ARG A 469 28.41 -27.27 -5.92
CA ARG A 469 28.99 -28.59 -5.72
C ARG A 469 29.65 -28.68 -4.35
N ALA A 470 30.30 -27.60 -3.89
CA ALA A 470 30.92 -27.63 -2.57
C ALA A 470 29.87 -27.78 -1.46
N PHE A 471 28.71 -27.14 -1.63
CA PHE A 471 27.60 -27.29 -0.69
C PHE A 471 27.00 -28.68 -0.70
N GLY A 472 27.34 -29.52 -1.66
CA GLY A 472 26.62 -30.77 -1.83
C GLY A 472 25.20 -30.57 -2.33
N ARG A 473 25.00 -29.64 -3.26
CA ARG A 473 23.70 -29.38 -3.86
C ARG A 473 23.84 -29.49 -5.38
N PRO A 474 24.09 -30.70 -5.89
CA PRO A 474 24.26 -30.86 -7.34
C PRO A 474 23.00 -30.53 -8.13
N GLN A 475 21.82 -30.62 -7.51
CA GLN A 475 20.58 -30.30 -8.20
C GLN A 475 20.47 -28.82 -8.55
N ASP A 476 21.24 -27.95 -7.88
CA ASP A 476 21.22 -26.52 -8.14
C ASP A 476 22.31 -26.08 -9.11
N MET A 477 23.07 -27.02 -9.65
CA MET A 477 24.15 -26.69 -10.57
C MET A 477 23.62 -26.54 -12.00
N PHE A 478 24.35 -25.77 -12.79
CA PHE A 478 24.09 -25.69 -14.23
C PHE A 478 24.73 -26.90 -14.88
N SER A 479 23.94 -27.92 -15.14
CA SER A 479 24.45 -29.19 -15.65
C SER A 479 23.34 -29.93 -16.36
N ASP A 480 23.70 -31.05 -16.99
CA ASP A 480 22.71 -31.86 -17.68
C ASP A 480 21.72 -32.48 -16.71
N THR A 481 22.11 -32.67 -15.45
CA THR A 481 21.24 -33.25 -14.45
C THR A 481 20.66 -32.23 -13.48
N GLY A 482 21.04 -30.96 -13.60
CA GLY A 482 20.47 -29.92 -12.77
C GLY A 482 19.66 -28.92 -13.57
N ILE A 483 20.09 -27.66 -13.55
CA ILE A 483 19.49 -26.62 -14.38
C ILE A 483 20.16 -26.67 -15.73
N GLN A 484 19.49 -27.24 -16.72
CA GLN A 484 20.10 -27.51 -18.01
C GLN A 484 20.21 -26.24 -18.84
N LEU A 485 21.30 -26.12 -19.59
CA LEU A 485 21.50 -25.06 -20.58
C LEU A 485 21.85 -25.76 -21.89
N GLN A 486 20.82 -26.19 -22.62
CA GLN A 486 21.04 -26.96 -23.84
C GLN A 486 21.34 -26.01 -25.00
N PRO A 487 22.44 -26.22 -25.72
CA PRO A 487 22.70 -25.43 -26.93
C PRO A 487 21.85 -25.91 -28.10
N ILE A 488 20.58 -25.50 -28.08
CA ILE A 488 19.59 -26.04 -29.01
C ILE A 488 19.89 -25.64 -30.45
N PHE A 489 20.47 -24.46 -30.67
CA PHE A 489 20.75 -24.02 -32.04
C PHE A 489 21.88 -24.83 -32.66
N ALA A 490 22.94 -25.09 -31.90
CA ALA A 490 24.04 -25.92 -32.41
C ALA A 490 23.57 -27.35 -32.65
N GLN A 491 22.76 -27.89 -31.75
CA GLN A 491 22.19 -29.22 -31.95
C GLN A 491 21.32 -29.26 -33.20
N TRP A 492 20.53 -28.21 -33.42
CA TRP A 492 19.71 -28.14 -34.62
C TRP A 492 20.55 -28.09 -35.87
N ILE A 493 21.65 -27.34 -35.84
CA ILE A 493 22.54 -27.29 -37.00
C ILE A 493 23.15 -28.66 -37.26
N GLN A 494 23.56 -29.36 -36.19
CA GLN A 494 24.07 -30.72 -36.34
C GLN A 494 23.04 -31.62 -37.00
N HIS A 495 21.78 -31.55 -36.56
CA HIS A 495 20.74 -32.39 -37.12
C HIS A 495 20.49 -32.05 -38.59
N ILE A 496 20.46 -30.76 -38.93
CA ILE A 496 20.23 -30.36 -40.31
C ILE A 496 21.36 -30.84 -41.21
N HIS A 497 22.61 -30.67 -40.75
CA HIS A 497 23.74 -31.10 -41.56
C HIS A 497 23.80 -32.62 -41.69
N THR A 498 23.34 -33.35 -40.68
CA THR A 498 23.30 -34.81 -40.79
C THR A 498 22.21 -35.25 -41.76
N ALA A 499 21.02 -34.63 -41.68
CA ALA A 499 19.91 -34.99 -42.54
C ALA A 499 20.05 -34.48 -43.96
N ALA A 500 20.96 -33.53 -44.21
CA ALA A 500 21.13 -32.99 -45.56
C ALA A 500 21.62 -34.06 -46.53
N VAL A 501 22.56 -34.90 -46.09
CA VAL A 501 23.08 -35.96 -46.95
C VAL A 501 22.22 -37.22 -46.91
N GLY A 502 21.19 -37.26 -46.07
CA GLY A 502 20.33 -38.41 -45.96
C GLY A 502 20.62 -39.32 -44.78
N ALA A 503 21.56 -38.97 -43.91
CA ALA A 503 21.90 -39.79 -42.77
C ALA A 503 21.02 -39.43 -41.57
N LEU A 525 13.50 -28.81 -45.14
CA LEU A 525 14.79 -29.13 -44.54
C LEU A 525 15.06 -30.63 -44.58
N GLY A 526 14.76 -31.25 -45.71
CA GLY A 526 14.98 -32.68 -45.86
C GLY A 526 15.78 -33.02 -47.11
N THR A 527 16.97 -33.60 -46.91
CA THR A 527 17.88 -33.97 -47.98
C THR A 527 18.11 -32.79 -48.91
N THR A 528 18.73 -31.75 -48.35
CA THR A 528 19.06 -30.55 -49.11
C THR A 528 20.36 -30.69 -49.88
N ALA A 529 21.12 -31.75 -49.64
CA ALA A 529 22.35 -32.05 -50.39
C ALA A 529 22.35 -33.52 -50.76
N PRO A 530 21.48 -33.93 -51.69
CA PRO A 530 21.36 -35.36 -52.00
C PRO A 530 22.60 -36.00 -52.60
N GLY A 531 23.50 -35.20 -53.20
CA GLY A 531 24.62 -35.77 -53.94
C GLY A 531 25.70 -36.37 -53.07
N ILE A 532 25.83 -35.94 -51.82
CA ILE A 532 26.85 -36.47 -50.92
C ILE A 532 26.32 -37.76 -50.30
N GLY A 533 27.08 -38.84 -50.42
CA GLY A 533 26.68 -40.12 -49.89
C GLY A 533 26.78 -40.21 -48.38
N ALA A 534 27.99 -40.07 -47.86
CA ALA A 534 28.27 -40.11 -46.43
C ALA A 534 28.12 -38.73 -45.82
N PRO A 535 28.00 -38.62 -44.50
CA PRO A 535 27.96 -37.29 -43.88
C PRO A 535 29.22 -36.49 -44.19
N VAL A 536 29.04 -35.18 -44.36
CA VAL A 536 30.18 -34.31 -44.65
C VAL A 536 31.21 -34.40 -43.53
N SER A 537 30.76 -34.42 -42.29
CA SER A 537 31.61 -34.68 -41.14
C SER A 537 30.87 -35.56 -40.17
N TYR A 538 31.54 -36.61 -39.69
CA TYR A 538 30.92 -37.49 -38.71
C TYR A 538 30.78 -36.84 -37.34
N ALA A 539 31.43 -35.70 -37.12
CA ALA A 539 31.26 -34.98 -35.86
C ALA A 539 29.83 -34.48 -35.69
N TRP A 540 29.13 -34.22 -36.80
CA TRP A 540 27.74 -33.80 -36.73
C TRP A 540 26.78 -34.97 -36.56
N GLY A 541 27.22 -36.19 -36.81
CA GLY A 541 26.41 -37.37 -36.71
C GLY A 541 26.60 -38.26 -37.91
N GLY A 542 25.71 -39.25 -38.04
CA GLY A 542 25.72 -40.14 -39.18
C GLY A 542 26.54 -41.40 -39.03
N GLY A 543 27.30 -41.54 -37.95
CA GLY A 543 28.05 -42.76 -37.73
C GLY A 543 29.44 -42.55 -37.15
N MET A 544 30.18 -43.65 -36.99
CA MET A 544 31.51 -43.63 -36.40
C MET A 544 32.49 -44.36 -37.31
N VAL A 545 33.72 -43.88 -37.36
CA VAL A 545 34.77 -44.46 -38.18
C VAL A 545 35.93 -44.87 -37.28
N ALA A 546 36.36 -46.12 -37.39
CA ALA A 546 37.52 -46.64 -36.70
C ALA A 546 38.50 -47.21 -37.72
N VAL A 547 39.79 -47.12 -37.41
CA VAL A 547 40.82 -47.51 -38.37
C VAL A 547 41.68 -48.64 -37.82
N GLY A 548 42.40 -48.37 -36.74
CA GLY A 548 43.30 -49.35 -36.17
C GLY A 548 42.92 -49.73 -34.76
N GLY A 549 41.63 -49.92 -34.52
CA GLY A 549 41.13 -50.09 -33.18
C GLY A 549 40.98 -48.81 -32.41
N LYS A 550 41.11 -47.67 -33.06
CA LYS A 550 40.99 -46.36 -32.43
C LYS A 550 39.98 -45.53 -33.20
N VAL A 551 39.31 -44.63 -32.49
CA VAL A 551 38.28 -43.80 -33.11
C VAL A 551 38.94 -42.73 -33.95
N ALA A 552 38.51 -42.62 -35.21
CA ALA A 552 38.94 -41.54 -36.09
C ALA A 552 38.03 -40.33 -35.96
N MET A 553 36.73 -40.54 -36.07
CA MET A 553 35.76 -39.47 -35.87
C MET A 553 34.42 -40.09 -35.50
N MET A 554 33.71 -39.44 -34.59
CA MET A 554 32.40 -39.87 -34.14
C MET A 554 31.58 -38.64 -33.79
N PRO A 555 30.26 -38.76 -33.71
CA PRO A 555 29.44 -37.58 -33.40
C PRO A 555 29.85 -36.95 -32.06
N ILE A 556 29.91 -35.62 -32.06
CA ILE A 556 30.32 -34.85 -30.90
C ILE A 556 29.06 -34.25 -30.31
N ALA A 557 28.51 -34.89 -29.29
CA ALA A 557 27.30 -34.39 -28.65
C ALA A 557 27.60 -33.11 -27.87
N LEU A 558 26.62 -32.21 -27.85
CA LEU A 558 26.73 -30.93 -27.17
C LEU A 558 25.68 -30.85 -26.08
N GLY A 559 26.10 -30.46 -24.88
CA GLY A 559 25.23 -30.31 -23.74
C GLY A 559 25.48 -29.01 -23.01
N THR A 560 25.17 -29.02 -21.70
CA THR A 560 25.33 -27.82 -20.89
C THR A 560 26.79 -27.39 -20.83
N ALA A 561 27.71 -28.34 -20.68
CA ALA A 561 29.13 -28.01 -20.61
C ALA A 561 29.61 -27.32 -21.88
N ASP A 562 29.17 -27.81 -23.04
CA ASP A 562 29.55 -27.19 -24.30
C ASP A 562 28.96 -25.79 -24.42
N PHE A 563 27.72 -25.61 -23.98
CA PHE A 563 27.13 -24.27 -23.92
C PHE A 563 28.00 -23.32 -23.09
N LEU A 564 28.37 -23.75 -21.90
CA LEU A 564 29.16 -22.91 -21.00
C LEU A 564 30.52 -22.59 -21.60
N ILE A 565 31.20 -23.59 -22.17
CA ILE A 565 32.54 -23.35 -22.70
C ILE A 565 32.50 -22.48 -23.94
N HIS A 566 31.46 -22.63 -24.78
CA HIS A 566 31.35 -21.77 -25.94
C HIS A 566 31.08 -20.33 -25.55
N HIS A 567 30.26 -20.11 -24.52
CA HIS A 567 30.07 -18.74 -24.06
C HIS A 567 31.31 -18.20 -23.33
N ILE A 568 32.13 -19.06 -22.73
CA ILE A 568 33.43 -18.63 -22.23
C ILE A 568 34.30 -18.13 -23.39
N HIS A 569 34.30 -18.87 -24.49
CA HIS A 569 35.05 -18.44 -25.67
C HIS A 569 34.53 -17.11 -26.19
N ALA A 570 33.21 -16.94 -26.24
CA ALA A 570 32.63 -15.68 -26.69
C ALA A 570 33.06 -14.53 -25.79
N PHE A 571 33.03 -14.75 -24.47
CA PHE A 571 33.46 -13.72 -23.53
C PHE A 571 34.91 -13.31 -23.75
N THR A 572 35.80 -14.31 -23.83
CA THR A 572 37.22 -14.00 -23.98
C THR A 572 37.50 -13.29 -25.30
N ILE A 573 36.86 -13.75 -26.38
CA ILE A 573 37.05 -13.10 -27.68
C ILE A 573 36.54 -11.67 -27.65
N HIS A 574 35.37 -11.45 -27.03
CA HIS A 574 34.82 -10.10 -26.98
C HIS A 574 35.71 -9.17 -26.16
N VAL A 575 36.33 -9.68 -25.09
CA VAL A 575 37.21 -8.82 -24.30
C VAL A 575 38.49 -8.50 -25.06
N THR A 576 39.05 -9.49 -25.76
CA THR A 576 40.21 -9.21 -26.60
C THR A 576 39.89 -8.17 -27.66
N VAL A 577 38.71 -8.29 -28.28
CA VAL A 577 38.25 -7.30 -29.24
C VAL A 577 38.13 -5.94 -28.57
N LEU A 578 37.60 -5.90 -27.35
CA LEU A 578 37.46 -4.64 -26.63
C LEU A 578 38.81 -3.96 -26.48
N VAL A 579 39.81 -4.71 -26.02
CA VAL A 579 41.14 -4.12 -25.80
C VAL A 579 41.72 -3.60 -27.12
N LEU A 580 41.74 -4.46 -28.14
CA LEU A 580 42.38 -4.09 -29.40
C LEU A 580 41.63 -2.96 -30.09
N PHE A 581 40.31 -2.98 -30.05
CA PHE A 581 39.49 -2.01 -30.78
C PHE A 581 39.44 -0.68 -30.05
N LYS A 582 39.52 -0.69 -28.72
CA LYS A 582 39.73 0.55 -27.98
C LYS A 582 41.08 1.15 -28.32
N GLY A 583 42.10 0.30 -28.45
CA GLY A 583 43.40 0.80 -28.87
C GLY A 583 43.38 1.44 -30.25
N VAL A 584 42.71 0.79 -31.20
CA VAL A 584 42.68 1.31 -32.57
C VAL A 584 41.84 2.58 -32.65
N LEU A 585 40.65 2.56 -32.04
CA LEU A 585 39.73 3.69 -32.18
C LEU A 585 40.23 4.94 -31.47
N PHE A 586 41.03 4.78 -30.42
CA PHE A 586 41.54 5.91 -29.66
C PHE A 586 43.03 6.15 -29.91
N ALA A 587 43.57 5.61 -31.00
CA ALA A 587 44.99 5.78 -31.29
C ALA A 587 45.35 7.24 -31.52
N ARG A 588 44.49 7.98 -32.23
CA ARG A 588 44.77 9.39 -32.48
C ARG A 588 44.70 10.21 -31.18
N GLY A 589 43.78 9.87 -30.30
CA GLY A 589 43.64 10.60 -29.06
C GLY A 589 42.37 10.22 -28.35
N SER A 590 42.18 10.82 -27.18
CA SER A 590 41.00 10.58 -26.36
C SER A 590 40.68 11.85 -25.59
N ARG A 591 39.67 11.76 -24.73
CA ARG A 591 39.33 12.89 -23.87
C ARG A 591 40.46 13.17 -22.88
N LEU A 592 41.26 12.17 -22.55
CA LEU A 592 42.36 12.35 -21.61
C LEU A 592 43.56 13.01 -22.28
N VAL A 593 44.09 12.38 -23.33
CA VAL A 593 45.23 12.90 -24.08
C VAL A 593 44.76 13.15 -25.51
N PRO A 594 44.40 14.38 -25.85
CA PRO A 594 43.84 14.64 -27.18
C PRO A 594 44.83 14.59 -28.32
N ASP A 595 46.14 14.66 -28.04
CA ASP A 595 47.16 14.73 -29.09
C ASP A 595 48.06 13.49 -29.07
N LYS A 596 47.45 12.31 -28.91
CA LYS A 596 48.24 11.09 -28.88
C LYS A 596 48.89 10.80 -30.22
N ALA A 597 48.28 11.25 -31.32
CA ALA A 597 48.85 11.02 -32.64
C ALA A 597 50.21 11.69 -32.77
N ASN A 598 50.35 12.90 -32.22
CA ASN A 598 51.65 13.56 -32.22
C ASN A 598 52.65 12.83 -31.35
N LEU A 599 52.19 12.17 -30.28
CA LEU A 599 53.09 11.40 -29.43
C LEU A 599 53.57 10.12 -30.11
N GLY A 600 52.83 9.61 -31.09
CA GLY A 600 53.25 8.46 -31.86
C GLY A 600 52.43 7.23 -31.54
N PHE A 601 52.75 6.15 -32.26
CA PHE A 601 52.09 4.88 -32.04
C PHE A 601 52.62 4.19 -30.78
N ARG A 602 53.92 4.34 -30.51
CA ARG A 602 54.59 3.63 -29.42
C ARG A 602 55.29 4.64 -28.51
N PHE A 603 54.67 4.94 -27.38
CA PHE A 603 55.27 5.80 -26.37
C PHE A 603 54.82 5.30 -25.00
N PRO A 604 55.62 5.51 -23.95
CA PRO A 604 55.28 4.90 -22.66
C PRO A 604 54.06 5.53 -22.00
N CYS A 605 53.96 6.86 -22.01
CA CYS A 605 52.91 7.56 -21.26
C CYS A 605 52.96 9.03 -21.68
N ASP A 606 52.18 9.85 -20.99
CA ASP A 606 52.26 11.30 -21.09
C ASP A 606 52.40 11.91 -19.69
N GLY A 607 53.18 11.26 -18.84
CA GLY A 607 53.46 11.78 -17.52
C GLY A 607 52.46 11.35 -16.47
N PRO A 608 52.80 11.58 -15.19
CA PRO A 608 51.88 11.21 -14.10
C PRO A 608 50.69 12.14 -13.96
N GLY A 609 50.59 13.17 -14.80
CA GLY A 609 49.50 14.13 -14.70
C GLY A 609 48.19 13.56 -15.20
N ARG A 610 47.14 14.38 -15.03
CA ARG A 610 45.76 13.97 -15.31
C ARG A 610 45.39 12.72 -14.52
N GLY A 611 45.98 12.57 -13.34
CA GLY A 611 45.81 11.39 -12.53
C GLY A 611 46.75 10.25 -12.87
N GLY A 612 47.42 10.31 -14.01
CA GLY A 612 48.27 9.23 -14.48
C GLY A 612 47.82 8.72 -15.83
N THR A 613 48.69 8.82 -16.84
CA THR A 613 48.38 8.46 -18.21
C THR A 613 49.23 7.30 -18.68
N CYS A 614 49.41 6.31 -17.81
CA CYS A 614 50.20 5.14 -18.13
C CYS A 614 49.51 4.30 -19.20
N GLN A 615 50.28 3.82 -20.18
CA GLN A 615 49.80 2.84 -21.15
C GLN A 615 48.60 3.36 -21.95
N VAL A 616 48.65 4.62 -22.35
CA VAL A 616 47.58 5.17 -23.18
C VAL A 616 47.81 4.91 -24.67
N SER A 617 49.03 4.61 -25.09
CA SER A 617 49.32 4.43 -26.50
C SER A 617 48.67 3.17 -27.04
N ALA A 618 48.46 3.15 -28.36
CA ALA A 618 47.90 1.98 -29.01
C ALA A 618 48.81 0.77 -28.88
N TRP A 619 50.12 1.00 -28.81
CA TRP A 619 51.05 -0.11 -28.61
C TRP A 619 50.79 -0.83 -27.29
N ASP A 620 50.49 -0.07 -26.24
CA ASP A 620 50.16 -0.70 -24.96
C ASP A 620 48.85 -1.46 -25.03
N HIS A 621 47.90 -0.98 -25.85
CA HIS A 621 46.67 -1.74 -26.06
C HIS A 621 46.96 -3.07 -26.76
N VAL A 622 47.86 -3.07 -27.73
CA VAL A 622 48.30 -4.32 -28.35
C VAL A 622 48.99 -5.20 -27.32
N PHE A 623 49.77 -4.58 -26.42
CA PHE A 623 50.49 -5.31 -25.39
C PHE A 623 49.53 -6.04 -24.45
N LEU A 624 48.42 -5.39 -24.10
CA LEU A 624 47.39 -6.05 -23.27
C LEU A 624 46.58 -7.06 -24.07
N GLY A 625 46.29 -6.74 -25.33
CA GLY A 625 45.58 -7.68 -26.19
C GLY A 625 46.33 -8.96 -26.40
N LEU A 626 47.67 -8.91 -26.35
CA LEU A 626 48.45 -10.14 -26.43
C LEU A 626 48.14 -11.06 -25.25
N PHE A 627 48.08 -10.51 -24.04
CA PHE A 627 47.72 -11.32 -22.87
C PHE A 627 46.32 -11.88 -23.01
N TRP A 628 45.37 -11.04 -23.45
CA TRP A 628 43.99 -11.52 -23.53
C TRP A 628 43.82 -12.58 -24.61
N MET A 629 44.52 -12.42 -25.73
CA MET A 629 44.53 -13.45 -26.76
C MET A 629 45.13 -14.74 -26.23
N TYR A 630 46.20 -14.64 -25.45
CA TYR A 630 46.78 -15.84 -24.84
C TYR A 630 45.76 -16.55 -23.97
N ASN A 631 45.05 -15.80 -23.13
CA ASN A 631 44.02 -16.40 -22.28
C ASN A 631 42.95 -17.10 -23.11
N SER A 632 42.41 -16.39 -24.10
CA SER A 632 41.33 -16.94 -24.92
C SER A 632 41.77 -18.20 -25.65
N LEU A 633 42.96 -18.18 -26.25
CA LEU A 633 43.41 -19.32 -27.03
C LEU A 633 43.82 -20.49 -26.14
N SER A 634 44.34 -20.20 -24.95
CA SER A 634 44.62 -21.27 -24.00
C SER A 634 43.33 -21.99 -23.63
N MET A 635 42.26 -21.24 -23.38
CA MET A 635 40.99 -21.92 -23.12
C MET A 635 40.47 -22.66 -24.34
N VAL A 636 40.65 -22.12 -25.55
CA VAL A 636 40.16 -22.80 -26.74
C VAL A 636 40.87 -24.16 -26.90
N VAL A 637 42.19 -24.16 -26.77
CA VAL A 637 42.93 -25.41 -26.95
C VAL A 637 42.66 -26.37 -25.80
N PHE A 638 42.48 -25.87 -24.58
CA PHE A 638 42.15 -26.75 -23.46
C PHE A 638 40.78 -27.41 -23.68
N HIS A 639 39.80 -26.63 -24.13
CA HIS A 639 38.49 -27.18 -24.45
C HIS A 639 38.60 -28.26 -25.51
N PHE A 640 39.34 -27.97 -26.59
CA PHE A 640 39.52 -28.96 -27.64
C PHE A 640 40.14 -30.24 -27.10
N SER A 641 41.24 -30.11 -26.36
CA SER A 641 41.94 -31.29 -25.86
C SER A 641 41.05 -32.13 -24.97
N TRP A 642 40.41 -31.50 -23.98
CA TRP A 642 39.59 -32.25 -23.04
C TRP A 642 38.40 -32.90 -23.73
N LYS A 643 37.70 -32.15 -24.57
CA LYS A 643 36.51 -32.71 -25.21
C LYS A 643 36.88 -33.84 -26.16
N MET A 644 37.97 -33.69 -26.92
CA MET A 644 38.39 -34.76 -27.83
C MET A 644 38.79 -36.01 -27.04
N GLN A 645 39.53 -35.84 -25.95
CA GLN A 645 39.94 -36.99 -25.17
C GLN A 645 38.76 -37.64 -24.47
N SER A 646 37.72 -36.87 -24.15
CA SER A 646 36.63 -37.36 -23.33
C SER A 646 35.50 -38.00 -24.14
N ASP A 647 35.18 -37.45 -25.32
CA ASP A 647 33.99 -37.87 -26.04
C ASP A 647 34.23 -38.39 -27.44
N VAL A 648 35.45 -38.29 -27.98
CA VAL A 648 35.70 -38.74 -29.34
C VAL A 648 36.80 -39.79 -29.37
N TRP A 649 38.01 -39.40 -28.95
CA TRP A 649 39.16 -40.28 -29.05
C TRP A 649 39.07 -41.40 -28.04
N GLY A 650 39.59 -42.56 -28.43
CA GLY A 650 39.55 -43.74 -27.59
C GLY A 650 39.81 -44.98 -28.41
N THR A 651 39.56 -46.13 -27.77
CA THR A 651 39.77 -47.42 -28.40
C THR A 651 38.45 -48.17 -28.52
N VAL A 652 38.34 -48.96 -29.59
CA VAL A 652 37.14 -49.73 -29.91
C VAL A 652 37.49 -51.21 -29.86
N ASP A 653 36.69 -51.97 -29.13
CA ASP A 653 36.91 -53.41 -29.05
C ASP A 653 36.22 -54.11 -30.23
N SER A 654 36.24 -55.44 -30.21
CA SER A 654 35.64 -56.21 -31.28
C SER A 654 34.12 -56.03 -31.33
N ASP A 655 33.50 -55.72 -30.19
CA ASP A 655 32.06 -55.56 -30.12
C ASP A 655 31.58 -54.18 -30.52
N GLY A 656 32.48 -53.26 -30.85
CA GLY A 656 32.10 -51.92 -31.22
C GLY A 656 31.88 -50.97 -30.07
N ILE A 657 32.24 -51.34 -28.86
CA ILE A 657 32.09 -50.49 -27.69
C ILE A 657 33.34 -49.61 -27.57
N VAL A 658 33.12 -48.30 -27.43
CA VAL A 658 34.20 -47.32 -27.41
C VAL A 658 34.50 -46.95 -25.96
N THR A 659 35.77 -47.07 -25.58
CA THR A 659 36.24 -46.54 -24.30
C THR A 659 37.17 -45.37 -24.58
N HIS A 660 36.83 -44.20 -24.05
CA HIS A 660 37.52 -42.97 -24.37
C HIS A 660 38.74 -42.78 -23.48
N LEU A 661 39.59 -41.83 -23.87
CA LEU A 661 40.87 -41.63 -23.18
C LEU A 661 40.66 -41.21 -21.73
N THR A 662 39.72 -40.30 -21.48
CA THR A 662 39.40 -39.87 -20.12
C THR A 662 38.05 -40.38 -19.65
N GLY A 663 37.39 -41.23 -20.44
CA GLY A 663 36.17 -41.89 -19.99
C GLY A 663 34.99 -40.98 -19.75
N GLY A 664 34.76 -40.03 -20.64
CA GLY A 664 33.59 -39.17 -20.55
C GLY A 664 33.57 -38.23 -19.35
N ASN A 665 34.73 -37.69 -18.97
CA ASN A 665 34.77 -36.75 -17.85
C ASN A 665 34.09 -35.43 -18.17
N PHE A 666 34.14 -35.00 -19.43
CA PHE A 666 33.85 -33.62 -19.78
C PHE A 666 32.45 -33.19 -19.33
N ALA A 667 31.46 -34.08 -19.42
CA ALA A 667 30.09 -33.68 -19.14
C ALA A 667 29.90 -33.24 -17.70
N THR A 668 30.52 -33.93 -16.74
CA THR A 668 30.30 -33.64 -15.33
C THR A 668 31.45 -32.89 -14.68
N SER A 669 32.67 -32.99 -15.21
CA SER A 669 33.82 -32.38 -14.56
C SER A 669 34.13 -30.98 -15.09
N SER A 670 33.84 -30.69 -16.35
CA SER A 670 34.21 -29.41 -16.93
C SER A 670 33.26 -28.29 -16.57
N ILE A 671 32.16 -28.57 -15.87
CA ILE A 671 31.21 -27.53 -15.50
C ILE A 671 31.64 -26.76 -14.27
N THR A 672 32.69 -27.20 -13.59
CA THR A 672 33.31 -26.47 -12.49
C THR A 672 34.80 -26.31 -12.79
N ASN A 673 35.37 -25.18 -12.36
CA ASN A 673 36.79 -24.99 -12.58
C ASN A 673 37.65 -25.72 -11.57
N ASN A 674 37.07 -26.20 -10.46
CA ASN A 674 37.72 -27.22 -9.66
C ASN A 674 37.86 -28.50 -10.48
N GLY A 675 36.85 -28.82 -11.28
CA GLY A 675 36.97 -29.96 -12.20
C GLY A 675 38.05 -29.76 -13.22
N TRP A 676 38.19 -28.54 -13.74
CA TRP A 676 39.28 -28.24 -14.66
C TRP A 676 40.63 -28.37 -13.96
N LEU A 677 40.71 -27.89 -12.71
CA LEU A 677 41.97 -27.95 -11.97
C LEU A 677 42.37 -29.39 -11.67
N ARG A 678 41.40 -30.24 -11.31
CA ARG A 678 41.69 -31.59 -10.87
C ARG A 678 41.73 -32.59 -12.03
N ASP A 679 40.64 -32.71 -12.77
CA ASP A 679 40.50 -33.76 -13.77
C ASP A 679 41.16 -33.41 -15.10
N PHE A 680 41.57 -32.16 -15.32
CA PHE A 680 42.27 -31.78 -16.54
C PHE A 680 43.71 -31.37 -16.27
N LEU A 681 43.94 -30.38 -15.41
CA LEU A 681 45.30 -29.91 -15.17
C LEU A 681 46.08 -30.90 -14.32
N TRP A 682 45.53 -31.29 -13.18
CA TRP A 682 46.24 -32.19 -12.28
C TRP A 682 46.32 -33.60 -12.83
N ALA A 683 45.20 -34.13 -13.33
CA ALA A 683 45.15 -35.53 -13.74
C ALA A 683 45.95 -35.76 -15.02
N GLN A 684 45.77 -34.90 -16.02
CA GLN A 684 46.40 -35.12 -17.32
C GLN A 684 47.85 -34.71 -17.36
N SER A 685 48.36 -34.06 -16.31
CA SER A 685 49.78 -33.72 -16.25
C SER A 685 50.63 -34.84 -15.67
N ALA A 686 50.02 -35.99 -15.36
CA ALA A 686 50.79 -37.11 -14.83
C ALA A 686 51.87 -37.57 -15.80
N GLN A 687 51.60 -37.49 -17.11
CA GLN A 687 52.57 -37.94 -18.10
C GLN A 687 53.81 -37.04 -18.10
N VAL A 688 53.60 -35.73 -18.16
CA VAL A 688 54.73 -34.80 -18.20
C VAL A 688 55.43 -34.74 -16.85
N ILE A 689 54.68 -34.88 -15.75
CA ILE A 689 55.28 -34.76 -14.42
C ILE A 689 56.05 -36.01 -14.02
N GLN A 690 55.75 -37.17 -14.63
CA GLN A 690 56.44 -38.41 -14.34
C GLN A 690 57.32 -38.87 -15.50
N SER A 691 57.72 -37.93 -16.36
CA SER A 691 58.47 -38.27 -17.56
C SER A 691 59.97 -38.37 -17.33
N TYR A 692 60.46 -38.08 -16.14
CA TYR A 692 61.89 -38.19 -15.86
C TYR A 692 62.34 -39.64 -15.98
N ASN A 693 63.60 -39.82 -16.38
CA ASN A 693 64.19 -41.14 -16.61
C ASN A 693 63.40 -41.91 -17.67
N SER A 694 63.02 -41.22 -18.73
CA SER A 694 62.34 -41.85 -19.86
C SER A 694 62.59 -40.99 -21.10
N SER A 695 62.07 -41.45 -22.24
CA SER A 695 62.24 -40.73 -23.49
C SER A 695 61.45 -39.43 -23.54
N LEU A 696 60.53 -39.20 -22.61
CA LEU A 696 59.74 -37.98 -22.56
C LEU A 696 60.27 -36.97 -21.54
N SER A 697 61.47 -37.21 -21.00
CA SER A 697 62.00 -36.33 -19.96
C SER A 697 62.23 -34.91 -20.46
N ALA A 698 62.54 -34.75 -21.75
CA ALA A 698 62.68 -33.42 -22.31
C ALA A 698 61.39 -32.62 -22.18
N TYR A 699 60.25 -33.28 -22.26
CA TYR A 699 58.98 -32.59 -22.09
C TYR A 699 58.80 -32.09 -20.67
N GLY A 700 59.21 -32.88 -19.67
CA GLY A 700 59.18 -32.39 -18.29
C GLY A 700 60.13 -31.23 -18.07
N LEU A 701 61.32 -31.31 -18.67
CA LEU A 701 62.27 -30.21 -18.58
C LEU A 701 61.69 -28.94 -19.19
N MET A 702 61.03 -29.06 -20.35
CA MET A 702 60.44 -27.89 -20.98
C MET A 702 59.22 -27.39 -20.20
N PHE A 703 58.51 -28.29 -19.54
CA PHE A 703 57.43 -27.89 -18.63
C PHE A 703 57.96 -26.96 -17.54
N LEU A 704 59.03 -27.40 -16.87
CA LEU A 704 59.65 -26.57 -15.84
C LEU A 704 60.21 -25.28 -16.44
N ALA A 705 60.77 -25.37 -17.65
CA ALA A 705 61.34 -24.19 -18.30
C ALA A 705 60.28 -23.15 -18.59
N GLY A 706 59.12 -23.57 -19.09
CA GLY A 706 58.03 -22.63 -19.34
C GLY A 706 57.53 -22.00 -18.05
N HIS A 707 57.39 -22.80 -16.99
CA HIS A 707 57.01 -22.21 -15.71
C HIS A 707 58.03 -21.16 -15.26
N PHE A 708 59.32 -21.46 -15.43
CA PHE A 708 60.36 -20.53 -15.05
C PHE A 708 60.28 -19.24 -15.87
N ILE A 709 60.05 -19.36 -17.17
CA ILE A 709 60.03 -18.17 -18.03
C ILE A 709 58.83 -17.29 -17.69
N PHE A 710 57.69 -17.90 -17.37
CA PHE A 710 56.54 -17.12 -16.92
C PHE A 710 56.84 -16.36 -15.64
N GLY A 711 57.37 -17.07 -14.64
CA GLY A 711 57.76 -16.39 -13.40
C GLY A 711 58.77 -15.30 -13.64
N PHE A 712 59.72 -15.53 -14.55
CA PHE A 712 60.74 -14.54 -14.88
C PHE A 712 60.12 -13.29 -15.49
N SER A 713 59.19 -13.47 -16.43
CA SER A 713 58.51 -12.33 -17.05
C SER A 713 57.73 -11.52 -16.03
N LEU A 714 57.31 -12.16 -14.94
CA LEU A 714 56.54 -11.44 -13.93
C LEU A 714 57.27 -10.19 -13.42
N MET A 715 58.61 -10.21 -13.32
CA MET A 715 59.26 -9.02 -12.77
C MET A 715 59.31 -7.88 -13.78
N PHE A 716 59.54 -8.19 -15.07
CA PHE A 716 59.46 -7.14 -16.08
C PHE A 716 58.06 -6.56 -16.15
N LEU A 717 57.04 -7.39 -15.90
CA LEU A 717 55.68 -6.87 -15.95
C LEU A 717 55.31 -6.06 -14.72
N PHE A 718 55.83 -6.43 -13.55
CA PHE A 718 55.37 -5.83 -12.29
C PHE A 718 56.19 -4.63 -11.85
N SER A 719 57.39 -4.44 -12.38
CA SER A 719 58.31 -3.42 -11.86
C SER A 719 58.41 -2.24 -12.82
N GLY A 720 59.27 -1.29 -12.46
CA GLY A 720 59.49 -0.11 -13.26
C GLY A 720 60.98 0.17 -13.40
N ARG A 721 61.31 0.95 -14.43
CA ARG A 721 62.70 1.11 -14.83
C ARG A 721 63.51 2.04 -13.93
N GLY A 722 62.85 2.88 -13.12
CA GLY A 722 63.61 3.77 -12.25
C GLY A 722 64.39 3.02 -11.20
N TYR A 723 63.77 2.02 -10.59
CA TYR A 723 64.46 1.17 -9.61
C TYR A 723 65.68 0.52 -10.24
N TRP A 724 65.51 -0.04 -11.44
CA TRP A 724 66.62 -0.73 -12.10
C TRP A 724 67.71 0.25 -12.50
N GLN A 725 67.32 1.47 -12.90
CA GLN A 725 68.32 2.48 -13.24
C GLN A 725 69.15 2.87 -12.03
N GLU A 726 68.52 3.01 -10.86
CA GLU A 726 69.27 3.35 -9.66
C GLU A 726 70.18 2.19 -9.21
N LEU A 727 69.68 0.96 -9.33
CA LEU A 727 70.52 -0.20 -9.02
C LEU A 727 71.71 -0.26 -9.98
N ILE A 728 71.49 0.01 -11.26
CA ILE A 728 72.57 0.09 -12.23
C ILE A 728 73.51 1.22 -11.90
N GLU A 729 73.00 2.31 -11.32
CA GLU A 729 73.87 3.38 -10.83
C GLU A 729 74.85 2.86 -9.80
N SER A 730 74.35 2.11 -8.83
CA SER A 730 75.24 1.54 -7.81
C SER A 730 76.24 0.57 -8.42
N ILE A 731 75.78 -0.28 -9.34
CA ILE A 731 76.69 -1.25 -9.97
C ILE A 731 77.74 -0.53 -10.81
N VAL A 732 77.35 0.56 -11.47
CA VAL A 732 78.28 1.35 -12.27
C VAL A 732 79.30 2.02 -11.37
N TRP A 733 78.89 2.45 -10.17
CA TRP A 733 79.86 2.94 -9.21
C TRP A 733 80.86 1.86 -8.86
N ALA A 734 80.37 0.63 -8.65
CA ALA A 734 81.27 -0.47 -8.33
C ALA A 734 82.27 -0.72 -9.45
N HIS A 735 81.81 -0.67 -10.70
CA HIS A 735 82.73 -0.86 -11.82
C HIS A 735 83.70 0.30 -11.98
N ASN A 736 83.24 1.52 -11.73
CA ASN A 736 84.11 2.68 -11.81
C ASN A 736 85.21 2.62 -10.76
N LYS A 737 84.90 2.08 -9.58
CA LYS A 737 85.91 1.96 -8.54
C LYS A 737 87.10 1.12 -9.01
N LEU A 738 86.86 0.14 -9.88
CA LEU A 738 87.91 -0.72 -10.39
C LEU A 738 88.36 -0.37 -11.80
N LYS A 739 87.98 0.82 -12.30
CA LYS A 739 88.39 1.30 -13.62
C LYS A 739 87.98 0.32 -14.72
N VAL A 740 86.78 -0.25 -14.59
CA VAL A 740 86.31 -1.25 -15.55
C VAL A 740 84.92 -0.85 -16.05
N ALA A 741 84.57 0.42 -15.89
CA ALA A 741 83.27 0.85 -16.39
C ALA A 741 83.31 1.00 -17.91
N PRO A 742 82.25 0.64 -18.61
CA PRO A 742 82.23 0.77 -20.07
C PRO A 742 81.84 2.18 -20.51
N ALA A 743 82.39 2.58 -21.65
CA ALA A 743 82.03 3.87 -22.24
C ALA A 743 80.58 3.88 -22.70
N ILE A 744 80.11 2.77 -23.25
CA ILE A 744 78.69 2.62 -23.58
C ILE A 744 77.94 2.49 -22.26
N GLN A 745 77.30 3.57 -21.85
CA GLN A 745 76.79 3.64 -20.49
C GLN A 745 75.62 2.69 -20.30
N PRO A 746 75.66 1.83 -19.28
CA PRO A 746 74.53 0.90 -19.05
C PRO A 746 73.27 1.67 -18.66
N ARG A 747 72.16 1.31 -19.27
CA ARG A 747 70.87 1.90 -18.97
C ARG A 747 69.84 0.81 -18.77
N ALA A 748 68.90 1.06 -17.87
CA ALA A 748 67.76 0.17 -17.75
C ALA A 748 66.94 0.22 -19.03
N LEU A 749 66.23 -0.86 -19.31
CA LEU A 749 65.37 -0.89 -20.49
C LEU A 749 64.31 0.19 -20.39
N SER A 750 63.96 0.77 -21.54
CA SER A 750 62.90 1.75 -21.57
C SER A 750 61.59 1.14 -21.09
N ILE A 751 60.62 2.00 -20.80
CA ILE A 751 59.34 1.54 -20.26
C ILE A 751 58.66 0.60 -21.26
N VAL A 752 58.58 1.02 -22.52
CA VAL A 752 57.98 0.20 -23.56
C VAL A 752 58.79 -1.07 -23.76
N HIS A 753 60.12 -0.96 -23.73
CA HIS A 753 60.96 -2.15 -23.89
C HIS A 753 60.73 -3.13 -22.75
N GLY A 754 60.61 -2.64 -21.52
CA GLY A 754 60.31 -3.52 -20.41
C GLY A 754 58.97 -4.21 -20.55
N ARG A 755 57.95 -3.48 -20.99
CA ARG A 755 56.65 -4.11 -21.22
C ARG A 755 56.75 -5.17 -22.31
N ALA A 756 57.48 -4.88 -23.39
CA ALA A 756 57.63 -5.86 -24.48
C ALA A 756 58.34 -7.11 -24.00
N VAL A 757 59.42 -6.95 -23.23
CA VAL A 757 60.14 -8.10 -22.71
C VAL A 757 59.23 -8.92 -21.80
N GLY A 758 58.48 -8.24 -20.92
CA GLY A 758 57.58 -8.96 -20.03
C GLY A 758 56.55 -9.77 -20.78
N VAL A 759 55.89 -9.16 -21.77
CA VAL A 759 54.84 -9.88 -22.49
C VAL A 759 55.43 -11.01 -23.33
N ALA A 760 56.60 -10.79 -23.93
CA ALA A 760 57.22 -11.84 -24.74
C ALA A 760 57.58 -13.05 -23.89
N HIS A 761 58.25 -12.81 -22.75
CA HIS A 761 58.61 -13.93 -21.89
C HIS A 761 57.38 -14.60 -21.29
N TYR A 762 56.35 -13.82 -20.94
CA TYR A 762 55.12 -14.40 -20.41
C TYR A 762 54.49 -15.35 -21.41
N LEU A 763 54.29 -14.88 -22.65
CA LEU A 763 53.68 -15.72 -23.67
C LEU A 763 54.55 -16.94 -23.97
N LEU A 764 55.86 -16.75 -24.06
CA LEU A 764 56.75 -17.87 -24.34
C LEU A 764 56.63 -18.93 -23.24
N GLY A 765 56.70 -18.52 -21.98
CA GLY A 765 56.62 -19.48 -20.89
C GLY A 765 55.30 -20.23 -20.88
N GLY A 766 54.19 -19.50 -20.99
CA GLY A 766 52.90 -20.16 -20.97
C GLY A 766 52.71 -21.12 -22.13
N ILE A 767 53.06 -20.69 -23.33
CA ILE A 767 52.86 -21.52 -24.51
C ILE A 767 53.77 -22.74 -24.47
N VAL A 768 55.01 -22.57 -24.01
CA VAL A 768 55.92 -23.72 -23.91
C VAL A 768 55.42 -24.71 -22.87
N THR A 769 54.90 -24.21 -21.75
CA THR A 769 54.34 -25.09 -20.72
C THR A 769 53.19 -25.92 -21.30
N THR A 770 52.25 -25.26 -21.99
CA THR A 770 51.13 -25.98 -22.57
C THR A 770 51.60 -26.96 -23.65
N TRP A 771 52.59 -26.55 -24.45
CA TRP A 771 53.14 -27.42 -25.48
C TRP A 771 53.73 -28.69 -24.89
N ALA A 772 54.57 -28.55 -23.86
CA ALA A 772 55.17 -29.71 -23.22
C ALA A 772 54.10 -30.60 -22.61
N PHE A 773 53.11 -30.01 -21.93
CA PHE A 773 52.03 -30.77 -21.34
C PHE A 773 51.29 -31.60 -22.39
N PHE A 774 50.84 -30.95 -23.46
CA PHE A 774 50.09 -31.63 -24.50
C PHE A 774 50.92 -32.73 -25.15
N LEU A 775 52.15 -32.41 -25.53
CA LEU A 775 52.95 -33.36 -26.31
C LEU A 775 53.37 -34.55 -25.46
N ALA A 776 53.74 -34.32 -24.20
CA ALA A 776 54.08 -35.44 -23.32
C ALA A 776 52.87 -36.36 -23.13
N ARG A 777 51.72 -35.77 -22.79
CA ARG A 777 50.54 -36.60 -22.58
C ARG A 777 50.18 -37.41 -23.81
N MET A 778 50.21 -36.78 -24.99
CA MET A 778 49.71 -37.46 -26.17
C MET A 778 50.76 -38.30 -26.87
N SER A 779 52.04 -38.16 -26.50
CA SER A 779 53.03 -39.14 -26.90
C SER A 779 52.98 -40.37 -26.01
N ALA A 780 52.64 -40.20 -24.72
CA ALA A 780 52.57 -41.35 -23.83
C ALA A 780 51.34 -42.20 -24.08
N ILE A 781 50.17 -41.58 -24.22
CA ILE A 781 48.90 -42.30 -24.30
C ILE A 781 48.24 -42.21 -25.66
N GLY A 782 48.80 -41.44 -26.59
CA GLY A 782 48.20 -41.28 -27.90
C GLY A 782 48.31 -42.52 -28.76
N ALA B 2 33.42 21.63 -1.16
CA ALA B 2 34.21 20.64 -0.44
C ALA B 2 33.33 19.83 0.52
N THR B 3 33.83 18.68 0.94
CA THR B 3 33.13 17.80 1.86
C THR B 3 33.81 17.83 3.23
N LYS B 4 33.05 17.39 4.25
CA LYS B 4 33.62 17.29 5.58
C LYS B 4 34.64 16.17 5.68
N PHE B 5 34.48 15.11 4.90
CA PHE B 5 35.33 13.94 4.92
C PHE B 5 36.32 13.99 3.78
N PRO B 6 37.62 13.78 4.03
CA PRO B 6 38.25 13.53 5.33
C PRO B 6 38.42 14.80 6.16
N LYS B 7 38.28 14.69 7.47
CA LYS B 7 38.40 15.84 8.35
C LYS B 7 39.83 16.37 8.41
N PHE B 8 40.81 15.50 8.16
CA PHE B 8 42.22 15.80 8.40
C PHE B 8 42.95 16.35 7.17
N SER B 9 42.28 16.53 6.04
CA SER B 9 42.97 16.96 4.83
C SER B 9 42.01 17.79 3.98
N GLN B 10 42.31 19.09 3.86
CA GLN B 10 41.52 19.95 3.00
C GLN B 10 41.80 19.69 1.53
N ASP B 11 43.02 19.26 1.20
CA ASP B 11 43.35 18.95 -0.18
C ASP B 11 42.50 17.79 -0.69
N LEU B 12 42.33 16.75 0.13
CA LEU B 12 41.48 15.63 -0.26
C LEU B 12 40.00 16.01 -0.19
N ALA B 13 39.63 16.82 0.80
CA ALA B 13 38.23 17.22 0.94
C ALA B 13 37.73 18.03 -0.24
N GLN B 14 38.62 18.73 -0.94
CA GLN B 14 38.24 19.50 -2.12
C GLN B 14 38.34 18.69 -3.41
N ASP B 15 38.82 17.45 -3.35
CA ASP B 15 38.91 16.62 -4.53
C ASP B 15 37.52 16.24 -5.01
N PRO B 16 37.17 16.51 -6.26
CA PRO B 16 35.80 16.22 -6.76
C PRO B 16 35.62 14.83 -7.35
N THR B 17 36.61 13.94 -7.23
CA THR B 17 36.56 12.61 -7.83
C THR B 17 36.48 11.55 -6.74
N THR B 18 36.34 10.30 -7.18
CA THR B 18 36.31 9.17 -6.24
C THR B 18 37.63 9.00 -5.51
N ARG B 19 38.73 9.50 -6.08
CA ARG B 19 40.04 9.39 -5.44
C ARG B 19 40.00 9.92 -4.01
N ARG B 20 39.24 11.00 -3.78
CA ARG B 20 39.13 11.58 -2.46
C ARG B 20 38.78 10.53 -1.41
N ILE B 21 37.84 9.64 -1.74
CA ILE B 21 37.48 8.59 -0.79
C ILE B 21 38.66 7.65 -0.56
N TRP B 22 39.25 7.15 -1.65
CA TRP B 22 40.29 6.13 -1.54
C TRP B 22 41.46 6.63 -0.70
N TYR B 23 42.01 7.79 -1.07
CA TYR B 23 43.15 8.33 -0.34
C TYR B 23 42.77 8.63 1.11
N ALA B 24 41.51 8.96 1.37
CA ALA B 24 41.09 9.23 2.74
C ALA B 24 41.31 8.01 3.62
N MET B 25 41.13 6.81 3.06
CA MET B 25 41.44 5.61 3.82
C MET B 25 42.93 5.34 3.91
N ALA B 26 43.69 5.74 2.89
CA ALA B 26 45.10 5.40 2.84
C ALA B 26 45.98 6.34 3.66
N THR B 27 45.47 7.51 4.03
CA THR B 27 46.24 8.50 4.78
C THR B 27 45.64 8.83 6.13
N ALA B 28 44.64 8.06 6.57
CA ALA B 28 43.96 8.36 7.82
C ALA B 28 44.90 8.23 9.02
N HIS B 29 45.77 7.22 9.01
CA HIS B 29 46.64 6.95 10.14
C HIS B 29 48.03 7.56 9.97
N ASP B 30 48.26 8.31 8.90
CA ASP B 30 49.50 9.06 8.73
C ASP B 30 49.30 10.42 9.40
N PHE B 31 49.39 10.42 10.73
CA PHE B 31 49.02 11.59 11.51
C PHE B 31 49.91 12.79 11.23
N GLU B 32 51.17 12.55 10.84
CA GLU B 32 52.11 13.64 10.66
C GLU B 32 51.71 14.56 9.50
N LEU B 33 51.03 14.02 8.50
CA LEU B 33 50.61 14.81 7.34
C LEU B 33 49.24 15.44 7.52
N HIS B 34 48.59 15.24 8.65
CA HIS B 34 47.29 15.85 8.88
C HIS B 34 47.41 17.36 9.00
N ASP B 35 46.34 18.06 8.61
CA ASP B 35 46.35 19.51 8.63
C ASP B 35 46.46 20.04 10.05
N GLY B 36 47.33 21.02 10.25
CA GLY B 36 47.50 21.64 11.55
C GLY B 36 47.95 20.68 12.64
N MET B 37 48.81 19.73 12.29
CA MET B 37 49.29 18.74 13.24
C MET B 37 50.55 19.24 13.93
N THR B 38 50.54 19.20 15.26
CA THR B 38 51.70 19.51 16.07
C THR B 38 52.27 18.22 16.67
N GLU B 39 53.51 18.32 17.16
CA GLU B 39 54.18 17.14 17.70
C GLU B 39 53.45 16.60 18.93
N GLU B 40 53.04 17.49 19.83
CA GLU B 40 52.37 17.05 21.06
C GLU B 40 51.03 16.37 20.76
N ASN B 41 50.25 16.98 19.86
CA ASN B 41 48.99 16.37 19.46
C ASN B 41 49.22 15.04 18.77
N LEU B 42 50.28 14.95 17.97
CA LEU B 42 50.64 13.70 17.30
C LEU B 42 50.90 12.61 18.32
N TYR B 43 51.72 12.90 19.33
CA TYR B 43 52.04 11.90 20.34
C TYR B 43 50.81 11.51 21.15
N GLN B 44 49.96 12.47 21.50
CA GLN B 44 48.76 12.15 22.26
C GLN B 44 47.81 11.26 21.46
N LYS B 45 47.62 11.57 20.17
CA LYS B 45 46.77 10.75 19.33
C LYS B 45 47.34 9.34 19.18
N ILE B 46 48.66 9.23 19.02
CA ILE B 46 49.28 7.91 18.92
C ILE B 46 49.08 7.12 20.21
N PHE B 47 49.19 7.78 21.36
CA PHE B 47 49.02 7.11 22.65
C PHE B 47 47.60 6.57 22.79
N ALA B 48 46.60 7.39 22.42
CA ALA B 48 45.22 6.92 22.47
C ALA B 48 44.97 5.78 21.49
N SER B 49 45.56 5.86 20.29
CA SER B 49 45.40 4.79 19.31
C SER B 49 46.02 3.50 19.80
N HIS B 50 47.15 3.59 20.51
CA HIS B 50 47.77 2.40 21.07
C HIS B 50 46.88 1.77 22.14
N PHE B 51 46.24 2.60 22.96
CA PHE B 51 45.25 2.08 23.90
C PHE B 51 44.14 1.33 23.15
N GLY B 52 43.64 1.92 22.07
CA GLY B 52 42.60 1.26 21.30
C GLY B 52 43.04 -0.08 20.72
N HIS B 53 44.27 -0.14 20.21
CA HIS B 53 44.79 -1.37 19.65
C HIS B 53 44.94 -2.46 20.71
N LEU B 54 45.41 -2.08 21.90
CA LEU B 54 45.49 -3.05 22.99
C LEU B 54 44.10 -3.56 23.37
N ALA B 55 43.11 -2.67 23.41
CA ALA B 55 41.75 -3.11 23.69
C ALA B 55 41.25 -4.08 22.63
N ILE B 56 41.58 -3.83 21.37
CA ILE B 56 41.18 -4.73 20.29
C ILE B 56 41.82 -6.10 20.47
N ILE B 57 43.11 -6.13 20.84
CA ILE B 57 43.79 -7.40 21.07
C ILE B 57 43.12 -8.18 22.20
N PHE B 58 42.80 -7.48 23.29
CA PHE B 58 42.15 -8.15 24.41
C PHE B 58 40.77 -8.68 24.02
N LEU B 59 40.02 -7.91 23.23
CA LEU B 59 38.73 -8.39 22.76
C LEU B 59 38.88 -9.62 21.87
N TRP B 60 39.91 -9.66 21.05
CA TRP B 60 40.15 -10.82 20.20
C TRP B 60 40.42 -12.06 21.05
N ALA B 61 41.28 -11.92 22.06
CA ALA B 61 41.56 -13.05 22.95
C ALA B 61 40.29 -13.49 23.69
N SER B 62 39.51 -12.52 24.16
CA SER B 62 38.25 -12.83 24.84
C SER B 62 37.31 -13.59 23.92
N GLY B 63 37.23 -13.17 22.65
CA GLY B 63 36.36 -13.86 21.72
C GLY B 63 36.79 -15.29 21.46
N VAL B 64 38.10 -15.51 21.31
CA VAL B 64 38.60 -16.87 21.14
C VAL B 64 38.21 -17.73 22.34
N LEU B 65 38.46 -17.22 23.55
CA LEU B 65 38.13 -17.98 24.75
C LEU B 65 36.64 -18.26 24.85
N PHE B 66 35.81 -17.23 24.58
CA PHE B 66 34.37 -17.40 24.70
C PHE B 66 33.84 -18.41 23.70
N HIS B 67 34.33 -18.37 22.46
CA HIS B 67 33.82 -19.30 21.47
C HIS B 67 34.27 -20.73 21.77
N VAL B 68 35.48 -20.92 22.29
CA VAL B 68 35.89 -22.26 22.70
C VAL B 68 35.03 -22.75 23.86
N ALA B 69 34.77 -21.88 24.85
CA ALA B 69 33.97 -22.30 26.00
C ALA B 69 32.52 -22.55 25.63
N TRP B 70 32.02 -21.88 24.59
CA TRP B 70 30.61 -21.96 24.22
C TRP B 70 30.33 -23.11 23.26
N GLN B 71 31.14 -23.26 22.21
CA GLN B 71 30.86 -24.23 21.17
C GLN B 71 31.95 -25.28 21.00
N GLY B 72 33.04 -25.18 21.75
CA GLY B 72 34.15 -26.11 21.61
C GLY B 72 33.92 -27.39 22.40
N ASN B 73 34.98 -28.19 22.45
CA ASN B 73 34.98 -29.48 23.15
C ASN B 73 36.22 -29.59 24.03
N PHE B 74 36.49 -28.53 24.79
CA PHE B 74 37.71 -28.48 25.60
C PHE B 74 37.75 -29.62 26.62
N GLU B 75 36.67 -29.81 27.36
CA GLU B 75 36.64 -30.83 28.41
C GLU B 75 36.79 -32.23 27.83
N GLN B 76 36.13 -32.50 26.70
CA GLN B 76 36.30 -33.78 26.03
C GLN B 76 37.72 -33.95 25.51
N TRP B 77 38.31 -32.86 25.02
CA TRP B 77 39.67 -32.93 24.49
C TRP B 77 40.70 -33.17 25.60
N ILE B 78 40.41 -32.74 26.83
CA ILE B 78 41.34 -32.96 27.93
C ILE B 78 41.53 -34.45 28.17
N LYS B 79 40.44 -35.22 28.13
CA LYS B 79 40.51 -36.64 28.45
C LYS B 79 41.31 -37.44 27.42
N ASP B 80 41.49 -36.90 26.21
CA ASP B 80 42.26 -37.60 25.19
C ASP B 80 42.81 -36.60 24.17
N PRO B 81 43.84 -35.84 24.52
CA PRO B 81 44.37 -34.83 23.58
C PRO B 81 44.94 -35.41 22.31
N LEU B 82 45.36 -36.68 22.31
CA LEU B 82 46.02 -37.27 21.15
C LEU B 82 45.05 -37.82 20.12
N ASN B 83 43.75 -37.92 20.43
CA ASN B 83 42.78 -38.50 19.51
C ASN B 83 41.54 -37.65 19.32
N VAL B 84 41.35 -36.57 20.06
CA VAL B 84 40.18 -35.71 19.93
C VAL B 84 40.58 -34.47 19.15
N ARG B 85 39.79 -34.13 18.14
CA ARG B 85 40.04 -32.93 17.36
C ARG B 85 39.50 -31.71 18.10
N PRO B 86 40.33 -30.72 18.42
CA PRO B 86 39.83 -29.50 19.04
C PRO B 86 38.90 -28.75 18.11
N ILE B 87 37.90 -28.10 18.68
CA ILE B 87 36.86 -27.39 17.94
C ILE B 87 37.08 -25.89 18.10
N ALA B 88 37.19 -25.19 16.97
CA ALA B 88 37.35 -23.73 17.01
C ALA B 88 36.03 -23.05 17.34
N HIS B 89 35.02 -23.23 16.49
CA HIS B 89 33.70 -22.66 16.72
C HIS B 89 32.70 -23.39 15.83
N ALA B 90 31.43 -23.10 16.05
CA ALA B 90 30.37 -23.72 15.28
C ALA B 90 30.23 -23.05 13.92
N ILE B 91 29.57 -23.75 13.00
CA ILE B 91 29.33 -23.28 11.65
C ILE B 91 27.84 -23.00 11.49
N TRP B 92 27.52 -21.79 11.04
CA TRP B 92 26.15 -21.42 10.67
C TRP B 92 26.21 -20.78 9.29
N ASP B 93 26.05 -21.61 8.26
CA ASP B 93 25.98 -21.16 6.87
C ASP B 93 24.67 -21.70 6.33
N ALA B 94 23.64 -20.85 6.30
CA ALA B 94 22.27 -21.28 5.99
C ALA B 94 22.10 -21.76 4.56
N GLN B 95 23.16 -21.77 3.76
CA GLN B 95 23.09 -22.21 2.38
C GLN B 95 23.89 -23.48 2.13
N PHE B 96 24.25 -24.20 3.19
CA PHE B 96 24.79 -25.55 3.07
C PHE B 96 23.73 -26.54 2.63
N GLY B 97 24.19 -27.61 1.98
CA GLY B 97 23.36 -28.76 1.72
C GLY B 97 23.56 -29.83 2.78
N PRO B 98 22.71 -30.83 2.80
CA PRO B 98 22.86 -31.93 3.78
C PRO B 98 24.22 -32.62 3.70
N PRO B 99 24.78 -32.85 2.50
CA PRO B 99 26.14 -33.43 2.48
C PRO B 99 27.18 -32.57 3.19
N ALA B 100 27.11 -31.24 3.03
CA ALA B 100 28.07 -30.37 3.70
C ALA B 100 27.86 -30.39 5.21
N ILE B 101 26.60 -30.38 5.66
CA ILE B 101 26.31 -30.43 7.08
C ILE B 101 26.85 -31.74 7.68
N GLU B 102 26.63 -32.86 6.99
CA GLU B 102 27.13 -34.14 7.47
C GLU B 102 28.66 -34.15 7.49
N ALA B 103 29.29 -33.61 6.44
CA ALA B 103 30.74 -33.62 6.36
C ALA B 103 31.38 -32.79 7.46
N PHE B 104 30.80 -31.64 7.78
CA PHE B 104 31.38 -30.75 8.79
C PHE B 104 30.93 -31.08 10.21
N THR B 105 30.05 -32.05 10.39
CA THR B 105 29.67 -32.51 11.73
C THR B 105 30.62 -33.64 12.11
N ARG B 106 31.57 -33.34 12.99
CA ARG B 106 32.62 -34.28 13.35
C ARG B 106 33.19 -33.88 14.71
N ALA B 107 34.28 -34.55 15.11
CA ALA B 107 34.97 -34.29 16.37
C ALA B 107 34.04 -34.41 17.57
N GLY B 108 33.08 -35.34 17.48
CA GLY B 108 32.17 -35.60 18.57
C GLY B 108 31.02 -34.63 18.69
N ALA B 109 30.92 -33.64 17.81
CA ALA B 109 29.85 -32.67 17.87
C ALA B 109 28.64 -33.17 17.10
N THR B 110 27.47 -32.60 17.42
CA THR B 110 26.23 -32.90 16.73
C THR B 110 25.82 -31.79 15.78
N ASN B 111 26.67 -30.79 15.58
CA ASN B 111 26.43 -29.68 14.67
C ASN B 111 27.71 -29.44 13.89
N PRO B 112 27.62 -28.82 12.71
CA PRO B 112 28.84 -28.52 11.96
C PRO B 112 29.77 -27.61 12.75
N VAL B 113 31.07 -27.93 12.72
CA VAL B 113 32.07 -27.21 13.48
C VAL B 113 33.35 -27.11 12.64
N ASP B 114 34.18 -26.14 13.02
CA ASP B 114 35.53 -26.03 12.49
C ASP B 114 36.52 -26.64 13.47
N ILE B 115 37.58 -27.23 12.93
CA ILE B 115 38.63 -27.83 13.75
C ILE B 115 39.68 -26.77 14.03
N CYS B 116 39.94 -26.53 15.31
CA CYS B 116 40.91 -25.51 15.70
C CYS B 116 42.32 -25.95 15.33
N TYR B 117 43.08 -25.03 14.73
CA TYR B 117 44.47 -25.28 14.36
C TYR B 117 45.43 -24.27 14.95
N SER B 118 44.94 -23.39 15.83
CA SER B 118 45.81 -22.37 16.43
C SER B 118 46.57 -22.88 17.65
N GLY B 119 46.25 -24.07 18.15
CA GLY B 119 46.95 -24.61 19.30
C GLY B 119 46.53 -24.04 20.63
N VAL B 120 45.42 -23.33 20.70
CA VAL B 120 45.01 -22.71 21.97
C VAL B 120 44.57 -23.77 22.98
N TYR B 121 44.06 -24.90 22.51
CA TYR B 121 43.69 -25.98 23.42
C TYR B 121 44.91 -26.47 24.20
N HIS B 122 46.00 -26.76 23.49
CA HIS B 122 47.22 -27.22 24.17
C HIS B 122 47.76 -26.17 25.10
N TRP B 123 47.75 -24.90 24.67
CA TRP B 123 48.27 -23.81 25.49
C TRP B 123 47.48 -23.68 26.79
N TRP B 124 46.14 -23.70 26.69
CA TRP B 124 45.31 -23.57 27.89
C TRP B 124 45.44 -24.80 28.78
N TYR B 125 45.59 -25.99 28.18
CA TYR B 125 45.78 -27.20 28.96
C TYR B 125 47.09 -27.17 29.73
N THR B 126 48.16 -26.69 29.11
CA THR B 126 49.46 -26.66 29.79
C THR B 126 49.47 -25.69 30.96
N ILE B 127 48.76 -24.57 30.85
CA ILE B 127 48.83 -23.52 31.86
C ILE B 127 47.79 -23.75 32.95
N GLY B 128 47.14 -24.91 32.94
CA GLY B 128 46.31 -25.34 34.05
C GLY B 128 44.82 -25.16 33.91
N MET B 129 44.34 -24.71 32.76
CA MET B 129 42.90 -24.59 32.55
C MET B 129 42.29 -25.96 32.30
N ARG B 130 41.13 -26.22 32.92
CA ARG B 130 40.54 -27.55 32.89
C ARG B 130 39.06 -27.57 32.55
N THR B 131 38.31 -26.49 32.77
CA THR B 131 36.87 -26.50 32.59
C THR B 131 36.45 -25.34 31.69
N ASN B 132 35.27 -25.49 31.08
CA ASN B 132 34.72 -24.42 30.25
C ASN B 132 34.38 -23.19 31.08
N ASN B 133 34.05 -23.37 32.36
CA ASN B 133 33.75 -22.25 33.23
C ASN B 133 34.98 -21.36 33.41
N GLU B 134 36.16 -21.97 33.50
CA GLU B 134 37.39 -21.19 33.61
C GLU B 134 37.63 -20.36 32.36
N LEU B 135 37.40 -20.95 31.18
CA LEU B 135 37.54 -20.20 29.94
C LEU B 135 36.53 -19.06 29.87
N TYR B 136 35.30 -19.31 30.33
CA TYR B 136 34.29 -18.26 30.35
C TYR B 136 34.70 -17.12 31.27
N VAL B 137 35.23 -17.45 32.45
CA VAL B 137 35.68 -16.42 33.38
C VAL B 137 36.82 -15.62 32.77
N GLY B 138 37.75 -16.30 32.11
CA GLY B 138 38.83 -15.59 31.42
C GLY B 138 38.32 -14.66 30.34
N ALA B 139 37.32 -15.11 29.57
CA ALA B 139 36.75 -14.26 28.54
C ALA B 139 36.08 -13.02 29.13
N ILE B 140 35.33 -13.20 30.22
CA ILE B 140 34.69 -12.06 30.87
C ILE B 140 35.75 -11.10 31.40
N PHE B 141 36.80 -11.63 32.01
CA PHE B 141 37.87 -10.79 32.53
C PHE B 141 38.55 -10.01 31.42
N LEU B 142 38.76 -10.65 30.27
CA LEU B 142 39.38 -9.95 29.15
C LEU B 142 38.45 -8.88 28.57
N LEU B 143 37.13 -9.14 28.57
CA LEU B 143 36.19 -8.09 28.19
C LEU B 143 36.32 -6.88 29.12
N LEU B 144 36.40 -7.14 30.42
CA LEU B 144 36.54 -6.05 31.38
C LEU B 144 37.87 -5.32 31.19
N LEU B 145 38.94 -6.06 30.90
CA LEU B 145 40.25 -5.45 30.67
C LEU B 145 40.23 -4.57 29.43
N ALA B 146 39.58 -5.03 28.36
CA ALA B 146 39.45 -4.22 27.16
C ALA B 146 38.65 -2.95 27.45
N ALA B 147 37.59 -3.07 28.24
CA ALA B 147 36.84 -1.89 28.64
C ALA B 147 37.72 -0.92 29.42
N LEU B 148 38.54 -1.45 30.33
CA LEU B 148 39.44 -0.59 31.11
C LEU B 148 40.43 0.14 30.21
N PHE B 149 41.00 -0.55 29.23
CA PHE B 149 41.96 0.09 28.35
C PHE B 149 41.29 1.11 27.42
N LEU B 150 40.07 0.84 26.97
CA LEU B 150 39.33 1.83 26.20
C LEU B 150 39.06 3.08 27.04
N PHE B 151 38.67 2.89 28.30
CA PHE B 151 38.44 4.04 29.17
C PHE B 151 39.73 4.81 29.40
N ALA B 152 40.85 4.10 29.56
CA ALA B 152 42.14 4.78 29.72
C ALA B 152 42.50 5.60 28.48
N GLY B 153 42.26 5.03 27.29
CA GLY B 153 42.51 5.77 26.07
C GLY B 153 41.67 7.02 25.97
N TRP B 154 40.40 6.92 26.34
CA TRP B 154 39.55 8.11 26.37
C TRP B 154 40.05 9.12 27.41
N LEU B 155 40.43 8.64 28.59
CA LEU B 155 40.81 9.53 29.67
C LEU B 155 42.08 10.30 29.35
N HIS B 156 43.08 9.64 28.77
CA HIS B 156 44.34 10.31 28.47
C HIS B 156 44.25 11.21 27.24
N LEU B 157 43.04 11.42 26.71
CA LEU B 157 42.77 12.47 25.73
C LEU B 157 42.09 13.68 26.34
N GLN B 158 41.62 13.58 27.58
CA GLN B 158 41.03 14.72 28.25
C GLN B 158 42.10 15.75 28.58
N PRO B 159 41.74 17.04 28.62
CA PRO B 159 42.78 18.08 28.73
C PRO B 159 43.67 17.94 29.95
N ARG B 160 43.12 17.51 31.09
CA ARG B 160 43.93 17.42 32.31
C ARG B 160 44.84 16.19 32.31
N TYR B 161 44.51 15.17 31.52
CA TYR B 161 45.29 13.94 31.48
C TYR B 161 46.08 13.75 30.19
N ARG B 162 46.09 14.74 29.29
CA ARG B 162 46.92 14.62 28.09
C ARG B 162 48.39 14.81 28.47
N PRO B 163 49.26 13.84 28.26
CA PRO B 163 50.66 14.00 28.63
C PRO B 163 51.36 15.04 27.77
N THR B 164 52.34 15.71 28.36
CA THR B 164 53.13 16.70 27.64
C THR B 164 54.14 16.00 26.73
N LEU B 165 54.71 16.79 25.81
CA LEU B 165 55.71 16.26 24.90
C LEU B 165 56.94 15.77 25.65
N GLY B 166 57.33 16.48 26.71
CA GLY B 166 58.47 16.05 27.50
C GLY B 166 58.26 14.69 28.14
N TRP B 167 57.02 14.39 28.55
CA TRP B 167 56.72 13.08 29.09
C TRP B 167 56.94 11.99 28.05
N PHE B 168 56.52 12.23 26.81
CA PHE B 168 56.74 11.26 25.75
C PHE B 168 58.21 11.15 25.38
N LYS B 169 58.97 12.23 25.54
CA LYS B 169 60.37 12.25 25.13
C LYS B 169 61.34 11.75 26.20
N SER B 170 60.85 11.41 27.40
CA SER B 170 61.72 10.94 28.47
C SER B 170 62.04 9.47 28.23
N ALA B 171 63.19 9.22 27.59
CA ALA B 171 63.51 7.85 27.17
C ALA B 171 63.95 6.99 28.34
N GLU B 172 64.78 7.53 29.23
CA GLU B 172 65.38 6.71 30.29
C GLU B 172 64.36 6.14 31.25
N PRO B 173 63.42 6.90 31.83
CA PRO B 173 62.41 6.28 32.70
C PRO B 173 61.54 5.26 31.97
N ARG B 174 61.22 5.52 30.69
CA ARG B 174 60.44 4.55 29.94
C ARG B 174 61.19 3.23 29.77
N LEU B 175 62.49 3.33 29.43
CA LEU B 175 63.30 2.12 29.32
C LEU B 175 63.38 1.38 30.63
N ASN B 176 63.60 2.11 31.73
CA ASN B 176 63.68 1.47 33.05
C ASN B 176 62.38 0.74 33.38
N HIS B 177 61.24 1.41 33.20
CA HIS B 177 59.97 0.82 33.58
C HIS B 177 59.61 -0.35 32.68
N HIS B 178 59.92 -0.25 31.38
CA HIS B 178 59.56 -1.33 30.47
C HIS B 178 60.50 -2.53 30.60
N LEU B 179 61.73 -2.31 31.03
CA LEU B 179 62.64 -3.44 31.26
C LEU B 179 62.35 -4.12 32.60
N ALA B 180 62.16 -3.34 33.66
CA ALA B 180 61.97 -3.92 34.98
C ALA B 180 60.53 -4.33 35.23
N GLY B 181 59.57 -3.49 34.85
CA GLY B 181 58.18 -3.75 35.14
C GLY B 181 57.41 -4.47 34.05
N LEU B 182 57.46 -3.93 32.82
CA LEU B 182 56.70 -4.53 31.74
C LEU B 182 57.24 -5.90 31.36
N PHE B 183 58.56 -6.07 31.39
CA PHE B 183 59.21 -7.33 31.03
C PHE B 183 59.51 -8.18 32.26
N GLY B 184 60.17 -7.61 33.26
CA GLY B 184 60.57 -8.36 34.43
C GLY B 184 59.45 -8.75 35.36
N VAL B 185 58.62 -7.78 35.77
CA VAL B 185 57.55 -8.06 36.72
C VAL B 185 56.50 -8.96 36.08
N SER B 186 56.22 -8.75 34.78
CA SER B 186 55.28 -9.63 34.10
C SER B 186 55.79 -11.07 34.04
N SER B 187 57.10 -11.23 33.77
CA SER B 187 57.67 -12.57 33.76
C SER B 187 57.63 -13.21 35.15
N LEU B 188 57.89 -12.41 36.19
CA LEU B 188 57.79 -12.93 37.56
C LEU B 188 56.36 -13.35 37.88
N ALA B 189 55.38 -12.56 37.45
CA ALA B 189 53.99 -12.92 37.69
C ALA B 189 53.61 -14.19 36.93
N TRP B 190 54.12 -14.35 35.71
CA TRP B 190 53.84 -15.58 34.97
C TRP B 190 54.49 -16.78 35.65
N ALA B 191 55.71 -16.63 36.14
CA ALA B 191 56.35 -17.71 36.89
C ALA B 191 55.55 -18.04 38.14
N ALA B 192 55.00 -17.02 38.80
CA ALA B 192 54.13 -17.26 39.95
C ALA B 192 52.89 -18.04 39.56
N HIS B 193 52.30 -17.69 38.41
CA HIS B 193 51.13 -18.45 37.95
C HIS B 193 51.49 -19.89 37.64
N LEU B 194 52.67 -20.11 37.04
CA LEU B 194 53.10 -21.47 36.74
C LEU B 194 53.31 -22.27 38.01
N ILE B 195 53.96 -21.67 39.01
CA ILE B 195 54.27 -22.38 40.24
C ILE B 195 53.02 -22.63 41.07
N HIS B 196 52.15 -21.63 41.18
CA HIS B 196 51.00 -21.73 42.07
C HIS B 196 49.82 -22.46 41.43
N VAL B 197 49.71 -22.44 40.10
CA VAL B 197 48.51 -22.94 39.45
C VAL B 197 48.84 -24.04 38.44
N ALA B 198 49.72 -23.74 37.48
CA ALA B 198 49.92 -24.64 36.36
C ALA B 198 50.52 -25.97 36.79
N ILE B 199 51.59 -25.94 37.58
CA ILE B 199 52.21 -27.19 38.03
C ILE B 199 51.29 -28.02 38.92
N PRO B 200 50.64 -27.47 39.95
CA PRO B 200 49.68 -28.29 40.72
C PRO B 200 48.57 -28.87 39.86
N GLU B 201 48.06 -28.12 38.89
CA GLU B 201 47.03 -28.66 38.01
C GLU B 201 47.57 -29.78 37.15
N SER B 202 48.82 -29.65 36.68
CA SER B 202 49.44 -30.74 35.94
C SER B 202 49.72 -31.94 36.82
N ARG B 203 49.74 -31.77 38.14
CA ARG B 203 49.89 -32.87 39.08
C ARG B 203 48.55 -33.31 39.68
N GLY B 204 47.44 -33.01 39.01
CA GLY B 204 46.14 -33.50 39.43
C GLY B 204 45.52 -32.77 40.60
N GLN B 205 46.09 -31.65 41.02
CA GLN B 205 45.58 -30.88 42.16
C GLN B 205 44.92 -29.61 41.65
N HIS B 206 43.69 -29.36 42.10
CA HIS B 206 42.95 -28.18 41.67
C HIS B 206 43.36 -26.98 42.50
N VAL B 207 43.83 -25.92 41.83
CA VAL B 207 44.16 -24.66 42.48
C VAL B 207 43.45 -23.56 41.71
N GLY B 208 42.64 -22.76 42.41
CA GLY B 208 41.93 -21.67 41.79
C GLY B 208 41.84 -20.45 42.70
N TRP B 209 41.03 -19.47 42.32
CA TRP B 209 40.87 -18.28 43.14
C TRP B 209 40.24 -18.60 44.49
N ASP B 210 39.55 -19.73 44.61
CA ASP B 210 38.85 -20.07 45.84
C ASP B 210 39.76 -20.68 46.90
N ASN B 211 40.94 -21.20 46.52
CA ASN B 211 41.78 -21.89 47.49
C ASN B 211 43.27 -21.64 47.33
N PHE B 212 43.69 -20.77 46.42
CA PHE B 212 45.12 -20.57 46.20
C PHE B 212 45.78 -19.80 47.34
N LEU B 213 45.00 -19.10 48.16
CA LEU B 213 45.59 -18.32 49.24
C LEU B 213 46.13 -19.21 50.35
N PHE B 214 45.51 -20.37 50.59
CA PHE B 214 45.91 -21.24 51.68
C PHE B 214 46.38 -22.60 51.20
N THR B 215 46.81 -22.70 49.94
CA THR B 215 47.37 -23.93 49.38
C THR B 215 48.80 -23.64 48.93
N PRO B 216 49.79 -23.92 49.75
CA PRO B 216 51.18 -23.63 49.38
C PRO B 216 51.60 -24.44 48.16
N PRO B 217 52.31 -23.81 47.22
CA PRO B 217 52.77 -24.57 46.04
C PRO B 217 53.87 -25.57 46.35
N HIS B 218 54.57 -25.42 47.46
CA HIS B 218 55.65 -26.33 47.82
C HIS B 218 55.58 -26.59 49.32
N PRO B 219 55.85 -27.83 49.75
CA PRO B 219 55.80 -28.13 51.19
C PRO B 219 56.77 -27.31 52.03
N ALA B 220 57.94 -26.97 51.49
CA ALA B 220 58.90 -26.18 52.25
C ALA B 220 58.42 -24.77 52.51
N GLY B 221 57.47 -24.27 51.74
CA GLY B 221 56.95 -22.94 51.95
C GLY B 221 57.93 -21.87 51.52
N LEU B 222 57.56 -20.62 51.83
CA LEU B 222 58.41 -19.48 51.53
C LEU B 222 59.60 -19.36 52.48
N GLY B 223 59.62 -20.14 53.56
CA GLY B 223 60.76 -20.11 54.46
C GLY B 223 62.04 -20.58 53.81
N ALA B 224 61.95 -21.54 52.89
CA ALA B 224 63.14 -22.02 52.19
C ALA B 224 63.76 -20.94 51.32
N PHE B 225 62.94 -20.05 50.75
CA PHE B 225 63.47 -19.00 49.90
C PHE B 225 64.21 -17.94 50.72
N PHE B 226 63.62 -17.51 51.83
CA PHE B 226 64.24 -16.45 52.63
C PHE B 226 65.45 -16.95 53.41
N THR B 227 65.45 -18.21 53.83
CA THR B 227 66.60 -18.77 54.52
C THR B 227 67.79 -18.98 53.59
N GLY B 228 67.54 -19.20 52.30
CA GLY B 228 68.58 -19.55 51.37
C GLY B 228 68.65 -21.00 50.99
N ASN B 229 67.70 -21.82 51.46
CA ASN B 229 67.62 -23.23 51.09
C ASN B 229 66.83 -23.38 49.78
N TRP B 230 67.39 -22.80 48.72
CA TRP B 230 66.73 -22.80 47.43
C TRP B 230 66.68 -24.19 46.82
N SER B 231 67.68 -25.03 47.12
CA SER B 231 67.73 -26.38 46.56
C SER B 231 66.51 -27.21 46.94
N ALA B 232 65.84 -26.89 48.05
CA ALA B 232 64.64 -27.61 48.43
C ALA B 232 63.55 -27.48 47.37
N TYR B 233 63.58 -26.40 46.59
CA TYR B 233 62.60 -26.24 45.52
C TYR B 233 62.88 -27.15 44.33
N ALA B 234 64.11 -27.65 44.20
CA ALA B 234 64.48 -28.53 43.10
C ALA B 234 64.42 -30.00 43.48
N GLN B 235 64.04 -30.33 44.72
CA GLN B 235 64.05 -31.71 45.18
C GLN B 235 62.79 -32.43 44.74
N ASN B 236 62.94 -33.71 44.38
CA ASN B 236 61.85 -34.59 43.97
C ASN B 236 61.13 -34.04 42.75
N PRO B 237 61.75 -34.04 41.57
CA PRO B 237 61.04 -33.61 40.36
C PRO B 237 60.09 -34.70 39.88
N ASP B 238 59.32 -34.35 38.85
CA ASP B 238 58.42 -35.33 38.24
C ASP B 238 59.22 -36.47 37.63
N THR B 239 58.77 -37.69 37.88
CA THR B 239 59.45 -38.88 37.38
C THR B 239 59.21 -39.04 35.88
N ALA B 240 60.02 -39.90 35.26
CA ALA B 240 59.87 -40.19 33.84
C ALA B 240 58.58 -40.93 33.53
N GLN B 241 57.90 -41.47 34.54
CA GLN B 241 56.63 -42.17 34.36
C GLN B 241 55.44 -41.30 34.76
N HIS B 242 55.65 -40.01 34.94
CA HIS B 242 54.56 -39.12 35.34
C HIS B 242 53.51 -39.03 34.23
N VAL B 243 52.25 -39.02 34.64
CA VAL B 243 51.12 -38.86 33.73
C VAL B 243 50.56 -37.45 33.92
N PHE B 244 50.48 -36.69 32.84
CA PHE B 244 50.04 -35.31 32.91
C PHE B 244 48.60 -35.24 33.41
N ASN B 245 48.30 -34.19 34.18
CA ASN B 245 46.99 -33.97 34.79
C ASN B 245 46.61 -35.11 35.73
N SER B 246 47.60 -35.69 36.41
CA SER B 246 47.35 -36.72 37.40
C SER B 246 48.50 -36.75 38.39
N SER B 247 48.25 -37.34 39.55
CA SER B 247 49.26 -37.47 40.60
C SER B 247 50.14 -38.70 40.43
N GLN B 248 49.86 -39.55 39.45
CA GLN B 248 50.67 -40.75 39.23
C GLN B 248 52.05 -40.36 38.74
N GLY B 249 53.08 -40.71 39.51
CA GLY B 249 54.43 -40.35 39.14
C GLY B 249 54.78 -38.90 39.31
N ALA B 250 53.91 -38.13 39.98
CA ALA B 250 54.10 -36.69 40.13
C ALA B 250 55.07 -36.39 41.26
N GLY B 251 55.94 -35.42 41.04
CA GLY B 251 56.87 -34.95 42.05
C GLY B 251 56.30 -33.80 42.85
N THR B 252 57.19 -33.11 43.55
CA THR B 252 56.82 -31.95 44.35
C THR B 252 57.67 -30.71 44.07
N ALA B 253 58.73 -30.83 43.27
CA ALA B 253 59.59 -29.69 42.99
C ALA B 253 58.86 -28.64 42.16
N ILE B 254 59.15 -27.37 42.42
CA ILE B 254 58.56 -26.28 41.67
C ILE B 254 59.54 -25.62 40.71
N LEU B 255 60.84 -25.77 40.92
CA LEU B 255 61.85 -25.17 40.05
C LEU B 255 62.96 -26.19 39.81
N THR B 256 62.87 -26.93 38.71
CA THR B 256 63.92 -27.84 38.30
C THR B 256 64.60 -27.30 37.05
N PHE B 257 65.67 -27.97 36.64
CA PHE B 257 66.35 -27.66 35.38
C PHE B 257 66.64 -28.98 34.67
N LEU B 258 65.62 -29.83 34.59
CA LEU B 258 65.79 -31.18 34.03
C LEU B 258 66.26 -31.12 32.58
N GLY B 259 65.66 -30.24 31.79
CA GLY B 259 65.96 -30.17 30.37
C GLY B 259 65.23 -31.24 29.58
N GLY B 260 65.35 -31.13 28.27
CA GLY B 260 64.69 -32.10 27.40
C GLY B 260 63.18 -31.96 27.45
N PHE B 261 62.50 -33.09 27.33
CA PHE B 261 61.05 -33.12 27.24
C PHE B 261 60.46 -34.05 28.30
N HIS B 262 59.27 -33.70 28.76
CA HIS B 262 58.46 -34.62 29.55
C HIS B 262 58.18 -35.87 28.71
N PRO B 263 58.43 -37.07 29.24
CA PRO B 263 58.36 -38.28 28.40
C PRO B 263 56.99 -38.52 27.79
N GLN B 264 55.91 -38.18 28.48
CA GLN B 264 54.58 -38.45 27.95
C GLN B 264 54.10 -37.36 27.00
N THR B 265 54.12 -36.11 27.46
CA THR B 265 53.63 -35.01 26.65
C THR B 265 54.58 -34.62 25.53
N GLN B 266 55.83 -35.06 25.58
CA GLN B 266 56.85 -34.73 24.58
C GLN B 266 57.04 -33.22 24.46
N SER B 267 56.87 -32.50 25.56
CA SER B 267 57.01 -31.05 25.59
C SER B 267 57.86 -30.66 26.79
N LEU B 268 58.22 -29.38 26.85
CA LEU B 268 59.12 -28.89 27.89
C LEU B 268 58.49 -29.04 29.27
N TRP B 269 59.34 -29.33 30.26
CA TRP B 269 58.89 -29.45 31.64
C TRP B 269 58.32 -28.12 32.14
N LEU B 270 57.21 -28.20 32.87
CA LEU B 270 56.60 -27.00 33.43
C LEU B 270 57.50 -26.35 34.48
N THR B 271 58.17 -27.18 35.30
CA THR B 271 59.09 -26.63 36.30
C THR B 271 60.26 -25.92 35.64
N ASP B 272 60.76 -26.48 34.53
CA ASP B 272 61.81 -25.82 33.78
C ASP B 272 61.36 -24.46 33.27
N MET B 273 60.13 -24.37 32.76
CA MET B 273 59.60 -23.10 32.28
C MET B 273 59.44 -22.11 33.42
N ALA B 274 58.99 -22.58 34.59
CA ALA B 274 58.84 -21.70 35.74
C ALA B 274 60.18 -21.13 36.18
N HIS B 275 61.21 -21.98 36.26
CA HIS B 275 62.54 -21.50 36.62
C HIS B 275 63.08 -20.56 35.55
N HIS B 276 62.78 -20.85 34.28
CA HIS B 276 63.19 -19.97 33.19
C HIS B 276 62.61 -18.59 33.36
N HIS B 277 61.30 -18.51 33.63
CA HIS B 277 60.68 -17.21 33.78
C HIS B 277 61.14 -16.50 35.05
N VAL B 278 61.46 -17.25 36.10
CA VAL B 278 62.03 -16.63 37.30
C VAL B 278 63.37 -15.98 36.97
N ALA B 279 64.24 -16.72 36.27
CA ALA B 279 65.54 -16.18 35.91
C ALA B 279 65.42 -14.98 34.97
N ILE B 280 64.51 -15.06 33.99
CA ILE B 280 64.30 -13.96 33.07
C ILE B 280 63.78 -12.73 33.82
N ALA B 281 62.87 -12.94 34.78
CA ALA B 281 62.37 -11.83 35.57
C ALA B 281 63.49 -11.17 36.37
N VAL B 282 64.36 -11.97 36.98
CA VAL B 282 65.47 -11.41 37.74
C VAL B 282 66.39 -10.61 36.83
N LEU B 283 66.73 -11.18 35.67
CA LEU B 283 67.63 -10.51 34.74
C LEU B 283 67.05 -9.19 34.24
N PHE B 284 65.75 -9.18 33.90
CA PHE B 284 65.15 -7.96 33.36
C PHE B 284 64.95 -6.92 34.46
N ILE B 285 64.64 -7.34 35.68
CA ILE B 285 64.56 -6.39 36.78
C ILE B 285 65.92 -5.75 37.04
N ILE B 286 66.99 -6.55 36.96
CA ILE B 286 68.33 -5.99 37.10
C ILE B 286 68.61 -5.01 35.97
N ALA B 287 68.26 -5.38 34.73
CA ALA B 287 68.50 -4.52 33.58
C ALA B 287 67.72 -3.22 33.66
N GLY B 288 66.58 -3.23 34.34
CA GLY B 288 65.74 -2.05 34.42
C GLY B 288 66.23 -0.99 35.38
N HIS B 289 67.41 -1.19 35.97
CA HIS B 289 68.03 -0.22 36.86
C HIS B 289 69.27 0.42 36.26
N MET B 290 69.48 0.30 34.95
CA MET B 290 70.71 0.76 34.34
C MET B 290 70.72 2.27 34.08
N TYR B 291 69.56 2.87 33.80
CA TYR B 291 69.50 4.23 33.31
C TYR B 291 69.07 5.20 34.39
N ARG B 292 69.57 6.43 34.30
CA ARG B 292 69.33 7.46 35.30
C ARG B 292 67.99 8.15 35.06
N THR B 293 67.14 8.16 36.07
CA THR B 293 65.84 8.82 35.96
C THR B 293 65.68 10.01 36.89
N ASN B 294 65.81 9.82 38.21
CA ASN B 294 65.50 10.88 39.15
C ASN B 294 66.41 10.92 40.37
N TRP B 295 67.43 10.05 40.46
CA TRP B 295 68.23 9.96 41.67
C TRP B 295 69.73 9.99 41.40
N GLY B 296 70.14 10.57 40.27
CA GLY B 296 71.56 10.70 39.96
C GLY B 296 72.25 9.46 39.46
N ILE B 297 72.06 8.32 40.13
CA ILE B 297 72.68 7.08 39.68
C ILE B 297 72.07 6.64 38.37
N GLY B 298 72.87 5.95 37.55
CA GLY B 298 72.40 5.45 36.29
C GLY B 298 73.07 6.07 35.08
N HIS B 299 73.14 5.33 33.98
CA HIS B 299 73.75 5.83 32.76
C HIS B 299 72.81 6.80 32.06
N SER B 300 73.41 7.76 31.35
CA SER B 300 72.67 8.68 30.50
C SER B 300 72.99 8.31 29.05
N ILE B 301 71.96 7.93 28.29
CA ILE B 301 72.16 7.42 26.94
C ILE B 301 72.82 8.46 26.06
N LYS B 302 72.41 9.72 26.19
CA LYS B 302 73.02 10.79 25.41
C LYS B 302 74.50 10.92 25.73
N GLU B 303 74.87 10.80 27.01
CA GLU B 303 76.28 10.86 27.39
C GLU B 303 77.07 9.71 26.79
N MET B 304 76.52 8.50 26.82
CA MET B 304 77.21 7.35 26.24
C MET B 304 77.38 7.51 24.73
N LEU B 305 76.36 8.04 24.05
CA LEU B 305 76.44 8.21 22.61
C LEU B 305 77.42 9.32 22.24
N ASN B 306 77.49 10.37 23.05
CA ASN B 306 78.34 11.51 22.76
C ASN B 306 79.74 11.39 23.35
N SER B 307 80.02 10.30 24.08
CA SER B 307 81.31 10.17 24.74
C SER B 307 82.44 10.04 23.72
N LYS B 308 83.57 10.69 24.03
CA LYS B 308 84.73 10.67 23.14
C LYS B 308 86.03 10.31 23.86
N SER B 309 85.95 9.85 25.11
CA SER B 309 87.13 9.48 25.88
C SER B 309 86.96 8.07 26.41
N PHE B 310 87.98 7.24 26.21
CA PHE B 310 87.99 5.85 26.68
C PHE B 310 89.05 5.75 27.78
N PHE B 311 88.63 6.05 29.02
CA PHE B 311 89.50 6.00 30.19
C PHE B 311 90.74 6.87 29.99
N GLY B 312 90.56 8.04 29.40
CA GLY B 312 91.66 8.96 29.18
C GLY B 312 92.09 9.06 27.74
N ALA B 313 92.14 7.93 27.04
CA ALA B 313 92.52 7.93 25.64
C ALA B 313 91.45 8.60 24.79
N LYS B 314 91.89 9.22 23.69
CA LYS B 314 90.96 9.89 22.78
C LYS B 314 90.44 8.89 21.76
N VAL B 315 89.13 8.73 21.70
CA VAL B 315 88.48 7.86 20.73
C VAL B 315 87.35 8.62 20.06
N GLU B 316 86.99 8.21 18.85
CA GLU B 316 85.86 8.80 18.16
C GLU B 316 84.53 8.40 18.78
N GLY B 317 84.52 7.36 19.61
CA GLY B 317 83.32 6.87 20.24
C GLY B 317 83.41 5.39 20.56
N PRO B 318 82.26 4.77 20.82
CA PRO B 318 82.25 3.31 21.05
C PRO B 318 82.76 2.55 19.84
N PHE B 319 83.57 1.51 20.10
CA PHE B 319 84.38 0.86 19.07
C PHE B 319 85.09 1.86 18.16
N ASN B 320 85.51 2.99 18.74
CA ASN B 320 86.21 4.03 17.99
C ASN B 320 85.38 4.49 16.78
N LEU B 321 84.06 4.53 16.98
CA LEU B 321 83.13 4.91 15.93
C LEU B 321 82.29 6.09 16.42
N PRO B 322 82.17 7.15 15.64
CA PRO B 322 81.42 8.33 16.08
C PRO B 322 79.91 8.07 16.18
N HIS B 323 79.39 8.02 17.40
CA HIS B 323 77.96 7.85 17.64
C HIS B 323 77.30 9.15 18.12
N GLN B 324 77.99 10.28 18.03
CA GLN B 324 77.48 11.51 18.61
C GLN B 324 76.26 12.02 17.84
N GLY B 325 75.35 12.66 18.56
CA GLY B 325 74.15 13.22 17.98
C GLY B 325 73.04 12.23 17.71
N LEU B 326 73.26 10.95 18.02
CA LEU B 326 72.25 9.93 17.72
C LEU B 326 71.08 9.99 18.69
N TYR B 327 71.31 10.40 19.93
CA TYR B 327 70.24 10.40 20.93
C TYR B 327 69.07 11.25 20.45
N ASP B 328 69.36 12.45 19.95
CA ASP B 328 68.30 13.30 19.41
C ASP B 328 67.72 12.72 18.12
N THR B 329 68.53 11.98 17.35
CA THR B 329 68.03 11.40 16.10
C THR B 329 66.96 10.35 16.36
N ILE B 330 67.24 9.40 17.25
CA ILE B 330 66.22 8.40 17.59
C ILE B 330 65.08 9.05 18.38
N ASN B 331 65.41 9.91 19.35
CA ASN B 331 64.37 10.44 20.24
C ASN B 331 63.36 11.30 19.50
N ASN B 332 63.78 11.99 18.44
CA ASN B 332 62.89 12.87 17.69
C ASN B 332 62.26 12.20 16.48
N SER B 333 62.65 10.97 16.16
CA SER B 333 62.15 10.27 14.97
C SER B 333 61.33 9.08 15.42
N LEU B 334 60.00 9.20 15.33
CA LEU B 334 59.13 8.07 15.63
C LEU B 334 59.31 6.94 14.62
N HIS B 335 59.69 7.27 13.38
CA HIS B 335 59.89 6.24 12.38
C HIS B 335 61.13 5.40 12.66
N PHE B 336 62.18 6.01 13.22
CA PHE B 336 63.37 5.27 13.60
C PHE B 336 63.05 4.25 14.68
N GLN B 337 62.35 4.69 15.72
CA GLN B 337 61.95 3.80 16.80
C GLN B 337 61.02 2.72 16.29
N LEU B 338 60.10 3.07 15.40
CA LEU B 338 59.22 2.06 14.80
C LEU B 338 60.03 1.06 13.99
N SER B 339 61.10 1.50 13.33
CA SER B 339 61.95 0.59 12.58
C SER B 339 62.59 -0.44 13.50
N PHE B 340 63.22 0.02 14.59
CA PHE B 340 63.75 -0.96 15.54
C PHE B 340 62.67 -1.84 16.13
N ALA B 341 61.51 -1.28 16.45
CA ALA B 341 60.43 -2.07 17.05
C ALA B 341 59.99 -3.18 16.09
N LEU B 342 59.78 -2.83 14.82
CA LEU B 342 59.34 -3.81 13.84
C LEU B 342 60.42 -4.86 13.57
N ALA B 343 61.68 -4.43 13.48
CA ALA B 343 62.76 -5.39 13.26
C ALA B 343 62.89 -6.37 14.42
N ALA B 344 62.82 -5.86 15.65
CA ALA B 344 62.90 -6.73 16.82
C ALA B 344 61.71 -7.68 16.87
N LEU B 345 60.50 -7.19 16.57
CA LEU B 345 59.35 -8.07 16.58
C LEU B 345 59.44 -9.13 15.49
N GLY B 346 59.97 -8.78 14.32
CA GLY B 346 60.15 -9.76 13.27
C GLY B 346 61.17 -10.83 13.63
N VAL B 347 62.30 -10.42 14.21
CA VAL B 347 63.28 -11.40 14.66
C VAL B 347 62.70 -12.29 15.75
N ALA B 348 61.93 -11.70 16.67
CA ALA B 348 61.30 -12.48 17.72
C ALA B 348 60.29 -13.48 17.17
N SER B 349 59.52 -13.07 16.16
CA SER B 349 58.55 -13.98 15.55
C SER B 349 59.25 -15.12 14.81
N SER B 350 60.34 -14.81 14.11
CA SER B 350 61.12 -15.87 13.48
C SER B 350 61.69 -16.83 14.51
N LEU B 351 62.19 -16.30 15.63
CA LEU B 351 62.72 -17.16 16.68
C LEU B 351 61.63 -18.01 17.29
N THR B 352 60.44 -17.43 17.50
CA THR B 352 59.31 -18.21 18.00
C THR B 352 59.00 -19.37 17.07
N ALA B 353 58.93 -19.09 15.76
CA ALA B 353 58.64 -20.15 14.80
C ALA B 353 59.72 -21.22 14.81
N GLN B 354 60.99 -20.82 14.86
CA GLN B 354 62.08 -21.78 14.78
C GLN B 354 62.23 -22.60 16.05
N HIS B 355 61.85 -22.04 17.20
CA HIS B 355 62.05 -22.72 18.47
C HIS B 355 60.82 -23.44 18.98
N MET B 356 59.63 -23.17 18.43
CA MET B 356 58.44 -23.83 18.94
C MET B 356 58.24 -25.22 18.34
N TYR B 357 58.64 -25.45 17.08
CA TYR B 357 58.45 -26.78 16.52
C TYR B 357 59.49 -27.75 17.04
N SER B 358 60.73 -27.28 17.21
CA SER B 358 61.80 -28.15 17.69
C SER B 358 61.73 -28.37 19.20
N MET B 359 61.25 -27.38 19.95
CA MET B 359 61.13 -27.46 21.40
C MET B 359 59.70 -27.10 21.79
N PRO B 360 58.75 -28.00 21.58
CA PRO B 360 57.35 -27.69 21.89
C PRO B 360 57.16 -27.41 23.36
N PRO B 361 56.50 -26.30 23.69
CA PRO B 361 56.31 -25.95 25.11
C PRO B 361 54.99 -26.43 25.67
N TYR B 362 54.10 -26.91 24.80
CA TYR B 362 52.74 -27.26 25.18
C TYR B 362 52.53 -28.76 25.05
N ALA B 363 51.80 -29.32 26.02
CA ALA B 363 51.59 -30.76 26.08
C ALA B 363 50.88 -31.25 24.82
N PHE B 364 51.48 -32.26 24.18
CA PHE B 364 50.94 -32.97 23.02
C PHE B 364 50.84 -32.11 21.77
N ILE B 365 51.31 -30.85 21.81
CA ILE B 365 51.23 -30.00 20.64
C ILE B 365 52.16 -30.49 19.53
N GLY B 366 53.23 -31.22 19.88
CA GLY B 366 54.12 -31.75 18.87
C GLY B 366 53.53 -32.90 18.07
N GLN B 367 52.45 -33.51 18.54
CA GLN B 367 51.77 -34.58 17.83
C GLN B 367 50.57 -34.09 17.03
N ASP B 368 50.26 -32.79 17.09
CA ASP B 368 49.23 -32.18 16.25
C ASP B 368 49.97 -31.56 15.06
N PHE B 369 50.11 -32.36 13.99
CA PHE B 369 50.97 -31.95 12.88
C PHE B 369 50.43 -30.71 12.18
N THR B 370 49.11 -30.66 11.95
CA THR B 370 48.52 -29.51 11.29
C THR B 370 48.71 -28.24 12.11
N THR B 371 48.54 -28.34 13.43
CA THR B 371 48.75 -27.19 14.31
C THR B 371 50.20 -26.71 14.24
N GLN B 372 51.15 -27.63 14.26
CA GLN B 372 52.56 -27.25 14.18
C GLN B 372 52.85 -26.53 12.87
N ALA B 373 52.38 -27.08 11.75
CA ALA B 373 52.63 -26.46 10.45
C ALA B 373 51.98 -25.08 10.38
N ALA B 374 50.74 -24.96 10.85
CA ALA B 374 50.05 -23.68 10.80
C ALA B 374 50.76 -22.64 11.64
N LEU B 375 51.19 -23.02 12.86
CA LEU B 375 51.87 -22.06 13.73
C LEU B 375 53.19 -21.60 13.13
N TYR B 376 53.98 -22.55 12.61
CA TYR B 376 55.26 -22.18 12.03
C TYR B 376 55.07 -21.24 10.85
N THR B 377 54.17 -21.59 9.93
CA THR B 377 53.94 -20.75 8.76
C THR B 377 53.41 -19.37 9.16
N HIS B 378 52.49 -19.34 10.12
CA HIS B 378 51.91 -18.08 10.58
C HIS B 378 52.99 -17.15 11.11
N HIS B 379 53.82 -17.65 12.03
CA HIS B 379 54.80 -16.77 12.64
C HIS B 379 55.91 -16.40 11.67
N GLN B 380 56.27 -17.29 10.75
CA GLN B 380 57.30 -16.92 9.76
C GLN B 380 56.80 -15.83 8.81
N TYR B 381 55.55 -15.95 8.34
CA TYR B 381 55.02 -14.92 7.44
C TYR B 381 54.87 -13.59 8.18
N ILE B 382 54.44 -13.63 9.44
CA ILE B 382 54.35 -12.40 10.22
C ILE B 382 55.74 -11.77 10.38
N ALA B 383 56.76 -12.60 10.61
CA ALA B 383 58.12 -12.09 10.73
C ALA B 383 58.58 -11.42 9.44
N GLY B 384 58.29 -12.03 8.31
CA GLY B 384 58.64 -11.42 7.04
C GLY B 384 57.97 -10.06 6.84
N PHE B 385 56.68 -9.98 7.16
CA PHE B 385 55.98 -8.70 7.06
C PHE B 385 56.58 -7.66 7.98
N LEU B 386 56.95 -8.06 9.21
CA LEU B 386 57.54 -7.13 10.15
C LEU B 386 58.89 -6.61 9.67
N MET B 387 59.69 -7.49 9.06
CA MET B 387 60.97 -7.03 8.50
C MET B 387 60.77 -6.03 7.37
N VAL B 388 59.81 -6.33 6.47
CA VAL B 388 59.50 -5.40 5.40
C VAL B 388 59.09 -4.05 5.97
N GLY B 389 58.26 -4.07 7.03
CA GLY B 389 57.84 -2.82 7.65
C GLY B 389 58.99 -2.07 8.29
N ALA B 390 59.90 -2.79 8.94
CA ALA B 390 61.06 -2.14 9.56
C ALA B 390 61.86 -1.38 8.51
N PHE B 391 62.11 -2.01 7.37
CA PHE B 391 62.89 -1.30 6.34
C PHE B 391 62.09 -0.19 5.66
N SER B 392 60.77 -0.38 5.48
CA SER B 392 59.96 0.69 4.91
C SER B 392 59.98 1.93 5.81
N HIS B 393 59.84 1.74 7.12
CA HIS B 393 59.89 2.88 8.02
C HIS B 393 61.30 3.42 8.20
N ALA B 394 62.33 2.60 7.94
CA ALA B 394 63.68 3.15 7.85
C ALA B 394 63.79 4.14 6.68
N GLY B 395 63.23 3.77 5.53
CA GLY B 395 63.20 4.72 4.41
C GLY B 395 62.40 5.96 4.72
N ILE B 396 61.25 5.78 5.40
CA ILE B 396 60.44 6.93 5.80
C ILE B 396 61.23 7.85 6.73
N PHE B 397 62.02 7.27 7.64
CA PHE B 397 62.89 8.08 8.49
C PHE B 397 63.92 8.84 7.65
N TRP B 398 64.53 8.16 6.68
CA TRP B 398 65.51 8.83 5.83
C TRP B 398 64.91 10.05 5.16
N ILE B 399 63.67 9.93 4.70
CA ILE B 399 63.07 11.05 3.98
C ILE B 399 62.61 12.15 4.93
N ARG B 400 61.89 11.79 6.00
CA ARG B 400 61.19 12.77 6.80
C ARG B 400 61.97 13.30 7.99
N ASP B 401 62.68 12.42 8.72
CA ASP B 401 63.23 12.80 10.02
C ASP B 401 64.72 13.03 10.03
N TYR B 402 65.45 12.58 9.02
CA TYR B 402 66.91 12.74 9.01
C TYR B 402 67.29 14.10 8.46
N ASP B 403 68.13 14.83 9.21
CA ASP B 403 68.73 16.07 8.74
C ASP B 403 70.25 15.98 8.83
N PRO B 404 70.96 16.26 7.73
CA PRO B 404 72.41 15.97 7.69
C PRO B 404 73.24 16.72 8.72
N GLU B 405 72.92 17.98 9.05
CA GLU B 405 73.85 18.75 9.86
C GLU B 405 73.89 18.26 11.31
N GLN B 406 72.76 17.80 11.85
CA GLN B 406 72.74 17.26 13.20
C GLN B 406 73.32 15.85 13.28
N ASN B 407 73.63 15.24 12.14
CA ASN B 407 74.22 13.91 12.08
C ASN B 407 75.56 13.93 11.35
N LYS B 408 76.18 15.09 11.23
CA LYS B 408 77.44 15.21 10.49
C LYS B 408 78.54 14.42 11.18
N GLY B 409 79.14 13.49 10.44
CA GLY B 409 80.30 12.76 10.91
C GLY B 409 80.00 11.45 11.61
N ASN B 410 78.77 11.20 12.03
CA ASN B 410 78.48 9.99 12.77
C ASN B 410 78.33 8.79 11.83
N VAL B 411 78.03 7.63 12.43
CA VAL B 411 77.99 6.38 11.67
C VAL B 411 76.86 6.39 10.63
N LEU B 412 75.73 7.02 10.94
CA LEU B 412 74.64 7.09 9.98
C LEU B 412 75.07 7.83 8.71
N ASP B 413 75.79 8.93 8.88
CA ASP B 413 76.33 9.66 7.73
C ASP B 413 77.29 8.81 6.93
N ARG B 414 78.13 8.03 7.61
CA ARG B 414 79.08 7.16 6.92
C ARG B 414 78.36 6.09 6.11
N MET B 415 77.30 5.51 6.66
CA MET B 415 76.48 4.56 5.91
C MET B 415 75.88 5.22 4.68
N LEU B 416 75.31 6.42 4.84
CA LEU B 416 74.77 7.13 3.70
C LEU B 416 75.85 7.43 2.67
N ARG B 417 77.10 7.57 3.10
CA ARG B 417 78.18 7.93 2.20
C ARG B 417 78.79 6.73 1.47
N HIS B 418 78.72 5.52 2.02
CA HIS B 418 79.15 4.35 1.26
C HIS B 418 77.97 3.41 0.93
N LYS B 419 76.78 4.01 0.82
CA LYS B 419 75.61 3.29 0.30
C LYS B 419 75.88 2.62 -1.04
N GLU B 420 76.68 3.25 -1.91
CA GLU B 420 76.96 2.62 -3.20
C GLU B 420 77.68 1.30 -3.04
N ALA B 421 78.73 1.28 -2.21
CA ALA B 421 79.44 0.04 -1.95
C ALA B 421 78.52 -0.99 -1.30
N ILE B 422 77.69 -0.55 -0.35
CA ILE B 422 76.78 -1.47 0.32
C ILE B 422 75.86 -2.14 -0.70
N ILE B 423 75.21 -1.33 -1.54
CA ILE B 423 74.24 -1.86 -2.49
C ILE B 423 74.92 -2.73 -3.53
N SER B 424 76.10 -2.32 -4.01
CA SER B 424 76.79 -3.12 -5.02
C SER B 424 77.21 -4.47 -4.47
N HIS B 425 77.68 -4.51 -3.22
CA HIS B 425 78.10 -5.79 -2.65
C HIS B 425 76.89 -6.68 -2.35
N LEU B 426 75.77 -6.09 -1.92
CA LEU B 426 74.56 -6.87 -1.76
C LEU B 426 74.12 -7.46 -3.10
N SER B 427 74.21 -6.67 -4.17
CA SER B 427 73.87 -7.18 -5.50
C SER B 427 74.80 -8.30 -5.91
N TRP B 428 76.09 -8.19 -5.61
CA TRP B 428 77.03 -9.25 -5.94
C TRP B 428 76.68 -10.54 -5.21
N VAL B 429 76.39 -10.44 -3.90
CA VAL B 429 76.03 -11.64 -3.14
C VAL B 429 74.78 -12.27 -3.71
N SER B 430 73.77 -11.45 -4.02
CA SER B 430 72.54 -11.98 -4.59
C SER B 430 72.79 -12.67 -5.92
N LEU B 431 73.60 -12.05 -6.79
CA LEU B 431 73.89 -12.65 -8.08
C LEU B 431 74.62 -13.98 -7.94
N PHE B 432 75.64 -14.02 -7.07
CA PHE B 432 76.38 -15.26 -6.87
C PHE B 432 75.46 -16.37 -6.38
N LEU B 433 74.68 -16.08 -5.32
CA LEU B 433 73.80 -17.09 -4.76
C LEU B 433 72.79 -17.58 -5.79
N GLY B 434 72.12 -16.65 -6.48
CA GLY B 434 71.12 -17.05 -7.45
C GLY B 434 71.71 -17.87 -8.59
N PHE B 435 72.82 -17.39 -9.17
CA PHE B 435 73.44 -18.10 -10.27
C PHE B 435 73.81 -19.52 -9.87
N HIS B 436 74.55 -19.67 -8.78
CA HIS B 436 75.06 -21.00 -8.46
C HIS B 436 73.97 -21.93 -7.95
N THR B 437 73.04 -21.43 -7.12
CA THR B 437 71.96 -22.28 -6.64
C THR B 437 71.07 -22.75 -7.78
N LEU B 438 70.63 -21.82 -8.65
CA LEU B 438 69.79 -22.21 -9.77
C LEU B 438 70.54 -23.14 -10.72
N GLY B 439 71.82 -22.87 -10.97
CA GLY B 439 72.59 -23.72 -11.85
C GLY B 439 72.73 -25.14 -11.32
N LEU B 440 73.00 -25.29 -10.02
CA LEU B 440 73.11 -26.62 -9.45
C LEU B 440 71.75 -27.33 -9.45
N TYR B 441 70.67 -26.60 -9.14
CA TYR B 441 69.34 -27.19 -9.22
C TYR B 441 69.05 -27.73 -10.62
N VAL B 442 69.26 -26.90 -11.66
CA VAL B 442 68.91 -27.35 -12.99
C VAL B 442 69.88 -28.41 -13.50
N HIS B 443 71.14 -28.39 -13.05
CA HIS B 443 72.06 -29.47 -13.38
C HIS B 443 71.56 -30.79 -12.82
N ASN B 444 71.13 -30.78 -11.56
CA ASN B 444 70.57 -32.00 -10.96
C ASN B 444 69.29 -32.43 -11.68
N ASP B 445 68.46 -31.46 -12.07
CA ASP B 445 67.24 -31.77 -12.81
C ASP B 445 67.56 -32.46 -14.13
N VAL B 446 68.53 -31.93 -14.87
CA VAL B 446 68.89 -32.52 -16.15
C VAL B 446 69.47 -33.92 -15.95
N GLU B 447 70.34 -34.09 -14.94
CA GLU B 447 70.94 -35.40 -14.72
C GLU B 447 69.90 -36.43 -14.31
N VAL B 448 68.96 -36.06 -13.44
CA VAL B 448 67.92 -37.00 -13.04
C VAL B 448 67.00 -37.31 -14.21
N ALA B 449 66.69 -36.31 -15.03
CA ALA B 449 65.82 -36.52 -16.19
C ALA B 449 66.45 -37.50 -17.17
N PHE B 450 67.77 -37.46 -17.32
CA PHE B 450 68.47 -38.34 -18.24
C PHE B 450 68.87 -39.67 -17.60
N GLY B 451 68.22 -40.05 -16.50
CA GLY B 451 68.52 -41.32 -15.85
C GLY B 451 69.90 -41.41 -15.27
N ALA B 452 70.42 -40.30 -14.74
CA ALA B 452 71.78 -40.22 -14.19
C ALA B 452 71.76 -39.49 -12.86
N ALA B 453 70.87 -39.91 -11.96
CA ALA B 453 70.75 -39.26 -10.65
C ALA B 453 72.06 -39.30 -9.86
N GLU B 454 72.94 -40.26 -10.16
CA GLU B 454 74.23 -40.31 -9.51
C GLU B 454 75.16 -39.18 -9.92
N LYS B 455 74.92 -38.56 -11.07
CA LYS B 455 75.76 -37.48 -11.57
C LYS B 455 75.37 -36.14 -10.99
N GLN B 456 74.38 -36.10 -10.10
CA GLN B 456 74.01 -34.87 -9.41
C GLN B 456 75.18 -34.36 -8.59
N VAL B 457 75.31 -33.04 -8.53
CA VAL B 457 76.19 -32.41 -7.55
C VAL B 457 75.43 -32.34 -6.23
N LEU B 458 75.96 -33.02 -5.22
CA LEU B 458 75.28 -33.15 -3.92
C LEU B 458 76.25 -32.72 -2.83
N ILE B 459 76.27 -31.43 -2.54
CA ILE B 459 77.19 -30.89 -1.54
C ILE B 459 76.61 -31.14 -0.16
N GLU B 460 77.39 -31.80 0.69
CA GLU B 460 76.96 -32.10 2.05
C GLU B 460 77.02 -30.84 2.92
N PRO B 461 75.99 -30.59 3.72
CA PRO B 461 76.03 -29.45 4.67
C PRO B 461 76.87 -29.79 5.91
N VAL B 462 78.19 -29.84 5.70
CA VAL B 462 79.09 -30.33 6.74
C VAL B 462 79.17 -29.36 7.92
N PHE B 463 79.03 -28.06 7.68
CA PHE B 463 79.14 -27.09 8.77
C PHE B 463 77.94 -27.20 9.71
N ALA B 464 76.74 -27.27 9.16
CA ALA B 464 75.55 -27.43 10.00
C ALA B 464 75.54 -28.78 10.69
N GLN B 465 76.01 -29.82 10.01
CA GLN B 465 76.13 -31.13 10.65
C GLN B 465 77.12 -31.09 11.80
N PHE B 466 78.23 -30.37 11.63
CA PHE B 466 79.18 -30.20 12.72
C PHE B 466 78.55 -29.45 13.89
N ILE B 467 77.75 -28.44 13.60
CA ILE B 467 77.06 -27.72 14.68
C ILE B 467 76.11 -28.66 15.42
N GLN B 468 75.36 -29.47 14.67
CA GLN B 468 74.44 -30.43 15.29
C GLN B 468 75.20 -31.42 16.17
N ALA B 469 76.34 -31.92 15.68
CA ALA B 469 77.16 -32.81 16.49
C ALA B 469 77.67 -32.11 17.74
N ALA B 470 78.10 -30.85 17.60
CA ALA B 470 78.54 -30.08 18.76
C ALA B 470 77.41 -29.87 19.76
N HIS B 471 76.17 -29.90 19.28
CA HIS B 471 75.02 -29.79 20.18
C HIS B 471 74.60 -31.12 20.78
N GLY B 472 75.26 -32.21 20.41
CA GLY B 472 74.99 -33.52 21.01
C GLY B 472 74.46 -34.57 20.06
N LYS B 473 74.33 -34.30 18.77
CA LYS B 473 73.83 -35.29 17.82
C LYS B 473 74.97 -36.21 17.42
N ALA B 474 74.87 -37.48 17.81
CA ALA B 474 75.90 -38.47 17.52
C ALA B 474 75.65 -39.24 16.23
N LEU B 475 74.63 -38.86 15.47
CA LEU B 475 74.29 -39.61 14.27
C LEU B 475 75.39 -39.53 13.21
N TYR B 476 75.99 -38.35 13.05
CA TYR B 476 76.93 -38.13 11.96
C TYR B 476 78.31 -38.72 12.21
N GLY B 477 78.59 -39.19 13.43
CA GLY B 477 79.88 -39.78 13.73
C GLY B 477 80.93 -38.80 14.23
N PHE B 478 80.66 -37.51 14.21
CA PHE B 478 81.58 -36.55 14.80
C PHE B 478 81.64 -36.76 16.31
N ASN B 479 82.80 -36.47 16.88
CA ASN B 479 83.08 -36.71 18.30
C ASN B 479 83.57 -35.42 18.95
N THR B 480 82.85 -34.33 18.73
CA THR B 480 83.25 -33.02 19.21
C THR B 480 82.20 -32.46 20.18
N LEU B 481 82.70 -31.89 21.28
CA LEU B 481 81.89 -31.13 22.24
C LEU B 481 80.81 -32.04 22.81
N LEU B 482 79.52 -31.70 22.71
CA LEU B 482 78.49 -32.43 23.43
C LEU B 482 78.26 -33.84 22.89
N SER B 483 78.70 -34.13 21.67
CA SER B 483 78.64 -35.50 21.17
C SER B 483 79.82 -36.33 21.64
N ASN B 484 80.80 -35.71 22.30
CA ASN B 484 81.93 -36.41 22.90
C ASN B 484 81.74 -36.41 24.41
N PRO B 485 81.44 -37.56 25.03
CA PRO B 485 81.24 -37.57 26.49
C PRO B 485 82.47 -37.19 27.28
N ASP B 486 83.67 -37.30 26.70
CA ASP B 486 84.90 -36.93 27.38
C ASP B 486 85.33 -35.50 27.09
N SER B 487 84.55 -34.75 26.32
CA SER B 487 84.92 -33.39 25.98
C SER B 487 84.84 -32.47 27.19
N ILE B 488 85.62 -31.39 27.14
CA ILE B 488 85.63 -30.42 28.23
C ILE B 488 84.26 -29.76 28.37
N ALA B 489 83.53 -29.60 27.26
CA ALA B 489 82.21 -28.98 27.33
C ALA B 489 81.18 -29.93 27.93
N SER B 490 81.25 -31.21 27.57
CA SER B 490 80.27 -32.17 28.07
C SER B 490 80.47 -32.44 29.56
N THR B 491 81.71 -32.56 30.00
CA THR B 491 81.97 -32.80 31.42
C THR B 491 81.80 -31.54 32.26
N ALA B 492 82.12 -30.38 31.69
CA ALA B 492 82.19 -29.12 32.45
C ALA B 492 83.07 -29.31 33.68
N TRP B 493 84.34 -29.60 33.42
CA TRP B 493 85.26 -30.12 34.43
C TRP B 493 85.33 -29.31 35.71
N PRO B 494 85.42 -27.97 35.70
CA PRO B 494 85.57 -27.25 36.97
C PRO B 494 84.43 -27.45 37.95
N ASN B 495 83.20 -27.64 37.49
CA ASN B 495 82.05 -27.64 38.41
C ASN B 495 81.14 -28.85 38.24
N HIS B 496 81.12 -29.44 37.03
CA HIS B 496 80.21 -30.54 36.71
C HIS B 496 78.76 -30.17 36.99
N ALA B 497 78.40 -28.92 36.68
CA ALA B 497 77.03 -28.44 36.85
C ALA B 497 76.19 -28.62 35.59
N ASN B 498 76.49 -29.63 34.78
CA ASN B 498 75.76 -29.89 33.54
C ASN B 498 74.47 -30.67 33.81
N VAL B 499 73.61 -30.06 34.62
CA VAL B 499 72.32 -30.67 34.95
C VAL B 499 71.35 -30.65 33.78
N TRP B 500 71.68 -29.95 32.69
CA TRP B 500 70.87 -30.04 31.48
C TRP B 500 71.28 -31.20 30.58
N LEU B 501 72.54 -31.61 30.62
CA LEU B 501 73.06 -32.51 29.59
C LEU B 501 72.30 -33.83 29.45
N PRO B 502 71.91 -34.54 30.51
CA PRO B 502 71.19 -35.80 30.29
C PRO B 502 69.89 -35.63 29.52
N GLY B 503 68.98 -34.79 30.00
CA GLY B 503 67.71 -34.60 29.31
C GLY B 503 67.88 -33.97 27.94
N TRP B 504 68.80 -33.00 27.82
CA TRP B 504 69.04 -32.37 26.53
C TRP B 504 69.55 -33.38 25.51
N LEU B 505 70.49 -34.25 25.92
CA LEU B 505 71.00 -35.27 25.01
C LEU B 505 69.92 -36.28 24.65
N ASP B 506 69.08 -36.64 25.63
CA ASP B 506 67.98 -37.56 25.35
C ASP B 506 67.03 -36.97 24.31
N ALA B 507 66.72 -35.67 24.43
CA ALA B 507 65.85 -35.03 23.44
C ALA B 507 66.55 -34.89 22.10
N VAL B 508 67.85 -34.58 22.09
CA VAL B 508 68.58 -34.39 20.84
C VAL B 508 68.66 -35.70 20.06
N ASN B 509 68.99 -36.80 20.72
CA ASN B 509 69.19 -38.06 20.05
C ASN B 509 67.90 -38.86 19.89
N ASN B 510 66.76 -38.32 20.33
CA ASN B 510 65.48 -38.96 20.04
C ASN B 510 65.21 -38.91 18.54
N THR B 511 64.74 -40.02 18.00
CA THR B 511 64.51 -40.13 16.56
C THR B 511 63.08 -39.78 16.15
N THR B 512 62.23 -39.39 17.09
CA THR B 512 60.82 -39.15 16.81
C THR B 512 60.38 -37.72 17.08
N ASN B 513 61.31 -36.78 17.21
CA ASN B 513 60.97 -35.38 17.43
C ASN B 513 61.64 -34.51 16.37
N SER B 514 61.48 -33.19 16.53
CA SER B 514 62.00 -32.22 15.57
C SER B 514 63.19 -31.44 16.11
N LEU B 515 63.94 -32.03 17.04
CA LEU B 515 65.10 -31.38 17.65
C LEU B 515 66.33 -31.73 16.83
N PHE B 516 66.80 -30.78 16.02
CA PHE B 516 67.96 -30.96 15.14
C PHE B 516 67.74 -32.13 14.18
N LEU B 517 66.76 -31.94 13.31
CA LEU B 517 66.45 -32.94 12.29
C LEU B 517 67.66 -33.21 11.41
N THR B 518 67.84 -34.47 11.04
CA THR B 518 68.93 -34.85 10.16
C THR B 518 68.82 -34.12 8.82
N ILE B 519 69.97 -33.68 8.30
CA ILE B 519 70.01 -32.84 7.11
C ILE B 519 71.01 -33.43 6.12
N GLY B 520 70.73 -33.23 4.83
CA GLY B 520 71.61 -33.68 3.77
C GLY B 520 71.74 -32.65 2.67
N PRO B 521 72.10 -33.09 1.46
CA PRO B 521 72.33 -32.14 0.36
C PRO B 521 71.11 -31.28 0.03
N GLY B 522 69.90 -31.85 0.10
CA GLY B 522 68.71 -31.07 -0.19
C GLY B 522 68.53 -29.93 0.79
N ASP B 523 68.80 -30.19 2.07
CA ASP B 523 68.75 -29.12 3.08
C ASP B 523 69.80 -28.05 2.78
N PHE B 524 70.99 -28.47 2.35
CA PHE B 524 72.02 -27.51 1.94
C PHE B 524 71.53 -26.60 0.83
N TYR B 525 70.97 -27.19 -0.23
CA TYR B 525 70.54 -26.39 -1.37
C TYR B 525 69.38 -25.47 -1.02
N VAL B 526 68.43 -25.96 -0.23
CA VAL B 526 67.30 -25.10 0.13
C VAL B 526 67.73 -24.01 1.11
N HIS B 527 68.72 -24.28 1.96
CA HIS B 527 69.24 -23.22 2.83
C HIS B 527 69.96 -22.15 2.02
N HIS B 528 70.68 -22.54 0.98
CA HIS B 528 71.29 -21.52 0.13
C HIS B 528 70.25 -20.75 -0.67
N ALA B 529 69.16 -21.41 -1.07
CA ALA B 529 68.05 -20.68 -1.69
C ALA B 529 67.45 -19.68 -0.71
N ILE B 530 67.31 -20.07 0.55
CA ILE B 530 66.79 -19.16 1.57
C ILE B 530 67.73 -17.98 1.76
N ALA B 531 69.04 -18.24 1.75
CA ALA B 531 70.01 -17.16 1.84
C ALA B 531 69.90 -16.21 0.67
N LEU B 532 69.71 -16.76 -0.55
CA LEU B 532 69.51 -15.92 -1.72
C LEU B 532 68.28 -15.04 -1.55
N GLY B 533 67.17 -15.62 -1.09
CA GLY B 533 65.96 -14.83 -0.90
C GLY B 533 66.16 -13.74 0.12
N LEU B 534 66.79 -14.06 1.24
CA LEU B 534 67.04 -13.08 2.29
C LEU B 534 67.91 -11.94 1.76
N HIS B 535 68.98 -12.28 1.03
CA HIS B 535 69.88 -11.25 0.55
C HIS B 535 69.22 -10.38 -0.52
N VAL B 536 68.39 -10.96 -1.37
CA VAL B 536 67.73 -10.13 -2.40
C VAL B 536 66.69 -9.21 -1.77
N THR B 537 65.90 -9.74 -0.82
CA THR B 537 64.93 -8.88 -0.14
C THR B 537 65.62 -7.75 0.61
N THR B 538 66.73 -8.07 1.28
CA THR B 538 67.51 -7.04 1.97
C THR B 538 68.07 -6.04 0.98
N LEU B 539 68.53 -6.51 -0.18
CA LEU B 539 69.06 -5.60 -1.20
C LEU B 539 67.99 -4.62 -1.65
N VAL B 540 66.79 -5.12 -1.94
CA VAL B 540 65.71 -4.25 -2.40
C VAL B 540 65.38 -3.23 -1.32
N LEU B 541 65.21 -3.69 -0.07
CA LEU B 541 64.81 -2.80 1.00
C LEU B 541 65.89 -1.75 1.31
N VAL B 542 67.15 -2.18 1.35
CA VAL B 542 68.25 -1.27 1.68
C VAL B 542 68.47 -0.28 0.55
N LYS B 543 68.36 -0.72 -0.70
CA LYS B 543 68.48 0.19 -1.83
C LYS B 543 67.36 1.22 -1.80
N GLY B 544 66.15 0.80 -1.44
CA GLY B 544 65.06 1.76 -1.32
C GLY B 544 65.27 2.76 -0.19
N ALA B 545 65.77 2.27 0.95
CA ALA B 545 65.97 3.16 2.10
C ALA B 545 67.08 4.15 1.85
N LEU B 546 68.22 3.68 1.34
CA LEU B 546 69.39 4.55 1.17
C LEU B 546 69.24 5.49 -0.02
N ASP B 547 68.47 5.11 -1.03
CA ASP B 547 68.20 5.98 -2.17
C ASP B 547 66.92 6.79 -1.98
N ALA B 548 66.29 6.71 -0.81
CA ALA B 548 65.04 7.41 -0.58
C ALA B 548 65.22 8.92 -0.70
N ARG B 549 66.33 9.45 -0.20
CA ARG B 549 66.57 10.89 -0.27
C ARG B 549 66.93 11.35 -1.68
N GLY B 550 67.56 10.50 -2.47
CA GLY B 550 67.89 10.87 -3.84
C GLY B 550 68.87 9.94 -4.52
N SER B 551 68.94 10.05 -5.85
CA SER B 551 69.87 9.27 -6.65
C SER B 551 70.29 10.12 -7.84
N LYS B 552 71.11 9.53 -8.72
CA LYS B 552 71.51 10.24 -9.92
C LYS B 552 70.31 10.52 -10.82
N LEU B 553 69.40 9.56 -10.93
CA LEU B 553 68.20 9.76 -11.74
C LEU B 553 67.30 10.85 -11.16
N MET B 554 67.15 10.87 -9.83
CA MET B 554 66.28 11.85 -9.16
C MET B 554 67.03 12.43 -7.97
N PRO B 555 67.87 13.45 -8.21
CA PRO B 555 68.68 14.00 -7.10
C PRO B 555 67.87 14.66 -6.01
N ASP B 556 66.62 15.05 -6.27
CA ASP B 556 65.79 15.77 -5.32
C ASP B 556 64.58 14.94 -4.88
N LYS B 557 64.79 13.63 -4.69
CA LYS B 557 63.68 12.76 -4.34
C LYS B 557 63.08 13.09 -2.98
N LYS B 558 63.89 13.58 -2.04
CA LYS B 558 63.40 13.85 -0.69
C LYS B 558 62.31 14.92 -0.71
N ASP B 559 62.32 15.81 -1.70
CA ASP B 559 61.30 16.85 -1.79
C ASP B 559 59.96 16.33 -2.28
N PHE B 560 59.90 15.09 -2.77
CA PHE B 560 58.66 14.53 -3.30
C PHE B 560 57.98 13.56 -2.36
N GLY B 561 58.58 13.26 -1.21
CA GLY B 561 57.95 12.41 -0.22
C GLY B 561 58.28 10.94 -0.39
N TYR B 562 57.71 10.14 0.52
CA TYR B 562 57.99 8.71 0.51
C TYR B 562 57.30 8.00 -0.65
N ALA B 563 56.03 8.32 -0.89
CA ALA B 563 55.21 7.61 -1.86
C ALA B 563 54.74 8.59 -2.93
N PHE B 564 55.25 8.45 -4.14
CA PHE B 564 54.77 9.20 -5.29
C PHE B 564 54.86 8.28 -6.50
N PRO B 565 54.01 8.49 -7.52
CA PRO B 565 53.99 7.54 -8.64
C PRO B 565 55.30 7.46 -9.40
N CYS B 566 55.81 8.57 -9.88
CA CYS B 566 56.98 8.60 -10.75
C CYS B 566 57.43 10.05 -10.88
N ASP B 567 58.39 10.28 -11.77
CA ASP B 567 58.83 11.62 -12.14
C ASP B 567 58.66 11.86 -13.64
N GLY B 568 57.73 11.14 -14.26
CA GLY B 568 57.44 11.33 -15.66
C GLY B 568 58.32 10.49 -16.57
N PRO B 569 58.00 10.50 -17.87
CA PRO B 569 58.78 9.72 -18.83
C PRO B 569 60.11 10.35 -19.23
N GLY B 570 60.41 11.55 -18.73
CA GLY B 570 61.66 12.19 -19.08
C GLY B 570 62.86 11.52 -18.45
N ARG B 571 64.03 11.86 -18.97
CA ARG B 571 65.30 11.31 -18.52
C ARG B 571 65.33 9.78 -18.62
N GLY B 572 64.64 9.24 -19.63
CA GLY B 572 64.60 7.82 -19.86
C GLY B 572 63.37 7.11 -19.29
N GLY B 573 62.68 7.73 -18.35
CA GLY B 573 61.55 7.12 -17.68
C GLY B 573 61.90 6.78 -16.24
N THR B 574 60.96 7.01 -15.34
CA THR B 574 61.21 6.90 -13.90
C THR B 574 60.10 6.15 -13.20
N CYS B 575 59.60 5.07 -13.80
CA CYS B 575 58.59 4.25 -13.15
C CYS B 575 59.16 3.58 -11.92
N ASP B 576 58.36 3.55 -10.85
CA ASP B 576 58.70 2.83 -9.62
C ASP B 576 60.03 3.32 -9.02
N ILE B 577 60.16 4.64 -8.93
CA ILE B 577 61.41 5.25 -8.47
C ILE B 577 61.37 5.64 -6.99
N SER B 578 60.19 5.68 -6.36
CA SER B 578 60.11 6.07 -4.97
C SER B 578 60.54 4.93 -4.05
N ALA B 579 60.86 5.27 -2.81
CA ALA B 579 61.20 4.25 -1.82
C ALA B 579 59.99 3.39 -1.49
N TRP B 580 58.80 3.98 -1.52
CA TRP B 580 57.57 3.19 -1.38
C TRP B 580 57.51 2.11 -2.44
N ASP B 581 57.94 2.44 -3.66
CA ASP B 581 57.97 1.44 -4.73
C ASP B 581 58.99 0.35 -4.43
N ALA B 582 60.10 0.69 -3.76
CA ALA B 582 61.05 -0.33 -3.35
C ALA B 582 60.44 -1.27 -2.32
N SER B 583 59.68 -0.73 -1.37
CA SER B 583 58.99 -1.60 -0.41
C SER B 583 57.95 -2.47 -1.11
N TYR B 584 57.23 -1.89 -2.08
CA TYR B 584 56.26 -2.64 -2.87
C TYR B 584 56.93 -3.81 -3.60
N LEU B 585 58.09 -3.55 -4.21
CA LEU B 585 58.81 -4.62 -4.90
C LEU B 585 59.35 -5.65 -3.91
N ALA B 586 59.81 -5.20 -2.74
CA ALA B 586 60.38 -6.11 -1.76
C ALA B 586 59.33 -7.00 -1.12
N VAL B 587 58.06 -6.59 -1.11
CA VAL B 587 57.02 -7.47 -0.59
C VAL B 587 56.93 -8.74 -1.42
N PHE B 588 57.09 -8.62 -2.74
CA PHE B 588 57.08 -9.79 -3.61
C PHE B 588 58.21 -10.75 -3.25
N TRP B 589 59.42 -10.23 -3.05
CA TRP B 589 60.55 -11.08 -2.71
C TRP B 589 60.41 -11.66 -1.31
N MET B 590 59.83 -10.91 -0.37
CA MET B 590 59.55 -11.47 0.95
C MET B 590 58.56 -12.63 0.84
N LEU B 591 57.52 -12.47 0.04
CA LEU B 591 56.56 -13.57 -0.15
C LEU B 591 57.25 -14.77 -0.78
N ASN B 592 58.11 -14.55 -1.77
CA ASN B 592 58.83 -15.66 -2.40
C ASN B 592 59.74 -16.37 -1.41
N THR B 593 60.48 -15.61 -0.60
CA THR B 593 61.42 -16.21 0.34
C THR B 593 60.68 -17.00 1.42
N LEU B 594 59.61 -16.43 1.96
CA LEU B 594 58.83 -17.18 2.95
C LEU B 594 58.13 -18.37 2.33
N GLY B 595 57.75 -18.27 1.04
CA GLY B 595 57.23 -19.45 0.36
C GLY B 595 58.25 -20.56 0.29
N TRP B 596 59.49 -20.22 -0.06
CA TRP B 596 60.56 -21.22 -0.07
C TRP B 596 60.76 -21.84 1.31
N VAL B 597 60.80 -20.99 2.34
CA VAL B 597 61.05 -21.46 3.70
C VAL B 597 59.94 -22.39 4.16
N THR B 598 58.69 -21.99 3.96
CA THR B 598 57.56 -22.81 4.40
C THR B 598 57.42 -24.07 3.57
N PHE B 599 57.71 -24.00 2.27
CA PHE B 599 57.73 -25.20 1.45
C PHE B 599 58.74 -26.20 2.00
N TYR B 600 59.94 -25.72 2.33
CA TYR B 600 60.97 -26.59 2.88
C TYR B 600 60.53 -27.23 4.19
N TRP B 601 60.07 -26.40 5.13
CA TRP B 601 59.63 -26.92 6.42
C TRP B 601 58.51 -27.93 6.26
N HIS B 602 57.49 -27.58 5.47
CA HIS B 602 56.32 -28.43 5.33
C HIS B 602 56.66 -29.74 4.63
N TRP B 603 57.47 -29.71 3.57
CA TRP B 603 57.80 -30.95 2.88
C TRP B 603 58.66 -31.86 3.76
N LYS B 604 59.63 -31.29 4.47
CA LYS B 604 60.45 -32.12 5.36
C LYS B 604 59.60 -32.76 6.44
N HIS B 605 58.69 -31.99 7.06
CA HIS B 605 57.87 -32.56 8.12
C HIS B 605 56.83 -33.53 7.57
N LEU B 606 56.31 -33.30 6.36
CA LEU B 606 55.41 -34.25 5.74
C LEU B 606 56.12 -35.58 5.47
N ALA B 607 57.36 -35.52 4.99
CA ALA B 607 58.13 -36.74 4.79
C ALA B 607 58.39 -37.45 6.10
N ILE B 608 58.69 -36.70 7.16
CA ILE B 608 58.92 -37.31 8.47
C ILE B 608 57.66 -37.99 8.98
N TRP B 609 56.52 -37.30 8.88
CA TRP B 609 55.26 -37.83 9.39
C TRP B 609 54.74 -38.99 8.54
N GLU B 610 55.11 -39.05 7.25
CA GLU B 610 54.75 -40.19 6.42
C GLU B 610 55.44 -41.46 6.87
N GLY B 611 56.67 -41.34 7.37
CA GLY B 611 57.57 -42.47 7.39
C GLY B 611 58.28 -42.67 6.08
N ASN B 612 58.37 -41.62 5.25
CA ASN B 612 58.94 -41.65 3.92
C ASN B 612 60.00 -40.56 3.78
N ILE B 613 60.90 -40.48 4.76
CA ILE B 613 61.96 -39.49 4.75
C ILE B 613 62.84 -39.63 3.51
N ALA B 614 62.98 -40.87 3.01
CA ALA B 614 63.80 -41.10 1.82
C ALA B 614 63.27 -40.34 0.61
N GLN B 615 61.95 -40.14 0.53
CA GLN B 615 61.39 -39.38 -0.58
C GLN B 615 61.93 -37.96 -0.60
N PHE B 616 61.90 -37.28 0.55
CA PHE B 616 62.46 -35.94 0.63
C PHE B 616 63.97 -35.96 0.41
N ASN B 617 64.66 -36.96 0.97
CA ASN B 617 66.11 -37.00 0.88
C ASN B 617 66.57 -37.14 -0.56
N GLU B 618 65.86 -37.95 -1.35
CA GLU B 618 66.27 -38.20 -2.73
C GLU B 618 65.60 -37.29 -3.74
N SER B 619 64.54 -36.56 -3.37
CA SER B 619 63.81 -35.75 -4.32
C SER B 619 64.00 -34.25 -4.14
N SER B 620 64.53 -33.81 -3.00
CA SER B 620 64.68 -32.37 -2.76
C SER B 620 65.90 -31.77 -3.43
N THR B 621 66.75 -32.58 -4.07
CA THR B 621 67.96 -32.08 -4.70
C THR B 621 67.75 -31.59 -6.12
N TYR B 622 66.56 -31.80 -6.69
CA TYR B 622 66.21 -31.24 -8.00
C TYR B 622 64.80 -30.68 -7.94
N LEU B 623 64.57 -29.64 -8.73
CA LEU B 623 63.34 -28.86 -8.60
C LEU B 623 62.12 -29.63 -9.07
N MET B 624 62.29 -30.56 -10.01
CA MET B 624 61.18 -31.41 -10.41
C MET B 624 60.70 -32.26 -9.24
N GLY B 625 61.61 -32.63 -8.34
CA GLY B 625 61.19 -33.33 -7.13
C GLY B 625 60.26 -32.49 -6.27
N TRP B 626 60.58 -31.20 -6.10
CA TRP B 626 59.68 -30.30 -5.39
C TRP B 626 58.35 -30.16 -6.12
N PHE B 627 58.40 -30.03 -7.43
CA PHE B 627 57.18 -29.79 -8.20
C PHE B 627 56.25 -31.01 -8.17
N ARG B 628 56.82 -32.22 -8.23
CA ARG B 628 56.05 -33.43 -8.36
C ARG B 628 55.70 -34.07 -7.01
N ASP B 629 56.70 -34.32 -6.17
CA ASP B 629 56.47 -35.06 -4.94
C ASP B 629 55.92 -34.21 -3.80
N TYR B 630 56.02 -32.89 -3.90
CA TYR B 630 55.48 -32.01 -2.86
C TYR B 630 54.15 -31.40 -3.26
N LEU B 631 54.11 -30.69 -4.39
CA LEU B 631 52.89 -29.99 -4.78
C LEU B 631 51.89 -30.95 -5.43
N TRP B 632 52.29 -31.57 -6.54
CA TRP B 632 51.37 -32.43 -7.30
C TRP B 632 50.93 -33.62 -6.46
N LEU B 633 51.87 -34.26 -5.76
CA LEU B 633 51.54 -35.46 -5.00
C LEU B 633 50.58 -35.16 -3.86
N HIS B 634 50.80 -34.04 -3.15
CA HIS B 634 50.01 -33.72 -1.96
C HIS B 634 48.79 -32.86 -2.26
N SER B 635 48.57 -32.48 -3.51
CA SER B 635 47.38 -31.71 -3.85
C SER B 635 46.14 -32.57 -4.10
N ALA B 636 46.29 -33.90 -4.14
CA ALA B 636 45.18 -34.76 -4.56
C ALA B 636 44.01 -34.68 -3.59
N GLN B 637 44.27 -34.89 -2.30
CA GLN B 637 43.19 -34.85 -1.32
C GLN B 637 42.59 -33.46 -1.23
N LEU B 638 43.43 -32.42 -1.35
CA LEU B 638 42.93 -31.06 -1.33
C LEU B 638 41.97 -30.79 -2.48
N ILE B 639 42.32 -31.25 -3.69
CA ILE B 639 41.46 -30.98 -4.85
C ILE B 639 40.31 -31.96 -4.97
N ASN B 640 40.29 -33.01 -4.15
CA ASN B 640 39.16 -33.93 -4.10
C ASN B 640 38.21 -33.65 -2.95
N GLY B 641 38.30 -32.46 -2.34
CA GLY B 641 37.38 -32.12 -1.27
C GLY B 641 35.93 -32.09 -1.72
N TYR B 642 35.69 -31.64 -2.95
CA TYR B 642 34.39 -31.83 -3.58
C TYR B 642 34.63 -32.21 -5.04
N ASN B 643 33.80 -33.13 -5.53
CA ASN B 643 33.93 -33.67 -6.88
C ASN B 643 32.54 -34.14 -7.33
N PRO B 644 32.37 -34.60 -8.58
CA PRO B 644 31.04 -35.06 -9.00
C PRO B 644 30.47 -36.22 -8.17
N TYR B 645 31.26 -36.83 -7.28
CA TYR B 645 30.79 -37.96 -6.50
C TYR B 645 30.39 -37.60 -5.07
N GLY B 646 30.70 -36.40 -4.60
CA GLY B 646 30.30 -35.98 -3.28
C GLY B 646 31.27 -34.99 -2.68
N THR B 647 31.03 -34.65 -1.42
CA THR B 647 31.83 -33.69 -0.68
C THR B 647 32.28 -34.28 0.65
N ASN B 648 33.36 -33.74 1.18
CA ASN B 648 33.85 -34.12 2.50
C ASN B 648 34.27 -32.88 3.28
N SER B 649 34.93 -33.09 4.42
CA SER B 649 35.28 -31.97 5.30
C SER B 649 36.34 -31.05 4.68
N LEU B 650 37.02 -31.50 3.64
CA LEU B 650 38.03 -30.66 3.00
C LEU B 650 37.43 -29.68 1.99
N ALA B 651 36.11 -29.72 1.78
CA ALA B 651 35.47 -28.92 0.74
C ALA B 651 35.81 -27.45 0.89
N ILE B 652 35.70 -26.91 2.12
CA ILE B 652 36.08 -25.52 2.36
C ILE B 652 37.48 -25.22 1.85
N TRP B 653 38.45 -26.06 2.24
CA TRP B 653 39.80 -25.82 1.76
C TRP B 653 39.84 -25.90 0.25
N SER B 654 39.17 -26.90 -0.33
CA SER B 654 39.08 -27.01 -1.78
C SER B 654 38.57 -25.72 -2.39
N TRP B 655 37.55 -25.11 -1.79
CA TRP B 655 37.00 -23.89 -2.38
C TRP B 655 37.99 -22.75 -2.19
N MET B 656 38.56 -22.65 -0.98
CA MET B 656 39.45 -21.54 -0.66
C MET B 656 40.72 -21.61 -1.50
N PHE B 657 41.23 -22.82 -1.73
CA PHE B 657 42.34 -23.03 -2.63
C PHE B 657 42.08 -22.37 -3.98
N LEU B 658 40.84 -22.51 -4.49
CA LEU B 658 40.50 -21.82 -5.72
C LEU B 658 40.38 -20.32 -5.49
N TRP B 659 39.76 -19.94 -4.37
CA TRP B 659 39.55 -18.52 -4.06
C TRP B 659 40.87 -17.76 -4.08
N GLY B 660 41.88 -18.29 -3.39
CA GLY B 660 43.20 -17.67 -3.45
C GLY B 660 43.72 -17.59 -4.87
N HIS B 661 43.63 -18.70 -5.61
CA HIS B 661 44.04 -18.67 -7.02
C HIS B 661 43.30 -17.59 -7.79
N LEU B 662 42.05 -17.32 -7.43
CA LEU B 662 41.33 -16.23 -8.07
C LEU B 662 41.94 -14.89 -7.69
N ALA B 663 42.13 -14.65 -6.40
CA ALA B 663 42.62 -13.34 -5.95
C ALA B 663 44.00 -13.06 -6.55
N TRP B 664 44.89 -14.05 -6.49
CA TRP B 664 46.18 -13.94 -7.14
C TRP B 664 46.02 -13.52 -8.60
N ALA B 665 45.15 -14.21 -9.33
CA ALA B 665 44.95 -13.83 -10.73
C ALA B 665 44.52 -12.39 -10.85
N VAL B 666 43.60 -11.96 -9.98
CA VAL B 666 43.09 -10.60 -10.04
C VAL B 666 44.23 -9.61 -9.88
N SER B 667 45.20 -9.93 -9.01
CA SER B 667 46.28 -8.98 -8.76
C SER B 667 47.03 -8.69 -10.04
N PHE B 668 47.19 -9.69 -10.91
CA PHE B 668 47.91 -9.47 -12.15
C PHE B 668 47.27 -8.35 -12.95
N MET B 669 45.94 -8.28 -12.96
CA MET B 669 45.26 -7.22 -13.71
C MET B 669 45.64 -5.86 -13.16
N PHE B 670 45.75 -5.73 -11.84
CA PHE B 670 46.17 -4.46 -11.26
C PHE B 670 47.66 -4.21 -11.45
N LEU B 671 48.46 -5.24 -11.66
CA LEU B 671 49.92 -5.07 -11.72
C LEU B 671 50.46 -4.96 -13.14
N ILE B 672 49.76 -5.51 -14.13
CA ILE B 672 50.22 -5.47 -15.52
C ILE B 672 49.61 -4.30 -16.28
N THR B 673 48.28 -4.17 -16.23
CA THR B 673 47.61 -3.04 -16.87
C THR B 673 47.73 -1.82 -15.98
N TRP B 674 47.96 -0.67 -16.59
CA TRP B 674 48.19 0.57 -15.87
C TRP B 674 47.08 1.58 -16.20
N ARG B 675 47.21 2.78 -15.65
CA ARG B 675 46.04 3.62 -15.37
C ARG B 675 45.34 4.12 -16.62
N GLY B 676 46.10 4.66 -17.58
CA GLY B 676 45.50 5.43 -18.66
C GLY B 676 44.47 4.65 -19.46
N TYR B 677 44.73 3.37 -19.68
CA TYR B 677 43.76 2.49 -20.34
C TYR B 677 42.41 2.54 -19.62
N TRP B 678 42.43 2.35 -18.30
CA TRP B 678 41.20 2.36 -17.53
C TRP B 678 40.58 3.74 -17.48
N GLN B 679 41.40 4.80 -17.46
CA GLN B 679 40.84 6.15 -17.48
C GLN B 679 40.06 6.41 -18.76
N GLU B 680 40.61 5.99 -19.90
CA GLU B 680 39.90 6.17 -21.16
C GLU B 680 38.62 5.32 -21.20
N LEU B 681 38.70 4.08 -20.71
CA LEU B 681 37.51 3.25 -20.65
C LEU B 681 36.44 3.88 -19.77
N ILE B 682 36.84 4.45 -18.63
CA ILE B 682 35.91 5.10 -17.73
C ILE B 682 35.30 6.34 -18.39
N GLU B 683 36.08 7.07 -19.18
CA GLU B 683 35.52 8.19 -19.92
C GLU B 683 34.42 7.73 -20.88
N THR B 684 34.67 6.62 -21.58
CA THR B 684 33.65 6.07 -22.47
C THR B 684 32.40 5.68 -21.69
N LEU B 685 32.58 5.04 -20.53
CA LEU B 685 31.43 4.65 -19.70
C LEU B 685 30.70 5.88 -19.16
N VAL B 686 31.42 6.97 -18.88
CA VAL B 686 30.80 8.20 -18.45
C VAL B 686 29.90 8.75 -19.54
N TRP B 687 30.39 8.75 -20.78
CA TRP B 687 29.54 9.16 -21.90
C TRP B 687 28.29 8.28 -21.97
N ALA B 688 28.49 6.96 -21.85
CA ALA B 688 27.37 6.03 -21.96
C ALA B 688 26.31 6.32 -20.91
N HIS B 689 26.74 6.53 -19.66
CA HIS B 689 25.77 6.83 -18.61
C HIS B 689 25.08 8.16 -18.86
N GLU B 690 25.82 9.17 -19.31
CA GLU B 690 25.22 10.48 -19.53
C GLU B 690 24.17 10.44 -20.64
N LYS B 691 24.33 9.56 -21.63
CA LYS B 691 23.41 9.55 -22.76
C LYS B 691 22.31 8.50 -22.66
N THR B 692 22.18 7.81 -21.53
CA THR B 692 21.18 6.76 -21.41
C THR B 692 19.96 7.27 -20.66
N PRO B 693 18.75 7.16 -21.21
CA PRO B 693 17.55 7.56 -20.47
C PRO B 693 17.20 6.55 -19.39
N LEU B 694 16.31 6.98 -18.50
CA LEU B 694 15.81 6.23 -17.34
C LEU B 694 16.86 5.99 -16.29
N SER B 695 18.09 6.45 -16.48
CA SER B 695 19.16 6.27 -15.50
C SER B 695 19.29 7.56 -14.69
N PHE B 696 18.36 7.73 -13.75
CA PHE B 696 18.29 8.97 -12.99
C PHE B 696 19.48 9.16 -12.05
N GLY B 697 20.20 8.09 -11.74
CA GLY B 697 21.36 8.23 -10.87
C GLY B 697 22.43 9.08 -11.52
N TYR B 698 23.25 9.71 -10.68
CA TYR B 698 24.38 10.50 -11.17
C TYR B 698 25.43 10.59 -10.07
N TRP B 699 26.68 10.45 -10.47
CA TRP B 699 27.77 10.42 -9.50
C TRP B 699 27.93 11.78 -8.83
N ARG B 700 28.12 11.76 -7.51
CA ARG B 700 28.52 12.95 -6.79
C ARG B 700 30.04 13.15 -6.81
N ASP B 701 30.78 12.05 -6.83
CA ASP B 701 32.23 12.07 -7.02
C ASP B 701 32.52 11.55 -8.43
N LYS B 702 33.26 12.32 -9.20
CA LYS B 702 33.51 11.96 -10.60
C LYS B 702 34.30 10.66 -10.66
N PRO B 703 33.82 9.64 -11.38
CA PRO B 703 34.54 8.37 -11.44
C PRO B 703 35.83 8.51 -12.23
N VAL B 704 36.94 8.12 -11.59
CA VAL B 704 38.24 8.11 -12.23
C VAL B 704 38.92 6.78 -11.95
N ALA B 705 39.88 6.44 -12.80
CA ALA B 705 40.69 5.25 -12.57
C ALA B 705 41.54 5.42 -11.33
N LEU B 706 41.88 4.30 -10.71
CA LEU B 706 42.73 4.34 -9.52
C LEU B 706 44.10 4.92 -9.88
N SER B 707 44.69 5.62 -8.92
CA SER B 707 45.99 6.23 -9.15
C SER B 707 47.06 5.16 -9.33
N ILE B 708 48.25 5.59 -9.76
CA ILE B 708 49.33 4.65 -10.03
C ILE B 708 49.76 3.95 -8.74
N VAL B 709 50.02 4.73 -7.69
CA VAL B 709 50.44 4.16 -6.41
C VAL B 709 49.31 3.32 -5.82
N GLN B 710 48.07 3.80 -5.92
CA GLN B 710 46.92 3.04 -5.43
C GLN B 710 46.79 1.72 -6.17
N ALA B 711 47.02 1.73 -7.48
CA ALA B 711 46.96 0.50 -8.26
C ALA B 711 48.03 -0.47 -7.83
N ARG B 712 49.25 0.02 -7.61
CA ARG B 712 50.32 -0.85 -7.13
C ARG B 712 49.95 -1.46 -5.78
N LEU B 713 49.41 -0.65 -4.88
CA LEU B 713 49.03 -1.15 -3.55
C LEU B 713 47.91 -2.19 -3.65
N VAL B 714 46.89 -1.92 -4.47
CA VAL B 714 45.77 -2.84 -4.60
C VAL B 714 46.22 -4.16 -5.22
N GLY B 715 47.05 -4.09 -6.26
CA GLY B 715 47.58 -5.30 -6.85
C GLY B 715 48.43 -6.09 -5.87
N LEU B 716 49.25 -5.40 -5.07
CA LEU B 716 50.05 -6.09 -4.07
C LEU B 716 49.16 -6.75 -3.02
N THR B 717 48.08 -6.06 -2.62
CA THR B 717 47.16 -6.63 -1.64
C THR B 717 46.49 -7.88 -2.17
N HIS B 718 45.99 -7.83 -3.41
CA HIS B 718 45.39 -9.02 -4.01
C HIS B 718 46.39 -10.15 -4.13
N PHE B 719 47.62 -9.83 -4.55
CA PHE B 719 48.67 -10.83 -4.69
C PHE B 719 48.96 -11.52 -3.36
N THR B 720 49.13 -10.72 -2.31
CA THR B 720 49.44 -11.27 -0.99
C THR B 720 48.28 -12.09 -0.46
N VAL B 721 47.05 -11.60 -0.60
CA VAL B 721 45.89 -12.32 -0.08
C VAL B 721 45.74 -13.66 -0.80
N GLY B 722 45.90 -13.67 -2.13
CA GLY B 722 45.85 -14.92 -2.86
C GLY B 722 46.95 -15.88 -2.44
N TYR B 723 48.18 -15.36 -2.32
CA TYR B 723 49.30 -16.16 -1.85
C TYR B 723 48.99 -16.84 -0.52
N ILE B 724 48.56 -16.05 0.45
CA ILE B 724 48.33 -16.56 1.80
C ILE B 724 47.18 -17.54 1.82
N ALA B 725 46.06 -17.19 1.18
CA ALA B 725 44.90 -18.07 1.19
C ALA B 725 45.19 -19.40 0.50
N THR B 726 45.85 -19.34 -0.66
CA THR B 726 46.15 -20.57 -1.38
C THR B 726 47.08 -21.47 -0.58
N TYR B 727 48.17 -20.91 -0.04
CA TYR B 727 49.10 -21.75 0.70
C TYR B 727 48.49 -22.26 2.00
N GLY B 728 47.69 -21.44 2.68
CA GLY B 728 47.06 -21.91 3.89
C GLY B 728 46.08 -23.04 3.65
N ALA B 729 45.26 -22.91 2.60
CA ALA B 729 44.35 -23.99 2.25
C ALA B 729 45.11 -25.25 1.91
N PHE B 730 46.17 -25.14 1.10
CA PHE B 730 46.96 -26.31 0.75
C PHE B 730 47.59 -26.95 1.98
N LEU B 731 48.18 -26.13 2.86
CA LEU B 731 48.82 -26.64 4.06
C LEU B 731 47.84 -27.41 4.92
N ILE B 732 46.69 -26.77 5.24
CA ILE B 732 45.73 -27.40 6.14
C ILE B 732 45.16 -28.67 5.52
N ALA B 733 44.81 -28.61 4.23
CA ALA B 733 44.21 -29.78 3.59
C ALA B 733 45.20 -30.94 3.49
N SER B 734 46.47 -30.64 3.15
CA SER B 734 47.44 -31.72 2.97
C SER B 734 47.91 -32.29 4.30
N THR B 735 47.84 -31.52 5.39
CA THR B 735 48.26 -32.09 6.66
C THR B 735 47.11 -32.73 7.44
N ALA B 736 45.94 -32.07 7.48
CA ALA B 736 44.81 -32.53 8.27
C ALA B 736 44.06 -33.68 7.59
N GLY B 737 43.76 -33.56 6.30
CA GLY B 737 43.08 -34.63 5.59
C GLY B 737 43.91 -35.88 5.46
N LYS B 738 45.21 -35.81 5.72
CA LYS B 738 46.14 -36.92 5.59
C LYS B 738 46.57 -37.49 6.94
N PHE B 739 46.34 -36.77 8.03
CA PHE B 739 46.73 -37.21 9.36
C PHE B 739 45.54 -36.97 10.29
N GLY B 740 45.79 -37.06 11.59
CA GLY B 740 44.74 -36.84 12.58
C GLY B 740 44.33 -35.40 12.72
N SER C 2 45.74 22.25 -6.77
CA SER C 2 46.50 22.40 -8.00
C SER C 2 47.96 21.99 -7.79
N HIS C 3 48.63 21.66 -8.89
CA HIS C 3 50.05 21.35 -8.84
C HIS C 3 50.87 22.63 -8.67
N THR C 4 52.12 22.45 -8.28
CA THR C 4 53.04 23.56 -8.07
C THR C 4 54.17 23.48 -9.10
N VAL C 5 54.41 24.57 -9.81
CA VAL C 5 55.48 24.64 -10.80
C VAL C 5 56.46 25.71 -10.35
N LYS C 6 57.71 25.32 -10.14
CA LYS C 6 58.74 26.24 -9.68
C LYS C 6 59.85 26.33 -10.72
N ILE C 7 60.43 27.53 -10.84
CA ILE C 7 61.54 27.79 -11.76
C ILE C 7 62.73 28.27 -10.95
N TYR C 8 63.86 27.60 -11.12
CA TYR C 8 65.07 27.89 -10.37
C TYR C 8 66.03 28.75 -11.20
N ASP C 9 67.03 29.31 -10.53
CA ASP C 9 67.91 30.29 -11.16
C ASP C 9 68.88 29.69 -12.16
N THR C 10 68.83 28.38 -12.40
CA THR C 10 69.66 27.75 -13.42
C THR C 10 69.05 27.83 -14.81
N CYS C 11 67.88 28.44 -14.95
CA CYS C 11 67.22 28.55 -16.24
C CYS C 11 68.08 29.36 -17.21
N ILE C 12 68.15 28.88 -18.45
CA ILE C 12 68.93 29.52 -19.51
C ILE C 12 68.03 30.21 -20.53
N GLY C 13 66.73 30.26 -20.28
CA GLY C 13 65.81 30.94 -21.19
C GLY C 13 65.73 30.33 -22.57
N CYS C 14 65.70 29.00 -22.65
CA CYS C 14 65.63 28.31 -23.93
C CYS C 14 64.20 28.17 -24.46
N THR C 15 63.19 28.60 -23.69
CA THR C 15 61.78 28.65 -24.04
C THR C 15 61.19 27.28 -24.39
N GLN C 16 61.93 26.19 -24.18
CA GLN C 16 61.44 24.88 -24.57
C GLN C 16 60.28 24.41 -23.69
N CYS C 17 60.36 24.70 -22.39
CA CYS C 17 59.30 24.27 -21.47
C CYS C 17 57.98 24.96 -21.80
N VAL C 18 58.02 26.24 -22.14
CA VAL C 18 56.79 26.96 -22.50
C VAL C 18 56.18 26.36 -23.76
N ARG C 19 57.02 26.05 -24.75
CA ARG C 19 56.52 25.44 -25.98
C ARG C 19 55.95 24.06 -25.74
N ALA C 20 56.52 23.31 -24.79
CA ALA C 20 56.08 21.94 -24.54
C ALA C 20 54.79 21.87 -23.73
N CYS C 21 54.40 22.94 -23.04
CA CYS C 21 53.25 22.87 -22.15
C CYS C 21 51.96 22.73 -22.95
N PRO C 22 51.13 21.72 -22.68
CA PRO C 22 49.89 21.53 -23.44
C PRO C 22 48.70 22.33 -22.92
N THR C 23 48.85 23.09 -21.83
CA THR C 23 47.74 23.85 -21.28
C THR C 23 48.09 25.31 -21.03
N ASP C 24 49.20 25.80 -21.56
CA ASP C 24 49.64 27.19 -21.41
C ASP C 24 49.70 27.58 -19.93
N VAL C 25 50.61 26.93 -19.22
CA VAL C 25 50.87 27.29 -17.83
C VAL C 25 52.05 28.24 -17.72
N LEU C 26 53.03 28.11 -18.61
CA LEU C 26 54.29 28.84 -18.51
C LEU C 26 54.33 29.97 -19.53
N GLU C 27 55.21 30.94 -19.27
CA GLU C 27 55.48 32.01 -20.21
C GLU C 27 56.88 32.55 -19.94
N MET C 28 57.45 33.22 -20.92
CA MET C 28 58.79 33.78 -20.81
C MET C 28 58.69 35.23 -20.35
N VAL C 29 59.47 35.57 -19.32
CA VAL C 29 59.44 36.91 -18.75
C VAL C 29 60.86 37.47 -18.78
N PRO C 30 61.03 38.79 -18.83
CA PRO C 30 62.40 39.35 -18.89
C PRO C 30 63.18 39.03 -17.62
N TRP C 31 64.49 38.84 -17.80
CA TRP C 31 65.37 38.46 -16.71
C TRP C 31 66.78 38.90 -17.07
N ASP C 32 67.66 38.90 -16.07
CA ASP C 32 69.06 39.25 -16.28
C ASP C 32 70.04 38.20 -15.78
N GLY C 33 69.56 37.04 -15.31
CA GLY C 33 70.44 36.02 -14.77
C GLY C 33 71.07 35.10 -15.79
N CYS C 34 70.68 35.20 -17.06
CA CYS C 34 71.20 34.31 -18.10
C CYS C 34 71.45 35.12 -19.36
N LYS C 35 72.18 34.50 -20.30
CA LYS C 35 72.53 35.17 -21.54
C LYS C 35 71.29 35.49 -22.37
N ALA C 36 70.30 34.60 -22.36
CA ALA C 36 69.08 34.82 -23.15
C ALA C 36 68.24 35.96 -22.61
N ALA C 37 68.54 36.46 -21.40
CA ALA C 37 67.86 37.61 -20.81
C ALA C 37 66.36 37.33 -20.62
N GLN C 38 66.00 36.07 -20.37
CA GLN C 38 64.61 35.71 -20.12
C GLN C 38 64.59 34.48 -19.24
N ILE C 39 63.48 34.30 -18.52
CA ILE C 39 63.32 33.16 -17.63
C ILE C 39 61.87 32.68 -17.70
N ALA C 40 61.68 31.40 -17.45
CA ALA C 40 60.34 30.82 -17.45
C ALA C 40 59.58 31.22 -16.20
N SER C 41 58.25 31.26 -16.33
CA SER C 41 57.36 31.59 -15.22
C SER C 41 56.09 30.77 -15.37
N SER C 42 55.40 30.55 -14.25
CA SER C 42 54.19 29.74 -14.21
C SER C 42 53.07 30.51 -13.54
N PRO C 43 52.52 31.53 -14.21
CA PRO C 43 51.42 32.30 -13.61
C PRO C 43 50.10 31.55 -13.59
N ARG C 44 49.96 30.48 -14.39
CA ARG C 44 48.68 29.81 -14.54
C ARG C 44 48.75 28.35 -14.09
N THR C 45 49.35 28.11 -12.93
CA THR C 45 49.49 26.74 -12.43
C THR C 45 48.15 26.08 -12.15
N GLU C 46 47.07 26.85 -12.03
CA GLU C 46 45.76 26.25 -11.86
C GLU C 46 45.36 25.41 -13.06
N ASP C 47 45.89 25.70 -14.24
CA ASP C 47 45.63 24.92 -15.44
C ASP C 47 46.64 23.79 -15.64
N CYS C 48 47.60 23.64 -14.74
CA CYS C 48 48.62 22.61 -14.89
C CYS C 48 48.00 21.23 -14.65
N VAL C 49 48.25 20.31 -15.58
CA VAL C 49 47.75 18.94 -15.44
C VAL C 49 48.78 18.02 -14.80
N GLY C 50 50.05 18.42 -14.76
CA GLY C 50 51.09 17.57 -14.21
C GLY C 50 51.74 16.63 -15.19
N CYS C 51 51.59 16.87 -16.49
CA CYS C 51 52.15 15.97 -17.50
C CYS C 51 53.67 15.91 -17.46
N LYS C 52 54.32 16.94 -16.91
CA LYS C 52 55.78 17.04 -16.81
C LYS C 52 56.46 17.05 -18.18
N ARG C 53 55.74 17.51 -19.22
CA ARG C 53 56.39 17.73 -20.51
C ARG C 53 57.44 18.83 -20.42
N CYS C 54 57.21 19.84 -19.58
CA CYS C 54 58.20 20.90 -19.40
C CYS C 54 59.50 20.35 -18.85
N GLU C 55 59.43 19.44 -17.88
CA GLU C 55 60.63 18.82 -17.33
C GLU C 55 61.36 18.02 -18.39
N THR C 56 60.61 17.30 -19.23
CA THR C 56 61.23 16.55 -20.32
C THR C 56 61.95 17.48 -21.29
N ALA C 57 61.35 18.64 -21.57
CA ALA C 57 61.94 19.58 -22.52
C ALA C 57 63.11 20.37 -21.93
N CYS C 58 63.24 20.42 -20.61
CA CYS C 58 64.27 21.26 -20.00
C CYS C 58 65.66 20.66 -20.24
N PRO C 59 66.61 21.42 -20.80
CA PRO C 59 67.93 20.87 -21.09
C PRO C 59 68.95 20.99 -19.97
N THR C 60 68.69 21.80 -18.95
CA THR C 60 69.67 22.01 -17.90
C THR C 60 69.77 20.77 -17.01
N ASP C 61 70.89 20.69 -16.29
CA ASP C 61 71.18 19.56 -15.41
C ASP C 61 71.70 20.11 -14.09
N PHE C 62 70.90 20.01 -13.02
CA PHE C 62 69.59 19.36 -13.06
C PHE C 62 68.52 20.31 -13.59
N LEU C 63 67.26 19.90 -13.48
CA LEU C 63 66.15 20.64 -14.09
C LEU C 63 66.06 22.05 -13.52
N SER C 64 65.79 23.02 -14.40
CA SER C 64 65.51 24.38 -13.99
C SER C 64 64.03 24.61 -13.71
N ILE C 65 63.16 23.68 -14.10
CA ILE C 65 61.74 23.76 -13.83
C ILE C 65 61.30 22.46 -13.17
N ARG C 66 60.54 22.56 -12.09
CA ARG C 66 60.11 21.40 -11.33
C ARG C 66 58.61 21.45 -11.09
N VAL C 67 57.98 20.29 -11.21
CA VAL C 67 56.54 20.14 -11.02
C VAL C 67 56.32 19.23 -9.82
N TYR C 68 55.60 19.72 -8.83
CA TYR C 68 55.24 18.97 -7.64
C TYR C 68 53.73 18.78 -7.64
N LEU C 69 53.31 17.53 -7.79
CA LEU C 69 51.88 17.22 -7.81
C LEU C 69 51.26 17.49 -6.44
N GLY C 70 50.11 18.15 -6.43
CA GLY C 70 49.45 18.54 -5.20
C GLY C 70 47.98 18.11 -5.22
N ALA C 71 47.15 18.99 -4.67
CA ALA C 71 45.72 18.71 -4.61
C ALA C 71 45.14 18.59 -6.02
N GLU C 72 44.26 17.60 -6.20
CA GLU C 72 43.70 17.32 -7.51
C GLU C 72 42.37 18.04 -7.67
N THR C 73 42.21 18.74 -8.78
CA THR C 73 40.98 19.42 -9.16
C THR C 73 40.42 18.79 -10.43
N THR C 74 39.29 19.31 -10.89
CA THR C 74 38.68 18.79 -12.10
C THR C 74 39.60 18.98 -13.31
N ARG C 75 40.20 20.15 -13.43
CA ARG C 75 41.05 20.44 -14.58
C ARG C 75 42.45 19.86 -14.44
N SER C 76 42.94 19.66 -13.21
CA SER C 76 44.24 19.04 -13.02
C SER C 76 44.20 17.54 -13.28
N MET C 77 43.04 16.91 -13.10
CA MET C 77 42.85 15.51 -13.47
C MET C 77 42.58 15.34 -14.96
N GLY C 78 42.49 16.44 -15.70
CA GLY C 78 42.22 16.36 -17.14
C GLY C 78 40.88 15.75 -17.46
N LEU C 79 39.84 16.12 -16.71
CA LEU C 79 38.51 15.55 -16.88
C LEU C 79 37.69 16.44 -17.80
N ALA C 80 37.16 15.85 -18.87
CA ALA C 80 36.21 16.52 -19.74
C ALA C 80 34.78 16.39 -19.25
N TYR C 81 34.56 15.69 -18.15
CA TYR C 81 33.24 15.50 -17.58
C TYR C 81 33.21 15.96 -16.14
N THR D 4 28.93 38.36 -25.90
CA THR D 4 28.90 37.12 -26.67
C THR D 4 30.11 37.01 -27.57
N LEU D 5 30.40 35.80 -28.04
CA LEU D 5 31.53 35.53 -28.92
C LEU D 5 31.04 35.34 -30.34
N GLU D 6 31.67 36.04 -31.29
CA GLU D 6 31.26 35.99 -32.68
C GLU D 6 32.08 34.98 -33.46
N GLY D 7 31.48 34.44 -34.50
CA GLY D 7 32.10 33.42 -35.33
C GLY D 7 31.10 32.33 -35.66
N GLN D 8 31.33 31.66 -36.78
CA GLN D 8 30.46 30.59 -37.25
C GLN D 8 31.10 29.25 -36.96
N THR D 9 30.30 28.31 -36.46
CA THR D 9 30.82 27.00 -36.11
C THR D 9 31.23 26.24 -37.37
N PRO D 10 32.29 25.45 -37.30
CA PRO D 10 32.71 24.66 -38.46
C PRO D 10 31.68 23.60 -38.81
N ILE D 11 31.70 23.19 -40.08
CA ILE D 11 30.79 22.16 -40.56
C ILE D 11 31.16 20.84 -39.89
N PHE D 12 30.22 20.28 -39.13
CA PHE D 12 30.45 19.06 -38.39
C PHE D 12 29.12 18.34 -38.22
N GLY D 13 29.10 17.06 -38.58
CA GLY D 13 27.89 16.27 -38.51
C GLY D 13 27.53 15.74 -37.16
N GLY D 14 28.34 16.03 -36.15
CA GLY D 14 28.11 15.53 -34.81
C GLY D 14 29.08 14.41 -34.44
N GLY D 15 29.22 14.21 -33.15
CA GLY D 15 30.12 13.18 -32.65
C GLY D 15 29.90 12.98 -31.17
N THR D 16 30.56 11.96 -30.63
CA THR D 16 30.43 11.63 -29.22
C THR D 16 31.55 12.21 -28.37
N GLY D 17 32.46 12.98 -28.95
CA GLY D 17 33.54 13.57 -28.20
C GLY D 17 33.32 15.02 -27.84
N GLY D 18 32.08 15.50 -27.95
CA GLY D 18 31.75 16.88 -27.71
C GLY D 18 31.64 17.23 -26.23
N LEU D 19 30.71 18.11 -25.93
CA LEU D 19 30.53 18.60 -24.56
C LEU D 19 29.69 17.62 -23.74
N LEU D 20 29.91 17.67 -22.43
CA LEU D 20 29.15 16.87 -21.48
C LEU D 20 28.56 17.75 -20.40
N THR D 21 28.03 17.15 -19.33
CA THR D 21 27.38 17.91 -18.27
C THR D 21 28.31 18.97 -17.67
N LYS D 22 29.62 18.70 -17.64
CA LYS D 22 30.56 19.67 -17.09
C LYS D 22 30.51 21.00 -17.83
N ALA D 23 30.21 20.97 -19.12
CA ALA D 23 30.14 22.20 -19.90
C ALA D 23 29.04 23.13 -19.38
N GLU D 24 27.88 22.57 -19.05
CA GLU D 24 26.76 23.37 -18.57
C GLU D 24 26.78 23.58 -17.06
N ARG D 25 27.51 22.77 -16.32
CA ARG D 25 27.50 22.83 -14.87
C ARG D 25 28.68 23.61 -14.29
N GLU D 26 29.89 23.39 -14.79
CA GLU D 26 31.09 23.98 -14.19
C GLU D 26 31.75 25.01 -15.11
N GLU D 27 32.14 24.63 -16.33
CA GLU D 27 32.84 25.54 -17.21
C GLU D 27 32.95 24.92 -18.60
N LYS D 28 33.33 25.76 -19.56
CA LYS D 28 33.43 25.38 -20.96
C LYS D 28 34.49 26.28 -21.58
N TYR D 29 35.00 25.90 -22.75
CA TYR D 29 35.99 26.73 -23.42
C TYR D 29 35.57 26.95 -24.87
N VAL D 30 35.97 28.10 -25.42
CA VAL D 30 35.66 28.46 -26.80
C VAL D 30 36.95 28.91 -27.47
N ILE D 31 37.24 28.33 -28.64
CA ILE D 31 38.40 28.74 -29.43
C ILE D 31 37.89 29.41 -30.70
N THR D 32 38.34 30.64 -30.94
CA THR D 32 37.96 31.41 -32.11
C THR D 32 39.21 31.70 -32.93
N TRP D 33 39.03 31.74 -34.26
CA TRP D 33 40.15 32.04 -35.15
C TRP D 33 39.59 32.54 -36.47
N THR D 34 40.50 32.89 -37.38
CA THR D 34 40.14 33.33 -38.73
C THR D 34 41.05 32.62 -39.73
N SER D 35 40.44 32.05 -40.77
CA SER D 35 41.19 31.36 -41.79
C SER D 35 41.03 32.05 -43.14
N PRO D 36 42.02 31.94 -44.02
CA PRO D 36 41.89 32.54 -45.36
C PRO D 36 40.94 31.79 -46.28
N LYS D 37 40.59 30.54 -45.98
CA LYS D 37 39.75 29.76 -46.86
C LYS D 37 39.09 28.64 -46.06
N GLU D 38 38.11 28.01 -46.67
CA GLU D 38 37.45 26.84 -46.08
C GLU D 38 38.33 25.62 -46.29
N GLN D 39 38.60 24.88 -45.21
CA GLN D 39 39.53 23.76 -45.29
C GLN D 39 39.22 22.77 -44.19
N VAL D 40 39.69 21.54 -44.38
CA VAL D 40 39.41 20.44 -43.46
C VAL D 40 40.48 20.40 -42.38
N PHE D 41 40.04 20.32 -41.12
CA PHE D 41 40.93 20.11 -40.00
C PHE D 41 40.39 18.97 -39.14
N GLU D 42 41.16 18.58 -38.13
CA GLU D 42 40.81 17.48 -37.26
C GLU D 42 40.29 18.00 -35.94
N MET D 43 39.12 17.52 -35.53
CA MET D 43 38.56 17.91 -34.24
C MET D 43 39.44 17.38 -33.11
N PRO D 44 39.53 18.10 -32.00
CA PRO D 44 40.40 17.65 -30.89
C PRO D 44 40.02 16.29 -30.34
N THR D 45 38.76 15.91 -30.39
CA THR D 45 38.27 14.66 -29.83
C THR D 45 37.83 13.68 -30.91
N GLY D 46 38.55 13.67 -32.03
CA GLY D 46 38.24 12.71 -33.08
C GLY D 46 37.30 13.29 -34.12
N GLY D 47 37.44 12.79 -35.35
CA GLY D 47 36.64 13.24 -36.46
C GLY D 47 37.27 14.41 -37.19
N SER D 48 36.74 14.68 -38.38
CA SER D 48 37.21 15.76 -39.23
C SER D 48 36.09 16.78 -39.43
N ALA D 49 36.43 18.05 -39.31
CA ALA D 49 35.49 19.15 -39.52
C ALA D 49 36.01 20.06 -40.62
N ILE D 50 35.13 20.93 -41.10
CA ILE D 50 35.47 21.87 -42.17
C ILE D 50 35.34 23.27 -41.61
N MET D 51 36.47 23.97 -41.49
CA MET D 51 36.47 25.36 -41.06
C MET D 51 36.13 26.26 -42.25
N ARG D 52 35.26 27.24 -41.99
CA ARG D 52 34.72 28.11 -43.02
C ARG D 52 35.68 29.27 -43.30
N GLN D 53 35.37 30.01 -44.37
CA GLN D 53 36.28 31.06 -44.82
C GLN D 53 36.31 32.25 -43.87
N GLY D 54 35.22 32.53 -43.19
CA GLY D 54 35.17 33.70 -42.32
C GLY D 54 35.85 33.46 -40.99
N LYS D 55 35.25 33.95 -39.91
CA LYS D 55 35.77 33.73 -38.56
C LYS D 55 35.05 32.54 -37.94
N ASN D 56 35.82 31.62 -37.38
CA ASN D 56 35.30 30.36 -36.86
C ASN D 56 35.35 30.35 -35.34
N LYS D 57 34.34 29.69 -34.75
CA LYS D 57 34.22 29.55 -33.31
C LYS D 57 33.87 28.10 -33.00
N LEU D 58 34.60 27.50 -32.06
CA LEU D 58 34.44 26.09 -31.73
C LEU D 58 34.34 25.93 -30.22
N GLU D 59 33.32 25.20 -29.77
CA GLU D 59 33.12 24.92 -28.36
C GLU D 59 33.82 23.62 -27.98
N ILE D 60 34.52 23.65 -26.85
CA ILE D 60 35.35 22.55 -26.38
C ILE D 60 35.21 22.41 -24.87
N ALA D 61 35.53 21.20 -24.39
CA ALA D 61 35.33 20.86 -22.99
C ALA D 61 36.55 21.19 -22.11
N ARG D 62 37.76 21.12 -22.66
CA ARG D 62 38.97 21.33 -21.88
C ARG D 62 39.87 22.35 -22.58
N LYS D 63 40.66 23.06 -21.79
CA LYS D 63 41.60 24.03 -22.34
C LYS D 63 42.68 23.36 -23.18
N GLU D 64 43.06 22.13 -22.83
CA GLU D 64 44.08 21.42 -23.59
C GLU D 64 43.63 21.18 -25.02
N TYR D 65 42.33 20.94 -25.25
CA TYR D 65 41.83 20.78 -26.60
C TYR D 65 42.12 22.02 -27.43
N GLY D 66 41.81 23.19 -26.87
CA GLY D 66 42.04 24.43 -27.59
C GLY D 66 43.51 24.72 -27.81
N ILE D 67 44.33 24.45 -26.80
CA ILE D 67 45.77 24.69 -26.95
C ILE D 67 46.33 23.79 -28.05
N ALA D 68 45.95 22.51 -28.06
CA ALA D 68 46.44 21.59 -29.07
C ALA D 68 45.95 22.00 -30.45
N LEU D 69 44.68 22.37 -30.58
CA LEU D 69 44.15 22.76 -31.88
C LEU D 69 44.83 24.02 -32.39
N GLY D 70 45.03 25.01 -31.52
CA GLY D 70 45.66 26.25 -31.94
C GLY D 70 47.13 26.08 -32.30
N GLY D 71 47.86 25.31 -31.52
CA GLY D 71 49.28 25.17 -31.74
C GLY D 71 49.66 24.14 -32.78
N GLN D 72 49.24 22.89 -32.59
CA GLN D 72 49.66 21.81 -33.45
C GLN D 72 48.97 21.82 -34.81
N GLN D 73 47.80 22.47 -34.93
CA GLN D 73 47.06 22.48 -36.18
C GLN D 73 46.95 23.88 -36.77
N LEU D 74 46.43 24.85 -36.02
CA LEU D 74 46.18 26.17 -36.60
C LEU D 74 47.48 26.88 -36.97
N ARG D 75 48.43 26.95 -36.05
CA ARG D 75 49.70 27.61 -36.36
C ARG D 75 50.62 26.71 -37.16
N ALA D 76 50.82 25.47 -36.70
CA ALA D 76 51.82 24.60 -37.31
C ALA D 76 51.45 24.24 -38.75
N LYS D 77 50.17 23.97 -39.01
CA LYS D 77 49.75 23.46 -40.31
C LYS D 77 49.08 24.52 -41.18
N PHE D 78 48.12 25.27 -40.62
CA PHE D 78 47.34 26.22 -41.40
C PHE D 78 47.89 27.64 -41.36
N LYS D 79 48.97 27.88 -40.61
CA LYS D 79 49.61 29.19 -40.53
C LYS D 79 48.62 30.27 -40.08
N ILE D 80 47.78 29.93 -39.12
CA ILE D 80 46.82 30.86 -38.53
C ILE D 80 47.30 31.20 -37.13
N ASN D 81 47.48 32.49 -36.86
CA ASN D 81 48.08 32.95 -35.61
C ASN D 81 47.17 33.82 -34.75
N ASP D 82 45.93 34.06 -35.19
CA ASP D 82 45.03 34.97 -34.48
C ASP D 82 44.03 34.25 -33.60
N TYR D 83 44.25 32.98 -33.31
CA TYR D 83 43.30 32.23 -32.50
C TYR D 83 43.35 32.67 -31.04
N LYS D 84 42.19 32.66 -30.41
CA LYS D 84 42.03 33.02 -29.00
C LYS D 84 41.20 31.94 -28.32
N ILE D 85 41.51 31.70 -27.05
CA ILE D 85 40.81 30.74 -26.22
C ILE D 85 40.20 31.48 -25.04
N TYR D 86 38.88 31.34 -24.89
CA TYR D 86 38.09 31.94 -23.83
C TYR D 86 37.54 30.84 -22.92
N ARG D 87 37.40 31.18 -21.63
CA ARG D 87 36.74 30.32 -20.67
C ARG D 87 35.35 30.89 -20.38
N VAL D 88 34.33 30.07 -20.59
CA VAL D 88 32.93 30.46 -20.44
C VAL D 88 32.34 29.73 -19.24
N TYR D 89 31.78 30.48 -18.31
CA TYR D 89 31.13 29.96 -17.12
C TYR D 89 29.63 29.81 -17.36
N PRO D 90 28.94 28.97 -16.57
CA PRO D 90 27.50 28.78 -16.79
C PRO D 90 26.68 30.05 -16.70
N ASN D 91 27.10 31.01 -15.87
CA ASN D 91 26.37 32.27 -15.74
C ASN D 91 26.63 33.24 -16.89
N GLY D 92 27.36 32.81 -17.93
CA GLY D 92 27.63 33.64 -19.07
C GLY D 92 28.90 34.47 -19.01
N GLU D 93 29.56 34.51 -17.86
CA GLU D 93 30.79 35.28 -17.74
C GLU D 93 31.90 34.64 -18.57
N THR D 94 32.57 35.44 -19.38
CA THR D 94 33.58 34.95 -20.32
C THR D 94 34.87 35.73 -20.12
N GLN D 95 35.99 35.01 -20.00
CA GLN D 95 37.31 35.61 -19.89
C GLN D 95 38.21 35.06 -20.99
N MET D 96 38.91 35.95 -21.68
CA MET D 96 39.87 35.55 -22.69
C MET D 96 41.16 35.13 -21.99
N ILE D 97 41.49 33.84 -22.06
CA ILE D 97 42.59 33.29 -21.29
C ILE D 97 43.82 32.98 -22.14
N HIS D 98 43.68 32.82 -23.46
CA HIS D 98 44.85 32.52 -24.28
C HIS D 98 44.82 33.31 -25.58
N PRO D 99 45.87 34.07 -25.91
CA PRO D 99 47.06 34.37 -25.09
C PRO D 99 46.72 35.37 -23.99
N ALA D 100 47.42 35.33 -22.86
CA ALA D 100 47.00 36.11 -21.69
C ALA D 100 47.05 37.60 -21.98
N ASP D 101 48.11 38.09 -22.62
CA ASP D 101 48.31 39.52 -22.84
C ASP D 101 48.44 39.87 -24.31
N GLY D 102 47.90 39.05 -25.21
CA GLY D 102 47.98 39.30 -26.62
C GLY D 102 49.28 38.89 -27.28
N VAL D 103 50.24 38.38 -26.52
CA VAL D 103 51.51 37.89 -27.03
C VAL D 103 51.65 36.43 -26.62
N PHE D 104 52.14 35.61 -27.53
CA PHE D 104 52.26 34.19 -27.25
C PHE D 104 53.22 33.97 -26.08
N PRO D 105 52.94 33.01 -25.20
CA PRO D 105 53.79 32.84 -24.01
C PRO D 105 55.24 32.49 -24.32
N GLU D 106 55.50 31.80 -25.42
CA GLU D 106 56.86 31.41 -25.75
C GLU D 106 57.72 32.60 -26.16
N LYS D 107 57.12 33.74 -26.44
CA LYS D 107 57.85 34.95 -26.81
C LYS D 107 57.89 35.88 -25.62
N VAL D 108 59.10 36.29 -25.22
CA VAL D 108 59.25 37.13 -24.03
C VAL D 108 58.60 38.49 -24.28
N ASN D 109 57.83 38.95 -23.30
CA ASN D 109 57.11 40.21 -23.39
C ASN D 109 57.37 41.05 -22.15
N GLN D 110 57.59 42.35 -22.35
CA GLN D 110 57.83 43.24 -21.23
C GLN D 110 56.58 43.40 -20.39
N GLY D 111 56.78 43.60 -19.09
CA GLY D 111 55.69 43.74 -18.15
C GLY D 111 55.23 42.46 -17.51
N ARG D 112 55.72 41.31 -17.96
CA ARG D 112 55.34 40.04 -17.35
C ARG D 112 56.16 39.81 -16.09
N PRO D 113 55.54 39.63 -14.93
CA PRO D 113 56.31 39.41 -13.71
C PRO D 113 56.77 37.97 -13.56
N LYS D 114 57.76 37.79 -12.70
CA LYS D 114 58.25 36.45 -12.36
C LYS D 114 57.32 35.83 -11.32
N VAL D 115 56.80 34.65 -11.63
CA VAL D 115 55.85 33.94 -10.77
C VAL D 115 56.47 32.61 -10.37
N ARG D 116 56.46 32.32 -9.06
CA ARG D 116 56.96 31.05 -8.51
C ARG D 116 58.42 30.83 -8.91
N TYR D 117 59.23 31.87 -8.74
CA TYR D 117 60.66 31.80 -9.01
C TYR D 117 61.41 31.57 -7.70
N VAL D 118 62.37 30.64 -7.74
CA VAL D 118 63.19 30.30 -6.59
C VAL D 118 64.61 30.81 -6.84
N ASP D 119 65.12 31.62 -5.91
CA ASP D 119 66.42 32.27 -6.09
C ASP D 119 67.56 31.38 -5.61
N ARG D 120 67.60 30.17 -6.17
CA ARG D 120 68.68 29.22 -5.88
C ARG D 120 68.57 28.08 -6.88
N ASN D 121 69.63 27.28 -6.93
CA ASN D 121 69.60 26.05 -7.69
C ASN D 121 68.79 25.00 -6.94
N ILE D 122 68.29 24.01 -7.70
CA ILE D 122 67.37 23.03 -7.13
C ILE D 122 68.04 22.17 -6.06
N GLY D 123 69.37 22.05 -6.09
CA GLY D 123 70.06 21.22 -5.11
C GLY D 123 70.21 21.84 -3.75
N SER D 124 69.83 23.10 -3.56
CA SER D 124 69.93 23.78 -2.29
C SER D 124 68.62 23.82 -1.53
N ASN D 125 67.61 23.07 -1.97
CA ASN D 125 66.37 22.99 -1.21
C ASN D 125 66.65 22.37 0.16
N PRO D 126 66.06 22.90 1.22
CA PRO D 126 66.30 22.34 2.56
C PRO D 126 65.66 20.96 2.69
N SER D 127 66.25 20.17 3.59
CA SER D 127 65.71 18.85 3.87
C SER D 127 64.37 18.97 4.59
N PRO D 128 63.45 18.01 4.39
CA PRO D 128 62.15 18.10 5.04
C PRO D 128 62.21 18.05 6.56
N ALA D 129 63.29 17.52 7.12
CA ALA D 129 63.41 17.48 8.58
C ALA D 129 63.51 18.89 9.16
N LYS D 130 64.03 19.84 8.37
CA LYS D 130 64.07 21.23 8.85
C LYS D 130 62.68 21.78 9.09
N LEU D 131 61.74 21.51 8.19
CA LEU D 131 60.44 22.16 8.15
C LEU D 131 59.34 21.31 8.78
N LYS D 132 59.67 20.39 9.68
CA LYS D 132 58.66 19.54 10.30
C LYS D 132 57.67 20.38 11.10
N PHE D 133 56.38 20.11 10.89
CA PHE D 133 55.27 20.77 11.57
C PHE D 133 55.17 22.25 11.26
N SER D 134 56.01 22.78 10.37
CA SER D 134 55.95 24.18 10.00
C SER D 134 55.01 24.46 8.83
N GLY D 135 54.60 23.42 8.10
CA GLY D 135 53.63 23.56 7.04
C GLY D 135 54.17 24.07 5.72
N VAL D 136 55.48 24.24 5.57
CA VAL D 136 56.07 24.74 4.34
C VAL D 136 56.87 23.62 3.69
N GLN D 137 56.74 23.49 2.38
CA GLN D 137 57.47 22.50 1.62
C GLN D 137 58.89 22.98 1.32
N PRO D 138 59.83 22.05 1.09
CA PRO D 138 61.21 22.46 0.81
C PRO D 138 61.34 23.39 -0.40
N TYR D 139 60.53 23.18 -1.44
CA TYR D 139 60.60 24.05 -2.61
C TYR D 139 60.00 25.42 -2.33
N ASP D 140 59.12 25.53 -1.34
CA ASP D 140 58.54 26.82 -0.96
C ASP D 140 59.34 27.52 0.14
N ALA D 141 60.41 26.90 0.61
CA ALA D 141 61.22 27.52 1.67
C ALA D 141 61.94 28.75 1.12
N PRO D 142 62.09 29.82 1.93
CA PRO D 142 62.78 31.04 1.50
C PRO D 142 64.28 30.84 1.39
N VAL E 2 88.80 29.44 -14.30
CA VAL E 2 88.93 28.53 -15.43
C VAL E 2 88.76 29.30 -16.74
N GLU E 3 89.15 28.67 -17.85
CA GLU E 3 89.05 29.29 -19.17
C GLU E 3 88.85 28.20 -20.20
N ARG E 4 88.72 28.61 -21.46
CA ARG E 4 88.48 27.67 -22.54
C ARG E 4 89.63 26.67 -22.66
N GLY E 5 89.29 25.40 -22.83
CA GLY E 5 90.26 24.34 -22.95
C GLY E 5 90.70 23.72 -21.64
N SER E 6 90.26 24.26 -20.51
CA SER E 6 90.64 23.72 -19.21
C SER E 6 89.79 22.51 -18.86
N LYS E 7 90.39 21.59 -18.10
CA LYS E 7 89.70 20.42 -17.59
C LYS E 7 89.27 20.67 -16.16
N VAL E 8 87.99 20.40 -15.87
CA VAL E 8 87.42 20.70 -14.56
C VAL E 8 86.72 19.47 -14.02
N ARG E 9 86.61 19.44 -12.69
CA ARG E 9 85.82 18.44 -11.98
C ARG E 9 84.60 19.15 -11.40
N ILE E 10 83.42 18.57 -11.60
CA ILE E 10 82.18 19.19 -11.21
C ILE E 10 81.95 18.98 -9.72
N LEU E 11 81.58 20.04 -9.02
CA LEU E 11 81.28 19.98 -7.60
C LEU E 11 79.79 20.20 -7.30
N ARG E 12 78.96 20.39 -8.31
CA ARG E 12 77.53 20.51 -8.10
C ARG E 12 76.96 19.15 -7.72
N ARG E 13 76.32 19.08 -6.55
CA ARG E 13 75.93 17.79 -5.99
C ARG E 13 74.83 17.12 -6.83
N GLU E 14 73.85 17.89 -7.28
CA GLU E 14 72.74 17.29 -8.02
C GLU E 14 73.08 17.04 -9.48
N SER E 15 74.25 17.48 -9.95
CA SER E 15 74.61 17.30 -11.34
C SER E 15 74.87 15.83 -11.65
N TYR E 16 74.52 15.42 -12.87
CA TYR E 16 74.82 14.07 -13.32
C TYR E 16 76.32 13.81 -13.35
N TRP E 17 77.11 14.86 -13.57
CA TRP E 17 78.56 14.73 -13.66
C TRP E 17 79.26 15.13 -12.38
N TYR E 18 78.60 14.97 -11.23
CA TYR E 18 79.22 15.26 -9.95
C TYR E 18 80.46 14.39 -9.76
N GLN E 19 81.57 15.03 -9.40
CA GLN E 19 82.87 14.37 -9.25
C GLN E 19 83.36 13.74 -10.55
N ASP E 20 82.81 14.16 -11.68
CA ASP E 20 83.26 13.72 -12.99
C ASP E 20 84.08 14.83 -13.64
N VAL E 21 84.61 14.53 -14.82
CA VAL E 21 85.56 15.40 -15.52
C VAL E 21 84.90 15.94 -16.78
N GLY E 22 84.99 17.26 -16.97
CA GLY E 22 84.50 17.90 -18.18
C GLY E 22 85.51 18.88 -18.72
N LEU E 23 85.22 19.38 -19.93
CA LEU E 23 86.09 20.30 -20.64
C LEU E 23 85.36 21.63 -20.82
N VAL E 24 86.03 22.72 -20.47
CA VAL E 24 85.44 24.05 -20.59
C VAL E 24 85.44 24.47 -22.06
N ALA E 25 84.26 24.80 -22.58
CA ALA E 25 84.15 25.23 -23.98
C ALA E 25 84.18 26.74 -24.12
N SER E 26 83.60 27.46 -23.16
CA SER E 26 83.58 28.92 -23.21
C SER E 26 83.23 29.46 -21.83
N VAL E 27 83.68 30.68 -21.57
CA VAL E 27 83.37 31.40 -20.33
C VAL E 27 82.70 32.71 -20.70
N ASP E 28 81.53 32.97 -20.13
CA ASP E 28 80.81 34.20 -20.41
C ASP E 28 81.31 35.32 -19.52
N LYS E 29 81.62 36.47 -20.13
CA LYS E 29 82.23 37.58 -19.42
C LYS E 29 81.21 38.51 -18.78
N SER E 30 79.92 38.28 -18.99
CA SER E 30 78.88 39.11 -18.39
C SER E 30 78.68 38.71 -16.93
N GLY E 31 77.67 39.28 -16.29
CA GLY E 31 77.40 38.99 -14.90
C GLY E 31 76.33 37.95 -14.69
N ILE E 32 76.24 36.98 -15.60
CA ILE E 32 75.22 35.94 -15.46
C ILE E 32 75.61 34.97 -14.35
N LYS E 33 74.60 34.27 -13.83
CA LYS E 33 74.80 33.45 -12.64
C LYS E 33 75.74 32.27 -12.92
N TYR E 34 75.61 31.63 -14.07
CA TYR E 34 76.38 30.44 -14.41
C TYR E 34 77.06 30.66 -15.76
N PRO E 35 78.22 31.33 -15.77
CA PRO E 35 78.83 31.73 -17.04
C PRO E 35 79.64 30.64 -17.73
N VAL E 36 80.15 29.65 -17.00
CA VAL E 36 81.04 28.65 -17.58
C VAL E 36 80.21 27.59 -18.29
N ILE E 37 80.62 27.22 -19.49
CA ILE E 37 79.99 26.15 -20.25
C ILE E 37 80.95 24.97 -20.29
N VAL E 38 80.47 23.80 -19.87
CA VAL E 38 81.29 22.60 -19.77
C VAL E 38 80.65 21.49 -20.59
N ARG E 39 81.46 20.83 -21.42
CA ARG E 39 81.04 19.69 -22.21
C ARG E 39 81.62 18.41 -21.61
N PHE E 40 80.91 17.30 -21.80
CA PHE E 40 81.28 16.03 -21.20
C PHE E 40 81.28 14.94 -22.25
N ASP E 41 82.13 13.93 -22.03
CA ASP E 41 82.20 12.80 -22.96
C ASP E 41 80.96 11.92 -22.85
N LYS E 42 80.47 11.71 -21.64
CA LYS E 42 79.32 10.86 -21.41
C LYS E 42 78.06 11.70 -21.25
N VAL E 43 76.97 11.24 -21.87
CA VAL E 43 75.70 11.97 -21.79
C VAL E 43 75.01 11.64 -20.48
N ASN E 44 74.11 12.53 -20.06
CA ASN E 44 73.30 12.30 -18.88
C ASN E 44 72.06 11.49 -19.27
N TYR E 45 71.09 11.39 -18.36
CA TYR E 45 69.91 10.59 -18.63
C TYR E 45 69.00 11.21 -19.67
N ALA E 46 69.14 12.50 -19.94
CA ALA E 46 68.36 13.18 -20.96
C ALA E 46 69.07 13.21 -22.31
N GLY E 47 70.26 12.62 -22.41
CA GLY E 47 71.02 12.67 -23.65
C GLY E 47 71.81 13.93 -23.88
N VAL E 48 71.86 14.81 -22.89
CA VAL E 48 72.58 16.08 -23.00
C VAL E 48 74.00 15.88 -22.48
N ASN E 49 74.98 16.47 -23.18
CA ASN E 49 76.38 16.36 -22.79
C ASN E 49 77.03 17.72 -22.58
N THR E 50 76.25 18.75 -22.26
CA THR E 50 76.78 20.08 -21.98
C THR E 50 75.94 20.73 -20.90
N ASN E 51 76.56 21.63 -20.15
CA ASN E 51 75.86 22.28 -19.05
C ASN E 51 76.55 23.60 -18.71
N ASN E 52 75.87 24.40 -17.89
CA ASN E 52 76.37 25.68 -17.41
C ASN E 52 76.63 25.59 -15.91
N PHE E 53 77.80 26.06 -15.50
CA PHE E 53 78.22 26.06 -14.11
C PHE E 53 78.84 27.40 -13.76
N ALA E 54 78.81 27.71 -12.46
CA ALA E 54 79.56 28.83 -11.92
C ALA E 54 80.98 28.39 -11.57
N ASP E 55 81.83 29.39 -11.29
CA ASP E 55 83.24 29.09 -11.03
C ASP E 55 83.41 28.28 -9.74
N PHE E 56 82.64 28.61 -8.71
CA PHE E 56 82.79 27.91 -7.43
C PHE E 56 82.31 26.47 -7.48
N GLU E 57 81.62 26.06 -8.55
CA GLU E 57 81.17 24.68 -8.72
C GLU E 57 82.14 23.85 -9.52
N LEU E 58 83.33 24.37 -9.85
CA LEU E 58 84.31 23.67 -10.64
C LEU E 58 85.64 23.63 -9.92
N LEU E 59 86.38 22.54 -10.11
CA LEU E 59 87.74 22.41 -9.61
C LEU E 59 88.67 22.15 -10.79
N GLU E 60 89.57 23.08 -11.07
CA GLU E 60 90.48 22.92 -12.19
C GLU E 60 91.46 21.79 -11.90
N ILE E 61 91.59 20.86 -12.85
CA ILE E 61 92.50 19.73 -12.70
C ILE E 61 93.57 19.69 -13.78
N GLU E 62 93.44 20.47 -14.85
CA GLU E 62 94.44 20.48 -15.91
C GLU E 62 94.34 21.80 -16.66
N LYS E 63 95.47 22.46 -16.85
CA LYS E 63 95.49 23.72 -17.58
C LYS E 63 95.28 23.46 -19.07
N PRO E 64 94.78 24.45 -19.80
CA PRO E 64 94.62 24.30 -21.25
C PRO E 64 95.95 24.08 -21.93
N LYS E 65 95.91 23.33 -23.04
CA LYS E 65 97.12 23.00 -23.77
C LYS E 65 97.77 24.27 -24.33
N ALA E 66 99.10 24.34 -24.22
CA ALA E 66 99.87 25.48 -24.68
C ALA E 66 99.37 26.80 -24.07
N ALA F 25 85.32 -38.16 12.99
CA ALA F 25 85.26 -38.44 11.56
C ALA F 25 83.83 -38.71 11.13
N ASN F 26 83.48 -38.26 9.92
CA ASN F 26 82.15 -38.49 9.39
C ASN F 26 81.95 -39.96 9.09
N SER F 27 80.89 -40.55 9.65
CA SER F 27 80.61 -41.96 9.48
C SER F 27 79.44 -42.26 8.56
N THR F 28 78.54 -41.30 8.35
CA THR F 28 77.39 -41.53 7.48
C THR F 28 77.78 -41.62 6.01
N LEU F 29 78.99 -41.20 5.65
CA LEU F 29 79.48 -41.28 4.28
C LEU F 29 80.56 -42.35 4.18
N VAL F 30 80.39 -43.27 3.24
CA VAL F 30 81.33 -44.37 3.04
C VAL F 30 81.71 -44.38 1.56
N PRO F 31 82.85 -44.97 1.22
CA PRO F 31 83.23 -45.06 -0.21
C PRO F 31 82.15 -45.75 -1.02
N CYS F 32 81.92 -45.24 -2.23
CA CYS F 32 80.80 -45.69 -3.04
C CYS F 32 80.92 -47.17 -3.40
N SER F 33 82.15 -47.67 -3.57
CA SER F 33 82.33 -49.08 -3.90
C SER F 33 81.84 -50.00 -2.79
N LYS F 34 81.74 -49.51 -1.56
CA LYS F 34 81.26 -50.30 -0.44
C LYS F 34 79.81 -49.98 -0.06
N SER F 35 79.10 -49.21 -0.88
CA SER F 35 77.71 -48.86 -0.59
C SER F 35 76.80 -49.80 -1.34
N PRO F 36 75.97 -50.59 -0.65
CA PRO F 36 75.06 -51.52 -1.37
C PRO F 36 74.10 -50.81 -2.31
N ALA F 37 73.59 -49.63 -1.91
CA ALA F 37 72.68 -48.91 -2.80
C ALA F 37 73.40 -48.43 -4.05
N PHE F 38 74.64 -47.96 -3.91
CA PHE F 38 75.40 -47.56 -5.08
C PHE F 38 75.69 -48.75 -5.99
N GLN F 39 75.97 -49.91 -5.40
CA GLN F 39 76.16 -51.12 -6.21
C GLN F 39 74.89 -51.48 -6.97
N ALA F 40 73.73 -51.38 -6.31
CA ALA F 40 72.47 -51.65 -6.99
C ALA F 40 72.25 -50.67 -8.14
N ARG F 41 72.58 -49.40 -7.91
CA ARG F 41 72.48 -48.41 -8.99
C ARG F 41 73.41 -48.76 -10.15
N MET F 42 74.62 -49.23 -9.84
CA MET F 42 75.57 -49.60 -10.88
C MET F 42 75.06 -50.77 -11.71
N LYS F 43 74.54 -51.81 -11.05
CA LYS F 43 74.02 -52.96 -11.79
C LYS F 43 72.79 -52.59 -12.62
N ASN F 44 71.88 -51.79 -12.06
CA ASN F 44 70.63 -51.50 -12.76
C ASN F 44 70.78 -50.53 -13.92
N ALA F 45 71.98 -50.03 -14.18
CA ALA F 45 72.24 -48.98 -15.15
C ALA F 45 72.14 -49.47 -16.59
N PRO F 46 71.85 -48.57 -17.52
CA PRO F 46 72.04 -48.89 -18.95
C PRO F 46 73.52 -49.06 -19.26
N ASP F 47 73.79 -49.87 -20.29
CA ASP F 47 75.17 -50.13 -20.71
C ASP F 47 75.48 -49.25 -21.92
N THR F 48 75.81 -48.00 -21.65
CA THR F 48 76.15 -47.03 -22.67
C THR F 48 77.45 -46.33 -22.29
N TYR F 49 77.89 -45.43 -23.18
CA TYR F 49 79.08 -44.61 -22.93
C TYR F 49 78.95 -43.82 -21.65
N TYR F 50 77.73 -43.44 -21.28
CA TYR F 50 77.48 -42.46 -20.21
C TYR F 50 77.53 -43.05 -18.81
N PHE F 51 77.59 -44.37 -18.67
CA PHE F 51 77.40 -44.97 -17.36
C PHE F 51 78.56 -45.84 -16.88
N ASN F 52 79.19 -46.62 -17.77
CA ASN F 52 80.19 -47.60 -17.34
C ASN F 52 81.40 -46.97 -16.68
N LYS F 53 82.21 -46.26 -17.47
CA LYS F 53 83.39 -45.59 -16.91
C LYS F 53 83.03 -44.55 -15.85
N PRO F 54 81.99 -43.74 -16.00
CA PRO F 54 81.61 -42.86 -14.88
C PRO F 54 81.36 -43.61 -13.58
N PHE F 55 80.67 -44.75 -13.64
CA PHE F 55 80.45 -45.53 -12.42
C PHE F 55 81.73 -46.12 -11.88
N LYS F 56 82.63 -46.56 -12.76
CA LYS F 56 83.92 -47.05 -12.27
C LYS F 56 84.65 -45.95 -11.53
N ALA F 57 84.65 -44.74 -12.09
CA ALA F 57 85.31 -43.61 -11.42
C ALA F 57 84.62 -43.27 -10.10
N TYR F 58 83.28 -43.25 -10.09
CA TYR F 58 82.57 -42.90 -8.87
C TYR F 58 82.80 -43.95 -7.77
N ALA F 59 82.81 -45.23 -8.14
CA ALA F 59 83.08 -46.26 -7.15
C ALA F 59 84.49 -46.15 -6.60
N LYS F 60 85.47 -45.84 -7.47
CA LYS F 60 86.85 -45.78 -7.01
C LYS F 60 87.11 -44.54 -6.15
N TYR F 61 86.52 -43.40 -6.52
CA TYR F 61 86.96 -42.12 -5.96
C TYR F 61 85.92 -41.39 -5.13
N GLU F 62 84.64 -41.69 -5.26
CA GLU F 62 83.61 -40.89 -4.62
C GLU F 62 83.18 -41.50 -3.29
N LEU F 63 82.58 -40.66 -2.45
CA LEU F 63 81.95 -41.07 -1.20
C LEU F 63 80.43 -41.00 -1.38
N CYS F 64 79.74 -42.04 -0.95
CA CYS F 64 78.31 -42.17 -1.16
C CYS F 64 77.55 -42.15 0.16
N GLY F 65 76.36 -41.55 0.13
CA GLY F 65 75.48 -41.54 1.27
C GLY F 65 74.62 -42.80 1.34
N THR F 66 73.65 -42.77 2.26
CA THR F 66 72.75 -43.91 2.42
C THR F 66 71.86 -44.12 1.20
N ASP F 67 71.64 -43.08 0.40
CA ASP F 67 70.82 -43.20 -0.81
C ASP F 67 71.58 -43.84 -1.97
N GLY F 68 72.88 -44.07 -1.82
CA GLY F 68 73.67 -44.63 -2.89
C GLY F 68 74.17 -43.66 -3.92
N LEU F 69 73.96 -42.37 -3.71
CA LEU F 69 74.44 -41.35 -4.63
C LEU F 69 75.70 -40.68 -4.09
N PRO F 70 76.63 -40.30 -4.97
CA PRO F 70 77.84 -39.62 -4.50
C PRO F 70 77.51 -38.30 -3.81
N HIS F 71 78.22 -38.02 -2.73
CA HIS F 71 78.09 -36.79 -1.96
C HIS F 71 79.45 -36.13 -1.87
N LEU F 72 79.45 -34.80 -1.80
CA LEU F 72 80.68 -34.02 -1.79
C LEU F 72 80.86 -33.35 -0.43
N PRO F 73 81.64 -33.94 0.47
CA PRO F 73 81.86 -33.32 1.77
C PRO F 73 83.10 -32.42 1.79
N LEU F 74 83.01 -31.37 2.60
CA LEU F 74 84.10 -30.43 2.81
C LEU F 74 84.66 -30.52 4.21
N ASP F 75 84.74 -31.75 4.75
CA ASP F 75 85.16 -31.97 6.14
C ASP F 75 86.35 -32.93 6.23
N ARG F 76 87.05 -33.17 5.13
CA ARG F 76 88.15 -34.12 5.09
C ARG F 76 89.45 -33.36 4.82
N LEU F 77 90.44 -33.55 5.70
CA LEU F 77 91.78 -33.02 5.40
C LEU F 77 92.34 -33.66 4.15
N ASP F 78 92.18 -34.97 4.00
CA ASP F 78 92.53 -35.66 2.78
C ASP F 78 91.61 -35.21 1.65
N ARG F 79 91.94 -35.64 0.43
CA ARG F 79 91.28 -35.25 -0.81
C ARG F 79 91.02 -33.74 -0.85
N ALA F 80 91.92 -32.96 -0.24
CA ALA F 80 91.80 -31.51 -0.30
C ALA F 80 92.14 -30.98 -1.68
N THR F 81 92.99 -31.71 -2.42
CA THR F 81 93.26 -31.34 -3.81
C THR F 81 91.99 -31.47 -4.66
N ASP F 82 91.11 -32.43 -4.32
CA ASP F 82 89.86 -32.57 -5.03
C ASP F 82 88.98 -31.33 -4.89
N VAL F 83 89.17 -30.55 -3.82
CA VAL F 83 88.43 -29.31 -3.64
C VAL F 83 89.18 -28.13 -4.23
N LEU F 84 90.49 -28.06 -4.01
CA LEU F 84 91.26 -26.89 -4.41
C LEU F 84 91.51 -26.83 -5.91
N VAL F 85 91.63 -27.98 -6.58
CA VAL F 85 91.91 -27.99 -8.01
C VAL F 85 90.79 -27.36 -8.83
N PRO F 86 89.53 -27.77 -8.70
CA PRO F 86 88.48 -27.10 -9.49
C PRO F 86 88.27 -25.66 -9.08
N ILE F 87 88.36 -25.35 -7.79
CA ILE F 87 88.19 -23.97 -7.33
C ILE F 87 89.28 -23.09 -7.91
N GLY F 88 90.54 -23.55 -7.84
CA GLY F 88 91.63 -22.78 -8.40
C GLY F 88 91.54 -22.63 -9.90
N LEU F 89 91.14 -23.69 -10.60
CA LEU F 89 91.01 -23.62 -12.04
C LEU F 89 89.95 -22.60 -12.44
N PHE F 90 88.77 -22.66 -11.79
CA PHE F 90 87.73 -21.69 -12.13
C PHE F 90 88.16 -20.28 -11.78
N LEU F 91 88.81 -20.10 -10.62
CA LEU F 91 89.24 -18.76 -10.25
C LEU F 91 90.24 -18.20 -11.26
N TYR F 92 91.16 -19.04 -11.73
CA TYR F 92 92.10 -18.62 -12.75
C TYR F 92 91.39 -18.23 -14.04
N VAL F 93 90.44 -19.04 -14.49
CA VAL F 93 89.77 -18.74 -15.75
C VAL F 93 88.94 -17.46 -15.63
N ALA F 94 88.20 -17.31 -14.53
CA ALA F 94 87.38 -16.12 -14.34
C ALA F 94 88.24 -14.87 -14.22
N GLY F 95 89.34 -14.95 -13.47
CA GLY F 95 90.25 -13.83 -13.40
C GLY F 95 90.87 -13.49 -14.73
N PHE F 96 91.17 -14.51 -15.54
CA PHE F 96 91.69 -14.26 -16.89
C PHE F 96 90.68 -13.48 -17.72
N ILE F 97 89.42 -13.92 -17.71
CA ILE F 97 88.39 -13.22 -18.49
C ILE F 97 88.23 -11.79 -17.99
N GLY F 98 88.14 -11.62 -16.67
CA GLY F 98 87.94 -10.30 -16.11
C GLY F 98 89.10 -9.36 -16.39
N TRP F 99 90.33 -9.87 -16.27
CA TRP F 99 91.50 -9.03 -16.52
C TRP F 99 91.61 -8.68 -18.00
N SER F 100 91.30 -9.62 -18.89
CA SER F 100 91.27 -9.29 -20.32
C SER F 100 90.28 -8.17 -20.59
N GLY F 101 89.06 -8.29 -20.05
CA GLY F 101 88.07 -7.25 -20.27
C GLY F 101 88.50 -5.91 -19.69
N ARG F 102 89.05 -5.92 -18.48
CA ARG F 102 89.46 -4.68 -17.84
C ARG F 102 90.60 -4.01 -18.60
N SER F 103 91.59 -4.78 -19.02
CA SER F 103 92.71 -4.21 -19.75
C SER F 103 92.25 -3.66 -21.10
N TYR F 104 91.36 -4.38 -21.79
CA TYR F 104 90.84 -3.86 -23.05
C TYR F 104 90.07 -2.56 -22.84
N LEU F 105 89.22 -2.51 -21.81
CA LEU F 105 88.46 -1.30 -21.55
C LEU F 105 89.37 -0.12 -21.21
N ARG F 106 90.40 -0.37 -20.39
CA ARG F 106 91.32 0.70 -20.04
C ARG F 106 92.14 1.15 -21.25
N ALA F 107 92.46 0.23 -22.16
CA ALA F 107 93.19 0.60 -23.37
C ALA F 107 92.31 1.42 -24.32
N THR F 108 91.01 1.15 -24.36
CA THR F 108 90.14 1.89 -25.26
C THR F 108 89.77 3.27 -24.73
N LYS F 109 90.07 3.58 -23.47
CA LYS F 109 89.71 4.89 -22.93
C LYS F 109 90.50 6.02 -23.59
N SER F 110 91.76 5.77 -23.93
CA SER F 110 92.59 6.81 -24.55
C SER F 110 92.16 7.13 -25.97
N ALA F 111 91.28 6.33 -26.57
CA ALA F 111 90.83 6.57 -27.92
C ALA F 111 89.82 7.71 -27.97
N SER F 112 89.59 8.23 -29.17
CA SER F 112 88.61 9.30 -29.36
C SER F 112 87.18 8.77 -29.33
N ASP F 113 86.96 7.53 -29.78
CA ASP F 113 85.62 6.95 -29.91
C ASP F 113 85.58 5.57 -29.26
N PRO F 114 85.68 5.50 -27.93
CA PRO F 114 85.69 4.19 -27.26
C PRO F 114 84.43 3.36 -27.48
N GLU F 115 83.27 3.99 -27.63
CA GLU F 115 82.05 3.23 -27.84
C GLU F 115 82.11 2.46 -29.15
N MET F 116 82.70 3.06 -30.18
CA MET F 116 82.88 2.34 -31.44
C MET F 116 83.82 1.16 -31.28
N LYS F 117 84.80 1.26 -30.37
CA LYS F 117 85.64 0.10 -30.08
C LYS F 117 84.98 -0.90 -29.15
N GLU F 118 83.87 -0.54 -28.52
CA GLU F 118 83.11 -1.51 -27.75
C GLU F 118 82.03 -2.20 -28.56
N ILE F 119 81.59 -1.60 -29.67
CA ILE F 119 80.73 -2.33 -30.60
C ILE F 119 81.53 -2.94 -31.75
N PHE F 120 82.77 -2.51 -31.96
CA PHE F 120 83.68 -3.10 -32.93
C PHE F 120 84.94 -3.53 -32.20
N ILE F 121 85.16 -4.83 -32.09
CA ILE F 121 86.29 -5.34 -31.33
C ILE F 121 87.58 -5.02 -32.09
N ASP F 122 88.52 -4.39 -31.40
CA ASP F 122 89.83 -4.06 -31.94
C ASP F 122 90.71 -5.28 -31.73
N LEU F 123 90.95 -6.04 -32.80
CA LEU F 123 91.60 -7.34 -32.66
C LEU F 123 93.01 -7.26 -32.09
N PRO F 124 93.92 -6.41 -32.57
CA PRO F 124 95.24 -6.35 -31.93
C PRO F 124 95.17 -5.99 -30.45
N LEU F 125 94.28 -5.06 -30.09
CA LEU F 125 94.14 -4.69 -28.69
C LEU F 125 93.62 -5.84 -27.85
N ALA F 126 92.62 -6.57 -28.37
CA ALA F 126 92.08 -7.70 -27.64
C ALA F 126 93.12 -8.81 -27.48
N LEU F 127 93.89 -9.07 -28.53
CA LEU F 127 94.94 -10.08 -28.44
C LEU F 127 96.00 -9.69 -27.42
N GLN F 128 96.40 -8.43 -27.43
CA GLN F 128 97.37 -7.95 -26.43
C GLN F 128 96.81 -8.08 -25.03
N SER F 129 95.55 -7.71 -24.84
CA SER F 129 94.93 -7.82 -23.52
C SER F 129 94.87 -9.26 -23.04
N ILE F 130 94.51 -10.19 -23.93
CA ILE F 130 94.47 -11.60 -23.57
C ILE F 130 95.87 -12.12 -23.21
N SER F 131 96.86 -11.76 -24.02
CA SER F 131 98.22 -12.21 -23.77
C SER F 131 98.73 -11.70 -22.42
N LYS F 132 98.44 -10.44 -22.09
CA LYS F 132 98.85 -9.92 -20.80
C LYS F 132 98.07 -10.57 -19.66
N ALA F 133 96.76 -10.78 -19.84
CA ALA F 133 95.94 -11.37 -18.80
C ALA F 133 96.24 -12.85 -18.58
N VAL F 134 97.01 -13.47 -19.47
CA VAL F 134 97.50 -14.83 -19.20
C VAL F 134 98.16 -14.90 -17.83
N LEU F 135 98.83 -13.84 -17.40
CA LEU F 135 99.48 -13.76 -16.09
C LEU F 135 98.73 -12.81 -15.16
N TRP F 136 97.40 -12.90 -15.18
CA TRP F 136 96.58 -11.91 -14.46
C TRP F 136 96.85 -11.81 -12.96
N PRO F 137 97.09 -12.89 -12.20
CA PRO F 137 97.26 -12.70 -10.74
C PRO F 137 98.43 -11.81 -10.38
N LEU F 138 99.59 -12.00 -11.03
CA LEU F 138 100.75 -11.17 -10.75
C LEU F 138 100.50 -9.72 -11.13
N LEU F 139 99.87 -9.49 -12.29
CA LEU F 139 99.56 -8.12 -12.70
C LEU F 139 98.60 -7.46 -11.73
N ALA F 140 97.60 -8.19 -11.26
CA ALA F 140 96.65 -7.64 -10.30
C ALA F 140 97.34 -7.29 -8.99
N LEU F 141 98.24 -8.17 -8.52
CA LEU F 141 98.98 -7.87 -7.30
C LEU F 141 99.85 -6.62 -7.48
N GLN F 142 100.52 -6.51 -8.62
CA GLN F 142 101.35 -5.33 -8.88
C GLN F 142 100.52 -4.07 -8.93
N GLU F 143 99.36 -4.12 -9.59
CA GLU F 143 98.49 -2.94 -9.67
C GLU F 143 97.97 -2.56 -8.30
N PHE F 144 97.61 -3.54 -7.47
CA PHE F 144 97.15 -3.24 -6.11
C PHE F 144 98.27 -2.62 -5.28
N LEU F 145 99.50 -3.11 -5.44
CA LEU F 145 100.62 -2.56 -4.68
C LEU F 145 100.92 -1.12 -5.09
N SER F 146 100.83 -0.81 -6.38
CA SER F 146 101.14 0.52 -6.88
C SER F 146 99.96 1.48 -6.85
N GLY F 147 98.80 1.04 -6.38
CA GLY F 147 97.63 1.89 -6.34
C GLY F 147 96.94 2.11 -7.66
N ASP F 148 97.35 1.39 -8.71
CA ASP F 148 96.74 1.52 -10.03
C ASP F 148 95.44 0.72 -10.16
N LEU F 149 95.18 -0.20 -9.24
CA LEU F 149 94.01 -1.07 -9.36
C LEU F 149 92.71 -0.28 -9.22
N THR F 150 92.63 0.61 -8.24
CA THR F 150 91.39 1.30 -7.93
C THR F 150 91.55 2.80 -8.11
N ALA F 151 90.45 3.46 -8.47
CA ALA F 151 90.37 4.91 -8.52
C ALA F 151 89.94 5.44 -7.16
N ARG F 152 90.40 6.64 -6.84
CA ARG F 152 90.07 7.24 -5.55
C ARG F 152 88.60 7.61 -5.50
N ASP F 153 88.08 7.73 -4.28
CA ASP F 153 86.63 7.90 -4.09
C ASP F 153 86.14 9.25 -4.63
N GLU F 154 87.00 10.26 -4.66
CA GLU F 154 86.57 11.60 -5.05
C GLU F 154 86.59 11.84 -6.55
N GLU F 155 87.11 10.90 -7.35
CA GLU F 155 87.05 10.99 -8.80
C GLU F 155 86.03 10.04 -9.42
N ILE F 156 85.06 9.58 -8.63
CA ILE F 156 84.04 8.65 -9.09
C ILE F 156 82.68 9.34 -8.98
N PRO F 157 81.88 9.37 -10.04
CA PRO F 157 80.56 9.99 -9.95
C PRO F 157 79.69 9.33 -8.89
N ILE F 158 79.02 10.16 -8.08
CA ILE F 158 78.15 9.68 -7.01
C ILE F 158 76.90 10.55 -6.98
N SER F 159 75.84 9.97 -6.42
CA SER F 159 74.58 10.67 -6.25
C SER F 159 74.60 11.53 -4.99
N PRO F 160 73.77 12.56 -4.92
CA PRO F 160 73.68 13.35 -3.69
C PRO F 160 73.17 12.52 -2.52
N ARG F 161 73.63 12.87 -1.33
CA ARG F 161 73.29 12.11 -0.13
C ARG F 161 71.93 12.54 0.42
N ASP G 3 19.47 -34.85 13.60
CA ASP G 3 19.59 -35.12 12.17
C ASP G 3 20.56 -34.15 11.52
N MET G 4 21.09 -34.51 10.35
CA MET G 4 22.07 -33.71 9.64
C MET G 4 21.52 -33.15 8.33
N THR G 5 20.21 -32.91 8.27
CA THR G 5 19.58 -32.28 7.12
C THR G 5 19.39 -30.79 7.29
N GLN G 6 19.69 -30.24 8.48
CA GLN G 6 19.51 -28.83 8.76
C GLN G 6 20.63 -28.36 9.68
N LEU G 7 20.84 -27.05 9.70
CA LEU G 7 21.74 -26.45 10.68
C LEU G 7 21.09 -26.51 12.06
N THR G 8 21.84 -27.02 13.03
CA THR G 8 21.38 -27.09 14.41
C THR G 8 22.52 -26.66 15.32
N GLY G 9 22.24 -26.60 16.61
CA GLY G 9 23.27 -26.31 17.59
C GLY G 9 23.02 -26.99 18.92
N SER G 10 23.97 -27.80 19.37
CA SER G 10 23.88 -28.39 20.70
C SER G 10 24.35 -27.45 21.79
N TYR G 11 24.99 -26.34 21.42
CA TYR G 11 25.42 -25.35 22.39
C TYR G 11 24.23 -24.55 22.90
N ALA G 12 24.46 -23.81 23.99
CA ALA G 12 23.40 -23.03 24.60
C ALA G 12 22.93 -21.91 23.67
N ALA G 13 21.62 -21.70 23.63
CA ALA G 13 20.99 -20.64 22.83
C ALA G 13 21.39 -20.75 21.37
N SER G 14 21.06 -21.90 20.77
CA SER G 14 21.40 -22.16 19.37
C SER G 14 20.59 -21.30 18.40
N TRP G 15 19.55 -20.62 18.86
CA TRP G 15 18.85 -19.66 18.02
C TRP G 15 19.67 -18.40 17.79
N LEU G 16 20.70 -18.18 18.61
CA LEU G 16 21.50 -16.98 18.46
C LEU G 16 22.21 -16.90 17.11
N PRO G 17 22.91 -17.92 16.62
CA PRO G 17 23.41 -17.84 15.24
C PRO G 17 22.29 -17.69 14.23
N TRP G 18 21.17 -18.38 14.47
CA TRP G 18 20.01 -18.32 13.58
C TRP G 18 19.55 -16.89 13.35
N ILE G 19 19.66 -16.05 14.36
CA ILE G 19 19.25 -14.65 14.17
C ILE G 19 20.43 -13.75 13.81
N MET G 20 21.62 -14.00 14.36
CA MET G 20 22.73 -13.06 14.20
C MET G 20 23.39 -13.16 12.83
N ILE G 21 23.48 -14.34 12.22
CA ILE G 21 24.10 -14.44 10.90
C ILE G 21 23.35 -13.60 9.88
N PRO G 22 22.01 -13.70 9.74
CA PRO G 22 21.31 -12.76 8.85
C PRO G 22 21.52 -11.31 9.23
N LEU G 23 21.44 -10.99 10.53
CA LEU G 23 21.52 -9.61 10.97
C LEU G 23 22.86 -8.98 10.59
N ILE G 24 23.95 -9.70 10.84
CA ILE G 24 25.27 -9.13 10.61
C ILE G 24 25.65 -9.19 9.13
N PHE G 25 25.17 -10.19 8.39
CA PHE G 25 25.70 -10.41 7.06
C PHE G 25 24.80 -9.94 5.91
N TYR G 26 23.48 -9.92 6.07
CA TYR G 26 22.69 -9.37 4.96
C TYR G 26 21.48 -8.55 5.39
N ILE G 27 21.40 -8.12 6.65
CA ILE G 27 20.33 -7.25 7.12
C ILE G 27 20.86 -5.86 7.47
N LEU G 28 21.74 -5.77 8.45
CA LEU G 28 22.38 -4.53 8.90
C LEU G 28 23.44 -3.96 7.96
N PRO G 29 24.20 -4.78 7.21
CA PRO G 29 25.29 -4.19 6.40
C PRO G 29 24.84 -3.12 5.42
N PHE G 30 23.67 -3.25 4.80
CA PHE G 30 23.25 -2.21 3.87
C PHE G 30 22.92 -0.90 4.59
N PRO G 31 22.20 -0.92 5.72
CA PRO G 31 22.07 0.32 6.51
C PRO G 31 23.41 0.88 6.97
N VAL G 32 24.38 0.02 7.32
CA VAL G 32 25.68 0.52 7.73
C VAL G 32 26.39 1.20 6.55
N PHE G 33 26.30 0.60 5.37
CA PHE G 33 26.86 1.22 4.17
C PHE G 33 26.19 2.54 3.88
N ALA G 34 24.87 2.62 4.08
CA ALA G 34 24.16 3.87 3.87
C ALA G 34 24.63 4.94 4.84
N LEU G 35 24.82 4.57 6.11
CA LEU G 35 25.33 5.52 7.10
C LEU G 35 26.71 6.02 6.72
N ILE G 36 27.59 5.10 6.30
CA ILE G 36 28.94 5.51 5.90
C ILE G 36 28.89 6.41 4.67
N PHE G 37 28.03 6.09 3.72
CA PHE G 37 27.89 6.90 2.51
C PHE G 37 27.40 8.31 2.86
N ILE G 38 26.45 8.42 3.78
CA ILE G 38 26.00 9.73 4.23
C ILE G 38 27.15 10.47 4.91
N TRP G 39 27.93 9.76 5.73
CA TRP G 39 29.04 10.39 6.44
C TRP G 39 30.09 10.93 5.49
N ILE G 40 30.45 10.17 4.45
CA ILE G 40 31.54 10.56 3.57
C ILE G 40 31.11 11.50 2.45
N GLU G 41 29.82 11.74 2.27
CA GLU G 41 29.33 12.63 1.23
C GLU G 41 28.80 13.95 1.77
N LYS G 42 28.93 14.21 3.07
CA LYS G 42 28.37 15.40 3.66
C LYS G 42 29.14 16.64 3.22
N GLU G 43 28.42 17.67 2.78
CA GLU G 43 29.05 18.93 2.41
C GLU G 43 29.61 19.64 3.63
N ALA G 44 30.72 20.34 3.43
CA ALA G 44 31.35 21.10 4.49
C ALA G 44 30.53 22.34 4.84
N MET H 1 85.94 -5.87 -49.55
CA MET H 1 86.27 -6.98 -48.66
C MET H 1 86.69 -6.48 -47.28
N GLN H 2 87.31 -5.29 -47.25
CA GLN H 2 87.67 -4.70 -45.96
C GLN H 2 86.43 -4.38 -45.13
N HIS H 3 85.33 -4.00 -45.80
CA HIS H 3 84.08 -3.78 -45.09
C HIS H 3 83.56 -5.08 -44.47
N VAL H 4 83.71 -6.19 -45.19
CA VAL H 4 83.31 -7.49 -44.64
C VAL H 4 84.15 -7.83 -43.42
N PHE H 5 85.45 -7.58 -43.50
CA PHE H 5 86.32 -7.85 -42.35
C PHE H 5 85.94 -6.99 -41.15
N LYS H 6 85.63 -5.71 -41.40
CA LYS H 6 85.18 -4.84 -40.32
C LYS H 6 83.84 -5.33 -39.74
N TYR H 7 82.96 -5.82 -40.59
CA TYR H 7 81.69 -6.38 -40.12
C TYR H 7 81.92 -7.59 -39.24
N LEU H 8 82.91 -8.42 -39.59
CA LEU H 8 83.20 -9.61 -38.81
C LEU H 8 83.68 -9.31 -37.40
N THR H 9 84.09 -8.06 -37.13
CA THR H 9 84.56 -7.67 -35.79
C THR H 9 83.45 -7.08 -34.93
N LEU H 10 82.22 -7.08 -35.42
CA LEU H 10 81.10 -6.57 -34.64
C LEU H 10 80.92 -7.36 -33.35
N ALA H 11 80.46 -6.68 -32.31
CA ALA H 11 80.21 -7.33 -31.02
C ALA H 11 79.30 -8.54 -31.12
N PRO H 12 78.15 -8.51 -31.83
CA PRO H 12 77.35 -9.74 -31.94
C PRO H 12 78.07 -10.87 -32.66
N VAL H 13 78.78 -10.56 -33.75
CA VAL H 13 79.46 -11.61 -34.50
C VAL H 13 80.58 -12.23 -33.67
N MET H 14 81.38 -11.39 -33.01
CA MET H 14 82.45 -11.91 -32.17
C MET H 14 81.90 -12.69 -30.99
N ALA H 15 80.80 -12.21 -30.40
CA ALA H 15 80.18 -12.95 -29.30
C ALA H 15 79.68 -14.31 -29.75
N THR H 16 79.04 -14.37 -30.93
CA THR H 16 78.58 -15.64 -31.45
C THR H 16 79.74 -16.58 -31.73
N PHE H 17 80.82 -16.06 -32.32
CA PHE H 17 81.99 -16.91 -32.58
C PHE H 17 82.58 -17.45 -31.28
N THR H 18 82.71 -16.59 -30.27
CA THR H 18 83.29 -17.02 -28.99
C THR H 18 82.41 -18.06 -28.32
N MET H 19 81.09 -17.82 -28.30
CA MET H 19 80.17 -18.78 -27.69
C MET H 19 80.19 -20.11 -28.44
N VAL H 20 80.25 -20.07 -29.77
CA VAL H 20 80.30 -21.30 -30.56
C VAL H 20 81.58 -22.07 -30.26
N ALA H 21 82.71 -21.37 -30.19
CA ALA H 21 83.98 -22.05 -29.91
C ALA H 21 83.98 -22.66 -28.52
N LEU H 22 83.49 -21.91 -27.52
CA LEU H 22 83.44 -22.45 -26.15
C LEU H 22 82.48 -23.62 -26.06
N SER H 23 81.33 -23.54 -26.73
CA SER H 23 80.39 -24.64 -26.74
C SER H 23 80.98 -25.88 -27.40
N VAL H 24 81.72 -25.69 -28.50
CA VAL H 24 82.38 -26.80 -29.15
C VAL H 24 83.41 -27.44 -28.23
N VAL H 25 84.18 -26.62 -27.53
CA VAL H 25 85.19 -27.15 -26.61
C VAL H 25 84.52 -27.97 -25.51
N LEU H 26 83.46 -27.41 -24.91
CA LEU H 26 82.77 -28.12 -23.83
C LEU H 26 82.11 -29.40 -24.34
N ILE H 27 81.53 -29.36 -25.54
CA ILE H 27 80.90 -30.54 -26.12
C ILE H 27 81.93 -31.64 -26.37
N MET H 28 83.10 -31.26 -26.90
CA MET H 28 84.14 -32.26 -27.12
C MET H 28 84.67 -32.82 -25.81
N LEU H 29 84.75 -31.99 -24.77
CA LEU H 29 85.14 -32.50 -23.46
C LEU H 29 84.11 -33.48 -22.93
N GLN H 30 82.82 -33.20 -23.14
CA GLN H 30 81.78 -34.14 -22.72
C GLN H 30 81.87 -35.46 -23.50
N ILE H 31 82.14 -35.38 -24.80
CA ILE H 31 82.22 -36.59 -25.62
C ILE H 31 83.43 -37.43 -25.22
N TRP H 32 84.58 -36.79 -25.08
CA TRP H 32 85.81 -37.54 -24.80
C TRP H 32 85.86 -38.02 -23.35
N PHE H 33 85.38 -37.22 -22.41
CA PHE H 33 85.42 -37.55 -20.99
C PHE H 33 84.04 -37.36 -20.36
N PRO H 34 83.10 -38.25 -20.67
CA PRO H 34 81.76 -38.15 -20.05
C PRO H 34 81.81 -38.49 -18.56
N GLY H 35 80.89 -37.89 -17.82
CA GLY H 35 80.73 -38.22 -16.42
C GLY H 35 81.76 -37.63 -15.48
N LEU H 36 82.48 -36.59 -15.90
CA LEU H 36 83.43 -35.94 -15.00
C LEU H 36 82.68 -35.22 -13.87
N GLN H 37 83.21 -35.37 -12.66
CA GLN H 37 82.53 -34.90 -11.45
C GLN H 37 83.58 -34.33 -10.50
N TYR H 38 83.14 -33.47 -9.60
CA TYR H 38 84.02 -32.96 -8.55
C TYR H 38 84.58 -34.11 -7.75
N GLY H 39 85.90 -34.10 -7.55
CA GLY H 39 86.59 -35.23 -6.96
C GLY H 39 87.00 -36.30 -7.94
N THR H 40 86.86 -36.05 -9.23
CA THR H 40 87.22 -37.02 -10.27
C THR H 40 88.10 -36.42 -11.36
N TYR H 41 88.12 -35.10 -11.53
CA TYR H 41 88.90 -34.48 -12.60
C TYR H 41 90.37 -34.83 -12.48
N PHE H 42 91.02 -35.03 -13.63
CA PHE H 42 92.46 -35.29 -13.72
C PHE H 42 92.87 -36.51 -12.91
N LYS H 43 92.03 -37.55 -12.92
CA LYS H 43 92.33 -38.81 -12.27
C LYS H 43 92.27 -39.95 -13.28
N PRO H 44 93.15 -40.94 -13.15
CA PRO H 44 93.20 -42.02 -14.14
C PRO H 44 91.92 -42.84 -14.16
N THR H 45 91.59 -43.34 -15.34
CA THR H 45 90.42 -44.19 -15.50
C THR H 45 90.66 -45.53 -14.81
N PRO H 46 89.75 -45.98 -13.92
CA PRO H 46 89.91 -47.28 -13.26
C PRO H 46 89.54 -48.44 -14.17
N THR I 2 22.95 -40.49 -56.80
CA THR I 2 23.31 -40.87 -58.16
C THR I 2 24.15 -39.78 -58.82
N VAL I 3 24.91 -40.18 -59.84
CA VAL I 3 25.74 -39.22 -60.59
C VAL I 3 24.84 -38.45 -61.55
N PRO I 4 24.88 -37.12 -61.53
CA PRO I 4 24.05 -36.35 -62.47
C PRO I 4 24.38 -36.70 -63.91
N ASN I 5 23.33 -36.77 -64.73
CA ASN I 5 23.48 -37.20 -66.12
C ASN I 5 24.23 -36.15 -66.93
N THR I 6 25.15 -36.61 -67.77
CA THR I 6 25.82 -35.78 -68.76
C THR I 6 25.68 -36.45 -70.12
N ILE I 7 25.25 -35.69 -71.11
CA ILE I 7 24.95 -36.23 -72.43
C ILE I 7 26.20 -36.17 -73.30
N SER I 8 26.27 -37.09 -74.26
CA SER I 8 27.36 -37.08 -75.24
C SER I 8 27.22 -35.89 -76.16
N TRP I 9 28.32 -35.55 -76.83
CA TRP I 9 28.32 -34.39 -77.71
C TRP I 9 27.34 -34.58 -78.86
N SER I 10 26.57 -33.53 -79.14
CA SER I 10 25.54 -33.54 -80.17
C SER I 10 25.35 -32.11 -80.65
N PRO I 11 24.72 -31.92 -81.81
CA PRO I 11 24.53 -30.54 -82.32
C PRO I 11 23.74 -29.65 -81.38
N GLN I 12 22.93 -30.20 -80.47
CA GLN I 12 22.15 -29.36 -79.58
C GLN I 12 23.03 -28.58 -78.62
N VAL I 13 24.07 -29.22 -78.07
CA VAL I 13 24.96 -28.51 -77.15
C VAL I 13 25.75 -27.44 -77.91
N ALA I 14 26.13 -27.73 -79.15
CA ALA I 14 26.79 -26.73 -79.97
C ALA I 14 25.88 -25.54 -80.22
N LEU I 15 24.60 -25.81 -80.51
CA LEU I 15 23.64 -24.72 -80.69
C LEU I 15 23.49 -23.90 -79.43
N ILE I 16 23.42 -24.57 -78.27
CA ILE I 16 23.25 -23.86 -77.00
C ILE I 16 24.46 -22.95 -76.74
N ILE I 17 25.67 -23.50 -76.92
CA ILE I 17 26.87 -22.73 -76.65
C ILE I 17 26.99 -21.55 -77.61
N SER I 18 26.73 -21.79 -78.91
CA SER I 18 26.83 -20.71 -79.89
C SER I 18 25.79 -19.63 -79.63
N ALA I 19 24.55 -20.02 -79.30
CA ALA I 19 23.52 -19.03 -79.02
C ALA I 19 23.86 -18.22 -77.78
N SER I 20 24.35 -18.88 -76.73
CA SER I 20 24.74 -18.16 -75.52
C SER I 20 25.87 -17.17 -75.81
N SER I 21 26.87 -17.60 -76.58
CA SER I 21 27.97 -16.70 -76.92
C SER I 21 27.49 -15.52 -77.74
N LEU I 22 26.60 -15.77 -78.71
CA LEU I 22 26.11 -14.69 -79.57
C LEU I 22 25.28 -13.69 -78.77
N LEU I 23 24.36 -14.19 -77.94
CA LEU I 23 23.55 -13.30 -77.13
C LEU I 23 24.41 -12.50 -76.15
N ILE I 24 25.42 -13.15 -75.55
CA ILE I 24 26.32 -12.44 -74.66
C ILE I 24 27.08 -11.36 -75.42
N LEU I 25 27.47 -11.65 -76.67
CA LEU I 25 28.16 -10.64 -77.47
C LEU I 25 27.28 -9.43 -77.73
N LEU I 26 26.05 -9.65 -78.18
CA LEU I 26 25.15 -8.52 -78.44
C LEU I 26 24.85 -7.74 -77.17
N ILE I 27 24.66 -8.42 -76.04
CA ILE I 27 24.35 -7.71 -74.80
C ILE I 27 25.57 -6.94 -74.31
N ALA I 28 26.75 -7.55 -74.35
CA ALA I 28 27.95 -6.92 -73.79
C ALA I 28 28.41 -5.75 -74.64
N SER I 29 28.29 -5.85 -75.97
CA SER I 29 28.73 -4.74 -76.82
C SER I 29 27.92 -3.48 -76.58
N ARG I 30 26.76 -3.59 -75.92
CA ARG I 30 25.90 -2.44 -75.66
C ARG I 30 25.74 -2.12 -74.18
N SER I 31 26.13 -3.03 -73.28
CA SER I 31 25.83 -2.87 -71.87
C SER I 31 27.03 -2.62 -70.98
N ILE I 32 28.22 -3.12 -71.33
CA ILE I 32 29.35 -2.99 -70.43
C ILE I 32 29.83 -1.54 -70.39
N LYS I 33 30.57 -1.21 -69.33
CA LYS I 33 30.94 0.18 -69.09
C LYS I 33 31.94 0.69 -70.12
N TYR I 34 32.97 -0.10 -70.42
CA TYR I 34 34.06 0.33 -71.30
C TYR I 34 34.29 -0.68 -72.42
N PRO I 35 33.45 -0.67 -73.45
CA PRO I 35 33.77 -1.39 -74.68
C PRO I 35 34.59 -0.48 -75.60
N GLN I 36 35.04 -1.06 -76.72
CA GLN I 36 35.91 -0.38 -77.68
C GLN I 36 37.16 0.18 -76.98
N VAL I 37 37.75 -0.62 -76.10
CA VAL I 37 39.00 -0.28 -75.44
C VAL I 37 40.08 -1.23 -75.95
N GLY I 38 41.13 -0.67 -76.52
CA GLY I 38 42.20 -1.46 -77.09
C GLY I 38 42.07 -1.63 -78.59
N ALA I 39 42.66 -2.71 -79.09
CA ALA I 39 42.65 -3.00 -80.51
C ALA I 39 41.24 -3.34 -80.98
N LYS I 40 40.93 -2.93 -82.21
CA LYS I 40 39.65 -3.25 -82.83
C LYS I 40 39.75 -4.56 -83.61
N LEU I 41 38.64 -5.28 -83.70
CA LEU I 41 38.58 -6.53 -84.45
C LEU I 41 38.92 -6.30 -85.92
N PRO I 46 29.28 -4.09 -88.03
CA PRO I 46 28.06 -4.73 -88.54
C PRO I 46 26.85 -4.46 -87.65
N VAL I 47 26.04 -5.51 -87.43
CA VAL I 47 24.90 -5.37 -86.54
C VAL I 47 25.34 -5.10 -85.11
N LEU I 48 26.51 -5.61 -84.72
CA LEU I 48 27.06 -5.40 -83.38
C LEU I 48 27.43 -3.93 -83.18
N GLY I 49 27.89 -3.59 -81.98
CA GLY I 49 28.29 -2.24 -81.68
C GLY I 49 29.75 -1.99 -82.01
N SER I 50 30.34 -2.88 -82.82
CA SER I 50 31.76 -2.86 -83.18
C SER I 50 32.63 -2.98 -81.94
N PRO I 51 32.62 -4.14 -81.27
CA PRO I 51 33.38 -4.30 -80.04
C PRO I 51 34.87 -4.44 -80.31
N SER I 52 35.66 -4.21 -79.25
CA SER I 52 37.11 -4.37 -79.32
C SER I 52 37.49 -5.85 -79.23
N VAL I 53 38.78 -6.12 -79.38
CA VAL I 53 39.28 -7.49 -79.26
C VAL I 53 39.05 -8.02 -77.85
N GLY I 54 39.35 -7.20 -76.84
CA GLY I 54 39.13 -7.63 -75.47
C GLY I 54 37.67 -7.90 -75.17
N THR I 55 36.77 -7.04 -75.66
CA THR I 55 35.34 -7.25 -75.46
C THR I 55 34.88 -8.54 -76.14
N PHE I 56 35.36 -8.79 -77.36
CA PHE I 56 34.96 -10.01 -78.07
C PHE I 56 35.46 -11.26 -77.36
N VAL I 57 36.71 -11.24 -76.88
CA VAL I 57 37.26 -12.40 -76.19
C VAL I 57 36.52 -12.62 -74.86
N ALA I 58 36.21 -11.53 -74.15
CA ALA I 58 35.42 -11.66 -72.92
C ALA I 58 34.05 -12.24 -73.21
N SER I 59 33.42 -11.79 -74.30
CA SER I 59 32.11 -12.32 -74.67
C SER I 59 32.19 -13.81 -74.99
N MET I 60 33.23 -14.22 -75.72
CA MET I 60 33.37 -15.63 -76.06
C MET I 60 33.62 -16.48 -74.81
N ALA I 61 34.46 -16.00 -73.89
CA ALA I 61 34.74 -16.74 -72.67
C ALA I 61 33.50 -16.86 -71.80
N PHE I 62 32.76 -15.75 -71.63
CA PHE I 62 31.53 -15.81 -70.85
C PHE I 62 30.48 -16.66 -71.54
N GLY I 63 30.47 -16.68 -72.87
CA GLY I 63 29.57 -17.57 -73.60
C GLY I 63 29.88 -19.02 -73.34
N HIS I 64 31.17 -19.39 -73.37
CA HIS I 64 31.54 -20.76 -73.03
C HIS I 64 31.14 -21.10 -71.59
N VAL I 65 31.39 -20.19 -70.65
CA VAL I 65 31.06 -20.46 -69.25
C VAL I 65 29.56 -20.66 -69.08
N VAL I 66 28.76 -19.72 -69.59
CA VAL I 66 27.32 -19.77 -69.42
C VAL I 66 26.74 -20.96 -70.17
N GLY I 67 27.25 -21.26 -71.37
CA GLY I 67 26.75 -22.40 -72.13
C GLY I 67 27.06 -23.72 -71.46
N ALA I 68 28.26 -23.85 -70.89
CA ALA I 68 28.57 -25.06 -70.12
C ALA I 68 27.63 -25.19 -68.93
N GLY I 69 27.40 -24.10 -68.21
CA GLY I 69 26.45 -24.14 -67.11
C GLY I 69 25.08 -24.59 -67.56
N ILE I 70 24.59 -24.02 -68.67
CA ILE I 70 23.25 -24.34 -69.15
C ILE I 70 23.16 -25.79 -69.60
N VAL I 71 24.16 -26.28 -70.35
CA VAL I 71 24.07 -27.65 -70.85
C VAL I 71 24.15 -28.65 -69.71
N LEU I 72 25.02 -28.40 -68.72
CA LEU I 72 25.07 -29.30 -67.57
C LEU I 72 23.78 -29.25 -66.77
N GLY I 73 23.20 -28.06 -66.60
CA GLY I 73 21.94 -27.96 -65.88
C GLY I 73 20.81 -28.68 -66.57
N LEU I 74 20.72 -28.54 -67.90
CA LEU I 74 19.67 -29.24 -68.64
C LEU I 74 19.88 -30.74 -68.59
N SER I 75 21.10 -31.21 -68.91
CA SER I 75 21.36 -32.64 -68.90
C SER I 75 21.14 -33.25 -67.52
N ASN I 76 21.36 -32.47 -66.45
CA ASN I 76 21.10 -32.97 -65.11
C ASN I 76 19.61 -33.22 -64.90
N LEU I 77 18.76 -32.30 -65.35
CA LEU I 77 17.33 -32.34 -65.05
C LEU I 77 16.50 -32.94 -66.17
N GLY I 78 17.11 -33.54 -67.18
CA GLY I 78 16.36 -34.01 -68.32
C GLY I 78 15.76 -32.87 -69.10
N TRP I 79 16.61 -31.91 -69.48
CA TRP I 79 16.21 -30.67 -70.15
C TRP I 79 15.31 -29.83 -69.25
N LEU I 80 15.83 -29.54 -68.06
CA LEU I 80 15.22 -28.67 -67.06
C LEU I 80 13.83 -29.17 -66.68
N LYS J 12 34.84 21.93 -53.84
CA LYS J 12 35.74 20.79 -53.72
C LYS J 12 35.43 19.98 -52.46
N LEU J 13 35.03 20.68 -51.40
CA LEU J 13 34.68 20.06 -50.13
C LEU J 13 33.16 19.98 -50.02
N ASN J 14 32.64 18.77 -49.79
CA ASN J 14 31.20 18.56 -49.73
C ASN J 14 30.91 17.60 -48.58
N TYR J 15 30.55 18.15 -47.42
CA TYR J 15 30.17 17.34 -46.28
C TYR J 15 28.87 16.58 -46.51
N ARG J 16 27.98 17.12 -47.35
CA ARG J 16 26.69 16.48 -47.67
C ARG J 16 25.87 16.25 -46.41
N LEU J 17 25.90 17.21 -45.49
CA LEU J 17 25.15 17.08 -44.25
C LEU J 17 23.65 17.18 -44.49
N ASP J 18 23.23 17.91 -45.53
CA ASP J 18 21.80 18.10 -45.78
C ASP J 18 21.11 16.80 -46.18
N THR J 19 21.84 15.88 -46.80
CA THR J 19 21.30 14.58 -47.20
C THR J 19 21.75 13.45 -46.27
N ASP J 20 22.25 13.79 -45.09
CA ASP J 20 22.76 12.80 -44.16
C ASP J 20 21.60 12.14 -43.42
N PRO J 21 21.45 10.81 -43.49
CA PRO J 21 20.42 10.14 -42.68
C PRO J 21 20.59 10.33 -41.19
N VAL J 22 21.83 10.45 -40.71
CA VAL J 22 22.12 10.66 -39.31
C VAL J 22 22.51 12.12 -39.12
N GLN J 23 21.68 12.86 -38.41
CA GLN J 23 21.83 14.29 -38.19
C GLN J 23 22.39 14.56 -36.80
N PRO J 24 22.95 15.74 -36.57
CA PRO J 24 23.30 16.13 -35.20
C PRO J 24 22.08 16.17 -34.30
N TYR J 25 22.28 15.81 -33.04
CA TYR J 25 21.17 15.69 -32.09
C TYR J 25 20.63 17.08 -31.75
N LYS J 26 19.34 17.30 -32.00
CA LYS J 26 18.65 18.54 -31.67
C LYS J 26 19.33 19.76 -32.28
N GLY J 27 19.97 19.57 -33.44
CA GLY J 27 20.61 20.67 -34.14
C GLY J 27 21.92 21.14 -33.56
N ASP J 28 22.40 20.52 -32.49
CA ASP J 28 23.67 20.91 -31.87
C ASP J 28 24.71 19.85 -32.18
N PRO J 29 25.69 20.14 -33.05
CA PRO J 29 26.68 19.11 -33.42
C PRO J 29 27.70 18.82 -32.33
N PHE J 30 27.72 19.59 -31.25
CA PHE J 30 28.77 19.48 -30.24
C PHE J 30 28.20 19.12 -28.86
N ASN J 31 27.08 18.40 -28.83
CA ASN J 31 26.47 17.96 -27.58
C ASN J 31 26.69 16.47 -27.30
N SER J 32 27.67 15.86 -27.97
CA SER J 32 28.04 14.46 -27.74
C SER J 32 26.88 13.50 -28.02
N ASN J 33 26.07 13.79 -29.04
CA ASN J 33 24.94 12.92 -29.34
C ASN J 33 24.63 12.97 -30.82
N PHE J 34 23.85 11.98 -31.27
CA PHE J 34 23.42 11.86 -32.65
C PHE J 34 21.90 11.75 -32.70
N SER J 35 21.34 12.08 -33.86
CA SER J 35 19.92 11.90 -34.14
C SER J 35 19.77 10.59 -34.90
N THR J 36 19.42 9.53 -34.18
CA THR J 36 19.31 8.19 -34.73
C THR J 36 17.88 7.67 -34.55
N ALA J 37 17.64 6.46 -35.05
CA ALA J 37 16.33 5.83 -34.89
C ALA J 37 16.05 5.52 -33.42
N ILE J 38 17.10 5.36 -32.61
CA ILE J 38 16.90 5.06 -31.19
C ILE J 38 16.66 6.33 -30.40
N THR J 39 17.40 7.40 -30.71
CA THR J 39 17.35 8.62 -29.90
C THR J 39 16.30 9.62 -30.37
N ASP J 40 15.96 9.63 -31.66
CA ASP J 40 15.15 10.74 -32.18
C ASP J 40 14.04 10.31 -33.13
N SER J 41 13.80 9.02 -33.33
CA SER J 41 12.68 8.62 -34.16
C SER J 41 11.36 8.92 -33.44
N PRO J 42 10.29 9.19 -34.20
CA PRO J 42 9.01 9.52 -33.54
C PRO J 42 8.51 8.43 -32.61
N LEU J 43 8.63 7.16 -33.00
CA LEU J 43 8.14 6.08 -32.15
C LEU J 43 8.97 5.95 -30.88
N ALA J 44 10.30 5.99 -31.02
CA ALA J 44 11.16 5.90 -29.85
C ALA J 44 10.96 7.09 -28.93
N ARG J 45 10.83 8.29 -29.49
CA ARG J 45 10.61 9.48 -28.68
C ARG J 45 9.29 9.37 -27.92
N ALA J 46 8.23 8.95 -28.62
CA ALA J 46 6.92 8.82 -27.96
C ALA J 46 6.97 7.79 -26.84
N PHE J 47 7.57 6.63 -27.11
CA PHE J 47 7.63 5.57 -26.12
C PHE J 47 8.42 6.00 -24.89
N ILE J 48 9.60 6.60 -25.11
CA ILE J 48 10.46 6.98 -23.99
C ILE J 48 9.84 8.12 -23.19
N ASN J 49 9.34 9.15 -23.89
CA ASN J 49 8.79 10.31 -23.20
C ASN J 49 7.46 10.02 -22.54
N ASN J 50 6.77 8.95 -22.94
CA ASN J 50 5.52 8.59 -22.30
C ASN J 50 5.65 7.45 -21.30
N LEU J 51 6.88 7.01 -21.02
CA LEU J 51 7.11 6.15 -19.88
C LEU J 51 6.88 6.95 -18.60
N PRO J 52 6.52 6.28 -17.50
CA PRO J 52 6.18 7.02 -16.27
C PRO J 52 7.31 7.89 -15.75
N ALA J 53 8.57 7.58 -16.07
CA ALA J 53 9.67 8.42 -15.62
C ALA J 53 9.68 9.77 -16.32
N TYR J 54 9.08 9.86 -17.51
CA TYR J 54 9.15 11.07 -18.32
C TYR J 54 7.81 11.65 -18.71
N ARG J 55 6.69 10.97 -18.42
CA ARG J 55 5.39 11.41 -18.89
C ARG J 55 5.06 12.80 -18.36
N LYS J 56 4.63 13.69 -19.26
CA LYS J 56 4.40 15.08 -18.90
C LYS J 56 3.22 15.20 -17.94
N GLY J 57 3.40 16.02 -16.90
CA GLY J 57 2.35 16.33 -15.95
C GLY J 57 2.25 15.38 -14.78
N LEU J 58 2.92 14.24 -14.82
CA LEU J 58 2.84 13.28 -13.74
C LEU J 58 3.49 13.82 -12.47
N THR J 59 2.84 13.61 -11.34
CA THR J 59 3.48 13.89 -10.07
C THR J 59 4.51 12.82 -9.77
N PRO J 60 5.57 13.16 -9.03
CA PRO J 60 6.63 12.16 -8.76
C PRO J 60 6.11 10.89 -8.10
N PHE J 61 5.12 11.03 -7.21
CA PHE J 61 4.57 9.85 -6.53
C PHE J 61 3.92 8.90 -7.52
N MET J 62 3.20 9.43 -8.51
CA MET J 62 2.55 8.56 -9.50
C MET J 62 3.57 7.88 -10.39
N ARG J 63 4.61 8.60 -10.81
CA ARG J 63 5.70 7.97 -11.55
C ARG J 63 6.29 6.81 -10.76
N GLY J 64 6.63 7.07 -9.49
CA GLY J 64 7.18 6.02 -8.66
C GLY J 64 6.23 4.86 -8.49
N LEU J 65 4.93 5.16 -8.36
CA LEU J 65 3.94 4.10 -8.18
C LEU J 65 3.89 3.18 -9.39
N GLU J 66 3.81 3.75 -10.60
CA GLU J 66 3.74 2.91 -11.80
C GLU J 66 5.01 2.09 -11.97
N ILE J 67 6.17 2.74 -11.80
CA ILE J 67 7.44 2.03 -11.94
C ILE J 67 7.54 0.91 -10.91
N GLY J 68 7.15 1.19 -9.66
CA GLY J 68 7.21 0.18 -8.63
C GLY J 68 6.30 -1.01 -8.93
N MET J 69 5.06 -0.74 -9.34
CA MET J 69 4.16 -1.83 -9.68
C MET J 69 4.78 -2.73 -10.73
N ALA J 70 5.25 -2.15 -11.83
CA ALA J 70 5.83 -2.97 -12.89
C ALA J 70 7.01 -3.79 -12.37
N HIS J 71 7.98 -3.12 -11.72
CA HIS J 71 9.23 -3.78 -11.36
C HIS J 71 9.01 -4.85 -10.28
N GLY J 72 8.29 -4.50 -9.23
CA GLY J 72 7.96 -5.49 -8.22
C GLY J 72 7.13 -6.64 -8.76
N TYR J 73 6.32 -6.38 -9.79
CA TYR J 73 5.58 -7.48 -10.40
C TYR J 73 6.53 -8.47 -11.06
N PHE J 74 7.47 -7.98 -11.88
CA PHE J 74 8.22 -9.01 -12.60
C PHE J 74 9.41 -9.54 -11.80
N LEU J 75 9.78 -8.90 -10.69
CA LEU J 75 10.93 -9.35 -9.92
C LEU J 75 10.67 -10.62 -9.12
N VAL J 76 9.42 -11.05 -9.00
CA VAL J 76 9.09 -12.24 -8.20
C VAL J 76 9.51 -13.51 -8.93
N GLY J 77 9.37 -13.53 -10.25
CA GLY J 77 9.45 -14.75 -11.03
C GLY J 77 10.72 -15.58 -10.98
N PRO J 78 11.90 -14.94 -11.11
CA PRO J 78 13.14 -15.74 -11.23
C PRO J 78 13.38 -16.72 -10.09
N GLU J 79 13.17 -16.30 -8.84
CA GLU J 79 13.39 -17.22 -7.73
C GLU J 79 12.27 -18.25 -7.64
N VAL J 80 11.08 -17.91 -8.13
CA VAL J 80 10.00 -18.88 -8.19
C VAL J 80 10.36 -20.03 -9.13
N VAL J 81 10.95 -19.71 -10.27
CA VAL J 81 11.20 -20.73 -11.28
C VAL J 81 12.51 -21.46 -11.04
N VAL J 82 13.62 -20.74 -10.86
CA VAL J 82 14.93 -21.37 -10.76
C VAL J 82 15.59 -21.15 -9.41
N GLY J 83 14.81 -20.81 -8.38
CA GLY J 83 15.35 -20.63 -7.06
C GLY J 83 15.58 -21.95 -6.35
N PRO J 84 16.15 -21.86 -5.15
CA PRO J 84 16.43 -23.08 -4.38
C PRO J 84 15.22 -23.66 -3.68
N LEU J 85 14.09 -22.97 -3.65
CA LEU J 85 12.85 -23.51 -3.10
C LEU J 85 11.87 -23.94 -4.19
N ARG J 86 12.36 -24.09 -5.43
CA ARG J 86 11.49 -24.39 -6.56
C ARG J 86 10.91 -25.80 -6.51
N GLU J 87 11.41 -26.67 -5.62
CA GLU J 87 10.88 -28.03 -5.55
C GLU J 87 9.44 -28.05 -5.08
N THR J 88 9.03 -27.08 -4.26
CA THR J 88 7.67 -26.96 -3.79
C THR J 88 7.10 -25.61 -4.22
N ALA J 89 5.81 -25.60 -4.55
CA ALA J 89 5.19 -24.39 -5.08
C ALA J 89 5.15 -23.27 -4.04
N HIS J 90 4.66 -23.57 -2.85
CA HIS J 90 4.45 -22.54 -1.84
C HIS J 90 5.78 -21.93 -1.40
N GLY J 91 6.78 -22.78 -1.16
CA GLY J 91 8.09 -22.27 -0.79
C GLY J 91 8.73 -21.42 -1.89
N ALA J 92 8.58 -21.86 -3.14
CA ALA J 92 9.13 -21.09 -4.27
C ALA J 92 8.47 -19.72 -4.37
N ASN J 93 7.14 -19.68 -4.22
CA ASN J 93 6.45 -18.40 -4.28
C ASN J 93 6.87 -17.49 -3.14
N LEU J 94 7.01 -18.05 -1.93
CA LEU J 94 7.47 -17.24 -0.79
C LEU J 94 8.87 -16.70 -1.03
N SER J 95 9.76 -17.54 -1.57
CA SER J 95 11.13 -17.09 -1.84
C SER J 95 11.15 -15.99 -2.90
N GLY J 96 10.33 -16.13 -3.94
CA GLY J 96 10.26 -15.07 -4.94
C GLY J 96 9.75 -13.76 -4.37
N LEU J 97 8.70 -13.83 -3.55
CA LEU J 97 8.17 -12.61 -2.93
C LEU J 97 9.21 -11.97 -2.02
N ILE J 98 9.93 -12.79 -1.25
CA ILE J 98 10.95 -12.26 -0.34
C ILE J 98 12.08 -11.62 -1.12
N THR J 99 12.51 -12.26 -2.22
CA THR J 99 13.57 -11.69 -3.05
C THR J 99 13.14 -10.35 -3.63
N ALA J 100 11.92 -10.27 -4.15
CA ALA J 100 11.43 -9.00 -4.68
C ALA J 100 11.38 -7.92 -3.60
N ILE J 101 10.91 -8.29 -2.40
CA ILE J 101 10.82 -7.32 -1.31
C ILE J 101 12.21 -6.82 -0.93
N TYR J 102 13.18 -7.73 -0.81
CA TYR J 102 14.53 -7.36 -0.43
C TYR J 102 15.16 -6.43 -1.47
N ILE J 103 15.02 -6.79 -2.75
CA ILE J 103 15.60 -5.96 -3.80
C ILE J 103 14.95 -4.58 -3.81
N ALA J 104 13.63 -4.52 -3.68
CA ALA J 104 12.94 -3.23 -3.72
C ALA J 104 13.31 -2.37 -2.51
N VAL J 105 13.44 -2.97 -1.34
CA VAL J 105 13.80 -2.20 -0.15
C VAL J 105 15.23 -1.68 -0.26
N SER J 106 16.14 -2.51 -0.78
CA SER J 106 17.51 -2.04 -1.00
C SER J 106 17.54 -0.88 -2.00
N ALA J 107 16.76 -0.99 -3.09
CA ALA J 107 16.71 0.09 -4.06
C ALA J 107 16.13 1.36 -3.46
N CYS J 108 15.12 1.23 -2.62
CA CYS J 108 14.52 2.42 -2.00
C CYS J 108 15.48 3.06 -1.01
N LEU J 109 16.23 2.25 -0.26
CA LEU J 109 17.27 2.81 0.61
C LEU J 109 18.32 3.55 -0.21
N GLY J 110 18.71 2.97 -1.35
CA GLY J 110 19.64 3.65 -2.23
C GLY J 110 19.09 4.97 -2.73
N ILE J 111 17.81 5.00 -3.11
CA ILE J 111 17.19 6.24 -3.56
C ILE J 111 17.17 7.27 -2.45
N SER J 112 16.85 6.85 -1.23
CA SER J 112 16.84 7.77 -0.09
C SER J 112 18.20 8.38 0.14
N ILE J 113 19.26 7.55 0.15
CA ILE J 113 20.58 8.10 0.42
C ILE J 113 21.07 8.93 -0.75
N PHE J 114 20.67 8.59 -1.98
CA PHE J 114 20.98 9.44 -3.12
C PHE J 114 20.35 10.82 -2.97
N ALA J 115 19.09 10.87 -2.54
CA ALA J 115 18.45 12.16 -2.31
C ALA J 115 19.13 12.91 -1.17
N ILE J 116 19.53 12.20 -0.13
CA ILE J 116 20.18 12.84 1.03
C ILE J 116 21.49 13.48 0.62
N THR J 117 22.31 12.76 -0.15
CA THR J 117 23.65 13.23 -0.46
C THR J 117 23.71 14.15 -1.67
N THR J 118 22.80 13.99 -2.64
CA THR J 118 22.85 14.79 -3.85
C THR J 118 22.43 16.23 -3.58
N PHE J 119 21.35 16.43 -2.84
CA PHE J 119 20.73 17.75 -2.70
C PHE J 119 21.22 18.43 -1.42
N GLN J 120 22.48 18.84 -1.46
CA GLN J 120 23.07 19.70 -0.45
C GLN J 120 23.58 20.96 -1.14
N GLY J 121 23.04 22.12 -0.77
CA GLY J 121 23.37 23.34 -1.47
C GLY J 121 22.99 23.23 -2.93
N ASP J 122 23.91 23.66 -3.80
CA ASP J 122 23.73 23.45 -5.22
C ASP J 122 24.28 22.07 -5.58
N PRO J 123 23.45 21.14 -6.05
CA PRO J 123 23.92 19.78 -6.30
C PRO J 123 24.99 19.74 -7.38
N ARG J 124 25.93 18.82 -7.22
CA ARG J 124 26.98 18.62 -8.20
C ARG J 124 26.41 17.94 -9.46
N GLY J 125 27.15 18.08 -10.55
CA GLY J 125 26.83 17.32 -11.75
C GLY J 125 25.51 17.71 -12.38
N ALA J 126 24.77 16.70 -12.84
CA ALA J 126 23.59 16.91 -13.67
C ALA J 126 22.40 17.46 -12.90
N TYR J 127 22.47 17.54 -11.56
CA TYR J 127 21.37 18.06 -10.77
C TYR J 127 21.60 19.46 -10.25
N GLY J 128 22.62 20.15 -10.76
CA GLY J 128 22.82 21.54 -10.42
C GLY J 128 21.77 22.43 -11.05
N SER J 129 21.72 23.67 -10.55
CA SER J 129 20.73 24.62 -11.06
C SER J 129 20.95 24.97 -12.52
N THR J 130 22.21 25.01 -12.96
CA THR J 130 22.54 25.37 -14.34
C THR J 130 22.61 24.18 -15.27
N SER J 131 22.42 22.96 -14.77
CA SER J 131 22.46 21.79 -15.63
C SER J 131 21.23 21.74 -16.52
N LYS J 132 21.42 21.26 -17.76
CA LYS J 132 20.36 21.15 -18.75
C LYS J 132 20.20 19.70 -19.21
N ASP J 133 20.27 18.75 -18.28
CA ASP J 133 20.15 17.33 -18.60
C ASP J 133 18.67 17.01 -18.76
N SER J 134 18.23 16.86 -20.02
CA SER J 134 16.83 16.55 -20.28
C SER J 134 16.46 15.14 -19.85
N LEU J 135 17.43 14.24 -19.73
CA LEU J 135 17.15 12.87 -19.30
C LEU J 135 17.04 12.73 -17.79
N ARG J 136 17.30 13.79 -17.03
CA ARG J 136 17.23 13.76 -15.57
C ARG J 136 16.40 14.95 -15.09
N PRO J 137 15.08 14.84 -15.17
CA PRO J 137 14.21 16.00 -14.89
C PRO J 137 13.85 16.22 -13.44
N LEU J 138 14.12 15.28 -12.53
CA LEU J 138 13.73 15.42 -11.13
C LEU J 138 14.78 16.27 -10.42
N ARG J 139 14.58 17.59 -10.46
CA ARG J 139 15.58 18.54 -10.00
C ARG J 139 15.41 18.94 -8.54
N ASN J 140 14.43 18.39 -7.83
CA ASN J 140 14.18 18.79 -6.45
C ASN J 140 14.19 17.57 -5.54
N ARG J 141 14.63 17.81 -4.30
CA ARG J 141 14.73 16.73 -3.32
C ARG J 141 13.35 16.18 -2.97
N ASP J 142 12.35 17.06 -2.83
CA ASP J 142 11.00 16.61 -2.49
C ASP J 142 10.42 15.72 -3.58
N GLU J 143 10.71 16.04 -4.84
CA GLU J 143 10.30 15.16 -5.93
C GLU J 143 10.92 13.78 -5.78
N TRP J 144 12.20 13.73 -5.40
CA TRP J 144 12.86 12.45 -5.21
C TRP J 144 12.24 11.65 -4.08
N TYR J 145 11.88 12.32 -2.98
CA TYR J 145 11.26 11.59 -1.87
C TYR J 145 9.86 11.09 -2.23
N GLN J 146 9.07 11.91 -2.93
CA GLN J 146 7.77 11.45 -3.40
C GLN J 146 7.93 10.26 -4.36
N LEU J 147 8.90 10.34 -5.26
CA LEU J 147 9.19 9.24 -6.17
C LEU J 147 9.57 7.99 -5.39
N ASN J 148 10.38 8.12 -4.36
CA ASN J 148 10.80 6.95 -3.58
C ASN J 148 9.63 6.32 -2.85
N GLY J 149 8.77 7.13 -2.26
CA GLY J 149 7.59 6.58 -1.62
C GLY J 149 6.70 5.82 -2.60
N GLY J 150 6.49 6.42 -3.78
CA GLY J 150 5.74 5.73 -4.81
C GLY J 150 6.40 4.45 -5.25
N ILE J 151 7.72 4.47 -5.40
CA ILE J 151 8.46 3.29 -5.82
C ILE J 151 8.29 2.17 -4.81
N PHE J 152 8.44 2.49 -3.52
CA PHE J 152 8.33 1.46 -2.50
C PHE J 152 6.93 0.86 -2.48
N LEU J 153 5.91 1.73 -2.43
CA LEU J 153 4.54 1.22 -2.35
C LEU J 153 4.16 0.41 -3.58
N GLY J 154 4.53 0.91 -4.77
CA GLY J 154 4.22 0.18 -5.99
C GLY J 154 4.96 -1.14 -6.09
N ALA J 155 6.23 -1.16 -5.68
CA ALA J 155 6.99 -2.40 -5.73
C ALA J 155 6.41 -3.44 -4.79
N MET J 156 6.05 -3.03 -3.58
CA MET J 156 5.41 -3.97 -2.66
C MET J 156 4.09 -4.47 -3.22
N GLY J 157 3.29 -3.57 -3.79
CA GLY J 157 2.01 -3.99 -4.35
C GLY J 157 2.15 -4.95 -5.51
N GLY J 158 3.09 -4.67 -6.42
CA GLY J 158 3.31 -5.55 -7.55
C GLY J 158 3.85 -6.90 -7.14
N ALA J 159 4.79 -6.92 -6.19
CA ALA J 159 5.30 -8.18 -5.69
C ALA J 159 4.19 -9.01 -5.04
N VAL J 160 3.33 -8.35 -4.24
CA VAL J 160 2.23 -9.07 -3.61
C VAL J 160 1.22 -9.56 -4.64
N PHE J 161 0.99 -8.77 -5.69
CA PHE J 161 0.05 -9.20 -6.74
C PHE J 161 0.58 -10.43 -7.45
N ALA J 162 1.86 -10.43 -7.82
CA ALA J 162 2.46 -11.60 -8.45
C ALA J 162 2.44 -12.80 -7.50
N TYR J 163 2.73 -12.57 -6.22
CA TYR J 163 2.72 -13.66 -5.24
C TYR J 163 1.33 -14.24 -5.08
N LEU J 164 0.30 -13.40 -5.06
CA LEU J 164 -1.07 -13.88 -4.95
C LEU J 164 -1.48 -14.66 -6.19
N LEU J 165 -1.08 -14.19 -7.37
CA LEU J 165 -1.40 -14.92 -8.60
C LEU J 165 -0.71 -16.28 -8.63
N LEU J 166 0.55 -16.34 -8.18
CA LEU J 166 1.27 -17.60 -8.21
C LEU J 166 0.79 -18.56 -7.13
N GLU J 167 0.44 -18.04 -5.96
CA GLU J 167 -0.06 -18.88 -4.87
C GLU J 167 -1.38 -19.53 -5.26
N ASN J 168 -2.19 -18.84 -6.05
CA ASN J 168 -3.47 -19.36 -6.54
C ASN J 168 -3.35 -19.87 -7.96
N PHE J 169 -2.22 -20.48 -8.31
CA PHE J 169 -2.00 -20.90 -9.68
C PHE J 169 -2.99 -21.98 -10.12
N ASP J 170 -3.31 -22.92 -9.23
CA ASP J 170 -4.29 -23.95 -9.58
C ASP J 170 -5.67 -23.35 -9.78
N ALA J 171 -6.09 -22.47 -8.87
CA ALA J 171 -7.39 -21.83 -9.01
C ALA J 171 -7.45 -20.98 -10.27
N LEU J 172 -6.39 -20.23 -10.57
CA LEU J 172 -6.38 -19.40 -11.76
C LEU J 172 -6.33 -20.24 -13.04
N ASP J 173 -5.64 -21.37 -13.00
CA ASP J 173 -5.62 -22.26 -14.15
C ASP J 173 -7.01 -22.84 -14.41
N SER J 174 -7.71 -23.25 -13.36
CA SER J 174 -9.10 -23.68 -13.52
C SER J 174 -9.96 -22.53 -14.02
N ILE J 175 -9.70 -21.31 -13.54
CA ILE J 175 -10.45 -20.13 -13.95
C ILE J 175 -10.30 -19.90 -15.45
N LEU J 176 -9.07 -19.95 -15.95
CA LEU J 176 -8.80 -19.61 -17.34
C LEU J 176 -9.12 -20.75 -18.30
N ARG J 177 -9.55 -21.91 -17.79
CA ARG J 177 -9.97 -23.03 -18.62
C ARG J 177 -11.44 -23.34 -18.47
N GLY J 178 -12.19 -22.58 -17.68
CA GLY J 178 -13.60 -22.87 -17.48
C GLY J 178 -13.89 -24.00 -16.54
N GLY J 179 -12.90 -24.50 -15.79
CA GLY J 179 -13.13 -25.57 -14.85
C GLY J 179 -13.94 -25.18 -13.64
N VAL J 180 -14.14 -23.89 -13.40
CA VAL J 180 -14.99 -23.43 -12.30
C VAL J 180 -16.46 -23.47 -12.66
N ASN J 181 -16.80 -23.83 -13.89
CA ASN J 181 -18.18 -23.89 -14.34
C ASN J 181 -18.76 -25.30 -14.28
N VAL J 182 -18.01 -26.26 -13.74
CA VAL J 182 -18.53 -27.60 -13.56
C VAL J 182 -19.69 -27.59 -12.56
N ASN J 183 -19.52 -26.88 -11.45
CA ASN J 183 -20.57 -26.77 -10.44
C ASN J 183 -20.96 -25.32 -10.22
N MET K 2 30.95 -30.20 29.46
CA MET K 2 29.77 -29.37 29.66
C MET K 2 30.07 -27.91 29.37
N ASN K 3 29.52 -27.40 28.27
CA ASN K 3 29.74 -26.02 27.89
C ASN K 3 28.85 -25.08 28.72
N ILE K 4 29.03 -23.78 28.50
CA ILE K 4 28.31 -22.78 29.28
C ILE K 4 26.82 -22.82 28.95
N SER K 5 26.03 -22.23 29.84
CA SER K 5 24.58 -22.25 29.75
C SER K 5 24.05 -21.01 29.06
N ASP K 6 22.71 -20.95 28.94
CA ASP K 6 22.08 -19.78 28.34
C ASP K 6 22.36 -18.52 29.14
N THR K 7 22.28 -18.62 30.47
CA THR K 7 22.49 -17.45 31.32
C THR K 7 23.90 -16.90 31.16
N GLN K 8 24.90 -17.78 31.04
CA GLN K 8 26.26 -17.31 30.85
C GLN K 8 26.43 -16.58 29.53
N VAL K 9 25.81 -17.09 28.46
CA VAL K 9 25.89 -16.42 27.17
C VAL K 9 25.23 -15.04 27.24
N PHE K 10 24.06 -14.96 27.86
CA PHE K 10 23.37 -13.68 27.99
C PHE K 10 24.17 -12.70 28.84
N VAL K 11 24.80 -13.19 29.92
CA VAL K 11 25.61 -12.33 30.76
C VAL K 11 26.81 -11.82 30.00
N ALA K 12 27.46 -12.68 29.20
CA ALA K 12 28.58 -12.24 28.38
C ALA K 12 28.14 -11.18 27.38
N LEU K 13 26.97 -11.38 26.77
CA LEU K 13 26.45 -10.39 25.82
C LEU K 13 26.20 -9.05 26.51
N VAL K 14 25.62 -9.08 27.71
CA VAL K 14 25.36 -7.84 28.44
C VAL K 14 26.67 -7.17 28.83
N VAL K 15 27.65 -7.94 29.28
CA VAL K 15 28.93 -7.39 29.71
C VAL K 15 29.66 -6.76 28.54
N ALA K 16 29.55 -7.37 27.35
CA ALA K 16 30.24 -6.85 26.18
C ALA K 16 29.72 -5.48 25.75
N LEU K 17 28.56 -5.06 26.28
CA LEU K 17 28.05 -3.73 25.96
C LEU K 17 28.98 -2.64 26.49
N LEU K 18 29.55 -2.84 27.68
CA LEU K 18 30.43 -1.82 28.25
C LEU K 18 31.66 -1.56 27.39
N PRO K 19 32.43 -2.57 26.95
CA PRO K 19 33.51 -2.26 26.01
C PRO K 19 33.02 -1.66 24.71
N GLY K 20 31.82 -2.03 24.24
CA GLY K 20 31.32 -1.43 23.02
C GLY K 20 31.07 0.06 23.16
N LEU K 21 30.41 0.46 24.26
CA LEU K 21 30.16 1.87 24.50
C LEU K 21 31.46 2.63 24.72
N LEU K 22 32.40 2.03 25.45
CA LEU K 22 33.68 2.70 25.68
C LEU K 22 34.46 2.83 24.38
N ALA K 23 34.37 1.83 23.49
CA ALA K 23 35.01 1.92 22.20
C ALA K 23 34.39 3.03 21.35
N PHE K 24 33.07 3.16 21.38
CA PHE K 24 32.43 4.26 20.68
C PHE K 24 32.90 5.61 21.22
N ARG K 25 32.98 5.72 22.55
CA ARG K 25 33.46 6.96 23.16
C ARG K 25 34.89 7.27 22.73
N LEU K 26 35.76 6.26 22.75
CA LEU K 26 37.15 6.47 22.36
C LEU K 26 37.26 6.84 20.89
N ALA K 27 36.48 6.20 20.02
CA ALA K 27 36.52 6.53 18.60
C ALA K 27 36.06 7.96 18.35
N THR K 28 34.97 8.37 19.00
CA THR K 28 34.50 9.74 18.82
C THR K 28 35.47 10.75 19.40
N GLU K 29 36.15 10.41 20.50
CA GLU K 29 37.15 11.31 21.06
C GLU K 29 38.37 11.43 20.15
N LEU K 30 38.79 10.31 19.55
CA LEU K 30 39.92 10.34 18.62
C LEU K 30 39.58 11.09 17.34
N TYR K 31 38.32 11.03 16.90
CA TYR K 31 37.91 11.78 15.73
C TYR K 31 38.00 13.28 15.93
N LYS K 32 37.95 13.75 17.16
CA LYS K 32 38.03 15.17 17.45
C LYS K 32 39.39 15.75 17.03
N ALA L 1 98.11 3.29 4.88
CA ALA L 1 97.84 3.20 6.32
C ALA L 1 97.71 1.74 6.75
N PRO L 2 98.21 1.43 7.95
CA PRO L 2 98.09 0.05 8.46
C PRO L 2 96.73 -0.28 9.02
N PHE L 3 95.92 0.71 9.41
CA PHE L 3 94.60 0.51 9.99
C PHE L 3 94.69 -0.38 11.22
N PRO L 4 95.26 0.11 12.34
CA PRO L 4 95.51 -0.76 13.50
C PRO L 4 94.24 -1.37 14.09
N PHE L 5 93.25 -0.55 14.42
CA PHE L 5 92.04 -1.08 15.05
C PHE L 5 91.31 -2.05 14.13
N ARG L 6 91.18 -1.68 12.85
CA ARG L 6 90.50 -2.56 11.89
C ARG L 6 91.20 -3.90 11.78
N THR L 7 92.52 -3.88 11.61
CA THR L 7 93.24 -5.14 11.44
C THR L 7 93.26 -5.96 12.72
N ILE L 8 93.28 -5.32 13.89
CA ILE L 8 93.23 -6.08 15.14
C ILE L 8 91.89 -6.78 15.30
N VAL L 9 90.79 -6.06 15.05
CA VAL L 9 89.48 -6.68 15.15
C VAL L 9 89.33 -7.79 14.13
N SER L 10 89.79 -7.55 12.89
CA SER L 10 89.70 -8.56 11.85
C SER L 10 90.51 -9.80 12.20
N LEU L 11 91.71 -9.61 12.76
CA LEU L 11 92.53 -10.75 13.13
C LEU L 11 91.93 -11.51 14.30
N ILE L 12 91.29 -10.82 15.24
CA ILE L 12 90.61 -11.51 16.33
C ILE L 12 89.46 -12.38 15.80
N LEU L 13 88.66 -11.81 14.90
CA LEU L 13 87.56 -12.57 14.31
C LEU L 13 88.07 -13.75 13.49
N LEU L 14 89.14 -13.54 12.72
CA LEU L 14 89.72 -14.62 11.93
C LEU L 14 90.31 -15.70 12.82
N ALA L 15 90.91 -15.32 13.95
CA ALA L 15 91.42 -16.31 14.89
C ALA L 15 90.29 -17.12 15.50
N GLY L 16 89.16 -16.47 15.80
CA GLY L 16 88.00 -17.22 16.26
C GLY L 16 87.52 -18.21 15.21
N ASN L 17 87.43 -17.78 13.96
CA ASN L 17 87.03 -18.68 12.89
C ASN L 17 88.01 -19.84 12.73
N ILE L 18 89.30 -19.56 12.85
CA ILE L 18 90.32 -20.59 12.70
C ILE L 18 90.24 -21.60 13.85
N LEU L 19 89.98 -21.11 15.07
CA LEU L 19 89.82 -22.02 16.20
C LEU L 19 88.59 -22.91 16.02
N VAL L 20 87.49 -22.32 15.54
CA VAL L 20 86.29 -23.12 15.27
C VAL L 20 86.58 -24.17 14.21
N ALA L 21 87.32 -23.80 13.16
CA ALA L 21 87.68 -24.75 12.12
C ALA L 21 88.59 -25.85 12.66
N ALA L 22 89.53 -25.49 13.54
CA ALA L 22 90.43 -26.49 14.11
C ALA L 22 89.67 -27.49 14.97
N ILE L 23 88.71 -27.02 15.75
CA ILE L 23 87.82 -27.94 16.46
C ILE L 23 87.03 -28.78 15.47
N TYR L 24 86.62 -28.16 14.36
CA TYR L 24 85.78 -28.82 13.37
C TYR L 24 86.54 -29.88 12.57
N PHE L 25 87.85 -29.71 12.42
CA PHE L 25 88.68 -30.64 11.66
C PHE L 25 89.38 -31.66 12.54
N HIS L 26 89.01 -31.73 13.82
CA HIS L 26 89.60 -32.67 14.79
C HIS L 26 91.10 -32.45 14.97
N ILE L 27 91.57 -31.24 14.70
CA ILE L 27 92.95 -30.89 15.02
C ILE L 27 93.13 -30.78 16.53
N ILE L 28 92.16 -30.18 17.22
CA ILE L 28 92.17 -30.06 18.67
C ILE L 28 90.83 -30.53 19.20
N ASN L 29 90.80 -30.82 20.50
CA ASN L 29 89.58 -31.28 21.16
C ASN L 29 89.35 -30.54 22.47
N GLN M 9 -80.17 29.44 -7.88
CA GLN M 9 -80.23 30.51 -8.89
C GLN M 9 -78.99 30.46 -9.78
N LYS M 10 -77.84 30.13 -9.19
CA LYS M 10 -76.60 30.09 -9.95
C LYS M 10 -76.65 29.02 -11.04
N VAL M 11 -77.19 27.85 -10.72
CA VAL M 11 -77.31 26.76 -11.68
C VAL M 11 -78.64 26.89 -12.39
N ARG M 12 -78.60 27.07 -13.71
CA ARG M 12 -79.81 27.32 -14.49
C ARG M 12 -79.53 26.97 -15.94
N VAL M 13 -80.61 26.78 -16.70
CA VAL M 13 -80.54 26.33 -18.08
C VAL M 13 -80.75 27.53 -19.01
N VAL M 14 -79.76 27.81 -19.83
CA VAL M 14 -79.84 28.88 -20.82
C VAL M 14 -79.38 28.34 -22.16
N VAL M 15 -80.20 28.51 -23.19
CA VAL M 15 -79.91 28.00 -24.52
C VAL M 15 -80.20 29.07 -25.57
N ASP M 16 -79.63 28.87 -26.75
CA ASP M 16 -79.97 29.65 -27.93
C ASP M 16 -81.03 28.92 -28.74
N ASN M 17 -81.81 29.70 -29.50
CA ASN M 17 -82.88 29.15 -30.33
C ASN M 17 -82.46 29.25 -31.79
N ASP M 18 -82.43 28.10 -32.46
CA ASP M 18 -82.02 27.99 -33.86
C ASP M 18 -80.69 28.70 -34.15
N PRO M 19 -79.60 28.29 -33.49
CA PRO M 19 -78.32 28.96 -33.74
C PRO M 19 -77.71 28.60 -35.08
N VAL M 20 -77.97 27.40 -35.60
CA VAL M 20 -77.42 26.95 -36.86
C VAL M 20 -78.56 26.41 -37.72
N PRO M 21 -78.81 26.98 -38.90
CA PRO M 21 -79.86 26.44 -39.77
C PRO M 21 -79.51 25.04 -40.25
N THR M 22 -80.53 24.22 -40.46
CA THR M 22 -80.37 22.85 -40.91
C THR M 22 -80.49 22.83 -42.43
N SER M 23 -79.35 22.95 -43.11
CA SER M 23 -79.31 22.95 -44.56
C SER M 23 -78.16 22.08 -45.04
N PRO M 24 -78.33 21.37 -46.15
CA PRO M 24 -77.23 20.58 -46.72
C PRO M 24 -76.32 21.35 -47.67
N GLU M 25 -76.37 22.68 -47.67
CA GLU M 25 -75.54 23.47 -48.58
C GLU M 25 -74.06 23.26 -48.30
N LEU M 26 -73.67 23.27 -47.02
CA LEU M 26 -72.27 23.09 -46.67
C LEU M 26 -71.78 21.67 -46.89
N TRP M 27 -72.68 20.71 -47.13
CA TRP M 27 -72.25 19.36 -47.49
C TRP M 27 -71.50 19.37 -48.82
N ALA M 28 -71.85 20.28 -49.71
CA ALA M 28 -71.18 20.43 -51.00
C ALA M 28 -70.00 21.40 -50.94
N LYS M 29 -69.56 21.76 -49.73
CA LYS M 29 -68.42 22.66 -49.54
C LYS M 29 -67.42 22.00 -48.62
N PRO M 30 -66.66 21.02 -49.13
CA PRO M 30 -65.67 20.35 -48.29
C PRO M 30 -64.62 21.32 -47.78
N GLY M 31 -64.21 21.12 -46.52
CA GLY M 31 -63.23 22.01 -45.93
C GLY M 31 -63.77 23.36 -45.52
N HIS M 32 -65.10 23.51 -45.44
CA HIS M 32 -65.69 24.79 -45.08
C HIS M 32 -65.31 25.21 -43.67
N PHE M 33 -65.03 24.24 -42.79
CA PHE M 33 -64.73 24.55 -41.40
C PHE M 33 -63.37 25.23 -41.23
N ASP M 34 -62.50 25.15 -42.23
CA ASP M 34 -61.17 25.72 -42.15
C ASP M 34 -61.02 26.82 -43.19
N ARG M 35 -60.40 27.94 -42.79
CA ARG M 35 -60.20 29.05 -43.71
C ARG M 35 -59.31 28.66 -44.87
N THR M 36 -58.22 27.93 -44.59
CA THR M 36 -57.33 27.51 -45.67
C THR M 36 -57.99 26.50 -46.59
N LEU M 37 -58.71 25.52 -46.01
CA LEU M 37 -59.31 24.46 -46.81
C LEU M 37 -60.53 24.93 -47.59
N ALA M 38 -61.17 26.02 -47.17
CA ALA M 38 -62.38 26.47 -47.83
C ALA M 38 -62.12 26.95 -49.27
N ARG M 39 -60.88 27.34 -49.59
CA ARG M 39 -60.59 27.84 -50.92
C ARG M 39 -60.61 26.75 -51.98
N GLY M 40 -60.51 25.48 -51.57
CA GLY M 40 -60.51 24.38 -52.52
C GLY M 40 -59.13 23.78 -52.67
N PRO M 41 -59.07 22.62 -53.33
CA PRO M 41 -57.78 21.92 -53.46
C PRO M 41 -56.93 22.48 -54.60
N LYS M 42 -55.64 22.62 -54.32
CA LYS M 42 -54.63 22.86 -55.34
C LYS M 42 -53.64 21.72 -55.48
N THR M 43 -53.36 21.00 -54.39
CA THR M 43 -52.54 19.80 -54.39
C THR M 43 -53.27 18.71 -53.63
N THR M 44 -52.76 17.48 -53.73
CA THR M 44 -53.37 16.36 -53.03
C THR M 44 -53.24 16.48 -51.51
N THR M 45 -52.34 17.34 -51.03
CA THR M 45 -52.23 17.56 -49.59
C THR M 45 -53.51 18.14 -49.01
N TRP M 46 -54.30 18.82 -49.85
CA TRP M 46 -55.58 19.37 -49.39
C TRP M 46 -56.52 18.26 -48.94
N ILE M 47 -56.55 17.15 -49.66
CA ILE M 47 -57.44 16.04 -49.32
C ILE M 47 -57.09 15.48 -47.96
N TRP M 48 -55.79 15.24 -47.71
CA TRP M 48 -55.37 14.70 -46.42
C TRP M 48 -55.64 15.69 -45.29
N ASN M 49 -55.38 16.98 -45.53
CA ASN M 49 -55.61 17.99 -44.50
C ASN M 49 -57.09 18.11 -44.15
N LEU M 50 -57.98 17.85 -45.11
CA LEU M 50 -59.41 17.94 -44.84
C LEU M 50 -59.84 16.91 -43.80
N HIS M 51 -59.36 15.67 -43.93
CA HIS M 51 -59.71 14.63 -42.97
C HIS M 51 -58.95 14.78 -41.66
N ALA M 52 -57.72 15.30 -41.71
CA ALA M 52 -56.92 15.43 -40.50
C ALA M 52 -57.48 16.49 -39.55
N ASN M 53 -58.09 17.55 -40.10
CA ASN M 53 -58.62 18.64 -39.30
C ASN M 53 -60.15 18.58 -39.18
N ALA M 54 -60.76 17.45 -39.51
CA ALA M 54 -62.22 17.37 -39.54
C ALA M 54 -62.82 17.58 -38.16
N HIS M 55 -62.24 16.98 -37.13
CA HIS M 55 -62.80 17.02 -35.79
C HIS M 55 -61.96 17.85 -34.82
N ASP M 56 -61.02 18.65 -35.32
CA ASP M 56 -60.26 19.57 -34.49
C ASP M 56 -61.06 20.85 -34.36
N PHE M 57 -62.07 20.81 -33.49
CA PHE M 57 -63.08 21.87 -33.43
C PHE M 57 -62.48 23.20 -33.00
N ASP M 58 -61.47 23.18 -32.13
CA ASP M 58 -60.88 24.43 -31.65
C ASP M 58 -60.11 25.18 -32.72
N THR M 59 -59.82 24.56 -33.86
CA THR M 59 -59.23 25.26 -34.99
C THR M 59 -60.27 25.70 -36.01
N HIS M 60 -61.52 25.24 -35.88
CA HIS M 60 -62.58 25.75 -36.74
C HIS M 60 -62.99 27.15 -36.32
N THR M 61 -62.99 27.42 -35.01
CA THR M 61 -63.40 28.71 -34.48
C THR M 61 -62.72 28.93 -33.14
N SER M 62 -62.61 30.20 -32.75
CA SER M 62 -62.02 30.57 -31.47
C SER M 62 -63.07 30.74 -30.38
N ASP M 63 -64.35 30.55 -30.69
CA ASP M 63 -65.43 30.73 -29.72
C ASP M 63 -65.55 29.47 -28.88
N LEU M 64 -65.28 29.59 -27.57
CA LEU M 64 -65.38 28.43 -26.69
C LEU M 64 -66.81 27.91 -26.62
N GLU M 65 -67.79 28.82 -26.62
CA GLU M 65 -69.18 28.41 -26.57
C GLU M 65 -69.57 27.58 -27.79
N ASP M 66 -69.14 28.03 -28.98
CA ASP M 66 -69.43 27.27 -30.19
C ASP M 66 -68.70 25.94 -30.20
N ILE M 67 -67.47 25.91 -29.68
CA ILE M 67 -66.73 24.65 -29.60
C ILE M 67 -67.47 23.66 -28.71
N SER M 68 -67.92 24.11 -27.54
CA SER M 68 -68.58 23.22 -26.59
C SER M 68 -69.87 22.64 -27.19
N ARG M 69 -70.60 23.45 -27.95
CA ARG M 69 -71.82 22.96 -28.59
C ARG M 69 -71.50 21.85 -29.59
N LYS M 70 -70.38 21.98 -30.31
CA LYS M 70 -69.96 20.92 -31.21
C LYS M 70 -69.60 19.65 -30.44
N ILE M 71 -68.99 19.79 -29.27
CA ILE M 71 -68.65 18.63 -28.46
C ILE M 71 -69.91 17.89 -28.05
N PHE M 72 -70.91 18.63 -27.57
CA PHE M 72 -72.14 18.01 -27.07
C PHE M 72 -72.89 17.29 -28.18
N ALA M 73 -73.02 17.93 -29.34
CA ALA M 73 -73.75 17.33 -30.45
C ALA M 73 -73.02 16.10 -31.00
N ALA M 74 -71.69 16.18 -31.14
CA ALA M 74 -70.94 15.06 -31.67
C ALA M 74 -70.99 13.85 -30.74
N HIS M 75 -71.04 14.08 -29.43
CA HIS M 75 -71.11 12.98 -28.49
C HIS M 75 -72.41 12.18 -28.65
N PHE M 76 -73.50 12.86 -28.98
CA PHE M 76 -74.74 12.14 -29.29
C PHE M 76 -74.57 11.28 -30.52
N GLY M 77 -73.82 11.77 -31.52
CA GLY M 77 -73.57 10.98 -32.71
C GLY M 77 -72.78 9.71 -32.41
N HIS M 78 -71.77 9.81 -31.55
CA HIS M 78 -71.00 8.63 -31.19
C HIS M 78 -71.85 7.64 -30.39
N LEU M 79 -72.74 8.16 -29.53
CA LEU M 79 -73.64 7.28 -28.80
C LEU M 79 -74.57 6.53 -29.75
N ALA M 80 -75.04 7.20 -30.82
CA ALA M 80 -75.85 6.53 -31.82
C ALA M 80 -75.06 5.43 -32.52
N VAL M 81 -73.77 5.69 -32.79
CA VAL M 81 -72.93 4.67 -33.41
C VAL M 81 -72.79 3.46 -32.51
N ILE M 82 -72.59 3.69 -31.21
CA ILE M 82 -72.48 2.59 -30.26
C ILE M 82 -73.79 1.81 -30.19
N PHE M 83 -74.92 2.50 -30.23
CA PHE M 83 -76.21 1.83 -30.16
C PHE M 83 -76.47 0.97 -31.39
N ILE M 84 -76.06 1.44 -32.57
CA ILE M 84 -76.17 0.62 -33.77
C ILE M 84 -75.30 -0.62 -33.66
N TRP M 85 -74.07 -0.46 -33.16
CA TRP M 85 -73.19 -1.59 -32.97
C TRP M 85 -73.76 -2.58 -31.95
N LEU M 86 -74.30 -2.06 -30.85
CA LEU M 86 -74.92 -2.93 -29.86
C LEU M 86 -76.13 -3.66 -30.43
N SER M 87 -76.93 -2.95 -31.23
CA SER M 87 -78.09 -3.58 -31.88
C SER M 87 -77.65 -4.69 -32.82
N GLY M 88 -76.51 -4.52 -33.48
CA GLY M 88 -76.01 -5.56 -34.37
C GLY M 88 -75.65 -6.84 -33.64
N MET M 89 -75.01 -6.72 -32.48
CA MET M 89 -74.63 -7.90 -31.72
C MET M 89 -75.86 -8.66 -31.21
N TYR M 90 -76.88 -7.93 -30.75
CA TYR M 90 -78.10 -8.57 -30.29
C TYR M 90 -78.87 -9.20 -31.44
N PHE M 91 -78.91 -8.52 -32.60
CA PHE M 91 -79.63 -9.06 -33.73
C PHE M 91 -78.95 -10.29 -34.30
N HIS M 92 -77.62 -10.24 -34.45
CA HIS M 92 -76.89 -11.39 -34.96
C HIS M 92 -76.94 -12.56 -33.97
N GLY M 93 -77.02 -12.26 -32.68
CA GLY M 93 -77.24 -13.30 -31.69
C GLY M 93 -78.65 -13.82 -31.60
N ALA M 94 -79.59 -13.18 -32.31
CA ALA M 94 -80.97 -13.62 -32.36
C ALA M 94 -81.38 -14.22 -33.69
N LYS M 95 -80.58 -14.05 -34.73
CA LYS M 95 -80.95 -14.49 -36.08
C LYS M 95 -79.93 -15.41 -36.72
N PHE M 96 -78.64 -15.24 -36.46
CA PHE M 96 -77.58 -16.03 -37.09
C PHE M 96 -76.66 -16.62 -36.03
N SER M 97 -77.25 -17.20 -34.99
CA SER M 97 -76.46 -17.74 -33.89
C SER M 97 -77.03 -19.08 -33.45
N ASN M 98 -76.25 -19.77 -32.61
CA ASN M 98 -76.67 -21.00 -31.95
C ASN M 98 -76.88 -20.77 -30.46
N PHE M 99 -77.44 -19.60 -30.12
CA PHE M 99 -77.59 -19.23 -28.71
C PHE M 99 -78.49 -20.19 -27.96
N GLU M 100 -79.61 -20.58 -28.58
CA GLU M 100 -80.53 -21.51 -27.90
C GLU M 100 -79.88 -22.86 -27.66
N ALA M 101 -79.15 -23.37 -28.66
CA ALA M 101 -78.44 -24.63 -28.47
C ALA M 101 -77.36 -24.51 -27.41
N TRP M 102 -76.66 -23.38 -27.38
CA TRP M 102 -75.62 -23.18 -26.37
C TRP M 102 -76.21 -23.12 -24.97
N MET M 103 -77.37 -22.48 -24.81
CA MET M 103 -77.99 -22.38 -23.49
C MET M 103 -78.36 -23.76 -22.95
N ALA M 104 -78.72 -24.70 -23.83
CA ALA M 104 -79.03 -26.05 -23.38
C ALA M 104 -77.78 -26.79 -22.93
N ASN M 105 -76.68 -26.64 -23.66
CA ASN M 105 -75.42 -27.33 -23.37
C ASN M 105 -74.28 -26.31 -23.36
N PRO M 106 -74.16 -25.52 -22.30
CA PRO M 106 -73.11 -24.49 -22.27
C PRO M 106 -71.70 -25.05 -22.35
N THR M 107 -71.45 -26.23 -21.78
CA THR M 107 -70.10 -26.77 -21.72
C THR M 107 -69.73 -27.60 -22.94
N GLY M 108 -70.65 -27.86 -23.85
CA GLY M 108 -70.36 -28.70 -24.99
C GLY M 108 -70.62 -28.04 -26.33
N VAL M 109 -70.97 -26.75 -26.32
CA VAL M 109 -71.28 -26.01 -27.54
C VAL M 109 -70.42 -24.76 -27.59
N LYS M 110 -69.76 -24.55 -28.72
CA LYS M 110 -68.98 -23.33 -28.93
C LYS M 110 -69.90 -22.20 -29.38
N PRO M 111 -69.87 -21.05 -28.71
CA PRO M 111 -70.70 -19.92 -29.14
C PRO M 111 -70.33 -19.48 -30.55
N SER M 112 -71.35 -19.13 -31.33
CA SER M 112 -71.16 -18.70 -32.70
C SER M 112 -72.31 -17.78 -33.10
N ALA M 113 -71.99 -16.61 -33.65
CA ALA M 113 -73.03 -15.66 -34.04
C ALA M 113 -72.74 -14.98 -35.38
N GLN M 114 -71.83 -15.54 -36.18
CA GLN M 114 -71.52 -15.01 -37.50
C GLN M 114 -71.54 -16.15 -38.51
N VAL M 115 -72.34 -15.99 -39.56
CA VAL M 115 -72.48 -17.00 -40.61
C VAL M 115 -72.13 -16.34 -41.93
N VAL M 116 -71.27 -16.98 -42.72
CA VAL M 116 -70.79 -16.44 -43.97
C VAL M 116 -71.56 -17.07 -45.12
N TRP M 117 -71.67 -16.34 -46.23
CA TRP M 117 -72.29 -16.85 -47.43
C TRP M 117 -71.33 -17.74 -48.20
N SER M 118 -71.87 -18.50 -49.15
CA SER M 118 -71.12 -19.51 -49.89
C SER M 118 -70.99 -19.04 -51.34
N LEU M 119 -69.91 -18.31 -51.63
CA LEU M 119 -69.69 -17.87 -53.01
C LEU M 119 -68.32 -18.21 -53.55
N VAL M 120 -67.27 -18.12 -52.73
CA VAL M 120 -65.90 -18.30 -53.22
C VAL M 120 -65.16 -19.32 -52.36
N GLY M 121 -65.90 -20.25 -51.77
CA GLY M 121 -65.31 -21.22 -50.88
C GLY M 121 -65.08 -20.73 -49.47
N GLN M 122 -65.49 -19.50 -49.15
CA GLN M 122 -65.34 -18.96 -47.80
C GLN M 122 -66.29 -19.63 -46.81
N ASP M 123 -67.24 -20.44 -47.28
CA ASP M 123 -68.12 -21.17 -46.38
C ASP M 123 -67.38 -22.22 -45.55
N ILE M 124 -66.13 -22.53 -45.90
CA ILE M 124 -65.30 -23.39 -45.07
C ILE M 124 -65.08 -22.78 -43.69
N LEU M 125 -65.25 -21.45 -43.57
CA LEU M 125 -65.10 -20.78 -42.29
C LEU M 125 -66.27 -21.03 -41.35
N ASN M 126 -67.35 -21.64 -41.84
CA ASN M 126 -68.49 -22.01 -41.00
C ASN M 126 -68.09 -23.25 -40.21
N ALA M 127 -67.46 -23.02 -39.06
CA ALA M 127 -66.93 -24.11 -38.26
C ALA M 127 -68.04 -24.93 -37.63
N ASP M 128 -67.74 -26.21 -37.37
CA ASP M 128 -68.65 -27.09 -36.64
C ASP M 128 -68.54 -26.75 -35.16
N VAL M 129 -69.39 -25.81 -34.73
CA VAL M 129 -69.35 -25.32 -33.36
C VAL M 129 -70.27 -26.08 -32.42
N GLY M 130 -70.94 -27.12 -32.91
CA GLY M 130 -71.86 -27.89 -32.08
C GLY M 130 -73.27 -27.32 -32.11
N GLY M 131 -74.18 -28.09 -31.55
CA GLY M 131 -75.58 -27.71 -31.54
C GLY M 131 -76.23 -27.73 -32.91
N GLY M 132 -75.70 -28.51 -33.85
CA GLY M 132 -76.23 -28.54 -35.20
C GLY M 132 -76.11 -27.21 -35.91
N PHE M 133 -75.03 -26.47 -35.67
CA PHE M 133 -74.84 -25.14 -36.22
C PHE M 133 -73.46 -25.02 -36.85
N HIS M 134 -73.37 -24.23 -37.92
CA HIS M 134 -72.11 -23.98 -38.60
C HIS M 134 -71.91 -22.48 -38.71
N GLY M 135 -70.80 -22.01 -38.16
CA GLY M 135 -70.51 -20.58 -38.18
C GLY M 135 -69.19 -20.31 -37.49
N ILE M 136 -68.84 -19.03 -37.47
CA ILE M 136 -67.57 -18.60 -36.87
C ILE M 136 -67.73 -18.57 -35.35
N GLN M 137 -66.81 -19.23 -34.65
CA GLN M 137 -66.85 -19.23 -33.20
C GLN M 137 -66.48 -17.86 -32.66
N ILE M 138 -67.42 -17.22 -31.97
CA ILE M 138 -67.20 -15.88 -31.44
C ILE M 138 -66.50 -15.99 -30.10
N THR M 139 -65.67 -14.97 -29.79
CA THR M 139 -64.93 -14.92 -28.54
C THR M 139 -65.24 -13.65 -27.74
N SER M 140 -66.36 -12.99 -28.04
CA SER M 140 -66.73 -11.75 -27.37
C SER M 140 -67.41 -11.98 -26.02
N GLY M 141 -67.84 -13.20 -25.74
CA GLY M 141 -68.53 -13.47 -24.48
C GLY M 141 -69.95 -12.96 -24.43
N LEU M 142 -70.59 -12.73 -25.58
CA LEU M 142 -71.95 -12.23 -25.58
C LEU M 142 -72.92 -13.25 -24.98
N PHE M 143 -72.73 -14.53 -25.29
CA PHE M 143 -73.63 -15.57 -24.79
C PHE M 143 -73.56 -15.66 -23.27
N GLN M 144 -72.36 -15.60 -22.71
CA GLN M 144 -72.21 -15.68 -21.26
C GLN M 144 -72.78 -14.44 -20.57
N LEU M 145 -72.66 -13.27 -21.21
CA LEU M 145 -73.25 -12.06 -20.65
C LEU M 145 -74.77 -12.13 -20.66
N TRP M 146 -75.35 -12.60 -21.78
CA TRP M 146 -76.80 -12.67 -21.89
C TRP M 146 -77.39 -13.69 -20.91
N ARG M 147 -76.70 -14.82 -20.72
CA ARG M 147 -77.16 -15.82 -19.77
C ARG M 147 -77.18 -15.27 -18.35
N ALA M 148 -76.16 -14.51 -17.98
CA ALA M 148 -76.12 -13.89 -16.66
C ALA M 148 -77.23 -12.86 -16.49
N ALA M 149 -77.71 -12.26 -17.58
CA ALA M 149 -78.80 -11.30 -17.53
C ALA M 149 -80.16 -11.97 -17.48
N GLY M 150 -80.23 -13.29 -17.61
CA GLY M 150 -81.49 -14.00 -17.61
C GLY M 150 -82.09 -14.25 -18.97
N ILE M 151 -81.43 -13.82 -20.04
CA ILE M 151 -81.97 -14.04 -21.38
C ILE M 151 -81.84 -15.52 -21.74
N THR M 152 -82.94 -16.11 -22.21
CA THR M 152 -82.98 -17.53 -22.51
C THR M 152 -83.43 -17.86 -23.93
N ASN M 153 -84.03 -16.93 -24.66
CA ASN M 153 -84.52 -17.20 -26.00
C ASN M 153 -84.12 -16.07 -26.93
N THR M 154 -84.14 -16.38 -28.24
CA THR M 154 -83.73 -15.41 -29.24
C THR M 154 -84.72 -14.26 -29.40
N PHE M 155 -85.96 -14.44 -28.96
CA PHE M 155 -86.94 -13.36 -29.07
C PHE M 155 -86.56 -12.18 -28.19
N GLN M 156 -86.06 -12.44 -26.97
CA GLN M 156 -85.63 -11.37 -26.10
C GLN M 156 -84.44 -10.62 -26.70
N LEU M 157 -83.51 -11.34 -27.32
CA LEU M 157 -82.41 -10.70 -28.01
C LEU M 157 -82.90 -9.86 -29.19
N TYR M 158 -83.91 -10.36 -29.91
CA TYR M 158 -84.49 -9.61 -31.01
C TYR M 158 -85.12 -8.31 -30.53
N CYS M 159 -85.82 -8.35 -29.39
CA CYS M 159 -86.42 -7.14 -28.83
C CYS M 159 -85.35 -6.13 -28.44
N THR M 160 -84.26 -6.60 -27.83
CA THR M 160 -83.17 -5.70 -27.48
C THR M 160 -82.53 -5.09 -28.73
N ALA M 161 -82.45 -5.84 -29.82
CA ALA M 161 -81.91 -5.29 -31.06
C ALA M 161 -82.79 -4.16 -31.58
N ILE M 162 -84.12 -4.33 -31.52
CA ILE M 162 -85.03 -3.27 -31.95
C ILE M 162 -84.89 -2.06 -31.04
N GLY M 163 -84.78 -2.28 -29.73
CA GLY M 163 -84.60 -1.18 -28.81
C GLY M 163 -83.30 -0.43 -29.04
N GLY M 164 -82.24 -1.15 -29.44
CA GLY M 164 -80.98 -0.50 -29.73
C GLY M 164 -81.08 0.44 -30.93
N LEU M 165 -81.79 0.02 -31.97
CA LEU M 165 -82.00 0.89 -33.12
C LEU M 165 -82.83 2.11 -32.75
N VAL M 166 -83.83 1.93 -31.89
CA VAL M 166 -84.66 3.06 -31.47
C VAL M 166 -83.82 4.07 -30.69
N MET M 167 -83.00 3.57 -29.76
CA MET M 167 -82.12 4.47 -29.00
C MET M 167 -81.09 5.15 -29.89
N ALA M 168 -80.65 4.47 -30.95
CA ALA M 168 -79.74 5.10 -31.90
C ALA M 168 -80.41 6.27 -32.60
N ALA M 169 -81.67 6.11 -33.02
CA ALA M 169 -82.39 7.21 -33.63
C ALA M 169 -82.64 8.35 -32.65
N ILE M 170 -82.94 8.01 -31.38
CA ILE M 170 -83.14 9.03 -30.37
C ILE M 170 -81.84 9.80 -30.10
N MET M 171 -80.72 9.07 -30.04
CA MET M 171 -79.43 9.73 -29.85
C MET M 171 -79.13 10.66 -31.02
N LEU M 172 -79.40 10.22 -32.25
CA LEU M 172 -79.14 11.04 -33.42
C LEU M 172 -80.00 12.30 -33.42
N PHE M 173 -81.27 12.17 -33.04
CA PHE M 173 -82.14 13.33 -32.99
C PHE M 173 -81.69 14.31 -31.90
N ALA M 174 -81.19 13.79 -30.79
CA ALA M 174 -80.74 14.65 -29.70
C ALA M 174 -79.57 15.53 -30.13
N GLY M 175 -78.62 14.95 -30.88
CA GLY M 175 -77.49 15.74 -31.34
C GLY M 175 -77.89 16.85 -32.28
N TRP M 176 -78.79 16.55 -33.22
CA TRP M 176 -79.31 17.58 -34.10
C TRP M 176 -80.09 18.64 -33.32
N PHE M 177 -80.90 18.19 -32.36
CA PHE M 177 -81.73 19.12 -31.60
C PHE M 177 -80.88 20.08 -30.76
N HIS M 178 -79.84 19.56 -30.12
CA HIS M 178 -79.04 20.36 -29.19
C HIS M 178 -77.94 21.14 -29.88
N TYR M 179 -77.81 21.05 -31.20
CA TYR M 179 -76.91 21.90 -31.97
C TYR M 179 -77.63 22.84 -32.91
N HIS M 180 -78.68 22.38 -33.59
CA HIS M 180 -79.39 23.18 -34.58
C HIS M 180 -80.63 23.86 -34.03
N LYS M 181 -81.16 23.41 -32.89
CA LYS M 181 -82.39 23.96 -32.34
C LYS M 181 -82.18 24.64 -30.99
N ARG M 182 -81.63 23.94 -30.00
CA ARG M 182 -81.46 24.46 -28.64
C ARG M 182 -80.04 24.16 -28.18
N ALA M 183 -79.12 25.09 -28.45
CA ALA M 183 -77.73 24.92 -28.09
C ALA M 183 -77.44 25.62 -26.77
N PRO M 184 -77.03 24.90 -25.72
CA PRO M 184 -76.78 25.55 -24.43
C PRO M 184 -75.62 26.54 -24.49
N LYS M 185 -75.69 27.55 -23.62
CA LYS M 185 -74.64 28.54 -23.53
C LYS M 185 -73.37 27.92 -22.95
N LEU M 186 -72.29 28.72 -22.98
CA LEU M 186 -71.04 28.30 -22.38
C LEU M 186 -71.18 28.10 -20.87
N GLU M 187 -71.95 28.97 -20.22
CA GLU M 187 -72.13 28.88 -18.77
C GLU M 187 -72.80 27.57 -18.38
N TRP M 188 -73.64 27.01 -19.24
CA TRP M 188 -74.27 25.73 -18.95
C TRP M 188 -73.23 24.62 -18.84
N PHE M 189 -72.26 24.61 -19.74
CA PHE M 189 -71.23 23.58 -19.72
C PHE M 189 -70.27 23.73 -18.55
N GLN M 190 -70.18 24.92 -17.95
CA GLN M 190 -69.23 25.18 -16.88
C GLN M 190 -69.78 24.87 -15.50
N ASN M 191 -70.90 24.15 -15.41
CA ASN M 191 -71.50 23.79 -14.12
C ASN M 191 -70.86 22.49 -13.64
N TRP M 192 -69.68 22.63 -13.03
CA TRP M 192 -68.97 21.46 -12.52
C TRP M 192 -69.77 20.75 -11.44
N GLU M 193 -70.29 21.51 -10.47
CA GLU M 193 -70.97 20.91 -9.33
C GLU M 193 -72.26 20.22 -9.76
N ALA M 194 -73.03 20.86 -10.63
CA ALA M 194 -74.26 20.23 -11.12
C ALA M 194 -73.98 18.99 -11.94
N MET M 195 -72.96 19.04 -12.80
CA MET M 195 -72.62 17.89 -13.63
C MET M 195 -72.14 16.72 -12.77
N MET M 196 -71.30 17.00 -11.77
CA MET M 196 -70.81 15.93 -10.90
C MET M 196 -71.94 15.30 -10.11
N ASN M 197 -72.87 16.11 -9.60
CA ASN M 197 -73.98 15.57 -8.83
C ASN M 197 -74.88 14.70 -9.69
N HIS M 198 -75.17 15.13 -10.91
CA HIS M 198 -76.08 14.38 -11.76
C HIS M 198 -75.45 13.10 -12.29
N HIS M 199 -74.15 13.15 -12.62
CA HIS M 199 -73.48 11.98 -13.17
C HIS M 199 -73.10 10.96 -12.10
N LEU M 200 -72.98 11.40 -10.83
CA LEU M 200 -72.71 10.45 -9.76
C LEU M 200 -73.99 9.77 -9.27
N ALA M 201 -74.95 10.56 -8.81
CA ALA M 201 -76.18 10.01 -8.25
C ALA M 201 -77.13 9.52 -9.35
N GLY M 202 -77.22 10.25 -10.46
CA GLY M 202 -78.21 9.96 -11.47
C GLY M 202 -77.77 8.99 -12.56
N LEU M 203 -76.50 9.03 -12.94
CA LEU M 203 -76.02 8.13 -13.99
C LEU M 203 -75.45 6.85 -13.41
N LEU M 204 -74.42 6.97 -12.57
CA LEU M 204 -73.84 5.78 -11.96
C LEU M 204 -74.73 5.22 -10.85
N GLY M 205 -75.29 6.11 -10.02
CA GLY M 205 -76.09 5.64 -8.90
C GLY M 205 -77.40 5.01 -9.32
N LEU M 206 -78.15 5.69 -10.18
CA LEU M 206 -79.45 5.16 -10.60
C LEU M 206 -79.29 3.98 -11.57
N GLY M 207 -78.21 3.97 -12.35
CA GLY M 207 -77.96 2.83 -13.21
C GLY M 207 -77.62 1.58 -12.41
N CYS M 208 -76.80 1.73 -11.37
CA CYS M 208 -76.51 0.59 -10.50
C CYS M 208 -77.77 0.12 -9.78
N LEU M 209 -78.60 1.07 -9.32
CA LEU M 209 -79.86 0.70 -8.68
C LEU M 209 -80.78 -0.03 -9.65
N GLY M 210 -80.89 0.49 -10.88
CA GLY M 210 -81.74 -0.15 -11.86
C GLY M 210 -81.27 -1.54 -12.23
N TRP M 211 -79.96 -1.72 -12.42
CA TRP M 211 -79.43 -3.03 -12.74
C TRP M 211 -79.54 -3.97 -11.54
N ALA M 212 -79.40 -3.45 -10.33
CA ALA M 212 -79.63 -4.28 -9.14
C ALA M 212 -81.07 -4.77 -9.10
N GLY M 213 -82.02 -3.92 -9.48
CA GLY M 213 -83.40 -4.36 -9.57
C GLY M 213 -83.60 -5.45 -10.61
N HIS M 214 -82.96 -5.30 -11.77
CA HIS M 214 -83.06 -6.34 -12.79
C HIS M 214 -82.43 -7.64 -12.33
N GLN M 215 -81.26 -7.56 -11.69
CA GLN M 215 -80.60 -8.77 -11.20
C GLN M 215 -81.45 -9.46 -10.15
N ILE M 216 -81.99 -8.70 -9.21
CA ILE M 216 -82.77 -9.30 -8.12
C ILE M 216 -84.04 -9.94 -8.65
N HIS M 217 -84.76 -9.24 -9.54
CA HIS M 217 -86.08 -9.68 -9.94
C HIS M 217 -86.08 -10.58 -11.17
N VAL M 218 -85.00 -10.58 -11.96
CA VAL M 218 -84.99 -11.32 -13.22
C VAL M 218 -83.81 -12.28 -13.30
N ALA M 219 -82.60 -11.74 -13.13
CA ALA M 219 -81.39 -12.55 -13.37
C ALA M 219 -81.23 -13.63 -12.31
N LEU M 220 -81.40 -13.27 -11.04
CA LEU M 220 -81.24 -14.26 -9.97
C LEU M 220 -82.22 -15.41 -10.05
N PRO M 221 -83.54 -15.19 -10.22
CA PRO M 221 -84.44 -16.36 -10.29
C PRO M 221 -84.20 -17.22 -11.52
N VAL M 222 -83.94 -16.62 -12.68
CA VAL M 222 -83.73 -17.39 -13.89
C VAL M 222 -82.46 -18.22 -13.78
N ASN M 223 -81.38 -17.62 -13.29
CA ASN M 223 -80.11 -18.34 -13.18
C ASN M 223 -80.14 -19.38 -12.06
N LYS M 224 -80.89 -19.12 -10.99
CA LYS M 224 -81.04 -20.13 -9.94
C LYS M 224 -81.70 -21.38 -10.49
N LEU M 225 -82.74 -21.23 -11.31
CA LEU M 225 -83.37 -22.37 -11.95
C LEU M 225 -82.41 -23.03 -12.95
N LEU M 226 -81.66 -22.22 -13.70
CA LEU M 226 -80.74 -22.77 -14.70
C LEU M 226 -79.68 -23.63 -14.05
N ASP M 227 -79.10 -23.16 -12.94
CA ASP M 227 -78.08 -23.95 -12.26
C ASP M 227 -78.67 -25.17 -11.58
N ALA M 228 -79.97 -25.13 -11.26
CA ALA M 228 -80.63 -26.28 -10.67
C ALA M 228 -80.82 -27.41 -11.69
N GLY M 229 -80.72 -27.10 -12.99
CA GLY M 229 -80.81 -28.11 -14.02
C GLY M 229 -82.15 -28.20 -14.73
N VAL M 230 -83.10 -27.32 -14.42
CA VAL M 230 -84.39 -27.37 -15.10
C VAL M 230 -84.24 -26.84 -16.52
N ALA M 231 -85.06 -27.35 -17.43
CA ALA M 231 -84.95 -27.02 -18.84
C ALA M 231 -85.39 -25.57 -19.10
N ILE M 232 -85.01 -25.08 -20.28
CA ILE M 232 -85.34 -23.71 -20.66
C ILE M 232 -86.85 -23.52 -20.75
N LYS M 233 -87.54 -24.46 -21.39
CA LYS M 233 -88.98 -24.32 -21.62
C LYS M 233 -89.77 -24.34 -20.31
N ASP M 234 -89.23 -24.98 -19.28
CA ASP M 234 -89.92 -25.04 -18.00
C ASP M 234 -89.67 -23.82 -17.13
N ILE M 235 -88.71 -22.97 -17.48
CA ILE M 235 -88.45 -21.75 -16.72
C ILE M 235 -89.48 -20.69 -17.11
N PRO M 236 -90.22 -20.12 -16.17
CA PRO M 236 -91.20 -19.09 -16.51
C PRO M 236 -90.51 -17.82 -17.00
N LEU M 237 -91.26 -17.04 -17.77
CA LEU M 237 -90.73 -15.80 -18.31
C LEU M 237 -90.41 -14.84 -17.16
N PRO M 238 -89.45 -13.93 -17.35
CA PRO M 238 -89.01 -13.08 -16.24
C PRO M 238 -90.12 -12.24 -15.62
N HIS M 239 -91.11 -11.81 -16.40
CA HIS M 239 -92.20 -11.03 -15.83
C HIS M 239 -93.09 -11.86 -14.92
N GLU M 240 -93.10 -13.18 -15.10
CA GLU M 240 -93.88 -14.04 -14.21
C GLU M 240 -93.31 -14.03 -12.79
N PHE M 241 -92.00 -13.85 -12.65
CA PHE M 241 -91.41 -13.72 -11.32
C PHE M 241 -91.85 -12.44 -10.62
N ILE M 242 -92.27 -11.43 -11.37
CA ILE M 242 -92.76 -10.19 -10.78
C ILE M 242 -94.25 -10.28 -10.45
N LEU M 243 -95.05 -10.82 -11.37
CA LEU M 243 -96.48 -10.95 -11.12
C LEU M 243 -96.75 -12.00 -10.06
N ASN M 244 -96.36 -13.25 -10.33
CA ASN M 244 -96.58 -14.36 -9.40
C ASN M 244 -95.53 -14.28 -8.31
N THR M 245 -95.87 -13.63 -7.20
CA THR M 245 -94.95 -13.49 -6.08
C THR M 245 -94.65 -14.83 -5.42
N SER M 246 -95.55 -15.81 -5.53
CA SER M 246 -95.30 -17.11 -4.93
C SER M 246 -94.11 -17.80 -5.56
N LEU M 247 -93.89 -17.59 -6.86
CA LEU M 247 -92.73 -18.18 -7.52
C LEU M 247 -91.43 -17.66 -6.92
N MET M 248 -91.37 -16.36 -6.63
CA MET M 248 -90.17 -15.79 -6.03
C MET M 248 -90.02 -16.22 -4.57
N ALA M 249 -91.13 -16.46 -3.87
CA ALA M 249 -91.05 -16.90 -2.48
C ALA M 249 -90.43 -18.28 -2.37
N GLU M 250 -90.74 -19.17 -3.32
CA GLU M 250 -90.19 -20.52 -3.29
C GLU M 250 -88.68 -20.51 -3.46
N LEU M 251 -88.18 -19.72 -4.42
CA LEU M 251 -86.75 -19.63 -4.64
C LEU M 251 -86.05 -18.88 -3.51
N TYR M 252 -86.64 -17.78 -3.05
CA TYR M 252 -86.09 -16.98 -1.96
C TYR M 252 -87.19 -16.73 -0.94
N PRO M 253 -87.15 -17.39 0.21
CA PRO M 253 -88.24 -17.23 1.20
C PRO M 253 -88.41 -15.80 1.69
N SER M 254 -87.36 -14.99 1.65
CA SER M 254 -87.45 -13.62 2.17
C SER M 254 -88.41 -12.76 1.36
N PHE M 255 -88.70 -13.13 0.11
CA PHE M 255 -89.64 -12.36 -0.70
C PHE M 255 -91.08 -12.51 -0.23
N ALA M 256 -91.36 -13.46 0.67
CA ALA M 256 -92.71 -13.65 1.19
C ALA M 256 -93.13 -12.56 2.17
N LYS M 257 -92.19 -11.74 2.66
CA LYS M 257 -92.50 -10.69 3.61
C LYS M 257 -92.33 -9.29 3.03
N GLY M 258 -92.25 -9.19 1.70
CA GLY M 258 -92.33 -7.92 1.01
C GLY M 258 -91.21 -6.96 1.34
N LEU M 259 -91.55 -5.66 1.33
CA LEU M 259 -90.60 -4.58 1.52
C LEU M 259 -90.46 -4.16 2.98
N VAL M 260 -91.13 -4.86 3.91
CA VAL M 260 -91.11 -4.44 5.31
C VAL M 260 -89.69 -4.44 5.89
N PRO M 261 -88.87 -5.48 5.70
CA PRO M 261 -87.51 -5.42 6.28
C PRO M 261 -86.67 -4.27 5.74
N PHE M 262 -86.86 -3.88 4.47
CA PHE M 262 -86.05 -2.79 3.91
C PHE M 262 -86.33 -1.48 4.63
N PHE M 263 -87.60 -1.18 4.88
CA PHE M 263 -87.97 0.10 5.49
C PHE M 263 -87.79 0.12 7.00
N THR M 264 -87.62 -1.03 7.64
CA THR M 264 -87.40 -1.11 9.08
C THR M 264 -85.94 -1.34 9.44
N LEU M 265 -85.03 -1.27 8.45
CA LEU M 265 -83.61 -1.53 8.66
C LEU M 265 -83.39 -2.88 9.32
N GLN M 266 -84.08 -3.90 8.80
CA GLN M 266 -83.90 -5.28 9.20
C GLN M 266 -83.34 -6.04 8.01
N TRP M 267 -82.34 -5.45 7.36
CA TRP M 267 -81.84 -5.95 6.09
C TRP M 267 -81.24 -7.35 6.19
N GLY M 268 -80.92 -7.80 7.40
CA GLY M 268 -80.34 -9.13 7.56
C GLY M 268 -81.24 -10.26 7.11
N GLN M 269 -82.55 -10.01 7.03
CA GLN M 269 -83.48 -11.02 6.54
C GLN M 269 -83.46 -11.14 5.02
N TYR M 270 -82.79 -10.24 4.32
CA TYR M 270 -82.63 -10.30 2.88
C TYR M 270 -81.39 -11.09 2.45
N ALA M 271 -80.70 -11.72 3.41
CA ALA M 271 -79.42 -12.38 3.13
C ALA M 271 -79.56 -13.59 2.22
N ASP M 272 -80.78 -14.08 1.98
CA ASP M 272 -80.92 -15.26 1.14
C ASP M 272 -80.71 -14.94 -0.34
N PHE M 273 -80.99 -13.70 -0.76
CA PHE M 273 -80.74 -13.30 -2.14
C PHE M 273 -79.76 -12.15 -2.27
N LEU M 274 -79.41 -11.47 -1.18
CA LEU M 274 -78.30 -10.52 -1.16
C LEU M 274 -77.18 -11.18 -0.35
N THR M 275 -76.38 -11.99 -1.03
CA THR M 275 -75.38 -12.79 -0.36
C THR M 275 -74.04 -12.06 -0.33
N PHE M 276 -73.13 -12.57 0.49
CA PHE M 276 -71.80 -12.01 0.67
C PHE M 276 -70.80 -13.15 0.69
N LYS M 277 -70.97 -14.11 -0.22
CA LYS M 277 -70.23 -15.36 -0.17
C LYS M 277 -68.79 -15.20 -0.63
N GLY M 278 -68.60 -14.63 -1.82
CA GLY M 278 -67.32 -14.69 -2.48
C GLY M 278 -67.14 -16.01 -3.23
N GLY M 279 -65.94 -16.17 -3.78
CA GLY M 279 -65.67 -17.39 -4.52
C GLY M 279 -66.43 -17.44 -5.83
N LEU M 280 -66.67 -18.67 -6.31
CA LEU M 280 -67.34 -18.91 -7.57
C LEU M 280 -68.43 -19.95 -7.41
N ASN M 281 -69.45 -19.83 -8.25
CA ASN M 281 -70.51 -20.83 -8.32
C ASN M 281 -69.91 -22.14 -8.84
N PRO M 282 -70.02 -23.25 -8.10
CA PRO M 282 -69.45 -24.51 -8.60
C PRO M 282 -70.05 -25.00 -9.90
N VAL M 283 -71.32 -24.69 -10.16
CA VAL M 283 -71.99 -25.21 -11.35
C VAL M 283 -71.45 -24.55 -12.61
N THR M 284 -71.26 -23.23 -12.59
CA THR M 284 -70.92 -22.49 -13.79
C THR M 284 -69.51 -21.93 -13.80
N GLY M 285 -68.89 -21.74 -12.65
CA GLY M 285 -67.57 -21.15 -12.58
C GLY M 285 -67.54 -19.63 -12.54
N GLY M 286 -68.70 -18.98 -12.67
CA GLY M 286 -68.77 -17.54 -12.56
C GLY M 286 -69.08 -17.11 -11.13
N LEU M 287 -69.10 -15.79 -10.93
CA LEU M 287 -69.43 -15.24 -9.63
C LEU M 287 -70.89 -15.50 -9.30
N TRP M 288 -71.18 -15.63 -8.01
CA TRP M 288 -72.56 -15.74 -7.56
C TRP M 288 -73.34 -14.49 -7.97
N LEU M 289 -74.47 -14.69 -8.66
CA LEU M 289 -75.26 -13.55 -9.09
C LEU M 289 -75.87 -12.82 -7.90
N SER M 290 -76.17 -13.55 -6.81
CA SER M 290 -76.62 -12.88 -5.59
C SER M 290 -75.53 -12.03 -4.99
N ASP M 291 -74.26 -12.42 -5.15
CA ASP M 291 -73.16 -11.57 -4.72
C ASP M 291 -73.09 -10.29 -5.54
N THR M 292 -73.28 -10.40 -6.86
CA THR M 292 -73.22 -9.21 -7.70
C THR M 292 -74.42 -8.29 -7.48
N ALA M 293 -75.57 -8.86 -7.11
CA ALA M 293 -76.73 -8.02 -6.82
C ALA M 293 -76.49 -7.15 -5.60
N HIS M 294 -75.92 -7.72 -4.53
CA HIS M 294 -75.55 -6.92 -3.37
C HIS M 294 -74.41 -5.96 -3.70
N HIS M 295 -73.52 -6.35 -4.61
CA HIS M 295 -72.43 -5.47 -5.01
C HIS M 295 -72.98 -4.23 -5.71
N HIS M 296 -73.89 -4.42 -6.68
CA HIS M 296 -74.43 -3.29 -7.41
C HIS M 296 -75.39 -2.46 -6.55
N LEU M 297 -76.13 -3.11 -5.64
CA LEU M 297 -76.98 -2.36 -4.73
C LEU M 297 -76.15 -1.49 -3.79
N ALA M 298 -75.05 -2.03 -3.27
CA ALA M 298 -74.16 -1.24 -2.43
C ALA M 298 -73.52 -0.11 -3.22
N LEU M 299 -73.18 -0.37 -4.48
CA LEU M 299 -72.63 0.67 -5.33
C LEU M 299 -73.64 1.79 -5.58
N ALA M 300 -74.90 1.43 -5.78
CA ALA M 300 -75.94 2.42 -6.03
C ALA M 300 -76.08 3.38 -4.86
N VAL M 301 -76.10 2.84 -3.63
CA VAL M 301 -76.21 3.69 -2.46
C VAL M 301 -74.98 4.59 -2.34
N LEU M 302 -73.80 4.02 -2.54
CA LEU M 302 -72.56 4.79 -2.41
C LEU M 302 -72.48 5.90 -3.46
N PHE M 303 -72.88 5.61 -4.69
CA PHE M 303 -72.82 6.61 -5.75
C PHE M 303 -73.85 7.71 -5.54
N ILE M 304 -75.07 7.34 -5.11
CA ILE M 304 -76.11 8.35 -4.87
C ILE M 304 -75.69 9.27 -3.73
N VAL M 305 -75.12 8.71 -2.67
CA VAL M 305 -74.60 9.53 -1.58
C VAL M 305 -73.50 10.45 -2.09
N ALA M 306 -72.63 9.93 -2.96
CA ALA M 306 -71.58 10.76 -3.55
C ALA M 306 -72.17 11.88 -4.41
N GLY M 307 -73.38 11.69 -4.92
CA GLY M 307 -74.03 12.68 -5.76
C GLY M 307 -74.64 13.87 -5.04
N HIS M 308 -74.52 13.91 -3.71
CA HIS M 308 -74.97 15.05 -2.92
C HIS M 308 -73.78 15.75 -2.26
N PHE M 309 -72.62 15.69 -2.93
CA PHE M 309 -71.38 16.19 -2.38
C PHE M 309 -71.07 17.63 -2.79
N TYR M 310 -71.60 18.07 -3.93
CA TYR M 310 -71.25 19.35 -4.51
C TYR M 310 -72.39 20.34 -4.39
N ARG M 311 -72.05 21.61 -4.14
CA ARG M 311 -73.05 22.64 -3.91
C ARG M 311 -73.55 23.20 -5.23
N THR M 312 -74.84 23.01 -5.52
CA THR M 312 -75.43 23.50 -6.75
C THR M 312 -76.26 24.76 -6.54
N ASN M 313 -77.32 24.71 -5.73
CA ASN M 313 -78.26 25.81 -5.66
C ASN M 313 -78.85 26.06 -4.27
N TRP M 314 -78.43 25.33 -3.23
CA TRP M 314 -79.05 25.44 -1.93
C TRP M 314 -78.04 25.64 -0.80
N GLY M 315 -76.82 26.06 -1.14
CA GLY M 315 -75.83 26.37 -0.12
C GLY M 315 -75.11 25.16 0.44
N ILE M 316 -75.85 24.06 0.60
CA ILE M 316 -75.25 22.82 1.09
C ILE M 316 -74.37 22.22 -0.01
N GLY M 317 -73.20 21.75 0.37
CA GLY M 317 -72.28 21.09 -0.54
C GLY M 317 -70.91 21.71 -0.51
N HIS M 318 -70.02 21.10 -1.27
CA HIS M 318 -68.65 21.54 -1.41
C HIS M 318 -68.46 22.27 -2.73
N SER M 319 -67.49 23.17 -2.77
CA SER M 319 -67.17 23.95 -3.97
C SER M 319 -65.82 23.51 -4.52
N PHE M 320 -65.75 23.33 -5.84
CA PHE M 320 -64.49 22.96 -6.47
C PHE M 320 -63.42 24.03 -6.27
N LYS M 321 -63.80 25.30 -6.44
CA LYS M 321 -62.83 26.38 -6.37
C LYS M 321 -62.24 26.51 -4.97
N GLU M 322 -63.07 26.32 -3.93
CA GLU M 322 -62.58 26.51 -2.56
C GLU M 322 -61.58 25.43 -2.17
N MET M 323 -61.81 24.18 -2.58
CA MET M 323 -60.82 23.13 -2.29
C MET M 323 -59.48 23.45 -2.95
N LEU M 324 -59.52 23.73 -4.26
CA LEU M 324 -58.29 23.92 -5.02
C LEU M 324 -57.51 25.13 -4.49
N ASP M 325 -58.21 26.18 -4.11
CA ASP M 325 -57.55 27.35 -3.53
C ASP M 325 -57.00 27.09 -2.14
N ASP M 326 -57.51 26.07 -1.44
CA ASP M 326 -57.04 25.75 -0.10
C ASP M 326 -55.91 24.75 -0.08
N ALA M 327 -55.74 23.96 -1.14
CA ALA M 327 -54.70 22.92 -1.18
C ALA M 327 -53.37 23.58 -1.54
N LYS M 328 -52.73 24.15 -0.53
CA LYS M 328 -51.44 24.80 -0.69
C LYS M 328 -50.77 24.90 0.67
N SER M 329 -49.48 25.20 0.65
CA SER M 329 -48.75 25.43 1.89
C SER M 329 -49.28 26.69 2.58
N PRO M 330 -49.35 26.70 3.92
CA PRO M 330 -48.99 25.64 4.86
C PRO M 330 -50.19 24.81 5.31
N ASN M 331 -51.23 24.72 4.49
CA ASN M 331 -52.43 23.98 4.85
C ASN M 331 -52.33 22.48 4.57
N MET M 332 -51.23 22.03 4.00
CA MET M 332 -51.05 20.61 3.70
C MET M 332 -50.37 19.91 4.86
N LEU M 333 -50.12 18.61 4.69
CA LEU M 333 -49.36 17.87 5.68
C LEU M 333 -47.93 18.42 5.75
N PRO M 334 -47.25 18.28 6.89
CA PRO M 334 -45.93 18.90 7.04
C PRO M 334 -44.93 18.46 5.98
N PHE M 335 -44.96 17.20 5.56
CA PHE M 335 -44.06 16.71 4.54
C PHE M 335 -44.61 16.91 3.12
N LEU M 336 -45.85 17.38 2.98
CA LEU M 336 -46.44 17.65 1.68
C LEU M 336 -46.52 19.15 1.38
N ASN M 337 -45.88 19.98 2.18
CA ASN M 337 -45.93 21.43 1.99
C ASN M 337 -44.98 21.92 0.91
N PHE M 338 -44.22 21.03 0.28
CA PHE M 338 -43.27 21.43 -0.75
C PHE M 338 -43.95 21.94 -2.01
N ILE M 339 -45.28 21.78 -2.14
CA ILE M 339 -46.01 22.18 -3.34
C ILE M 339 -46.10 23.70 -3.42
N GLY M 340 -45.61 24.40 -2.40
CA GLY M 340 -45.48 25.83 -2.44
C GLY M 340 -46.67 26.57 -1.87
N PRO M 341 -46.51 27.88 -1.67
CA PRO M 341 -47.59 28.68 -1.06
C PRO M 341 -48.78 28.92 -1.97
N VAL M 342 -48.67 28.63 -3.26
CA VAL M 342 -49.79 28.77 -4.18
C VAL M 342 -50.52 27.45 -4.37
N GLY M 343 -49.78 26.36 -4.53
CA GLY M 343 -50.41 25.05 -4.57
C GLY M 343 -51.34 24.89 -5.76
N HIS M 344 -52.53 24.34 -5.48
CA HIS M 344 -53.51 24.06 -6.51
C HIS M 344 -54.30 25.30 -6.94
N GLU M 345 -53.97 26.47 -6.40
CA GLU M 345 -54.65 27.69 -6.80
C GLU M 345 -54.32 28.01 -8.26
N GLY M 346 -55.36 28.34 -9.03
CA GLY M 346 -55.22 28.61 -10.44
C GLY M 346 -55.57 27.45 -11.35
N LEU M 347 -55.64 26.23 -10.81
CA LEU M 347 -56.02 25.08 -11.61
C LEU M 347 -57.48 25.14 -12.05
N ASP M 348 -58.33 25.86 -11.31
CA ASP M 348 -59.73 25.98 -11.71
C ASP M 348 -59.87 26.71 -13.05
N LYS M 349 -58.91 27.56 -13.39
CA LYS M 349 -58.93 28.21 -14.71
C LYS M 349 -58.77 27.20 -15.83
N ILE M 350 -58.02 26.12 -15.59
CA ILE M 350 -57.84 25.10 -16.62
C ILE M 350 -59.17 24.45 -16.97
N PHE M 351 -59.94 24.07 -15.96
CA PHE M 351 -61.19 23.37 -16.20
C PHE M 351 -62.31 24.30 -16.66
N GLU M 352 -62.12 25.61 -16.58
CA GLU M 352 -63.11 26.54 -17.11
C GLU M 352 -63.07 26.61 -18.64
N THR M 353 -61.88 26.49 -19.23
CA THR M 353 -61.69 26.79 -20.64
C THR M 353 -61.09 25.66 -21.47
N SER M 354 -60.47 24.66 -20.86
CA SER M 354 -59.72 23.65 -21.59
C SER M 354 -60.53 22.35 -21.66
N TRP M 355 -61.07 22.06 -22.84
CA TRP M 355 -61.65 20.74 -23.09
C TRP M 355 -60.57 19.67 -23.18
N HIS M 356 -59.40 20.01 -23.72
CA HIS M 356 -58.34 19.03 -23.90
C HIS M 356 -57.83 18.51 -22.57
N ALA M 357 -57.73 19.38 -21.56
CA ALA M 357 -57.25 18.94 -20.26
C ALA M 357 -58.20 17.93 -19.63
N ASN M 358 -59.51 18.15 -19.75
CA ASN M 358 -60.48 17.19 -19.23
C ASN M 358 -60.42 15.88 -20.01
N LEU M 359 -60.29 15.97 -21.34
CA LEU M 359 -60.16 14.76 -22.14
C LEU M 359 -58.90 13.98 -21.77
N SER M 360 -57.84 14.67 -21.40
CA SER M 360 -56.61 14.00 -20.98
C SER M 360 -56.85 13.17 -19.74
N ILE M 361 -57.51 13.74 -18.73
CA ILE M 361 -57.77 13.01 -17.49
C ILE M 361 -58.71 11.84 -17.73
N HIS M 362 -59.77 12.07 -18.52
CA HIS M 362 -60.80 11.05 -18.68
C HIS M 362 -60.31 9.89 -19.52
N LEU M 363 -59.47 10.15 -20.51
CA LEU M 363 -58.89 9.06 -21.28
C LEU M 363 -57.95 8.22 -20.42
N VAL M 364 -57.22 8.86 -19.51
CA VAL M 364 -56.34 8.13 -18.60
C VAL M 364 -57.16 7.20 -17.70
N GLN M 365 -58.27 7.69 -17.16
CA GLN M 365 -59.06 6.89 -16.23
C GLN M 365 -59.87 5.82 -16.94
N PHE M 366 -60.17 6.00 -18.23
CA PHE M 366 -60.70 4.90 -19.01
C PHE M 366 -59.66 3.81 -19.23
N GLY M 367 -58.39 4.19 -19.37
CA GLY M 367 -57.34 3.20 -19.36
C GLY M 367 -57.25 2.47 -18.03
N THR M 368 -57.38 3.20 -16.93
CA THR M 368 -57.37 2.57 -15.61
C THR M 368 -58.56 1.63 -15.45
N ALA M 369 -59.75 2.07 -15.86
CA ALA M 369 -60.94 1.25 -15.72
C ALA M 369 -60.85 -0.01 -16.58
N SER M 370 -60.36 0.13 -17.81
CA SER M 370 -60.29 -1.03 -18.70
C SER M 370 -59.19 -1.99 -18.27
N LEU M 371 -58.11 -1.49 -17.67
CA LEU M 371 -57.10 -2.37 -17.10
C LEU M 371 -57.66 -3.15 -15.91
N LEU M 372 -58.42 -2.49 -15.05
CA LEU M 372 -59.07 -3.18 -13.94
C LEU M 372 -60.07 -4.20 -14.47
N VAL M 373 -60.74 -3.88 -15.58
CA VAL M 373 -61.65 -4.83 -16.19
C VAL M 373 -60.90 -6.08 -16.65
N ALA M 374 -59.74 -5.89 -17.28
CA ALA M 374 -58.98 -7.04 -17.76
C ALA M 374 -58.48 -7.91 -16.62
N HIS M 375 -57.89 -7.29 -15.59
CA HIS M 375 -57.31 -8.07 -14.51
C HIS M 375 -58.38 -8.72 -13.64
N HIS M 376 -59.46 -7.99 -13.35
CA HIS M 376 -60.44 -8.49 -12.39
C HIS M 376 -61.45 -9.45 -13.00
N MET M 377 -61.50 -9.57 -14.33
CA MET M 377 -62.45 -10.48 -14.94
C MET M 377 -61.91 -11.88 -15.20
N TYR M 378 -60.59 -12.07 -15.22
CA TYR M 378 -60.14 -13.45 -15.35
C TYR M 378 -59.98 -14.12 -13.99
N ALA M 379 -59.48 -13.36 -13.01
CA ALA M 379 -59.28 -13.91 -11.67
C ALA M 379 -60.59 -14.07 -10.91
N MET M 380 -61.57 -13.23 -11.20
CA MET M 380 -62.91 -13.34 -10.63
C MET M 380 -63.91 -13.34 -11.78
N PRO M 381 -64.02 -14.46 -12.51
CA PRO M 381 -64.90 -14.51 -13.67
C PRO M 381 -66.34 -14.23 -13.29
N PRO M 382 -66.93 -13.17 -13.84
CA PRO M 382 -68.28 -12.76 -13.41
C PRO M 382 -69.42 -13.41 -14.17
N TYR M 383 -69.16 -14.09 -15.28
CA TYR M 383 -70.23 -14.64 -16.09
C TYR M 383 -70.21 -16.16 -16.04
N PRO M 384 -71.37 -16.81 -16.13
CA PRO M 384 -71.40 -18.28 -16.11
C PRO M 384 -70.74 -18.86 -17.35
N TYR M 385 -69.95 -19.91 -17.14
CA TYR M 385 -69.26 -20.61 -18.21
C TYR M 385 -68.33 -19.69 -19.01
N LEU M 386 -67.78 -18.69 -18.34
CA LEU M 386 -66.81 -17.78 -18.95
C LEU M 386 -65.38 -18.23 -18.71
N ALA M 387 -65.07 -18.67 -17.49
CA ALA M 387 -63.71 -19.07 -17.15
C ALA M 387 -63.28 -20.28 -17.96
N THR M 388 -64.18 -21.24 -18.16
CA THR M 388 -63.83 -22.46 -18.89
C THR M 388 -63.87 -22.28 -20.40
N ASP M 389 -64.38 -21.16 -20.89
CA ASP M 389 -64.30 -20.83 -22.31
C ASP M 389 -63.00 -20.08 -22.53
N TYR M 390 -61.93 -20.84 -22.78
CA TYR M 390 -60.59 -20.27 -22.81
C TYR M 390 -60.42 -19.28 -23.96
N ALA M 391 -61.08 -19.53 -25.09
CA ALA M 391 -61.01 -18.60 -26.20
C ALA M 391 -61.59 -17.24 -25.84
N THR M 392 -62.73 -17.24 -25.13
CA THR M 392 -63.34 -15.97 -24.72
C THR M 392 -62.53 -15.31 -23.61
N ALA M 393 -62.03 -16.10 -22.65
CA ALA M 393 -61.28 -15.52 -21.54
C ALA M 393 -60.02 -14.83 -22.01
N LEU M 394 -59.27 -15.45 -22.92
CA LEU M 394 -58.07 -14.81 -23.45
C LEU M 394 -58.42 -13.58 -24.29
N SER M 395 -59.47 -13.67 -25.10
CA SER M 395 -59.84 -12.54 -25.95
C SER M 395 -60.28 -11.34 -25.13
N LEU M 396 -61.05 -11.56 -24.08
CA LEU M 396 -61.56 -10.45 -23.29
C LEU M 396 -60.42 -9.72 -22.57
N PHE M 397 -59.48 -10.47 -21.99
CA PHE M 397 -58.36 -9.83 -21.32
C PHE M 397 -57.50 -9.05 -22.32
N THR M 398 -57.19 -9.67 -23.46
CA THR M 398 -56.34 -9.02 -24.45
C THR M 398 -57.00 -7.77 -25.02
N HIS M 399 -58.30 -7.85 -25.32
CA HIS M 399 -58.99 -6.72 -25.94
C HIS M 399 -58.98 -5.50 -25.03
N HIS M 400 -59.33 -5.70 -23.75
CA HIS M 400 -59.43 -4.58 -22.83
C HIS M 400 -58.07 -4.08 -22.37
N VAL M 401 -57.02 -4.90 -22.46
CA VAL M 401 -55.67 -4.37 -22.24
C VAL M 401 -55.29 -3.41 -23.35
N TRP M 402 -55.58 -3.79 -24.61
CA TRP M 402 -55.22 -2.94 -25.74
C TRP M 402 -56.00 -1.64 -25.74
N ILE M 403 -57.29 -1.70 -25.40
CA ILE M 403 -58.10 -0.49 -25.34
C ILE M 403 -57.53 0.48 -24.32
N ALA M 404 -57.10 -0.04 -23.17
CA ALA M 404 -56.55 0.80 -22.12
C ALA M 404 -55.26 1.49 -22.59
N GLY M 405 -54.41 0.77 -23.30
CA GLY M 405 -53.16 1.36 -23.76
C GLY M 405 -53.36 2.50 -24.73
N PHE M 406 -54.30 2.35 -25.66
CA PHE M 406 -54.62 3.45 -26.57
C PHE M 406 -55.20 4.64 -25.81
N CYS M 407 -56.07 4.38 -24.84
CA CYS M 407 -56.67 5.46 -24.06
C CYS M 407 -55.62 6.21 -23.26
N ILE M 408 -54.65 5.49 -22.67
CA ILE M 408 -53.61 6.13 -21.88
C ILE M 408 -52.75 7.02 -22.77
N VAL M 409 -52.39 6.53 -23.95
CA VAL M 409 -51.60 7.34 -24.89
C VAL M 409 -52.40 8.57 -25.31
N GLY M 410 -53.70 8.40 -25.52
CA GLY M 410 -54.54 9.55 -25.86
C GLY M 410 -54.59 10.57 -24.74
N GLY M 411 -54.60 10.11 -23.49
CA GLY M 411 -54.55 11.03 -22.38
C GLY M 411 -53.29 11.88 -22.38
N ALA M 412 -52.15 11.24 -22.64
CA ALA M 412 -50.90 11.99 -22.73
C ALA M 412 -50.90 12.91 -23.94
N ALA M 413 -51.51 12.48 -25.05
CA ALA M 413 -51.54 13.30 -26.26
C ALA M 413 -52.31 14.59 -26.04
N HIS M 414 -53.51 14.50 -25.47
CA HIS M 414 -54.32 15.70 -25.25
C HIS M 414 -53.84 16.49 -24.05
N ALA M 415 -53.04 15.89 -23.17
CA ALA M 415 -52.33 16.68 -22.16
C ALA M 415 -51.31 17.61 -22.81
N ALA M 416 -50.61 17.12 -23.84
CA ALA M 416 -49.66 17.96 -24.56
C ALA M 416 -50.38 19.01 -25.39
N ILE M 417 -51.55 18.67 -25.94
CA ILE M 417 -52.34 19.64 -26.69
C ILE M 417 -52.78 20.78 -25.80
N PHE M 418 -53.17 20.47 -24.56
CA PHE M 418 -53.54 21.51 -23.61
C PHE M 418 -52.36 22.44 -23.33
N MET M 419 -51.16 21.89 -23.17
CA MET M 419 -50.01 22.72 -22.85
C MET M 419 -49.71 23.70 -23.97
N VAL M 420 -49.77 23.24 -25.22
CA VAL M 420 -49.45 24.10 -26.35
C VAL M 420 -50.53 25.15 -26.57
N ARG M 421 -51.80 24.76 -26.48
CA ARG M 421 -52.90 25.60 -26.93
C ARG M 421 -53.62 26.33 -25.80
N ASP M 422 -53.97 25.62 -24.72
CA ASP M 422 -54.83 26.19 -23.69
C ASP M 422 -54.06 26.71 -22.48
N TYR M 423 -52.80 26.31 -22.30
CA TYR M 423 -52.04 26.75 -21.13
C TYR M 423 -51.75 28.25 -21.22
N ASP M 424 -52.01 28.96 -20.13
CA ASP M 424 -51.78 30.40 -20.06
C ASP M 424 -50.80 30.66 -18.91
N PRO M 425 -49.62 31.21 -19.19
CA PRO M 425 -48.65 31.44 -18.10
C PRO M 425 -49.17 32.39 -17.02
N ALA M 426 -50.07 33.30 -17.36
CA ALA M 426 -50.59 34.24 -16.37
C ALA M 426 -51.44 33.52 -15.31
N HIS M 427 -52.13 32.45 -15.70
CA HIS M 427 -52.97 31.73 -14.75
C HIS M 427 -52.18 30.90 -13.76
N HIS M 428 -50.92 30.60 -14.05
CA HIS M 428 -50.12 29.68 -13.25
C HIS M 428 -48.83 30.39 -12.84
N VAL M 429 -48.87 31.08 -11.71
CA VAL M 429 -47.75 31.82 -11.18
C VAL M 429 -47.35 31.15 -9.87
N ASN M 430 -46.27 30.39 -9.90
CA ASN M 430 -45.72 29.69 -8.73
C ASN M 430 -46.69 28.65 -8.16
N ASN M 431 -47.68 28.22 -8.95
CA ASN M 431 -48.57 27.15 -8.53
C ASN M 431 -47.92 25.81 -8.86
N ILE M 432 -48.63 24.71 -8.63
CA ILE M 432 -48.03 23.39 -8.79
C ILE M 432 -47.74 23.10 -10.27
N LEU M 433 -48.62 23.53 -11.17
CA LEU M 433 -48.37 23.34 -12.59
C LEU M 433 -47.13 24.11 -13.03
N ASP M 434 -46.99 25.37 -12.59
CA ASP M 434 -45.81 26.15 -12.92
C ASP M 434 -44.55 25.53 -12.33
N ARG M 435 -44.63 25.06 -11.08
CA ARG M 435 -43.47 24.48 -10.43
C ARG M 435 -43.05 23.18 -11.09
N THR M 436 -44.03 22.38 -11.55
CA THR M 436 -43.70 21.13 -12.23
C THR M 436 -42.93 21.40 -13.52
N LEU M 437 -43.35 22.40 -14.29
CA LEU M 437 -42.63 22.77 -15.50
C LEU M 437 -41.24 23.30 -15.18
N ARG M 438 -41.06 23.88 -13.99
CA ARG M 438 -39.79 24.52 -13.65
C ARG M 438 -38.74 23.54 -13.13
N HIS M 439 -39.11 22.29 -12.84
CA HIS M 439 -38.12 21.27 -12.54
C HIS M 439 -38.32 20.06 -13.43
N ARG M 440 -38.71 20.30 -14.69
CA ARG M 440 -38.90 19.21 -15.63
C ARG M 440 -37.58 18.49 -15.94
N ASP M 441 -36.46 19.19 -15.84
CA ASP M 441 -35.17 18.52 -16.00
C ASP M 441 -34.89 17.58 -14.84
N VAL M 442 -35.35 17.90 -13.64
CA VAL M 442 -35.25 16.96 -12.52
C VAL M 442 -36.06 15.72 -12.82
N ILE M 443 -37.29 15.89 -13.30
CA ILE M 443 -38.20 14.77 -13.47
C ILE M 443 -37.72 13.86 -14.60
N ILE M 444 -37.34 14.44 -15.74
CA ILE M 444 -36.99 13.63 -16.90
C ILE M 444 -35.66 12.91 -16.67
N SER M 445 -34.70 13.58 -16.04
CA SER M 445 -33.41 12.95 -15.80
C SER M 445 -33.54 11.76 -14.86
N HIS M 446 -34.34 11.90 -13.80
CA HIS M 446 -34.55 10.78 -12.89
C HIS M 446 -35.34 9.66 -13.57
N LEU M 447 -36.33 10.02 -14.39
CA LEU M 447 -37.08 9.02 -15.12
C LEU M 447 -36.19 8.29 -16.14
N ALA M 448 -35.29 9.02 -16.80
CA ALA M 448 -34.37 8.39 -17.72
C ALA M 448 -33.45 7.41 -17.01
N TRP M 449 -32.98 7.78 -15.82
CA TRP M 449 -32.10 6.88 -15.08
C TRP M 449 -32.82 5.62 -14.64
N VAL M 450 -34.03 5.75 -14.09
CA VAL M 450 -34.74 4.58 -13.60
C VAL M 450 -35.14 3.67 -14.76
N CYS M 451 -35.39 4.24 -15.93
CA CYS M 451 -35.63 3.42 -17.12
C CYS M 451 -34.39 2.61 -17.48
N GLN M 452 -33.21 3.22 -17.39
CA GLN M 452 -31.98 2.49 -17.65
C GLN M 452 -31.74 1.41 -16.60
N PHE M 453 -31.99 1.73 -15.32
CA PHE M 453 -31.83 0.74 -14.27
C PHE M 453 -32.79 -0.43 -14.48
N LEU M 454 -34.04 -0.14 -14.82
CA LEU M 454 -35.02 -1.21 -15.04
C LEU M 454 -34.65 -2.04 -16.27
N GLY M 455 -34.19 -1.39 -17.34
CA GLY M 455 -33.82 -2.14 -18.53
C GLY M 455 -32.66 -3.08 -18.29
N PHE M 456 -31.64 -2.62 -17.58
CA PHE M 456 -30.50 -3.48 -17.26
C PHE M 456 -30.93 -4.62 -16.34
N HIS M 457 -31.70 -4.32 -15.31
CA HIS M 457 -32.03 -5.30 -14.28
C HIS M 457 -33.33 -6.05 -14.58
N SER M 458 -33.90 -5.90 -15.76
CA SER M 458 -34.98 -6.79 -16.20
C SER M 458 -34.62 -7.53 -17.47
N PHE M 459 -34.24 -6.83 -18.54
CA PHE M 459 -34.01 -7.51 -19.82
C PHE M 459 -32.62 -8.11 -19.92
N ALA M 460 -31.59 -7.37 -19.49
CA ALA M 460 -30.23 -7.89 -19.56
C ALA M 460 -30.05 -9.12 -18.68
N MET M 461 -30.91 -9.31 -17.68
CA MET M 461 -30.87 -10.54 -16.90
C MET M 461 -31.45 -11.72 -17.66
N TYR M 462 -32.40 -11.47 -18.57
CA TYR M 462 -32.82 -12.51 -19.50
C TYR M 462 -31.68 -12.91 -20.43
N CYS M 463 -30.93 -11.91 -20.92
CA CYS M 463 -29.77 -12.21 -21.75
C CYS M 463 -28.71 -12.97 -20.96
N HIS M 464 -28.56 -12.63 -19.68
CA HIS M 464 -27.70 -13.41 -18.81
C HIS M 464 -28.15 -14.86 -18.73
N ASN M 465 -29.47 -15.08 -18.65
CA ASN M 465 -30.01 -16.43 -18.59
C ASN M 465 -29.76 -17.18 -19.89
N ASP M 466 -29.95 -16.53 -21.03
CA ASP M 466 -29.73 -17.18 -22.32
C ASP M 466 -28.27 -17.61 -22.47
N THR M 467 -27.34 -16.75 -22.09
CA THR M 467 -25.93 -17.08 -22.19
C THR M 467 -25.55 -18.22 -21.26
N MET M 468 -26.07 -18.21 -20.03
CA MET M 468 -25.80 -19.29 -19.09
C MET M 468 -26.36 -20.61 -19.58
N ARG M 469 -27.59 -20.61 -20.10
CA ARG M 469 -28.18 -21.86 -20.60
C ARG M 469 -27.41 -22.39 -21.79
N ALA M 470 -27.01 -21.51 -22.72
CA ALA M 470 -26.23 -21.94 -23.88
C ALA M 470 -24.87 -22.49 -23.44
N PHE M 471 -24.27 -21.92 -22.40
CA PHE M 471 -23.01 -22.41 -21.86
C PHE M 471 -23.15 -23.76 -21.17
N GLY M 472 -24.36 -24.24 -20.95
CA GLY M 472 -24.54 -25.43 -20.14
C GLY M 472 -24.25 -25.18 -18.67
N ARG M 473 -24.67 -24.02 -18.15
CA ARG M 473 -24.49 -23.67 -16.74
C ARG M 473 -25.84 -23.25 -16.18
N PRO M 474 -26.78 -24.19 -16.04
CA PRO M 474 -28.09 -23.83 -15.50
C PRO M 474 -28.04 -23.35 -14.06
N GLN M 475 -27.01 -23.76 -13.30
CA GLN M 475 -26.90 -23.35 -11.90
C GLN M 475 -26.63 -21.86 -11.77
N ASP M 476 -26.11 -21.21 -12.81
CA ASP M 476 -25.81 -19.79 -12.77
C ASP M 476 -26.94 -18.93 -13.30
N MET M 477 -28.06 -19.53 -13.67
CA MET M 477 -29.19 -18.78 -14.20
C MET M 477 -30.02 -18.18 -13.07
N PHE M 478 -30.78 -17.14 -13.41
CA PHE M 478 -31.79 -16.59 -12.52
C PHE M 478 -33.05 -17.44 -12.69
N SER M 479 -33.24 -18.40 -11.79
CA SER M 479 -34.33 -19.35 -11.89
C SER M 479 -34.65 -19.89 -10.51
N ASP M 480 -35.71 -20.71 -10.44
CA ASP M 480 -36.08 -21.31 -9.17
C ASP M 480 -35.05 -22.34 -8.71
N THR M 481 -34.27 -22.89 -9.63
CA THR M 481 -33.25 -23.88 -9.32
C THR M 481 -31.84 -23.32 -9.34
N GLY M 482 -31.67 -22.05 -9.68
CA GLY M 482 -30.37 -21.43 -9.66
C GLY M 482 -30.28 -20.31 -8.66
N ILE M 483 -30.02 -19.10 -9.13
CA ILE M 483 -30.05 -17.91 -8.29
C ILE M 483 -31.49 -17.42 -8.25
N GLN M 484 -32.16 -17.64 -7.13
CA GLN M 484 -33.60 -17.39 -7.04
C GLN M 484 -33.88 -15.91 -6.83
N LEU M 485 -34.97 -15.44 -7.46
CA LEU M 485 -35.51 -14.10 -7.25
C LEU M 485 -36.98 -14.28 -6.90
N GLN M 486 -37.24 -14.51 -5.62
CA GLN M 486 -38.61 -14.78 -5.18
C GLN M 486 -39.36 -13.47 -4.99
N PRO M 487 -40.53 -13.30 -5.61
CA PRO M 487 -41.35 -12.10 -5.34
C PRO M 487 -42.07 -12.22 -4.00
N ILE M 488 -41.32 -11.99 -2.93
CA ILE M 488 -41.83 -12.25 -1.58
C ILE M 488 -42.98 -11.32 -1.22
N PHE M 489 -42.93 -10.06 -1.68
CA PHE M 489 -44.00 -9.13 -1.35
C PHE M 489 -45.32 -9.53 -2.01
N ALA M 490 -45.27 -9.98 -3.27
CA ALA M 490 -46.48 -10.44 -3.93
C ALA M 490 -46.96 -11.76 -3.35
N GLN M 491 -46.02 -12.64 -2.98
CA GLN M 491 -46.40 -13.89 -2.32
C GLN M 491 -47.06 -13.62 -0.99
N TRP M 492 -46.56 -12.62 -0.25
CA TRP M 492 -47.13 -12.28 1.04
C TRP M 492 -48.57 -11.78 0.89
N ILE M 493 -48.83 -10.98 -0.13
CA ILE M 493 -50.18 -10.46 -0.34
C ILE M 493 -51.15 -11.60 -0.62
N GLN M 494 -50.73 -12.59 -1.41
CA GLN M 494 -51.58 -13.74 -1.67
C GLN M 494 -51.95 -14.46 -0.38
N HIS M 495 -50.97 -14.62 0.52
CA HIS M 495 -51.25 -15.29 1.79
C HIS M 495 -52.19 -14.47 2.66
N ILE M 496 -52.00 -13.14 2.69
CA ILE M 496 -52.87 -12.29 3.51
C ILE M 496 -54.30 -12.33 3.00
N HIS M 497 -54.47 -12.23 1.67
CA HIS M 497 -55.82 -12.22 1.11
C HIS M 497 -56.51 -13.57 1.26
N THR M 498 -55.75 -14.66 1.18
CA THR M 498 -56.34 -15.99 1.37
C THR M 498 -56.75 -16.20 2.82
N ALA M 499 -55.89 -15.79 3.76
CA ALA M 499 -56.19 -15.95 5.18
C ALA M 499 -57.23 -14.95 5.68
N ALA M 500 -57.52 -13.90 4.91
CA ALA M 500 -58.51 -12.92 5.34
C ALA M 500 -59.90 -13.52 5.43
N VAL M 501 -60.25 -14.39 4.49
CA VAL M 501 -61.56 -15.05 4.50
C VAL M 501 -61.58 -16.31 5.34
N GLY M 502 -60.44 -16.73 5.87
CA GLY M 502 -60.35 -17.93 6.67
C GLY M 502 -59.82 -19.15 5.95
N ALA M 503 -59.42 -19.01 4.70
CA ALA M 503 -58.89 -20.14 3.93
C ALA M 503 -57.38 -20.25 4.12
N LEU M 525 -52.96 -10.01 11.48
CA LEU M 525 -53.22 -10.32 10.08
C LEU M 525 -53.91 -11.67 9.94
N GLY M 526 -54.99 -11.86 10.69
CA GLY M 526 -55.74 -13.10 10.65
C GLY M 526 -57.24 -12.90 10.63
N THR M 527 -57.89 -13.40 9.58
CA THR M 527 -59.33 -13.27 9.38
C THR M 527 -59.75 -11.81 9.50
N THR M 528 -59.26 -11.00 8.55
CA THR M 528 -59.59 -9.59 8.50
C THR M 528 -60.86 -9.31 7.70
N ALA M 529 -61.40 -10.33 7.02
CA ALA M 529 -62.69 -10.24 6.33
C ALA M 529 -63.52 -11.46 6.72
N PRO M 530 -63.97 -11.54 7.98
CA PRO M 530 -64.66 -12.76 8.44
C PRO M 530 -65.95 -13.05 7.70
N GLY M 531 -66.63 -12.03 7.18
CA GLY M 531 -67.93 -12.24 6.57
C GLY M 531 -67.91 -12.92 5.22
N ILE M 532 -66.76 -12.96 4.56
CA ILE M 532 -66.65 -13.60 3.25
C ILE M 532 -66.43 -15.09 3.46
N GLY M 533 -67.29 -15.91 2.88
CA GLY M 533 -67.21 -17.35 3.04
C GLY M 533 -66.06 -17.98 2.29
N ALA M 534 -66.06 -17.82 0.97
CA ALA M 534 -65.05 -18.35 0.08
C ALA M 534 -64.01 -17.28 -0.23
N PRO M 535 -62.84 -17.68 -0.73
CA PRO M 535 -61.84 -16.66 -1.12
C PRO M 535 -62.38 -15.72 -2.17
N VAL M 536 -61.99 -14.45 -2.06
CA VAL M 536 -62.43 -13.45 -3.02
C VAL M 536 -62.01 -13.84 -4.43
N SER M 537 -60.78 -14.34 -4.57
CA SER M 537 -60.32 -14.90 -5.83
C SER M 537 -59.52 -16.16 -5.54
N TYR M 538 -59.80 -17.23 -6.29
CA TYR M 538 -59.02 -18.46 -6.14
C TYR M 538 -57.62 -18.34 -6.73
N ALA M 539 -57.35 -17.26 -7.48
CA ALA M 539 -56.00 -17.05 -7.98
C ALA M 539 -55.02 -16.78 -6.84
N TRP M 540 -55.49 -16.25 -5.72
CA TRP M 540 -54.64 -16.02 -4.56
C TRP M 540 -54.46 -17.26 -3.70
N GLY M 541 -55.28 -18.29 -3.90
CA GLY M 541 -55.24 -19.49 -3.11
C GLY M 541 -56.63 -19.88 -2.66
N GLY M 542 -56.68 -20.88 -1.78
CA GLY M 542 -57.93 -21.33 -1.19
C GLY M 542 -58.58 -22.51 -1.89
N GLY M 543 -58.09 -22.92 -3.04
CA GLY M 543 -58.65 -24.09 -3.71
C GLY M 543 -58.82 -23.94 -5.21
N MET M 544 -59.37 -24.96 -5.85
CA MET M 544 -59.56 -25.00 -7.29
C MET M 544 -61.03 -25.20 -7.62
N VAL M 545 -61.46 -24.59 -8.72
CA VAL M 545 -62.83 -24.73 -9.21
C VAL M 545 -62.78 -25.30 -10.62
N ALA M 546 -63.50 -26.39 -10.84
CA ALA M 546 -63.66 -27.01 -12.14
C ALA M 546 -65.14 -27.13 -12.47
N VAL M 547 -65.46 -27.01 -13.76
CA VAL M 547 -66.85 -26.93 -14.17
C VAL M 547 -67.22 -28.07 -15.11
N GLY M 548 -66.57 -28.13 -16.27
CA GLY M 548 -66.89 -29.13 -17.26
C GLY M 548 -65.71 -30.03 -17.57
N GLY M 549 -64.99 -30.44 -16.52
CA GLY M 549 -63.73 -31.12 -16.72
C GLY M 549 -62.58 -30.20 -17.06
N LYS M 550 -62.76 -28.90 -16.92
CA LYS M 550 -61.73 -27.92 -17.21
C LYS M 550 -61.59 -26.96 -16.03
N VAL M 551 -60.38 -26.43 -15.86
CA VAL M 551 -60.10 -25.55 -14.72
C VAL M 551 -60.73 -24.18 -14.98
N ALA M 552 -61.53 -23.71 -14.04
CA ALA M 552 -62.05 -22.35 -14.10
C ALA M 552 -61.06 -21.37 -13.48
N MET M 553 -60.62 -21.65 -12.26
CA MET M 553 -59.61 -20.82 -11.61
C MET M 553 -58.96 -21.64 -10.50
N MET M 554 -57.64 -21.50 -10.39
CA MET M 554 -56.83 -22.18 -9.39
C MET M 554 -55.73 -21.22 -8.95
N PRO M 555 -55.11 -21.47 -7.80
CA PRO M 555 -54.06 -20.55 -7.33
C PRO M 555 -52.94 -20.38 -8.36
N ILE M 556 -52.51 -19.14 -8.52
CA ILE M 556 -51.48 -18.77 -9.48
C ILE M 556 -50.20 -18.53 -8.69
N ALA M 557 -49.36 -19.56 -8.59
CA ALA M 557 -48.11 -19.42 -7.86
C ALA M 557 -47.16 -18.48 -8.59
N LEU M 558 -46.41 -17.71 -7.82
CA LEU M 558 -45.45 -16.75 -8.35
C LEU M 558 -44.04 -17.17 -7.96
N GLY M 559 -43.15 -17.23 -8.94
CA GLY M 559 -41.77 -17.61 -8.69
C GLY M 559 -40.78 -16.66 -9.33
N THR M 560 -39.59 -17.16 -9.65
CA THR M 560 -38.56 -16.32 -10.27
C THR M 560 -39.02 -15.82 -11.63
N ALA M 561 -39.68 -16.68 -12.41
CA ALA M 561 -40.14 -16.27 -13.73
C ALA M 561 -41.15 -15.14 -13.64
N ASP M 562 -42.02 -15.17 -12.63
CA ASP M 562 -42.99 -14.10 -12.43
C ASP M 562 -42.34 -12.84 -11.90
N PHE M 563 -41.29 -12.97 -11.10
CA PHE M 563 -40.52 -11.80 -10.68
C PHE M 563 -39.90 -11.09 -11.88
N LEU M 564 -39.30 -11.86 -12.79
CA LEU M 564 -38.63 -11.27 -13.94
C LEU M 564 -39.63 -10.60 -14.88
N ILE M 565 -40.75 -11.25 -15.16
CA ILE M 565 -41.70 -10.72 -16.13
C ILE M 565 -42.40 -9.48 -15.60
N HIS M 566 -42.64 -9.41 -14.28
CA HIS M 566 -43.29 -8.22 -13.73
C HIS M 566 -42.38 -7.00 -13.81
N HIS M 567 -41.07 -7.19 -13.58
CA HIS M 567 -40.14 -6.08 -13.75
C HIS M 567 -39.89 -5.75 -15.20
N ILE M 568 -40.19 -6.67 -16.12
CA ILE M 568 -40.25 -6.31 -17.54
C ILE M 568 -41.39 -5.32 -17.78
N HIS M 569 -42.55 -5.58 -17.18
CA HIS M 569 -43.68 -4.67 -17.30
C HIS M 569 -43.35 -3.32 -16.68
N ALA M 570 -42.68 -3.31 -15.52
CA ALA M 570 -42.28 -2.06 -14.91
C ALA M 570 -41.34 -1.28 -15.81
N PHE M 571 -40.40 -1.98 -16.45
CA PHE M 571 -39.47 -1.32 -17.35
C PHE M 571 -40.18 -0.71 -18.55
N THR M 572 -41.02 -1.51 -19.23
CA THR M 572 -41.67 -1.02 -20.44
C THR M 572 -42.64 0.11 -20.13
N ILE M 573 -43.37 0.02 -19.02
CA ILE M 573 -44.30 1.08 -18.65
C ILE M 573 -43.53 2.37 -18.34
N HIS M 574 -42.44 2.27 -17.59
CA HIS M 574 -41.67 3.46 -17.22
C HIS M 574 -41.11 4.15 -18.45
N VAL M 575 -40.63 3.39 -19.44
CA VAL M 575 -40.10 4.00 -20.65
C VAL M 575 -41.21 4.66 -21.44
N THR M 576 -42.37 4.00 -21.55
CA THR M 576 -43.51 4.62 -22.22
C THR M 576 -43.90 5.91 -21.53
N VAL M 577 -43.87 5.92 -20.19
CA VAL M 577 -44.10 7.15 -19.44
C VAL M 577 -43.04 8.19 -19.79
N LEU M 578 -41.77 7.76 -19.90
CA LEU M 578 -40.69 8.70 -20.19
C LEU M 578 -40.91 9.38 -21.54
N VAL M 579 -41.32 8.63 -22.56
CA VAL M 579 -41.52 9.20 -23.88
C VAL M 579 -42.67 10.20 -23.86
N LEU M 580 -43.80 9.81 -23.28
CA LEU M 580 -44.97 10.68 -23.31
C LEU M 580 -44.81 11.88 -22.38
N PHE M 581 -44.24 11.66 -21.19
CA PHE M 581 -44.14 12.73 -20.20
C PHE M 581 -43.05 13.73 -20.55
N LYS M 582 -42.04 13.31 -21.31
CA LYS M 582 -41.08 14.25 -21.86
C LYS M 582 -41.74 15.15 -22.90
N GLY M 583 -42.64 14.59 -23.70
CA GLY M 583 -43.33 15.40 -24.69
C GLY M 583 -44.25 16.44 -24.08
N VAL M 584 -44.94 16.07 -23.00
CA VAL M 584 -45.85 17.01 -22.34
C VAL M 584 -45.07 18.10 -21.63
N LEU M 585 -44.02 17.71 -20.89
CA LEU M 585 -43.27 18.68 -20.12
C LEU M 585 -42.47 19.63 -21.00
N PHE M 586 -42.09 19.19 -22.21
CA PHE M 586 -41.30 20.01 -23.12
C PHE M 586 -42.12 20.45 -24.33
N ALA M 587 -43.45 20.40 -24.25
CA ALA M 587 -44.29 20.78 -25.37
C ALA M 587 -44.12 22.27 -25.70
N ARG M 588 -44.01 23.11 -24.68
CA ARG M 588 -43.85 24.55 -24.91
C ARG M 588 -42.49 24.86 -25.53
N GLY M 589 -41.46 24.09 -25.17
CA GLY M 589 -40.14 24.33 -25.68
C GLY M 589 -39.10 23.62 -24.82
N SER M 590 -37.86 23.76 -25.26
CA SER M 590 -36.74 23.14 -24.57
C SER M 590 -35.51 24.03 -24.73
N ARG M 591 -34.38 23.56 -24.21
CA ARG M 591 -33.13 24.28 -24.42
C ARG M 591 -32.73 24.32 -25.89
N LEU M 592 -33.19 23.34 -26.67
CA LEU M 592 -32.85 23.29 -28.10
C LEU M 592 -33.74 24.25 -28.89
N VAL M 593 -35.04 24.07 -28.81
CA VAL M 593 -36.01 24.91 -29.50
C VAL M 593 -36.88 25.59 -28.45
N PRO M 594 -36.57 26.84 -28.08
CA PRO M 594 -37.30 27.49 -26.97
C PRO M 594 -38.70 27.93 -27.33
N ASP M 595 -39.06 28.02 -28.60
CA ASP M 595 -40.34 28.55 -29.03
C ASP M 595 -41.18 27.49 -29.73
N LYS M 596 -41.18 26.26 -29.20
CA LYS M 596 -41.96 25.19 -29.80
C LYS M 596 -43.45 25.44 -29.72
N ALA M 597 -43.90 26.18 -28.69
CA ALA M 597 -45.32 26.47 -28.56
C ALA M 597 -45.83 27.28 -29.75
N ASN M 598 -45.02 28.24 -30.22
CA ASN M 598 -45.39 29.01 -31.40
C ASN M 598 -45.42 28.12 -32.64
N LEU M 599 -44.57 27.10 -32.70
CA LEU M 599 -44.57 26.19 -33.83
C LEU M 599 -45.80 25.27 -33.83
N GLY M 600 -46.40 25.03 -32.67
CA GLY M 600 -47.64 24.28 -32.57
C GLY M 600 -47.43 22.92 -31.93
N PHE M 601 -48.55 22.22 -31.78
CA PHE M 601 -48.52 20.87 -31.23
C PHE M 601 -47.99 19.86 -32.23
N ARG M 602 -48.31 20.04 -33.52
CA ARG M 602 -48.01 19.06 -34.55
C ARG M 602 -47.24 19.76 -35.67
N PHE M 603 -45.91 19.63 -35.65
CA PHE M 603 -45.05 20.11 -36.72
C PHE M 603 -43.91 19.13 -36.91
N PRO M 604 -43.35 19.04 -38.12
CA PRO M 604 -42.35 18.00 -38.38
C PRO M 604 -41.03 18.24 -37.68
N CYS M 605 -40.54 19.47 -37.67
CA CYS M 605 -39.19 19.77 -37.20
C CYS M 605 -39.04 21.29 -37.14
N ASP M 606 -37.83 21.73 -36.84
CA ASP M 606 -37.42 23.12 -37.00
C ASP M 606 -36.14 23.21 -37.83
N GLY M 607 -36.04 22.38 -38.86
CA GLY M 607 -34.93 22.42 -39.77
C GLY M 607 -33.77 21.55 -39.34
N PRO M 608 -32.80 21.36 -40.25
CA PRO M 608 -31.62 20.57 -39.92
C PRO M 608 -30.63 21.28 -39.01
N GLY M 609 -30.92 22.52 -38.60
CA GLY M 609 -30.02 23.27 -37.76
C GLY M 609 -30.02 22.79 -36.33
N ARG M 610 -29.11 23.38 -35.55
CA ARG M 610 -28.85 22.97 -34.17
C ARG M 610 -28.46 21.49 -34.11
N GLY M 611 -27.82 21.00 -35.17
CA GLY M 611 -27.49 19.60 -35.30
C GLY M 611 -28.59 18.74 -35.89
N GLY M 612 -29.81 19.24 -35.93
CA GLY M 612 -30.95 18.46 -36.39
C GLY M 612 -32.04 18.39 -35.33
N THR M 613 -33.24 18.88 -35.66
CA THR M 613 -34.33 18.99 -34.71
C THR M 613 -35.54 18.17 -35.16
N CYS M 614 -35.29 16.99 -35.71
CA CYS M 614 -36.38 16.14 -36.16
C CYS M 614 -37.18 15.61 -34.97
N GLN M 615 -38.50 15.60 -35.11
CA GLN M 615 -39.39 14.98 -34.13
C GLN M 615 -39.26 15.62 -32.74
N VAL M 616 -39.15 16.95 -32.71
CA VAL M 616 -39.14 17.65 -31.42
C VAL M 616 -40.55 17.97 -30.93
N SER M 617 -41.55 17.97 -31.80
CA SER M 617 -42.90 18.36 -31.43
C SER M 617 -43.50 17.37 -30.45
N ALA M 618 -44.47 17.86 -29.67
CA ALA M 618 -45.18 17.00 -28.73
C ALA M 618 -45.93 15.90 -29.44
N TRP M 619 -46.38 16.14 -30.67
CA TRP M 619 -47.04 15.11 -31.45
C TRP M 619 -46.11 13.93 -31.71
N ASP M 620 -44.85 14.22 -32.04
CA ASP M 620 -43.90 13.15 -32.30
C ASP M 620 -43.60 12.31 -31.06
N HIS M 621 -43.77 12.87 -29.86
CA HIS M 621 -43.62 12.07 -28.65
C HIS M 621 -44.80 11.13 -28.47
N VAL M 622 -45.99 11.54 -28.91
CA VAL M 622 -47.12 10.61 -28.97
C VAL M 622 -46.87 9.55 -30.02
N PHE M 623 -46.30 9.94 -31.16
CA PHE M 623 -45.97 9.00 -32.22
C PHE M 623 -44.97 7.96 -31.75
N LEU M 624 -43.95 8.38 -31.01
CA LEU M 624 -42.99 7.43 -30.46
C LEU M 624 -43.60 6.64 -29.30
N GLY M 625 -44.46 7.29 -28.51
CA GLY M 625 -45.07 6.60 -27.38
C GLY M 625 -46.02 5.51 -27.78
N LEU M 626 -46.61 5.62 -28.98
CA LEU M 626 -47.48 4.56 -29.47
C LEU M 626 -46.71 3.26 -29.68
N PHE M 627 -45.49 3.35 -30.22
CA PHE M 627 -44.66 2.16 -30.39
C PHE M 627 -44.33 1.52 -29.06
N TRP M 628 -44.00 2.33 -28.06
CA TRP M 628 -43.62 1.79 -26.76
C TRP M 628 -44.82 1.25 -25.99
N MET M 629 -45.99 1.85 -26.18
CA MET M 629 -47.21 1.27 -25.64
C MET M 629 -47.49 -0.08 -26.26
N TYR M 630 -47.30 -0.20 -27.57
CA TYR M 630 -47.48 -1.49 -28.24
C TYR M 630 -46.49 -2.53 -27.73
N ASN M 631 -45.23 -2.13 -27.56
CA ASN M 631 -44.22 -3.05 -27.03
C ASN M 631 -44.54 -3.47 -25.60
N SER M 632 -44.99 -2.53 -24.78
CA SER M 632 -45.31 -2.84 -23.39
C SER M 632 -46.51 -3.78 -23.30
N LEU M 633 -47.57 -3.50 -24.05
CA LEU M 633 -48.81 -4.26 -23.93
C LEU M 633 -48.71 -5.62 -24.61
N SER M 634 -47.87 -5.74 -25.64
CA SER M 634 -47.68 -7.03 -26.28
C SER M 634 -47.09 -8.04 -25.30
N MET M 635 -46.15 -7.60 -24.47
CA MET M 635 -45.57 -8.50 -23.48
C MET M 635 -46.54 -8.76 -22.34
N VAL M 636 -47.47 -7.84 -22.09
CA VAL M 636 -48.48 -8.05 -21.05
C VAL M 636 -49.43 -9.16 -21.45
N VAL M 637 -49.93 -9.12 -22.69
CA VAL M 637 -50.86 -10.15 -23.12
C VAL M 637 -50.13 -11.45 -23.43
N PHE M 638 -48.84 -11.38 -23.78
CA PHE M 638 -48.05 -12.60 -23.92
C PHE M 638 -47.82 -13.26 -22.57
N HIS M 639 -47.54 -12.45 -21.54
CA HIS M 639 -47.39 -12.98 -20.19
C HIS M 639 -48.67 -13.64 -19.72
N PHE M 640 -49.81 -12.99 -19.96
CA PHE M 640 -51.09 -13.58 -19.57
C PHE M 640 -51.36 -14.88 -20.32
N SER M 641 -51.15 -14.87 -21.64
CA SER M 641 -51.47 -16.05 -22.45
C SER M 641 -50.63 -17.26 -22.05
N TRP M 642 -49.33 -17.06 -21.86
CA TRP M 642 -48.45 -18.18 -21.54
C TRP M 642 -48.67 -18.66 -20.10
N LYS M 643 -48.75 -17.74 -19.15
CA LYS M 643 -48.89 -18.14 -17.75
C LYS M 643 -50.22 -18.85 -17.50
N MET M 644 -51.31 -18.33 -18.07
CA MET M 644 -52.61 -18.96 -17.85
C MET M 644 -52.65 -20.36 -18.47
N GLN M 645 -52.12 -20.51 -19.68
CA GLN M 645 -52.07 -21.83 -20.30
C GLN M 645 -51.17 -22.77 -19.53
N SER M 646 -50.04 -22.26 -19.03
CA SER M 646 -49.05 -23.10 -18.39
C SER M 646 -49.44 -23.55 -16.99
N ASP M 647 -50.08 -22.68 -16.21
CA ASP M 647 -50.26 -22.92 -14.79
C ASP M 647 -51.71 -22.89 -14.30
N VAL M 648 -52.67 -22.49 -15.12
CA VAL M 648 -54.05 -22.39 -14.66
C VAL M 648 -54.97 -23.25 -15.51
N TRP M 649 -55.06 -22.93 -16.80
CA TRP M 649 -56.00 -23.62 -17.68
C TRP M 649 -55.54 -25.05 -17.94
N GLY M 650 -56.52 -25.93 -18.13
CA GLY M 650 -56.25 -27.33 -18.38
C GLY M 650 -57.48 -28.16 -18.12
N THR M 651 -57.29 -29.47 -18.18
CA THR M 651 -58.35 -30.43 -17.94
C THR M 651 -58.11 -31.20 -16.65
N VAL M 652 -59.20 -31.54 -15.97
CA VAL M 652 -59.15 -32.27 -14.71
C VAL M 652 -59.79 -33.63 -14.92
N ASP M 653 -59.09 -34.69 -14.52
CA ASP M 653 -59.60 -36.04 -14.64
C ASP M 653 -60.46 -36.37 -13.42
N SER M 654 -60.86 -37.63 -13.31
CA SER M 654 -61.70 -38.05 -12.18
C SER M 654 -60.94 -37.99 -10.86
N ASP M 655 -59.62 -38.16 -10.88
CA ASP M 655 -58.82 -38.18 -9.67
C ASP M 655 -58.44 -36.78 -9.19
N GLY M 656 -58.81 -35.73 -9.92
CA GLY M 656 -58.45 -34.38 -9.52
C GLY M 656 -57.08 -33.92 -9.95
N ILE M 657 -56.41 -34.66 -10.84
CA ILE M 657 -55.10 -34.28 -11.34
C ILE M 657 -55.27 -33.39 -12.55
N VAL M 658 -54.57 -32.27 -12.57
CA VAL M 658 -54.70 -31.25 -13.61
C VAL M 658 -53.54 -31.37 -14.57
N THR M 659 -53.84 -31.51 -15.86
CA THR M 659 -52.85 -31.38 -16.93
C THR M 659 -53.11 -30.08 -17.67
N HIS M 660 -52.13 -29.19 -17.64
CA HIS M 660 -52.32 -27.86 -18.20
C HIS M 660 -52.11 -27.87 -19.71
N LEU M 661 -52.50 -26.77 -20.34
CA LEU M 661 -52.48 -26.69 -21.80
C LEU M 661 -51.06 -26.83 -22.34
N THR M 662 -50.10 -26.16 -21.72
CA THR M 662 -48.70 -26.28 -22.12
C THR M 662 -47.85 -27.05 -21.10
N GLY M 663 -48.49 -27.63 -20.08
CA GLY M 663 -47.78 -28.51 -19.17
C GLY M 663 -46.70 -27.86 -18.32
N GLY M 664 -46.96 -26.67 -17.80
CA GLY M 664 -46.03 -26.02 -16.90
C GLY M 664 -44.72 -25.58 -17.53
N ASN M 665 -44.77 -25.05 -18.75
CA ASN M 665 -43.55 -24.58 -19.41
C ASN M 665 -43.03 -23.29 -18.80
N PHE M 666 -43.91 -22.50 -18.17
CA PHE M 666 -43.58 -21.11 -17.87
C PHE M 666 -42.41 -21.00 -16.89
N ALA M 667 -42.35 -21.88 -15.89
CA ALA M 667 -41.35 -21.74 -14.84
C ALA M 667 -39.93 -21.86 -15.39
N THR M 668 -39.70 -22.78 -16.32
CA THR M 668 -38.36 -23.03 -16.82
C THR M 668 -38.09 -22.44 -18.20
N SER M 669 -39.12 -22.24 -19.01
CA SER M 669 -38.91 -21.78 -20.39
C SER M 669 -39.01 -20.26 -20.53
N SER M 670 -39.78 -19.59 -19.68
CA SER M 670 -39.98 -18.16 -19.82
C SER M 670 -38.85 -17.33 -19.21
N ILE M 671 -37.87 -17.97 -18.57
CA ILE M 671 -36.75 -17.23 -18.00
C ILE M 671 -35.69 -16.88 -19.05
N THR M 672 -35.79 -17.41 -20.26
CA THR M 672 -34.96 -17.01 -21.37
C THR M 672 -35.86 -16.65 -22.54
N ASN M 673 -35.43 -15.69 -23.36
CA ASN M 673 -36.19 -15.31 -24.54
C ASN M 673 -35.93 -16.23 -25.71
N ASN M 674 -34.97 -17.16 -25.60
CA ASN M 674 -34.99 -18.31 -26.50
C ASN M 674 -36.18 -19.21 -26.17
N GLY M 675 -36.49 -19.34 -24.88
CA GLY M 675 -37.68 -20.07 -24.50
C GLY M 675 -38.96 -19.39 -24.96
N TRP M 676 -38.98 -18.06 -24.90
CA TRP M 676 -40.10 -17.32 -25.45
C TRP M 676 -40.21 -17.52 -26.96
N LEU M 677 -39.06 -17.49 -27.65
CA LEU M 677 -39.06 -17.67 -29.10
C LEU M 677 -39.49 -19.08 -29.49
N ARG M 678 -39.03 -20.09 -28.75
CA ARG M 678 -39.28 -21.49 -29.11
C ARG M 678 -40.58 -22.01 -28.51
N ASP M 679 -40.71 -21.95 -27.19
CA ASP M 679 -41.83 -22.59 -26.51
C ASP M 679 -43.10 -21.75 -26.49
N PHE M 680 -43.04 -20.48 -26.87
CA PHE M 680 -44.23 -19.65 -26.94
C PHE M 680 -44.56 -19.23 -28.37
N LEU M 681 -43.64 -18.58 -29.07
CA LEU M 681 -43.95 -18.11 -30.40
C LEU M 681 -43.94 -19.24 -31.41
N TRP M 682 -42.87 -20.05 -31.43
CA TRP M 682 -42.77 -21.13 -32.41
C TRP M 682 -43.76 -22.25 -32.10
N ALA M 683 -43.84 -22.65 -30.84
CA ALA M 683 -44.65 -23.82 -30.49
C ALA M 683 -46.15 -23.51 -30.56
N GLN M 684 -46.57 -22.37 -30.02
CA GLN M 684 -48.00 -22.08 -29.94
C GLN M 684 -48.57 -21.51 -31.23
N SER M 685 -47.73 -21.23 -32.23
CA SER M 685 -48.21 -20.81 -33.53
C SER M 685 -48.52 -21.98 -34.44
N ALA M 686 -48.43 -23.21 -33.94
CA ALA M 686 -48.72 -24.38 -34.76
C ALA M 686 -50.17 -24.37 -35.25
N GLN M 687 -51.10 -23.90 -34.41
CA GLN M 687 -52.50 -23.88 -34.81
C GLN M 687 -52.73 -22.89 -35.96
N VAL M 688 -52.21 -21.67 -35.83
CA VAL M 688 -52.44 -20.67 -36.87
C VAL M 688 -51.63 -20.99 -38.12
N ILE M 689 -50.44 -21.58 -37.97
CA ILE M 689 -49.61 -21.87 -39.13
C ILE M 689 -50.09 -23.09 -39.90
N GLN M 690 -50.85 -23.98 -39.27
CA GLN M 690 -51.37 -25.17 -39.93
C GLN M 690 -52.88 -25.11 -40.12
N SER M 691 -53.45 -23.91 -40.12
CA SER M 691 -54.89 -23.73 -40.20
C SER M 691 -55.43 -23.76 -41.62
N TYR M 692 -54.56 -23.84 -42.63
CA TYR M 692 -55.04 -23.90 -44.00
C TYR M 692 -55.85 -25.15 -44.25
N ASN M 693 -56.85 -25.04 -45.13
CA ASN M 693 -57.77 -26.12 -45.45
C ASN M 693 -58.53 -26.58 -44.20
N SER M 694 -58.99 -25.62 -43.42
CA SER M 694 -59.80 -25.90 -42.24
C SER M 694 -60.64 -24.66 -41.93
N SER M 695 -61.49 -24.77 -40.91
CA SER M 695 -62.35 -23.66 -40.54
C SER M 695 -61.57 -22.50 -39.93
N LEU M 696 -60.34 -22.72 -39.51
CA LEU M 696 -59.50 -21.67 -38.93
C LEU M 696 -58.60 -21.02 -39.97
N SER M 697 -58.80 -21.32 -41.26
CA SER M 697 -57.93 -20.79 -42.30
C SER M 697 -57.99 -19.28 -42.41
N ALA M 698 -59.09 -18.65 -41.98
CA ALA M 698 -59.15 -17.20 -41.98
C ALA M 698 -58.11 -16.61 -41.03
N TYR M 699 -57.92 -17.24 -39.87
CA TYR M 699 -56.89 -16.80 -38.95
C TYR M 699 -55.49 -16.96 -39.55
N GLY M 700 -55.28 -18.03 -40.32
CA GLY M 700 -54.01 -18.17 -41.02
C GLY M 700 -53.79 -17.08 -42.04
N LEU M 701 -54.84 -16.72 -42.78
CA LEU M 701 -54.72 -15.64 -43.76
C LEU M 701 -54.45 -14.30 -43.07
N MET M 702 -55.16 -14.01 -41.99
CA MET M 702 -54.93 -12.76 -41.27
C MET M 702 -53.60 -12.75 -40.53
N PHE M 703 -53.07 -13.93 -40.20
CA PHE M 703 -51.73 -14.00 -39.63
C PHE M 703 -50.70 -13.46 -40.62
N LEU M 704 -50.81 -13.87 -41.89
CA LEU M 704 -49.94 -13.32 -42.92
C LEU M 704 -50.29 -11.88 -43.24
N ALA M 705 -51.58 -11.52 -43.14
CA ALA M 705 -51.99 -10.15 -43.43
C ALA M 705 -51.36 -9.16 -42.44
N GLY M 706 -51.34 -9.52 -41.16
CA GLY M 706 -50.70 -8.67 -40.17
C GLY M 706 -49.21 -8.54 -40.40
N HIS M 707 -48.56 -9.64 -40.79
CA HIS M 707 -47.14 -9.59 -41.08
C HIS M 707 -46.86 -8.67 -42.28
N PHE M 708 -47.74 -8.67 -43.27
CA PHE M 708 -47.54 -7.83 -44.44
C PHE M 708 -47.63 -6.35 -44.08
N ILE M 709 -48.64 -5.99 -43.29
CA ILE M 709 -48.86 -4.58 -42.97
C ILE M 709 -47.72 -4.04 -42.11
N PHE M 710 -47.17 -4.88 -41.23
CA PHE M 710 -46.03 -4.47 -40.41
C PHE M 710 -44.82 -4.14 -41.28
N GLY M 711 -44.50 -5.03 -42.22
CA GLY M 711 -43.40 -4.74 -43.14
C GLY M 711 -43.71 -3.57 -44.05
N PHE M 712 -44.98 -3.44 -44.45
CA PHE M 712 -45.40 -2.33 -45.30
C PHE M 712 -45.18 -0.99 -44.61
N SER M 713 -45.48 -0.92 -43.31
CA SER M 713 -45.32 0.32 -42.57
C SER M 713 -43.87 0.77 -42.48
N LEU M 714 -42.92 -0.15 -42.66
CA LEU M 714 -41.52 0.18 -42.43
C LEU M 714 -40.98 1.17 -43.43
N MET M 715 -41.53 1.26 -44.64
CA MET M 715 -41.01 2.24 -45.59
C MET M 715 -41.50 3.64 -45.27
N PHE M 716 -42.69 3.79 -44.69
CA PHE M 716 -43.13 5.10 -44.24
C PHE M 716 -42.29 5.57 -43.05
N LEU M 717 -41.84 4.64 -42.20
CA LEU M 717 -41.08 5.02 -41.02
C LEU M 717 -39.59 5.22 -41.33
N PHE M 718 -39.03 4.44 -42.25
CA PHE M 718 -37.59 4.48 -42.50
C PHE M 718 -37.18 5.51 -43.54
N SER M 719 -38.12 6.01 -44.35
CA SER M 719 -37.79 6.90 -45.46
C SER M 719 -38.31 8.31 -45.18
N GLY M 720 -38.11 9.18 -46.17
CA GLY M 720 -38.55 10.55 -46.06
C GLY M 720 -39.25 10.99 -47.34
N ARG M 721 -40.07 12.03 -47.20
CA ARG M 721 -40.89 12.49 -48.32
C ARG M 721 -40.07 13.15 -49.43
N GLY M 722 -38.86 13.60 -49.13
CA GLY M 722 -38.03 14.20 -50.18
C GLY M 722 -37.74 13.24 -51.31
N TYR M 723 -37.47 11.98 -50.98
CA TYR M 723 -37.28 10.95 -52.00
C TYR M 723 -38.56 10.75 -52.81
N TRP M 724 -39.70 10.64 -52.12
CA TRP M 724 -40.94 10.29 -52.79
C TRP M 724 -41.47 11.43 -53.65
N GLN M 725 -41.28 12.68 -53.21
CA GLN M 725 -41.69 13.81 -54.03
C GLN M 725 -40.89 13.87 -55.33
N GLU M 726 -39.58 13.59 -55.25
CA GLU M 726 -38.76 13.57 -56.45
C GLU M 726 -39.16 12.42 -57.37
N LEU M 727 -39.48 11.27 -56.80
CA LEU M 727 -39.96 10.15 -57.61
C LEU M 727 -41.29 10.49 -58.29
N ILE M 728 -42.18 11.16 -57.56
CA ILE M 728 -43.46 11.58 -58.13
C ILE M 728 -43.24 12.55 -59.28
N GLU M 729 -42.16 13.31 -59.24
CA GLU M 729 -41.85 14.25 -60.32
C GLU M 729 -41.69 13.53 -61.65
N SER M 730 -40.95 12.42 -61.65
CA SER M 730 -40.76 11.65 -62.88
C SER M 730 -42.06 11.01 -63.35
N ILE M 731 -42.86 10.50 -62.41
CA ILE M 731 -44.15 9.90 -62.77
C ILE M 731 -45.08 10.96 -63.36
N VAL M 732 -45.09 12.16 -62.75
CA VAL M 732 -45.90 13.25 -63.27
C VAL M 732 -45.45 13.62 -64.67
N TRP M 733 -44.15 13.54 -64.95
CA TRP M 733 -43.65 13.81 -66.29
C TRP M 733 -44.27 12.87 -67.31
N ALA M 734 -44.40 11.58 -66.95
CA ALA M 734 -44.99 10.62 -67.87
C ALA M 734 -46.45 10.95 -68.16
N HIS M 735 -47.20 11.34 -67.13
CA HIS M 735 -48.59 11.73 -67.34
C HIS M 735 -48.70 13.02 -68.14
N ASN M 736 -47.79 13.96 -67.91
CA ASN M 736 -47.75 15.17 -68.73
C ASN M 736 -47.45 14.85 -70.18
N LYS M 737 -46.59 13.85 -70.41
CA LYS M 737 -46.26 13.47 -71.78
C LYS M 737 -47.48 12.96 -72.54
N LEU M 738 -48.40 12.30 -71.85
CA LEU M 738 -49.61 11.76 -72.46
C LEU M 738 -50.83 12.64 -72.22
N LYS M 739 -50.64 13.87 -71.74
CA LYS M 739 -51.73 14.82 -71.53
C LYS M 739 -52.78 14.26 -70.57
N VAL M 740 -52.34 13.56 -69.54
CA VAL M 740 -53.24 12.94 -68.58
C VAL M 740 -52.82 13.33 -67.17
N ALA M 741 -52.09 14.43 -67.05
CA ALA M 741 -51.70 14.88 -65.72
C ALA M 741 -52.89 15.53 -65.01
N PRO M 742 -53.07 15.28 -63.72
CA PRO M 742 -54.21 15.85 -63.00
C PRO M 742 -53.96 17.29 -62.57
N ALA M 743 -55.05 18.07 -62.55
CA ALA M 743 -54.98 19.45 -62.08
C ALA M 743 -54.63 19.51 -60.61
N ILE M 744 -55.20 18.62 -59.79
CA ILE M 744 -54.82 18.51 -58.39
C ILE M 744 -53.45 17.87 -58.35
N GLN M 745 -52.43 18.67 -58.11
CA GLN M 745 -51.05 18.22 -58.28
C GLN M 745 -50.71 17.16 -57.24
N PRO M 746 -50.17 16.01 -57.67
CA PRO M 746 -49.80 14.97 -56.70
C PRO M 746 -48.62 15.41 -55.86
N ARG M 747 -48.72 15.18 -54.55
CA ARG M 747 -47.66 15.49 -53.61
C ARG M 747 -47.40 14.28 -52.72
N ALA M 748 -46.14 14.11 -52.33
CA ALA M 748 -45.83 13.12 -51.31
C ALA M 748 -46.47 13.54 -49.99
N LEU M 749 -46.74 12.55 -49.15
CA LEU M 749 -47.32 12.84 -47.84
C LEU M 749 -46.38 13.74 -47.04
N SER M 750 -46.96 14.64 -46.25
CA SER M 750 -46.16 15.51 -45.41
C SER M 750 -45.33 14.68 -44.43
N ILE M 751 -44.35 15.33 -43.82
CA ILE M 751 -43.45 14.62 -42.91
C ILE M 751 -44.23 14.02 -41.74
N VAL M 752 -45.13 14.81 -41.15
CA VAL M 752 -45.97 14.31 -40.07
C VAL M 752 -46.90 13.21 -40.58
N HIS M 753 -47.50 13.42 -41.75
CA HIS M 753 -48.44 12.45 -42.29
C HIS M 753 -47.75 11.10 -42.56
N GLY M 754 -46.52 11.13 -43.06
CA GLY M 754 -45.79 9.90 -43.27
C GLY M 754 -45.53 9.15 -41.98
N ARG M 755 -45.21 9.87 -40.90
CA ARG M 755 -45.05 9.24 -39.61
C ARG M 755 -46.37 8.65 -39.11
N ALA M 756 -47.48 9.37 -39.31
CA ALA M 756 -48.77 8.87 -38.87
C ALA M 756 -49.16 7.60 -39.61
N VAL M 757 -48.90 7.56 -40.92
CA VAL M 757 -49.19 6.35 -41.70
C VAL M 757 -48.32 5.19 -41.21
N GLY M 758 -47.04 5.47 -40.95
CA GLY M 758 -46.14 4.41 -40.52
C GLY M 758 -46.56 3.79 -39.20
N VAL M 759 -46.90 4.62 -38.21
CA VAL M 759 -47.28 4.09 -36.91
C VAL M 759 -48.64 3.41 -36.97
N ALA M 760 -49.55 3.90 -37.81
CA ALA M 760 -50.87 3.29 -37.92
C ALA M 760 -50.79 1.89 -38.53
N HIS M 761 -50.02 1.75 -39.61
CA HIS M 761 -49.88 0.43 -40.23
C HIS M 761 -49.01 -0.50 -39.38
N TYR M 762 -48.03 0.05 -38.67
CA TYR M 762 -47.21 -0.78 -37.78
C TYR M 762 -48.06 -1.40 -36.68
N LEU M 763 -48.84 -0.57 -35.98
CA LEU M 763 -49.66 -1.09 -34.89
C LEU M 763 -50.75 -2.02 -35.41
N LEU M 764 -51.37 -1.68 -36.54
CA LEU M 764 -52.39 -2.55 -37.11
C LEU M 764 -51.82 -3.91 -37.47
N GLY M 765 -50.64 -3.92 -38.10
CA GLY M 765 -50.05 -5.19 -38.51
C GLY M 765 -49.67 -6.05 -37.32
N GLY M 766 -49.02 -5.46 -36.32
CA GLY M 766 -48.60 -6.22 -35.16
C GLY M 766 -49.77 -6.74 -34.34
N ILE M 767 -50.78 -5.91 -34.12
CA ILE M 767 -51.91 -6.30 -33.29
C ILE M 767 -52.74 -7.37 -33.99
N VAL M 768 -52.96 -7.22 -35.30
CA VAL M 768 -53.73 -8.22 -36.05
C VAL M 768 -53.00 -9.56 -36.04
N THR M 769 -51.67 -9.53 -36.13
CA THR M 769 -50.90 -10.76 -36.09
C THR M 769 -51.09 -11.50 -34.76
N THR M 770 -51.04 -10.76 -33.66
CA THR M 770 -51.28 -11.37 -32.35
C THR M 770 -52.73 -11.80 -32.22
N TRP M 771 -53.66 -11.04 -32.79
CA TRP M 771 -55.07 -11.41 -32.73
C TRP M 771 -55.34 -12.74 -33.40
N ALA M 772 -54.79 -12.95 -34.60
CA ALA M 772 -54.95 -14.23 -35.28
C ALA M 772 -54.21 -15.34 -34.54
N PHE M 773 -53.03 -15.03 -34.02
CA PHE M 773 -52.24 -16.03 -33.29
C PHE M 773 -52.98 -16.49 -32.04
N PHE M 774 -53.57 -15.56 -31.29
CA PHE M 774 -54.28 -15.92 -30.07
C PHE M 774 -55.56 -16.69 -30.38
N LEU M 775 -56.35 -16.20 -31.33
CA LEU M 775 -57.67 -16.76 -31.57
C LEU M 775 -57.62 -18.11 -32.27
N ALA M 776 -56.67 -18.31 -33.19
CA ALA M 776 -56.57 -19.60 -33.86
C ALA M 776 -56.21 -20.71 -32.87
N ARG M 777 -55.27 -20.45 -31.97
CA ARG M 777 -54.88 -21.46 -30.99
C ARG M 777 -56.02 -21.76 -30.02
N MET M 778 -56.68 -20.72 -29.52
CA MET M 778 -57.73 -20.92 -28.53
C MET M 778 -58.98 -21.55 -29.13
N SER M 779 -59.27 -21.26 -30.40
CA SER M 779 -60.40 -21.90 -31.06
C SER M 779 -60.16 -23.38 -31.32
N ALA M 780 -58.91 -23.85 -31.25
CA ALA M 780 -58.58 -25.24 -31.51
C ALA M 780 -58.33 -26.04 -30.24
N ILE M 781 -57.65 -25.47 -29.25
CA ILE M 781 -57.32 -26.19 -28.02
C ILE M 781 -58.07 -25.69 -26.81
N GLY M 782 -58.78 -24.58 -26.91
CA GLY M 782 -59.51 -24.03 -25.78
C GLY M 782 -60.80 -24.76 -25.48
N ALA N 2 -8.79 23.98 -30.62
CA ALA N 2 -8.98 22.85 -31.54
C ALA N 2 -8.10 21.68 -31.14
N THR N 3 -8.39 20.51 -31.70
CA THR N 3 -7.64 19.30 -31.43
C THR N 3 -6.82 18.91 -32.65
N LYS N 4 -5.80 18.08 -32.41
CA LYS N 4 -4.98 17.58 -33.51
C LYS N 4 -5.75 16.58 -34.37
N PHE N 5 -6.74 15.90 -33.79
CA PHE N 5 -7.53 14.88 -34.47
C PHE N 5 -8.90 15.42 -34.81
N PRO N 6 -9.37 15.27 -36.07
CA PRO N 6 -8.68 14.65 -37.20
C PRO N 6 -7.65 15.57 -37.83
N LYS N 7 -6.56 14.99 -38.34
CA LYS N 7 -5.51 15.78 -38.96
C LYS N 7 -5.93 16.37 -40.29
N PHE N 8 -6.92 15.76 -40.97
CA PHE N 8 -7.27 16.10 -42.34
C PHE N 8 -8.41 17.10 -42.45
N SER N 9 -8.94 17.61 -41.33
CA SER N 9 -10.10 18.50 -41.39
C SER N 9 -10.06 19.45 -40.21
N GLN N 10 -9.79 20.73 -40.50
CA GLN N 10 -9.84 21.75 -39.46
C GLN N 10 -11.26 22.05 -39.02
N ASP N 11 -12.23 21.89 -39.92
CA ASP N 11 -13.62 22.10 -39.55
C ASP N 11 -14.06 21.11 -38.47
N LEU N 12 -13.68 19.84 -38.62
CA LEU N 12 -13.99 18.86 -37.58
C LEU N 12 -13.11 19.05 -36.36
N ALA N 13 -11.85 19.44 -36.55
CA ALA N 13 -10.94 19.60 -35.43
C ALA N 13 -11.38 20.72 -34.50
N GLN N 14 -12.12 21.71 -35.01
CA GLN N 14 -12.64 22.79 -34.19
C GLN N 14 -14.02 22.49 -33.62
N ASP N 15 -14.61 21.36 -33.97
CA ASP N 15 -15.92 20.99 -33.43
C ASP N 15 -15.79 20.67 -31.95
N PRO N 16 -16.54 21.33 -31.07
CA PRO N 16 -16.42 21.07 -29.63
C PRO N 16 -17.32 19.98 -29.08
N THR N 17 -17.99 19.21 -29.93
CA THR N 17 -18.93 18.18 -29.50
C THR N 17 -18.39 16.80 -29.86
N THR N 18 -19.14 15.78 -29.45
CA THR N 18 -18.80 14.40 -29.79
C THR N 18 -18.95 14.11 -31.28
N ARG N 19 -19.61 14.99 -32.04
CA ARG N 19 -19.74 14.80 -33.47
C ARG N 19 -18.38 14.81 -34.16
N ARG N 20 -17.38 15.46 -33.57
CA ARG N 20 -16.05 15.51 -34.17
C ARG N 20 -15.45 14.12 -34.27
N ILE N 21 -15.58 13.31 -33.23
CA ILE N 21 -15.01 11.97 -33.25
C ILE N 21 -15.74 11.08 -34.25
N TRP N 22 -17.07 11.15 -34.27
CA TRP N 22 -17.86 10.33 -35.19
C TRP N 22 -17.54 10.66 -36.64
N TYR N 23 -17.54 11.95 -36.98
CA TYR N 23 -17.36 12.33 -38.38
C TYR N 23 -15.94 12.11 -38.86
N ALA N 24 -14.96 12.13 -37.95
CA ALA N 24 -13.59 11.88 -38.35
C ALA N 24 -13.43 10.46 -38.90
N MET N 25 -14.07 9.48 -38.24
CA MET N 25 -14.03 8.11 -38.75
C MET N 25 -14.74 7.98 -40.08
N ALA N 26 -15.86 8.68 -40.25
CA ALA N 26 -16.69 8.52 -41.44
C ALA N 26 -16.09 9.20 -42.67
N THR N 27 -15.21 10.19 -42.49
CA THR N 27 -14.62 10.92 -43.60
C THR N 27 -13.12 10.70 -43.72
N ALA N 28 -12.57 9.73 -42.98
CA ALA N 28 -11.12 9.53 -43.00
C ALA N 28 -10.63 9.08 -44.36
N HIS N 29 -11.38 8.22 -45.04
CA HIS N 29 -10.97 7.68 -46.32
C HIS N 29 -11.54 8.45 -47.51
N ASP N 30 -12.25 9.55 -47.27
CA ASP N 30 -12.70 10.43 -48.35
C ASP N 30 -11.58 11.44 -48.60
N PHE N 31 -10.55 10.98 -49.32
CA PHE N 31 -9.33 11.76 -49.47
C PHE N 31 -9.55 13.06 -50.20
N GLU N 32 -10.52 13.09 -51.13
CA GLU N 32 -10.71 14.28 -51.96
C GLU N 32 -11.16 15.48 -51.13
N LEU N 33 -11.84 15.25 -50.01
CA LEU N 33 -12.32 16.34 -49.18
C LEU N 33 -11.33 16.75 -48.09
N HIS N 34 -10.17 16.11 -48.03
CA HIS N 34 -9.17 16.46 -47.03
C HIS N 34 -8.61 17.86 -47.30
N ASP N 35 -8.19 18.51 -46.22
CA ASP N 35 -7.67 19.88 -46.33
C ASP N 35 -6.38 19.90 -47.14
N GLY N 36 -6.31 20.84 -48.09
CA GLY N 36 -5.11 20.99 -48.90
C GLY N 36 -4.77 19.79 -49.74
N MET N 37 -5.77 19.07 -50.24
CA MET N 37 -5.55 17.86 -51.03
C MET N 37 -5.42 18.24 -52.51
N THR N 38 -4.30 17.85 -53.11
CA THR N 38 -4.07 18.02 -54.54
C THR N 38 -4.33 16.72 -55.26
N GLU N 39 -4.50 16.82 -56.58
CA GLU N 39 -4.79 15.62 -57.38
C GLU N 39 -3.64 14.63 -57.34
N GLU N 40 -2.40 15.12 -57.41
CA GLU N 40 -1.25 14.23 -57.37
C GLU N 40 -1.13 13.54 -56.02
N ASN N 41 -1.31 14.28 -54.93
CA ASN N 41 -1.27 13.68 -53.60
C ASN N 41 -2.42 12.71 -53.40
N LEU N 42 -3.56 12.97 -54.04
CA LEU N 42 -4.70 12.07 -53.93
C LEU N 42 -4.38 10.70 -54.50
N TYR N 43 -3.82 10.66 -55.72
CA TYR N 43 -3.49 9.39 -56.34
C TYR N 43 -2.39 8.66 -55.58
N GLN N 44 -1.39 9.39 -55.09
CA GLN N 44 -0.29 8.77 -54.35
C GLN N 44 -0.78 8.12 -53.06
N LYS N 45 -1.68 8.80 -52.34
CA LYS N 45 -2.22 8.23 -51.11
C LYS N 45 -3.06 6.99 -51.40
N ILE N 46 -3.86 7.03 -52.48
CA ILE N 46 -4.67 5.88 -52.85
C ILE N 46 -3.79 4.71 -53.22
N PHE N 47 -2.71 4.97 -53.95
CA PHE N 47 -1.80 3.90 -54.38
C PHE N 47 -1.20 3.18 -53.18
N ALA N 48 -0.76 3.94 -52.17
CA ALA N 48 -0.21 3.31 -50.97
C ALA N 48 -1.28 2.58 -50.17
N SER N 49 -2.50 3.14 -50.13
CA SER N 49 -3.59 2.49 -49.42
C SER N 49 -3.92 1.14 -50.04
N HIS N 50 -3.89 1.07 -51.38
CA HIS N 50 -4.16 -0.20 -52.06
C HIS N 50 -3.11 -1.25 -51.73
N PHE N 51 -1.87 -0.84 -51.52
CA PHE N 51 -0.84 -1.77 -51.07
C PHE N 51 -1.19 -2.33 -49.69
N GLY N 52 -1.69 -1.49 -48.80
CA GLY N 52 -2.08 -1.96 -47.48
C GLY N 52 -3.22 -2.94 -47.52
N HIS N 53 -4.22 -2.69 -48.39
CA HIS N 53 -5.35 -3.59 -48.48
C HIS N 53 -4.93 -4.96 -49.01
N LEU N 54 -4.03 -5.00 -50.00
CA LEU N 54 -3.55 -6.27 -50.51
C LEU N 54 -2.81 -7.05 -49.43
N ALA N 55 -2.00 -6.36 -48.63
CA ALA N 55 -1.29 -7.03 -47.54
C ALA N 55 -2.26 -7.61 -46.52
N ILE N 56 -3.36 -6.89 -46.25
CA ILE N 56 -4.37 -7.40 -45.33
C ILE N 56 -5.00 -8.68 -45.89
N ILE N 57 -5.25 -8.71 -47.20
CA ILE N 57 -5.81 -9.90 -47.83
C ILE N 57 -4.85 -11.09 -47.69
N PHE N 58 -3.56 -10.84 -47.93
CA PHE N 58 -2.58 -11.93 -47.84
C PHE N 58 -2.42 -12.40 -46.40
N LEU N 59 -2.45 -11.48 -45.44
CA LEU N 59 -2.42 -11.88 -44.03
C LEU N 59 -3.66 -12.68 -43.66
N TRP N 60 -4.81 -12.31 -44.22
CA TRP N 60 -6.04 -13.05 -43.97
C TRP N 60 -5.96 -14.46 -44.52
N ALA N 61 -5.42 -14.62 -45.73
CA ALA N 61 -5.23 -15.96 -46.28
C ALA N 61 -4.19 -16.75 -45.50
N SER N 62 -3.15 -16.07 -45.01
CA SER N 62 -2.15 -16.74 -44.20
C SER N 62 -2.76 -17.24 -42.89
N GLY N 63 -3.65 -16.46 -42.30
CA GLY N 63 -4.29 -16.88 -41.06
C GLY N 63 -5.17 -18.10 -41.24
N VAL N 64 -5.90 -18.16 -42.36
CA VAL N 64 -6.76 -19.32 -42.62
C VAL N 64 -5.90 -20.58 -42.79
N LEU N 65 -4.81 -20.47 -43.54
CA LEU N 65 -3.91 -21.62 -43.71
C LEU N 65 -3.27 -22.03 -42.39
N PHE N 66 -2.81 -21.04 -41.60
CA PHE N 66 -2.08 -21.37 -40.38
C PHE N 66 -2.97 -22.08 -39.37
N HIS N 67 -4.20 -21.61 -39.19
CA HIS N 67 -5.07 -22.22 -38.18
C HIS N 67 -5.52 -23.61 -38.58
N VAL N 68 -5.66 -23.87 -39.89
CA VAL N 68 -5.97 -25.23 -40.33
C VAL N 68 -4.79 -26.16 -40.11
N ALA N 69 -3.58 -25.69 -40.44
CA ALA N 69 -2.40 -26.51 -40.24
C ALA N 69 -2.09 -26.72 -38.77
N TRP N 70 -2.49 -25.78 -37.92
CA TRP N 70 -2.18 -25.82 -36.50
C TRP N 70 -3.24 -26.58 -35.69
N GLN N 71 -4.51 -26.31 -35.95
CA GLN N 71 -5.59 -26.86 -35.13
C GLN N 71 -6.62 -27.64 -35.93
N GLY N 72 -6.51 -27.69 -37.25
CA GLY N 72 -7.47 -28.40 -38.07
C GLY N 72 -7.17 -29.88 -38.17
N ASN N 73 -7.92 -30.55 -39.04
CA ASN N 73 -7.80 -31.98 -39.28
C ASN N 73 -7.70 -32.25 -40.78
N PHE N 74 -6.83 -31.50 -41.46
CA PHE N 74 -6.72 -31.61 -42.91
C PHE N 74 -6.32 -33.01 -43.33
N GLU N 75 -5.26 -33.56 -42.72
CA GLU N 75 -4.76 -34.87 -43.13
C GLU N 75 -5.78 -35.97 -42.87
N GLN N 76 -6.49 -35.90 -41.74
CA GLN N 76 -7.55 -36.86 -41.48
C GLN N 76 -8.70 -36.70 -42.47
N TRP N 77 -8.99 -35.45 -42.85
CA TRP N 77 -10.08 -35.19 -43.78
C TRP N 77 -9.77 -35.71 -45.18
N ILE N 78 -8.48 -35.76 -45.55
CA ILE N 78 -8.10 -36.26 -46.88
C ILE N 78 -8.53 -37.71 -47.05
N LYS N 79 -8.31 -38.52 -46.02
CA LYS N 79 -8.59 -39.95 -46.11
C LYS N 79 -10.08 -40.25 -46.26
N ASP N 80 -10.95 -39.33 -45.88
CA ASP N 80 -12.39 -39.54 -46.01
C ASP N 80 -13.11 -38.20 -46.10
N PRO N 81 -13.04 -37.52 -47.25
CA PRO N 81 -13.68 -36.19 -47.35
C PRO N 81 -15.20 -36.23 -47.21
N LEU N 82 -15.84 -37.35 -47.48
CA LEU N 82 -17.30 -37.44 -47.47
C LEU N 82 -17.88 -37.69 -46.09
N ASN N 83 -17.05 -38.02 -45.10
CA ASN N 83 -17.55 -38.33 -43.76
C ASN N 83 -16.85 -37.59 -42.64
N VAL N 84 -15.74 -36.90 -42.91
CA VAL N 84 -15.01 -36.16 -41.90
C VAL N 84 -15.40 -34.69 -41.99
N ARG N 85 -15.73 -34.09 -40.86
CA ARG N 85 -16.06 -32.67 -40.83
C ARG N 85 -14.79 -31.83 -40.78
N PRO N 86 -14.57 -30.93 -41.74
CA PRO N 86 -13.40 -30.06 -41.66
C PRO N 86 -13.46 -29.15 -40.44
N ILE N 87 -12.29 -28.84 -39.88
CA ILE N 87 -12.18 -28.03 -38.68
C ILE N 87 -11.61 -26.67 -39.06
N ALA N 88 -12.32 -25.61 -38.69
CA ALA N 88 -11.86 -24.26 -38.96
C ALA N 88 -10.74 -23.85 -38.01
N HIS N 89 -11.03 -23.83 -36.71
CA HIS N 89 -10.03 -23.51 -35.69
C HIS N 89 -10.54 -24.00 -34.35
N ALA N 90 -9.67 -23.95 -33.35
CA ALA N 90 -10.03 -24.37 -32.01
C ALA N 90 -10.83 -23.28 -31.30
N ILE N 91 -11.52 -23.68 -30.25
CA ILE N 91 -12.35 -22.79 -29.44
C ILE N 91 -11.68 -22.63 -28.08
N TRP N 92 -11.47 -21.38 -27.68
CA TRP N 92 -11.01 -21.06 -26.33
C TRP N 92 -11.91 -19.96 -25.77
N ASP N 93 -12.98 -20.38 -25.10
CA ASP N 93 -13.90 -19.47 -24.43
C ASP N 93 -13.95 -19.92 -22.97
N ALA N 94 -13.25 -19.19 -22.10
CA ALA N 94 -13.03 -19.62 -20.72
C ALA N 94 -14.28 -19.62 -19.87
N GLN N 95 -15.42 -19.17 -20.41
CA GLN N 95 -16.68 -19.16 -19.67
C GLN N 95 -17.65 -20.21 -20.20
N PHE N 96 -17.13 -21.20 -20.94
CA PHE N 96 -17.90 -22.39 -21.30
C PHE N 96 -18.12 -23.29 -20.09
N GLY N 97 -19.25 -23.99 -20.09
CA GLY N 97 -19.51 -25.04 -19.14
C GLY N 97 -19.15 -26.40 -19.73
N PRO N 98 -19.10 -27.43 -18.89
CA PRO N 98 -18.77 -28.78 -19.37
C PRO N 98 -19.71 -29.26 -20.46
N PRO N 99 -21.03 -29.00 -20.38
CA PRO N 99 -21.88 -29.38 -21.52
C PRO N 99 -21.52 -28.68 -22.81
N ALA N 100 -21.08 -27.42 -22.74
CA ALA N 100 -20.67 -26.71 -23.94
C ALA N 100 -19.36 -27.27 -24.49
N ILE N 101 -18.41 -27.61 -23.61
CA ILE N 101 -17.15 -28.19 -24.06
C ILE N 101 -17.38 -29.53 -24.74
N GLU N 102 -18.23 -30.37 -24.15
CA GLU N 102 -18.53 -31.67 -24.74
C GLU N 102 -19.23 -31.51 -26.09
N ALA N 103 -20.16 -30.57 -26.18
CA ALA N 103 -20.93 -30.40 -27.41
C ALA N 103 -20.05 -29.98 -28.58
N PHE N 104 -19.08 -29.11 -28.33
CA PHE N 104 -18.22 -28.60 -29.39
C PHE N 104 -16.97 -29.44 -29.63
N THR N 105 -16.73 -30.47 -28.81
CA THR N 105 -15.64 -31.41 -29.04
C THR N 105 -16.17 -32.50 -29.97
N ARG N 106 -15.84 -32.40 -31.25
CA ARG N 106 -16.36 -33.32 -32.26
C ARG N 106 -15.39 -33.35 -33.43
N ALA N 107 -15.80 -34.02 -34.52
CA ALA N 107 -15.00 -34.14 -35.74
C ALA N 107 -13.63 -34.77 -35.47
N GLY N 108 -13.57 -35.69 -34.50
CA GLY N 108 -12.34 -36.38 -34.19
C GLY N 108 -11.37 -35.62 -33.32
N ALA N 109 -11.70 -34.41 -32.91
CA ALA N 109 -10.81 -33.63 -32.06
C ALA N 109 -11.05 -33.97 -30.58
N THR N 110 -10.04 -33.66 -29.76
CA THR N 110 -10.14 -33.83 -28.31
C THR N 110 -10.33 -32.50 -27.59
N ASN N 111 -10.54 -31.42 -28.32
CA ASN N 111 -10.80 -30.10 -27.77
C ASN N 111 -11.92 -29.47 -28.56
N PRO N 112 -12.63 -28.50 -27.98
CA PRO N 112 -13.71 -27.84 -28.73
C PRO N 112 -13.18 -27.17 -29.99
N VAL N 113 -13.91 -27.32 -31.08
CA VAL N 113 -13.51 -26.80 -32.38
C VAL N 113 -14.74 -26.27 -33.12
N ASP N 114 -14.49 -25.45 -34.12
CA ASP N 114 -15.51 -25.02 -35.07
C ASP N 114 -15.38 -25.83 -36.35
N ILE N 115 -16.51 -26.10 -36.99
CA ILE N 115 -16.54 -26.82 -38.25
C ILE N 115 -16.42 -25.82 -39.39
N CYS N 116 -15.42 -26.00 -40.24
CA CYS N 116 -15.21 -25.09 -41.36
C CYS N 116 -16.32 -25.23 -42.39
N TYR N 117 -16.85 -24.09 -42.84
CA TYR N 117 -17.88 -24.06 -43.87
C TYR N 117 -17.49 -23.23 -45.07
N SER N 118 -16.24 -22.76 -45.13
CA SER N 118 -15.80 -21.93 -46.24
C SER N 118 -15.31 -22.74 -47.45
N GLY N 119 -15.19 -24.05 -47.32
CA GLY N 119 -14.77 -24.88 -48.43
C GLY N 119 -13.29 -24.88 -48.73
N VAL N 120 -12.46 -24.33 -47.83
CA VAL N 120 -11.04 -24.26 -48.11
C VAL N 120 -10.40 -25.64 -48.11
N TYR N 121 -10.94 -26.59 -47.34
CA TYR N 121 -10.41 -27.95 -47.36
C TYR N 121 -10.54 -28.57 -48.74
N HIS N 122 -11.71 -28.42 -49.37
CA HIS N 122 -11.91 -28.96 -50.70
C HIS N 122 -11.03 -28.25 -51.72
N TRP N 123 -10.89 -26.94 -51.59
CA TRP N 123 -10.08 -26.16 -52.53
C TRP N 123 -8.61 -26.57 -52.46
N TRP N 124 -8.05 -26.64 -51.25
CA TRP N 124 -6.66 -27.01 -51.11
C TRP N 124 -6.42 -28.46 -51.55
N TYR N 125 -7.38 -29.34 -51.27
CA TYR N 125 -7.26 -30.73 -51.70
C TYR N 125 -7.21 -30.86 -53.21
N THR N 126 -8.05 -30.09 -53.91
CA THR N 126 -8.10 -30.20 -55.37
C THR N 126 -6.80 -29.71 -56.01
N ILE N 127 -6.19 -28.67 -55.45
CA ILE N 127 -5.03 -28.03 -56.07
C ILE N 127 -3.75 -28.74 -55.67
N GLY N 128 -3.86 -29.87 -54.97
CA GLY N 128 -2.73 -30.73 -54.74
C GLY N 128 -2.10 -30.65 -53.36
N MET N 129 -2.67 -29.91 -52.42
CA MET N 129 -2.13 -29.86 -51.07
C MET N 129 -2.54 -31.10 -50.30
N ARG N 130 -1.59 -31.69 -49.57
CA ARG N 130 -1.80 -32.98 -48.92
C ARG N 130 -1.40 -33.04 -47.45
N THR N 131 -0.49 -32.18 -46.98
CA THR N 131 0.02 -32.28 -45.63
C THR N 131 -0.11 -30.94 -44.92
N ASN N 132 -0.13 -31.00 -43.59
CA ASN N 132 -0.16 -29.78 -42.78
C ASN N 132 1.12 -28.98 -42.95
N ASN N 133 2.23 -29.63 -43.24
CA ASN N 133 3.48 -28.91 -43.49
C ASN N 133 3.36 -28.04 -44.74
N GLU N 134 2.69 -28.55 -45.77
CA GLU N 134 2.49 -27.75 -46.98
C GLU N 134 1.61 -26.54 -46.70
N LEU N 135 0.56 -26.71 -45.89
CA LEU N 135 -0.25 -25.57 -45.49
C LEU N 135 0.57 -24.57 -44.68
N TYR N 136 1.44 -25.08 -43.80
CA TYR N 136 2.28 -24.20 -42.99
C TYR N 136 3.24 -23.40 -43.85
N VAL N 137 3.84 -24.03 -44.86
CA VAL N 137 4.76 -23.32 -45.74
C VAL N 137 4.03 -22.24 -46.52
N GLY N 138 2.82 -22.55 -46.99
CA GLY N 138 2.02 -21.54 -47.67
C GLY N 138 1.68 -20.37 -46.76
N ALA N 139 1.37 -20.66 -45.49
CA ALA N 139 1.07 -19.60 -44.55
C ALA N 139 2.28 -18.71 -44.31
N ILE N 140 3.46 -19.31 -44.16
CA ILE N 140 4.68 -18.53 -43.97
C ILE N 140 4.99 -17.70 -45.21
N PHE N 141 4.77 -18.29 -46.39
CA PHE N 141 5.03 -17.56 -47.64
C PHE N 141 4.12 -16.35 -47.77
N LEU N 142 2.86 -16.48 -47.37
CA LEU N 142 1.94 -15.36 -47.46
C LEU N 142 2.26 -14.27 -46.43
N LEU N 143 2.84 -14.67 -45.29
CA LEU N 143 3.33 -13.66 -44.34
C LEU N 143 4.44 -12.82 -44.97
N LEU N 144 5.36 -13.45 -45.68
CA LEU N 144 6.43 -12.72 -46.35
C LEU N 144 5.89 -11.91 -47.52
N LEU N 145 4.90 -12.45 -48.24
CA LEU N 145 4.31 -11.72 -49.35
C LEU N 145 3.60 -10.46 -48.88
N ALA N 146 2.89 -10.56 -47.75
CA ALA N 146 2.27 -9.37 -47.17
C ALA N 146 3.32 -8.35 -46.75
N ALA N 147 4.44 -8.82 -46.20
CA ALA N 147 5.51 -7.91 -45.82
C ALA N 147 6.08 -7.20 -47.05
N LEU N 148 6.19 -7.92 -48.17
CA LEU N 148 6.71 -7.31 -49.40
C LEU N 148 5.79 -6.18 -49.88
N PHE N 149 4.48 -6.40 -49.85
CA PHE N 149 3.55 -5.37 -50.30
C PHE N 149 3.45 -4.23 -49.31
N LEU N 150 3.61 -4.52 -48.01
CA LEU N 150 3.66 -3.44 -47.03
C LEU N 150 4.88 -2.56 -47.24
N PHE N 151 6.03 -3.16 -47.55
CA PHE N 151 7.23 -2.39 -47.85
C PHE N 151 7.06 -1.60 -49.14
N ALA N 152 6.38 -2.18 -50.13
CA ALA N 152 6.16 -1.48 -51.39
C ALA N 152 5.32 -0.24 -51.20
N GLY N 153 4.27 -0.32 -50.37
CA GLY N 153 3.46 0.84 -50.10
C GLY N 153 4.23 1.97 -49.43
N TRP N 154 5.08 1.62 -48.47
CA TRP N 154 5.95 2.61 -47.86
C TRP N 154 6.95 3.17 -48.86
N LEU N 155 7.52 2.30 -49.70
CA LEU N 155 8.55 2.73 -50.64
C LEU N 155 7.99 3.73 -51.65
N HIS N 156 6.82 3.45 -52.19
CA HIS N 156 6.21 4.32 -53.19
C HIS N 156 5.59 5.57 -52.59
N LEU N 157 5.77 5.79 -51.28
CA LEU N 157 5.47 7.07 -50.65
C LEU N 157 6.72 7.91 -50.43
N GLN N 158 7.91 7.34 -50.58
CA GLN N 158 9.14 8.10 -50.45
C GLN N 158 9.28 9.05 -51.64
N PRO N 159 9.93 10.20 -51.43
CA PRO N 159 9.91 11.25 -52.49
C PRO N 159 10.45 10.79 -53.83
N ARG N 160 11.48 9.95 -53.84
CA ARG N 160 12.05 9.52 -55.11
C ARG N 160 11.20 8.47 -55.82
N TYR N 161 10.33 7.78 -55.11
CA TYR N 161 9.52 6.71 -55.69
C TYR N 161 8.03 7.05 -55.79
N ARG N 162 7.62 8.26 -55.43
CA ARG N 162 6.22 8.64 -55.60
C ARG N 162 5.93 8.83 -57.07
N PRO N 163 5.01 8.07 -57.66
CA PRO N 163 4.70 8.25 -59.09
C PRO N 163 4.05 9.60 -59.36
N THR N 164 4.31 10.12 -60.56
CA THR N 164 3.73 11.38 -60.97
C THR N 164 2.27 11.18 -61.38
N LEU N 165 1.54 12.29 -61.48
CA LEU N 165 0.15 12.23 -61.88
C LEU N 165 -0.01 11.67 -63.29
N GLY N 166 0.95 11.95 -64.17
CA GLY N 166 0.88 11.41 -65.52
C GLY N 166 0.98 9.90 -65.54
N TRP N 167 1.78 9.33 -64.63
CA TRP N 167 1.89 7.87 -64.54
C TRP N 167 0.55 7.24 -64.19
N PHE N 168 -0.18 7.85 -63.26
CA PHE N 168 -1.49 7.30 -62.88
C PHE N 168 -2.51 7.47 -64.00
N LYS N 169 -2.37 8.50 -64.83
CA LYS N 169 -3.34 8.80 -65.87
C LYS N 169 -3.08 8.07 -67.18
N SER N 170 -1.99 7.33 -67.29
CA SER N 170 -1.67 6.62 -68.52
C SER N 170 -2.53 5.35 -68.58
N ALA N 171 -3.68 5.47 -69.23
CA ALA N 171 -4.65 4.37 -69.23
C ALA N 171 -4.19 3.22 -70.12
N GLU N 172 -3.68 3.53 -71.31
CA GLU N 172 -3.37 2.47 -72.28
C GLU N 172 -2.31 1.49 -71.78
N PRO N 173 -1.16 1.92 -71.25
CA PRO N 173 -0.20 0.93 -70.72
C PRO N 173 -0.77 0.11 -69.56
N ARG N 174 -1.61 0.72 -68.72
CA ARG N 174 -2.18 -0.03 -67.60
C ARG N 174 -3.10 -1.14 -68.09
N LEU N 175 -3.93 -0.86 -69.11
CA LEU N 175 -4.81 -1.88 -69.65
C LEU N 175 -4.01 -3.01 -70.29
N ASN N 176 -2.94 -2.68 -71.01
CA ASN N 176 -2.12 -3.71 -71.64
C ASN N 176 -1.49 -4.62 -70.59
N HIS N 177 -0.93 -4.04 -69.53
CA HIS N 177 -0.24 -4.84 -68.53
C HIS N 177 -1.23 -5.65 -67.69
N HIS N 178 -2.38 -5.07 -67.37
CA HIS N 178 -3.35 -5.76 -66.53
C HIS N 178 -4.10 -6.84 -67.29
N LEU N 179 -4.24 -6.70 -68.61
CA LEU N 179 -4.87 -7.75 -69.41
C LEU N 179 -3.89 -8.88 -69.71
N ALA N 180 -2.73 -8.55 -70.28
CA ALA N 180 -1.78 -9.57 -70.67
C ALA N 180 -1.05 -10.16 -69.47
N GLY N 181 -0.64 -9.32 -68.53
CA GLY N 181 0.17 -9.79 -67.41
C GLY N 181 -0.62 -10.16 -66.17
N LEU N 182 -1.45 -9.24 -65.68
CA LEU N 182 -2.18 -9.51 -64.44
C LEU N 182 -3.24 -10.58 -64.63
N PHE N 183 -3.87 -10.62 -65.79
CA PHE N 183 -4.91 -11.60 -66.09
C PHE N 183 -4.37 -12.79 -66.88
N GLY N 184 -3.61 -12.53 -67.93
CA GLY N 184 -3.12 -13.60 -68.80
C GLY N 184 -1.99 -14.41 -68.21
N VAL N 185 -0.90 -13.75 -67.81
CA VAL N 185 0.26 -14.46 -67.29
C VAL N 185 -0.09 -15.16 -65.98
N SER N 186 -0.92 -14.53 -65.15
CA SER N 186 -1.36 -15.18 -63.92
C SER N 186 -2.17 -16.43 -64.21
N SER N 187 -3.05 -16.37 -65.22
CA SER N 187 -3.81 -17.56 -65.61
C SER N 187 -2.89 -18.64 -66.16
N LEU N 188 -1.90 -18.26 -66.97
CA LEU N 188 -0.93 -19.23 -67.48
C LEU N 188 -0.13 -19.86 -66.35
N ALA N 189 0.27 -19.06 -65.37
CA ALA N 189 1.01 -19.59 -64.24
C ALA N 189 0.17 -20.55 -63.43
N TRP N 190 -1.12 -20.25 -63.25
CA TRP N 190 -1.99 -21.19 -62.54
C TRP N 190 -2.17 -22.48 -63.31
N ALA N 191 -2.33 -22.38 -64.63
CA ALA N 191 -2.41 -23.60 -65.44
C ALA N 191 -1.13 -24.42 -65.33
N ALA N 192 0.02 -23.76 -65.19
CA ALA N 192 1.26 -24.47 -64.94
C ALA N 192 1.21 -25.20 -63.60
N HIS N 193 0.65 -24.57 -62.57
CA HIS N 193 0.55 -25.23 -61.28
C HIS N 193 -0.38 -26.43 -61.36
N LEU N 194 -1.49 -26.30 -62.09
CA LEU N 194 -2.40 -27.43 -62.25
C LEU N 194 -1.72 -28.58 -62.99
N ILE N 195 -0.99 -28.27 -64.06
CA ILE N 195 -0.36 -29.31 -64.87
C ILE N 195 0.81 -29.94 -64.13
N HIS N 196 1.64 -29.12 -63.49
CA HIS N 196 2.87 -29.64 -62.89
C HIS N 196 2.64 -30.22 -61.50
N VAL N 197 1.63 -29.75 -60.77
CA VAL N 197 1.47 -30.12 -59.37
C VAL N 197 0.13 -30.78 -59.11
N ALA N 198 -0.97 -30.07 -59.41
CA ALA N 198 -2.30 -30.53 -59.00
C ALA N 198 -2.67 -31.84 -59.68
N ILE N 199 -2.50 -31.92 -61.00
CA ILE N 199 -2.86 -33.14 -61.72
C ILE N 199 -2.01 -34.33 -61.29
N PRO N 200 -0.67 -34.23 -61.19
CA PRO N 200 0.08 -35.37 -60.65
C PRO N 200 -0.32 -35.77 -59.24
N GLU N 201 -0.63 -34.79 -58.38
CA GLU N 201 -1.01 -35.11 -57.01
C GLU N 201 -2.36 -35.82 -56.96
N SER N 202 -3.28 -35.50 -57.87
CA SER N 202 -4.54 -36.22 -57.94
C SER N 202 -4.38 -37.63 -58.48
N ARG N 203 -3.21 -37.99 -58.98
CA ARG N 203 -2.95 -39.33 -59.49
C ARG N 203 -1.99 -40.11 -58.60
N GLY N 204 -1.74 -39.64 -57.37
CA GLY N 204 -0.99 -40.40 -56.40
C GLY N 204 0.48 -40.11 -56.31
N GLN N 205 1.05 -39.38 -57.26
CA GLN N 205 2.48 -39.08 -57.26
C GLN N 205 2.71 -37.70 -56.67
N HIS N 206 3.70 -37.60 -55.79
CA HIS N 206 4.01 -36.36 -55.09
C HIS N 206 4.93 -35.49 -55.94
N VAL N 207 4.53 -34.24 -56.15
CA VAL N 207 5.35 -33.25 -56.84
C VAL N 207 5.44 -32.02 -55.94
N GLY N 208 6.66 -31.62 -55.60
CA GLY N 208 6.87 -30.45 -54.77
C GLY N 208 8.08 -29.65 -55.22
N TRP N 209 8.49 -28.68 -54.41
CA TRP N 209 9.66 -27.87 -54.76
C TRP N 209 10.93 -28.70 -54.80
N ASP N 210 10.95 -29.85 -54.13
CA ASP N 210 12.16 -30.67 -54.07
C ASP N 210 12.38 -31.50 -55.33
N ASN N 211 11.35 -31.75 -56.14
CA ASN N 211 11.50 -32.64 -57.28
C ASN N 211 10.77 -32.19 -58.54
N PHE N 212 10.13 -31.01 -58.54
CA PHE N 212 9.37 -30.61 -59.72
C PHE N 212 10.25 -30.22 -60.89
N LEU N 213 11.53 -29.93 -60.65
CA LEU N 213 12.41 -29.52 -61.73
C LEU N 213 12.73 -30.67 -62.67
N PHE N 214 12.82 -31.90 -62.15
CA PHE N 214 13.20 -33.06 -62.94
C PHE N 214 12.11 -34.11 -63.01
N THR N 215 10.85 -33.72 -62.76
CA THR N 215 9.70 -34.62 -62.90
C THR N 215 8.77 -34.03 -63.95
N PRO N 216 8.87 -34.48 -65.20
CA PRO N 216 8.02 -33.94 -66.26
C PRO N 216 6.55 -34.23 -65.98
N PRO N 217 5.66 -33.27 -66.27
CA PRO N 217 4.23 -33.54 -66.07
C PRO N 217 3.63 -34.47 -67.11
N HIS N 218 4.27 -34.63 -68.26
CA HIS N 218 3.78 -35.49 -69.32
C HIS N 218 4.94 -36.28 -69.90
N PRO N 219 4.73 -37.55 -70.26
CA PRO N 219 5.81 -38.34 -70.86
C PRO N 219 6.34 -37.76 -72.16
N ALA N 220 5.48 -37.12 -72.96
CA ALA N 220 5.93 -36.56 -74.23
C ALA N 220 6.87 -35.37 -74.05
N GLY N 221 6.88 -34.76 -72.88
CA GLY N 221 7.76 -33.64 -72.62
C GLY N 221 7.32 -32.38 -73.37
N LEU N 222 8.19 -31.37 -73.29
CA LEU N 222 7.94 -30.12 -73.98
C LEU N 222 8.18 -30.23 -75.49
N GLY N 223 8.78 -31.32 -75.95
CA GLY N 223 9.00 -31.47 -77.38
C GLY N 223 7.71 -31.52 -78.18
N ALA N 224 6.67 -32.12 -77.59
CA ALA N 224 5.38 -32.20 -78.27
C ALA N 224 4.77 -30.82 -78.49
N PHE N 225 5.03 -29.87 -77.58
CA PHE N 225 4.47 -28.54 -77.72
C PHE N 225 5.14 -27.78 -78.85
N PHE N 226 6.48 -27.82 -78.91
CA PHE N 226 7.19 -27.05 -79.92
C PHE N 226 7.06 -27.68 -81.31
N THR N 227 7.00 -29.00 -81.38
CA THR N 227 6.84 -29.67 -82.67
C THR N 227 5.45 -29.42 -83.27
N GLY N 228 4.45 -29.19 -82.43
CA GLY N 228 3.08 -29.08 -82.90
C GLY N 228 2.23 -30.30 -82.65
N ASN N 229 2.75 -31.31 -81.96
CA ASN N 229 1.99 -32.51 -81.60
C ASN N 229 1.22 -32.27 -80.31
N TRP N 230 0.32 -31.28 -80.36
CA TRP N 230 -0.46 -30.91 -79.19
C TRP N 230 -1.47 -31.98 -78.79
N SER N 231 -1.86 -32.86 -79.73
CA SER N 231 -2.81 -33.91 -79.42
C SER N 231 -2.24 -34.93 -78.44
N ALA N 232 -0.92 -35.02 -78.31
CA ALA N 232 -0.32 -35.95 -77.36
C ALA N 232 -0.70 -35.62 -75.93
N TYR N 233 -0.91 -34.34 -75.63
CA TYR N 233 -1.26 -33.94 -74.27
C TYR N 233 -2.69 -34.34 -73.90
N ALA N 234 -3.53 -34.64 -74.88
CA ALA N 234 -4.90 -35.05 -74.63
C ALA N 234 -5.09 -36.56 -74.64
N GLN N 235 -4.05 -37.32 -74.96
CA GLN N 235 -4.17 -38.76 -75.06
C GLN N 235 -4.18 -39.41 -73.69
N ASN N 236 -5.00 -40.46 -73.55
CA ASN N 236 -5.15 -41.23 -72.31
C ASN N 236 -5.61 -40.35 -71.16
N PRO N 237 -6.86 -39.89 -71.17
CA PRO N 237 -7.37 -39.10 -70.05
C PRO N 237 -7.67 -40.00 -68.85
N ASP N 238 -8.04 -39.37 -67.74
CA ASP N 238 -8.43 -40.12 -66.56
C ASP N 238 -9.65 -40.99 -66.85
N THR N 239 -9.59 -42.25 -66.45
CA THR N 239 -10.63 -43.21 -66.74
C THR N 239 -11.84 -42.95 -65.83
N ALA N 240 -13.02 -43.41 -66.28
CA ALA N 240 -14.25 -43.19 -65.53
C ALA N 240 -14.24 -43.84 -64.16
N GLN N 241 -13.39 -44.84 -63.93
CA GLN N 241 -13.24 -45.45 -62.62
C GLN N 241 -12.02 -44.95 -61.88
N HIS N 242 -11.51 -43.77 -62.22
CA HIS N 242 -10.38 -43.21 -61.50
C HIS N 242 -10.76 -42.87 -60.07
N VAL N 243 -9.83 -43.11 -59.15
CA VAL N 243 -10.00 -42.76 -57.74
C VAL N 243 -9.08 -41.58 -57.46
N PHE N 244 -9.66 -40.50 -56.94
CA PHE N 244 -8.90 -39.28 -56.71
C PHE N 244 -7.81 -39.52 -55.67
N ASN N 245 -6.68 -38.83 -55.86
CA ASN N 245 -5.50 -38.98 -55.00
C ASN N 245 -4.96 -40.41 -55.01
N SER N 246 -5.09 -41.09 -56.15
CA SER N 246 -4.53 -42.43 -56.30
C SER N 246 -4.26 -42.68 -57.78
N SER N 247 -3.39 -43.66 -58.03
CA SER N 247 -3.04 -44.02 -59.40
C SER N 247 -4.01 -45.01 -60.02
N GLN N 248 -4.97 -45.51 -59.26
CA GLN N 248 -5.92 -46.48 -59.78
C GLN N 248 -6.84 -45.82 -60.80
N GLY N 249 -6.83 -46.31 -62.03
CA GLY N 249 -7.66 -45.73 -63.07
C GLY N 249 -7.19 -44.38 -63.55
N ALA N 250 -5.96 -44.00 -63.26
CA ALA N 250 -5.44 -42.68 -63.59
C ALA N 250 -4.82 -42.69 -64.97
N GLY N 251 -5.10 -41.64 -65.74
CA GLY N 251 -4.51 -41.46 -67.05
C GLY N 251 -3.21 -40.68 -66.98
N THR N 252 -2.77 -40.22 -68.15
CA THR N 252 -1.54 -39.44 -68.27
C THR N 252 -1.73 -38.11 -68.97
N ALA N 253 -2.90 -37.84 -69.54
CA ALA N 253 -3.12 -36.59 -70.25
C ALA N 253 -3.11 -35.41 -69.27
N ILE N 254 -2.58 -34.28 -69.74
CA ILE N 254 -2.55 -33.07 -68.94
C ILE N 254 -3.56 -32.03 -69.40
N LEU N 255 -4.01 -32.09 -70.65
CA LEU N 255 -4.99 -31.15 -71.18
C LEU N 255 -6.03 -31.94 -71.97
N THR N 256 -7.04 -32.45 -71.27
CA THR N 256 -8.18 -33.07 -71.91
C THR N 256 -9.28 -32.01 -72.05
N PHE N 257 -10.38 -32.38 -72.68
CA PHE N 257 -11.54 -31.50 -72.75
C PHE N 257 -12.81 -32.35 -72.58
N LEU N 258 -12.78 -33.22 -71.57
CA LEU N 258 -13.84 -34.20 -71.38
C LEU N 258 -15.19 -33.52 -71.14
N GLY N 259 -15.22 -32.53 -70.26
CA GLY N 259 -16.47 -31.92 -69.85
C GLY N 259 -17.19 -32.75 -68.80
N GLY N 260 -18.30 -32.19 -68.29
CA GLY N 260 -19.02 -32.89 -67.26
C GLY N 260 -18.25 -32.93 -65.95
N PHE N 261 -18.45 -34.01 -65.20
CA PHE N 261 -17.85 -34.16 -63.88
C PHE N 261 -17.06 -35.45 -63.79
N HIS N 262 -16.00 -35.41 -62.99
CA HIS N 262 -15.30 -36.62 -62.58
C HIS N 262 -16.28 -37.52 -61.84
N PRO N 263 -16.38 -38.79 -62.21
CA PRO N 263 -17.46 -39.64 -61.65
C PRO N 263 -17.41 -39.80 -60.13
N GLN N 264 -16.23 -39.81 -59.53
CA GLN N 264 -16.15 -40.03 -58.09
C GLN N 264 -16.30 -38.73 -57.32
N THR N 265 -15.50 -37.72 -57.66
CA THR N 265 -15.54 -36.46 -56.93
C THR N 265 -16.77 -35.62 -57.27
N GLN N 266 -17.46 -35.93 -58.37
CA GLN N 266 -18.62 -35.17 -58.83
C GLN N 266 -18.29 -33.70 -59.03
N SER N 267 -17.06 -33.40 -59.46
CA SER N 267 -16.60 -32.05 -59.72
C SER N 267 -15.91 -32.00 -61.08
N LEU N 268 -15.57 -30.79 -61.51
CA LEU N 268 -14.97 -30.61 -62.81
C LEU N 268 -13.62 -31.31 -62.89
N TRP N 269 -13.31 -31.83 -64.08
CA TRP N 269 -12.04 -32.50 -64.31
C TRP N 269 -10.88 -31.53 -64.13
N LEU N 270 -9.83 -31.99 -63.45
CA LEU N 270 -8.64 -31.15 -63.26
C LEU N 270 -7.97 -30.84 -64.58
N THR N 271 -7.92 -31.81 -65.49
CA THR N 271 -7.33 -31.57 -66.81
C THR N 271 -8.17 -30.59 -67.63
N ASP N 272 -9.49 -30.62 -67.47
CA ASP N 272 -10.32 -29.62 -68.13
C ASP N 272 -10.04 -28.22 -67.58
N MET N 273 -9.89 -28.11 -66.26
CA MET N 273 -9.58 -26.81 -65.66
C MET N 273 -8.21 -26.31 -66.07
N ALA N 274 -7.25 -27.22 -66.28
CA ALA N 274 -5.93 -26.81 -66.74
C ALA N 274 -5.98 -26.27 -68.16
N HIS N 275 -6.70 -26.95 -69.05
CA HIS N 275 -6.85 -26.47 -70.42
C HIS N 275 -7.68 -25.19 -70.47
N HIS N 276 -8.58 -25.01 -69.51
CA HIS N 276 -9.36 -23.77 -69.46
C HIS N 276 -8.46 -22.56 -69.21
N HIS N 277 -7.57 -22.67 -68.23
CA HIS N 277 -6.70 -21.55 -67.89
C HIS N 277 -5.60 -21.35 -68.92
N VAL N 278 -5.25 -22.39 -69.69
CA VAL N 278 -4.32 -22.21 -70.80
C VAL N 278 -4.97 -21.38 -71.90
N ALA N 279 -6.21 -21.71 -72.26
CA ALA N 279 -6.91 -20.97 -73.30
C ALA N 279 -7.22 -19.54 -72.85
N ILE N 280 -7.62 -19.39 -71.58
CA ILE N 280 -7.90 -18.06 -71.05
C ILE N 280 -6.64 -17.20 -71.07
N ALA N 281 -5.49 -17.80 -70.73
CA ALA N 281 -4.23 -17.07 -70.75
C ALA N 281 -3.90 -16.56 -72.14
N VAL N 282 -4.10 -17.40 -73.16
CA VAL N 282 -3.80 -16.99 -74.54
C VAL N 282 -4.73 -15.85 -74.95
N LEU N 283 -6.02 -15.96 -74.63
CA LEU N 283 -6.96 -14.92 -75.01
C LEU N 283 -6.64 -13.59 -74.35
N PHE N 284 -6.26 -13.61 -73.08
CA PHE N 284 -5.99 -12.37 -72.36
C PHE N 284 -4.65 -11.76 -72.75
N ILE N 285 -3.65 -12.60 -73.03
CA ILE N 285 -2.36 -12.09 -73.50
C ILE N 285 -2.54 -11.39 -74.85
N ILE N 286 -3.34 -11.99 -75.74
CA ILE N 286 -3.66 -11.35 -77.00
C ILE N 286 -4.38 -10.02 -76.77
N ALA N 287 -5.36 -10.02 -75.84
CA ALA N 287 -6.10 -8.80 -75.55
C ALA N 287 -5.20 -7.70 -75.00
N GLY N 288 -4.08 -8.06 -74.40
CA GLY N 288 -3.15 -7.10 -73.83
C GLY N 288 -2.24 -6.43 -74.83
N HIS N 289 -2.43 -6.67 -76.13
CA HIS N 289 -1.65 -6.03 -77.18
C HIS N 289 -2.51 -5.11 -78.04
N MET N 290 -3.67 -4.70 -77.56
CA MET N 290 -4.62 -3.95 -78.38
C MET N 290 -4.33 -2.46 -78.40
N TYR N 291 -3.80 -1.90 -77.32
CA TYR N 291 -3.68 -0.45 -77.17
C TYR N 291 -2.22 -0.02 -77.32
N ARG N 292 -2.03 1.15 -77.93
CA ARG N 292 -0.70 1.67 -78.17
C ARG N 292 -0.10 2.24 -76.88
N THR N 293 1.14 1.86 -76.59
CA THR N 293 1.85 2.41 -75.44
C THR N 293 3.09 3.20 -75.83
N ASN N 294 4.04 2.58 -76.54
CA ASN N 294 5.32 3.23 -76.82
C ASN N 294 5.88 2.93 -78.20
N TRP N 295 5.18 2.19 -79.06
CA TRP N 295 5.75 1.75 -80.32
C TRP N 295 4.82 2.01 -81.50
N GLY N 296 3.89 2.95 -81.36
CA GLY N 296 3.02 3.31 -82.47
C GLY N 296 1.86 2.38 -82.77
N ILE N 297 2.12 1.08 -82.83
CA ILE N 297 1.06 0.12 -83.11
C ILE N 297 0.09 0.05 -81.93
N GLY N 298 -1.19 -0.11 -82.25
CA GLY N 298 -2.20 -0.20 -81.23
C GLY N 298 -3.28 0.86 -81.34
N HIS N 299 -4.42 0.60 -80.71
CA HIS N 299 -5.53 1.54 -80.70
C HIS N 299 -5.33 2.62 -79.64
N SER N 300 -5.87 3.80 -79.91
CA SER N 300 -5.93 4.89 -78.94
C SER N 300 -7.38 5.05 -78.51
N ILE N 301 -7.62 4.89 -77.21
CA ILE N 301 -8.99 4.91 -76.70
C ILE N 301 -9.64 6.27 -76.94
N LYS N 302 -8.87 7.34 -76.74
CA LYS N 302 -9.40 8.68 -77.00
C LYS N 302 -9.80 8.85 -78.45
N GLU N 303 -8.99 8.33 -79.38
CA GLU N 303 -9.33 8.40 -80.80
C GLU N 303 -10.58 7.58 -81.10
N MET N 304 -10.71 6.40 -80.50
CA MET N 304 -11.88 5.56 -80.74
C MET N 304 -13.16 6.23 -80.27
N LEU N 305 -13.11 6.88 -79.10
CA LEU N 305 -14.30 7.53 -78.56
C LEU N 305 -14.64 8.79 -79.35
N ASN N 306 -13.63 9.53 -79.81
CA ASN N 306 -13.83 10.77 -80.53
C ASN N 306 -14.07 10.59 -82.02
N SER N 307 -13.97 9.36 -82.53
CA SER N 307 -14.07 9.13 -83.96
C SER N 307 -15.48 9.47 -84.47
N LYS N 308 -15.53 10.12 -85.63
CA LYS N 308 -16.79 10.51 -86.24
C LYS N 308 -16.93 10.04 -87.69
N SER N 309 -16.03 9.18 -88.16
CA SER N 309 -16.07 8.69 -89.52
C SER N 309 -16.06 7.16 -89.51
N PHE N 310 -16.99 6.56 -90.25
CA PHE N 310 -17.10 5.11 -90.37
C PHE N 310 -16.72 4.74 -91.80
N PHE N 311 -15.41 4.54 -92.03
CA PHE N 311 -14.88 4.17 -93.33
C PHE N 311 -15.30 5.17 -94.40
N GLY N 312 -15.27 6.46 -94.05
CA GLY N 312 -15.62 7.50 -94.99
C GLY N 312 -16.95 8.15 -94.71
N ALA N 313 -17.95 7.35 -94.34
CA ALA N 313 -19.26 7.89 -94.03
C ALA N 313 -19.23 8.68 -92.73
N LYS N 314 -20.12 9.65 -92.62
CA LYS N 314 -20.21 10.51 -91.45
C LYS N 314 -21.16 9.89 -90.44
N VAL N 315 -20.66 9.63 -89.23
CA VAL N 315 -21.45 9.07 -88.15
C VAL N 315 -21.20 9.89 -86.88
N GLU N 316 -22.16 9.85 -85.96
CA GLU N 316 -21.98 10.51 -84.68
C GLU N 316 -20.97 9.81 -83.80
N GLY N 317 -20.66 8.54 -84.09
CA GLY N 317 -19.73 7.77 -83.31
C GLY N 317 -20.02 6.29 -83.41
N PRO N 318 -19.52 5.51 -82.45
CA PRO N 318 -19.86 4.08 -82.41
C PRO N 318 -21.37 3.87 -82.29
N PHE N 319 -21.89 2.94 -83.08
CA PHE N 319 -23.34 2.72 -83.20
C PHE N 319 -24.07 4.02 -83.50
N ASN N 320 -23.42 4.91 -84.25
CA ASN N 320 -23.98 6.22 -84.60
C ASN N 320 -24.41 6.99 -83.35
N LEU N 321 -23.62 6.85 -82.29
CA LEU N 321 -23.90 7.49 -81.01
C LEU N 321 -22.68 8.32 -80.60
N PRO N 322 -22.87 9.58 -80.21
CA PRO N 322 -21.73 10.43 -79.87
C PRO N 322 -21.05 10.02 -78.57
N HIS N 323 -19.85 9.46 -78.67
CA HIS N 323 -19.06 9.09 -77.51
C HIS N 323 -17.90 10.06 -77.25
N GLN N 324 -17.90 11.21 -77.91
CA GLN N 324 -16.76 12.11 -77.82
C GLN N 324 -16.65 12.72 -76.42
N GLY N 325 -15.42 13.00 -76.02
CA GLY N 325 -15.13 13.59 -74.73
C GLY N 325 -15.20 12.63 -73.56
N LEU N 326 -15.56 11.38 -73.80
CA LEU N 326 -15.69 10.43 -72.69
C LEU N 326 -14.35 10.03 -72.12
N TYR N 327 -13.30 9.97 -72.96
CA TYR N 327 -12.00 9.52 -72.47
C TYR N 327 -11.52 10.36 -71.29
N ASP N 328 -11.66 11.69 -71.40
CA ASP N 328 -11.27 12.55 -70.29
C ASP N 328 -12.23 12.41 -69.11
N THR N 329 -13.49 12.07 -69.36
CA THR N 329 -14.45 11.93 -68.28
C THR N 329 -14.10 10.75 -67.38
N ILE N 330 -13.85 9.57 -67.97
CA ILE N 330 -13.45 8.42 -67.16
C ILE N 330 -12.07 8.64 -66.56
N ASN N 331 -11.11 9.12 -67.37
CA ASN N 331 -9.73 9.20 -66.91
C ASN N 331 -9.57 10.18 -65.75
N ASN N 332 -10.39 11.23 -65.69
CA ASN N 332 -10.28 12.23 -64.63
C ASN N 332 -11.22 11.96 -63.46
N SER N 333 -12.10 10.96 -63.56
CA SER N 333 -13.07 10.67 -62.51
C SER N 333 -12.75 9.32 -61.90
N LEU N 334 -12.19 9.33 -60.68
CA LEU N 334 -11.96 8.09 -59.97
C LEU N 334 -13.25 7.41 -59.54
N HIS N 335 -14.34 8.19 -59.35
CA HIS N 335 -15.61 7.59 -59.00
C HIS N 335 -16.26 6.89 -60.19
N PHE N 336 -16.06 7.41 -61.40
CA PHE N 336 -16.56 6.71 -62.58
C PHE N 336 -15.86 5.37 -62.75
N GLN N 337 -14.54 5.35 -62.57
CA GLN N 337 -13.79 4.10 -62.67
C GLN N 337 -14.21 3.12 -61.58
N LEU N 338 -14.36 3.62 -60.35
CA LEU N 338 -14.77 2.77 -59.25
C LEU N 338 -16.18 2.21 -59.47
N SER N 339 -17.03 2.96 -60.17
CA SER N 339 -18.37 2.47 -60.48
C SER N 339 -18.32 1.24 -61.37
N PHE N 340 -17.52 1.28 -62.44
CA PHE N 340 -17.36 0.12 -63.30
C PHE N 340 -16.68 -1.03 -62.58
N ALA N 341 -15.66 -0.72 -61.77
CA ALA N 341 -14.95 -1.77 -61.05
C ALA N 341 -15.86 -2.49 -60.07
N LEU N 342 -16.68 -1.74 -59.34
CA LEU N 342 -17.61 -2.37 -58.40
C LEU N 342 -18.71 -3.14 -59.14
N ALA N 343 -19.20 -2.59 -60.25
CA ALA N 343 -20.24 -3.27 -61.02
C ALA N 343 -19.71 -4.58 -61.61
N ALA N 344 -18.49 -4.56 -62.16
CA ALA N 344 -17.92 -5.77 -62.73
C ALA N 344 -17.68 -6.82 -61.66
N LEU N 345 -17.16 -6.42 -60.50
CA LEU N 345 -16.98 -7.37 -59.41
C LEU N 345 -18.31 -7.90 -58.88
N GLY N 346 -19.34 -7.06 -58.88
CA GLY N 346 -20.65 -7.52 -58.45
C GLY N 346 -21.23 -8.57 -59.38
N VAL N 347 -21.12 -8.34 -60.70
CA VAL N 347 -21.58 -9.35 -61.66
C VAL N 347 -20.75 -10.61 -61.56
N ALA N 348 -19.42 -10.45 -61.43
CA ALA N 348 -18.54 -11.61 -61.32
C ALA N 348 -18.82 -12.40 -60.05
N SER N 349 -19.16 -11.71 -58.95
CA SER N 349 -19.48 -12.42 -57.71
C SER N 349 -20.78 -13.19 -57.84
N SER N 350 -21.77 -12.62 -58.53
CA SER N 350 -23.00 -13.35 -58.79
C SER N 350 -22.73 -14.56 -59.69
N LEU N 351 -21.91 -14.38 -60.73
CA LEU N 351 -21.59 -15.48 -61.62
C LEU N 351 -20.82 -16.57 -60.88
N THR N 352 -19.97 -16.18 -59.92
CA THR N 352 -19.28 -17.15 -59.10
C THR N 352 -20.28 -17.99 -58.31
N ALA N 353 -21.30 -17.34 -57.75
CA ALA N 353 -22.30 -18.09 -56.98
C ALA N 353 -23.15 -18.97 -57.88
N GLN N 354 -23.60 -18.45 -59.03
CA GLN N 354 -24.50 -19.21 -59.87
C GLN N 354 -23.82 -20.39 -60.55
N HIS N 355 -22.52 -20.29 -60.82
CA HIS N 355 -21.83 -21.33 -61.56
C HIS N 355 -21.14 -22.33 -60.65
N MET N 356 -20.89 -21.99 -59.39
CA MET N 356 -20.16 -22.91 -58.51
C MET N 356 -21.04 -24.00 -57.92
N TYR N 357 -22.33 -23.73 -57.64
CA TYR N 357 -23.14 -24.78 -57.08
C TYR N 357 -23.56 -25.78 -58.16
N SER N 358 -23.83 -25.28 -59.37
CA SER N 358 -24.22 -26.14 -60.48
C SER N 358 -23.03 -26.89 -61.07
N MET N 359 -21.86 -26.27 -61.06
CA MET N 359 -20.63 -26.86 -61.60
C MET N 359 -19.55 -26.80 -60.54
N PRO N 360 -19.61 -27.69 -59.54
CA PRO N 360 -18.61 -27.68 -58.48
C PRO N 360 -17.22 -27.91 -59.04
N PRO N 361 -16.27 -27.05 -58.73
CA PRO N 361 -14.91 -27.21 -59.27
C PRO N 361 -13.98 -27.98 -58.34
N TYR N 362 -14.43 -28.22 -57.11
CA TYR N 362 -13.60 -28.82 -56.08
C TYR N 362 -14.13 -30.20 -55.71
N ALA N 363 -13.20 -31.13 -55.47
CA ALA N 363 -13.57 -32.51 -55.20
C ALA N 363 -14.44 -32.61 -53.96
N PHE N 364 -15.60 -33.26 -54.10
CA PHE N 364 -16.55 -33.57 -53.04
C PHE N 364 -17.21 -32.35 -52.42
N ILE N 365 -16.94 -31.14 -52.93
CA ILE N 365 -17.57 -29.95 -52.35
C ILE N 365 -19.06 -29.94 -52.64
N GLY N 366 -19.50 -30.62 -53.70
CA GLY N 366 -20.92 -30.68 -54.00
C GLY N 366 -21.71 -31.52 -53.02
N GLN N 367 -21.04 -32.37 -52.24
CA GLN N 367 -21.70 -33.19 -51.23
C GLN N 367 -21.60 -32.61 -49.84
N ASP N 368 -20.92 -31.46 -49.68
CA ASP N 368 -20.92 -30.73 -48.42
C ASP N 368 -22.04 -29.70 -48.52
N PHE N 369 -23.23 -30.09 -48.06
CA PHE N 369 -24.42 -29.28 -48.28
C PHE N 369 -24.32 -27.94 -47.57
N THR N 370 -23.82 -27.94 -46.33
CA THR N 370 -23.69 -26.69 -45.60
C THR N 370 -22.70 -25.76 -46.27
N THR N 371 -21.58 -26.30 -46.76
CA THR N 371 -20.59 -25.49 -47.46
C THR N 371 -21.18 -24.89 -48.73
N GLN N 372 -21.95 -25.69 -49.48
CA GLN N 372 -22.57 -25.18 -50.70
C GLN N 372 -23.54 -24.04 -50.40
N ALA N 373 -24.35 -24.19 -49.36
CA ALA N 373 -25.30 -23.14 -48.99
C ALA N 373 -24.56 -21.88 -48.54
N ALA N 374 -23.51 -22.05 -47.72
CA ALA N 374 -22.77 -20.90 -47.23
C ALA N 374 -22.08 -20.15 -48.37
N LEU N 375 -21.47 -20.89 -49.30
CA LEU N 375 -20.72 -20.24 -50.37
C LEU N 375 -21.63 -19.47 -51.32
N TYR N 376 -22.78 -20.05 -51.67
CA TYR N 376 -23.71 -19.35 -52.56
C TYR N 376 -24.24 -18.08 -51.90
N THR N 377 -24.66 -18.20 -50.64
CA THR N 377 -25.20 -17.03 -49.93
C THR N 377 -24.13 -15.97 -49.73
N HIS N 378 -22.90 -16.39 -49.45
CA HIS N 378 -21.81 -15.45 -49.23
C HIS N 378 -21.54 -14.60 -50.46
N HIS N 379 -21.38 -15.25 -51.62
CA HIS N 379 -21.02 -14.52 -52.83
C HIS N 379 -22.20 -13.76 -53.42
N GLN N 380 -23.42 -14.21 -53.18
CA GLN N 380 -24.58 -13.45 -53.67
C GLN N 380 -24.77 -12.17 -52.86
N TYR N 381 -24.61 -12.24 -51.54
CA TYR N 381 -24.77 -11.05 -50.71
C TYR N 381 -23.66 -10.03 -50.97
N ILE N 382 -22.43 -10.50 -51.15
CA ILE N 382 -21.34 -9.60 -51.53
C ILE N 382 -21.63 -8.97 -52.88
N ALA N 383 -22.21 -9.73 -53.81
CA ALA N 383 -22.58 -9.18 -55.11
C ALA N 383 -23.60 -8.07 -54.96
N GLY N 384 -24.57 -8.24 -54.07
CA GLY N 384 -25.55 -7.18 -53.85
C GLY N 384 -24.92 -5.91 -53.31
N PHE N 385 -23.98 -6.05 -52.38
CA PHE N 385 -23.29 -4.87 -51.83
C PHE N 385 -22.46 -4.18 -52.90
N LEU N 386 -21.76 -4.94 -53.73
CA LEU N 386 -20.97 -4.35 -54.81
C LEU N 386 -21.87 -3.64 -55.81
N MET N 387 -23.04 -4.20 -56.09
CA MET N 387 -23.98 -3.55 -57.00
C MET N 387 -24.46 -2.21 -56.44
N VAL N 388 -24.73 -2.17 -55.14
CA VAL N 388 -25.15 -0.92 -54.51
C VAL N 388 -24.02 0.11 -54.59
N GLY N 389 -22.79 -0.34 -54.34
CA GLY N 389 -21.66 0.58 -54.39
C GLY N 389 -21.40 1.15 -55.77
N ALA N 390 -21.63 0.36 -56.82
CA ALA N 390 -21.42 0.84 -58.17
C ALA N 390 -22.32 2.04 -58.47
N PHE N 391 -23.59 1.95 -58.07
CA PHE N 391 -24.50 3.07 -58.27
C PHE N 391 -24.29 4.18 -57.27
N SER N 392 -23.81 3.87 -56.06
CA SER N 392 -23.54 4.91 -55.08
C SER N 392 -22.43 5.84 -55.57
N HIS N 393 -21.34 5.26 -56.09
CA HIS N 393 -20.27 6.08 -56.64
C HIS N 393 -20.60 6.64 -58.01
N ALA N 394 -21.61 6.09 -58.68
CA ALA N 394 -22.14 6.73 -59.88
C ALA N 394 -22.80 8.07 -59.52
N GLY N 395 -23.55 8.09 -58.42
CA GLY N 395 -24.14 9.35 -57.97
C GLY N 395 -23.09 10.34 -57.51
N ILE N 396 -22.02 9.86 -56.88
CA ILE N 396 -20.92 10.73 -56.48
C ILE N 396 -20.24 11.33 -57.71
N PHE N 397 -20.16 10.55 -58.79
CA PHE N 397 -19.57 11.05 -60.02
C PHE N 397 -20.37 12.22 -60.58
N TRP N 398 -21.70 12.12 -60.55
CA TRP N 398 -22.55 13.17 -61.12
C TRP N 398 -22.32 14.50 -60.41
N ILE N 399 -22.09 14.46 -59.10
CA ILE N 399 -21.97 15.69 -58.33
C ILE N 399 -20.55 16.24 -58.40
N ARG N 400 -19.56 15.37 -58.20
CA ARG N 400 -18.19 15.83 -57.99
C ARG N 400 -17.38 15.93 -59.28
N ASP N 401 -17.56 14.99 -60.21
CA ASP N 401 -16.65 14.86 -61.33
C ASP N 401 -17.27 15.20 -62.69
N TYR N 402 -18.59 15.23 -62.80
CA TYR N 402 -19.24 15.52 -64.07
C TYR N 402 -19.42 17.02 -64.24
N ASP N 403 -18.96 17.55 -65.37
CA ASP N 403 -19.23 18.93 -65.76
C ASP N 403 -19.88 18.94 -67.14
N PRO N 404 -21.01 19.62 -67.30
CA PRO N 404 -21.74 19.54 -68.57
C PRO N 404 -20.99 20.12 -69.76
N GLU N 405 -20.01 20.99 -69.54
CA GLU N 405 -19.33 21.63 -70.66
C GLU N 405 -18.49 20.65 -71.47
N GLN N 406 -17.69 19.84 -70.78
CA GLN N 406 -16.83 18.88 -71.47
C GLN N 406 -17.58 17.64 -71.95
N ASN N 407 -18.83 17.47 -71.53
CA ASN N 407 -19.65 16.33 -71.96
C ASN N 407 -20.85 16.78 -72.79
N LYS N 408 -20.80 17.98 -73.35
CA LYS N 408 -21.95 18.54 -74.05
C LYS N 408 -22.26 17.72 -75.30
N GLY N 409 -23.48 17.17 -75.36
CA GLY N 409 -23.96 16.48 -76.54
C GLY N 409 -23.56 15.03 -76.66
N ASN N 410 -22.75 14.50 -75.75
CA ASN N 410 -22.32 13.12 -75.86
C ASN N 410 -23.36 12.18 -75.25
N VAL N 411 -23.03 10.89 -75.25
CA VAL N 411 -23.98 9.86 -74.84
C VAL N 411 -24.26 9.94 -73.34
N LEU N 412 -23.29 10.40 -72.55
CA LEU N 412 -23.53 10.57 -71.12
C LEU N 412 -24.50 11.71 -70.85
N ASP N 413 -24.38 12.80 -71.62
CA ASP N 413 -25.30 13.91 -71.47
C ASP N 413 -26.71 13.54 -71.90
N ARG N 414 -26.84 12.68 -72.91
CA ARG N 414 -28.17 12.29 -73.39
C ARG N 414 -28.93 11.52 -72.31
N MET N 415 -28.23 10.70 -71.53
CA MET N 415 -28.88 9.95 -70.46
C MET N 415 -29.52 10.89 -69.45
N LEU N 416 -28.80 11.95 -69.06
CA LEU N 416 -29.34 12.90 -68.10
C LEU N 416 -30.53 13.67 -68.68
N ARG N 417 -30.60 13.79 -70.01
CA ARG N 417 -31.63 14.62 -70.61
C ARG N 417 -32.99 13.92 -70.68
N HIS N 418 -33.04 12.60 -70.64
CA HIS N 418 -34.30 11.88 -70.55
C HIS N 418 -34.36 11.00 -69.30
N LYS N 419 -33.91 11.56 -68.17
CA LYS N 419 -33.94 10.81 -66.92
C LYS N 419 -35.36 10.57 -66.44
N GLU N 420 -36.29 11.48 -66.75
CA GLU N 420 -37.68 11.28 -66.33
C GLU N 420 -38.30 10.07 -67.01
N ALA N 421 -38.01 9.87 -68.31
CA ALA N 421 -38.53 8.70 -69.01
C ALA N 421 -37.92 7.42 -68.44
N ILE N 422 -36.63 7.45 -68.10
CA ILE N 422 -35.99 6.27 -67.54
C ILE N 422 -36.58 5.92 -66.19
N ILE N 423 -36.72 6.91 -65.31
CA ILE N 423 -37.20 6.65 -63.96
C ILE N 423 -38.66 6.24 -63.97
N SER N 424 -39.48 6.90 -64.80
CA SER N 424 -40.90 6.56 -64.84
C SER N 424 -41.13 5.17 -65.39
N HIS N 425 -40.34 4.75 -66.40
CA HIS N 425 -40.52 3.42 -66.96
C HIS N 425 -40.00 2.35 -66.00
N LEU N 426 -38.92 2.64 -65.27
CA LEU N 426 -38.49 1.72 -64.22
C LEU N 426 -39.55 1.60 -63.14
N SER N 427 -40.23 2.70 -62.84
CA SER N 427 -41.34 2.66 -61.89
C SER N 427 -42.47 1.80 -62.41
N TRP N 428 -42.75 1.88 -63.71
CA TRP N 428 -43.83 1.08 -64.28
C TRP N 428 -43.52 -0.41 -64.20
N VAL N 429 -42.29 -0.81 -64.54
CA VAL N 429 -41.93 -2.22 -64.47
C VAL N 429 -42.02 -2.72 -63.04
N SER N 430 -41.55 -1.91 -62.08
CA SER N 430 -41.64 -2.28 -60.67
C SER N 430 -43.10 -2.42 -60.24
N LEU N 431 -43.96 -1.50 -60.66
CA LEU N 431 -45.36 -1.57 -60.28
C LEU N 431 -46.05 -2.78 -60.91
N PHE N 432 -45.77 -3.06 -62.19
CA PHE N 432 -46.38 -4.20 -62.85
C PHE N 432 -45.97 -5.51 -62.20
N LEU N 433 -44.67 -5.67 -61.95
CA LEU N 433 -44.19 -6.90 -61.33
C LEU N 433 -44.74 -7.06 -59.91
N GLY N 434 -44.74 -5.98 -59.13
CA GLY N 434 -45.22 -6.07 -57.76
C GLY N 434 -46.70 -6.38 -57.67
N PHE N 435 -47.51 -5.72 -58.50
CA PHE N 435 -48.95 -5.92 -58.44
C PHE N 435 -49.34 -7.34 -58.79
N HIS N 436 -48.74 -7.89 -59.85
CA HIS N 436 -49.16 -9.19 -60.36
C HIS N 436 -48.49 -10.36 -59.65
N THR N 437 -47.23 -10.21 -59.26
CA THR N 437 -46.57 -11.29 -58.51
C THR N 437 -47.18 -11.45 -57.13
N LEU N 438 -47.34 -10.33 -56.40
CA LEU N 438 -48.00 -10.40 -55.10
C LEU N 438 -49.47 -10.83 -55.24
N GLY N 439 -50.16 -10.28 -56.25
CA GLY N 439 -51.56 -10.62 -56.43
C GLY N 439 -51.78 -12.10 -56.72
N LEU N 440 -50.88 -12.70 -57.51
CA LEU N 440 -51.00 -14.13 -57.79
C LEU N 440 -50.59 -14.98 -56.58
N TYR N 441 -49.63 -14.52 -55.79
CA TYR N 441 -49.26 -15.23 -54.58
C TYR N 441 -50.42 -15.29 -53.60
N VAL N 442 -51.07 -14.15 -53.35
CA VAL N 442 -52.15 -14.13 -52.37
C VAL N 442 -53.40 -14.80 -52.92
N HIS N 443 -53.57 -14.81 -54.24
CA HIS N 443 -54.65 -15.59 -54.84
C HIS N 443 -54.46 -17.08 -54.54
N ASN N 444 -53.23 -17.57 -54.67
CA ASN N 444 -52.95 -18.95 -54.33
C ASN N 444 -53.06 -19.17 -52.82
N ASP N 445 -52.71 -18.17 -52.02
CA ASP N 445 -52.91 -18.26 -50.57
C ASP N 445 -54.37 -18.49 -50.22
N VAL N 446 -55.27 -17.71 -50.82
CA VAL N 446 -56.68 -17.81 -50.48
C VAL N 446 -57.25 -19.15 -50.94
N GLU N 447 -56.88 -19.58 -52.14
CA GLU N 447 -57.42 -20.83 -52.67
C GLU N 447 -56.94 -22.04 -51.85
N VAL N 448 -55.65 -22.08 -51.52
CA VAL N 448 -55.14 -23.19 -50.71
C VAL N 448 -55.74 -23.15 -49.31
N ALA N 449 -55.93 -21.94 -48.76
CA ALA N 449 -56.54 -21.83 -47.45
C ALA N 449 -57.98 -22.35 -47.45
N PHE N 450 -58.71 -22.13 -48.54
CA PHE N 450 -60.09 -22.57 -48.65
C PHE N 450 -60.21 -23.98 -49.20
N GLY N 451 -59.15 -24.77 -49.13
CA GLY N 451 -59.21 -26.15 -49.60
C GLY N 451 -59.45 -26.29 -51.08
N ALA N 452 -58.88 -25.40 -51.88
CA ALA N 452 -59.06 -25.36 -53.33
C ALA N 452 -57.73 -25.17 -54.03
N ALA N 453 -56.74 -26.00 -53.66
CA ALA N 453 -55.41 -25.89 -54.25
C ALA N 453 -55.42 -26.10 -55.76
N GLU N 454 -56.43 -26.79 -56.29
CA GLU N 454 -56.54 -26.97 -57.73
C GLU N 454 -56.91 -25.68 -58.44
N LYS N 455 -57.42 -24.68 -57.73
CA LYS N 455 -57.82 -23.42 -58.31
C LYS N 455 -56.69 -22.41 -58.36
N GLN N 456 -55.48 -22.79 -57.93
CA GLN N 456 -54.34 -21.89 -58.01
C GLN N 456 -54.01 -21.55 -59.46
N VAL N 457 -53.54 -20.33 -59.67
CA VAL N 457 -52.94 -19.96 -60.94
C VAL N 457 -51.48 -20.42 -60.90
N LEU N 458 -51.12 -21.34 -61.80
CA LEU N 458 -49.80 -21.96 -61.80
C LEU N 458 -49.23 -21.84 -63.21
N ILE N 459 -48.51 -20.75 -63.46
CA ILE N 459 -47.94 -20.50 -64.78
C ILE N 459 -46.64 -21.29 -64.89
N GLU N 460 -46.55 -22.12 -65.93
CA GLU N 460 -45.35 -22.92 -66.15
C GLU N 460 -44.24 -22.03 -66.68
N PRO N 461 -43.01 -22.19 -66.18
CA PRO N 461 -41.86 -21.44 -66.76
C PRO N 461 -41.35 -22.09 -68.03
N VAL N 462 -42.17 -22.00 -69.08
CA VAL N 462 -41.87 -22.69 -70.34
C VAL N 462 -40.65 -22.12 -71.02
N PHE N 463 -40.44 -20.80 -70.94
CA PHE N 463 -39.28 -20.20 -71.61
C PHE N 463 -37.98 -20.70 -71.01
N ALA N 464 -37.90 -20.79 -69.68
CA ALA N 464 -36.70 -21.31 -69.04
C ALA N 464 -36.57 -22.82 -69.24
N GLN N 465 -37.68 -23.54 -69.25
CA GLN N 465 -37.64 -24.97 -69.52
C GLN N 465 -37.13 -25.25 -70.92
N PHE N 466 -37.52 -24.42 -71.88
CA PHE N 466 -37.00 -24.57 -73.25
C PHE N 466 -35.50 -24.37 -73.30
N ILE N 467 -34.98 -23.43 -72.52
CA ILE N 467 -33.54 -23.22 -72.47
C ILE N 467 -32.84 -24.44 -71.89
N GLN N 468 -33.41 -25.04 -70.84
CA GLN N 468 -32.83 -26.24 -70.27
C GLN N 468 -32.83 -27.38 -71.27
N ALA N 469 -33.92 -27.54 -72.02
CA ALA N 469 -33.95 -28.55 -73.08
C ALA N 469 -32.93 -28.23 -74.16
N ALA N 470 -32.80 -26.96 -74.53
CA ALA N 470 -31.80 -26.57 -75.51
C ALA N 470 -30.38 -26.85 -75.03
N HIS N 471 -30.18 -27.00 -73.72
CA HIS N 471 -28.88 -27.32 -73.16
C HIS N 471 -28.69 -28.83 -72.95
N GLY N 472 -29.68 -29.64 -73.30
CA GLY N 472 -29.55 -31.09 -73.23
C GLY N 472 -30.45 -31.78 -72.23
N LYS N 473 -31.30 -31.05 -71.51
CA LYS N 473 -32.19 -31.67 -70.54
C LYS N 473 -33.39 -32.26 -71.26
N ALA N 474 -33.48 -33.59 -71.30
CA ALA N 474 -34.54 -34.29 -71.99
C ALA N 474 -35.74 -34.58 -71.10
N LEU N 475 -35.76 -34.08 -69.87
CA LEU N 475 -36.84 -34.39 -68.95
C LEU N 475 -38.17 -33.84 -69.43
N TYR N 476 -38.16 -32.62 -69.99
CA TYR N 476 -39.40 -31.95 -70.34
C TYR N 476 -40.04 -32.46 -71.64
N GLY N 477 -39.33 -33.27 -72.40
CA GLY N 477 -39.86 -33.81 -73.63
C GLY N 477 -39.63 -32.98 -74.87
N PHE N 478 -39.06 -31.78 -74.73
CA PHE N 478 -38.67 -31.01 -75.90
C PHE N 478 -37.54 -31.72 -76.64
N ASN N 479 -37.52 -31.53 -77.95
CA ASN N 479 -36.57 -32.21 -78.84
C ASN N 479 -35.82 -31.18 -79.68
N THR N 480 -35.29 -30.16 -79.02
CA THR N 480 -34.61 -29.05 -79.69
C THR N 480 -33.16 -28.97 -79.26
N LEU N 481 -32.28 -28.77 -80.24
CA LEU N 481 -30.85 -28.47 -80.04
C LEU N 481 -30.21 -29.61 -79.27
N LEU N 482 -29.62 -29.37 -78.09
CA LEU N 482 -28.80 -30.38 -77.43
C LEU N 482 -29.61 -31.54 -76.89
N SER N 483 -30.92 -31.37 -76.68
CA SER N 483 -31.76 -32.50 -76.30
C SER N 483 -32.20 -33.32 -77.50
N ASN N 484 -31.89 -32.88 -78.72
CA ASN N 484 -32.18 -33.62 -79.93
C ASN N 484 -30.87 -34.14 -80.50
N PRO N 485 -30.59 -35.44 -80.42
CA PRO N 485 -29.33 -35.97 -80.95
C PRO N 485 -29.17 -35.77 -82.44
N ASP N 486 -30.26 -35.61 -83.18
CA ASP N 486 -30.22 -35.39 -84.62
C ASP N 486 -30.10 -33.92 -84.99
N SER N 487 -30.17 -33.01 -84.01
CA SER N 487 -30.06 -31.59 -84.29
C SER N 487 -28.65 -31.24 -84.77
N ILE N 488 -28.56 -30.22 -85.63
CA ILE N 488 -27.26 -29.80 -86.13
C ILE N 488 -26.40 -29.23 -85.00
N ALA N 489 -27.02 -28.69 -83.95
CA ALA N 489 -26.25 -28.21 -82.82
C ALA N 489 -25.56 -29.35 -82.07
N SER N 490 -26.26 -30.47 -81.89
CA SER N 490 -25.67 -31.59 -81.17
C SER N 490 -24.65 -32.33 -82.01
N THR N 491 -24.91 -32.48 -83.32
CA THR N 491 -23.96 -33.18 -84.18
C THR N 491 -22.77 -32.31 -84.54
N ALA N 492 -22.94 -30.99 -84.60
CA ALA N 492 -21.94 -30.07 -85.13
C ALA N 492 -21.47 -30.54 -86.50
N TRP N 493 -22.42 -30.55 -87.44
CA TRP N 493 -22.27 -31.29 -88.69
C TRP N 493 -20.97 -31.04 -89.44
N PRO N 494 -20.50 -29.81 -89.65
CA PRO N 494 -19.28 -29.64 -90.46
C PRO N 494 -18.04 -30.31 -89.89
N ASN N 495 -17.88 -30.36 -88.57
CA ASN N 495 -16.61 -30.79 -88.00
C ASN N 495 -16.75 -31.96 -87.02
N HIS N 496 -17.93 -32.09 -86.40
CA HIS N 496 -18.17 -33.09 -85.36
C HIS N 496 -17.12 -33.01 -84.26
N ALA N 497 -16.72 -31.79 -83.91
CA ALA N 497 -15.80 -31.55 -82.82
C ALA N 497 -16.50 -31.34 -81.48
N ASN N 498 -17.70 -31.92 -81.33
CA ASN N 498 -18.46 -31.84 -80.08
C ASN N 498 -17.95 -32.88 -79.08
N VAL N 499 -16.65 -32.81 -78.81
CA VAL N 499 -16.07 -33.64 -77.74
C VAL N 499 -16.48 -33.14 -76.37
N TRP N 500 -17.10 -31.97 -76.27
CA TRP N 500 -17.62 -31.54 -74.98
C TRP N 500 -18.92 -32.25 -74.65
N LEU N 501 -19.69 -32.61 -75.68
CA LEU N 501 -21.08 -32.98 -75.48
C LEU N 501 -21.27 -34.24 -74.63
N PRO N 502 -20.61 -35.36 -74.89
CA PRO N 502 -20.92 -36.58 -74.10
C PRO N 502 -20.75 -36.40 -72.60
N GLY N 503 -19.69 -35.73 -72.16
CA GLY N 503 -19.55 -35.44 -70.75
C GLY N 503 -20.59 -34.44 -70.26
N TRP N 504 -20.89 -33.43 -71.09
CA TRP N 504 -21.85 -32.42 -70.70
C TRP N 504 -23.25 -33.00 -70.53
N LEU N 505 -23.65 -33.88 -71.45
CA LEU N 505 -25.00 -34.45 -71.40
C LEU N 505 -25.17 -35.37 -70.19
N ASP N 506 -24.11 -36.09 -69.80
CA ASP N 506 -24.20 -36.95 -68.63
C ASP N 506 -24.46 -36.13 -67.37
N ALA N 507 -23.76 -34.99 -67.24
CA ALA N 507 -23.96 -34.14 -66.07
C ALA N 507 -25.31 -33.43 -66.12
N VAL N 508 -25.75 -33.04 -67.31
CA VAL N 508 -27.04 -32.34 -67.43
C VAL N 508 -28.18 -33.25 -67.03
N ASN N 509 -28.18 -34.49 -67.50
CA ASN N 509 -29.26 -35.42 -67.23
C ASN N 509 -29.06 -36.24 -65.97
N ASN N 510 -27.98 -36.00 -65.23
CA ASN N 510 -27.81 -36.63 -63.94
C ASN N 510 -28.85 -36.11 -62.97
N THR N 511 -29.46 -37.02 -62.20
CA THR N 511 -30.54 -36.68 -61.29
C THR N 511 -30.06 -36.36 -59.89
N THR N 512 -28.75 -36.39 -59.63
CA THR N 512 -28.21 -36.21 -58.29
C THR N 512 -27.33 -34.98 -58.15
N ASN N 513 -27.30 -34.10 -59.13
CA ASN N 513 -26.50 -32.88 -59.05
C ASN N 513 -27.40 -31.65 -59.20
N SER N 514 -26.76 -30.48 -59.26
CA SER N 514 -27.47 -29.20 -59.34
C SER N 514 -27.30 -28.53 -60.70
N LEU N 515 -27.08 -29.32 -61.75
CA LEU N 515 -26.90 -28.80 -63.10
C LEU N 515 -28.27 -28.72 -63.77
N PHE N 516 -28.81 -27.50 -63.87
CA PHE N 516 -30.13 -27.26 -64.46
C PHE N 516 -31.21 -28.04 -63.72
N LEU N 517 -31.40 -27.66 -62.46
CA LEU N 517 -32.44 -28.27 -61.63
C LEU N 517 -33.81 -28.10 -62.27
N THR N 518 -34.63 -29.14 -62.15
CA THR N 518 -35.98 -29.09 -62.69
C THR N 518 -36.78 -27.97 -62.02
N ILE N 519 -37.54 -27.24 -62.83
CA ILE N 519 -38.26 -26.06 -62.39
C ILE N 519 -39.72 -26.18 -62.79
N GLY N 520 -40.60 -25.65 -61.95
CA GLY N 520 -42.02 -25.66 -62.21
C GLY N 520 -42.67 -24.33 -61.88
N PRO N 521 -43.98 -24.34 -61.65
CA PRO N 521 -44.68 -23.08 -61.35
C PRO N 521 -44.13 -22.35 -60.13
N GLY N 522 -43.68 -23.08 -59.12
CA GLY N 522 -43.10 -22.43 -57.95
C GLY N 522 -41.84 -21.65 -58.29
N ASP N 523 -41.03 -22.18 -59.20
CA ASP N 523 -39.83 -21.46 -59.63
C ASP N 523 -40.18 -20.27 -60.51
N PHE N 524 -41.31 -20.34 -61.22
CA PHE N 524 -41.74 -19.23 -62.07
C PHE N 524 -42.00 -17.98 -61.24
N TYR N 525 -42.73 -18.13 -60.13
CA TYR N 525 -43.16 -16.97 -59.36
C TYR N 525 -42.00 -16.33 -58.61
N VAL N 526 -41.06 -17.14 -58.11
CA VAL N 526 -39.96 -16.59 -57.35
C VAL N 526 -38.98 -15.85 -58.25
N HIS N 527 -38.80 -16.30 -59.49
CA HIS N 527 -37.96 -15.54 -60.43
C HIS N 527 -38.58 -14.19 -60.75
N HIS N 528 -39.91 -14.12 -60.87
CA HIS N 528 -40.54 -12.83 -61.09
C HIS N 528 -40.49 -11.96 -59.84
N ALA N 529 -40.49 -12.58 -58.65
CA ALA N 529 -40.22 -11.83 -57.44
C ALA N 529 -38.80 -11.28 -57.43
N ILE N 530 -37.84 -12.08 -57.91
CA ILE N 530 -36.46 -11.60 -58.01
C ILE N 530 -36.36 -10.48 -59.03
N ALA N 531 -37.09 -10.59 -60.13
CA ALA N 531 -37.12 -9.52 -61.12
C ALA N 531 -37.68 -8.23 -60.52
N LEU N 532 -38.72 -8.36 -59.70
CA LEU N 532 -39.26 -7.19 -59.00
C LEU N 532 -38.21 -6.57 -58.09
N GLY N 533 -37.48 -7.39 -57.34
CA GLY N 533 -36.44 -6.87 -56.48
C GLY N 533 -35.32 -6.21 -57.23
N LEU N 534 -34.90 -6.79 -58.35
CA LEU N 534 -33.84 -6.21 -59.15
C LEU N 534 -34.27 -4.87 -59.74
N HIS N 535 -35.51 -4.77 -60.22
CA HIS N 535 -35.96 -3.55 -60.88
C HIS N 535 -36.19 -2.43 -59.89
N VAL N 536 -36.72 -2.74 -58.70
CA VAL N 536 -36.93 -1.70 -57.70
C VAL N 536 -35.61 -1.20 -57.16
N THR N 537 -34.69 -2.11 -56.83
CA THR N 537 -33.39 -1.69 -56.33
C THR N 537 -32.65 -0.86 -57.37
N THR N 538 -32.75 -1.24 -58.65
CA THR N 538 -32.20 -0.41 -59.72
C THR N 538 -32.92 0.93 -59.78
N LEU N 539 -34.24 0.93 -59.61
CA LEU N 539 -35.00 2.17 -59.67
C LEU N 539 -34.55 3.14 -58.58
N VAL N 540 -34.36 2.65 -57.36
CA VAL N 540 -33.93 3.51 -56.26
C VAL N 540 -32.54 4.06 -56.53
N LEU N 541 -31.63 3.21 -57.01
CA LEU N 541 -30.26 3.64 -57.23
C LEU N 541 -30.15 4.58 -58.43
N VAL N 542 -30.83 4.26 -59.53
CA VAL N 542 -30.77 5.08 -60.73
C VAL N 542 -31.41 6.44 -60.48
N LYS N 543 -32.56 6.45 -59.82
CA LYS N 543 -33.22 7.71 -59.50
C LYS N 543 -32.33 8.60 -58.63
N GLY N 544 -31.63 8.00 -57.66
CA GLY N 544 -30.72 8.76 -56.83
C GLY N 544 -29.54 9.30 -57.59
N ALA N 545 -28.99 8.51 -58.51
CA ALA N 545 -27.83 8.95 -59.28
C ALA N 545 -28.21 10.04 -60.27
N LEU N 546 -29.34 9.87 -60.97
CA LEU N 546 -29.73 10.83 -61.99
C LEU N 546 -30.27 12.12 -61.39
N ASP N 547 -30.85 12.04 -60.19
CA ASP N 547 -31.32 13.21 -59.47
C ASP N 547 -30.28 13.77 -58.51
N ALA N 548 -29.06 13.23 -58.52
CA ALA N 548 -28.04 13.68 -57.59
C ALA N 548 -27.71 15.14 -57.78
N ARG N 549 -27.70 15.61 -59.04
CA ARG N 549 -27.33 17.00 -59.30
C ARG N 549 -28.46 17.96 -58.98
N GLY N 550 -29.70 17.52 -59.05
CA GLY N 550 -30.82 18.38 -58.72
C GLY N 550 -32.13 17.81 -59.20
N SER N 551 -33.21 18.42 -58.71
CA SER N 551 -34.57 18.04 -59.08
C SER N 551 -35.45 19.28 -58.99
N LYS N 552 -36.74 19.09 -59.25
CA LYS N 552 -37.68 20.20 -59.10
C LYS N 552 -37.78 20.63 -57.64
N LEU N 553 -37.76 19.68 -56.71
CA LEU N 553 -37.83 20.03 -55.30
C LEU N 553 -36.57 20.75 -54.82
N MET N 554 -35.42 20.42 -55.39
CA MET N 554 -34.14 21.00 -54.98
C MET N 554 -33.26 21.18 -56.21
N PRO N 555 -33.45 22.27 -56.95
CA PRO N 555 -32.71 22.46 -58.21
C PRO N 555 -31.20 22.59 -58.05
N ASP N 556 -30.72 22.94 -56.85
CA ASP N 556 -29.31 23.20 -56.61
C ASP N 556 -28.69 22.15 -55.70
N LYS N 557 -29.08 20.89 -55.89
CA LYS N 557 -28.60 19.82 -55.01
C LYS N 557 -27.10 19.60 -55.14
N LYS N 558 -26.53 19.86 -56.32
CA LYS N 558 -25.10 19.60 -56.53
C LYS N 558 -24.24 20.48 -55.64
N ASP N 559 -24.74 21.66 -55.25
CA ASP N 559 -23.97 22.56 -54.41
C ASP N 559 -23.93 22.12 -52.95
N PHE N 560 -24.74 21.13 -52.57
CA PHE N 560 -24.79 20.65 -51.19
C PHE N 560 -24.04 19.35 -50.97
N GLY N 561 -23.55 18.72 -52.03
CA GLY N 561 -22.76 17.51 -51.89
C GLY N 561 -23.58 16.23 -51.98
N TYR N 562 -22.86 15.11 -51.87
CA TYR N 562 -23.49 13.80 -51.99
C TYR N 562 -24.36 13.49 -50.78
N ALA N 563 -23.83 13.73 -49.57
CA ALA N 563 -24.48 13.34 -48.33
C ALA N 563 -24.78 14.57 -47.49
N PHE N 564 -26.05 14.90 -47.34
CA PHE N 564 -26.51 15.94 -46.45
C PHE N 564 -27.86 15.51 -45.87
N PRO N 565 -28.21 16.00 -44.67
CA PRO N 565 -29.45 15.51 -44.04
C PRO N 565 -30.71 15.82 -44.84
N CYS N 566 -30.94 17.07 -45.17
CA CYS N 566 -32.18 17.51 -45.79
C CYS N 566 -31.99 18.94 -46.27
N ASP N 567 -33.09 19.56 -46.71
CA ASP N 567 -33.12 20.98 -47.03
C ASP N 567 -34.16 21.70 -46.18
N GLY N 568 -34.51 21.13 -45.02
CA GLY N 568 -35.44 21.75 -44.10
C GLY N 568 -36.88 21.38 -44.38
N PRO N 569 -37.79 21.83 -43.50
CA PRO N 569 -39.21 21.52 -43.69
C PRO N 569 -39.90 22.37 -44.73
N GLY N 570 -39.22 23.36 -45.31
CA GLY N 570 -39.84 24.21 -46.30
C GLY N 570 -40.13 23.48 -47.59
N ARG N 571 -40.99 24.09 -48.40
CA ARG N 571 -41.41 23.54 -49.70
C ARG N 571 -42.04 22.16 -49.54
N GLY N 572 -42.70 21.92 -48.40
CA GLY N 572 -43.37 20.67 -48.14
C GLY N 572 -42.59 19.71 -47.28
N GLY N 573 -41.28 19.87 -47.18
CA GLY N 573 -40.43 18.95 -46.44
C GLY N 573 -39.54 18.16 -47.40
N THR N 574 -38.29 17.96 -47.00
CA THR N 574 -37.29 17.38 -47.88
C THR N 574 -36.44 16.34 -47.16
N CYS N 575 -37.09 15.49 -46.35
CA CYS N 575 -36.36 14.41 -45.69
C CYS N 575 -35.86 13.40 -46.71
N ASP N 576 -34.63 12.92 -46.52
CA ASP N 576 -34.03 11.88 -47.35
C ASP N 576 -34.01 12.28 -48.82
N ILE N 577 -33.62 13.53 -49.08
CA ILE N 577 -33.60 14.05 -50.44
C ILE N 577 -32.22 13.92 -51.11
N SER N 578 -31.17 13.67 -50.35
CA SER N 578 -29.84 13.60 -50.92
C SER N 578 -29.65 12.30 -51.69
N ALA N 579 -28.67 12.31 -52.60
CA ALA N 579 -28.34 11.09 -53.34
C ALA N 579 -27.80 10.01 -52.41
N TRP N 580 -27.16 10.40 -51.32
CA TRP N 580 -26.75 9.42 -50.31
C TRP N 580 -27.94 8.68 -49.74
N ASP N 581 -29.07 9.38 -49.56
CA ASP N 581 -30.25 8.74 -49.00
C ASP N 581 -30.84 7.71 -49.95
N ALA N 582 -30.68 7.89 -51.25
CA ALA N 582 -31.13 6.89 -52.19
C ALA N 582 -30.33 5.59 -52.06
N SER N 583 -29.01 5.71 -51.87
CA SER N 583 -28.21 4.53 -51.58
C SER N 583 -28.57 3.94 -50.23
N TYR N 584 -28.91 4.80 -49.28
CA TYR N 584 -29.40 4.33 -47.98
C TYR N 584 -30.68 3.52 -48.13
N LEU N 585 -31.62 4.02 -48.94
CA LEU N 585 -32.87 3.29 -49.15
C LEU N 585 -32.66 2.04 -49.98
N ALA N 586 -31.68 2.05 -50.87
CA ALA N 586 -31.48 0.92 -51.77
C ALA N 586 -30.88 -0.28 -51.06
N VAL N 587 -30.17 -0.06 -49.95
CA VAL N 587 -29.62 -1.18 -49.20
C VAL N 587 -30.75 -2.03 -48.60
N PHE N 588 -31.83 -1.37 -48.18
CA PHE N 588 -32.99 -2.12 -47.70
C PHE N 588 -33.56 -3.02 -48.78
N TRP N 589 -33.68 -2.50 -50.00
CA TRP N 589 -34.25 -3.29 -51.09
C TRP N 589 -33.25 -4.34 -51.57
N MET N 590 -31.96 -4.02 -51.54
CA MET N 590 -30.94 -5.01 -51.90
C MET N 590 -30.96 -6.18 -50.92
N LEU N 591 -31.08 -5.89 -49.63
CA LEU N 591 -31.17 -6.96 -48.64
C LEU N 591 -32.43 -7.79 -48.84
N ASN N 592 -33.54 -7.13 -49.13
CA ASN N 592 -34.79 -7.85 -49.38
C ASN N 592 -34.70 -8.72 -50.62
N THR N 593 -34.08 -8.21 -51.68
CA THR N 593 -33.96 -8.98 -52.93
C THR N 593 -33.06 -10.19 -52.74
N LEU N 594 -31.88 -9.98 -52.14
CA LEU N 594 -30.99 -11.12 -51.86
C LEU N 594 -31.61 -12.07 -50.85
N GLY N 595 -32.47 -11.55 -49.96
CA GLY N 595 -33.22 -12.43 -49.09
C GLY N 595 -34.12 -13.36 -49.86
N TRP N 596 -34.83 -12.83 -50.86
CA TRP N 596 -35.67 -13.66 -51.71
C TRP N 596 -34.84 -14.66 -52.51
N VAL N 597 -33.68 -14.22 -52.98
CA VAL N 597 -32.83 -15.09 -53.79
C VAL N 597 -32.28 -16.24 -52.95
N THR N 598 -31.75 -15.93 -51.76
CA THR N 598 -31.14 -16.97 -50.93
C THR N 598 -32.20 -17.86 -50.27
N PHE N 599 -33.38 -17.32 -49.97
CA PHE N 599 -34.47 -18.17 -49.51
C PHE N 599 -34.84 -19.20 -50.58
N TYR N 600 -34.91 -18.76 -51.83
CA TYR N 600 -35.27 -19.64 -52.94
C TYR N 600 -34.21 -20.71 -53.14
N TRP N 601 -32.93 -20.32 -53.16
CA TRP N 601 -31.86 -21.29 -53.34
C TRP N 601 -31.84 -22.30 -52.19
N HIS N 602 -31.97 -21.81 -50.96
CA HIS N 602 -31.81 -22.68 -49.80
C HIS N 602 -32.97 -23.67 -49.68
N TRP N 603 -34.20 -23.19 -49.84
CA TRP N 603 -35.35 -24.09 -49.71
C TRP N 603 -35.37 -25.15 -50.81
N LYS N 604 -35.05 -24.76 -52.04
CA LYS N 604 -35.05 -25.72 -53.13
C LYS N 604 -34.01 -26.81 -52.92
N HIS N 605 -32.82 -26.43 -52.45
CA HIS N 605 -31.79 -27.42 -52.18
C HIS N 605 -32.08 -28.22 -50.92
N LEU N 606 -32.76 -27.61 -49.94
CA LEU N 606 -33.16 -28.34 -48.75
C LEU N 606 -34.13 -29.47 -49.10
N ALA N 607 -35.08 -29.18 -49.99
CA ALA N 607 -36.02 -30.22 -50.43
C ALA N 607 -35.29 -31.33 -51.18
N ILE N 608 -34.31 -30.97 -52.00
CA ILE N 608 -33.56 -31.98 -52.75
C ILE N 608 -32.73 -32.83 -51.80
N TRP N 609 -32.00 -32.19 -50.89
CA TRP N 609 -31.12 -32.93 -49.98
C TRP N 609 -31.91 -33.78 -49.00
N GLU N 610 -33.12 -33.37 -48.64
CA GLU N 610 -33.94 -34.14 -47.71
C GLU N 610 -34.78 -35.20 -48.40
N GLY N 611 -34.73 -35.30 -49.72
CA GLY N 611 -35.55 -36.25 -50.43
C GLY N 611 -37.02 -35.92 -50.47
N ASN N 612 -37.37 -34.65 -50.31
CA ASN N 612 -38.75 -34.18 -50.25
C ASN N 612 -38.97 -33.07 -51.27
N ILE N 613 -38.56 -33.32 -52.51
CA ILE N 613 -38.70 -32.33 -53.57
C ILE N 613 -40.16 -31.95 -53.77
N ALA N 614 -41.09 -32.90 -53.57
CA ALA N 614 -42.50 -32.60 -53.75
C ALA N 614 -42.99 -31.55 -52.77
N GLN N 615 -42.34 -31.43 -51.61
CA GLN N 615 -42.73 -30.40 -50.65
C GLN N 615 -42.52 -29.00 -51.22
N PHE N 616 -41.37 -28.77 -51.86
CA PHE N 616 -41.11 -27.47 -52.47
C PHE N 616 -42.06 -27.21 -53.64
N ASN N 617 -42.24 -28.21 -54.51
CA ASN N 617 -43.01 -28.01 -55.72
C ASN N 617 -44.47 -27.67 -55.42
N GLU N 618 -45.02 -28.17 -54.32
CA GLU N 618 -46.42 -27.95 -54.00
C GLU N 618 -46.65 -26.75 -53.08
N SER N 619 -45.65 -26.39 -52.27
CA SER N 619 -45.83 -25.34 -51.28
C SER N 619 -45.20 -24.01 -51.65
N SER N 620 -44.31 -23.98 -52.64
CA SER N 620 -43.67 -22.73 -53.01
C SER N 620 -44.56 -21.82 -53.86
N THR N 621 -45.72 -22.31 -54.29
CA THR N 621 -46.61 -21.51 -55.11
C THR N 621 -47.50 -20.58 -54.31
N TYR N 622 -47.49 -20.69 -52.98
CA TYR N 622 -48.22 -19.77 -52.12
C TYR N 622 -47.34 -19.39 -50.93
N LEU N 623 -47.51 -18.15 -50.47
CA LEU N 623 -46.58 -17.58 -49.51
C LEU N 623 -46.66 -18.25 -48.14
N MET N 624 -47.83 -18.79 -47.78
CA MET N 624 -47.91 -19.53 -46.53
C MET N 624 -47.04 -20.78 -46.56
N GLY N 625 -46.85 -21.37 -47.74
CA GLY N 625 -45.92 -22.48 -47.86
C GLY N 625 -44.49 -22.08 -47.52
N TRP N 626 -44.07 -20.91 -47.98
CA TRP N 626 -42.75 -20.40 -47.61
C TRP N 626 -42.66 -20.16 -46.11
N PHE N 627 -43.71 -19.56 -45.54
CA PHE N 627 -43.68 -19.22 -44.11
C PHE N 627 -43.68 -20.46 -43.25
N ARG N 628 -44.48 -21.46 -43.61
CA ARG N 628 -44.68 -22.65 -42.78
C ARG N 628 -43.64 -23.73 -43.05
N ASP N 629 -43.47 -24.12 -44.30
CA ASP N 629 -42.63 -25.26 -44.64
C ASP N 629 -41.15 -24.93 -44.75
N TYR N 630 -40.79 -23.67 -44.95
CA TYR N 630 -39.40 -23.26 -44.99
C TYR N 630 -38.94 -22.62 -43.69
N LEU N 631 -39.61 -21.55 -43.25
CA LEU N 631 -39.17 -20.82 -42.07
C LEU N 631 -39.54 -21.56 -40.79
N TRP N 632 -40.83 -21.84 -40.59
CA TRP N 632 -41.27 -22.47 -39.36
C TRP N 632 -40.76 -23.89 -39.23
N LEU N 633 -40.83 -24.67 -40.31
CA LEU N 633 -40.50 -26.09 -40.23
C LEU N 633 -39.02 -26.31 -39.95
N HIS N 634 -38.15 -25.55 -40.61
CA HIS N 634 -36.71 -25.78 -40.52
C HIS N 634 -36.05 -25.00 -39.38
N SER N 635 -36.81 -24.26 -38.59
CA SER N 635 -36.26 -23.58 -37.43
C SER N 635 -36.25 -24.46 -36.18
N ALA N 636 -36.87 -25.65 -36.24
CA ALA N 636 -37.04 -26.45 -35.03
C ALA N 636 -35.69 -26.84 -34.42
N GLN N 637 -34.78 -27.34 -35.25
CA GLN N 637 -33.47 -27.75 -34.72
C GLN N 637 -32.64 -26.55 -34.29
N LEU N 638 -32.74 -25.43 -35.03
CA LEU N 638 -31.95 -24.25 -34.70
C LEU N 638 -32.32 -23.70 -33.33
N ILE N 639 -33.62 -23.60 -33.02
CA ILE N 639 -34.05 -23.01 -31.76
C ILE N 639 -33.94 -23.98 -30.58
N ASN N 640 -33.55 -25.23 -30.83
CA ASN N 640 -33.30 -26.19 -29.76
C ASN N 640 -31.82 -26.43 -29.52
N GLY N 641 -30.96 -25.53 -29.99
CA GLY N 641 -29.54 -25.65 -29.69
C GLY N 641 -29.25 -25.64 -28.20
N TYR N 642 -29.99 -24.84 -27.44
CA TYR N 642 -30.01 -24.94 -26.00
C TYR N 642 -31.44 -24.80 -25.53
N ASN N 643 -31.79 -25.56 -24.49
CA ASN N 643 -33.14 -25.60 -23.95
C ASN N 643 -33.04 -26.04 -22.49
N PRO N 644 -34.14 -26.06 -21.73
CA PRO N 644 -34.05 -26.51 -20.33
C PRO N 644 -33.50 -27.92 -20.14
N TYR N 645 -33.36 -28.71 -21.21
CA TYR N 645 -32.90 -30.08 -21.09
C TYR N 645 -31.43 -30.28 -21.45
N GLY N 646 -30.77 -29.28 -22.00
CA GLY N 646 -29.36 -29.39 -22.30
C GLY N 646 -28.98 -28.58 -23.53
N THR N 647 -27.73 -28.75 -23.95
CA THR N 647 -27.17 -28.02 -25.08
C THR N 647 -26.50 -28.99 -26.04
N ASN N 648 -26.42 -28.57 -27.30
CA ASN N 648 -25.69 -29.32 -28.31
C ASN N 648 -24.81 -28.38 -29.12
N SER N 649 -24.24 -28.87 -30.22
CA SER N 649 -23.31 -28.07 -31.03
C SER N 649 -23.99 -26.89 -31.71
N LEU N 650 -25.32 -26.86 -31.76
CA LEU N 650 -26.05 -25.76 -32.37
C LEU N 650 -26.29 -24.61 -31.41
N ALA N 651 -25.72 -24.64 -30.21
CA ALA N 651 -25.94 -23.58 -29.23
C ALA N 651 -25.41 -22.24 -29.73
N ILE N 652 -24.27 -22.25 -30.41
CA ILE N 652 -23.74 -21.02 -31.00
C ILE N 652 -24.71 -20.43 -32.03
N TRP N 653 -25.30 -21.28 -32.87
CA TRP N 653 -26.23 -20.77 -33.86
C TRP N 653 -27.54 -20.33 -33.23
N SER N 654 -27.92 -20.93 -32.10
CA SER N 654 -29.08 -20.45 -31.35
C SER N 654 -28.83 -19.07 -30.79
N TRP N 655 -27.70 -18.88 -30.12
CA TRP N 655 -27.37 -17.60 -29.51
C TRP N 655 -27.19 -16.52 -30.56
N MET N 656 -26.51 -16.85 -31.66
CA MET N 656 -26.33 -15.88 -32.74
C MET N 656 -27.63 -15.58 -33.45
N PHE N 657 -28.55 -16.56 -33.50
CA PHE N 657 -29.88 -16.31 -34.08
C PHE N 657 -30.60 -15.20 -33.32
N LEU N 658 -30.59 -15.27 -31.99
CA LEU N 658 -31.20 -14.22 -31.19
C LEU N 658 -30.37 -12.95 -31.23
N TRP N 659 -29.05 -13.07 -31.31
CA TRP N 659 -28.19 -11.90 -31.42
C TRP N 659 -28.49 -11.10 -32.68
N GLY N 660 -28.75 -11.80 -33.80
CA GLY N 660 -29.13 -11.11 -35.02
C GLY N 660 -30.48 -10.44 -34.91
N HIS N 661 -31.45 -11.12 -34.28
CA HIS N 661 -32.75 -10.50 -34.04
C HIS N 661 -32.61 -9.26 -33.17
N LEU N 662 -31.72 -9.30 -32.18
CA LEU N 662 -31.51 -8.16 -31.29
C LEU N 662 -30.91 -6.97 -32.04
N ALA N 663 -29.90 -7.23 -32.87
CA ALA N 663 -29.31 -6.15 -33.66
C ALA N 663 -30.33 -5.57 -34.64
N TRP N 664 -31.15 -6.43 -35.24
CA TRP N 664 -32.20 -5.97 -36.14
C TRP N 664 -33.21 -5.10 -35.39
N ALA N 665 -33.56 -5.48 -34.17
CA ALA N 665 -34.48 -4.67 -33.37
C ALA N 665 -33.87 -3.33 -33.02
N VAL N 666 -32.58 -3.31 -32.69
CA VAL N 666 -31.91 -2.06 -32.31
C VAL N 666 -31.95 -1.07 -33.46
N SER N 667 -31.80 -1.56 -34.69
CA SER N 667 -31.80 -0.65 -35.85
C SER N 667 -33.11 0.10 -35.96
N PHE N 668 -34.23 -0.54 -35.62
CA PHE N 668 -35.53 0.13 -35.69
C PHE N 668 -35.53 1.39 -34.84
N MET N 669 -34.82 1.38 -33.72
CA MET N 669 -34.74 2.59 -32.90
C MET N 669 -34.04 3.71 -33.64
N PHE N 670 -32.88 3.41 -34.25
CA PHE N 670 -32.14 4.45 -34.97
C PHE N 670 -32.88 4.91 -36.22
N LEU N 671 -33.73 4.06 -36.80
CA LEU N 671 -34.41 4.39 -38.04
C LEU N 671 -35.77 5.05 -37.83
N ILE N 672 -36.47 4.73 -36.75
CA ILE N 672 -37.80 5.29 -36.50
C ILE N 672 -37.72 6.58 -35.71
N THR N 673 -37.03 6.56 -34.57
CA THR N 673 -36.84 7.78 -33.80
C THR N 673 -35.77 8.63 -34.46
N TRP N 674 -35.99 9.94 -34.49
CA TRP N 674 -35.08 10.85 -35.16
C TRP N 674 -34.46 11.80 -34.12
N ARG N 675 -33.59 12.69 -34.61
CA ARG N 675 -32.55 13.27 -33.75
C ARG N 675 -33.12 14.14 -32.64
N GLY N 676 -34.04 15.03 -32.98
CA GLY N 676 -34.45 16.06 -32.02
C GLY N 676 -34.99 15.50 -30.72
N TYR N 677 -35.60 14.31 -30.77
CA TYR N 677 -36.05 13.67 -29.54
C TYR N 677 -34.88 13.38 -28.61
N TRP N 678 -33.77 12.85 -29.16
CA TRP N 678 -32.64 12.47 -28.34
C TRP N 678 -31.82 13.66 -27.88
N GLN N 679 -31.73 14.72 -28.70
CA GLN N 679 -31.00 15.91 -28.29
C GLN N 679 -31.64 16.55 -27.06
N GLU N 680 -32.97 16.61 -27.02
CA GLU N 680 -33.65 17.16 -25.86
C GLU N 680 -33.45 16.29 -24.63
N LEU N 681 -33.47 14.96 -24.81
CA LEU N 681 -33.22 14.06 -23.69
C LEU N 681 -31.80 14.20 -23.18
N ILE N 682 -30.83 14.35 -24.07
CA ILE N 682 -29.44 14.50 -23.67
C ILE N 682 -29.25 15.77 -22.85
N GLU N 683 -29.94 16.84 -23.25
CA GLU N 683 -29.85 18.09 -22.50
C GLU N 683 -30.29 17.90 -21.06
N THR N 684 -31.32 17.10 -20.83
CA THR N 684 -31.75 16.80 -19.47
C THR N 684 -30.69 16.04 -18.70
N LEU N 685 -30.03 15.09 -19.35
CA LEU N 685 -28.95 14.36 -18.70
C LEU N 685 -27.74 15.25 -18.43
N VAL N 686 -27.52 16.24 -19.30
CA VAL N 686 -26.44 17.21 -19.07
C VAL N 686 -26.70 17.98 -17.79
N TRP N 687 -27.95 18.40 -17.57
CA TRP N 687 -28.29 19.10 -16.33
C TRP N 687 -28.04 18.19 -15.12
N ALA N 688 -28.45 16.92 -15.21
CA ALA N 688 -28.34 16.02 -14.08
C ALA N 688 -26.89 15.83 -13.67
N HIS N 689 -26.00 15.65 -14.65
CA HIS N 689 -24.59 15.45 -14.33
C HIS N 689 -24.00 16.69 -13.65
N GLU N 690 -24.33 17.89 -14.14
CA GLU N 690 -23.74 19.10 -13.59
C GLU N 690 -24.16 19.34 -12.15
N LYS N 691 -25.35 18.89 -11.77
CA LYS N 691 -25.88 19.15 -10.43
C LYS N 691 -25.67 18.01 -9.45
N THR N 692 -25.03 16.92 -9.87
CA THR N 692 -24.83 15.78 -8.98
C THR N 692 -23.46 15.86 -8.33
N PRO N 693 -23.38 15.88 -7.01
CA PRO N 693 -22.07 15.87 -6.34
C PRO N 693 -21.39 14.51 -6.48
N LEU N 694 -20.08 14.51 -6.21
CA LEU N 694 -19.18 13.37 -6.27
C LEU N 694 -18.93 12.88 -7.68
N SER N 695 -19.51 13.53 -8.70
CA SER N 695 -19.29 13.15 -10.10
C SER N 695 -18.24 14.08 -10.68
N PHE N 696 -16.98 13.80 -10.35
CA PHE N 696 -15.89 14.69 -10.73
C PHE N 696 -15.60 14.66 -12.22
N GLY N 697 -16.05 13.65 -12.94
CA GLY N 697 -15.86 13.62 -14.37
C GLY N 697 -16.58 14.76 -15.06
N TYR N 698 -16.08 15.10 -16.25
CA TYR N 698 -16.73 16.13 -17.07
C TYR N 698 -16.29 15.94 -18.51
N TRP N 699 -17.24 16.07 -19.43
CA TRP N 699 -16.96 15.82 -20.83
C TRP N 699 -16.00 16.86 -21.39
N ARG N 700 -15.01 16.38 -22.15
CA ARG N 700 -14.18 17.29 -22.93
C ARG N 700 -14.84 17.63 -24.26
N ASP N 701 -15.63 16.70 -24.79
CA ASP N 701 -16.44 16.92 -25.98
C ASP N 701 -17.90 16.95 -25.56
N LYS N 702 -18.61 18.01 -25.92
CA LYS N 702 -19.98 18.17 -25.48
C LYS N 702 -20.84 17.04 -26.04
N PRO N 703 -21.58 16.31 -25.20
CA PRO N 703 -22.41 15.21 -25.72
C PRO N 703 -23.60 15.74 -26.50
N VAL N 704 -23.73 15.27 -27.74
CA VAL N 704 -24.85 15.64 -28.59
C VAL N 704 -25.41 14.37 -29.22
N ALA N 705 -26.68 14.45 -29.63
CA ALA N 705 -27.30 13.34 -30.34
C ALA N 705 -26.63 13.15 -31.70
N LEU N 706 -26.69 11.92 -32.20
CA LEU N 706 -26.11 11.63 -33.50
C LEU N 706 -26.80 12.44 -34.58
N SER N 707 -26.03 12.84 -35.59
CA SER N 707 -26.56 13.66 -36.66
C SER N 707 -27.61 12.88 -37.45
N ILE N 708 -28.34 13.61 -38.30
CA ILE N 708 -29.42 13.01 -39.07
C ILE N 708 -28.88 11.95 -40.01
N VAL N 709 -27.81 12.28 -40.75
CA VAL N 709 -27.22 11.32 -41.66
C VAL N 709 -26.57 10.17 -40.90
N GLN N 710 -25.89 10.49 -39.79
CA GLN N 710 -25.20 9.47 -39.02
C GLN N 710 -26.18 8.43 -38.48
N ALA N 711 -27.35 8.87 -38.05
CA ALA N 711 -28.35 7.93 -37.54
C ALA N 711 -28.83 6.98 -38.63
N ARG N 712 -29.02 7.48 -39.84
CA ARG N 712 -29.42 6.61 -40.95
C ARG N 712 -28.35 5.57 -41.23
N LEU N 713 -27.08 5.95 -41.19
CA LEU N 713 -26.00 4.99 -41.40
C LEU N 713 -25.92 3.99 -40.26
N VAL N 714 -26.02 4.46 -39.01
CA VAL N 714 -25.93 3.56 -37.87
C VAL N 714 -27.11 2.59 -37.86
N GLY N 715 -28.32 3.09 -38.12
CA GLY N 715 -29.47 2.22 -38.18
C GLY N 715 -29.37 1.22 -39.32
N LEU N 716 -28.84 1.65 -40.47
CA LEU N 716 -28.65 0.74 -41.58
C LEU N 716 -27.61 -0.32 -41.24
N THR N 717 -26.56 0.05 -40.50
CA THR N 717 -25.55 -0.92 -40.11
C THR N 717 -26.11 -1.99 -39.18
N HIS N 718 -26.88 -1.57 -38.16
CA HIS N 718 -27.52 -2.54 -37.28
C HIS N 718 -28.51 -3.40 -38.04
N PHE N 719 -29.27 -2.80 -38.96
CA PHE N 719 -30.24 -3.55 -39.75
C PHE N 719 -29.54 -4.60 -40.61
N THR N 720 -28.44 -4.23 -41.25
CA THR N 720 -27.72 -5.15 -42.12
C THR N 720 -27.04 -6.25 -41.32
N VAL N 721 -26.36 -5.88 -40.23
CA VAL N 721 -25.65 -6.86 -39.42
C VAL N 721 -26.62 -7.87 -38.83
N GLY N 722 -27.76 -7.40 -38.31
CA GLY N 722 -28.78 -8.31 -37.84
C GLY N 722 -29.35 -9.17 -38.96
N TYR N 723 -29.52 -8.58 -40.14
CA TYR N 723 -30.00 -9.33 -41.30
C TYR N 723 -29.07 -10.48 -41.63
N ILE N 724 -27.76 -10.20 -41.70
CA ILE N 724 -26.79 -11.23 -42.07
C ILE N 724 -26.64 -12.27 -40.97
N ALA N 725 -26.54 -11.81 -39.72
CA ALA N 725 -26.32 -12.73 -38.61
C ALA N 725 -27.49 -13.69 -38.42
N THR N 726 -28.71 -13.17 -38.54
CA THR N 726 -29.89 -14.02 -38.32
C THR N 726 -29.99 -15.10 -39.39
N TYR N 727 -29.90 -14.71 -40.66
CA TYR N 727 -30.01 -15.70 -41.73
C TYR N 727 -28.80 -16.62 -41.78
N GLY N 728 -27.62 -16.09 -41.46
CA GLY N 728 -26.43 -16.93 -41.44
C GLY N 728 -26.52 -18.03 -40.41
N ALA N 729 -26.99 -17.70 -39.20
CA ALA N 729 -27.17 -18.72 -38.17
C ALA N 729 -28.23 -19.72 -38.58
N PHE N 730 -29.34 -19.25 -39.14
CA PHE N 730 -30.40 -20.16 -39.59
C PHE N 730 -29.92 -21.04 -40.74
N LEU N 731 -29.18 -20.48 -41.69
CA LEU N 731 -28.71 -21.24 -42.84
C LEU N 731 -27.79 -22.37 -42.41
N ILE N 732 -26.85 -22.07 -41.51
CA ILE N 732 -25.90 -23.09 -41.07
C ILE N 732 -26.60 -24.14 -40.22
N ALA N 733 -27.44 -23.70 -39.27
CA ALA N 733 -28.05 -24.64 -38.34
C ALA N 733 -29.03 -25.57 -39.04
N SER N 734 -29.86 -25.03 -39.95
CA SER N 734 -30.87 -25.85 -40.60
C SER N 734 -30.29 -26.83 -41.59
N THR N 735 -29.03 -26.63 -42.03
CA THR N 735 -28.37 -27.54 -42.95
C THR N 735 -27.39 -28.47 -42.26
N ALA N 736 -26.51 -27.93 -41.42
CA ALA N 736 -25.55 -28.76 -40.70
C ALA N 736 -26.25 -29.63 -39.67
N GLY N 737 -27.30 -29.12 -39.04
CA GLY N 737 -28.06 -29.92 -38.08
C GLY N 737 -28.78 -31.08 -38.71
N LYS N 738 -29.17 -30.97 -39.98
CA LYS N 738 -29.89 -32.01 -40.69
C LYS N 738 -28.97 -32.92 -41.53
N PHE N 739 -27.71 -32.52 -41.72
CA PHE N 739 -26.81 -33.23 -42.61
C PHE N 739 -25.43 -33.28 -41.96
N GLY N 740 -24.41 -33.60 -42.74
CA GLY N 740 -23.06 -33.66 -42.25
C GLY N 740 -22.56 -32.33 -41.70
N SER O 2 -18.91 27.66 -38.86
CA SER O 2 -20.18 28.37 -38.95
C SER O 2 -20.88 28.07 -40.27
N HIS O 3 -22.19 28.25 -40.29
CA HIS O 3 -22.96 28.09 -41.52
C HIS O 3 -22.75 29.30 -42.43
N THR O 4 -23.01 29.09 -43.71
CA THR O 4 -22.88 30.13 -44.72
C THR O 4 -24.26 30.48 -45.27
N VAL O 5 -24.60 31.76 -45.23
CA VAL O 5 -25.88 32.25 -45.74
C VAL O 5 -25.58 33.24 -46.86
N LYS O 6 -26.11 32.96 -48.05
CA LYS O 6 -25.89 33.79 -49.22
C LYS O 6 -27.23 34.33 -49.74
N ILE O 7 -27.18 35.54 -50.27
CA ILE O 7 -28.37 36.21 -50.82
C ILE O 7 -28.09 36.50 -52.29
N TYR O 8 -28.98 36.03 -53.16
CA TYR O 8 -28.84 36.18 -54.60
C TYR O 8 -29.66 37.35 -55.10
N ASP O 9 -29.41 37.73 -56.36
CA ASP O 9 -29.98 38.96 -56.90
C ASP O 9 -31.47 38.86 -57.18
N THR O 10 -32.07 37.67 -57.07
CA THR O 10 -33.50 37.53 -57.27
C THR O 10 -34.32 38.02 -56.08
N CYS O 11 -33.67 38.53 -55.04
CA CYS O 11 -34.37 39.01 -53.86
C CYS O 11 -35.28 40.18 -54.22
N ILE O 12 -36.48 40.19 -53.62
CA ILE O 12 -37.47 41.23 -53.86
C ILE O 12 -37.63 42.13 -52.63
N GLY O 13 -36.79 41.96 -51.62
CA GLY O 13 -36.83 42.82 -50.44
C GLY O 13 -38.13 42.78 -49.67
N CYS O 14 -38.69 41.59 -49.47
CA CYS O 14 -39.93 41.44 -48.73
C CYS O 14 -39.72 41.33 -47.23
N THR O 15 -38.47 41.28 -46.76
CA THR O 15 -38.07 41.25 -45.36
C THR O 15 -38.63 40.05 -44.59
N GLN O 16 -39.19 39.07 -45.29
CA GLN O 16 -39.75 37.91 -44.60
C GLN O 16 -38.67 37.06 -43.96
N CYS O 17 -37.54 36.89 -44.63
CA CYS O 17 -36.47 36.06 -44.08
C CYS O 17 -35.89 36.67 -42.80
N VAL O 18 -35.76 38.00 -42.77
CA VAL O 18 -35.23 38.65 -41.57
C VAL O 18 -36.17 38.48 -40.39
N ARG O 19 -37.48 38.59 -40.63
CA ARG O 19 -38.44 38.44 -39.55
C ARG O 19 -38.47 37.02 -39.00
N ALA O 20 -38.21 36.02 -39.85
CA ALA O 20 -38.31 34.63 -39.44
C ALA O 20 -37.06 34.13 -38.74
N CYS O 21 -35.95 34.86 -38.79
CA CYS O 21 -34.71 34.36 -38.21
C CYS O 21 -34.79 34.38 -36.69
N PRO O 22 -34.53 33.25 -36.02
CA PRO O 22 -34.63 33.19 -34.56
C PRO O 22 -33.39 33.66 -33.83
N THR O 23 -32.31 34.01 -34.53
CA THR O 23 -31.08 34.43 -33.88
C THR O 23 -30.53 35.75 -34.41
N ASP O 24 -31.32 36.50 -35.19
CA ASP O 24 -30.91 37.77 -35.78
C ASP O 24 -29.60 37.62 -36.56
N VAL O 25 -29.66 36.81 -37.60
CA VAL O 25 -28.53 36.70 -38.52
C VAL O 25 -28.67 37.68 -39.68
N LEU O 26 -29.89 37.98 -40.10
CA LEU O 26 -30.15 38.75 -41.30
C LEU O 26 -30.62 40.16 -40.94
N GLU O 27 -30.39 41.08 -41.88
CA GLU O 27 -30.90 42.44 -41.79
C GLU O 27 -31.12 42.96 -43.20
N MET O 28 -31.96 43.98 -43.32
CA MET O 28 -32.30 44.55 -44.62
C MET O 28 -31.44 45.77 -44.87
N VAL O 29 -30.83 45.82 -46.06
CA VAL O 29 -29.89 46.89 -46.40
C VAL O 29 -30.39 47.58 -47.66
N PRO O 30 -30.03 48.85 -47.90
CA PRO O 30 -30.49 49.53 -49.12
C PRO O 30 -29.94 48.86 -50.37
N TRP O 31 -30.76 48.89 -51.42
CA TRP O 31 -30.41 48.24 -52.69
C TRP O 31 -31.20 48.93 -53.79
N ASP O 32 -30.80 48.66 -55.04
CA ASP O 32 -31.48 49.21 -56.20
C ASP O 32 -31.90 48.16 -57.22
N GLY O 33 -31.72 46.87 -56.92
CA GLY O 33 -32.04 45.83 -57.88
C GLY O 33 -33.49 45.38 -57.89
N CYS O 34 -34.31 45.88 -56.97
CA CYS O 34 -35.71 45.46 -56.88
C CYS O 34 -36.58 46.66 -56.56
N LYS O 35 -37.89 46.48 -56.71
CA LYS O 35 -38.84 47.57 -56.49
C LYS O 35 -38.83 48.03 -55.04
N ALA O 36 -38.65 47.11 -54.10
CA ALA O 36 -38.64 47.46 -52.69
C ALA O 36 -37.41 48.27 -52.29
N ALA O 37 -36.42 48.38 -53.16
CA ALA O 37 -35.21 49.17 -52.91
C ALA O 37 -34.45 48.68 -51.68
N GLN O 38 -34.51 47.37 -51.43
CA GLN O 38 -33.80 46.79 -50.30
C GLN O 38 -33.51 45.32 -50.61
N ILE O 39 -32.49 44.79 -49.95
CA ILE O 39 -32.09 43.40 -50.13
C ILE O 39 -31.63 42.84 -48.80
N ALA O 40 -31.78 41.52 -48.65
CA ALA O 40 -31.36 40.85 -47.43
C ALA O 40 -29.85 40.73 -47.36
N SER O 41 -29.32 40.78 -46.14
CA SER O 41 -27.89 40.63 -45.88
C SER O 41 -27.72 39.74 -44.67
N SER O 42 -26.57 39.09 -44.57
CA SER O 42 -26.27 38.15 -43.49
C SER O 42 -24.94 38.52 -42.83
N PRO O 43 -24.89 39.62 -42.08
CA PRO O 43 -23.64 40.02 -41.43
C PRO O 43 -23.25 39.16 -40.24
N ARG O 44 -24.19 38.44 -39.64
CA ARG O 44 -23.95 37.75 -38.38
C ARG O 44 -24.13 36.24 -38.51
N THR O 45 -23.55 35.65 -39.55
CA THR O 45 -23.68 34.21 -39.77
C THR O 45 -23.04 33.37 -38.67
N GLU O 46 -22.19 33.96 -37.83
CA GLU O 46 -21.64 33.22 -36.71
C GLU O 46 -22.73 32.80 -35.72
N ASP O 47 -23.84 33.53 -35.68
CA ASP O 47 -24.97 33.17 -34.83
C ASP O 47 -26.00 32.31 -35.53
N CYS O 48 -25.76 31.93 -36.79
CA CYS O 48 -26.72 31.14 -37.52
C CYS O 48 -26.73 29.70 -37.02
N VAL O 49 -27.92 29.20 -36.69
CA VAL O 49 -28.07 27.82 -36.24
C VAL O 49 -28.35 26.86 -37.39
N GLY O 50 -28.75 27.37 -38.55
CA GLY O 50 -29.07 26.50 -39.67
C GLY O 50 -30.49 26.00 -39.70
N CYS O 51 -31.40 26.63 -38.97
CA CYS O 51 -32.79 26.18 -38.91
C CYS O 51 -33.49 26.26 -40.26
N LYS O 52 -32.97 27.07 -41.18
CA LYS O 52 -33.54 27.28 -42.51
C LYS O 52 -34.95 27.86 -42.46
N ARG O 53 -35.29 28.57 -41.39
CA ARG O 53 -36.56 29.28 -41.35
C ARG O 53 -36.61 30.39 -42.39
N CYS O 54 -35.47 31.00 -42.69
CA CYS O 54 -35.42 32.05 -43.71
C CYS O 54 -35.79 31.50 -45.09
N GLU O 55 -35.31 30.30 -45.42
CA GLU O 55 -35.65 29.70 -46.71
C GLU O 55 -37.13 29.40 -46.81
N THR O 56 -37.74 28.94 -45.71
CA THR O 56 -39.17 28.67 -45.71
C THR O 56 -39.97 29.93 -45.98
N ALA O 57 -39.52 31.06 -45.45
CA ALA O 57 -40.24 32.32 -45.61
C ALA O 57 -40.00 32.99 -46.96
N CYS O 58 -38.97 32.57 -47.70
CA CYS O 58 -38.64 33.25 -48.95
C CYS O 58 -39.70 32.93 -50.01
N PRO O 59 -40.31 33.94 -50.64
CA PRO O 59 -41.38 33.67 -51.60
C PRO O 59 -40.90 33.45 -53.01
N THR O 60 -39.66 33.84 -53.31
CA THR O 60 -39.17 33.75 -54.68
C THR O 60 -38.91 32.30 -55.08
N ASP O 61 -38.90 32.07 -56.38
CA ASP O 61 -38.69 30.74 -56.95
C ASP O 61 -37.67 30.86 -58.07
N PHE O 62 -36.47 30.30 -57.85
CA PHE O 62 -36.13 29.58 -56.63
C PHE O 62 -35.72 30.55 -55.51
N LEU O 63 -35.21 30.01 -54.41
CA LEU O 63 -34.93 30.80 -53.23
C LEU O 63 -33.91 31.90 -53.53
N SER O 64 -34.15 33.07 -52.95
CA SER O 64 -33.18 34.16 -53.01
C SER O 64 -32.19 34.13 -51.86
N ILE O 65 -32.45 33.35 -50.83
CA ILE O 65 -31.55 33.18 -49.70
C ILE O 65 -31.29 31.69 -49.51
N ARG O 66 -30.02 31.33 -49.35
CA ARG O 66 -29.63 29.93 -49.24
C ARG O 66 -28.72 29.74 -48.04
N VAL O 67 -28.93 28.63 -47.32
CA VAL O 67 -28.16 28.29 -46.14
C VAL O 67 -27.39 27.01 -46.44
N TYR O 68 -26.06 27.07 -46.31
CA TYR O 68 -25.18 25.94 -46.54
C TYR O 68 -24.56 25.56 -45.20
N LEU O 69 -24.99 24.43 -44.65
CA LEU O 69 -24.46 23.99 -43.36
C LEU O 69 -22.97 23.70 -43.49
N GLY O 70 -22.19 24.20 -42.54
CA GLY O 70 -20.75 24.08 -42.57
C GLY O 70 -20.22 23.54 -41.25
N ALA O 71 -19.08 24.09 -40.82
CA ALA O 71 -18.46 23.67 -39.58
C ALA O 71 -19.37 23.97 -38.40
N GLU O 72 -19.43 23.04 -37.44
CA GLU O 72 -20.32 23.17 -36.31
C GLU O 72 -19.58 23.75 -35.11
N THR O 73 -20.17 24.76 -34.50
CA THR O 73 -19.66 25.40 -33.30
C THR O 73 -20.67 25.22 -32.16
N THR O 74 -20.34 25.79 -31.01
CA THR O 74 -21.23 25.69 -29.85
C THR O 74 -22.58 26.36 -30.15
N ARG O 75 -22.56 27.57 -30.70
CA ARG O 75 -23.80 28.29 -30.94
C ARG O 75 -24.50 27.85 -32.21
N SER O 76 -23.78 27.29 -33.19
CA SER O 76 -24.44 26.76 -34.38
C SER O 76 -25.15 25.46 -34.09
N MET O 77 -24.74 24.72 -33.05
CA MET O 77 -25.43 23.52 -32.62
C MET O 77 -26.56 23.81 -31.65
N GLY O 78 -26.77 25.07 -31.28
CA GLY O 78 -27.83 25.42 -30.35
C GLY O 78 -27.65 24.83 -28.98
N LEU O 79 -26.44 24.84 -28.46
CA LEU O 79 -26.13 24.23 -27.17
C LEU O 79 -26.18 25.30 -26.08
N ALA O 80 -27.02 25.07 -25.07
CA ALA O 80 -27.06 25.92 -23.89
C ALA O 80 -26.04 25.48 -22.84
N TYR O 81 -25.29 24.42 -23.11
CA TYR O 81 -24.29 23.91 -22.18
C TYR O 81 -22.93 23.82 -22.86
N THR P 4 -20.94 47.76 -16.51
CA THR P 4 -21.94 46.86 -15.97
C THR P 4 -23.31 47.14 -16.59
N LEU P 5 -24.21 46.17 -16.47
CA LEU P 5 -25.57 46.28 -17.01
C LEU P 5 -26.53 46.54 -15.88
N GLU P 6 -27.36 47.58 -16.03
CA GLU P 6 -28.31 47.99 -15.00
C GLU P 6 -29.68 47.41 -15.31
N GLY P 7 -30.50 47.29 -14.28
CA GLY P 7 -31.82 46.70 -14.38
C GLY P 7 -31.97 45.68 -13.26
N GLN P 8 -33.21 45.44 -12.86
CA GLN P 8 -33.51 44.53 -11.77
C GLN P 8 -34.21 43.28 -12.29
N THR P 9 -33.80 42.13 -11.78
CA THR P 9 -34.24 40.86 -12.32
C THR P 9 -35.71 40.61 -12.02
N PRO P 10 -36.42 39.93 -12.91
CA PRO P 10 -37.83 39.62 -12.66
C PRO P 10 -37.99 38.65 -11.49
N ILE P 11 -39.18 38.69 -10.90
CA ILE P 11 -39.50 37.79 -9.79
C ILE P 11 -39.56 36.37 -10.33
N PHE P 12 -38.70 35.50 -9.80
CA PHE P 12 -38.62 34.12 -10.26
C PHE P 12 -38.13 33.25 -9.11
N GLY P 13 -38.86 32.18 -8.82
CA GLY P 13 -38.52 31.30 -7.73
C GLY P 13 -37.43 30.29 -8.03
N GLY P 14 -36.91 30.29 -9.25
CA GLY P 14 -35.90 29.34 -9.65
C GLY P 14 -36.45 28.29 -10.61
N GLY P 15 -35.53 27.63 -11.31
CA GLY P 15 -35.90 26.61 -12.26
C GLY P 15 -34.65 25.90 -12.74
N THR P 16 -34.87 24.82 -13.49
CA THR P 16 -33.78 24.01 -14.02
C THR P 16 -33.42 24.36 -15.44
N GLY P 17 -34.04 25.37 -16.04
CA GLY P 17 -33.74 25.76 -17.39
C GLY P 17 -32.83 26.97 -17.50
N GLY P 18 -32.18 27.33 -16.40
CA GLY P 18 -31.35 28.53 -16.37
C GLY P 18 -29.96 28.33 -16.95
N LEU P 19 -28.98 29.00 -16.35
CA LEU P 19 -27.61 28.96 -16.85
C LEU P 19 -26.89 27.69 -16.40
N LEU P 20 -25.90 27.30 -17.19
CA LEU P 20 -25.06 26.15 -16.88
C LEU P 20 -23.59 26.53 -16.92
N THR P 21 -22.70 25.54 -16.91
CA THR P 21 -21.26 25.80 -16.91
C THR P 21 -20.85 26.66 -18.10
N LYS P 22 -21.53 26.53 -19.25
CA LYS P 22 -21.18 27.32 -20.41
C LYS P 22 -21.26 28.82 -20.14
N ALA P 23 -22.20 29.24 -19.28
CA ALA P 23 -22.32 30.65 -18.97
C ALA P 23 -21.06 31.20 -18.29
N GLU P 24 -20.48 30.43 -17.38
CA GLU P 24 -19.29 30.86 -16.68
C GLU P 24 -18.01 30.62 -17.46
N ARG P 25 -18.01 29.66 -18.38
CA ARG P 25 -16.79 29.24 -19.06
C ARG P 25 -16.59 29.88 -20.43
N GLU P 26 -17.64 29.98 -21.24
CA GLU P 26 -17.49 30.43 -22.62
C GLU P 26 -18.16 31.76 -22.89
N GLU P 27 -19.47 31.88 -22.64
CA GLU P 27 -20.19 33.10 -22.96
C GLU P 27 -21.57 33.04 -22.32
N LYS P 28 -22.23 34.20 -22.29
CA LYS P 28 -23.52 34.37 -21.64
C LYS P 28 -24.23 35.51 -22.33
N TYR P 29 -25.55 35.56 -22.20
CA TYR P 29 -26.35 36.62 -22.81
C TYR P 29 -27.27 37.24 -21.78
N VAL P 30 -27.51 38.54 -21.94
CA VAL P 30 -28.37 39.30 -21.05
C VAL P 30 -29.33 40.13 -21.91
N ILE P 31 -30.62 40.07 -21.58
CA ILE P 31 -31.64 40.87 -22.26
C ILE P 31 -32.21 41.86 -21.25
N THR P 32 -32.18 43.15 -21.61
CA THR P 32 -32.68 44.22 -20.76
C THR P 32 -33.78 44.96 -21.50
N TRP P 33 -34.81 45.38 -20.76
CA TRP P 33 -35.93 46.09 -21.35
C TRP P 33 -36.62 46.91 -20.26
N THR P 34 -37.56 47.74 -20.68
CA THR P 34 -38.35 48.57 -19.79
C THR P 34 -39.83 48.33 -20.05
N SER P 35 -40.60 48.14 -18.99
CA SER P 35 -42.01 47.86 -19.15
C SER P 35 -42.88 48.93 -18.48
N PRO P 36 -44.07 49.18 -19.01
CA PRO P 36 -44.96 50.18 -18.39
C PRO P 36 -45.62 49.74 -17.10
N LYS P 37 -45.61 48.45 -16.78
CA LYS P 37 -46.25 47.97 -15.55
C LYS P 37 -45.67 46.62 -15.19
N GLU P 38 -46.03 46.15 -14.00
CA GLU P 38 -45.64 44.83 -13.52
C GLU P 38 -46.61 43.80 -14.06
N GLN P 39 -46.08 42.78 -14.73
CA GLN P 39 -46.92 41.82 -15.42
C GLN P 39 -46.18 40.50 -15.59
N VAL P 40 -46.94 39.46 -15.90
CA VAL P 40 -46.42 38.10 -15.97
C VAL P 40 -46.05 37.77 -17.42
N PHE P 41 -44.86 37.22 -17.62
CA PHE P 41 -44.42 36.73 -18.91
C PHE P 41 -43.87 35.32 -18.74
N GLU P 42 -43.65 34.65 -19.88
CA GLU P 42 -43.15 33.28 -19.87
C GLU P 42 -41.64 33.28 -20.04
N MET P 43 -40.95 32.55 -19.18
CA MET P 43 -39.50 32.42 -19.29
C MET P 43 -39.15 31.64 -20.54
N PRO P 44 -38.01 31.95 -21.17
CA PRO P 44 -37.66 31.25 -22.43
C PRO P 44 -37.50 29.76 -22.27
N THR P 45 -37.15 29.27 -21.09
CA THR P 45 -36.92 27.85 -20.84
C THR P 45 -37.93 27.27 -19.88
N GLY P 46 -39.17 27.71 -19.97
CA GLY P 46 -40.23 27.16 -19.15
C GLY P 46 -40.45 27.96 -17.88
N GLY P 47 -41.68 27.92 -17.38
CA GLY P 47 -42.05 28.65 -16.18
C GLY P 47 -42.52 30.06 -16.47
N SER P 48 -43.11 30.67 -15.45
CA SER P 48 -43.64 32.02 -15.54
C SER P 48 -42.89 32.93 -14.57
N ALA P 49 -42.57 34.14 -15.03
CA ALA P 49 -41.87 35.13 -14.23
C ALA P 49 -42.64 36.44 -14.28
N ILE P 50 -42.38 37.29 -13.29
CA ILE P 50 -43.06 38.58 -13.16
C ILE P 50 -42.04 39.68 -13.42
N MET P 51 -42.24 40.43 -14.50
CA MET P 51 -41.35 41.53 -14.83
C MET P 51 -41.71 42.77 -14.01
N ARG P 52 -40.68 43.50 -13.58
CA ARG P 52 -40.84 44.60 -12.65
C ARG P 52 -41.37 45.86 -13.35
N GLN P 53 -41.70 46.85 -12.53
CA GLN P 53 -42.17 48.14 -13.04
C GLN P 53 -41.09 48.90 -13.81
N GLY P 54 -39.88 48.97 -13.29
CA GLY P 54 -38.85 49.78 -13.91
C GLY P 54 -38.16 49.08 -15.06
N LYS P 55 -36.83 49.14 -15.07
CA LYS P 55 -36.04 48.46 -16.09
C LYS P 55 -35.65 47.07 -15.60
N ASN P 56 -35.75 46.09 -16.50
CA ASN P 56 -35.54 44.70 -16.18
C ASN P 56 -34.23 44.19 -16.78
N LYS P 57 -33.75 43.08 -16.22
CA LYS P 57 -32.53 42.45 -16.69
C LYS P 57 -32.64 40.95 -16.47
N LEU P 58 -32.48 40.18 -17.54
CA LEU P 58 -32.63 38.72 -17.49
C LEU P 58 -31.40 38.07 -18.07
N GLU P 59 -30.87 37.06 -17.36
CA GLU P 59 -29.72 36.31 -17.82
C GLU P 59 -30.20 35.05 -18.54
N ILE P 60 -29.67 34.83 -19.74
CA ILE P 60 -30.11 33.76 -20.61
C ILE P 60 -28.90 33.03 -21.18
N ALA P 61 -29.05 31.73 -21.41
CA ALA P 61 -27.94 30.90 -21.85
C ALA P 61 -27.62 31.08 -23.33
N ARG P 62 -28.62 31.32 -24.17
CA ARG P 62 -28.42 31.38 -25.62
C ARG P 62 -29.02 32.66 -26.17
N LYS P 63 -28.48 33.10 -27.31
CA LYS P 63 -29.00 34.31 -27.96
C LYS P 63 -30.42 34.10 -28.47
N GLU P 64 -30.76 32.88 -28.89
CA GLU P 64 -32.11 32.61 -29.38
C GLU P 64 -33.15 32.85 -28.29
N TYR P 65 -32.78 32.66 -27.02
CA TYR P 65 -33.71 32.94 -25.94
C TYR P 65 -34.09 34.41 -25.91
N GLY P 66 -33.12 35.30 -26.10
CA GLY P 66 -33.41 36.72 -26.10
C GLY P 66 -34.22 37.16 -27.31
N ILE P 67 -33.90 36.62 -28.48
CA ILE P 67 -34.66 36.97 -29.68
C ILE P 67 -36.10 36.48 -29.57
N ALA P 68 -36.29 35.27 -29.05
CA ALA P 68 -37.64 34.75 -28.88
C ALA P 68 -38.41 35.55 -27.83
N LEU P 69 -37.77 35.88 -26.71
CA LEU P 69 -38.45 36.62 -25.66
C LEU P 69 -38.75 38.05 -26.10
N GLY P 70 -37.76 38.74 -26.66
CA GLY P 70 -37.97 40.12 -27.08
C GLY P 70 -38.91 40.25 -28.25
N GLY P 71 -38.82 39.33 -29.21
CA GLY P 71 -39.64 39.41 -30.40
C GLY P 71 -41.05 38.89 -30.23
N GLN P 72 -41.18 37.63 -29.81
CA GLN P 72 -42.48 36.99 -29.74
C GLN P 72 -43.28 37.37 -28.52
N GLN P 73 -42.64 37.88 -27.47
CA GLN P 73 -43.34 38.24 -26.24
C GLN P 73 -43.29 39.73 -25.95
N LEU P 74 -42.10 40.34 -25.92
CA LEU P 74 -41.99 41.74 -25.53
C LEU P 74 -42.65 42.65 -26.56
N ARG P 75 -42.34 42.48 -27.85
CA ARG P 75 -42.93 43.33 -28.87
C ARG P 75 -44.34 42.88 -29.21
N ALA P 76 -44.52 41.60 -29.54
CA ALA P 76 -45.80 41.11 -30.03
C ALA P 76 -46.90 41.22 -28.98
N LYS P 77 -46.59 40.91 -27.72
CA LYS P 77 -47.61 40.82 -26.68
C LYS P 77 -47.65 42.04 -25.76
N PHE P 78 -46.51 42.51 -25.29
CA PHE P 78 -46.45 43.59 -24.32
C PHE P 78 -46.15 44.95 -24.93
N LYS P 79 -45.97 45.02 -26.26
CA LYS P 79 -45.73 46.28 -26.97
C LYS P 79 -44.52 47.03 -26.39
N ILE P 80 -43.46 46.28 -26.08
CA ILE P 80 -42.20 46.82 -25.58
C ILE P 80 -41.18 46.70 -26.70
N ASN P 81 -40.58 47.83 -27.09
CA ASN P 81 -39.70 47.86 -28.25
C ASN P 81 -38.27 48.30 -27.93
N ASP P 82 -37.95 48.58 -26.67
CA ASP P 82 -36.65 49.10 -26.30
C ASP P 82 -35.72 48.03 -25.73
N TYR P 83 -36.03 46.75 -25.96
CA TYR P 83 -35.21 45.69 -25.41
C TYR P 83 -33.87 45.59 -26.15
N LYS P 84 -32.82 45.24 -25.41
CA LYS P 84 -31.49 45.06 -25.96
C LYS P 84 -30.93 43.74 -25.47
N ILE P 85 -30.09 43.13 -26.31
CA ILE P 85 -29.44 41.86 -25.99
C ILE P 85 -27.93 42.08 -26.01
N TYR P 86 -27.26 41.65 -24.95
CA TYR P 86 -25.82 41.77 -24.80
C TYR P 86 -25.18 40.39 -24.74
N ARG P 87 -23.95 40.31 -25.23
CA ARG P 87 -23.13 39.12 -25.08
C ARG P 87 -22.06 39.41 -24.03
N VAL P 88 -22.05 38.61 -22.97
CA VAL P 88 -21.15 38.81 -21.83
C VAL P 88 -20.15 37.67 -21.80
N TYR P 89 -18.87 38.01 -21.85
CA TYR P 89 -17.80 37.04 -21.79
C TYR P 89 -17.34 36.84 -20.35
N PRO P 90 -16.72 35.69 -20.05
CA PRO P 90 -16.31 35.43 -18.65
C PRO P 90 -15.36 36.47 -18.09
N ASN P 91 -14.52 37.08 -18.92
CA ASN P 91 -13.60 38.11 -18.44
C ASN P 91 -14.27 39.44 -18.15
N GLY P 92 -15.58 39.56 -18.37
CA GLY P 92 -16.32 40.77 -18.06
C GLY P 92 -16.65 41.64 -19.26
N GLU P 93 -16.04 41.38 -20.41
CA GLU P 93 -16.31 42.18 -21.60
C GLU P 93 -17.75 41.98 -22.05
N THR P 94 -18.46 43.08 -22.27
CA THR P 94 -19.87 43.07 -22.67
C THR P 94 -20.04 43.88 -23.95
N GLN P 95 -20.71 43.30 -24.93
CA GLN P 95 -20.99 43.98 -26.18
C GLN P 95 -22.47 43.86 -26.50
N MET P 96 -23.06 44.94 -26.98
CA MET P 96 -24.47 44.97 -27.36
C MET P 96 -24.61 44.47 -28.79
N ILE P 97 -25.41 43.42 -28.98
CA ILE P 97 -25.51 42.76 -30.27
C ILE P 97 -26.88 42.87 -30.91
N HIS P 98 -27.93 43.20 -30.14
CA HIS P 98 -29.26 43.30 -30.71
C HIS P 98 -30.03 44.46 -30.08
N PRO P 99 -30.50 45.44 -30.87
CA PRO P 99 -30.26 45.61 -32.31
C PRO P 99 -28.84 46.08 -32.58
N ALA P 100 -28.23 45.65 -33.69
CA ALA P 100 -26.80 45.89 -33.90
C ALA P 100 -26.49 47.38 -34.01
N ASP P 101 -27.32 48.13 -34.73
CA ASP P 101 -27.06 49.55 -34.98
C ASP P 101 -28.16 50.44 -34.42
N GLY P 102 -28.93 49.96 -33.45
CA GLY P 102 -30.01 50.73 -32.88
C GLY P 102 -31.31 50.69 -33.65
N VAL P 103 -31.33 50.05 -34.81
CA VAL P 103 -32.53 49.90 -35.63
C VAL P 103 -32.78 48.42 -35.83
N PHE P 104 -34.04 48.02 -35.76
CA PHE P 104 -34.38 46.60 -35.88
C PHE P 104 -33.97 46.08 -37.26
N PRO P 105 -33.46 44.86 -37.35
CA PRO P 105 -32.95 44.37 -38.65
C PRO P 105 -34.00 44.30 -39.74
N GLU P 106 -35.27 44.08 -39.39
CA GLU P 106 -36.31 43.96 -40.41
C GLU P 106 -36.61 45.29 -41.08
N LYS P 107 -36.15 46.41 -40.52
CA LYS P 107 -36.35 47.72 -41.10
C LYS P 107 -35.07 48.17 -41.78
N VAL P 108 -35.16 48.53 -43.05
CA VAL P 108 -33.97 48.92 -43.81
C VAL P 108 -33.39 50.21 -43.22
N ASN P 109 -32.07 50.23 -43.03
CA ASN P 109 -31.37 51.36 -42.46
C ASN P 109 -30.19 51.74 -43.33
N GLN P 110 -30.00 53.04 -43.53
CA GLN P 110 -28.89 53.51 -44.33
C GLN P 110 -27.56 53.23 -43.62
N GLY P 111 -26.52 53.01 -44.42
CA GLY P 111 -25.21 52.71 -43.92
C GLY P 111 -24.92 51.24 -43.72
N ARG P 112 -25.92 50.38 -43.88
CA ARG P 112 -25.71 48.94 -43.74
C ARG P 112 -25.14 48.37 -45.04
N PRO P 113 -23.98 47.74 -45.01
CA PRO P 113 -23.41 47.18 -46.23
C PRO P 113 -24.02 45.83 -46.59
N LYS P 114 -23.87 45.48 -47.87
CA LYS P 114 -24.29 44.16 -48.34
C LYS P 114 -23.24 43.13 -47.95
N VAL P 115 -23.66 42.07 -47.26
CA VAL P 115 -22.77 41.03 -46.77
C VAL P 115 -23.19 39.71 -47.38
N ARG P 116 -22.23 38.98 -47.95
CA ARG P 116 -22.47 37.66 -48.54
C ARG P 116 -23.53 37.72 -49.63
N TYR P 117 -23.42 38.72 -50.51
CA TYR P 117 -24.32 38.89 -51.64
C TYR P 117 -23.69 38.29 -52.89
N VAL P 118 -24.47 37.50 -53.62
CA VAL P 118 -24.02 36.88 -54.86
C VAL P 118 -24.73 37.58 -56.01
N ASP P 119 -23.96 38.08 -56.97
CA ASP P 119 -24.50 38.90 -58.06
C ASP P 119 -24.91 38.02 -59.24
N ARG P 120 -25.82 37.09 -58.95
CA ARG P 120 -26.40 36.21 -59.97
C ARG P 120 -27.56 35.48 -59.33
N ASN P 121 -28.35 34.81 -60.17
CA ASN P 121 -29.39 33.93 -59.67
C ASN P 121 -28.77 32.62 -59.18
N ILE P 122 -29.52 31.93 -58.32
CA ILE P 122 -29.01 30.71 -57.69
C ILE P 122 -28.76 29.61 -58.71
N GLY P 123 -29.44 29.64 -59.85
CA GLY P 123 -29.25 28.62 -60.87
C GLY P 123 -28.01 28.76 -61.72
N SER P 124 -27.25 29.84 -61.54
CA SER P 124 -26.03 30.07 -62.29
C SER P 124 -24.77 29.69 -61.53
N ASN P 125 -24.92 29.00 -60.41
CA ASN P 125 -23.74 28.54 -59.67
C ASN P 125 -22.97 27.53 -60.50
N PRO P 126 -21.64 27.60 -60.52
CA PRO P 126 -20.86 26.65 -61.31
C PRO P 126 -20.93 25.25 -60.73
N SER P 127 -20.72 24.27 -61.60
CA SER P 127 -20.70 22.89 -61.17
C SER P 127 -19.46 22.63 -60.31
N PRO P 128 -19.56 21.73 -59.32
CA PRO P 128 -18.40 21.44 -58.47
C PRO P 128 -17.22 20.86 -59.22
N ALA P 129 -17.44 20.28 -60.40
CA ALA P 129 -16.34 19.69 -61.16
C ALA P 129 -15.33 20.74 -61.61
N LYS P 130 -15.81 21.91 -62.01
CA LYS P 130 -14.92 22.96 -62.47
C LYS P 130 -14.08 23.56 -61.35
N LEU P 131 -14.46 23.35 -60.10
CA LEU P 131 -13.74 23.89 -58.95
C LEU P 131 -13.02 22.82 -58.15
N LYS P 132 -12.69 21.70 -58.79
CA LYS P 132 -12.01 20.61 -58.09
C LYS P 132 -10.63 21.04 -57.62
N PHE P 133 -10.31 20.69 -56.37
CA PHE P 133 -9.02 20.94 -55.73
C PHE P 133 -8.69 22.43 -55.60
N SER P 134 -9.64 23.31 -55.90
CA SER P 134 -9.41 24.75 -55.77
C SER P 134 -9.82 25.28 -54.41
N GLY P 135 -10.53 24.50 -53.60
CA GLY P 135 -10.96 24.95 -52.30
C GLY P 135 -12.10 25.94 -52.29
N VAL P 136 -12.76 26.15 -53.42
CA VAL P 136 -13.82 27.14 -53.56
C VAL P 136 -15.14 26.41 -53.76
N GLN P 137 -16.12 26.74 -52.94
CA GLN P 137 -17.46 26.21 -53.07
C GLN P 137 -18.19 26.89 -54.23
N PRO P 138 -19.16 26.20 -54.86
CA PRO P 138 -19.88 26.81 -55.98
C PRO P 138 -20.58 28.11 -55.62
N TYR P 139 -21.12 28.22 -54.40
CA TYR P 139 -21.79 29.46 -54.01
C TYR P 139 -20.81 30.59 -53.71
N ASP P 140 -19.55 30.26 -53.42
CA ASP P 140 -18.51 31.25 -53.20
C ASP P 140 -17.75 31.61 -54.47
N ALA P 141 -18.06 30.96 -55.59
CA ALA P 141 -17.37 31.26 -56.83
C ALA P 141 -17.71 32.67 -57.31
N PRO P 142 -16.75 33.41 -57.87
CA PRO P 142 -16.98 34.77 -58.36
C PRO P 142 -17.86 34.80 -59.60
N VAL Q 2 -42.30 41.24 -73.80
CA VAL Q 2 -43.61 40.82 -73.30
C VAL Q 2 -44.33 42.02 -72.68
N GLU Q 3 -45.63 41.87 -72.46
CA GLU Q 3 -46.44 42.93 -71.88
C GLU Q 3 -47.57 42.30 -71.06
N ARG Q 4 -48.37 43.16 -70.43
CA ARG Q 4 -49.44 42.69 -69.57
C ARG Q 4 -50.45 41.87 -70.37
N GLY Q 5 -50.84 40.72 -69.82
CA GLY Q 5 -51.77 39.83 -70.48
C GLY Q 5 -51.14 38.85 -71.45
N SER Q 6 -49.82 38.91 -71.65
CA SER Q 6 -49.16 37.99 -72.57
C SER Q 6 -49.06 36.60 -71.97
N LYS Q 7 -49.06 35.59 -72.84
CA LYS Q 7 -48.90 34.20 -72.45
C LYS Q 7 -47.46 33.80 -72.77
N VAL Q 8 -46.72 33.35 -71.75
CA VAL Q 8 -45.29 33.15 -71.86
C VAL Q 8 -44.92 31.76 -71.38
N ARG Q 9 -43.75 31.30 -71.83
CA ARG Q 9 -43.16 30.05 -71.38
C ARG Q 9 -41.86 30.35 -70.63
N ILE Q 10 -41.74 29.81 -69.42
CA ILE Q 10 -40.61 30.10 -68.57
C ILE Q 10 -39.37 29.35 -69.06
N LEU Q 11 -38.24 30.05 -69.08
CA LEU Q 11 -36.97 29.46 -69.48
C LEU Q 11 -35.95 29.40 -68.35
N ARG Q 12 -36.31 29.85 -67.14
CA ARG Q 12 -35.40 29.74 -66.01
C ARG Q 12 -35.30 28.28 -65.58
N ARG Q 13 -34.07 27.75 -65.60
CA ARG Q 13 -33.89 26.31 -65.39
C ARG Q 13 -34.28 25.90 -63.97
N GLU Q 14 -33.90 26.69 -62.97
CA GLU Q 14 -34.18 26.33 -61.59
C GLU Q 14 -35.61 26.63 -61.17
N SER Q 15 -36.39 27.28 -62.02
CA SER Q 15 -37.77 27.61 -61.68
C SER Q 15 -38.65 26.36 -61.65
N TYR Q 16 -39.61 26.36 -60.73
CA TYR Q 16 -40.59 25.27 -60.68
C TYR Q 16 -41.40 25.20 -61.97
N TRP Q 17 -41.59 26.34 -62.65
CA TRP Q 17 -42.37 26.40 -63.88
C TRP Q 17 -41.49 26.39 -65.12
N TYR Q 18 -40.31 25.77 -65.05
CA TYR Q 18 -39.45 25.66 -66.22
C TYR Q 18 -40.18 24.91 -67.33
N GLN Q 19 -40.17 25.49 -68.53
CA GLN Q 19 -40.89 24.99 -69.70
C GLN Q 19 -42.40 24.92 -69.49
N ASP Q 20 -42.91 25.58 -68.46
CA ASP Q 20 -44.34 25.66 -68.19
C ASP Q 20 -44.85 26.99 -68.74
N VAL Q 21 -46.15 27.24 -68.58
CA VAL Q 21 -46.82 28.39 -69.17
C VAL Q 21 -47.40 29.25 -68.07
N GLY Q 22 -47.15 30.56 -68.14
CA GLY Q 22 -47.72 31.52 -67.22
C GLY Q 22 -48.32 32.71 -67.96
N LEU Q 23 -48.98 33.56 -67.18
CA LEU Q 23 -49.64 34.76 -67.70
C LEU Q 23 -49.01 35.99 -67.07
N VAL Q 24 -48.60 36.93 -67.91
CA VAL Q 24 -47.96 38.15 -67.42
C VAL Q 24 -48.99 39.03 -66.75
N ALA Q 25 -48.70 39.45 -65.51
CA ALA Q 25 -49.61 40.30 -64.75
C ALA Q 25 -49.22 41.77 -64.82
N SER Q 26 -47.93 42.06 -64.83
CA SER Q 26 -47.46 43.44 -64.91
C SER Q 26 -45.99 43.44 -65.32
N VAL Q 27 -45.56 44.55 -65.89
CA VAL Q 27 -44.17 44.77 -66.27
C VAL Q 27 -43.69 46.07 -65.63
N ASP Q 28 -42.57 46.00 -64.93
CA ASP Q 28 -42.01 47.17 -64.26
C ASP Q 28 -41.13 47.94 -65.24
N LYS Q 29 -41.32 49.25 -65.29
CA LYS Q 29 -40.60 50.10 -66.23
C LYS Q 29 -39.28 50.62 -65.68
N SER Q 30 -38.96 50.35 -64.42
CA SER Q 30 -37.70 50.79 -63.83
C SER Q 30 -36.58 49.89 -64.31
N GLY Q 31 -35.37 50.10 -63.77
CA GLY Q 31 -34.22 49.32 -64.17
C GLY Q 31 -33.95 48.14 -63.25
N ILE Q 32 -35.01 47.58 -62.65
CA ILE Q 32 -34.82 46.44 -61.76
C ILE Q 32 -34.48 45.20 -62.57
N LYS Q 33 -33.83 44.25 -61.88
CA LYS Q 33 -33.28 43.07 -62.57
C LYS Q 33 -34.37 42.20 -63.17
N TYR Q 34 -35.47 41.99 -62.44
CA TYR Q 34 -36.54 41.08 -62.86
C TYR Q 34 -37.86 41.84 -62.81
N PRO Q 35 -38.19 42.58 -63.87
CA PRO Q 35 -39.36 43.46 -63.83
C PRO Q 35 -40.68 42.78 -64.15
N VAL Q 36 -40.68 41.64 -64.81
CA VAL Q 36 -41.90 41.01 -65.28
C VAL Q 36 -42.45 40.11 -64.19
N ILE Q 37 -43.73 40.30 -63.85
CA ILE Q 37 -44.43 39.48 -62.88
C ILE Q 37 -45.32 38.50 -63.63
N VAL Q 38 -45.18 37.21 -63.35
CA VAL Q 38 -45.91 36.16 -64.04
C VAL Q 38 -46.70 35.37 -63.01
N ARG Q 39 -47.96 35.07 -63.33
CA ARG Q 39 -48.84 34.28 -62.50
C ARG Q 39 -49.10 32.93 -63.16
N PHE Q 40 -49.22 31.88 -62.33
CA PHE Q 40 -49.35 30.52 -62.82
C PHE Q 40 -50.58 29.86 -62.22
N ASP Q 41 -51.15 28.91 -62.96
CA ASP Q 41 -52.30 28.18 -62.45
C ASP Q 41 -51.89 27.15 -61.40
N LYS Q 42 -50.73 26.51 -61.59
CA LYS Q 42 -50.25 25.50 -60.66
C LYS Q 42 -49.32 26.14 -59.64
N VAL Q 43 -49.56 25.87 -58.36
CA VAL Q 43 -48.69 26.35 -57.29
C VAL Q 43 -47.42 25.52 -57.27
N ASN Q 44 -46.34 26.12 -56.79
CA ASN Q 44 -45.08 25.41 -56.63
C ASN Q 44 -45.10 24.66 -55.29
N TYR Q 45 -43.94 24.13 -54.89
CA TYR Q 45 -43.88 23.34 -53.66
C TYR Q 45 -44.11 24.19 -52.41
N ALA Q 46 -43.95 25.50 -52.50
CA ALA Q 46 -44.20 26.40 -51.38
C ALA Q 46 -45.61 26.98 -51.39
N GLY Q 47 -46.46 26.58 -52.34
CA GLY Q 47 -47.79 27.13 -52.44
C GLY Q 47 -47.88 28.47 -53.12
N VAL Q 48 -46.80 28.95 -53.70
CA VAL Q 48 -46.76 30.25 -54.38
C VAL Q 48 -47.05 30.05 -55.86
N ASN Q 49 -47.85 30.95 -56.43
CA ASN Q 49 -48.22 30.86 -57.84
C ASN Q 49 -47.87 32.14 -58.60
N THR Q 50 -46.86 32.86 -58.14
CA THR Q 50 -46.40 34.07 -58.81
C THR Q 50 -44.90 34.22 -58.62
N ASN Q 51 -44.24 34.85 -59.58
CA ASN Q 51 -42.79 35.02 -59.53
C ASN Q 51 -42.39 36.16 -60.46
N ASN Q 52 -41.17 36.65 -60.25
CA ASN Q 52 -40.60 37.71 -61.07
C ASN Q 52 -39.53 37.14 -61.98
N PHE Q 53 -39.59 37.54 -63.26
CA PHE Q 53 -38.67 37.05 -64.27
C PHE Q 53 -38.15 38.22 -65.11
N ALA Q 54 -37.02 37.98 -65.76
CA ALA Q 54 -36.47 38.93 -66.73
C ALA Q 54 -36.98 38.60 -68.12
N ASP Q 55 -36.73 39.53 -69.06
CA ASP Q 55 -37.21 39.34 -70.42
C ASP Q 55 -36.56 38.14 -71.09
N PHE Q 56 -35.25 37.96 -70.88
CA PHE Q 56 -34.54 36.86 -71.54
C PHE Q 56 -34.92 35.50 -70.97
N GLU Q 57 -35.64 35.45 -69.86
CA GLU Q 57 -36.10 34.20 -69.28
C GLU Q 57 -37.52 33.83 -69.69
N LEU Q 58 -38.09 34.57 -70.64
CA LEU Q 58 -39.47 34.33 -71.07
C LEU Q 58 -39.50 34.14 -72.59
N LEU Q 59 -40.46 33.32 -73.04
CA LEU Q 59 -40.70 33.09 -74.46
C LEU Q 59 -42.16 33.40 -74.75
N GLU Q 60 -42.38 34.38 -75.62
CA GLU Q 60 -43.74 34.77 -75.98
C GLU Q 60 -44.37 33.68 -76.84
N ILE Q 61 -45.50 33.14 -76.39
CA ILE Q 61 -46.21 32.10 -77.11
C ILE Q 61 -47.62 32.49 -77.52
N GLU Q 62 -48.16 33.58 -76.98
CA GLU Q 62 -49.49 34.04 -77.36
C GLU Q 62 -49.63 35.50 -76.96
N LYS Q 63 -49.93 36.36 -77.93
CA LYS Q 63 -50.10 37.78 -77.65
C LYS Q 63 -51.36 38.01 -76.81
N PRO Q 64 -51.38 39.08 -76.02
CA PRO Q 64 -52.58 39.38 -75.23
C PRO Q 64 -53.79 39.65 -76.11
N LYS Q 65 -54.97 39.31 -75.59
CA LYS Q 65 -56.20 39.46 -76.36
C LYS Q 65 -56.44 40.92 -76.71
N ALA Q 66 -56.90 41.14 -77.95
CA ALA Q 66 -57.18 42.48 -78.47
C ALA Q 66 -55.98 43.41 -78.34
N ALA R 25 -42.36 -31.28 -78.10
CA ALA R 25 -43.61 -31.17 -77.36
C ALA R 25 -43.40 -31.47 -75.89
N ASN R 26 -44.03 -30.69 -75.03
CA ASN R 26 -43.91 -30.91 -73.59
C ASN R 26 -44.60 -32.20 -73.20
N SER R 27 -43.89 -33.06 -72.46
CA SER R 27 -44.39 -34.36 -72.07
C SER R 27 -44.77 -34.46 -70.60
N THR R 28 -44.17 -33.64 -69.73
CA THR R 28 -44.49 -33.69 -68.31
C THR R 28 -45.87 -33.13 -67.99
N LEU R 29 -46.52 -32.47 -68.95
CA LEU R 29 -47.87 -31.96 -68.78
C LEU R 29 -48.84 -32.84 -69.56
N VAL R 30 -49.85 -33.36 -68.87
CA VAL R 30 -50.84 -34.25 -69.48
C VAL R 30 -52.22 -33.68 -69.15
N PRO R 31 -53.24 -34.05 -69.94
CA PRO R 31 -54.60 -33.60 -69.61
C PRO R 31 -55.00 -34.04 -68.20
N CYS R 32 -55.72 -33.16 -67.51
CA CYS R 32 -56.03 -33.39 -66.10
C CYS R 32 -56.89 -34.64 -65.91
N SER R 33 -57.79 -34.91 -66.85
CA SER R 33 -58.63 -36.09 -66.76
C SER R 33 -57.82 -37.38 -66.78
N LYS R 34 -56.62 -37.35 -67.37
CA LYS R 34 -55.75 -38.51 -67.45
C LYS R 34 -54.71 -38.55 -66.34
N SER R 35 -54.71 -37.57 -65.44
CA SER R 35 -53.71 -37.51 -64.38
C SER R 35 -54.21 -38.28 -63.17
N PRO R 36 -53.52 -39.34 -62.74
CA PRO R 36 -53.97 -40.06 -61.53
C PRO R 36 -53.98 -39.18 -60.29
N ALA R 37 -53.02 -38.26 -60.16
CA ALA R 37 -53.00 -37.38 -59.00
C ALA R 37 -54.19 -36.41 -59.01
N PHE R 38 -54.56 -35.92 -60.19
CA PHE R 38 -55.72 -35.04 -60.29
C PHE R 38 -57.00 -35.78 -59.94
N GLN R 39 -57.12 -37.04 -60.39
CA GLN R 39 -58.32 -37.82 -60.07
C GLN R 39 -58.46 -38.03 -58.57
N ALA R 40 -57.35 -38.28 -57.88
CA ALA R 40 -57.41 -38.45 -56.43
C ALA R 40 -57.92 -37.18 -55.76
N ARG R 41 -57.52 -36.01 -56.26
CA ARG R 41 -58.04 -34.76 -55.73
C ARG R 41 -59.53 -34.61 -56.01
N MET R 42 -59.98 -35.08 -57.17
CA MET R 42 -61.39 -34.94 -57.55
C MET R 42 -62.31 -35.72 -56.60
N LYS R 43 -61.93 -36.97 -56.28
CA LYS R 43 -62.76 -37.77 -55.39
C LYS R 43 -62.74 -37.22 -53.96
N ASN R 44 -61.58 -36.78 -53.49
CA ASN R 44 -61.46 -36.29 -52.12
C ASN R 44 -62.05 -34.89 -51.93
N ALA R 45 -62.44 -34.22 -53.01
CA ALA R 45 -62.96 -32.88 -52.91
C ALA R 45 -64.31 -32.87 -52.21
N PRO R 46 -64.63 -31.80 -51.47
CA PRO R 46 -65.95 -31.70 -50.84
C PRO R 46 -67.05 -31.58 -51.89
N ASP R 47 -68.24 -32.05 -51.51
CA ASP R 47 -69.40 -32.03 -52.41
C ASP R 47 -70.19 -30.74 -52.16
N THR R 48 -69.67 -29.65 -52.71
CA THR R 48 -70.29 -28.34 -52.62
C THR R 48 -70.29 -27.67 -53.99
N TYR R 49 -70.94 -26.51 -54.05
CA TYR R 49 -70.98 -25.73 -55.29
C TYR R 49 -69.59 -25.43 -55.82
N TYR R 50 -68.61 -25.27 -54.93
CA TYR R 50 -67.30 -24.79 -55.30
C TYR R 50 -66.43 -25.85 -55.96
N PHE R 51 -66.84 -27.13 -55.93
CA PHE R 51 -65.98 -28.20 -56.43
C PHE R 51 -66.62 -29.09 -57.48
N ASN R 52 -67.94 -29.28 -57.47
CA ASN R 52 -68.54 -30.20 -58.43
C ASN R 52 -68.30 -29.76 -59.86
N LYS R 53 -68.85 -28.60 -60.24
CA LYS R 53 -68.64 -28.11 -61.61
C LYS R 53 -67.18 -27.77 -61.89
N PRO R 54 -66.46 -27.03 -61.04
CA PRO R 54 -65.08 -26.64 -61.42
C PRO R 54 -64.15 -27.81 -61.72
N PHE R 55 -64.22 -28.91 -60.96
CA PHE R 55 -63.38 -30.06 -61.26
C PHE R 55 -63.73 -30.67 -62.62
N LYS R 56 -65.01 -30.71 -62.97
CA LYS R 56 -65.40 -31.22 -64.27
C LYS R 56 -64.82 -30.35 -65.39
N ALA R 57 -64.84 -29.03 -65.22
CA ALA R 57 -64.26 -28.15 -66.22
C ALA R 57 -62.74 -28.30 -66.29
N TYR R 58 -62.09 -28.43 -65.14
CA TYR R 58 -60.63 -28.58 -65.13
C TYR R 58 -60.20 -29.88 -65.80
N ALA R 59 -60.93 -30.97 -65.56
CA ALA R 59 -60.57 -32.25 -66.14
C ALA R 59 -60.63 -32.21 -67.66
N LYS R 60 -61.64 -31.56 -68.21
CA LYS R 60 -61.83 -31.55 -69.66
C LYS R 60 -60.86 -30.60 -70.35
N TYR R 61 -60.56 -29.45 -69.75
CA TYR R 61 -59.88 -28.37 -70.44
C TYR R 61 -58.46 -28.10 -69.97
N GLU R 62 -58.13 -28.39 -68.72
CA GLU R 62 -56.85 -28.01 -68.17
C GLU R 62 -55.81 -29.12 -68.36
N LEU R 63 -54.55 -28.72 -68.32
CA LEU R 63 -53.41 -29.64 -68.30
C LEU R 63 -52.84 -29.67 -66.90
N CYS R 64 -52.57 -30.87 -66.39
CA CYS R 64 -52.14 -31.06 -65.01
C CYS R 64 -50.70 -31.57 -64.96
N GLY R 65 -49.96 -31.11 -63.95
CA GLY R 65 -48.62 -31.58 -63.71
C GLY R 65 -48.62 -32.86 -62.89
N THR R 66 -47.42 -33.27 -62.47
CA THR R 66 -47.28 -34.47 -61.67
C THR R 66 -47.95 -34.34 -60.31
N ASP R 67 -48.09 -33.10 -59.79
CA ASP R 67 -48.76 -32.88 -58.53
C ASP R 67 -50.27 -32.98 -58.61
N GLY R 68 -50.83 -33.11 -59.81
CA GLY R 68 -52.27 -33.21 -59.97
C GLY R 68 -52.99 -31.88 -60.01
N LEU R 69 -52.28 -30.77 -60.00
CA LEU R 69 -52.89 -29.46 -60.07
C LEU R 69 -52.79 -28.90 -61.49
N PRO R 70 -53.81 -28.15 -61.93
CA PRO R 70 -53.73 -27.55 -63.27
C PRO R 70 -52.57 -26.59 -63.39
N HIS R 71 -51.91 -26.64 -64.55
CA HIS R 71 -50.80 -25.77 -64.89
C HIS R 71 -51.13 -25.04 -66.19
N LEU R 72 -50.61 -23.82 -66.32
CA LEU R 72 -50.91 -22.98 -67.48
C LEU R 72 -49.66 -22.81 -68.33
N PRO R 73 -49.51 -23.57 -69.42
CA PRO R 73 -48.33 -23.42 -70.26
C PRO R 73 -48.53 -22.44 -71.40
N LEU R 74 -47.44 -21.80 -71.79
CA LEU R 74 -47.43 -20.86 -72.90
C LEU R 74 -46.56 -21.38 -74.05
N ASP R 75 -46.57 -22.70 -74.26
CA ASP R 75 -45.73 -23.34 -75.26
C ASP R 75 -46.54 -24.15 -76.27
N ARG R 76 -47.85 -23.91 -76.35
CA ARG R 76 -48.74 -24.67 -77.21
C ARG R 76 -49.28 -23.78 -78.31
N LEU R 77 -49.11 -24.20 -79.56
CA LEU R 77 -49.73 -23.49 -80.67
C LEU R 77 -51.25 -23.55 -80.56
N ASP R 78 -51.78 -24.73 -80.26
CA ASP R 78 -53.20 -24.86 -79.98
C ASP R 78 -53.52 -24.19 -78.65
N ARG R 79 -54.81 -24.15 -78.32
CA ARG R 79 -55.37 -23.43 -77.18
C ARG R 79 -54.76 -22.03 -77.05
N ALA R 80 -54.43 -21.41 -78.19
CA ALA R 80 -53.93 -20.05 -78.16
C ALA R 80 -55.04 -19.05 -77.86
N THR R 81 -56.28 -19.42 -78.15
CA THR R 81 -57.41 -18.57 -77.77
C THR R 81 -57.59 -18.53 -76.26
N ASP R 82 -57.21 -19.61 -75.57
CA ASP R 82 -57.26 -19.60 -74.11
C ASP R 82 -56.27 -18.60 -73.51
N VAL R 83 -55.26 -18.19 -74.28
CA VAL R 83 -54.33 -17.16 -73.82
C VAL R 83 -54.74 -15.79 -74.30
N LEU R 84 -55.16 -15.67 -75.57
CA LEU R 84 -55.45 -14.36 -76.14
C LEU R 84 -56.77 -13.78 -75.66
N VAL R 85 -57.76 -14.64 -75.36
CA VAL R 85 -59.05 -14.12 -74.90
C VAL R 85 -58.95 -13.40 -73.56
N PRO R 86 -58.35 -13.98 -72.51
CA PRO R 86 -58.22 -13.21 -71.26
C PRO R 86 -57.31 -12.00 -71.39
N ILE R 87 -56.25 -12.11 -72.20
CA ILE R 87 -55.32 -10.99 -72.37
C ILE R 87 -56.01 -9.84 -73.10
N GLY R 88 -56.69 -10.14 -74.20
CA GLY R 88 -57.38 -9.10 -74.94
C GLY R 88 -58.55 -8.51 -74.17
N LEU R 89 -59.26 -9.35 -73.41
CA LEU R 89 -60.38 -8.85 -72.61
C LEU R 89 -59.91 -7.86 -71.56
N PHE R 90 -58.81 -8.17 -70.87
CA PHE R 90 -58.28 -7.24 -69.88
C PHE R 90 -57.78 -5.96 -70.55
N LEU R 91 -57.00 -6.10 -71.63
CA LEU R 91 -56.40 -4.93 -72.26
C LEU R 91 -57.46 -3.97 -72.78
N TYR R 92 -58.62 -4.49 -73.19
CA TYR R 92 -59.71 -3.61 -73.60
C TYR R 92 -60.31 -2.88 -72.41
N VAL R 93 -60.54 -3.59 -71.31
CA VAL R 93 -61.14 -2.96 -70.13
C VAL R 93 -60.17 -1.95 -69.52
N ALA R 94 -58.90 -2.33 -69.38
CA ALA R 94 -57.91 -1.41 -68.81
C ALA R 94 -57.74 -0.17 -69.69
N GLY R 95 -57.68 -0.37 -71.00
CA GLY R 95 -57.62 0.77 -71.90
C GLY R 95 -58.87 1.61 -71.87
N PHE R 96 -60.03 0.97 -71.66
CA PHE R 96 -61.28 1.72 -71.53
C PHE R 96 -61.26 2.62 -70.31
N ILE R 97 -60.76 2.12 -69.18
CA ILE R 97 -60.66 2.95 -67.98
C ILE R 97 -59.67 4.08 -68.18
N GLY R 98 -58.52 3.77 -68.78
CA GLY R 98 -57.50 4.80 -68.99
C GLY R 98 -57.96 5.88 -69.95
N TRP R 99 -58.62 5.50 -71.05
CA TRP R 99 -59.06 6.47 -72.02
C TRP R 99 -60.20 7.33 -71.48
N SER R 100 -61.07 6.74 -70.64
CA SER R 100 -62.12 7.52 -69.99
C SER R 100 -61.51 8.60 -69.09
N GLY R 101 -60.52 8.23 -68.29
CA GLY R 101 -59.88 9.19 -67.42
C GLY R 101 -59.12 10.26 -68.18
N ARG R 102 -58.43 9.86 -69.26
CA ARG R 102 -57.66 10.83 -70.04
C ARG R 102 -58.57 11.85 -70.72
N SER R 103 -59.61 11.37 -71.39
CA SER R 103 -60.51 12.28 -72.10
C SER R 103 -61.24 13.20 -71.14
N TYR R 104 -61.63 12.69 -69.97
CA TYR R 104 -62.27 13.53 -68.97
C TYR R 104 -61.32 14.60 -68.46
N LEU R 105 -60.06 14.25 -68.21
CA LEU R 105 -59.10 15.21 -67.70
C LEU R 105 -58.85 16.32 -68.71
N ARG R 106 -58.68 15.98 -69.98
CA ARG R 106 -58.45 17.00 -71.01
C ARG R 106 -59.67 17.89 -71.20
N ALA R 107 -60.86 17.37 -70.94
CA ALA R 107 -62.07 18.18 -71.08
C ALA R 107 -62.18 19.21 -69.96
N THR R 108 -61.67 18.91 -68.77
CA THR R 108 -61.71 19.86 -67.66
C THR R 108 -60.57 20.86 -67.68
N LYS R 109 -59.57 20.68 -68.54
CA LYS R 109 -58.45 21.62 -68.60
C LYS R 109 -58.90 22.99 -69.11
N SER R 110 -59.95 23.03 -69.93
CA SER R 110 -60.46 24.28 -70.46
C SER R 110 -61.35 25.03 -69.48
N ALA R 111 -61.66 24.44 -68.33
CA ALA R 111 -62.52 25.09 -67.36
C ALA R 111 -61.74 26.09 -66.53
N SER R 112 -62.47 27.00 -65.88
CA SER R 112 -61.84 27.99 -65.03
C SER R 112 -61.28 27.37 -63.74
N ASP R 113 -61.94 26.34 -63.22
CA ASP R 113 -61.58 25.71 -61.96
C ASP R 113 -61.48 24.19 -62.11
N PRO R 114 -60.47 23.73 -62.88
CA PRO R 114 -60.36 22.28 -63.13
C PRO R 114 -60.20 21.44 -61.88
N GLU R 115 -59.59 21.98 -60.82
CA GLU R 115 -59.40 21.19 -59.60
C GLU R 115 -60.73 20.80 -58.99
N MET R 116 -61.71 21.71 -59.01
CA MET R 116 -63.02 21.41 -58.43
C MET R 116 -63.79 20.36 -59.23
N LYS R 117 -63.46 20.16 -60.50
CA LYS R 117 -64.09 19.09 -61.26
C LYS R 117 -63.42 17.74 -61.04
N GLU R 118 -62.36 17.68 -60.24
CA GLU R 118 -61.74 16.42 -59.88
C GLU R 118 -62.18 15.89 -58.53
N ILE R 119 -62.61 16.77 -57.62
CA ILE R 119 -63.27 16.33 -56.40
C ILE R 119 -64.79 16.34 -56.55
N PHE R 120 -65.32 17.00 -57.57
CA PHE R 120 -66.74 16.97 -57.92
C PHE R 120 -66.86 16.45 -59.33
N ILE R 121 -67.29 15.20 -59.48
CA ILE R 121 -67.37 14.59 -60.79
C ILE R 121 -68.46 15.26 -61.61
N ASP R 122 -68.10 15.76 -62.79
CA ASP R 122 -69.05 16.37 -63.71
C ASP R 122 -69.72 15.24 -64.47
N LEU R 123 -70.93 14.87 -64.04
CA LEU R 123 -71.58 13.69 -64.59
C LEU R 123 -71.84 13.78 -66.08
N PRO R 124 -72.38 14.88 -66.63
CA PRO R 124 -72.51 14.95 -68.09
C PRO R 124 -71.19 14.82 -68.83
N LEU R 125 -70.09 15.34 -68.27
CA LEU R 125 -68.80 15.21 -68.90
C LEU R 125 -68.27 13.78 -68.78
N ALA R 126 -68.48 13.14 -67.64
CA ALA R 126 -68.01 11.78 -67.44
C ALA R 126 -68.73 10.81 -68.36
N LEU R 127 -70.05 10.97 -68.53
CA LEU R 127 -70.80 10.08 -69.41
C LEU R 127 -70.34 10.22 -70.85
N GLN R 128 -70.04 11.45 -71.28
CA GLN R 128 -69.50 11.66 -72.62
C GLN R 128 -68.16 10.97 -72.81
N SER R 129 -67.28 11.07 -71.79
CA SER R 129 -65.97 10.42 -71.87
C SER R 129 -66.11 8.90 -71.90
N ILE R 130 -67.00 8.36 -71.10
CA ILE R 130 -67.19 6.91 -71.05
C ILE R 130 -67.74 6.39 -72.37
N SER R 131 -68.71 7.12 -72.96
CA SER R 131 -69.32 6.67 -74.21
C SER R 131 -68.29 6.62 -75.34
N LYS R 132 -67.41 7.62 -75.42
CA LYS R 132 -66.40 7.63 -76.48
C LYS R 132 -65.33 6.57 -76.25
N ALA R 133 -65.06 6.24 -74.98
CA ALA R 133 -63.98 5.30 -74.66
C ALA R 133 -64.29 3.88 -75.09
N VAL R 134 -65.52 3.59 -75.52
CA VAL R 134 -65.85 2.26 -76.01
C VAL R 134 -64.98 1.91 -77.22
N LEU R 135 -64.75 2.88 -78.10
CA LEU R 135 -63.89 2.70 -79.27
C LEU R 135 -62.49 3.23 -79.03
N TRP R 136 -61.98 3.08 -77.80
CA TRP R 136 -60.66 3.62 -77.48
C TRP R 136 -59.53 3.07 -78.36
N PRO R 137 -59.48 1.79 -78.76
CA PRO R 137 -58.37 1.37 -79.62
C PRO R 137 -58.33 2.13 -80.94
N LEU R 138 -59.50 2.47 -81.49
CA LEU R 138 -59.53 3.29 -82.70
C LEU R 138 -59.21 4.75 -82.39
N LEU R 139 -59.75 5.27 -81.29
CA LEU R 139 -59.50 6.67 -80.94
C LEU R 139 -58.02 6.91 -80.67
N ALA R 140 -57.36 5.98 -79.98
CA ALA R 140 -55.95 6.14 -79.68
C ALA R 140 -55.11 6.09 -80.95
N LEU R 141 -55.55 5.34 -81.95
CA LEU R 141 -54.77 5.22 -83.18
C LEU R 141 -54.77 6.54 -83.95
N GLN R 142 -55.95 7.14 -84.14
CA GLN R 142 -55.99 8.45 -84.80
C GLN R 142 -55.33 9.51 -83.93
N GLU R 143 -55.40 9.35 -82.61
CA GLU R 143 -54.73 10.27 -81.70
C GLU R 143 -53.22 10.27 -81.93
N PHE R 144 -52.65 9.07 -82.11
CA PHE R 144 -51.21 8.95 -82.36
C PHE R 144 -50.85 9.39 -83.77
N LEU R 145 -51.71 9.09 -84.75
CA LEU R 145 -51.41 9.45 -86.13
C LEU R 145 -51.43 10.97 -86.32
N SER R 146 -52.37 11.65 -85.68
CA SER R 146 -52.48 13.10 -85.80
C SER R 146 -51.51 13.85 -84.90
N GLY R 147 -50.74 13.14 -84.06
CA GLY R 147 -49.80 13.79 -83.18
C GLY R 147 -50.40 14.43 -81.95
N ASP R 148 -51.67 14.17 -81.66
CA ASP R 148 -52.34 14.76 -80.51
C ASP R 148 -52.26 13.86 -79.27
N LEU R 149 -51.63 12.69 -79.38
CA LEU R 149 -51.54 11.81 -78.22
C LEU R 149 -50.52 12.31 -77.21
N THR R 150 -49.40 12.84 -77.69
CA THR R 150 -48.30 13.23 -76.82
C THR R 150 -48.05 14.73 -76.92
N ALA R 151 -47.58 15.31 -75.82
CA ALA R 151 -47.13 16.69 -75.81
C ALA R 151 -45.65 16.74 -76.16
N ARG R 152 -45.22 17.87 -76.71
CA ARG R 152 -43.84 18.02 -77.13
C ARG R 152 -42.92 18.10 -75.91
N ASP R 153 -41.67 17.65 -76.09
CA ASP R 153 -40.75 17.54 -74.97
C ASP R 153 -40.44 18.90 -74.36
N GLU R 154 -40.28 19.93 -75.18
CA GLU R 154 -39.91 21.25 -74.68
C GLU R 154 -41.09 22.01 -74.06
N GLU R 155 -42.30 21.47 -74.16
CA GLU R 155 -43.48 22.08 -73.56
C GLU R 155 -43.93 21.37 -72.29
N ILE R 156 -43.00 20.70 -71.60
CA ILE R 156 -43.30 19.86 -70.45
C ILE R 156 -42.39 20.30 -69.31
N PRO R 157 -42.92 20.53 -68.11
CA PRO R 157 -42.04 20.90 -66.98
C PRO R 157 -41.01 19.83 -66.70
N ILE R 158 -39.75 20.26 -66.54
CA ILE R 158 -38.64 19.36 -66.25
C ILE R 158 -37.73 20.02 -65.23
N SER R 159 -36.98 19.19 -64.51
CA SER R 159 -36.02 19.68 -63.54
C SER R 159 -34.70 20.01 -64.22
N PRO R 160 -33.88 20.86 -63.60
CA PRO R 160 -32.55 21.14 -64.16
C PRO R 160 -31.69 19.90 -64.20
N ARG R 161 -30.82 19.84 -65.21
CA ARG R 161 -29.98 18.66 -65.41
C ARG R 161 -28.72 18.73 -64.56
N ASP S 3 -10.20 -35.21 -20.92
CA ASP S 3 -11.50 -34.95 -20.30
C ASP S 3 -12.16 -33.71 -20.91
N MET S 4 -13.48 -33.62 -20.77
CA MET S 4 -14.27 -32.54 -21.34
C MET S 4 -14.89 -31.66 -20.26
N THR S 5 -14.22 -31.53 -19.11
CA THR S 5 -14.64 -30.63 -18.06
C THR S 5 -13.88 -29.32 -18.07
N GLN S 6 -12.90 -29.17 -18.97
CA GLN S 6 -12.08 -27.96 -19.04
C GLN S 6 -11.70 -27.71 -20.49
N LEU S 7 -11.34 -26.46 -20.76
CA LEU S 7 -10.74 -26.12 -22.04
C LEU S 7 -9.35 -26.75 -22.12
N THR S 8 -9.08 -27.45 -23.22
CA THR S 8 -7.78 -28.08 -23.44
C THR S 8 -7.39 -27.87 -24.89
N GLY S 9 -6.19 -28.30 -25.23
CA GLY S 9 -5.76 -28.27 -26.62
C GLY S 9 -4.81 -29.40 -26.96
N SER S 10 -5.17 -30.20 -27.96
CA SER S 10 -4.26 -31.23 -28.46
C SER S 10 -3.24 -30.68 -29.45
N TYR S 11 -3.46 -29.46 -29.94
CA TYR S 11 -2.52 -28.84 -30.87
C TYR S 11 -1.26 -28.40 -30.13
N ALA S 12 -0.23 -28.08 -30.91
CA ALA S 12 1.05 -27.68 -30.34
C ALA S 12 0.90 -26.35 -29.61
N ALA S 13 1.62 -26.24 -28.48
CA ALA S 13 1.64 -25.01 -27.68
C ALA S 13 0.22 -24.59 -27.30
N SER S 14 -0.52 -25.53 -26.72
CA SER S 14 -1.90 -25.29 -26.32
C SER S 14 -2.02 -24.27 -25.19
N TRP S 15 -0.91 -23.92 -24.55
CA TRP S 15 -0.92 -22.85 -23.55
C TRP S 15 -1.05 -21.47 -24.18
N LEU S 16 -0.87 -21.36 -25.49
CA LEU S 16 -0.98 -20.04 -26.13
C LEU S 16 -2.38 -19.45 -26.03
N PRO S 17 -3.46 -20.14 -26.39
CA PRO S 17 -4.79 -19.54 -26.16
C PRO S 17 -5.09 -19.28 -24.70
N TRP S 18 -4.44 -20.01 -23.80
CA TRP S 18 -4.62 -19.79 -22.36
C TRP S 18 -4.23 -18.38 -21.95
N ILE S 19 -3.27 -17.77 -22.65
CA ILE S 19 -2.83 -16.43 -22.33
C ILE S 19 -3.24 -15.40 -23.40
N MET S 20 -3.27 -15.78 -24.68
CA MET S 20 -3.58 -14.82 -25.73
C MET S 20 -5.03 -14.34 -25.65
N ILE S 21 -5.96 -15.24 -25.35
CA ILE S 21 -7.36 -14.85 -25.25
C ILE S 21 -7.59 -13.83 -24.14
N PRO S 22 -7.08 -14.02 -22.91
CA PRO S 22 -7.18 -12.92 -21.93
C PRO S 22 -6.46 -11.65 -22.37
N LEU S 23 -5.30 -11.79 -23.01
CA LEU S 23 -4.50 -10.63 -23.37
C LEU S 23 -5.23 -9.74 -24.38
N ILE S 24 -5.79 -10.34 -25.42
CA ILE S 24 -6.35 -9.55 -26.51
C ILE S 24 -7.75 -9.05 -26.17
N PHE S 25 -8.49 -9.75 -25.31
CA PHE S 25 -9.91 -9.46 -25.15
C PHE S 25 -10.27 -8.75 -23.86
N TYR S 26 -9.53 -8.94 -22.76
CA TYR S 26 -9.84 -8.16 -21.56
C TYR S 26 -8.64 -7.69 -20.77
N ILE S 27 -7.42 -7.73 -21.31
CA ILE S 27 -6.24 -7.19 -20.65
C ILE S 27 -5.70 -5.97 -21.39
N LEU S 28 -5.29 -6.15 -22.65
CA LEU S 28 -4.78 -5.09 -23.51
C LEU S 28 -5.83 -4.10 -24.04
N PRO S 29 -7.09 -4.51 -24.29
CA PRO S 29 -8.02 -3.56 -24.92
C PRO S 29 -8.22 -2.26 -24.15
N PHE S 30 -8.27 -2.29 -22.82
CA PHE S 30 -8.42 -1.03 -22.08
C PHE S 30 -7.21 -0.12 -22.25
N PRO S 31 -5.97 -0.59 -22.11
CA PRO S 31 -4.83 0.29 -22.48
C PRO S 31 -4.88 0.77 -23.91
N VAL S 32 -5.35 -0.06 -24.84
CA VAL S 32 -5.47 0.38 -26.23
C VAL S 32 -6.50 1.49 -26.36
N PHE S 33 -7.64 1.34 -25.68
CA PHE S 33 -8.63 2.40 -25.67
C PHE S 33 -8.07 3.68 -25.05
N ALA S 34 -7.25 3.54 -24.01
CA ALA S 34 -6.61 4.70 -23.40
C ALA S 34 -5.69 5.40 -24.37
N LEU S 35 -4.92 4.64 -25.15
CA LEU S 35 -4.02 5.23 -26.14
C LEU S 35 -4.81 5.99 -27.19
N ILE S 36 -5.90 5.41 -27.68
CA ILE S 36 -6.71 6.06 -28.70
C ILE S 36 -7.38 7.31 -28.12
N PHE S 37 -7.84 7.22 -26.86
CA PHE S 37 -8.47 8.37 -26.23
C PHE S 37 -7.50 9.54 -26.12
N ILE S 38 -6.26 9.28 -25.72
CA ILE S 38 -5.26 10.33 -25.66
C ILE S 38 -4.99 10.88 -27.06
N TRP S 39 -4.93 10.01 -28.06
CA TRP S 39 -4.65 10.45 -29.42
C TRP S 39 -5.73 11.37 -29.96
N ILE S 40 -7.00 11.04 -29.71
CA ILE S 40 -8.10 11.82 -30.28
C ILE S 40 -8.47 13.03 -29.44
N GLU S 41 -7.92 13.18 -28.23
CA GLU S 41 -8.21 14.32 -27.39
C GLU S 41 -7.05 15.30 -27.28
N LYS S 42 -5.97 15.10 -28.02
CA LYS S 42 -4.81 15.96 -27.90
C LYS S 42 -5.09 17.35 -28.47
N GLU S 43 -4.78 18.38 -27.69
CA GLU S 43 -4.90 19.75 -28.16
C GLU S 43 -3.90 20.05 -29.27
N ALA S 44 -4.33 20.88 -30.21
CA ALA S 44 -3.47 21.29 -31.32
C ALA S 44 -2.41 22.27 -30.85
N MET T 1 -82.35 20.49 -52.01
CA MET T 1 -82.13 19.17 -52.57
C MET T 1 -81.02 19.20 -53.62
N GLN T 2 -80.84 20.35 -54.25
CA GLN T 2 -79.77 20.50 -55.23
C GLN T 2 -78.40 20.37 -54.59
N HIS T 3 -78.28 20.74 -53.32
CA HIS T 3 -77.01 20.56 -52.61
C HIS T 3 -76.73 19.09 -52.33
N VAL T 4 -77.78 18.31 -52.05
CA VAL T 4 -77.61 16.89 -51.84
C VAL T 4 -77.13 16.20 -53.12
N PHE T 5 -77.70 16.60 -54.26
CA PHE T 5 -77.27 16.05 -55.54
C PHE T 5 -75.81 16.39 -55.82
N LYS T 6 -75.40 17.62 -55.51
CA LYS T 6 -74.00 18.00 -55.67
C LYS T 6 -73.09 17.18 -54.76
N TYR T 7 -73.54 16.92 -53.53
CA TYR T 7 -72.75 16.11 -52.61
C TYR T 7 -72.59 14.68 -53.13
N LEU T 8 -73.61 14.16 -53.81
CA LEU T 8 -73.55 12.80 -54.34
C LEU T 8 -72.52 12.65 -55.44
N THR T 9 -72.09 13.75 -56.06
CA THR T 9 -71.06 13.70 -57.09
C THR T 9 -69.65 13.88 -56.52
N LEU T 10 -69.51 13.93 -55.21
CA LEU T 10 -68.19 14.05 -54.59
C LEU T 10 -67.34 12.84 -54.95
N ALA T 11 -66.03 13.06 -55.01
CA ALA T 11 -65.11 11.98 -55.38
C ALA T 11 -65.19 10.78 -54.44
N PRO T 12 -65.16 10.93 -53.11
CA PRO T 12 -65.32 9.74 -52.27
C PRO T 12 -66.66 9.04 -52.44
N VAL T 13 -67.73 9.80 -52.65
CA VAL T 13 -69.05 9.20 -52.81
C VAL T 13 -69.15 8.45 -54.13
N MET T 14 -68.68 9.06 -55.21
CA MET T 14 -68.72 8.41 -56.52
C MET T 14 -67.79 7.21 -56.57
N ALA T 15 -66.62 7.31 -55.95
CA ALA T 15 -65.72 6.17 -55.89
C ALA T 15 -66.33 5.01 -55.12
N THR T 16 -66.99 5.30 -54.00
CA THR T 16 -67.65 4.25 -53.23
C THR T 16 -68.75 3.58 -54.04
N PHE T 17 -69.54 4.36 -54.76
CA PHE T 17 -70.58 3.78 -55.61
C PHE T 17 -69.96 2.91 -56.71
N THR T 18 -68.85 3.37 -57.30
CA THR T 18 -68.21 2.61 -58.36
C THR T 18 -67.63 1.30 -57.83
N MET T 19 -66.90 1.37 -56.71
CA MET T 19 -66.32 0.15 -56.14
C MET T 19 -67.39 -0.82 -55.69
N VAL T 20 -68.47 -0.31 -55.08
CA VAL T 20 -69.56 -1.19 -54.65
C VAL T 20 -70.20 -1.87 -55.86
N ALA T 21 -70.44 -1.12 -56.92
CA ALA T 21 -71.04 -1.69 -58.13
C ALA T 21 -70.13 -2.73 -58.76
N LEU T 22 -68.84 -2.45 -58.85
CA LEU T 22 -67.91 -3.43 -59.43
C LEU T 22 -67.79 -4.67 -58.55
N SER T 23 -67.77 -4.48 -57.22
CA SER T 23 -67.72 -5.63 -56.32
C SER T 23 -68.98 -6.47 -56.44
N VAL T 24 -70.14 -5.82 -56.60
CA VAL T 24 -71.38 -6.57 -56.77
C VAL T 24 -71.33 -7.39 -58.06
N VAL T 25 -70.85 -6.80 -59.15
CA VAL T 25 -70.77 -7.52 -60.42
C VAL T 25 -69.83 -8.71 -60.30
N LEU T 26 -68.67 -8.49 -59.67
CA LEU T 26 -67.70 -9.58 -59.51
C LEU T 26 -68.24 -10.66 -58.57
N ILE T 27 -68.95 -10.26 -57.52
CA ILE T 27 -69.47 -11.23 -56.55
C ILE T 27 -70.50 -12.14 -57.21
N MET T 28 -71.43 -11.55 -57.98
CA MET T 28 -72.44 -12.36 -58.65
C MET T 28 -71.83 -13.25 -59.72
N LEU T 29 -70.71 -12.82 -60.32
CA LEU T 29 -70.01 -13.67 -61.26
C LEU T 29 -69.45 -14.91 -60.57
N GLN T 30 -68.97 -14.75 -59.34
CA GLN T 30 -68.49 -15.90 -58.57
C GLN T 30 -69.64 -16.83 -58.19
N ILE T 31 -70.81 -16.25 -57.88
CA ILE T 31 -71.96 -17.06 -57.49
C ILE T 31 -72.49 -17.84 -58.68
N TRP T 32 -72.64 -17.18 -59.83
CA TRP T 32 -73.21 -17.83 -61.01
C TRP T 32 -72.21 -18.77 -61.67
N PHE T 33 -70.94 -18.39 -61.73
CA PHE T 33 -69.91 -19.17 -62.40
C PHE T 33 -68.70 -19.34 -61.48
N PRO T 34 -68.82 -20.16 -60.44
CA PRO T 34 -67.67 -20.41 -59.56
C PRO T 34 -66.61 -21.23 -60.27
N GLY T 35 -65.36 -21.01 -59.85
CA GLY T 35 -64.26 -21.80 -60.35
C GLY T 35 -63.79 -21.49 -61.75
N LEU T 36 -64.09 -20.30 -62.27
CA LEU T 36 -63.57 -19.91 -63.58
C LEU T 36 -62.07 -19.72 -63.52
N GLN T 37 -61.37 -20.20 -64.55
CA GLN T 37 -59.93 -20.26 -64.54
C GLN T 37 -59.44 -19.96 -65.95
N TYR T 38 -58.18 -19.55 -66.06
CA TYR T 38 -57.55 -19.36 -67.36
C TYR T 38 -57.57 -20.68 -68.13
N GLY T 39 -57.97 -20.61 -69.39
CA GLY T 39 -58.21 -21.82 -70.17
C GLY T 39 -59.57 -22.42 -69.97
N THR T 40 -60.49 -21.73 -69.29
CA THR T 40 -61.83 -22.22 -69.05
C THR T 40 -62.92 -21.19 -69.36
N TYR T 41 -62.59 -19.90 -69.41
CA TYR T 41 -63.59 -18.88 -69.64
C TYR T 41 -64.31 -19.09 -70.97
N PHE T 42 -65.62 -18.82 -70.96
CA PHE T 42 -66.45 -18.87 -72.17
C PHE T 42 -66.48 -20.25 -72.81
N LYS T 43 -66.33 -21.30 -71.99
CA LYS T 43 -66.44 -22.65 -72.48
C LYS T 43 -67.64 -23.36 -71.85
N PRO T 44 -68.32 -24.22 -72.60
CA PRO T 44 -69.53 -24.85 -72.06
C PRO T 44 -69.22 -25.79 -70.90
N THR T 45 -70.19 -25.90 -70.00
CA THR T 45 -70.05 -26.77 -68.84
C THR T 45 -70.06 -28.23 -69.29
N PRO T 46 -69.06 -29.04 -68.92
CA PRO T 46 -69.03 -30.45 -69.30
C PRO T 46 -69.94 -31.31 -68.42
N THR U 2 -70.92 -15.73 9.58
CA THR U 2 -72.32 -15.60 9.95
C THR U 2 -72.91 -14.30 9.42
N VAL U 3 -74.22 -14.26 9.28
CA VAL U 3 -74.91 -13.05 8.82
C VAL U 3 -75.01 -12.07 10.00
N PRO U 4 -74.57 -10.82 9.82
CA PRO U 4 -74.68 -9.85 10.92
C PRO U 4 -76.12 -9.66 11.35
N ASN U 5 -76.32 -9.52 12.66
CA ASN U 5 -77.66 -9.44 13.21
C ASN U 5 -78.30 -8.10 12.91
N THR U 6 -79.56 -8.15 12.48
CA THR U 6 -80.40 -6.95 12.31
C THR U 6 -81.66 -7.14 13.15
N ILE U 7 -82.00 -6.14 13.94
CA ILE U 7 -83.11 -6.25 14.88
C ILE U 7 -84.40 -5.79 14.21
N SER U 8 -85.52 -6.27 14.73
CA SER U 8 -86.82 -5.84 14.26
C SER U 8 -87.09 -4.39 14.68
N TRP U 9 -88.02 -3.75 13.99
CA TRP U 9 -88.33 -2.36 14.27
C TRP U 9 -88.91 -2.23 15.67
N SER U 10 -88.47 -1.19 16.38
CA SER U 10 -88.87 -0.94 17.76
C SER U 10 -88.69 0.54 18.04
N PRO U 11 -89.26 1.05 19.13
CA PRO U 11 -89.09 2.48 19.44
C PRO U 11 -87.64 2.90 19.64
N GLN U 12 -86.73 1.97 19.96
CA GLN U 12 -85.35 2.35 20.18
C GLN U 12 -84.68 2.82 18.89
N VAL U 13 -84.95 2.15 17.77
CA VAL U 13 -84.35 2.60 16.50
C VAL U 13 -84.98 3.91 16.05
N ALA U 14 -86.25 4.14 16.39
CA ALA U 14 -86.87 5.43 16.12
C ALA U 14 -86.20 6.53 16.94
N LEU U 15 -85.84 6.24 18.19
CA LEU U 15 -85.13 7.21 19.01
C LEU U 15 -83.76 7.53 18.41
N ILE U 16 -83.05 6.51 17.92
CA ILE U 16 -81.71 6.73 17.37
C ILE U 16 -81.79 7.59 16.12
N ILE U 17 -82.70 7.27 15.21
CA ILE U 17 -82.81 8.03 13.96
C ILE U 17 -83.26 9.46 14.24
N SER U 18 -84.25 9.62 15.12
CA SER U 18 -84.73 10.96 15.45
C SER U 18 -83.66 11.79 16.14
N ALA U 19 -82.93 11.18 17.08
CA ALA U 19 -81.87 11.91 17.78
C ALA U 19 -80.74 12.28 16.83
N SER U 20 -80.35 11.36 15.95
CA SER U 20 -79.28 11.66 15.00
C SER U 20 -79.69 12.77 14.04
N SER U 21 -80.95 12.74 13.56
CA SER U 21 -81.44 13.80 12.69
C SER U 21 -81.51 15.13 13.44
N LEU U 22 -81.91 15.09 14.71
CA LEU U 22 -82.03 16.32 15.48
C LEU U 22 -80.66 16.94 15.75
N LEU U 23 -79.71 16.12 16.23
CA LEU U 23 -78.38 16.64 16.54
C LEU U 23 -77.69 17.18 15.30
N ILE U 24 -77.88 16.50 14.15
CA ILE U 24 -77.32 17.01 12.90
C ILE U 24 -77.95 18.35 12.55
N LEU U 25 -79.23 18.52 12.85
CA LEU U 25 -79.92 19.77 12.51
C LEU U 25 -79.34 20.95 13.27
N LEU U 26 -79.07 20.78 14.58
CA LEU U 26 -78.45 21.85 15.35
C LEU U 26 -77.03 22.13 14.87
N ILE U 27 -76.25 21.09 14.60
CA ILE U 27 -74.85 21.29 14.22
C ILE U 27 -74.73 21.90 12.84
N ALA U 28 -75.50 21.39 11.88
CA ALA U 28 -75.38 21.84 10.50
C ALA U 28 -75.72 23.32 10.35
N SER U 29 -76.78 23.77 11.02
CA SER U 29 -77.20 25.16 10.91
C SER U 29 -76.19 26.12 11.51
N ARG U 30 -75.22 25.63 12.28
CA ARG U 30 -74.21 26.47 12.90
C ARG U 30 -72.80 26.24 12.36
N SER U 31 -72.59 25.21 11.55
CA SER U 31 -71.24 24.84 11.12
C SER U 31 -71.04 24.85 9.62
N ILE U 32 -72.07 24.59 8.82
CA ILE U 32 -71.86 24.53 7.37
C ILE U 32 -71.58 25.92 6.81
N LYS U 33 -70.93 25.96 5.66
CA LYS U 33 -70.43 27.22 5.11
C LYS U 33 -71.57 28.14 4.69
N TYR U 34 -72.56 27.62 4.00
CA TYR U 34 -73.64 28.43 3.41
C TYR U 34 -75.01 27.89 3.80
N PRO U 35 -75.44 28.15 5.03
CA PRO U 35 -76.85 27.93 5.36
C PRO U 35 -77.69 29.16 5.02
N GLN U 36 -79.00 29.07 5.20
CA GLN U 36 -79.93 30.14 4.84
C GLN U 36 -79.77 30.55 3.38
N VAL U 37 -79.61 29.57 2.49
CA VAL U 37 -79.53 29.79 1.06
C VAL U 37 -80.79 29.21 0.43
N GLY U 38 -81.53 30.03 -0.30
CA GLY U 38 -82.76 29.61 -0.91
C GLY U 38 -83.98 29.95 -0.07
N ALA U 39 -85.04 29.18 -0.30
CA ALA U 39 -86.29 29.41 0.42
C ALA U 39 -86.13 29.08 1.90
N LYS U 40 -86.77 29.88 2.74
CA LYS U 40 -86.73 29.67 4.18
C LYS U 40 -87.83 28.68 4.59
N LEU U 41 -87.54 27.91 5.64
CA LEU U 41 -88.49 26.94 6.18
C LEU U 41 -89.81 27.60 6.57
N PRO U 46 -86.49 29.70 15.90
CA PRO U 46 -86.53 29.18 17.26
C PRO U 46 -85.13 29.10 17.88
N VAL U 47 -84.86 28.02 18.62
CA VAL U 47 -83.54 27.81 19.19
C VAL U 47 -82.51 27.61 18.10
N LEU U 48 -82.93 27.08 16.95
CA LEU U 48 -82.02 26.83 15.83
C LEU U 48 -81.53 28.16 15.25
N GLY U 49 -80.68 28.05 14.24
CA GLY U 49 -80.16 29.22 13.55
C GLY U 49 -81.06 29.67 12.42
N SER U 50 -82.30 29.16 12.40
CA SER U 50 -83.28 29.40 11.35
C SER U 50 -82.77 28.89 10.00
N PRO U 51 -82.63 27.58 9.85
CA PRO U 51 -82.07 27.04 8.60
C PRO U 51 -83.06 27.15 7.44
N SER U 52 -82.51 27.08 6.24
CA SER U 52 -83.30 27.14 5.02
C SER U 52 -83.86 25.76 4.69
N VAL U 53 -84.64 25.69 3.61
CA VAL U 53 -85.23 24.42 3.18
C VAL U 53 -84.13 23.43 2.80
N GLY U 54 -83.14 23.90 2.03
CA GLY U 54 -82.05 23.01 1.62
C GLY U 54 -81.26 22.48 2.81
N THR U 55 -81.00 23.33 3.80
CA THR U 55 -80.28 22.89 4.98
C THR U 55 -81.09 21.87 5.78
N PHE U 56 -82.40 22.08 5.89
CA PHE U 56 -83.25 21.17 6.65
C PHE U 56 -83.32 19.80 5.99
N VAL U 57 -83.56 19.76 4.68
CA VAL U 57 -83.65 18.48 3.97
C VAL U 57 -82.30 17.77 4.00
N ALA U 58 -81.20 18.54 3.90
CA ALA U 58 -79.88 17.94 4.01
C ALA U 58 -79.66 17.33 5.39
N SER U 59 -80.11 18.03 6.43
CA SER U 59 -79.96 17.51 7.79
C SER U 59 -80.78 16.23 7.99
N MET U 60 -82.00 16.20 7.47
CA MET U 60 -82.84 15.01 7.62
C MET U 60 -82.28 13.85 6.81
N ALA U 61 -81.78 14.12 5.60
CA ALA U 61 -81.18 13.06 4.79
C ALA U 61 -79.93 12.52 5.45
N PHE U 62 -79.08 13.40 5.98
CA PHE U 62 -77.88 12.94 6.68
C PHE U 62 -78.23 12.27 8.00
N GLY U 63 -79.35 12.66 8.61
CA GLY U 63 -79.81 11.97 9.80
C GLY U 63 -80.24 10.55 9.51
N HIS U 64 -80.88 10.33 8.36
CA HIS U 64 -81.20 8.97 7.95
C HIS U 64 -79.95 8.18 7.63
N VAL U 65 -78.97 8.82 6.97
CA VAL U 65 -77.73 8.13 6.60
C VAL U 65 -76.96 7.73 7.85
N VAL U 66 -76.74 8.70 8.75
CA VAL U 66 -75.98 8.41 9.97
C VAL U 66 -76.77 7.49 10.88
N GLY U 67 -78.07 7.72 11.02
CA GLY U 67 -78.89 6.88 11.87
C GLY U 67 -78.94 5.43 11.42
N ALA U 68 -79.06 5.22 10.11
CA ALA U 68 -79.06 3.86 9.59
C ALA U 68 -77.73 3.16 9.86
N GLY U 69 -76.63 3.87 9.71
CA GLY U 69 -75.34 3.29 10.04
C GLY U 69 -75.20 2.96 11.50
N ILE U 70 -75.78 3.79 12.37
CA ILE U 70 -75.65 3.58 13.81
C ILE U 70 -76.47 2.37 14.24
N VAL U 71 -77.71 2.25 13.75
CA VAL U 71 -78.58 1.16 14.19
C VAL U 71 -78.05 -0.18 13.70
N LEU U 72 -77.57 -0.25 12.45
CA LEU U 72 -76.98 -1.49 11.96
C LEU U 72 -75.67 -1.80 12.66
N GLY U 73 -74.88 -0.76 12.96
CA GLY U 73 -73.64 -0.98 13.69
C GLY U 73 -73.88 -1.50 15.10
N LEU U 74 -74.85 -0.92 15.80
CA LEU U 74 -75.18 -1.38 17.15
C LEU U 74 -75.75 -2.79 17.10
N SER U 75 -76.75 -3.03 16.25
CA SER U 75 -77.39 -4.34 16.17
C SER U 75 -76.39 -5.43 15.80
N ASN U 76 -75.36 -5.09 15.02
CA ASN U 76 -74.35 -6.07 14.64
C ASN U 76 -73.57 -6.56 15.86
N LEU U 77 -73.18 -5.64 16.75
CA LEU U 77 -72.28 -5.94 17.85
C LEU U 77 -72.99 -6.19 19.16
N GLY U 78 -74.32 -6.37 19.15
CA GLY U 78 -75.05 -6.47 20.40
C GLY U 78 -75.01 -5.16 21.17
N TRP U 79 -75.37 -4.07 20.47
CA TRP U 79 -75.28 -2.71 20.99
C TRP U 79 -73.83 -2.34 21.30
N LEU U 80 -72.99 -2.45 20.27
CA LEU U 80 -71.59 -2.05 20.28
C LEU U 80 -70.84 -2.76 21.40
N LYS V 12 -52.08 42.68 -7.09
CA LYS V 12 -52.85 41.65 -7.76
C LYS V 12 -52.01 40.40 -8.04
N LEU V 13 -50.72 40.61 -8.28
CA LEU V 13 -49.78 39.53 -8.54
C LEU V 13 -49.02 39.24 -7.26
N ASN V 14 -49.10 37.99 -6.79
CA ASN V 14 -48.47 37.56 -5.54
C ASN V 14 -47.71 36.27 -5.81
N TYR V 15 -46.41 36.39 -6.12
CA TYR V 15 -45.57 35.21 -6.28
C TYR V 15 -45.40 34.46 -4.96
N ARG V 16 -45.42 35.18 -3.84
CA ARG V 16 -45.31 34.59 -2.50
C ARG V 16 -43.99 33.83 -2.33
N LEU V 17 -42.91 34.40 -2.88
CA LEU V 17 -41.60 33.77 -2.76
C LEU V 17 -41.09 33.81 -1.32
N ASP V 18 -41.53 34.78 -0.53
CA ASP V 18 -41.00 34.92 0.83
C ASP V 18 -41.46 33.79 1.74
N THR V 19 -42.62 33.20 1.46
CA THR V 19 -43.14 32.08 2.24
C THR V 19 -43.00 30.75 1.50
N ASP V 20 -42.14 30.71 0.48
CA ASP V 20 -41.98 29.50 -0.32
C ASP V 20 -41.09 28.51 0.40
N PRO V 21 -41.54 27.27 0.65
CA PRO V 21 -40.65 26.27 1.24
C PRO V 21 -39.44 25.96 0.37
N VAL V 22 -39.57 26.02 -0.94
CA VAL V 22 -38.48 25.76 -1.87
C VAL V 22 -38.01 27.11 -2.41
N GLN V 23 -36.77 27.47 -2.09
CA GLN V 23 -36.17 28.74 -2.45
C GLN V 23 -35.21 28.58 -3.62
N PRO V 24 -34.85 29.67 -4.29
CA PRO V 24 -33.77 29.59 -5.28
C PRO V 24 -32.46 29.19 -4.61
N TYR V 25 -31.64 28.45 -5.36
CA TYR V 25 -30.41 27.91 -4.82
C TYR V 25 -29.38 29.02 -4.62
N LYS V 26 -28.93 29.18 -3.38
CA LYS V 26 -27.90 30.17 -3.03
C LYS V 26 -28.31 31.58 -3.45
N GLY V 27 -29.60 31.87 -3.43
CA GLY V 27 -30.09 33.18 -3.76
C GLY V 27 -30.05 33.55 -5.22
N ASP V 28 -29.61 32.65 -6.10
CA ASP V 28 -29.54 32.93 -7.53
C ASP V 28 -30.65 32.15 -8.22
N PRO V 29 -31.72 32.81 -8.69
CA PRO V 29 -32.83 32.07 -9.31
C PRO V 29 -32.52 31.54 -10.70
N PHE V 30 -31.38 31.89 -11.29
CA PHE V 30 -31.08 31.55 -12.67
C PHE V 30 -29.84 30.68 -12.80
N ASN V 31 -29.54 29.89 -11.77
CA ASN V 31 -28.39 28.99 -11.78
C ASN V 31 -28.80 27.53 -12.00
N SER V 32 -30.01 27.29 -12.50
CA SER V 32 -30.50 25.95 -12.83
C SER V 32 -30.53 25.03 -11.60
N ASN V 33 -30.86 25.57 -10.43
CA ASN V 33 -30.89 24.74 -9.24
C ASN V 33 -31.93 25.27 -8.26
N PHE V 34 -32.30 24.40 -7.32
CA PHE V 34 -33.27 24.72 -6.28
C PHE V 34 -32.65 24.48 -4.92
N SER V 35 -33.22 25.13 -3.91
CA SER V 35 -32.84 24.92 -2.52
C SER V 35 -33.85 23.94 -1.92
N THR V 36 -33.47 22.68 -1.82
CA THR V 36 -34.35 21.61 -1.36
C THR V 36 -33.72 20.92 -0.15
N ALA V 37 -34.43 19.92 0.38
CA ALA V 37 -33.89 19.14 1.49
C ALA V 37 -32.68 18.33 1.07
N ILE V 38 -32.57 18.01 -0.21
CA ILE V 38 -31.44 17.22 -0.68
C ILE V 38 -30.23 18.11 -0.95
N THR V 39 -30.45 19.29 -1.52
CA THR V 39 -29.35 20.15 -1.95
C THR V 39 -28.89 21.13 -0.88
N ASP V 40 -29.77 21.55 0.03
CA ASP V 40 -29.44 22.67 0.91
C ASP V 40 -29.85 22.49 2.36
N SER V 41 -30.37 21.33 2.77
CA SER V 41 -30.68 21.14 4.17
C SER V 41 -29.40 21.07 5.00
N PRO V 42 -29.46 21.45 6.28
CA PRO V 42 -28.25 21.42 7.10
C PRO V 42 -27.62 20.03 7.20
N LEU V 43 -28.44 18.98 7.27
CA LEU V 43 -27.88 17.63 7.36
C LEU V 43 -27.27 17.19 6.03
N ALA V 44 -27.95 17.48 4.92
CA ALA V 44 -27.43 17.11 3.62
C ALA V 44 -26.12 17.83 3.31
N ARG V 45 -26.05 19.12 3.63
CA ARG V 45 -24.81 19.87 3.42
C ARG V 45 -23.70 19.35 4.32
N ALA V 46 -24.00 19.05 5.57
CA ALA V 46 -22.98 18.55 6.49
C ALA V 46 -22.44 17.20 6.02
N PHE V 47 -23.33 16.32 5.55
CA PHE V 47 -22.89 15.00 5.12
C PHE V 47 -22.06 15.07 3.84
N ILE V 48 -22.56 15.79 2.84
CA ILE V 48 -21.90 15.82 1.54
C ILE V 48 -20.57 16.57 1.63
N ASN V 49 -20.57 17.73 2.28
CA ASN V 49 -19.36 18.55 2.33
C ASN V 49 -18.26 17.92 3.18
N ASN V 50 -18.59 16.96 4.04
CA ASN V 50 -17.61 16.29 4.86
C ASN V 50 -17.27 14.89 4.38
N LEU V 51 -17.79 14.49 3.21
CA LEU V 51 -17.26 13.32 2.55
C LEU V 51 -15.83 13.59 2.10
N PRO V 52 -15.02 12.54 1.93
CA PRO V 52 -13.60 12.77 1.59
C PRO V 52 -13.40 13.51 0.28
N ALA V 53 -14.38 13.48 -0.62
CA ALA V 53 -14.26 14.23 -1.87
C ALA V 53 -14.38 15.74 -1.66
N TYR V 54 -14.98 16.18 -0.56
CA TYR V 54 -15.24 17.59 -0.34
C TYR V 54 -14.74 18.14 0.99
N ARG V 55 -14.24 17.30 1.89
CA ARG V 55 -13.86 17.75 3.23
C ARG V 55 -12.77 18.82 3.15
N LYS V 56 -12.98 19.92 3.87
CA LYS V 56 -12.09 21.05 3.79
C LYS V 56 -10.71 20.72 4.36
N GLY V 57 -9.67 21.12 3.64
CA GLY V 57 -8.31 20.96 4.09
C GLY V 57 -7.63 19.66 3.71
N LEU V 58 -8.40 18.67 3.25
CA LEU V 58 -7.81 17.39 2.89
C LEU V 58 -6.89 17.52 1.69
N THR V 59 -5.73 16.88 1.77
CA THR V 59 -4.86 16.78 0.62
C THR V 59 -5.46 15.83 -0.41
N PRO V 60 -5.19 16.03 -1.70
CA PRO V 60 -5.80 15.15 -2.71
C PRO V 60 -5.46 13.68 -2.53
N PHE V 61 -4.25 13.37 -2.07
CA PHE V 61 -3.90 11.97 -1.82
C PHE V 61 -4.77 11.38 -0.71
N MET V 62 -5.00 12.14 0.36
CA MET V 62 -5.81 11.62 1.46
C MET V 62 -7.27 11.49 1.07
N ARG V 63 -7.77 12.35 0.17
CA ARG V 63 -9.10 12.16 -0.38
C ARG V 63 -9.18 10.83 -1.13
N GLY V 64 -8.18 10.55 -1.97
CA GLY V 64 -8.18 9.30 -2.72
C GLY V 64 -8.05 8.08 -1.84
N LEU V 65 -7.28 8.20 -0.76
CA LEU V 65 -7.08 7.06 0.13
C LEU V 65 -8.38 6.63 0.78
N GLU V 66 -9.11 7.58 1.39
CA GLU V 66 -10.35 7.23 2.08
C GLU V 66 -11.40 6.71 1.10
N ILE V 67 -11.50 7.34 -0.08
CA ILE V 67 -12.44 6.87 -1.09
C ILE V 67 -12.06 5.47 -1.55
N GLY V 68 -10.77 5.23 -1.80
CA GLY V 68 -10.33 3.94 -2.28
C GLY V 68 -10.59 2.82 -1.28
N MET V 69 -10.28 3.06 0.00
CA MET V 69 -10.49 2.02 1.01
C MET V 69 -11.96 1.63 1.11
N ALA V 70 -12.85 2.61 1.09
CA ALA V 70 -14.28 2.31 1.20
C ALA V 70 -14.78 1.54 -0.02
N HIS V 71 -14.38 1.98 -1.23
CA HIS V 71 -14.91 1.35 -2.43
C HIS V 71 -14.30 -0.02 -2.68
N GLY V 72 -12.99 -0.15 -2.49
CA GLY V 72 -12.36 -1.45 -2.67
C GLY V 72 -12.88 -2.48 -1.70
N TYR V 73 -13.26 -2.06 -0.49
CA TYR V 73 -13.74 -2.99 0.51
C TYR V 73 -15.04 -3.67 0.09
N PHE V 74 -16.02 -2.88 -0.36
CA PHE V 74 -17.32 -3.46 -0.69
C PHE V 74 -17.36 -4.06 -2.09
N LEU V 75 -16.43 -3.70 -2.97
CA LEU V 75 -16.45 -4.23 -4.33
C LEU V 75 -16.09 -5.72 -4.37
N VAL V 76 -15.47 -6.24 -3.32
CA VAL V 76 -15.13 -7.66 -3.27
C VAL V 76 -16.38 -8.51 -3.12
N GLY V 77 -17.38 -8.02 -2.39
CA GLY V 77 -18.51 -8.82 -1.98
C GLY V 77 -19.36 -9.48 -3.06
N PRO V 78 -19.76 -8.73 -4.10
CA PRO V 78 -20.72 -9.29 -5.06
C PRO V 78 -20.31 -10.62 -5.69
N GLU V 79 -19.05 -10.75 -6.12
CA GLU V 79 -18.64 -11.99 -6.76
C GLU V 79 -18.45 -13.13 -5.76
N VAL V 80 -18.25 -12.81 -4.49
CA VAL V 80 -18.09 -13.86 -3.48
C VAL V 80 -19.40 -14.62 -3.28
N VAL V 81 -20.52 -13.90 -3.29
CA VAL V 81 -21.80 -14.50 -2.94
C VAL V 81 -22.51 -15.08 -4.16
N VAL V 82 -22.57 -14.34 -5.27
CA VAL V 82 -23.33 -14.76 -6.44
C VAL V 82 -22.43 -14.97 -7.66
N GLY V 83 -21.12 -15.06 -7.47
CA GLY V 83 -20.22 -15.26 -8.57
C GLY V 83 -20.16 -16.72 -9.00
N PRO V 84 -19.39 -16.98 -10.06
CA PRO V 84 -19.29 -18.35 -10.59
C PRO V 84 -18.37 -19.26 -9.80
N LEU V 85 -17.62 -18.73 -8.84
CA LEU V 85 -16.78 -19.55 -7.97
C LEU V 85 -17.36 -19.66 -6.56
N ARG V 86 -18.65 -19.34 -6.40
CA ARG V 86 -19.29 -19.32 -5.09
C ARG V 86 -19.46 -20.71 -4.49
N GLU V 87 -19.27 -21.78 -5.27
CA GLU V 87 -19.46 -23.12 -4.74
C GLU V 87 -18.40 -23.49 -3.71
N THR V 88 -17.21 -22.89 -3.80
CA THR V 88 -16.12 -23.14 -2.85
C THR V 88 -15.72 -21.83 -2.20
N ALA V 89 -15.38 -21.90 -0.90
CA ALA V 89 -15.07 -20.70 -0.15
C ALA V 89 -13.82 -20.01 -0.67
N HIS V 90 -12.75 -20.77 -0.86
CA HIS V 90 -11.48 -20.17 -1.27
C HIS V 90 -11.56 -19.60 -2.69
N GLY V 91 -12.21 -20.30 -3.61
CA GLY V 91 -12.35 -19.80 -4.96
C GLY V 91 -13.20 -18.55 -5.04
N ALA V 92 -14.29 -18.51 -4.27
CA ALA V 92 -15.17 -17.34 -4.29
C ALA V 92 -14.44 -16.10 -3.79
N ASN V 93 -13.64 -16.25 -2.73
CA ASN V 93 -12.91 -15.10 -2.19
C ASN V 93 -11.88 -14.59 -3.19
N LEU V 94 -11.18 -15.48 -3.87
CA LEU V 94 -10.19 -15.06 -4.86
C LEU V 94 -10.84 -14.33 -6.02
N SER V 95 -11.99 -14.83 -6.49
CA SER V 95 -12.68 -14.17 -7.59
C SER V 95 -13.16 -12.79 -7.20
N GLY V 96 -13.63 -12.63 -5.96
CA GLY V 96 -14.06 -11.32 -5.50
C GLY V 96 -12.91 -10.33 -5.40
N LEU V 97 -11.76 -10.78 -4.91
CA LEU V 97 -10.59 -9.91 -4.82
C LEU V 97 -10.12 -9.50 -6.22
N ILE V 98 -10.11 -10.44 -7.16
CA ILE V 98 -9.67 -10.14 -8.52
C ILE V 98 -10.62 -9.15 -9.18
N THR V 99 -11.93 -9.33 -8.99
CA THR V 99 -12.90 -8.42 -9.58
C THR V 99 -12.72 -7.00 -9.06
N ALA V 100 -12.50 -6.86 -7.75
CA ALA V 100 -12.25 -5.53 -7.19
C ALA V 100 -10.97 -4.93 -7.75
N ILE V 101 -9.93 -5.74 -7.89
CA ILE V 101 -8.66 -5.24 -8.42
C ILE V 101 -8.83 -4.79 -9.87
N TYR V 102 -9.50 -5.61 -10.68
CA TYR V 102 -9.70 -5.27 -12.08
C TYR V 102 -10.53 -3.99 -12.24
N ILE V 103 -11.60 -3.86 -11.46
CA ILE V 103 -12.46 -2.69 -11.56
C ILE V 103 -11.70 -1.44 -11.13
N ALA V 104 -10.96 -1.53 -10.01
CA ALA V 104 -10.27 -0.35 -9.49
C ALA V 104 -9.09 0.05 -10.38
N VAL V 105 -8.37 -0.92 -10.94
CA VAL V 105 -7.29 -0.59 -11.86
C VAL V 105 -7.84 0.07 -13.12
N SER V 106 -8.96 -0.45 -13.64
CA SER V 106 -9.60 0.19 -14.79
C SER V 106 -10.06 1.60 -14.46
N ALA V 107 -10.64 1.79 -13.27
CA ALA V 107 -11.07 3.12 -12.86
C ALA V 107 -9.89 4.07 -12.72
N CYS V 108 -8.80 3.60 -12.12
CA CYS V 108 -7.61 4.43 -11.98
C CYS V 108 -6.98 4.76 -13.32
N LEU V 109 -7.03 3.83 -14.28
CA LEU V 109 -6.59 4.14 -15.63
C LEU V 109 -7.45 5.23 -16.25
N GLY V 110 -8.77 5.16 -16.03
CA GLY V 110 -9.63 6.22 -16.51
C GLY V 110 -9.34 7.56 -15.86
N ILE V 111 -9.02 7.56 -14.57
CA ILE V 111 -8.66 8.80 -13.89
C ILE V 111 -7.38 9.38 -14.46
N SER V 112 -6.40 8.52 -14.77
CA SER V 112 -5.14 9.00 -15.35
C SER V 112 -5.37 9.66 -16.70
N ILE V 113 -6.09 8.98 -17.60
CA ILE V 113 -6.31 9.53 -18.93
C ILE V 113 -7.27 10.71 -18.89
N PHE V 114 -8.12 10.79 -17.87
CA PHE V 114 -8.93 11.99 -17.68
C PHE V 114 -8.03 13.19 -17.38
N ALA V 115 -7.05 13.02 -16.50
CA ALA V 115 -6.13 14.11 -16.17
C ALA V 115 -5.25 14.47 -17.36
N ILE V 116 -4.86 13.47 -18.15
CA ILE V 116 -3.99 13.73 -19.30
C ILE V 116 -4.71 14.61 -20.32
N THR V 117 -5.97 14.28 -20.61
CA THR V 117 -6.71 14.97 -21.66
C THR V 117 -7.38 16.26 -21.21
N THR V 118 -7.85 16.30 -19.95
CA THR V 118 -8.56 17.50 -19.49
C THR V 118 -7.62 18.68 -19.35
N PHE V 119 -6.44 18.47 -18.74
CA PHE V 119 -5.57 19.58 -18.36
C PHE V 119 -4.51 19.81 -19.44
N GLN V 120 -4.99 20.34 -20.57
CA GLN V 120 -4.14 20.86 -21.63
C GLN V 120 -4.51 22.31 -21.84
N GLY V 121 -3.54 23.21 -21.66
CA GLY V 121 -3.85 24.63 -21.73
C GLY V 121 -4.89 25.00 -20.69
N ASP V 122 -5.87 25.78 -21.12
CA ASP V 122 -7.03 26.07 -20.27
C ASP V 122 -8.06 24.98 -20.47
N PRO V 123 -8.37 24.18 -19.45
CA PRO V 123 -9.28 23.05 -19.66
C PRO V 123 -10.67 23.49 -20.08
N ARG V 124 -11.29 22.67 -20.92
CA ARG V 124 -12.66 22.93 -21.35
C ARG V 124 -13.65 22.67 -20.21
N GLY V 125 -14.82 23.29 -20.33
CA GLY V 125 -15.91 22.95 -19.43
C GLY V 125 -15.68 23.40 -18.01
N ALA V 126 -16.09 22.54 -17.07
CA ALA V 126 -16.13 22.88 -15.66
C ALA V 126 -14.75 23.02 -15.02
N TYR V 127 -13.69 22.62 -15.71
CA TYR V 127 -12.35 22.72 -15.16
C TYR V 127 -11.55 23.88 -15.75
N GLY V 128 -12.20 24.80 -16.42
CA GLY V 128 -11.53 26.00 -16.88
C GLY V 128 -11.22 26.95 -15.73
N SER V 129 -10.39 27.94 -16.03
CA SER V 129 -9.98 28.91 -15.01
C SER V 129 -11.16 29.74 -14.53
N THR V 130 -12.08 30.07 -15.44
CA THR V 130 -13.22 30.93 -15.10
C THR V 130 -14.44 30.14 -14.63
N SER V 131 -14.37 28.82 -14.59
CA SER V 131 -15.49 28.02 -14.14
C SER V 131 -15.68 28.16 -12.63
N LYS V 132 -16.94 28.13 -12.21
CA LYS V 132 -17.32 28.27 -10.81
C LYS V 132 -18.11 27.06 -10.32
N ASP V 133 -17.70 25.87 -10.76
CA ASP V 133 -18.38 24.63 -10.38
C ASP V 133 -17.92 24.24 -8.98
N SER V 134 -18.79 24.50 -7.98
CA SER V 134 -18.45 24.15 -6.61
C SER V 134 -18.44 22.64 -6.38
N LEU V 135 -19.10 21.87 -7.24
CA LEU V 135 -19.12 20.42 -7.10
C LEU V 135 -17.89 19.75 -7.69
N ARG V 136 -17.01 20.50 -8.36
CA ARG V 136 -15.80 19.96 -8.98
C ARG V 136 -14.62 20.83 -8.55
N PRO V 137 -14.10 20.63 -7.33
CA PRO V 137 -13.08 21.53 -6.80
C PRO V 137 -11.64 21.20 -7.17
N LEU V 138 -11.36 20.01 -7.71
CA LEU V 138 -9.99 19.63 -8.05
C LEU V 138 -9.61 20.29 -9.37
N ARG V 139 -9.09 21.51 -9.29
CA ARG V 139 -8.87 22.35 -10.46
C ARG V 139 -7.47 22.22 -11.05
N ASN V 140 -6.60 21.42 -10.45
CA ASN V 140 -5.22 21.32 -10.90
C ASN V 140 -4.90 19.89 -11.30
N ARG V 141 -4.03 19.76 -12.32
CA ARG V 141 -3.65 18.44 -12.81
C ARG V 141 -2.91 17.64 -11.74
N ASP V 142 -2.01 18.30 -10.99
CA ASP V 142 -1.27 17.59 -9.95
C ASP V 142 -2.19 17.10 -8.84
N GLU V 143 -3.30 17.81 -8.58
CA GLU V 143 -4.28 17.34 -7.62
C GLU V 143 -4.91 16.04 -8.06
N TRP V 144 -5.18 15.90 -9.36
CA TRP V 144 -5.82 14.69 -9.87
C TRP V 144 -4.89 13.49 -9.78
N TYR V 145 -3.59 13.68 -10.04
CA TYR V 145 -2.65 12.58 -9.92
C TYR V 145 -2.44 12.18 -8.48
N GLN V 146 -2.40 13.16 -7.57
CA GLN V 146 -2.36 12.84 -6.13
C GLN V 146 -3.60 12.07 -5.72
N LEU V 147 -4.77 12.48 -6.21
CA LEU V 147 -6.00 11.75 -5.95
C LEU V 147 -5.92 10.32 -6.46
N ASN V 148 -5.42 10.15 -7.69
CA ASN V 148 -5.40 8.83 -8.30
C ASN V 148 -4.49 7.86 -7.54
N GLY V 149 -3.34 8.35 -7.07
CA GLY V 149 -2.46 7.50 -6.27
C GLY V 149 -3.13 7.03 -5.00
N GLY V 150 -3.87 7.91 -4.34
CA GLY V 150 -4.63 7.51 -3.16
C GLY V 150 -5.75 6.54 -3.50
N ILE V 151 -6.41 6.76 -4.63
CA ILE V 151 -7.51 5.88 -5.03
C ILE V 151 -7.00 4.46 -5.25
N PHE V 152 -5.88 4.32 -5.96
CA PHE V 152 -5.37 2.99 -6.27
C PHE V 152 -4.91 2.27 -5.01
N LEU V 153 -4.07 2.92 -4.20
CA LEU V 153 -3.56 2.28 -3.00
C LEU V 153 -4.68 1.99 -2.01
N GLY V 154 -5.63 2.90 -1.87
CA GLY V 154 -6.76 2.65 -1.00
C GLY V 154 -7.64 1.51 -1.48
N ALA V 155 -7.91 1.45 -2.79
CA ALA V 155 -8.75 0.40 -3.33
C ALA V 155 -8.11 -0.98 -3.16
N MET V 156 -6.80 -1.07 -3.43
CA MET V 156 -6.09 -2.33 -3.21
C MET V 156 -6.12 -2.72 -1.74
N GLY V 157 -5.89 -1.76 -0.85
CA GLY V 157 -5.91 -2.06 0.57
C GLY V 157 -7.28 -2.50 1.07
N GLY V 158 -8.33 -1.79 0.62
CA GLY V 158 -9.67 -2.17 1.03
C GLY V 158 -10.09 -3.53 0.48
N ALA V 159 -9.73 -3.81 -0.77
CA ALA V 159 -10.06 -5.11 -1.35
C ALA V 159 -9.33 -6.23 -0.64
N VAL V 160 -8.05 -6.02 -0.31
CA VAL V 160 -7.29 -7.04 0.41
C VAL V 160 -7.82 -7.21 1.82
N PHE V 161 -8.20 -6.11 2.47
CA PHE V 161 -8.74 -6.21 3.83
C PHE V 161 -10.02 -7.03 3.84
N ALA V 162 -10.92 -6.80 2.88
CA ALA V 162 -12.11 -7.63 2.76
C ALA V 162 -11.75 -9.07 2.42
N TYR V 163 -10.74 -9.25 1.56
CA TYR V 163 -10.31 -10.59 1.18
C TYR V 163 -9.77 -11.36 2.38
N LEU V 164 -8.98 -10.71 3.23
CA LEU V 164 -8.43 -11.37 4.40
C LEU V 164 -9.52 -11.75 5.39
N LEU V 165 -10.51 -10.88 5.58
CA LEU V 165 -11.61 -11.19 6.49
C LEU V 165 -12.44 -12.36 5.98
N LEU V 166 -12.70 -12.40 4.68
CA LEU V 166 -13.49 -13.49 4.11
C LEU V 166 -12.69 -14.79 4.08
N GLU V 167 -11.39 -14.71 3.78
CA GLU V 167 -10.55 -15.90 3.80
C GLU V 167 -10.48 -16.50 5.20
N ASN V 168 -10.53 -15.66 6.23
CA ASN V 168 -10.51 -16.11 7.62
C ASN V 168 -11.90 -16.07 8.25
N PHE V 169 -12.94 -16.36 7.46
CA PHE V 169 -14.31 -16.27 7.98
C PHE V 169 -14.55 -17.29 9.09
N ASP V 170 -14.04 -18.51 8.94
CA ASP V 170 -14.21 -19.51 9.98
C ASP V 170 -13.51 -19.10 11.26
N ALA V 171 -12.31 -18.54 11.14
CA ALA V 171 -11.61 -18.05 12.32
C ALA V 171 -12.36 -16.87 12.95
N LEU V 172 -12.80 -15.92 12.12
CA LEU V 172 -13.47 -14.73 12.65
C LEU V 172 -14.82 -15.07 13.27
N ASP V 173 -15.51 -16.07 12.74
CA ASP V 173 -16.77 -16.50 13.34
C ASP V 173 -16.56 -17.04 14.75
N SER V 174 -15.51 -17.85 14.94
CA SER V 174 -15.15 -18.31 16.27
C SER V 174 -14.68 -17.14 17.13
N ILE V 175 -13.97 -16.18 16.53
CA ILE V 175 -13.57 -14.97 17.23
C ILE V 175 -14.77 -14.22 17.79
N LEU V 176 -15.78 -14.00 16.95
CA LEU V 176 -16.92 -13.18 17.34
C LEU V 176 -17.95 -13.94 18.16
N ARG V 177 -17.75 -15.24 18.37
CA ARG V 177 -18.61 -16.04 19.23
C ARG V 177 -17.92 -16.54 20.49
N GLY V 178 -16.65 -16.18 20.69
CA GLY V 178 -15.93 -16.63 21.87
C GLY V 178 -15.43 -18.05 21.82
N GLY V 179 -15.46 -18.69 20.64
CA GLY V 179 -14.97 -20.05 20.52
C GLY V 179 -13.47 -20.20 20.68
N VAL V 180 -12.72 -19.09 20.61
CA VAL V 180 -11.27 -19.15 20.82
C VAL V 180 -10.89 -19.19 22.29
N ASN V 181 -11.87 -19.14 23.19
CA ASN V 181 -11.62 -19.17 24.62
C ASN V 181 -11.79 -20.56 25.22
N VAL V 182 -12.03 -21.58 24.39
CA VAL V 182 -12.10 -22.94 24.89
C VAL V 182 -10.75 -23.38 25.46
N ASN V 183 -9.67 -23.07 24.74
CA ASN V 183 -8.33 -23.40 25.20
C ASN V 183 -7.48 -22.14 25.31
N MET W 2 -1.04 -35.31 -38.54
CA MET W 2 0.00 -34.69 -37.73
C MET W 2 0.10 -33.19 -38.00
N ASN W 3 -0.37 -32.39 -37.06
CA ASN W 3 -0.33 -30.94 -37.20
C ASN W 3 1.09 -30.43 -36.92
N ILE W 4 1.27 -29.11 -37.05
CA ILE W 4 2.59 -28.52 -36.87
C ILE W 4 3.01 -28.61 -35.41
N SER W 5 4.31 -28.43 -35.18
CA SER W 5 4.92 -28.62 -33.88
C SER W 5 5.05 -27.29 -33.14
N ASP W 6 5.63 -27.36 -31.93
CA ASP W 6 5.86 -26.15 -31.14
C ASP W 6 6.79 -25.19 -31.85
N THR W 7 7.88 -25.71 -32.43
CA THR W 7 8.86 -24.85 -33.09
C THR W 7 8.25 -24.13 -34.28
N GLN W 8 7.39 -24.82 -35.05
CA GLN W 8 6.77 -24.18 -36.21
C GLN W 8 5.85 -23.04 -35.79
N VAL W 9 5.12 -23.22 -34.69
CA VAL W 9 4.26 -22.14 -34.20
C VAL W 9 5.10 -20.95 -33.76
N PHE W 10 6.19 -21.20 -33.05
CA PHE W 10 7.04 -20.11 -32.58
C PHE W 10 7.72 -19.41 -33.75
N VAL W 11 8.13 -20.17 -34.78
CA VAL W 11 8.74 -19.58 -35.96
C VAL W 11 7.75 -18.67 -36.67
N ALA W 12 6.50 -19.12 -36.80
CA ALA W 12 5.47 -18.30 -37.45
C ALA W 12 5.23 -17.01 -36.68
N LEU W 13 5.25 -17.07 -35.34
CA LEU W 13 5.07 -15.86 -34.55
C LEU W 13 6.21 -14.88 -34.77
N VAL W 14 7.45 -15.37 -34.85
CA VAL W 14 8.59 -14.49 -35.09
C VAL W 14 8.53 -13.91 -36.50
N VAL W 15 8.18 -14.74 -37.48
CA VAL W 15 8.09 -14.27 -38.87
C VAL W 15 7.00 -13.20 -39.00
N ALA W 16 5.88 -13.40 -38.31
CA ALA W 16 4.78 -12.44 -38.38
C ALA W 16 5.17 -11.07 -37.85
N LEU W 17 6.26 -10.97 -37.08
CA LEU W 17 6.73 -9.67 -36.62
C LEU W 17 7.17 -8.81 -37.80
N LEU W 18 7.73 -9.41 -38.85
CA LEU W 18 8.19 -8.62 -39.99
C LEU W 18 7.06 -7.85 -40.67
N PRO W 19 5.94 -8.48 -41.07
CA PRO W 19 4.81 -7.67 -41.55
C PRO W 19 4.20 -6.79 -40.48
N GLY W 20 4.34 -7.16 -39.20
CA GLY W 20 3.82 -6.30 -38.15
C GLY W 20 4.52 -4.96 -38.07
N LEU W 21 5.87 -4.98 -38.12
CA LEU W 21 6.62 -3.74 -38.09
C LEU W 21 6.44 -2.95 -39.38
N LEU W 22 6.40 -3.63 -40.53
CA LEU W 22 6.20 -2.94 -41.79
C LEU W 22 4.81 -2.34 -41.90
N ALA W 23 3.81 -2.97 -41.28
CA ALA W 23 2.48 -2.37 -41.24
C ALA W 23 2.49 -1.07 -40.44
N PHE W 24 3.22 -1.04 -39.33
CA PHE W 24 3.33 0.19 -38.56
C PHE W 24 4.02 1.28 -39.36
N ARG W 25 5.07 0.94 -40.09
CA ARG W 25 5.77 1.93 -40.91
C ARG W 25 4.86 2.49 -42.01
N LEU W 26 4.09 1.61 -42.67
CA LEU W 26 3.19 2.08 -43.71
C LEU W 26 2.06 2.94 -43.13
N ALA W 27 1.52 2.54 -41.97
CA ALA W 27 0.44 3.30 -41.37
C ALA W 27 0.91 4.70 -40.96
N THR W 28 2.10 4.79 -40.37
CA THR W 28 2.63 6.10 -40.00
C THR W 28 2.99 6.93 -41.22
N GLU W 29 3.50 6.28 -42.28
CA GLU W 29 3.81 6.99 -43.51
C GLU W 29 2.54 7.56 -44.14
N LEU W 30 1.46 6.78 -44.16
CA LEU W 30 0.20 7.26 -44.71
C LEU W 30 -0.41 8.37 -43.86
N TYR W 31 -0.14 8.37 -42.56
CA TYR W 31 -0.66 9.42 -41.70
C TYR W 31 -0.02 10.77 -41.99
N LYS W 32 1.20 10.77 -42.52
CA LYS W 32 1.90 12.01 -42.85
C LYS W 32 1.16 12.80 -43.92
N ALA X 1 -40.13 11.43 -88.82
CA ALA X 1 -38.93 10.77 -89.32
C ALA X 1 -39.09 9.26 -89.28
N PRO X 2 -38.56 8.56 -90.29
CA PRO X 2 -38.64 7.09 -90.29
C PRO X 2 -37.66 6.42 -89.35
N PHE X 3 -36.62 7.13 -88.89
CA PHE X 3 -35.59 6.59 -88.01
C PHE X 3 -34.96 5.35 -88.63
N PRO X 4 -34.17 5.48 -89.70
CA PRO X 4 -33.64 4.28 -90.37
C PRO X 4 -32.73 3.44 -89.49
N PHE X 5 -31.74 4.06 -88.83
CA PHE X 5 -30.82 3.28 -88.01
C PHE X 5 -31.53 2.66 -86.82
N ARG X 6 -32.47 3.39 -86.21
CA ARG X 6 -33.22 2.84 -85.08
C ARG X 6 -34.04 1.63 -85.50
N THR X 7 -34.73 1.73 -86.63
CA THR X 7 -35.63 0.65 -87.04
C THR X 7 -34.89 -0.55 -87.61
N ILE X 8 -33.69 -0.35 -88.16
CA ILE X 8 -32.92 -1.47 -88.70
C ILE X 8 -32.41 -2.36 -87.55
N VAL X 9 -31.85 -1.73 -86.52
CA VAL X 9 -31.36 -2.50 -85.37
C VAL X 9 -32.54 -3.12 -84.63
N SER X 10 -33.65 -2.40 -84.51
CA SER X 10 -34.83 -2.93 -83.83
C SER X 10 -35.38 -4.15 -84.55
N LEU X 11 -35.44 -4.10 -85.88
CA LEU X 11 -35.97 -5.23 -86.64
C LEU X 11 -35.03 -6.43 -86.61
N ILE X 12 -33.72 -6.19 -86.58
CA ILE X 12 -32.76 -7.29 -86.46
C ILE X 12 -32.91 -7.97 -85.11
N LEU X 13 -33.03 -7.19 -84.03
CA LEU X 13 -33.22 -7.77 -82.71
C LEU X 13 -34.55 -8.52 -82.62
N LEU X 14 -35.61 -7.95 -83.21
CA LEU X 14 -36.90 -8.63 -83.23
C LEU X 14 -36.83 -9.92 -84.03
N ALA X 15 -36.08 -9.91 -85.14
CA ALA X 15 -35.94 -11.11 -85.95
C ALA X 15 -35.26 -12.22 -85.16
N GLY X 16 -34.31 -11.88 -84.31
CA GLY X 16 -33.70 -12.88 -83.44
C GLY X 16 -34.71 -13.48 -82.48
N ASN X 17 -35.59 -12.65 -81.93
CA ASN X 17 -36.63 -13.17 -81.03
C ASN X 17 -37.58 -14.09 -81.78
N ILE X 18 -37.95 -13.72 -83.00
CA ILE X 18 -38.86 -14.56 -83.79
C ILE X 18 -38.17 -15.87 -84.17
N LEU X 19 -36.89 -15.81 -84.52
CA LEU X 19 -36.16 -17.02 -84.91
C LEU X 19 -36.05 -17.99 -83.73
N VAL X 20 -35.78 -17.46 -82.54
CA VAL X 20 -35.73 -18.31 -81.34
C VAL X 20 -37.11 -18.88 -81.05
N ALA X 21 -38.16 -18.07 -81.23
CA ALA X 21 -39.52 -18.56 -81.01
C ALA X 21 -39.91 -19.63 -82.03
N ALA X 22 -39.31 -19.61 -83.22
CA ALA X 22 -39.58 -20.64 -84.21
C ALA X 22 -39.07 -21.99 -83.75
N ILE X 23 -37.85 -22.04 -83.23
CA ILE X 23 -37.32 -23.27 -82.65
C ILE X 23 -38.11 -23.65 -81.41
N TYR X 24 -38.51 -22.65 -80.61
CA TYR X 24 -39.22 -22.91 -79.37
C TYR X 24 -40.60 -23.51 -79.64
N PHE X 25 -41.23 -23.12 -80.73
CA PHE X 25 -42.56 -23.61 -81.08
C PHE X 25 -42.52 -24.80 -82.03
N HIS X 26 -41.35 -25.39 -82.25
CA HIS X 26 -41.18 -26.55 -83.13
C HIS X 26 -41.66 -26.27 -84.55
N ILE X 27 -41.44 -25.03 -85.01
CA ILE X 27 -41.71 -24.70 -86.40
C ILE X 27 -40.52 -25.08 -87.28
N ILE X 28 -39.30 -24.84 -86.79
CA ILE X 28 -38.08 -25.21 -87.49
C ILE X 28 -37.18 -25.95 -86.51
N ASN X 29 -36.20 -26.65 -87.08
CA ASN X 29 -35.25 -27.42 -86.27
C ASN X 29 -33.82 -27.18 -86.72
N GLN Y 9 41.22 22.05 71.90
CA GLN Y 9 40.81 23.38 72.36
C GLN Y 9 39.50 23.81 71.71
N LYS Y 10 39.34 23.46 70.43
CA LYS Y 10 38.14 23.85 69.70
C LYS Y 10 36.89 23.23 70.31
N VAL Y 11 36.96 21.95 70.69
CA VAL Y 11 35.84 21.26 71.32
C VAL Y 11 35.95 21.46 72.82
N ARG Y 12 34.93 22.06 73.41
CA ARG Y 12 34.94 22.38 74.84
C ARG Y 12 33.51 22.50 75.33
N VAL Y 13 33.35 22.50 76.65
CA VAL Y 13 32.06 22.61 77.30
C VAL Y 13 31.87 24.04 77.79
N VAL Y 14 30.76 24.66 77.39
CA VAL Y 14 30.45 26.03 77.81
C VAL Y 14 28.94 26.15 77.95
N VAL Y 15 28.50 26.67 79.10
CA VAL Y 15 27.08 26.75 79.45
C VAL Y 15 26.80 28.07 80.15
N ASP Y 16 25.51 28.33 80.38
CA ASP Y 16 25.05 29.40 81.25
C ASP Y 16 24.49 28.81 82.54
N ASN Y 17 24.53 29.62 83.60
CA ASN Y 17 24.05 29.21 84.91
C ASN Y 17 22.70 29.87 85.18
N ASP Y 18 21.70 29.06 85.52
CA ASP Y 18 20.36 29.52 85.82
C ASP Y 18 19.79 30.44 84.73
N PRO Y 19 19.66 29.95 83.49
CA PRO Y 19 19.10 30.81 82.44
C PRO Y 19 17.60 30.99 82.54
N VAL Y 20 16.88 30.02 83.11
CA VAL Y 20 15.44 30.09 83.26
C VAL Y 20 15.08 29.77 84.70
N PRO Y 21 14.46 30.68 85.44
CA PRO Y 21 14.05 30.36 86.82
C PRO Y 21 13.00 29.25 86.84
N THR Y 22 13.04 28.47 87.91
CA THR Y 22 12.10 27.35 88.09
C THR Y 22 10.92 27.86 88.90
N SER Y 23 9.89 28.32 88.20
CA SER Y 23 8.69 28.84 88.85
C SER Y 23 7.46 28.31 88.14
N PRO Y 24 6.39 28.01 88.87
CA PRO Y 24 5.13 27.58 88.24
C PRO Y 24 4.22 28.72 87.81
N GLU Y 25 4.72 29.95 87.75
CA GLU Y 25 3.88 31.08 87.37
C GLU Y 25 3.34 30.95 85.96
N LEU Y 26 4.20 30.53 85.02
CA LEU Y 26 3.78 30.38 83.63
C LEU Y 26 2.87 29.17 83.42
N TRP Y 27 2.76 28.28 84.41
CA TRP Y 27 1.79 27.19 84.31
C TRP Y 27 0.37 27.74 84.27
N ALA Y 28 0.14 28.90 84.88
CA ALA Y 28 -1.17 29.54 84.90
C ALA Y 28 -1.34 30.53 83.75
N LYS Y 29 -0.46 30.50 82.76
CA LYS Y 29 -0.52 31.39 81.60
C LYS Y 29 -0.48 30.54 80.34
N PRO Y 30 -1.59 29.89 79.99
CA PRO Y 30 -1.60 29.06 78.77
C PRO Y 30 -1.34 29.92 77.54
N GLY Y 31 -0.57 29.36 76.60
CA GLY Y 31 -0.21 30.09 75.41
C GLY Y 31 0.85 31.14 75.59
N HIS Y 32 1.57 31.12 76.71
CA HIS Y 32 2.61 32.12 76.96
C HIS Y 32 3.73 32.05 75.94
N PHE Y 33 3.98 30.85 75.39
CA PHE Y 33 5.07 30.68 74.44
C PHE Y 33 4.82 31.39 73.11
N ASP Y 34 3.56 31.70 72.80
CA ASP Y 34 3.20 32.33 71.54
C ASP Y 34 2.68 33.74 71.81
N ARG Y 35 3.14 34.70 71.00
CA ARG Y 35 2.75 36.09 71.19
C ARG Y 35 1.24 36.27 70.99
N THR Y 36 0.69 35.64 69.96
CA THR Y 36 -0.75 35.75 69.71
C THR Y 36 -1.55 35.03 70.79
N LEU Y 37 -1.11 33.83 71.17
CA LEU Y 37 -1.87 33.03 72.14
C LEU Y 37 -1.80 33.60 73.54
N ALA Y 38 -0.77 34.39 73.85
CA ALA Y 38 -0.60 34.91 75.21
C ALA Y 38 -1.70 35.88 75.61
N ARG Y 39 -2.38 36.50 74.64
CA ARG Y 39 -3.42 37.47 74.97
C ARG Y 39 -4.64 36.81 75.61
N GLY Y 40 -4.87 35.53 75.31
CA GLY Y 40 -6.01 34.83 75.86
C GLY Y 40 -7.01 34.45 74.80
N PRO Y 41 -7.98 33.60 75.17
CA PRO Y 41 -8.95 33.11 74.19
C PRO Y 41 -10.05 34.11 73.91
N LYS Y 42 -10.37 34.26 72.63
CA LYS Y 42 -11.58 34.96 72.19
C LYS Y 42 -12.57 34.03 71.48
N THR Y 43 -12.07 33.03 70.76
CA THR Y 43 -12.87 32.00 70.14
C THR Y 43 -12.31 30.64 70.52
N THR Y 44 -13.07 29.58 70.23
CA THR Y 44 -12.61 28.23 70.54
C THR Y 44 -11.40 27.82 69.69
N THR Y 45 -11.13 28.54 68.60
CA THR Y 45 -9.94 28.27 67.80
C THR Y 45 -8.67 28.49 68.60
N TRP Y 46 -8.73 29.33 69.64
CA TRP Y 46 -7.57 29.56 70.49
C TRP Y 46 -7.14 28.28 71.19
N ILE Y 47 -8.11 27.48 71.66
CA ILE Y 47 -7.79 26.25 72.38
C ILE Y 47 -7.04 25.28 71.48
N TRP Y 48 -7.53 25.10 70.25
CA TRP Y 48 -6.86 24.20 69.32
C TRP Y 48 -5.48 24.70 68.94
N ASN Y 49 -5.34 26.02 68.75
CA ASN Y 49 -4.04 26.58 68.40
C ASN Y 49 -3.03 26.43 69.53
N LEU Y 50 -3.52 26.38 70.77
CA LEU Y 50 -2.62 26.20 71.91
C LEU Y 50 -1.90 24.85 71.85
N HIS Y 51 -2.66 23.79 71.58
CA HIS Y 51 -2.07 22.46 71.51
C HIS Y 51 -1.30 22.24 70.21
N ALA Y 52 -1.73 22.89 69.12
CA ALA Y 52 -1.07 22.69 67.83
C ALA Y 52 0.33 23.28 67.80
N ASN Y 53 0.56 24.37 68.52
CA ASN Y 53 1.84 25.05 68.52
C ASN Y 53 2.63 24.82 69.81
N ALA Y 54 2.23 23.82 70.61
CA ALA Y 54 2.86 23.63 71.91
C ALA Y 54 4.34 23.28 71.79
N HIS Y 55 4.68 22.40 70.85
CA HIS Y 55 6.06 21.91 70.71
C HIS Y 55 6.75 22.45 69.47
N ASP Y 56 6.18 23.45 68.81
CA ASP Y 56 6.83 24.10 67.67
C ASP Y 56 7.75 25.18 68.21
N PHE Y 57 8.92 24.75 68.68
CA PHE Y 57 9.81 25.63 69.45
C PHE Y 57 10.33 26.78 68.61
N ASP Y 58 10.59 26.55 67.32
CA ASP Y 58 11.15 27.61 66.48
C ASP Y 58 10.18 28.75 66.22
N THR Y 59 8.89 28.59 66.55
CA THR Y 59 7.95 29.69 66.51
C THR Y 59 7.76 30.35 67.87
N HIS Y 60 8.28 29.75 68.94
CA HIS Y 60 8.26 30.42 70.24
C HIS Y 60 9.29 31.53 70.30
N THR Y 61 10.44 31.34 69.66
CA THR Y 61 11.52 32.31 69.68
C THR Y 61 12.36 32.13 68.43
N SER Y 62 13.07 33.19 68.05
CA SER Y 62 13.98 33.16 66.91
C SER Y 62 15.41 32.84 67.31
N ASP Y 63 15.68 32.63 68.60
CA ASP Y 63 17.03 32.34 69.07
C ASP Y 63 17.32 30.85 68.89
N LEU Y 64 18.30 30.54 68.02
CA LEU Y 64 18.66 29.15 67.80
C LEU Y 64 19.22 28.51 69.05
N GLU Y 65 19.97 29.28 69.85
CA GLU Y 65 20.52 28.74 71.09
C GLU Y 65 19.42 28.35 72.06
N ASP Y 66 18.39 29.20 72.21
CA ASP Y 66 17.28 28.88 73.09
C ASP Y 66 16.47 27.71 72.55
N ILE Y 67 16.32 27.63 71.23
CA ILE Y 67 15.60 26.50 70.64
C ILE Y 67 16.32 25.20 70.95
N SER Y 68 17.65 25.18 70.76
CA SER Y 68 18.41 23.94 70.97
C SER Y 68 18.32 23.47 72.42
N ARG Y 69 18.30 24.41 73.37
CA ARG Y 69 18.17 24.03 74.78
C ARG Y 69 16.81 23.38 75.03
N LYS Y 70 15.76 23.87 74.36
CA LYS Y 70 14.45 23.24 74.49
C LYS Y 70 14.46 21.82 73.93
N ILE Y 71 15.16 21.61 72.82
CA ILE Y 71 15.25 20.26 72.25
C ILE Y 71 15.92 19.31 73.23
N PHE Y 72 17.03 19.75 73.82
CA PHE Y 72 17.80 18.88 74.72
C PHE Y 72 16.99 18.52 75.96
N ALA Y 73 16.34 19.51 76.58
CA ALA Y 73 15.57 19.26 77.79
C ALA Y 73 14.37 18.38 77.51
N ALA Y 74 13.67 18.63 76.40
CA ALA Y 74 12.48 17.85 76.07
C ALA Y 74 12.83 16.39 75.79
N HIS Y 75 14.01 16.15 75.22
CA HIS Y 75 14.42 14.77 74.94
C HIS Y 75 14.62 13.97 76.21
N PHE Y 76 15.08 14.61 77.28
CA PHE Y 76 15.15 13.93 78.57
C PHE Y 76 13.75 13.57 79.07
N GLY Y 77 12.77 14.44 78.82
CA GLY Y 77 11.41 14.14 79.22
C GLY Y 77 10.84 12.95 78.48
N HIS Y 78 11.11 12.85 77.18
CA HIS Y 78 10.63 11.69 76.42
C HIS Y 78 11.33 10.41 76.87
N LEU Y 79 12.61 10.51 77.22
CA LEU Y 79 13.33 9.35 77.74
C LEU Y 79 12.71 8.87 79.05
N ALA Y 80 12.31 9.81 79.91
CA ALA Y 80 11.63 9.44 81.14
C ALA Y 80 10.30 8.75 80.86
N VAL Y 81 9.58 9.20 79.84
CA VAL Y 81 8.33 8.57 79.46
C VAL Y 81 8.58 7.13 79.01
N ILE Y 82 9.63 6.92 78.22
CA ILE Y 82 9.96 5.57 77.76
C ILE Y 82 10.35 4.68 78.94
N PHE Y 83 11.07 5.25 79.92
CA PHE Y 83 11.49 4.45 81.07
C PHE Y 83 10.30 4.06 81.94
N ILE Y 84 9.31 4.95 82.08
CA ILE Y 84 8.09 4.60 82.81
C ILE Y 84 7.35 3.49 82.09
N TRP Y 85 7.26 3.59 80.76
CA TRP Y 85 6.61 2.54 79.97
C TRP Y 85 7.36 1.22 80.09
N LEU Y 86 8.69 1.26 80.00
CA LEU Y 86 9.49 0.05 80.15
C LEU Y 86 9.32 -0.55 81.54
N SER Y 87 9.30 0.31 82.56
CA SER Y 87 9.06 -0.17 83.93
C SER Y 87 7.70 -0.83 84.05
N GLY Y 88 6.70 -0.34 83.34
CA GLY Y 88 5.39 -0.95 83.40
C GLY Y 88 5.36 -2.37 82.87
N MET Y 89 6.08 -2.62 81.78
CA MET Y 89 6.06 -3.95 81.19
C MET Y 89 6.80 -4.96 82.06
N TYR Y 90 7.90 -4.52 82.70
CA TYR Y 90 8.62 -5.41 83.61
C TYR Y 90 7.83 -5.66 84.88
N PHE Y 91 7.14 -4.64 85.40
CA PHE Y 91 6.36 -4.81 86.62
C PHE Y 91 5.14 -5.69 86.36
N HIS Y 92 4.42 -5.45 85.27
CA HIS Y 92 3.26 -6.28 84.95
C HIS Y 92 3.67 -7.70 84.62
N GLY Y 93 4.86 -7.89 84.06
CA GLY Y 93 5.40 -9.23 83.86
C GLY Y 93 5.95 -9.88 85.11
N ALA Y 94 6.02 -9.14 86.21
CA ALA Y 94 6.48 -9.69 87.48
C ALA Y 94 5.38 -9.82 88.52
N LYS Y 95 4.21 -9.21 88.29
CA LYS Y 95 3.14 -9.19 89.27
C LYS Y 95 1.82 -9.73 88.75
N PHE Y 96 1.50 -9.53 87.47
CA PHE Y 96 0.21 -9.93 86.90
C PHE Y 96 0.44 -10.76 85.64
N SER Y 97 1.35 -11.72 85.71
CA SER Y 97 1.68 -12.53 84.55
C SER Y 97 1.83 -13.98 84.95
N ASN Y 98 1.93 -14.85 83.94
CA ASN Y 98 2.23 -16.26 84.10
C ASN Y 98 3.63 -16.58 83.57
N PHE Y 99 4.57 -15.67 83.81
CA PHE Y 99 5.91 -15.81 83.25
C PHE Y 99 6.61 -17.06 83.78
N GLU Y 100 6.50 -17.33 85.08
CA GLU Y 100 7.14 -18.51 85.64
C GLU Y 100 6.56 -19.79 85.07
N ALA Y 101 5.24 -19.86 84.93
CA ALA Y 101 4.62 -21.03 84.32
C ALA Y 101 5.03 -21.16 82.86
N TRP Y 102 5.12 -20.05 82.14
CA TRP Y 102 5.51 -20.10 80.74
C TRP Y 102 6.94 -20.60 80.58
N MET Y 103 7.83 -20.20 81.49
CA MET Y 103 9.22 -20.66 81.41
C MET Y 103 9.32 -22.18 81.56
N ALA Y 104 8.48 -22.77 82.42
CA ALA Y 104 8.49 -24.22 82.58
C ALA Y 104 8.03 -24.92 81.30
N ASN Y 105 6.97 -24.40 80.67
CA ASN Y 105 6.39 -25.02 79.47
C ASN Y 105 6.21 -23.95 78.39
N PRO Y 106 7.30 -23.57 77.73
CA PRO Y 106 7.20 -22.51 76.70
C PRO Y 106 6.27 -22.86 75.55
N THR Y 107 6.20 -24.13 75.14
CA THR Y 107 5.42 -24.52 73.98
C THR Y 107 3.97 -24.85 74.30
N GLY Y 108 3.60 -24.90 75.58
CA GLY Y 108 2.23 -25.27 75.94
C GLY Y 108 1.51 -24.21 76.73
N VAL Y 109 2.14 -23.05 76.92
CA VAL Y 109 1.57 -21.95 77.70
C VAL Y 109 1.61 -20.70 76.84
N LYS Y 110 0.49 -19.99 76.78
CA LYS Y 110 0.41 -18.72 76.06
C LYS Y 110 0.82 -17.57 76.99
N PRO Y 111 1.74 -16.71 76.57
CA PRO Y 111 2.13 -15.58 77.44
C PRO Y 111 0.95 -14.67 77.73
N SER Y 112 0.91 -14.18 78.98
CA SER Y 112 -0.16 -13.29 79.41
C SER Y 112 0.37 -12.42 80.54
N ALA Y 113 0.22 -11.10 80.41
CA ALA Y 113 0.71 -10.19 81.43
C ALA Y 113 -0.27 -9.06 81.73
N GLN Y 114 -1.55 -9.22 81.40
CA GLN Y 114 -2.57 -8.23 81.69
C GLN Y 114 -3.79 -8.93 82.25
N VAL Y 115 -4.20 -8.54 83.46
CA VAL Y 115 -5.35 -9.11 84.14
C VAL Y 115 -6.35 -8.01 84.40
N VAL Y 116 -7.61 -8.24 84.02
CA VAL Y 116 -8.66 -7.25 84.16
C VAL Y 116 -9.45 -7.53 85.44
N TRP Y 117 -10.04 -6.47 85.99
CA TRP Y 117 -10.91 -6.60 87.15
C TRP Y 117 -12.30 -7.08 86.74
N SER Y 118 -13.08 -7.50 87.73
CA SER Y 118 -14.39 -8.11 87.51
C SER Y 118 -15.46 -7.16 88.02
N LEU Y 119 -15.94 -6.28 87.15
CA LEU Y 119 -17.00 -5.37 87.57
C LEU Y 119 -18.20 -5.35 86.64
N VAL Y 120 -17.99 -5.45 85.33
CA VAL Y 120 -19.08 -5.30 84.36
C VAL Y 120 -19.10 -6.47 83.39
N GLY Y 121 -18.60 -7.62 83.83
CA GLY Y 121 -18.50 -8.77 82.97
C GLY Y 121 -17.28 -8.78 82.07
N GLN Y 122 -16.40 -7.78 82.19
CA GLN Y 122 -15.18 -7.74 81.39
C GLN Y 122 -14.17 -8.79 81.80
N ASP Y 123 -14.41 -9.49 82.92
CA ASP Y 123 -13.53 -10.58 83.33
C ASP Y 123 -13.57 -11.76 82.38
N ILE Y 124 -14.54 -11.80 81.45
CA ILE Y 124 -14.53 -12.81 80.40
C ILE Y 124 -13.30 -12.69 79.52
N LEU Y 125 -12.67 -11.51 79.50
CA LEU Y 125 -11.45 -11.31 78.73
C LEU Y 125 -10.24 -11.99 79.34
N ASN Y 126 -10.36 -12.49 80.57
CA ASN Y 126 -9.28 -13.25 81.22
C ASN Y 126 -9.27 -14.65 80.59
N ALA Y 127 -8.55 -14.77 79.49
CA ALA Y 127 -8.54 -16.00 78.72
C ALA Y 127 -7.78 -17.11 79.47
N ASP Y 128 -8.13 -18.34 79.16
CA ASP Y 128 -7.43 -19.51 79.69
C ASP Y 128 -6.15 -19.68 78.88
N VAL Y 129 -5.08 -19.05 79.35
CA VAL Y 129 -3.81 -19.05 78.65
C VAL Y 129 -2.89 -20.19 79.08
N GLY Y 130 -3.34 -21.05 79.98
CA GLY Y 130 -2.53 -22.13 80.49
C GLY Y 130 -1.71 -21.73 81.69
N GLY Y 131 -1.07 -22.74 82.29
CA GLY Y 131 -0.30 -22.52 83.50
C GLY Y 131 -1.12 -22.12 84.70
N GLY Y 132 -2.40 -22.49 84.73
CA GLY Y 132 -3.27 -22.09 85.83
C GLY Y 132 -3.44 -20.60 85.95
N PHE Y 133 -3.49 -19.90 84.82
CA PHE Y 133 -3.55 -18.45 84.79
C PHE Y 133 -4.68 -18.00 83.87
N HIS Y 134 -5.31 -16.87 84.24
CA HIS Y 134 -6.37 -16.28 83.45
C HIS Y 134 -6.03 -14.83 83.18
N GLY Y 135 -5.90 -14.47 81.92
CA GLY Y 135 -5.56 -13.11 81.55
C GLY Y 135 -5.53 -12.96 80.05
N ILE Y 136 -5.21 -11.74 79.63
CA ILE Y 136 -5.15 -11.42 78.21
C ILE Y 136 -3.83 -11.93 77.64
N GLN Y 137 -3.92 -12.69 76.54
CA GLN Y 137 -2.72 -13.21 75.90
C GLN Y 137 -1.98 -12.06 75.21
N ILE Y 138 -0.77 -11.79 75.67
CA ILE Y 138 0.03 -10.71 75.12
C ILE Y 138 0.75 -11.19 73.86
N THR Y 139 0.99 -10.27 72.93
CA THR Y 139 1.67 -10.57 71.68
C THR Y 139 2.91 -9.70 71.49
N SER Y 140 3.43 -9.10 72.56
CA SER Y 140 4.58 -8.23 72.45
C SER Y 140 5.90 -8.98 72.46
N GLY Y 141 5.91 -10.26 72.78
CA GLY Y 141 7.15 -11.01 72.83
C GLY Y 141 8.04 -10.69 74.00
N LEU Y 142 7.47 -10.15 75.09
CA LEU Y 142 8.28 -9.81 76.26
C LEU Y 142 8.87 -11.06 76.91
N PHE Y 143 8.10 -12.14 76.99
CA PHE Y 143 8.59 -13.37 77.62
C PHE Y 143 9.76 -13.95 76.85
N GLN Y 144 9.67 -13.95 75.51
CA GLN Y 144 10.77 -14.46 74.69
C GLN Y 144 12.01 -13.58 74.82
N LEU Y 145 11.80 -12.27 74.93
CA LEU Y 145 12.92 -11.36 75.19
C LEU Y 145 13.60 -11.68 76.52
N TRP Y 146 12.79 -11.84 77.58
CA TRP Y 146 13.35 -12.03 78.91
C TRP Y 146 14.05 -13.38 79.03
N ARG Y 147 13.50 -14.42 78.40
CA ARG Y 147 14.15 -15.73 78.43
C ARG Y 147 15.49 -15.69 77.73
N ALA Y 148 15.58 -15.00 76.59
CA ALA Y 148 16.84 -14.86 75.89
C ALA Y 148 17.88 -14.08 76.70
N ALA Y 149 17.43 -13.21 77.60
CA ALA Y 149 18.33 -12.45 78.45
C ALA Y 149 18.75 -13.21 79.70
N GLY Y 150 18.25 -14.42 79.89
CA GLY Y 150 18.58 -15.21 81.06
C GLY Y 150 17.66 -15.03 82.24
N ILE Y 151 16.66 -14.16 82.15
CA ILE Y 151 15.73 -13.96 83.25
C ILE Y 151 14.86 -15.21 83.40
N THR Y 152 14.76 -15.70 84.64
CA THR Y 152 14.05 -16.95 84.91
C THR Y 152 12.97 -16.83 85.97
N ASN Y 153 12.95 -15.77 86.77
CA ASN Y 153 11.97 -15.63 87.83
C ASN Y 153 11.47 -14.19 87.89
N THR Y 154 10.33 -14.01 88.56
CA THR Y 154 9.68 -12.71 88.59
C THR Y 154 10.43 -11.69 89.43
N PHE Y 155 11.30 -12.13 90.34
CA PHE Y 155 12.04 -11.18 91.17
C PHE Y 155 13.00 -10.35 90.33
N GLN Y 156 13.66 -10.97 89.35
CA GLN Y 156 14.55 -10.22 88.47
C GLN Y 156 13.78 -9.20 87.65
N LEU Y 157 12.58 -9.57 87.18
CA LEU Y 157 11.73 -8.61 86.48
C LEU Y 157 11.31 -7.48 87.39
N TYR Y 158 11.02 -7.78 88.66
CA TYR Y 158 10.64 -6.75 89.62
C TYR Y 158 11.78 -5.78 89.84
N CYS Y 159 13.02 -6.28 89.94
CA CYS Y 159 14.17 -5.41 90.12
C CYS Y 159 14.37 -4.50 88.91
N THR Y 160 14.18 -5.04 87.71
CA THR Y 160 14.30 -4.22 86.50
C THR Y 160 13.21 -3.16 86.45
N ALA Y 161 12.01 -3.47 86.95
CA ALA Y 161 10.96 -2.46 87.01
C ALA Y 161 11.34 -1.31 87.94
N ILE Y 162 11.94 -1.62 89.09
CA ILE Y 162 12.40 -0.58 90.00
C ILE Y 162 13.49 0.25 89.35
N GLY Y 163 14.43 -0.42 88.68
CA GLY Y 163 15.48 0.30 87.98
C GLY Y 163 14.97 1.21 86.89
N GLY Y 164 13.90 0.80 86.20
CA GLY Y 164 13.31 1.65 85.19
C GLY Y 164 12.68 2.90 85.78
N LEU Y 165 12.01 2.76 86.93
CA LEU Y 165 11.44 3.93 87.59
C LEU Y 165 12.52 4.88 88.08
N VAL Y 166 13.62 4.33 88.60
CA VAL Y 166 14.73 5.16 89.04
C VAL Y 166 15.36 5.89 87.87
N MET Y 167 15.54 5.19 86.74
CA MET Y 167 16.08 5.83 85.54
C MET Y 167 15.15 6.91 85.02
N ALA Y 168 13.84 6.72 85.13
CA ALA Y 168 12.88 7.74 84.70
C ALA Y 168 13.04 9.01 85.52
N ALA Y 169 13.22 8.87 86.84
CA ALA Y 169 13.45 10.04 87.68
C ALA Y 169 14.75 10.74 87.33
N ILE Y 170 15.80 9.96 87.04
CA ILE Y 170 17.09 10.55 86.67
C ILE Y 170 16.98 11.31 85.36
N MET Y 171 16.28 10.73 84.38
CA MET Y 171 16.08 11.43 83.11
C MET Y 171 15.30 12.71 83.31
N LEU Y 172 14.26 12.69 84.16
CA LEU Y 172 13.47 13.89 84.40
C LEU Y 172 14.30 14.97 85.06
N PHE Y 173 15.15 14.59 86.03
CA PHE Y 173 16.00 15.57 86.68
C PHE Y 173 17.02 16.15 85.72
N ALA Y 174 17.52 15.33 84.79
CA ALA Y 174 18.50 15.82 83.82
C ALA Y 174 17.91 16.90 82.93
N GLY Y 175 16.66 16.72 82.50
CA GLY Y 175 16.03 17.71 81.65
C GLY Y 175 15.84 19.04 82.37
N TRP Y 176 15.39 18.99 83.63
CA TRP Y 176 15.28 20.21 84.42
C TRP Y 176 16.64 20.85 84.66
N PHE Y 177 17.65 20.02 84.94
CA PHE Y 177 18.98 20.54 85.23
C PHE Y 177 19.60 21.23 84.02
N HIS Y 178 19.46 20.62 82.84
CA HIS Y 178 20.12 21.13 81.64
C HIS Y 178 19.32 22.20 80.91
N TYR Y 179 18.16 22.60 81.45
CA TYR Y 179 17.42 23.74 80.94
C TYR Y 179 17.30 24.87 81.95
N HIS Y 180 17.07 24.57 83.22
CA HIS Y 180 16.87 25.59 84.24
C HIS Y 180 18.14 25.90 85.02
N LYS Y 181 19.15 25.04 84.99
CA LYS Y 181 20.37 25.24 85.78
C LYS Y 181 21.62 25.42 84.94
N ARG Y 182 21.90 24.50 84.01
CA ARG Y 182 23.12 24.56 83.20
C ARG Y 182 22.75 24.24 81.75
N ALA Y 183 22.47 25.29 80.98
CA ALA Y 183 22.06 25.13 79.59
C ALA Y 183 23.24 25.35 78.66
N PRO Y 184 23.60 24.37 77.83
CA PRO Y 184 24.76 24.54 76.95
C PRO Y 184 24.54 25.61 75.89
N LYS Y 185 25.64 26.22 75.47
CA LYS Y 185 25.62 27.20 74.39
C LYS Y 185 25.23 26.55 73.07
N LEU Y 186 24.98 27.41 72.08
CA LEU Y 186 24.70 26.93 70.73
C LEU Y 186 25.91 26.22 70.14
N GLU Y 187 27.11 26.73 70.39
CA GLU Y 187 28.32 26.11 69.85
C GLU Y 187 28.55 24.71 70.43
N TRP Y 188 28.02 24.43 71.62
CA TRP Y 188 28.12 23.08 72.16
C TRP Y 188 27.35 22.09 71.29
N PHE Y 189 26.15 22.47 70.85
CA PHE Y 189 25.34 21.59 70.01
C PHE Y 189 25.92 21.42 68.61
N GLN Y 190 26.76 22.34 68.17
CA GLN Y 190 27.29 22.33 66.81
C GLN Y 190 28.58 21.52 66.68
N ASN Y 191 28.92 20.72 67.68
CA ASN Y 191 30.12 19.88 67.63
C ASN Y 191 29.76 18.56 66.97
N TRP Y 192 29.72 18.59 65.63
CA TRP Y 192 29.38 17.39 64.87
C TRP Y 192 30.40 16.27 65.13
N GLU Y 193 31.69 16.60 65.06
CA GLU Y 193 32.72 15.58 65.17
C GLU Y 193 32.73 14.95 66.56
N ALA Y 194 32.60 15.76 67.61
CA ALA Y 194 32.58 15.22 68.96
C ALA Y 194 31.32 14.40 69.20
N MET Y 195 30.17 14.87 68.73
CA MET Y 195 28.92 14.13 68.91
C MET Y 195 28.98 12.79 68.17
N MET Y 196 29.47 12.81 66.93
CA MET Y 196 29.54 11.58 66.15
C MET Y 196 30.48 10.57 66.79
N ASN Y 197 31.63 11.05 67.28
CA ASN Y 197 32.58 10.15 67.94
C ASN Y 197 31.99 9.52 69.20
N HIS Y 198 31.34 10.33 70.03
CA HIS Y 198 30.82 9.83 71.29
C HIS Y 198 29.65 8.87 71.09
N HIS Y 199 28.78 9.17 70.13
CA HIS Y 199 27.61 8.32 69.92
C HIS Y 199 27.97 7.02 69.18
N LEU Y 200 29.04 7.03 68.39
CA LEU Y 200 29.47 5.81 67.72
C LEU Y 200 30.20 4.89 68.68
N ALA Y 201 31.33 5.36 69.25
CA ALA Y 201 32.14 4.51 70.10
C ALA Y 201 31.54 4.35 71.49
N GLY Y 202 30.95 5.40 72.04
CA GLY Y 202 30.50 5.39 73.42
C GLY Y 202 29.08 4.90 73.63
N LEU Y 203 28.19 5.17 72.68
CA LEU Y 203 26.80 4.75 72.83
C LEU Y 203 26.55 3.41 72.15
N LEU Y 204 26.79 3.34 70.84
CA LEU Y 204 26.60 2.09 70.11
C LEU Y 204 27.70 1.09 70.43
N GLY Y 205 28.96 1.55 70.45
CA GLY Y 205 30.07 0.64 70.68
C GLY Y 205 30.09 0.07 72.09
N LEU Y 206 29.99 0.94 73.09
CA LEU Y 206 30.04 0.46 74.48
C LEU Y 206 28.78 -0.28 74.86
N GLY Y 207 27.63 0.09 74.29
CA GLY Y 207 26.42 -0.66 74.56
C GLY Y 207 26.46 -2.06 73.98
N CYS Y 208 27.00 -2.21 72.76
CA CYS Y 208 27.19 -3.54 72.19
C CYS Y 208 28.18 -4.35 73.01
N LEU Y 209 29.27 -3.71 73.46
CA LEU Y 209 30.25 -4.41 74.29
C LEU Y 209 29.62 -4.83 75.62
N GLY Y 210 28.86 -3.94 76.26
CA GLY Y 210 28.24 -4.28 77.52
C GLY Y 210 27.23 -5.39 77.39
N TRP Y 211 26.42 -5.35 76.32
CA TRP Y 211 25.45 -6.43 76.12
C TRP Y 211 26.13 -7.73 75.73
N ALA Y 212 27.25 -7.65 75.02
CA ALA Y 212 28.03 -8.86 74.72
C ALA Y 212 28.55 -9.48 76.01
N GLY Y 213 28.97 -8.65 76.97
CA GLY Y 213 29.37 -9.17 78.26
C GLY Y 213 28.23 -9.86 78.99
N HIS Y 214 27.04 -9.25 78.97
CA HIS Y 214 25.89 -9.88 79.60
C HIS Y 214 25.51 -11.18 78.91
N GLN Y 215 25.56 -11.21 77.59
CA GLN Y 215 25.23 -12.43 76.86
C GLN Y 215 26.23 -13.54 77.16
N ILE Y 216 27.52 -13.20 77.19
CA ILE Y 216 28.55 -14.21 77.39
C ILE Y 216 28.50 -14.75 78.82
N HIS Y 217 28.33 -13.87 79.80
CA HIS Y 217 28.46 -14.27 81.20
C HIS Y 217 27.13 -14.68 81.84
N VAL Y 218 25.99 -14.29 81.27
CA VAL Y 218 24.71 -14.56 81.90
C VAL Y 218 23.77 -15.31 80.96
N ALA Y 219 23.52 -14.73 79.79
CA ALA Y 219 22.49 -15.28 78.90
C ALA Y 219 22.90 -16.63 78.34
N LEU Y 220 24.15 -16.75 77.89
CA LEU Y 220 24.61 -18.02 77.31
C LEU Y 220 24.57 -19.17 78.30
N PRO Y 221 25.11 -19.07 79.52
CA PRO Y 221 25.05 -20.23 80.42
C PRO Y 221 23.62 -20.59 80.84
N VAL Y 222 22.79 -19.59 81.12
CA VAL Y 222 21.43 -19.87 81.56
C VAL Y 222 20.62 -20.55 80.46
N ASN Y 223 20.75 -20.06 79.23
CA ASN Y 223 20.00 -20.65 78.12
C ASN Y 223 20.55 -22.00 77.72
N LYS Y 224 21.85 -22.22 77.89
CA LYS Y 224 22.42 -23.54 77.61
C LYS Y 224 21.84 -24.59 78.55
N LEU Y 225 21.71 -24.26 79.84
CA LEU Y 225 21.07 -25.17 80.78
C LEU Y 225 19.59 -25.33 80.47
N LEU Y 226 18.92 -24.24 80.10
CA LEU Y 226 17.49 -24.31 79.80
C LEU Y 226 17.22 -25.21 78.61
N ASP Y 227 18.02 -25.11 77.55
CA ASP Y 227 17.81 -25.92 76.37
C ASP Y 227 18.18 -27.38 76.61
N ALA Y 228 19.10 -27.63 77.55
CA ALA Y 228 19.48 -29.00 77.88
C ALA Y 228 18.41 -29.73 78.69
N GLY Y 229 17.38 -29.02 79.16
CA GLY Y 229 16.32 -29.62 79.94
C GLY Y 229 16.42 -29.41 81.43
N VAL Y 230 17.41 -28.65 81.91
CA VAL Y 230 17.56 -28.41 83.34
C VAL Y 230 16.40 -27.55 83.83
N ALA Y 231 15.86 -27.92 85.00
CA ALA Y 231 14.74 -27.18 85.56
C ALA Y 231 15.19 -25.80 86.04
N ILE Y 232 14.20 -24.92 86.25
CA ILE Y 232 14.49 -23.55 86.65
C ILE Y 232 15.19 -23.52 88.01
N LYS Y 233 14.68 -24.30 88.97
CA LYS Y 233 15.22 -24.27 90.32
C LYS Y 233 16.64 -24.82 90.38
N ASP Y 234 17.01 -25.68 89.44
CA ASP Y 234 18.36 -26.25 89.43
C ASP Y 234 19.38 -25.35 88.72
N ILE Y 235 18.93 -24.32 88.02
CA ILE Y 235 19.86 -23.41 87.33
C ILE Y 235 20.35 -22.37 88.33
N PRO Y 236 21.66 -22.21 88.48
CA PRO Y 236 22.18 -21.22 89.43
C PRO Y 236 21.90 -19.80 88.96
N LEU Y 237 21.90 -18.88 89.92
CA LEU Y 237 21.67 -17.48 89.63
C LEU Y 237 22.79 -16.92 88.75
N PRO Y 238 22.50 -15.86 87.99
CA PRO Y 238 23.51 -15.36 87.03
C PRO Y 238 24.83 -14.99 87.66
N HIS Y 239 24.84 -14.45 88.87
CA HIS Y 239 26.11 -14.08 89.51
C HIS Y 239 26.94 -15.29 89.88
N GLU Y 240 26.32 -16.46 90.07
CA GLU Y 240 27.07 -17.67 90.37
C GLU Y 240 27.97 -18.06 89.20
N PHE Y 241 27.54 -17.81 87.97
CA PHE Y 241 28.38 -18.08 86.82
C PHE Y 241 29.59 -17.18 86.77
N ILE Y 242 29.56 -16.04 87.46
CA ILE Y 242 30.70 -15.13 87.50
C ILE Y 242 31.63 -15.47 88.67
N LEU Y 243 31.06 -15.75 89.85
CA LEU Y 243 31.88 -16.09 91.00
C LEU Y 243 32.51 -17.47 90.83
N ASN Y 244 31.69 -18.49 90.68
CA ASN Y 244 32.18 -19.87 90.51
C ASN Y 244 32.63 -20.04 89.06
N THR Y 245 33.93 -19.83 88.84
CA THR Y 245 34.48 -19.97 87.50
C THR Y 245 34.38 -21.40 86.98
N SER Y 246 34.40 -22.39 87.87
CA SER Y 246 34.33 -23.78 87.44
C SER Y 246 33.00 -24.08 86.75
N LEU Y 247 31.92 -23.41 87.13
CA LEU Y 247 30.64 -23.62 86.47
C LEU Y 247 30.71 -23.25 85.00
N MET Y 248 31.35 -22.12 84.68
CA MET Y 248 31.50 -21.73 83.28
C MET Y 248 32.44 -22.66 82.54
N ALA Y 249 33.42 -23.26 83.23
CA ALA Y 249 34.33 -24.18 82.59
C ALA Y 249 33.60 -25.43 82.09
N GLU Y 250 32.66 -25.95 82.88
CA GLU Y 250 31.92 -27.15 82.47
C GLU Y 250 31.10 -26.88 81.22
N LEU Y 251 30.40 -25.75 81.16
CA LEU Y 251 29.59 -25.43 80.00
C LEU Y 251 30.45 -25.06 78.80
N TYR Y 252 31.50 -24.28 79.02
CA TYR Y 252 32.42 -23.86 77.97
C TYR Y 252 33.84 -24.07 78.46
N PRO Y 253 34.55 -25.09 77.96
CA PRO Y 253 35.90 -25.37 78.46
C PRO Y 253 36.88 -24.23 78.26
N SER Y 254 36.64 -23.35 77.29
CA SER Y 254 37.57 -22.27 77.01
C SER Y 254 37.69 -21.27 78.16
N PHE Y 255 36.69 -21.20 79.03
CA PHE Y 255 36.77 -20.27 80.16
C PHE Y 255 37.80 -20.70 81.21
N ALA Y 256 38.26 -21.95 81.18
CA ALA Y 256 39.29 -22.39 82.11
C ALA Y 256 40.62 -21.71 81.86
N LYS Y 257 40.83 -21.14 80.67
CA LYS Y 257 42.07 -20.49 80.32
C LYS Y 257 42.02 -18.98 80.48
N GLY Y 258 40.92 -18.44 81.01
CA GLY Y 258 40.86 -17.03 81.34
C GLY Y 258 40.96 -16.11 80.13
N LEU Y 259 41.58 -14.95 80.35
CA LEU Y 259 41.70 -13.91 79.34
C LEU Y 259 42.98 -14.03 78.52
N VAL Y 260 43.79 -15.06 78.75
CA VAL Y 260 45.05 -15.18 78.03
C VAL Y 260 44.87 -15.26 76.52
N PRO Y 261 43.96 -16.07 75.97
CA PRO Y 261 43.80 -16.09 74.51
C PRO Y 261 43.39 -14.74 73.92
N PHE Y 262 42.61 -13.95 74.65
CA PHE Y 262 42.16 -12.66 74.11
C PHE Y 262 43.34 -11.71 73.91
N PHE Y 263 44.25 -11.65 74.87
CA PHE Y 263 45.37 -10.71 74.80
C PHE Y 263 46.52 -11.18 73.93
N THR Y 264 46.53 -12.47 73.56
CA THR Y 264 47.59 -13.02 72.71
C THR Y 264 47.15 -13.19 71.26
N LEU Y 265 45.97 -12.67 70.90
CA LEU Y 265 45.40 -12.85 69.57
C LEU Y 265 45.33 -14.33 69.19
N GLN Y 266 44.86 -15.13 70.15
CA GLN Y 266 44.62 -16.55 69.92
C GLN Y 266 43.12 -16.79 70.07
N TRP Y 267 42.32 -15.92 69.45
CA TRP Y 267 40.88 -15.90 69.67
C TRP Y 267 40.19 -17.19 69.21
N GLY Y 268 40.85 -18.00 68.39
CA GLY Y 268 40.25 -19.24 67.93
C GLY Y 268 39.92 -20.21 69.04
N GLN Y 269 40.55 -20.06 70.21
CA GLN Y 269 40.24 -20.92 71.34
C GLN Y 269 38.90 -20.56 71.98
N TYR Y 270 38.35 -19.39 71.67
CA TYR Y 270 37.07 -18.94 72.18
C TYR Y 270 35.90 -19.41 71.33
N ALA Y 271 36.15 -20.26 70.34
CA ALA Y 271 35.11 -20.66 69.38
C ALA Y 271 33.98 -21.46 70.01
N ASP Y 272 34.16 -21.96 71.24
CA ASP Y 272 33.11 -22.77 71.87
C ASP Y 272 31.94 -21.93 72.35
N PHE Y 273 32.17 -20.67 72.73
CA PHE Y 273 31.08 -19.78 73.12
C PHE Y 273 30.91 -18.57 72.21
N LEU Y 274 31.87 -18.29 71.33
CA LEU Y 274 31.70 -17.32 70.27
C LEU Y 274 31.60 -18.11 68.97
N THR Y 275 30.40 -18.56 68.67
CA THR Y 275 30.18 -19.45 67.53
C THR Y 275 29.82 -18.64 66.29
N PHE Y 276 29.86 -19.33 65.15
CA PHE Y 276 29.58 -18.71 63.86
C PHE Y 276 28.72 -19.68 63.04
N LYS Y 277 27.74 -20.29 63.72
CA LYS Y 277 27.03 -21.44 63.16
C LYS Y 277 26.07 -21.03 62.05
N GLY Y 278 25.27 -19.99 62.28
CA GLY Y 278 24.13 -19.70 61.45
C GLY Y 278 22.95 -20.60 61.79
N GLY Y 279 21.88 -20.43 61.02
CA GLY Y 279 20.71 -21.27 61.23
C GLY Y 279 19.97 -20.93 62.52
N LEU Y 280 19.28 -21.94 63.04
CA LEU Y 280 18.46 -21.79 64.23
C LEU Y 280 18.74 -22.92 65.21
N ASN Y 281 18.51 -22.64 66.49
CA ASN Y 281 18.60 -23.64 67.53
C ASN Y 281 17.45 -24.63 67.35
N PRO Y 282 17.73 -25.94 67.21
CA PRO Y 282 16.63 -26.89 67.04
C PRO Y 282 15.67 -26.96 68.22
N VAL Y 283 16.17 -26.72 69.44
CA VAL Y 283 15.33 -26.87 70.63
C VAL Y 283 14.29 -25.76 70.69
N THR Y 284 14.71 -24.51 70.44
CA THR Y 284 13.86 -23.35 70.66
C THR Y 284 13.36 -22.69 69.39
N GLY Y 285 14.07 -22.84 68.28
CA GLY Y 285 13.70 -22.19 67.04
C GLY Y 285 14.25 -20.78 66.88
N GLY Y 286 14.89 -20.23 67.90
CA GLY Y 286 15.53 -18.93 67.80
C GLY Y 286 16.98 -19.06 67.38
N LEU Y 287 17.61 -17.90 67.17
CA LEU Y 287 19.02 -17.88 66.81
C LEU Y 287 19.87 -18.38 67.96
N TRP Y 288 21.02 -18.97 67.62
CA TRP Y 288 21.97 -19.38 68.65
C TRP Y 288 22.44 -18.16 69.42
N LEU Y 289 22.33 -18.23 70.76
CA LEU Y 289 22.76 -17.10 71.57
C LEU Y 289 24.27 -16.89 71.48
N SER Y 290 25.04 -17.97 71.34
CA SER Y 290 26.47 -17.82 71.11
C SER Y 290 26.75 -17.12 69.78
N ASP Y 291 25.88 -17.31 68.79
CA ASP Y 291 26.01 -16.58 67.53
C ASP Y 291 25.79 -15.08 67.76
N THR Y 292 24.80 -14.72 68.55
CA THR Y 292 24.51 -13.30 68.78
C THR Y 292 25.57 -12.65 69.66
N ALA Y 293 26.20 -13.42 70.55
CA ALA Y 293 27.27 -12.87 71.37
C ALA Y 293 28.45 -12.44 70.51
N HIS Y 294 28.85 -13.28 69.55
CA HIS Y 294 29.91 -12.90 68.62
C HIS Y 294 29.45 -11.79 67.69
N HIS Y 295 28.16 -11.74 67.36
CA HIS Y 295 27.63 -10.68 66.52
C HIS Y 295 27.73 -9.33 67.21
N HIS Y 296 27.31 -9.27 68.47
CA HIS Y 296 27.35 -8.01 69.21
C HIS Y 296 28.78 -7.62 69.59
N LEU Y 297 29.64 -8.61 69.86
CA LEU Y 297 31.04 -8.31 70.13
C LEU Y 297 31.73 -7.74 68.90
N ALA Y 298 31.47 -8.32 67.72
CA ALA Y 298 32.01 -7.78 66.49
C ALA Y 298 31.46 -6.39 66.21
N LEU Y 299 30.17 -6.17 66.53
CA LEU Y 299 29.58 -4.85 66.38
C LEU Y 299 30.25 -3.83 67.29
N ALA Y 300 30.56 -4.23 68.52
CA ALA Y 300 31.19 -3.31 69.47
C ALA Y 300 32.55 -2.84 68.97
N VAL Y 301 33.36 -3.76 68.45
CA VAL Y 301 34.67 -3.38 67.92
C VAL Y 301 34.50 -2.47 66.71
N LEU Y 302 33.58 -2.81 65.81
CA LEU Y 302 33.39 -2.02 64.60
C LEU Y 302 32.88 -0.62 64.91
N PHE Y 303 31.98 -0.50 65.89
CA PHE Y 303 31.44 0.81 66.24
C PHE Y 303 32.48 1.66 66.97
N ILE Y 304 33.26 1.05 67.86
CA ILE Y 304 34.28 1.80 68.59
C ILE Y 304 35.34 2.31 67.63
N VAL Y 305 35.75 1.47 66.66
CA VAL Y 305 36.68 1.91 65.63
C VAL Y 305 36.09 3.06 64.83
N ALA Y 306 34.79 2.96 64.49
CA ALA Y 306 34.12 4.05 63.78
C ALA Y 306 34.08 5.32 64.61
N GLY Y 307 34.15 5.21 65.93
CA GLY Y 307 34.11 6.36 66.81
C GLY Y 307 35.40 7.14 66.90
N HIS Y 308 36.42 6.75 66.14
CA HIS Y 308 37.68 7.49 66.08
C HIS Y 308 37.92 8.03 64.67
N PHE Y 309 36.83 8.30 63.95
CA PHE Y 309 36.90 8.74 62.56
C PHE Y 309 36.96 10.25 62.43
N TYR Y 310 36.38 11.00 63.37
CA TYR Y 310 36.19 12.43 63.24
C TYR Y 310 37.20 13.18 64.11
N ARG Y 311 37.65 14.33 63.60
CA ARG Y 311 38.68 15.12 64.27
C ARG Y 311 38.04 16.04 65.31
N THR Y 312 38.35 15.81 66.58
CA THR Y 312 37.80 16.63 67.65
C THR Y 312 38.78 17.66 68.19
N ASN Y 313 39.92 17.21 68.73
CA ASN Y 313 40.82 18.12 69.44
C ASN Y 313 42.30 17.81 69.27
N TRP Y 314 42.68 16.81 68.48
CA TRP Y 314 44.07 16.40 68.41
C TRP Y 314 44.57 16.27 66.97
N GLY Y 315 43.91 16.94 66.03
CA GLY Y 315 44.37 16.95 64.64
C GLY Y 315 43.97 15.72 63.85
N ILE Y 316 44.10 14.54 64.47
CA ILE Y 316 43.76 13.30 63.80
C ILE Y 316 42.26 13.23 63.58
N GLY Y 317 41.86 12.75 62.41
CA GLY Y 317 40.46 12.55 62.08
C GLY Y 317 40.06 13.31 60.83
N HIS Y 318 38.84 13.01 60.39
CA HIS Y 318 38.23 13.64 59.23
C HIS Y 318 37.33 14.79 59.67
N SER Y 319 37.16 15.76 58.77
CA SER Y 319 36.32 16.92 59.01
C SER Y 319 35.11 16.88 58.10
N PHE Y 320 33.94 17.18 58.67
CA PHE Y 320 32.71 17.20 57.89
C PHE Y 320 32.76 18.26 56.80
N LYS Y 321 33.26 19.45 57.13
CA LYS Y 321 33.23 20.56 56.19
C LYS Y 321 34.15 20.29 54.99
N GLU Y 322 35.38 19.84 55.26
CA GLU Y 322 36.32 19.57 54.17
C GLU Y 322 35.80 18.44 53.28
N MET Y 323 35.22 17.40 53.88
CA MET Y 323 34.70 16.29 53.10
C MET Y 323 33.54 16.74 52.20
N LEU Y 324 32.62 17.52 52.74
CA LEU Y 324 31.50 18.01 51.95
C LEU Y 324 31.97 18.95 50.84
N ASP Y 325 32.92 19.83 51.17
CA ASP Y 325 33.40 20.80 50.19
C ASP Y 325 34.19 20.15 49.05
N ASP Y 326 34.75 18.96 49.27
CA ASP Y 326 35.50 18.28 48.24
C ASP Y 326 34.62 17.46 47.30
N ALA Y 327 33.39 17.15 47.70
CA ALA Y 327 32.50 16.29 46.92
C ALA Y 327 31.81 17.14 45.86
N LYS Y 328 32.53 17.41 44.78
CA LYS Y 328 32.01 18.20 43.67
C LYS Y 328 32.83 17.88 42.43
N SER Y 329 32.30 18.28 41.28
CA SER Y 329 33.05 18.15 40.03
C SER Y 329 34.28 19.06 40.08
N PRO Y 330 35.42 18.61 39.52
CA PRO Y 330 35.67 17.35 38.84
C PRO Y 330 36.31 16.30 39.73
N ASN Y 331 36.09 16.36 41.04
CA ASN Y 331 36.69 15.42 41.98
C ASN Y 331 35.89 14.14 42.13
N MET Y 332 34.73 14.04 41.49
CA MET Y 332 33.89 12.86 41.60
C MET Y 332 34.27 11.86 40.51
N LEU Y 333 33.57 10.73 40.48
CA LEU Y 333 33.78 9.76 39.42
C LEU Y 333 33.38 10.37 38.07
N PRO Y 334 33.97 9.89 36.97
CA PRO Y 334 33.71 10.53 35.67
C PRO Y 334 32.24 10.58 35.29
N PHE Y 335 31.46 9.57 35.65
CA PHE Y 335 30.03 9.57 35.36
C PHE Y 335 29.19 10.19 36.47
N LEU Y 336 29.81 10.59 37.59
CA LEU Y 336 29.11 11.24 38.69
C LEU Y 336 29.44 12.72 38.79
N ASN Y 337 30.07 13.29 37.76
CA ASN Y 337 30.45 14.70 37.79
C ASN Y 337 29.30 15.63 37.39
N PHE Y 338 28.13 15.08 37.09
CA PHE Y 338 26.99 15.91 36.71
C PHE Y 338 26.45 16.74 37.86
N ILE Y 339 26.91 16.51 39.09
CA ILE Y 339 26.41 17.21 40.27
C ILE Y 339 26.92 18.64 40.29
N GLY Y 340 27.76 19.00 39.32
CA GLY Y 340 28.17 20.38 39.14
C GLY Y 340 29.45 20.73 39.87
N PRO Y 341 30.01 21.90 39.55
CA PRO Y 341 31.29 22.31 40.13
C PRO Y 341 31.20 22.75 41.59
N VAL Y 342 30.00 22.93 42.13
CA VAL Y 342 29.83 23.28 43.53
C VAL Y 342 29.55 22.05 44.38
N GLY Y 343 28.71 21.15 43.89
CA GLY Y 343 28.49 19.87 44.55
C GLY Y 343 27.91 20.02 45.94
N HIS Y 344 28.51 19.31 46.89
CA HIS Y 344 28.03 19.28 48.27
C HIS Y 344 28.49 20.49 49.09
N GLU Y 345 29.27 21.39 48.49
CA GLU Y 345 29.69 22.60 49.20
C GLU Y 345 28.49 23.48 49.51
N GLY Y 346 28.41 23.94 50.76
CA GLY Y 346 27.28 24.72 51.22
C GLY Y 346 26.27 23.93 52.02
N LEU Y 347 26.31 22.61 51.94
CA LEU Y 347 25.40 21.80 52.74
C LEU Y 347 25.72 21.84 54.23
N ASP Y 348 26.97 22.18 54.59
CA ASP Y 348 27.33 22.29 56.00
C ASP Y 348 26.58 23.41 56.70
N LYS Y 349 26.13 24.43 55.96
CA LYS Y 349 25.31 25.47 56.56
C LYS Y 349 23.97 24.93 57.02
N ILE Y 350 23.43 23.92 56.31
CA ILE Y 350 22.16 23.33 56.69
C ILE Y 350 22.26 22.70 58.08
N PHE Y 351 23.30 21.92 58.31
CA PHE Y 351 23.45 21.21 59.58
C PHE Y 351 23.91 22.12 60.70
N GLU Y 352 24.35 23.35 60.39
CA GLU Y 352 24.72 24.30 61.44
C GLU Y 352 23.49 24.89 62.12
N THR Y 353 22.41 25.11 61.37
CA THR Y 353 21.30 25.91 61.84
C THR Y 353 19.94 25.21 61.78
N SER Y 354 19.80 24.12 61.04
CA SER Y 354 18.49 23.52 60.79
C SER Y 354 18.35 22.24 61.63
N TRP Y 355 17.56 22.33 62.70
CA TRP Y 355 17.16 21.13 63.43
C TRP Y 355 16.23 20.26 62.59
N HIS Y 356 15.35 20.90 61.80
CA HIS Y 356 14.36 20.15 61.03
C HIS Y 356 15.02 19.25 59.99
N ALA Y 357 16.10 19.72 59.37
CA ALA Y 357 16.80 18.90 58.38
C ALA Y 357 17.37 17.64 59.00
N ASN Y 358 17.96 17.77 60.19
CA ASN Y 358 18.49 16.59 60.88
C ASN Y 358 17.36 15.65 61.30
N LEU Y 359 16.26 16.20 61.81
CA LEU Y 359 15.12 15.36 62.18
C LEU Y 359 14.56 14.64 60.97
N SER Y 360 14.56 15.28 59.81
CA SER Y 360 14.09 14.64 58.59
C SER Y 360 14.93 13.41 58.26
N ILE Y 361 16.25 13.55 58.31
CA ILE Y 361 17.13 12.43 57.99
C ILE Y 361 16.97 11.32 59.02
N HIS Y 362 16.93 11.67 60.30
CA HIS Y 362 16.92 10.67 61.35
C HIS Y 362 15.61 9.90 61.40
N LEU Y 363 14.48 10.57 61.11
CA LEU Y 363 13.21 9.87 61.05
C LEU Y 363 13.18 8.88 59.89
N VAL Y 364 13.80 9.24 58.77
CA VAL Y 364 13.90 8.32 57.63
C VAL Y 364 14.67 7.07 58.02
N GLN Y 365 15.81 7.25 58.70
CA GLN Y 365 16.64 6.10 59.05
C GLN Y 365 16.06 5.28 60.19
N PHE Y 366 15.21 5.86 61.03
CA PHE Y 366 14.45 5.04 61.98
C PHE Y 366 13.42 4.20 61.26
N GLY Y 367 12.83 4.74 60.18
CA GLY Y 367 11.98 3.92 59.34
C GLY Y 367 12.74 2.79 58.68
N THR Y 368 13.95 3.09 58.19
CA THR Y 368 14.79 2.05 57.59
C THR Y 368 15.15 0.99 58.63
N ALA Y 369 15.54 1.42 59.84
CA ALA Y 369 15.92 0.48 60.88
C ALA Y 369 14.73 -0.38 61.29
N SER Y 370 13.55 0.21 61.44
CA SER Y 370 12.39 -0.54 61.88
C SER Y 370 11.89 -1.49 60.79
N LEU Y 371 12.06 -1.11 59.52
CA LEU Y 371 11.76 -2.05 58.43
C LEU Y 371 12.71 -3.23 58.44
N LEU Y 372 14.00 -2.97 58.65
CA LEU Y 372 14.97 -4.06 58.76
C LEU Y 372 14.67 -4.94 59.97
N VAL Y 373 14.22 -4.33 61.06
CA VAL Y 373 13.81 -5.09 62.23
C VAL Y 373 12.65 -6.01 61.89
N ALA Y 374 11.67 -5.51 61.13
CA ALA Y 374 10.51 -6.33 60.79
C ALA Y 374 10.89 -7.48 59.86
N HIS Y 375 11.66 -7.20 58.81
CA HIS Y 375 11.98 -8.24 57.83
C HIS Y 375 12.93 -9.28 58.40
N HIS Y 376 13.94 -8.83 59.14
CA HIS Y 376 14.99 -9.73 59.62
C HIS Y 376 14.61 -10.49 60.88
N MET Y 377 13.52 -10.15 61.55
CA MET Y 377 13.15 -10.85 62.77
C MET Y 377 12.24 -12.05 62.55
N TYR Y 378 11.50 -12.11 61.43
CA TYR Y 378 10.71 -13.31 61.23
C TYR Y 378 11.51 -14.37 60.48
N ALA Y 379 12.31 -13.95 59.51
CA ALA Y 379 13.11 -14.87 58.72
C ALA Y 379 14.27 -15.43 59.52
N MET Y 380 14.80 -14.65 60.46
CA MET Y 380 15.85 -15.08 61.37
C MET Y 380 15.41 -14.81 62.79
N PRO Y 381 14.48 -15.61 63.31
CA PRO Y 381 13.91 -15.34 64.64
C PRO Y 381 15.00 -15.37 65.70
N PRO Y 382 15.21 -14.24 66.40
CA PRO Y 382 16.31 -14.15 67.35
C PRO Y 382 15.99 -14.63 68.77
N TYR Y 383 14.73 -14.89 69.08
CA TYR Y 383 14.40 -15.23 70.45
C TYR Y 383 13.87 -16.66 70.56
N PRO Y 384 14.11 -17.33 71.67
CA PRO Y 384 13.62 -18.70 71.83
C PRO Y 384 12.10 -18.75 71.88
N TYR Y 385 11.54 -19.71 71.15
CA TYR Y 385 10.09 -19.93 71.10
C TYR Y 385 9.35 -18.69 70.59
N LEU Y 386 9.99 -17.93 69.70
CA LEU Y 386 9.36 -16.78 69.08
C LEU Y 386 8.73 -17.13 67.73
N ALA Y 387 9.43 -17.92 66.91
CA ALA Y 387 8.92 -18.28 65.60
C ALA Y 387 7.64 -19.10 65.71
N THR Y 388 7.58 -20.02 66.67
CA THR Y 388 6.41 -20.87 66.83
C THR Y 388 5.26 -20.17 67.56
N ASP Y 389 5.52 -19.02 68.19
CA ASP Y 389 4.46 -18.19 68.75
C ASP Y 389 3.94 -17.31 67.62
N TYR Y 390 2.99 -17.86 66.86
CA TYR Y 390 2.57 -17.22 65.63
C TYR Y 390 1.90 -15.88 65.89
N ALA Y 391 1.14 -15.77 66.99
CA ALA Y 391 0.50 -14.50 67.32
C ALA Y 391 1.53 -13.41 67.58
N THR Y 392 2.61 -13.75 68.28
CA THR Y 392 3.66 -12.77 68.53
C THR Y 392 4.43 -12.45 67.25
N ALA Y 393 4.69 -13.47 66.43
CA ALA Y 393 5.47 -13.25 65.21
C ALA Y 393 4.75 -12.29 64.26
N LEU Y 394 3.44 -12.46 64.09
CA LEU Y 394 2.70 -11.55 63.24
C LEU Y 394 2.63 -10.16 63.85
N SER Y 395 2.43 -10.06 65.17
CA SER Y 395 2.31 -8.76 65.81
C SER Y 395 3.60 -7.97 65.72
N LEU Y 396 4.75 -8.62 65.94
CA LEU Y 396 6.02 -7.91 65.92
C LEU Y 396 6.33 -7.36 64.53
N PHE Y 397 6.07 -8.15 63.48
CA PHE Y 397 6.29 -7.65 62.13
C PHE Y 397 5.36 -6.49 61.81
N THR Y 398 4.07 -6.65 62.09
CA THR Y 398 3.10 -5.62 61.74
C THR Y 398 3.36 -4.32 62.50
N HIS Y 399 3.70 -4.43 63.78
CA HIS Y 399 3.93 -3.23 64.59
C HIS Y 399 5.10 -2.41 64.06
N HIS Y 400 6.22 -3.07 63.77
CA HIS Y 400 7.40 -2.35 63.33
C HIS Y 400 7.32 -1.91 61.88
N VAL Y 401 6.45 -2.52 61.07
CA VAL Y 401 6.19 -1.96 59.75
C VAL Y 401 5.44 -0.64 59.86
N TRP Y 402 4.44 -0.59 60.74
CA TRP Y 402 3.65 0.63 60.90
C TRP Y 402 4.48 1.76 61.50
N ILE Y 403 5.34 1.45 62.47
CA ILE Y 403 6.21 2.46 63.06
C ILE Y 403 7.12 3.06 61.99
N ALA Y 404 7.66 2.21 61.13
CA ALA Y 404 8.55 2.69 60.08
C ALA Y 404 7.82 3.62 59.11
N GLY Y 405 6.58 3.28 58.75
CA GLY Y 405 5.84 4.11 57.81
C GLY Y 405 5.57 5.50 58.34
N PHE Y 406 5.18 5.59 59.62
CA PHE Y 406 4.98 6.90 60.23
C PHE Y 406 6.28 7.68 60.30
N CYS Y 407 7.38 7.01 60.62
CA CYS Y 407 8.67 7.69 60.70
C CYS Y 407 9.10 8.23 59.34
N ILE Y 408 8.87 7.45 58.27
CA ILE Y 408 9.24 7.90 56.93
C ILE Y 408 8.43 9.12 56.53
N VAL Y 409 7.12 9.11 56.81
CA VAL Y 409 6.28 10.27 56.49
C VAL Y 409 6.74 11.48 57.29
N GLY Y 410 7.08 11.28 58.57
CA GLY Y 410 7.60 12.38 59.37
C GLY Y 410 8.89 12.94 58.81
N GLY Y 411 9.77 12.07 58.31
CA GLY Y 411 10.99 12.54 57.68
C GLY Y 411 10.71 13.43 56.48
N ALA Y 412 9.74 13.05 55.66
CA ALA Y 412 9.35 13.88 54.52
C ALA Y 412 8.72 15.19 54.99
N ALA Y 413 7.94 15.12 56.08
CA ALA Y 413 7.27 16.31 56.58
C ALA Y 413 8.27 17.36 57.04
N HIS Y 414 9.23 16.94 57.86
CA HIS Y 414 10.22 17.89 58.39
C HIS Y 414 11.26 18.28 57.36
N ALA Y 415 11.40 17.50 56.29
CA ALA Y 415 12.18 17.95 55.14
C ALA Y 415 11.50 19.15 54.46
N ALA Y 416 10.17 19.11 54.36
CA ALA Y 416 9.43 20.23 53.79
C ALA Y 416 9.47 21.43 54.73
N ILE Y 417 9.44 21.19 56.04
CA ILE Y 417 9.53 22.28 57.00
C ILE Y 417 10.87 22.99 56.88
N PHE Y 418 11.95 22.23 56.66
CA PHE Y 418 13.26 22.83 56.45
C PHE Y 418 13.24 23.72 55.21
N MET Y 419 12.61 23.25 54.13
CA MET Y 419 12.61 24.03 52.90
C MET Y 419 11.91 25.37 53.09
N VAL Y 420 10.78 25.37 53.77
CA VAL Y 420 10.01 26.60 53.96
C VAL Y 420 10.73 27.54 54.92
N ARG Y 421 11.24 27.02 56.03
CA ARG Y 421 11.68 27.85 57.14
C ARG Y 421 13.19 28.06 57.18
N ASP Y 422 13.98 26.99 57.08
CA ASP Y 422 15.42 27.08 57.30
C ASP Y 422 16.23 27.24 56.02
N TYR Y 423 15.65 26.93 54.86
CA TYR Y 423 16.39 27.02 53.62
C TYR Y 423 16.70 28.48 53.29
N ASP Y 424 17.95 28.75 52.92
CA ASP Y 424 18.40 30.07 52.55
C ASP Y 424 18.99 30.03 51.15
N PRO Y 425 18.42 30.74 50.18
CA PRO Y 425 18.94 30.67 48.81
C PRO Y 425 20.38 31.13 48.68
N ALA Y 426 20.84 32.02 49.57
CA ALA Y 426 22.23 32.50 49.49
C ALA Y 426 23.23 31.38 49.79
N HIS Y 427 22.86 30.44 50.67
CA HIS Y 427 23.77 29.36 51.02
C HIS Y 427 23.91 28.32 49.92
N HIS Y 428 22.97 28.27 48.98
CA HIS Y 428 22.91 27.22 47.97
C HIS Y 428 22.90 27.87 46.59
N VAL Y 429 24.09 28.11 46.05
CA VAL Y 429 24.25 28.74 44.74
C VAL Y 429 24.90 27.70 43.84
N ASN Y 430 24.11 27.11 42.95
CA ASN Y 430 24.55 26.11 41.99
C ASN Y 430 25.10 24.84 42.65
N ASN Y 431 24.79 24.63 43.93
CA ASN Y 431 25.17 23.39 44.60
C ASN Y 431 24.12 22.32 44.29
N ILE Y 432 24.26 21.14 44.90
CA ILE Y 432 23.38 20.03 44.54
C ILE Y 432 21.95 20.29 45.01
N LEU Y 433 21.78 20.93 46.16
CA LEU Y 433 20.43 21.26 46.62
C LEU Y 433 19.76 22.25 45.67
N ASP Y 434 20.50 23.28 45.24
CA ASP Y 434 19.95 24.25 44.30
C ASP Y 434 19.64 23.59 42.95
N ARG Y 435 20.53 22.70 42.50
CA ARG Y 435 20.33 22.04 41.21
C ARG Y 435 19.13 21.10 41.25
N THR Y 436 18.92 20.43 42.39
CA THR Y 436 17.77 19.54 42.53
C THR Y 436 16.46 20.32 42.42
N LEU Y 437 16.39 21.47 43.07
CA LEU Y 437 15.19 22.30 42.97
C LEU Y 437 14.99 22.84 41.56
N ARG Y 438 16.07 22.99 40.81
CA ARG Y 438 15.99 23.59 39.48
C ARG Y 438 15.59 22.60 38.39
N HIS Y 439 15.56 21.30 38.69
CA HIS Y 439 14.99 20.33 37.76
C HIS Y 439 13.94 19.48 38.45
N ARG Y 440 13.18 20.10 39.36
CA ARG Y 440 12.11 19.40 40.06
C ARG Y 440 11.01 18.97 39.10
N ASP Y 441 10.80 19.71 38.01
CA ASP Y 441 9.85 19.27 37.00
C ASP Y 441 10.30 17.99 36.31
N VAL Y 442 11.61 17.84 36.10
CA VAL Y 442 12.14 16.58 35.56
C VAL Y 442 11.83 15.44 36.51
N ILE Y 443 12.09 15.65 37.80
CA ILE Y 443 11.96 14.57 38.78
C ILE Y 443 10.51 14.17 38.96
N ILE Y 444 9.63 15.16 39.11
CA ILE Y 444 8.23 14.87 39.41
C ILE Y 444 7.54 14.25 38.20
N SER Y 445 7.82 14.77 37.00
CA SER Y 445 7.18 14.22 35.80
C SER Y 445 7.61 12.78 35.56
N HIS Y 446 8.89 12.47 35.76
CA HIS Y 446 9.35 11.10 35.60
C HIS Y 446 8.77 10.19 36.68
N LEU Y 447 8.69 10.69 37.92
CA LEU Y 447 8.08 9.91 38.99
C LEU Y 447 6.60 9.66 38.73
N ALA Y 448 5.89 10.68 38.22
CA ALA Y 448 4.49 10.51 37.90
C ALA Y 448 4.28 9.45 36.83
N TRP Y 449 5.17 9.42 35.83
CA TRP Y 449 5.05 8.41 34.78
C TRP Y 449 5.28 7.01 35.31
N VAL Y 450 6.34 6.82 36.10
CA VAL Y 450 6.66 5.48 36.59
C VAL Y 450 5.58 5.00 37.56
N CYS Y 451 4.93 5.93 38.27
CA CYS Y 451 3.79 5.56 39.10
C CYS Y 451 2.65 5.03 38.24
N GLN Y 452 2.38 5.68 37.11
CA GLN Y 452 1.34 5.20 36.20
C GLN Y 452 1.72 3.85 35.60
N PHE Y 453 2.99 3.68 35.20
CA PHE Y 453 3.43 2.41 34.66
C PHE Y 453 3.30 1.29 35.69
N LEU Y 454 3.70 1.56 36.93
CA LEU Y 454 3.59 0.54 37.97
C LEU Y 454 2.14 0.22 38.29
N GLY Y 455 1.28 1.25 38.33
CA GLY Y 455 -0.13 1.00 38.63
C GLY Y 455 -0.81 0.14 37.58
N PHE Y 456 -0.56 0.45 36.31
CA PHE Y 456 -1.14 -0.35 35.23
C PHE Y 456 -0.60 -1.77 35.24
N HIS Y 457 0.71 -1.92 35.41
CA HIS Y 457 1.36 -3.22 35.28
C HIS Y 457 1.44 -3.98 36.59
N SER Y 458 0.84 -3.48 37.67
CA SER Y 458 0.67 -4.28 38.88
C SER Y 458 -0.79 -4.47 39.23
N PHE Y 459 -1.57 -3.41 39.37
CA PHE Y 459 -2.96 -3.55 39.83
C PHE Y 459 -3.90 -3.95 38.69
N ALA Y 460 -3.78 -3.29 37.54
CA ALA Y 460 -4.66 -3.62 36.43
C ALA Y 460 -4.45 -5.04 35.94
N MET Y 461 -3.30 -5.65 36.24
CA MET Y 461 -3.09 -7.05 35.91
C MET Y 461 -3.85 -7.96 36.87
N TYR Y 462 -4.08 -7.53 38.11
CA TYR Y 462 -5.02 -8.22 38.98
C TYR Y 462 -6.43 -8.14 38.43
N CYS Y 463 -6.83 -6.98 37.92
CA CYS Y 463 -8.14 -6.84 37.31
C CYS Y 463 -8.25 -7.72 36.07
N HIS Y 464 -7.15 -7.86 35.32
CA HIS Y 464 -7.12 -8.81 34.22
C HIS Y 464 -7.36 -10.22 34.72
N ASN Y 465 -6.77 -10.58 35.87
CA ASN Y 465 -6.94 -11.91 36.42
C ASN Y 465 -8.37 -12.15 36.87
N ASP Y 466 -8.98 -11.15 37.52
CA ASP Y 466 -10.37 -11.29 37.98
C ASP Y 466 -11.32 -11.51 36.82
N THR Y 467 -11.14 -10.75 35.73
CA THR Y 467 -12.00 -10.90 34.57
C THR Y 467 -11.82 -12.25 33.90
N MET Y 468 -10.58 -12.71 33.78
CA MET Y 468 -10.33 -14.02 33.19
C MET Y 468 -10.92 -15.15 34.03
N ARG Y 469 -10.77 -15.08 35.35
CA ARG Y 469 -11.34 -16.11 36.20
C ARG Y 469 -12.86 -16.12 36.11
N ALA Y 470 -13.48 -14.93 36.12
CA ALA Y 470 -14.94 -14.85 36.00
C ALA Y 470 -15.41 -15.39 34.65
N PHE Y 471 -14.65 -15.12 33.59
CA PHE Y 471 -14.98 -15.63 32.26
C PHE Y 471 -14.86 -17.15 32.15
N GLY Y 472 -14.26 -17.80 33.13
CA GLY Y 472 -13.95 -19.21 32.98
C GLY Y 472 -12.81 -19.46 32.03
N ARG Y 473 -11.78 -18.61 32.07
CA ARG Y 473 -10.59 -18.75 31.23
C ARG Y 473 -9.35 -18.69 32.11
N PRO Y 474 -9.15 -19.70 32.96
CA PRO Y 474 -7.96 -19.69 33.84
C PRO Y 474 -6.65 -19.76 33.08
N GLN Y 475 -6.66 -20.29 31.85
CA GLN Y 475 -5.42 -20.37 31.07
C GLN Y 475 -4.92 -19.00 30.63
N ASP Y 476 -5.77 -17.99 30.63
CA ASP Y 476 -5.39 -16.64 30.24
C ASP Y 476 -5.00 -15.77 31.43
N MET Y 477 -4.97 -16.34 32.63
CA MET Y 477 -4.62 -15.58 33.82
C MET Y 477 -3.10 -15.49 33.97
N PHE Y 478 -2.67 -14.44 34.67
CA PHE Y 478 -1.29 -14.33 35.11
C PHE Y 478 -1.13 -15.19 36.36
N SER Y 479 -0.66 -16.42 36.18
CA SER Y 479 -0.56 -17.37 37.27
C SER Y 479 0.52 -18.39 36.96
N ASP Y 480 0.78 -19.26 37.94
CA ASP Y 480 1.76 -20.31 37.75
C ASP Y 480 1.32 -21.34 36.71
N THR Y 481 0.02 -21.47 36.48
CA THR Y 481 -0.51 -22.41 35.51
C THR Y 481 -0.97 -21.76 34.21
N GLY Y 482 -0.92 -20.42 34.14
CA GLY Y 482 -1.29 -19.73 32.93
C GLY Y 482 -0.12 -19.00 32.29
N ILE Y 483 -0.19 -17.68 32.23
CA ILE Y 483 0.91 -16.85 31.76
C ILE Y 483 1.78 -16.56 32.97
N GLN Y 484 2.92 -17.25 33.06
CA GLN Y 484 3.75 -17.19 34.26
C GLN Y 484 4.58 -15.92 34.29
N LEU Y 485 4.75 -15.37 35.50
CA LEU Y 485 5.65 -14.24 35.75
C LEU Y 485 6.55 -14.69 36.90
N GLN Y 486 7.63 -15.38 36.57
CA GLN Y 486 8.52 -15.90 37.60
C GLN Y 486 9.48 -14.81 38.06
N PRO Y 487 9.57 -14.55 39.36
CA PRO Y 487 10.58 -13.61 39.88
C PRO Y 487 11.96 -14.26 39.91
N ILE Y 488 12.57 -14.34 38.72
CA ILE Y 488 13.81 -15.11 38.56
C ILE Y 488 14.96 -14.46 39.32
N PHE Y 489 15.00 -13.13 39.39
CA PHE Y 489 16.09 -12.48 40.10
C PHE Y 489 16.03 -12.76 41.60
N ALA Y 490 14.84 -12.73 42.19
CA ALA Y 490 14.70 -13.07 43.60
C ALA Y 490 14.95 -14.54 43.84
N GLN Y 491 14.50 -15.40 42.92
CA GLN Y 491 14.77 -16.82 43.03
C GLN Y 491 16.27 -17.10 42.97
N TRP Y 492 16.98 -16.38 42.10
CA TRP Y 492 18.42 -16.56 41.98
C TRP Y 492 19.14 -16.19 43.28
N ILE Y 493 18.70 -15.11 43.94
CA ILE Y 493 19.32 -14.70 45.19
C ILE Y 493 19.11 -15.75 46.26
N GLN Y 494 17.93 -16.37 46.30
CA GLN Y 494 17.69 -17.45 47.26
C GLN Y 494 18.65 -18.60 47.04
N HIS Y 495 18.88 -18.97 45.78
CA HIS Y 495 19.81 -20.05 45.48
C HIS Y 495 21.24 -19.66 45.82
N ILE Y 496 21.62 -18.41 45.57
CA ILE Y 496 22.98 -17.97 45.86
C ILE Y 496 23.24 -17.99 47.36
N HIS Y 497 22.30 -17.47 48.14
CA HIS Y 497 22.50 -17.41 49.59
C HIS Y 497 22.46 -18.79 50.23
N THR Y 498 21.72 -19.73 49.62
CA THR Y 498 21.68 -21.09 50.16
C THR Y 498 22.99 -21.83 49.86
N ALA Y 499 23.51 -21.67 48.65
CA ALA Y 499 24.76 -22.32 48.27
C ALA Y 499 25.98 -21.67 48.89
N ALA Y 500 25.84 -20.45 49.43
CA ALA Y 500 26.98 -19.77 50.03
C ALA Y 500 27.49 -20.52 51.26
N VAL Y 501 26.57 -21.03 52.08
CA VAL Y 501 26.96 -21.78 53.27
C VAL Y 501 27.22 -23.24 52.98
N GLY Y 502 26.97 -23.70 51.76
CA GLY Y 502 27.17 -25.09 51.39
C GLY Y 502 25.92 -25.93 51.35
N ALA Y 503 24.75 -25.33 51.55
CA ALA Y 503 23.49 -26.07 51.52
C ALA Y 503 22.90 -26.08 50.13
N LEU Y 525 30.62 -18.57 42.15
CA LEU Y 525 29.45 -18.49 43.02
C LEU Y 525 29.23 -19.80 43.75
N GLY Y 526 30.30 -20.38 44.28
CA GLY Y 526 30.20 -21.63 45.00
C GLY Y 526 30.85 -21.56 46.36
N THR Y 527 30.05 -21.70 47.42
CA THR Y 527 30.50 -21.64 48.81
C THR Y 527 31.32 -20.36 49.04
N THR Y 528 30.63 -19.23 48.89
CA THR Y 528 31.24 -17.92 49.11
C THR Y 528 31.30 -17.53 50.58
N ALA Y 529 30.63 -18.29 51.45
CA ALA Y 529 30.68 -18.07 52.89
C ALA Y 529 30.88 -19.41 53.58
N PRO Y 530 32.06 -20.01 53.44
CA PRO Y 530 32.28 -21.37 53.98
C PRO Y 530 32.15 -21.47 55.50
N GLY Y 531 32.39 -20.38 56.24
CA GLY Y 531 32.44 -20.46 57.69
C GLY Y 531 31.10 -20.73 58.35
N ILE Y 532 30.00 -20.33 57.73
CA ILE Y 532 28.68 -20.55 58.31
C ILE Y 532 28.25 -21.99 58.00
N GLY Y 533 27.88 -22.72 59.04
CA GLY Y 533 27.47 -24.11 58.88
C GLY Y 533 26.07 -24.26 58.30
N ALA Y 534 25.07 -23.79 59.03
CA ALA Y 534 23.68 -23.82 58.62
C ALA Y 534 23.35 -22.62 57.76
N PRO Y 535 22.25 -22.66 57.00
CA PRO Y 535 21.87 -21.48 56.21
C PRO Y 535 21.63 -20.27 57.11
N VAL Y 536 22.00 -19.09 56.59
CA VAL Y 536 21.81 -17.86 57.36
C VAL Y 536 20.33 -17.68 57.69
N SER Y 537 19.46 -17.95 56.73
CA SER Y 537 18.02 -17.97 56.97
C SER Y 537 17.42 -19.16 56.22
N TYR Y 538 16.60 -19.93 56.91
CA TYR Y 538 15.91 -21.04 56.26
C TYR Y 538 14.84 -20.58 55.30
N ALA Y 539 14.48 -19.30 55.31
CA ALA Y 539 13.52 -18.78 54.34
C ALA Y 539 14.08 -18.83 52.91
N TRP Y 540 15.41 -18.78 52.78
CA TRP Y 540 16.03 -18.88 51.46
C TRP Y 540 16.22 -20.32 51.01
N GLY Y 541 16.07 -21.29 51.90
CA GLY Y 541 16.26 -22.69 51.61
C GLY Y 541 17.13 -23.36 52.65
N GLY Y 542 17.56 -24.57 52.34
CA GLY Y 542 18.45 -25.31 53.20
C GLY Y 542 17.78 -26.22 54.22
N GLY Y 543 16.45 -26.18 54.33
CA GLY Y 543 15.77 -27.09 55.23
C GLY Y 543 14.68 -26.45 56.06
N MET Y 544 14.07 -27.24 56.95
CA MET Y 544 12.97 -26.79 57.79
C MET Y 544 13.30 -27.02 59.26
N VAL Y 545 12.83 -26.12 60.12
CA VAL Y 545 13.02 -26.23 61.55
C VAL Y 545 11.65 -26.26 62.21
N ALA Y 546 11.40 -27.30 63.00
CA ALA Y 546 10.19 -27.43 63.79
C ALA Y 546 10.56 -27.56 65.26
N VAL Y 547 9.71 -27.03 66.14
CA VAL Y 547 10.05 -26.95 67.55
C VAL Y 547 9.07 -27.74 68.40
N GLY Y 548 7.81 -27.31 68.41
CA GLY Y 548 6.80 -27.96 69.23
C GLY Y 548 5.69 -28.56 68.42
N GLY Y 549 6.04 -29.21 67.31
CA GLY Y 549 5.05 -29.65 66.36
C GLY Y 549 4.57 -28.56 65.43
N LYS Y 550 5.23 -27.40 65.43
CA LYS Y 550 4.86 -26.28 64.59
C LYS Y 550 6.09 -25.78 63.85
N VAL Y 551 5.86 -25.24 62.65
CA VAL Y 551 6.97 -24.78 61.81
C VAL Y 551 7.53 -23.49 62.37
N ALA Y 552 8.85 -23.44 62.56
CA ALA Y 552 9.53 -22.22 62.93
C ALA Y 552 9.94 -21.41 61.71
N MET Y 553 10.58 -22.07 60.74
CA MET Y 553 10.95 -21.43 59.48
C MET Y 553 11.22 -22.50 58.45
N MET Y 554 10.72 -22.28 57.24
CA MET Y 554 10.91 -23.17 56.11
C MET Y 554 11.14 -22.31 54.87
N PRO Y 555 11.70 -22.88 53.80
CA PRO Y 555 11.93 -22.08 52.59
C PRO Y 555 10.63 -21.46 52.08
N ILE Y 556 10.73 -20.19 51.71
CA ILE Y 556 9.59 -19.42 51.22
C ILE Y 556 9.73 -19.33 49.71
N ALA Y 557 9.05 -20.23 49.00
CA ALA Y 557 9.11 -20.24 47.55
C ALA Y 557 8.42 -19.00 46.98
N LEU Y 558 8.95 -18.48 45.89
CA LEU Y 558 8.42 -17.31 45.22
C LEU Y 558 7.94 -17.70 43.82
N GLY Y 559 6.71 -17.30 43.49
CA GLY Y 559 6.14 -17.60 42.20
C GLY Y 559 5.48 -16.41 41.55
N THR Y 560 4.50 -16.66 40.69
CA THR Y 560 3.80 -15.56 40.01
C THR Y 560 3.08 -14.67 41.00
N ALA Y 561 2.44 -15.27 42.01
CA ALA Y 561 1.75 -14.46 43.02
C ALA Y 561 2.69 -13.56 43.78
N ASP Y 562 3.92 -14.03 44.06
CA ASP Y 562 4.91 -13.19 44.73
C ASP Y 562 5.45 -12.11 43.80
N PHE Y 563 5.56 -12.40 42.50
CA PHE Y 563 5.95 -11.38 41.54
C PHE Y 563 4.94 -10.24 41.51
N LEU Y 564 3.65 -10.58 41.50
CA LEU Y 564 2.61 -9.56 41.42
C LEU Y 564 2.56 -8.72 42.68
N ILE Y 565 2.64 -9.35 43.85
CA ILE Y 565 2.48 -8.61 45.11
C ILE Y 565 3.68 -7.71 45.38
N HIS Y 566 4.89 -8.13 44.99
CA HIS Y 566 6.05 -7.27 45.19
C HIS Y 566 5.98 -6.02 44.32
N HIS Y 567 5.50 -6.15 43.09
CA HIS Y 567 5.33 -4.97 42.25
C HIS Y 567 4.14 -4.13 42.67
N ILE Y 568 3.20 -4.69 43.44
CA ILE Y 568 2.22 -3.87 44.12
C ILE Y 568 2.90 -2.98 45.16
N HIS Y 569 3.84 -3.56 45.92
CA HIS Y 569 4.59 -2.78 46.90
C HIS Y 569 5.42 -1.69 46.22
N ALA Y 570 6.05 -2.02 45.09
CA ALA Y 570 6.80 -1.01 44.35
C ALA Y 570 5.89 0.12 43.88
N PHE Y 571 4.69 -0.22 43.40
CA PHE Y 571 3.75 0.80 42.95
C PHE Y 571 3.33 1.70 44.10
N THR Y 572 2.91 1.12 45.22
CA THR Y 572 2.39 1.91 46.33
C THR Y 572 3.48 2.77 46.96
N ILE Y 573 4.69 2.24 47.07
CA ILE Y 573 5.80 3.02 47.62
C ILE Y 573 6.14 4.18 46.71
N HIS Y 574 6.20 3.94 45.39
CA HIS Y 574 6.56 5.00 44.45
C HIS Y 574 5.53 6.13 44.47
N VAL Y 575 4.24 5.80 44.61
CA VAL Y 575 3.23 6.84 44.68
C VAL Y 575 3.33 7.62 45.99
N THR Y 576 3.58 6.92 47.10
CA THR Y 576 3.79 7.62 48.37
C THR Y 576 4.99 8.55 48.28
N VAL Y 577 6.06 8.10 47.62
CA VAL Y 577 7.19 8.99 47.36
C VAL Y 577 6.75 10.17 46.51
N LEU Y 578 5.93 9.92 45.49
CA LEU Y 578 5.51 11.00 44.60
C LEU Y 578 4.77 12.09 45.36
N VAL Y 579 3.87 11.71 46.26
CA VAL Y 579 3.09 12.69 47.01
C VAL Y 579 4.00 13.50 47.93
N LEU Y 580 4.86 12.81 48.69
CA LEU Y 580 5.71 13.50 49.66
C LEU Y 580 6.80 14.32 48.99
N PHE Y 581 7.43 13.76 47.95
CA PHE Y 581 8.57 14.42 47.32
C PHE Y 581 8.13 15.59 46.45
N LYS Y 582 6.91 15.54 45.91
CA LYS Y 582 6.35 16.72 45.25
C LYS Y 582 6.12 17.84 46.25
N GLY Y 583 5.67 17.51 47.46
CA GLY Y 583 5.46 18.53 48.47
C GLY Y 583 6.74 19.19 48.92
N VAL Y 584 7.81 18.41 49.06
CA VAL Y 584 9.09 18.96 49.48
C VAL Y 584 9.69 19.81 48.37
N LEU Y 585 9.67 19.30 47.14
CA LEU Y 585 10.29 20.02 46.03
C LEU Y 585 9.53 21.29 45.67
N PHE Y 586 8.24 21.34 45.96
CA PHE Y 586 7.41 22.50 45.65
C PHE Y 586 6.97 23.26 46.90
N ALA Y 587 7.64 23.03 48.03
CA ALA Y 587 7.25 23.70 49.26
C ALA Y 587 7.42 25.22 49.14
N ARG Y 588 8.50 25.67 48.50
CA ARG Y 588 8.73 27.10 48.33
C ARG Y 588 7.70 27.72 47.41
N GLY Y 589 7.28 26.99 46.39
CA GLY Y 589 6.32 27.52 45.43
C GLY Y 589 6.28 26.67 44.19
N SER Y 590 5.40 27.07 43.27
CA SER Y 590 5.21 26.36 42.02
C SER Y 590 4.85 27.37 40.95
N ARG Y 591 4.55 26.87 39.75
CA ARG Y 591 4.07 27.74 38.68
C ARG Y 591 2.71 28.33 39.02
N LEU Y 592 1.93 27.64 39.86
CA LEU Y 592 0.61 28.12 40.24
C LEU Y 592 0.70 29.21 41.31
N VAL Y 593 1.33 28.89 42.44
CA VAL Y 593 1.50 29.82 43.54
C VAL Y 593 2.99 30.02 43.76
N PRO Y 594 3.59 31.07 43.20
CA PRO Y 594 5.04 31.23 43.27
C PRO Y 594 5.57 31.59 44.66
N ASP Y 595 4.73 32.10 45.55
CA ASP Y 595 5.17 32.60 46.84
C ASP Y 595 4.60 31.77 48.00
N LYS Y 596 4.60 30.45 47.85
CA LYS Y 596 4.09 29.58 48.90
C LYS Y 596 4.95 29.64 50.16
N ALA Y 597 6.25 29.94 50.00
CA ALA Y 597 7.13 30.01 51.17
C ALA Y 597 6.70 31.13 52.11
N ASN Y 598 6.27 32.26 51.56
CA ASN Y 598 5.76 33.34 52.40
C ASN Y 598 4.46 32.95 53.08
N LEU Y 599 3.64 32.11 52.43
CA LEU Y 599 2.41 31.64 53.04
C LEU Y 599 2.67 30.67 54.19
N GLY Y 600 3.80 29.97 54.18
CA GLY Y 600 4.20 29.11 55.27
C GLY Y 600 4.13 27.64 54.89
N PHE Y 601 4.53 26.81 55.85
CA PHE Y 601 4.49 25.36 55.66
C PHE Y 601 3.06 24.83 55.74
N ARG Y 602 2.25 25.39 56.62
CA ARG Y 602 0.91 24.88 56.91
C ARG Y 602 -0.11 25.99 56.71
N PHE Y 603 -0.75 26.00 55.55
CA PHE Y 603 -1.85 26.92 55.26
C PHE Y 603 -2.88 26.18 54.44
N PRO Y 604 -4.16 26.58 54.51
CA PRO Y 604 -5.19 25.78 53.84
C PRO Y 604 -5.16 25.90 52.33
N CYS Y 605 -4.93 27.10 51.79
CA CYS Y 605 -5.07 27.37 50.37
C CYS Y 605 -4.59 28.79 50.10
N ASP Y 606 -4.68 29.19 48.84
CA ASP Y 606 -4.53 30.59 48.44
C ASP Y 606 -5.76 31.07 47.69
N GLY Y 607 -6.94 30.67 48.16
CA GLY Y 607 -8.19 31.15 47.61
C GLY Y 607 -8.69 30.31 46.46
N PRO Y 608 -9.94 30.55 46.06
CA PRO Y 608 -10.51 29.81 44.91
C PRO Y 608 -9.99 30.28 43.56
N GLY Y 609 -9.06 31.23 43.53
CA GLY Y 609 -8.54 31.74 42.29
C GLY Y 609 -7.57 30.80 41.63
N ARG Y 610 -7.16 31.17 40.42
CA ARG Y 610 -6.31 30.33 39.57
C ARG Y 610 -6.97 28.97 39.32
N GLY Y 611 -8.29 28.94 39.31
CA GLY Y 611 -9.04 27.71 39.19
C GLY Y 611 -9.32 27.02 40.51
N GLY Y 612 -8.62 27.40 41.58
CA GLY Y 612 -8.73 26.72 42.86
C GLY Y 612 -7.40 26.17 43.32
N THR Y 613 -6.93 26.60 44.49
CA THR Y 613 -5.61 26.25 44.98
C THR Y 613 -5.69 25.52 46.32
N CYS Y 614 -6.68 24.64 46.46
CA CYS Y 614 -6.84 23.88 47.69
C CYS Y 614 -5.68 22.91 47.88
N GLN Y 615 -5.17 22.83 49.11
CA GLN Y 615 -4.18 21.82 49.48
C GLN Y 615 -2.89 21.94 48.67
N VAL Y 616 -2.44 23.18 48.46
CA VAL Y 616 -1.16 23.39 47.79
C VAL Y 616 0.02 23.37 48.76
N SER Y 617 -0.22 23.58 50.05
CA SER Y 617 0.85 23.69 51.02
C SER Y 617 1.58 22.36 51.18
N ALA Y 618 2.82 22.44 51.66
CA ALA Y 618 3.60 21.24 51.92
C ALA Y 618 2.97 20.38 53.00
N TRP Y 619 2.22 21.00 53.92
CA TRP Y 619 1.52 20.24 54.95
C TRP Y 619 0.48 19.32 54.34
N ASP Y 620 -0.27 19.81 53.35
CA ASP Y 620 -1.30 18.98 52.73
C ASP Y 620 -0.71 17.82 51.94
N HIS Y 621 0.53 17.94 51.46
CA HIS Y 621 1.17 16.79 50.83
C HIS Y 621 1.53 15.72 51.85
N VAL Y 622 1.89 16.13 53.07
CA VAL Y 622 2.06 15.17 54.15
C VAL Y 622 0.71 14.57 54.53
N PHE Y 623 -0.34 15.39 54.55
CA PHE Y 623 -1.68 14.91 54.85
C PHE Y 623 -2.13 13.87 53.85
N LEU Y 624 -1.89 14.11 52.55
CA LEU Y 624 -2.21 13.11 51.54
C LEU Y 624 -1.26 11.94 51.58
N GLY Y 625 0.00 12.17 51.94
CA GLY Y 625 0.97 11.09 51.99
C GLY Y 625 0.72 10.11 53.11
N LEU Y 626 0.04 10.55 54.18
CA LEU Y 626 -0.32 9.64 55.25
C LEU Y 626 -1.31 8.59 54.76
N PHE Y 627 -2.27 9.00 53.94
CA PHE Y 627 -3.23 8.04 53.39
C PHE Y 627 -2.53 7.02 52.51
N TRP Y 628 -1.57 7.46 51.68
CA TRP Y 628 -0.89 6.54 50.79
C TRP Y 628 0.09 5.65 51.52
N MET Y 629 0.70 6.15 52.60
CA MET Y 629 1.51 5.29 53.45
C MET Y 629 0.65 4.21 54.09
N TYR Y 630 -0.55 4.58 54.56
CA TYR Y 630 -1.45 3.60 55.13
C TYR Y 630 -1.86 2.55 54.10
N ASN Y 631 -2.19 3.00 52.88
CA ASN Y 631 -2.57 2.06 51.84
C ASN Y 631 -1.41 1.13 51.48
N SER Y 632 -0.19 1.69 51.39
CA SER Y 632 0.97 0.88 51.03
C SER Y 632 1.28 -0.14 52.11
N LEU Y 633 1.27 0.28 53.37
CA LEU Y 633 1.69 -0.60 54.46
C LEU Y 633 0.63 -1.64 54.80
N SER Y 634 -0.65 -1.32 54.57
CA SER Y 634 -1.69 -2.31 54.80
C SER Y 634 -1.51 -3.51 53.89
N MET Y 635 -1.16 -3.27 52.63
CA MET Y 635 -0.89 -4.38 51.72
C MET Y 635 0.38 -5.12 52.08
N VAL Y 636 1.34 -4.44 52.72
CA VAL Y 636 2.57 -5.10 53.14
C VAL Y 636 2.29 -6.10 54.25
N VAL Y 637 1.53 -5.69 55.26
CA VAL Y 637 1.23 -6.60 56.36
C VAL Y 637 0.19 -7.64 55.96
N PHE Y 638 -0.66 -7.32 54.98
CA PHE Y 638 -1.57 -8.32 54.44
C PHE Y 638 -0.81 -9.37 53.65
N HIS Y 639 0.19 -8.94 52.88
CA HIS Y 639 1.05 -9.89 52.17
C HIS Y 639 1.78 -10.81 53.14
N PHE Y 640 2.33 -10.25 54.21
CA PHE Y 640 3.04 -11.05 55.19
C PHE Y 640 2.09 -12.03 55.89
N SER Y 641 0.92 -11.55 56.31
CA SER Y 641 0.01 -12.38 57.09
C SER Y 641 -0.48 -13.56 56.26
N TRP Y 642 -0.88 -13.32 55.01
CA TRP Y 642 -1.42 -14.40 54.19
C TRP Y 642 -0.33 -15.37 53.77
N LYS Y 643 0.80 -14.85 53.29
CA LYS Y 643 1.85 -15.73 52.77
C LYS Y 643 2.43 -16.61 53.87
N MET Y 644 2.67 -16.04 55.06
CA MET Y 644 3.22 -16.85 56.15
C MET Y 644 2.24 -17.91 56.61
N GLN Y 645 0.95 -17.56 56.70
CA GLN Y 645 -0.05 -18.54 57.07
C GLN Y 645 -0.22 -19.62 56.00
N SER Y 646 0.02 -19.28 54.75
CA SER Y 646 -0.26 -20.17 53.63
C SER Y 646 0.91 -21.09 53.31
N ASP Y 647 2.14 -20.62 53.43
CA ASP Y 647 3.30 -21.35 52.94
C ASP Y 647 4.35 -21.64 54.00
N VAL Y 648 4.26 -21.08 55.20
CA VAL Y 648 5.30 -21.27 56.20
C VAL Y 648 4.73 -21.88 57.48
N TRP Y 649 3.83 -21.14 58.12
CA TRP Y 649 3.29 -21.57 59.41
C TRP Y 649 2.37 -22.77 59.25
N GLY Y 650 2.33 -23.59 60.29
CA GLY Y 650 1.52 -24.78 60.28
C GLY Y 650 2.03 -25.79 61.29
N THR Y 651 1.43 -26.97 61.26
CA THR Y 651 1.79 -28.06 62.16
C THR Y 651 2.45 -29.18 61.38
N VAL Y 652 3.38 -29.86 62.05
CA VAL Y 652 4.13 -30.97 61.46
C VAL Y 652 3.80 -32.23 62.24
N ASP Y 653 3.45 -33.30 61.51
CA ASP Y 653 3.16 -34.57 62.12
C ASP Y 653 4.44 -35.37 62.31
N SER Y 654 4.29 -36.64 62.73
CA SER Y 654 5.46 -37.48 62.97
C SER Y 654 6.22 -37.79 61.68
N ASP Y 655 5.52 -37.81 60.54
CA ASP Y 655 6.12 -38.15 59.26
C ASP Y 655 6.80 -36.97 58.57
N GLY Y 656 6.76 -35.78 59.16
CA GLY Y 656 7.36 -34.62 58.56
C GLY Y 656 6.51 -33.92 57.53
N ILE Y 657 5.24 -34.26 57.43
CA ILE Y 657 4.33 -33.62 56.49
C ILE Y 657 3.73 -32.38 57.14
N VAL Y 658 3.80 -31.25 56.46
CA VAL Y 658 3.37 -29.96 56.99
C VAL Y 658 2.01 -29.62 56.40
N THR Y 659 1.04 -29.33 57.28
CA THR Y 659 -0.23 -28.76 56.89
C THR Y 659 -0.26 -27.30 57.35
N HIS Y 660 -0.45 -26.38 56.42
CA HIS Y 660 -0.34 -24.97 56.72
C HIS Y 660 -1.65 -24.42 57.26
N LEU Y 661 -1.59 -23.22 57.82
CA LEU Y 661 -2.76 -22.64 58.47
C LEU Y 661 -3.90 -22.41 57.50
N THR Y 662 -3.59 -21.93 56.29
CA THR Y 662 -4.60 -21.75 55.25
C THR Y 662 -4.43 -22.73 54.10
N GLY Y 663 -3.53 -23.70 54.23
CA GLY Y 663 -3.42 -24.78 53.26
C GLY Y 663 -2.99 -24.36 51.86
N GLY Y 664 -2.01 -23.47 51.77
CA GLY Y 664 -1.49 -23.07 50.46
C GLY Y 664 -2.46 -22.30 49.59
N ASN Y 665 -3.26 -21.42 50.20
CA ASN Y 665 -4.20 -20.62 49.42
C ASN Y 665 -3.50 -19.56 48.58
N PHE Y 666 -2.31 -19.12 48.99
CA PHE Y 666 -1.74 -17.90 48.44
C PHE Y 666 -1.46 -18.01 46.94
N ALA Y 667 -0.99 -19.17 46.49
CA ALA Y 667 -0.54 -19.30 45.10
C ALA Y 667 -1.69 -19.07 44.11
N THR Y 668 -2.87 -19.60 44.42
CA THR Y 668 -3.99 -19.54 43.49
C THR Y 668 -5.03 -18.48 43.84
N SER Y 669 -5.14 -18.09 45.10
CA SER Y 669 -6.17 -17.15 45.53
C SER Y 669 -5.70 -15.70 45.58
N SER Y 670 -4.41 -15.45 45.80
CA SER Y 670 -3.93 -14.09 45.94
C SER Y 670 -3.68 -13.40 44.61
N ILE Y 671 -3.86 -14.10 43.48
CA ILE Y 671 -3.63 -13.51 42.17
C ILE Y 671 -4.83 -12.70 41.69
N THR Y 672 -5.97 -12.80 42.36
CA THR Y 672 -7.13 -11.95 42.09
C THR Y 672 -7.54 -11.28 43.39
N ASN Y 673 -8.10 -10.08 43.27
CA ASN Y 673 -8.56 -9.36 44.45
C ASN Y 673 -9.94 -9.82 44.91
N ASN Y 674 -10.62 -10.64 44.11
CA ASN Y 674 -11.74 -11.41 44.64
C ASN Y 674 -11.24 -12.48 45.60
N GLY Y 675 -10.09 -13.08 45.29
CA GLY Y 675 -9.49 -14.03 46.22
C GLY Y 675 -9.02 -13.36 47.50
N TRP Y 676 -8.51 -12.13 47.39
CA TRP Y 676 -8.18 -11.37 48.60
C TRP Y 676 -9.44 -11.06 49.40
N LEU Y 677 -10.53 -10.68 48.71
CA LEU Y 677 -11.77 -10.35 49.40
C LEU Y 677 -12.38 -11.58 50.06
N ARG Y 678 -12.34 -12.73 49.40
CA ARG Y 678 -13.02 -13.93 49.88
C ARG Y 678 -12.12 -14.77 50.78
N ASP Y 679 -10.95 -15.17 50.27
CA ASP Y 679 -10.11 -16.13 50.98
C ASP Y 679 -9.21 -15.48 52.02
N PHE Y 680 -9.06 -14.16 52.03
CA PHE Y 680 -8.26 -13.49 53.05
C PHE Y 680 -9.12 -12.64 53.99
N LEU Y 681 -9.90 -11.69 53.46
CA LEU Y 681 -10.66 -10.82 54.33
C LEU Y 681 -11.88 -11.53 54.89
N TRP Y 682 -12.69 -12.15 54.03
CA TRP Y 682 -13.91 -12.80 54.49
C TRP Y 682 -13.60 -14.05 55.30
N ALA Y 683 -12.70 -14.89 54.81
CA ALA Y 683 -12.44 -16.17 55.46
C ALA Y 683 -11.72 -16.01 56.79
N GLN Y 684 -10.66 -15.19 56.81
CA GLN Y 684 -9.83 -15.07 57.99
C GLN Y 684 -10.41 -14.16 59.06
N SER Y 685 -11.51 -13.46 58.77
CA SER Y 685 -12.19 -12.67 59.77
C SER Y 685 -13.22 -13.47 60.56
N ALA Y 686 -13.28 -14.78 60.35
CA ALA Y 686 -14.23 -15.62 61.07
C ALA Y 686 -13.97 -15.58 62.57
N GLN Y 687 -12.70 -15.52 62.98
CA GLN Y 687 -12.37 -15.51 64.40
C GLN Y 687 -12.84 -14.23 65.06
N VAL Y 688 -12.54 -13.08 64.44
CA VAL Y 688 -12.93 -11.80 65.04
C VAL Y 688 -14.43 -11.59 64.94
N ILE Y 689 -15.07 -12.08 63.89
CA ILE Y 689 -16.51 -11.87 63.72
C ILE Y 689 -17.34 -12.80 64.60
N GLN Y 690 -16.77 -13.91 65.07
CA GLN Y 690 -17.48 -14.85 65.91
C GLN Y 690 -16.92 -14.87 67.34
N SER Y 691 -16.23 -13.81 67.74
CA SER Y 691 -15.55 -13.75 69.03
C SER Y 691 -16.46 -13.34 70.17
N TYR Y 692 -17.72 -13.00 69.89
CA TYR Y 692 -18.63 -12.62 70.96
C TYR Y 692 -18.88 -13.82 71.88
N ASN Y 693 -19.14 -13.51 73.16
CA ASN Y 693 -19.34 -14.52 74.19
C ASN Y 693 -18.13 -15.44 74.33
N SER Y 694 -16.93 -14.85 74.27
CA SER Y 694 -15.69 -15.58 74.45
C SER Y 694 -14.63 -14.60 74.94
N SER Y 695 -13.45 -15.14 75.23
CA SER Y 695 -12.35 -14.31 75.73
C SER Y 695 -11.80 -13.36 74.67
N LEU Y 696 -12.12 -13.59 73.40
CA LEU Y 696 -11.69 -12.73 72.32
C LEU Y 696 -12.71 -11.67 71.95
N SER Y 697 -13.77 -11.53 72.75
CA SER Y 697 -14.84 -10.58 72.44
C SER Y 697 -14.36 -9.13 72.41
N ALA Y 698 -13.27 -8.82 73.13
CA ALA Y 698 -12.72 -7.47 73.07
C ALA Y 698 -12.23 -7.14 71.67
N TYR Y 699 -11.61 -8.12 71.00
CA TYR Y 699 -11.18 -7.92 69.62
C TYR Y 699 -12.37 -7.72 68.69
N GLY Y 700 -13.47 -8.43 68.95
CA GLY Y 700 -14.68 -8.20 68.17
C GLY Y 700 -15.23 -6.80 68.36
N LEU Y 701 -15.22 -6.31 69.60
CA LEU Y 701 -15.67 -4.94 69.86
C LEU Y 701 -14.75 -3.93 69.20
N MET Y 702 -13.44 -4.13 69.30
CA MET Y 702 -12.50 -3.21 68.67
C MET Y 702 -12.55 -3.29 67.16
N PHE Y 703 -12.96 -4.44 66.62
CA PHE Y 703 -13.16 -4.57 65.18
C PHE Y 703 -14.24 -3.62 64.70
N LEU Y 704 -15.36 -3.57 65.42
CA LEU Y 704 -16.42 -2.63 65.09
C LEU Y 704 -16.00 -1.19 65.42
N ALA Y 705 -15.20 -1.02 66.48
CA ALA Y 705 -14.75 0.32 66.85
C ALA Y 705 -13.90 0.94 65.76
N GLY Y 706 -12.99 0.16 65.18
CA GLY Y 706 -12.18 0.68 64.08
C GLY Y 706 -13.01 1.04 62.86
N HIS Y 707 -14.02 0.22 62.55
CA HIS Y 707 -14.90 0.52 61.44
C HIS Y 707 -15.66 1.81 61.68
N PHE Y 708 -16.08 2.06 62.93
CA PHE Y 708 -16.83 3.27 63.24
C PHE Y 708 -15.98 4.52 63.04
N ILE Y 709 -14.75 4.49 63.54
CA ILE Y 709 -13.89 5.68 63.47
C ILE Y 709 -13.54 6.00 62.01
N PHE Y 710 -13.38 4.96 61.20
CA PHE Y 710 -13.09 5.18 59.78
C PHE Y 710 -14.24 5.91 59.08
N GLY Y 711 -15.47 5.44 59.31
CA GLY Y 711 -16.62 6.15 58.76
C GLY Y 711 -16.80 7.52 59.37
N PHE Y 712 -16.49 7.65 60.66
CA PHE Y 712 -16.60 8.93 61.34
C PHE Y 712 -15.66 9.96 60.73
N SER Y 713 -14.45 9.55 60.39
CA SER Y 713 -13.48 10.47 59.80
C SER Y 713 -13.91 10.99 58.44
N LEU Y 714 -14.82 10.28 57.77
CA LEU Y 714 -15.17 10.64 56.40
C LEU Y 714 -15.87 11.99 56.30
N MET Y 715 -16.58 12.41 57.36
CA MET Y 715 -17.25 13.71 57.26
C MET Y 715 -16.28 14.86 57.41
N PHE Y 716 -15.23 14.71 58.20
CA PHE Y 716 -14.20 15.74 58.25
C PHE Y 716 -13.48 15.85 56.92
N LEU Y 717 -13.24 14.72 56.24
CA LEU Y 717 -12.51 14.73 54.98
C LEU Y 717 -13.39 15.21 53.83
N PHE Y 718 -14.66 14.83 53.81
CA PHE Y 718 -15.53 15.11 52.66
C PHE Y 718 -16.18 16.48 52.70
N SER Y 719 -16.31 17.09 53.88
CA SER Y 719 -17.04 18.33 54.04
C SER Y 719 -16.08 19.50 54.22
N GLY Y 720 -16.66 20.68 54.46
CA GLY Y 720 -15.87 21.87 54.69
C GLY Y 720 -16.42 22.66 55.86
N ARG Y 721 -15.56 23.52 56.41
CA ARG Y 721 -15.90 24.23 57.63
C ARG Y 721 -16.95 25.32 57.41
N GLY Y 722 -17.14 25.77 56.18
CA GLY Y 722 -18.16 26.78 55.92
C GLY Y 722 -19.56 26.30 56.27
N TYR Y 723 -19.85 25.04 55.95
CA TYR Y 723 -21.13 24.46 56.34
C TYR Y 723 -21.27 24.41 57.86
N TRP Y 724 -20.21 23.95 58.55
CA TRP Y 724 -20.31 23.73 59.99
C TRP Y 724 -20.36 25.04 60.76
N GLN Y 725 -19.64 26.06 60.28
CA GLN Y 725 -19.72 27.38 60.92
C GLN Y 725 -21.13 27.95 60.81
N GLU Y 726 -21.76 27.81 59.65
CA GLU Y 726 -23.12 28.28 59.48
C GLU Y 726 -24.10 27.51 60.36
N LEU Y 727 -23.90 26.19 60.47
CA LEU Y 727 -24.74 25.39 61.35
C LEU Y 727 -24.56 25.79 62.81
N ILE Y 728 -23.31 26.07 63.21
CA ILE Y 728 -23.05 26.53 64.57
C ILE Y 728 -23.74 27.86 64.83
N GLU Y 729 -23.93 28.67 63.79
CA GLU Y 729 -24.62 29.95 63.96
C GLU Y 729 -26.03 29.75 64.49
N SER Y 730 -26.77 28.79 63.93
CA SER Y 730 -28.12 28.52 64.40
C SER Y 730 -28.12 27.96 65.81
N ILE Y 731 -27.17 27.07 66.12
CA ILE Y 731 -27.07 26.51 67.46
C ILE Y 731 -26.73 27.60 68.46
N VAL Y 732 -25.81 28.50 68.10
CA VAL Y 732 -25.46 29.62 68.98
C VAL Y 732 -26.69 30.50 69.24
N TRP Y 733 -27.55 30.66 68.22
CA TRP Y 733 -28.76 31.45 68.42
C TRP Y 733 -29.64 30.85 69.50
N ALA Y 734 -29.76 29.52 69.54
CA ALA Y 734 -30.57 28.87 70.56
C ALA Y 734 -30.00 29.11 71.96
N HIS Y 735 -28.68 29.05 72.09
CA HIS Y 735 -28.07 29.34 73.38
C HIS Y 735 -28.22 30.80 73.76
N ASN Y 736 -28.11 31.70 72.77
CA ASN Y 736 -28.36 33.11 73.03
C ASN Y 736 -29.79 33.35 73.48
N LYS Y 737 -30.74 32.60 72.91
CA LYS Y 737 -32.15 32.75 73.28
C LYS Y 737 -32.37 32.41 74.76
N LEU Y 738 -31.60 31.47 75.30
CA LEU Y 738 -31.72 31.06 76.68
C LEU Y 738 -30.64 31.65 77.57
N LYS Y 739 -29.92 32.66 77.09
CA LYS Y 739 -28.89 33.36 77.88
C LYS Y 739 -27.83 32.40 78.40
N VAL Y 740 -27.45 31.42 77.57
CA VAL Y 740 -26.48 30.42 77.96
C VAL Y 740 -25.38 30.33 76.90
N ALA Y 741 -25.25 31.39 76.11
CA ALA Y 741 -24.18 31.39 75.12
C ALA Y 741 -22.83 31.64 75.79
N PRO Y 742 -21.78 30.95 75.36
CA PRO Y 742 -20.47 31.12 75.98
C PRO Y 742 -19.74 32.35 75.46
N ALA Y 743 -18.92 32.93 76.34
CA ALA Y 743 -18.09 34.06 75.95
C ALA Y 743 -17.03 33.64 74.94
N ILE Y 744 -16.41 32.48 75.14
CA ILE Y 744 -15.50 31.94 74.16
C ILE Y 744 -16.33 31.46 72.98
N GLN Y 745 -16.31 32.23 71.90
CA GLN Y 745 -17.26 32.02 70.81
C GLN Y 745 -16.97 30.70 70.10
N PRO Y 746 -17.97 29.83 69.93
CA PRO Y 746 -17.73 28.56 69.23
C PRO Y 746 -17.44 28.81 67.76
N ARG Y 747 -16.43 28.11 67.25
CA ARG Y 747 -16.05 28.18 65.85
C ARG Y 747 -15.88 26.78 65.29
N ALA Y 748 -16.19 26.62 64.02
CA ALA Y 748 -15.86 25.38 63.32
C ALA Y 748 -14.34 25.25 63.24
N LEU Y 749 -13.88 24.00 63.15
CA LEU Y 749 -12.45 23.77 63.01
C LEU Y 749 -11.93 24.42 61.74
N SER Y 750 -10.71 24.94 61.81
CA SER Y 750 -10.09 25.54 60.64
C SER Y 750 -9.96 24.51 59.53
N ILE Y 751 -9.68 24.99 58.31
CA ILE Y 751 -9.60 24.10 57.16
C ILE Y 751 -8.49 23.07 57.36
N VAL Y 752 -7.32 23.52 57.82
CA VAL Y 752 -6.23 22.60 58.08
C VAL Y 752 -6.58 21.66 59.24
N HIS Y 753 -7.20 22.20 60.29
CA HIS Y 753 -7.56 21.37 61.44
C HIS Y 753 -8.53 20.27 61.06
N GLY Y 754 -9.52 20.59 60.22
CA GLY Y 754 -10.46 19.57 59.78
C GLY Y 754 -9.77 18.45 59.02
N ARG Y 755 -8.80 18.80 58.17
CA ARG Y 755 -8.03 17.79 57.46
C ARG Y 755 -7.22 16.93 58.42
N ALA Y 756 -6.61 17.56 59.43
CA ALA Y 756 -5.82 16.82 60.41
C ALA Y 756 -6.70 15.85 61.20
N VAL Y 757 -7.90 16.29 61.59
CA VAL Y 757 -8.81 15.40 62.31
C VAL Y 757 -9.23 14.24 61.42
N GLY Y 758 -9.53 14.52 60.16
CA GLY Y 758 -9.98 13.47 59.26
C GLY Y 758 -8.93 12.38 59.06
N VAL Y 759 -7.69 12.79 58.81
CA VAL Y 759 -6.63 11.81 58.58
C VAL Y 759 -6.29 11.06 59.86
N ALA Y 760 -6.34 11.74 61.02
CA ALA Y 760 -6.04 11.07 62.28
C ALA Y 760 -7.05 9.99 62.61
N HIS Y 761 -8.34 10.29 62.42
CA HIS Y 761 -9.37 9.30 62.70
C HIS Y 761 -9.40 8.21 61.63
N TYR Y 762 -9.12 8.58 60.37
CA TYR Y 762 -9.08 7.57 59.30
C TYR Y 762 -8.00 6.54 59.57
N LEU Y 763 -6.80 7.00 59.92
CA LEU Y 763 -5.70 6.06 60.17
C LEU Y 763 -5.92 5.28 61.45
N LEU Y 764 -6.49 5.91 62.48
CA LEU Y 764 -6.78 5.19 63.72
C LEU Y 764 -7.81 4.09 63.48
N GLY Y 765 -8.88 4.41 62.76
CA GLY Y 765 -9.92 3.43 62.52
C GLY Y 765 -9.43 2.25 61.69
N GLY Y 766 -8.71 2.54 60.61
CA GLY Y 766 -8.23 1.47 59.75
C GLY Y 766 -7.20 0.58 60.44
N ILE Y 767 -6.27 1.18 61.17
CA ILE Y 767 -5.21 0.41 61.81
C ILE Y 767 -5.77 -0.43 62.95
N VAL Y 768 -6.69 0.14 63.74
CA VAL Y 768 -7.29 -0.62 64.83
C VAL Y 768 -8.09 -1.80 64.29
N THR Y 769 -8.76 -1.61 63.15
CA THR Y 769 -9.52 -2.69 62.54
C THR Y 769 -8.59 -3.85 62.16
N THR Y 770 -7.46 -3.54 61.52
CA THR Y 770 -6.49 -4.58 61.19
C THR Y 770 -5.86 -5.18 62.43
N TRP Y 771 -5.65 -4.36 63.47
CA TRP Y 771 -5.08 -4.86 64.72
C TRP Y 771 -5.97 -5.91 65.37
N ALA Y 772 -7.28 -5.61 65.46
CA ALA Y 772 -8.22 -6.59 66.00
C ALA Y 772 -8.32 -7.81 65.09
N PHE Y 773 -8.34 -7.59 63.78
CA PHE Y 773 -8.44 -8.69 62.82
C PHE Y 773 -7.25 -9.63 62.94
N PHE Y 774 -6.04 -9.08 63.05
CA PHE Y 774 -4.85 -9.91 63.13
C PHE Y 774 -4.78 -10.65 64.46
N LEU Y 775 -5.03 -9.94 65.57
CA LEU Y 775 -4.80 -10.52 66.88
C LEU Y 775 -5.87 -11.55 67.24
N ALA Y 776 -7.12 -11.28 66.89
CA ALA Y 776 -8.19 -12.23 67.20
C ALA Y 776 -7.99 -13.55 66.50
N ARG Y 777 -7.63 -13.52 65.21
CA ARG Y 777 -7.42 -14.75 64.47
C ARG Y 777 -6.24 -15.54 65.02
N MET Y 778 -5.13 -14.86 65.30
CA MET Y 778 -3.90 -15.55 65.63
C MET Y 778 -3.84 -15.95 67.11
N SER Y 779 -4.70 -15.37 67.95
CA SER Y 779 -4.86 -15.84 69.32
C SER Y 779 -5.78 -17.05 69.41
N ALA Y 780 -6.43 -17.44 68.32
CA ALA Y 780 -7.30 -18.60 68.29
C ALA Y 780 -6.73 -19.77 67.51
N ILE Y 781 -5.96 -19.49 66.46
CA ILE Y 781 -5.37 -20.54 65.63
C ILE Y 781 -3.86 -20.56 65.67
N GLY Y 782 -3.22 -19.56 66.29
CA GLY Y 782 -1.77 -19.51 66.35
C GLY Y 782 -1.17 -20.42 67.41
N ALA Z 2 -12.35 32.06 20.18
CA ALA Z 2 -13.42 31.34 20.86
C ALA Z 2 -13.94 30.19 19.99
N THR Z 3 -14.64 29.26 20.63
CA THR Z 3 -15.21 28.11 19.95
C THR Z 3 -16.72 28.26 19.82
N LYS Z 4 -17.28 27.52 18.87
CA LYS Z 4 -18.73 27.51 18.71
C LYS Z 4 -19.42 26.82 19.87
N PHE Z 5 -18.77 25.83 20.48
CA PHE Z 5 -19.30 25.03 21.58
C PHE Z 5 -18.75 25.54 22.90
N PRO Z 6 -19.59 25.78 23.91
CA PRO Z 6 -21.06 25.67 23.91
C PRO Z 6 -21.73 26.85 23.23
N LYS Z 7 -22.85 26.60 22.54
CA LYS Z 7 -23.57 27.65 21.85
C LYS Z 7 -24.25 28.62 22.81
N PHE Z 8 -24.55 28.18 24.03
CA PHE Z 8 -25.39 28.93 24.96
C PHE Z 8 -24.60 29.78 25.95
N SER Z 9 -23.28 29.81 25.87
CA SER Z 9 -22.48 30.54 26.85
C SER Z 9 -21.22 31.06 26.18
N GLN Z 10 -21.13 32.39 26.03
CA GLN Z 10 -19.92 32.98 25.47
C GLN Z 10 -18.78 32.96 26.47
N ASP Z 11 -19.08 33.01 27.77
CA ASP Z 11 -18.03 32.92 28.78
C ASP Z 11 -17.31 31.58 28.71
N LEU Z 12 -18.07 30.49 28.56
CA LEU Z 12 -17.44 29.18 28.43
C LEU Z 12 -16.78 29.01 27.06
N ALA Z 13 -17.41 29.56 26.02
CA ALA Z 13 -16.85 29.43 24.67
C ALA Z 13 -15.50 30.12 24.54
N GLN Z 14 -15.23 31.13 25.36
CA GLN Z 14 -13.94 31.82 25.35
C GLN Z 14 -12.94 31.20 26.31
N ASP Z 15 -13.34 30.21 27.10
CA ASP Z 15 -12.42 29.55 28.02
C ASP Z 15 -11.40 28.75 27.23
N PRO Z 16 -10.10 28.98 27.42
CA PRO Z 16 -9.08 28.26 26.65
C PRO Z 16 -8.60 26.96 27.26
N THR Z 17 -9.24 26.46 28.32
CA THR Z 17 -8.80 25.27 29.02
C THR Z 17 -9.83 24.16 28.86
N THR Z 18 -9.50 22.98 29.39
CA THR Z 18 -10.41 21.84 29.38
C THR Z 18 -11.65 22.07 30.23
N ARG Z 19 -11.65 23.10 31.10
CA ARG Z 19 -12.82 23.39 31.90
C ARG Z 19 -14.01 23.78 31.03
N ARG Z 20 -13.77 24.29 29.82
CA ARG Z 20 -14.86 24.67 28.93
C ARG Z 20 -15.72 23.48 28.56
N ILE Z 21 -15.08 22.35 28.23
CA ILE Z 21 -15.83 21.16 27.85
C ILE Z 21 -16.61 20.61 29.03
N TRP Z 22 -15.98 20.54 30.21
CA TRP Z 22 -16.64 20.00 31.39
C TRP Z 22 -17.85 20.83 31.77
N TYR Z 23 -17.70 22.16 31.80
CA TYR Z 23 -18.78 23.01 32.26
C TYR Z 23 -19.92 23.11 31.25
N ALA Z 24 -19.62 22.93 29.96
CA ALA Z 24 -20.68 22.97 28.95
C ALA Z 24 -21.68 21.85 29.19
N MET Z 25 -21.20 20.65 29.51
CA MET Z 25 -22.10 19.54 29.82
C MET Z 25 -22.91 19.82 31.09
N ALA Z 26 -22.28 20.39 32.10
CA ALA Z 26 -22.93 20.58 33.40
C ALA Z 26 -23.96 21.70 33.40
N THR Z 27 -23.85 22.67 32.50
CA THR Z 27 -24.78 23.80 32.46
C THR Z 27 -25.65 23.79 31.21
N ALA Z 28 -25.65 22.69 30.46
CA ALA Z 28 -26.41 22.64 29.21
C ALA Z 28 -27.91 22.75 29.44
N HIS Z 29 -28.41 22.11 30.50
CA HIS Z 29 -29.84 22.08 30.78
C HIS Z 29 -30.28 23.15 31.76
N ASP Z 30 -29.38 24.02 32.20
CA ASP Z 30 -29.75 25.18 33.02
C ASP Z 30 -30.11 26.32 32.08
N PHE Z 31 -31.33 26.24 31.54
CA PHE Z 31 -31.73 27.13 30.45
C PHE Z 31 -31.76 28.60 30.89
N GLU Z 32 -32.04 28.85 32.17
CA GLU Z 32 -32.19 30.23 32.63
C GLU Z 32 -30.90 31.03 32.52
N LEU Z 33 -29.75 30.37 32.64
CA LEU Z 33 -28.46 31.05 32.57
C LEU Z 33 -27.91 31.14 31.16
N HIS Z 34 -28.63 30.63 30.16
CA HIS Z 34 -28.17 30.71 28.79
C HIS Z 34 -28.16 32.16 28.30
N ASP Z 35 -27.27 32.45 27.36
CA ASP Z 35 -27.12 33.80 26.85
C ASP Z 35 -28.38 34.25 26.10
N GLY Z 36 -28.84 35.45 26.41
CA GLY Z 36 -30.00 36.02 25.74
C GLY Z 36 -31.26 35.20 25.90
N MET Z 37 -31.46 34.61 27.09
CA MET Z 37 -32.61 33.77 27.35
C MET Z 37 -33.74 34.62 27.91
N THR Z 38 -34.89 34.60 27.23
CA THR Z 38 -36.09 35.27 27.69
C THR Z 38 -37.01 34.27 28.37
N GLU Z 39 -37.98 34.80 29.14
CA GLU Z 39 -38.90 33.94 29.86
C GLU Z 39 -39.75 33.10 28.91
N GLU Z 40 -40.24 33.72 27.83
CA GLU Z 40 -41.06 32.99 26.88
C GLU Z 40 -40.26 31.89 26.17
N ASN Z 41 -39.04 32.21 25.76
CA ASN Z 41 -38.19 31.18 25.15
C ASN Z 41 -37.84 30.08 26.14
N LEU Z 42 -37.73 30.43 27.42
CA LEU Z 42 -37.44 29.44 28.45
C LEU Z 42 -38.54 28.38 28.52
N TYR Z 43 -39.79 28.83 28.59
CA TYR Z 43 -40.91 27.89 28.70
C TYR Z 43 -41.07 27.07 27.43
N GLN Z 44 -40.86 27.68 26.26
CA GLN Z 44 -41.00 26.95 25.01
C GLN Z 44 -39.95 25.86 24.89
N LYS Z 45 -38.71 26.15 25.28
CA LYS Z 45 -37.66 25.14 25.22
C LYS Z 45 -37.93 24.00 26.20
N ILE Z 46 -38.41 24.33 27.40
CA ILE Z 46 -38.73 23.30 28.38
C ILE Z 46 -39.87 22.42 27.87
N PHE Z 47 -40.88 23.04 27.25
CA PHE Z 47 -42.02 22.28 26.74
C PHE Z 47 -41.58 21.25 25.72
N ALA Z 48 -40.72 21.65 24.78
CA ALA Z 48 -40.22 20.69 23.80
C ALA Z 48 -39.33 19.64 24.42
N SER Z 49 -38.53 20.01 25.42
CA SER Z 49 -37.68 19.05 26.09
C SER Z 49 -38.49 17.98 26.80
N HIS Z 50 -39.62 18.37 27.39
CA HIS Z 50 -40.49 17.41 28.06
C HIS Z 50 -41.07 16.40 27.07
N PHE Z 51 -41.35 16.84 25.83
CA PHE Z 51 -41.77 15.90 24.80
C PHE Z 51 -40.68 14.88 24.52
N GLY Z 52 -39.42 15.33 24.48
CA GLY Z 52 -38.32 14.40 24.24
C GLY Z 52 -38.17 13.38 25.36
N HIS Z 53 -38.33 13.81 26.61
CA HIS Z 53 -38.19 12.88 27.72
C HIS Z 53 -39.29 11.83 27.70
N LEU Z 54 -40.52 12.23 27.37
CA LEU Z 54 -41.61 11.25 27.28
C LEU Z 54 -41.34 10.24 26.18
N ALA Z 55 -40.81 10.69 25.04
CA ALA Z 55 -40.48 9.76 23.96
C ALA Z 55 -39.41 8.77 24.39
N ILE Z 56 -38.44 9.22 25.19
CA ILE Z 56 -37.41 8.32 25.70
C ILE Z 56 -38.03 7.27 26.60
N ILE Z 57 -39.01 7.67 27.43
CA ILE Z 57 -39.68 6.72 28.31
C ILE Z 57 -40.43 5.67 27.49
N PHE Z 58 -41.14 6.11 26.44
CA PHE Z 58 -41.89 5.16 25.62
C PHE Z 58 -40.97 4.24 24.85
N LEU Z 59 -39.84 4.76 24.36
CA LEU Z 59 -38.85 3.90 23.71
C LEU Z 59 -38.27 2.89 24.68
N TRP Z 60 -38.03 3.32 25.92
CA TRP Z 60 -37.52 2.42 26.95
C TRP Z 60 -38.51 1.30 27.24
N ALA Z 61 -39.79 1.63 27.37
CA ALA Z 61 -40.81 0.60 27.58
C ALA Z 61 -40.93 -0.31 26.35
N SER Z 62 -40.80 0.26 25.16
CA SER Z 62 -40.84 -0.55 23.94
C SER Z 62 -39.68 -1.53 23.88
N GLY Z 63 -38.50 -1.10 24.33
CA GLY Z 63 -37.35 -1.99 24.32
C GLY Z 63 -37.50 -3.14 25.30
N VAL Z 64 -38.07 -2.88 26.47
CA VAL Z 64 -38.30 -3.94 27.43
C VAL Z 64 -39.26 -4.98 26.87
N LEU Z 65 -40.34 -4.52 26.24
CA LEU Z 65 -41.30 -5.46 25.63
C LEU Z 65 -40.66 -6.22 24.48
N PHE Z 66 -39.91 -5.53 23.62
CA PHE Z 66 -39.36 -6.17 22.44
C PHE Z 66 -38.39 -7.28 22.79
N HIS Z 67 -37.51 -7.04 23.77
CA HIS Z 67 -36.50 -8.04 24.09
C HIS Z 67 -37.09 -9.24 24.80
N VAL Z 68 -38.18 -9.05 25.55
CA VAL Z 68 -38.88 -10.19 26.13
C VAL Z 68 -39.58 -11.01 25.04
N ALA Z 69 -40.27 -10.32 24.12
CA ALA Z 69 -40.94 -11.03 23.03
C ALA Z 69 -39.95 -11.72 22.09
N TRP Z 70 -38.74 -11.18 21.99
CA TRP Z 70 -37.73 -11.68 21.06
C TRP Z 70 -36.88 -12.79 21.67
N GLN Z 71 -36.37 -12.57 22.89
CA GLN Z 71 -35.42 -13.48 23.51
C GLN Z 71 -35.87 -14.04 24.84
N GLY Z 72 -37.02 -13.63 25.35
CA GLY Z 72 -37.49 -14.09 26.64
C GLY Z 72 -38.25 -15.40 26.54
N ASN Z 73 -38.88 -15.76 27.65
CA ASN Z 73 -39.65 -17.00 27.78
C ASN Z 73 -41.00 -16.71 28.43
N PHE Z 74 -41.70 -15.69 27.93
CA PHE Z 74 -42.95 -15.28 28.54
C PHE Z 74 -44.00 -16.39 28.47
N GLU Z 75 -44.12 -17.04 27.31
CA GLU Z 75 -45.14 -18.09 27.16
C GLU Z 75 -44.83 -19.30 28.03
N GLN Z 76 -43.55 -19.68 28.13
CA GLN Z 76 -43.18 -20.78 29.01
C GLN Z 76 -43.35 -20.41 30.48
N TRP Z 77 -43.09 -19.15 30.83
CA TRP Z 77 -43.22 -18.70 32.22
C TRP Z 77 -44.69 -18.68 32.66
N ILE Z 78 -45.60 -18.39 31.73
CA ILE Z 78 -47.02 -18.32 32.07
C ILE Z 78 -47.52 -19.67 32.56
N LYS Z 79 -47.08 -20.76 31.90
CA LYS Z 79 -47.54 -22.10 32.26
C LYS Z 79 -47.08 -22.52 33.65
N ASP Z 80 -46.05 -21.86 34.20
CA ASP Z 80 -45.58 -22.19 35.54
C ASP Z 80 -44.85 -20.99 36.14
N PRO Z 81 -45.57 -19.95 36.56
CA PRO Z 81 -44.89 -18.74 37.08
C PRO Z 81 -44.08 -18.98 38.34
N LEU Z 82 -44.40 -20.01 39.12
CA LEU Z 82 -43.73 -20.25 40.40
C LEU Z 82 -42.44 -21.02 40.28
N ASN Z 83 -42.12 -21.57 39.10
CA ASN Z 83 -40.93 -22.39 38.94
C ASN Z 83 -40.07 -22.02 37.73
N VAL Z 84 -40.56 -21.16 36.84
CA VAL Z 84 -39.82 -20.76 35.66
C VAL Z 84 -39.18 -19.40 35.93
N ARG Z 85 -37.90 -19.28 35.63
CA ARG Z 85 -37.20 -18.01 35.78
C ARG Z 85 -37.47 -17.11 34.57
N PRO Z 86 -38.04 -15.92 34.77
CA PRO Z 86 -38.21 -15.01 33.64
C PRO Z 86 -36.88 -14.57 33.07
N ILE Z 87 -36.86 -14.36 31.75
CA ILE Z 87 -35.65 -14.00 31.02
C ILE Z 87 -35.74 -12.54 30.62
N ALA Z 88 -34.73 -11.76 30.99
CA ALA Z 88 -34.69 -10.35 30.60
C ALA Z 88 -34.29 -10.18 29.15
N HIS Z 89 -33.09 -10.64 28.79
CA HIS Z 89 -32.62 -10.60 27.42
C HIS Z 89 -31.45 -11.56 27.28
N ALA Z 90 -31.03 -11.77 26.04
CA ALA Z 90 -29.92 -12.67 25.76
C ALA Z 90 -28.60 -11.98 26.06
N ILE Z 91 -27.56 -12.80 26.25
CA ILE Z 91 -26.21 -12.33 26.52
C ILE Z 91 -25.37 -12.58 25.27
N TRP Z 92 -24.70 -11.54 24.80
CA TRP Z 92 -23.71 -11.65 23.73
C TRP Z 92 -22.45 -10.91 24.17
N ASP Z 93 -21.51 -11.66 24.73
CA ASP Z 93 -20.21 -11.14 25.16
C ASP Z 93 -19.17 -12.07 24.54
N ALA Z 94 -18.57 -11.64 23.43
CA ALA Z 94 -17.70 -12.50 22.63
C ALA Z 94 -16.41 -12.88 23.33
N GLN Z 95 -16.21 -12.42 24.56
CA GLN Z 95 -15.02 -12.75 25.33
C GLN Z 95 -15.34 -13.61 26.54
N PHE Z 96 -16.52 -14.26 26.54
CA PHE Z 96 -16.85 -15.30 27.50
C PHE Z 96 -16.06 -16.58 27.22
N GLY Z 97 -15.84 -17.35 28.27
CA GLY Z 97 -15.32 -18.69 28.14
C GLY Z 97 -16.43 -19.72 28.19
N PRO Z 98 -16.14 -20.96 27.83
CA PRO Z 98 -17.16 -22.02 27.87
C PRO Z 98 -17.78 -22.19 29.25
N PRO Z 99 -17.01 -22.11 30.35
CA PRO Z 99 -17.68 -22.16 31.66
C PRO Z 99 -18.66 -21.02 31.89
N ALA Z 100 -18.37 -19.83 31.37
CA ALA Z 100 -19.30 -18.71 31.52
C ALA Z 100 -20.53 -18.91 30.66
N ILE Z 101 -20.35 -19.43 29.44
CA ILE Z 101 -21.50 -19.69 28.57
C ILE Z 101 -22.42 -20.73 29.19
N GLU Z 102 -21.84 -21.80 29.74
CA GLU Z 102 -22.62 -22.83 30.39
C GLU Z 102 -23.35 -22.29 31.62
N ALA Z 103 -22.67 -21.45 32.40
CA ALA Z 103 -23.27 -20.96 33.64
C ALA Z 103 -24.49 -20.09 33.37
N PHE Z 104 -24.44 -19.26 32.33
CA PHE Z 104 -25.54 -18.34 32.03
C PHE Z 104 -26.58 -18.95 31.10
N THR Z 105 -26.37 -20.16 30.59
CA THR Z 105 -27.39 -20.87 29.83
C THR Z 105 -28.28 -21.61 30.84
N ARG Z 106 -29.52 -21.15 30.97
CA ARG Z 106 -30.37 -21.54 32.07
C ARG Z 106 -31.82 -21.17 31.72
N ALA Z 107 -32.73 -21.48 32.65
CA ALA Z 107 -34.14 -21.12 32.53
C ALA Z 107 -34.78 -21.64 31.25
N GLY Z 108 -34.35 -22.82 30.81
CA GLY Z 108 -34.91 -23.42 29.61
C GLY Z 108 -34.37 -22.89 28.31
N ALA Z 109 -33.43 -21.95 28.34
CA ALA Z 109 -32.85 -21.39 27.13
C ALA Z 109 -31.64 -22.22 26.69
N THR Z 110 -31.34 -22.13 25.39
CA THR Z 110 -30.17 -22.78 24.83
C THR Z 110 -29.02 -21.81 24.56
N ASN Z 111 -29.18 -20.56 24.99
CA ASN Z 111 -28.15 -19.53 24.87
C ASN Z 111 -28.05 -18.81 26.20
N PRO Z 112 -26.92 -18.17 26.48
CA PRO Z 112 -26.80 -17.41 27.73
C PRO Z 112 -27.83 -16.31 27.80
N VAL Z 113 -28.43 -16.15 28.99
CA VAL Z 113 -29.49 -15.18 29.22
C VAL Z 113 -29.35 -14.58 30.61
N ASP Z 114 -29.94 -13.40 30.77
CA ASP Z 114 -30.09 -12.79 32.08
C ASP Z 114 -31.48 -13.07 32.63
N ILE Z 115 -31.56 -13.22 33.95
CA ILE Z 115 -32.83 -13.46 34.60
C ILE Z 115 -33.47 -12.13 34.95
N CYS Z 116 -34.70 -11.91 34.48
CA CYS Z 116 -35.39 -10.65 34.73
C CYS Z 116 -35.76 -10.53 36.20
N TYR Z 117 -35.48 -9.36 36.78
CA TYR Z 117 -35.82 -9.09 38.18
C TYR Z 117 -36.69 -7.85 38.34
N SER Z 118 -37.16 -7.26 37.24
CA SER Z 118 -37.98 -6.06 37.29
C SER Z 118 -39.46 -6.35 37.52
N GLY Z 119 -39.88 -7.61 37.41
CA GLY Z 119 -41.27 -7.96 37.63
C GLY Z 119 -42.21 -7.70 36.47
N VAL Z 120 -41.67 -7.40 35.28
CA VAL Z 120 -42.54 -7.09 34.15
C VAL Z 120 -43.32 -8.32 33.69
N TYR Z 121 -42.78 -9.52 33.90
CA TYR Z 121 -43.51 -10.73 33.55
C TYR Z 121 -44.80 -10.83 34.35
N HIS Z 122 -44.72 -10.61 35.67
CA HIS Z 122 -45.91 -10.68 36.51
C HIS Z 122 -46.89 -9.57 36.16
N TRP Z 123 -46.38 -8.37 35.89
CA TRP Z 123 -47.24 -7.24 35.57
C TRP Z 123 -48.01 -7.49 34.27
N TRP Z 124 -47.29 -7.92 33.22
CA TRP Z 124 -47.95 -8.18 31.94
C TRP Z 124 -48.93 -9.34 32.06
N TYR Z 125 -48.57 -10.37 32.83
CA TYR Z 125 -49.45 -11.52 33.01
C TYR Z 125 -50.75 -11.12 33.70
N THR Z 126 -50.67 -10.26 34.71
CA THR Z 126 -51.87 -9.85 35.45
C THR Z 126 -52.82 -9.06 34.56
N ILE Z 127 -52.27 -8.17 33.70
CA ILE Z 127 -53.11 -7.28 32.91
C ILE Z 127 -53.62 -7.92 31.62
N GLY Z 128 -53.34 -9.21 31.41
CA GLY Z 128 -53.96 -9.94 30.32
C GLY Z 128 -53.06 -10.35 29.16
N MET Z 129 -51.77 -10.01 29.20
CA MET Z 129 -50.87 -10.44 28.14
C MET Z 129 -50.62 -11.94 28.24
N ARG Z 130 -50.67 -12.62 27.09
CA ARG Z 130 -50.54 -14.07 27.05
C ARG Z 130 -49.57 -14.60 26.01
N THR Z 131 -49.27 -13.86 24.95
CA THR Z 131 -48.44 -14.36 23.87
C THR Z 131 -47.32 -13.37 23.56
N ASN Z 132 -46.27 -13.88 22.94
CA ASN Z 132 -45.17 -13.01 22.50
C ASN Z 132 -45.61 -12.06 21.40
N ASN Z 133 -46.60 -12.47 20.59
CA ASN Z 133 -47.12 -11.57 19.56
C ASN Z 133 -47.79 -10.35 20.18
N GLU Z 134 -48.50 -10.55 21.29
CA GLU Z 134 -49.13 -9.43 21.97
C GLU Z 134 -48.09 -8.45 22.53
N LEU Z 135 -47.00 -8.98 23.09
CA LEU Z 135 -45.92 -8.13 23.53
C LEU Z 135 -45.28 -7.40 22.36
N TYR Z 136 -45.13 -8.09 21.23
CA TYR Z 136 -44.54 -7.47 20.05
C TYR Z 136 -45.40 -6.32 19.54
N VAL Z 137 -46.72 -6.52 19.53
CA VAL Z 137 -47.63 -5.46 19.07
C VAL Z 137 -47.54 -4.24 19.99
N GLY Z 138 -47.46 -4.48 21.30
CA GLY Z 138 -47.29 -3.38 22.23
C GLY Z 138 -45.98 -2.64 22.01
N ALA Z 139 -44.90 -3.38 21.72
CA ALA Z 139 -43.61 -2.74 21.46
C ALA Z 139 -43.66 -1.89 20.19
N ILE Z 140 -44.31 -2.39 19.14
CA ILE Z 140 -44.45 -1.62 17.91
C ILE Z 140 -45.30 -0.38 18.16
N PHE Z 141 -46.37 -0.53 18.95
CA PHE Z 141 -47.24 0.60 19.26
C PHE Z 141 -46.48 1.68 20.02
N LEU Z 142 -45.63 1.29 20.96
CA LEU Z 142 -44.88 2.28 21.74
C LEU Z 142 -43.81 2.96 20.88
N LEU Z 143 -43.28 2.27 19.86
CA LEU Z 143 -42.39 2.92 18.92
C LEU Z 143 -43.10 4.04 18.17
N LEU Z 144 -44.34 3.78 17.74
CA LEU Z 144 -45.12 4.81 17.05
C LEU Z 144 -45.53 5.92 18.01
N LEU Z 145 -45.86 5.56 19.26
CA LEU Z 145 -46.21 6.57 20.25
C LEU Z 145 -45.06 7.50 20.55
N ALA Z 146 -43.84 6.95 20.64
CA ALA Z 146 -42.66 7.80 20.81
C ALA Z 146 -42.46 8.72 19.61
N ALA Z 147 -42.71 8.22 18.42
CA ALA Z 147 -42.62 9.05 17.22
C ALA Z 147 -43.63 10.19 17.25
N LEU Z 148 -44.84 9.91 17.76
CA LEU Z 148 -45.86 10.94 17.85
C LEU Z 148 -45.43 12.08 18.78
N PHE Z 149 -44.84 11.73 19.93
CA PHE Z 149 -44.41 12.76 20.87
C PHE Z 149 -43.15 13.47 20.41
N LEU Z 150 -42.27 12.78 19.68
CA LEU Z 150 -41.12 13.44 19.09
C LEU Z 150 -41.55 14.46 18.04
N PHE Z 151 -42.55 14.10 17.23
CA PHE Z 151 -43.07 15.05 16.25
C PHE Z 151 -43.77 16.22 16.94
N ALA Z 152 -44.47 15.94 18.04
CA ALA Z 152 -45.16 17.00 18.76
C ALA Z 152 -44.17 18.03 19.33
N GLY Z 153 -43.04 17.56 19.85
CA GLY Z 153 -42.04 18.48 20.37
C GLY Z 153 -41.46 19.37 19.29
N TRP Z 154 -41.20 18.80 18.11
CA TRP Z 154 -40.75 19.62 16.99
C TRP Z 154 -41.84 20.58 16.54
N LEU Z 155 -43.09 20.11 16.49
CA LEU Z 155 -44.19 20.93 16.00
C LEU Z 155 -44.40 22.16 16.87
N HIS Z 156 -44.39 21.98 18.19
CA HIS Z 156 -44.62 23.07 19.12
C HIS Z 156 -43.39 23.96 19.28
N LEU Z 157 -42.33 23.72 18.51
CA LEU Z 157 -41.24 24.67 18.36
C LEU Z 157 -41.33 25.49 17.09
N GLN Z 158 -42.21 25.13 16.17
CA GLN Z 158 -42.41 25.91 14.97
C GLN Z 158 -43.10 27.23 15.31
N PRO Z 159 -42.81 28.30 14.56
CA PRO Z 159 -43.29 29.63 14.97
C PRO Z 159 -44.79 29.73 15.16
N ARG Z 160 -45.58 29.05 14.32
CA ARG Z 160 -47.03 29.14 14.42
C ARG Z 160 -47.59 28.34 15.59
N TYR Z 161 -46.84 27.36 16.12
CA TYR Z 161 -47.34 26.51 17.19
C TYR Z 161 -46.62 26.71 18.52
N ARG Z 162 -45.69 27.65 18.60
CA ARG Z 162 -45.04 27.92 19.88
C ARG Z 162 -46.04 28.59 20.82
N PRO Z 163 -46.35 27.99 21.97
CA PRO Z 163 -47.31 28.61 22.88
C PRO Z 163 -46.77 29.89 23.49
N THR Z 164 -47.67 30.82 23.77
CA THR Z 164 -47.30 32.08 24.39
C THR Z 164 -47.00 31.88 25.87
N LEU Z 165 -46.37 32.89 26.47
CA LEU Z 165 -46.07 32.83 27.89
C LEU Z 165 -47.34 32.76 28.74
N GLY Z 166 -48.40 33.45 28.31
CA GLY Z 166 -49.66 33.40 29.04
C GLY Z 166 -50.26 32.00 29.07
N TRP Z 167 -50.08 31.24 27.99
CA TRP Z 167 -50.57 29.86 27.96
C TRP Z 167 -49.89 29.01 29.02
N PHE Z 168 -48.57 29.18 29.17
CA PHE Z 168 -47.84 28.42 30.19
C PHE Z 168 -48.20 28.86 31.60
N LYS Z 169 -48.62 30.12 31.78
CA LYS Z 169 -48.89 30.66 33.10
C LYS Z 169 -50.33 30.45 33.54
N SER Z 170 -51.20 29.92 32.69
CA SER Z 170 -52.60 29.70 33.05
C SER Z 170 -52.68 28.46 33.95
N ALA Z 171 -52.65 28.69 35.26
CA ALA Z 171 -52.58 27.59 36.20
C ALA Z 171 -53.92 26.85 36.30
N GLU Z 172 -55.02 27.59 36.38
CA GLU Z 172 -56.32 26.96 36.64
C GLU Z 172 -56.75 25.99 35.55
N PRO Z 173 -56.73 26.32 34.25
CA PRO Z 173 -57.10 25.32 33.25
C PRO Z 173 -56.19 24.10 33.24
N ARG Z 174 -54.89 24.29 33.52
CA ARG Z 174 -53.98 23.14 33.57
C ARG Z 174 -54.36 22.20 34.72
N LEU Z 175 -54.67 22.76 35.89
CA LEU Z 175 -55.06 21.93 37.02
C LEU Z 175 -56.34 21.16 36.73
N ASN Z 176 -57.32 21.81 36.09
CA ASN Z 176 -58.56 21.14 35.76
C ASN Z 176 -58.33 19.99 34.79
N HIS Z 177 -57.55 20.23 33.73
CA HIS Z 177 -57.33 19.20 32.72
C HIS Z 177 -56.48 18.05 33.25
N HIS Z 178 -55.47 18.36 34.06
CA HIS Z 178 -54.59 17.30 34.56
C HIS Z 178 -55.24 16.49 35.67
N LEU Z 179 -56.15 17.09 36.44
CA LEU Z 179 -56.87 16.34 37.46
C LEU Z 179 -57.96 15.48 36.86
N ALA Z 180 -58.78 16.05 35.99
CA ALA Z 180 -59.93 15.32 35.45
C ALA Z 180 -59.54 14.44 34.26
N GLY Z 181 -58.70 14.94 33.36
CA GLY Z 181 -58.35 14.21 32.17
C GLY Z 181 -57.10 13.36 32.29
N LEU Z 182 -55.99 13.98 32.70
CA LEU Z 182 -54.74 13.23 32.80
C LEU Z 182 -54.80 12.17 33.89
N PHE Z 183 -55.47 12.46 34.99
CA PHE Z 183 -55.60 11.51 36.10
C PHE Z 183 -56.92 10.74 36.07
N GLY Z 184 -58.04 11.46 36.04
CA GLY Z 184 -59.33 10.78 36.12
C GLY Z 184 -59.66 9.96 34.89
N VAL Z 185 -59.50 10.54 33.70
CA VAL Z 185 -59.86 9.84 32.48
C VAL Z 185 -58.90 8.68 32.21
N SER Z 186 -57.61 8.88 32.50
CA SER Z 186 -56.66 7.80 32.35
C SER Z 186 -56.97 6.65 33.29
N SER Z 187 -57.35 6.96 34.53
CA SER Z 187 -57.74 5.92 35.47
C SER Z 187 -59.01 5.21 35.02
N LEU Z 188 -59.98 5.96 34.47
CA LEU Z 188 -61.18 5.34 33.94
C LEU Z 188 -60.88 4.43 32.76
N ALA Z 189 -59.97 4.87 31.88
CA ALA Z 189 -59.58 4.05 30.74
C ALA Z 189 -58.87 2.78 31.19
N TRP Z 190 -58.04 2.87 32.22
CA TRP Z 190 -57.39 1.67 32.74
C TRP Z 190 -58.40 0.72 33.37
N ALA Z 191 -59.39 1.25 34.09
CA ALA Z 191 -60.44 0.41 34.62
C ALA Z 191 -61.20 -0.29 33.51
N ALA Z 192 -61.39 0.40 32.38
CA ALA Z 192 -62.00 -0.24 31.21
C ALA Z 192 -61.15 -1.38 30.70
N HIS Z 193 -59.82 -1.19 30.67
CA HIS Z 193 -58.95 -2.27 30.22
C HIS Z 193 -59.01 -3.46 31.16
N LEU Z 194 -59.05 -3.20 32.46
CA LEU Z 194 -59.15 -4.29 33.43
C LEU Z 194 -60.46 -5.03 33.27
N ILE Z 195 -61.56 -4.30 33.11
CA ILE Z 195 -62.89 -4.93 33.03
C ILE Z 195 -63.05 -5.66 31.70
N HIS Z 196 -62.62 -5.04 30.60
CA HIS Z 196 -62.88 -5.60 29.27
C HIS Z 196 -61.85 -6.65 28.87
N VAL Z 197 -60.62 -6.56 29.37
CA VAL Z 197 -59.54 -7.41 28.88
C VAL Z 197 -58.94 -8.25 30.01
N ALA Z 198 -58.43 -7.59 31.04
CA ALA Z 198 -57.64 -8.30 32.07
C ALA Z 198 -58.48 -9.32 32.81
N ILE Z 199 -59.66 -8.91 33.31
CA ILE Z 199 -60.51 -9.83 34.06
C ILE Z 199 -60.98 -11.01 33.21
N PRO Z 200 -61.48 -10.81 31.97
CA PRO Z 200 -61.80 -11.99 31.15
C PRO Z 200 -60.61 -12.89 30.88
N GLU Z 201 -59.43 -12.31 30.67
CA GLU Z 201 -58.25 -13.14 30.39
C GLU Z 201 -57.83 -13.95 31.60
N SER Z 202 -58.04 -13.42 32.81
CA SER Z 202 -57.76 -14.19 34.02
C SER Z 202 -58.76 -15.31 34.25
N ARG Z 203 -59.84 -15.35 33.47
CA ARG Z 203 -60.84 -16.41 33.57
C ARG Z 203 -60.85 -17.34 32.38
N GLY Z 204 -59.79 -17.31 31.56
CA GLY Z 204 -59.61 -18.28 30.51
C GLY Z 204 -60.14 -17.92 29.14
N GLN Z 205 -60.89 -16.82 29.02
CA GLN Z 205 -61.42 -16.40 27.74
C GLN Z 205 -60.57 -15.30 27.14
N HIS Z 206 -60.31 -15.40 25.84
CA HIS Z 206 -59.45 -14.46 25.14
C HIS Z 206 -60.26 -13.26 24.66
N VAL Z 207 -59.80 -12.06 25.02
CA VAL Z 207 -60.38 -10.81 24.54
C VAL Z 207 -59.27 -9.97 23.95
N GLY Z 208 -59.44 -9.56 22.70
CA GLY Z 208 -58.45 -8.74 22.02
C GLY Z 208 -59.09 -7.73 21.11
N TRP Z 209 -58.28 -7.04 20.29
CA TRP Z 209 -58.82 -6.07 19.35
C TRP Z 209 -59.74 -6.70 18.32
N ASP Z 210 -59.61 -7.99 18.07
CA ASP Z 210 -60.40 -8.66 17.05
C ASP Z 210 -61.83 -8.97 17.51
N ASN Z 211 -62.08 -9.05 18.82
CA ASN Z 211 -63.40 -9.47 19.29
C ASN Z 211 -63.92 -8.69 20.50
N PHE Z 212 -63.22 -7.67 20.97
CA PHE Z 212 -63.68 -6.96 22.16
C PHE Z 212 -64.91 -6.11 21.90
N LEU Z 213 -65.19 -5.78 20.63
CA LEU Z 213 -66.33 -4.93 20.32
C LEU Z 213 -67.66 -5.65 20.56
N PHE Z 214 -67.70 -6.96 20.35
CA PHE Z 214 -68.93 -7.72 20.47
C PHE Z 214 -68.87 -8.79 21.56
N THR Z 215 -67.96 -8.64 22.52
CA THR Z 215 -67.85 -9.55 23.66
C THR Z 215 -68.06 -8.73 24.93
N PRO Z 216 -69.28 -8.71 25.46
CA PRO Z 216 -69.56 -7.91 26.67
C PRO Z 216 -68.76 -8.43 27.85
N PRO Z 217 -68.24 -7.54 28.68
CA PRO Z 217 -67.50 -8.00 29.87
C PRO Z 217 -68.39 -8.56 30.96
N HIS Z 218 -69.69 -8.27 30.94
CA HIS Z 218 -70.62 -8.75 31.95
C HIS Z 218 -71.93 -9.16 31.27
N PRO Z 219 -72.56 -10.24 31.73
CA PRO Z 219 -73.84 -10.65 31.12
C PRO Z 219 -74.94 -9.60 31.24
N ALA Z 220 -74.95 -8.82 32.32
CA ALA Z 220 -75.98 -7.79 32.48
C ALA Z 220 -75.85 -6.67 31.47
N GLY Z 221 -74.68 -6.51 30.86
CA GLY Z 221 -74.49 -5.47 29.88
C GLY Z 221 -74.45 -4.08 30.50
N LEU Z 222 -74.44 -3.08 29.62
CA LEU Z 222 -74.45 -1.69 30.06
C LEU Z 222 -75.82 -1.24 30.55
N GLY Z 223 -76.87 -2.04 30.34
CA GLY Z 223 -78.18 -1.67 30.83
C GLY Z 223 -78.23 -1.59 32.34
N ALA Z 224 -77.48 -2.46 33.01
CA ALA Z 224 -77.44 -2.43 34.47
C ALA Z 224 -76.86 -1.13 35.01
N PHE Z 225 -75.90 -0.54 34.29
CA PHE Z 225 -75.29 0.70 34.76
C PHE Z 225 -76.26 1.88 34.62
N PHE Z 226 -76.93 1.97 33.46
CA PHE Z 226 -77.80 3.11 33.22
C PHE Z 226 -79.09 3.03 34.04
N THR Z 227 -79.60 1.81 34.25
CA THR Z 227 -80.80 1.63 35.06
C THR Z 227 -80.55 1.94 36.54
N GLY Z 228 -79.33 1.73 37.01
CA GLY Z 228 -79.02 1.87 38.42
C GLY Z 228 -78.87 0.56 39.16
N ASN Z 229 -78.92 -0.57 38.46
CA ASN Z 229 -78.71 -1.89 39.07
C ASN Z 229 -77.21 -2.20 39.12
N TRP Z 230 -76.48 -1.35 39.84
CA TRP Z 230 -75.03 -1.49 39.95
C TRP Z 230 -74.62 -2.73 40.72
N SER Z 231 -75.50 -3.26 41.57
CA SER Z 231 -75.17 -4.44 42.35
C SER Z 231 -75.01 -5.68 41.47
N ALA Z 232 -75.53 -5.66 40.24
CA ALA Z 232 -75.37 -6.81 39.36
C ALA Z 232 -73.92 -7.03 38.98
N TYR Z 233 -73.11 -5.97 38.95
CA TYR Z 233 -71.70 -6.11 38.61
C TYR Z 233 -70.89 -6.76 39.72
N ALA Z 234 -71.40 -6.76 40.96
CA ALA Z 234 -70.71 -7.36 42.09
C ALA Z 234 -71.18 -8.77 42.39
N GLN Z 235 -72.12 -9.31 41.62
CA GLN Z 235 -72.68 -10.63 41.88
C GLN Z 235 -71.79 -11.71 41.29
N ASN Z 236 -71.68 -12.83 42.03
CA ASN Z 236 -70.88 -13.99 41.64
C ASN Z 236 -69.41 -13.62 41.44
N PRO Z 237 -68.68 -13.32 42.50
CA PRO Z 237 -67.25 -13.04 42.37
C PRO Z 237 -66.47 -14.34 42.16
N ASP Z 238 -65.17 -14.20 41.95
CA ASP Z 238 -64.31 -15.36 41.80
C ASP Z 238 -64.27 -16.16 43.10
N THR Z 239 -64.38 -17.49 42.96
CA THR Z 239 -64.39 -18.37 44.11
C THR Z 239 -62.98 -18.47 44.70
N ALA Z 240 -62.92 -18.84 45.99
CA ALA Z 240 -61.63 -19.04 46.65
C ALA Z 240 -60.84 -20.18 46.02
N GLN Z 241 -61.48 -21.04 45.24
CA GLN Z 241 -60.82 -22.12 44.54
C GLN Z 241 -60.50 -21.78 43.08
N HIS Z 242 -60.64 -20.51 42.71
CA HIS Z 242 -60.38 -20.10 41.34
C HIS Z 242 -58.91 -20.29 40.98
N VAL Z 243 -58.67 -20.75 39.76
CA VAL Z 243 -57.32 -20.92 39.21
C VAL Z 243 -57.10 -19.81 38.19
N PHE Z 244 -56.02 -19.06 38.35
CA PHE Z 244 -55.76 -17.92 37.47
C PHE Z 244 -55.54 -18.39 36.05
N ASN Z 245 -55.98 -17.58 35.09
CA ASN Z 245 -55.89 -17.88 33.66
C ASN Z 245 -56.66 -19.15 33.31
N SER Z 246 -57.76 -19.42 34.02
CA SER Z 246 -58.61 -20.55 33.71
C SER Z 246 -60.02 -20.25 34.19
N SER Z 247 -60.98 -20.97 33.63
CA SER Z 247 -62.38 -20.82 34.01
C SER Z 247 -62.77 -21.63 35.25
N GLN Z 248 -61.86 -22.46 35.75
CA GLN Z 248 -62.17 -23.28 36.92
C GLN Z 248 -62.32 -22.40 38.15
N GLY Z 249 -63.52 -22.41 38.74
CA GLY Z 249 -63.79 -21.59 39.89
C GLY Z 249 -63.94 -20.11 39.59
N ALA Z 250 -64.07 -19.75 38.32
CA ALA Z 250 -64.15 -18.35 37.92
C ALA Z 250 -65.58 -17.83 38.03
N GLY Z 251 -65.71 -16.60 38.52
CA GLY Z 251 -66.99 -15.94 38.60
C GLY Z 251 -67.29 -15.11 37.37
N THR Z 252 -68.28 -14.23 37.51
CA THR Z 252 -68.67 -13.34 36.43
C THR Z 252 -68.68 -11.87 36.83
N ALA Z 253 -68.48 -11.54 38.10
CA ALA Z 253 -68.51 -10.16 38.54
C ALA Z 253 -67.32 -9.39 37.97
N ILE Z 254 -67.57 -8.12 37.63
CA ILE Z 254 -66.52 -7.25 37.12
C ILE Z 254 -66.08 -6.21 38.14
N LEU Z 255 -66.90 -5.91 39.15
CA LEU Z 255 -66.54 -4.93 40.18
C LEU Z 255 -66.98 -5.50 41.53
N THR Z 256 -66.09 -6.26 42.16
CA THR Z 256 -66.28 -6.72 43.52
C THR Z 256 -65.51 -5.80 44.47
N PHE Z 257 -65.64 -6.05 45.76
CA PHE Z 257 -64.80 -5.37 46.74
C PHE Z 257 -64.40 -6.38 47.82
N LEU Z 258 -63.94 -7.54 47.36
CA LEU Z 258 -63.64 -8.65 48.27
C LEU Z 258 -62.60 -8.27 49.30
N GLY Z 259 -61.53 -7.62 48.86
CA GLY Z 259 -60.41 -7.31 49.75
C GLY Z 259 -59.51 -8.50 49.94
N GLY Z 260 -58.38 -8.25 50.60
CA GLY Z 260 -57.43 -9.32 50.82
C GLY Z 260 -56.76 -9.73 49.52
N PHE Z 261 -56.39 -11.01 49.45
CA PHE Z 261 -55.66 -11.55 48.31
C PHE Z 261 -56.40 -12.72 47.69
N HIS Z 262 -56.23 -12.84 46.38
CA HIS Z 262 -56.64 -14.05 45.68
C HIS Z 262 -55.91 -15.24 46.27
N PRO Z 263 -56.62 -16.33 46.63
CA PRO Z 263 -55.96 -17.40 47.38
C PRO Z 263 -54.80 -18.06 46.65
N GLN Z 264 -54.87 -18.19 45.33
CA GLN Z 264 -53.80 -18.88 44.60
C GLN Z 264 -52.64 -17.95 44.28
N THR Z 265 -52.94 -16.82 43.62
CA THR Z 265 -51.88 -15.90 43.21
C THR Z 265 -51.29 -15.13 44.38
N GLN Z 266 -51.99 -15.09 45.52
CA GLN Z 266 -51.55 -14.34 46.70
C GLN Z 266 -51.36 -12.86 46.38
N SER Z 267 -52.18 -12.33 45.48
CA SER Z 267 -52.12 -10.94 45.07
C SER Z 267 -53.53 -10.35 45.09
N LEU Z 268 -53.61 -9.03 44.93
CA LEU Z 268 -54.89 -8.35 45.02
C LEU Z 268 -55.84 -8.81 43.91
N TRP Z 269 -57.12 -8.86 44.23
CA TRP Z 269 -58.14 -9.27 43.28
C TRP Z 269 -58.18 -8.31 42.10
N LEU Z 270 -58.27 -8.86 40.89
CA LEU Z 270 -58.38 -8.03 39.70
C LEU Z 270 -59.66 -7.22 39.70
N THR Z 271 -60.75 -7.82 40.20
CA THR Z 271 -62.01 -7.09 40.29
C THR Z 271 -61.94 -5.95 41.30
N ASP Z 272 -61.18 -6.15 42.39
CA ASP Z 272 -60.99 -5.05 43.35
C ASP Z 272 -60.20 -3.91 42.73
N MET Z 273 -59.16 -4.23 41.95
CA MET Z 273 -58.37 -3.18 41.32
C MET Z 273 -59.17 -2.45 40.25
N ALA Z 274 -60.08 -3.17 39.57
CA ALA Z 274 -60.94 -2.52 38.59
C ALA Z 274 -61.89 -1.53 39.26
N HIS Z 275 -62.51 -1.92 40.37
CA HIS Z 275 -63.39 -1.01 41.09
C HIS Z 275 -62.60 0.11 41.75
N HIS Z 276 -61.33 -0.13 42.08
CA HIS Z 276 -60.49 0.92 42.65
C HIS Z 276 -60.28 2.05 41.65
N HIS Z 277 -59.91 1.70 40.41
CA HIS Z 277 -59.66 2.72 39.40
C HIS Z 277 -60.95 3.36 38.91
N VAL Z 278 -62.10 2.68 39.06
CA VAL Z 278 -63.37 3.31 38.76
C VAL Z 278 -63.68 4.42 39.76
N ALA Z 279 -63.50 4.11 41.05
CA ALA Z 279 -63.76 5.11 42.09
C ALA Z 279 -62.74 6.24 42.03
N ILE Z 280 -61.47 5.91 41.78
CA ILE Z 280 -60.45 6.94 41.67
C ILE Z 280 -60.74 7.87 40.50
N ALA Z 281 -61.21 7.31 39.38
CA ALA Z 281 -61.54 8.12 38.22
C ALA Z 281 -62.66 9.11 38.54
N VAL Z 282 -63.70 8.66 39.26
CA VAL Z 282 -64.79 9.54 39.61
C VAL Z 282 -64.32 10.66 40.52
N LEU Z 283 -63.49 10.32 41.51
CA LEU Z 283 -62.99 11.32 42.46
C LEU Z 283 -62.14 12.37 41.75
N PHE Z 284 -61.28 11.94 40.82
CA PHE Z 284 -60.39 12.88 40.15
C PHE Z 284 -61.12 13.71 39.10
N ILE Z 285 -62.11 13.13 38.42
CA ILE Z 285 -62.92 13.91 37.47
C ILE Z 285 -63.68 15.00 38.21
N ILE Z 286 -64.24 14.67 39.37
CA ILE Z 286 -64.91 15.67 40.19
C ILE Z 286 -63.92 16.75 40.63
N ALA Z 287 -62.73 16.34 41.06
CA ALA Z 287 -61.72 17.30 41.50
C ALA Z 287 -61.28 18.22 40.36
N GLY Z 288 -61.44 17.77 39.11
CA GLY Z 288 -61.06 18.56 37.96
C GLY Z 288 -62.03 19.63 37.55
N HIS Z 289 -63.09 19.85 38.33
CA HIS Z 289 -64.06 20.90 38.07
C HIS Z 289 -64.04 21.99 39.14
N MET Z 290 -62.99 22.03 39.97
CA MET Z 290 -62.97 22.93 41.11
C MET Z 290 -62.63 24.37 40.73
N TYR Z 291 -61.77 24.57 39.74
CA TYR Z 291 -61.21 25.88 39.45
C TYR Z 291 -61.86 26.49 38.22
N ARG Z 292 -61.97 27.82 38.23
CA ARG Z 292 -62.61 28.54 37.13
C ARG Z 292 -61.66 28.68 35.95
N THR Z 293 -62.15 28.36 34.76
CA THR Z 293 -61.36 28.54 33.55
C THR Z 293 -61.98 29.54 32.58
N ASN Z 294 -63.22 29.31 32.12
CA ASN Z 294 -63.81 30.12 31.08
C ASN Z 294 -65.30 30.37 31.25
N TRP Z 295 -65.92 29.91 32.33
CA TRP Z 295 -67.38 29.97 32.45
C TRP Z 295 -67.81 30.54 33.80
N GLY Z 296 -66.93 31.27 34.46
CA GLY Z 296 -67.28 31.94 35.70
C GLY Z 296 -67.28 31.06 36.93
N ILE Z 297 -67.90 29.88 36.83
CA ILE Z 297 -67.98 28.98 37.98
C ILE Z 297 -66.59 28.42 38.29
N GLY Z 298 -66.32 28.23 39.57
CA GLY Z 298 -65.05 27.69 39.99
C GLY Z 298 -64.27 28.60 40.93
N HIS Z 299 -63.33 28.01 41.66
CA HIS Z 299 -62.50 28.78 42.58
C HIS Z 299 -61.35 29.44 41.82
N SER Z 300 -60.93 30.61 42.32
CA SER Z 300 -59.73 31.28 41.84
C SER Z 300 -58.65 31.11 42.89
N ILE Z 301 -57.52 30.51 42.51
CA ILE Z 301 -56.47 30.21 43.47
C ILE Z 301 -55.87 31.50 44.04
N LYS Z 302 -55.72 32.51 43.18
CA LYS Z 302 -55.20 33.79 43.66
C LYS Z 302 -56.13 34.41 44.70
N GLU Z 303 -57.45 34.33 44.47
CA GLU Z 303 -58.39 34.85 45.45
C GLU Z 303 -58.33 34.06 46.75
N MET Z 304 -58.19 32.74 46.66
CA MET Z 304 -58.13 31.92 47.87
C MET Z 304 -56.92 32.25 48.71
N LEU Z 305 -55.76 32.46 48.07
CA LEU Z 305 -54.55 32.77 48.81
C LEU Z 305 -54.59 34.19 49.37
N ASN Z 306 -55.21 35.12 48.65
CA ASN Z 306 -55.25 36.52 49.05
C ASN Z 306 -56.42 36.85 49.97
N SER Z 307 -57.31 35.89 50.23
CA SER Z 307 -58.50 36.18 51.01
C SER Z 307 -58.14 36.52 52.45
N LYS Z 308 -58.85 37.50 53.00
CA LYS Z 308 -58.60 37.96 54.37
C LYS Z 308 -59.87 38.02 55.21
N SER Z 309 -60.98 37.46 54.74
CA SER Z 309 -62.24 37.47 55.46
C SER Z 309 -62.79 36.05 55.55
N PHE Z 310 -63.13 35.62 56.75
CA PHE Z 310 -63.70 34.29 57.01
C PHE Z 310 -65.17 34.49 57.37
N PHE Z 311 -66.01 34.52 56.34
CA PHE Z 311 -67.46 34.70 56.50
C PHE Z 311 -67.79 35.96 57.30
N GLY Z 312 -67.04 37.03 57.04
CA GLY Z 312 -67.28 38.30 57.70
C GLY Z 312 -66.22 38.68 58.72
N ALA Z 313 -65.76 37.71 59.50
CA ALA Z 313 -64.73 37.97 60.50
C ALA Z 313 -63.38 38.21 59.82
N LYS Z 314 -62.57 39.05 60.45
CA LYS Z 314 -61.25 39.36 59.90
C LYS Z 314 -60.28 38.23 60.23
N VAL Z 315 -59.53 37.78 59.22
CA VAL Z 315 -58.50 36.78 59.40
C VAL Z 315 -57.29 37.18 58.56
N GLU Z 316 -56.12 36.74 59.00
CA GLU Z 316 -54.92 36.94 58.19
C GLU Z 316 -54.91 36.06 56.96
N GLY Z 317 -55.73 35.01 56.94
CA GLY Z 317 -55.81 34.10 55.82
C GLY Z 317 -56.29 32.74 56.25
N PRO Z 318 -56.04 31.73 55.42
CA PRO Z 318 -56.39 30.34 55.81
C PRO Z 318 -55.64 29.92 57.06
N PHE Z 319 -56.36 29.21 57.96
CA PHE Z 319 -55.92 28.99 59.34
C PHE Z 319 -55.34 30.25 59.97
N ASN Z 320 -55.92 31.41 59.68
CA ASN Z 320 -55.48 32.68 60.23
C ASN Z 320 -53.98 32.90 59.97
N LEU Z 321 -53.52 32.46 58.80
CA LEU Z 321 -52.13 32.58 58.40
C LEU Z 321 -52.05 33.35 57.09
N PRO Z 322 -51.20 34.35 56.99
CA PRO Z 322 -51.13 35.15 55.76
C PRO Z 322 -50.56 34.38 54.58
N HIS Z 323 -51.40 34.07 53.61
CA HIS Z 323 -50.99 33.39 52.39
C HIS Z 323 -50.98 34.32 51.18
N GLN Z 324 -51.12 35.62 51.39
CA GLN Z 324 -51.26 36.55 50.28
C GLN Z 324 -49.97 36.66 49.49
N GLY Z 325 -50.11 36.94 48.20
CA GLY Z 325 -48.98 37.09 47.32
C GLY Z 325 -48.33 35.80 46.88
N LEU Z 326 -48.80 34.66 47.39
CA LEU Z 326 -48.17 33.40 47.05
C LEU Z 326 -48.44 32.99 45.61
N TYR Z 327 -49.65 33.28 45.08
CA TYR Z 327 -50.01 32.80 43.76
C TYR Z 327 -48.98 33.22 42.71
N ASP Z 328 -48.50 34.45 42.79
CA ASP Z 328 -47.47 34.90 41.85
C ASP Z 328 -46.13 34.24 42.15
N THR Z 329 -45.86 33.93 43.42
CA THR Z 329 -44.60 33.27 43.77
C THR Z 329 -44.52 31.87 43.15
N ILE Z 330 -45.58 31.08 43.27
CA ILE Z 330 -45.59 29.77 42.63
C ILE Z 330 -45.57 29.91 41.11
N ASN Z 331 -46.45 30.76 40.58
CA ASN Z 331 -46.64 30.80 39.13
C ASN Z 331 -45.40 31.29 38.39
N ASN Z 332 -44.63 32.18 39.01
CA ASN Z 332 -43.44 32.73 38.36
C ASN Z 332 -42.16 31.97 38.66
N SER Z 333 -42.20 30.98 39.55
CA SER Z 333 -41.01 30.24 39.96
C SER Z 333 -41.13 28.81 39.48
N LEU Z 334 -40.39 28.47 38.41
CA LEU Z 334 -40.36 27.08 37.96
C LEU Z 334 -39.65 26.19 38.98
N HIS Z 335 -38.69 26.73 39.73
CA HIS Z 335 -38.00 25.93 40.73
C HIS Z 335 -38.90 25.60 41.91
N PHE Z 336 -39.82 26.50 42.26
CA PHE Z 336 -40.76 26.20 43.34
C PHE Z 336 -41.68 25.07 42.94
N GLN Z 337 -42.20 25.13 41.70
CA GLN Z 337 -43.08 24.08 41.22
C GLN Z 337 -42.34 22.75 41.11
N LEU Z 338 -41.10 22.78 40.61
CA LEU Z 338 -40.32 21.56 40.53
C LEU Z 338 -40.04 20.99 41.91
N SER Z 339 -39.96 21.84 42.93
CA SER Z 339 -39.76 21.36 44.29
C SER Z 339 -40.95 20.52 44.76
N PHE Z 340 -42.17 21.02 44.55
CA PHE Z 340 -43.35 20.25 44.94
C PHE Z 340 -43.51 19.00 44.08
N ALA Z 341 -43.21 19.11 42.77
CA ALA Z 341 -43.34 17.94 41.89
C ALA Z 341 -42.36 16.85 42.30
N LEU Z 342 -41.13 17.21 42.63
CA LEU Z 342 -40.15 16.21 43.06
C LEU Z 342 -40.51 15.65 44.43
N ALA Z 343 -41.02 16.49 45.33
CA ALA Z 343 -41.41 16.01 46.65
C ALA Z 343 -42.59 15.05 46.57
N ALA Z 344 -43.59 15.38 45.75
CA ALA Z 344 -44.75 14.50 45.60
C ALA Z 344 -44.34 13.17 44.96
N LEU Z 345 -43.49 13.23 43.94
CA LEU Z 345 -43.01 11.99 43.32
C LEU Z 345 -42.16 11.19 44.28
N GLY Z 346 -41.39 11.86 45.14
CA GLY Z 346 -40.61 11.14 46.14
C GLY Z 346 -41.46 10.42 47.15
N VAL Z 347 -42.52 11.06 47.62
CA VAL Z 347 -43.44 10.39 48.54
C VAL Z 347 -44.20 9.28 47.83
N ALA Z 348 -44.62 9.52 46.59
CA ALA Z 348 -45.34 8.51 45.83
C ALA Z 348 -44.47 7.29 45.54
N SER Z 349 -43.20 7.52 45.19
CA SER Z 349 -42.30 6.41 44.93
C SER Z 349 -42.04 5.61 46.19
N SER Z 350 -41.92 6.28 47.33
CA SER Z 350 -41.74 5.58 48.60
C SER Z 350 -43.00 4.81 48.98
N LEU Z 351 -44.17 5.43 48.80
CA LEU Z 351 -45.43 4.74 49.07
C LEU Z 351 -45.61 3.54 48.15
N THR Z 352 -45.13 3.64 46.92
CA THR Z 352 -45.14 2.50 46.01
C THR Z 352 -44.34 1.34 46.59
N ALA Z 353 -43.16 1.65 47.13
CA ALA Z 353 -42.32 0.59 47.71
C ALA Z 353 -42.95 0.00 48.97
N GLN Z 354 -43.49 0.85 49.84
CA GLN Z 354 -44.02 0.37 51.12
C GLN Z 354 -45.30 -0.43 50.93
N HIS Z 355 -46.07 -0.16 49.88
CA HIS Z 355 -47.35 -0.82 49.69
C HIS Z 355 -47.29 -1.99 48.71
N MET Z 356 -46.27 -2.05 47.85
CA MET Z 356 -46.22 -3.14 46.88
C MET Z 356 -45.74 -4.44 47.49
N TYR Z 357 -44.84 -4.42 48.48
CA TYR Z 357 -44.38 -5.69 49.04
C TYR Z 357 -45.42 -6.27 49.98
N SER Z 358 -46.12 -5.42 50.74
CA SER Z 358 -47.14 -5.88 51.68
C SER Z 358 -48.43 -6.26 51.00
N MET Z 359 -48.80 -5.58 49.92
CA MET Z 359 -50.00 -5.88 49.15
C MET Z 359 -49.59 -6.07 47.70
N PRO Z 360 -49.05 -7.24 47.36
CA PRO Z 360 -48.64 -7.49 45.98
C PRO Z 360 -49.82 -7.38 45.03
N PRO Z 361 -49.72 -6.56 43.99
CA PRO Z 361 -50.83 -6.42 43.05
C PRO Z 361 -50.75 -7.34 41.84
N TYR Z 362 -49.64 -8.05 41.67
CA TYR Z 362 -49.41 -8.88 40.48
C TYR Z 362 -49.34 -10.35 40.89
N ALA Z 363 -49.88 -11.21 40.04
CA ALA Z 363 -49.97 -12.63 40.35
C ALA Z 363 -48.60 -13.22 40.56
N PHE Z 364 -48.41 -13.89 41.69
CA PHE Z 364 -47.22 -14.64 42.07
C PHE Z 364 -45.98 -13.77 42.26
N ILE Z 365 -46.10 -12.45 42.16
CA ILE Z 365 -44.92 -11.59 42.35
C ILE Z 365 -44.44 -11.64 43.79
N GLY Z 366 -45.34 -11.94 44.74
CA GLY Z 366 -44.93 -12.06 46.13
C GLY Z 366 -44.08 -13.27 46.43
N GLN Z 367 -44.05 -14.26 45.54
CA GLN Z 367 -43.23 -15.44 45.70
C GLN Z 367 -41.93 -15.36 44.93
N ASP Z 368 -41.72 -14.30 44.15
CA ASP Z 368 -40.43 -14.04 43.49
C ASP Z 368 -39.63 -13.15 44.43
N PHE Z 369 -38.86 -13.79 45.32
CA PHE Z 369 -38.21 -13.07 46.41
C PHE Z 369 -37.21 -12.05 45.89
N THR Z 370 -36.42 -12.44 44.88
CA THR Z 370 -35.45 -11.51 44.32
C THR Z 370 -36.12 -10.30 43.69
N THR Z 371 -37.23 -10.54 42.97
CA THR Z 371 -37.97 -9.42 42.38
C THR Z 371 -38.54 -8.50 43.44
N GLN Z 372 -39.06 -9.08 44.53
CA GLN Z 372 -39.58 -8.25 45.62
C GLN Z 372 -38.49 -7.38 46.24
N ALA Z 373 -37.31 -7.96 46.47
CA ALA Z 373 -36.21 -7.19 47.03
C ALA Z 373 -35.76 -6.11 46.07
N ALA Z 374 -35.65 -6.43 44.78
CA ALA Z 374 -35.20 -5.46 43.80
C ALA Z 374 -36.18 -4.30 43.66
N LEU Z 375 -37.48 -4.59 43.63
CA LEU Z 375 -38.47 -3.54 43.43
C LEU Z 375 -38.55 -2.59 44.61
N TYR Z 376 -38.49 -3.12 45.84
CA TYR Z 376 -38.52 -2.26 47.01
C TYR Z 376 -37.30 -1.35 47.08
N THR Z 377 -36.11 -1.93 46.84
CA THR Z 377 -34.89 -1.16 46.89
C THR Z 377 -34.86 -0.12 45.77
N HIS Z 378 -35.37 -0.48 44.59
CA HIS Z 378 -35.36 0.42 43.45
C HIS Z 378 -36.19 1.68 43.73
N HIS Z 379 -37.42 1.50 44.21
CA HIS Z 379 -38.31 2.63 44.40
C HIS Z 379 -38.00 3.43 45.67
N GLN Z 380 -37.35 2.81 46.66
CA GLN Z 380 -36.94 3.56 47.84
C GLN Z 380 -35.73 4.45 47.55
N TYR Z 381 -34.74 3.94 46.81
CA TYR Z 381 -33.59 4.76 46.46
C TYR Z 381 -33.98 5.90 45.53
N ILE Z 382 -34.88 5.64 44.59
CA ILE Z 382 -35.38 6.72 43.74
C ILE Z 382 -36.13 7.75 44.56
N ALA Z 383 -36.88 7.29 45.56
CA ALA Z 383 -37.58 8.21 46.46
C ALA Z 383 -36.60 9.11 47.19
N GLY Z 384 -35.47 8.55 47.63
CA GLY Z 384 -34.46 9.36 48.29
C GLY Z 384 -33.87 10.42 47.39
N PHE Z 385 -33.62 10.07 46.13
CA PHE Z 385 -33.07 11.05 45.18
C PHE Z 385 -34.09 12.15 44.90
N LEU Z 386 -35.36 11.80 44.74
CA LEU Z 386 -36.39 12.80 44.49
C LEU Z 386 -36.53 13.74 45.69
N MET Z 387 -36.43 13.20 46.91
CA MET Z 387 -36.50 14.04 48.10
C MET Z 387 -35.35 15.03 48.15
N VAL Z 388 -34.14 14.58 47.79
CA VAL Z 388 -33.00 15.49 47.74
C VAL Z 388 -33.23 16.58 46.71
N GLY Z 389 -33.75 16.19 45.54
CA GLY Z 389 -33.99 17.17 44.49
C GLY Z 389 -35.03 18.21 44.86
N ALA Z 390 -36.04 17.81 45.63
CA ALA Z 390 -37.06 18.75 46.05
C ALA Z 390 -36.47 19.87 46.89
N PHE Z 391 -35.57 19.53 47.82
CA PHE Z 391 -34.94 20.54 48.63
C PHE Z 391 -33.83 21.28 47.89
N SER Z 392 -33.16 20.61 46.94
CA SER Z 392 -32.13 21.28 46.15
C SER Z 392 -32.73 22.42 45.33
N HIS Z 393 -33.85 22.17 44.67
CA HIS Z 393 -34.51 23.22 43.91
C HIS Z 393 -35.27 24.19 44.81
N ALA Z 394 -35.53 23.80 46.05
CA ALA Z 394 -36.02 24.77 47.03
C ALA Z 394 -34.96 25.82 47.33
N GLY Z 395 -33.70 25.39 47.48
CA GLY Z 395 -32.62 26.34 47.68
C GLY Z 395 -32.39 27.22 46.46
N ILE Z 396 -32.55 26.65 45.26
CA ILE Z 396 -32.43 27.45 44.04
C ILE Z 396 -33.53 28.50 43.98
N PHE Z 397 -34.72 28.15 44.45
CA PHE Z 397 -35.82 29.11 44.47
C PHE Z 397 -35.52 30.32 45.34
N TRP Z 398 -34.90 30.07 46.51
CA TRP Z 398 -34.60 31.18 47.42
C TRP Z 398 -33.66 32.19 46.78
N ILE Z 399 -32.70 31.72 45.99
CA ILE Z 399 -31.70 32.61 45.41
C ILE Z 399 -32.23 33.29 44.16
N ARG Z 400 -32.84 32.51 43.26
CA ARG Z 400 -33.16 33.00 41.92
C ARG Z 400 -34.54 33.61 41.80
N ASP Z 401 -35.55 33.01 42.45
CA ASP Z 401 -36.93 33.37 42.18
C ASP Z 401 -37.63 34.11 43.33
N TYR Z 402 -37.06 34.07 44.53
CA TYR Z 402 -37.67 34.73 45.68
C TYR Z 402 -37.12 36.14 45.83
N ASP Z 403 -38.02 37.11 45.94
CA ASP Z 403 -37.65 38.46 46.36
C ASP Z 403 -38.53 38.84 47.54
N PRO Z 404 -37.96 39.45 48.58
CA PRO Z 404 -38.77 39.73 49.78
C PRO Z 404 -39.89 40.74 49.56
N GLU Z 405 -39.81 41.56 48.50
CA GLU Z 405 -40.76 42.66 48.35
C GLU Z 405 -42.18 42.16 48.09
N GLN Z 406 -42.34 41.20 47.18
CA GLN Z 406 -43.68 40.69 46.88
C GLN Z 406 -44.13 39.61 47.85
N ASN Z 407 -43.31 39.25 48.84
CA ASN Z 407 -43.65 38.23 49.82
C ASN Z 407 -43.66 38.79 51.24
N LYS Z 408 -43.77 40.11 51.39
CA LYS Z 408 -43.72 40.72 52.72
C LYS Z 408 -44.88 40.25 53.58
N GLY Z 409 -44.57 39.60 54.70
CA GLY Z 409 -45.54 39.27 55.71
C GLY Z 409 -46.21 37.92 55.57
N ASN Z 410 -46.08 37.25 54.43
CA ASN Z 410 -46.77 35.99 54.23
C ASN Z 410 -46.03 34.85 54.94
N VAL Z 411 -46.58 33.65 54.84
CA VAL Z 411 -46.02 32.50 55.55
C VAL Z 411 -44.64 32.15 55.02
N LEU Z 412 -44.40 32.32 53.73
CA LEU Z 412 -43.08 32.04 53.17
C LEU Z 412 -42.02 32.94 53.78
N ASP Z 413 -42.35 34.23 53.96
CA ASP Z 413 -41.44 35.14 54.62
C ASP Z 413 -41.25 34.80 56.09
N ARG Z 414 -42.31 34.32 56.75
CA ARG Z 414 -42.23 34.01 58.17
C ARG Z 414 -41.27 32.86 58.45
N MET Z 415 -41.21 31.88 57.54
CA MET Z 415 -40.29 30.76 57.73
C MET Z 415 -38.85 31.23 57.72
N LEU Z 416 -38.51 32.14 56.79
CA LEU Z 416 -37.15 32.67 56.74
C LEU Z 416 -36.80 33.46 57.98
N ARG Z 417 -37.80 34.02 58.66
CA ARG Z 417 -37.54 34.88 59.81
C ARG Z 417 -37.23 34.11 61.09
N HIS Z 418 -37.60 32.84 61.17
CA HIS Z 418 -37.21 32.00 62.32
C HIS Z 418 -36.49 30.75 61.85
N LYS Z 419 -35.61 30.91 60.84
CA LYS Z 419 -34.83 29.79 60.34
C LYS Z 419 -33.86 29.26 61.39
N GLU Z 420 -33.36 30.12 62.28
CA GLU Z 420 -32.46 29.66 63.33
C GLU Z 420 -33.17 28.70 64.28
N ALA Z 421 -34.41 29.00 64.64
CA ALA Z 421 -35.17 28.10 65.51
C ALA Z 421 -35.43 26.76 64.82
N ILE Z 422 -35.74 26.79 63.52
CA ILE Z 422 -36.01 25.57 62.78
C ILE Z 422 -34.74 24.71 62.68
N ILE Z 423 -33.63 25.33 62.32
CA ILE Z 423 -32.39 24.57 62.13
C ILE Z 423 -31.87 24.04 63.46
N SER Z 424 -31.91 24.87 64.51
CA SER Z 424 -31.42 24.43 65.81
C SER Z 424 -32.25 23.30 66.38
N HIS Z 425 -33.58 23.36 66.21
CA HIS Z 425 -34.43 22.29 66.72
C HIS Z 425 -34.28 21.01 65.91
N LEU Z 426 -34.09 21.14 64.60
CA LEU Z 426 -33.76 19.96 63.79
C LEU Z 426 -32.43 19.37 64.22
N SER Z 427 -31.47 20.21 64.60
CA SER Z 427 -30.20 19.72 65.12
C SER Z 427 -30.40 18.99 66.45
N TRP Z 428 -31.30 19.49 67.30
CA TRP Z 428 -31.54 18.83 68.58
C TRP Z 428 -32.15 17.44 68.40
N VAL Z 429 -33.13 17.31 67.50
CA VAL Z 429 -33.74 16.01 67.26
C VAL Z 429 -32.71 15.03 66.72
N SER Z 430 -31.88 15.50 65.79
CA SER Z 430 -30.82 14.66 65.25
C SER Z 430 -29.85 14.22 66.34
N LEU Z 431 -29.45 15.15 67.21
CA LEU Z 431 -28.52 14.81 68.28
C LEU Z 431 -29.14 13.82 69.26
N PHE Z 432 -30.40 14.04 69.64
CA PHE Z 432 -31.05 13.15 70.59
C PHE Z 432 -31.18 11.74 70.03
N LEU Z 433 -31.63 11.63 68.78
CA LEU Z 433 -31.77 10.32 68.16
C LEU Z 433 -30.42 9.63 67.99
N GLY Z 434 -29.40 10.38 67.56
CA GLY Z 434 -28.10 9.77 67.33
C GLY Z 434 -27.44 9.30 68.62
N PHE Z 435 -27.52 10.12 69.67
CA PHE Z 435 -26.87 9.75 70.93
C PHE Z 435 -27.49 8.51 71.54
N HIS Z 436 -28.82 8.42 71.56
CA HIS Z 436 -29.49 7.33 72.26
C HIS Z 436 -29.64 6.08 71.41
N THR Z 437 -29.85 6.21 70.10
CA THR Z 437 -29.93 5.01 69.25
C THR Z 437 -28.57 4.34 69.16
N LEU Z 438 -27.52 5.10 68.86
CA LEU Z 438 -26.18 4.51 68.84
C LEU Z 438 -25.77 4.03 70.22
N GLY Z 439 -26.08 4.81 71.26
CA GLY Z 439 -25.69 4.41 72.62
C GLY Z 439 -26.33 3.12 73.06
N LEU Z 440 -27.60 2.90 72.68
CA LEU Z 440 -28.27 1.65 73.04
C LEU Z 440 -27.78 0.48 72.18
N TYR Z 441 -27.42 0.74 70.92
CA TYR Z 441 -26.86 -0.32 70.09
C TYR Z 441 -25.53 -0.82 70.65
N VAL Z 442 -24.64 0.09 71.02
CA VAL Z 442 -23.33 -0.33 71.51
C VAL Z 442 -23.44 -0.88 72.93
N HIS Z 443 -24.43 -0.44 73.70
CA HIS Z 443 -24.69 -1.07 74.99
C HIS Z 443 -25.05 -2.54 74.80
N ASN Z 444 -25.91 -2.83 73.83
CA ASN Z 444 -26.24 -4.23 73.53
C ASN Z 444 -25.04 -4.96 72.96
N ASP Z 445 -24.19 -4.27 72.19
CA ASP Z 445 -22.96 -4.87 71.69
C ASP Z 445 -22.08 -5.36 72.84
N VAL Z 446 -21.88 -4.51 73.84
CA VAL Z 446 -20.98 -4.87 74.95
C VAL Z 446 -21.57 -6.01 75.76
N GLU Z 447 -22.88 -5.97 76.04
CA GLU Z 447 -23.49 -7.01 76.85
C GLU Z 447 -23.45 -8.36 76.15
N VAL Z 448 -23.80 -8.39 74.87
CA VAL Z 448 -23.77 -9.65 74.12
C VAL Z 448 -22.33 -10.16 74.00
N ALA Z 449 -21.38 -9.25 73.80
CA ALA Z 449 -19.99 -9.65 73.72
C ALA Z 449 -19.51 -10.29 75.02
N PHE Z 450 -19.95 -9.75 76.15
CA PHE Z 450 -19.56 -10.26 77.46
C PHE Z 450 -20.44 -11.43 77.93
N GLY Z 451 -21.17 -12.06 77.01
CA GLY Z 451 -22.00 -13.20 77.37
C GLY Z 451 -23.15 -12.86 78.29
N ALA Z 452 -23.76 -11.69 78.11
CA ALA Z 452 -24.84 -11.19 78.96
C ALA Z 452 -25.96 -10.63 78.11
N ALA Z 453 -26.41 -11.42 77.12
CA ALA Z 453 -27.47 -10.97 76.23
C ALA Z 453 -28.76 -10.65 76.96
N GLU Z 454 -28.97 -11.21 78.15
CA GLU Z 454 -30.16 -10.89 78.93
C GLU Z 454 -30.11 -9.48 79.50
N LYS Z 455 -28.94 -8.85 79.53
CA LYS Z 455 -28.79 -7.50 80.05
C LYS Z 455 -29.00 -6.43 79.00
N GLN Z 456 -29.36 -6.82 77.78
CA GLN Z 456 -29.63 -5.83 76.74
C GLN Z 456 -30.84 -5.00 77.10
N VAL Z 457 -30.79 -3.72 76.71
CA VAL Z 457 -31.98 -2.88 76.74
C VAL Z 457 -32.78 -3.17 75.47
N LEU Z 458 -34.00 -3.68 75.64
CA LEU Z 458 -34.83 -4.13 74.53
C LEU Z 458 -36.20 -3.48 74.66
N ILE Z 459 -36.35 -2.30 74.06
CA ILE Z 459 -37.60 -1.56 74.16
C ILE Z 459 -38.59 -2.11 73.13
N GLU Z 460 -39.76 -2.52 73.60
CA GLU Z 460 -40.78 -3.05 72.71
C GLU Z 460 -41.41 -1.93 71.90
N PRO Z 461 -41.64 -2.12 70.61
CA PRO Z 461 -42.36 -1.12 69.80
C PRO Z 461 -43.86 -1.23 70.00
N VAL Z 462 -44.31 -0.87 71.20
CA VAL Z 462 -45.71 -1.06 71.58
C VAL Z 462 -46.63 -0.17 70.77
N PHE Z 463 -46.20 1.06 70.45
CA PHE Z 463 -47.07 1.96 69.70
C PHE Z 463 -47.37 1.43 68.31
N ALA Z 464 -46.35 0.89 67.63
CA ALA Z 464 -46.58 0.31 66.30
C ALA Z 464 -47.33 -1.02 66.40
N GLN Z 465 -47.07 -1.80 67.45
CA GLN Z 465 -47.81 -3.04 67.65
C GLN Z 465 -49.30 -2.76 67.88
N PHE Z 466 -49.60 -1.68 68.60
CA PHE Z 466 -51.00 -1.30 68.80
C PHE Z 466 -51.68 -0.95 67.48
N ILE Z 467 -50.96 -0.29 66.59
CA ILE Z 467 -51.52 0.04 65.27
C ILE Z 467 -51.81 -1.23 64.48
N GLN Z 468 -50.89 -2.21 64.55
CA GLN Z 468 -51.12 -3.48 63.87
C GLN Z 468 -52.33 -4.20 64.43
N ALA Z 469 -52.48 -4.19 65.76
CA ALA Z 469 -53.68 -4.77 66.37
C ALA Z 469 -54.93 -4.00 65.95
N ALA Z 470 -54.85 -2.68 65.90
CA ALA Z 470 -55.98 -1.87 65.46
C ALA Z 470 -56.34 -2.16 64.01
N HIS Z 471 -55.42 -2.70 63.22
CA HIS Z 471 -55.69 -3.07 61.84
C HIS Z 471 -56.15 -4.52 61.70
N GLY Z 472 -56.23 -5.27 62.79
CA GLY Z 472 -56.73 -6.63 62.75
C GLY Z 472 -55.75 -7.70 63.14
N LYS Z 473 -54.51 -7.38 63.49
CA LYS Z 473 -53.52 -8.40 63.87
C LYS Z 473 -53.77 -8.81 65.32
N ALA Z 474 -54.20 -10.07 65.50
CA ALA Z 474 -54.52 -10.59 66.82
C ALA Z 474 -53.35 -11.29 67.48
N LEU Z 475 -52.16 -11.25 66.88
CA LEU Z 475 -51.01 -11.96 67.43
C LEU Z 475 -50.61 -11.40 68.79
N TYR Z 476 -50.61 -10.08 68.94
CA TYR Z 476 -50.09 -9.44 70.14
C TYR Z 476 -51.03 -9.54 71.34
N GLY Z 477 -52.28 -9.98 71.14
CA GLY Z 477 -53.21 -10.12 72.23
C GLY Z 477 -54.02 -8.88 72.55
N PHE Z 478 -53.73 -7.75 71.89
CA PHE Z 478 -54.60 -6.58 72.05
C PHE Z 478 -55.97 -6.87 71.47
N ASN Z 479 -56.98 -6.23 72.05
CA ASN Z 479 -58.36 -6.47 71.66
C ASN Z 479 -59.04 -5.16 71.30
N THR Z 480 -58.40 -4.36 70.47
CA THR Z 480 -58.89 -3.04 70.11
C THR Z 480 -59.21 -2.96 68.62
N LEU Z 481 -60.34 -2.33 68.31
CA LEU Z 481 -60.74 -1.97 66.95
C LEU Z 481 -60.83 -3.23 66.09
N LEU Z 482 -60.08 -3.36 65.00
CA LEU Z 482 -60.30 -4.44 64.05
C LEU Z 482 -59.88 -5.80 64.59
N SER Z 483 -59.04 -5.85 65.62
CA SER Z 483 -58.72 -7.12 66.25
C SER Z 483 -59.78 -7.52 67.29
N ASN Z 484 -60.75 -6.66 67.54
CA ASN Z 484 -61.86 -6.97 68.44
C ASN Z 484 -63.11 -7.14 67.60
N PRO Z 485 -63.63 -8.36 67.44
CA PRO Z 485 -64.83 -8.55 66.62
C PRO Z 485 -66.06 -7.83 67.15
N ASP Z 486 -66.11 -7.53 68.44
CA ASP Z 486 -67.23 -6.82 69.04
C ASP Z 486 -67.05 -5.31 69.01
N SER Z 487 -65.90 -4.82 68.55
CA SER Z 487 -65.67 -3.38 68.47
C SER Z 487 -66.58 -2.74 67.44
N ILE Z 488 -66.94 -1.48 67.69
CA ILE Z 488 -67.83 -0.77 66.77
C ILE Z 488 -67.14 -0.55 65.42
N ALA Z 489 -65.82 -0.43 65.41
CA ALA Z 489 -65.11 -0.28 64.15
C ALA Z 489 -65.23 -1.53 63.29
N SER Z 490 -65.12 -2.72 63.90
CA SER Z 490 -65.18 -3.95 63.14
C SER Z 490 -66.61 -4.26 62.70
N THR Z 491 -67.59 -3.99 63.55
CA THR Z 491 -68.98 -4.25 63.18
C THR Z 491 -69.52 -3.20 62.21
N ALA Z 492 -69.00 -1.98 62.27
CA ALA Z 492 -69.57 -0.84 61.55
C ALA Z 492 -71.07 -0.74 61.83
N TRP Z 493 -71.39 -0.50 63.11
CA TRP Z 493 -72.73 -0.75 63.63
C TRP Z 493 -73.87 -0.11 62.83
N PRO Z 494 -73.80 1.16 62.42
CA PRO Z 494 -74.98 1.74 61.75
C PRO Z 494 -75.36 1.05 60.44
N ASN Z 495 -74.40 0.55 59.67
CA ASN Z 495 -74.69 0.04 58.33
C ASN Z 495 -74.19 -1.38 58.07
N HIS Z 496 -73.18 -1.87 58.78
CA HIS Z 496 -72.59 -3.19 58.55
C HIS Z 496 -72.17 -3.37 57.10
N ALA Z 497 -71.64 -2.29 56.51
CA ALA Z 497 -71.09 -2.34 55.16
C ALA Z 497 -69.62 -2.69 55.14
N ASN Z 498 -69.14 -3.40 56.16
CA ASN Z 498 -67.74 -3.85 56.23
C ASN Z 498 -67.52 -5.10 55.37
N VAL Z 499 -67.84 -4.97 54.09
CA VAL Z 499 -67.51 -6.02 53.13
C VAL Z 499 -66.03 -6.08 52.84
N TRP Z 500 -65.23 -5.15 53.37
CA TRP Z 500 -63.78 -5.25 53.23
C TRP Z 500 -63.19 -6.17 54.29
N LEU Z 501 -63.82 -6.25 55.46
CA LEU Z 501 -63.18 -6.83 56.63
C LEU Z 501 -62.85 -8.32 56.48
N PRO Z 502 -63.75 -9.20 56.01
CA PRO Z 502 -63.39 -10.63 55.98
C PRO Z 502 -62.17 -10.95 55.14
N GLY Z 503 -62.07 -10.37 53.94
CA GLY Z 503 -60.87 -10.58 53.14
C GLY Z 503 -59.65 -9.91 53.75
N TRP Z 504 -59.83 -8.72 54.31
CA TRP Z 504 -58.71 -8.00 54.91
C TRP Z 504 -58.14 -8.74 56.11
N LEU Z 505 -59.00 -9.28 56.97
CA LEU Z 505 -58.53 -9.97 58.16
C LEU Z 505 -57.80 -11.26 57.83
N ASP Z 506 -58.23 -11.96 56.77
CA ASP Z 506 -57.53 -13.17 56.36
C ASP Z 506 -56.11 -12.86 55.92
N ALA Z 507 -55.92 -11.78 55.16
CA ALA Z 507 -54.58 -11.40 54.73
C ALA Z 507 -53.74 -10.86 55.88
N VAL Z 508 -54.37 -10.12 56.81
CA VAL Z 508 -53.63 -9.56 57.93
C VAL Z 508 -53.09 -10.67 58.83
N ASN Z 509 -53.92 -11.66 59.14
CA ASN Z 509 -53.53 -12.73 60.05
C ASN Z 509 -52.88 -13.91 59.35
N ASN Z 510 -52.70 -13.84 58.02
CA ASN Z 510 -51.94 -14.86 57.33
C ASN Z 510 -50.49 -14.81 57.76
N THR Z 511 -49.90 -15.98 58.01
CA THR Z 511 -48.54 -16.06 58.52
C THR Z 511 -47.50 -16.22 57.42
N THR Z 512 -47.89 -16.22 56.15
CA THR Z 512 -46.98 -16.46 55.05
C THR Z 512 -46.87 -15.29 54.09
N ASN Z 513 -47.33 -14.11 54.46
CA ASN Z 513 -47.22 -12.93 53.61
C ASN Z 513 -46.51 -11.81 54.35
N SER Z 514 -46.43 -10.64 53.70
CA SER Z 514 -45.73 -9.48 54.24
C SER Z 514 -46.68 -8.38 54.67
N LEU Z 515 -47.93 -8.71 55.01
CA LEU Z 515 -48.91 -7.73 55.43
C LEU Z 515 -48.82 -7.57 56.95
N PHE Z 516 -48.21 -6.46 57.39
CA PHE Z 516 -48.01 -6.17 58.81
C PHE Z 516 -47.18 -7.28 59.48
N LEU Z 517 -45.93 -7.37 59.03
CA LEU Z 517 -44.99 -8.32 59.60
C LEU Z 517 -44.83 -8.09 61.09
N THR Z 518 -44.70 -9.17 61.85
CA THR Z 518 -44.50 -9.07 63.29
C THR Z 518 -43.20 -8.32 63.58
N ILE Z 519 -43.25 -7.47 64.61
CA ILE Z 519 -42.13 -6.59 64.95
C ILE Z 519 -41.84 -6.71 66.44
N GLY Z 520 -40.56 -6.62 66.78
CA GLY Z 520 -40.12 -6.67 68.16
C GLY Z 520 -39.09 -5.60 68.45
N PRO Z 521 -38.29 -5.81 69.50
CA PRO Z 521 -37.28 -4.81 69.87
C PRO Z 521 -36.28 -4.51 68.78
N GLY Z 522 -35.92 -5.50 67.96
CA GLY Z 522 -35.01 -5.24 66.86
C GLY Z 522 -35.57 -4.28 65.84
N ASP Z 523 -36.89 -4.36 65.59
CA ASP Z 523 -37.54 -3.42 64.70
C ASP Z 523 -37.66 -2.04 65.32
N PHE Z 524 -37.77 -1.97 66.65
CA PHE Z 524 -37.86 -0.69 67.33
C PHE Z 524 -36.62 0.16 67.08
N TYR Z 525 -35.44 -0.44 67.20
CA TYR Z 525 -34.21 0.34 67.12
C TYR Z 525 -33.93 0.80 65.69
N VAL Z 526 -34.29 -0.01 64.70
CA VAL Z 526 -33.96 0.35 63.33
C VAL Z 526 -34.88 1.47 62.81
N HIS Z 527 -36.14 1.51 63.23
CA HIS Z 527 -36.98 2.66 62.89
C HIS Z 527 -36.47 3.95 63.52
N HIS Z 528 -35.91 3.88 64.73
CA HIS Z 528 -35.32 5.08 65.31
C HIS Z 528 -34.01 5.45 64.62
N ALA Z 529 -33.28 4.47 64.09
CA ALA Z 529 -32.15 4.78 63.22
C ALA Z 529 -32.62 5.43 61.94
N ILE Z 530 -33.74 4.95 61.38
CA ILE Z 530 -34.31 5.57 60.18
C ILE Z 530 -34.78 6.99 60.49
N ALA Z 531 -35.39 7.19 61.65
CA ALA Z 531 -35.81 8.53 62.04
C ALA Z 531 -34.62 9.46 62.16
N LEU Z 532 -33.51 8.97 62.71
CA LEU Z 532 -32.28 9.76 62.76
C LEU Z 532 -31.81 10.13 61.37
N GLY Z 533 -31.83 9.16 60.44
CA GLY Z 533 -31.43 9.44 59.08
C GLY Z 533 -32.33 10.44 58.39
N LEU Z 534 -33.64 10.32 58.60
CA LEU Z 534 -34.57 11.26 57.98
C LEU Z 534 -34.37 12.67 58.52
N HIS Z 535 -34.14 12.80 59.82
CA HIS Z 535 -34.05 14.13 60.43
C HIS Z 535 -32.73 14.81 60.07
N VAL Z 536 -31.63 14.05 60.00
CA VAL Z 536 -30.35 14.65 59.64
C VAL Z 536 -30.34 15.06 58.17
N THR Z 537 -30.83 14.19 57.30
CA THR Z 537 -30.89 14.54 55.87
C THR Z 537 -31.78 15.75 55.65
N THR Z 538 -32.90 15.82 56.37
CA THR Z 538 -33.73 17.03 56.33
C THR Z 538 -32.97 18.23 56.89
N LEU Z 539 -32.22 18.04 57.97
CA LEU Z 539 -31.47 19.14 58.56
C LEU Z 539 -30.46 19.72 57.59
N VAL Z 540 -29.72 18.85 56.88
CA VAL Z 540 -28.73 19.32 55.93
C VAL Z 540 -29.39 20.08 54.79
N LEU Z 541 -30.50 19.53 54.28
CA LEU Z 541 -31.18 20.16 53.14
C LEU Z 541 -31.87 21.46 53.54
N VAL Z 542 -32.56 21.46 54.68
CA VAL Z 542 -33.28 22.66 55.13
C VAL Z 542 -32.30 23.77 55.47
N LYS Z 543 -31.20 23.43 56.15
CA LYS Z 543 -30.19 24.42 56.48
C LYS Z 543 -29.59 25.03 55.22
N GLY Z 544 -29.36 24.20 54.20
CA GLY Z 544 -28.84 24.73 52.94
C GLY Z 544 -29.83 25.63 52.22
N ALA Z 545 -31.11 25.25 52.22
CA ALA Z 545 -32.11 26.05 51.54
C ALA Z 545 -32.36 27.38 52.26
N LEU Z 546 -32.48 27.32 53.59
CA LEU Z 546 -32.78 28.54 54.34
C LEU Z 546 -31.59 29.48 54.44
N ASP Z 547 -30.37 28.94 54.39
CA ASP Z 547 -29.17 29.75 54.39
C ASP Z 547 -28.66 30.04 52.99
N ALA Z 548 -29.43 29.67 51.96
CA ALA Z 548 -28.98 29.87 50.58
C ALA Z 548 -28.78 31.35 50.28
N ARG Z 549 -29.67 32.21 50.79
CA ARG Z 549 -29.57 33.63 50.50
C ARG Z 549 -28.43 34.29 51.27
N GLY Z 550 -28.08 33.79 52.44
CA GLY Z 550 -26.97 34.34 53.19
C GLY Z 550 -26.97 33.86 54.62
N SER Z 551 -25.86 34.12 55.29
CA SER Z 551 -25.68 33.79 56.70
C SER Z 551 -24.73 34.82 57.30
N LYS Z 552 -24.40 34.62 58.58
CA LYS Z 552 -23.44 35.50 59.23
C LYS Z 552 -22.07 35.40 58.59
N LEU Z 553 -21.66 34.18 58.22
CA LEU Z 553 -20.36 33.99 57.58
C LEU Z 553 -20.31 34.65 56.21
N MET Z 554 -21.41 34.61 55.47
CA MET Z 554 -21.46 35.16 54.11
C MET Z 554 -22.80 35.84 53.90
N PRO Z 555 -22.93 37.09 54.34
CA PRO Z 555 -24.23 37.78 54.26
C PRO Z 555 -24.73 38.01 52.84
N ASP Z 556 -23.86 37.98 51.85
CA ASP Z 556 -24.21 38.29 50.46
C ASP Z 556 -24.16 37.05 49.57
N LYS Z 557 -24.60 35.91 50.12
CA LYS Z 557 -24.49 34.66 49.38
C LYS Z 557 -25.38 34.64 48.15
N LYS Z 558 -26.51 35.34 48.18
CA LYS Z 558 -27.43 35.32 47.05
C LYS Z 558 -26.81 35.91 45.79
N ASP Z 559 -25.85 36.82 45.95
CA ASP Z 559 -25.21 37.45 44.80
C ASP Z 559 -24.21 36.52 44.12
N PHE Z 560 -23.89 35.37 44.70
CA PHE Z 560 -22.92 34.45 44.14
C PHE Z 560 -23.54 33.23 43.50
N GLY Z 561 -24.86 33.05 43.60
CA GLY Z 561 -25.52 31.95 42.93
C GLY Z 561 -25.67 30.72 43.80
N TYR Z 562 -26.26 29.69 43.20
CA TYR Z 562 -26.52 28.45 43.92
C TYR Z 562 -25.24 27.66 44.14
N ALA Z 563 -24.41 27.54 43.10
CA ALA Z 563 -23.23 26.68 43.14
C ALA Z 563 -21.98 27.51 42.91
N PHE Z 564 -21.17 27.65 43.95
CA PHE Z 564 -19.86 28.27 43.87
C PHE Z 564 -18.92 27.54 44.82
N PRO Z 565 -17.62 27.53 44.55
CA PRO Z 565 -16.72 26.71 45.38
C PRO Z 565 -16.65 27.16 46.83
N CYS Z 566 -16.39 28.43 47.07
CA CYS Z 566 -16.15 28.94 48.42
C CYS Z 566 -16.11 30.46 48.35
N ASP Z 567 -15.77 31.09 49.46
CA ASP Z 567 -15.50 32.52 49.51
C ASP Z 567 -14.09 32.80 49.99
N GLY Z 568 -13.18 31.86 49.77
CA GLY Z 568 -11.78 32.02 50.12
C GLY Z 568 -11.47 31.60 51.54
N PRO Z 569 -10.18 31.60 51.90
CA PRO Z 569 -9.78 31.22 53.26
C PRO Z 569 -9.99 32.31 54.29
N GLY Z 570 -10.44 33.50 53.89
CA GLY Z 570 -10.64 34.57 54.83
C GLY Z 570 -11.82 34.32 55.76
N ARG Z 571 -11.86 35.09 56.84
CA ARG Z 571 -12.90 34.99 57.86
C ARG Z 571 -12.96 33.58 58.47
N GLY Z 572 -11.81 32.91 58.54
CA GLY Z 572 -11.72 31.59 59.10
C GLY Z 572 -11.73 30.46 58.09
N GLY Z 573 -12.19 30.72 56.88
CA GLY Z 573 -12.32 29.69 55.85
C GLY Z 573 -13.78 29.38 55.60
N THR Z 574 -14.12 29.20 54.33
CA THR Z 574 -15.52 29.05 53.91
C THR Z 574 -15.69 27.88 52.95
N CYS Z 575 -15.06 26.76 53.26
CA CYS Z 575 -15.20 25.57 52.43
C CYS Z 575 -16.63 25.05 52.48
N ASP Z 576 -17.16 24.67 51.32
CA ASP Z 576 -18.48 24.05 51.21
C ASP Z 576 -19.57 24.92 51.83
N ILE Z 577 -19.55 26.21 51.49
CA ILE Z 577 -20.49 27.16 52.07
C ILE Z 577 -21.71 27.42 51.20
N SER Z 578 -21.68 27.04 49.93
CA SER Z 578 -22.81 27.30 49.05
C SER Z 578 -23.97 26.37 49.36
N ALA Z 579 -25.17 26.78 48.91
CA ALA Z 579 -26.34 25.93 49.07
C ALA Z 579 -26.21 24.65 48.26
N TRP Z 580 -25.51 24.69 47.13
CA TRP Z 580 -25.22 23.48 46.38
C TRP Z 580 -24.43 22.49 47.21
N ASP Z 581 -23.52 22.98 48.05
CA ASP Z 581 -22.71 22.09 48.87
C ASP Z 581 -23.55 21.37 49.92
N ALA Z 582 -24.63 22.00 50.39
CA ALA Z 582 -25.53 21.33 51.32
C ALA Z 582 -26.23 20.15 50.64
N SER Z 583 -26.66 20.33 49.39
CA SER Z 583 -27.21 19.22 48.64
C SER Z 583 -26.16 18.15 48.39
N TYR Z 584 -24.91 18.57 48.14
CA TYR Z 584 -23.81 17.64 48.01
C TYR Z 584 -23.62 16.81 49.28
N LEU Z 585 -23.67 17.46 50.44
CA LEU Z 585 -23.52 16.74 51.70
C LEU Z 585 -24.74 15.88 52.01
N ALA Z 586 -25.92 16.31 51.57
CA ALA Z 586 -27.14 15.59 51.90
C ALA Z 586 -27.27 14.29 51.12
N VAL Z 587 -26.63 14.19 49.96
CA VAL Z 587 -26.67 12.95 49.20
C VAL Z 587 -25.96 11.83 49.97
N PHE Z 588 -24.89 12.17 50.68
CA PHE Z 588 -24.23 11.19 51.53
C PHE Z 588 -25.16 10.66 52.60
N TRP Z 589 -25.91 11.57 53.25
CA TRP Z 589 -26.81 11.15 54.31
C TRP Z 589 -28.04 10.43 53.76
N MET Z 590 -28.53 10.84 52.60
CA MET Z 590 -29.64 10.13 51.96
C MET Z 590 -29.24 8.70 51.62
N LEU Z 591 -28.03 8.53 51.07
CA LEU Z 591 -27.55 7.18 50.77
C LEU Z 591 -27.39 6.36 52.03
N ASN Z 592 -26.89 6.97 53.11
CA ASN Z 592 -26.76 6.27 54.38
C ASN Z 592 -28.12 5.88 54.94
N THR Z 593 -29.10 6.79 54.86
CA THR Z 593 -30.43 6.51 55.39
C THR Z 593 -31.10 5.39 54.60
N LEU Z 594 -31.07 5.49 53.27
CA LEU Z 594 -31.66 4.43 52.45
C LEU Z 594 -30.87 3.14 52.56
N GLY Z 595 -29.58 3.22 52.88
CA GLY Z 595 -28.84 2.02 53.19
C GLY Z 595 -29.36 1.33 54.43
N TRP Z 596 -29.65 2.10 55.48
CA TRP Z 596 -30.25 1.52 56.68
C TRP Z 596 -31.63 0.96 56.39
N VAL Z 597 -32.41 1.66 55.56
CA VAL Z 597 -33.77 1.23 55.27
C VAL Z 597 -33.76 -0.08 54.49
N THR Z 598 -32.95 -0.16 53.43
CA THR Z 598 -32.93 -1.35 52.59
C THR Z 598 -32.23 -2.51 53.28
N PHE Z 599 -31.24 -2.24 54.13
CA PHE Z 599 -30.66 -3.30 54.96
C PHE Z 599 -31.71 -3.92 55.86
N TYR Z 600 -32.54 -3.09 56.48
CA TYR Z 600 -33.58 -3.57 57.38
C TYR Z 600 -34.63 -4.39 56.63
N TRP Z 601 -35.10 -3.88 55.49
CA TRP Z 601 -36.08 -4.62 54.71
C TRP Z 601 -35.51 -5.95 54.22
N HIS Z 602 -34.27 -5.94 53.74
CA HIS Z 602 -33.71 -7.13 53.13
C HIS Z 602 -33.42 -8.21 54.16
N TRP Z 603 -32.82 -7.84 55.31
CA TRP Z 603 -32.49 -8.84 56.32
C TRP Z 603 -33.75 -9.44 56.94
N LYS Z 604 -34.76 -8.61 57.21
CA LYS Z 604 -35.99 -9.13 57.79
C LYS Z 604 -36.67 -10.10 56.85
N HIS Z 605 -36.71 -9.79 55.55
CA HIS Z 605 -37.32 -10.70 54.59
C HIS Z 605 -36.44 -11.92 54.32
N LEU Z 606 -35.12 -11.77 54.40
CA LEU Z 606 -34.24 -12.93 54.25
C LEU Z 606 -34.49 -13.93 55.37
N ALA Z 607 -34.65 -13.46 56.60
CA ALA Z 607 -34.94 -14.36 57.71
C ALA Z 607 -36.27 -15.07 57.50
N ILE Z 608 -37.28 -14.35 57.02
CA ILE Z 608 -38.59 -14.96 56.77
C ILE Z 608 -38.48 -16.00 55.65
N TRP Z 609 -37.82 -15.66 54.56
CA TRP Z 609 -37.75 -16.55 53.41
C TRP Z 609 -36.89 -17.78 53.70
N GLU Z 610 -35.91 -17.66 54.59
CA GLU Z 610 -35.04 -18.78 54.92
C GLU Z 610 -35.60 -19.65 56.04
N GLY Z 611 -36.77 -19.32 56.59
CA GLY Z 611 -37.28 -20.06 57.72
C GLY Z 611 -36.52 -19.85 59.00
N ASN Z 612 -35.79 -18.75 59.11
CA ASN Z 612 -34.95 -18.44 60.26
C ASN Z 612 -35.30 -17.06 60.81
N ILE Z 613 -36.59 -16.83 61.04
CA ILE Z 613 -37.06 -15.55 61.59
C ILE Z 613 -36.39 -15.27 62.92
N ALA Z 614 -36.03 -16.32 63.66
CA ALA Z 614 -35.34 -16.12 64.94
C ALA Z 614 -34.01 -15.41 64.75
N GLN Z 615 -33.26 -15.76 63.69
CA GLN Z 615 -31.96 -15.14 63.48
C GLN Z 615 -32.04 -13.61 63.51
N PHE Z 616 -33.05 -13.05 62.83
CA PHE Z 616 -33.23 -11.61 62.84
C PHE Z 616 -33.60 -11.10 64.23
N ASN Z 617 -34.45 -11.84 64.95
CA ASN Z 617 -35.04 -11.31 66.17
C ASN Z 617 -34.00 -11.10 67.28
N GLU Z 618 -33.16 -12.11 67.55
CA GLU Z 618 -32.17 -11.97 68.62
C GLU Z 618 -30.88 -11.31 68.16
N SER Z 619 -30.66 -11.13 66.86
CA SER Z 619 -29.40 -10.56 66.40
C SER Z 619 -29.50 -9.13 65.89
N SER Z 620 -30.69 -8.64 65.57
CA SER Z 620 -30.82 -7.28 65.06
C SER Z 620 -30.77 -6.24 66.17
N THR Z 621 -30.75 -6.65 67.43
CA THR Z 621 -30.73 -5.70 68.53
C THR Z 621 -29.33 -5.19 68.85
N TYR Z 622 -28.29 -5.78 68.27
CA TYR Z 622 -26.93 -5.28 68.43
C TYR Z 622 -26.25 -5.24 67.07
N LEU Z 623 -25.36 -4.26 66.90
CA LEU Z 623 -24.81 -3.96 65.59
C LEU Z 623 -23.92 -5.07 65.07
N MET Z 624 -23.26 -5.82 65.95
CA MET Z 624 -22.46 -6.96 65.49
C MET Z 624 -23.33 -8.01 64.83
N GLY Z 625 -24.60 -8.12 65.26
CA GLY Z 625 -25.52 -9.02 64.59
C GLY Z 625 -25.77 -8.63 63.14
N TRP Z 626 -25.92 -7.33 62.89
CA TRP Z 626 -26.05 -6.86 61.51
C TRP Z 626 -24.78 -7.14 60.72
N PHE Z 627 -23.62 -6.88 61.31
CA PHE Z 627 -22.36 -7.06 60.61
C PHE Z 627 -22.09 -8.52 60.30
N ARG Z 628 -22.37 -9.41 61.25
CA ARG Z 628 -22.03 -10.82 61.12
C ARG Z 628 -23.12 -11.64 60.44
N ASP Z 629 -24.36 -11.54 60.92
CA ASP Z 629 -25.42 -12.41 60.45
C ASP Z 629 -26.08 -11.92 59.16
N TYR Z 630 -25.90 -10.65 58.80
CA TYR Z 630 -26.45 -10.12 57.56
C TYR Z 630 -25.36 -9.89 56.50
N LEU Z 631 -24.33 -9.13 56.82
CA LEU Z 631 -23.31 -8.82 55.82
C LEU Z 631 -22.37 -9.99 55.60
N TRP Z 632 -21.71 -10.46 56.67
CA TRP Z 632 -20.73 -11.52 56.53
C TRP Z 632 -21.37 -12.84 56.12
N LEU Z 633 -22.50 -13.19 56.75
CA LEU Z 633 -23.10 -14.51 56.53
C LEU Z 633 -23.64 -14.64 55.11
N HIS Z 634 -24.31 -13.61 54.60
CA HIS Z 634 -25.00 -13.71 53.32
C HIS Z 634 -24.12 -13.32 52.13
N SER Z 635 -22.86 -12.98 52.36
CA SER Z 635 -21.94 -12.71 51.27
C SER Z 635 -21.24 -13.95 50.74
N ALA Z 636 -21.45 -15.11 51.38
CA ALA Z 636 -20.67 -16.29 51.05
C ALA Z 636 -20.90 -16.73 49.61
N GLN Z 637 -22.16 -16.83 49.19
CA GLN Z 637 -22.45 -17.25 47.83
C GLN Z 637 -22.05 -16.18 46.81
N LEU Z 638 -22.23 -14.91 47.17
CA LEU Z 638 -21.90 -13.83 46.25
C LEU Z 638 -20.42 -13.83 45.90
N ILE Z 639 -19.55 -13.98 46.91
CA ILE Z 639 -18.11 -13.92 46.67
C ILE Z 639 -17.55 -15.21 46.12
N ASN Z 640 -18.37 -16.25 45.96
CA ASN Z 640 -17.96 -17.49 45.33
C ASN Z 640 -18.51 -17.64 43.92
N GLY Z 641 -18.97 -16.54 43.31
CA GLY Z 641 -19.43 -16.62 41.92
C GLY Z 641 -18.35 -17.09 40.97
N TYR Z 642 -17.11 -16.70 41.22
CA TYR Z 642 -15.96 -17.30 40.56
C TYR Z 642 -14.86 -17.48 41.60
N ASN Z 643 -14.14 -18.59 41.49
CA ASN Z 643 -13.09 -18.95 42.43
C ASN Z 643 -12.10 -19.85 41.68
N PRO Z 644 -10.97 -20.24 42.29
CA PRO Z 644 -10.03 -21.13 41.57
C PRO Z 644 -10.63 -22.45 41.12
N TYR Z 645 -11.83 -22.82 41.57
CA TYR Z 645 -12.44 -24.09 41.24
C TYR Z 645 -13.49 -24.00 40.14
N GLY Z 646 -13.81 -22.81 39.65
CA GLY Z 646 -14.75 -22.67 38.56
C GLY Z 646 -15.65 -21.47 38.76
N THR Z 647 -16.64 -21.34 37.88
CA THR Z 647 -17.57 -20.22 37.88
C THR Z 647 -19.00 -20.73 37.83
N ASN Z 648 -19.92 -19.90 38.31
CA ASN Z 648 -21.35 -20.17 38.21
C ASN Z 648 -22.09 -18.92 37.74
N SER Z 649 -23.42 -18.96 37.79
CA SER Z 649 -24.23 -17.85 37.29
C SER Z 649 -24.08 -16.58 38.12
N LEU Z 650 -23.50 -16.66 39.32
CA LEU Z 650 -23.29 -15.49 40.16
C LEU Z 650 -22.00 -14.75 39.83
N ALA Z 651 -21.26 -15.18 38.81
CA ALA Z 651 -19.99 -14.54 38.48
C ALA Z 651 -20.17 -13.09 38.09
N ILE Z 652 -21.26 -12.75 37.40
CA ILE Z 652 -21.51 -11.36 37.04
C ILE Z 652 -21.71 -10.51 38.29
N TRP Z 653 -22.44 -11.03 39.28
CA TRP Z 653 -22.64 -10.27 40.50
C TRP Z 653 -21.38 -10.21 41.33
N SER Z 654 -20.51 -11.23 41.22
CA SER Z 654 -19.20 -11.16 41.89
C SER Z 654 -18.36 -10.04 41.29
N TRP Z 655 -18.26 -10.00 39.97
CA TRP Z 655 -17.46 -8.98 39.29
C TRP Z 655 -18.03 -7.59 39.56
N MET Z 656 -19.36 -7.46 39.52
CA MET Z 656 -19.98 -6.16 39.78
C MET Z 656 -19.84 -5.76 41.25
N PHE Z 657 -19.81 -6.74 42.15
CA PHE Z 657 -19.58 -6.44 43.56
C PHE Z 657 -18.24 -5.74 43.77
N LEU Z 658 -17.19 -6.27 43.13
CA LEU Z 658 -15.88 -5.62 43.20
C LEU Z 658 -15.85 -4.33 42.39
N TRP Z 659 -16.58 -4.29 41.28
CA TRP Z 659 -16.65 -3.08 40.47
C TRP Z 659 -17.25 -1.92 41.27
N GLY Z 660 -18.31 -2.20 42.05
CA GLY Z 660 -18.87 -1.17 42.90
C GLY Z 660 -17.92 -0.73 43.99
N HIS Z 661 -17.20 -1.68 44.61
CA HIS Z 661 -16.19 -1.33 45.59
C HIS Z 661 -15.11 -0.45 44.97
N LEU Z 662 -14.75 -0.73 43.70
CA LEU Z 662 -13.72 0.05 43.03
C LEU Z 662 -14.18 1.48 42.75
N ALA Z 663 -15.42 1.63 42.26
CA ALA Z 663 -15.95 2.97 42.03
C ALA Z 663 -16.09 3.74 43.33
N TRP Z 664 -16.49 3.06 44.40
CA TRP Z 664 -16.58 3.70 45.71
C TRP Z 664 -15.21 4.13 46.20
N ALA Z 665 -14.18 3.34 45.94
CA ALA Z 665 -12.83 3.72 46.33
C ALA Z 665 -12.33 4.91 45.52
N VAL Z 666 -12.66 4.96 44.23
CA VAL Z 666 -12.20 6.05 43.37
C VAL Z 666 -12.77 7.38 43.86
N SER Z 667 -14.01 7.37 44.35
CA SER Z 667 -14.63 8.60 44.82
C SER Z 667 -13.83 9.22 45.96
N PHE Z 668 -13.26 8.39 46.83
CA PHE Z 668 -12.47 8.90 47.94
C PHE Z 668 -11.31 9.76 47.46
N MET Z 669 -10.74 9.45 46.30
CA MET Z 669 -9.69 10.29 45.74
C MET Z 669 -10.23 11.70 45.44
N PHE Z 670 -11.37 11.78 44.76
CA PHE Z 670 -11.92 13.08 44.40
C PHE Z 670 -12.40 13.85 45.62
N LEU Z 671 -12.89 13.14 46.64
CA LEU Z 671 -13.47 13.79 47.81
C LEU Z 671 -12.43 14.19 48.85
N ILE Z 672 -11.32 13.46 48.96
CA ILE Z 672 -10.32 13.76 49.97
C ILE Z 672 -9.25 14.69 49.43
N THR Z 673 -8.63 14.33 48.31
CA THR Z 673 -7.66 15.21 47.67
C THR Z 673 -8.38 16.35 46.95
N TRP Z 674 -7.85 17.55 47.06
CA TRP Z 674 -8.48 18.73 46.50
C TRP Z 674 -7.61 19.32 45.39
N ARG Z 675 -8.08 20.41 44.79
CA ARG Z 675 -7.67 20.76 43.43
C ARG Z 675 -6.20 21.13 43.33
N GLY Z 676 -5.73 22.00 44.24
CA GLY Z 676 -4.41 22.59 44.06
C GLY Z 676 -3.29 21.58 43.99
N TYR Z 677 -3.46 20.42 44.63
CA TYR Z 677 -2.47 19.36 44.51
C TYR Z 677 -2.35 18.87 43.07
N TRP Z 678 -3.49 18.69 42.39
CA TRP Z 678 -3.49 18.16 41.05
C TRP Z 678 -3.08 19.19 40.00
N GLN Z 679 -3.40 20.47 40.22
CA GLN Z 679 -2.99 21.50 39.27
C GLN Z 679 -1.47 21.60 39.21
N GLU Z 680 -0.80 21.51 40.35
CA GLU Z 680 0.66 21.52 40.37
C GLU Z 680 1.24 20.29 39.69
N LEU Z 681 0.61 19.13 39.91
CA LEU Z 681 1.06 17.91 39.25
C LEU Z 681 0.90 18.00 37.74
N ILE Z 682 -0.21 18.57 37.28
CA ILE Z 682 -0.44 18.71 35.84
C ILE Z 682 0.61 19.61 35.21
N GLU Z 683 1.05 20.63 35.94
CA GLU Z 683 2.05 21.56 35.39
C GLU Z 683 3.35 20.85 35.06
N THR Z 684 3.78 19.91 35.91
CA THR Z 684 4.99 19.14 35.61
C THR Z 684 4.79 18.27 34.39
N LEU Z 685 3.59 17.69 34.23
CA LEU Z 685 3.30 16.91 33.04
C LEU Z 685 3.26 17.80 31.79
N VAL Z 686 2.80 19.04 31.93
CA VAL Z 686 2.82 19.98 30.82
C VAL Z 686 4.26 20.25 30.41
N TRP Z 687 5.15 20.43 31.38
CA TRP Z 687 6.57 20.61 31.06
C TRP Z 687 7.13 19.39 30.36
N ALA Z 688 6.79 18.19 30.85
CA ALA Z 688 7.34 16.97 30.28
C ALA Z 688 6.93 16.80 28.82
N HIS Z 689 5.66 17.07 28.51
CA HIS Z 689 5.20 16.92 27.13
C HIS Z 689 5.91 17.89 26.20
N GLU Z 690 6.10 19.14 26.63
CA GLU Z 690 6.71 20.13 25.75
C GLU Z 690 8.16 19.81 25.43
N LYS Z 691 8.87 19.15 26.36
CA LYS Z 691 10.29 18.88 26.18
C LYS Z 691 10.58 17.49 25.63
N THR Z 692 9.56 16.69 25.35
CA THR Z 692 9.77 15.34 24.84
C THR Z 692 9.69 15.33 23.32
N PRO Z 693 10.73 14.89 22.63
CA PRO Z 693 10.65 14.79 21.16
C PRO Z 693 9.75 13.64 20.73
N LEU Z 694 9.38 13.67 19.45
CA LEU Z 694 8.51 12.71 18.77
C LEU Z 694 7.07 12.77 19.26
N SER Z 695 6.74 13.67 20.20
CA SER Z 695 5.37 13.80 20.69
C SER Z 695 4.74 14.99 19.98
N PHE Z 696 4.33 14.75 18.73
CA PHE Z 696 3.83 15.83 17.89
C PHE Z 696 2.47 16.35 18.35
N GLY Z 697 1.74 15.59 19.16
CA GLY Z 697 0.47 16.08 19.66
C GLY Z 697 0.63 17.32 20.51
N TYR Z 698 -0.44 18.10 20.58
CA TYR Z 698 -0.45 19.27 21.44
C TYR Z 698 -1.90 19.63 21.75
N TRP Z 699 -2.16 19.98 23.01
CA TRP Z 699 -3.51 20.26 23.46
C TRP Z 699 -4.04 21.54 22.80
N ARG Z 700 -5.27 21.46 22.31
CA ARG Z 700 -5.97 22.67 21.88
C ARG Z 700 -6.65 23.37 23.05
N ASP Z 701 -7.02 22.62 24.09
CA ASP Z 701 -7.51 23.16 25.34
C ASP Z 701 -6.49 22.88 26.42
N LYS Z 702 -6.07 23.93 27.12
CA LYS Z 702 -5.01 23.78 28.11
C LYS Z 702 -5.47 22.85 29.23
N PRO Z 703 -4.72 21.78 29.52
CA PRO Z 703 -5.16 20.85 30.57
C PRO Z 703 -5.05 21.48 31.94
N VAL Z 704 -6.16 21.47 32.68
CA VAL Z 704 -6.21 21.98 34.04
C VAL Z 704 -6.91 20.96 34.91
N ALA Z 705 -6.65 21.05 36.22
CA ALA Z 705 -7.34 20.20 37.17
C ALA Z 705 -8.82 20.55 37.24
N LEU Z 706 -9.63 19.57 37.60
CA LEU Z 706 -11.07 19.80 37.71
C LEU Z 706 -11.34 20.87 38.77
N SER Z 707 -12.38 21.66 38.53
CA SER Z 707 -12.72 22.74 39.43
C SER Z 707 -13.14 22.19 40.80
N ILE Z 708 -13.22 23.09 41.78
CA ILE Z 708 -13.54 22.67 43.15
C ILE Z 708 -14.94 22.07 43.21
N VAL Z 709 -15.91 22.75 42.60
CA VAL Z 709 -17.28 22.24 42.59
C VAL Z 709 -17.36 20.97 41.74
N GLN Z 710 -16.65 20.94 40.61
CA GLN Z 710 -16.71 19.79 39.72
C GLN Z 710 -16.22 18.53 40.41
N ALA Z 711 -15.15 18.63 41.19
CA ALA Z 711 -14.62 17.47 41.87
C ALA Z 711 -15.57 16.94 42.92
N ARG Z 712 -16.29 17.82 43.61
CA ARG Z 712 -17.31 17.37 44.56
C ARG Z 712 -18.42 16.59 43.84
N LEU Z 713 -18.82 17.06 42.65
CA LEU Z 713 -19.84 16.35 41.88
C LEU Z 713 -19.30 15.03 41.35
N VAL Z 714 -18.07 15.03 40.82
CA VAL Z 714 -17.49 13.81 40.27
C VAL Z 714 -17.29 12.77 41.39
N GLY Z 715 -16.76 13.21 42.53
CA GLY Z 715 -16.60 12.31 43.65
C GLY Z 715 -17.93 11.77 44.16
N LEU Z 716 -18.95 12.63 44.21
CA LEU Z 716 -20.27 12.18 44.62
C LEU Z 716 -20.84 11.17 43.64
N THR Z 717 -20.60 11.37 42.34
CA THR Z 717 -21.09 10.44 41.33
C THR Z 717 -20.44 9.07 41.48
N HIS Z 718 -19.11 9.04 41.66
CA HIS Z 718 -18.43 7.77 41.89
C HIS Z 718 -18.91 7.13 43.19
N PHE Z 719 -19.11 7.93 44.23
CA PHE Z 719 -19.56 7.41 45.52
C PHE Z 719 -20.94 6.78 45.38
N THR Z 720 -21.85 7.46 44.68
CA THR Z 720 -23.21 6.96 44.53
C THR Z 720 -23.26 5.73 43.63
N VAL Z 721 -22.54 5.78 42.50
CA VAL Z 721 -22.55 4.65 41.57
C VAL Z 721 -21.97 3.41 42.23
N GLY Z 722 -20.87 3.55 42.96
CA GLY Z 722 -20.33 2.44 43.72
C GLY Z 722 -21.27 1.97 44.80
N TYR Z 723 -21.95 2.91 45.46
CA TYR Z 723 -22.93 2.56 46.49
C TYR Z 723 -24.05 1.70 45.91
N ILE Z 724 -24.60 2.11 44.78
CA ILE Z 724 -25.72 1.39 44.19
C ILE Z 724 -25.26 0.05 43.62
N ALA Z 725 -24.13 0.05 42.91
CA ALA Z 725 -23.66 -1.16 42.26
C ALA Z 725 -23.29 -2.24 43.27
N THR Z 726 -22.64 -1.85 44.37
CA THR Z 726 -22.21 -2.83 45.36
C THR Z 726 -23.41 -3.47 46.04
N TYR Z 727 -24.37 -2.66 46.51
CA TYR Z 727 -25.54 -3.22 47.16
C TYR Z 727 -26.46 -3.94 46.19
N GLY Z 728 -26.56 -3.46 44.95
CA GLY Z 728 -27.38 -4.14 43.98
C GLY Z 728 -26.88 -5.53 43.67
N ALA Z 729 -25.57 -5.68 43.51
CA ALA Z 729 -25.00 -7.00 43.28
C ALA Z 729 -25.20 -7.90 44.49
N PHE Z 730 -24.99 -7.37 45.70
CA PHE Z 730 -25.19 -8.16 46.91
C PHE Z 730 -26.66 -8.54 47.08
N LEU Z 731 -27.57 -7.60 46.82
CA LEU Z 731 -28.99 -7.88 47.00
C LEU Z 731 -29.46 -8.98 46.06
N ILE Z 732 -29.05 -8.94 44.80
CA ILE Z 732 -29.47 -9.95 43.83
C ILE Z 732 -28.83 -11.29 44.14
N ALA Z 733 -27.53 -11.30 44.43
CA ALA Z 733 -26.81 -12.56 44.60
C ALA Z 733 -27.23 -13.28 45.87
N SER Z 734 -27.43 -12.54 46.97
CA SER Z 734 -27.78 -13.17 48.23
C SER Z 734 -29.20 -13.72 48.24
N THR Z 735 -30.08 -13.20 47.37
CA THR Z 735 -31.46 -13.67 47.30
C THR Z 735 -31.66 -14.70 46.18
N ALA Z 736 -31.24 -14.36 44.96
CA ALA Z 736 -31.40 -15.29 43.84
C ALA Z 736 -30.52 -16.52 44.02
N GLY Z 737 -29.30 -16.34 44.52
CA GLY Z 737 -28.40 -17.46 44.72
C GLY Z 737 -28.87 -18.44 45.77
N LYS Z 738 -29.67 -17.99 46.74
CA LYS Z 738 -30.17 -18.84 47.80
C LYS Z 738 -31.63 -19.23 47.62
N PHE Z 739 -32.27 -18.77 46.55
CA PHE Z 739 -33.69 -19.05 46.32
C PHE Z 739 -33.86 -19.31 44.83
N GLY Z 740 -35.12 -19.29 44.37
CA GLY Z 740 -35.42 -19.51 42.96
C GLY Z 740 -35.01 -18.37 42.05
N SER AA 2 -13.02 37.43 32.64
CA SER AA 2 -12.23 37.75 33.82
C SER AA 2 -13.12 37.94 35.04
N HIS AA 3 -12.51 38.01 36.21
CA HIS AA 3 -13.25 38.22 37.44
C HIS AA 3 -13.65 39.69 37.59
N THR AA 4 -14.63 39.93 38.44
CA THR AA 4 -15.14 41.27 38.71
C THR AA 4 -14.84 41.65 40.15
N VAL AA 5 -14.17 42.78 40.33
CA VAL AA 5 -13.83 43.29 41.66
C VAL AA 5 -14.52 44.62 41.84
N LYS AA 6 -15.35 44.73 42.88
CA LYS AA 6 -16.11 45.93 43.17
C LYS AA 6 -15.73 46.47 44.54
N ILE AA 7 -15.75 47.79 44.67
CA ILE AA 7 -15.42 48.48 45.91
C ILE AA 7 -16.64 49.29 46.34
N TYR AA 8 -17.09 49.06 47.57
CA TYR AA 8 -18.28 49.70 48.09
C TYR AA 8 -17.89 50.89 48.98
N ASP AA 9 -18.90 51.70 49.32
CA ASP AA 9 -18.66 52.98 49.97
C ASP AA 9 -18.28 52.85 51.44
N THR AA 10 -18.21 51.63 51.99
CA THR AA 10 -17.77 51.43 53.36
C THR AA 10 -16.25 51.40 53.48
N CYS AA 11 -15.53 51.56 52.38
CA CYS AA 11 -14.07 51.54 52.41
C CYS AA 11 -13.54 52.68 53.27
N ILE AA 12 -12.50 52.36 54.05
CA ILE AA 12 -11.87 53.33 54.95
C ILE AA 12 -10.48 53.72 54.46
N GLY AA 13 -10.09 53.29 53.26
CA GLY AA 13 -8.80 53.69 52.69
C GLY AA 13 -7.60 53.23 53.48
N CYS AA 14 -7.62 51.98 53.96
CA CYS AA 14 -6.51 51.45 54.74
C CYS AA 14 -5.41 50.83 53.88
N THR AA 15 -5.59 50.82 52.56
CA THR AA 15 -4.62 50.36 51.56
C THR AA 15 -4.20 48.91 51.73
N GLN AA 16 -4.87 48.15 52.61
CA GLN AA 16 -4.43 46.78 52.87
C GLN AA 16 -4.74 45.87 51.70
N CYS AA 17 -5.88 46.07 51.02
CA CYS AA 17 -6.24 45.23 49.90
C CYS AA 17 -5.26 45.40 48.74
N VAL AA 18 -4.82 46.64 48.49
CA VAL AA 18 -3.86 46.88 47.42
C VAL AA 18 -2.54 46.21 47.71
N ARG AA 19 -2.08 46.28 48.97
CA ARG AA 19 -0.81 45.67 49.34
C ARG AA 19 -0.87 44.15 49.24
N ALA AA 20 -2.04 43.56 49.46
CA ALA AA 20 -2.16 42.10 49.46
C ALA AA 20 -2.32 41.51 48.06
N CYS AA 21 -2.65 42.32 47.06
CA CYS AA 21 -2.92 41.78 45.74
C CYS AA 21 -1.64 41.25 45.11
N PRO AA 22 -1.62 39.99 44.65
CA PRO AA 22 -0.39 39.43 44.07
C PRO AA 22 -0.19 39.73 42.59
N THR AA 23 -1.15 40.39 41.93
CA THR AA 23 -1.03 40.68 40.50
C THR AA 23 -1.23 42.15 40.18
N ASP AA 24 -1.23 43.03 41.18
CA ASP AA 24 -1.43 44.47 41.00
C ASP AA 24 -2.71 44.74 40.22
N VAL AA 25 -3.83 44.37 40.83
CA VAL AA 25 -5.13 44.71 40.26
C VAL AA 25 -5.68 46.01 40.85
N LEU AA 26 -5.38 46.29 42.11
CA LEU AA 26 -5.96 47.40 42.83
C LEU AA 26 -4.97 48.55 42.97
N GLU AA 27 -5.52 49.74 43.22
CA GLU AA 27 -4.71 50.92 43.50
C GLU AA 27 -5.58 51.89 44.29
N MET AA 28 -4.92 52.80 44.99
CA MET AA 28 -5.60 53.80 45.81
C MET AA 28 -5.83 55.07 45.00
N VAL AA 29 -7.04 55.59 45.07
CA VAL AA 29 -7.42 56.79 44.30
C VAL AA 29 -7.95 57.83 45.29
N PRO AA 30 -7.85 59.12 44.98
CA PRO AA 30 -8.39 60.13 45.90
C PRO AA 30 -9.89 59.99 46.09
N TRP AA 31 -10.34 60.28 47.30
CA TRP AA 31 -11.75 60.15 47.66
C TRP AA 31 -12.04 61.10 48.81
N ASP AA 32 -13.34 61.33 49.05
CA ASP AA 32 -13.77 62.20 50.15
C ASP AA 32 -14.76 61.51 51.08
N GLY AA 33 -15.06 60.24 50.87
CA GLY AA 33 -16.05 59.54 51.68
C GLY AA 33 -15.55 58.99 53.00
N CYS AA 34 -14.25 59.05 53.25
CA CYS AA 34 -13.68 58.51 54.48
C CYS AA 34 -12.59 59.44 55.00
N LYS AA 35 -12.18 59.20 56.24
CA LYS AA 35 -11.18 60.05 56.89
C LYS AA 35 -9.84 59.96 56.16
N ALA AA 36 -9.49 58.79 55.66
CA ALA AA 36 -8.23 58.61 54.95
C ALA AA 36 -8.18 59.34 53.62
N ALA AA 37 -9.32 59.85 53.14
CA ALA AA 37 -9.40 60.61 51.89
C ALA AA 37 -8.92 59.80 50.69
N GLN AA 38 -9.15 58.49 50.72
CA GLN AA 38 -8.77 57.63 49.61
C GLN AA 38 -9.67 56.40 49.63
N ILE AA 39 -9.80 55.77 48.46
CA ILE AA 39 -10.63 54.59 48.32
C ILE AA 39 -9.96 53.64 47.33
N ALA AA 40 -10.21 52.34 47.50
CA ALA AA 40 -9.65 51.35 46.61
C ALA AA 40 -10.34 51.37 45.26
N SER AA 41 -9.57 51.06 44.22
CA SER AA 41 -10.08 50.97 42.86
C SER AA 41 -9.48 49.73 42.20
N SER AA 42 -10.16 49.22 41.18
CA SER AA 42 -9.74 48.00 40.49
C SER AA 42 -9.70 48.25 38.99
N PRO AA 43 -8.72 49.02 38.51
CA PRO AA 43 -8.64 49.30 37.06
C PRO AA 43 -8.14 48.13 36.24
N ARG AA 44 -7.48 47.14 36.87
CA ARG AA 44 -6.82 46.09 36.12
C ARG AA 44 -7.38 44.71 36.46
N THR AA 45 -8.70 44.59 36.47
CA THR AA 45 -9.35 43.32 36.80
C THR AA 45 -9.04 42.22 35.79
N GLU AA 46 -8.54 42.57 34.60
CA GLU AA 46 -8.15 41.52 33.65
C GLU AA 46 -7.01 40.67 34.19
N ASP AA 47 -6.16 41.21 35.06
CA ASP AA 47 -5.07 40.47 35.67
C ASP AA 47 -5.48 39.80 36.98
N CYS AA 48 -6.75 39.94 37.39
CA CYS AA 48 -7.19 39.35 38.65
C CYS AA 48 -7.27 37.84 38.53
N VAL AA 49 -6.64 37.14 39.48
CA VAL AA 49 -6.70 35.68 39.49
C VAL AA 49 -7.82 35.14 40.35
N GLY AA 50 -8.42 35.97 41.21
CA GLY AA 50 -9.48 35.51 42.09
C GLY AA 50 -9.03 34.90 43.39
N CYS AA 51 -7.79 35.16 43.82
CA CYS AA 51 -7.26 34.57 45.05
C CYS AA 51 -8.00 35.05 46.29
N LYS AA 52 -8.70 36.17 46.20
CA LYS AA 52 -9.43 36.78 47.32
C LYS AA 52 -8.51 37.16 48.48
N ARG AA 53 -7.23 37.41 48.20
CA ARG AA 53 -6.33 37.94 49.23
C ARG AA 53 -6.77 39.33 49.67
N CYS AA 54 -7.33 40.11 48.74
CA CYS AA 54 -7.83 41.44 49.10
C CYS AA 54 -8.97 41.36 50.11
N GLU AA 55 -9.86 40.38 49.93
CA GLU AA 55 -10.98 40.21 50.87
C GLU AA 55 -10.47 39.84 52.25
N THR AA 56 -9.45 38.98 52.32
CA THR AA 56 -8.89 38.59 53.61
C THR AA 56 -8.31 39.79 54.35
N ALA AA 57 -7.67 40.70 53.61
CA ALA AA 57 -7.02 41.85 54.23
C ALA AA 57 -8.00 42.96 54.59
N CYS AA 58 -9.21 42.94 54.05
CA CYS AA 58 -10.14 44.04 54.30
C CYS AA 58 -10.65 43.99 55.74
N PRO AA 59 -10.50 45.08 56.51
CA PRO AA 59 -10.91 45.06 57.91
C PRO AA 59 -12.37 45.44 58.16
N THR AA 60 -13.05 46.03 57.17
CA THR AA 60 -14.41 46.47 57.39
C THR AA 60 -15.37 45.28 57.48
N ASP AA 61 -16.52 45.53 58.10
CA ASP AA 61 -17.53 44.51 58.32
C ASP AA 61 -18.89 45.10 57.93
N PHE AA 62 -19.45 44.63 56.82
CA PHE AA 62 -18.88 43.58 55.98
C PHE AA 62 -17.81 44.14 55.04
N LEU AA 63 -17.31 43.29 54.14
CA LEU AA 63 -16.18 43.67 53.30
C LEU AA 63 -16.53 44.85 52.41
N SER AA 64 -15.54 45.74 52.23
CA SER AA 64 -15.67 46.85 51.30
C SER AA 64 -15.20 46.52 49.89
N ILE AA 65 -14.57 45.37 49.70
CA ILE AA 65 -14.11 44.92 48.39
C ILE AA 65 -14.56 43.48 48.21
N ARG AA 66 -15.11 43.16 47.04
CA ARG AA 66 -15.61 41.82 46.77
C ARG AA 66 -15.16 41.36 45.40
N VAL AA 67 -14.87 40.06 45.30
CA VAL AA 67 -14.44 39.44 44.05
C VAL AA 67 -15.51 38.45 43.63
N TYR AA 68 -16.04 38.63 42.43
CA TYR AA 68 -17.05 37.73 41.87
C TYR AA 68 -16.39 36.99 40.71
N LEU AA 69 -16.10 35.70 40.93
CA LEU AA 69 -15.47 34.90 39.89
C LEU AA 69 -16.35 34.80 38.67
N GLY AA 70 -15.76 35.03 37.50
CA GLY AA 70 -16.49 35.04 36.25
C GLY AA 70 -15.82 34.14 35.23
N ALA AA 71 -15.83 34.59 33.97
CA ALA AA 71 -15.23 33.81 32.90
C ALA AA 71 -13.73 33.66 33.13
N GLU AA 72 -13.23 32.44 32.93
CA GLU AA 72 -11.82 32.13 33.13
C GLU AA 72 -11.05 32.35 31.84
N THR AA 73 -9.95 33.08 31.94
CA THR AA 73 -9.00 33.27 30.86
C THR AA 73 -7.69 32.58 31.21
N THR AA 74 -6.71 32.70 30.32
CA THR AA 74 -5.41 32.10 30.58
C THR AA 74 -4.76 32.73 31.81
N ARG AA 75 -4.80 34.05 31.93
CA ARG AA 75 -4.14 34.71 33.05
C ARG AA 75 -4.97 34.65 34.33
N SER AA 76 -6.30 34.56 34.22
CA SER AA 76 -7.12 34.44 35.42
C SER AA 76 -7.04 33.04 36.02
N MET AA 77 -6.70 32.03 35.22
CA MET AA 77 -6.48 30.69 35.71
C MET AA 77 -5.08 30.49 36.29
N GLY AA 78 -4.22 31.51 36.22
CA GLY AA 78 -2.87 31.40 36.72
C GLY AA 78 -2.02 30.40 35.97
N LEU AA 79 -2.15 30.35 34.64
CA LEU AA 79 -1.44 29.37 33.83
C LEU AA 79 -0.16 29.99 33.28
N ALA AA 80 0.96 29.35 33.55
CA ALA AA 80 2.24 29.72 32.96
C ALA AA 80 2.48 29.06 31.61
N TYR AA 81 1.53 28.24 31.16
CA TYR AA 81 1.63 27.53 29.89
C TYR AA 81 0.41 27.81 29.03
N THR BA 4 13.18 48.22 22.37
CA THR BA 4 13.59 47.02 23.09
C THR BA 4 13.92 47.34 24.54
N LEU BA 5 13.77 46.34 25.41
CA LEU BA 5 14.11 46.48 26.81
C LEU BA 5 15.59 46.18 27.01
N GLU BA 6 16.30 47.10 27.64
CA GLU BA 6 17.73 46.99 27.83
C GLU BA 6 18.05 46.61 29.26
N GLY BA 7 19.09 45.83 29.43
CA GLY BA 7 19.47 45.27 30.71
C GLY BA 7 20.13 43.92 30.51
N GLN BA 8 20.86 43.49 31.54
CA GLN BA 8 21.65 42.26 31.49
C GLN BA 8 21.05 41.22 32.43
N THR BA 9 20.91 40.00 31.94
CA THR BA 9 20.21 38.96 32.67
C THR BA 9 21.05 38.47 33.85
N PRO BA 10 20.41 38.07 34.95
CA PRO BA 10 21.15 37.56 36.10
C PRO BA 10 21.83 36.24 35.78
N ILE BA 11 22.90 35.95 36.53
CA ILE BA 11 23.63 34.71 36.37
C ILE BA 11 22.74 33.55 36.80
N PHE BA 12 22.48 32.63 35.88
CA PHE BA 12 21.60 31.50 36.14
C PHE BA 12 22.00 30.35 35.23
N GLY BA 13 22.20 29.18 35.82
CA GLY BA 13 22.60 28.01 35.07
C GLY BA 13 21.49 27.29 34.33
N GLY BA 14 20.27 27.75 34.45
CA GLY BA 14 19.13 27.12 33.82
C GLY BA 14 18.25 26.40 34.83
N GLY BA 15 17.02 26.14 34.40
CA GLY BA 15 16.07 25.44 35.25
C GLY BA 15 14.86 25.05 34.43
N THR BA 16 13.96 24.32 35.06
CA THR BA 16 12.74 23.84 34.43
C THR BA 16 11.53 24.71 34.73
N GLY BA 17 11.71 25.81 35.45
CA GLY BA 17 10.60 26.68 35.79
C GLY BA 17 10.52 27.94 34.94
N GLY BA 18 11.25 27.96 33.82
CA GLY BA 18 11.31 29.12 32.97
C GLY BA 18 10.11 29.28 32.06
N LEU BA 19 10.36 29.79 30.85
CA LEU BA 19 9.30 30.06 29.91
C LEU BA 19 8.89 28.80 29.16
N LEU BA 20 7.66 28.81 28.67
CA LEU BA 20 7.11 27.70 27.88
C LEU BA 20 6.51 28.24 26.59
N THR BA 21 5.75 27.38 25.89
CA THR BA 21 5.16 27.78 24.60
C THR BA 21 4.30 29.03 24.73
N LYS BA 22 3.68 29.24 25.90
CA LYS BA 22 2.83 30.41 26.09
C LYS BA 22 3.62 31.71 25.92
N ALA BA 23 4.90 31.71 26.30
CA ALA BA 23 5.69 32.92 26.19
C ALA BA 23 5.86 33.36 24.73
N GLU BA 24 6.10 32.40 23.84
CA GLU BA 24 6.31 32.69 22.43
C GLU BA 24 5.03 32.73 21.61
N ARG BA 25 3.91 32.25 22.16
CA ARG BA 25 2.66 32.18 21.41
C ARG BA 25 1.65 33.25 21.82
N GLU BA 26 1.49 33.51 23.13
CA GLU BA 26 0.45 34.41 23.60
C GLU BA 26 1.01 35.69 24.21
N GLU BA 27 1.85 35.59 25.23
CA GLU BA 27 2.35 36.77 25.92
C GLU BA 27 3.49 36.35 26.84
N LYS BA 28 4.23 37.36 27.31
CA LYS BA 28 5.41 37.17 28.12
C LYS BA 28 5.57 38.41 28.99
N TYR BA 29 6.32 38.27 30.09
CA TYR BA 29 6.56 39.39 30.99
C TYR BA 29 8.05 39.52 31.27
N VAL BA 30 8.49 40.76 31.44
CA VAL BA 30 9.89 41.08 31.73
C VAL BA 30 9.92 42.05 32.89
N ILE BA 31 10.75 41.76 33.89
CA ILE BA 31 10.95 42.64 35.04
C ILE BA 31 12.38 43.16 35.00
N THR BA 32 12.54 44.48 35.05
CA THR BA 32 13.83 45.14 35.02
C THR BA 32 14.01 45.97 36.28
N TRP BA 33 15.23 46.00 36.80
CA TRP BA 33 15.52 46.76 38.02
C TRP BA 33 17.01 47.09 38.03
N THR BA 34 17.40 47.90 39.01
CA THR BA 34 18.79 48.29 39.20
C THR BA 34 19.19 47.99 40.63
N SER BA 35 20.35 47.37 40.81
CA SER BA 35 20.82 47.00 42.13
C SER BA 35 22.14 47.69 42.45
N PRO BA 36 22.40 47.98 43.72
CA PRO BA 36 23.67 48.63 44.09
C PRO BA 36 24.87 47.69 44.10
N LYS BA 37 24.66 46.38 44.07
CA LYS BA 37 25.78 45.44 44.13
C LYS BA 37 25.34 44.10 43.57
N GLU BA 38 26.32 43.22 43.38
CA GLU BA 38 26.07 41.85 42.93
C GLU BA 38 25.70 41.00 44.13
N GLN BA 39 24.56 40.31 44.04
CA GLN BA 39 23.99 39.63 45.20
C GLN BA 39 23.02 38.57 44.75
N VAL BA 40 22.70 37.66 45.67
CA VAL BA 40 21.94 36.45 45.35
C VAL BA 40 20.48 36.67 45.72
N PHE BA 41 19.58 36.33 44.79
CA PHE BA 41 18.14 36.36 45.03
C PHE BA 41 17.55 35.03 44.58
N GLU BA 42 16.30 34.80 44.99
CA GLU BA 42 15.59 33.57 44.68
C GLU BA 42 14.72 33.77 43.43
N MET BA 43 14.85 32.86 42.48
CA MET BA 43 14.04 32.92 41.29
C MET BA 43 12.56 32.67 41.63
N PRO BA 44 11.64 33.30 40.90
CA PRO BA 44 10.21 33.12 41.22
C PRO BA 44 9.75 31.68 41.11
N THR BA 45 10.36 30.88 40.24
CA THR BA 45 9.95 29.50 40.01
C THR BA 45 10.97 28.49 40.53
N GLY BA 46 11.66 28.83 41.61
CA GLY BA 46 12.61 27.92 42.20
C GLY BA 46 14.03 28.18 41.74
N GLY BA 47 14.99 27.84 42.60
CA GLY BA 47 16.39 28.06 42.32
C GLY BA 47 16.87 29.43 42.76
N SER BA 48 18.19 29.59 42.75
CA SER BA 48 18.84 30.82 43.15
C SER BA 48 19.60 31.40 41.97
N ALA BA 49 19.51 32.72 41.80
CA ALA BA 49 20.22 33.43 40.76
C ALA BA 49 21.00 34.59 41.36
N ILE BA 50 21.95 35.11 40.60
CA ILE BA 50 22.81 36.20 41.04
C ILE BA 50 22.51 37.42 40.18
N MET BA 51 21.93 38.45 40.79
CA MET BA 51 21.69 39.70 40.09
C MET BA 51 22.99 40.48 39.97
N ARG BA 52 23.21 41.10 38.83
CA ARG BA 52 24.48 41.71 38.51
C ARG BA 52 24.56 43.14 39.02
N GLN BA 53 25.75 43.73 38.89
CA GLN BA 53 26.03 45.04 39.46
C GLN BA 53 25.16 46.14 38.85
N GLY BA 54 25.01 46.16 37.52
CA GLY BA 54 24.30 47.24 36.89
C GLY BA 54 22.80 47.08 36.92
N LYS BA 55 22.15 47.30 35.79
CA LYS BA 55 20.71 47.10 35.65
C LYS BA 55 20.44 45.70 35.12
N ASN BA 56 19.39 45.07 35.64
CA ASN BA 56 19.09 43.68 35.38
C ASN BA 56 17.82 43.55 34.57
N LYS BA 57 17.64 42.38 33.96
CA LYS BA 57 16.47 42.09 33.15
C LYS BA 57 16.17 40.60 33.25
N LEU BA 58 14.95 40.26 33.65
CA LEU BA 58 14.56 38.87 33.87
C LEU BA 58 13.26 38.59 33.12
N GLU BA 59 13.24 37.46 32.40
CA GLU BA 59 12.06 37.04 31.67
C GLU BA 59 11.26 36.07 32.52
N ILE BA 60 9.96 36.34 32.64
CA ILE BA 60 9.06 35.59 33.51
C ILE BA 60 7.79 35.24 32.76
N ALA BA 61 7.21 34.09 33.11
CA ALA BA 61 6.04 33.58 32.39
C ALA BA 61 4.75 34.29 32.78
N ARG BA 62 4.62 34.70 34.04
CA ARG BA 62 3.38 35.28 34.54
C ARG BA 62 3.66 36.61 35.22
N LYS BA 63 2.64 37.48 35.24
CA LYS BA 63 2.78 38.76 35.91
C LYS BA 63 2.96 38.60 37.41
N GLU BA 64 2.33 37.59 38.01
CA GLU BA 64 2.46 37.37 39.44
C GLU BA 64 3.90 37.11 39.85
N TYR BA 65 4.70 36.54 38.94
CA TYR BA 65 6.12 36.32 39.24
C TYR BA 65 6.83 37.65 39.46
N GLY BA 66 6.55 38.64 38.61
CA GLY BA 66 7.19 39.94 38.76
C GLY BA 66 6.73 40.68 40.01
N ILE BA 67 5.45 40.60 40.33
CA ILE BA 67 4.94 41.26 41.53
C ILE BA 67 5.54 40.61 42.77
N ALA BA 68 5.62 39.28 42.80
CA ALA BA 68 6.23 38.60 43.94
C ALA BA 68 7.72 38.90 44.05
N LEU BA 69 8.44 38.89 42.93
CA LEU BA 69 9.87 39.16 42.97
C LEU BA 69 10.14 40.61 43.36
N GLY BA 70 9.50 41.55 42.69
CA GLY BA 70 9.74 42.95 42.97
C GLY BA 70 9.26 43.39 44.34
N GLY BA 71 8.09 42.91 44.73
CA GLY BA 71 7.49 43.33 45.99
C GLY BA 71 8.07 42.64 47.22
N GLN BA 72 8.13 41.31 47.17
CA GLN BA 72 8.54 40.55 48.35
C GLN BA 72 10.06 40.41 48.48
N GLN BA 73 10.80 40.55 47.38
CA GLN BA 73 12.25 40.37 47.42
C GLN BA 73 13.00 41.66 47.12
N LEU BA 74 12.74 42.29 45.97
CA LEU BA 74 13.50 43.48 45.59
C LEU BA 74 13.27 44.62 46.57
N ARG BA 75 12.02 44.85 46.96
CA ARG BA 75 11.71 45.96 47.86
C ARG BA 75 11.90 45.56 49.31
N ALA BA 76 11.25 44.47 49.74
CA ALA BA 76 11.25 44.10 51.15
C ALA BA 76 12.65 43.74 51.64
N LYS BA 77 13.42 43.03 50.83
CA LYS BA 77 14.72 42.53 51.26
C LYS BA 77 15.89 43.36 50.77
N PHE BA 78 15.93 43.70 49.48
CA PHE BA 78 17.09 44.35 48.89
C PHE BA 78 16.96 45.87 48.79
N LYS BA 79 15.82 46.43 49.23
CA LYS BA 79 15.60 47.88 49.23
C LYS BA 79 15.79 48.49 47.85
N ILE BA 80 15.30 47.80 46.82
CA ILE BA 80 15.32 48.26 45.44
C ILE BA 80 13.89 48.65 45.06
N ASN BA 81 13.69 49.90 44.65
CA ASN BA 81 12.36 50.44 44.43
C ASN BA 81 12.09 50.84 42.99
N ASP BA 82 13.05 50.69 42.08
CA ASP BA 82 12.91 51.17 40.71
C ASP BA 82 12.56 50.06 39.73
N TYR BA 83 12.04 48.94 40.22
CA TYR BA 83 11.73 47.83 39.32
C TYR BA 83 10.48 48.13 38.51
N LYS BA 84 10.49 47.69 37.25
CA LYS BA 84 9.36 47.85 36.34
C LYS BA 84 9.02 46.51 35.72
N ILE BA 85 7.74 46.32 35.41
CA ILE BA 85 7.25 45.09 34.80
C ILE BA 85 6.61 45.44 33.46
N TYR BA 86 7.03 44.74 32.42
CA TYR BA 86 6.52 44.94 31.06
C TYR BA 86 5.79 43.70 30.59
N ARG BA 87 4.81 43.91 29.71
CA ARG BA 87 4.14 42.83 29.01
C ARG BA 87 4.60 42.84 27.57
N VAL BA 88 5.21 41.73 27.12
CA VAL BA 88 5.77 41.61 25.79
C VAL BA 88 4.92 40.63 24.99
N TYR BA 89 4.45 41.08 23.84
CA TYR BA 89 3.63 40.29 22.94
C TYR BA 89 4.50 39.63 21.88
N PRO BA 90 4.01 38.55 21.27
CA PRO BA 90 4.84 37.86 20.25
C PRO BA 90 5.22 38.75 19.08
N ASN BA 91 4.38 39.71 18.70
CA ASN BA 91 4.71 40.61 17.61
C ASN BA 91 5.81 41.60 17.95
N GLY BA 92 6.23 41.67 19.21
CA GLY BA 92 7.26 42.58 19.65
C GLY BA 92 6.75 43.80 20.40
N GLU BA 93 5.44 44.03 20.42
CA GLU BA 93 4.89 45.16 21.15
C GLU BA 93 5.12 44.98 22.65
N THR BA 94 5.66 46.01 23.29
CA THR BA 94 5.97 46.00 24.70
C THR BA 94 5.30 47.19 25.38
N GLN BA 95 4.60 46.93 26.48
CA GLN BA 95 3.97 47.98 27.26
C GLN BA 95 4.35 47.82 28.73
N MET BA 96 4.55 48.94 29.41
CA MET BA 96 4.92 48.95 30.81
C MET BA 96 3.64 48.95 31.65
N ILE BA 97 3.49 47.96 32.53
CA ILE BA 97 2.25 47.78 33.27
C ILE BA 97 2.41 47.97 34.77
N HIS BA 98 3.63 47.90 35.32
CA HIS BA 98 3.80 48.08 36.76
C HIS BA 98 5.08 48.84 37.06
N PRO BA 99 5.00 49.98 37.76
CA PRO BA 99 3.78 50.68 38.20
C PRO BA 99 3.08 51.35 37.03
N ALA BA 100 1.75 51.43 37.06
CA ALA BA 100 1.00 51.88 35.89
C ALA BA 100 1.34 53.33 35.53
N ASP BA 101 1.42 54.21 36.53
CA ASP BA 101 1.64 55.63 36.29
C ASP BA 101 2.91 56.14 36.97
N GLY BA 102 3.88 55.26 37.22
CA GLY BA 102 5.11 55.65 37.87
C GLY BA 102 5.04 55.76 39.37
N VAL BA 103 3.87 55.57 39.96
CA VAL BA 103 3.68 55.60 41.40
C VAL BA 103 3.12 54.25 41.84
N PHE BA 104 3.62 53.73 42.95
CA PHE BA 104 3.18 52.43 43.41
C PHE BA 104 1.69 52.46 43.73
N PRO BA 105 0.95 51.40 43.42
CA PRO BA 105 -0.52 51.44 43.58
C PRO BA 105 -0.98 51.67 45.01
N GLU BA 106 -0.22 51.23 46.02
CA GLU BA 106 -0.64 51.39 47.40
C GLU BA 106 -0.56 52.83 47.87
N LYS BA 107 0.15 53.69 47.15
CA LYS BA 107 0.26 55.11 47.48
C LYS BA 107 -0.74 55.89 46.64
N VAL BA 108 -1.61 56.64 47.30
CA VAL BA 108 -2.64 57.38 46.58
C VAL BA 108 -1.99 58.44 45.69
N ASN BA 109 -2.45 58.52 44.44
CA ASN BA 109 -1.90 59.45 43.46
C ASN BA 109 -3.02 60.22 42.81
N GLN BA 110 -2.81 61.52 42.63
CA GLN BA 110 -3.81 62.36 41.99
C GLN BA 110 -3.96 61.99 40.52
N GLY BA 111 -5.18 62.16 40.01
CA GLY BA 111 -5.49 61.85 38.63
C GLY BA 111 -5.97 60.42 38.40
N ARG BA 112 -5.92 59.56 39.41
CA ARG BA 112 -6.40 58.20 39.26
C ARG BA 112 -7.92 58.17 39.41
N PRO BA 113 -8.66 57.67 38.43
CA PRO BA 113 -10.12 57.64 38.54
C PRO BA 113 -10.60 56.44 39.34
N LYS BA 114 -11.82 56.58 39.86
CA LYS BA 114 -12.49 55.49 40.54
C LYS BA 114 -13.02 54.50 39.51
N VAL BA 115 -12.64 53.23 39.66
CA VAL BA 115 -13.03 52.17 38.73
C VAL BA 115 -13.79 51.11 39.50
N ARG BA 116 -14.96 50.72 38.96
CA ARG BA 116 -15.79 49.67 39.56
C ARG BA 116 -16.15 50.00 41.00
N TYR BA 117 -16.55 51.24 41.25
CA TYR BA 117 -17.00 51.70 42.55
C TYR BA 117 -18.52 51.63 42.63
N VAL BA 118 -19.03 51.07 43.71
CA VAL BA 118 -20.47 50.96 43.94
C VAL BA 118 -20.82 51.93 45.06
N ASP BA 119 -21.76 52.82 44.79
CA ASP BA 119 -22.10 53.90 45.73
C ASP BA 119 -23.20 53.44 46.69
N ARG BA 120 -22.87 52.41 47.46
CA ARG BA 120 -23.75 51.88 48.49
C ARG BA 120 -22.95 50.83 49.27
N ASN BA 121 -23.50 50.42 50.41
CA ASN BA 121 -22.92 49.31 51.15
C ASN BA 121 -23.30 47.99 50.49
N ILE BA 122 -22.55 46.94 50.85
CA ILE BA 122 -22.78 45.63 50.25
C ILE BA 122 -24.16 45.07 50.57
N GLY BA 123 -24.72 45.41 51.73
CA GLY BA 123 -26.01 44.87 52.11
C GLY BA 123 -27.20 45.42 51.34
N SER BA 124 -26.98 46.42 50.49
CA SER BA 124 -28.05 47.03 49.71
C SER BA 124 -28.11 46.52 48.28
N ASN BA 125 -27.37 45.46 47.96
CA ASN BA 125 -27.45 44.89 46.62
C ASN BA 125 -28.85 44.30 46.40
N PRO BA 126 -29.44 44.50 45.23
CA PRO BA 126 -30.79 43.97 44.98
C PRO BA 126 -30.80 42.46 44.90
N SER BA 127 -31.97 41.89 45.18
CA SER BA 127 -32.13 40.45 45.07
C SER BA 127 -32.07 40.02 43.61
N PRO BA 128 -31.54 38.83 43.33
CA PRO BA 128 -31.47 38.36 41.93
C PRO BA 128 -32.82 38.20 41.27
N ALA BA 129 -33.90 38.01 42.05
CA ALA BA 129 -35.22 37.85 41.47
C ALA BA 129 -35.68 39.12 40.75
N LYS BA 130 -35.28 40.29 41.26
CA LYS BA 130 -35.68 41.54 40.60
C LYS BA 130 -35.04 41.70 39.24
N LEU BA 131 -33.84 41.15 39.05
CA LEU BA 131 -33.09 41.31 37.80
C LEU BA 131 -33.18 40.07 36.91
N LYS BA 132 -34.27 39.31 37.00
CA LYS BA 132 -34.41 38.12 36.18
C LYS BA 132 -34.53 38.49 34.70
N PHE BA 133 -33.78 37.76 33.86
CA PHE BA 133 -33.78 37.91 32.41
C PHE BA 133 -33.31 39.29 31.95
N SER BA 134 -32.82 40.13 32.84
CA SER BA 134 -32.33 41.44 32.47
C SER BA 134 -30.83 41.46 32.15
N GLY BA 135 -30.11 40.41 32.52
CA GLY BA 135 -28.70 40.30 32.19
C GLY BA 135 -27.74 41.06 33.08
N VAL BA 136 -28.24 41.71 34.14
CA VAL BA 136 -27.40 42.48 35.05
C VAL BA 136 -27.31 41.75 36.39
N GLN BA 137 -26.11 41.71 36.94
CA GLN BA 137 -25.87 41.09 38.24
C GLN BA 137 -26.22 42.07 39.35
N PRO BA 138 -26.54 41.55 40.55
CA PRO BA 138 -26.87 42.45 41.66
C PRO BA 138 -25.78 43.45 42.00
N TYR BA 139 -24.50 43.05 41.91
CA TYR BA 139 -23.42 43.97 42.19
C TYR BA 139 -23.24 45.00 41.08
N ASP BA 140 -23.72 44.72 39.87
CA ASP BA 140 -23.65 45.67 38.77
C ASP BA 140 -24.92 46.52 38.66
N ALA BA 141 -25.91 46.29 39.50
CA ALA BA 141 -27.13 47.07 39.45
C ALA BA 141 -26.86 48.51 39.86
N PRO BA 142 -27.53 49.49 39.22
CA PRO BA 142 -27.34 50.90 39.56
C PRO BA 142 -27.95 51.27 40.90
N VAL CA 2 -25.68 59.80 68.66
CA VAL CA 2 -24.84 59.13 69.64
C VAL CA 2 -23.54 59.91 69.84
N GLU CA 3 -22.82 59.57 70.91
CA GLU CA 3 -21.55 60.22 71.22
C GLU CA 3 -20.65 59.21 71.90
N ARG CA 4 -19.44 59.66 72.25
CA ARG CA 4 -18.46 58.78 72.87
C ARG CA 4 -18.97 58.22 74.19
N GLY CA 5 -18.77 56.93 74.41
CA GLY CA 5 -19.23 56.26 75.60
C GLY CA 5 -20.65 55.75 75.55
N SER CA 6 -21.37 56.02 74.47
CA SER CA 6 -22.75 55.57 74.36
C SER CA 6 -22.82 54.09 74.03
N LYS CA 7 -23.85 53.43 74.56
CA LYS CA 7 -24.11 52.02 74.32
C LYS CA 7 -25.17 51.93 73.23
N VAL CA 8 -24.85 51.23 72.13
CA VAL CA 8 -25.70 51.23 70.95
C VAL CA 8 -25.97 49.81 70.50
N ARG CA 9 -27.03 49.65 69.71
CA ARG CA 9 -27.39 48.39 69.08
C ARG CA 9 -27.27 48.55 67.57
N ILE CA 10 -26.56 47.61 66.94
CA ILE CA 10 -26.29 47.71 65.51
C ILE CA 10 -27.54 47.32 64.73
N LEU CA 11 -27.82 48.06 63.67
CA LEU CA 11 -28.95 47.80 62.79
C LEU CA 11 -28.53 47.44 61.37
N ARG CA 12 -27.23 47.42 61.08
CA ARG CA 12 -26.76 47.02 59.76
C ARG CA 12 -26.98 45.52 59.58
N ARG CA 13 -27.75 45.16 58.55
CA ARG CA 13 -28.18 43.77 58.41
C ARG CA 13 -27.01 42.83 58.12
N GLU CA 14 -26.09 43.23 57.27
CA GLU CA 14 -24.97 42.37 56.90
C GLU CA 14 -23.83 42.41 57.90
N SER CA 15 -23.93 43.22 58.95
CA SER CA 15 -22.89 43.27 59.96
C SER CA 15 -22.90 42.02 60.83
N TYR CA 16 -21.71 41.57 61.23
CA TYR CA 16 -21.60 40.45 62.16
C TYR CA 16 -22.29 40.76 63.48
N TRP CA 17 -22.35 42.03 63.87
CA TRP CA 17 -22.94 42.46 65.13
C TRP CA 17 -24.37 42.96 64.96
N TYR CA 18 -25.08 42.48 63.93
CA TYR CA 18 -26.47 42.89 63.74
C TYR CA 18 -27.29 42.49 64.95
N GLN CA 19 -28.06 43.45 65.47
CA GLN CA 19 -28.87 43.30 66.68
C GLN CA 19 -28.03 43.00 67.92
N ASP CA 20 -26.71 43.17 67.83
CA ASP CA 20 -25.82 42.96 68.96
C ASP CA 20 -25.56 44.34 69.59
N VAL CA 21 -24.69 44.43 70.59
CA VAL CA 21 -24.49 45.67 71.34
C VAL CA 21 -23.02 46.05 71.28
N GLY CA 22 -22.75 47.33 71.01
CA GLY CA 22 -21.40 47.85 70.99
C GLY CA 22 -21.30 49.15 71.78
N LEU CA 23 -20.07 49.63 71.91
CA LEU CA 23 -19.76 50.84 72.65
C LEU CA 23 -19.11 51.85 71.71
N VAL CA 24 -19.63 53.08 71.69
CA VAL CA 24 -19.11 54.10 70.79
C VAL CA 24 -17.77 54.59 71.32
N ALA CA 25 -16.75 54.51 70.47
CA ALA CA 25 -15.41 54.96 70.83
C ALA CA 25 -15.17 56.41 70.44
N SER CA 26 -15.65 56.83 69.27
CA SER CA 26 -15.47 58.20 68.81
C SER CA 26 -16.46 58.47 67.68
N VAL CA 27 -16.75 59.75 67.47
CA VAL CA 27 -17.61 60.21 66.39
C VAL CA 27 -16.83 61.26 65.59
N ASP CA 28 -16.78 61.07 64.28
CA ASP CA 28 -16.06 62.01 63.42
C ASP CA 28 -16.99 63.14 63.02
N LYS CA 29 -16.53 64.38 63.19
CA LYS CA 29 -17.34 65.56 62.93
C LYS CA 29 -17.33 65.97 61.46
N SER CA 30 -16.55 65.31 60.61
CA SER CA 30 -16.50 65.64 59.21
C SER CA 30 -17.73 65.08 58.50
N GLY CA 31 -17.76 65.23 57.17
CA GLY CA 31 -18.89 64.77 56.39
C GLY CA 31 -18.69 63.40 55.78
N ILE CA 32 -17.94 62.53 56.47
CA ILE CA 32 -17.70 61.19 55.94
C ILE CA 32 -18.96 60.34 56.10
N LYS CA 33 -19.03 59.28 55.29
CA LYS CA 33 -20.25 58.49 55.20
C LYS CA 33 -20.55 57.75 56.50
N TYR CA 34 -19.53 57.21 57.16
CA TYR CA 34 -19.70 56.40 58.37
C TYR CA 34 -18.79 56.95 59.45
N PRO CA 35 -19.25 57.97 60.18
CA PRO CA 35 -18.35 58.66 61.13
C PRO CA 35 -18.24 58.00 62.50
N VAL CA 36 -19.19 57.15 62.89
CA VAL CA 36 -19.22 56.60 64.24
C VAL CA 36 -18.37 55.33 64.29
N ILE CA 37 -17.45 55.27 65.23
CA ILE CA 37 -16.61 54.10 65.47
C ILE CA 37 -17.14 53.36 66.69
N VAL CA 38 -17.43 52.07 66.52
CA VAL CA 38 -18.03 51.26 67.57
C VAL CA 38 -17.10 50.08 67.85
N ARG CA 39 -16.87 49.80 69.14
CA ARG CA 39 -16.06 48.68 69.57
C ARG CA 39 -16.95 47.63 70.21
N PHE CA 40 -16.61 46.35 70.00
CA PHE CA 40 -17.42 45.24 70.45
C PHE CA 40 -16.59 44.29 71.30
N ASP CA 41 -17.26 43.60 72.23
CA ASP CA 41 -16.59 42.61 73.05
C ASP CA 41 -16.30 41.33 72.27
N LYS CA 42 -17.21 40.94 71.38
CA LYS CA 42 -17.05 39.73 70.58
C LYS CA 42 -16.40 40.07 69.25
N VAL CA 43 -15.37 39.31 68.89
CA VAL CA 43 -14.72 39.49 67.59
C VAL CA 43 -15.57 38.83 66.51
N ASN CA 44 -15.48 39.35 65.30
CA ASN CA 44 -16.19 38.74 64.18
C ASN CA 44 -15.36 37.59 63.62
N TYR CA 45 -15.75 37.06 62.47
CA TYR CA 45 -15.05 35.90 61.91
C TYR CA 45 -13.64 36.25 61.44
N ALA CA 46 -13.34 37.52 61.24
CA ALA CA 46 -12.00 37.95 60.85
C ALA CA 46 -11.14 38.36 62.05
N GLY CA 47 -11.67 38.23 63.27
CA GLY CA 47 -10.93 38.64 64.45
C GLY CA 47 -10.96 40.11 64.76
N VAL CA 48 -11.77 40.88 64.04
CA VAL CA 48 -11.87 42.33 64.23
C VAL CA 48 -13.03 42.61 65.19
N ASN CA 49 -12.83 43.59 66.07
CA ASN CA 49 -13.84 43.97 67.05
C ASN CA 49 -14.14 45.47 66.98
N THR CA 50 -13.95 46.08 65.81
CA THR CA 50 -14.19 47.50 65.62
C THR CA 50 -14.68 47.74 64.20
N ASN CA 51 -15.70 48.59 64.07
CA ASN CA 51 -16.26 48.89 62.76
C ASN CA 51 -16.82 50.31 62.76
N ASN CA 52 -16.98 50.86 61.55
CA ASN CA 52 -17.52 52.19 61.36
C ASN CA 52 -18.97 52.09 60.90
N PHE CA 53 -19.84 52.89 61.50
CA PHE CA 53 -21.26 52.88 61.21
C PHE CA 53 -21.77 54.29 61.04
N ALA CA 54 -22.86 54.42 60.29
CA ALA CA 54 -23.57 55.69 60.18
C ALA CA 54 -24.57 55.81 61.34
N ASP CA 55 -25.07 57.03 61.52
CA ASP CA 55 -25.99 57.29 62.63
C ASP CA 55 -27.29 56.52 62.48
N PHE CA 56 -27.83 56.45 61.25
CA PHE CA 56 -29.09 55.75 61.03
C PHE CA 56 -28.98 54.25 61.20
N GLU CA 57 -27.76 53.71 61.28
CA GLU CA 57 -27.55 52.28 61.50
C GLU CA 57 -27.40 51.93 62.97
N LEU CA 58 -27.57 52.89 63.88
CA LEU CA 58 -27.39 52.66 65.30
C LEU CA 58 -28.66 53.04 66.05
N LEU CA 59 -28.95 52.27 67.10
CA LEU CA 59 -30.05 52.55 68.01
C LEU CA 59 -29.48 52.70 69.42
N GLU CA 60 -29.59 53.90 69.98
CA GLU CA 60 -29.02 54.15 71.29
C GLU CA 60 -29.79 53.37 72.36
N ILE CA 61 -29.04 52.69 73.22
CA ILE CA 61 -29.62 51.88 74.29
C ILE CA 61 -29.35 52.48 75.66
N GLU CA 62 -28.12 52.93 75.90
CA GLU CA 62 -27.74 53.48 77.20
C GLU CA 62 -26.89 54.73 76.99
N LYS CA 63 -27.20 55.79 77.73
CA LYS CA 63 -26.45 57.02 77.65
C LYS CA 63 -25.06 56.85 78.27
N PRO CA 64 -24.09 57.66 77.84
CA PRO CA 64 -22.75 57.58 78.44
C PRO CA 64 -22.77 57.91 79.91
N LYS CA 65 -21.86 57.28 80.65
CA LYS CA 65 -21.76 57.50 82.09
C LYS CA 65 -21.46 58.96 82.40
N ALA CA 66 -22.17 59.51 83.38
CA ALA CA 66 -22.01 60.90 83.82
C ALA CA 66 -22.16 61.87 82.65
N ALA DA 25 -54.66 -6.66 76.20
CA ALA DA 25 -53.43 -6.89 76.96
C ALA DA 25 -52.41 -7.66 76.11
N ASN DA 26 -51.16 -7.24 76.18
CA ASN DA 26 -50.10 -7.90 75.43
C ASN DA 26 -49.88 -9.32 75.96
N SER DA 27 -50.08 -10.31 75.09
CA SER DA 27 -49.96 -11.71 75.49
C SER DA 27 -48.61 -12.33 75.14
N THR DA 28 -47.89 -11.79 74.16
CA THR DA 28 -46.59 -12.34 73.79
C THR DA 28 -45.51 -12.03 74.82
N LEU DA 29 -45.78 -11.14 75.77
CA LEU DA 29 -44.87 -10.85 76.87
C LEU DA 29 -45.38 -11.50 78.14
N VAL DA 30 -44.56 -12.35 78.76
CA VAL DA 30 -44.91 -13.04 79.98
C VAL DA 30 -43.82 -12.77 81.00
N PRO DA 31 -44.12 -12.94 82.29
CA PRO DA 31 -43.07 -12.76 83.31
C PRO DA 31 -41.89 -13.70 83.05
N CYS DA 32 -40.69 -13.18 83.29
CA CYS DA 32 -39.47 -13.92 82.95
C CYS DA 32 -39.37 -15.21 83.75
N SER DA 33 -39.94 -15.24 84.96
CA SER DA 33 -39.91 -16.45 85.77
C SER DA 33 -40.76 -17.57 85.19
N LYS DA 34 -41.60 -17.28 84.20
CA LYS DA 34 -42.46 -18.28 83.59
C LYS DA 34 -42.13 -18.54 82.12
N SER DA 35 -41.27 -17.75 81.50
CA SER DA 35 -40.92 -17.97 80.11
C SER DA 35 -39.92 -19.11 80.02
N PRO DA 36 -40.24 -20.22 79.34
CA PRO DA 36 -39.34 -21.38 79.35
C PRO DA 36 -37.94 -21.10 78.81
N ALA DA 37 -37.81 -20.21 77.83
CA ALA DA 37 -36.50 -19.88 77.30
C ALA DA 37 -35.65 -19.12 78.31
N PHE DA 38 -36.27 -18.49 79.30
CA PHE DA 38 -35.50 -17.68 80.25
C PHE DA 38 -34.70 -18.55 81.21
N GLN DA 39 -35.31 -19.61 81.76
CA GLN DA 39 -34.54 -20.49 82.63
C GLN DA 39 -33.45 -21.21 81.87
N ALA DA 40 -33.65 -21.46 80.58
CA ALA DA 40 -32.58 -22.04 79.77
C ALA DA 40 -31.35 -21.14 79.79
N ARG DA 41 -31.55 -19.83 79.74
CA ARG DA 41 -30.43 -18.89 79.87
C ARG DA 41 -29.92 -18.86 81.29
N MET DA 42 -30.81 -18.94 82.28
CA MET DA 42 -30.41 -18.77 83.67
C MET DA 42 -29.56 -19.94 84.16
N LYS DA 43 -29.97 -21.17 83.83
CA LYS DA 43 -29.19 -22.34 84.26
C LYS DA 43 -27.86 -22.42 83.51
N ASN DA 44 -27.84 -22.01 82.24
CA ASN DA 44 -26.60 -22.06 81.46
C ASN DA 44 -25.70 -20.85 81.70
N ALA DA 45 -26.14 -19.88 82.51
CA ALA DA 45 -25.33 -18.72 82.77
C ALA DA 45 -24.13 -19.08 83.66
N PRO DA 46 -23.00 -18.39 83.49
CA PRO DA 46 -21.85 -18.64 84.35
C PRO DA 46 -22.15 -18.27 85.80
N ASP DA 47 -21.50 -18.98 86.71
CA ASP DA 47 -21.68 -18.76 88.15
C ASP DA 47 -20.67 -17.72 88.61
N THR DA 48 -20.95 -16.46 88.28
CA THR DA 48 -20.13 -15.34 88.67
C THR DA 48 -21.00 -14.25 89.28
N TYR DA 49 -20.35 -13.21 89.80
CA TYR DA 49 -21.05 -12.07 90.36
C TYR DA 49 -22.02 -11.45 89.37
N TYR DA 50 -21.70 -11.52 88.08
CA TYR DA 50 -22.45 -10.80 87.06
C TYR DA 50 -23.78 -11.46 86.70
N PHE DA 51 -23.99 -12.72 87.08
CA PHE DA 51 -25.17 -13.46 86.66
C PHE DA 51 -26.02 -14.01 87.79
N ASN DA 52 -25.45 -14.27 88.97
CA ASN DA 52 -26.25 -14.85 90.05
C ASN DA 52 -27.37 -13.93 90.48
N LYS DA 53 -27.03 -12.76 91.04
CA LYS DA 53 -28.07 -11.84 91.48
C LYS DA 53 -28.87 -11.24 90.33
N PRO DA 54 -28.27 -10.74 89.24
CA PRO DA 54 -29.08 -10.11 88.19
C PRO DA 54 -30.15 -11.01 87.60
N PHE DA 55 -29.86 -12.30 87.39
CA PHE DA 55 -30.86 -13.21 86.85
C PHE DA 55 -32.04 -13.36 87.80
N LYS DA 56 -31.78 -13.41 89.11
CA LYS DA 56 -32.87 -13.50 90.07
C LYS DA 56 -33.76 -12.26 90.02
N ALA DA 57 -33.14 -11.08 89.88
CA ALA DA 57 -33.93 -9.84 89.77
C ALA DA 57 -34.72 -9.81 88.48
N TYR DA 58 -34.12 -10.25 87.37
CA TYR DA 58 -34.83 -10.26 86.09
C TYR DA 58 -36.03 -11.19 86.12
N ALA DA 59 -35.88 -12.36 86.74
CA ALA DA 59 -36.99 -13.31 86.79
C ALA DA 59 -38.18 -12.74 87.56
N LYS DA 60 -37.92 -12.06 88.67
CA LYS DA 60 -38.99 -11.57 89.51
C LYS DA 60 -39.68 -10.34 88.93
N TYR DA 61 -38.92 -9.45 88.30
CA TYR DA 61 -39.42 -8.12 87.96
C TYR DA 61 -39.62 -7.87 86.47
N GLU DA 62 -38.93 -8.60 85.61
CA GLU DA 62 -38.94 -8.28 84.19
C GLU DA 62 -39.95 -9.15 83.45
N LEU DA 63 -40.35 -8.67 82.27
CA LEU DA 63 -41.18 -9.43 81.34
C LEU DA 63 -40.31 -9.87 80.17
N CYS DA 64 -40.42 -11.14 79.81
CA CYS DA 64 -39.57 -11.74 78.79
C CYS DA 64 -40.40 -12.11 77.56
N GLY DA 65 -39.78 -11.95 76.39
CA GLY DA 65 -40.38 -12.35 75.13
C GLY DA 65 -40.14 -13.82 74.84
N THR DA 66 -40.51 -14.22 73.62
CA THR DA 66 -40.29 -15.59 73.20
C THR DA 66 -38.81 -15.94 73.11
N ASP DA 67 -37.94 -14.95 73.00
CA ASP DA 67 -36.50 -15.18 72.96
C ASP DA 67 -35.91 -15.50 74.32
N GLY DA 68 -36.68 -15.33 75.40
CA GLY DA 68 -36.16 -15.54 76.74
C GLY DA 68 -35.39 -14.37 77.30
N LEU DA 69 -35.34 -13.24 76.60
CA LEU DA 69 -34.65 -12.03 77.05
C LEU DA 69 -35.66 -11.02 77.58
N PRO DA 70 -35.28 -10.26 78.60
CA PRO DA 70 -36.18 -9.22 79.12
C PRO DA 70 -36.49 -8.18 78.07
N HIS DA 71 -37.75 -7.75 78.04
CA HIS DA 71 -38.23 -6.71 77.15
C HIS DA 71 -38.87 -5.60 77.98
N LEU DA 72 -38.81 -4.38 77.47
CA LEU DA 72 -39.32 -3.22 78.20
C LEU DA 72 -40.53 -2.64 77.48
N PRO DA 73 -41.74 -2.96 77.92
CA PRO DA 73 -42.94 -2.40 77.28
C PRO DA 73 -43.41 -1.13 77.94
N LEU DA 74 -44.03 -0.28 77.13
CA LEU DA 74 -44.61 0.98 77.57
C LEU DA 74 -46.12 0.99 77.38
N ASP DA 75 -46.75 -0.17 77.60
CA ASP DA 75 -48.18 -0.34 77.38
C ASP DA 75 -48.92 -0.84 78.62
N ARG DA 76 -48.30 -0.75 79.79
CA ARG DA 76 -48.87 -1.26 81.02
C ARG DA 76 -49.18 -0.09 81.95
N LEU DA 77 -50.43 -0.01 82.42
CA LEU DA 77 -50.77 0.97 83.45
C LEU DA 77 -49.96 0.72 84.70
N ASP DA 78 -49.86 -0.54 85.12
CA ASP DA 78 -49.01 -0.90 86.25
C ASP DA 78 -47.54 -0.74 85.85
N ARG DA 79 -46.67 -0.95 86.83
CA ARG DA 79 -45.23 -0.74 86.72
C ARG DA 79 -44.90 0.58 86.03
N ALA DA 80 -45.76 1.59 86.22
CA ALA DA 80 -45.49 2.90 85.66
C ALA DA 80 -44.39 3.62 86.43
N THR DA 81 -44.19 3.26 87.70
CA THR DA 81 -43.07 3.79 88.45
C THR DA 81 -41.74 3.28 87.90
N ASP DA 82 -41.73 2.07 87.33
CA ASP DA 82 -40.52 1.56 86.70
C ASP DA 82 -40.14 2.38 85.47
N VAL DA 83 -41.09 3.12 84.90
CA VAL DA 83 -40.79 4.01 83.78
C VAL DA 83 -40.51 5.43 84.26
N LEU DA 84 -41.31 5.93 85.19
CA LEU DA 84 -41.19 7.32 85.62
C LEU DA 84 -39.98 7.58 86.50
N VAL DA 85 -39.58 6.60 87.32
CA VAL DA 85 -38.42 6.81 88.20
C VAL DA 85 -37.13 7.02 87.41
N PRO DA 86 -36.77 6.16 86.45
CA PRO DA 86 -35.54 6.46 85.68
C PRO DA 86 -35.66 7.73 84.84
N ILE DA 87 -36.84 8.01 84.29
CA ILE DA 87 -37.02 9.19 83.46
C ILE DA 87 -36.88 10.45 84.31
N GLY DA 88 -37.57 10.49 85.45
CA GLY DA 88 -37.48 11.66 86.31
C GLY DA 88 -36.11 11.83 86.92
N LEU DA 89 -35.45 10.71 87.26
CA LEU DA 89 -34.11 10.80 87.83
C LEU DA 89 -33.12 11.41 86.84
N PHE DA 90 -33.18 10.98 85.58
CA PHE DA 90 -32.29 11.56 84.57
C PHE DA 90 -32.61 13.03 84.34
N LEU DA 91 -33.90 13.36 84.21
CA LEU DA 91 -34.29 14.73 83.89
C LEU DA 91 -33.86 15.70 84.99
N TYR DA 92 -33.84 15.24 86.24
CA TYR DA 92 -33.34 16.09 87.32
C TYR DA 92 -31.84 16.29 87.23
N VAL DA 93 -31.10 15.22 86.94
CA VAL DA 93 -29.64 15.33 86.86
C VAL DA 93 -29.23 16.16 85.65
N ALA DA 94 -29.84 15.89 84.49
CA ALA DA 94 -29.53 16.67 83.29
C ALA DA 94 -29.89 18.13 83.47
N GLY DA 95 -31.05 18.41 84.07
CA GLY DA 95 -31.41 19.78 84.36
C GLY DA 95 -30.48 20.42 85.38
N PHE DA 96 -29.98 19.63 86.32
CA PHE DA 96 -29.03 20.15 87.31
C PHE DA 96 -27.74 20.60 86.62
N ILE DA 97 -27.22 19.79 85.70
CA ILE DA 97 -26.01 20.17 84.96
C ILE DA 97 -26.25 21.39 84.11
N GLY DA 98 -27.39 21.42 83.40
CA GLY DA 98 -27.69 22.55 82.54
C GLY DA 98 -27.88 23.85 83.29
N TRP DA 99 -28.60 23.79 84.41
CA TRP DA 99 -28.84 25.00 85.20
C TRP DA 99 -27.57 25.49 85.87
N SER DA 100 -26.70 24.56 86.29
CA SER DA 100 -25.42 24.97 86.86
C SER DA 100 -24.58 25.73 85.84
N GLY DA 101 -24.52 25.22 84.61
CA GLY DA 101 -23.75 25.90 83.58
C GLY DA 101 -24.35 27.23 83.18
N ARG DA 102 -25.69 27.29 83.07
CA ARG DA 102 -26.35 28.53 82.67
C ARG DA 102 -26.16 29.61 83.72
N SER DA 103 -26.32 29.28 85.00
CA SER DA 103 -26.16 30.28 86.05
C SER DA 103 -24.71 30.73 86.17
N TYR DA 104 -23.76 29.81 86.00
CA TYR DA 104 -22.35 30.18 86.03
C TYR DA 104 -22.01 31.10 84.87
N LEU DA 105 -22.51 30.79 83.67
CA LEU DA 105 -22.21 31.62 82.50
C LEU DA 105 -22.79 33.02 82.67
N ARG DA 106 -24.02 33.13 83.19
CA ARG DA 106 -24.63 34.43 83.37
C ARG DA 106 -23.93 35.24 84.44
N ALA DA 107 -23.32 34.59 85.43
CA ALA DA 107 -22.60 35.30 86.48
C ALA DA 107 -21.27 35.85 85.97
N THR DA 108 -20.65 35.19 85.00
CA THR DA 108 -19.38 35.66 84.45
C THR DA 108 -19.55 36.74 83.39
N LYS DA 109 -20.78 36.98 82.92
CA LYS DA 109 -20.99 38.00 81.89
C LYS DA 109 -20.70 39.40 82.42
N SER DA 110 -20.87 39.62 83.72
CA SER DA 110 -20.61 40.92 84.33
C SER DA 110 -19.13 41.17 84.59
N ALA DA 111 -18.28 40.17 84.39
CA ALA DA 111 -16.86 40.33 84.63
C ALA DA 111 -16.19 41.08 83.49
N SER DA 112 -14.99 41.61 83.76
CA SER DA 112 -14.24 42.31 82.74
C SER DA 112 -13.69 41.35 81.69
N ASP DA 113 -13.33 40.14 82.09
CA ASP DA 113 -12.73 39.15 81.20
C ASP DA 113 -13.46 37.81 81.31
N PRO DA 114 -14.69 37.76 80.80
CA PRO DA 114 -15.49 36.52 80.93
C PRO DA 114 -14.85 35.31 80.27
N GLU DA 115 -14.09 35.50 79.19
CA GLU DA 115 -13.46 34.37 78.52
C GLU DA 115 -12.45 33.68 79.43
N MET DA 116 -11.73 34.46 80.24
CA MET DA 116 -10.73 33.87 81.13
C MET DA 116 -11.35 33.09 82.27
N LYS DA 117 -12.62 33.33 82.59
CA LYS DA 117 -13.33 32.52 83.58
C LYS DA 117 -13.94 31.26 82.99
N GLU DA 118 -13.78 31.03 81.69
CA GLU DA 118 -14.24 29.80 81.07
C GLU DA 118 -13.13 28.78 80.86
N ILE DA 119 -11.88 29.25 80.77
CA ILE DA 119 -10.73 28.34 80.82
C ILE DA 119 -10.12 28.27 82.21
N PHE DA 120 -10.51 29.16 83.12
CA PHE DA 120 -10.11 29.13 84.52
C PHE DA 120 -11.39 29.13 85.35
N ILE DA 121 -11.77 27.95 85.85
CA ILE DA 121 -13.02 27.83 86.61
C ILE DA 121 -12.91 28.62 87.90
N ASP DA 122 -13.85 29.54 88.12
CA ASP DA 122 -13.91 30.34 89.33
C ASP DA 122 -14.63 29.48 90.37
N LEU DA 123 -13.86 28.88 91.28
CA LEU DA 123 -14.42 27.91 92.21
C LEU DA 123 -15.51 28.49 93.12
N PRO DA 124 -15.34 29.66 93.75
CA PRO DA 124 -16.47 30.20 94.53
C PRO DA 124 -17.73 30.43 93.72
N LEU DA 125 -17.58 30.82 92.46
CA LEU DA 125 -18.76 31.04 91.62
C LEU DA 125 -19.38 29.71 91.19
N ALA DA 126 -18.55 28.72 90.87
CA ALA DA 126 -19.07 27.42 90.46
C ALA DA 126 -19.83 26.74 91.59
N LEU DA 127 -19.30 26.82 92.81
CA LEU DA 127 -19.98 26.23 93.97
C LEU DA 127 -21.31 26.93 94.23
N GLN DA 128 -21.35 28.25 94.07
CA GLN DA 128 -22.60 28.97 94.24
C GLN DA 128 -23.63 28.55 93.20
N SER DA 129 -23.20 28.39 91.95
CA SER DA 129 -24.12 27.96 90.90
C SER DA 129 -24.62 26.54 91.13
N ILE DA 130 -23.73 25.65 91.57
CA ILE DA 130 -24.12 24.26 91.81
C ILE DA 130 -25.12 24.17 92.96
N SER DA 131 -24.90 24.93 94.02
CA SER DA 131 -25.78 24.88 95.18
C SER DA 131 -27.20 25.33 94.82
N LYS DA 132 -27.32 26.39 94.02
CA LYS DA 132 -28.64 26.88 93.65
C LYS DA 132 -29.32 25.96 92.64
N ALA DA 133 -28.55 25.19 91.87
CA ALA DA 133 -29.12 24.32 90.86
C ALA DA 133 -29.83 23.10 91.45
N VAL DA 134 -29.71 22.88 92.76
CA VAL DA 134 -30.43 21.77 93.40
C VAL DA 134 -31.93 21.94 93.22
N LEU DA 135 -32.42 23.17 93.35
CA LEU DA 135 -33.83 23.48 93.14
C LEU DA 135 -34.08 24.05 91.75
N TRP DA 136 -33.37 23.55 90.75
CA TRP DA 136 -33.52 24.07 89.40
C TRP DA 136 -34.95 24.00 88.85
N PRO DA 137 -35.75 22.95 89.08
CA PRO DA 137 -37.13 22.98 88.54
C PRO DA 137 -37.94 24.16 89.05
N LEU DA 138 -37.74 24.56 90.30
CA LEU DA 138 -38.44 25.72 90.83
C LEU DA 138 -37.88 27.02 90.27
N LEU DA 139 -36.54 27.13 90.19
CA LEU DA 139 -35.92 28.34 89.67
C LEU DA 139 -36.28 28.57 88.21
N ALA DA 140 -36.29 27.51 87.41
CA ALA DA 140 -36.63 27.65 85.99
C ALA DA 140 -38.06 28.14 85.82
N LEU DA 141 -38.98 27.63 86.65
CA LEU DA 141 -40.37 28.10 86.57
C LEU DA 141 -40.48 29.57 86.94
N GLN DA 142 -39.78 29.99 87.99
CA GLN DA 142 -39.83 31.40 88.40
C GLN DA 142 -39.28 32.31 87.31
N GLU DA 143 -38.15 31.93 86.70
CA GLU DA 143 -37.57 32.75 85.64
C GLU DA 143 -38.48 32.82 84.42
N PHE DA 144 -39.13 31.71 84.07
CA PHE DA 144 -40.05 31.71 82.95
C PHE DA 144 -41.25 32.63 83.23
N LEU DA 145 -41.76 32.61 84.46
CA LEU DA 145 -42.89 33.46 84.81
C LEU DA 145 -42.51 34.93 84.77
N SER DA 146 -41.31 35.28 85.22
CA SER DA 146 -40.87 36.67 85.24
C SER DA 146 -40.28 37.13 83.92
N GLY DA 147 -40.19 36.25 82.92
CA GLY DA 147 -39.61 36.63 81.65
C GLY DA 147 -38.10 36.71 81.63
N ASP DA 148 -37.44 36.27 82.69
CA ASP DA 148 -35.98 36.31 82.79
C ASP DA 148 -35.32 35.11 82.10
N LEU DA 149 -36.08 34.06 81.80
CA LEU DA 149 -35.50 32.85 81.23
C LEU DA 149 -34.95 33.09 79.83
N THR DA 150 -35.66 33.83 79.00
CA THR DA 150 -35.32 33.99 77.60
C THR DA 150 -35.05 35.45 77.27
N ALA DA 151 -34.17 35.66 76.29
CA ALA DA 151 -33.91 36.99 75.76
C ALA DA 151 -34.86 37.28 74.60
N ARG DA 152 -35.12 38.57 74.37
CA ARG DA 152 -36.05 38.96 73.34
C ARG DA 152 -35.42 38.78 71.95
N ASP DA 153 -36.29 38.57 70.95
CA ASP DA 153 -35.82 38.21 69.62
C ASP DA 153 -34.99 39.31 68.97
N GLU DA 154 -35.35 40.58 69.19
CA GLU DA 154 -34.63 41.67 68.55
C GLU DA 154 -33.31 41.99 69.23
N GLU DA 155 -33.01 41.36 70.36
CA GLU DA 155 -31.75 41.57 71.07
C GLU DA 155 -30.79 40.39 70.88
N ILE DA 156 -30.98 39.60 69.83
CA ILE DA 156 -30.18 38.41 69.57
C ILE DA 156 -29.54 38.57 68.19
N PRO DA 157 -28.24 38.36 68.04
CA PRO DA 157 -27.63 38.46 66.71
C PRO DA 157 -28.25 37.45 65.75
N ILE DA 158 -28.55 37.93 64.55
CA ILE DA 158 -29.13 37.10 63.49
C ILE DA 158 -28.48 37.47 62.17
N SER DA 159 -28.57 36.54 61.23
CA SER DA 159 -28.05 36.72 59.88
C SER DA 159 -29.09 37.39 59.00
N PRO DA 160 -28.67 38.06 57.92
CA PRO DA 160 -29.64 38.65 57.00
C PRO DA 160 -30.50 37.57 56.36
N ARG DA 161 -31.75 37.92 56.09
CA ARG DA 161 -32.71 36.97 55.55
C ARG DA 161 -32.59 36.87 54.02
N ASP EA 3 -24.48 -26.65 21.28
CA ASP EA 3 -23.35 -26.78 22.19
C ASP EA 3 -23.17 -25.50 23.00
N MET EA 4 -22.37 -25.59 24.07
CA MET EA 4 -22.13 -24.47 24.97
C MET EA 4 -20.67 -24.04 24.99
N THR EA 5 -19.96 -24.27 23.88
CA THR EA 5 -18.60 -23.78 23.73
C THR EA 5 -18.52 -22.46 22.98
N GLN EA 6 -19.65 -21.96 22.49
CA GLN EA 6 -19.69 -20.72 21.71
C GLN EA 6 -20.95 -19.95 22.05
N LEU EA 7 -20.93 -18.66 21.73
CA LEU EA 7 -22.14 -17.86 21.80
C LEU EA 7 -23.07 -18.26 20.67
N THR EA 8 -24.33 -18.52 21.01
CA THR EA 8 -25.34 -18.88 20.04
C THR EA 8 -26.63 -18.14 20.38
N GLY EA 9 -27.64 -18.34 19.55
CA GLY EA 9 -28.95 -17.78 19.82
C GLY EA 9 -30.06 -18.60 19.21
N SER EA 10 -31.02 -19.03 20.03
CA SER EA 10 -32.19 -19.72 19.52
C SER EA 10 -33.28 -18.74 19.07
N TYR EA 11 -33.15 -17.47 19.39
CA TYR EA 11 -34.10 -16.46 18.95
C TYR EA 11 -33.92 -16.18 17.47
N ALA EA 12 -34.92 -15.51 16.89
CA ALA EA 12 -34.89 -15.22 15.47
C ALA EA 12 -33.76 -14.25 15.14
N ALA EA 13 -33.13 -14.47 13.98
CA ALA EA 13 -32.04 -13.63 13.50
C ALA EA 13 -30.95 -13.50 14.55
N SER EA 14 -30.45 -14.65 15.00
CA SER EA 14 -29.39 -14.67 16.02
C SER EA 14 -28.08 -14.12 15.51
N TRP EA 15 -27.94 -13.92 14.20
CA TRP EA 15 -26.77 -13.25 13.65
C TRP EA 15 -26.73 -11.76 13.95
N LEU EA 16 -27.84 -11.19 14.40
CA LEU EA 16 -27.86 -9.75 14.70
C LEU EA 16 -26.93 -9.37 15.84
N PRO EA 17 -26.95 -10.01 17.01
CA PRO EA 17 -25.94 -9.67 18.03
C PRO EA 17 -24.52 -9.95 17.58
N TRP EA 18 -24.34 -10.90 16.65
CA TRP EA 18 -23.01 -11.21 16.12
C TRP EA 18 -22.37 -9.99 15.48
N ILE EA 19 -23.16 -9.09 14.88
CA ILE EA 19 -22.62 -7.91 14.23
C ILE EA 19 -22.94 -6.63 15.00
N MET EA 20 -24.05 -6.56 15.72
CA MET EA 20 -24.43 -5.31 16.39
C MET EA 20 -23.54 -5.03 17.59
N ILE EA 21 -23.18 -6.07 18.35
CA ILE EA 21 -22.29 -5.87 19.49
C ILE EA 21 -20.93 -5.31 19.07
N PRO EA 22 -20.24 -5.86 18.07
CA PRO EA 22 -19.02 -5.18 17.59
C PRO EA 22 -19.27 -3.77 17.08
N LEU EA 23 -20.39 -3.56 16.37
CA LEU EA 23 -20.63 -2.26 15.74
C LEU EA 23 -20.83 -1.18 16.79
N ILE EA 24 -21.64 -1.44 17.80
CA ILE EA 24 -22.01 -0.40 18.76
C ILE EA 24 -20.90 -0.17 19.77
N PHE EA 25 -20.10 -1.19 20.08
CA PHE EA 25 -19.20 -1.13 21.23
C PHE EA 25 -17.73 -0.93 20.88
N TYR EA 26 -17.25 -1.41 19.73
CA TYR EA 26 -15.86 -1.14 19.39
C TYR EA 26 -15.59 -0.85 17.91
N ILE EA 27 -16.61 -0.58 17.11
CA ILE EA 27 -16.42 -0.18 15.71
C ILE EA 27 -16.85 1.27 15.50
N LEU EA 28 -18.11 1.57 15.74
CA LEU EA 28 -18.68 2.91 15.61
C LEU EA 28 -18.28 3.91 16.71
N PRO EA 29 -18.05 3.49 17.98
CA PRO EA 29 -17.79 4.50 19.01
C PRO EA 29 -16.61 5.43 18.72
N PHE EA 30 -15.52 4.93 18.16
CA PHE EA 30 -14.40 5.82 17.84
C PHE EA 30 -14.76 6.85 16.79
N PRO EA 31 -15.39 6.49 15.66
CA PRO EA 31 -15.90 7.54 14.76
C PRO EA 31 -16.88 8.50 15.43
N VAL EA 32 -17.72 8.00 16.34
CA VAL EA 32 -18.65 8.86 17.05
C VAL EA 32 -17.89 9.84 17.93
N PHE EA 33 -16.85 9.37 18.63
CA PHE EA 33 -16.01 10.27 19.42
C PHE EA 33 -15.33 11.29 18.54
N ALA EA 34 -14.91 10.88 17.33
CA ALA EA 34 -14.31 11.82 16.40
C ALA EA 34 -15.29 12.91 15.98
N LEU EA 35 -16.54 12.53 15.72
CA LEU EA 35 -17.56 13.50 15.36
C LEU EA 35 -17.80 14.50 16.50
N ILE EA 36 -17.89 14.00 17.73
CA ILE EA 36 -18.11 14.88 18.88
C ILE EA 36 -16.90 15.78 19.09
N PHE EA 37 -15.69 15.23 18.92
CA PHE EA 37 -14.48 16.03 19.10
C PHE EA 37 -14.42 17.18 18.10
N ILE EA 38 -14.77 16.92 16.84
CA ILE EA 38 -14.82 17.99 15.85
C ILE EA 38 -15.87 19.02 16.23
N TRP EA 39 -17.03 18.55 16.71
CA TRP EA 39 -18.11 19.46 17.07
C TRP EA 39 -17.71 20.40 18.20
N ILE EA 40 -17.04 19.88 19.22
CA ILE EA 40 -16.70 20.68 20.40
C ILE EA 40 -15.42 21.47 20.25
N GLU EA 41 -14.68 21.28 19.15
CA GLU EA 41 -13.44 22.02 18.92
C GLU EA 41 -13.55 23.02 17.78
N LYS EA 42 -14.72 23.16 17.16
CA LYS EA 42 -14.86 24.04 16.01
C LYS EA 42 -14.71 25.50 16.42
N GLU EA 43 -13.86 26.23 15.71
CA GLU EA 43 -13.69 27.65 15.96
C GLU EA 43 -14.94 28.44 15.57
N ALA EA 44 -15.22 29.49 16.32
CA ALA EA 44 -16.36 30.34 16.06
C ALA EA 44 -16.11 31.23 14.84
N MET FA 1 3.21 28.69 95.10
CA MET FA 1 2.16 27.70 95.33
C MET FA 1 0.81 28.23 94.88
N GLN FA 2 0.63 29.55 94.94
CA GLN FA 2 -0.61 30.15 94.47
C GLN FA 2 -0.78 29.96 92.96
N HIS FA 3 0.32 29.88 92.22
CA HIS FA 3 0.23 29.62 90.79
C HIS FA 3 -0.20 28.17 90.53
N VAL FA 4 0.25 27.24 91.38
CA VAL FA 4 -0.16 25.84 91.24
C VAL FA 4 -1.66 25.70 91.48
N PHE FA 5 -2.18 26.40 92.49
CA PHE FA 5 -3.62 26.35 92.76
C PHE FA 5 -4.41 26.91 91.58
N LYS FA 6 -3.93 28.01 90.99
CA LYS FA 6 -4.60 28.59 89.83
C LYS FA 6 -4.55 27.63 88.64
N TYR FA 7 -3.44 26.91 88.48
CA TYR FA 7 -3.34 25.91 87.42
C TYR FA 7 -4.36 24.79 87.61
N LEU FA 8 -4.59 24.39 88.87
CA LEU FA 8 -5.53 23.31 89.15
C LEU FA 8 -6.96 23.66 88.78
N THR FA 9 -7.28 24.94 88.60
CA THR FA 9 -8.62 25.36 88.19
C THR FA 9 -8.76 25.47 86.68
N LEU FA 10 -7.74 25.08 85.91
CA LEU FA 10 -7.85 25.10 84.46
C LEU FA 10 -8.97 24.19 83.99
N ALA FA 11 -9.57 24.56 82.85
CA ALA FA 11 -10.65 23.76 82.28
C ALA FA 11 -10.25 22.31 82.03
N PRO FA 12 -9.12 22.00 81.38
CA PRO FA 12 -8.77 20.58 81.21
C PRO FA 12 -8.53 19.86 82.52
N VAL FA 13 -7.95 20.54 83.52
CA VAL FA 13 -7.70 19.89 84.80
C VAL FA 13 -9.00 19.63 85.54
N MET FA 14 -9.90 20.62 85.57
CA MET FA 14 -11.18 20.43 86.24
C MET FA 14 -12.04 19.39 85.52
N ALA FA 15 -12.01 19.40 84.19
CA ALA FA 15 -12.76 18.40 83.43
C ALA FA 15 -12.24 17.00 83.71
N THR FA 16 -10.92 16.83 83.78
CA THR FA 16 -10.35 15.53 84.09
C THR FA 16 -10.73 15.08 85.50
N PHE FA 17 -10.69 16.00 86.46
CA PHE FA 17 -11.10 15.64 87.83
C PHE FA 17 -12.57 15.26 87.88
N THR FA 18 -13.42 16.01 87.18
CA THR FA 18 -14.85 15.71 87.18
C THR FA 18 -15.14 14.39 86.48
N MET FA 19 -14.51 14.15 85.33
CA MET FA 19 -14.73 12.89 84.62
C MET FA 19 -14.21 11.70 85.41
N VAL FA 20 -13.06 11.85 86.07
CA VAL FA 20 -12.52 10.76 86.88
C VAL FA 20 -13.42 10.47 88.07
N ALA FA 21 -13.87 11.53 88.76
CA ALA FA 21 -14.74 11.35 89.92
C ALA FA 21 -16.07 10.73 89.51
N LEU FA 22 -16.65 11.20 88.41
CA LEU FA 22 -17.90 10.63 87.92
C LEU FA 22 -17.71 9.18 87.49
N SER FA 23 -16.59 8.88 86.85
CA SER FA 23 -16.29 7.50 86.45
C SER FA 23 -16.15 6.60 87.66
N VAL FA 24 -15.53 7.10 88.73
CA VAL FA 24 -15.37 6.30 89.95
C VAL FA 24 -16.72 5.98 90.55
N VAL FA 25 -17.62 6.97 90.59
CA VAL FA 25 -18.95 6.75 91.18
C VAL FA 25 -19.71 5.70 90.38
N LEU FA 26 -19.68 5.80 89.05
CA LEU FA 26 -20.38 4.82 88.22
C LEU FA 26 -19.72 3.45 88.32
N ILE FA 27 -18.39 3.40 88.36
CA ILE FA 27 -17.68 2.13 88.44
C ILE FA 27 -18.03 1.40 89.74
N MET FA 28 -18.03 2.13 90.86
CA MET FA 28 -18.34 1.51 92.13
C MET FA 28 -19.80 1.09 92.22
N LEU FA 29 -20.68 1.79 91.50
CA LEU FA 29 -22.07 1.36 91.42
C LEU FA 29 -22.21 0.01 90.70
N GLN FA 30 -21.39 -0.22 89.67
CA GLN FA 30 -21.42 -1.51 88.99
C GLN FA 30 -20.89 -2.61 89.90
N ILE FA 31 -19.87 -2.31 90.71
CA ILE FA 31 -19.32 -3.31 91.62
C ILE FA 31 -20.32 -3.66 92.71
N TRP FA 32 -20.94 -2.64 93.31
CA TRP FA 32 -21.87 -2.90 94.41
C TRP FA 32 -23.20 -3.45 93.93
N PHE FA 33 -23.71 -2.95 92.80
CA PHE FA 33 -25.01 -3.35 92.27
C PHE FA 33 -24.88 -3.70 90.79
N PRO FA 34 -24.26 -4.84 90.48
CA PRO FA 34 -24.17 -5.26 89.07
C PRO FA 34 -25.52 -5.68 88.52
N GLY FA 35 -25.70 -5.48 87.22
CA GLY FA 35 -26.89 -5.94 86.55
C GLY FA 35 -28.13 -5.11 86.74
N LEU FA 36 -28.00 -3.86 87.17
CA LEU FA 36 -29.16 -3.00 87.30
C LEU FA 36 -29.76 -2.69 85.92
N GLN FA 37 -31.08 -2.73 85.84
CA GLN FA 37 -31.78 -2.64 84.56
C GLN FA 37 -33.05 -1.81 84.76
N TYR FA 38 -33.55 -1.25 83.67
CA TYR FA 38 -34.84 -0.56 83.71
C TYR FA 38 -35.93 -1.52 84.18
N GLY FA 39 -36.74 -1.06 85.14
CA GLY FA 39 -37.68 -1.93 85.80
C GLY FA 39 -37.12 -2.70 86.97
N THR FA 40 -35.89 -2.40 87.38
CA THR FA 40 -35.24 -3.07 88.50
C THR FA 40 -34.64 -2.12 89.52
N TYR FA 41 -34.37 -0.86 89.15
CA TYR FA 41 -33.74 0.07 90.07
C TYR FA 41 -34.55 0.26 91.34
N PHE FA 42 -33.86 0.37 92.47
CA PHE FA 42 -34.47 0.65 93.77
C PHE FA 42 -35.48 -0.43 94.17
N LYS FA 43 -35.23 -1.67 93.76
CA LYS FA 43 -36.04 -2.79 94.15
C LYS FA 43 -35.22 -3.77 94.98
N PRO FA 44 -35.81 -4.39 96.00
CA PRO FA 44 -35.05 -5.29 96.88
C PRO FA 44 -34.55 -6.51 96.14
N THR FA 45 -33.41 -7.02 96.59
CA THR FA 45 -32.82 -8.22 95.99
C THR FA 45 -33.67 -9.43 96.34
N PRO FA 46 -34.12 -10.23 95.35
CA PRO FA 46 -34.92 -11.42 95.62
C PRO FA 46 -34.07 -12.60 96.08
N THR GA 2 35.28 -25.19 59.15
CA THR GA 2 36.26 -25.33 60.21
C THR GA 2 36.57 -23.97 60.86
N VAL GA 3 37.03 -24.01 62.09
CA VAL GA 3 37.40 -22.79 62.81
C VAL GA 3 38.74 -22.29 62.27
N PRO GA 4 38.84 -21.03 61.86
CA PRO GA 4 40.13 -20.52 61.37
C PRO GA 4 41.22 -20.64 62.43
N ASN GA 5 42.42 -21.00 61.98
CA ASN GA 5 43.53 -21.24 62.89
C ASN GA 5 44.01 -19.93 63.51
N THR GA 6 44.28 -19.98 64.81
CA THR GA 6 44.92 -18.89 65.53
C THR GA 6 46.13 -19.45 66.26
N ILE GA 7 47.27 -18.82 66.09
CA ILE GA 7 48.53 -19.32 66.65
C ILE GA 7 48.72 -18.78 68.04
N SER GA 8 49.48 -19.52 68.85
CA SER GA 8 49.83 -19.07 70.19
C SER GA 8 50.81 -17.91 70.11
N TRP GA 9 50.92 -17.18 71.22
CA TRP GA 9 51.80 -16.02 71.25
C TRP GA 9 53.26 -16.45 71.08
N SER GA 10 53.99 -15.68 70.27
CA SER GA 10 55.38 -15.98 69.96
C SER GA 10 56.05 -14.67 69.55
N PRO GA 11 57.38 -14.63 69.53
CA PRO GA 11 58.06 -13.38 69.13
C PRO GA 11 57.71 -12.91 67.74
N GLN GA 12 57.25 -13.79 66.85
CA GLN GA 12 56.92 -13.37 65.48
C GLN GA 12 55.71 -12.44 65.47
N VAL GA 13 54.69 -12.71 66.29
CA VAL GA 13 53.54 -11.80 66.32
C VAL GA 13 53.91 -10.48 66.97
N ALA GA 14 54.86 -10.51 67.91
CA ALA GA 14 55.37 -9.26 68.47
C ALA GA 14 56.08 -8.44 67.40
N LEU GA 15 56.83 -9.11 66.52
CA LEU GA 15 57.49 -8.42 65.42
C LEU GA 15 56.47 -7.80 64.46
N ILE GA 16 55.39 -8.53 64.16
CA ILE GA 16 54.39 -8.03 63.23
C ILE GA 16 53.70 -6.79 63.80
N ILE GA 17 53.31 -6.84 65.08
CA ILE GA 17 52.61 -5.71 65.69
C ILE GA 17 53.55 -4.52 65.83
N SER GA 18 54.78 -4.76 66.28
CA SER GA 18 55.74 -3.67 66.44
C SER GA 18 56.08 -3.03 65.10
N ALA GA 19 56.29 -3.85 64.06
CA ALA GA 19 56.61 -3.30 62.75
C ALA GA 19 55.44 -2.52 62.17
N SER GA 20 54.22 -3.01 62.34
CA SER GA 20 53.05 -2.30 61.85
C SER GA 20 52.87 -0.97 62.56
N SER GA 21 53.09 -0.94 63.88
CA SER GA 21 53.01 0.31 64.63
C SER GA 21 54.10 1.27 64.21
N LEU GA 22 55.32 0.76 63.98
CA LEU GA 22 56.43 1.63 63.63
C LEU GA 22 56.27 2.22 62.24
N LEU GA 23 55.89 1.39 61.26
CA LEU GA 23 55.70 1.89 59.91
C LEU GA 23 54.56 2.91 59.84
N ILE GA 24 53.48 2.64 60.58
CA ILE GA 24 52.37 3.60 60.64
C ILE GA 24 52.86 4.91 61.26
N LEU GA 25 53.74 4.83 62.25
CA LEU GA 25 54.25 6.05 62.89
C LEU GA 25 55.02 6.91 61.91
N LEU GA 26 55.85 6.30 61.06
CA LEU GA 26 56.58 7.08 60.06
C LEU GA 26 55.62 7.69 59.04
N ILE GA 27 54.65 6.91 58.55
CA ILE GA 27 53.78 7.39 57.49
C ILE GA 27 52.82 8.45 58.00
N ALA GA 28 52.21 8.22 59.18
CA ALA GA 28 51.19 9.13 59.68
C ALA GA 28 51.76 10.52 59.95
N SER GA 29 52.96 10.60 60.54
CA SER GA 29 53.56 11.89 60.84
C SER GA 29 53.93 12.68 59.59
N ARG GA 30 53.93 12.04 58.43
CA ARG GA 30 54.28 12.71 57.18
C ARG GA 30 53.13 12.79 56.18
N SER GA 31 51.98 12.19 56.49
CA SER GA 31 50.89 12.11 55.54
C SER GA 31 49.56 12.67 56.05
N ILE GA 32 49.28 12.59 57.36
CA ILE GA 32 47.99 13.07 57.84
C ILE GA 32 47.94 14.60 57.75
N LYS GA 33 46.72 15.13 57.72
CA LYS GA 33 46.52 16.53 57.41
C LYS GA 33 46.99 17.43 58.56
N TYR GA 34 46.69 17.05 59.80
CA TYR GA 34 46.98 17.90 60.96
C TYR GA 34 47.76 17.10 62.01
N PRO GA 35 49.06 16.89 61.79
CA PRO GA 35 49.92 16.43 62.89
C PRO GA 35 50.45 17.61 63.69
N GLN GA 36 51.18 17.34 64.77
CA GLN GA 36 51.68 18.36 65.67
C GLN GA 36 50.56 19.27 66.17
N VAL GA 37 49.43 18.66 66.53
CA VAL GA 37 48.31 19.38 67.12
C VAL GA 37 48.18 18.92 68.57
N GLY GA 38 48.23 19.85 69.50
CA GLY GA 38 48.17 19.55 70.91
C GLY GA 38 49.55 19.45 71.53
N ALA GA 39 49.61 18.71 72.62
CA ALA GA 39 50.86 18.54 73.37
C ALA GA 39 51.87 17.75 72.55
N LYS GA 40 53.15 18.12 72.68
CA LYS GA 40 54.23 17.40 72.03
C LYS GA 40 54.74 16.28 72.93
N LEU GA 41 55.21 15.21 72.31
CA LEU GA 41 55.78 14.08 73.04
C LEU GA 41 56.97 14.51 73.89
N PRO GA 46 63.56 13.34 66.32
CA PRO GA 46 64.51 12.36 65.80
C PRO GA 46 64.32 12.10 64.32
N VAL GA 47 64.41 10.81 63.92
CA VAL GA 47 64.14 10.46 62.52
C VAL GA 47 62.69 10.71 62.17
N LEU GA 48 61.80 10.72 63.16
CA LEU GA 48 60.38 10.97 62.91
C LEU GA 48 60.18 12.43 62.52
N GLY GA 49 58.92 12.78 62.24
CA GLY GA 49 58.58 14.15 61.94
C GLY GA 49 58.21 14.94 63.18
N SER GA 50 58.57 14.40 64.35
CA SER GA 50 58.25 14.96 65.66
C SER GA 50 56.74 15.04 65.84
N PRO GA 51 56.05 13.91 65.94
CA PRO GA 51 54.59 13.93 66.06
C PRO GA 51 54.13 14.36 67.44
N SER GA 52 52.87 14.77 67.52
CA SER GA 52 52.26 15.16 68.78
C SER GA 52 51.80 13.94 69.55
N VAL GA 53 51.26 14.17 70.75
CA VAL GA 53 50.74 13.07 71.56
C VAL GA 53 49.56 12.40 70.86
N GLY GA 54 48.65 13.19 70.31
CA GLY GA 54 47.52 12.60 69.60
C GLY GA 54 47.93 11.79 68.39
N THR GA 55 48.91 12.29 67.63
CA THR GA 55 49.40 11.55 66.47
C THR GA 55 50.06 10.24 66.89
N PHE GA 56 50.85 10.26 67.96
CA PHE GA 56 51.55 9.06 68.39
C PHE GA 56 50.58 8.01 68.91
N VAL GA 57 49.62 8.43 69.73
CA VAL GA 57 48.63 7.48 70.26
C VAL GA 57 47.78 6.92 69.14
N ALA GA 58 47.41 7.76 68.17
CA ALA GA 58 46.66 7.29 67.02
C ALA GA 58 47.46 6.28 66.21
N SER GA 59 48.76 6.52 66.04
CA SER GA 59 49.60 5.57 65.32
C SER GA 59 49.70 4.24 66.04
N MET GA 60 49.86 4.27 67.37
CA MET GA 60 49.93 3.03 68.13
C MET GA 60 48.61 2.27 68.10
N ALA GA 61 47.50 3.00 68.22
CA ALA GA 61 46.19 2.36 68.16
C ALA GA 61 45.94 1.75 66.80
N PHE GA 62 46.26 2.47 65.72
CA PHE GA 62 46.12 1.92 64.38
C PHE GA 62 47.12 0.80 64.13
N GLY GA 63 48.28 0.84 64.79
CA GLY GA 63 49.22 -0.26 64.70
C GLY GA 63 48.68 -1.53 65.32
N HIS GA 64 47.95 -1.40 66.43
CA HIS GA 64 47.31 -2.56 67.02
C HIS GA 64 46.17 -3.06 66.14
N VAL GA 65 45.39 -2.15 65.56
CA VAL GA 65 44.28 -2.55 64.71
C VAL GA 65 44.79 -3.25 63.46
N VAL GA 66 45.73 -2.63 62.75
CA VAL GA 66 46.27 -3.23 61.54
C VAL GA 66 47.07 -4.48 61.87
N GLY GA 67 47.88 -4.43 62.93
CA GLY GA 67 48.69 -5.58 63.29
C GLY GA 67 47.86 -6.80 63.65
N ALA GA 68 46.76 -6.59 64.39
CA ALA GA 68 45.89 -7.70 64.73
C ALA GA 68 45.28 -8.32 63.48
N GLY GA 69 44.87 -7.49 62.52
CA GLY GA 69 44.35 -8.01 61.27
C GLY GA 69 45.38 -8.81 60.50
N ILE GA 70 46.63 -8.36 60.51
CA ILE GA 70 47.69 -9.08 59.81
C ILE GA 70 47.99 -10.41 60.50
N VAL GA 71 48.05 -10.40 61.83
CA VAL GA 71 48.40 -11.62 62.57
C VAL GA 71 47.32 -12.69 62.36
N LEU GA 72 46.05 -12.31 62.50
CA LEU GA 72 44.98 -13.27 62.26
C LEU GA 72 44.86 -13.64 60.79
N GLY GA 73 45.16 -12.69 59.90
CA GLY GA 73 45.09 -12.98 58.48
C GLY GA 73 46.10 -14.03 58.05
N LEU GA 74 47.34 -13.90 58.50
CA LEU GA 74 48.35 -14.89 58.17
C LEU GA 74 48.06 -16.22 58.84
N SER GA 75 47.75 -16.20 60.14
CA SER GA 75 47.49 -17.44 60.86
C SER GA 75 46.33 -18.21 60.26
N ASN GA 76 45.35 -17.51 59.68
CA ASN GA 76 44.23 -18.18 59.03
C ASN GA 76 44.70 -18.97 57.81
N LEU GA 77 45.58 -18.39 57.01
CA LEU GA 77 45.97 -18.97 55.73
C LEU GA 77 47.29 -19.73 55.79
N GLY GA 78 47.84 -19.97 56.97
CA GLY GA 78 49.15 -20.57 57.06
C GLY GA 78 50.24 -19.67 56.53
N TRP GA 79 50.24 -18.43 57.02
CA TRP GA 79 51.15 -17.37 56.59
C TRP GA 79 50.92 -17.02 55.11
N LEU GA 80 49.67 -16.72 54.80
CA LEU GA 80 49.23 -16.28 53.48
C LEU GA 80 49.58 -17.28 52.39
N LYS HA 12 33.34 37.11 45.72
CA LYS HA 12 32.90 36.22 46.79
C LYS HA 12 31.84 35.25 46.30
N LEU HA 13 31.10 35.66 45.28
CA LEU HA 13 30.06 34.83 44.68
C LEU HA 13 30.61 34.18 43.42
N ASN HA 14 30.60 32.85 43.39
CA ASN HA 14 31.17 32.08 42.28
C ASN HA 14 30.15 31.03 41.84
N TYR HA 15 29.35 31.38 40.82
CA TYR HA 15 28.42 30.42 40.26
C TYR HA 15 29.15 29.27 39.55
N ARG HA 16 30.34 29.56 39.00
CA ARG HA 16 31.16 28.56 38.31
C ARG HA 16 30.42 27.93 37.13
N LEU HA 17 29.68 28.76 36.39
CA LEU HA 17 28.94 28.27 35.24
C LEU HA 17 29.89 27.84 34.11
N ASP HA 18 31.06 28.46 34.01
CA ASP HA 18 31.97 28.15 32.92
C ASP HA 18 32.50 26.72 33.00
N THR HA 19 32.64 26.18 34.21
CA THR HA 19 33.12 24.82 34.40
C THR HA 19 31.98 23.85 34.73
N ASP HA 20 30.73 24.25 34.45
CA ASP HA 20 29.59 23.41 34.78
C ASP HA 20 29.41 22.32 33.72
N PRO HA 21 29.41 21.05 34.10
CA PRO HA 21 29.12 20.00 33.10
C PRO HA 21 27.74 20.11 32.48
N VAL HA 22 26.76 20.62 33.22
CA VAL HA 22 25.41 20.80 32.72
C VAL HA 22 25.22 22.29 32.43
N GLN HA 23 25.04 22.62 31.16
CA GLN HA 23 24.93 23.99 30.69
C GLN HA 23 23.47 24.32 30.39
N PRO HA 24 23.12 25.61 30.33
CA PRO HA 24 21.78 25.98 29.86
C PRO HA 24 21.56 25.53 28.43
N TYR HA 25 20.31 25.19 28.12
CA TYR HA 25 19.99 24.63 26.81
C TYR HA 25 20.07 25.71 25.73
N LYS HA 26 20.92 25.48 24.74
CA LYS HA 26 21.08 26.38 23.59
C LYS HA 26 21.41 27.81 24.04
N GLY HA 27 22.13 27.94 25.15
CA GLY HA 27 22.55 29.24 25.63
C GLY HA 27 21.45 30.08 26.25
N ASP HA 28 20.23 29.57 26.37
CA ASP HA 28 19.14 30.32 26.96
C ASP HA 28 18.83 29.73 28.33
N PRO HA 29 19.19 30.40 29.43
CA PRO HA 29 18.93 29.83 30.76
C PRO HA 29 17.48 29.84 31.17
N PHE HA 30 16.59 30.49 30.42
CA PHE HA 30 15.20 30.68 30.82
C PHE HA 30 14.22 30.03 29.85
N ASN HA 31 14.65 28.96 29.17
CA ASN HA 31 13.79 28.24 28.25
C ASN HA 31 13.29 26.91 28.81
N SER HA 32 13.37 26.73 30.13
CA SER HA 32 12.86 25.53 30.81
C SER HA 32 13.55 24.26 30.32
N ASN HA 33 14.85 24.32 30.07
CA ASN HA 33 15.55 23.13 29.59
C ASN HA 33 17.02 23.19 29.98
N PHE HA 34 17.67 22.03 29.89
CA PHE HA 34 19.09 21.88 30.21
C PHE HA 34 19.79 21.23 29.02
N SER HA 35 21.11 21.45 28.97
CA SER HA 35 21.97 20.74 28.01
C SER HA 35 22.56 19.55 28.74
N THR HA 36 22.01 18.37 28.49
CA THR HA 36 22.43 17.13 29.13
C THR HA 36 22.88 16.13 28.07
N ALA HA 37 23.29 14.95 28.52
CA ALA HA 37 23.65 13.88 27.58
C ALA HA 37 22.45 13.45 26.76
N ILE HA 38 21.25 13.49 27.34
CA ILE HA 38 20.05 13.07 26.62
C ILE HA 38 19.63 14.12 25.60
N THR HA 39 19.72 15.41 25.95
CA THR HA 39 19.17 16.46 25.12
C THR HA 39 20.18 17.09 24.17
N ASP HA 40 21.47 17.09 24.51
CA ASP HA 40 22.43 17.88 23.76
C ASP HA 40 23.72 17.16 23.40
N SER HA 41 23.89 15.89 23.75
CA SER HA 41 25.11 15.20 23.38
C SER HA 41 25.14 14.97 21.86
N PRO HA 42 26.34 14.88 21.27
CA PRO HA 42 26.41 14.68 19.81
C PRO HA 42 25.71 13.41 19.33
N LEU HA 43 25.79 12.32 20.09
CA LEU HA 43 25.14 11.08 19.67
C LEU HA 43 23.62 11.20 19.80
N ALA HA 44 23.14 11.77 20.91
CA ALA HA 44 21.70 11.92 21.10
C ALA HA 44 21.10 12.83 20.04
N ARG HA 45 21.78 13.94 19.74
CA ARG HA 45 21.29 14.84 18.70
C ARG HA 45 21.30 14.18 17.33
N ALA HA 46 22.35 13.42 17.02
CA ALA HA 46 22.42 12.75 15.73
C ALA HA 46 21.33 11.70 15.58
N PHE HA 47 21.06 10.94 16.64
CA PHE HA 47 20.04 9.90 16.57
C PHE HA 47 18.65 10.50 16.43
N ILE HA 48 18.31 11.48 17.29
CA ILE HA 48 16.95 12.01 17.30
C ILE HA 48 16.67 12.81 16.04
N ASN HA 49 17.62 13.67 15.63
CA ASN HA 49 17.39 14.54 14.49
C ASN HA 49 17.35 13.77 13.17
N ASN HA 50 17.85 12.55 13.14
CA ASN HA 50 17.84 11.74 11.92
C ASN HA 50 16.80 10.63 11.96
N LEU HA 51 15.94 10.62 12.97
CA LEU HA 51 14.75 9.80 12.92
C LEU HA 51 13.81 10.35 11.84
N PRO HA 52 12.93 9.51 11.29
CA PRO HA 52 12.06 9.98 10.19
C PRO HA 52 11.19 11.16 10.58
N ALA HA 53 10.87 11.33 11.86
CA ALA HA 53 10.08 12.48 12.29
C ALA HA 53 10.84 13.79 12.15
N TYR HA 54 12.17 13.76 12.16
CA TYR HA 54 12.98 14.98 12.17
C TYR HA 54 14.01 15.07 11.06
N ARG HA 55 14.20 14.03 10.25
CA ARG HA 55 15.27 14.03 9.27
C ARG HA 55 15.10 15.18 8.28
N LYS HA 56 16.19 15.90 8.04
CA LYS HA 56 16.14 17.11 7.21
C LYS HA 56 15.81 16.75 5.76
N GLY HA 57 14.88 17.50 5.16
CA GLY HA 57 14.55 17.36 3.77
C GLY HA 57 13.47 16.35 3.46
N LEU HA 58 13.10 15.50 4.41
CA LEU HA 58 12.09 14.48 4.15
C LEU HA 58 10.72 15.09 3.90
N THR HA 59 10.02 14.58 2.90
CA THR HA 59 8.64 14.96 2.68
C THR HA 59 7.76 14.35 3.77
N PRO HA 60 6.66 15.01 4.12
CA PRO HA 60 5.80 14.48 5.21
C PRO HA 60 5.29 13.08 4.94
N PHE HA 61 5.00 12.74 3.67
CA PHE HA 61 4.55 11.39 3.36
C PHE HA 61 5.65 10.37 3.62
N MET HA 62 6.89 10.70 3.26
CA MET HA 62 7.99 9.77 3.48
C MET HA 62 8.29 9.62 4.97
N ARG HA 63 8.10 10.67 5.75
CA ARG HA 63 8.21 10.55 7.20
C ARG HA 63 7.18 9.55 7.74
N GLY HA 64 5.92 9.71 7.35
CA GLY HA 64 4.88 8.82 7.82
C GLY HA 64 5.06 7.39 7.36
N LEU HA 65 5.61 7.21 6.15
CA LEU HA 65 5.83 5.86 5.64
C LEU HA 65 6.81 5.09 6.52
N GLU HA 66 7.98 5.68 6.78
CA GLU HA 66 8.99 5.00 7.58
C GLU HA 66 8.51 4.75 9.01
N ILE HA 67 7.83 5.72 9.60
CA ILE HA 67 7.28 5.54 10.93
C ILE HA 67 6.23 4.44 10.94
N GLY HA 68 5.35 4.43 9.93
CA GLY HA 68 4.32 3.41 9.88
C GLY HA 68 4.87 2.00 9.71
N MET HA 69 5.86 1.84 8.82
CA MET HA 69 6.44 0.52 8.60
C MET HA 69 7.05 -0.04 9.88
N ALA HA 70 7.76 0.80 10.63
CA ALA HA 70 8.39 0.33 11.86
C ALA HA 70 7.35 -0.03 12.92
N HIS HA 71 6.34 0.82 13.10
CA HIS HA 71 5.38 0.59 14.17
C HIS HA 71 4.41 -0.54 13.84
N GLY HA 72 3.93 -0.59 12.60
CA GLY HA 72 3.05 -1.67 12.21
C GLY HA 72 3.71 -3.03 12.31
N TYR HA 73 5.02 -3.10 12.05
CA TYR HA 73 5.73 -4.36 12.08
C TYR HA 73 5.75 -4.96 13.49
N PHE HA 74 6.10 -4.15 14.49
CA PHE HA 74 6.23 -4.70 15.84
C PHE HA 74 4.90 -4.78 16.58
N LEU HA 75 3.88 -4.06 16.15
CA LEU HA 75 2.60 -4.10 16.84
C LEU HA 75 1.89 -5.44 16.66
N VAL HA 76 2.29 -6.24 15.68
CA VAL HA 76 1.68 -7.55 15.46
C VAL HA 76 2.06 -8.52 16.57
N GLY HA 77 3.30 -8.40 17.07
CA GLY HA 77 3.89 -9.39 17.94
C GLY HA 77 3.18 -9.72 19.24
N PRO HA 78 2.78 -8.70 20.02
CA PRO HA 78 2.25 -9.00 21.36
C PRO HA 78 1.06 -9.97 21.39
N GLU HA 79 0.11 -9.83 20.47
CA GLU HA 79 -1.04 -10.73 20.50
C GLU HA 79 -0.72 -12.12 19.96
N VAL HA 80 0.34 -12.25 19.17
CA VAL HA 80 0.71 -13.56 18.65
C VAL HA 80 1.22 -14.47 19.77
N VAL HA 81 1.98 -13.91 20.70
CA VAL HA 81 2.65 -14.71 21.72
C VAL HA 81 1.77 -14.90 22.96
N VAL HA 82 1.15 -13.84 23.46
CA VAL HA 82 0.39 -13.91 24.70
C VAL HA 82 -1.07 -13.57 24.50
N GLY HA 83 -1.56 -13.59 23.27
CA GLY HA 83 -2.95 -13.32 23.01
C GLY HA 83 -3.83 -14.51 23.30
N PRO HA 84 -5.14 -14.31 23.09
CA PRO HA 84 -6.10 -15.40 23.37
C PRO HA 84 -6.23 -16.41 22.26
N LEU HA 85 -5.59 -16.20 21.11
CA LEU HA 85 -5.56 -17.18 20.03
C LEU HA 85 -4.19 -17.84 19.90
N ARG HA 86 -3.34 -17.71 20.92
CA ARG HA 86 -1.97 -18.21 20.86
C ARG HA 86 -1.89 -19.74 20.85
N GLU HA 87 -2.99 -20.44 21.13
CA GLU HA 87 -2.94 -21.90 21.14
C GLU HA 87 -2.73 -22.48 19.76
N THR HA 88 -3.15 -21.76 18.71
CA THR HA 88 -2.97 -22.20 17.34
C THR HA 88 -2.15 -21.16 16.57
N ALA HA 89 -1.28 -21.65 15.68
CA ALA HA 89 -0.38 -20.75 14.96
C ALA HA 89 -1.16 -19.80 14.05
N HIS HA 90 -2.05 -20.34 13.23
CA HIS HA 90 -2.76 -19.52 12.27
C HIS HA 90 -3.67 -18.50 12.95
N GLY HA 91 -4.37 -18.93 14.00
CA GLY HA 91 -5.25 -18.01 14.71
C GLY HA 91 -4.47 -16.90 15.41
N ALA HA 92 -3.34 -17.24 16.02
CA ALA HA 92 -2.55 -16.24 16.73
C ALA HA 92 -2.03 -15.16 15.77
N ASN HA 93 -1.57 -15.58 14.59
CA ASN HA 93 -1.04 -14.61 13.63
C ASN HA 93 -2.14 -13.69 13.11
N LEU HA 94 -3.33 -14.24 12.87
CA LEU HA 94 -4.45 -13.41 12.42
C LEU HA 94 -4.84 -12.38 13.48
N SER HA 95 -4.88 -12.80 14.74
CA SER HA 95 -5.23 -11.87 15.82
C SER HA 95 -4.19 -10.77 15.97
N GLY HA 96 -2.91 -11.10 15.77
CA GLY HA 96 -1.88 -10.07 15.83
C GLY HA 96 -1.99 -9.05 14.71
N LEU HA 97 -2.27 -9.53 13.49
CA LEU HA 97 -2.45 -8.62 12.37
C LEU HA 97 -3.67 -7.72 12.57
N ILE HA 98 -4.77 -8.29 13.06
CA ILE HA 98 -5.98 -7.50 13.28
C ILE HA 98 -5.75 -6.45 14.36
N THR HA 99 -5.05 -6.82 15.43
CA THR HA 99 -4.77 -5.86 16.50
C THR HA 99 -3.95 -4.69 15.98
N ALA HA 100 -2.93 -4.97 15.16
CA ALA HA 100 -2.13 -3.91 14.58
C ALA HA 100 -2.96 -3.02 13.68
N ILE HA 101 -3.85 -3.62 12.89
CA ILE HA 101 -4.70 -2.83 11.98
C ILE HA 101 -5.64 -1.93 12.78
N TYR HA 102 -6.27 -2.48 13.82
CA TYR HA 102 -7.19 -1.70 14.63
C TYR HA 102 -6.49 -0.54 15.32
N ILE HA 103 -5.31 -0.80 15.89
CA ILE HA 103 -4.57 0.26 16.58
C ILE HA 103 -4.13 1.34 15.60
N ALA HA 104 -3.59 0.92 14.44
CA ALA HA 104 -3.08 1.88 13.47
C ALA HA 104 -4.20 2.71 12.86
N VAL HA 105 -5.33 2.09 12.55
CA VAL HA 105 -6.46 2.83 12.00
C VAL HA 105 -7.00 3.82 13.03
N SER HA 106 -7.07 3.40 14.30
CA SER HA 106 -7.51 4.31 15.36
C SER HA 106 -6.53 5.48 15.50
N ALA HA 107 -5.23 5.19 15.43
CA ALA HA 107 -4.22 6.25 15.52
C ALA HA 107 -4.33 7.21 14.34
N CYS HA 108 -4.56 6.67 13.14
CA CYS HA 108 -4.70 7.53 11.96
C CYS HA 108 -5.97 8.36 12.01
N LEU HA 109 -7.04 7.81 12.58
CA LEU HA 109 -8.25 8.60 12.81
C LEU HA 109 -7.96 9.75 13.77
N GLY HA 110 -7.18 9.48 14.82
CA GLY HA 110 -6.79 10.54 15.73
C GLY HA 110 -5.93 11.59 15.07
N ILE HA 111 -5.04 11.18 14.16
CA ILE HA 111 -4.22 12.13 13.43
C ILE HA 111 -5.07 13.02 12.54
N SER HA 112 -6.07 12.42 11.88
CA SER HA 112 -6.95 13.20 11.01
C SER HA 112 -7.71 14.25 11.80
N ILE HA 113 -8.34 13.86 12.91
CA ILE HA 113 -9.12 14.82 13.69
C ILE HA 113 -8.22 15.80 14.42
N PHE HA 114 -6.96 15.43 14.68
CA PHE HA 114 -6.00 16.41 15.20
C PHE HA 114 -5.77 17.51 14.18
N ALA HA 115 -5.57 17.14 12.91
CA ALA HA 115 -5.36 18.14 11.86
C ALA HA 115 -6.61 18.98 11.63
N ILE HA 116 -7.78 18.36 11.71
CA ILE HA 116 -9.04 19.08 11.48
C ILE HA 116 -9.22 20.18 12.51
N THR HA 117 -8.98 19.85 13.79
CA THR HA 117 -9.25 20.78 14.87
C THR HA 117 -8.11 21.75 15.15
N THR HA 118 -6.86 21.32 14.98
CA THR HA 118 -5.73 22.19 15.28
C THR HA 118 -5.64 23.35 14.30
N PHE HA 119 -5.77 23.07 13.00
CA PHE HA 119 -5.47 24.06 11.97
C PHE HA 119 -6.75 24.77 11.53
N GLN HA 120 -7.29 25.57 12.45
CA GLN HA 120 -8.36 26.51 12.15
C GLN HA 120 -7.85 27.91 12.46
N GLY HA 121 -7.84 28.77 11.45
CA GLY HA 121 -7.26 30.10 11.64
C GLY HA 121 -5.80 29.99 12.03
N ASP HA 122 -5.42 30.76 13.05
CA ASP HA 122 -4.09 30.64 13.62
C ASP HA 122 -4.14 29.57 14.72
N PRO HA 123 -3.45 28.45 14.57
CA PRO HA 123 -3.58 27.37 15.55
C PRO HA 123 -3.12 27.80 16.93
N ARG HA 124 -3.79 27.25 17.95
CA ARG HA 124 -3.42 27.51 19.33
C ARG HA 124 -2.13 26.77 19.69
N GLY HA 125 -1.47 27.25 20.74
CA GLY HA 125 -0.36 26.52 21.32
C GLY HA 125 0.86 26.46 20.42
N ALA HA 126 1.50 25.30 20.40
CA ALA HA 126 2.80 25.12 19.75
C ALA HA 126 2.73 25.17 18.23
N TYR HA 127 1.54 25.16 17.64
CA TYR HA 127 1.39 25.19 16.20
C TYR HA 127 0.95 26.56 15.68
N GLY HA 128 1.02 27.59 16.51
CA GLY HA 128 0.77 28.93 16.04
C GLY HA 128 1.89 29.44 15.16
N SER HA 129 1.61 30.54 14.46
CA SER HA 129 2.60 31.11 13.54
C SER HA 129 3.81 31.65 14.28
N THR HA 130 3.63 32.17 15.50
CA THR HA 130 4.71 32.74 16.26
C THR HA 130 5.40 31.74 17.19
N SER HA 131 4.94 30.49 17.21
CA SER HA 131 5.59 29.48 18.02
C SER HA 131 6.94 29.09 17.44
N LYS HA 132 7.88 28.76 18.33
CA LYS HA 132 9.23 28.34 17.96
C LYS HA 132 9.55 26.98 18.56
N ASP HA 133 8.57 26.08 18.56
CA ASP HA 133 8.76 24.73 19.10
C ASP HA 133 9.55 23.90 18.10
N SER HA 134 10.85 23.72 18.36
CA SER HA 134 11.70 22.96 17.45
C SER HA 134 11.33 21.47 17.43
N LEU HA 135 10.69 20.97 18.48
CA LEU HA 135 10.30 19.57 18.53
C LEU HA 135 9.02 19.28 17.76
N ARG HA 136 8.34 20.29 17.25
CA ARG HA 136 7.07 20.13 16.53
C ARG HA 136 7.16 20.91 15.23
N PRO HA 137 7.85 20.36 14.22
CA PRO HA 137 8.11 21.12 12.99
C PRO HA 137 7.03 21.08 11.93
N LEU HA 138 6.03 20.20 12.04
CA LEU HA 138 4.99 20.10 11.03
C LEU HA 138 3.96 21.19 11.27
N ARG HA 139 4.21 22.36 10.70
CA ARG HA 139 3.43 23.56 10.99
C ARG HA 139 2.28 23.80 10.02
N ASN HA 140 2.07 22.92 9.05
CA ASN HA 140 1.04 23.12 8.04
C ASN HA 140 0.06 21.96 8.05
N ARG HA 141 -1.21 22.28 7.77
CA ARG HA 141 -2.24 21.25 7.74
C ARG HA 141 -1.98 20.21 6.66
N ASP HA 142 -1.53 20.66 5.48
CA ASP HA 142 -1.25 19.73 4.39
C ASP HA 142 -0.12 18.76 4.75
N GLU HA 143 0.85 19.22 5.54
CA GLU HA 143 1.91 18.32 5.99
C GLU HA 143 1.36 17.21 6.87
N TRP HA 144 0.37 17.52 7.70
CA TRP HA 144 -0.18 16.51 8.60
C TRP HA 144 -0.98 15.46 7.84
N TYR HA 145 -1.68 15.85 6.79
CA TYR HA 145 -2.43 14.88 5.99
C TYR HA 145 -1.49 14.01 5.16
N GLN HA 146 -0.42 14.59 4.63
CA GLN HA 146 0.58 13.79 3.95
C GLN HA 146 1.25 12.82 4.93
N LEU HA 147 1.52 13.28 6.15
CA LEU HA 147 2.05 12.40 7.18
C LEU HA 147 1.09 11.25 7.46
N ASN HA 148 -0.21 11.57 7.59
CA ASN HA 148 -1.19 10.55 7.94
C ASN HA 148 -1.31 9.48 6.87
N GLY HA 149 -1.28 9.89 5.60
CA GLY HA 149 -1.32 8.92 4.52
C GLY HA 149 -0.14 7.96 4.55
N GLY HA 150 1.05 8.49 4.83
CA GLY HA 150 2.21 7.64 4.99
C GLY HA 150 2.12 6.74 6.21
N ILE HA 151 1.56 7.25 7.31
CA ILE HA 151 1.43 6.46 8.52
C ILE HA 151 0.52 5.26 8.29
N PHE HA 152 -0.64 5.51 7.67
CA PHE HA 152 -1.60 4.42 7.46
C PHE HA 152 -1.03 3.36 6.51
N LEU HA 153 -0.54 3.78 5.35
CA LEU HA 153 -0.03 2.82 4.38
C LEU HA 153 1.20 2.10 4.91
N GLY HA 154 2.08 2.82 5.61
CA GLY HA 154 3.24 2.17 6.19
C GLY HA 154 2.87 1.18 7.27
N ALA HA 155 1.95 1.55 8.15
CA ALA HA 155 1.54 0.66 9.24
C ALA HA 155 0.87 -0.60 8.70
N MET HA 156 0.01 -0.44 7.70
CA MET HA 156 -0.63 -1.61 7.08
C MET HA 156 0.41 -2.52 6.43
N GLY HA 157 1.35 -1.93 5.71
CA GLY HA 157 2.38 -2.73 5.06
C GLY HA 157 3.29 -3.44 6.05
N GLY HA 158 3.70 -2.73 7.10
CA GLY HA 158 4.56 -3.34 8.11
C GLY HA 158 3.85 -4.45 8.87
N ALA HA 159 2.57 -4.24 9.19
CA ALA HA 159 1.80 -5.26 9.88
C ALA HA 159 1.64 -6.50 9.01
N VAL HA 160 1.37 -6.30 7.71
CA VAL HA 160 1.23 -7.44 6.80
C VAL HA 160 2.56 -8.15 6.62
N PHE HA 161 3.67 -7.39 6.58
CA PHE HA 161 4.97 -8.01 6.45
C PHE HA 161 5.28 -8.92 7.63
N ALA HA 162 5.00 -8.45 8.85
CA ALA HA 162 5.17 -9.29 10.02
C ALA HA 162 4.21 -10.48 9.97
N TYR HA 163 2.97 -10.25 9.52
CA TYR HA 163 2.00 -11.33 9.43
C TYR HA 163 2.44 -12.39 8.42
N LEU HA 164 2.99 -11.97 7.28
CA LEU HA 164 3.44 -12.93 6.28
C LEU HA 164 4.61 -13.76 6.79
N LEU HA 165 5.54 -13.12 7.50
CA LEU HA 165 6.68 -13.86 8.05
C LEU HA 165 6.23 -14.86 9.11
N LEU HA 166 5.27 -14.48 9.95
CA LEU HA 166 4.79 -15.39 10.98
C LEU HA 166 3.94 -16.50 10.39
N GLU HA 167 3.13 -16.19 9.38
CA GLU HA 167 2.37 -17.22 8.67
C GLU HA 167 3.31 -18.25 8.04
N ASN HA 168 4.48 -17.80 7.59
CA ASN HA 168 5.47 -18.66 6.96
C ASN HA 168 6.62 -18.99 7.89
N PHE HA 169 6.35 -19.13 9.19
CA PHE HA 169 7.43 -19.38 10.15
C PHE HA 169 8.10 -20.72 9.88
N ASP HA 170 7.31 -21.75 9.56
CA ASP HA 170 7.90 -23.07 9.29
C ASP HA 170 8.78 -23.04 8.05
N ALA HA 171 8.32 -22.37 6.99
CA ALA HA 171 9.13 -22.26 5.79
C ALA HA 171 10.37 -21.42 6.04
N LEU HA 172 10.23 -20.32 6.79
CA LEU HA 172 11.37 -19.45 7.06
C LEU HA 172 12.38 -20.13 7.98
N ASP HA 173 11.90 -20.95 8.92
CA ASP HA 173 12.81 -21.68 9.79
C ASP HA 173 13.67 -22.66 9.00
N SER HA 174 13.05 -23.38 8.06
CA SER HA 174 13.82 -24.23 7.16
C SER HA 174 14.73 -23.40 6.27
N ILE HA 175 14.26 -22.23 5.85
CA ILE HA 175 15.06 -21.34 5.03
C ILE HA 175 16.33 -20.93 5.76
N LEU HA 176 16.20 -20.52 7.01
CA LEU HA 176 17.34 -19.99 7.75
C LEU HA 176 18.21 -21.10 8.35
N ARG HA 177 17.82 -22.35 8.23
CA ARG HA 177 18.63 -23.48 8.67
C ARG HA 177 19.17 -24.31 7.51
N GLY HA 178 18.90 -23.92 6.27
CA GLY HA 178 19.37 -24.68 5.12
C GLY HA 178 18.59 -25.93 4.83
N GLY HA 179 17.42 -26.13 5.45
CA GLY HA 179 16.62 -27.31 5.19
C GLY HA 179 15.98 -27.35 3.82
N VAL HA 180 15.97 -26.23 3.11
CA VAL HA 180 15.43 -26.19 1.75
C VAL HA 180 16.42 -26.70 0.71
N ASN HA 181 17.62 -27.09 1.12
CA ASN HA 181 18.64 -27.58 0.21
C ASN HA 181 18.73 -29.10 0.20
N VAL HA 182 17.79 -29.78 0.86
CA VAL HA 182 17.75 -31.24 0.80
C VAL HA 182 17.44 -31.71 -0.61
N ASN HA 183 16.46 -31.08 -1.25
CA ASN HA 183 16.08 -31.43 -2.62
C ASN HA 183 16.18 -30.21 -3.53
N MET IA 2 -43.36 -19.67 21.75
CA MET IA 2 -42.79 -19.31 20.46
C MET IA 2 -42.57 -17.80 20.36
N ASN IA 3 -41.31 -17.41 20.23
CA ASN IA 3 -40.95 -16.00 20.13
C ASN IA 3 -41.21 -15.50 18.71
N ILE IA 4 -40.95 -14.20 18.49
CA ILE IA 4 -41.22 -13.60 17.20
C ILE IA 4 -40.26 -14.15 16.15
N SER IA 5 -40.62 -13.95 14.88
CA SER IA 5 -39.90 -14.51 13.76
C SER IA 5 -38.90 -13.51 13.20
N ASP IA 6 -38.20 -13.92 12.14
CA ASP IA 6 -37.22 -13.03 11.49
C ASP IA 6 -37.90 -11.79 10.94
N THR IA 7 -39.05 -11.96 10.28
CA THR IA 7 -39.73 -10.83 9.67
C THR IA 7 -40.17 -9.81 10.70
N GLN IA 8 -40.65 -10.28 11.86
CA GLN IA 8 -41.09 -9.35 12.90
C GLN IA 8 -39.92 -8.52 13.43
N VAL IA 9 -38.75 -9.14 13.58
CA VAL IA 9 -37.58 -8.39 14.03
C VAL IA 9 -37.19 -7.33 12.99
N PHE IA 10 -37.19 -7.71 11.72
CA PHE IA 10 -36.84 -6.76 10.66
C PHE IA 10 -37.87 -5.64 10.55
N VAL IA 11 -39.15 -5.97 10.72
CA VAL IA 11 -40.19 -4.94 10.68
C VAL IA 11 -40.00 -3.95 11.83
N ALA IA 12 -39.69 -4.45 13.02
CA ALA IA 12 -39.46 -3.56 14.15
C ALA IA 12 -38.26 -2.65 13.91
N LEU IA 13 -37.21 -3.17 13.28
CA LEU IA 13 -36.05 -2.35 12.96
C LEU IA 13 -36.40 -1.23 12.00
N VAL IA 14 -37.22 -1.53 10.98
CA VAL IA 14 -37.62 -0.51 10.02
C VAL IA 14 -38.54 0.51 10.68
N VAL IA 15 -39.47 0.04 11.51
CA VAL IA 15 -40.39 0.94 12.19
C VAL IA 15 -39.63 1.88 13.13
N ALA IA 16 -38.61 1.36 13.81
CA ALA IA 16 -37.83 2.17 14.73
C ALA IA 16 -37.09 3.30 14.03
N LEU IA 17 -36.93 3.23 12.71
CA LEU IA 17 -36.32 4.33 11.98
C LEU IA 17 -37.17 5.59 12.06
N LEU IA 18 -38.49 5.45 12.13
CA LEU IA 18 -39.35 6.63 12.20
C LEU IA 18 -39.12 7.45 13.46
N PRO IA 19 -39.15 6.89 14.68
CA PRO IA 19 -38.75 7.70 15.84
C PRO IA 19 -37.29 8.09 15.81
N GLY IA 20 -36.44 7.31 15.14
CA GLY IA 20 -35.03 7.69 15.05
C GLY IA 20 -34.82 8.98 14.28
N LEU IA 21 -35.47 9.09 13.12
CA LEU IA 21 -35.36 10.32 12.32
C LEU IA 21 -36.04 11.49 13.01
N LEU IA 22 -37.18 11.25 13.64
CA LEU IA 22 -37.87 12.32 14.35
C LEU IA 22 -37.10 12.79 15.57
N ALA IA 23 -36.35 11.89 16.20
CA ALA IA 23 -35.49 12.29 17.32
C ALA IA 23 -34.40 13.23 16.84
N PHE IA 24 -33.81 12.94 15.68
CA PHE IA 24 -32.80 13.84 15.12
C PHE IA 24 -33.40 15.19 14.79
N ARG IA 25 -34.62 15.21 14.25
CA ARG IA 25 -35.27 16.47 13.92
C ARG IA 25 -35.56 17.30 15.17
N LEU IA 26 -36.04 16.65 16.23
CA LEU IA 26 -36.30 17.37 17.47
C LEU IA 26 -35.00 17.86 18.12
N ALA IA 27 -33.96 17.03 18.10
CA ALA IA 27 -32.70 17.42 18.72
C ALA IA 27 -32.08 18.64 18.02
N THR IA 28 -32.09 18.63 16.69
CA THR IA 28 -31.54 19.77 15.95
C THR IA 28 -32.41 21.02 16.13
N GLU IA 29 -33.72 20.84 16.21
CA GLU IA 29 -34.61 21.98 16.43
C GLU IA 29 -34.39 22.58 17.81
N LEU IA 30 -34.20 21.74 18.82
CA LEU IA 30 -33.91 22.25 20.17
C LEU IA 30 -32.56 22.93 20.23
N TYR IA 31 -31.62 22.52 19.37
CA TYR IA 31 -30.29 23.14 19.36
C TYR IA 31 -30.36 24.56 18.84
N LYS IA 32 -31.35 24.88 18.02
CA LYS IA 32 -31.49 26.21 17.45
C LYS IA 32 -31.70 27.27 18.53
N ALA JA 1 -49.39 37.31 76.12
CA ALA JA 1 -50.58 37.00 75.34
C ALA JA 1 -51.01 35.55 75.57
N PRO JA 2 -52.32 35.30 75.60
CA PRO JA 2 -52.81 33.93 75.78
C PRO JA 2 -52.74 33.09 74.52
N PHE JA 3 -52.61 33.71 73.34
CA PHE JA 3 -52.57 33.02 72.05
C PHE JA 3 -53.80 32.14 71.90
N PRO JA 4 -54.99 32.72 71.70
CA PRO JA 4 -56.21 31.89 71.65
C PRO JA 4 -56.21 30.89 70.50
N PHE JA 5 -55.96 31.33 69.27
CA PHE JA 5 -56.01 30.41 68.14
C PHE JA 5 -54.94 29.35 68.23
N ARG JA 6 -53.74 29.72 68.70
CA ARG JA 6 -52.66 28.75 68.85
C ARG JA 6 -53.03 27.67 69.86
N THR JA 7 -53.58 28.06 71.01
CA THR JA 7 -53.87 27.11 72.06
C THR JA 7 -55.12 26.27 71.79
N ILE JA 8 -56.06 26.78 70.99
CA ILE JA 8 -57.25 26.00 70.67
C ILE JA 8 -56.90 24.84 69.76
N VAL JA 9 -56.12 25.10 68.71
CA VAL JA 9 -55.68 24.03 67.81
C VAL JA 9 -54.76 23.06 68.54
N SER JA 10 -53.88 23.59 69.40
CA SER JA 10 -52.97 22.73 70.14
C SER JA 10 -53.73 21.79 71.08
N LEU JA 11 -54.75 22.30 71.76
CA LEU JA 11 -55.52 21.46 72.68
C LEU JA 11 -56.36 20.44 71.93
N ILE JA 12 -56.86 20.79 70.75
CA ILE JA 12 -57.62 19.82 69.94
C ILE JA 12 -56.70 18.69 69.49
N LEU JA 13 -55.50 19.03 69.01
CA LEU JA 13 -54.55 18.00 68.60
C LEU JA 13 -54.13 17.14 69.78
N LEU JA 14 -53.90 17.76 70.94
CA LEU JA 14 -53.56 17.00 72.14
C LEU JA 14 -54.72 16.11 72.58
N ALA JA 15 -55.95 16.56 72.38
CA ALA JA 15 -57.11 15.74 72.72
C ALA JA 15 -57.15 14.48 71.88
N GLY JA 16 -56.78 14.59 70.60
CA GLY JA 16 -56.69 13.40 69.76
C GLY JA 16 -55.65 12.41 70.26
N ASN JA 17 -54.49 12.91 70.70
CA ASN JA 17 -53.46 12.04 71.23
C ASN JA 17 -53.93 11.35 72.51
N ILE JA 18 -54.63 12.09 73.38
CA ILE JA 18 -55.14 11.51 74.61
C ILE JA 18 -56.22 10.48 74.31
N LEU JA 19 -57.10 10.78 73.35
CA LEU JA 19 -58.17 9.85 73.00
C LEU JA 19 -57.60 8.55 72.43
N VAL JA 20 -56.59 8.66 71.57
CA VAL JA 20 -55.93 7.45 71.04
C VAL JA 20 -55.25 6.69 72.16
N ALA JA 21 -54.66 7.40 73.12
CA ALA JA 21 -54.02 6.74 74.25
C ALA JA 21 -55.04 6.05 75.15
N ALA JA 22 -56.29 6.53 75.16
CA ALA JA 22 -57.33 5.87 75.95
C ALA JA 22 -57.67 4.51 75.36
N ILE JA 23 -57.83 4.43 74.04
CA ILE JA 23 -58.05 3.14 73.39
C ILE JA 23 -56.80 2.28 73.52
N TYR JA 24 -55.62 2.90 73.40
CA TYR JA 24 -54.36 2.17 73.46
C TYR JA 24 -54.16 1.51 74.82
N PHE JA 25 -54.57 2.18 75.89
CA PHE JA 25 -54.40 1.68 77.24
C PHE JA 25 -55.61 0.91 77.74
N HIS JA 26 -56.57 0.62 76.87
CA HIS JA 26 -57.79 -0.14 77.18
C HIS JA 26 -58.66 0.56 78.22
N ILE JA 27 -58.54 1.89 78.34
CA ILE JA 27 -59.45 2.64 79.19
C ILE JA 27 -60.85 2.66 78.60
N ILE JA 28 -60.95 2.85 77.29
CA ILE JA 28 -62.22 2.85 76.58
C ILE JA 28 -62.11 1.90 75.39
N ASN JA 29 -63.27 1.56 74.83
CA ASN JA 29 -63.32 0.66 73.68
C ASN JA 29 -64.28 1.19 72.61
MG CL0 KA . 51.16 -24.66 -13.72
CHA CL0 KA . 50.24 -23.91 -16.98
CHB CL0 KA . 52.09 -21.43 -13.24
CHC CL0 KA . 51.65 -25.37 -10.40
CHD CL0 KA . 50.16 -28.01 -14.27
NA CL0 KA . 51.21 -22.99 -14.95
C1A CL0 KA . 50.75 -22.85 -16.27
C2A CL0 KA . 50.99 -21.44 -16.78
C3A CL0 KA . 51.90 -20.83 -15.70
C4A CL0 KA . 51.72 -21.78 -14.52
CMA CL0 KA . 53.33 -20.87 -16.17
CAA CL0 KA . 49.68 -20.67 -16.85
CBA CL0 KA . 49.88 -19.25 -17.36
CGA CL0 KA . 48.57 -18.52 -17.40
O1A CL0 KA . 48.35 -17.35 -17.71
O2A CL0 KA . 47.50 -19.30 -17.04
NB CL0 KA . 51.79 -23.60 -12.12
C1B CL0 KA . 52.00 -22.26 -12.11
C2B CL0 KA . 52.18 -21.79 -10.70
C3B CL0 KA . 52.05 -22.91 -9.90
C4B CL0 KA . 51.82 -24.07 -10.80
CMB CL0 KA . 52.43 -20.41 -10.33
CAB CL0 KA . 52.15 -23.06 -8.47
CBB CL0 KA . 53.11 -22.56 -7.70
NC CL0 KA . 51.02 -26.40 -12.57
C1C CL0 KA . 51.30 -26.46 -11.23
C2C CL0 KA . 51.10 -27.82 -10.75
C3C CL0 KA . 50.64 -28.56 -11.84
C4C CL0 KA . 50.58 -27.66 -12.97
CMC CL0 KA . 51.33 -28.26 -9.37
CAC CL0 KA . 50.31 -30.00 -11.85
CBC CL0 KA . 51.53 -30.85 -12.11
ND CL0 KA . 50.51 -25.78 -15.26
C1D CL0 KA . 50.09 -27.14 -15.34
C2D CL0 KA . 49.62 -27.43 -16.71
C3D CL0 KA . 49.66 -26.22 -17.39
C4D CL0 KA . 50.19 -25.23 -16.43
CMD CL0 KA . 49.18 -28.74 -17.19
CAD CL0 KA . 49.45 -25.54 -18.65
OBD CL0 KA . 49.13 -26.00 -19.74
CBD CL0 KA . 49.71 -24.01 -18.39
CGD CL0 KA . 48.43 -23.25 -18.54
O1D CL0 KA . 47.39 -23.36 -17.88
O2D CL0 KA . 48.45 -22.33 -19.55
CED CL0 KA . 47.22 -21.63 -19.82
C1 CL0 KA . 46.20 -18.82 -17.42
C2 CL0 KA . 45.22 -19.61 -16.64
C3 CL0 KA . 44.18 -20.26 -17.18
C4 CL0 KA . 43.92 -20.24 -18.64
C5 CL0 KA . 43.22 -21.03 -16.34
C6 CL0 KA . 43.25 -22.52 -16.64
C7 CL0 KA . 42.91 -23.33 -15.42
C8 CL0 KA . 41.49 -23.05 -14.93
C9 CL0 KA . 41.20 -23.83 -13.66
C10 CL0 KA . 40.47 -23.43 -15.99
C11 CL0 KA . 39.09 -22.94 -15.60
C12 CL0 KA . 38.11 -23.09 -16.75
C13 CL0 KA . 36.79 -22.38 -16.51
C14 CL0 KA . 35.87 -22.57 -17.70
C15 CL0 KA . 36.95 -20.89 -16.22
C16 CL0 KA . 37.58 -20.16 -17.40
C17 CL0 KA . 37.40 -18.67 -17.33
C18 CL0 KA . 38.12 -17.96 -18.47
C19 CL0 KA . 37.76 -16.48 -18.50
C20 CL0 KA . 39.61 -18.13 -18.36
CAA F6C LA . 41.12 -18.44 -10.83
CAB F6C LA . 38.96 -12.17 -16.89
CAC F6C LA . 46.66 -12.98 -18.12
CAD F6C LA . 45.94 -18.36 -11.99
NA F6C LA . 41.70 -17.17 -13.92
CBA F6C LA . 40.65 -19.56 -9.93
CBB F6C LA . 37.75 -11.61 -16.77
CBC F6C LA . 47.14 -13.85 -19.26
CBD F6C LA . 44.48 -18.90 -11.85
NB F6C LA . 40.87 -15.23 -15.99
OBD F6C LA . 46.82 -18.65 -11.20
CGA F6C LA . 39.16 -19.49 -9.81
CGD F6C LA . 44.41 -20.36 -12.19
ND F6C LA . 44.45 -16.32 -14.48
CED F6C LA . 44.72 -22.52 -11.25
CHA F6C LA . 43.65 -18.07 -12.79
CHB F6C LA . 39.40 -16.60 -14.56
CHC F6C LA . 41.69 -13.37 -17.40
CHD F6C LA . 46.03 -15.09 -15.88
CMA F6C LA . 39.52 -19.74 -13.91
CMB F6C LA . 37.41 -14.37 -14.97
CMC F6C LA . 43.81 -11.93 -19.12
CMD F6C LA . 48.18 -16.54 -14.04
OMB F6C LA . 36.42 -14.61 -15.67
C1 F6C LA . 37.24 -20.45 -8.77
C1A F6C LA . 42.30 -18.04 -13.00
C1B F6C LA . 39.70 -15.48 -15.35
C1C F6C LA . 43.08 -13.63 -17.33
C1D F6C LA . 45.77 -16.00 -14.87
O1A F6C LA . 38.38 -18.70 -10.33
O1D F6C LA . 44.48 -20.87 -13.32
C2 F6C LA . 36.98 -19.47 -7.69
C2A F6C LA . 41.24 -18.87 -12.27
C2B F6C LA . 38.74 -14.36 -15.56
C2C F6C LA . 44.09 -12.94 -18.11
C2D F6C LA . 46.72 -16.70 -14.00
O2A F6C LA . 38.65 -20.48 -9.01
O2D F6C LA . 44.25 -21.18 -11.12
C3 F6C LA . 36.12 -19.75 -6.70
C3A F6C LA . 39.95 -18.56 -13.07
C3B F6C LA . 39.37 -13.44 -16.36
C3C F6C LA . 45.33 -13.39 -17.64
C3D F6C LA . 45.96 -17.45 -13.12
C4 F6C LA . 35.39 -21.04 -6.66
C4A F6C LA . 40.35 -17.36 -13.91
C4B F6C LA . 40.73 -13.99 -16.65
C4C F6C LA . 45.06 -14.39 -16.62
C4D F6C LA . 44.56 -17.24 -13.51
C5 F6C LA . 35.86 -18.77 -5.61
C6 F6C LA . 34.53 -18.07 -5.78
C7 F6C LA . 34.48 -16.77 -5.00
C8 F6C LA . 33.22 -15.98 -5.30
C9 F6C LA . 33.19 -15.58 -6.76
C10 F6C LA . 33.11 -14.75 -4.41
C11 F6C LA . 31.67 -14.36 -4.20
C12 F6C LA . 31.54 -13.19 -3.23
C13 F6C LA . 31.81 -13.61 -1.80
C14 F6C LA . 31.07 -14.89 -1.46
C15 F6C LA . 31.47 -12.51 -0.81
NC F6C LA . 43.68 -14.52 -16.47
MG F6C LA . 42.63 -15.81 -15.20
C16 F6C LA . 31.66 -12.97 0.62
C17 F6C LA . 31.86 -11.79 1.56
C18 F6C LA . 30.71 -11.65 2.56
C19 F6C LA . 30.53 -12.93 3.35
C20 F6C LA . 30.98 -10.50 3.50
MG CLA MA . 63.65 -10.86 -9.69
CHA CLA MA . 66.49 -9.20 -8.59
CHB CLA MA . 65.60 -13.34 -10.95
CHC CLA MA . 60.80 -12.65 -10.38
CHD CLA MA . 61.68 -8.27 -8.30
NA CLA MA . 65.71 -11.15 -9.81
C1A CLA MA . 66.73 -10.37 -9.25
C2A CLA MA . 68.10 -10.95 -9.57
C3A CLA MA . 67.77 -12.08 -10.58
C4A CLA MA . 66.25 -12.23 -10.44
CMA CLA MA . 68.17 -11.69 -11.97
CAA CLA MA . 68.72 -11.47 -8.29
CBA CLA MA . 68.90 -12.98 -8.26
CGA CLA MA . 70.14 -13.33 -9.03
O1A CLA MA . 71.04 -12.58 -9.38
O2A CLA MA . 70.21 -14.65 -9.36
NB CLA MA . 63.27 -12.64 -10.52
C1B CLA MA . 64.22 -13.55 -10.90
C2B CLA MA . 63.56 -14.83 -11.28
C3B CLA MA . 62.20 -14.65 -11.12
C4B CLA MA . 62.00 -13.25 -10.65
CMB CLA MA . 64.34 -15.99 -11.74
CAB CLA MA . 61.08 -15.53 -11.35
CBB CLA MA . 61.12 -16.83 -11.61
NC CLA MA . 61.62 -10.47 -9.46
C1C CLA MA . 60.62 -11.34 -9.86
C2C CLA MA . 59.32 -10.74 -9.57
C3C CLA MA . 59.56 -9.53 -8.93
C4C CLA MA . 61.01 -9.37 -8.86
CMC CLA MA . 58.03 -11.34 -9.90
CAC CLA MA . 58.57 -8.56 -8.47
CBC CLA MA . 58.42 -7.39 -9.42
ND CLA MA . 63.95 -9.05 -8.83
C1D CLA MA . 63.04 -8.11 -8.26
C2D CLA MA . 63.82 -6.99 -7.67
C3D CLA MA . 65.15 -7.37 -7.76
C4D CLA MA . 65.17 -8.66 -8.45
CMD CLA MA . 63.22 -5.81 -7.07
CAD CLA MA . 66.53 -6.99 -7.51
OBD CLA MA . 67.00 -5.94 -7.09
CBD CLA MA . 67.42 -8.21 -7.91
CGD CLA MA . 68.63 -7.85 -8.73
O1D CLA MA . 68.66 -7.45 -9.90
O2D CLA MA . 69.80 -7.99 -8.05
CED CLA MA . 71.00 -8.10 -8.81
C1 CLA MA . 71.04 -14.96 -10.50
C2 CLA MA . 70.26 -14.61 -11.72
C3 CLA MA . 69.24 -15.35 -12.17
C4 CLA MA . 68.81 -16.59 -11.49
C5 CLA MA . 68.48 -14.96 -13.39
C6 CLA MA . 68.42 -16.07 -14.42
C7 CLA MA . 69.72 -16.19 -15.19
C8 CLA MA . 69.55 -17.10 -16.41
C9 CLA MA . 69.00 -18.45 -15.97
C10 CLA MA . 70.86 -17.28 -17.16
C11 CLA MA . 70.63 -18.00 -18.47
C12 CLA MA . 71.61 -17.58 -19.54
C13 CLA MA . 71.22 -18.09 -20.91
C14 CLA MA . 72.40 -18.09 -21.86
C15 CLA MA . 70.07 -17.29 -21.51
C16 CLA MA . 69.51 -17.97 -22.74
C17 CLA MA . 69.52 -17.07 -23.95
C18 CLA MA . 68.35 -16.10 -23.96
C19 CLA MA . 68.82 -14.68 -23.75
C20 CLA MA . 67.59 -16.21 -25.28
MG CLA NA . 72.45 -8.13 -33.24
CHA CLA NA . 73.90 -7.10 -30.27
CHB CLA NA . 71.01 -10.75 -31.62
CHC CLA NA . 71.03 -9.11 -36.22
CHD CLA NA . 74.02 -5.42 -34.90
NA CLA NA . 72.46 -8.78 -31.26
C1A CLA NA . 73.12 -8.21 -30.17
C2A CLA NA . 72.84 -8.99 -28.89
C3A CLA NA . 72.00 -10.19 -29.37
C4A CLA NA . 71.78 -9.90 -30.85
CMA CLA NA . 72.70 -11.50 -29.15
CAA CLA NA . 72.01 -8.14 -27.96
CBA CLA NA . 71.89 -8.75 -26.58
CGA CLA NA . 72.87 -8.08 -25.67
O1A CLA NA . 73.49 -7.03 -25.84
O2A CLA NA . 73.07 -8.78 -24.51
NB CLA NA . 71.25 -9.65 -33.82
C1B CLA NA . 70.77 -10.62 -33.00
C2B CLA NA . 69.91 -11.55 -33.78
C3B CLA NA . 69.90 -11.10 -35.08
C4B CLA NA . 70.76 -9.88 -35.12
CMB CLA NA . 69.24 -12.71 -33.19
CAB CLA NA . 69.23 -11.65 -36.22
CBB CLA NA . 69.74 -11.85 -37.44
NC CLA NA . 72.52 -7.39 -35.20
C1C CLA NA . 71.86 -7.95 -36.26
C2C CLA NA . 72.12 -7.18 -37.46
C3C CLA NA . 72.97 -6.13 -37.10
C4C CLA NA . 73.21 -6.27 -35.67
CMC CLA NA . 71.58 -7.50 -38.78
CAC CLA NA . 73.52 -5.09 -37.97
CBC CLA NA . 74.79 -5.52 -38.66
ND CLA NA . 73.65 -6.57 -32.77
C1D CLA NA . 74.24 -5.54 -33.54
C2D CLA NA . 75.08 -4.70 -32.66
C3D CLA NA . 74.99 -5.24 -31.39
C4D CLA NA . 74.10 -6.41 -31.52
CMD CLA NA . 75.84 -3.52 -33.10
CAD CLA NA . 75.41 -5.16 -30.01
OBD CLA NA . 76.13 -4.33 -29.46
CBD CLA NA . 74.75 -6.35 -29.25
CGD CLA NA . 75.77 -7.27 -28.66
O1D CLA NA . 76.38 -8.20 -29.20
O2D CLA NA . 76.04 -7.02 -27.34
CED CLA NA . 76.91 -7.94 -26.67
C1 CLA NA . 74.39 -9.32 -24.29
C2 CLA NA . 75.16 -8.25 -23.61
C3 CLA NA . 76.13 -8.51 -22.72
C4 CLA NA . 76.88 -7.41 -22.07
C5 CLA NA . 76.50 -9.90 -22.35
C6 CLA NA . 77.78 -10.38 -23.01
C7 CLA NA . 77.49 -11.48 -24.00
C8 CLA NA . 78.76 -12.20 -24.46
C9 CLA NA . 78.40 -13.39 -25.32
C10 CLA NA . 79.60 -12.64 -23.27
C11 CLA NA . 80.74 -13.55 -23.68
C12 CLA NA . 81.18 -14.43 -22.53
C13 CLA NA . 82.48 -15.15 -22.84
C14 CLA NA . 82.90 -16.02 -21.66
C15 CLA NA . 83.58 -14.15 -23.20
C16 CLA NA . 84.96 -14.77 -23.10
C17 CLA NA . 86.03 -13.71 -23.27
C18 CLA NA . 87.43 -14.32 -23.26
C19 CLA NA . 87.74 -14.99 -24.59
C20 CLA NA . 88.47 -13.25 -22.96
MG CLA OA . 66.74 -8.19 -40.96
CHA CLA OA . 68.35 -5.39 -42.24
CHB CLA OA . 65.70 -9.02 -44.09
CHC CLA OA . 65.24 -10.99 -39.65
CHD CLA OA . 67.86 -7.29 -37.73
NA CLA OA . 66.99 -7.32 -42.84
C1A CLA OA . 67.70 -6.17 -43.17
C2A CLA OA . 67.63 -5.89 -44.67
C3A CLA OA . 66.70 -7.00 -45.21
C4A CLA OA . 66.44 -7.87 -43.98
CMA CLA OA . 65.41 -6.47 -45.78
CAA CLA OA . 69.01 -5.96 -45.30
CBA CLA OA . 69.11 -6.94 -46.44
CGA CLA OA . 70.56 -7.21 -46.72
O1A CLA OA . 71.40 -6.46 -47.19
O2A CLA OA . 70.93 -8.49 -46.39
NB CLA OA . 65.63 -9.70 -41.71
C1B CLA OA . 65.37 -9.90 -43.04
C2B CLA OA . 64.68 -11.20 -43.22
C3B CLA OA . 64.55 -11.77 -41.97
C4B CLA OA . 65.15 -10.81 -40.99
CMB CLA OA . 64.28 -11.70 -44.54
CAB CLA OA . 63.96 -13.02 -41.56
CBB CLA OA . 62.86 -13.57 -42.08
NC CLA OA . 66.56 -8.97 -39.04
C1C CLA OA . 65.90 -10.13 -38.72
C2C CLA OA . 65.96 -10.37 -37.28
C3C CLA OA . 66.72 -9.32 -36.74
C4C CLA OA . 67.09 -8.45 -37.85
CMC CLA OA . 65.35 -11.50 -36.58
CAC CLA OA . 67.06 -9.12 -35.33
CBC CLA OA . 66.00 -8.35 -34.59
ND CLA OA . 67.85 -6.73 -40.12
C1D CLA OA . 68.23 -6.47 -38.77
C2D CLA OA . 69.04 -5.23 -38.73
C3D CLA OA . 69.13 -4.78 -40.03
C4D CLA OA . 68.37 -5.74 -40.85
CMD CLA OA . 69.61 -4.65 -37.51
CAD CLA OA . 69.65 -3.77 -40.93
OBD CLA OA . 70.35 -2.80 -40.68
CBD CLA OA . 69.15 -4.12 -42.37
CGD CLA OA . 68.33 -3.01 -42.98
O1D CLA OA . 67.11 -2.85 -42.91
O2D CLA OA . 69.06 -2.11 -43.67
CED CLA OA . 68.41 -0.90 -44.08
C1 CLA OA . 71.92 -9.13 -47.21
C2 CLA OA . 71.82 -10.57 -46.91
C3 CLA OA . 72.73 -11.48 -47.32
C4 CLA OA . 73.93 -11.10 -48.09
C5 CLA OA . 72.56 -12.92 -46.98
C6 CLA OA . 73.66 -13.45 -46.08
C7 CLA OA . 73.71 -12.70 -44.77
C8 CLA OA . 74.59 -13.39 -43.74
C9 CLA OA . 73.74 -14.18 -42.76
C10 CLA OA . 75.47 -12.40 -43.00
C11 CLA OA . 76.93 -12.77 -43.08
C12 CLA OA . 77.43 -12.76 -44.52
C13 CLA OA . 78.84 -13.34 -44.62
C14 CLA OA . 79.83 -12.49 -43.84
C15 CLA OA . 79.29 -13.46 -46.07
MG CLA PA . 55.89 -7.99 -45.00
CHA CLA PA . 53.40 -10.00 -46.32
CHB CLA PA . 57.88 -10.73 -44.59
CHC CLA PA . 58.35 -5.95 -43.74
CHD CLA PA . 53.77 -5.19 -45.40
NA CLA PA . 55.65 -10.02 -45.39
C1A CLA PA . 54.53 -10.67 -45.94
C2A CLA PA . 54.77 -12.17 -46.07
C3A CLA PA . 56.11 -12.37 -45.34
C4A CLA PA . 56.61 -10.95 -45.09
CMA CLA PA . 55.90 -13.09 -44.04
CAA CLA PA . 54.88 -12.55 -47.54
CBA CLA PA . 55.98 -13.55 -47.80
CGA CLA PA . 55.56 -14.92 -47.33
O1A CLA PA . 56.26 -15.81 -46.87
O2A CLA PA . 54.21 -15.14 -47.46
NB CLA PA . 57.76 -8.28 -44.29
C1B CLA PA . 58.43 -9.46 -44.29
C2B CLA PA . 59.84 -9.25 -43.89
C3B CLA PA . 59.98 -7.89 -43.65
C4B CLA PA . 58.65 -7.27 -43.89
CMB CLA PA . 60.80 -10.34 -43.79
CAB CLA PA . 61.11 -7.09 -43.21
CBB CLA PA . 62.40 -7.47 -43.20
NC CLA PA . 56.01 -5.94 -44.61
C1C CLA PA . 57.11 -5.32 -44.07
C2C CLA PA . 56.84 -3.90 -43.90
C3C CLA PA . 55.56 -3.67 -44.40
C4C CLA PA . 55.04 -4.97 -44.85
CMC CLA PA . 57.79 -2.94 -43.32
CAC CLA PA . 54.84 -2.39 -44.44
CBC CLA PA . 53.85 -2.26 -43.31
ND CLA PA . 54.03 -7.61 -45.67
C1D CLA PA . 53.28 -6.41 -45.80
C2D CLA PA . 51.96 -6.73 -46.40
C3D CLA PA . 51.95 -8.10 -46.61
C4D CLA PA . 53.25 -8.59 -46.14
CMD CLA PA . 50.92 -5.75 -46.70
CAD CLA PA . 51.21 -9.24 -47.10
OBD CLA PA . 50.10 -9.29 -47.61
CBD CLA PA . 52.10 -10.50 -46.92
CGD CLA PA . 51.45 -11.52 -46.03
O1D CLA PA . 51.68 -12.73 -45.98
O2D CLA PA . 50.50 -11.01 -45.20
CED CLA PA . 50.28 -11.65 -43.95
C1 CLA PA . 53.61 -16.05 -46.52
C2 CLA PA . 53.64 -17.41 -47.13
C3 CLA PA . 52.62 -17.91 -47.85
C4 CLA PA . 51.38 -17.14 -48.09
C5 CLA PA . 52.69 -19.28 -48.44
C6 CLA PA . 53.92 -20.05 -48.04
C7 CLA PA . 54.96 -20.02 -49.15
C8 CLA PA . 55.61 -21.38 -49.38
C9 CLA PA . 57.06 -21.19 -49.77
C10 CLA PA . 54.85 -22.18 -50.44
C11 CLA PA . 55.09 -23.66 -50.33
C12 CLA PA . 56.01 -24.19 -51.42
C13 CLA PA . 55.29 -24.37 -52.75
C14 CLA PA . 54.51 -25.66 -52.78
C15 CLA PA . 56.27 -24.33 -53.91
C16 CLA PA . 55.58 -24.09 -55.25
C17 CLA PA . 56.56 -24.24 -56.40
C18 CLA PA . 55.93 -24.04 -57.76
C19 CLA PA . 54.48 -24.47 -57.80
C20 CLA PA . 56.07 -22.60 -58.22
MG CLA QA . 57.84 -15.76 -40.44
CHA CLA QA . 60.09 -13.35 -39.36
CHB CLA QA . 55.37 -13.41 -40.52
CHC CLA QA . 55.70 -18.14 -41.68
CHD CLA QA . 60.43 -18.16 -40.32
NA CLA QA . 57.76 -13.72 -39.98
C1A CLA QA . 58.82 -12.89 -39.57
C2A CLA QA . 58.33 -11.46 -39.36
C3A CLA QA . 56.81 -11.56 -39.59
C4A CLA QA . 56.61 -12.99 -40.08
CMA CLA QA . 56.05 -11.33 -38.31
CAA CLA QA . 58.96 -10.53 -40.38
CBA CLA QA . 58.41 -9.13 -40.27
CGA CLA QA . 58.81 -8.52 -38.96
O1A CLA QA . 59.89 -8.00 -38.66
O2A CLA QA . 57.81 -8.56 -38.03
NB CLA QA . 55.92 -15.76 -41.03
C1B CLA QA . 55.06 -14.71 -40.97
C2B CLA QA . 53.71 -15.13 -41.44
C3B CLA QA . 53.80 -16.47 -41.76
C4B CLA QA . 55.20 -16.89 -41.50
CMB CLA QA . 52.56 -14.23 -41.47
CAB CLA QA . 52.80 -17.38 -42.23
CBB CLA QA . 52.09 -17.22 -43.36
NC CLA QA . 58.03 -17.79 -40.89
C1C CLA QA . 57.02 -18.57 -41.38
C2C CLA QA . 57.50 -19.93 -41.57
C3C CLA QA . 58.84 -19.94 -41.20
C4C CLA QA . 59.17 -18.58 -40.77
CMC CLA QA . 56.68 -21.04 -42.07
CAC CLA QA . 59.76 -21.08 -41.21
CBC CLA QA . 59.73 -21.84 -39.90
ND CLA QA . 59.78 -15.84 -39.86
C1D CLA QA . 60.74 -16.88 -39.90
C2D CLA QA . 62.04 -16.36 -39.42
C3D CLA QA . 61.84 -15.01 -39.20
C4D CLA QA . 60.42 -14.74 -39.51
CMD CLA QA . 63.25 -17.15 -39.27
CAD CLA QA . 62.44 -13.77 -38.74
OBD CLA QA . 63.56 -13.57 -38.28
CBD CLA QA . 61.36 -12.65 -38.92
CGD CLA QA . 61.19 -11.80 -37.68
O1D CLA QA . 61.79 -10.78 -37.38
O2D CLA QA . 60.23 -12.26 -36.83
CED CLA QA . 60.66 -12.71 -35.54
C1 CLA QA . 57.83 -7.53 -37.02
C2 CLA QA . 57.00 -8.00 -35.90
C3 CLA QA . 57.41 -8.92 -35.00
C4 CLA QA . 58.76 -9.53 -35.09
C5 CLA QA . 56.53 -9.35 -33.89
C6 CLA QA . 56.89 -10.71 -33.32
C7 CLA QA . 56.13 -11.81 -34.02
C8 CLA QA . 55.89 -13.01 -33.11
C9 CLA QA . 57.14 -13.87 -33.01
C10 CLA QA . 54.71 -13.85 -33.59
C11 CLA QA . 54.84 -14.16 -35.07
C12 CLA QA . 53.72 -15.05 -35.57
C13 CLA QA . 54.01 -15.57 -36.96
C14 CLA QA . 52.72 -15.85 -37.71
C15 CLA QA . 54.88 -16.80 -36.93
C16 CLA QA . 56.27 -16.52 -37.46
C17 CLA QA . 57.25 -17.58 -37.02
C18 CLA QA . 58.64 -17.01 -36.72
C19 CLA QA . 58.53 -15.73 -35.92
C20 CLA QA . 59.47 -18.01 -35.98
MG CLA RA . 69.48 -30.08 -40.23
CHA CLA RA . 71.39 -32.32 -38.40
CHB CLA RA . 68.02 -28.97 -37.36
CHC CLA RA . 67.71 -27.78 -42.07
CHD CLA RA . 71.02 -31.26 -43.19
NA CLA RA . 69.69 -30.58 -38.22
C1A CLA RA . 70.55 -31.54 -37.65
C2A CLA RA . 70.41 -31.57 -36.13
C3A CLA RA . 69.25 -30.58 -35.85
C4A CLA RA . 68.96 -29.98 -37.22
CMA CLA RA . 68.05 -31.27 -35.26
CAA CLA RA . 71.69 -31.04 -35.52
CBA CLA RA . 72.16 -29.79 -36.25
CGA CLA RA . 73.50 -29.31 -35.76
O1A CLA RA . 74.35 -29.91 -35.11
O2A CLA RA . 73.75 -28.01 -36.11
NB CLA RA . 68.10 -28.67 -39.79
C1B CLA RA . 67.65 -28.35 -38.56
C2B CLA RA . 66.67 -27.24 -38.65
C3B CLA RA . 66.57 -26.89 -39.98
C4B CLA RA . 67.50 -27.79 -40.73
CMB CLA RA . 66.00 -26.68 -37.46
CAB CLA RA . 65.80 -25.87 -40.66
CBB CLA RA . 64.64 -25.35 -40.24
NC CLA RA . 69.38 -29.61 -42.26
C1C CLA RA . 68.59 -28.63 -42.80
C2C CLA RA . 68.79 -28.58 -44.24
C3C CLA RA . 69.71 -29.57 -44.56
C4C CLA RA . 70.08 -30.22 -43.31
CMC CLA RA . 68.13 -27.63 -45.15
CAC CLA RA . 70.23 -29.89 -45.90
CBC CLA RA . 71.57 -29.25 -46.17
ND CLA RA . 70.88 -31.44 -40.74
C1D CLA RA . 71.40 -31.84 -42.00
C2D CLA RA . 72.39 -32.93 -41.78
C3D CLA RA . 72.42 -33.16 -40.42
C4D CLA RA . 71.46 -32.20 -39.83
CMD CLA RA . 73.14 -33.60 -42.84
CAD CLA RA . 73.00 -33.92 -39.34
OBD CLA RA . 73.87 -34.80 -39.38
CBD CLA RA . 72.33 -33.43 -38.01
CGD CLA RA . 71.58 -34.55 -37.34
O1D CLA RA . 70.36 -34.70 -37.27
O2D CLA RA . 72.39 -35.50 -36.78
CED CLA RA . 71.80 -36.77 -36.49
MG CLA SA . 62.67 -30.65 -32.35
CHA CLA SA . 60.45 -31.00 -35.00
CHB CLA SA . 64.89 -29.10 -34.42
CHC CLA SA . 64.70 -30.05 -29.65
CHD CLA SA . 60.30 -32.20 -30.23
NA CLA SA . 62.67 -30.18 -34.38
C1A CLA SA . 61.63 -30.39 -35.31
C2A CLA SA . 62.03 -29.87 -36.70
C3A CLA SA . 63.51 -29.46 -36.51
C4A CLA SA . 63.72 -29.57 -35.00
CMA CLA SA . 64.44 -30.37 -37.27
CAA CLA SA . 61.19 -28.65 -37.01
CBA CLA SA . 62.01 -27.38 -37.10
CGA CLA SA . 61.53 -26.36 -36.12
O1A CLA SA . 60.69 -26.49 -35.23
O2A CLA SA . 62.12 -25.15 -36.28
NB CLA SA . 64.44 -29.73 -32.08
C1B CLA SA . 65.20 -29.17 -33.06
C2B CLA SA . 66.46 -28.63 -32.46
C3B CLA SA . 66.42 -28.90 -31.11
C4B CLA SA . 65.13 -29.61 -30.86
CMB CLA SA . 67.50 -27.96 -33.27
CAB CLA SA . 67.35 -28.61 -30.07
CBB CLA SA . 68.67 -28.81 -30.14
NC CLA SA . 62.54 -31.10 -30.32
C1C CLA SA . 63.50 -30.78 -29.39
C2C CLA SA . 63.08 -31.23 -28.07
C3C CLA SA . 61.83 -31.83 -28.23
C4C CLA SA . 61.50 -31.74 -29.65
CMC CLA SA . 63.85 -31.06 -26.83
CAC CLA SA . 60.99 -32.44 -27.19
CBC CLA SA . 61.28 -33.91 -27.02
ND CLA SA . 60.87 -31.54 -32.53
C1D CLA SA . 59.98 -32.11 -31.57
C2D CLA SA . 58.75 -32.54 -32.25
C3D CLA SA . 58.88 -32.15 -33.57
C4D CLA SA . 60.19 -31.51 -33.68
CMD CLA SA . 57.63 -33.22 -31.59
CAD CLA SA . 58.27 -32.13 -34.89
OBD CLA SA . 57.20 -32.61 -35.26
CBD CLA SA . 59.22 -31.31 -35.81
CGD CLA SA . 59.54 -32.05 -37.09
O1D CLA SA . 58.85 -32.08 -38.12
O2D CLA SA . 60.70 -32.75 -37.08
CED CLA SA . 61.27 -33.11 -38.33
C1 CLA SA . 61.32 -23.98 -36.03
C2 CLA SA . 61.77 -23.41 -34.74
C3 CLA SA . 61.78 -22.09 -34.51
C4 CLA SA . 61.35 -21.11 -35.52
C5 CLA SA . 62.25 -21.54 -33.20
C6 CLA SA . 63.09 -20.29 -33.36
C7 CLA SA . 64.50 -20.63 -33.82
C8 CLA SA . 65.56 -20.55 -32.72
C9 CLA SA . 65.01 -19.87 -31.48
C10 CLA SA . 66.79 -19.81 -33.22
C11 CLA SA . 67.71 -19.38 -32.11
C12 CLA SA . 68.54 -20.53 -31.57
C13 CLA SA . 69.39 -20.08 -30.39
C14 CLA SA . 70.51 -19.17 -30.84
C15 CLA SA . 69.96 -21.27 -29.62
MG CLA TA . 71.31 -31.07 -26.31
CHA CLA TA . 71.03 -31.51 -29.73
CHB CLA TA . 74.59 -30.26 -26.67
CHC CLA TA . 71.47 -30.48 -22.92
CHD CLA TA . 67.90 -31.95 -25.97
NA CLA TA . 72.58 -30.91 -27.95
C1A CLA TA . 72.27 -31.11 -29.30
C2A CLA TA . 73.48 -30.85 -30.19
C3A CLA TA . 74.63 -30.62 -29.17
C4A CLA TA . 73.90 -30.56 -27.82
CMA CLA TA . 75.66 -31.71 -29.24
CAA CLA TA . 73.30 -29.51 -30.87
CBA CLA TA . 72.84 -29.55 -32.31
CGA CLA TA . 72.07 -28.30 -32.60
O1A CLA TA . 70.98 -27.95 -32.14
O2A CLA TA . 72.72 -27.46 -33.46
NB CLA TA . 72.74 -30.45 -25.04
C1B CLA TA . 74.04 -30.21 -25.38
C2B CLA TA . 74.83 -29.90 -24.15
C3B CLA TA . 73.95 -29.96 -23.09
C4B CLA TA . 72.62 -30.31 -23.65
CMB CLA TA . 76.27 -29.61 -24.21
CAB CLA TA . 74.13 -29.75 -21.67
CBB CLA TA . 75.29 -29.58 -21.03
NC CLA TA . 69.92 -31.20 -24.74
C1C CLA TA . 70.20 -30.89 -23.44
C2C CLA TA . 69.01 -31.07 -22.62
C3C CLA TA . 68.00 -31.49 -23.48
C4C CLA TA . 68.58 -31.57 -24.80
CMC CLA TA . 68.94 -30.82 -21.17
CAC CLA TA . 66.60 -31.79 -23.12
CBC CLA TA . 65.67 -30.63 -23.40
ND CLA TA . 69.79 -31.66 -27.50
C1D CLA TA . 68.44 -32.00 -27.23
C2D CLA TA . 67.78 -32.38 -28.51
C3D CLA TA . 68.73 -32.21 -29.49
C4D CLA TA . 69.95 -31.74 -28.82
CMD CLA TA . 66.40 -32.83 -28.62
CAD CLA TA . 69.02 -32.32 -30.91
OBD CLA TA . 68.30 -32.70 -31.84
CBD CLA TA . 70.49 -31.85 -31.10
CGD CLA TA . 71.31 -32.93 -31.76
O1D CLA TA . 72.14 -33.67 -31.23
O2D CLA TA . 71.07 -33.07 -33.09
CED CLA TA . 71.60 -34.22 -33.75
C1 CLA TA . 72.12 -26.17 -33.73
C2 CLA TA . 71.09 -26.38 -34.78
C3 CLA TA . 71.03 -25.68 -35.92
C4 CLA TA . 69.98 -25.92 -36.93
C5 CLA TA . 72.03 -24.62 -36.24
C6 CLA TA . 71.37 -23.30 -36.60
C7 CLA TA . 72.16 -22.56 -37.65
C8 CLA TA . 72.36 -21.08 -37.30
C9 CLA TA . 71.08 -20.47 -36.78
C10 CLA TA . 72.88 -20.30 -38.51
C11 CLA TA . 71.76 -19.71 -39.35
C12 CLA TA . 71.53 -20.50 -40.62
MG CLA UA . 60.64 -10.80 -61.62
CHA CLA UA . 61.38 -8.72 -64.30
CHB CLA UA . 57.77 -9.06 -61.07
CHC CLA UA . 59.78 -13.11 -59.23
CHD CLA UA . 63.59 -12.63 -62.30
NA CLA UA . 59.78 -9.13 -62.51
C1A CLA UA . 60.22 -8.42 -63.64
C2A CLA UA . 59.28 -7.26 -63.96
C3A CLA UA . 58.29 -7.27 -62.78
C4A CLA UA . 58.61 -8.58 -62.05
CMA CLA UA . 58.49 -6.07 -61.88
CAA CLA UA . 58.54 -7.53 -65.26
CBA CLA UA . 58.11 -8.97 -65.38
CGA CLA UA . 57.12 -9.16 -66.49
O1A CLA UA . 56.21 -8.40 -66.85
O2A CLA UA . 57.29 -10.33 -67.18
NB CLA UA . 59.07 -11.04 -60.38
C1B CLA UA . 57.97 -10.24 -60.33
C2B CLA UA . 57.00 -10.79 -59.35
C3B CLA UA . 57.56 -11.94 -58.82
C4B CLA UA . 58.89 -12.10 -59.47
CMB CLA UA . 55.71 -10.14 -59.08
CAB CLA UA . 57.07 -12.86 -57.85
CBB CLA UA . 56.33 -12.57 -56.77
NC CLA UA . 61.56 -12.51 -60.86
C1C CLA UA . 61.04 -13.30 -59.87
C2C CLA UA . 61.93 -14.42 -59.60
C3C CLA UA . 63.00 -14.30 -60.47
C4C CLA UA . 62.76 -13.10 -61.27
CMC CLA UA . 61.67 -15.46 -58.60
CAC CLA UA . 64.15 -15.20 -60.59
CBC CLA UA . 65.40 -14.66 -59.92
ND CLA UA . 62.23 -10.67 -62.87
C1D CLA UA . 63.36 -11.51 -63.06
C2D CLA UA . 64.17 -10.97 -64.18
C3D CLA UA . 63.46 -9.90 -64.69
C4D CLA UA . 62.24 -9.77 -63.86
CMD CLA UA . 65.44 -11.54 -64.63
CAD CLA UA . 63.42 -8.83 -65.68
OBD CLA UA . 64.28 -8.51 -66.50
CBD CLA UA . 62.04 -8.11 -65.52
CGD CLA UA . 62.16 -6.61 -65.48
O1D CLA UA . 61.26 -5.78 -65.61
O2D CLA UA . 63.43 -6.15 -65.29
CED CLA UA . 63.90 -5.19 -66.23
C1 CLA UA . 56.15 -11.20 -67.28
C2 CLA UA . 56.66 -12.56 -67.56
C3 CLA UA . 57.11 -12.95 -68.77
C4 CLA UA . 57.12 -12.03 -69.94
C5 CLA UA . 57.62 -14.34 -69.00
C6 CLA UA . 57.92 -15.07 -67.71
C7 CLA UA . 58.97 -16.15 -67.94
C8 CLA UA . 58.44 -17.57 -67.73
C9 CLA UA . 56.97 -17.61 -67.39
C10 CLA UA . 59.25 -18.27 -66.64
C11 CLA UA . 58.77 -19.70 -66.42
C12 CLA UA . 59.73 -20.49 -65.57
MG CLA VA . 70.95 -5.65 -49.74
CHA CLA VA . 69.99 -2.63 -48.32
CHB CLA VA . 74.19 -4.64 -49.66
CHC CLA VA . 71.87 -8.77 -50.84
CHD CLA VA . 67.55 -6.65 -49.78
NA CLA VA . 71.91 -3.90 -49.13
C1A CLA VA . 71.33 -2.77 -48.53
C2A CLA VA . 72.40 -1.71 -48.23
C3A CLA VA . 73.69 -2.32 -48.82
C4A CLA VA . 73.26 -3.73 -49.24
CMA CLA VA . 74.20 -1.51 -49.99
CAA CLA VA . 72.53 -1.51 -46.72
CBA CLA VA . 73.39 -2.57 -46.08
CGA CLA VA . 72.55 -3.47 -45.23
O1A CLA VA . 71.52 -4.07 -45.51
O2A CLA VA . 73.05 -3.64 -43.96
NB CLA VA . 72.69 -6.53 -50.18
C1B CLA VA . 73.93 -5.96 -50.07
C2B CLA VA . 74.98 -6.95 -50.45
C3B CLA VA . 74.33 -8.12 -50.79
C4B CLA VA . 72.87 -7.87 -50.63
CMB CLA VA . 76.41 -6.64 -50.43
CAB CLA VA . 74.88 -9.37 -51.22
CBB CLA VA . 74.61 -9.98 -52.37
NC CLA VA . 69.89 -7.38 -50.26
C1C CLA VA . 70.47 -8.54 -50.68
C2C CLA VA . 69.44 -9.55 -50.92
C3C CLA VA . 68.22 -8.95 -50.63
C4C CLA VA . 68.51 -7.58 -50.21
CMC CLA VA . 69.70 -10.92 -51.35
CAC CLA VA . 66.89 -9.57 -50.69
CBC CLA VA . 66.41 -10.04 -49.33
ND CLA VA . 69.15 -4.84 -49.29
C1D CLA VA . 67.83 -5.37 -49.34
C2D CLA VA . 66.88 -4.35 -48.83
C3D CLA VA . 67.67 -3.29 -48.40
C4D CLA VA . 69.06 -3.66 -48.70
CMD CLA VA . 65.43 -4.50 -48.77
CAD CLA VA . 67.67 -1.96 -47.82
OBD CLA VA . 66.72 -1.26 -47.48
CBD CLA VA . 69.17 -1.52 -47.70
CGD CLA VA . 69.45 -0.18 -48.31
O1D CLA VA . 69.29 0.18 -49.48
O2D CLA VA . 69.95 0.73 -47.42
CED CLA VA . 69.11 1.80 -47.01
C1 CLA VA . 72.59 -4.79 -43.23
C2 CLA VA . 73.76 -5.68 -43.04
C3 CLA VA . 73.65 -6.95 -42.61
C4 CLA VA . 74.84 -7.82 -42.43
C5 CLA VA . 72.32 -7.54 -42.30
C6 CLA VA . 72.24 -9.02 -42.63
C7 CLA VA . 71.19 -9.71 -41.79
C8 CLA VA . 70.19 -10.48 -42.64
C9 CLA VA . 69.50 -9.53 -43.61
C10 CLA VA . 69.17 -11.19 -41.78
C11 CLA VA . 68.93 -12.62 -42.25
C12 CLA VA . 67.81 -12.69 -43.27
C13 CLA VA . 68.28 -13.26 -44.59
C14 CLA VA . 68.10 -12.25 -45.71
C15 CLA VA . 67.57 -14.56 -44.93
C16 CLA VA . 68.22 -15.28 -46.09
C17 CLA VA . 69.56 -15.87 -45.70
C18 CLA VA . 69.50 -17.39 -45.64
C19 CLA VA . 70.86 -17.99 -45.92
C20 CLA VA . 69.00 -17.86 -44.28
MG CLA WA . 50.72 -11.18 -66.84
CHA CLA WA . 51.92 -8.04 -65.99
CHB CLA WA . 48.17 -9.72 -68.57
CHC CLA WA . 49.61 -14.30 -67.72
CHD CLA WA . 53.40 -12.63 -65.05
NA CLA WA . 50.15 -9.20 -67.20
C1A CLA WA . 50.78 -8.02 -66.76
C2A CLA WA . 50.05 -6.77 -67.26
C3A CLA WA . 48.82 -7.36 -68.00
C4A CLA WA . 49.05 -8.86 -67.94
CMA CLA WA . 47.52 -6.94 -67.36
CAA CLA WA . 50.90 -5.97 -68.21
CBA CLA WA . 51.46 -6.83 -69.33
CGA CLA WA . 52.91 -7.11 -69.11
O1A CLA WA . 53.85 -6.31 -69.15
O2A CLA WA . 53.18 -8.42 -68.85
NB CLA WA . 49.17 -11.88 -67.92
C1B CLA WA . 48.25 -11.13 -68.58
C2B CLA WA . 47.32 -12.01 -69.34
C3B CLA WA . 47.72 -13.31 -69.11
C4B CLA WA . 48.91 -13.24 -68.20
CMB CLA WA . 46.22 -11.48 -70.15
CAB CLA WA . 47.21 -14.57 -69.58
CBB CLA WA . 45.92 -14.84 -69.86
NC CLA WA . 51.38 -13.11 -66.44
C1C CLA WA . 50.77 -14.25 -66.90
C2C CLA WA . 51.49 -15.42 -66.44
C3C CLA WA . 52.58 -14.96 -65.69
C4C CLA WA . 52.50 -13.50 -65.70
CMC CLA WA . 51.11 -16.81 -66.73
CAC CLA WA . 53.62 -15.76 -65.02
CBC CLA WA . 53.15 -16.37 -63.72
ND CLA WA . 52.30 -10.55 -65.76
C1D CLA WA . 53.32 -11.26 -65.07
C2D CLA WA . 54.22 -10.28 -64.42
C3D CLA WA . 53.73 -9.03 -64.74
C4D CLA WA . 52.54 -9.26 -65.57
CMD CLA WA . 55.38 -10.63 -63.60
CAD CLA WA . 53.90 -7.60 -64.58
OBD CLA WA . 54.76 -6.97 -63.97
CBD CLA WA . 52.74 -6.92 -65.39
CGD CLA WA . 51.90 -6.02 -64.52
O1D CLA WA . 50.76 -6.22 -64.10
O2D CLA WA . 52.51 -4.85 -64.17
CED CLA WA . 51.76 -3.90 -63.43
C1 CLA WA . 52.54 -9.41 -69.69
C2 CLA WA . 53.22 -10.71 -69.43
C3 CLA WA . 52.90 -11.82 -70.11
C4 CLA WA . 51.85 -11.83 -71.16
C5 CLA WA . 53.59 -13.12 -69.84
C6 CLA WA . 52.63 -14.29 -69.79
C7 CLA WA . 53.18 -15.49 -70.54
C8 CLA WA . 54.35 -16.14 -69.81
C9 CLA WA . 54.32 -17.64 -70.01
MG CLA XA . 52.78 -11.47 -57.25
CHA CLA XA . 53.91 -11.26 -53.98
CHB CLA XA . 52.72 -14.87 -57.00
CHC CLA XA . 51.69 -11.64 -60.49
CHD CLA XA . 52.87 -7.94 -57.47
NA CLA XA . 53.24 -12.82 -55.71
C1A CLA XA . 53.69 -12.54 -54.42
C2A CLA XA . 53.89 -13.81 -53.61
C3A CLA XA . 53.57 -14.93 -54.63
C4A CLA XA . 53.13 -14.18 -55.87
CMA CLA XA . 54.80 -15.77 -54.90
CAA CLA XA . 52.92 -13.87 -52.44
CBA CLA XA . 53.40 -14.83 -51.36
CGA CLA XA . 52.78 -16.18 -51.57
O1A CLA XA . 51.59 -16.47 -51.66
O2A CLA XA . 53.71 -17.18 -51.67
NB CLA XA . 52.30 -12.97 -58.50
C1B CLA XA . 52.32 -14.29 -58.21
C2B CLA XA . 51.85 -15.08 -59.39
C3B CLA XA . 51.56 -14.17 -60.38
C4B CLA XA . 51.85 -12.81 -59.83
CMB CLA XA . 51.76 -16.54 -59.39
CAB CLA XA . 51.08 -14.34 -61.73
CBB CLA XA . 50.19 -15.26 -62.14
NC CLA XA . 52.35 -10.04 -58.70
C1C CLA XA . 51.92 -10.33 -59.97
C2C CLA XA . 51.73 -9.10 -60.72
C3C CLA XA . 52.05 -8.05 -59.87
C4C CLA XA . 52.45 -8.65 -58.60
CMC CLA XA . 51.28 -9.04 -62.12
CAC CLA XA . 52.01 -6.61 -60.19
CBC CLA XA . 50.63 -6.03 -60.07
ND CLA XA . 53.25 -9.92 -56.05
C1D CLA XA . 53.25 -8.51 -56.27
C2D CLA XA . 53.73 -7.84 -55.04
C3D CLA XA . 54.01 -8.84 -54.13
C4D CLA XA . 53.69 -10.12 -54.81
CMD CLA XA . 53.87 -6.39 -54.88
CAD CLA XA . 54.48 -9.17 -52.80
OBD CLA XA . 54.86 -8.42 -51.91
CBD CLA XA . 54.43 -10.72 -52.66
CGD CLA XA . 55.77 -11.32 -52.35
O1D CLA XA . 56.06 -12.09 -51.43
O2D CLA XA . 56.76 -10.94 -53.20
CED CLA XA . 57.98 -11.67 -53.16
C1 CLA XA . 53.44 -18.21 -52.63
C2 CLA XA . 54.54 -19.18 -52.53
C3 CLA XA . 55.13 -19.76 -53.58
C4 CLA XA . 56.23 -20.74 -53.41
C5 CLA XA . 54.71 -19.46 -54.98
C6 CLA XA . 55.79 -19.73 -56.00
C7 CLA XA . 56.72 -18.54 -56.15
C8 CLA XA . 57.23 -18.39 -57.59
C9 CLA XA . 57.83 -17.03 -57.80
C10 CLA XA . 56.09 -18.64 -58.58
C11 CLA XA . 56.62 -18.93 -59.97
C12 CLA XA . 55.54 -19.51 -60.86
C13 CLA XA . 56.00 -19.59 -62.31
C14 CLA XA . 54.82 -19.63 -63.25
C15 CLA XA . 56.92 -20.77 -62.55
C16 CLA XA . 56.16 -22.08 -62.52
C17 CLA XA . 56.90 -23.18 -63.23
C18 CLA XA . 56.07 -24.46 -63.35
C19 CLA XA . 55.55 -24.89 -62.00
C20 CLA XA . 54.94 -24.26 -64.32
MG CLA YA . 53.98 -33.28 -58.78
CHA CLA YA . 56.19 -35.73 -57.71
CHB CLA YA . 54.38 -31.62 -55.84
CHC CLA YA . 51.89 -30.81 -59.95
CHD CLA YA . 53.56 -35.06 -61.82
NA CLA YA . 55.10 -33.65 -57.06
C1A CLA YA . 55.97 -34.73 -56.80
C2A CLA YA . 56.58 -34.62 -55.40
C3A CLA YA . 55.90 -33.36 -54.81
C4A CLA YA . 55.06 -32.82 -55.97
CMA CLA YA . 55.05 -33.68 -53.61
CAA CLA YA . 58.09 -34.49 -55.44
CBA CLA YA . 58.55 -33.09 -55.76
CGA CLA YA . 60.00 -33.13 -56.12
O1A CLA YA . 60.67 -34.10 -56.46
O2A CLA YA . 60.62 -31.91 -56.06
NB CLA YA . 53.25 -31.56 -58.03
C1B CLA YA . 53.57 -31.03 -56.83
C2B CLA YA . 52.93 -29.69 -56.68
C3B CLA YA . 52.23 -29.45 -57.85
C4B CLA YA . 52.42 -30.64 -58.72
CMB CLA YA . 53.11 -28.86 -55.48
CAB CLA YA . 51.43 -28.33 -58.26
CBB CLA YA . 50.67 -27.57 -57.47
NC CLA YA . 52.91 -33.01 -60.56
C1C CLA YA . 52.10 -31.93 -60.82
C2C CLA YA . 51.51 -32.06 -62.14
C3C CLA YA . 51.99 -33.26 -62.68
C4C CLA YA . 52.87 -33.85 -61.67
CMC CLA YA . 50.60 -31.08 -62.74
CAC CLA YA . 51.67 -33.82 -64.00
CBC CLA YA . 50.36 -34.57 -64.01
ND CLA YA . 54.66 -34.99 -59.63
C1D CLA YA . 54.41 -35.60 -60.88
C2D CLA YA . 55.19 -36.87 -60.96
C3D CLA YA . 55.91 -36.95 -59.78
C4D CLA YA . 55.54 -35.77 -58.98
CMD CLA YA . 55.19 -37.77 -62.11
CAD CLA YA . 56.85 -37.73 -59.00
OBD CLA YA . 57.42 -38.77 -59.30
CBD CLA YA . 57.05 -36.98 -57.65
CGD CLA YA . 56.69 -37.85 -56.48
O1D CLA YA . 57.44 -38.28 -55.60
O2D CLA YA . 55.36 -38.16 -56.42
CED CLA YA . 54.89 -38.82 -55.24
C1 CLA YA . 61.86 -31.79 -56.75
C2 CLA YA . 61.55 -31.50 -58.17
C3 CLA YA . 62.19 -32.08 -59.20
C4 CLA YA . 63.27 -33.07 -58.99
C5 CLA YA . 61.84 -31.77 -60.61
C6 CLA YA . 60.84 -30.62 -60.72
C7 CLA YA . 60.58 -30.25 -62.17
C8 CLA YA . 59.26 -29.50 -62.33
C9 CLA YA . 58.95 -29.30 -63.80
C10 CLA YA . 59.31 -28.16 -61.61
MG CLA ZA . 45.64 -34.56 -67.13
CHA CLA ZA . 45.98 -37.16 -69.40
CHB CLA ZA . 48.85 -33.61 -67.73
CHC CLA ZA . 45.21 -31.94 -64.95
CHD CLA ZA . 42.28 -35.56 -66.59
NA CLA ZA . 47.15 -35.30 -68.36
C1A CLA ZA . 47.10 -36.39 -69.24
C2A CLA ZA . 48.44 -36.57 -69.96
C3A CLA ZA . 49.34 -35.48 -69.35
C4A CLA ZA . 48.40 -34.73 -68.41
CMA CLA ZA . 50.52 -36.06 -68.61
CAA CLA ZA . 48.29 -36.33 -71.45
CBA CLA ZA . 47.43 -35.11 -71.72
CGA CLA ZA . 47.79 -34.48 -73.03
O1A CLA ZA . 48.90 -34.08 -73.41
O2A CLA ZA . 46.73 -34.35 -73.87
NB CLA ZA . 46.80 -33.05 -66.47
C1B CLA ZA . 48.09 -32.85 -66.83
C2B CLA ZA . 48.63 -31.66 -66.11
C3B CLA ZA . 47.62 -31.17 -65.33
C4B CLA ZA . 46.44 -32.06 -65.54
CMB CLA ZA . 49.99 -31.18 -66.30
CAB CLA ZA . 47.64 -30.04 -64.43
CBB CLA ZA . 46.70 -29.11 -64.31
NC CLA ZA . 44.04 -33.89 -65.97
C1C CLA ZA . 44.08 -32.80 -65.15
C2C CLA ZA . 42.78 -32.61 -64.50
C3C CLA ZA . 41.95 -33.63 -64.97
C4C CLA ZA . 42.74 -34.42 -65.89
CMC CLA ZA . 42.47 -31.54 -63.56
CAC CLA ZA . 40.54 -33.87 -64.61
CBC CLA ZA . 39.60 -33.34 -65.66
ND CLA ZA . 44.39 -36.02 -67.75
C1D CLA ZA . 43.03 -36.32 -67.46
C2D CLA ZA . 42.62 -37.51 -68.24
C3D CLA ZA . 43.71 -37.89 -68.99
C4D CLA ZA . 44.78 -36.92 -68.67
CMD CLA ZA . 41.29 -38.13 -68.16
CAD CLA ZA . 44.26 -38.83 -69.94
OBD CLA ZA . 43.74 -39.83 -70.44
CBD CLA ZA . 45.71 -38.37 -70.26
CGD CLA ZA . 46.72 -39.47 -70.02
O1D CLA ZA . 47.72 -39.74 -70.70
O2D CLA ZA . 46.47 -40.22 -68.92
CED CLA ZA . 47.58 -40.57 -68.08
MG CLA AB . 59.78 -37.48 -62.83
CHA CLA AB . 62.40 -39.56 -61.87
CHB CLA AB . 60.08 -35.78 -59.89
CHC CLA AB . 57.26 -35.39 -63.85
CHD CLA AB . 59.55 -39.24 -65.87
NA CLA AB . 61.04 -37.68 -61.16
C1A CLA AB . 62.07 -38.60 -60.95
C2A CLA AB . 62.74 -38.38 -59.59
C3A CLA AB . 61.93 -37.22 -58.97
C4A CLA AB . 60.94 -36.84 -60.07
CMA CLA AB . 61.24 -37.62 -57.70
CAA CLA AB . 64.19 -37.98 -59.75
CBA CLA AB . 64.37 -36.92 -60.82
CGA CLA AB . 65.80 -36.46 -60.85
O1A CLA AB . 66.83 -37.11 -60.63
O2A CLA AB . 65.92 -35.15 -61.19
NB CLA AB . 58.86 -35.87 -62.03
C1B CLA AB . 59.12 -35.34 -60.82
C2B CLA AB . 58.21 -34.19 -60.57
C3B CLA AB . 57.40 -34.06 -61.68
C4B CLA AB . 57.80 -35.14 -62.62
CMB CLA AB . 58.24 -33.39 -59.34
CAB CLA AB . 56.35 -33.11 -61.94
CBB CLA AB . 56.25 -32.34 -63.03
NC CLA AB . 58.61 -37.36 -64.54
C1C CLA AB . 57.62 -36.43 -64.74
C2C CLA AB . 57.00 -36.64 -66.04
C3C CLA AB . 57.64 -37.72 -66.62
C4C CLA AB . 58.66 -38.17 -65.67
CMC CLA AB . 55.90 -35.82 -66.57
CAC CLA AB . 57.37 -38.32 -67.94
CBC CLA AB . 56.11 -39.15 -67.94
ND CLA AB . 60.67 -39.07 -63.70
C1D CLA AB . 60.49 -39.68 -64.96
C2D CLA AB . 61.44 -40.80 -65.10
C3D CLA AB . 62.20 -40.81 -63.94
C4D CLA AB . 61.68 -39.70 -63.10
CMD CLA AB . 61.53 -41.69 -66.26
CAD CLA AB . 63.26 -41.46 -63.19
OBD CLA AB . 63.92 -42.45 -63.48
CBD CLA AB . 63.45 -40.65 -61.87
CGD CLA AB . 63.40 -41.52 -60.65
O1D CLA AB . 64.32 -42.11 -60.09
O2D CLA AB . 62.15 -41.65 -60.11
CED CLA AB . 62.07 -42.01 -58.73
MG CLA BB . 31.99 -30.93 -61.14
CHA CLA BB . 29.67 -33.34 -60.22
CHB CLA BB . 33.47 -33.14 -63.25
CHC CLA BB . 34.18 -28.45 -62.11
CHD CLA BB . 30.35 -28.62 -59.04
NA CLA BB . 31.62 -32.93 -61.62
C1A CLA BB . 30.59 -33.76 -61.15
C2A CLA BB . 30.67 -35.14 -61.78
C3A CLA BB . 31.93 -35.06 -62.68
C4A CLA BB . 32.39 -33.61 -62.53
CMA CLA BB . 32.99 -36.04 -62.28
CAA CLA BB . 29.48 -35.54 -62.66
CBA CLA BB . 28.41 -34.49 -62.99
CGA CLA BB . 28.94 -33.27 -63.67
O1A CLA BB . 29.81 -33.18 -64.53
O2A CLA BB . 28.32 -32.13 -63.24
NB CLA BB . 33.54 -30.82 -62.42
C1B CLA BB . 33.99 -31.84 -63.21
C2B CLA BB . 35.12 -31.36 -64.05
C3B CLA BB . 35.33 -30.04 -63.73
C4B CLA BB . 34.33 -29.67 -62.69
CMB CLA BB . 35.82 -32.23 -65.00
CAB CLA BB . 36.27 -29.07 -64.22
CBB CLA BB . 36.60 -28.90 -65.51
NC CLA BB . 32.23 -28.92 -60.63
C1C CLA BB . 33.20 -28.09 -61.15
C2C CLA BB . 33.07 -26.76 -60.58
C3C CLA BB . 31.97 -26.79 -59.72
C4C CLA BB . 31.45 -28.15 -59.76
CMC CLA BB . 33.93 -25.61 -60.89
CAC CLA BB . 31.43 -25.68 -58.93
CBC CLA BB . 31.67 -25.84 -57.45
ND CLA BB . 30.43 -30.92 -59.87
C1D CLA BB . 29.86 -29.90 -59.07
C2D CLA BB . 28.71 -30.44 -58.33
C3D CLA BB . 28.59 -31.77 -58.72
C4D CLA BB . 29.68 -32.01 -59.69
CMD CLA BB . 27.93 -29.64 -57.41
CAD CLA BB . 27.86 -33.02 -58.59
OBD CLA BB . 26.89 -33.30 -57.90
CBD CLA BB . 28.51 -34.05 -59.55
CGD CLA BB . 28.90 -35.32 -58.83
O1D CLA BB . 28.14 -36.13 -58.31
O2D CLA BB . 30.23 -35.55 -58.76
CED CLA BB . 30.67 -36.92 -58.78
C1 CLA BB . 29.13 -30.94 -63.10
C2 CLA BB . 28.19 -29.82 -62.86
C3 CLA BB . 28.56 -28.52 -62.84
C4 CLA BB . 27.56 -27.45 -62.60
C5 CLA BB . 29.98 -28.12 -63.05
C6 CLA BB . 30.21 -26.62 -63.03
C7 CLA BB . 30.29 -26.05 -64.43
C8 CLA BB . 31.20 -24.84 -64.54
C9 CLA BB . 32.65 -25.25 -64.40
C10 CLA BB . 30.85 -23.79 -63.49
C11 CLA BB . 31.10 -22.39 -64.00
C12 CLA BB . 32.31 -21.74 -63.36
C13 CLA BB . 31.95 -20.85 -62.17
C14 CLA BB . 32.05 -21.62 -60.87
C15 CLA BB . 30.56 -20.22 -62.34
C16 CLA BB . 29.95 -19.79 -61.01
C17 CLA BB . 30.31 -18.36 -60.66
C18 CLA BB . 29.93 -18.02 -59.23
C19 CLA BB . 29.93 -16.52 -59.01
C20 CLA BB . 28.58 -18.59 -58.86
MG CLA CB . 35.01 -28.53 -50.78
CHA CLA CB . 36.25 -29.31 -47.65
CHB CLA CB . 34.96 -31.83 -51.58
CHC CLA CB . 33.78 -27.69 -53.88
CHD CLA CB . 34.98 -25.10 -49.86
NA CLA CB . 35.54 -30.27 -49.76
C1A CLA CB . 36.04 -30.39 -48.45
C2A CLA CB . 36.28 -31.85 -48.09
C3A CLA CB . 35.93 -32.61 -49.39
C4A CLA CB . 35.43 -31.52 -50.32
CMA CLA CB . 37.13 -33.33 -49.96
CAA CLA CB . 35.38 -32.29 -46.94
CBA CLA CB . 34.62 -33.56 -47.22
CGA CLA CB . 33.23 -33.25 -47.70
O1A CLA CB . 32.24 -33.97 -47.71
O2A CLA CB . 33.11 -31.98 -48.19
NB CLA CB . 34.46 -29.57 -52.42
C1B CLA CB . 34.50 -30.92 -52.55
C2B CLA CB . 34.01 -31.31 -53.89
C3B CLA CB . 33.68 -30.15 -54.55
C4B CLA CB . 33.97 -29.02 -53.63
CMB CLA CB . 33.94 -32.70 -54.35
CAB CLA CB . 33.17 -29.98 -55.88
CBB CLA CB . 32.02 -29.37 -56.19
NC CLA CB . 34.50 -26.72 -51.70
C1C CLA CB . 34.03 -26.61 -52.98
C2C CLA CB . 33.80 -25.20 -53.30
C3C CLA CB . 34.10 -24.47 -52.15
C4C CLA CB . 34.54 -25.43 -51.15
CMC CLA CB . 33.30 -24.70 -54.57
CAC CLA CB . 34.00 -23.01 -51.98
CBC CLA CB . 35.32 -22.30 -51.96
ND CLA CB . 35.53 -27.40 -49.19
C1D CLA CB . 35.44 -26.01 -48.93
C2D CLA CB . 35.94 -25.74 -47.56
C3D CLA CB . 36.30 -26.97 -47.04
C4D CLA CB . 35.99 -27.97 -48.08
CMD CLA CB . 36.03 -24.42 -46.95
CAD CLA CB . 36.83 -27.67 -45.90
OBD CLA CB . 37.27 -27.23 -44.85
CBD CLA CB . 36.78 -29.20 -46.23
CGD CLA CB . 38.14 -29.81 -46.09
O1D CLA CB . 39.05 -29.84 -46.93
O2D CLA CB . 38.36 -30.40 -44.87
CED CLA CB . 39.72 -30.61 -44.47
C1 CLA CB . 31.83 -31.62 -48.75
C2 CLA CB . 31.97 -30.29 -49.36
C3 CLA CB . 31.03 -29.34 -49.25
C4 CLA CB . 29.77 -29.57 -48.51
C5 CLA CB . 31.22 -28.00 -49.89
C6 CLA CB . 30.68 -27.97 -51.30
C7 CLA CB . 30.27 -26.59 -51.72
C8 CLA CB . 29.40 -26.62 -52.97
C9 CLA CB . 30.22 -27.06 -54.17
C10 CLA CB . 28.74 -25.27 -53.23
C11 CLA CB . 29.61 -24.33 -54.02
C12 CLA CB . 28.87 -23.73 -55.20
C13 CLA CB . 28.98 -22.21 -55.24
C14 CLA CB . 28.43 -21.68 -56.54
C15 CLA CB . 30.42 -21.75 -55.04
C16 CLA CB . 30.55 -20.24 -55.14
C17 CLA CB . 29.93 -19.55 -53.93
C18 CLA CB . 30.95 -18.69 -53.19
C19 CLA CB . 32.12 -19.50 -52.73
C20 CLA CB . 31.41 -17.54 -54.08
MG CLA DB . 44.20 -27.16 -50.55
CHA CLA DB . 45.73 -30.11 -49.55
CHB CLA DB . 41.42 -28.01 -48.77
CHC CLA DB . 42.83 -24.10 -51.31
CHD CLA DB . 47.12 -26.29 -52.33
NA CLA DB . 43.68 -28.81 -49.38
C1A CLA DB . 44.47 -29.93 -49.08
C2A CLA DB . 43.69 -30.88 -48.16
C3A CLA DB . 42.27 -30.29 -48.13
C4A CLA DB . 42.45 -28.93 -48.79
CMA CLA DB . 41.29 -31.16 -48.88
CAA CLA DB . 44.33 -30.81 -46.79
CBA CLA DB . 43.62 -29.89 -45.81
CGA CLA DB . 44.04 -28.46 -45.99
O1A CLA DB . 44.84 -27.99 -46.80
O2A CLA DB . 43.43 -27.60 -45.12
NB CLA DB . 42.44 -26.27 -50.17
C1B CLA DB . 41.47 -26.74 -49.34
C2B CLA DB . 40.42 -25.70 -49.15
C3B CLA DB . 40.81 -24.59 -49.86
C4B CLA DB . 42.10 -24.93 -50.53
CMB CLA DB . 39.26 -25.94 -48.30
CAB CLA DB . 40.19 -23.30 -50.03
CBB CLA DB . 38.89 -23.02 -49.95
NC CLA DB . 44.85 -25.52 -51.66
C1C CLA DB . 44.12 -24.37 -51.84
C2C CLA DB . 44.87 -23.42 -52.63
C3C CLA DB . 46.10 -24.03 -52.93
C4C CLA DB . 46.07 -25.36 -52.32
CMC CLA DB . 44.36 -22.09 -52.97
CAC CLA DB . 47.26 -23.48 -53.68
CBC CLA DB . 46.93 -22.92 -55.04
ND CLA DB . 46.01 -27.96 -50.91
C1D CLA DB . 47.12 -27.52 -51.69
C2D CLA DB . 48.19 -28.53 -51.63
C3D CLA DB . 47.73 -29.54 -50.80
C4D CLA DB . 46.37 -29.14 -50.39
CMD CLA DB . 49.48 -28.41 -52.30
CAD CLA DB . 48.01 -30.81 -50.16
OBD CLA DB . 49.04 -31.47 -50.18
CBD CLA DB . 46.74 -31.24 -49.39
CGD CLA DB . 46.25 -32.57 -49.91
O1D CLA DB . 46.74 -33.23 -50.82
O2D CLA DB . 45.15 -33.07 -49.28
CED CLA DB . 45.08 -34.48 -49.09
C1 CLA DB . 42.11 -27.11 -45.45
C2 CLA DB . 42.16 -25.62 -45.51
C3 CLA DB . 41.17 -24.86 -45.04
C4 CLA DB . 39.96 -25.43 -44.41
C5 CLA DB . 41.22 -23.36 -45.09
C6 CLA DB . 42.41 -22.81 -45.86
C7 CLA DB . 42.01 -22.42 -47.26
C8 CLA DB . 42.16 -20.93 -47.56
C9 CLA DB . 43.39 -20.37 -46.90
C10 CLA DB . 40.91 -20.16 -47.13
C11 CLA DB . 41.01 -18.70 -47.49
C12 CLA DB . 39.74 -17.95 -47.17
C13 CLA DB . 40.03 -16.65 -46.41
C14 CLA DB . 40.10 -16.90 -44.92
C15 CLA DB . 39.00 -15.57 -46.72
C16 CLA DB . 39.56 -14.53 -47.66
C17 CLA DB . 38.92 -13.18 -47.48
C18 CLA DB . 37.65 -13.01 -48.30
C19 CLA DB . 37.31 -11.54 -48.45
C20 CLA DB . 37.79 -13.64 -49.67
MG CLA EB . 42.77 -14.75 -69.04
CHA CLA EB . 42.68 -11.28 -69.05
CHB CLA EB . 40.61 -14.80 -71.68
CHC CLA EB . 42.94 -18.17 -69.05
CHD CLA EB . 45.01 -14.65 -66.31
NA CLA EB . 41.81 -13.26 -70.16
C1A CLA EB . 41.91 -11.86 -70.01
C2A CLA EB . 41.04 -11.14 -71.04
C3A CLA EB . 40.33 -12.28 -71.79
C4A CLA EB . 40.95 -13.55 -71.19
CMA CLA EB . 38.84 -12.25 -71.59
CAA CLA EB . 41.90 -10.33 -71.99
CBA CLA EB . 41.21 -10.10 -73.32
CGA CLA EB . 42.16 -9.55 -74.33
O1A CLA EB . 41.95 -9.25 -75.50
O2A CLA EB . 43.42 -9.36 -73.84
NB CLA EB . 41.93 -16.20 -70.14
C1B CLA EB . 41.09 -16.02 -71.20
C2B CLA EB . 40.72 -17.35 -71.78
C3B CLA EB . 41.38 -18.31 -71.05
C4B CLA EB . 42.16 -17.60 -69.99
CMB CLA EB . 39.82 -17.48 -72.93
CAB CLA EB . 41.39 -19.75 -71.16
CBB CLA EB . 40.31 -20.51 -71.30
NC CLA EB . 43.78 -16.15 -67.88
C1C CLA EB . 43.70 -17.50 -68.05
C2C CLA EB . 44.55 -18.18 -67.07
C3C CLA EB . 45.14 -17.18 -66.30
C4C CLA EB . 44.66 -15.90 -66.81
CMC CLA EB . 44.71 -19.63 -66.96
CAC CLA EB . 46.07 -17.36 -65.17
CBC CLA EB . 47.50 -17.04 -65.55
ND CLA EB . 43.65 -13.35 -67.90
C1D CLA EB . 44.55 -13.44 -66.80
C2D CLA EB . 44.89 -12.07 -66.33
C3D CLA EB . 44.19 -11.21 -67.16
C4D CLA EB . 43.45 -12.05 -68.11
CMD CLA EB . 45.79 -11.77 -65.21
CAD CLA EB . 43.90 -9.82 -67.46
OBD CLA EB . 44.30 -8.81 -66.91
CBD CLA EB . 42.93 -9.82 -68.69
CGD CLA EB . 41.65 -9.09 -68.39
O1D CLA EB . 41.23 -8.06 -68.93
O2D CLA EB . 40.91 -9.66 -67.40
CED CLA EB . 39.60 -9.12 -67.16
C1 CLA EB . 44.50 -9.95 -74.59
C2 CLA EB . 44.44 -11.41 -74.34
C3 CLA EB . 45.48 -12.23 -74.57
C4 CLA EB . 46.78 -11.73 -75.10
C5 CLA EB . 45.38 -13.69 -74.32
C6 CLA EB . 44.03 -14.09 -73.75
C7 CLA EB . 44.07 -15.48 -73.17
C8 CLA EB . 44.18 -16.55 -74.25
C9 CLA EB . 42.98 -16.48 -75.18
C10 CLA EB . 44.29 -17.94 -73.64
C11 CLA EB . 45.30 -17.99 -72.52
C12 CLA EB . 45.44 -19.37 -71.93
C13 CLA EB . 46.35 -19.39 -70.71
C14 CLA EB . 47.64 -18.63 -70.97
C15 CLA EB . 46.67 -20.81 -70.27
MG CLA FB . 36.70 -11.87 -54.18
CHA CLA FB . 35.38 -8.67 -54.02
CHB CLA FB . 39.31 -10.90 -52.22
CHC CLA FB . 37.91 -15.09 -54.30
CHD CLA FB . 33.94 -12.85 -56.17
NA CLA FB . 37.25 -10.06 -53.29
C1A CLA FB . 36.56 -8.83 -53.34
C2A CLA FB . 37.29 -7.76 -52.53
C3A CLA FB . 38.56 -8.49 -52.03
C4A CLA FB . 38.38 -9.92 -52.54
CMA CLA FB . 39.83 -7.84 -52.52
CAA CLA FB . 36.45 -7.29 -51.36
CBA CLA FB . 36.07 -8.44 -50.44
CGA CLA FB . 34.66 -8.89 -50.71
O1A CLA FB . 33.72 -8.25 -51.19
O2A CLA FB . 34.44 -10.19 -50.35
NB CLA FB . 38.32 -12.81 -53.43
C1B CLA FB . 39.25 -12.24 -52.62
C2B CLA FB . 40.24 -13.29 -52.21
C3B CLA FB . 39.85 -14.47 -52.78
C4B CLA FB . 38.62 -14.18 -53.57
CMB CLA FB . 41.37 -13.00 -51.32
CAB CLA FB . 40.43 -15.79 -52.71
CBB CLA FB . 40.78 -16.40 -51.58
NC CLA FB . 36.04 -13.63 -55.09
C1C CLA FB . 36.71 -14.83 -55.01
C2C CLA FB . 35.97 -15.85 -55.75
C3C CLA FB . 34.83 -15.23 -56.28
C4C CLA FB . 34.89 -13.83 -55.86
CMC CLA FB . 36.39 -17.24 -55.87
CAC CLA FB . 33.78 -15.85 -57.09
CBC CLA FB . 34.04 -15.79 -58.58
ND CLA FB . 35.04 -11.02 -54.96
C1D CLA FB . 33.99 -11.54 -55.76
C2D CLA FB . 33.03 -10.45 -56.05
C3D CLA FB . 33.52 -9.32 -55.42
C4D CLA FB . 34.76 -9.74 -54.74
CMD CLA FB . 31.82 -10.59 -56.86
CAD CLA FB . 33.30 -7.92 -55.12
OBD CLA FB . 32.38 -7.19 -55.46
CBD CLA FB . 34.50 -7.45 -54.22
CGD CLA FB . 35.25 -6.30 -54.84
O1D CLA FB . 36.31 -6.34 -55.46
O2D CLA FB . 34.65 -5.10 -54.67
CED CLA FB . 35.43 -3.92 -54.90
C1 CLA FB . 34.89 -11.22 -51.23
C2 CLA FB . 33.68 -11.90 -51.78
C3 CLA FB . 33.65 -13.19 -52.13
C4 CLA FB . 32.41 -13.82 -52.66
C5 CLA FB . 34.85 -14.06 -52.01
C6 CLA FB . 34.50 -15.53 -51.87
C7 CLA FB . 35.40 -16.22 -50.86
C8 CLA FB . 36.32 -17.24 -51.51
C9 CLA FB . 35.55 -18.20 -52.38
C10 CLA FB . 37.12 -18.02 -50.45
C11 CLA FB . 36.31 -19.11 -49.80
C12 CLA FB . 35.90 -18.76 -48.39
C13 CLA FB . 35.56 -19.99 -47.56
C14 CLA FB . 36.78 -20.87 -47.41
C15 CLA FB . 34.40 -20.77 -48.17
C16 CLA FB . 33.09 -20.38 -47.54
C17 CLA FB . 31.93 -20.54 -48.50
C18 CLA FB . 31.55 -22.00 -48.69
C19 CLA FB . 30.56 -22.45 -47.62
C20 CLA FB . 30.95 -22.23 -50.06
MG CLA GB . 30.47 -8.61 -63.24
CHA CLA GB . 30.57 -6.19 -65.74
CHB CLA GB . 27.66 -7.18 -61.96
CHC CLA GB . 30.40 -11.05 -60.82
CHD CLA GB . 33.39 -10.06 -64.61
NA CLA GB . 29.32 -6.96 -63.79
C1A CLA GB . 29.52 -6.08 -64.87
C2A CLA GB . 28.43 -5.01 -64.91
C3A CLA GB . 27.53 -5.35 -63.69
C4A CLA GB . 28.20 -6.58 -63.10
CMA CLA GB . 27.44 -4.21 -62.71
CAA CLA GB . 27.62 -5.06 -66.19
CBA CLA GB . 26.86 -6.36 -66.31
CGA CLA GB . 25.97 -6.31 -67.51
O1A CLA GB . 25.77 -5.37 -68.29
O2A CLA GB . 25.32 -7.49 -67.74
NB CLA GB . 29.26 -9.04 -61.70
C1B CLA GB . 28.17 -8.32 -61.32
C2B CLA GB . 27.59 -8.90 -60.07
C3B CLA GB . 28.36 -9.99 -59.75
C4B CLA GB . 29.43 -10.10 -60.78
CMB CLA GB . 26.40 -8.33 -59.42
CAB CLA GB . 28.26 -10.93 -58.66
CBB CLA GB . 27.95 -10.62 -57.40
NC CLA GB . 31.68 -10.25 -62.80
C1C CLA GB . 31.46 -11.12 -61.77
C2C CLA GB . 32.49 -12.16 -61.76
C3C CLA GB . 33.35 -11.88 -62.84
C4C CLA GB . 32.83 -10.68 -63.49
CMC CLA GB . 32.57 -13.26 -60.79
CAC CLA GB . 34.53 -12.65 -63.25
CBC CLA GB . 34.24 -13.54 -64.43
ND CLA GB . 31.74 -8.26 -64.78
C1D CLA GB . 32.90 -8.94 -65.24
C2D CLA GB . 33.44 -8.23 -66.42
C3D CLA GB . 32.60 -7.16 -66.64
C4D CLA GB . 31.55 -7.23 -65.60
CMD CLA GB . 34.64 -8.64 -67.15
CAD CLA GB . 32.32 -6.00 -67.46
OBD CLA GB . 32.95 -5.54 -68.41
CBD CLA GB . 30.99 -5.37 -66.93
CGD CLA GB . 31.15 -3.92 -66.56
O1D CLA GB . 30.54 -2.95 -67.03
O2D CLA GB . 32.07 -3.69 -65.59
CED CLA GB . 31.84 -2.59 -64.70
C1 CLA GB . 25.49 -8.10 -69.03
C2 CLA GB . 24.88 -9.45 -68.95
C3 CLA GB . 25.16 -10.43 -69.83
C4 CLA GB . 26.11 -10.24 -70.94
C5 CLA GB . 24.53 -11.77 -69.70
C6 CLA GB . 23.98 -12.03 -68.31
C7 CLA GB . 23.19 -13.32 -68.28
C8 CLA GB . 23.01 -13.84 -66.86
C9 CLA GB . 22.48 -12.75 -65.95
C10 CLA GB . 24.31 -14.40 -66.31
C11 CLA GB . 24.08 -15.32 -65.13
CAA F6C HB . 25.01 -0.97 -57.13
CAB F6C HB . 25.12 -5.31 -48.71
CAC F6C HB . 29.74 -9.79 -53.43
CAD F6C HB . 28.68 -3.78 -58.87
NA F6C HB . 26.54 -2.85 -54.63
CBA F6C HB . 23.91 -1.97 -56.85
CBB F6C HB . 26.02 -5.63 -47.76
CBC F6C HB . 31.17 -9.72 -52.92
CBD F6C HB . 27.87 -2.59 -58.29
NB F6C HB . 26.39 -4.30 -52.06
OBD F6C HB . 29.15 -3.80 -60.00
CGA F6C HB . 24.19 -3.29 -57.51
CGD F6C HB . 28.66 -1.31 -58.31
ND F6C HB . 28.06 -5.14 -55.64
CED F6C HB . 29.39 0.52 -59.65
CHA F6C HB . 27.48 -2.97 -56.87
CHB F6C HB . 25.35 -2.13 -52.59
CHC F6C HB . 26.99 -6.40 -50.90
CHD F6C HB . 29.11 -7.33 -55.25
CMA F6C HB . 26.04 0.53 -54.00
CMB F6C HB . 24.04 -2.50 -49.82
CMC F6C HB . 28.39 -9.13 -50.60
CMD F6C HB . 30.03 -6.99 -58.26
OMB F6C HB . 23.13 -2.00 -50.49
C1 F6C HB . 24.55 -5.62 -57.11
C1A F6C HB . 26.76 -2.31 -55.91
C1B F6C HB . 25.59 -3.25 -51.77
C1C F6C HB . 27.74 -7.02 -51.95
C1D F6C HB . 28.82 -6.26 -56.07
O1A F6C HB . 24.23 -3.56 -58.70
O1D F6C HB . 29.44 -0.89 -57.44
C2 F6C HB . 25.01 -6.47 -55.98
C2A F6C HB . 26.09 -0.95 -56.06
C2B F6C HB . 24.96 -3.44 -50.43
C2C F6C HB . 28.39 -8.32 -51.81
C2D F6C HB . 29.25 -6.04 -57.47
O2A F6C HB . 24.45 -4.28 -56.60
O2D F6C HB . 28.48 -0.55 -59.42
C3 F6C HB . 24.52 -7.69 -55.73
C3A F6C HB . 25.47 -0.70 -54.67
C3B F6C HB . 25.42 -4.65 -49.94
C3C F6C HB . 28.97 -8.60 -53.06
C3D F6C HB . 28.77 -4.79 -57.83
C4 F6C HB . 23.47 -8.30 -56.57
C4A F6C HB . 25.80 -1.98 -53.89
C4B F6C HB . 26.34 -5.21 -50.98
C4C F6C HB . 28.68 -7.46 -53.92
C4D F6C HB . 28.05 -4.26 -56.65
C5 F6C HB . 25.02 -8.49 -54.58
C6 F6C HB . 25.39 -9.91 -54.97
NC F6C HB . 27.93 -6.52 -53.20
MG F6C HB . 27.21 -4.67 -53.87
MG CLA IB . 32.11 -1.80 -45.84
CHA CLA IB . 33.15 -3.24 -48.81
CHB CLA IB . 28.90 -2.65 -46.55
CHC CLA IB . 31.16 -0.51 -42.80
CHD CLA IB . 35.48 -0.90 -45.17
NA CLA IB . 31.19 -2.78 -47.44
C1A CLA IB . 31.80 -3.32 -48.58
C2A CLA IB . 30.77 -3.96 -49.50
C3A CLA IB . 29.42 -3.67 -48.80
C4A CLA IB . 29.84 -3.00 -47.49
CMA CLA IB . 28.55 -2.76 -49.64
CAA CLA IB . 30.99 -5.47 -49.62
CBA CLA IB . 31.28 -6.10 -48.27
CGA CLA IB . 31.84 -7.48 -48.43
O1A CLA IB . 31.30 -8.49 -48.90
O2A CLA IB . 33.14 -7.58 -48.00
NB CLA IB . 30.36 -1.61 -44.86
C1B CLA IB . 29.15 -2.01 -45.32
C2B CLA IB . 28.10 -1.69 -44.31
C3B CLA IB . 28.73 -1.09 -43.26
C4B CLA IB . 30.19 -1.03 -43.59
CMB CLA IB . 26.68 -2.00 -44.51
CAB CLA IB . 28.18 -0.57 -42.03
CBB CLA IB . 28.48 -1.02 -40.81
NC CLA IB . 33.14 -0.86 -44.28
C1C CLA IB . 32.56 -0.42 -43.12
C2C CLA IB . 33.56 0.15 -42.24
C3C CLA IB . 34.78 0.06 -42.91
C4C CLA IB . 34.51 -0.59 -44.20
CMC CLA IB . 33.29 0.72 -40.92
CAC CLA IB . 36.09 0.50 -42.43
CBC CLA IB . 36.31 1.99 -42.58
ND CLA IB . 33.92 -1.96 -46.74
C1D CLA IB . 35.22 -1.54 -46.36
C2D CLA IB . 36.18 -1.92 -47.43
C3D CLA IB . 35.43 -2.59 -48.38
C4D CLA IB . 34.04 -2.59 -47.91
CMD CLA IB . 37.61 -1.64 -47.40
CAD CLA IB . 35.46 -3.26 -49.68
OBD CLA IB . 36.40 -3.47 -50.43
CBD CLA IB . 34.00 -3.71 -49.98
CGD CLA IB . 33.48 -3.17 -51.28
O1D CLA IB . 33.47 -3.73 -52.37
O2D CLA IB . 32.97 -1.91 -51.19
CED CLA IB . 32.26 -1.40 -52.33
C1 CLA IB . 33.56 -8.84 -47.43
C2 CLA IB . 32.94 -8.96 -46.09
C3 CLA IB . 33.65 -9.18 -44.97
C4 CLA IB . 32.98 -9.28 -43.64
C5 CLA IB . 35.12 -9.33 -44.99
C6 CLA IB . 35.81 -8.94 -43.69
C7 CLA IB . 36.28 -7.51 -43.72
C8 CLA IB . 37.12 -7.11 -42.51
C9 CLA IB . 38.19 -8.14 -42.25
C10 CLA IB . 36.26 -6.92 -41.27
C11 CLA IB . 36.84 -5.86 -40.35
C12 CLA IB . 35.83 -5.43 -39.30
C13 CLA IB . 36.43 -4.42 -38.32
C14 CLA IB . 35.52 -4.24 -37.12
C15 CLA IB . 36.69 -3.08 -39.00
C16 CLA IB . 37.02 -2.00 -38.00
C17 CLA IB . 37.28 -0.67 -38.68
C18 CLA IB . 37.58 0.43 -37.67
C19 CLA IB . 38.98 0.29 -37.11
C20 CLA IB . 37.41 1.79 -38.30
CAA F6C JB . 45.56 -10.95 -49.04
CAB F6C JB . 37.48 -5.62 -47.82
CAC F6C JB . 41.70 -2.03 -53.56
CAD F6C JB . 46.32 -8.71 -53.30
NA F6C JB . 42.93 -8.68 -49.83
CBA F6C JB . 45.84 -12.39 -48.70
CBB F6C JB . 36.28 -6.14 -47.57
CBC F6C JB . 41.68 -0.58 -53.17
CBD F6C JB . 45.87 -9.71 -52.19
NB F6C JB . 40.76 -6.80 -49.13
OBD F6C JB . 47.25 -8.92 -54.07
CGA F6C JB . 47.27 -12.54 -48.29
CGD F6C JB . 45.51 -11.05 -52.78
ND F6C JB . 43.66 -6.78 -51.92
CED F6C JB . 43.81 -12.27 -53.92
CHA F6C JB . 44.72 -9.06 -51.44
CHB F6C JB . 41.26 -8.95 -48.03
CHC F6C JB . 39.63 -4.71 -49.78
CHD F6C JB . 43.27 -4.65 -53.08
CMA F6C JB . 42.28 -11.77 -48.12
CMB F6C JB . 38.56 -8.48 -46.64
CMC F6C JB . 39.29 -2.09 -51.29
CMD F6C JB . 45.73 -5.60 -54.83
OMB F6C JB . 39.29 -9.13 -45.89
C1 F6C JB . 49.34 -13.46 -49.06
C1A F6C JB . 43.97 -9.47 -50.36
C1B F6C JB . 40.45 -7.82 -48.28
C1C F6C JB . 40.52 -4.28 -50.80
C1D F6C JB . 43.97 -5.82 -52.92
O1A F6C JB . 47.90 -11.89 -47.45
O1D F6C JB . 46.26 -11.98 -53.05
C2 F6C JB . 49.65 -12.32 -49.97
C2A F6C JB . 44.14 -10.76 -49.55
C2B F6C JB . 39.15 -7.56 -47.61
C2C F6C JB . 40.37 -3.05 -51.56
C2D F6C JB . 45.12 -6.31 -53.72
O2A F6C JB . 47.91 -13.55 -48.96
O2D F6C JB . 44.17 -11.21 -53.04
C3 F6C JB . 49.45 -12.39 -51.30
C3A F6C JB . 43.16 -10.57 -48.37
C3B F6C JB . 38.68 -6.37 -48.10
C3C F6C JB . 41.39 -3.03 -52.52
C3D F6C JB . 45.43 -7.56 -53.21
C4 F6C JB . 48.94 -13.59 -51.98
C4A F6C JB . 42.38 -9.32 -48.75
C4B F6C JB . 39.71 -5.86 -49.06
C4C F6C JB . 42.16 -4.25 -52.32
C4D F6C JB . 44.50 -7.80 -52.09
C5 F6C JB . 49.78 -11.22 -52.17
C6 F6C JB . 50.57 -10.14 -51.46
C7 F6C JB . 50.13 -8.77 -51.91
C8 F6C JB . 51.20 -7.70 -51.67
C9 F6C JB . 51.72 -7.77 -50.25
C10 F6C JB . 50.65 -6.31 -51.97
C11 F6C JB . 49.41 -6.01 -51.17
C12 F6C JB . 48.39 -5.26 -52.00
C13 F6C JB . 48.30 -3.78 -51.62
C14 F6C JB . 46.95 -3.22 -51.96
C15 F6C JB . 49.39 -2.96 -52.32
NC F6C JB . 41.60 -4.99 -51.26
MG F6C JB . 42.23 -6.83 -50.50
C16 F6C JB . 49.60 -1.63 -51.63
C17 F6C JB . 50.38 -0.68 -52.51
C18 F6C JB . 51.11 0.39 -51.70
C19 F6C JB . 51.68 1.45 -52.60
C20 F6C JB . 50.18 1.02 -50.68
MG CLA KB . 37.20 -14.17 -34.09
CHA CLA KB . 36.19 -17.44 -34.64
CHB CLA KB . 34.76 -13.07 -36.20
CHC CLA KB . 38.15 -10.96 -33.40
CHD CLA KB . 39.74 -15.38 -31.94
NA CLA KB . 35.72 -15.12 -35.22
C1A CLA KB . 35.45 -16.49 -35.31
C2A CLA KB . 34.27 -16.76 -36.21
C3A CLA KB . 33.94 -15.37 -36.81
C4A CLA KB . 34.84 -14.44 -36.02
CMA CLA KB . 34.22 -15.33 -38.29
CAA CLA KB . 33.14 -17.15 -35.29
CBA CLA KB . 31.77 -17.09 -35.94
CGA CLA KB . 30.75 -17.49 -34.93
O1A CLA KB . 30.92 -18.04 -33.84
O2A CLA KB . 29.47 -17.19 -35.30
NB CLA KB . 36.61 -12.36 -34.72
C1B CLA KB . 35.54 -12.11 -35.53
C2B CLA KB . 35.31 -10.65 -35.63
C3B CLA KB . 36.27 -10.04 -34.85
C4B CLA KB . 37.11 -11.13 -34.25
CMB CLA KB . 34.23 -10.08 -36.43
CAB CLA KB . 36.50 -8.65 -34.54
CBB CLA KB . 35.57 -7.71 -34.40
NC CLA KB . 38.68 -13.33 -32.89
C1C CLA KB . 38.89 -11.99 -32.75
C2C CLA KB . 39.99 -11.75 -31.83
C3C CLA KB . 40.46 -13.01 -31.42
C4C CLA KB . 39.63 -14.00 -32.10
CMC CLA KB . 40.49 -10.43 -31.43
CAC CLA KB . 41.56 -13.29 -30.49
CBC CLA KB . 41.07 -13.71 -29.12
ND CLA KB . 37.82 -15.96 -33.37
C1D CLA KB . 38.91 -16.32 -32.52
C2D CLA KB . 38.95 -17.79 -32.40
C3D CLA KB . 37.92 -18.28 -33.18
C4D CLA KB . 37.27 -17.10 -33.78
CMD CLA KB . 39.91 -18.53 -31.57
CAD CLA KB . 37.22 -19.46 -33.66
OBD CLA KB . 37.39 -20.63 -33.39
CBD CLA KB . 36.13 -18.95 -34.66
CGD CLA KB . 36.39 -19.45 -36.06
O1D CLA KB . 36.70 -18.79 -37.04
O2D CLA KB . 36.26 -20.80 -36.22
CED CLA KB . 36.66 -21.35 -37.46
C1 CLA KB . 28.43 -17.72 -34.45
C2 CLA KB . 27.41 -18.30 -35.36
C3 CLA KB . 26.37 -17.58 -35.83
C4 CLA KB . 26.17 -16.16 -35.48
C5 CLA KB . 25.37 -18.21 -36.74
C6 CLA KB . 25.46 -17.66 -38.16
C7 CLA KB . 24.88 -18.65 -39.15
C8 CLA KB . 24.81 -18.07 -40.56
C9 CLA KB . 26.15 -17.47 -40.96
C10 CLA KB . 23.70 -17.02 -40.66
MG CLA LB . 32.84 -24.52 -40.87
CHA CLA LB . 32.93 -21.27 -39.69
CHB CLA LB . 32.37 -23.37 -44.03
CHC CLA LB . 32.74 -27.77 -41.98
CHD CLA LB . 33.29 -25.68 -37.55
NA CLA LB . 32.68 -22.61 -41.70
C1A CLA LB . 32.74 -21.38 -41.04
C2A CLA LB . 32.55 -20.22 -42.02
C3A CLA LB . 32.31 -20.93 -43.38
C4A CLA LB . 32.47 -22.41 -43.03
CMA CLA LB . 30.93 -20.63 -43.92
CAA CLA LB . 33.77 -19.31 -42.11
CBA CLA LB . 33.35 -17.97 -42.67
CGA CLA LB . 34.56 -17.14 -43.01
O1A CLA LB . 35.51 -16.85 -42.30
O2A CLA LB . 34.51 -16.65 -44.29
NB CLA LB . 32.55 -25.40 -42.66
C1B CLA LB . 32.49 -24.75 -43.86
C2B CLA LB . 32.55 -25.74 -44.98
C3B CLA LB . 32.66 -26.99 -44.39
C4B CLA LB . 32.65 -26.79 -42.92
CMB CLA LB . 32.50 -25.33 -46.38
CAB CLA LB . 32.75 -28.30 -44.97
CBB CLA LB . 33.23 -28.62 -46.17
NC CLA LB . 32.98 -26.38 -39.93
C1C CLA LB . 32.89 -27.57 -40.57
C2C CLA LB . 33.00 -28.67 -39.61
C3C CLA LB . 33.18 -28.08 -38.36
C4C CLA LB . 33.16 -26.64 -38.57
CMC CLA LB . 32.93 -30.08 -39.97
CAC CLA LB . 33.32 -28.75 -37.06
CBC CLA LB . 32.01 -28.95 -36.35
ND CLA LB . 33.13 -23.74 -39.03
C1D CLA LB . 33.27 -24.33 -37.75
C2D CLA LB . 33.39 -23.25 -36.73
C3D CLA LB . 33.26 -22.07 -37.42
C4D CLA LB . 33.08 -22.42 -38.85
CMD CLA LB . 33.57 -23.48 -35.30
CAD CLA LB . 33.24 -20.63 -37.33
OBD CLA LB . 33.38 -19.94 -36.33
CBD CLA LB . 32.99 -20.07 -38.76
CGD CLA LB . 31.72 -19.26 -38.82
O1D CLA LB . 30.58 -19.62 -38.56
O2D CLA LB . 31.93 -17.97 -39.20
CED CLA LB . 30.91 -17.34 -39.99
C1 CLA LB . 35.44 -15.59 -44.61
C2 CLA LB . 34.63 -14.48 -45.18
C3 CLA LB . 34.11 -14.51 -46.42
C4 CLA LB . 34.29 -15.67 -47.33
C5 CLA LB . 33.31 -13.37 -46.94
C6 CLA LB . 31.94 -13.80 -47.44
C7 CLA LB . 31.27 -12.67 -48.19
C8 CLA LB . 29.78 -12.61 -47.93
C9 CLA LB . 29.01 -12.98 -49.19
C10 CLA LB . 29.36 -11.22 -47.46
C11 CLA LB . 27.94 -11.20 -46.95
C12 CLA LB . 27.59 -9.87 -46.31
C13 CLA LB . 26.13 -9.83 -45.87
C14 CLA LB . 25.85 -10.93 -44.86
C15 CLA LB . 25.18 -9.93 -47.05
C16 CLA LB . 23.74 -9.75 -46.62
C17 CLA LB . 23.39 -8.29 -46.39
C18 CLA LB . 22.05 -8.11 -45.70
C19 CLA LB . 21.00 -9.05 -46.25
C20 CLA LB . 22.19 -8.31 -44.20
MG CLA MB . 54.14 -24.77 -33.17
CHA CLA MB . 56.10 -26.53 -35.43
CHB CLA MB . 52.62 -27.66 -32.25
CHC CLA MB . 52.43 -23.03 -30.76
CHD CLA MB . 55.75 -21.78 -34.17
NA CLA MB . 54.30 -26.75 -33.80
C1A CLA MB . 55.19 -27.28 -34.75
C2A CLA MB . 54.96 -28.79 -34.92
C3A CLA MB . 53.68 -29.04 -34.09
C4A CLA MB . 53.51 -27.75 -33.31
CMA CLA MB . 52.49 -29.33 -34.98
CAA CLA MB . 56.14 -29.58 -34.39
CBA CLA MB . 56.34 -29.47 -32.90
CGA CLA MB . 57.28 -28.35 -32.57
O1A CLA MB . 57.01 -27.21 -32.18
O2A CLA MB . 58.60 -28.68 -32.74
NB CLA MB . 52.71 -25.24 -31.83
C1B CLA MB . 52.39 -26.51 -31.48
C2B CLA MB . 51.73 -26.53 -30.14
C3B CLA MB . 51.67 -25.22 -29.71
C4B CLA MB . 52.29 -24.39 -30.79
CMB CLA MB . 51.26 -27.77 -29.51
CAB CLA MB . 51.16 -24.63 -28.51
CBB CLA MB . 51.08 -25.20 -27.31
NC CLA MB . 54.06 -22.76 -32.61
C1C CLA MB . 53.26 -22.26 -31.63
C2C CLA MB . 53.41 -20.82 -31.54
C3C CLA MB . 54.39 -20.47 -32.47
C4C CLA MB . 54.78 -21.69 -33.15
CMC CLA MB . 52.70 -19.95 -30.59
CAC CLA MB . 54.89 -19.11 -32.76
CBC CLA MB . 56.27 -18.87 -32.18
ND CLA MB . 55.57 -24.20 -34.48
C1D CLA MB . 56.13 -22.95 -34.80
C2D CLA MB . 57.17 -23.13 -35.83
C3D CLA MB . 57.24 -24.49 -36.07
C4D CLA MB . 56.21 -25.11 -35.23
CMD CLA MB . 57.98 -22.05 -36.39
CAD CLA MB . 57.87 -25.54 -36.83
OBD CLA MB . 58.80 -25.48 -37.63
CBD CLA MB . 57.15 -26.88 -36.47
CGD CLA MB . 56.57 -27.53 -37.69
O1D CLA MB . 55.72 -27.07 -38.45
O2D CLA MB . 57.09 -28.75 -37.98
CED CLA MB . 57.25 -29.10 -39.35
C1 CLA MB . 59.49 -28.33 -31.66
C2 CLA MB . 60.51 -27.43 -32.24
C3 CLA MB . 61.62 -27.04 -31.58
C4 CLA MB . 62.61 -26.12 -32.19
C5 CLA MB . 61.89 -27.50 -30.19
C6 CLA MB . 62.56 -26.45 -29.34
C7 CLA MB . 63.28 -27.07 -28.17
C8 CLA MB . 64.30 -26.15 -27.50
C9 CLA MB . 64.84 -25.14 -28.48
C10 CLA MB . 65.45 -26.96 -26.91
C11 CLA MB . 65.99 -26.33 -25.65
C12 CLA MB . 67.47 -26.06 -25.74
C13 CLA MB . 68.31 -27.28 -25.40
C14 CLA MB . 69.30 -26.97 -24.30
C15 CLA MB . 69.04 -27.83 -26.62
MG CLA NB . 50.54 -24.39 -41.50
CHA CLA NB . 50.13 -27.66 -42.60
CHB CLA NB . 53.37 -25.31 -39.85
CHC CLA NB . 51.00 -21.11 -40.58
CHD CLA NB . 47.62 -23.47 -43.26
NA CLA NB . 51.54 -26.21 -41.24
C1A CLA NB . 51.23 -27.46 -41.80
C2A CLA NB . 52.21 -28.53 -41.35
C3A CLA NB . 53.11 -27.78 -40.32
C4A CLA NB . 52.66 -26.33 -40.48
CMA CLA NB . 52.87 -28.30 -38.93
CAA CLA NB . 53.02 -29.12 -42.49
CBA CLA NB . 53.98 -28.13 -43.12
CGA CLA NB . 53.79 -28.13 -44.60
O1A CLA NB . 54.62 -28.36 -45.48
O2A CLA NB . 52.51 -27.84 -44.96
NB CLA NB . 51.90 -23.41 -40.37
C1B CLA NB . 53.05 -23.94 -39.91
C2B CLA NB . 53.96 -22.86 -39.43
C3B CLA NB . 53.28 -21.67 -39.62
C4B CLA NB . 51.96 -22.01 -40.22
CMB CLA NB . 55.28 -23.15 -38.86
CAB CLA NB . 53.65 -20.30 -39.36
CBB CLA NB . 54.77 -19.85 -38.81
NC CLA NB . 49.47 -22.63 -41.83
C1C CLA NB . 49.82 -21.40 -41.33
C2C CLA NB . 48.83 -20.40 -41.71
C3C CLA NB . 47.90 -21.06 -42.51
C4C CLA NB . 48.30 -22.46 -42.57
CMC CLA NB . 48.88 -18.99 -41.35
CAC CLA NB . 46.70 -20.48 -43.15
CBC CLA NB . 46.90 -20.18 -44.62
ND CLA NB . 49.15 -25.29 -42.65
C1D CLA NB . 48.01 -24.80 -43.33
C2D CLA NB . 47.34 -25.92 -44.03
C3D CLA NB . 48.11 -27.03 -43.79
C4D CLA NB . 49.23 -26.59 -42.93
CMD CLA NB . 46.13 -25.79 -44.83
CAD CLA NB . 48.28 -28.45 -44.01
OBD CLA NB . 47.55 -29.23 -44.62
CBD CLA NB . 49.59 -28.89 -43.29
CGD CLA NB . 49.38 -30.01 -42.32
O1D CLA NB . 48.56 -30.07 -41.40
O2D CLA NB . 50.20 -31.08 -42.51
CED CLA NB . 49.91 -32.28 -41.80
C1 CLA NB . 52.15 -28.01 -46.35
C2 CLA NB . 50.76 -27.52 -46.48
C3 CLA NB . 49.94 -27.93 -47.45
C4 CLA NB . 50.37 -28.90 -48.49
C5 CLA NB . 48.54 -27.41 -47.54
C6 CLA NB . 48.46 -26.03 -48.17
C7 CLA NB . 47.02 -25.66 -48.46
C8 CLA NB . 46.78 -24.17 -48.30
C9 CLA NB . 45.30 -23.87 -48.34
C10 CLA NB . 47.51 -23.38 -49.37
C11 CLA NB . 47.56 -21.90 -49.05
C12 CLA NB . 47.10 -21.05 -50.23
C13 CLA NB . 47.45 -19.59 -50.05
C14 CLA NB . 48.94 -19.37 -50.15
C15 CLA NB . 46.92 -19.04 -48.73
C16 CLA NB . 46.27 -17.68 -48.90
C17 CLA NB . 45.37 -17.34 -47.74
C18 CLA NB . 44.70 -15.99 -47.92
C19 CLA NB . 43.62 -16.06 -48.98
C20 CLA NB . 44.09 -15.53 -46.61
MG CLA OB . 54.53 -6.19 -36.70
CHA CLA OB . 56.01 -3.29 -35.50
CHB CLA OB . 55.98 -5.69 -39.73
CHC CLA OB . 53.26 -9.21 -37.75
CHD CLA OB . 53.10 -6.72 -33.51
NA CLA OB . 55.76 -4.70 -37.48
C1A CLA OB . 56.30 -3.59 -36.81
C2A CLA OB . 57.17 -2.76 -37.75
C3A CLA OB . 57.02 -3.47 -39.11
C4A CLA OB . 56.21 -4.71 -38.78
CMA CLA OB . 56.30 -2.58 -40.09
CAA CLA OB . 58.63 -2.79 -37.29
CBA CLA OB . 59.18 -4.19 -37.23
CGA CLA OB . 60.03 -4.36 -36.01
O1A CLA OB . 59.97 -3.76 -34.94
O2A CLA OB . 60.98 -5.33 -36.16
NB CLA OB . 54.64 -7.26 -38.40
C1B CLA OB . 55.24 -6.86 -39.55
C2B CLA OB . 54.99 -7.86 -40.62
C3B CLA OB . 54.22 -8.87 -40.07
C4B CLA OB . 53.98 -8.49 -38.65
CMB CLA OB . 55.51 -7.72 -41.97
CAB CLA OB . 53.67 -10.07 -40.64
CBB CLA OB . 53.27 -10.25 -41.90
NC CLA OB . 53.37 -7.67 -35.80
C1C CLA OB . 52.96 -8.82 -36.41
C2C CLA OB . 52.21 -9.65 -35.47
C3C CLA OB . 52.15 -8.94 -34.28
C4C CLA OB . 52.90 -7.70 -34.49
CMC CLA OB . 51.64 -10.95 -35.80
CAC CLA OB . 51.50 -9.36 -33.02
CBC CLA OB . 52.48 -9.95 -32.05
ND CLA OB . 54.41 -5.20 -34.94
C1D CLA OB . 53.82 -5.55 -33.70
C2D CLA OB . 54.09 -4.47 -32.72
C3D CLA OB . 54.94 -3.59 -33.36
C4D CLA OB . 55.13 -4.10 -34.73
CMD CLA OB . 53.59 -4.46 -31.34
CAD CLA OB . 55.68 -2.34 -33.25
OBD CLA OB . 55.73 -1.54 -32.33
CBD CLA OB . 56.46 -2.16 -34.59
CGD CLA OB . 56.26 -0.79 -35.18
O1D CLA OB . 56.78 0.27 -34.79
O2D CLA OB . 55.42 -0.74 -36.25
CED CLA OB . 55.35 0.50 -36.97
C1 CLA OB . 60.91 -6.46 -35.25
C2 CLA OB . 62.08 -6.34 -34.34
C3 CLA OB . 62.27 -7.13 -33.26
C4 CLA OB . 63.45 -6.98 -32.39
C5 CLA OB . 61.32 -8.22 -32.90
C6 CLA OB . 61.99 -9.56 -32.67
C7 CLA OB . 61.77 -10.05 -31.25
C8 CLA OB . 60.70 -11.14 -31.17
C9 CLA OB . 59.56 -10.69 -30.29
C10 CLA OB . 61.28 -12.44 -30.63
C11 CLA OB . 60.24 -13.54 -30.62
C12 CLA OB . 60.67 -14.75 -29.80
C13 CLA OB . 60.94 -15.98 -30.66
C14 CLA OB . 60.00 -16.04 -31.85
C15 CLA OB . 60.81 -17.26 -29.85
C16 CLA OB . 61.88 -17.38 -28.78
C17 CLA OB . 63.28 -17.27 -29.36
C18 CLA OB . 64.32 -17.98 -28.49
C19 CLA OB . 65.71 -17.41 -28.75
C20 CLA OB . 63.99 -17.88 -27.01
MG CLA PB . 27.83 1.83 -35.39
CHA CLA PB . 26.68 4.37 -37.44
CHB CLA PB . 25.48 2.62 -33.06
CHC CLA PB . 28.96 -0.75 -33.42
CHD CLA PB . 30.29 1.05 -37.81
NA CLA PB . 26.33 3.27 -35.29
C1A CLA PB . 26.00 4.24 -36.25
C2A CLA PB . 24.83 5.11 -35.78
C3A CLA PB . 24.55 4.59 -34.36
C4A CLA PB . 25.50 3.40 -34.21
CMA CLA PB . 24.80 5.65 -33.31
CAA CLA PB . 23.61 4.92 -36.67
CBA CLA PB . 23.20 3.46 -36.75
CGA CLA PB . 21.79 3.35 -37.22
O1A CLA PB . 21.00 4.24 -37.55
O2A CLA PB . 21.35 2.05 -37.28
NB CLA PB . 27.35 1.11 -33.56
C1B CLA PB . 26.30 1.52 -32.81
C2B CLA PB . 26.14 0.62 -31.63
C3B CLA PB . 27.12 -0.33 -31.72
C4B CLA PB . 27.91 -0.04 -32.96
CMB CLA PB . 25.10 0.81 -30.63
CAB CLA PB . 27.44 -1.45 -30.88
CBB CLA PB . 26.55 -2.27 -30.30
NC CLA PB . 29.36 0.41 -35.58
C1C CLA PB . 29.65 -0.54 -34.66
C2C CLA PB . 30.78 -1.35 -35.11
C3C CLA PB . 31.15 -0.85 -36.36
C4C CLA PB . 30.25 0.26 -36.64
CMC CLA PB . 31.37 -2.46 -34.37
CAC CLA PB . 32.24 -1.32 -37.22
CBC CLA PB . 31.74 -2.19 -38.35
ND CLA PB . 28.37 2.46 -37.22
C1D CLA PB . 29.42 2.07 -38.10
C2D CLA PB . 29.40 2.95 -39.30
C3D CLA PB . 28.35 3.84 -39.09
C4D CLA PB . 27.76 3.51 -37.78
CMD CLA PB . 30.31 2.84 -40.43
CAD CLA PB . 27.61 4.97 -39.63
OBD CLA PB . 27.76 5.54 -40.70
CBD CLA PB . 26.54 5.36 -38.57
CGD CLA PB . 26.74 6.77 -38.08
O1D CLA PB . 26.07 7.77 -38.37
O2D CLA PB . 27.80 6.92 -37.24
CED CLA PB . 28.09 8.23 -36.77
C1 CLA PB . 19.95 1.84 -37.02
C2 CLA PB . 19.81 0.42 -36.58
C3 CLA PB . 18.76 -0.01 -35.85
C4 CLA PB . 18.63 -1.42 -35.42
C5 CLA PB . 17.68 0.91 -35.46
MG CLA QB . 22.19 0.90 -26.91
CHA CLA QB . 21.92 3.94 -28.57
CHB CLA QB . 22.58 2.57 -23.96
CHC CLA QB . 22.33 -2.12 -25.29
CHD CLA QB . 21.75 -0.77 -29.99
NA CLA QB . 22.25 2.93 -26.38
C1A CLA QB . 22.11 4.04 -27.22
C2A CLA QB . 22.20 5.34 -26.42
C3A CLA QB . 22.54 4.86 -25.00
C4A CLA QB . 22.44 3.34 -25.09
CMA CLA QB . 23.93 5.31 -24.58
CAA CLA QB . 20.85 6.05 -26.41
CBA CLA QB . 19.75 5.11 -25.98
CGA CLA QB . 18.40 5.76 -25.98
O1A CLA QB . 18.09 6.89 -26.37
O2A CLA QB . 17.43 4.96 -25.45
NB CLA QB . 22.45 0.33 -25.00
C1B CLA QB . 22.52 1.16 -23.93
C2B CLA QB . 22.55 0.37 -22.67
C3B CLA QB . 22.49 -0.96 -23.03
C4B CLA QB . 22.42 -1.00 -24.52
CMB CLA QB . 22.64 1.03 -21.37
CAB CLA QB . 22.48 -2.17 -22.25
CBB CLA QB . 22.27 -2.28 -20.94
NC CLA QB . 22.08 -1.08 -27.54
C1C CLA QB . 22.18 -2.16 -26.70
C2C CLA QB . 22.08 -3.39 -27.48
C3C CLA QB . 21.89 -3.02 -28.81
C4C CLA QB . 21.90 -1.56 -28.84
CMC CLA QB . 22.14 -4.74 -26.92
CAC CLA QB . 21.74 -3.90 -29.97
CBC CLA QB . 23.07 -4.29 -30.57
ND CLA QB . 21.89 1.40 -28.84
C1D CLA QB . 21.74 0.61 -30.02
C2D CLA QB . 21.58 1.51 -31.18
C3D CLA QB . 21.65 2.80 -30.68
C4D CLA QB . 21.84 2.67 -29.23
CMD CLA QB . 21.39 1.07 -32.56
CAD CLA QB . 21.61 4.22 -31.00
OBD CLA QB . 21.47 4.76 -32.08
CBD CLA QB . 21.80 4.99 -29.65
CGD CLA QB . 23.01 5.87 -29.69
O1D CLA QB . 24.16 5.57 -29.37
O2D CLA QB . 22.78 7.14 -30.14
CED CLA QB . 23.88 8.02 -30.24
C1 CLA QB . 16.19 4.86 -26.19
C2 CLA QB . 15.54 3.59 -25.77
C3 CLA QB . 14.52 3.04 -26.44
C4 CLA QB . 13.95 3.66 -27.66
C5 CLA QB . 13.89 1.77 -25.98
C6 CLA QB . 13.79 0.72 -27.07
C7 CLA QB . 13.75 -0.67 -26.47
C8 CLA QB . 13.23 -1.71 -27.45
C9 CLA QB . 13.56 -3.11 -26.95
C10 CLA QB . 13.83 -1.51 -28.84
MG CLA RB . 21.11 -11.70 -15.84
CHA CLA RB . 22.74 -8.65 -16.14
CHB CLA RB . 22.47 -12.13 -12.76
CHC CLA RB . 19.31 -14.60 -15.52
CHD CLA RB . 19.72 -11.21 -19.06
NA CLA RB . 22.41 -10.57 -14.68
C1A CLA RB . 22.98 -9.32 -14.97
C2A CLA RB . 23.88 -8.85 -13.84
C3A CLA RB . 23.93 -10.06 -12.89
C4A CLA RB . 22.85 -10.99 -13.45
CMA CLA RB . 25.29 -10.71 -12.91
CAA CLA RB . 23.22 -7.66 -13.14
CBA CLA RB . 24.05 -7.15 -11.98
CGA CLA RB . 25.19 -6.34 -12.48
O1A CLA RB . 25.45 -6.01 -13.64
O2A CLA RB . 26.03 -5.94 -11.49
NB CLA RB . 20.97 -13.13 -14.43
C1B CLA RB . 21.50 -13.05 -13.18
C2B CLA RB . 20.92 -14.11 -12.31
C3B CLA RB . 20.03 -14.82 -13.09
C4B CLA RB . 20.06 -14.21 -14.45
CMB CLA RB . 21.28 -14.30 -10.91
CAB CLA RB . 19.20 -15.94 -12.73
CBB CLA RB . 17.86 -15.94 -12.77
NC CLA RB . 19.80 -12.74 -17.09
C1C CLA RB . 19.20 -13.92 -16.77
C2C CLA RB . 18.36 -14.38 -17.87
C3C CLA RB . 18.45 -13.41 -18.86
C4C CLA RB . 19.36 -12.38 -18.37
CMC CLA RB . 17.58 -15.62 -17.88
CAC CLA RB . 17.79 -13.41 -20.18
CBC CLA RB . 18.58 -14.17 -21.22
ND CLA RB . 21.16 -10.30 -17.30
C1D CLA RB . 20.55 -10.23 -18.58
C2D CLA RB . 20.97 -8.97 -19.24
C3D CLA RB . 21.79 -8.31 -18.34
C4D CLA RB . 21.89 -9.20 -17.16
CMD CLA RB . 20.54 -8.54 -20.57
CAD CLA RB . 22.60 -7.14 -18.07
OBD CLA RB . 22.79 -6.16 -18.78
CBD CLA RB . 23.25 -7.33 -16.67
CGD CLA RB . 24.75 -7.32 -16.76
O1D CLA RB . 25.51 -8.28 -16.86
O2D CLA RB . 25.29 -6.08 -16.70
CED CLA RB . 26.63 -5.92 -17.17
C1 CLA RB . 27.18 -5.16 -11.88
C2 CLA RB . 28.04 -5.10 -10.66
C3 CLA RB . 29.05 -4.23 -10.52
C4 CLA RB . 29.39 -3.23 -11.57
C5 CLA RB . 29.87 -4.22 -9.28
C6 CLA RB . 29.18 -4.95 -8.14
C7 CLA RB . 30.16 -5.26 -7.02
C8 CLA RB . 30.82 -4.00 -6.48
C9 CLA RB . 31.90 -4.37 -5.47
C10 CLA RB . 29.81 -3.07 -5.82
C11 CLA RB . 30.39 -1.69 -5.61
C12 CLA RB . 29.36 -0.71 -5.10
C13 CLA RB . 29.98 0.64 -4.77
C14 CLA RB . 30.30 1.40 -6.04
C15 CLA RB . 31.24 0.48 -3.93
C16 CLA RB . 31.48 1.69 -3.06
C17 CLA RB . 32.93 1.77 -2.61
C18 CLA RB . 33.12 2.74 -1.44
C19 CLA RB . 34.58 3.10 -1.29
C20 CLA RB . 32.30 3.99 -1.63
MG CLA SB . 23.82 -17.99 -8.63
CHA CLA SB . 21.19 -19.41 -6.87
CHB CLA SB . 21.92 -18.00 -11.46
CHC CLA SB . 26.40 -16.46 -10.30
CHD CLA SB . 25.77 -18.03 -5.68
NA CLA SB . 21.87 -18.61 -9.07
C1A CLA SB . 20.93 -19.17 -8.19
C2A CLA SB . 19.61 -19.45 -8.91
C3A CLA SB . 19.94 -19.14 -10.39
C4A CLA SB . 21.33 -18.51 -10.32
CMA CLA SB . 19.90 -20.39 -11.23
CAA CLA SB . 18.52 -18.52 -8.41
CBA CLA SB . 18.99 -17.09 -8.30
CGA CLA SB . 17.92 -16.12 -8.72
O1A CLA SB . 16.73 -16.35 -8.98
O2A CLA SB . 18.36 -14.83 -8.80
NB CLA SB . 24.13 -17.43 -10.54
C1B CLA SB . 23.20 -17.41 -11.52
C2B CLA SB . 23.70 -16.67 -12.70
C3B CLA SB . 24.97 -16.23 -12.38
C4B CLA SB . 25.25 -16.71 -11.00
CMB CLA SB . 22.91 -16.48 -13.92
CAB CLA SB . 25.90 -15.45 -13.14
CBB CLA SB . 25.61 -14.34 -13.83
NC CLA SB . 25.74 -17.37 -8.09
C1C CLA SB . 26.63 -16.78 -8.93
C2C CLA SB . 27.87 -16.48 -8.22
C3C CLA SB . 27.70 -16.92 -6.91
C4C CLA SB . 26.35 -17.49 -6.83
CMC CLA SB . 29.04 -15.83 -8.82
CAC CLA SB . 28.67 -16.83 -5.81
CBC CLA SB . 29.75 -17.90 -5.90
ND CLA SB . 23.58 -18.48 -6.69
C1D CLA SB . 24.48 -18.50 -5.58
C2D CLA SB . 23.78 -19.08 -4.42
C3D CLA SB . 22.52 -19.43 -4.85
C4D CLA SB . 22.45 -19.06 -6.28
CMD CLA SB . 24.38 -19.22 -3.09
CAD CLA SB . 21.22 -19.99 -4.49
OBD CLA SB . 20.81 -20.36 -3.39
CBD CLA SB . 20.39 -20.09 -5.80
CGD CLA SB . 20.13 -21.53 -6.12
O1D CLA SB . 20.80 -22.50 -5.77
O2D CLA SB . 19.04 -21.76 -6.90
CED CLA SB . 19.03 -22.97 -7.65
C1 CLA SB . 17.35 -13.79 -8.78
C2 CLA SB . 17.50 -12.99 -10.03
C3 CLA SB . 16.85 -11.84 -10.25
C4 CLA SB . 15.93 -11.26 -9.25
C5 CLA SB . 17.03 -11.07 -11.51
C6 CLA SB . 17.70 -11.86 -12.62
C7 CLA SB . 18.18 -10.96 -13.73
C8 CLA SB . 17.08 -10.58 -14.72
C9 CLA SB . 16.39 -11.83 -15.24
C10 CLA SB . 17.65 -9.77 -15.87
C11 CLA SB . 16.62 -9.49 -16.94
C12 CLA SB . 17.14 -8.52 -17.99
C13 CLA SB . 16.14 -8.36 -19.14
C14 CLA SB . 16.27 -9.50 -20.12
C15 CLA SB . 16.33 -7.02 -19.85
C16 CLA SB . 15.01 -6.54 -20.45
C17 CLA SB . 15.20 -5.33 -21.33
C18 CLA SB . 13.93 -4.49 -21.43
C19 CLA SB . 14.03 -3.51 -22.58
C20 CLA SB . 12.71 -5.37 -21.60
MG CLA TB . 24.94 -25.00 -43.02
CHA CLA TB . 25.06 -27.11 -45.78
CHB CLA TB . 28.34 -25.02 -42.87
CHC CLA TB . 24.77 -22.81 -40.38
CHD CLA TB . 21.41 -25.02 -43.24
NA CLA TB . 26.43 -25.93 -44.16
C1A CLA TB . 26.28 -26.76 -45.28
C2A CLA TB . 27.64 -27.20 -45.82
C3A CLA TB . 28.65 -26.59 -44.82
C4A CLA TB . 27.77 -25.77 -43.88
CMA CLA TB . 29.38 -27.67 -44.09
CAA CLA TB . 27.88 -26.65 -47.21
CBA CLA TB . 27.46 -25.20 -47.33
CGA CLA TB . 27.74 -24.69 -48.71
O1A CLA TB . 28.79 -24.77 -49.36
O2A CLA TB . 26.66 -24.06 -49.27
NB CLA TB . 26.30 -24.06 -41.88
C1B CLA TB . 27.64 -24.23 -41.94
C2B CLA TB . 28.30 -23.48 -40.83
C3B CLA TB . 27.30 -22.85 -40.12
C4B CLA TB . 26.01 -23.22 -40.78
CMB CLA TB . 29.75 -23.48 -40.65
CAB CLA TB . 27.34 -22.00 -38.96
CBB CLA TB . 28.28 -21.98 -38.03
NC CLA TB . 23.36 -24.10 -41.99
C1C CLA TB . 23.53 -23.23 -40.95
C2C CLA TB . 22.23 -22.77 -40.49
C3C CLA TB . 21.28 -23.40 -41.28
C4C CLA TB . 22.00 -24.23 -42.23
CMC CLA TB . 22.02 -21.83 -39.38
CAC CLA TB . 19.81 -23.24 -41.21
CBC CLA TB . 19.29 -22.24 -42.21
ND CLA TB . 23.51 -25.88 -44.15
C1D CLA TB . 22.09 -25.80 -44.13
C2D CLA TB . 21.55 -26.66 -45.22
C3D CLA TB . 22.64 -27.20 -45.87
C4D CLA TB . 23.84 -26.66 -45.18
CMD CLA TB . 20.12 -26.86 -45.47
CAD CLA TB . 23.11 -28.07 -46.94
OBD CLA TB . 22.47 -28.75 -47.71
CBD CLA TB . 24.67 -27.99 -46.94
CGD CLA TB . 25.31 -29.35 -46.82
O1D CLA TB . 26.20 -29.83 -47.54
O2D CLA TB . 24.84 -30.10 -45.78
CED CLA TB . 25.75 -31.00 -45.15
C1 CLA TB . 26.96 -22.97 -50.18
C2 CLA TB . 25.71 -22.20 -50.37
C3 CLA TB . 24.79 -22.51 -51.30
C4 CLA TB . 24.96 -23.66 -52.22
C5 CLA TB . 23.55 -21.70 -51.45
C6 CLA TB . 23.38 -20.67 -50.35
C7 CLA TB . 22.07 -20.87 -49.62
C8 CLA TB . 20.94 -20.06 -50.25
C9 CLA TB . 20.03 -19.50 -49.18
MG CLA UB . 20.93 -27.78 -51.70
CHA CLA UB . 22.89 -29.60 -53.87
CHB CLA UB . 23.74 -26.50 -50.25
CHC CLA UB . 18.94 -25.98 -49.55
CHD CLA UB . 18.05 -29.21 -53.17
NA CLA UB . 22.98 -28.01 -52.05
C1A CLA UB . 23.60 -28.82 -53.00
C2A CLA UB . 25.12 -28.72 -52.92
C3A CLA UB . 25.35 -27.76 -51.73
C4A CLA UB . 23.94 -27.37 -51.30
CMA CLA UB . 26.14 -28.41 -50.62
CAA CLA UB . 25.74 -28.17 -54.20
CBA CLA UB . 25.53 -26.68 -54.35
CGA CLA UB . 24.31 -26.40 -55.17
O1A CLA UB . 23.60 -27.19 -55.77
O2A CLA UB . 24.00 -25.07 -55.21
NB CLA UB . 21.28 -26.54 -50.15
C1B CLA UB . 22.49 -26.07 -49.77
C2B CLA UB . 22.33 -25.01 -48.74
C3B CLA UB . 20.98 -24.86 -48.54
C4B CLA UB . 20.29 -25.82 -49.44
CMB CLA UB . 23.46 -24.30 -48.15
CAB CLA UB . 20.23 -23.96 -47.68
CBB CLA UB . 20.63 -23.49 -46.49
NC CLA UB . 18.88 -27.61 -51.44
C1C CLA UB . 18.27 -26.82 -50.50
C2C CLA UB . 16.82 -26.96 -50.58
C3C CLA UB . 16.57 -27.87 -51.60
C4C CLA UB . 17.86 -28.28 -52.13
CMC CLA UB . 15.86 -26.25 -49.73
CAC CLA UB . 15.25 -28.34 -52.06
CBC CLA UB . 14.76 -29.53 -51.27
ND CLA UB . 20.49 -29.00 -53.25
C1D CLA UB . 19.27 -29.56 -53.71
C2D CLA UB . 19.56 -30.52 -54.80
C3D CLA UB . 20.94 -30.56 -54.91
C4D CLA UB . 21.47 -29.63 -53.91
CMD CLA UB . 18.55 -31.26 -55.55
CAD CLA UB . 22.08 -31.13 -55.61
OBD CLA UB . 22.10 -31.88 -56.58
CBD CLA UB . 23.35 -30.61 -54.88
CGD CLA UB . 24.03 -31.70 -54.12
O1D CLA UB . 23.51 -32.52 -53.35
O2D CLA UB . 25.38 -31.76 -54.28
CED CLA UB . 25.84 -31.65 -55.63
C1 CLA UB . 24.51 -24.33 -56.34
C2 CLA UB . 23.34 -23.75 -57.04
C3 CLA UB . 23.46 -22.91 -58.08
C4 CLA UB . 24.78 -22.47 -58.60
C5 CLA UB . 22.25 -22.35 -58.74
C6 CLA UB . 22.25 -22.60 -60.25
MG CLA VB . 32.58 -24.77 -31.86
CHA CLA VB . 29.69 -25.76 -33.50
CHB CLA VB . 31.77 -21.51 -32.41
CHC CLA VB . 35.52 -23.85 -30.34
CHD CLA VB . 33.41 -28.18 -31.39
NA CLA VB . 30.96 -23.82 -32.78
C1A CLA VB . 29.86 -24.40 -33.41
C2A CLA VB . 28.90 -23.34 -33.97
C3A CLA VB . 29.58 -22.01 -33.56
C4A CLA VB . 30.87 -22.46 -32.85
CMA CLA VB . 29.88 -21.15 -34.76
CAA CLA VB . 27.51 -23.51 -33.36
CBA CLA VB . 26.74 -22.21 -33.28
CGA CLA VB . 25.89 -21.98 -34.50
O1A CLA VB . 26.26 -21.78 -35.65
O2A CLA VB . 24.55 -22.01 -34.23
NB CLA VB . 33.46 -23.01 -31.43
C1B CLA VB . 33.00 -21.79 -31.77
C2B CLA VB . 33.98 -20.74 -31.36
C3B CLA VB . 35.04 -21.40 -30.77
C4B CLA VB . 34.72 -22.85 -30.81
CMB CLA VB . 33.74 -19.32 -31.60
CAB CLA VB . 36.27 -20.93 -30.19
CBB CLA VB . 36.80 -19.71 -30.30
NC CLA VB . 34.16 -25.83 -30.99
C1C CLA VB . 35.26 -25.24 -30.42
C2C CLA VB . 36.16 -26.28 -29.92
C3C CLA VB . 35.58 -27.50 -30.23
C4C CLA VB . 34.31 -27.21 -30.90
CMC CLA VB . 37.44 -26.02 -29.26
CAC CLA VB . 36.11 -28.84 -29.94
CBC CLA VB . 35.38 -29.50 -28.81
ND CLA VB . 31.77 -26.58 -32.26
C1D CLA VB . 32.23 -27.91 -32.02
C2D CLA VB . 31.24 -28.86 -32.58
C3D CLA VB . 30.26 -28.09 -33.18
C4D CLA VB . 30.64 -26.68 -32.95
CMD CLA VB . 31.37 -30.31 -32.52
CAD CLA VB . 29.02 -28.10 -33.93
OBD CLA VB . 28.38 -29.04 -34.36
CBD CLA VB . 28.62 -26.61 -34.16
CGD CLA VB . 28.47 -26.25 -35.60
O1D CLA VB . 27.47 -25.81 -36.17
O2D CLA VB . 29.60 -26.43 -36.35
CED CLA VB . 29.75 -25.61 -37.51
C1 CLA VB . 23.78 -20.87 -34.66
C2 CLA VB . 22.46 -21.39 -35.09
C3 CLA VB . 21.51 -20.64 -35.68
C4 CLA VB . 20.21 -21.23 -36.08
C5 CLA VB . 21.73 -19.19 -35.96
C6 CLA VB . 20.44 -18.40 -36.07
C7 CLA VB . 19.94 -17.97 -34.70
C8 CLA VB . 18.48 -17.50 -34.77
C9 CLA VB . 18.39 -16.14 -35.43
C10 CLA VB . 17.86 -17.45 -33.37
MG CLA WB . 24.51 -17.38 -27.01
CHA CLA WB . 25.06 -20.34 -28.74
CHB CLA WB . 27.49 -16.17 -28.14
CHC CLA WB . 23.86 -14.43 -25.38
CHD CLA WB . 21.43 -18.69 -25.86
NA CLA WB . 26.02 -18.15 -28.24
C1A CLA WB . 26.05 -19.40 -28.85
C2A CLA WB . 27.32 -19.56 -29.68
C3A CLA WB . 28.12 -18.28 -29.38
C4A CLA WB . 27.16 -17.45 -28.53
CMA CLA WB . 29.41 -18.59 -28.65
CAA CLA WB . 26.95 -19.61 -31.14
CBA CLA WB . 26.36 -18.29 -31.62
CGA CLA WB . 24.91 -18.37 -31.98
O1A CLA WB . 24.40 -18.25 -33.10
O2A CLA WB . 24.07 -18.57 -30.92
NB CLA WB . 25.51 -15.65 -26.77
C1B CLA WB . 26.68 -15.32 -27.37
C2B CLA WB . 27.02 -13.90 -27.07
C3B CLA WB . 26.01 -13.40 -26.30
C4B CLA WB . 25.03 -14.51 -26.09
CMB CLA WB . 28.24 -13.26 -27.57
CAB CLA WB . 25.85 -12.08 -25.75
CBB CLA WB . 24.82 -11.26 -25.98
NC CLA WB . 22.93 -16.70 -25.82
C1C CLA WB . 22.88 -15.46 -25.26
C2C CLA WB . 21.65 -15.32 -24.49
C3C CLA WB . 20.95 -16.52 -24.63
C4C CLA WB . 21.77 -17.39 -25.47
CMC CLA WB . 21.25 -14.12 -23.76
CAC CLA WB . 19.65 -16.86 -24.04
CBC CLA WB . 18.52 -16.72 -25.04
ND CLA WB . 23.42 -19.08 -27.24
C1D CLA WB . 22.19 -19.51 -26.68
C2D CLA WB . 21.89 -20.87 -27.17
C3D CLA WB . 22.95 -21.23 -27.99
C4D CLA WB . 23.88 -20.09 -27.97
CMD CLA WB . 20.69 -21.62 -26.84
CAD CLA WB . 23.51 -22.25 -28.86
OBD CLA WB . 23.03 -23.31 -29.23
CBD CLA WB . 24.91 -21.74 -29.30
CGD CLA WB . 26.01 -22.65 -28.81
O1D CLA WB . 26.28 -22.92 -27.64
O2D CLA WB . 26.75 -23.20 -29.80
CED CLA WB . 27.73 -24.16 -29.42
C1 CLA WB . 22.74 -18.04 -31.05
C2 CLA WB . 22.49 -17.18 -29.87
C3 CLA WB . 21.32 -16.55 -29.66
C4 CLA WB . 20.19 -16.65 -30.61
C5 CLA WB . 21.11 -15.70 -28.45
C6 CLA WB . 20.48 -14.35 -28.78
C7 CLA WB . 21.49 -13.24 -28.61
C8 CLA WB . 20.86 -11.86 -28.85
C9 CLA WB . 21.46 -11.22 -30.07
C10 CLA WB . 21.03 -10.96 -27.64
C11 CLA WB . 19.70 -10.54 -27.05
C12 CLA WB . 19.72 -10.53 -25.54
C13 CLA WB . 20.48 -9.33 -25.00
C14 CLA WB . 21.73 -9.76 -24.25
C15 CLA WB . 19.60 -8.49 -24.08
C16 CLA WB . 19.19 -7.18 -24.73
C17 CLA WB . 19.34 -6.01 -23.79
C18 CLA WB . 18.39 -4.87 -24.12
C19 CLA WB . 18.90 -3.56 -23.54
C20 CLA WB . 18.21 -4.72 -25.62
MG CLA XB . 29.19 -9.38 -30.74
CHA CLA XB . 29.66 -12.63 -31.87
CHB CLA XB . 32.23 -8.50 -32.00
CHC CLA XB . 28.67 -6.19 -29.60
CHD CLA XB . 26.04 -10.34 -29.44
NA CLA XB . 30.69 -10.42 -31.76
C1A CLA XB . 30.71 -11.77 -32.13
C2A CLA XB . 32.01 -12.14 -32.85
C3A CLA XB . 32.81 -10.81 -32.84
C4A CLA XB . 31.87 -9.82 -32.15
CMA CLA XB . 34.12 -10.95 -32.10
CAA CLA XB . 31.82 -12.67 -34.26
CBA CLA XB . 30.92 -11.82 -35.13
CGA CLA XB . 30.60 -12.57 -36.38
O1A CLA XB . 30.08 -13.69 -36.49
O2A CLA XB . 30.95 -11.91 -37.52
NB CLA XB . 30.30 -7.70 -30.69
C1B CLA XB . 31.44 -7.50 -31.40
C2B CLA XB . 31.75 -6.05 -31.48
C3B CLA XB . 30.74 -5.39 -30.81
C4B CLA XB . 29.81 -6.43 -30.30
CMB CLA XB . 32.91 -5.52 -32.21
CAB CLA XB . 30.51 -3.99 -30.59
CBB CLA XB . 31.44 -3.09 -30.31
NC CLA XB . 27.63 -8.44 -29.70
C1C CLA XB . 27.64 -7.13 -29.32
C2C CLA XB . 26.42 -6.82 -28.59
C3C CLA XB . 25.66 -7.98 -28.56
C4C CLA XB . 26.43 -9.01 -29.26
CMC CLA XB . 26.09 -5.50 -28.04
CAC CLA XB . 24.35 -8.17 -27.94
CBC CLA XB . 23.21 -8.06 -28.94
ND CLA XB . 28.01 -11.02 -30.74
C1D CLA XB . 26.75 -11.29 -30.13
C2D CLA XB . 26.40 -12.71 -30.38
C3D CLA XB . 27.47 -13.25 -31.06
C4D CLA XB . 28.46 -12.18 -31.23
CMD CLA XB . 25.15 -13.34 -29.97
CAD CLA XB . 28.02 -14.44 -31.70
OBD CLA XB . 27.50 -15.51 -31.90
CBD CLA XB . 29.48 -14.10 -32.13
CGD CLA XB . 30.46 -14.91 -31.34
O1D CLA XB . 30.46 -15.12 -30.12
O2D CLA XB . 31.46 -15.46 -32.09
CED CLA XB . 32.67 -15.81 -31.40
C1 CLA XB . 30.63 -12.55 -38.76
C2 CLA XB . 29.24 -12.17 -39.10
C3 CLA XB . 28.32 -13.04 -39.54
C4 CLA XB . 28.64 -14.48 -39.73
C5 CLA XB . 26.93 -12.61 -39.87
MG CLA YB . 80.48 -6.86 -13.98
CHA CLA YB . 79.47 -6.80 -10.66
CHB CLA YB . 83.74 -6.90 -12.99
CHC CLA YB . 81.42 -7.17 -17.26
CHD CLA YB . 77.08 -6.82 -14.95
NA CLA YB . 81.42 -6.82 -12.11
C1A CLA YB . 80.83 -6.82 -10.85
C2A CLA YB . 81.90 -6.81 -9.75
C3A CLA YB . 83.22 -6.62 -10.53
C4A CLA YB . 82.78 -6.80 -11.99
CMA CLA YB . 83.81 -5.26 -10.31
CAA CLA YB . 81.97 -8.13 -8.99
CBA CLA YB . 81.24 -9.31 -9.62
CGA CLA YB . 81.82 -9.74 -10.93
O1A CLA YB . 82.97 -10.08 -11.19
O2A CLA YB . 80.90 -9.73 -11.94
NB CLA YB . 82.24 -6.99 -14.94
C1B CLA YB . 83.47 -7.04 -14.36
C2B CLA YB . 84.51 -7.25 -15.40
C3B CLA YB . 83.86 -7.33 -16.61
C4B CLA YB . 82.41 -7.16 -16.34
CMB CLA YB . 85.94 -7.35 -15.10
CAB CLA YB . 84.38 -7.53 -17.93
CBB CLA YB . 85.06 -6.61 -18.62
NC CLA YB . 79.43 -6.93 -15.78
C1C CLA YB . 80.01 -7.05 -17.01
C2C CLA YB . 79.01 -7.08 -18.05
C3C CLA YB . 77.77 -7.00 -17.40
C4C CLA YB . 78.04 -6.90 -15.98
CMC CLA YB . 79.29 -7.21 -19.47
CAC CLA YB . 76.44 -6.99 -18.03
CBC CLA YB . 75.79 -8.36 -18.00
ND CLA YB . 78.67 -6.75 -13.08
C1D CLA YB . 77.35 -6.77 -13.61
C2D CLA YB . 76.38 -6.70 -12.47
C3D CLA YB . 77.15 -6.72 -11.32
C4D CLA YB . 78.55 -6.77 -11.76
CMD CLA YB . 74.93 -6.66 -12.63
CAD CLA YB . 77.15 -6.67 -9.87
OBD CLA YB . 76.21 -6.56 -9.10
CBD CLA YB . 78.63 -6.79 -9.40
CGD CLA YB . 79.04 -5.69 -8.46
O1D CLA YB . 78.70 -4.50 -8.51
O2D CLA YB . 79.86 -6.10 -7.45
CED CLA YB . 80.18 -5.16 -6.43
C1 CLA YB . 80.18 -10.95 -12.19
C2 CLA YB . 79.86 -10.96 -13.64
C3 CLA YB . 78.63 -10.68 -14.13
C4 CLA YB . 77.50 -10.32 -13.26
C5 CLA YB . 78.39 -10.72 -15.60
C6 CLA YB . 79.64 -10.46 -16.40
C7 CLA YB . 79.86 -11.56 -17.42
C8 CLA YB . 80.10 -11.00 -18.82
C9 CLA YB . 79.11 -11.59 -19.79
C10 CLA YB . 81.53 -11.28 -19.29
C11 CLA YB . 81.94 -10.31 -20.38
C12 CLA YB . 83.39 -10.49 -20.77
C13 CLA YB . 83.82 -9.49 -21.83
C14 CLA YB . 82.90 -9.56 -23.04
C15 CLA YB . 85.27 -9.72 -22.24
C16 CLA YB . 85.64 -8.91 -23.48
C17 CLA YB . 87.11 -8.55 -23.48
C18 CLA YB . 87.73 -8.64 -24.87
C19 CLA YB . 87.32 -7.48 -25.73
C20 CLA YB . 89.24 -8.70 -24.76
MG CLA ZB . 65.34 -13.08 -22.66
CHA CLA ZB . 64.21 -10.98 -25.17
CHB CLA ZB . 63.85 -15.72 -24.20
CHC CLA ZB . 66.63 -15.14 -20.24
CHD CLA ZB . 66.83 -10.29 -21.07
NA CLA ZB . 64.19 -13.28 -24.40
C1A CLA ZB . 63.84 -12.28 -25.32
C2A CLA ZB . 62.98 -12.86 -26.45
C3A CLA ZB . 62.76 -14.32 -26.02
C4A CLA ZB . 63.67 -14.48 -24.79
CMA CLA ZB . 61.32 -14.59 -25.69
CAA CLA ZB . 63.69 -12.77 -27.79
CBA CLA ZB . 64.72 -13.86 -27.98
CGA CLA ZB . 66.08 -13.36 -27.59
O1A CLA ZB . 66.39 -12.30 -27.07
O2A CLA ZB . 67.07 -14.26 -27.88
NB CLA ZB . 65.18 -15.05 -22.24
C1B CLA ZB . 64.65 -15.97 -23.08
C2B CLA ZB . 65.05 -17.34 -22.64
C3B CLA ZB . 65.83 -17.19 -21.52
C4B CLA ZB . 65.94 -15.72 -21.24
CMB CLA ZB . 64.64 -18.55 -23.34
CAB CLA ZB . 66.48 -18.20 -20.72
CBB CLA ZB . 66.33 -18.35 -19.40
NC CLA ZB . 66.51 -12.76 -20.95
C1C CLA ZB . 66.90 -13.75 -20.10
C2C CLA ZB . 67.69 -13.17 -19.00
C3C CLA ZB . 67.76 -11.80 -19.25
C4C CLA ZB . 67.00 -11.55 -20.47
CMC CLA ZB . 68.28 -13.93 -17.90
CAC CLA ZB . 68.45 -10.78 -18.43
CBC CLA ZB . 67.60 -10.27 -17.30
ND CLA ZB . 65.57 -11.10 -23.00
C1D CLA ZB . 66.17 -10.06 -22.25
C2D CLA ZB . 65.96 -8.77 -22.97
C3D CLA ZB . 65.24 -9.07 -24.10
C4D CLA ZB . 64.99 -10.53 -24.07
CMD CLA ZB . 66.47 -7.48 -22.50
CAD CLA ZB . 64.62 -8.56 -25.31
OBD CLA ZB . 64.63 -7.42 -25.76
CBD CLA ZB . 63.88 -9.75 -25.99
CGD CLA ZB . 62.40 -9.50 -26.05
O1D CLA ZB . 61.54 -9.87 -25.24
O2D CLA ZB . 61.99 -8.79 -27.14
CED CLA ZB . 60.73 -8.11 -27.04
C1 CLA ZB . 67.64 -14.18 -29.21
C2 CLA ZB . 69.07 -14.56 -29.07
C3 CLA ZB . 69.70 -15.30 -29.99
C4 CLA ZB . 69.03 -15.80 -31.22
C5 CLA ZB . 71.14 -15.67 -29.83
C6 CLA ZB . 72.07 -14.85 -30.71
C7 CLA ZB . 73.36 -15.59 -30.97
C8 CLA ZB . 74.14 -15.88 -29.68
C9 CLA ZB . 74.90 -14.65 -29.24
C10 CLA ZB . 75.09 -17.05 -29.88
C11 CLA ZB . 74.59 -18.30 -29.19
C12 CLA ZB . 75.51 -19.48 -29.42
C13 CLA ZB . 75.01 -20.72 -28.69
C14 CLA ZB . 73.64 -21.13 -29.19
C15 CLA ZB . 74.95 -20.48 -27.18
C16 CLA ZB . 74.77 -21.80 -26.44
C17 CLA ZB . 73.82 -21.65 -25.27
C18 CLA ZB . 74.19 -22.59 -24.13
C19 CLA ZB . 75.09 -21.90 -23.13
C20 CLA ZB . 72.94 -23.10 -23.45
C1 PQN AC . 63.14 -5.19 -15.32
O1 PQN AC . 62.36 -5.97 -14.83
C2 PQN AC . 64.61 -5.46 -15.29
C2M PQN AC . 65.04 -6.74 -14.64
C3 PQN AC . 65.48 -4.60 -15.83
C4 PQN AC . 65.03 -3.34 -16.48
O4 PQN AC . 65.82 -2.57 -16.97
C5 PQN AC . 63.58 -3.05 -16.52
C6 PQN AC . 63.12 -1.89 -17.12
C7 PQN AC . 61.76 -1.61 -17.16
C8 PQN AC . 60.85 -2.50 -16.60
C9 PQN AC . 61.30 -3.67 -16.00
C10 PQN AC . 62.66 -3.95 -15.96
C11 PQN AC . 66.96 -4.84 -15.82
C12 PQN AC . 67.35 -5.48 -17.12
C13 PQN AC . 68.31 -5.08 -17.96
C14 PQN AC . 69.17 -3.88 -17.72
C15 PQN AC . 68.56 -5.84 -19.22
C16 PQN AC . 69.83 -6.70 -19.14
C17 PQN AC . 70.07 -7.47 -20.44
C18 PQN AC . 71.34 -8.33 -20.45
C19 PQN AC . 72.60 -7.47 -20.37
C20 PQN AC . 71.34 -9.22 -21.68
C21 PQN AC . 72.27 -10.43 -21.59
C22 PQN AC . 71.78 -11.49 -20.61
C23 PQN AC . 72.27 -12.91 -20.88
C24 PQN AC . 71.61 -13.91 -19.94
C25 PQN AC . 73.80 -12.97 -20.79
C26 PQN AC . 74.42 -14.26 -21.29
C27 PQN AC . 75.89 -14.39 -20.90
C28 PQN AC . 76.59 -15.64 -21.42
C29 PQN AC . 75.86 -16.90 -20.95
C30 PQN AC . 78.06 -15.71 -21.02
FE1 SF4 BC . 56.03 5.24 -15.70
FE2 SF4 BC . 53.34 5.73 -15.70
FE3 SF4 BC . 54.99 7.18 -17.32
FE4 SF4 BC . 55.06 7.56 -14.62
S1 SF4 BC . 53.31 7.99 -16.01
S2 SF4 BC . 56.86 7.35 -16.02
S3 SF4 BC . 54.68 5.44 -13.88
S4 SF4 BC . 54.58 4.94 -17.43
C1 BCR CC . 30.98 -9.80 -69.71
C2 BCR CC . 29.54 -9.30 -69.67
C3 BCR CC . 29.10 -8.88 -68.28
C4 BCR CC . 29.18 -10.07 -67.36
C5 BCR CC . 30.49 -10.82 -67.44
C6 BCR CC . 31.32 -10.67 -68.49
C7 BCR CC . 32.66 -11.29 -68.63
C8 BCR CC . 33.05 -12.54 -68.38
C9 BCR CC . 34.39 -13.06 -68.58
C10 BCR CC . 34.62 -14.37 -68.33
C11 BCR CC . 35.86 -15.07 -68.51
C33 BCR CC . 30.72 -11.64 -66.20
C31 BCR CC . 31.94 -8.62 -69.78
C32 BCR CC . 31.14 -10.62 -70.99
C34 BCR CC . 35.44 -12.11 -69.09
C12 BCR CC . 36.11 -16.30 -68.00
C13 BCR CC . 37.33 -17.04 -68.22
C14 BCR CC . 37.41 -18.30 -67.72
C15 BCR CC . 38.50 -19.22 -67.86
C16 BCR CC . 38.43 -20.49 -67.39
C17 BCR CC . 39.47 -21.46 -67.55
C18 BCR CC . 39.76 -22.54 -66.78
C19 BCR CC . 40.83 -23.39 -67.24
C20 BCR CC . 40.84 -24.73 -67.08
C21 BCR CC . 41.89 -25.59 -67.57
C22 BCR CC . 41.94 -26.94 -67.43
C23 BCR CC . 43.05 -27.66 -68.03
C24 BCR CC . 43.15 -29.00 -68.06
C25 BCR CC . 44.21 -29.84 -68.64
C26 BCR CC . 45.54 -29.58 -68.63
C27 BCR CC . 46.52 -30.49 -69.31
C28 BCR CC . 46.01 -31.90 -69.49
C29 BCR CC . 44.65 -31.86 -70.15
C30 BCR CC . 43.60 -31.05 -69.38
C35 BCR CC . 38.41 -16.39 -69.02
C36 BCR CC . 39.02 -22.92 -65.53
C37 BCR CC . 40.91 -27.74 -66.71
C38 BCR CC . 46.23 -28.70 -67.64
C39 BCR CC . 42.89 -31.94 -68.36
C40 BCR CC . 42.58 -30.57 -70.41
C1 BCR DC . 59.28 -27.50 -53.89
C2 BCR DC . 59.53 -26.95 -52.48
C3 BCR DC . 59.33 -28.01 -51.41
C4 BCR DC . 57.91 -28.54 -51.45
C5 BCR DC . 57.38 -28.80 -52.84
C6 BCR DC . 57.94 -28.26 -53.94
C7 BCR DC . 57.30 -28.32 -55.27
C8 BCR DC . 57.73 -29.07 -56.30
C9 BCR DC . 57.16 -29.19 -57.63
C10 BCR DC . 55.96 -28.66 -57.94
C11 BCR DC . 55.33 -28.76 -59.23
C33 BCR DC . 56.20 -29.73 -52.86
C31 BCR DC . 60.44 -28.43 -54.28
C32 BCR DC . 59.26 -26.30 -54.84
C34 BCR DC . 57.98 -29.93 -58.64
C12 BCR DC . 54.51 -27.86 -59.80
C13 BCR DC . 53.92 -28.04 -61.10
C14 BCR DC . 52.89 -27.24 -61.48
C15 BCR DC . 52.17 -27.29 -62.73
C16 BCR DC . 51.22 -26.40 -63.07
C17 BCR DC . 50.48 -26.46 -64.31
C18 BCR DC . 49.46 -25.65 -64.69
C19 BCR DC . 48.83 -25.86 -65.97
C20 BCR DC . 47.80 -25.12 -66.46
C21 BCR DC . 47.18 -25.36 -67.73
C22 BCR DC . 46.19 -24.63 -68.30
C23 BCR DC . 45.68 -25.06 -69.59
C24 BCR DC . 45.19 -24.26 -70.56
C25 BCR DC . 44.66 -24.69 -71.86
C26 BCR DC . 43.41 -25.14 -72.01
C27 BCR DC . 42.88 -25.62 -73.35
C28 BCR DC . 43.63 -25.04 -74.54
C29 BCR DC . 45.12 -25.14 -74.31
C30 BCR DC . 45.57 -24.36 -73.06
C35 BCR DC . 54.48 -29.13 -61.98
C36 BCR DC . 48.93 -24.54 -63.83
C37 BCR DC . 45.56 -23.42 -67.67
C38 BCR DC . 42.29 -24.78 -71.07
C39 BCR DC . 45.51 -22.85 -73.33
C40 BCR DC . 47.02 -24.75 -72.78
C1 BCR EC . 51.09 -23.04 -69.74
C2 BCR EC . 51.50 -23.22 -71.21
C3 BCR EC . 52.35 -24.46 -71.42
C4 BCR EC . 53.63 -24.36 -70.59
C5 BCR EC . 53.43 -23.81 -69.20
C6 BCR EC . 52.31 -23.16 -68.82
C7 BCR EC . 52.27 -22.29 -67.64
C8 BCR EC . 51.90 -22.66 -66.41
C9 BCR EC . 51.88 -21.77 -65.24
C10 BCR EC . 51.76 -22.34 -64.01
C11 BCR EC . 51.72 -21.66 -62.74
C33 BCR EC . 54.69 -23.86 -68.39
C31 BCR EC . 50.06 -24.12 -69.36
C32 BCR EC . 50.43 -21.67 -69.62
C34 BCR EC . 51.99 -20.30 -65.49
C12 BCR EC . 51.68 -22.33 -61.56
C13 BCR EC . 51.64 -21.74 -60.25
C14 BCR EC . 51.47 -22.56 -59.18
C15 BCR EC . 51.40 -22.20 -57.79
C16 BCR EC . 51.32 -23.14 -56.82
C17 BCR EC . 51.25 -22.84 -55.41
C18 BCR EC . 51.24 -23.76 -54.41
C19 BCR EC . 51.16 -23.32 -53.04
C20 BCR EC . 51.32 -24.14 -51.98
C21 BCR EC . 51.23 -23.76 -50.60
C22 BCR EC . 51.62 -24.53 -49.54
C23 BCR EC . 51.48 -24.03 -48.19
C24 BCR EC . 52.42 -23.39 -47.48
C25 BCR EC . 52.30 -22.90 -46.09
C26 BCR EC . 51.44 -21.92 -45.73
C27 BCR EC . 51.79 -20.95 -44.65
C28 BCR EC . 52.74 -21.50 -43.60
C29 BCR EC . 53.91 -22.16 -44.28
C30 BCR EC . 53.50 -23.30 -45.23
C35 BCR EC . 51.77 -20.25 -60.14
C36 BCR EC . 51.31 -25.23 -54.66
C37 BCR EC . 52.19 -25.91 -49.72
C38 BCR EC . 49.95 -22.00 -45.92
C39 BCR EC . 53.15 -24.54 -44.41
C40 BCR EC . 54.72 -23.62 -46.08
C1 BCR FC . 40.96 -0.10 -42.98
C2 BCR FC . 41.88 0.77 -42.12
C3 BCR FC . 42.86 -0.03 -41.30
C4 BCR FC . 42.10 -0.93 -40.36
C5 BCR FC . 41.06 -1.76 -41.06
C6 BCR FC . 40.55 -1.38 -42.25
C7 BCR FC . 39.62 -2.21 -43.02
C8 BCR FC . 38.37 -2.56 -42.67
C9 BCR FC . 37.48 -3.37 -43.46
C10 BCR FC . 36.18 -3.42 -43.09
C11 BCR FC . 35.13 -4.15 -43.74
C33 BCR FC . 40.99 -3.16 -40.51
C31 BCR FC . 41.68 -0.47 -44.29
C32 BCR FC . 39.73 0.74 -43.33
C34 BCR FC . 38.05 -4.09 -44.65
C12 BCR FC . 33.83 -3.98 -43.43
C13 BCR FC . 32.74 -4.67 -44.07
C14 BCR FC . 31.48 -4.45 -43.63
C15 BCR FC . 30.28 -5.04 -44.14
C16 BCR FC . 29.07 -4.86 -43.57
C17 BCR FC . 27.87 -5.44 -44.11
C18 BCR FC . 26.66 -5.54 -43.53
C19 BCR FC . 26.49 -5.04 -42.19
C20 BCR FC . 25.31 -4.66 -41.64
C21 BCR FC . 25.21 -4.18 -40.29
C22 BCR FC . 24.08 -3.89 -39.61
C23 BCR FC . 24.21 -3.42 -38.25
C24 BCR FC . 23.30 -2.75 -37.53
C25 BCR FC . 23.44 -2.29 -36.14
C26 BCR FC . 22.66 -2.79 -35.16
C27 BCR FC . 22.72 -2.28 -33.73
C28 BCR FC . 23.91 -1.37 -33.46
C29 BCR FC . 24.07 -0.40 -34.61
C30 BCR FC . 24.42 -1.13 -35.91
C35 BCR FC . 33.08 -5.59 -45.21
C36 BCR FC . 25.47 -6.17 -44.19
C37 BCR FC . 22.69 -4.02 -40.17
C38 BCR FC . 21.56 -3.78 -35.37
C39 BCR FC . 25.87 -1.65 -35.84
C40 BCR FC . 24.32 -0.10 -37.04
C1 BCR GC . 39.80 -5.21 -34.21
C2 BCR GC . 40.39 -3.87 -33.79
C3 BCR GC . 40.39 -2.87 -34.93
C4 BCR GC . 41.23 -3.39 -36.08
C5 BCR GC . 41.04 -4.85 -36.38
C6 BCR GC . 40.44 -5.69 -35.52
C7 BCR GC . 40.17 -7.10 -35.85
C8 BCR GC . 39.20 -7.54 -36.67
C9 BCR GC . 38.94 -8.92 -37.01
C10 BCR GC . 37.94 -9.16 -37.90
C11 BCR GC . 37.49 -10.44 -38.38
C33 BCR GC . 41.83 -5.28 -37.58
C31 BCR GC . 38.27 -5.07 -34.38
C32 BCR GC . 40.06 -6.22 -33.09
C34 BCR GC . 39.77 -9.99 -36.36
C12 BCR GC . 36.51 -10.54 -39.30
C13 BCR GC . 35.99 -11.79 -39.83
C14 BCR GC . 34.84 -11.74 -40.54
C15 BCR GC . 34.15 -12.84 -41.15
C16 BCR GC . 32.94 -12.70 -41.73
C17 BCR GC . 32.23 -13.79 -42.32
C18 BCR GC . 31.02 -13.73 -42.93
C19 BCR GC . 30.46 -14.95 -43.47
C20 BCR GC . 29.16 -15.12 -43.80
C21 BCR GC . 28.62 -16.33 -44.33
C22 BCR GC . 27.33 -16.56 -44.64
C23 BCR GC . 26.96 -17.86 -45.17
C24 BCR GC . 25.86 -18.56 -44.82
C25 BCR GC . 25.42 -19.87 -45.32
C26 BCR GC . 26.21 -20.96 -45.34
C27 BCR GC . 25.68 -22.34 -45.02
C28 BCR GC . 24.20 -22.41 -44.72
C29 BCR GC . 23.46 -21.42 -45.61
C30 BCR GC . 23.89 -19.98 -45.33
C35 BCR GC . 36.76 -13.03 -39.56
C36 BCR GC . 30.22 -12.47 -43.07
C37 BCR GC . 26.24 -15.55 -44.49
C38 BCR GC . 27.46 -21.07 -46.17
C39 BCR GC . 23.34 -19.53 -43.97
C40 BCR GC . 23.28 -19.08 -46.41
C1 BCR HC . 58.26 -24.59 -28.38
C2 BCR HC . 56.78 -24.60 -27.99
C3 BCR HC . 55.89 -23.99 -29.05
C4 BCR HC . 56.33 -22.57 -29.36
C5 BCR HC . 57.82 -22.40 -29.48
C6 BCR HC . 58.67 -23.17 -28.79
C7 BCR HC . 60.11 -22.90 -28.75
C8 BCR HC . 60.76 -22.17 -27.84
C9 BCR HC . 62.19 -21.91 -27.85
C10 BCR HC . 62.86 -21.81 -26.68
C11 BCR HC . 62.39 -21.92 -25.32
C33 BCR HC . 58.18 -21.78 -30.81
C31 BCR HC . 58.48 -25.55 -29.57
C32 BCR HC . 59.07 -25.11 -27.19
C34 BCR HC . 62.85 -21.78 -29.19
C12 BCR HC . 63.23 -21.75 -24.27
C13 BCR HC . 62.90 -21.84 -22.88
C14 BCR HC . 63.93 -21.80 -21.99
C15 BCR HC . 63.86 -21.88 -20.55
C16 BCR HC . 64.94 -22.05 -19.76
C17 BCR HC . 64.84 -22.16 -18.34
C18 BCR HC . 65.81 -22.00 -17.40
C19 BCR HC . 67.15 -21.65 -17.79
C20 BCR HC . 68.23 -21.94 -17.03
C21 BCR HC . 69.57 -21.56 -17.38
C22 BCR HC . 70.62 -21.55 -16.54
C23 BCR HC . 71.91 -21.11 -17.04
C24 BCR HC . 73.11 -21.61 -16.70
C25 BCR HC . 74.42 -21.14 -17.21
C26 BCR HC . 75.31 -20.57 -16.39
C27 BCR HC . 76.76 -20.46 -16.79
C28 BCR HC . 77.12 -21.49 -17.84
C29 BCR HC . 76.19 -21.35 -19.03
C30 BCR HC . 74.70 -21.42 -18.69
C35 BCR HC . 61.47 -21.98 -22.48
C36 BCR HC . 65.58 -22.15 -15.92
C37 BCR HC . 70.53 -21.94 -15.09
C38 BCR HC . 75.14 -20.47 -14.90
C39 BCR HC . 74.11 -22.78 -19.11
C40 BCR HC . 74.04 -20.35 -19.57
O1 LHG IC . 64.53 4.93 -31.86
C1 LHG IC . 63.88 4.84 -30.61
C2 LHG IC . 63.05 3.58 -30.55
O2 LHG IC . 62.22 3.52 -31.68
C3 LHG IC . 62.27 3.51 -29.23
O3 LHG IC . 61.76 2.21 -29.00
P LHG IC . 61.09 1.88 -27.53
O4 LHG IC . 59.82 2.66 -27.40
O5 LHG IC . 62.14 1.94 -26.48
O6 LHG IC . 60.64 0.34 -27.81
C4 LHG IC . 61.59 -0.69 -28.03
C5 LHG IC . 60.83 -1.99 -28.20
C6 LHG IC . 59.61 -1.87 -29.11
O7 LHG IC . 61.79 -2.89 -28.77
C7 LHG IC . 62.17 -3.97 -28.10
O9 LHG IC . 61.43 -4.58 -27.36
C8 LHG IC . 63.60 -4.36 -28.37
C9 LHG IC . 63.86 -5.75 -28.94
C10 LHG IC . 65.34 -6.12 -28.90
O8 LHG IC . 59.46 -3.09 -29.83
C23 LHG IC . 59.51 -3.03 -31.15
O10 LHG IC . 60.08 -2.14 -31.75
C24 LHG IC . 58.79 -4.17 -31.81
C11 LHG IC . 65.58 -7.55 -29.40
C12 LHG IC . 67.05 -7.96 -29.39
C13 LHG IC . 67.27 -9.41 -29.81
C14 LHG IC . 66.56 -9.78 -31.12
C15 LHG IC . 66.38 -11.27 -31.33
C16 LHG IC . 65.34 -11.62 -32.39
C17 LHG IC . 65.22 -13.13 -32.64
C18 LHG IC . 64.12 -13.49 -33.63
C19 LHG IC . 64.12 -14.97 -34.01
C25 LHG IC . 58.81 -5.47 -31.02
C26 LHG IC . 57.44 -6.12 -30.90
C27 LHG IC . 57.39 -7.22 -29.84
C28 LHG IC . 56.07 -7.21 -29.06
C29 LHG IC . 55.78 -8.49 -28.28
C30 LHG IC . 55.99 -9.77 -29.09
C31 LHG IC . 55.46 -11.02 -28.41
C32 LHG IC . 56.07 -12.31 -28.94
C33 LHG IC . 55.65 -13.54 -28.15
C34 LHG IC . 56.55 -14.75 -28.42
C1B LMT JC . 18.59 -33.33 -30.94
C2B LMT JC . 19.00 -34.11 -29.68
C3B LMT JC . 20.46 -33.86 -29.33
C4B LMT JC . 21.33 -34.14 -30.56
C5B LMT JC . 20.83 -33.28 -31.73
C6B LMT JC . 21.60 -33.47 -33.02
O1B LMT JC . 18.56 -31.96 -30.64
O2B LMT JC . 18.13 -33.73 -28.63
O3B LMT JC . 20.78 -34.70 -28.26
O4' LMT JC . 22.65 -33.81 -30.22
O5B LMT JC . 19.47 -33.59 -31.99
O6B LMT JC . 21.54 -34.81 -33.42
C1' LMT JC . 16.39 -28.53 -31.03
C2' LMT JC . 15.91 -29.43 -29.91
C3' LMT JC . 17.00 -30.47 -29.65
C4' LMT JC . 17.38 -31.22 -30.92
C5' LMT JC . 17.66 -30.25 -32.07
C6' LMT JC . 17.75 -30.95 -33.41
O1' LMT JC . 15.44 -27.59 -31.33
O2' LMT JC . 15.69 -28.63 -28.77
O3' LMT JC . 16.52 -31.34 -28.65
O5' LMT JC . 16.60 -29.32 -32.18
O6' LMT JC . 16.51 -31.57 -33.68
C1 LMT JC . 15.98 -26.35 -31.77
C2 LMT JC . 15.09 -25.70 -32.81
C3 LMT JC . 15.60 -24.37 -33.35
C4 LMT JC . 14.85 -23.75 -34.54
C5 LMT JC . 15.52 -22.53 -35.16
C6 LMT JC . 14.78 -21.93 -36.35
C7 LMT JC . 15.36 -20.63 -36.90
C8 LMT JC . 16.67 -20.71 -37.68
C1B LMT KC . 27.73 -7.70 -32.87
C2B LMT KC . 27.16 -6.27 -32.97
C3B LMT KC . 27.27 -5.66 -34.36
C4B LMT KC . 28.70 -5.83 -34.84
C5B LMT KC . 28.94 -7.34 -35.00
C6B LMT KC . 30.32 -7.70 -35.50
O1B LMT KC . 26.70 -8.66 -32.78
O2B LMT KC . 25.84 -6.30 -32.49
O3B LMT KC . 26.92 -4.30 -34.22
O4' LMT KC . 28.82 -5.14 -36.06
O5B LMT KC . 28.79 -8.01 -33.75
O6B LMT KC . 30.51 -7.23 -36.82
C1' LMT KC . 24.91 -12.00 -34.10
C2' LMT KC . 26.22 -11.74 -34.84
C3' LMT KC . 26.97 -10.65 -34.10
C4' LMT KC . 26.13 -9.39 -33.84
C5' LMT KC . 24.72 -9.76 -33.36
C6' LMT KC . 23.76 -8.60 -33.41
O1' LMT KC . 24.19 -12.99 -34.72
O2' LMT KC . 26.94 -12.94 -34.89
O3' LMT KC . 28.11 -10.39 -34.87
O5' LMT KC . 24.18 -10.81 -34.14
O6' LMT KC . 22.55 -8.99 -32.81
C1 LMT KC . 23.60 -13.94 -33.84
C2 LMT KC . 22.10 -14.01 -34.07
C3 LMT KC . 21.30 -12.84 -33.50
C4 LMT KC . 19.77 -12.89 -33.66
C5 LMT KC . 19.02 -11.69 -33.10
C1B LMT LC . 62.45 -3.74 -70.66
C2B LMT LC . 61.73 -2.74 -71.56
C3B LMT LC . 62.22 -2.85 -72.99
C4B LMT LC . 63.74 -2.72 -73.03
C5B LMT LC . 64.36 -3.76 -72.08
C6B LMT LC . 65.86 -3.70 -71.98
O1B LMT LC . 62.05 -5.02 -71.03
O2B LMT LC . 60.35 -2.97 -71.45
O3B LMT LC . 61.60 -1.84 -73.74
O4' LMT LC . 64.16 -2.92 -74.35
O5B LMT LC . 63.83 -3.60 -70.77
O6B LMT LC . 66.25 -2.43 -71.51
C1' LMT LC . 60.79 -8.61 -69.54
C2' LMT LC . 59.87 -7.46 -69.20
C3' LMT LC . 60.24 -6.28 -70.10
C4' LMT LC . 61.73 -5.95 -70.01
C5' LMT LC . 62.58 -7.21 -70.21
C6' LMT LC . 64.04 -6.98 -69.92
O1' LMT LC . 60.54 -9.68 -68.71
O2' LMT LC . 58.55 -7.86 -69.42
O3' LMT LC . 59.43 -5.19 -69.72
O5' LMT LC . 62.12 -8.22 -69.33
O6' LMT LC . 64.74 -8.18 -70.14
C1 LMT LC . 61.03 -10.92 -69.21
C2 LMT LC . 61.78 -11.67 -68.13
C3 LMT LC . 61.02 -11.91 -66.83
C4 LMT LC . 61.52 -13.02 -65.92
C5 LMT LC . 60.75 -13.20 -64.62
C6 LMT LC . 59.25 -12.97 -64.72
C7 LMT LC . 58.48 -13.08 -63.42
C8 LMT LC . 58.56 -14.42 -62.68
C9 LMT LC . 57.49 -14.65 -61.61
C10 LMT LC . 56.10 -14.12 -61.94
C11 LMT LC . 55.20 -14.06 -60.72
C12 LMT LC . 55.27 -15.31 -59.87
C1 LMG MC . 19.30 2.94 -55.89
O1 LMG MC . 18.30 2.03 -55.60
C2 LMG MC . 19.88 2.56 -57.26
O2 LMG MC . 20.51 1.31 -57.11
C3 LMG MC . 20.86 3.64 -57.68
O3 LMG MC . 21.34 3.29 -58.96
C4 LMG MC . 20.22 5.03 -57.65
O4 LMG MC . 19.20 5.08 -58.63
C5 LMG MC . 19.67 5.24 -56.24
O5 LMG MC . 19.79 7.59 -56.50
C6 LMG MC . 18.94 6.56 -56.07
O6 LMG MC . 18.75 4.22 -55.92
C7 LMG MC . 17.91 1.95 -54.25
C8 LMG MC . 18.09 0.49 -53.84
C9 LMG MC . 19.54 0.07 -53.67
O7 LMG MC . 17.38 0.37 -52.61
C10 LMG MC . 16.05 0.22 -52.62
O9 LMG MC . 15.28 1.06 -52.23
C11 LMG MC . 15.68 -1.11 -53.19
C12 LMG MC . 14.25 -1.51 -52.83
C13 LMG MC . 13.92 -2.93 -53.25
C14 LMG MC . 14.57 -3.97 -52.36
C15 LMG MC . 14.38 -3.70 -50.87
C16 LMG MC . 14.25 -4.96 -50.04
C17 LMG MC . 13.67 -4.71 -48.66
C18 LMG MC . 12.94 -5.91 -48.07
C19 LMG MC . 12.01 -5.58 -46.90
C20 LMG MC . 11.20 -6.77 -46.45
C21 LMG MC . 10.43 -7.44 -47.59
C22 LMG MC . 9.93 -8.84 -47.24
C23 LMG MC . 10.48 -9.92 -48.17
C24 LMG MC . 11.31 -10.99 -47.44
C25 LMG MC . 12.50 -10.43 -46.67
C26 LMG MC . 13.10 -11.39 -45.65
C27 LMG MC . 13.56 -12.70 -46.28
O8 LMG MC . 19.59 -1.34 -53.45
C28 LMG MC . 20.73 -1.98 -53.69
O10 LMG MC . 21.68 -1.45 -54.22
C29 LMG MC . 20.67 -3.40 -53.24
C30 LMG MC . 22.01 -4.14 -53.26
C31 LMG MC . 21.87 -5.63 -53.00
C32 LMG MC . 23.08 -6.23 -52.29
C33 LMG MC . 22.78 -7.56 -51.60
C34 LMG MC . 23.97 -8.23 -50.93
CAA F6C NC . 23.47 -0.07 -18.14
CAB F6C NC . 22.85 4.68 -10.14
CAC F6C NC . 30.38 1.67 -10.29
CAD F6C NC . 28.46 -0.51 -17.95
NA F6C NC . 24.90 1.90 -15.74
CBA F6C NC . 23.35 -0.85 -16.85
CBB F6C NC . 23.61 5.06 -9.11
CBC F6C NC . 30.45 0.22 -9.88
CBD F6C NC . 27.00 -0.12 -18.32
NB F6C NC . 24.58 3.07 -13.05
OBD F6C NC . 29.21 -1.10 -18.71
CGA F6C NC . 24.09 -2.14 -16.98
CGD F6C NC . 26.95 0.73 -19.57
ND F6C NC . 27.59 1.13 -14.91
CED F6C NC . 26.47 0.74 -21.91
CHA F6C NC . 26.44 0.62 -17.13
CHB F6C NC . 22.93 3.11 -14.89
CHC F6C NC . 25.66 3.38 -10.85
CHD F6C NC . 29.34 1.07 -13.19
CMA F6C NC . 23.05 3.57 -17.98
CMB F6C NC . 21.16 4.48 -12.81
CMC F6C NC . 27.98 3.15 -8.81
CMD F6C NC . 30.96 -0.45 -15.44
OMB F6C NC . 20.68 5.42 -12.19
C1 F6C NC . 25.17 -1.62 -14.89
C1A F6C NC . 25.23 1.23 -16.92
C1B F6C NC . 23.36 3.36 -13.57
C1C F6C NC . 26.93 2.79 -11.14
C1D F6C NC . 28.89 0.77 -14.45
O1A F6C NC . 23.80 -3.12 -17.68
O1D F6C NC . 27.32 1.89 -19.71
C2 F6C NC . 24.50 -2.60 -14.00
C2A F6C NC . 24.09 1.31 -17.93
C2B F6C NC . 22.52 4.03 -12.55
C2C F6C NC . 28.02 2.67 -10.18
C2D F6C NC . 29.59 0.05 -15.54
O2A F6C NC . 25.23 -2.21 -16.21
O2D F6C NC . 26.41 0.08 -20.64
C3 F6C NC . 24.15 -2.30 -12.74
C3A F6C NC . 23.09 2.26 -17.25
C3B F6C NC . 23.27 4.11 -11.40
C3C F6C NC . 29.06 2.02 -10.85
C3D F6C NC . 28.70 -0.05 -16.59
C4 F6C NC . 23.48 -3.29 -11.87
C4A F6C NC . 23.65 2.43 -15.85
C4B F6C NC . 24.60 3.50 -11.70
C4C F6C NC . 28.60 1.74 -12.20
C4D F6C NC . 27.47 0.64 -16.14
C5 F6C NC . 24.44 -0.96 -12.17
C6 F6C NC . 23.73 -0.70 -10.85
C7 F6C NC . 22.49 0.14 -11.04
C8 F6C NC . 22.13 0.94 -9.80
C9 F6C NC . 23.38 1.37 -9.06
C10 F6C NC . 21.19 0.16 -8.88
C11 F6C NC . 21.35 0.54 -7.42
C12 F6C NC . 20.34 -0.15 -6.53
C13 F6C NC . 21.00 -0.83 -5.34
C14 F6C NC . 20.17 -2.00 -4.85
C15 F6C NC . 21.27 0.15 -4.21
NC F6C NC . 27.29 2.23 -12.34
MG F6C NC . 26.06 2.11 -14.02
C16 F6C NC . 21.71 -0.54 -2.94
C17 F6C NC . 22.07 0.46 -1.85
C18 F6C NC . 22.51 -0.23 -0.57
C19 F6C NC . 23.77 -1.04 -0.80
C20 F6C NC . 22.75 0.80 0.52
MG CLA OC . 48.86 -23.47 -8.30
CHA CLA OC . 50.46 -22.33 -5.43
CHB CLA OC . 49.01 -20.35 -9.61
CHC CLA OC . 47.78 -24.76 -11.28
CHD CLA OC . 48.83 -26.72 -6.90
NA CLA OC . 49.51 -21.63 -7.57
C1A CLA OC . 50.18 -21.37 -6.36
C2A CLA OC . 50.47 -19.87 -6.23
C3A CLA OC . 49.63 -19.26 -7.39
C4A CLA OC . 49.36 -20.48 -8.27
CMA CLA OC . 48.35 -18.68 -6.87
CAA CLA OC . 51.95 -19.55 -6.39
CBA CLA OC . 52.21 -18.10 -6.07
CGA CLA OC . 53.63 -17.72 -6.35
O1A CLA OC . 54.10 -16.61 -6.57
O2A CLA OC . 54.48 -18.80 -6.35
NB CLA OC . 48.40 -22.68 -10.09
C1B CLA OC . 48.72 -21.42 -10.48
C2B CLA OC . 48.69 -21.34 -11.97
C3B CLA OC . 48.34 -22.58 -12.43
C4B CLA OC . 48.13 -23.44 -11.25
CMB CLA OC . 48.97 -20.11 -12.73
CAB CLA OC . 48.14 -23.06 -13.78
CBB CLA OC . 47.33 -22.50 -14.68
NC CLA OC . 48.28 -25.37 -8.93
C1C CLA OC . 47.82 -25.66 -10.18
C2C CLA OC . 47.48 -27.08 -10.27
C3C CLA OC . 47.83 -27.66 -9.05
C4C CLA OC . 48.33 -26.58 -8.21
CMC CLA OC . 46.94 -27.73 -11.46
CAC CLA OC . 47.69 -29.06 -8.66
CBC CLA OC . 46.28 -29.37 -8.21
ND CLA OC . 49.31 -24.34 -6.52
C1D CLA OC . 49.30 -25.70 -6.11
C2D CLA OC . 49.88 -25.80 -4.76
C3D CLA OC . 50.37 -24.54 -4.45
C4D CLA OC . 50.00 -23.68 -5.59
CMD CLA OC . 49.97 -27.04 -3.97
CAD CLA OC . 51.00 -23.70 -3.45
OBD CLA OC . 51.34 -23.98 -2.31
CBD CLA OC . 51.22 -22.30 -4.11
CGD CLA OC . 50.88 -21.17 -3.19
O1D CLA OC . 49.89 -21.04 -2.47
O2D CLA OC . 51.83 -20.19 -3.15
CED CLA OC . 52.58 -20.07 -1.94
C1 CLA OC . 55.89 -18.48 -6.30
C2 CLA OC . 56.61 -19.70 -6.76
C3 CLA OC . 57.19 -20.57 -5.92
C4 CLA OC . 57.16 -20.38 -4.45
C5 CLA OC . 57.90 -21.77 -6.45
C6 CLA OC . 57.19 -23.06 -6.09
C7 CLA OC . 57.64 -24.20 -6.97
C8 CLA OC . 59.08 -24.63 -6.69
C9 CLA OC . 59.45 -25.79 -7.60
C10 CLA OC . 59.24 -25.03 -5.23
C11 CLA OC . 60.39 -24.31 -4.56
C12 CLA OC . 61.73 -24.91 -4.95
C13 CLA OC . 62.85 -24.52 -3.99
C14 CLA OC . 62.46 -24.77 -2.55
C15 CLA OC . 63.27 -23.07 -4.18
C16 CLA OC . 64.07 -22.87 -5.45
C17 CLA OC . 65.18 -21.86 -5.25
C18 CLA OC . 65.67 -21.23 -6.55
C19 CLA OC . 67.01 -20.55 -6.34
C20 CLA OC . 65.78 -22.25 -7.66
MG CLA PC . 60.29 -18.13 -9.00
CHA CLA PC . 58.44 -20.55 -10.67
CHB CLA PC . 63.02 -20.12 -9.18
CHC CLA PC . 62.12 -15.61 -7.59
CHD CLA PC . 57.37 -16.15 -8.73
NA CLA PC . 60.63 -20.06 -9.74
C1A CLA PC . 59.73 -20.90 -10.40
C2A CLA PC . 60.40 -22.25 -10.73
C3A CLA PC . 61.77 -22.15 -10.00
C4A CLA PC . 61.84 -20.68 -9.60
CMA CLA PC . 61.84 -23.06 -8.81
CAA CLA PC . 60.55 -22.51 -12.21
CBA CLA PC . 60.82 -23.97 -12.50
CGA CLA PC . 62.28 -24.17 -12.77
O1A CLA PC . 63.16 -23.32 -12.85
O2A CLA PC . 62.62 -25.48 -12.95
NB CLA PC . 62.19 -17.95 -8.36
C1B CLA PC . 63.19 -18.77 -8.80
C2B CLA PC . 64.49 -18.05 -8.84
C3B CLA PC . 64.24 -16.77 -8.38
C4B CLA PC . 62.78 -16.70 -8.07
CMB CLA PC . 65.72 -18.69 -9.27
CAB CLA PC . 65.10 -15.63 -8.19
CBB CLA PC . 66.42 -15.59 -8.32
NC CLA PC . 59.81 -16.25 -8.22
C1C CLA PC . 60.70 -15.41 -7.64
C2C CLA PC . 60.03 -14.21 -7.16
C3C CLA PC . 58.68 -14.35 -7.53
C4C CLA PC . 58.55 -15.64 -8.18
CMC CLA PC . 60.68 -13.09 -6.47
CAC CLA PC . 57.59 -13.42 -7.24
CBC CLA PC . 56.87 -13.76 -5.95
ND CLA PC . 58.35 -18.25 -9.55
C1D CLA PC . 57.25 -17.36 -9.39
C2D CLA PC . 56.06 -17.93 -10.06
C3D CLA PC . 56.48 -19.13 -10.62
C4D CLA PC . 57.90 -19.29 -10.25
CMD CLA PC . 54.75 -17.28 -10.13
CAD CLA PC . 56.10 -20.30 -11.40
OBD CLA PC . 55.05 -20.54 -11.98
CBD CLA PC . 57.34 -21.25 -11.43
CGD CLA PC . 57.05 -22.63 -10.88
O1D CLA PC . 57.66 -23.67 -11.11
O2D CLA PC . 55.96 -22.69 -10.07
CED CLA PC . 55.35 -23.97 -9.93
C1 CLA PC . 64.04 -25.75 -12.99
C2 CLA PC . 64.34 -26.73 -14.07
C3 CLA PC . 64.21 -26.44 -15.37
C4 CLA PC . 63.73 -25.11 -15.83
C5 CLA PC . 64.52 -27.44 -16.42
C6 CLA PC . 65.68 -27.02 -17.31
C7 CLA PC . 65.19 -26.61 -18.69
C8 CLA PC . 66.33 -26.33 -19.66
C9 CLA PC . 66.63 -27.57 -20.48
C10 CLA PC . 67.59 -25.84 -18.96
C11 CLA PC . 68.66 -25.43 -19.94
C12 CLA PC . 68.26 -24.19 -20.73
C13 CLA PC . 69.44 -23.62 -21.50
C14 CLA PC . 70.60 -23.34 -20.57
C15 CLA PC . 69.08 -22.36 -22.27
C16 CLA PC . 67.80 -22.53 -23.06
C17 CLA PC . 67.77 -21.64 -24.29
C18 CLA PC . 68.18 -22.40 -25.53
C19 CLA PC . 67.14 -22.26 -26.63
C20 CLA PC . 69.53 -21.93 -26.03
MG CLA QC . 40.54 -8.39 -16.22
CHA CLA QC . 38.45 -6.44 -18.17
CHB CLA QC . 37.86 -9.37 -14.35
CHC CLA QC . 42.53 -10.73 -14.71
CHD CLA QC . 43.28 -7.29 -18.14
NA CLA QC . 38.51 -7.91 -16.23
C1A CLA QC . 37.83 -7.11 -17.15
C2A CLA QC . 36.35 -7.02 -16.79
C3A CLA QC . 36.28 -7.70 -15.40
C4A CLA QC . 37.63 -8.40 -15.31
CMA CLA QC . 36.08 -6.70 -14.29
CAA CLA QC . 35.57 -7.81 -17.82
CBA CLA QC . 34.07 -7.68 -17.63
CGA CLA QC . 33.57 -8.81 -16.78
O1A CLA QC . 33.83 -10.01 -16.86
O2A CLA QC . 32.69 -8.39 -15.81
NB CLA QC . 40.25 -9.79 -14.80
C1B CLA QC . 39.08 -10.07 -14.19
C2B CLA QC . 39.23 -11.24 -13.29
C3B CLA QC . 40.55 -11.64 -13.39
C4B CLA QC . 41.22 -10.71 -14.34
CMB CLA QC . 38.14 -11.78 -12.48
CAB CLA QC . 41.25 -12.70 -12.73
CBB CLA QC . 40.81 -13.96 -12.63
NC CLA QC . 42.57 -8.86 -16.35
C1C CLA QC . 43.16 -9.85 -15.63
C2C CLA QC . 44.58 -9.92 -15.98
C3C CLA QC . 44.81 -8.95 -16.94
C4C CLA QC . 43.53 -8.28 -17.18
CMC CLA QC . 45.52 -10.87 -15.39
CAC CLA QC . 46.09 -8.63 -17.58
CBC CLA QC . 46.12 -8.92 -19.05
ND CLA QC . 40.89 -7.04 -17.67
C1D CLA QC . 42.06 -6.72 -18.41
C2D CLA QC . 41.72 -5.72 -19.45
C3D CLA QC . 40.35 -5.60 -19.43
C4D CLA QC . 39.88 -6.46 -18.31
CMD CLA QC . 42.70 -5.10 -20.34
CAD CLA QC . 39.18 -4.93 -19.96
OBD CLA QC . 39.10 -4.02 -20.80
CBD CLA QC . 37.92 -5.56 -19.28
CGD CLA QC . 36.88 -4.56 -18.85
O1D CLA QC . 37.02 -3.56 -18.12
O2D CLA QC . 35.65 -4.84 -19.33
CED CLA QC . 34.75 -3.75 -19.60
C1 CLA QC . 32.14 -9.41 -14.95
C2 CLA QC . 33.05 -9.53 -13.78
C3 CLA QC . 33.67 -10.67 -13.46
C4 CLA QC . 33.47 -11.93 -14.22
C5 CLA QC . 34.58 -10.74 -12.28
C6 CLA QC . 34.24 -11.88 -11.33
C7 CLA QC . 32.96 -11.60 -10.57
C8 CLA QC . 32.65 -12.68 -9.54
C9 CLA QC . 32.83 -14.06 -10.14
C10 CLA QC . 31.24 -12.54 -8.99
C11 CLA QC . 31.18 -11.61 -7.80
C12 CLA QC . 29.86 -11.76 -7.06
C13 CLA QC . 29.49 -10.52 -6.26
C14 CLA QC . 29.41 -9.30 -7.16
C15 CLA QC . 30.47 -10.28 -5.13
C16 CLA QC . 30.00 -9.15 -4.23
C17 CLA QC . 30.27 -9.43 -2.78
C18 CLA QC . 30.81 -8.21 -2.05
C19 CLA QC . 31.18 -8.56 -0.62
C20 CLA QC . 32.03 -7.66 -2.77
MG CLA RC . 40.99 4.27 11.64
CHA CLA RC . 40.13 7.64 11.54
CHB CLA RC . 41.92 4.62 14.89
CHC CLA RC . 41.59 0.90 11.77
CHD CLA RC . 39.93 3.96 8.29
NA CLA RC . 41.05 5.89 12.96
C1A CLA RC . 40.63 7.21 12.74
C2A CLA RC . 40.83 8.07 13.99
C3A CLA RC . 41.54 7.11 14.97
C4A CLA RC . 41.51 5.77 14.25
CMA CLA RC . 42.95 7.56 15.28
CAA CLA RC . 39.48 8.50 14.54
CBA CLA RC . 38.56 7.34 14.84
CGA CLA RC . 37.61 7.08 13.71
O1A CLA RC . 37.10 7.89 12.94
O2A CLA RC . 37.30 5.75 13.55
NB CLA RC . 41.65 3.00 13.06
C1B CLA RC . 41.94 3.33 14.34
C2B CLA RC . 42.30 2.11 15.11
C3B CLA RC . 42.21 1.04 14.23
C4B CLA RC . 41.80 1.61 12.91
CMB CLA RC . 42.66 2.14 16.53
CAB CLA RC . 42.44 -0.35 14.44
CBB CLA RC . 43.42 -0.88 15.18
NC CLA RC . 40.84 2.73 10.25
C1C CLA RC . 41.16 1.42 10.51
C2C CLA RC . 40.93 0.62 9.31
C3C CLA RC . 40.44 1.48 8.33
C4C CLA RC . 40.38 2.81 8.94
CMC CLA RC . 41.16 -0.83 9.20
CAC CLA RC . 40.06 1.13 6.96
CBC CLA RC . 41.19 1.34 5.98
ND CLA RC . 40.29 5.48 10.17
C1D CLA RC . 39.87 5.22 8.84
C2D CLA RC . 39.39 6.47 8.23
C3D CLA RC . 39.46 7.44 9.22
C4D CLA RC . 40.02 6.76 10.41
CMD CLA RC . 38.91 6.60 6.86
CAD CLA RC . 39.26 8.83 9.56
OBD CLA RC . 38.87 9.76 8.87
CBD CLA RC . 39.62 8.99 11.08
CGD CLA RC . 40.62 10.09 11.32
O1D CLA RC . 41.85 10.02 11.35
O2D CLA RC . 40.05 11.31 11.51
CED CLA RC . 40.49 12.09 12.62
C1 CLA RC . 37.74 5.10 12.35
C2 CLA RC . 36.54 4.85 11.50
C3 CLA RC . 36.27 3.66 10.96
C4 CLA RC . 35.05 3.45 10.13
C5 CLA RC . 37.16 2.48 11.16
C6 CLA RC . 36.89 1.33 10.20
C7 CLA RC . 36.40 0.10 10.94
C8 CLA RC . 35.99 -1.04 10.02
C9 CLA RC . 36.93 -1.17 8.85
C10 CLA RC . 34.56 -0.84 9.51
C11 CLA RC . 34.06 -2.06 8.76
C12 CLA RC . 32.55 -2.01 8.55
C13 CLA RC . 32.10 -3.09 7.58
C14 CLA RC . 32.56 -2.79 6.18
C15 CLA RC . 30.58 -3.26 7.61
C16 CLA RC . 30.11 -3.92 8.88
C17 CLA RC . 28.67 -4.37 8.78
C18 CLA RC . 28.03 -4.55 10.15
C19 CLA RC . 26.64 -5.16 10.01
C20 CLA RC . 28.89 -5.44 11.03
MG CLA SC . 51.85 2.74 16.55
CHA CLA SC . 53.86 0.61 18.40
CHB CLA SC . 49.23 0.60 16.94
CHC CLA SC . 49.90 4.88 14.70
CHD CLA SC . 54.63 4.87 16.07
NA CLA SC . 51.61 0.92 17.53
C1A CLA SC . 52.57 0.19 18.25
C2A CLA SC . 51.97 -1.09 18.83
C3A CLA SC . 50.54 -1.12 18.24
C4A CLA SC . 50.42 0.24 17.53
CMA CLA SC . 50.37 -2.26 17.28
CAA CLA SC . 51.94 -1.01 20.35
CBA CLA SC . 50.53 -1.05 20.89
CGA CLA SC . 50.13 -2.47 21.18
O1A CLA SC . 49.02 -3.00 21.04
O2A CLA SC . 51.17 -3.22 21.66
NB CLA SC . 49.93 2.74 15.93
C1B CLA SC . 49.00 1.81 16.25
C2B CLA SC . 47.66 2.21 15.71
C3B CLA SC . 47.85 3.42 15.07
C4B CLA SC . 49.30 3.76 15.21
CMB CLA SC . 46.46 1.39 15.88
CAB CLA SC . 46.93 4.29 14.37
CBB CLA SC . 45.62 4.36 14.53
NC CLA SC . 52.21 4.54 15.57
C1C CLA SC . 51.27 5.25 14.88
C2C CLA SC . 51.87 6.46 14.31
C3C CLA SC . 53.21 6.46 14.70
C4C CLA SC . 53.42 5.25 15.49
CMC CLA SC . 51.15 7.44 13.50
CAC CLA SC . 54.23 7.45 14.37
CBC CLA SC . 55.19 6.98 13.31
ND CLA SC . 53.79 2.82 17.13
C1D CLA SC . 54.83 3.73 16.84
C2D CLA SC . 56.08 3.26 17.48
C3D CLA SC . 55.76 2.08 18.10
C4D CLA SC . 54.33 1.83 17.83
CMD CLA SC . 57.35 3.97 17.44
CAD CLA SC . 56.24 0.96 18.90
OBD CLA SC . 57.36 0.77 19.37
CBD CLA SC . 55.06 -0.03 19.08
CGD CLA SC . 55.35 -1.38 18.47
O1D CLA SC . 55.21 -2.48 18.98
O2D CLA SC . 55.83 -1.31 17.20
CED CLA SC . 56.00 -2.54 16.49
C1 CLA SC . 51.43 -4.47 20.98
C2 CLA SC . 52.92 -4.61 20.98
C3 CLA SC . 53.52 -5.78 21.24
C4 CLA SC . 52.76 -7.01 21.54
C5 CLA SC . 55.01 -5.90 21.23
C6 CLA SC . 55.72 -4.56 21.37
C7 CLA SC . 55.86 -4.18 22.83
C8 CLA SC . 56.69 -2.91 23.01
C9 CLA SC . 57.47 -2.99 24.30
C10 CLA SC . 55.78 -1.68 23.03
C11 CLA SC . 56.58 -0.40 22.92
C12 CLA SC . 55.68 0.79 22.68
C13 CLA SC . 56.47 2.09 22.64
C14 CLA SC . 57.00 2.45 24.01
C15 CLA SC . 55.63 3.24 22.07
C16 CLA SC . 56.50 4.26 21.37
C17 CLA SC . 55.67 5.37 20.75
C18 CLA SC . 55.28 6.43 21.77
C19 CLA SC . 56.46 7.32 22.10
C20 CLA SC . 54.14 7.27 21.24
MG CLA TC . 47.42 -5.25 14.68
CHA CLA TC . 46.01 -2.69 12.80
CHB CLA TC . 50.52 -3.93 14.14
CHC CLA TC . 48.75 -7.74 16.64
CHD CLA TC . 44.18 -6.58 15.20
NA CLA TC . 48.12 -3.59 13.63
C1A CLA TC . 47.38 -2.64 12.93
C2A CLA TC . 48.28 -1.57 12.32
C3A CLA TC . 49.70 -2.07 12.64
C4A CLA TC . 49.45 -3.28 13.56
CMA CLA TC . 50.45 -2.47 11.39
CAA CLA TC . 48.05 -0.24 13.02
CBA CLA TC . 47.58 0.84 12.08
CGA CLA TC . 48.65 1.09 11.05
O1A CLA TC . 49.87 0.99 11.18
O2A CLA TC . 48.15 1.50 9.85
NB CLA TC . 49.27 -5.72 15.31
C1B CLA TC . 50.41 -5.07 14.97
C2B CLA TC . 51.59 -5.75 15.59
C3B CLA TC . 51.10 -6.83 16.30
C4B CLA TC . 49.62 -6.82 16.12
CMB CLA TC . 52.96 -5.27 15.39
CAB CLA TC . 51.75 -7.85 17.09
CBB CLA TC . 53.05 -7.95 17.37
NC CLA TC . 46.61 -6.87 15.71
C1C CLA TC . 47.34 -7.77 16.44
C2C CLA TC . 46.46 -8.77 17.02
C3C CLA TC . 45.16 -8.44 16.63
C4C CLA TC . 45.26 -7.25 15.81
CMC CLA TC . 46.90 -9.89 17.87
CAC CLA TC . 43.93 -9.17 16.96
CBC CLA TC . 43.66 -10.29 15.99
ND CLA TC . 45.53 -4.85 14.10
C1D CLA TC . 44.29 -5.46 14.41
C2D CLA TC . 43.21 -4.71 13.74
C3D CLA TC . 43.81 -3.64 13.10
C4D CLA TC . 45.26 -3.77 13.37
CMD CLA TC . 41.78 -5.05 13.78
CAD CLA TC . 43.62 -2.49 12.24
OBD CLA TC . 42.61 -2.07 11.72
CBD CLA TC . 45.02 -1.80 12.09
CGD CLA TC . 45.37 -1.55 10.66
O1D CLA TC . 45.03 -0.60 9.96
O2D CLA TC . 46.17 -2.51 10.10
CED CLA TC . 45.68 -3.18 8.95
C1 CLA TC . 48.01 0.48 8.84
C2 CLA TC . 49.34 0.31 8.21
C3 CLA TC . 49.68 -0.78 7.50
C4 CLA TC . 51.02 -0.91 6.90
C5 CLA TC . 48.72 -1.90 7.29
C6 CLA TC . 49.34 -3.12 6.63
C7 CLA TC . 49.70 -4.17 7.67
C8 CLA TC . 49.94 -5.53 7.03
C9 CLA TC . 48.68 -6.37 7.11
C10 CLA TC . 51.13 -6.23 7.69
C11 CLA TC . 50.74 -7.42 8.55
C12 CLA TC . 51.71 -7.64 9.69
C13 CLA TC . 51.08 -7.24 11.03
C14 CLA TC . 52.05 -7.44 12.17
C15 CLA TC . 49.80 -8.02 11.29
C16 CLA TC . 48.73 -7.15 11.92
C17 CLA TC . 47.45 -7.94 12.11
C18 CLA TC . 46.23 -7.15 11.65
C19 CLA TC . 46.42 -6.63 10.24
C20 CLA TC . 44.99 -8.00 11.73
MG CLA UC . 31.41 -14.03 18.39
CHA CLA UC . 28.98 -15.61 16.50
CHB CLA UC . 33.60 -14.29 15.80
CHC CLA UC . 33.75 -12.39 20.29
CHD CLA UC . 29.12 -13.83 21.08
NA CLA UC . 31.28 -14.83 16.47
C1A CLA UC . 30.19 -15.46 15.87
C2A CLA UC . 30.51 -15.89 14.45
C3A CLA UC . 32.03 -15.60 14.32
C4A CLA UC . 32.34 -14.83 15.60
CMA CLA UC . 32.83 -16.87 14.21
CAA CLA UC . 29.72 -15.09 13.43
CBA CLA UC . 29.86 -13.59 13.62
CGA CLA UC . 28.74 -13.05 14.47
O1A CLA UC . 27.53 -13.29 14.40
O2A CLA UC . 29.18 -12.21 15.46
NB CLA UC . 33.34 -13.53 18.13
C1B CLA UC . 34.00 -13.58 16.95
C2B CLA UC . 35.25 -12.75 17.01
C3B CLA UC . 35.29 -12.22 18.28
C4B CLA UC . 34.08 -12.70 19.00
CMB CLA UC . 36.17 -12.61 15.89
CAB CLA UC . 36.25 -11.34 18.90
CBB CLA UC . 36.82 -10.28 18.33
NC CLA UC . 31.42 -13.28 20.34
C1C CLA UC . 32.50 -12.67 20.92
C2C CLA UC . 32.19 -12.30 22.29
C3C CLA UC . 30.87 -12.68 22.51
C4C CLA UC . 30.40 -13.30 21.29
CMC CLA UC . 33.12 -11.64 23.22
CAC CLA UC . 30.10 -12.51 23.76
CBC CLA UC . 29.41 -11.18 23.83
ND CLA UC . 29.47 -14.49 18.74
C1D CLA UC . 28.66 -14.38 19.90
C2D CLA UC . 27.32 -14.95 19.61
C3D CLA UC . 27.38 -15.42 18.31
C4D CLA UC . 28.76 -15.14 17.83
CMD CLA UC . 26.20 -14.97 20.55
CAD CLA UC . 26.67 -16.05 17.21
OBD CLA UC . 25.49 -16.36 17.15
CBD CLA UC . 27.69 -16.28 16.07
CGD CLA UC . 27.93 -17.75 15.87
O1D CLA UC . 28.29 -18.57 16.72
O2D CLA UC . 27.74 -18.21 14.60
CED CLA UC . 27.93 -19.60 14.37
C1 CLA UC . 28.31 -12.03 16.59
C2 CLA UC . 29.03 -11.17 17.56
C3 CLA UC . 28.45 -10.71 18.69
C4 CLA UC . 27.05 -11.04 19.05
C5 CLA UC . 29.20 -9.85 19.65
C6 CLA UC . 30.66 -9.68 19.29
C7 CLA UC . 31.39 -8.90 20.35
C8 CLA UC . 32.87 -8.71 20.01
C9 CLA UC . 33.68 -8.56 21.28
C10 CLA UC . 33.06 -7.49 19.11
C11 CLA UC . 34.46 -7.42 18.57
C12 CLA UC . 34.68 -6.17 17.74
C13 CLA UC . 36.06 -6.13 17.12
C14 CLA UC . 37.13 -6.39 18.17
C15 CLA UC . 36.31 -4.81 16.42
C16 CLA UC . 36.82 -5.03 15.01
C17 CLA UC . 37.57 -3.81 14.50
C18 CLA UC . 37.81 -3.87 12.99
C19 CLA UC . 38.86 -2.87 12.56
C20 CLA UC . 38.21 -5.27 12.55
MG CLA VC . 37.17 -18.89 12.17
CHA CLA VC . 39.49 -19.65 14.63
CHB CLA VC . 36.31 -16.08 13.87
CHC CLA VC . 35.15 -17.99 9.54
CHD CLA VC . 38.25 -21.72 10.35
NA CLA VC . 37.76 -18.07 13.99
C1A CLA VC . 38.75 -18.53 14.86
C2A CLA VC . 38.89 -17.59 16.06
C3A CLA VC . 37.67 -16.65 15.92
C4A CLA VC . 37.20 -16.92 14.49
CMA CLA VC . 36.60 -16.95 16.94
CAA CLA VC . 40.20 -16.82 15.91
CBA CLA VC . 40.37 -16.10 14.57
CGA CLA VC . 40.87 -17.00 13.48
O1A CLA VC . 41.74 -17.86 13.54
O2A CLA VC . 40.23 -16.85 12.27
NB CLA VC . 35.91 -17.37 11.81
C1B CLA VC . 35.81 -16.24 12.57
C2B CLA VC . 35.06 -15.19 11.83
C3B CLA VC . 34.73 -15.73 10.60
C4B CLA VC . 35.26 -17.12 10.59
CMB CLA VC . 34.81 -13.87 12.42
CAB CLA VC . 34.02 -15.17 9.48
CBB CLA VC . 33.16 -14.14 9.51
NC CLA VC . 36.71 -19.76 10.32
C1C CLA VC . 35.82 -19.25 9.42
C2C CLA VC . 35.73 -20.11 8.25
C3C CLA VC . 36.64 -21.14 8.46
C4C CLA VC . 37.25 -20.93 9.77
CMC CLA VC . 34.89 -19.88 7.08
CAC CLA VC . 36.92 -22.27 7.56
CBC CLA VC . 38.14 -22.02 6.71
ND CLA VC . 38.45 -20.43 12.43
C1D CLA VC . 38.84 -21.50 11.57
C2D CLA VC . 39.92 -22.27 12.23
C3D CLA VC . 40.20 -21.61 13.42
C4D CLA VC . 39.28 -20.46 13.47
CMD CLA VC . 40.55 -23.46 11.66
CAD CLA VC . 41.02 -21.59 14.63
OBD CLA VC . 41.85 -22.40 15.02
CBD CLA VC . 40.64 -20.28 15.39
CGD CLA VC . 40.35 -20.53 16.84
O1D CLA VC . 41.17 -20.70 17.76
O2D CLA VC . 39.03 -20.57 17.16
CED CLA VC . 38.69 -20.62 18.55
C1 CLA VC . 40.55 -17.86 11.29
C2 CLA VC . 39.70 -17.66 10.09
C3 CLA VC . 39.89 -18.36 8.96
C4 CLA VC . 40.97 -19.38 8.84
C5 CLA VC . 39.04 -18.16 7.75
C6 CLA VC . 38.12 -16.97 7.86
C7 CLA VC . 38.71 -15.77 7.14
C8 CLA VC . 38.25 -14.46 7.75
C9 CLA VC . 38.44 -13.32 6.79
C10 CLA VC . 39.01 -14.18 9.04
C11 CLA VC . 38.18 -13.36 10.01
C12 CLA VC . 38.55 -13.69 11.46
C13 CLA VC . 39.40 -12.59 12.08
C14 CLA VC . 40.87 -12.90 11.93
C15 CLA VC . 39.04 -12.42 13.55
C16 CLA VC . 39.73 -11.20 14.15
C17 CLA VC . 38.90 -9.95 13.97
C18 CLA VC . 39.50 -8.77 14.73
C19 CLA VC . 39.48 -9.01 16.22
C20 CLA VC . 40.92 -8.54 14.27
MG CLA WC . 30.61 -20.18 3.85
CHA CLA WC . 31.09 -19.65 7.25
CHB CLA WC . 29.07 -17.15 3.61
CHC CLA WC . 30.46 -20.61 0.45
CHD CLA WC . 32.17 -23.33 4.17
NA CLA WC . 30.12 -18.69 5.23
C1A CLA WC . 30.42 -18.66 6.60
C2A CLA WC . 29.88 -17.39 7.25
C3A CLA WC . 29.03 -16.75 6.12
C4A CLA WC . 29.42 -17.56 4.88
CMA CLA WC . 27.57 -16.92 6.43
CAA CLA WC . 30.98 -16.48 7.75
CBA CLA WC . 31.28 -15.37 6.77
CGA CLA WC . 32.48 -15.78 5.98
O1A CLA WC . 32.61 -16.75 5.25
O2A CLA WC . 33.55 -14.94 6.14
NB CLA WC . 29.89 -19.10 2.32
C1B CLA WC . 29.37 -17.84 2.42
C2B CLA WC . 29.12 -17.31 1.05
C3B CLA WC . 29.50 -18.28 0.15
C4B CLA WC . 29.99 -19.44 0.95
CMB CLA WC . 28.56 -15.99 0.80
CAB CLA WC . 29.47 -18.30 -1.28
CBB CLA WC . 28.39 -18.02 -2.03
NC CLA WC . 31.16 -21.72 2.56
C1C CLA WC . 30.98 -21.68 1.21
C2C CLA WC . 31.48 -22.92 0.61
C3C CLA WC . 31.98 -23.70 1.66
C4C CLA WC . 31.75 -22.94 2.89
CMC CLA WC . 31.46 -23.20 -0.83
CAC CLA WC . 32.58 -25.04 1.56
CBC CLA WC . 31.55 -26.14 1.72
ND CLA WC . 31.36 -21.33 5.34
C1D CLA WC . 32.03 -22.58 5.32
C2D CLA WC . 32.49 -22.90 6.68
C3D CLA WC . 32.16 -21.80 7.47
C4D CLA WC . 31.48 -20.85 6.57
CMD CLA WC . 33.21 -24.12 7.06
CAD CLA WC . 32.18 -21.21 8.79
OBD CLA WC . 32.58 -21.67 9.84
CBD CLA WC . 31.54 -19.80 8.68
CGD CLA WC . 30.42 -19.58 9.65
O1D CLA WC . 29.41 -20.26 9.79
O2D CLA WC . 30.57 -18.48 10.45
CED CLA WC . 29.52 -18.19 11.37
C1 CLA WC . 33.32 -13.58 5.72
C2 CLA WC . 34.50 -12.82 6.20
C3 CLA WC . 34.43 -11.59 6.72
C4 CLA WC . 33.16 -10.85 6.89
C5 CLA WC . 35.67 -10.90 7.17
C6 CLA WC . 35.55 -10.35 8.58
C7 CLA WC . 36.34 -9.05 8.69
C8 CLA WC . 37.70 -9.26 9.32
C9 CLA WC . 37.97 -8.18 10.33
C10 CLA WC . 38.80 -9.31 8.27
C11 CLA WC . 40.15 -9.51 8.92
C12 CLA WC . 41.13 -10.14 7.96
C13 CLA WC . 42.19 -10.95 8.70
C14 CLA WC . 42.65 -10.21 9.94
C15 CLA WC . 43.38 -11.28 7.81
C16 CLA WC . 43.48 -12.77 7.56
C17 CLA WC . 43.70 -13.56 8.84
C18 CLA WC . 43.92 -15.04 8.55
C19 CLA WC . 45.33 -15.29 8.05
C20 CLA WC . 43.63 -15.87 9.78
MG CLA XC . 47.57 6.35 33.32
CHA CLA XC . 47.90 9.33 35.06
CHB CLA XC . 50.58 6.89 31.83
CHC CLA XC . 47.32 3.26 31.83
CHD CLA XC . 44.43 5.84 34.88
NA CLA XC . 48.97 7.89 33.42
C1A CLA XC . 48.94 9.04 34.22
C2A CLA XC . 50.17 9.91 34.00
C3A CLA XC . 50.87 9.21 32.81
C4A CLA XC . 50.12 7.89 32.67
CMA CLA XC . 50.77 10.05 31.56
CAA CLA XC . 51.07 9.91 35.22
CBA CLA XC . 51.14 8.55 35.89
CGA CLA XC . 52.16 8.55 36.98
O1A CLA XC . 52.71 9.52 37.53
O2A CLA XC . 52.50 7.29 37.41
NB CLA XC . 48.70 5.31 32.03
C1B CLA XC . 49.95 5.65 31.62
C2B CLA XC . 50.58 4.52 30.88
C3B CLA XC . 49.65 3.49 30.88
C4B CLA XC . 48.45 3.98 31.60
CMB CLA XC . 51.93 4.58 30.32
CAB CLA XC . 49.73 2.17 30.31
CBB CLA XC . 50.22 1.86 29.10
NC CLA XC . 46.12 4.85 33.33
C1C CLA XC . 46.22 3.67 32.64
C2C CLA XC . 45.03 2.86 32.87
C3C CLA XC . 44.21 3.58 33.75
C4C CLA XC . 44.90 4.83 34.03
CMC CLA XC . 44.80 1.53 32.30
CAC CLA XC . 42.91 3.17 34.29
CBC CLA XC . 41.76 3.73 33.49
ND CLA XC . 46.38 7.32 34.64
C1D CLA XC . 45.11 7.01 35.19
C2D CLA XC . 44.70 8.10 36.10
C3D CLA XC . 45.75 9.01 36.11
C4D CLA XC . 46.76 8.47 35.18
CMD CLA XC . 43.44 8.13 36.85
CAD CLA XC . 46.24 10.27 36.62
OBD CLA XC . 45.73 11.04 37.42
CBD CLA XC . 47.64 10.52 35.96
CGD CLA XC . 47.67 11.81 35.18
O1D CLA XC . 47.77 11.95 33.97
O2D CLA XC . 47.59 12.92 35.96
CED CLA XC . 47.65 14.19 35.31
C1 CLA XC . 52.18 6.94 38.76
C2 CLA XC . 53.32 6.14 39.28
C3 CLA XC . 53.19 5.17 40.20
C4 CLA XC . 54.35 4.40 40.68
C5 CLA XC . 51.86 4.82 40.77
C6 CLA XC . 51.42 3.42 40.41
C7 CLA XC . 50.39 2.91 41.39
C8 CLA XC . 49.09 2.52 40.70
C9 CLA XC . 47.90 3.10 41.44
C10 CLA XC . 48.96 1.01 40.58
C11 CLA XC . 47.55 0.58 40.21
C12 CLA XC . 47.47 -0.90 39.92
C13 CLA XC . 48.03 -1.24 38.54
C14 CLA XC . 47.11 -0.74 37.44
C15 CLA XC . 48.31 -2.73 38.36
C16 CLA XC . 47.60 -3.58 39.40
C17 CLA XC . 48.49 -4.72 39.87
C18 CLA XC . 47.79 -5.63 40.87
C19 CLA XC . 48.79 -6.49 41.61
C20 CLA XC . 46.98 -4.81 41.87
MG CLA YC . 57.05 4.30 38.30
CHA CLA YC . 56.77 7.37 36.70
CHB CLA YC . 59.87 5.37 39.87
CHC CLA YC . 57.23 1.27 39.90
CHD CLA YC . 54.12 3.23 36.62
NA CLA YC . 58.13 6.09 38.27
C1A CLA YC . 57.85 7.26 37.55
C2A CLA YC . 58.91 8.34 37.81
C3A CLA YC . 59.91 7.63 38.76
C4A CLA YC . 59.28 6.27 39.01
CMA CLA YC . 61.28 7.52 38.14
CAA CLA YC . 58.34 9.59 38.48
CBA CLA YC . 57.12 9.35 39.34
CGA CLA YC . 57.46 8.59 40.58
O1A CLA YC . 58.43 8.74 41.32
O2A CLA YC . 56.55 7.63 40.90
NB CLA YC . 58.30 3.49 39.64
C1B CLA YC . 59.40 4.08 40.16
C2B CLA YC . 60.08 3.16 41.12
C3B CLA YC . 59.35 2.00 41.14
C4B CLA YC . 58.20 2.18 40.19
CMB CLA YC . 61.29 3.50 41.84
CAB CLA YC . 59.57 0.78 41.88
CBB CLA YC . 58.69 0.20 42.69
NC CLA YC . 55.88 2.57 38.26
C1C CLA YC . 56.15 1.45 39.00
C2C CLA YC . 55.13 0.43 38.73
C3C CLA YC . 54.26 0.98 37.80
C4C CLA YC . 54.73 2.32 37.51
CMC CLA YC . 55.10 -0.90 39.35
CAC CLA YC . 53.07 0.33 37.22
CBC CLA YC . 51.79 0.71 37.93
ND CLA YC . 55.73 5.05 36.96
C1D CLA YC . 54.58 4.50 36.35
C2D CLA YC . 53.99 5.51 35.43
C3D CLA YC . 54.80 6.62 35.53
C4D CLA YC . 55.85 6.29 36.50
CMD CLA YC . 52.80 5.30 34.61
CAD CLA YC . 55.02 7.98 35.07
OBD CLA YC . 54.39 8.66 34.28
CBD CLA YC . 56.30 8.50 35.82
CGD CLA YC . 57.39 8.93 34.86
O1D CLA YC . 58.41 8.32 34.56
O2D CLA YC . 57.15 10.14 34.27
CED CLA YC . 58.12 10.61 33.33
MG CLA ZC . 54.34 2.14 29.37
CHA CLA ZC . 52.88 1.86 26.24
CHB CLA ZC . 53.34 -1.02 30.12
CHC CLA ZC . 55.63 2.54 32.54
CHD CLA ZC . 55.23 5.48 28.61
NA CLA ZC . 53.34 0.65 28.30
C1A CLA ZC . 52.80 0.73 27.01
C2A CLA ZC . 52.13 -0.58 26.61
C3A CLA ZC . 52.34 -1.48 27.85
C4A CLA ZC . 53.08 -0.58 28.83
CMA CLA ZC . 51.03 -1.99 28.41
CAA CLA ZC . 52.82 -1.20 25.40
CBA CLA ZC . 51.91 -2.15 24.66
CGA CLA ZC . 51.97 -3.53 25.28
O1A CLA ZC . 51.06 -4.20 25.76
O2A CLA ZC . 53.24 -4.03 25.30
NB CLA ZC . 54.43 1.00 31.02
C1B CLA ZC . 53.99 -0.29 31.12
C2B CLA ZC . 54.32 -0.83 32.47
C3B CLA ZC . 54.96 0.18 33.16
C4B CLA ZC . 55.05 1.35 32.24
CMB CLA ZC . 53.97 -2.19 32.88
CAB CLA ZC . 55.50 0.21 34.49
CBB CLA ZC . 56.13 -0.79 35.12
NC CLA ZC . 55.32 3.71 30.36
C1C CLA ZC . 55.78 3.65 31.65
C2C CLA ZC . 56.39 4.91 32.02
C3C CLA ZC . 56.26 5.76 30.92
C4C CLA ZC . 55.58 5.00 29.88
CMC CLA ZC . 57.00 5.20 33.32
CAC CLA ZC . 56.71 7.16 30.83
CBC CLA ZC . 58.21 7.32 30.63
ND CLA ZC . 54.30 3.37 27.76
C1D CLA ZC . 54.63 4.74 27.61
C2D CLA ZC . 54.22 5.20 26.26
C3D CLA ZC . 53.58 4.12 25.68
C4D CLA ZC . 53.60 3.02 26.67
CMD CLA ZC . 54.48 6.52 25.71
CAD CLA ZC . 52.91 3.61 24.50
OBD CLA ZC . 52.79 4.12 23.39
CBD CLA ZC . 52.32 2.22 24.87
CGD CLA ZC . 50.83 2.38 24.92
O1D CLA ZC . 50.18 3.38 24.58
O2D CLA ZC . 50.13 1.33 25.41
CED CLA ZC . 48.81 1.62 25.88
C1 CLA ZC . 53.37 -5.45 25.10
C2 CLA ZC . 53.67 -6.05 26.42
C3 CLA ZC . 54.47 -7.11 26.59
C4 CLA ZC . 54.74 -7.67 27.93
C5 CLA ZC . 55.13 -7.79 25.43
C6 CLA ZC . 56.61 -8.03 25.66
C7 CLA ZC . 57.08 -9.25 24.90
C8 CLA ZC . 58.24 -8.94 23.97
C9 CLA ZC . 57.75 -8.85 22.54
C10 CLA ZC . 59.33 -9.98 24.08
C11 CLA ZC . 60.62 -9.40 24.64
MG CLA AD . 46.88 -16.27 36.85
CHA CLA AD . 43.99 -18.17 36.64
CHB CLA AD . 46.83 -15.82 33.48
CHC CLA AD . 49.68 -14.30 37.14
CHD CLA AD . 46.92 -16.83 40.35
NA CLA AD . 45.61 -16.90 35.33
C1A CLA AD . 44.44 -17.68 35.45
C2A CLA AD . 43.79 -17.90 34.08
C3A CLA AD . 44.79 -17.26 33.10
C4A CLA AD . 45.81 -16.59 34.02
CMA CLA AD . 45.43 -18.30 32.22
CAA CLA AD . 42.45 -17.20 34.03
CBA CLA AD . 42.60 -15.72 34.32
CGA CLA AD . 41.36 -15.15 34.95
O1A CLA AD . 40.19 -15.25 34.57
O2A CLA AD . 41.62 -14.46 36.09
NB CLA AD . 48.06 -15.29 35.56
C1B CLA AD . 47.84 -15.18 34.22
C2B CLA AD . 48.85 -14.26 33.61
C3B CLA AD . 49.65 -13.83 34.64
C4B CLA AD . 49.16 -14.47 35.89
CMB CLA AD . 48.87 -13.93 32.19
CAB CLA AD . 50.78 -12.92 34.64
CBB CLA AD . 51.77 -12.91 33.74
NC CLA AD . 48.07 -15.67 38.46
C1C CLA AD . 49.16 -14.86 38.35
C2C CLA AD . 49.76 -14.63 39.67
C3C CLA AD . 48.98 -15.36 40.58
C4C CLA AD . 47.93 -16.01 39.81
CMC CLA AD . 50.93 -13.79 39.93
CAC CLA AD . 49.18 -15.44 42.04
CBC CLA AD . 50.13 -16.54 42.42
ND CLA AD . 45.74 -17.21 38.23
C1D CLA AD . 45.89 -17.40 39.63
C2D CLA AD . 44.78 -18.25 40.12
C3D CLA AD . 44.02 -18.57 39.02
C4D CLA AD . 44.66 -17.91 37.87
CMD CLA AD . 44.59 -18.65 41.52
CAD CLA AD . 42.84 -19.26 38.52
OBD CLA AD . 41.97 -19.87 39.13
CBD CLA AD . 42.84 -19.10 36.97
CGD CLA AD . 43.03 -20.42 36.29
O1D CLA AD . 44.00 -20.80 35.63
O2D CLA AD . 41.99 -21.28 36.43
CED CLA AD . 42.31 -22.64 36.70
C1 CLA AD . 41.09 -13.13 36.18
C2 CLA AD . 39.83 -13.19 36.97
C3 CLA AD . 39.76 -12.89 38.28
C4 CLA AD . 38.50 -12.97 39.04
C5 CLA AD . 40.98 -12.46 39.03
C6 CLA AD . 41.05 -10.96 39.23
C7 CLA AD . 42.40 -10.56 39.79
C8 CLA AD . 43.13 -9.59 38.86
C9 CLA AD . 43.46 -10.28 37.55
C10 CLA AD . 44.39 -9.06 39.52
C11 CLA AD . 44.62 -7.60 39.19
C12 CLA AD . 45.55 -7.41 38.01
C13 CLA AD . 44.94 -6.58 36.88
C14 CLA AD . 43.45 -6.39 37.03
C15 CLA AD . 45.25 -7.21 35.53
C16 CLA AD . 46.41 -6.49 34.85
C17 CLA AD . 46.14 -5.01 34.71
C18 CLA AD . 47.26 -4.31 33.96
C19 CLA AD . 47.28 -4.73 32.50
C20 CLA AD . 47.10 -2.81 34.06
MG CLA BD . 54.69 -17.14 45.79
CHA CLA BD . 53.50 -18.57 48.72
CHB CLA BD . 52.24 -14.77 45.95
CHC CLA BD . 56.09 -15.58 43.06
CHD CLA BD . 57.26 -19.58 45.70
NA CLA BD . 53.11 -16.78 47.10
C1A CLA BD . 52.80 -17.47 48.28
C2A CLA BD . 51.57 -16.87 48.96
C3A CLA BD . 51.09 -15.79 47.96
C4A CLA BD . 52.22 -15.75 46.92
CMA CLA BD . 49.77 -16.15 47.34
CAA CLA BD . 51.99 -16.24 50.28
CBA CLA BD . 52.85 -15.01 50.10
CGA CLA BD . 53.48 -14.62 51.40
O1A CLA BD . 54.10 -13.59 51.68
O2A CLA BD . 53.34 -15.57 52.36
NB CLA BD . 54.24 -15.49 44.70
C1B CLA BD . 53.22 -14.63 44.95
C2B CLA BD . 53.28 -13.49 43.99
C3B CLA BD . 54.36 -13.72 43.17
C4B CLA BD . 54.99 -15.00 43.61
CMB CLA BD . 52.30 -12.40 44.02
CAB CLA BD . 54.91 -12.96 42.06
CBB CLA BD . 54.35 -11.93 41.43
NC CLA BD . 56.32 -17.55 44.57
C1C CLA BD . 56.71 -16.79 43.49
C2C CLA BD . 57.89 -17.37 42.87
C3C CLA BD . 58.25 -18.47 43.64
C4C CLA BD . 57.26 -18.59 44.71
CMC CLA BD . 58.58 -16.82 41.70
CAC CLA BD . 59.39 -19.38 43.43
CBC CLA BD . 60.56 -19.06 44.33
ND CLA BD . 55.23 -18.78 46.83
C1D CLA BD . 56.32 -19.68 46.72
C2D CLA BD . 56.26 -20.66 47.81
C3D CLA BD . 55.19 -20.30 48.61
C4D CLA BD . 54.60 -19.10 47.97
CMD CLA BD . 57.19 -21.78 47.98
CAD CLA BD . 54.39 -20.61 49.78
OBD CLA BD . 54.45 -21.56 50.53
CBD CLA BD . 53.35 -19.45 49.93
CGD CLA BD . 51.95 -19.98 50.12
O1D CLA BD . 51.44 -20.39 51.18
O2D CLA BD . 51.19 -19.98 49.00
CED CLA BD . 49.77 -19.95 49.16
MG CLA CD . 68.45 -20.55 39.89
CHA CLA CD . 69.68 -23.79 40.14
CHB CLA CD . 66.32 -21.16 42.47
CHC CLA CD . 67.44 -17.28 39.74
CHD CLA CD . 70.73 -19.95 37.25
NA CLA CD . 68.06 -22.22 41.08
C1A CLA CD . 68.68 -23.49 41.04
C2A CLA CD . 68.10 -24.42 42.09
C3A CLA CD . 66.94 -23.60 42.71
C4A CLA CD . 67.10 -22.23 42.05
CMA CLA CD . 65.60 -24.21 42.44
CAA CLA CD . 69.14 -24.73 43.15
CBA CLA CD . 69.87 -23.47 43.58
CGA CLA CD . 70.60 -23.68 44.87
O1A CLA CD . 70.26 -24.36 45.85
O2A CLA CD . 71.79 -23.02 44.93
NB CLA CD . 67.10 -19.44 40.88
C1B CLA CD . 66.37 -19.85 41.95
C2B CLA CD . 65.60 -18.71 42.51
C3B CLA CD . 65.91 -17.60 41.75
C4B CLA CD . 66.87 -18.06 40.69
CMB CLA CD . 64.73 -18.86 43.67
CAB CLA CD . 65.49 -16.22 41.82
CBB CLA CD . 64.98 -15.61 42.89
NC CLA CD . 68.97 -18.93 38.68
C1C CLA CD . 68.41 -17.69 38.78
C2C CLA CD . 69.00 -16.79 37.79
C3C CLA CD . 69.94 -17.55 37.10
C4C CLA CD . 69.92 -18.89 37.67
CMC CLA CD . 68.64 -15.39 37.61
CAC CLA CD . 70.80 -17.08 35.99
CBC CLA CD . 72.21 -16.78 36.44
ND CLA CD . 69.86 -21.59 38.87
C1D CLA CD . 70.73 -21.22 37.80
C2D CLA CD . 71.56 -22.39 37.44
C3D CLA CD . 71.20 -23.40 38.31
C4D CLA CD . 70.15 -22.85 39.18
CMD CLA CD . 72.57 -22.38 36.37
CAD CLA CD . 71.43 -24.78 38.71
OBD CLA CD . 72.20 -25.60 38.23
CBD CLA CD . 70.47 -25.06 39.90
CGD CLA CD . 69.62 -26.28 39.63
O1D CLA CD . 69.97 -27.46 39.58
O2D CLA CD . 68.30 -26.01 39.43
CED CLA CD . 67.40 -27.12 39.39
C1 CLA CD . 72.28 -22.70 46.25
C2 CLA CD . 71.52 -21.51 46.73
C3 CLA CD . 71.85 -20.25 46.39
C4 CLA CD . 73.00 -19.94 45.50
C5 CLA CD . 71.07 -19.10 46.90
C6 CLA CD . 71.92 -18.09 47.63
C7 CLA CD . 71.21 -16.76 47.80
C8 CLA CD . 71.37 -15.84 46.59
C9 CLA CD . 72.78 -15.93 46.03
C10 CLA CD . 71.04 -14.41 46.95
C11 CLA CD . 71.37 -13.45 45.83
C12 CLA CD . 70.91 -12.04 46.15
MG CLA DD . 65.84 -20.53 29.17
CHA CLA DD . 64.38 -21.89 26.32
CHB CLA DD . 64.79 -23.23 30.97
CHC CLA DD . 67.37 -19.19 31.93
CHD CLA DD . 66.92 -17.76 27.24
NA CLA DD . 64.77 -22.26 28.70
C1A CLA DD . 64.25 -22.65 27.46
C2A CLA DD . 63.54 -24.00 27.55
C3A CLA DD . 63.60 -24.32 29.06
C4A CLA DD . 64.45 -23.21 29.64
CMA CLA DD . 62.21 -24.34 29.68
CAA CLA DD . 64.32 -25.05 26.78
CBA CLA DD . 64.83 -26.14 27.70
CGA CLA DD . 66.03 -26.82 27.12
O1A CLA DD . 66.09 -27.81 26.39
O2A CLA DD . 67.20 -26.22 27.50
NB CLA DD . 66.09 -21.12 31.07
C1B CLA DD . 65.54 -22.23 31.63
C2B CLA DD . 65.81 -22.24 33.10
C3B CLA DD . 66.54 -21.12 33.37
C4B CLA DD . 66.72 -20.38 32.10
CMB CLA DD . 65.32 -23.29 33.97
CAB CLA DD . 67.05 -20.64 34.64
CBB CLA DD . 68.34 -20.50 34.92
NC CLA DD . 66.93 -18.79 29.52
C1C CLA DD . 67.47 -18.44 30.74
C2C CLA DD . 68.17 -17.17 30.62
C3C CLA DD . 68.04 -16.75 29.29
C4C CLA DD . 67.27 -17.79 28.61
CMC CLA DD . 68.86 -16.49 31.72
CAC CLA DD . 68.59 -15.53 28.69
CBC CLA DD . 69.90 -15.77 27.97
ND CLA DD . 65.66 -19.87 27.27
C1D CLA DD . 66.18 -18.73 26.60
C2D CLA DD . 65.78 -18.79 25.18
C3D CLA DD . 65.07 -19.96 25.03
C4D CLA DD . 65.04 -20.62 26.35
CMD CLA DD . 66.10 -17.76 24.19
CAD CLA DD . 64.33 -20.81 24.11
OBD CLA DD . 64.05 -20.64 22.93
CBD CLA DD . 63.91 -22.09 24.91
CGD CLA DD . 62.42 -22.27 24.87
O1D CLA DD . 61.57 -21.65 25.53
O2D CLA DD . 61.98 -23.22 24.01
CED CLA DD . 60.70 -23.05 23.41
C1 CLA DD . 68.34 -27.09 27.68
C2 CLA DD . 69.44 -26.26 28.24
C3 CLA DD . 70.15 -25.38 27.51
C4 CLA DD . 69.89 -25.18 26.07
C5 CLA DD . 71.23 -24.57 28.12
C6 CLA DD . 70.94 -23.09 28.10
C7 CLA DD . 69.64 -22.78 28.80
C8 CLA DD . 69.27 -21.31 28.74
C9 CLA DD . 69.24 -20.81 27.32
C10 CLA DD . 70.25 -20.47 29.57
C11 CLA DD . 70.32 -20.94 31.00
C12 CLA DD . 70.89 -19.89 31.92
C13 CLA DD . 72.35 -19.62 31.61
C14 CLA DD . 73.18 -20.88 31.78
C15 CLA DD . 72.91 -18.50 32.49
C16 CLA DD . 74.18 -17.92 31.91
C17 CLA DD . 73.92 -16.65 31.14
C18 CLA DD . 73.42 -15.53 32.05
C19 CLA DD . 74.48 -15.12 33.04
C20 CLA DD . 72.99 -14.33 31.22
MG CLA ED . 57.73 -16.54 28.09
CHA CLA ED . 55.21 -18.91 27.81
CHB CLA ED . 59.93 -18.73 26.69
CHC CLA ED . 60.15 -14.13 28.26
CHD CLA ED . 55.41 -14.32 29.56
NA CLA ED . 57.57 -18.51 27.40
C1A CLA ED . 56.44 -19.32 27.37
C2A CLA ED . 56.76 -20.70 26.78
C3A CLA ED . 58.30 -20.66 26.62
C4A CLA ED . 58.64 -19.21 26.91
CMA CLA ED . 59.00 -21.60 27.57
CAA CLA ED . 56.08 -20.86 25.43
CBA CLA ED . 57.07 -20.89 24.28
CGA CLA ED . 57.31 -19.51 23.78
O1A CLA ED . 57.05 -18.44 24.34
O2A CLA ED . 57.89 -19.49 22.54
NB CLA ED . 59.69 -16.48 27.67
C1B CLA ED . 60.35 -17.41 26.93
C2B CLA ED . 61.62 -16.85 26.39
C3B CLA ED . 61.69 -15.55 26.84
C4B CLA ED . 60.48 -15.30 27.66
CMB CLA ED . 62.53 -17.62 25.56
CAB CLA ED . 62.68 -14.53 26.62
CBB CLA ED . 64.00 -14.72 26.65
NC CLA ED . 57.77 -14.59 28.82
C1C CLA ED . 58.88 -13.79 28.81
C2C CLA ED . 58.57 -12.51 29.42
C3C CLA ED . 57.22 -12.54 29.76
C4C CLA ED . 56.73 -13.86 29.38
CMC CLA ED . 59.51 -11.40 29.59
CAC CLA ED . 56.43 -11.48 30.40
CBC CLA ED . 55.44 -10.84 29.46
ND CLA ED . 55.76 -16.51 28.53
C1D CLA ED . 54.93 -15.54 29.16
C2D CLA ED . 53.56 -16.09 29.28
C3D CLA ED . 53.60 -17.37 28.76
C4D CLA ED . 55.00 -17.59 28.33
CMD CLA ED . 52.42 -15.35 29.84
CAD CLA ED . 52.86 -18.57 28.44
OBD CLA ED . 51.65 -18.78 28.54
CBD CLA ED . 53.88 -19.62 27.90
CGD CLA ED . 53.98 -20.79 28.83
O1D CLA ED . 54.78 -20.94 29.77
O2D CLA ED . 53.11 -21.80 28.57
CED CLA ED . 53.32 -23.05 29.22
C1 CLA ED . 59.29 -19.18 22.45
C2 CLA ED . 59.43 -17.72 22.67
C3 CLA ED . 60.46 -16.98 22.26
C4 CLA ED . 61.59 -17.57 21.51
C5 CLA ED . 60.51 -15.51 22.53
C6 CLA ED . 59.13 -14.90 22.77
C7 CLA ED . 58.85 -14.70 24.25
C8 CLA ED . 57.51 -14.02 24.48
C9 CLA ED . 57.64 -12.90 25.49
C10 CLA ED . 56.46 -15.02 24.95
C11 CLA ED . 55.05 -14.52 24.66
C12 CLA ED . 54.01 -15.26 25.46
C13 CLA ED . 53.02 -15.99 24.58
C14 CLA ED . 51.68 -15.29 24.56
C15 CLA ED . 52.84 -17.44 25.02
MG CLA FD . 69.84 -3.52 26.76
CHA CLA FD . 72.19 -1.19 25.73
CHB CLA FD . 67.58 -2.16 24.60
CHC CLA FD . 67.59 -5.95 27.68
CHD CLA FD . 72.23 -4.89 28.99
NA CLA FD . 69.90 -1.93 25.40
C1A CLA FD . 70.98 -1.09 25.11
C2A CLA FD . 70.61 -0.06 24.04
C3A CLA FD . 69.10 -0.29 23.84
C4A CLA FD . 68.82 -1.56 24.66
CMA CLA FD . 68.27 0.88 24.33
CAA CLA FD . 71.35 -0.39 22.76
CBA CLA FD . 71.36 -1.89 22.47
CGA CLA FD . 71.96 -2.20 21.14
O1A CLA FD . 73.00 -1.76 20.63
O2A CLA FD . 71.23 -3.11 20.42
NB CLA FD . 67.93 -3.94 26.28
C1B CLA FD . 67.21 -3.32 25.31
C2B CLA FD . 65.92 -4.05 25.09
C3B CLA FD . 65.92 -5.12 25.95
C4B CLA FD . 67.20 -5.06 26.72
CMB CLA FD . 64.93 -3.62 24.12
CAB CLA FD . 64.92 -6.13 26.14
CBB CLA FD . 64.96 -7.33 25.57
NC CLA FD . 69.90 -5.11 28.12
C1C CLA FD . 68.86 -5.96 28.34
C2C CLA FD . 69.24 -6.95 29.35
C3C CLA FD . 70.56 -6.66 29.71
C4C CLA FD . 70.96 -5.50 28.93
CMC CLA FD . 68.37 -8.03 29.84
CAC CLA FD . 71.39 -7.39 30.69
CBC CLA FD . 71.47 -6.68 32.02
ND CLA FD . 71.76 -3.18 27.28
C1D CLA FD . 72.62 -3.80 28.24
C2D CLA FD . 73.93 -3.10 28.23
C3D CLA FD . 73.82 -2.09 27.29
C4D CLA FD . 72.46 -2.19 26.73
CMD CLA FD . 75.06 -3.46 29.07
CAD CLA FD . 74.48 -0.99 26.62
OBD CLA FD . 75.63 -0.57 26.76
CBD CLA FD . 73.45 -0.36 25.63
CGD CLA FD . 73.15 1.08 25.96
O1D CLA FD . 72.78 1.53 27.05
O2D CLA FD . 73.34 1.94 24.92
CED CLA FD . 72.91 3.29 25.10
C1 CLA FD . 71.48 -4.51 20.67
C2 CLA FD . 72.72 -4.89 19.97
C3 CLA FD . 73.00 -6.15 19.59
C4 CLA FD . 74.25 -6.51 18.89
C5 CLA FD . 72.05 -7.27 19.87
C6 CLA FD . 72.73 -8.46 20.53
C7 CLA FD . 71.79 -9.64 20.66
C8 CLA FD . 72.42 -10.82 21.40
C9 CLA FD . 73.83 -11.05 20.92
C10 CLA FD . 71.59 -12.09 21.22
C11 CLA FD . 71.31 -12.75 22.55
C12 CLA FD . 70.42 -13.97 22.38
C13 CLA FD . 69.89 -14.45 23.73
C14 CLA FD . 69.79 -15.97 23.76
C15 CLA FD . 68.54 -13.82 24.06
C16 CLA FD . 67.60 -13.86 22.87
C17 CLA FD . 66.48 -12.86 23.03
C18 CLA FD . 65.22 -13.30 22.29
C19 CLA FD . 64.59 -14.51 22.96
C20 CLA FD . 64.21 -12.17 22.23
MG CLA GD . 63.85 -0.38 41.83
CHA CLA GD . 64.87 2.76 40.76
CHB CLA GD . 66.01 -0.20 44.45
CHC CLA GD . 62.73 -3.47 42.87
CHD CLA GD . 61.60 -0.52 39.09
NA CLA GD . 65.21 1.05 42.47
C1A CLA GD . 65.49 2.31 41.89
C2A CLA GD . 66.57 3.05 42.69
C3A CLA GD . 66.96 2.04 43.79
C4A CLA GD . 66.00 0.87 43.58
CMA CLA GD . 68.40 1.61 43.68
CAA CLA GD . 66.00 4.32 43.30
CBA CLA GD . 65.50 4.08 44.72
CGA CLA GD . 64.26 4.89 44.96
O1A CLA GD . 64.17 6.05 45.37
O2A CLA GD . 63.11 4.20 44.69
NB CLA GD . 64.28 -1.60 43.37
C1B CLA GD . 65.19 -1.34 44.35
C2B CLA GD . 65.22 -2.48 45.31
C3B CLA GD . 64.30 -3.40 44.88
C4B CLA GD . 63.69 -2.86 43.63
CMB CLA GD . 66.10 -2.50 46.47
CAB CLA GD . 63.94 -4.67 45.44
CBB CLA GD . 62.72 -5.01 45.88
NC CLA GD . 62.43 -1.74 41.10
C1C CLA GD . 62.14 -2.95 41.69
C2C CLA GD . 61.11 -3.63 40.92
C3C CLA GD . 60.79 -2.80 39.85
C4C CLA GD . 61.62 -1.61 39.97
CMC CLA GD . 60.55 -4.95 41.24
CAC CLA GD . 59.79 -3.05 38.79
CBC CLA GD . 58.48 -2.37 39.06
ND CLA GD . 63.33 0.78 40.26
C1D CLA GD . 62.38 0.61 39.20
C2D CLA GD . 62.43 1.79 38.32
C3D CLA GD . 63.36 2.64 38.87
C4D CLA GD . 63.89 1.97 40.07
CMD CLA GD . 61.60 1.97 37.12
CAD CLA GD . 64.04 3.92 38.75
OBD CLA GD . 63.91 4.77 37.89
CBD CLA GD . 65.02 4.03 39.96
CGD CLA GD . 66.44 4.25 39.53
O1D CLA GD . 67.19 3.45 38.95
O2D CLA GD . 66.92 5.49 39.82
CED CLA GD . 67.84 6.07 38.89
C1 CLA GD . 62.40 3.63 45.81
C2 CLA GD . 62.73 2.18 45.84
C3 CLA GD . 61.87 1.25 46.29
C4 CLA GD . 60.52 1.60 46.79
C5 CLA GD . 62.26 -0.19 46.30
C6 CLA GD . 61.28 -1.06 45.53
C7 CLA GD . 60.62 -2.08 46.46
C8 CLA GD . 59.68 -3.02 45.70
C9 CLA GD . 58.44 -2.28 45.25
C10 CLA GD . 59.32 -4.21 46.56
MG CLA HD . 76.94 0.44 34.83
CHA CLA HD . 77.60 3.35 36.61
CHB CLA HD . 79.96 0.69 33.30
CHC CLA HD . 76.25 -2.47 33.14
CHD CLA HD . 73.81 0.21 36.47
NA CLA HD . 78.51 1.82 34.95
C1A CLA HD . 78.60 2.96 35.76
C2A CLA HD . 79.93 3.68 35.54
C3A CLA HD . 80.63 2.83 34.44
C4A CLA HD . 79.64 1.68 34.20
CMA CLA HD . 80.89 3.63 33.19
CAA CLA HD . 80.77 3.71 36.80
CBA CLA HD . 81.30 2.34 37.16
CGA CLA HD . 82.12 2.41 38.41
O1A CLA HD . 82.86 1.55 38.89
O2A CLA HD . 82.01 3.61 39.06
NB CLA HD . 77.92 -0.68 33.49
C1B CLA HD . 79.14 -0.42 32.97
C2B CLA HD . 79.54 -1.46 31.99
C3B CLA HD . 78.49 -2.37 31.94
C4B CLA HD . 77.45 -1.87 32.89
CMB CLA HD . 80.80 -1.44 31.27
CAB CLA HD . 78.30 -3.57 31.17
CBB CLA HD . 78.73 -3.77 29.92
NC CLA HD . 75.31 -0.88 34.81
C1C CLA HD . 75.25 -2.01 34.04
C2C CLA HD . 73.99 -2.69 34.27
C3C CLA HD . 73.29 -1.95 35.23
C4C CLA HD . 74.14 -0.81 35.56
CMC CLA HD . 73.57 -3.94 33.62
CAC CLA HD . 71.97 -2.24 35.79
CBC CLA HD . 72.06 -2.84 37.18
ND CLA HD . 75.87 1.50 36.19
C1D CLA HD . 74.60 1.30 36.79
C2D CLA HD . 74.32 2.40 37.73
C3D CLA HD . 75.43 3.22 37.69
C4D CLA HD . 76.37 2.61 36.73
CMD CLA HD . 73.09 2.54 38.51
CAD CLA HD . 76.05 4.44 38.20
OBD CLA HD . 75.61 5.27 38.98
CBD CLA HD . 77.47 4.53 37.55
CGD CLA HD . 77.69 5.84 36.84
O1D CLA HD . 78.70 6.55 36.87
O2D CLA HD . 76.63 6.26 36.10
CED CLA HD . 76.91 7.12 34.99
MG CLA ID . 81.95 1.14 25.69
CHA CLA ID . 81.29 3.68 27.97
CHB CLA ID . 84.38 3.04 24.29
CHC CLA ID . 82.77 -1.51 23.67
CHD CLA ID . 79.43 -0.82 27.22
NA CLA ID . 82.67 3.06 26.06
C1A CLA ID . 82.28 3.96 27.07
C2A CLA ID . 83.10 5.25 26.96
C3A CLA ID . 83.77 5.13 25.59
C4A CLA ID . 83.63 3.63 25.29
CMA CLA ID . 83.10 5.98 24.53
CAA CLA ID . 84.25 5.26 27.96
CBA CLA ID . 83.90 5.46 29.41
CGA CLA ID . 83.91 4.13 30.11
O1A CLA ID . 83.72 3.90 31.31
O2A CLA ID . 84.17 3.08 29.27
NB CLA ID . 83.26 0.86 24.19
C1B CLA ID . 84.30 1.69 23.91
C2B CLA ID . 85.33 0.98 23.11
C3B CLA ID . 84.88 -0.31 22.93
C4B CLA ID . 83.55 -0.40 23.60
CMB CLA ID . 86.56 1.63 22.66
CAB CLA ID . 85.44 -1.44 22.26
CBB CLA ID . 86.38 -1.42 21.29
NC CLA ID . 81.17 -0.79 25.44
C1C CLA ID . 81.64 -1.69 24.53
C2C CLA ID . 80.86 -2.92 24.60
C3C CLA ID . 79.95 -2.75 25.65
C4C CLA ID . 80.15 -1.41 26.17
CMC CLA ID . 81.07 -4.09 23.75
CAC CLA ID . 78.97 -3.75 26.12
CBC CLA ID . 77.53 -3.36 25.84
ND CLA ID . 80.62 1.33 27.20
C1D CLA ID . 79.63 0.45 27.72
C2D CLA ID . 78.92 1.13 28.83
C3D CLA ID . 79.50 2.37 28.96
C4D CLA ID . 80.56 2.44 27.93
CMD CLA ID . 77.81 0.54 29.59
CAD CLA ID . 79.49 3.63 29.67
OBD CLA ID . 78.75 4.02 30.56
CBD CLA ID . 80.66 4.49 29.08
CGD CLA ID . 80.18 5.83 28.60
O1D CLA ID . 79.95 6.18 27.43
O2D CLA ID . 79.99 6.75 29.59
CED CLA ID . 79.48 8.03 29.24
C1 CLA ID . 83.66 1.79 29.68
C2 CLA ID . 83.91 0.86 28.54
C3 CLA ID . 84.22 -0.43 28.74
C4 CLA ID . 84.33 -1.03 30.09
C5 CLA ID . 84.47 -1.34 27.58
C6 CLA ID . 83.82 -2.70 27.75
C7 CLA ID . 84.00 -3.54 26.50
C8 CLA ID . 85.46 -3.61 26.06
MG CLA JD . 76.13 1.25 16.89
CHA CLA JD . 74.97 1.37 20.14
CHB CLA JD . 78.67 -0.78 17.92
CHC CLA JD . 77.12 0.96 13.62
CHD CLA JD . 73.44 3.32 15.89
NA CLA JD . 76.71 0.47 18.75
C1A CLA JD . 76.09 0.62 19.98
C2A CLA JD . 76.81 -0.13 21.10
C3A CLA JD . 78.06 -0.67 20.39
C4A CLA JD . 77.82 -0.32 18.90
CMA CLA JD . 79.28 -0.01 20.97
CAA CLA JD . 75.96 -1.28 21.59
CBA CLA JD . 76.67 -2.15 22.60
CGA CLA JD . 75.88 -3.40 22.84
O1A CLA JD . 75.98 -4.50 22.29
O2A CLA JD . 74.93 -3.24 23.81
NB CLA JD . 77.65 0.32 15.95
C1B CLA JD . 78.54 -0.52 16.54
C2B CLA JD . 79.40 -1.16 15.50
C3B CLA JD . 78.98 -0.67 14.27
C4B CLA JD . 77.85 0.27 14.54
CMB CLA JD . 80.46 -2.12 15.79
CAB CLA JD . 79.42 -0.95 12.93
CBB CLA JD . 80.65 -1.33 12.55
NC CLA JD . 75.42 2.03 15.09
C1C CLA JD . 75.99 1.79 13.86
C2C CLA JD . 75.24 2.48 12.83
C3C CLA JD . 74.18 3.14 13.46
C4C CLA JD . 74.31 2.86 14.88
CMC CLA JD . 75.57 2.44 11.40
CAC CLA JD . 73.14 3.97 12.82
CBC CLA JD . 71.84 3.23 12.64
ND CLA JD . 74.58 2.19 17.74
C1D CLA JD . 73.54 3.01 17.22
C2D CLA JD . 72.67 3.43 18.34
C3D CLA JD . 73.17 2.84 19.48
C4D CLA JD . 74.35 2.07 19.05
CMD CLA JD . 71.51 4.29 18.22
CAD CLA JD . 73.04 2.66 20.92
OBD CLA JD . 72.24 3.16 21.69
CBD CLA JD . 74.18 1.69 21.38
CGD CLA JD . 75.08 2.26 22.43
O1D CLA JD . 75.59 1.65 23.38
O2D CLA JD . 75.34 3.59 22.30
CED CLA JD . 76.52 4.07 22.96
C1 CLA JD . 73.98 -4.31 23.95
C2 CLA JD . 74.52 -5.24 24.98
C3 CLA JD . 74.77 -6.53 24.73
C4 CLA JD . 74.54 -7.14 23.41
C5 CLA JD . 75.31 -7.43 25.79
C6 CLA JD . 75.68 -6.70 27.07
C7 CLA JD . 75.03 -7.36 28.27
C8 CLA JD . 76.05 -7.88 29.29
C9 CLA JD . 75.48 -7.80 30.69
C10 CLA JD . 77.36 -7.11 29.21
MG CLA KD . 65.53 1.51 21.88
CHA CLA KD . 62.46 0.43 23.11
CHB CLA KD . 65.82 -1.34 20.06
CHC CLA KD . 68.65 2.55 20.86
CHD CLA KD . 65.20 4.47 23.80
NA CLA KD . 64.30 -0.15 21.61
C1A CLA KD . 63.06 -0.43 22.21
C2A CLA KD . 62.50 -1.77 21.71
C3A CLA KD . 63.50 -2.18 20.60
C4A CLA KD . 64.64 -1.17 20.76
CMA CLA KD . 63.97 -3.61 20.74
CAA CLA KD . 61.13 -1.61 21.09
CBA CLA KD . 60.13 -2.58 21.72
CGA CLA KD . 60.50 -3.99 21.37
O1A CLA KD . 60.70 -4.47 20.26
O2A CLA KD . 60.61 -4.79 22.46
NB CLA KD . 66.93 0.78 20.64
C1B CLA KD . 66.92 -0.47 20.10
C2B CLA KD . 68.26 -0.81 19.55
C3B CLA KD . 69.06 0.29 19.77
C4B CLA KD . 68.23 1.32 20.46
CMB CLA KD . 68.56 -2.09 18.91
CAB CLA KD . 70.44 0.53 19.45
CBB CLA KD . 71.03 0.23 18.28
NC CLA KD . 66.68 3.23 22.23
C1C CLA KD . 67.91 3.45 21.68
C2C CLA KD . 68.41 4.75 22.09
C3C CLA KD . 67.46 5.29 22.97
C4C CLA KD . 66.37 4.32 23.03
CMC CLA KD . 69.69 5.33 21.69
CAC CLA KD . 67.51 6.59 23.64
CBC CLA KD . 66.68 7.64 22.94
ND CLA KD . 64.18 2.33 23.15
C1D CLA KD . 64.17 3.55 23.88
C2D CLA KD . 62.92 3.63 24.66
C3D CLA KD . 62.24 2.46 24.42
C4D CLA KD . 63.06 1.68 23.46
CMD CLA KD . 62.56 4.74 25.53
CAD CLA KD . 61.04 1.69 24.69
OBD CLA KD . 60.08 1.96 25.40
CBD CLA KD . 61.16 0.36 23.88
CGD CLA KD . 61.09 -0.83 24.79
O1D CLA KD . 60.08 -1.32 25.30
O2D CLA KD . 62.28 -1.40 25.08
CED CLA KD . 62.37 -2.17 26.28
C1 CLA KD . 60.65 -6.21 22.22
C2 CLA KD . 62.08 -6.60 22.09
C3 CLA KD . 62.45 -7.75 21.52
C4 CLA KD . 61.46 -8.71 20.97
C5 CLA KD . 63.89 -8.13 21.39
C6 CLA KD . 64.84 -7.10 21.97
C7 CLA KD . 66.26 -7.63 21.93
C8 CLA KD . 67.29 -6.59 22.38
C9 CLA KD . 67.23 -5.37 21.49
C10 CLA KD . 68.70 -7.18 22.36
C11 CLA KD . 69.65 -6.37 23.19
C12 CLA KD . 69.56 -6.71 24.66
C13 CLA KD . 69.90 -8.17 24.93
C14 CLA KD . 68.76 -8.86 25.65
C15 CLA KD . 71.20 -8.31 25.73
C16 CLA KD . 71.43 -9.75 26.13
C17 CLA KD . 72.53 -9.87 27.17
C18 CLA KD . 72.77 -11.32 27.58
C19 CLA KD . 71.48 -12.01 27.94
C20 CLA KD . 73.48 -12.08 26.47
MG CLA LD . 66.30 -12.04 8.68
CHA CLA LD . 66.25 -15.11 10.31
CHB CLA LD . 69.23 -11.28 10.24
CHC CLA LD . 66.46 -9.15 6.84
CHD CLA LD . 63.26 -12.90 7.08
NA CLA LD . 67.50 -13.04 10.07
C1A CLA LD . 67.32 -14.31 10.61
C2A CLA LD . 68.46 -14.66 11.56
C3A CLA LD . 69.22 -13.33 11.71
C4A CLA LD . 68.64 -12.48 10.59
CMA CLA LD . 68.99 -12.71 13.08
CAA CLA LD . 69.34 -15.63 10.82
CBA CLA LD . 70.72 -15.75 11.43
CGA CLA LD . 71.55 -16.69 10.61
O1A CLA LD . 71.29 -17.15 9.50
O2A CLA LD . 72.71 -17.06 11.23
NB CLA LD . 67.57 -10.48 8.60
C1B CLA LD . 68.77 -10.41 9.25
C2B CLA LD . 69.54 -9.24 8.75
C3B CLA LD . 68.77 -8.63 7.78
C4B CLA LD . 67.50 -9.41 7.68
CMB CLA LD . 70.87 -8.90 9.26
CAB CLA LD . 69.01 -7.47 6.97
CBB CLA LD . 69.71 -6.39 7.32
NC CLA LD . 65.05 -11.17 7.26
C1C CLA LD . 65.31 -9.97 6.64
C2C CLA LD . 64.24 -9.66 5.71
C3C CLA LD . 63.34 -10.72 5.76
C4C CLA LD . 63.86 -11.67 6.73
CMC CLA LD . 64.17 -8.45 4.88
CAC CLA LD . 62.10 -10.87 4.99
CBC CLA LD . 62.27 -11.81 3.82
ND CLA LD . 65.00 -13.59 8.67
C1D CLA LD . 63.78 -13.81 7.97
C2D CLA LD . 63.23 -15.13 8.36
C3D CLA LD . 64.15 -15.67 9.24
C4D CLA LD . 65.23 -14.68 9.40
CMD CLA LD . 61.99 -15.69 7.85
CAD CLA LD . 64.47 -16.80 10.10
OBD CLA LD . 63.84 -17.83 10.29
CBD CLA LD . 65.83 -16.49 10.79
CGD CLA LD . 65.71 -16.60 12.29
O1D CLA LD . 65.59 -17.63 12.95
O2D CLA LD . 65.71 -15.42 12.95
CED CLA LD . 65.56 -15.46 14.37
C1 CLA LD . 73.88 -16.28 10.88
C2 CLA LD . 74.83 -17.22 10.25
C3 CLA LD . 75.69 -17.97 10.94
C4 CLA LD . 76.63 -18.90 10.27
C5 CLA LD . 75.75 -17.91 12.43
C6 CLA LD . 77.15 -18.17 12.97
C7 CLA LD . 77.72 -16.93 13.61
C8 CLA LD . 77.64 -16.97 15.12
C9 CLA LD . 77.96 -15.62 15.72
C10 CLA LD . 78.57 -18.04 15.70
C11 CLA LD . 78.57 -18.02 17.21
C12 CLA LD . 79.24 -19.24 17.80
C13 CLA LD . 80.75 -19.09 17.85
C14 CLA LD . 81.42 -19.97 16.82
C15 CLA LD . 81.29 -19.40 19.24
C16 CLA LD . 82.47 -18.51 19.59
C17 CLA LD . 83.78 -19.26 19.55
C18 CLA LD . 83.82 -20.41 20.55
C19 CLA LD . 85.10 -21.20 20.42
C20 CLA LD . 83.67 -19.89 21.97
MG CLA MD . 68.20 -21.17 18.15
CHA CLA MD . 68.85 -18.42 16.15
CHB CLA MD . 69.26 -19.44 20.88
CHC CLA MD . 67.44 -23.90 20.09
CHD CLA MD . 67.12 -22.94 15.27
NA CLA MD . 68.95 -19.24 18.43
C1A CLA MD . 69.14 -18.24 17.48
C2A CLA MD . 69.72 -16.98 18.12
C3A CLA MD . 69.93 -17.38 19.59
C4A CLA MD . 69.34 -18.79 19.66
CMA CLA MD . 71.39 -17.35 19.98
CAA CLA MD . 68.77 -15.80 18.02
CBA CLA MD . 69.52 -14.47 18.02
CGA CLA MD . 68.57 -13.36 18.34
O1A CLA MD . 67.36 -13.32 18.21
O2A CLA MD . 69.21 -12.26 18.84
NB CLA MD . 68.34 -21.60 20.11
C1B CLA MD . 68.76 -20.74 21.08
C2B CLA MD . 68.60 -21.38 22.42
C3B CLA MD . 68.10 -22.64 22.20
C4B CLA MD . 67.91 -22.79 20.73
CMB CLA MD . 68.98 -20.69 23.65
CAB CLA MD . 67.76 -23.69 23.12
CBB CLA MD . 67.26 -23.54 24.35
NC CLA MD . 67.45 -23.08 17.74
C1C CLA MD . 67.24 -24.04 18.69
C2C CLA MD . 66.72 -25.25 18.06
C3C CLA MD . 66.61 -24.97 16.70
C4C CLA MD . 67.06 -23.61 16.51
CMC CLA MD . 66.39 -26.48 18.77
CAC CLA MD . 66.13 -25.88 15.63
CBC CLA MD . 67.26 -26.50 14.84
ND CLA MD . 68.04 -20.85 16.16
C1D CLA MD . 67.56 -21.66 15.09
C2D CLA MD . 67.65 -20.89 13.83
C3D CLA MD . 68.13 -19.64 14.19
C4D CLA MD . 68.36 -19.67 15.64
CMD CLA MD . 67.27 -21.39 12.52
CAD CLA MD . 68.52 -18.33 13.71
OBD CLA MD . 68.52 -17.92 12.56
CBD CLA MD . 68.97 -17.50 14.95
CGD CLA MD . 70.36 -16.93 14.80
O1D CLA MD . 70.70 -15.76 14.83
O2D CLA MD . 71.32 -17.88 14.60
CED CLA MD . 72.67 -17.43 14.44
C1 CLA MD . 68.36 -11.14 19.19
C2 CLA MD . 68.38 -10.20 18.05
C3 CLA MD . 67.38 -9.35 17.77
C4 CLA MD . 66.15 -9.31 18.60
C5 CLA MD . 67.45 -8.42 16.62
C6 CLA MD . 67.42 -6.97 17.03
C7 CLA MD . 67.71 -6.06 15.85
C8 CLA MD . 67.76 -4.59 16.28
C9 CLA MD . 66.38 -4.11 16.68
C10 CLA MD . 68.31 -3.72 15.16
C11 CLA MD . 69.53 -4.33 14.50
C12 CLA MD . 70.79 -4.17 15.33
C13 CLA MD . 71.92 -5.02 14.78
C14 CLA MD . 73.14 -4.96 15.68
C15 CLA MD . 72.30 -4.61 13.36
C16 CLA MD . 73.13 -5.69 12.68
C17 CLA MD . 73.50 -5.31 11.27
C18 CLA MD . 73.81 -6.53 10.42
C19 CLA MD . 74.40 -6.12 9.08
C20 CLA MD . 74.75 -7.47 11.13
MG CLA ND . 47.62 -16.44 10.56
CHA CLA ND . 45.41 -16.88 13.20
CHB CLA ND . 48.04 -19.80 10.36
CHC CLA ND . 49.65 -15.94 7.84
CHD CLA ND . 47.13 -12.94 10.80
NA CLA ND . 46.88 -18.05 11.66
C1A CLA ND . 45.97 -18.03 12.72
C2A CLA ND . 45.71 -19.45 13.24
C3A CLA ND . 46.73 -20.30 12.46
C4A CLA ND . 47.27 -19.34 11.41
CMA CLA ND . 47.83 -20.84 13.35
CAA CLA ND . 44.28 -19.90 12.98
CBA CLA ND . 43.84 -19.66 11.56
CGA CLA ND . 44.08 -20.88 10.72
O1A CLA ND . 43.51 -21.97 10.77
O2A CLA ND . 45.09 -20.71 9.81
NB CLA ND . 48.73 -17.64 9.39
C1B CLA ND . 48.60 -18.99 9.34
C2B CLA ND . 49.15 -19.52 8.06
C3B CLA ND . 49.61 -18.43 7.35
C4B CLA ND . 49.35 -17.23 8.20
CMB CLA ND . 49.15 -20.94 7.72
CAB CLA ND . 50.22 -18.34 6.05
CBB CLA ND . 49.85 -19.00 4.97
NC CLA ND . 48.31 -14.74 9.56
C1C CLA ND . 49.18 -14.77 8.50
C2C CLA ND . 49.48 -13.41 8.07
C3C CLA ND . 48.74 -12.56 8.87
C4C CLA ND . 48.00 -13.40 9.81
CMC CLA ND . 50.38 -13.06 6.96
CAC CLA ND . 48.71 -11.09 8.82
CBC CLA ND . 47.46 -10.55 8.17
ND CLA ND . 46.53 -15.15 11.68
C1D CLA ND . 46.43 -13.73 11.68
C2D CLA ND . 45.45 -13.32 12.71
C3D CLA ND . 45.01 -14.48 13.30
C4D CLA ND . 45.73 -15.60 12.64
CMD CLA ND . 45.06 -11.94 12.97
CAD CLA ND . 44.12 -15.07 14.29
OBD CLA ND . 43.28 -14.53 15.00
CBD CLA ND . 44.41 -16.61 14.30
CGD CLA ND . 44.89 -17.01 15.67
O1D CLA ND . 45.82 -16.51 16.31
O2D CLA ND . 44.19 -18.03 16.24
CED CLA ND . 43.67 -17.83 17.55
C1 CLA ND . 44.88 -19.73 8.78
C2 CLA ND . 44.41 -20.46 7.59
C3 CLA ND . 44.39 -19.95 6.35
C4 CLA ND . 43.92 -20.73 5.19
C5 CLA ND . 44.85 -18.56 6.08
C6 CLA ND . 44.00 -17.84 5.05
C7 CLA ND . 42.73 -17.29 5.68
C8 CLA ND . 42.05 -16.25 4.80
C9 CLA ND . 41.20 -16.91 3.73
C10 CLA ND . 43.06 -15.29 4.17
C11 CLA ND . 42.36 -14.17 3.43
C12 CLA ND . 41.76 -13.16 4.39
C13 CLA ND . 40.48 -12.53 3.83
C14 CLA ND . 39.55 -13.60 3.27
C15 CLA ND . 40.79 -11.47 2.79
C16 CLA ND . 40.42 -10.09 3.29
C17 CLA ND . 38.97 -10.01 3.73
MG CLA OD . 51.90 -15.02 18.22
CHA CLA OD . 51.27 -17.74 20.27
CHB CLA OD . 48.74 -15.22 16.98
CHC CLA OD . 52.50 -12.16 16.41
CHD CLA OD . 55.17 -14.81 19.58
NA CLA OD . 50.31 -16.31 18.55
C1A CLA OD . 50.24 -17.37 19.47
C2A CLA OD . 48.88 -18.07 19.40
C3A CLA OD . 48.21 -17.41 18.17
C4A CLA OD . 49.13 -16.22 17.87
CMA CLA OD . 48.18 -18.37 17.01
CAA CLA OD . 48.08 -17.85 20.68
CBA CLA OD . 47.21 -16.61 20.65
CGA CLA OD . 47.70 -15.58 21.62
O1A CLA OD . 48.73 -14.90 21.56
O2A CLA OD . 46.88 -15.41 22.71
NB CLA OD . 50.85 -13.95 16.88
C1B CLA OD . 49.53 -14.11 16.63
C2B CLA OD . 48.99 -12.93 15.89
C3B CLA OD . 50.04 -12.06 15.72
C4B CLA OD . 51.24 -12.69 16.35
CMB CLA OD . 47.59 -12.84 15.48
CAB CLA OD . 50.14 -10.76 15.10
CBB CLA OD . 49.27 -10.23 14.23
NC CLA OD . 53.56 -13.76 17.98
C1C CLA OD . 53.58 -12.67 17.17
C2C CLA OD . 54.89 -12.03 17.23
C3C CLA OD . 55.64 -12.75 18.17
C4C CLA OD . 54.79 -13.84 18.64
CMC CLA OD . 55.29 -10.84 16.47
CAC CLA OD . 57.03 -12.50 18.58
CBC CLA OD . 57.10 -11.80 19.92
ND CLA OD . 53.04 -16.02 19.56
C1D CLA OD . 54.36 -15.82 20.04
C2D CLA OD . 54.66 -16.87 21.03
C3D CLA OD . 53.53 -17.64 21.15
C4D CLA OD . 52.54 -17.06 20.23
CMD CLA OD . 55.94 -17.00 21.72
CAD CLA OD . 52.91 -18.79 21.78
OBD CLA OD . 53.39 -19.60 22.55
CBD CLA OD . 51.43 -18.85 21.27
CGD CLA OD . 51.08 -20.18 20.67
O1D CLA OD . 51.46 -20.64 19.59
O2D CLA OD . 50.21 -20.93 21.41
CED CLA OD . 49.61 -22.06 20.77
C1 CLA OD . 46.52 -14.06 23.06
C2 CLA OD . 47.32 -13.68 24.26
C3 CLA OD . 47.15 -12.49 24.88
C4 CLA OD . 46.16 -11.50 24.43
C5 CLA OD . 47.96 -12.12 26.08
C6 CLA OD . 49.06 -13.11 26.42
C7 CLA OD . 49.71 -12.75 27.74
C8 CLA OD . 50.65 -11.57 27.61
C9 CLA OD . 51.73 -11.84 26.58
C10 CLA OD . 51.31 -11.24 28.95
C11 CLA OD . 50.33 -10.67 29.95
C12 CLA OD . 51.04 -9.91 31.05
C13 CLA OD . 50.17 -9.75 32.29
C14 CLA OD . 49.13 -8.67 32.10
C15 CLA OD . 51.03 -9.45 33.52
C16 CLA OD . 50.19 -9.00 34.70
C17 CLA OD . 51.04 -8.93 35.96
C18 CLA OD . 50.35 -8.11 37.06
C19 CLA OD . 49.07 -8.80 37.51
C20 CLA OD . 51.28 -7.93 38.24
MG CLA PD . 53.48 1.18 8.37
CHA CLA PD . 52.97 3.95 6.34
CHB CLA PD . 52.42 2.95 11.07
CHC CLA PD . 53.80 -1.66 10.29
CHD CLA PD . 54.47 -0.67 5.51
NA CLA PD . 52.84 3.14 8.64
C1A CLA PD . 52.67 4.14 7.66
C2A CLA PD . 52.16 5.43 8.30
C3A CLA PD . 52.07 5.10 9.80
C4A CLA PD . 52.46 3.63 9.86
CMA CLA PD . 52.98 5.98 10.61
CAA CLA PD . 50.79 5.80 7.76
CBA CLA PD . 49.81 4.65 7.72
CGA CLA PD . 48.94 4.79 6.52
O1A CLA PD . 49.28 4.75 5.34
O2A CLA PD . 47.62 5.01 6.80
NB CLA PD . 53.15 0.73 10.31
C1B CLA PD . 52.77 1.61 11.26
C2B CLA PD . 52.76 0.95 12.59
C3B CLA PD . 53.15 -0.36 12.38
C4B CLA PD . 53.41 -0.52 10.93
CMB CLA PD . 52.37 1.67 13.80
CAB CLA PD . 53.31 -1.47 13.30
CBB CLA PD . 53.26 -1.44 14.63
NC CLA PD . 54.06 -0.79 7.97
C1C CLA PD . 54.10 -1.79 8.91
C2C CLA PD . 54.50 -3.05 8.28
C3C CLA PD . 54.69 -2.77 6.93
C4C CLA PD . 54.40 -1.36 6.74
CMC CLA PD . 54.65 -4.32 8.99
CAC CLA PD . 55.07 -3.72 5.87
CBC CLA PD . 53.87 -4.25 5.12
ND CLA PD . 53.80 1.52 6.40
C1D CLA PD . 54.19 0.67 5.34
C2D CLA PD . 54.23 1.46 4.09
C3D CLA PD . 53.77 2.72 4.42
C4D CLA PD . 53.49 2.70 5.86
CMD CLA PD . 54.65 0.93 2.79
CAD CLA PD . 53.49 4.06 3.93
OBD CLA PD . 53.64 4.52 2.81
CBD CLA PD . 52.90 4.85 5.13
CGD CLA PD . 53.61 6.17 5.36
O1D CLA PD . 54.20 6.55 6.38
O2D CLA PD . 53.58 6.99 4.29
CED CLA PD . 54.68 7.89 4.12
C1 CLA PD . 46.79 3.88 7.12
C2 CLA PD . 46.98 2.85 6.07
C3 CLA PD . 46.13 1.82 5.90
C4 CLA PD . 44.93 1.65 6.73
C5 CLA PD . 46.38 0.80 4.83
C6 CLA PD . 45.13 0.11 4.33
C7 CLA PD . 45.16 -1.37 4.66
C8 CLA PD . 46.20 -2.14 3.85
C9 CLA PD . 46.06 -1.86 2.37
C10 CLA PD . 46.11 -3.64 4.13
C11 CLA PD . 44.99 -4.30 3.37
C12 CLA PD . 43.89 -4.79 4.29
C13 CLA PD . 43.82 -6.30 4.36
C14 CLA PD . 43.03 -6.85 3.19
C15 CLA PD . 43.22 -6.78 5.67
C16 CLA PD . 43.93 -6.15 6.85
C17 CLA PD . 43.11 -6.24 8.12
C18 CLA PD . 41.89 -5.32 8.08
C19 CLA PD . 41.22 -5.27 9.44
C20 CLA PD . 42.28 -3.92 7.65
MG CLA QD . 80.88 -0.59 5.71
CHA CLA QD . 83.02 1.98 6.65
CHB CLA QD . 82.53 -0.87 2.74
CHC CLA QD . 78.86 -3.24 4.90
CHD CLA QD . 79.25 -0.29 8.83
NA CLA QD . 82.49 0.44 4.85
C1A CLA QD . 83.26 1.46 5.41
C2A CLA QD . 84.35 1.92 4.43
C3A CLA QD . 84.07 1.09 3.17
C4A CLA QD . 82.95 0.14 3.60
CMA CLA QD . 83.66 1.96 2.01
CAA CLA QD . 85.74 1.61 4.98
CBA CLA QD . 86.11 0.16 4.80
CGA CLA QD . 86.72 -0.37 6.07
O1A CLA QD . 86.74 0.15 7.18
O2A CLA QD . 87.32 -1.59 5.92
NB CLA QD . 80.70 -1.80 4.11
C1B CLA QD . 81.51 -1.80 3.03
C2B CLA QD . 81.16 -2.93 2.13
C3B CLA QD . 80.12 -3.61 2.73
C4B CLA QD . 79.81 -2.89 4.01
CMB CLA QD . 81.85 -3.19 0.87
CAB CLA QD . 79.39 -4.77 2.31
CBB CLA QD . 79.95 -5.93 1.94
NC CLA QD . 79.31 -1.55 6.68
C1C CLA QD . 78.61 -2.60 6.16
C2C CLA QD . 77.58 -3.03 7.09
C3C CLA QD . 77.70 -2.22 8.22
C4C CLA QD . 78.79 -1.29 7.96
CMC CLA QD . 76.64 -4.12 6.86
CAC CLA QD . 76.87 -2.26 9.44
CBC CLA QD . 77.52 -3.09 10.53
ND CLA QD . 81.01 0.57 7.36
C1D CLA QD . 80.27 0.58 8.58
C2D CLA QD . 80.81 1.65 9.46
C3D CLA QD . 81.86 2.22 8.76
C4D CLA QD . 81.95 1.50 7.47
CMD CLA QD . 80.30 1.98 10.78
CAD CLA QD . 82.91 3.23 8.77
OBD CLA QD . 83.16 4.08 9.62
CBD CLA QD . 83.69 3.08 7.43
CGD CLA QD . 83.76 4.37 6.65
O1D CLA QD . 84.77 4.97 6.27
O2D CLA QD . 82.55 4.91 6.35
CED CLA QD . 82.36 5.45 5.04
C1 CLA QD . 86.99 -2.58 6.91
C2 CLA QD . 87.86 -3.76 6.66
C3 CLA QD . 87.52 -4.99 7.06
C4 CLA QD . 88.41 -6.16 6.80
C5 CLA QD . 86.24 -5.26 7.77
C6 CLA QD . 86.32 -6.43 8.72
C7 CLA QD . 84.94 -6.99 9.01
C8 CLA QD . 84.80 -8.44 8.53
C9 CLA QD . 84.62 -8.47 7.02
C10 CLA QD . 83.63 -9.16 9.21
C11 CLA QD . 82.63 -8.20 9.82
C12 CLA QD . 81.22 -8.75 9.78
C13 CLA QD . 80.17 -7.74 10.20
C14 CLA QD . 80.73 -6.33 10.30
C15 CLA QD . 79.49 -8.14 11.49
C16 CLA QD . 78.68 -7.02 12.10
C17 CLA QD . 78.21 -7.36 13.50
C18 CLA QD . 77.37 -6.25 14.11
C19 CLA QD . 77.06 -6.54 15.56
C20 CLA QD . 78.08 -4.91 13.99
MG CLA RD . 84.84 -5.98 -1.99
CHA CLA RD . 85.79 -2.71 -1.34
CHB CLA RD . 85.23 -5.42 -5.32
CHC CLA RD . 84.10 -9.29 -2.56
CHD CLA RD . 84.55 -6.54 1.50
NA CLA RD . 85.38 -4.31 -3.12
C1A CLA RD . 85.75 -3.05 -2.67
C2A CLA RD . 86.09 -2.13 -3.84
C3A CLA RD . 85.71 -2.96 -5.08
C4A CLA RD . 85.43 -4.34 -4.49
CMA CLA RD . 84.52 -2.39 -5.80
CAA CLA RD . 87.59 -1.83 -3.86
CBA CLA RD . 88.40 -2.98 -3.29
CGA CLA RD . 89.64 -3.25 -4.09
O1A CLA RD . 89.78 -3.24 -5.31
O2A CLA RD . 90.72 -3.53 -3.31
NB CLA RD . 84.62 -7.12 -3.64
C1B CLA RD . 84.94 -6.74 -4.90
C2B CLA RD . 84.94 -7.92 -5.81
C3B CLA RD . 84.63 -9.01 -5.04
C4B CLA RD . 84.42 -8.51 -3.64
CMB CLA RD . 85.26 -7.81 -7.23
CAB CLA RD . 84.50 -10.41 -5.38
CBB CLA RD . 84.04 -10.90 -6.53
NC CLA RD . 84.36 -7.60 -0.76
C1C CLA RD . 84.07 -8.86 -1.21
C2C CLA RD . 83.76 -9.73 -0.08
C3C CLA RD . 83.93 -8.97 1.08
C4C CLA RD . 84.30 -7.63 0.64
CMC CLA RD . 83.40 -11.14 -0.20
CAC CLA RD . 83.75 -9.42 2.47
CBC CLA RD . 82.54 -8.83 3.15
ND CLA RD . 85.07 -4.93 -0.28
C1D CLA RD . 84.91 -5.26 1.08
C2D CLA RD . 85.19 -4.07 1.92
C3D CLA RD . 85.52 -3.06 1.03
C4D CLA RD . 85.44 -3.64 -0.32
CMD CLA RD . 85.11 -4.04 3.37
CAD CLA RD . 85.91 -1.67 0.88
OBD CLA RD . 86.07 -0.81 1.74
CBD CLA RD . 86.11 -1.41 -0.64
CGD CLA RD . 85.25 -0.28 -1.12
O1D CLA RD . 84.05 -0.31 -1.41
O2D CLA RD . 85.90 0.91 -1.24
CED CLA RD . 85.12 2.09 -1.40
C1 CLA RD . 90.82 -4.88 -2.82
C2 CLA RD . 91.99 -5.51 -3.50
C3 CLA RD . 92.47 -6.71 -3.15
C4 CLA RD . 91.87 -7.52 -2.05
C5 CLA RD . 93.64 -7.31 -3.85
C6 CLA RD . 93.37 -7.62 -5.31
C7 CLA RD . 93.06 -9.08 -5.51
C8 CLA RD . 94.32 -9.95 -5.54
C9 CLA RD . 95.38 -9.33 -6.43
C10 CLA RD . 93.99 -11.37 -5.99
C11 CLA RD . 95.23 -12.16 -6.31
C12 CLA RD . 95.14 -13.59 -5.80
C13 CLA RD . 93.89 -14.29 -6.30
C14 CLA RD . 93.11 -14.91 -5.15
C15 CLA RD . 94.22 -15.35 -7.36
C16 CLA RD . 94.76 -16.62 -6.73
C17 CLA RD . 95.49 -17.47 -7.75
C18 CLA RD . 94.57 -17.94 -8.88
C19 CLA RD . 95.36 -18.72 -9.91
C20 CLA RD . 93.45 -18.80 -8.32
MG CLA SD . 81.28 -19.63 -10.49
CHA CLA SD . 80.88 -16.19 -10.39
CHB CLA SD . 79.49 -19.74 -13.40
CHC CLA SD . 81.90 -22.99 -10.68
CHD CLA SD . 83.17 -19.45 -7.51
NA CLA SD . 80.32 -18.18 -11.66
C1A CLA SD . 80.28 -16.79 -11.46
C2A CLA SD . 79.48 -16.10 -12.57
C3A CLA SD . 78.92 -17.28 -13.39
C4A CLA SD . 79.63 -18.50 -12.80
CMA CLA SD . 77.41 -17.38 -13.28
CAA CLA SD . 80.43 -15.27 -13.43
CBA CLA SD . 81.75 -15.99 -13.63
CGA CLA SD . 82.65 -15.30 -14.62
O1A CLA SD . 83.68 -15.75 -15.12
O2A CLA SD . 82.24 -14.05 -14.98
NB CLA SD . 80.74 -21.11 -11.76
C1B CLA SD . 80.09 -20.92 -12.94
C2B CLA SD . 80.10 -22.20 -13.71
C3B CLA SD . 80.78 -23.13 -12.96
C4B CLA SD . 81.20 -22.44 -11.70
CMB CLA SD . 79.48 -22.30 -15.03
CAB CLA SD . 81.11 -24.51 -13.20
CBB CLA SD . 80.57 -25.33 -14.11
NC CLA SD . 82.31 -20.98 -9.29
C1C CLA SD . 82.43 -22.32 -9.55
C2C CLA SD . 83.21 -22.96 -8.50
C3C CLA SD . 83.59 -21.94 -7.61
C4C CLA SD . 83.01 -20.71 -8.11
CMC CLA SD . 83.54 -24.39 -8.45
CAC CLA SD . 84.40 -22.10 -6.39
CBC CLA SD . 83.56 -22.27 -5.15
ND CLA SD . 81.89 -18.21 -9.20
C1D CLA SD . 82.66 -18.27 -8.01
C2D CLA SD . 82.80 -16.90 -7.45
C3D CLA SD . 82.13 -16.06 -8.33
C4D CLA SD . 81.60 -16.92 -9.40
CMD CLA SD . 83.52 -16.57 -6.22
CAD CLA SD . 81.76 -14.70 -8.65
OBD CLA SD . 82.03 -13.66 -8.04
CBD CLA SD . 80.93 -14.74 -9.95
CGD CLA SD . 79.53 -14.23 -9.72
O1D CLA SD . 78.51 -14.89 -9.53
O2D CLA SD . 79.43 -12.87 -9.72
CED CLA SD . 78.18 -12.30 -9.35
C1 CLA SD . 83.14 -13.31 -15.82
C2 CLA SD . 84.19 -12.73 -14.93
C3 CLA SD . 84.17 -11.45 -14.53
C4 CLA SD . 83.10 -10.51 -14.95
C5 CLA SD . 85.22 -10.91 -13.63
C6 CLA SD . 85.91 -11.98 -12.80
C7 CLA SD . 85.06 -12.37 -11.61
C8 CLA SD . 85.76 -13.40 -10.72
C9 CLA SD . 84.81 -14.51 -10.35
C10 CLA SD . 86.29 -12.72 -9.46
C11 CLA SD . 87.76 -12.38 -9.59
C12 CLA SD . 88.63 -13.57 -9.25
C13 CLA SD . 89.60 -13.25 -8.12
C14 CLA SD . 90.35 -14.49 -7.71
C15 CLA SD . 88.88 -12.64 -6.92
C16 CLA SD . 88.03 -13.66 -6.21
C17 CLA SD . 87.11 -13.02 -5.19
C18 CLA SD . 86.58 -14.03 -4.19
C19 CLA SD . 87.67 -14.45 -3.23
C20 CLA SD . 85.40 -13.46 -3.42
CAA F6C TD . 81.08 -31.92 -15.88
CAB F6C TD . 76.12 -24.60 -12.21
CAC F6C TD . 71.71 -27.46 -18.14
CAD F6C TD . 77.04 -33.65 -18.13
NA F6C TD . 78.21 -30.19 -14.95
CBA F6C TD . 82.31 -31.11 -15.52
CBB F6C TD . 76.78 -23.52 -11.80
CBC F6C TD . 72.09 -27.08 -19.54
CBD F6C TD . 78.25 -33.40 -17.18
NB F6C TD . 76.99 -27.60 -14.23
OBD F6C TD . 76.94 -34.65 -18.83
CGA F6C TD . 83.16 -30.95 -16.73
CGD F6C TD . 78.48 -34.53 -16.22
ND F6C TD . 75.95 -30.56 -16.78
CED F6C TD . 78.51 -35.22 -13.93
CHA F6C TD . 77.98 -32.08 -16.47
CHB F6C TD . 79.00 -28.61 -13.23
CHC F6C TD . 75.09 -26.09 -14.66
CHD F6C TD . 73.85 -29.72 -17.76
CMA F6C TD . 80.27 -31.29 -12.40
CMB F6C TD . 78.74 -26.28 -11.23
CMC F6C TD . 72.62 -25.09 -16.21
CMD F6C TD . 73.97 -32.45 -19.35
OMB F6C TD . 79.85 -26.82 -11.21
C1 F6C TD . 85.39 -31.02 -17.61
C1A F6C TD . 78.66 -31.39 -15.51
C1B F6C TD . 77.99 -27.64 -13.31
C1C F6C TD . 74.44 -26.84 -15.68
C1D F6C TD . 74.84 -30.69 -17.65
O1A F6C TD . 82.82 -30.74 -17.90
O1D F6C TD . 78.96 -35.64 -16.48
C2 F6C TD . 85.85 -29.62 -17.76
C2A F6C TD . 79.97 -31.84 -14.84
C2B F6C TD . 77.84 -26.51 -12.35
C2C F6C TD . 73.25 -26.39 -16.39
C2D F6C TD . 74.94 -31.96 -18.39
O2A F6C TD . 84.50 -31.07 -16.47
O2D F6C TD . 78.12 -34.28 -14.94
C3 F6C TD . 86.89 -29.11 -17.08
C3A F6C TD . 80.24 -30.73 -13.80
C3B F6C TD . 76.73 -25.79 -12.75
C3C F6C TD . 72.85 -27.44 -17.22
C3D F6C TD . 76.15 -32.53 -17.99
C4 F6C TD . 87.64 -29.92 -16.09
C4A F6C TD . 79.09 -29.75 -14.00
C4B F6C TD . 76.19 -26.47 -13.95
C4C F6C TD . 73.84 -28.51 -17.05
C4D F6C TD . 76.72 -31.61 -16.99
C5 F6C TD . 87.31 -27.70 -17.26
C6 F6C TD . 86.57 -26.98 -18.37
C7 F6C TD . 86.83 -25.49 -18.32
C8 F6C TD . 86.12 -24.73 -19.44
C9 F6C TD . 86.42 -25.37 -20.78
C10 F6C TD . 86.53 -23.26 -19.44
C11 F6C TD . 85.57 -22.41 -20.24
C12 F6C TD . 84.16 -22.47 -19.68
C13 F6C TD . 83.26 -21.43 -20.32
C14 F6C TD . 83.78 -20.03 -20.06
C15 F6C TD . 81.82 -21.57 -19.84
NC F6C TD . 74.80 -28.09 -16.12
MG F6C TD . 76.50 -29.11 -15.48
C16 F6C TD . 80.90 -20.62 -20.58
C17 F6C TD . 80.84 -20.93 -22.05
C18 F6C TD . 79.41 -20.89 -22.58
C19 F6C TD . 79.36 -21.31 -24.04
C20 F6C TD . 78.53 -21.81 -21.76
MG CLA UD . 75.68 -23.79 19.72
CHA CLA UD . 74.82 -24.83 22.91
CHB CLA UD . 72.52 -22.60 19.27
CHC CLA UD . 76.63 -22.62 16.64
CHD CLA UD . 78.90 -25.19 20.18
NA CLA UD . 73.97 -23.74 20.92
C1A CLA UD . 73.82 -24.21 22.22
C2A CLA UD . 72.39 -24.00 22.72
C3A CLA UD . 71.65 -23.48 21.47
C4A CLA UD . 72.79 -23.23 20.47
CMA CLA UD . 70.74 -24.55 20.94
CAA CLA UD . 72.31 -23.04 23.90
CBA CLA UD . 72.83 -21.65 23.60
CGA CLA UD . 72.82 -20.86 24.88
O1A CLA UD . 72.88 -21.30 26.03
O2A CLA UD . 72.71 -19.51 24.70
NB CLA UD . 74.74 -22.84 18.22
C1B CLA UD . 73.47 -22.35 18.26
C2B CLA UD . 73.22 -21.50 17.07
C3B CLA UD . 74.37 -21.51 16.32
C4B CLA UD . 75.36 -22.36 17.03
CMB CLA UD . 71.93 -20.83 16.84
CAB CLA UD . 74.69 -20.85 15.07
CBB CLA UD . 73.89 -20.79 14.00
NC CLA UD . 77.46 -23.88 18.62
C1C CLA UD . 77.62 -23.34 17.38
C2C CLA UD . 78.97 -23.59 16.91
C3C CLA UD . 79.62 -24.32 17.90
C4C CLA UD . 78.65 -24.51 18.97
CMC CLA UD . 79.50 -23.14 15.62
CAC CLA UD . 81.00 -24.82 17.88
CBC CLA UD . 81.94 -23.91 18.65
ND CLA UD . 76.71 -24.74 21.19
C1D CLA UD . 78.00 -25.30 21.23
C2D CLA UD . 78.20 -25.97 22.55
C3D CLA UD . 77.02 -25.77 23.25
C4D CLA UD . 76.12 -25.03 22.34
CMD CLA UD . 79.41 -26.65 22.97
CAD CLA UD . 76.30 -26.02 24.48
OBD CLA UD . 76.68 -26.54 25.52
CBD CLA UD . 74.85 -25.47 24.28
CGD CLA UD . 73.81 -26.55 24.39
O1D CLA UD . 73.41 -27.31 23.51
O2D CLA UD . 73.28 -26.66 25.65
CED CLA UD . 72.48 -27.82 25.91
C1 CLA UD . 73.93 -18.73 24.83
C2 CLA UD . 74.21 -18.56 26.28
C3 CLA UD . 75.43 -18.25 26.75
C4 CLA UD . 75.69 -18.08 28.19
C5 CLA UD . 76.58 -18.04 25.82
C6 CLA UD . 77.79 -18.87 26.22
C7 CLA UD . 79.08 -18.17 25.81
C8 CLA UD . 79.61 -18.69 24.48
C9 CLA UD . 80.56 -19.85 24.71
C10 CLA UD . 80.31 -17.59 23.70
MG CLA VD . 80.39 -23.94 26.55
CHA CLA VD . 79.88 -24.06 29.98
CHB CLA VD . 77.30 -22.61 26.15
CHC CLA VD . 81.04 -23.66 23.19
CHD CLA VD . 83.59 -25.41 27.03
NA CLA VD . 78.85 -23.45 27.87
C1A CLA VD . 78.83 -23.56 29.27
C2A CLA VD . 77.49 -23.10 29.84
C3A CLA VD . 76.65 -22.78 28.58
C4A CLA VD . 77.65 -22.95 27.44
CMA CLA VD . 75.47 -23.69 28.43
CAA CLA VD . 77.65 -21.88 30.74
CBA CLA VD . 77.76 -20.61 29.94
CGA CLA VD . 78.03 -19.46 30.87
O1A CLA VD . 77.45 -19.17 31.92
O2A CLA VD . 79.03 -18.65 30.44
NB CLA VD . 79.34 -23.33 24.96
C1B CLA VD . 78.13 -22.70 25.02
C2B CLA VD . 77.81 -22.10 23.70
C3B CLA VD . 78.86 -22.39 22.85
C4B CLA VD . 79.84 -23.18 23.65
CMB CLA VD . 76.57 -21.35 23.49
CAB CLA VD . 79.12 -22.07 21.47
CBB CLA VD . 78.30 -21.45 20.62
NC CLA VD . 82.01 -24.47 25.34
C1C CLA VD . 82.05 -24.28 23.98
C2C CLA VD . 83.32 -24.76 23.44
C3C CLA VD . 84.05 -25.25 24.53
C4C CLA VD . 83.22 -25.06 25.71
CMC CLA VD . 83.70 -24.70 22.03
CAC CLA VD . 85.39 -25.84 24.48
CBC CLA VD . 86.46 -24.91 24.97
ND CLA VD . 81.53 -24.59 28.10
C1D CLA VD . 82.82 -25.18 28.15
C2D CLA VD . 83.14 -25.47 29.57
C3D CLA VD . 82.07 -25.03 30.33
C4D CLA VD . 81.09 -24.50 29.36
CMD CLA VD . 84.39 -26.08 30.04
CAD CLA VD . 81.50 -24.89 31.66
OBD CLA VD . 81.96 -25.18 32.75
CBD CLA VD . 80.07 -24.28 31.46
CGD CLA VD . 78.98 -25.16 31.98
O1D CLA VD . 78.59 -26.21 31.48
O2D CLA VD . 78.37 -24.71 33.10
CED CLA VD . 77.97 -25.67 34.07
MG CLA WD . 85.39 -22.43 32.48
CHA CLA WD . 84.97 -21.82 35.87
CHB CLA WD . 82.23 -21.31 31.88
CHC CLA WD . 85.89 -22.99 29.12
CHD CLA WD . 88.65 -23.60 33.15
NA CLA WD . 83.86 -21.69 33.70
C1A CLA WD . 83.88 -21.51 35.09
C2A CLA WD . 82.55 -20.94 35.59
C3A CLA WD . 81.67 -20.91 34.31
C4A CLA WD . 82.64 -21.31 33.20
CMA CLA WD . 80.49 -21.84 34.42
CAA CLA WD . 82.74 -19.53 36.12
CBA CLA WD . 82.22 -19.39 37.54
CGA CLA WD . 80.73 -19.59 37.56
O1A CLA WD . 79.84 -18.78 37.29
O2A CLA WD . 80.38 -20.85 37.95
NB CLA WD . 84.25 -22.25 30.83
C1B CLA WD . 83.02 -21.67 30.78
C2B CLA WD . 82.59 -21.49 29.36
C3B CLA WD . 83.61 -21.96 28.58
C4B CLA WD . 84.69 -22.45 29.50
CMB CLA WD . 81.31 -20.90 28.99
CAB CLA WD . 83.71 -22.00 27.14
CBB CLA WD . 84.71 -21.50 26.41
NC CLA WD . 86.98 -23.17 31.36
C1C CLA WD . 86.95 -23.34 29.99
C2C CLA WD . 88.23 -23.91 29.54
C3C CLA WD . 89.02 -24.06 30.68
C4C CLA WD . 88.23 -23.61 31.81
CMC CLA WD . 88.55 -24.21 28.15
CAC CLA WD . 90.39 -24.60 30.73
CBC CLA WD . 90.42 -26.11 30.76
ND CLA WD . 86.60 -22.64 34.08
C1D CLA WD . 87.92 -23.15 34.22
C2D CLA WD . 88.30 -23.12 35.66
C3D CLA WD . 87.20 -22.61 36.33
C4D CLA WD . 86.18 -22.34 35.30
CMD CLA WD . 89.59 -23.56 36.19
CAD CLA WD . 86.66 -22.23 37.61
OBD CLA WD . 87.19 -22.25 38.73
CBD CLA WD . 85.19 -21.75 37.36
CGD CLA WD . 84.19 -22.57 38.13
O1D CLA WD . 82.98 -22.39 38.23
O2D CLA WD . 84.74 -23.63 38.79
CED CLA WD . 84.09 -24.09 39.98
MG CLA XD . 67.68 -23.58 9.34
CHA CLA XD . 70.44 -24.81 11.04
CHB CLA XD . 69.20 -20.54 9.12
CHC CLA XD . 64.89 -22.37 7.77
CHD CLA XD . 66.16 -26.76 9.60
NA CLA XD . 69.54 -22.83 9.96
C1A CLA XD . 70.56 -23.50 10.66
C2A CLA XD . 71.75 -22.59 10.91
C3A CLA XD . 71.33 -21.26 10.25
C4A CLA XD . 69.93 -21.55 9.72
CMA CLA XD . 71.34 -20.13 11.26
CAA CLA XD . 73.01 -23.11 10.24
CBA CLA XD . 74.26 -22.58 10.93
CGA CLA XD . 75.48 -23.02 10.19
O1A CLA XD . 75.65 -24.05 9.53
O2A CLA XD . 76.51 -22.14 10.30
NB CLA XD . 67.16 -21.81 8.53
C1B CLA XD . 67.89 -20.67 8.61
C2B CLA XD . 67.09 -19.52 8.10
C3B CLA XD . 65.87 -20.03 7.71
C4B CLA XD . 65.90 -21.50 7.99
CMB CLA XD . 67.63 -18.16 8.07
CAB CLA XD . 64.69 -19.41 7.16
CBB CLA XD . 64.48 -18.10 6.96
NC CLA XD . 65.86 -24.43 8.77
C1C CLA XD . 64.86 -23.76 8.12
C2C CLA XD . 63.74 -24.65 7.87
C3C CLA XD . 64.10 -25.89 8.38
C4C CLA XD . 65.44 -25.75 8.95
CMC CLA XD . 62.50 -24.25 7.21
CAC CLA XD . 63.29 -27.13 8.37
CBC CLA XD . 62.75 -27.53 9.72
ND CLA XD . 68.12 -25.39 10.13
C1D CLA XD . 67.41 -26.62 10.16
C2D CLA XD . 68.21 -27.62 10.89
C3D CLA XD . 69.37 -26.97 11.27
C4D CLA XD . 69.27 -25.60 10.76
CMD CLA XD . 67.79 -29.00 11.15
CAD CLA XD . 70.64 -27.08 11.97
OBD CLA XD . 71.11 -28.02 12.57
CBD CLA XD . 71.37 -25.71 11.82
CGD CLA XD . 71.69 -25.11 13.17
O1D CLA XD . 72.80 -24.77 13.58
O2D CLA XD . 70.62 -24.95 13.99
CED CLA XD . 70.77 -24.12 15.13
C1 CLA XD . 77.84 -22.69 10.29
C2 CLA XD . 78.69 -21.77 11.07
C3 CLA XD . 79.74 -22.19 11.81
C4 CLA XD . 80.13 -23.61 11.88
C5 CLA XD . 80.56 -21.21 12.58
C6 CLA XD . 81.93 -20.97 11.96
C7 CLA XD . 82.68 -19.89 12.72
C8 CLA XD . 81.95 -18.56 12.68
C9 CLA XD . 82.34 -17.77 11.45
C10 CLA XD . 82.25 -17.75 13.94
C11 CLA XD . 83.72 -17.46 14.06
C12 CLA XD . 84.06 -16.88 15.43
C13 CLA XD . 83.41 -15.52 15.63
C14 CLA XD . 84.08 -14.46 14.76
C15 CLA XD . 83.44 -15.09 17.10
C16 CLA XD . 82.05 -14.84 17.63
C17 CLA XD . 81.54 -13.47 17.26
C18 CLA XD . 80.25 -13.12 17.98
C19 CLA XD . 80.47 -13.08 19.48
C20 CLA XD . 79.71 -11.80 17.50
MG CLA YD . 77.36 -21.61 2.22
CHA CLA YD . 76.02 -23.52 4.80
CHB CLA YD . 75.23 -19.08 2.99
CHC CLA YD . 78.78 -19.75 -0.28
CHD CLA YD . 79.54 -24.30 1.45
NA CLA YD . 75.88 -21.37 3.66
C1A CLA YD . 75.47 -22.28 4.64
C2A CLA YD . 74.35 -21.69 5.50
C3A CLA YD . 74.04 -20.33 4.82
C4A CLA YD . 75.12 -20.22 3.75
CMA CLA YD . 72.65 -20.32 4.24
CAA CLA YD . 74.83 -21.49 6.94
CBA CLA YD . 75.89 -20.41 7.07
CGA CLA YD . 77.25 -20.90 6.69
O1A CLA YD . 77.97 -21.71 7.27
O2A CLA YD . 77.70 -20.35 5.53
NB CLA YD . 77.02 -19.79 1.45
C1B CLA YD . 76.19 -18.85 1.98
C2B CLA YD . 76.40 -17.54 1.31
C3B CLA YD . 77.40 -17.73 0.38
C4B CLA YD . 77.81 -19.16 0.46
CMB CLA YD . 75.63 -16.36 1.67
CAB CLA YD . 78.04 -16.83 -0.55
CBB CLA YD . 77.81 -15.53 -0.71
NC CLA YD . 78.88 -21.98 0.83
C1C CLA YD . 79.28 -21.08 -0.12
C2C CLA YD . 80.34 -21.65 -0.94
C3C CLA YD . 80.57 -22.94 -0.43
C4C CLA YD . 79.63 -23.13 0.67
CMC CLA YD . 81.02 -20.98 -2.04
CAC CLA YD . 81.55 -23.93 -0.92
CBC CLA YD . 80.95 -24.85 -1.95
ND CLA YD . 77.79 -23.46 2.94
C1D CLA YD . 78.68 -24.47 2.51
C2D CLA YD . 78.53 -25.66 3.39
C3D CLA YD . 77.55 -25.32 4.31
C4D CLA YD . 77.10 -23.96 3.96
CMD CLA YD . 79.32 -26.88 3.28
CAD CLA YD . 76.77 -25.76 5.46
OBD CLA YD . 76.87 -26.78 6.13
CBD CLA YD . 75.72 -24.65 5.76
CGD CLA YD . 74.32 -25.15 5.59
O1D CLA YD . 73.81 -25.64 4.58
O2D CLA YD . 73.54 -25.03 6.70
CED CLA YD . 72.23 -25.59 6.66
C1 CLA YD . 79.06 -19.89 5.47
C2 CLA YD . 79.80 -20.78 4.55
C3 CLA YD . 80.82 -20.34 3.80
C4 CLA YD . 81.56 -21.24 2.88
C5 CLA YD . 81.26 -18.92 3.86
C6 CLA YD . 81.28 -18.27 2.49
C7 CLA YD . 81.85 -16.87 2.55
C8 CLA YD . 82.74 -16.57 1.35
C9 CLA YD . 83.06 -15.09 1.29
C10 CLA YD . 82.10 -17.04 0.06
C11 CLA YD . 82.73 -16.41 -1.17
C12 CLA YD . 83.10 -17.45 -2.22
C13 CLA YD . 84.50 -18.00 -1.98
C14 CLA YD . 85.46 -16.89 -1.61
C15 CLA YD . 84.99 -18.78 -3.20
C16 CLA YD . 86.50 -18.81 -3.29
C17 CLA YD . 87.09 -20.00 -2.56
C18 CLA YD . 88.40 -19.65 -1.85
C19 CLA YD . 89.20 -20.90 -1.56
C20 CLA YD . 89.23 -18.67 -2.65
MG CLA ZD . 75.20 -11.46 4.44
CHA CLA ZD . 73.65 -14.09 6.07
CHB CLA ZD . 72.62 -9.41 5.29
CHC CLA ZD . 76.81 -8.88 2.86
CHD CLA ZD . 77.89 -13.61 3.63
NA CLA ZD . 73.42 -11.74 5.49
C1A CLA ZD . 72.95 -12.91 6.09
C2A CLA ZD . 71.60 -12.68 6.77
C3A CLA ZD . 71.25 -11.22 6.39
C4A CLA ZD . 72.51 -10.74 5.68
CMA CLA ZD . 70.03 -11.15 5.49
CAA CLA ZD . 71.70 -12.84 8.27
CBA CLA ZD . 72.86 -12.08 8.86
CGA CLA ZD . 72.86 -12.22 10.35
O1A CLA ZD . 72.66 -13.22 11.03
O2A CLA ZD . 73.14 -11.04 11.00
NB CLA ZD . 74.74 -9.54 4.04
C1B CLA ZD . 73.74 -8.86 4.63
C2B CLA ZD . 73.95 -7.39 4.48
C3B CLA ZD . 75.13 -7.23 3.79
C4B CLA ZD . 75.65 -8.60 3.50
CMB CLA ZD . 73.01 -6.40 5.02
CAB CLA ZD . 75.85 -6.05 3.36
CBB CLA ZD . 75.37 -4.81 3.27
NC CLA ZD . 77.00 -11.29 3.40
C1C CLA ZD . 77.46 -10.14 2.81
C2C CLA ZD . 78.72 -10.39 2.13
C3C CLA ZD . 79.06 -11.72 2.40
C4C CLA ZD . 77.97 -12.29 3.19
CMC CLA ZD . 79.48 -9.39 1.39
CAC CLA ZD . 80.26 -12.44 1.94
CBC CLA ZD . 80.03 -13.12 0.60
ND CLA ZD . 75.75 -13.36 4.80
C1D CLA ZD . 76.86 -14.14 4.38
C2D CLA ZD . 76.71 -15.52 4.88
C3D CLA ZD . 75.49 -15.56 5.54
C4D CLA ZD . 74.93 -14.20 5.44
CMD CLA ZD . 77.69 -16.60 4.67
CAD CLA ZD . 74.55 -16.37 6.29
OBD CLA ZD . 74.64 -17.53 6.65
CBD CLA ZD . 73.31 -15.47 6.59
CGD CLA ZD . 72.08 -16.01 5.92
O1D CLA ZD . 71.61 -15.66 4.83
O2D CLA ZD . 71.43 -16.98 6.62
CED CLA ZD . 70.51 -17.81 5.90
C1 CLA ZD . 73.82 -11.16 12.26
C2 CLA ZD . 75.19 -11.63 11.95
C3 CLA ZD . 75.85 -12.52 12.73
C4 CLA ZD . 75.24 -13.08 13.96
C5 CLA ZD . 77.22 -12.97 12.38
C6 CLA ZD . 78.30 -12.30 13.20
C7 CLA ZD . 79.48 -13.23 13.40
C8 CLA ZD . 80.78 -12.70 12.81
C9 CLA ZD . 80.90 -11.19 13.00
C10 CLA ZD . 80.89 -13.04 11.33
C11 CLA ZD . 82.20 -12.59 10.73
C12 CLA ZD . 83.37 -13.40 11.26
C13 CLA ZD . 84.45 -13.56 10.18
C14 CLA ZD . 85.23 -14.84 10.39
C15 CLA ZD . 85.40 -12.37 10.15
C16 CLA ZD . 86.54 -12.59 9.17
C17 CLA ZD . 87.48 -11.41 9.13
C18 CLA ZD . 88.33 -11.41 7.86
C19 CLA ZD . 87.59 -10.76 6.72
C20 CLA ZD . 89.65 -10.71 8.10
CAA F6C AE . 27.52 5.49 -4.34
CAB F6C AE . 35.57 3.59 -8.95
CAC F6C AE . 30.07 4.97 -14.55
CAD F6C AE . 25.48 7.60 -8.31
NA F6C AE . 29.78 5.91 -6.88
CBA F6C AE . 27.77 4.09 -4.87
CBB F6C AE . 36.78 4.00 -8.62
CBC F6C AE . 30.44 6.24 -15.28
CBD F6C AE . 26.16 7.35 -6.93
NB F6C AE . 32.11 4.77 -8.30
OBD F6C AE . 24.37 8.10 -8.44
CGA F6C AE . 26.53 3.48 -5.45
CGD F6C AE . 26.25 8.61 -6.12
ND F6C AE . 28.56 6.25 -9.51
CED F6C AE . 25.06 10.31 -4.94
CHA F6C AE . 27.53 6.77 -7.22
CHB F6C AE . 31.89 5.12 -5.87
CHC F6C AE . 33.03 4.24 -10.53
CHD F6C AE . 28.62 5.90 -11.94
CMA F6C AE . 30.74 7.07 -3.76
CMB F6C AE . 34.80 4.18 -5.83
CMC F6C AE . 32.94 3.91 -13.60
CMD F6C AE . 25.72 7.16 -11.79
OMB F6C AE . 34.53 3.30 -5.00
C1 F6C AE . 25.48 1.39 -6.03
C1A F6C AE . 28.56 6.40 -6.39
C1B F6C AE . 32.59 4.75 -7.04
C1C F6C AE . 31.92 4.61 -11.32
C1D F6C AE . 27.96 6.32 -10.80
O1A F6C AE . 25.60 4.03 -6.04
O1D F6C AE . 27.27 9.24 -5.81
C2 F6C AE . 26.21 0.56 -7.03
C2A F6C AE . 28.55 6.48 -4.87
C2B F6C AE . 34.01 4.30 -7.05
C2C F6C AE . 31.86 4.46 -12.78
C2D F6C AE . 26.61 6.90 -10.67
O2A F6C AE . 26.47 2.12 -5.28
O2D F6C AE . 25.06 9.09 -5.67
C3 F6C AE . 25.98 -0.74 -7.24
C3A F6C AE . 29.97 5.99 -4.48
C3B F6C AE . 34.33 4.05 -8.36
C3C F6C AE . 30.61 4.93 -13.18
C3D F6C AE . 26.40 7.12 -9.33
C4 F6C AE . 26.74 -1.51 -8.25
C4A F6C AE . 30.61 5.63 -5.82
C4B F6C AE . 33.12 4.35 -9.18
C4C F6C AE . 29.92 5.36 -11.97
C4D F6C AE . 27.63 6.67 -8.65
C5 F6C AE . 24.95 -1.49 -6.46
C6 F6C AE . 24.55 -2.81 -7.07
C7 F6C AE . 23.26 -2.70 -7.86
C8 F6C AE . 22.45 -3.99 -7.89
C9 F6C AE . 23.35 -5.18 -8.12
C10 F6C AE . 21.37 -3.93 -8.97
C11 F6C AE . 19.97 -3.90 -8.39
C12 F6C AE . 18.99 -3.29 -9.38
C13 F6C AE . 17.54 -3.50 -8.96
C14 F6C AE . 16.94 -4.69 -9.69
C15 F6C AE . 16.71 -2.25 -9.20
NC F6C AE . 30.75 5.16 -10.87
MG F6C AE . 30.33 5.54 -8.86
C16 F6C AE . 15.25 -2.49 -8.91
C17 F6C AE . 14.45 -1.20 -8.98
C18 F6C AE . 12.96 -1.43 -8.75
C19 F6C AE . 12.67 -1.75 -7.29
C20 F6C AE . 12.16 -0.22 -9.18
MG CLA BE . 39.05 -7.04 -5.16
CHA CLA BE . 40.26 -4.91 -2.71
CHB CLA BE . 39.57 -9.70 -3.11
CHC CLA BE . 37.76 -9.09 -7.60
CHD CLA BE . 38.54 -4.24 -7.27
NA CLA BE . 39.80 -7.25 -3.22
C1A CLA BE . 40.25 -6.24 -2.36
C2A CLA BE . 40.73 -6.83 -1.04
C3A CLA BE . 40.59 -8.35 -1.25
C4A CLA BE . 39.93 -8.47 -2.62
CMA CLA BE . 41.93 -9.03 -1.22
CAA CLA BE . 39.85 -6.35 0.12
CBA CLA BE . 38.45 -6.93 0.03
CGA CLA BE . 37.58 -6.29 1.07
O1A CLA BE . 37.91 -5.79 2.14
O2A CLA BE . 36.25 -6.30 0.72
NB CLA BE . 38.78 -9.03 -5.34
C1B CLA BE . 38.96 -9.95 -4.36
C2B CLA BE . 38.45 -11.27 -4.79
C3B CLA BE . 37.93 -11.10 -6.06
C4B CLA BE . 38.14 -9.67 -6.43
CMB CLA BE . 38.50 -12.46 -3.95
CAB CLA BE . 37.31 -12.06 -6.92
CBB CLA BE . 36.07 -11.96 -7.42
NC CLA BE . 38.30 -6.72 -7.09
C1C CLA BE . 37.84 -7.71 -7.92
C2C CLA BE . 37.40 -7.14 -9.18
C3C CLA BE . 37.60 -5.76 -9.08
C4C CLA BE . 38.17 -5.51 -7.77
CMC CLA BE . 36.85 -7.90 -10.30
CAC CLA BE . 37.31 -4.75 -10.12
CBC CLA BE . 38.40 -4.63 -11.14
ND CLA BE . 39.27 -5.03 -5.06
C1D CLA BE . 39.05 -4.00 -6.01
C2D CLA BE . 39.45 -2.71 -5.41
C3D CLA BE . 39.91 -2.99 -4.14
C4D CLA BE . 39.79 -4.45 -3.99
CMD CLA BE . 39.36 -1.41 -6.10
CAD CLA BE . 40.46 -2.47 -2.91
OBD CLA BE . 40.69 -1.31 -2.59
CBD CLA BE . 40.74 -3.68 -1.98
CGD CLA BE . 42.20 -3.78 -1.64
O1D CLA BE . 43.05 -4.45 -2.23
O2D CLA BE . 42.58 -3.04 -0.58
CED CLA BE . 43.93 -2.56 -0.55
C1 CLA BE . 35.39 -7.09 1.57
C2 CLA BE . 34.02 -6.60 1.37
C3 CLA BE . 33.56 -5.44 1.88
C4 CLA BE . 34.41 -4.56 2.72
C5 CLA BE . 32.16 -4.99 1.65
C6 CLA BE . 32.00 -4.34 0.29
C7 CLA BE . 30.54 -4.29 -0.11
C8 CLA BE . 30.32 -3.51 -1.39
C9 CLA BE . 31.11 -2.20 -1.36
C10 CLA BE . 28.84 -3.21 -1.59
C11 CLA BE . 28.08 -4.41 -2.09
C12 CLA BE . 26.63 -4.09 -2.33
C13 CLA BE . 25.89 -5.16 -3.13
C14 CLA BE . 26.81 -5.90 -4.07
C15 CLA BE . 24.74 -4.54 -3.91
C16 CLA BE . 23.39 -5.02 -3.41
C17 CLA BE . 23.06 -6.39 -3.96
C18 CLA BE . 21.60 -6.47 -4.42
C19 CLA BE . 21.34 -7.80 -5.09
C20 CLA BE . 20.66 -6.27 -3.26
C1 PQN CE . 43.22 -1.81 -13.01
O1 PQN CE . 43.74 -2.90 -13.15
C2 PQN CE . 41.74 -1.67 -12.95
C2M PQN CE . 40.95 -2.93 -13.08
C3 PQN CE . 41.17 -0.45 -12.80
C4 PQN CE . 41.99 0.78 -12.68
O4 PQN CE . 41.47 1.86 -12.55
C5 PQN CE . 43.47 0.66 -12.74
C6 PQN CE . 44.25 1.78 -12.64
C7 PQN CE . 45.64 1.66 -12.68
C8 PQN CE . 46.22 0.42 -12.86
C9 PQN CE . 45.43 -0.71 -12.96
C10 PQN CE . 44.05 -0.60 -12.90
C11 PQN CE . 39.68 -0.26 -12.74
C12 PQN CE . 39.18 -0.38 -11.33
C13 PQN CE . 38.52 0.55 -10.65
C14 PQN CE . 38.17 1.89 -11.23
C15 PQN CE . 38.06 0.29 -9.25
C16 PQN CE . 36.61 -0.20 -9.22
C17 PQN CE . 36.13 -0.55 -7.82
C18 PQN CE . 34.65 -0.89 -7.73
C19 PQN CE . 33.76 0.29 -8.12
C20 PQN CE . 34.32 -1.40 -6.33
C21 PQN CE . 35.20 -2.56 -5.86
C22 PQN CE . 35.20 -2.73 -4.34
C23 PQN CE . 36.08 -3.87 -3.82
C24 PQN CE . 35.59 -5.22 -4.32
C25 PQN CE . 36.15 -3.81 -2.31
C26 PQN CE . 36.56 -2.45 -1.73
C27 PQN CE . 36.69 -2.51 -0.21
C28 PQN CE . 36.75 -1.13 0.47
C29 PQN CE . 35.61 -0.24 -0.03
C30 PQN CE . 36.66 -1.26 1.99
C1 BCR DE . 58.31 -13.96 46.76
C2 BCR DE . 57.10 -13.92 47.69
C3 BCR DE . 55.79 -13.63 46.97
C4 BCR DE . 55.89 -12.30 46.27
C5 BCR DE . 57.14 -12.14 45.45
C6 BCR DE . 58.23 -12.90 45.65
C7 BCR DE . 59.45 -12.84 44.83
C8 BCR DE . 60.28 -11.79 44.74
C9 BCR DE . 61.49 -11.72 43.92
C10 BCR DE . 62.07 -10.51 43.77
C11 BCR DE . 63.26 -10.19 43.04
C33 BCR DE . 56.94 -11.18 44.31
C31 BCR DE . 58.44 -15.36 46.13
C32 BCR DE . 59.54 -13.71 47.63
C34 BCR DE . 62.01 -12.98 43.31
C12 BCR DE . 63.77 -8.94 42.98
C13 BCR DE . 64.96 -8.54 42.27
C14 BCR DE . 65.46 -7.30 42.49
C15 BCR DE . 66.62 -6.71 41.91
C16 BCR DE . 67.01 -5.44 42.17
C17 BCR DE . 68.18 -4.84 41.62
C18 BCR DE . 68.68 -3.62 41.93
C19 BCR DE . 69.88 -3.15 41.28
C20 BCR DE . 70.56 -2.05 41.66
C21 BCR DE . 71.77 -1.58 41.05
C22 BCR DE . 72.51 -0.52 41.47
C23 BCR DE . 73.71 -0.18 40.74
C24 BCR DE . 74.96 -0.56 41.06
C25 BCR DE . 76.20 -0.21 40.35
C26 BCR DE . 76.67 -0.92 39.31
C27 BCR DE . 77.95 -0.57 38.61
C28 BCR DE . 78.50 0.79 39.00
C29 BCR DE . 78.44 0.95 40.51
C30 BCR DE . 77.02 0.87 41.06
C35 BCR DE . 65.59 -9.54 41.34
C36 BCR DE . 68.03 -2.70 42.93
C37 BCR DE . 72.16 0.30 42.67
C38 BCR DE . 75.94 -2.06 38.65
C39 BCR DE . 76.33 2.24 40.91
C40 BCR DE . 77.13 0.56 42.56
C1 BCR EE . 53.91 -7.18 42.48
C2 BCR EE . 54.99 -8.10 43.07
C3 BCR EE . 56.36 -8.04 42.42
C4 BCR EE . 56.85 -6.64 42.15
C5 BCR EE . 55.79 -5.58 42.08
C6 BCR EE . 54.49 -5.89 41.93
C7 BCR EE . 53.49 -4.87 41.56
C8 BCR EE . 53.25 -4.42 40.32
C9 BCR EE . 52.26 -3.41 39.96
C10 BCR EE . 51.85 -3.36 38.66
C11 BCR EE . 52.27 -4.20 37.57
C33 BCR EE . 56.33 -4.19 42.25
C31 BCR EE . 52.87 -6.85 43.57
C32 BCR EE . 53.20 -7.97 41.38
C34 BCR EE . 51.77 -2.50 41.03
C12 BCR EE . 51.86 -3.98 36.30
C13 BCR EE . 52.24 -4.80 35.16
C14 BCR EE . 51.45 -4.75 34.06
C15 BCR EE . 51.62 -5.48 32.84
C16 BCR EE . 50.84 -5.30 31.75
C17 BCR EE . 51.03 -6.06 30.55
C18 BCR EE . 50.29 -6.02 29.41
C19 BCR EE . 50.67 -6.92 28.34
C20 BCR EE . 50.00 -7.15 27.19
C21 BCR EE . 50.49 -8.07 26.22
C22 BCR EE . 50.05 -8.27 24.95
C23 BCR EE . 50.71 -9.29 24.16
C24 BCR EE . 50.60 -9.46 22.83
C25 BCR EE . 51.26 -10.50 22.01
C26 BCR EE . 52.43 -11.06 22.33
C27 BCR EE . 52.81 -12.45 21.85
C28 BCR EE . 51.69 -13.20 21.15
C29 BCR EE . 50.97 -12.25 20.21
C30 BCR EE . 50.30 -11.09 20.97
C35 BCR EE . 53.47 -5.64 35.27
C36 BCR EE . 49.10 -5.13 29.21
C37 BCR EE . 48.92 -7.51 24.32
C38 BCR EE . 53.66 -10.30 22.75
C39 BCR EE . 49.03 -11.60 21.68
C40 BCR EE . 49.91 -10.04 19.94
C1 BCR FE . 52.59 -10.15 48.79
C2 BCR FE . 53.77 -9.25 48.41
C3 BCR FE . 53.50 -7.79 48.67
C4 BCR FE . 52.29 -7.34 47.87
C5 BCR FE . 51.12 -8.28 47.93
C6 BCR FE . 51.28 -9.59 48.23
C7 BCR FE . 50.20 -10.59 48.11
C8 BCR FE . 49.58 -10.93 46.97
C9 BCR FE . 48.52 -11.93 46.88
C10 BCR FE . 47.96 -12.14 45.66
C11 BCR FE . 48.27 -11.50 44.41
C33 BCR FE . 49.81 -7.56 48.04
C31 BCR FE . 52.50 -10.25 50.32
C32 BCR FE . 52.86 -11.55 48.22
C34 BCR FE . 48.12 -12.65 48.12
C12 BCR FE . 47.79 -11.92 43.23
C13 BCR FE . 48.05 -11.34 41.94
C14 BCR FE . 47.35 -11.81 40.87
C15 BCR FE . 47.43 -11.38 39.51
C16 BCR FE . 46.74 -11.98 38.52
C17 BCR FE . 46.80 -11.55 37.15
C18 BCR FE . 46.16 -12.10 36.08
C19 BCR FE . 46.37 -11.48 34.80
C20 BCR FE . 45.83 -11.89 33.62
C21 BCR FE . 46.09 -11.20 32.39
C22 BCR FE . 45.90 -11.67 31.13
C23 BCR FE . 45.38 -13.01 30.96
C24 BCR FE . 44.97 -13.55 29.80
C25 BCR FE . 44.45 -14.91 29.61
C26 BCR FE . 43.32 -15.36 30.18
C27 BCR FE . 42.85 -16.78 30.04
C28 BCR FE . 43.46 -17.52 28.86
C29 BCR FE . 44.95 -17.24 28.78
C30 BCR FE . 45.26 -15.74 28.62
C35 BCR FE . 49.06 -10.23 41.85
C36 BCR FE . 45.26 -13.28 36.17
C37 BCR FE . 46.19 -10.86 29.90
C38 BCR FE . 42.24 -14.47 30.74
C39 BCR FE . 44.97 -15.29 27.19
C40 BCR FE . 46.76 -15.57 28.89
C1 BCR GE . 81.49 -8.06 27.72
C2 BCR GE . 81.10 -8.15 29.19
C3 BCR GE . 80.76 -9.56 29.62
C4 BCR GE . 79.59 -10.08 28.80
C5 BCR GE . 79.68 -9.78 27.33
C6 BCR GE . 80.45 -8.78 26.84
C7 BCR GE . 80.34 -8.30 25.46
C8 BCR GE . 81.21 -8.52 24.47
C9 BCR GE . 81.11 -8.06 23.10
C10 BCR GE . 80.01 -7.37 22.71
C11 BCR GE . 79.75 -6.86 21.39
C33 BCR GE . 79.09 -10.87 26.48
C31 BCR GE . 82.87 -8.72 27.52
C32 BCR GE . 81.60 -6.58 27.35
C34 BCR GE . 82.24 -8.39 22.18
C12 BCR GE . 78.87 -5.89 21.08
C13 BCR GE . 78.64 -5.43 19.73
C14 BCR GE . 77.60 -4.60 19.47
C15 BCR GE . 77.23 -4.08 18.18
C16 BCR GE . 76.24 -3.21 17.95
C17 BCR GE . 75.94 -2.77 16.61
C18 BCR GE . 74.96 -1.92 16.19
C19 BCR GE . 74.86 -1.68 14.77
C20 BCR GE . 73.76 -1.25 14.12
C21 BCR GE . 73.74 -1.05 12.69
C22 BCR GE . 72.65 -0.86 11.91
C23 BCR GE . 72.85 -0.69 10.49
C24 BCR GE . 71.89 -0.64 9.55
C25 BCR GE . 72.09 -0.48 8.11
C26 BCR GE . 72.12 0.73 7.51
C27 BCR GE . 72.23 0.88 6.02
C28 BCR GE . 72.65 -0.39 5.29
C29 BCR GE . 71.85 -1.55 5.83
C30 BCR GE . 72.09 -1.80 7.33
C35 BCR GE . 79.58 -5.91 18.67
C36 BCR GE . 73.99 -1.26 17.11
C37 BCR GE . 71.25 -0.83 12.43
C38 BCR GE . 72.30 2.03 8.24
C39 BCR GE . 73.43 -2.52 7.52
C40 BCR GE . 70.97 -2.72 7.83
C1 BCR HE . 75.80 -17.12 20.99
C2 BCR HE . 75.27 -18.43 21.59
C3 BCR HE . 75.34 -19.61 20.65
C4 BCR HE . 74.53 -19.31 19.42
C5 BCR HE . 74.87 -17.99 18.79
C6 BCR HE . 75.42 -16.99 19.52
C7 BCR HE . 75.54 -15.63 18.98
C8 BCR HE . 74.52 -14.88 18.54
C9 BCR HE . 74.61 -13.54 18.02
C10 BCR HE . 73.53 -13.05 17.36
C11 BCR HE . 73.38 -11.77 16.76
C33 BCR HE . 74.90 -18.07 17.29
C31 BCR HE . 77.33 -17.08 21.14
C32 BCR HE . 75.20 -15.99 21.81
C34 BCR HE . 75.89 -12.77 18.21
C12 BCR HE . 72.36 -11.48 15.93
C13 BCR HE . 72.18 -10.19 15.29
C14 BCR HE . 71.06 -9.99 14.55
C15 BCR HE . 70.76 -8.77 13.87
C16 BCR HE . 69.71 -8.59 13.04
C17 BCR HE . 69.51 -7.32 12.43
C18 BCR HE . 68.43 -6.85 11.76
C19 BCR HE . 68.54 -5.51 11.27
C20 BCR HE . 67.55 -4.71 10.81
C21 BCR HE . 67.86 -3.38 10.37
C22 BCR HE . 67.04 -2.34 10.17
C23 BCR HE . 67.66 -1.10 9.75
C24 BCR HE . 67.09 0.10 9.68
C25 BCR HE . 67.73 1.34 9.26
C26 BCR HE . 68.23 1.54 8.02
C27 BCR HE . 68.78 2.87 7.60
C28 BCR HE . 68.38 4.00 8.52
C29 BCR HE . 68.65 3.61 9.95
C30 BCR HE . 67.86 2.37 10.39
C35 BCR HE . 73.23 -9.15 15.50
C36 BCR HE . 67.18 -7.63 11.52
C37 BCR HE . 65.55 -2.38 10.34
C38 BCR HE . 68.01 0.62 6.85
C39 BCR HE . 66.48 2.77 10.90
C40 BCR HE . 68.63 1.76 11.56
C1 BCR IE . 36.28 -17.30 2.94
C2 BCR IE . 35.89 -18.52 3.78
C3 BCR IE . 34.77 -19.31 3.12
C4 BCR IE . 33.57 -18.43 2.97
C5 BCR IE . 33.87 -17.15 2.24
C6 BCR IE . 35.10 -16.57 2.32
C7 BCR IE . 35.45 -15.40 1.52
C8 BCR IE . 35.27 -14.11 1.90
C9 BCR IE . 35.61 -12.92 1.16
C10 BCR IE . 35.26 -12.81 -0.15
C11 BCR IE . 35.54 -11.66 -0.96
C33 BCR IE . 32.61 -16.39 1.93
C31 BCR IE . 37.24 -17.72 1.81
C32 BCR IE . 37.03 -16.31 3.85
C34 BCR IE . 36.34 -11.83 1.89
C12 BCR IE . 34.95 -11.38 -2.15
C13 BCR IE . 35.25 -10.20 -2.93
C14 BCR IE . 34.73 -10.08 -4.17
C15 BCR IE . 34.91 -8.98 -5.07
C16 BCR IE . 34.14 -8.80 -6.16
C17 BCR IE . 34.32 -7.70 -7.07
C18 BCR IE . 33.63 -7.45 -8.21
C19 BCR IE . 33.98 -6.28 -8.97
C20 BCR IE . 33.32 -5.81 -10.05
C21 BCR IE . 33.75 -4.64 -10.74
C22 BCR IE . 33.38 -4.20 -11.97
C23 BCR IE . 33.99 -2.97 -12.44
C24 BCR IE . 33.77 -2.37 -13.62
C25 BCR IE . 34.40 -1.14 -14.09
C26 BCR IE . 34.45 -0.02 -13.35
C27 BCR IE . 35.45 1.08 -13.61
C28 BCR IE . 36.56 0.70 -14.56
C29 BCR IE . 35.97 -0.06 -15.75
C30 BCR IE . 35.31 -1.36 -15.30
C35 BCR IE . 36.12 -9.15 -2.29
C36 BCR IE . 32.55 -8.34 -8.75
C37 BCR IE . 32.41 -4.90 -12.86
C38 BCR IE . 33.35 0.44 -12.42
C39 BCR IE . 36.38 -2.41 -14.95
C40 BCR IE . 34.49 -1.89 -16.49
C1 LMG JE . 50.11 9.47 0.22
O1 LMG JE . 49.96 8.24 -0.39
C2 LMG JE . 51.59 9.80 0.33
O2 LMG JE . 52.18 8.85 1.18
C3 LMG JE . 51.73 11.21 0.88
O3 LMG JE . 53.10 11.51 0.97
C4 LMG JE . 50.95 12.22 0.03
O4 LMG JE . 51.55 12.29 -1.24
C5 LMG JE . 49.49 11.74 -0.03
O5 LMG JE . 48.92 12.35 -2.26
C6 LMG JE . 48.59 12.58 -0.91
O6 LMG JE . 49.45 10.43 -0.56
C7 LMG JE . 48.67 7.69 -0.30
C8 LMG JE . 48.63 6.50 -1.24
C9 LMG JE . 49.48 5.32 -0.81
O7 LMG JE . 47.27 6.11 -1.29
C10 LMG JE . 46.77 5.59 -2.42
O9 LMG JE . 47.41 5.51 -3.44
C11 LMG JE . 45.34 5.16 -2.24
C12 LMG JE . 45.24 3.70 -1.76
C13 LMG JE . 43.81 3.34 -1.39
C14 LMG JE . 43.71 1.93 -0.82
C15 LMG JE . 42.39 1.64 -0.13
C16 LMG JE . 42.52 0.49 0.87
C17 LMG JE . 41.22 0.04 1.52
C18 LMG JE . 41.41 -1.12 2.47
C19 LMG JE . 40.17 -1.49 3.29
C20 LMG JE . 40.45 -2.62 4.29
C21 LMG JE . 39.28 -2.88 5.23
C22 LMG JE . 38.08 -3.48 4.52
C23 LMG JE . 36.85 -3.66 5.42
C24 LMG JE . 37.07 -4.62 6.59
C25 LMG JE . 36.36 -5.96 6.44
C26 LMG JE . 36.87 -6.82 5.28
C27 LMG JE . 36.01 -8.05 5.04
O8 LMG JE . 48.94 4.81 0.40
C28 LMG JE . 49.51 3.73 0.92
O10 LMG JE . 50.44 3.15 0.41
C29 LMG JE . 48.85 3.34 2.23
C30 LMG JE . 49.74 2.53 3.16
C31 LMG JE . 49.86 1.06 2.77
C32 LMG JE . 50.98 0.37 3.55
C33 LMG JE . 51.17 -1.10 3.21
C34 LMG JE . 51.90 -1.37 1.91
C35 LMG JE . 52.31 -2.83 1.77
C36 LMG JE . 51.14 -3.79 1.87
C37 LMG JE . 51.54 -5.26 1.78
C38 LMG JE . 50.41 -6.20 1.40
C39 LMG JE . 49.34 -6.33 2.47
C40 LMG JE . 48.23 -7.31 2.12
C41 LMG JE . 47.42 -7.75 3.33
C42 LMG JE . 48.21 -8.63 4.29
C43 LMG JE . 47.89 -10.11 4.18
C44 LMG JE . 46.43 -10.46 4.48
C45 LMG JE . 46.20 -11.96 4.57
C3 LFA KE . 84.47 -32.66 -2.58
C4 LFA KE . 84.75 -32.10 -3.96
C5 LFA KE . 84.61 -30.58 -4.04
C6 LFA KE . 83.21 -30.08 -3.70
C7 LFA KE . 83.15 -28.58 -3.47
C8 LFA KE . 83.12 -27.77 -4.76
C9 LFA KE . 81.74 -27.66 -5.39
C10 LFA KE . 81.53 -26.37 -6.17
C11 LFA KE . 80.10 -26.16 -6.65
C12 LFA KE . 79.85 -24.77 -7.20
C13 LFA KE . 80.34 -23.67 -6.27
C14 LFA KE . 79.24 -22.73 -5.80
C15 LFA KE . 78.22 -23.39 -4.88
C16 LFA KE . 77.78 -22.49 -3.74
C17 LFA KE . 76.47 -22.93 -3.08
C18 LFA KE . 75.24 -22.61 -3.91
C1 LMG LE . 40.54 13.89 40.92
O1 LMG LE . 40.65 12.66 40.31
C2 LMG LE . 41.27 13.81 42.26
O2 LMG LE . 40.54 12.92 43.07
C3 LMG LE . 41.33 15.20 42.88
O3 LMG LE . 42.05 15.10 44.08
C4 LMG LE . 41.94 16.22 41.90
O4 LMG LE . 43.29 15.88 41.69
C5 LMG LE . 41.11 16.17 40.62
O5 LMG LE . 41.65 18.39 40.03
C6 LMG LE . 41.63 17.08 39.51
O6 LMG LE . 41.13 14.86 40.09
C7 LMG LE . 39.70 12.39 39.31
C8 LMG LE . 39.03 11.08 39.68
C9 LMG LE . 38.09 11.18 40.87
O7 LMG LE . 38.31 10.68 38.52
C10 LMG LE . 38.95 10.05 37.52
O9 LMG LE . 39.09 10.53 36.42
C11 LMG LE . 39.44 8.71 37.98
C12 LMG LE . 39.72 7.78 36.80
C13 LMG LE . 40.10 6.38 37.25
C14 LMG LE . 38.95 5.67 37.95
C15 LMG LE . 37.68 5.62 37.12
C16 LMG LE . 37.33 4.22 36.66
C17 LMG LE . 36.25 4.18 35.58
C18 LMG LE . 35.91 2.78 35.10
C19 LMG LE . 35.15 2.72 33.79
C20 LMG LE . 34.93 1.29 33.30
C21 LMG LE . 36.23 0.51 33.21
C22 LMG LE . 36.02 -1.00 33.22
C23 LMG LE . 36.52 -1.69 34.48
C24 LMG LE . 35.44 -2.50 35.20
C25 LMG LE . 34.22 -1.69 35.61
C26 LMG LE . 33.01 -2.53 36.01
C27 LMG LE . 33.31 -3.46 37.18
O8 LMG LE . 37.78 9.87 41.34
C28 LMG LE . 37.46 9.72 42.63
O10 LMG LE . 37.58 10.60 43.44
C29 LMG LE . 36.95 8.33 42.91
C30 LMG LE . 36.33 8.16 44.28
C31 LMG LE . 36.05 6.72 44.64
C32 LMG LE . 34.72 6.53 45.35
C33 LMG LE . 34.21 5.09 45.34
C34 LMG LE . 32.85 4.88 46.00
O1 LHG ME . 30.60 17.19 17.43
C1 LHG ME . 29.42 16.93 16.71
C2 LHG ME . 29.19 17.99 15.65
O2 LHG ME . 27.82 17.99 15.31
C3 LHG ME . 30.10 17.78 14.44
O3 LHG ME . 31.46 17.66 14.83
P LHG ME . 32.47 16.63 14.03
O4 LHG ME . 33.78 16.57 14.77
O5 LHG ME . 32.42 16.88 12.56
O6 LHG ME . 31.66 15.26 14.42
C4 LHG ME . 31.96 14.55 15.60
C5 LHG ME . 31.26 13.19 15.50
C6 LHG ME . 29.75 13.29 15.45
O7 LHG ME . 31.77 12.64 14.28
C7 LHG ME . 31.58 11.36 14.00
O9 LHG ME . 30.89 10.98 13.09
C8 LHG ME . 32.33 10.44 14.94
C9 LHG ME . 33.49 9.62 14.37
C10 LHG ME . 33.04 8.62 13.31
O8 LHG ME . 29.22 12.03 15.83
C23 LHG ME . 27.95 11.76 15.51
O10 LHG ME . 27.27 12.51 14.85
C24 LHG ME . 27.52 10.44 16.07
C11 LHG ME . 32.57 7.30 13.93
C12 LHG ME . 33.68 6.55 14.64
C13 LHG ME . 33.48 5.03 14.65
C14 LHG ME . 32.05 4.59 14.99
C15 LHG ME . 31.97 3.75 16.27
C16 LHG ME . 33.00 2.64 16.35
C17 LHG ME . 32.76 1.71 17.53
C18 LHG ME . 31.47 0.91 17.43
C19 LHG ME . 31.15 0.13 18.70
C20 LHG ME . 29.78 -0.53 18.66
C21 LHG ME . 29.26 -0.99 20.02
C22 LHG ME . 27.86 -1.59 20.00
C25 LHG ME . 28.50 9.32 15.81
C26 LHG ME . 28.12 8.43 14.63
C27 LHG ME . 26.81 7.67 14.86
C28 LHG ME . 26.89 6.23 14.36
C29 LHG ME . 28.12 5.47 14.84
C30 LHG ME . 27.95 3.95 14.85
C31 LHG ME . 27.36 3.39 13.55
C32 LHG ME . 27.78 1.95 13.29
C33 LHG ME . 27.61 1.02 14.49
C34 LHG ME . 28.52 -0.20 14.42
C35 LHG ME . 28.24 -1.11 13.24
C36 LHG ME . 27.07 -2.07 13.49
C37 LHG ME . 27.32 -3.09 14.59
C38 LHG ME . 26.17 -4.08 14.78
FE1 SF4 NE . 52.52 19.80 -17.98
FE2 SF4 NE . 52.58 22.47 -18.54
FE3 SF4 NE . 54.56 21.35 -17.02
FE4 SF4 NE . 52.04 21.64 -15.99
S1 SF4 NE . 53.47 23.31 -16.60
S2 SF4 NE . 53.38 19.79 -15.86
S3 SF4 NE . 50.78 21.27 -17.85
S4 SF4 NE . 54.09 20.90 -19.21
FE1 SF4 OE . 64.32 24.73 -18.66
FE2 SF4 OE . 62.23 26.32 -19.40
FE3 SF4 OE . 64.56 26.34 -20.86
FE4 SF4 OE . 64.49 27.44 -18.35
S1 SF4 OE . 63.34 28.15 -20.18
S2 SF4 OE . 66.10 26.05 -19.20
S3 SF4 OE . 63.04 26.03 -17.29
S4 SF4 OE . 63.12 24.58 -20.59
MG CLA PE . 77.70 -4.04 -21.02
CHA CLA PE . 80.75 -4.76 -22.50
CHB CLA PE . 76.14 -4.45 -24.02
CHC CLA PE . 74.68 -3.60 -19.44
CHD CLA PE . 79.36 -3.66 -17.92
NA CLA PE . 78.37 -4.48 -22.94
C1A CLA PE . 79.67 -4.78 -23.37
C2A CLA PE . 79.73 -5.07 -24.86
C3A CLA PE . 78.28 -4.80 -25.32
C4A CLA PE . 77.52 -4.56 -24.02
CMA CLA PE . 78.19 -3.62 -26.25
CAA CLA PE . 80.10 -6.52 -25.10
CBA CLA PE . 80.63 -6.76 -26.49
CGA CLA PE . 80.77 -8.23 -26.73
O1A CLA PE . 79.96 -9.12 -26.49
O2A CLA PE . 81.97 -8.58 -27.29
NB CLA PE . 75.78 -4.04 -21.61
C1B CLA PE . 75.34 -4.21 -22.88
C2B CLA PE . 73.85 -4.11 -22.93
C3B CLA PE . 73.43 -3.87 -21.64
C4B CLA PE . 74.65 -3.81 -20.78
CMB CLA PE . 73.08 -4.24 -24.16
CAB CLA PE . 72.09 -3.70 -21.14
CBB CLA PE . 71.66 -2.66 -20.42
NC CLA PE . 77.14 -3.66 -19.04
C1C CLA PE . 75.85 -3.52 -18.62
C2C CLA PE . 75.82 -3.29 -17.18
C3C CLA PE . 77.14 -3.30 -16.74
C4C CLA PE . 77.97 -3.53 -17.93
CMC CLA PE . 74.60 -3.11 -16.37
CAC CLA PE . 77.64 -3.12 -15.37
CBC CLA PE . 78.12 -1.73 -15.09
ND CLA PE . 79.60 -4.06 -20.33
C1D CLA PE . 80.15 -3.91 -19.03
C2D CLA PE . 81.61 -4.09 -19.09
C3D CLA PE . 81.90 -4.44 -20.40
C4D CLA PE . 80.61 -4.41 -21.12
CMD CLA PE . 82.51 -3.97 -17.95
CAD CLA PE . 82.93 -4.77 -21.36
OBD CLA PE . 84.15 -4.83 -21.20
CBD CLA PE . 82.21 -5.06 -22.71
CGD CLA PE . 82.81 -4.27 -23.84
O1D CLA PE . 82.51 -3.13 -24.20
O2D CLA PE . 83.81 -4.92 -24.51
CED CLA PE . 84.21 -4.43 -25.78
C1 CLA PE . 82.58 -9.78 -26.77
C2 CLA PE . 83.70 -10.15 -27.67
C3 CLA PE . 84.52 -11.18 -27.41
C4 CLA PE . 84.36 -12.01 -26.19
C5 CLA PE . 85.62 -11.54 -28.34
C6 CLA PE . 86.99 -11.14 -27.84
C7 CLA PE . 87.77 -12.31 -27.30
C8 CLA PE . 88.63 -13.03 -28.33
C9 CLA PE . 89.07 -12.10 -29.45
C10 CLA PE . 87.92 -14.25 -28.90
C11 CLA PE . 88.87 -15.20 -29.60
C12 CLA PE . 89.92 -15.76 -28.65
C13 CLA PE . 89.29 -16.62 -27.56
C14 CLA PE . 90.32 -16.98 -26.51
C15 CLA PE . 88.66 -17.89 -28.14
C16 CLA PE . 87.98 -18.71 -27.06
C17 CLA PE . 87.61 -20.08 -27.56
C18 CLA PE . 88.83 -21.00 -27.66
C19 CLA PE . 89.13 -21.67 -26.34
C20 CLA PE . 88.61 -22.04 -28.74
C1 BCR QE . 85.08 -25.88 -13.67
C2 BCR QE . 84.69 -27.28 -13.17
C3 BCR QE . 84.41 -28.27 -14.27
C4 BCR QE . 83.30 -27.72 -15.15
C5 BCR QE . 83.57 -26.34 -15.65
C6 BCR QE . 84.36 -25.49 -14.96
C7 BCR QE . 84.56 -24.08 -15.34
C8 BCR QE . 83.60 -23.18 -15.56
C9 BCR QE . 83.76 -21.79 -15.95
C10 BCR QE . 82.63 -21.07 -16.15
C11 BCR QE . 82.48 -19.69 -16.52
C33 BCR QE . 83.24 -26.19 -17.11
C31 BCR QE . 86.61 -25.83 -13.89
C32 BCR QE . 84.73 -24.91 -12.54
C34 BCR QE . 85.15 -21.25 -16.10
C12 BCR QE . 81.29 -19.18 -16.86
C13 BCR QE . 81.00 -17.80 -17.22
C14 BCR QE . 79.72 -17.38 -17.03
C15 BCR QE . 79.15 -16.09 -17.26
C16 BCR QE . 77.85 -15.86 -16.95
C17 BCR QE . 77.17 -14.61 -17.09
C18 BCR QE . 75.82 -14.42 -17.05
C19 BCR QE . 75.30 -13.08 -17.15
C20 BCR QE . 74.20 -12.70 -16.47
C21 BCR QE . 73.58 -11.40 -16.46
C22 BCR QE . 72.37 -11.14 -15.91
C23 BCR QE . 71.83 -9.80 -15.93
C24 BCR QE . 71.92 -8.95 -14.88
C25 BCR QE . 71.39 -7.59 -14.78
C26 BCR QE . 72.03 -6.52 -15.31
C27 BCR QE . 71.80 -5.11 -14.82
C28 BCR QE . 70.53 -4.94 -14.01
C29 BCR QE . 70.45 -6.06 -12.98
C30 BCR QE . 70.38 -7.45 -13.63
C35 BCR QE . 82.12 -16.96 -17.76
C36 BCR QE . 74.84 -15.54 -16.87
C37 BCR QE . 71.54 -12.20 -15.25
C38 BCR QE . 72.84 -6.55 -16.58
C39 BCR QE . 68.97 -7.73 -14.16
C40 BCR QE . 70.69 -8.46 -12.52
C1 BCR RE . 88.77 -7.96 -11.39
C2 BCR RE . 89.07 -8.64 -12.73
C3 BCR RE . 89.35 -10.11 -12.57
C4 BCR RE . 90.57 -10.31 -11.71
C5 BCR RE . 90.61 -9.44 -10.48
C6 BCR RE . 89.75 -8.41 -10.30
C7 BCR RE . 89.56 -7.76 -9.01
C8 BCR RE . 89.11 -8.34 -7.88
C9 BCR RE . 88.93 -7.65 -6.61
C10 BCR RE . 88.54 -8.38 -5.54
C11 BCR RE . 88.31 -7.86 -4.22
C33 BCR RE . 91.88 -9.62 -9.69
C31 BCR RE . 87.33 -8.27 -10.96
C32 BCR RE . 88.89 -6.44 -11.61
C34 BCR RE . 89.17 -6.18 -6.57
C12 BCR RE . 88.04 -8.63 -3.13
C13 BCR RE . 87.81 -8.11 -1.80
C14 BCR RE . 87.62 -8.98 -0.78
C15 BCR RE . 87.60 -10.42 -0.82
C16 BCR RE . 87.34 -11.15 0.29
C17 BCR RE . 87.32 -12.58 0.29
C18 BCR RE . 86.98 -13.40 1.32
C19 BCR RE . 87.05 -14.83 1.10
C20 BCR RE . 86.70 -15.80 1.98
C21 BCR RE . 86.82 -17.18 1.66
C22 BCR RE . 86.31 -18.25 2.32
C23 BCR RE . 86.59 -19.57 1.77
C24 BCR RE . 86.04 -20.73 2.17
C25 BCR RE . 86.33 -22.06 1.60
C26 BCR RE . 87.58 -22.56 1.53
C27 BCR RE . 87.92 -23.73 0.65
C28 BCR RE . 86.73 -24.58 0.25
C29 BCR RE . 85.58 -23.67 -0.18
C30 BCR RE . 85.13 -22.73 0.94
C35 BCR RE . 87.81 -6.63 -1.62
C36 BCR RE . 86.52 -12.90 2.67
C37 BCR RE . 85.49 -18.15 3.57
C38 BCR RE . 88.63 -22.33 2.58
C39 BCR RE . 84.33 -23.51 1.99
C40 BCR RE . 84.20 -21.70 0.29
O1 LHG SE . 90.62 4.15 -1.22
C1 LHG SE . 91.14 4.14 -2.53
C2 LHG SE . 92.60 3.73 -2.52
O2 LHG SE . 93.20 4.19 -3.71
C3 LHG SE . 92.76 2.22 -2.31
O3 LHG SE . 92.09 1.78 -1.14
P LHG SE . 90.86 0.70 -1.24
O4 LHG SE . 91.30 -0.44 -2.12
O5 LHG SE . 89.57 1.40 -1.49
O6 LHG SE . 90.94 0.15 0.30
C4 LHG SE . 90.56 0.97 1.38
C5 LHG SE . 90.02 0.07 2.50
C6 LHG SE . 89.23 -1.13 2.02
O7 LHG SE . 91.16 -0.38 3.22
C7 LHG SE . 91.01 -0.87 4.44
O9 LHG SE . 90.22 -0.41 5.25
C8 LHG SE . 91.89 -2.05 4.73
C9 LHG SE . 91.30 -3.22 5.51
C10 LHG SE . 92.24 -3.71 6.61
O8 LHG SE . 90.17 -2.15 1.71
C23 LHG SE . 89.97 -2.88 0.61
O10 LHG SE . 90.52 -2.65 -0.44
C24 LHG SE . 88.99 -4.00 0.85
C11 LHG SE . 91.98 -5.16 7.01
C12 LHG SE . 92.28 -6.15 5.89
C13 LHG SE . 91.81 -7.57 6.17
C14 LHG SE . 92.53 -8.26 7.34
C15 LHG SE . 93.84 -8.93 6.94
C16 LHG SE . 95.10 -8.17 7.37
C17 LHG SE . 96.35 -8.66 6.65
C18 LHG SE . 97.64 -8.39 7.41
C19 LHG SE . 97.81 -9.29 8.63
C20 LHG SE . 97.65 -10.78 8.31
C21 LHG SE . 98.75 -11.37 7.43
C22 LHG SE . 98.47 -12.78 6.94
C25 LHG SE . 89.64 -5.27 1.34
C26 LHG SE . 89.28 -5.63 2.79
C27 LHG SE . 88.09 -6.59 2.88
C28 LHG SE . 88.50 -8.05 2.61
C29 LHG SE . 89.28 -8.71 3.74
C30 LHG SE . 89.87 -10.07 3.39
C31 LHG SE . 90.55 -10.10 2.02
C32 LHG SE . 91.37 -11.35 1.77
C33 LHG SE . 90.60 -12.65 1.99
C34 LHG SE . 91.01 -13.74 1.02
C35 LHG SE . 90.79 -15.16 1.53
C36 LHG SE . 91.06 -16.21 0.46
C37 LHG SE . 91.35 -17.61 0.99
C38 LHG SE . 90.25 -18.19 1.86
C1 BCR TE . 33.79 -9.07 13.84
C2 BCR TE . 33.67 -9.49 15.31
C3 BCR TE . 32.47 -10.38 15.54
C4 BCR TE . 31.21 -9.61 15.22
C5 BCR TE . 31.29 -8.73 13.99
C6 BCR TE . 32.44 -8.60 13.29
C7 BCR TE . 32.47 -8.46 11.82
C8 BCR TE . 31.95 -7.48 11.08
C9 BCR TE . 32.03 -7.40 9.63
C10 BCR TE . 30.94 -7.67 8.89
C11 BCR TE . 30.88 -7.64 7.45
C33 BCR TE . 30.17 -7.72 13.98
C31 BCR TE . 34.30 -10.26 13.01
C32 BCR TE . 34.83 -7.95 13.77
C34 BCR TE . 33.35 -7.01 9.04
C12 BCR TE . 29.74 -7.47 6.74
C13 BCR TE . 29.70 -7.44 5.29
C14 BCR TE . 28.58 -7.87 4.66
C15 BCR TE . 28.37 -7.95 3.25
C16 BCR TE . 27.15 -8.17 2.70
C17 BCR TE . 26.98 -8.27 1.27
C18 BCR TE . 25.88 -8.70 0.60
C19 BCR TE . 25.95 -8.73 -0.85
C20 BCR TE . 25.09 -9.39 -1.65
C21 BCR TE . 25.24 -9.41 -3.08
C22 BCR TE . 24.49 -10.11 -3.97
C23 BCR TE . 24.81 -9.99 -5.38
C24 BCR TE . 24.69 -10.99 -6.27
C25 BCR TE . 25.00 -10.99 -7.70
C26 BCR TE . 25.62 -9.96 -8.33
C27 BCR TE . 26.64 -10.18 -9.41
C28 BCR TE . 26.95 -11.63 -9.73
C29 BCR TE . 25.66 -12.43 -9.66
C30 BCR TE . 25.06 -12.41 -8.26
C35 BCR TE . 30.91 -6.94 4.57
C36 BCR TE . 24.62 -9.15 1.26
C37 BCR TE . 23.35 -11.00 -3.58
C38 BCR TE . 25.02 -8.58 -8.45
C39 BCR TE . 25.90 -13.30 -7.33
C40 BCR TE . 23.65 -13.02 -8.35
C1 BCR UE . 20.24 -12.46 0.15
C2 BCR UE . 19.82 -12.46 1.62
C3 BCR UE . 18.63 -11.58 1.98
C4 BCR UE . 17.45 -11.77 1.06
C5 BCR UE . 17.79 -12.27 -0.32
C6 BCR UE . 19.05 -12.28 -0.78
C7 BCR UE . 19.36 -12.51 -2.19
C8 BCR UE . 19.26 -11.61 -3.18
C9 BCR UE . 19.56 -11.86 -4.57
C10 BCR UE . 19.52 -10.81 -5.44
C11 BCR UE . 19.78 -10.86 -6.84
C33 BCR UE . 16.56 -12.56 -1.15
C31 BCR UE . 20.96 -13.78 -0.17
C32 BCR UE . 21.24 -11.32 -0.03
C34 BCR UE . 19.89 -13.26 -4.98
C12 BCR UE . 19.71 -9.77 -7.64
C13 BCR UE . 19.96 -9.77 -9.06
C14 BCR UE . 19.64 -8.66 -9.78
C15 BCR UE . 19.81 -8.49 -11.19
C16 BCR UE . 19.58 -7.30 -11.81
C17 BCR UE . 19.74 -7.14 -13.22
C18 BCR UE . 19.79 -5.97 -13.91
C19 BCR UE . 19.95 -6.03 -15.34
C20 BCR UE . 19.66 -5.04 -16.20
C21 BCR UE . 19.85 -5.17 -17.62
C22 BCR UE . 19.42 -4.30 -18.58
C23 BCR UE . 18.69 -3.12 -18.13
C24 BCR UE . 18.37 -2.06 -18.90
C25 BCR UE . 17.63 -0.88 -18.44
C26 BCR UE . 16.28 -0.81 -18.50
C27 BCR UE . 15.51 0.39 -18.03
C28 BCR UE . 16.33 1.40 -17.26
C29 BCR UE . 17.68 1.59 -17.94
C30 BCR UE . 18.50 0.30 -17.98
C35 BCR UE . 20.56 -11.00 -9.66
C36 BCR UE . 19.70 -4.62 -13.26
C37 BCR UE . 19.65 -4.49 -20.04
C38 BCR UE . 15.41 -1.91 -19.03
C39 BCR UE . 19.07 0.02 -16.58
C40 BCR UE . 19.66 0.52 -18.95
C1 LMG VE . 14.34 -20.84 21.64
O1 LMG VE . 13.54 -19.70 21.61
C2 LMG VE . 14.11 -21.56 22.96
O2 LMG VE . 14.52 -20.69 23.99
C3 LMG VE . 14.92 -22.83 22.94
O3 LMG VE . 14.72 -23.49 24.17
C4 LMG VE . 14.57 -23.70 21.74
O4 LMG VE . 13.25 -24.17 21.89
C5 LMG VE . 14.73 -22.85 20.47
O5 LMG VE . 14.82 -24.84 19.19
C6 LMG VE . 14.26 -23.55 19.21
O6 LMG VE . 13.98 -21.67 20.57
C7 LMG VE . 14.22 -18.51 21.25
C8 LMG VE . 13.53 -17.37 21.97
C9 LMG VE . 13.39 -17.55 23.46
O7 LMG VE . 14.32 -16.22 21.67
C10 LMG VE . 13.74 -15.07 21.31
O9 LMG VE . 13.29 -14.89 20.21
C11 LMG VE . 13.73 -14.09 22.44
C12 LMG VE . 15.00 -13.23 22.46
C13 LMG VE . 15.07 -12.28 21.27
C14 LMG VE . 16.47 -11.72 21.06
C15 LMG VE . 16.59 -10.82 19.84
C16 LMG VE . 18.04 -10.46 19.52
C17 LMG VE . 18.19 -9.47 18.38
O8 LMG VE . 14.68 -17.79 24.03
C28 LMG VE . 14.81 -17.81 25.35
O10 LMG VE . 15.12 -18.79 25.97
C29 LMG VE . 14.53 -16.45 25.95
C30 LMG VE . 15.74 -15.79 26.60
C31 LMG VE . 16.14 -14.49 25.95
C32 LMG VE . 16.68 -13.47 26.95
C33 LMG VE . 17.92 -12.72 26.48
C34 LMG VE . 17.76 -11.94 25.19
C35 LMG VE . 19.00 -12.02 24.32
C36 LMG VE . 19.17 -10.84 23.37
C37 LMG VE . 20.31 -11.00 22.38
C1 BCR WE . 77.77 -25.99 -18.57
C2 BCR WE . 78.03 -26.64 -17.20
C3 BCR WE . 79.26 -27.53 -17.20
C4 BCR WE . 79.06 -28.65 -18.20
C5 BCR WE . 78.57 -28.18 -19.54
C6 BCR WE . 78.00 -26.97 -19.72
C7 BCR WE . 77.91 -26.32 -21.04
C8 BCR WE . 76.97 -26.56 -21.97
C9 BCR WE . 76.89 -25.91 -23.27
C10 BCR WE . 75.83 -26.20 -24.07
C11 BCR WE . 75.55 -25.67 -25.37
C33 BCR WE . 78.89 -29.15 -20.65
C31 BCR WE . 78.66 -24.76 -18.74
C32 BCR WE . 76.31 -25.54 -18.56
C34 BCR WE . 77.99 -24.96 -23.66
C12 BCR WE . 74.60 -26.17 -26.19
C13 BCR WE . 74.31 -25.65 -27.51
C14 BCR WE . 73.00 -25.63 -27.90
C15 BCR WE . 72.49 -25.14 -29.14
C16 BCR WE . 71.17 -25.15 -29.45
C17 BCR WE . 70.65 -24.64 -30.68
C18 BCR WE . 69.35 -24.60 -31.08
C19 BCR WE . 69.07 -24.01 -32.37
C20 BCR WE . 67.87 -23.98 -32.99
C21 BCR WE . 67.68 -23.34 -34.26
C22 BCR WE . 66.59 -23.39 -35.06
C23 BCR WE . 66.63 -22.64 -36.30
C24 BCR WE . 65.96 -22.92 -37.43
C25 BCR WE . 65.99 -22.14 -38.69
C26 BCR WE . 64.90 -21.52 -39.17
C27 BCR WE . 64.85 -20.91 -40.55
C28 BCR WE . 66.20 -20.77 -41.23
C29 BCR WE . 67.04 -22.01 -40.96
C30 BCR WE . 67.32 -22.20 -39.47
C35 BCR WE . 75.44 -25.16 -28.34
C36 BCR WE . 68.21 -25.10 -30.26
C37 BCR WE . 65.35 -24.16 -34.74
C38 BCR WE . 63.55 -21.53 -38.50
C39 BCR WE . 68.25 -21.08 -38.99
C40 BCR WE . 68.03 -23.55 -39.30
C1 BCR XE . 79.13 -34.54 -33.12
C2 BCR XE . 79.68 -35.89 -33.57
C3 BCR XE . 80.75 -36.40 -32.64
C4 BCR XE . 81.94 -35.46 -32.69
C5 BCR XE . 81.57 -34.01 -32.84
C6 BCR XE . 80.28 -33.59 -32.75
C7 BCR XE . 79.99 -32.15 -32.56
C8 BCR XE . 78.92 -31.47 -32.12
C9 BCR XE . 78.91 -30.02 -32.02
C10 BCR XE . 77.77 -29.29 -32.08
C11 BCR XE . 77.76 -27.85 -31.98
C33 BCR XE . 82.60 -33.26 -33.64
C31 BCR XE . 78.20 -34.76 -31.92
C32 BCR XE . 78.33 -33.99 -34.31
C34 BCR XE . 80.26 -29.38 -31.84
C12 BCR XE . 76.72 -26.99 -32.06
C13 BCR XE . 76.93 -25.56 -31.93
C14 BCR XE . 75.99 -24.65 -32.33
C15 BCR XE . 76.20 -23.24 -32.22
C16 BCR XE . 75.31 -22.22 -32.32
C17 BCR XE . 73.89 -22.34 -32.54
C18 BCR XE . 73.08 -21.44 -33.16
C19 BCR XE . 73.61 -20.23 -33.71
C20 BCR XE . 72.89 -19.11 -34.01
C21 BCR XE . 73.44 -17.91 -34.59
C22 BCR XE . 72.76 -16.78 -34.94
C23 BCR XE . 73.50 -15.67 -35.54
C24 BCR XE . 73.02 -14.43 -35.73
C25 BCR XE . 73.72 -13.29 -36.35
C26 BCR XE . 73.48 -12.91 -37.62
C27 BCR XE . 73.86 -11.55 -38.13
C28 BCR XE . 74.07 -10.54 -37.03
C29 BCR XE . 75.01 -11.11 -35.99
C30 BCR XE . 74.58 -12.45 -35.38
C35 BCR XE . 78.24 -25.13 -31.35
C36 BCR XE . 71.60 -21.68 -33.31
C37 BCR XE . 71.28 -16.62 -34.75
C38 BCR XE . 72.57 -13.65 -38.56
C39 BCR XE . 73.81 -12.22 -34.08
C40 BCR XE . 75.87 -13.19 -35.07
C1 LMG YE . 87.92 -40.72 -16.88
O1 LMG YE . 88.94 -39.88 -16.46
C2 LMG YE . 86.59 -40.21 -16.33
O2 LMG YE . 86.65 -40.22 -14.93
C3 LMG YE . 85.51 -41.16 -16.86
O3 LMG YE . 84.27 -40.72 -16.34
C4 LMG YE . 85.53 -41.23 -18.39
O4 LMG YE . 85.17 -39.97 -18.91
C5 LMG YE . 86.94 -41.63 -18.82
O5 LMG YE . 86.07 -42.23 -20.94
C6 LMG YE . 87.16 -41.59 -20.32
O6 LMG YE . 87.90 -40.75 -18.28
C7 LMG YE . 89.17 -38.76 -17.28
C8 LMG YE . 90.58 -38.27 -16.98
C9 LMG YE . 91.68 -39.23 -17.39
O7 LMG YE . 90.70 -37.04 -17.69
C10 LMG YE . 90.04 -35.96 -17.25
O9 LMG YE . 89.71 -35.81 -16.10
C11 LMG YE . 89.79 -35.01 -18.37
C12 LMG YE . 91.06 -34.25 -18.77
C13 LMG YE . 90.75 -32.97 -19.52
C14 LMG YE . 89.86 -32.04 -18.72
C15 LMG YE . 90.24 -30.58 -18.85
C16 LMG YE . 90.56 -30.19 -20.29
C17 LMG YE . 91.08 -28.76 -20.44
C18 LMG YE . 90.21 -27.72 -19.78
C19 LMG YE . 90.53 -26.28 -20.18
C20 LMG YE . 90.56 -26.08 -21.68
C21 LMG YE . 90.05 -24.72 -22.12
C22 LMG YE . 90.43 -23.59 -21.16
C23 LMG YE . 90.20 -22.19 -21.72
C24 LMG YE . 88.75 -21.92 -22.13
C25 LMG YE . 88.47 -20.49 -22.54
C26 LMG YE . 88.49 -19.48 -21.39
C27 LMG YE . 88.06 -18.09 -21.84
O8 LMG YE . 92.85 -38.47 -17.69
C28 LMG YE . 93.67 -38.10 -16.70
O10 LMG YE . 93.42 -38.23 -15.54
C29 LMG YE . 94.95 -37.52 -17.25
C30 LMG YE . 95.19 -36.07 -16.89
C31 LMG YE . 94.54 -35.09 -17.87
C32 LMG YE . 95.02 -33.65 -17.66
C33 LMG YE . 94.80 -32.74 -18.86
C34 LMG YE . 95.50 -31.40 -18.78
C35 LMG YE . 94.80 -30.42 -17.85
C36 LMG YE . 95.58 -29.12 -17.63
C37 LMG YE . 94.97 -28.19 -16.59
C38 LMG YE . 93.73 -27.42 -17.04
C39 LMG YE . 94.02 -26.54 -18.25
C40 LMG YE . 95.08 -25.47 -18.01
C41 LMG YE . 94.56 -24.25 -17.27
C42 LMG YE . 94.52 -23.00 -18.14
C43 LMG YE . 93.57 -23.08 -19.32
C44 LMG YE . 93.62 -21.86 -20.25
C45 LMG YE . 93.34 -20.54 -19.54
C1 BCR ZE . 34.89 -23.47 -68.24
C2 BCR ZE . 34.61 -24.87 -67.66
C3 BCR ZE . 35.84 -25.52 -67.11
C4 BCR ZE . 36.87 -25.69 -68.21
C5 BCR ZE . 37.05 -24.47 -69.07
C6 BCR ZE . 36.13 -23.48 -69.13
C7 BCR ZE . 36.36 -22.21 -69.83
C8 BCR ZE . 36.37 -22.03 -71.17
C9 BCR ZE . 36.61 -20.77 -71.85
C10 BCR ZE . 36.64 -20.78 -73.20
C11 BCR ZE . 36.86 -19.66 -74.08
C33 BCR ZE . 38.43 -24.37 -69.64
C31 BCR ZE . 35.08 -22.47 -67.09
C32 BCR ZE . 33.65 -23.05 -69.05
C34 BCR ZE . 36.80 -19.54 -71.01
C12 BCR ZE . 36.75 -19.76 -75.42
C13 BCR ZE . 36.95 -18.69 -76.38
C14 BCR ZE . 36.54 -18.91 -77.66
C15 BCR ZE . 36.63 -18.01 -78.77
C16 BCR ZE . 36.02 -18.26 -79.96
C17 BCR ZE . 36.11 -17.37 -81.08
C18 BCR ZE . 35.49 -17.50 -82.27
C19 BCR ZE . 35.72 -16.48 -83.28
C35 BCR ZE . 37.60 -17.42 -75.90
C36 BCR ZE . 34.58 -18.64 -82.63
MG CLA AF . 35.25 -24.34 -77.48
CHA CLA AF . 32.32 -24.93 -79.26
CHB CLA AF . 36.14 -21.97 -79.75
CHC CLA AF . 38.12 -23.81 -75.68
CHD CLA AF . 34.27 -26.84 -75.17
NA CLA AF . 34.34 -23.58 -79.21
C1A CLA AF . 33.12 -23.94 -79.79
C2A CLA AF . 32.84 -23.13 -81.05
C3A CLA AF . 34.09 -22.22 -81.18
C4A CLA AF . 34.93 -22.59 -79.97
CMA CLA AF . 34.83 -22.45 -82.46
CAA CLA AF . 31.58 -22.29 -80.89
CBA CLA AF . 31.73 -20.90 -81.49
CGA CLA AF . 30.51 -20.08 -81.22
O1A CLA AF . 30.01 -19.78 -80.13
O2A CLA AF . 29.89 -19.65 -82.35
NB CLA AF . 36.80 -23.07 -77.64
C1B CLA AF . 37.03 -22.24 -78.68
C2B CLA AF . 38.39 -21.64 -78.57
C3B CLA AF . 38.95 -22.15 -77.42
C4B CLA AF . 37.95 -23.08 -76.81
CMB CLA AF . 38.94 -20.71 -79.55
CAB CLA AF . 40.25 -21.94 -76.83
CBB CLA AF . 41.41 -22.06 -77.47
NC CLA AF . 36.04 -25.17 -75.74
C1C CLA AF . 37.22 -24.79 -75.17
C2C CLA AF . 37.47 -25.56 -73.95
C3C CLA AF . 36.38 -26.43 -73.82
C4C CLA AF . 35.49 -26.18 -74.93
CMC CLA AF . 38.65 -25.41 -73.10
CAC CLA AF . 36.18 -27.41 -72.74
CBC CLA AF . 35.25 -26.89 -71.66
ND CLA AF . 33.72 -25.65 -77.24
C1D CLA AF . 33.43 -26.61 -76.24
C2D CLA AF . 32.15 -27.27 -76.56
C3D CLA AF . 31.69 -26.67 -77.71
C4D CLA AF . 32.69 -25.65 -78.09
CMD CLA AF . 31.55 -28.35 -75.78
CAD CLA AF . 30.64 -26.65 -78.71
OBD CLA AF . 29.65 -27.35 -78.81
CBD CLA AF . 30.98 -25.49 -79.70
CGD CLA AF . 31.03 -25.97 -81.13
O1D CLA AF . 30.15 -25.89 -81.98
O2D CLA AF . 32.21 -26.56 -81.48
CED CLA AF . 32.15 -27.72 -82.32
MG CLA BF . 23.35 -24.39 -63.03
CHA CLA BF . 24.26 -26.41 -60.35
CHB CLA BF . 20.42 -26.10 -63.32
CHC CLA BF . 22.50 -22.38 -65.69
CHD CLA BF . 26.41 -22.66 -62.71
NA CLA BF . 22.50 -25.98 -61.98
C1A CLA BF . 23.04 -26.68 -60.89
C2A CLA BF . 22.06 -27.77 -60.41
C3A CLA BF . 20.87 -27.65 -61.39
C4A CLA BF . 21.27 -26.49 -62.29
CMA CLA BF . 20.66 -28.92 -62.17
CAA CLA BF . 21.61 -27.50 -58.99
CBA CLA BF . 20.54 -28.49 -58.54
CGA CLA BF . 19.67 -27.85 -57.51
O1A CLA BF . 18.43 -27.85 -57.45
O2A CLA BF . 20.36 -27.21 -56.53
NB CLA BF . 21.75 -24.24 -64.24
C1B CLA BF . 20.67 -25.07 -64.23
C2B CLA BF . 19.77 -24.73 -65.37
C3B CLA BF . 20.35 -23.68 -66.04
C4B CLA BF . 21.62 -23.35 -65.34
CMB CLA BF . 18.52 -25.45 -65.62
CAB CLA BF . 19.88 -22.98 -67.22
CBB CLA BF . 19.62 -21.68 -67.28
NC CLA BF . 24.28 -22.80 -64.00
C1C CLA BF . 23.75 -22.11 -65.06
C2C CLA BF . 24.66 -21.05 -65.48
C3C CLA BF . 25.77 -21.13 -64.65
C4C CLA BF . 25.53 -22.24 -63.71
CMC CLA BF . 24.42 -20.12 -66.58
CAC CLA BF . 26.98 -20.28 -64.68
CBC CLA BF . 28.08 -20.93 -65.48
ND CLA BF . 24.98 -24.45 -61.86
C1D CLA BF . 26.18 -23.69 -61.83
C2D CLA BF . 27.06 -24.19 -60.75
C3D CLA BF . 26.38 -25.24 -60.15
C4D CLA BF . 25.09 -25.36 -60.87
CMD CLA BF . 28.37 -23.65 -60.42
CAD CLA BF . 26.40 -26.26 -59.12
OBD CLA BF . 27.27 -26.52 -58.29
CBD CLA BF . 25.04 -27.04 -59.23
CGD CLA BF . 25.27 -28.50 -59.48
O1D CLA BF . 26.18 -29.03 -60.13
O2D CLA BF . 24.33 -29.32 -58.91
CED CLA BF . 24.48 -30.73 -59.08
C1 CLA BF . 19.58 -26.47 -55.56
C2 CLA BF . 20.54 -25.71 -54.72
C3 CLA BF . 20.14 -24.85 -53.78
C4 CLA BF . 18.71 -24.58 -53.50
C5 CLA BF . 21.13 -24.10 -52.95
CAA F6C CF . 18.97 -19.48 0.10
CAB F6C CF . 26.11 -14.47 4.61
CAC F6C CF . 26.95 -12.89 -3.18
CAD F6C CF . 19.99 -17.03 -4.01
NA F6C CF . 21.59 -17.03 0.57
CBA F6C CF . 17.53 -19.37 -0.32
CBB F6C CF . 27.38 -14.21 4.28
CBC F6C CF . 27.87 -13.85 -3.91
CBD F6C CF . 19.39 -17.45 -2.63
NB F6C CF . 23.86 -15.69 1.90
OBD F6C CF . 19.41 -17.19 -5.08
CGA F6C CF . 16.68 -18.86 0.80
CGD F6C CF . 18.13 -16.67 -2.34
ND F6C CF . 22.73 -16.08 -1.96
CED F6C CF . 15.75 -16.63 -2.53
CHA F6C CF . 20.44 -17.17 -1.58
CHB F6C CF . 22.15 -17.09 2.98
CHC F6C CF . 25.80 -14.22 1.53
CHD F6C CF . 24.40 -14.72 -3.14
CMA F6C CF . 19.31 -17.89 3.17
CMB F6C CF . 23.71 -16.39 5.53
CMC F6C CF . 27.81 -12.57 -0.14
CMD F6C CF . 22.67 -15.44 -5.67
OMB F6C CF . 23.59 -17.60 5.74
C1 F6C CF . 15.28 -17.00 1.46
C1A F6C CF . 20.50 -17.42 -0.23
C1B F6C CF . 23.29 -16.27 2.97
C1C F6C CF . 25.77 -14.16 0.11
C1D F6C CF . 23.26 -15.50 -3.14
O1A F6C CF . 16.68 -19.26 1.96
O1D F6C CF . 18.02 -15.62 -1.71
C2 F6C CF . 16.40 -16.17 1.97
C2A F6C CF . 19.46 -18.16 0.64
C2B F6C CF . 24.05 -15.91 4.20
C2C F6C CF . 26.71 -13.36 -0.68
C2D F6C CF . 22.39 -15.81 -4.28
O2A F6C CF . 15.83 -17.85 0.43
O2D F6C CF . 17.00 -17.24 -2.86
C3 F6C CF . 16.33 -15.39 3.07
C3A F6C CF . 20.18 -18.31 2.01
C3B F6C CF . 25.09 -15.09 3.80
C3C F6C CF . 26.32 -13.52 -2.01
C3D F6C CF . 21.28 -16.42 -3.74
C4 F6C CF . 17.50 -14.60 3.50
C4A F6C CF . 21.39 -17.41 1.87
C4B F6C CF . 24.97 -14.93 2.33
C4C F6C CF . 25.16 -14.39 -2.02
C4D F6C CF . 21.53 -16.54 -2.29
C5 F6C CF . 15.10 -15.28 3.90
C6 F6C CF . 14.60 -13.86 4.06
C7 F6C CF . 14.86 -13.28 5.44
C8 F6C CF . 14.07 -12.00 5.70
C9 F6C CF . 12.59 -12.24 5.49
C10 F6C CF . 14.53 -10.85 4.82
C11 F6C CF . 13.84 -9.56 5.21
C12 F6C CF . 14.40 -8.34 4.50
C13 F6C CF . 13.80 -7.06 5.04
C14 F6C CF . 13.01 -6.33 3.97
C15 F6C CF . 14.84 -6.13 5.65
NC F6C CF . 24.86 -14.77 -0.70
MG F6C CF . 23.28 -15.94 -0.02
C16 F6C CF . 15.67 -5.45 4.58
C17 F6C CF . 16.90 -4.78 5.18
C18 F6C CF . 17.75 -4.04 4.16
C19 F6C CF . 17.65 -4.63 2.77
C20 F6C CF . 17.40 -2.56 4.13
MG CLA DF . 1.64 2.11 -18.08
CHA CLA DF . -0.77 2.29 -15.58
CHB CLA DF . 2.79 -0.79 -16.77
CHC CLA DF . 4.01 2.01 -20.57
CHD CLA DF . 0.35 5.11 -19.45
NA CLA DF . 1.08 0.95 -16.43
C1A CLA DF . 0.05 1.18 -15.52
C2A CLA DF . -0.02 0.07 -14.47
C3A CLA DF . 1.13 -0.89 -14.88
C4A CLA DF . 1.73 -0.21 -16.11
CMA CLA DF . 2.15 -1.05 -13.77
CAA CLA DF . -1.36 -0.65 -14.49
CBA CLA DF . -1.63 -1.35 -15.81
CGA CLA DF . -2.31 -0.42 -16.76
O1A CLA DF . -3.33 0.26 -16.61
O2A CLA DF . -1.67 -0.33 -17.97
NB CLA DF . 3.12 0.85 -18.58
C1B CLA DF . 3.44 -0.29 -17.92
C2B CLA DF . 4.60 -0.95 -18.58
C3B CLA DF . 4.95 -0.16 -19.65
C4B CLA DF . 4.01 1.00 -19.66
CMB CLA DF . 5.17 -2.20 -18.07
CAB CLA DF . 5.99 -0.31 -20.63
CBB CLA DF . 6.49 -1.46 -21.10
NC CLA DF . 2.08 3.34 -19.71
C1C CLA DF . 3.10 3.11 -20.60
C2C CLA DF . 3.14 4.17 -21.61
C3C CLA DF . 2.09 5.04 -21.29
C4C CLA DF . 1.44 4.51 -20.10
CMC CLA DF . 4.08 4.25 -22.71
CAC CLA DF . 1.72 6.27 -22.01
CBC CLA DF . 0.40 6.14 -22.74
ND CLA DF . 0.16 3.43 -17.67
C1D CLA DF . -0.26 4.62 -18.32
C2D CLA DF . -1.41 5.19 -17.58
C3D CLA DF . -1.64 4.34 -16.51
C4D CLA DF . -0.64 3.26 -16.62
CMD CLA DF . -2.10 6.42 -17.97
CAD CLA DF . -2.47 4.06 -15.35
OBD CLA DF . -3.41 4.70 -14.90
CBD CLA DF . -1.92 2.75 -14.72
CGD CLA DF . -1.50 2.95 -13.30
O1D CLA DF . -0.62 3.69 -12.86
O2D CLA DF . -2.21 2.20 -12.40
CED CLA DF . -2.25 2.64 -11.04
C1 CLA DF . -1.99 0.81 -18.80
C2 CLA DF . -1.01 0.80 -19.92
C3 CLA DF . -1.08 1.68 -20.93
C4 CLA DF . -2.13 2.71 -21.03
C5 CLA DF . -0.07 1.65 -22.04
C6 CLA DF . 0.93 0.51 -21.90
C7 CLA DF . 1.91 0.52 -23.05
C8 CLA DF . 2.94 -0.60 -22.94
C9 CLA DF . 3.83 -0.62 -24.16
C10 CLA DF . 2.25 -1.94 -22.74
C11 CLA DF . 3.13 -3.12 -23.10
C12 CLA DF . 2.36 -4.41 -23.02
C13 CLA DF . 3.12 -5.55 -23.69
C14 CLA DF . 2.93 -5.52 -25.19
C15 CLA DF . 2.67 -6.91 -23.14
C16 CLA DF . 3.31 -7.16 -21.78
C17 CLA DF . 2.32 -7.75 -20.80
C18 CLA DF . 1.98 -9.20 -21.12
C19 CLA DF . 3.25 -10.03 -21.27
C20 CLA DF . 1.11 -9.78 -20.03
MG CLA EF . 13.45 -0.84 -15.58
CHA CLA EF . 10.84 1.07 -16.83
CHB CLA EF . 12.18 -3.58 -17.16
CHC CLA EF . 16.07 -2.69 -14.36
CHD CLA EF . 14.70 2.03 -13.95
NA CLA EF . 11.79 -1.18 -16.80
C1A CLA EF . 10.82 -0.24 -17.21
C2A CLA EF . 9.79 -0.89 -18.13
C3A CLA EF . 10.19 -2.38 -18.13
C4A CLA EF . 11.50 -2.40 -17.33
CMA CLA EF . 9.12 -3.24 -17.50
CAA CLA EF . 9.94 -0.32 -19.53
CBA CLA EF . 11.19 -0.84 -20.23
CGA CLA EF . 11.84 0.21 -21.08
O1A CLA EF . 11.32 1.13 -21.69
O2A CLA EF . 13.20 0.06 -21.15
NB CLA EF . 14.00 -2.77 -15.69
C1B CLA EF . 13.37 -3.73 -16.43
C2B CLA EF . 14.14 -5.01 -16.34
C3B CLA EF . 15.23 -4.77 -15.55
C4B CLA EF . 15.16 -3.33 -15.13
CMB CLA EF . 13.73 -6.23 -17.03
CAB CLA EF . 16.30 -5.65 -15.16
CBB CLA EF . 16.42 -6.17 -13.94
NC CLA EF . 15.09 -0.40 -14.38
C1C CLA EF . 16.05 -1.30 -14.01
C2C CLA EF . 17.06 -0.64 -13.19
C3C CLA EF . 16.66 0.70 -13.07
C4C CLA EF . 15.43 0.84 -13.82
CMC CLA EF . 18.24 -1.30 -12.61
CAC CLA EF . 17.36 1.76 -12.34
CBC CLA EF . 18.09 2.69 -13.28
ND CLA EF . 12.99 1.13 -15.46
C1D CLA EF . 13.56 2.19 -14.70
C2D CLA EF . 12.73 3.40 -14.88
C3D CLA EF . 11.67 3.03 -15.70
C4D CLA EF . 11.88 1.60 -16.00
CMD CLA EF . 13.02 4.71 -14.29
CAD CLA EF . 10.47 3.45 -16.38
OBD CLA EF . 9.97 4.57 -16.47
CBD CLA EF . 9.86 2.19 -17.05
CGD CLA EF . 8.56 1.83 -16.39
O1D CLA EF . 8.38 1.61 -15.19
O2D CLA EF . 7.49 1.76 -17.21
CED CLA EF . 6.29 1.21 -16.65
C1 CLA EF . 13.90 0.99 -22.02
C2 CLA EF . 15.31 0.53 -22.13
C3 CLA EF . 16.34 1.38 -22.29
C4 CLA EF . 16.15 2.85 -22.35
C5 CLA EF . 17.74 0.88 -22.38
C6 CLA EF . 17.98 -0.05 -23.57
C7 CLA EF . 17.71 0.64 -24.89
C8 CLA EF . 18.55 0.07 -26.03
C9 CLA EF . 18.96 1.18 -26.97
C10 CLA EF . 17.80 -1.03 -26.76
C11 CLA EF . 18.18 -1.16 -28.21
C12 CLA EF . 17.83 -2.52 -28.77
C13 CLA EF . 17.46 -2.45 -30.25
C14 CLA EF . 17.26 -3.83 -30.83
C15 CLA EF . 18.49 -1.68 -31.07
CAA F6C FF . 4.92 -17.08 -15.13
CAB F6C FF . 14.08 -14.80 -15.69
CAC F6C FF . 10.18 -8.36 -18.27
CAD F6C FF . 3.47 -12.40 -15.88
NA F6C FF . 7.55 -14.84 -14.93
CBA F6C FF . 4.19 -18.19 -14.40
CBB F6C FF . 15.05 -15.18 -14.87
CBC F6C FF . 10.17 -7.22 -17.31
CBD F6C FF . 3.82 -13.77 -15.20
NB F6C FF . 10.41 -14.23 -15.32
OBD F6C FF . 2.34 -11.99 -16.04
CGA F6C FF . 3.37 -18.97 -15.36
CGD F6C FF . 3.35 -13.79 -13.78
ND F6C FF . 7.01 -12.27 -16.22
CED F6C FF . 1.54 -14.25 -12.31
CHA F6C FF . 5.32 -13.92 -15.27
CHB F6C FF . 9.45 -16.28 -14.34
CHC F6C FF . 12.02 -12.61 -16.28
CHD F6C FF . 7.85 -10.18 -17.24
CMA F6C FF . 7.20 -17.14 -12.35
CMB F6C FF . 12.37 -17.24 -14.41
CMC F6C FF . 12.86 -9.94 -17.59
CMD F6C FF . 4.75 -9.49 -17.40
OMB F6C FF . 12.34 -18.19 -15.19
C1 F6C FF . 1.47 -18.03 -14.20
C1A F6C FF . 6.16 -14.91 -14.83
C1B F6C FF . 10.51 -15.49 -14.83
C1C F6C FF . 11.10 -11.61 -16.69
C1D F6C FF . 6.81 -10.99 -16.81
O1A F6C FF . 3.73 -19.53 -16.39
O1D F6C FF . 3.92 -13.34 -12.79
C2 F6C FF . 0.97 -16.97 -15.11
C2A F6C FF . 5.72 -16.22 -14.17
C2B F6C FF . 11.93 -15.93 -14.86
C2C F6C FF . 11.48 -10.35 -17.32
C2D F6C FF . 5.35 -10.71 -16.85
O2A F6C FF . 2.04 -19.07 -15.02
O2D F6C FF . 2.15 -14.40 -13.59
C3 F6C FF . -0.16 -16.27 -14.86
C3A F6C FF . 7.06 -16.92 -13.83
C3B F6C FF . 12.66 -14.90 -15.41
C3C F6C FF . 10.30 -9.68 -17.62
C3D F6C FF . 4.73 -11.80 -16.26
C4 F6C FF . -0.99 -16.52 -13.66
C4A F6C FF . 8.11 -15.96 -14.40
C4B F6C FF . 11.70 -13.80 -15.70
C4C F6C FF . 9.20 -10.52 -17.15
C4D F6C FF . 5.82 -12.73 -15.89
C5 F6C FF . -0.61 -15.22 -15.81
C6 F6C FF . -2.12 -15.05 -15.84
C7 F6C FF . -2.51 -13.85 -16.66
C8 F6C FF . -1.89 -12.57 -16.11
C9 F6C FF . -2.64 -12.11 -14.87
C10 F6C FF . -1.89 -11.46 -17.15
C11 F6C FF . -0.72 -10.52 -16.94
C12 F6C FF . -1.19 -9.14 -16.54
C13 F6C FF . -0.22 -8.08 -17.06
C14 F6C FF . 1.09 -8.12 -16.29
C15 F6C FF . -0.82 -6.68 -16.99
NC F6C FF . 9.73 -11.69 -16.59
MG F6C FF . 8.69 -13.29 -15.74
C16 F6C FF . -0.26 -5.80 -18.09
C17 F6C FF . -0.53 -4.33 -17.81
C18 F6C FF . -0.09 -3.44 -18.96
C19 F6C FF . 1.31 -3.79 -19.43
C20 F6C FF . -1.07 -3.55 -20.12
C1 BCR GF . 35.17 1.89 5.39
C2 BCR GF . 36.17 2.71 6.20
C3 BCR GF . 35.70 4.13 6.40
C4 BCR GF . 35.56 4.81 5.04
C5 BCR GF . 34.95 3.96 3.96
C6 BCR GF . 34.74 2.64 4.12
C7 BCR GF . 33.84 1.86 3.25
C8 BCR GF . 32.56 2.17 2.98
C9 BCR GF . 31.65 1.43 2.13
C10 BCR GF . 30.59 2.10 1.60
C11 BCR GF . 29.57 1.59 0.75
C33 BCR GF . 34.94 4.66 2.64
C31 BCR GF . 33.95 1.56 6.26
C32 BCR GF . 35.87 0.57 5.02
C34 BCR GF . 31.93 -0.02 1.88
C12 BCR GF . 28.69 2.42 0.12
C13 BCR GF . 27.60 2.00 -0.74
C14 BCR GF . 26.70 2.95 -1.11
C15 BCR GF . 25.54 2.81 -1.93
C16 BCR GF . 24.90 3.87 -2.48
C17 BCR GF . 23.73 3.75 -3.29
C18 BCR GF . 23.14 4.71 -4.05
C19 BCR GF . 21.94 4.36 -4.76
C20 BCR GF . 21.32 5.10 -5.71
C21 BCR GF . 20.10 4.67 -6.35
C22 BCR GF . 19.45 5.26 -7.38
C23 BCR GF . 18.22 4.65 -7.84
C24 BCR GF . 17.69 4.75 -9.08
C25 BCR GF . 16.43 4.14 -9.55
C26 BCR GF . 16.00 2.91 -9.21
C27 BCR GF . 14.59 2.46 -9.48
C28 BCR GF . 13.62 3.60 -9.67
C29 BCR GF . 14.18 4.57 -10.67
C30 BCR GF . 15.54 5.15 -10.27
C35 BCR GF . 27.53 0.57 -1.17
C36 BCR GF . 23.67 6.10 -4.19
C37 BCR GF . 19.93 6.51 -8.06
C38 BCR GF . 16.88 1.75 -8.82
C39 BCR GF . 15.34 6.39 -9.38
C40 BCR GF . 16.22 5.60 -11.57
C1 BCR HF . 18.55 -0.95 20.65
C2 BCR HF . 20.02 -0.62 20.90
C3 BCR HF . 20.23 0.77 21.46
C4 BCR HF . 19.70 1.79 20.48
C5 BCR HF . 18.33 1.47 19.95
C6 BCR HF . 17.85 0.21 19.94
C7 BCR HF . 16.44 -0.06 19.59
C8 BCR HF . 15.99 -0.31 18.35
C9 BCR HF . 14.62 -0.57 17.97
C10 BCR HF . 14.41 -1.15 16.76
C11 BCR HF . 13.14 -1.47 16.16
C33 BCR HF . 17.45 2.69 19.88
C31 BCR HF . 17.85 -1.24 21.98
C32 BCR HF . 18.51 -2.23 19.79
C34 BCR HF . 13.53 -0.18 18.91
C12 BCR HF . 13.06 -1.98 14.91
C13 BCR HF . 11.84 -2.30 14.22
C14 BCR HF . 11.93 -2.44 12.87
C15 BCR HF . 10.88 -2.72 11.95
C16 BCR HF . 11.08 -2.64 10.62
C17 BCR HF . 10.06 -2.88 9.66
C18 BCR HF . 10.21 -3.14 8.34
C19 BCR HF . 9.01 -3.32 7.56
C20 BCR HF . 8.96 -3.48 6.22
C21 BCR HF . 7.70 -3.64 5.56
C22 BCR HF . 7.47 -4.00 4.28
C23 BCR HF . 6.10 -4.08 3.86
C24 BCR HF . 5.67 -4.36 2.61
C25 BCR HF . 4.28 -4.45 2.20
C26 BCR HF . 3.54 -3.37 1.83
C27 BCR HF . 2.21 -3.50 1.13
C28 BCR HF . 1.98 -4.86 0.51
C29 BCR HF . 2.37 -5.95 1.49
C30 BCR HF . 3.84 -5.89 1.88
C35 BCR HF . 10.57 -2.43 15.00
C36 BCR HF . 11.54 -3.21 7.64
C37 BCR HF . 8.55 -4.32 3.29
C38 BCR HF . 4.01 -1.95 1.91
C39 BCR HF . 4.76 -6.43 0.78
C40 BCR HF . 4.03 -6.78 3.11
C1 LMG IF . 3.89 -24.05 -11.93
O1 LMG IF . 4.75 -24.27 -12.98
C2 LMG IF . 3.61 -25.38 -11.24
O2 LMG IF . 2.99 -26.22 -12.17
C3 LMG IF . 2.71 -25.09 -10.05
O3 LMG IF . 2.40 -26.32 -9.43
C4 LMG IF . 3.41 -24.11 -9.10
O4 LMG IF . 4.57 -24.72 -8.62
C5 LMG IF . 3.72 -22.84 -9.91
O5 LMG IF . 3.88 -21.64 -7.87
C6 LMG IF . 4.51 -21.81 -9.12
O6 LMG IF . 4.51 -23.16 -11.03
C7 LMG IF . 4.81 -23.22 -13.93
C8 LMG IF . 4.83 -23.87 -15.31
C9 LMG IF . 3.47 -24.24 -15.85
O7 LMG IF . 5.45 -22.90 -16.15
C10 LMG IF . 6.76 -22.63 -16.03
O9 LMG IF . 7.55 -23.39 -15.54
C11 LMG IF . 7.07 -21.27 -16.58
C12 LMG IF . 8.53 -21.19 -17.06
C13 LMG IF . 9.09 -19.78 -16.99
C14 LMG IF . 8.31 -18.79 -17.85
C15 LMG IF . 8.95 -17.42 -17.90
C16 LMG IF . 8.05 -16.36 -18.54
C17 LMG IF . 8.74 -15.03 -18.76
C18 LMG IF . 7.86 -14.00 -19.47
C19 LMG IF . 8.59 -12.71 -19.83
C20 LMG IF . 7.92 -11.94 -20.96
C21 LMG IF . 6.72 -11.13 -20.48
C22 LMG IF . 6.86 -9.64 -20.75
C23 LMG IF . 7.08 -9.29 -22.22
O8 LMG IF . 2.89 -25.25 -15.04
C28 LMG IF . 2.16 -26.20 -15.61
O10 LMG IF . 2.33 -26.55 -16.76
C29 LMG IF . 1.15 -26.78 -14.67
C30 LMG IF . 0.09 -27.66 -15.31
C31 LMG IF . -1.26 -26.98 -15.49
C32 LMG IF . -1.41 -26.33 -16.87
C33 LMG IF . -0.98 -24.87 -16.93
C34 LMG IF . -1.03 -24.25 -18.33
C35 LMG IF . -1.00 -22.73 -18.30
C36 LMG IF . 0.41 -22.15 -18.31
C37 LMG IF . 0.56 -20.92 -19.20
C38 LMG IF . 1.76 -20.04 -18.90
C39 LMG IF . 1.59 -18.62 -19.44
C40 LMG IF . 2.59 -17.63 -18.84
C41 LMG IF . 2.54 -16.26 -19.47
C42 LMG IF . 3.62 -15.32 -18.94
C43 LMG IF . 3.57 -13.91 -19.53
C44 LMG IF . 2.26 -13.17 -19.25
O1 LHG JF . 6.25 12.11 -30.37
C1 LHG JF . 7.06 12.30 -29.24
C2 LHG JF . 6.26 12.97 -28.13
O2 LHG JF . 7.12 13.25 -27.05
C3 LHG JF . 5.05 12.13 -27.74
O3 LHG JF . 4.16 12.86 -26.91
P LHG JF . 2.54 12.78 -27.15
O4 LHG JF . 2.21 13.43 -28.48
O5 LHG JF . 1.80 13.16 -25.92
O6 LHG JF . 2.44 11.17 -27.41
C4 LHG JF . 1.34 10.61 -28.12
C5 LHG JF . 0.95 9.31 -27.43
C6 LHG JF . -0.26 8.63 -28.06
O7 LHG JF . 2.09 8.46 -27.57
C7 LHG JF . 2.21 7.40 -26.79
O9 LHG JF . 1.85 7.36 -25.65
C8 LHG JF . 2.86 6.22 -27.48
C9 LHG JF . 2.88 4.89 -26.75
C10 LHG JF . 3.91 3.92 -27.34
O8 LHG JF . 0.16 8.14 -29.33
C23 LHG JF . -0.74 8.06 -30.31
O10 LHG JF . -0.92 8.94 -31.11
C24 LHG JF . -1.48 6.75 -30.27
C11 LHG JF . 3.89 2.55 -26.67
C12 LHG JF . 2.77 1.64 -27.16
C13 LHG JF . 2.99 1.11 -28.58
C14 LHG JF . 4.23 0.23 -28.72
C15 LHG JF . 4.11 -1.12 -28.01
C16 LHG JF . 3.61 -2.26 -28.89
C17 LHG JF . 2.73 -3.24 -28.12
C18 LHG JF . 1.24 -3.05 -28.37
C19 LHG JF . 0.37 -3.79 -27.37
C20 LHG JF . 0.15 -3.03 -26.07
C21 LHG JF . -0.71 -1.78 -26.21
C22 LHG JF . -0.95 -1.03 -24.92
C25 LHG JF . -2.26 6.47 -31.55
C26 LHG JF . -2.98 5.13 -31.55
C27 LHG JF . -3.46 4.73 -32.94
C28 LHG JF . -4.59 3.69 -32.91
C29 LHG JF . -4.13 2.27 -32.61
C30 LHG JF . -5.23 1.22 -32.78
C31 LHG JF . -4.69 -0.21 -32.87
C32 LHG JF . -5.00 -0.87 -34.20
C33 LHG JF . -4.41 -2.26 -34.34
C34 LHG JF . -5.03 -3.05 -35.49
C35 LHG JF . -4.25 -4.30 -35.88
C36 LHG JF . -3.91 -5.18 -34.68
C37 LHG JF . -3.19 -6.48 -35.04
C38 LHG JF . -2.38 -7.08 -33.90
C1 LFA KF . 13.78 -25.00 -15.59
C2 LFA KF . 12.92 -24.03 -16.39
C3 LFA KF . 13.73 -22.86 -16.96
C4 LFA KF . 12.86 -21.71 -17.46
C5 LFA KF . 13.68 -20.49 -17.88
C6 LFA KF . 12.83 -19.23 -18.02
C7 LFA KF . 13.61 -18.03 -18.56
C8 LFA KF . 12.78 -16.76 -18.55
C9 LFA KF . 13.44 -15.60 -19.31
C10 LFA KF . 12.55 -14.37 -19.39
C11 LFA KF . 13.12 -13.25 -20.25
C12 LFA KF . 12.13 -12.11 -20.48
C13 LFA KF . 12.64 -11.04 -21.43
C14 LFA KF . 11.58 -9.99 -21.75
C15 LFA KF . 12.06 -8.92 -22.73
C1 BCR LF . 7.91 -6.11 -25.89
C2 BCR LF . 7.50 -5.74 -27.32
C3 BCR LF . 8.31 -4.59 -27.88
C4 BCR LF . 8.13 -3.37 -27.00
C5 BCR LF . 8.25 -3.64 -25.53
C6 BCR LF . 8.03 -4.86 -25.02
C7 BCR LF . 8.28 -5.14 -23.60
C8 BCR LF . 7.38 -5.01 -22.61
C9 BCR LF . 7.59 -5.27 -21.21
C10 BCR LF . 6.51 -5.42 -20.41
C11 BCR LF . 6.49 -5.65 -19.01
C33 BCR LF . 9.08 -2.58 -24.84
C31 BCR LF . 9.24 -6.87 -25.91
C32 BCR LF . 6.83 -7.05 -25.35
C34 BCR LF . 9.01 -5.34 -20.70
C12 BCR LF . 5.34 -5.67 -18.30
C13 BCR LF . 5.22 -5.86 -16.87
C14 BCR LF . 4.04 -5.49 -16.31
C15 BCR LF . 3.67 -5.54 -14.93
C16 BCR LF . 2.52 -4.99 -14.50
C17 BCR LF . 2.13 -4.99 -13.12
C18 BCR LF . 0.89 -4.76 -12.60
C19 BCR LF . 0.75 -4.80 -11.18
C20 BCR LF . -0.33 -4.42 -10.48
C21 BCR LF . -0.37 -4.48 -9.06
C22 BCR LF . -1.45 -4.45 -8.24
C23 BCR LF . -1.19 -4.51 -6.81
C24 BCR LF . -2.11 -4.41 -5.85
C25 BCR LF . -1.84 -4.48 -4.41
C26 BCR LF . -1.37 -3.45 -3.68
C27 BCR LF . -1.36 -3.45 -2.18
C28 BCR LF . -2.29 -4.48 -1.57
C29 BCR LF . -2.09 -5.81 -2.27
C30 BCR LF . -2.39 -5.75 -3.77
C35 BCR LF . 6.38 -6.41 -16.11
C36 BCR LF . -0.32 -4.47 -13.43
C37 BCR LF . -2.87 -4.34 -8.72
C38 BCR LF . -1.04 -2.09 -4.25
C39 BCR LF . -3.90 -5.82 -4.03
C40 BCR LF . -1.77 -7.00 -4.41
CA CA MF . 16.10 -26.88 -2.83
C1 BCR NF . 37.30 0.99 15.64
C2 BCR NF . 37.38 2.31 14.87
C3 BCR NF . 38.67 3.05 15.12
C4 BCR NF . 38.82 3.38 16.59
C5 BCR NF . 38.52 2.21 17.48
C6 BCR NF . 37.77 1.17 17.09
C7 BCR NF . 37.13 0.30 18.09
C8 BCR NF . 37.21 -1.04 18.23
C9 BCR NF . 36.53 -1.75 19.30
C10 BCR NF . 35.26 -2.19 19.11
C11 BCR NF . 34.46 -2.88 20.08
C33 BCR NF . 39.05 2.39 18.87
C31 BCR NF . 38.17 -0.06 14.95
C32 BCR NF . 35.83 0.54 15.55
C34 BCR NF . 37.30 -1.93 20.57
C12 BCR NF . 33.23 -3.41 19.82
C13 BCR NF . 32.42 -4.09 20.82
C14 BCR NF . 31.10 -4.23 20.57
C15 BCR NF . 30.11 -4.83 21.41
C16 BCR NF . 28.86 -5.19 20.99
C17 BCR NF . 27.89 -5.75 21.89
C18 BCR NF . 26.66 -6.25 21.60
C19 BCR NF . 25.87 -6.72 22.71
C20 BCR NF . 24.52 -6.76 22.76
C21 BCR NF . 23.78 -7.21 23.91
C22 BCR NF . 22.43 -7.30 24.03
C23 BCR NF . 21.90 -7.77 25.30
C24 BCR NF . 20.65 -8.18 25.53
C25 BCR NF . 20.11 -8.64 26.83
C26 BCR NF . 20.35 -9.86 27.33
C27 BCR NF . 19.76 -10.33 28.64
C28 BCR NF . 19.12 -9.24 29.47
C29 BCR NF . 18.29 -8.34 28.55
C30 BCR NF . 19.14 -7.65 27.49
C35 BCR NF . 33.09 -4.56 22.08
C36 BCR NF . 26.08 -6.33 20.22
C37 BCR NF . 21.46 -6.95 22.94
C38 BCR NF . 21.38 -10.82 26.79
C39 BCR NF . 19.94 -6.50 28.13
C40 BCR NF . 18.19 -7.06 26.45
O1 LHG OF . 91.90 2.05 10.90
C1 LHG OF . 92.35 2.92 11.90
C2 LHG OF . 91.16 3.55 12.60
O2 LHG OF . 90.50 2.57 13.33
C3 LHG OF . 90.28 4.28 11.59
O3 LHG OF . 89.30 5.08 12.22
P LHG OF . 87.86 4.45 12.74
O4 LHG OF . 86.79 5.49 12.56
O5 LHG OF . 88.03 3.75 14.04
O6 LHG OF . 87.62 3.36 11.54
C4 LHG OF . 87.59 1.97 11.82
C5 LHG OF . 86.14 1.50 11.75
C6 LHG OF . 85.51 1.62 10.37
O7 LHG OF . 86.17 0.14 12.14
C7 LHG OF . 86.15 -0.20 13.43
O9 LHG OF . 86.26 0.60 14.33
C8 LHG OF . 85.96 -1.67 13.64
C9 LHG OF . 84.60 -2.27 13.32
C10 LHG OF . 84.52 -3.77 13.57
O8 LHG OF . 85.42 0.32 9.81
C23 LHG OF . 84.23 -0.26 9.74
O10 LHG OF . 83.36 -0.06 10.56
C24 LHG OF . 84.10 -1.15 8.53
C11 LHG OF . 83.44 -4.44 12.73
C12 LHG OF . 83.00 -5.79 13.29
C13 LHG OF . 82.53 -5.73 14.74
C14 LHG OF . 82.13 -7.08 15.31
C15 LHG OF . 82.49 -7.27 16.78
C16 LHG OF . 82.41 -8.71 17.27
C17 LHG OF . 83.05 -8.91 18.64
C25 LHG OF . 83.57 -2.53 8.84
C26 LHG OF . 82.19 -2.80 8.25
C27 LHG OF . 82.23 -3.43 6.86
C28 LHG OF . 82.21 -4.95 6.91
C29 LHG OF . 81.39 -5.61 5.81
C30 LHG OF . 81.02 -7.07 6.09
C31 LHG OF . 79.75 -7.50 5.39
C32 LHG OF . 79.56 -9.02 5.37
C33 LHG OF . 79.02 -9.60 6.66
C34 LHG OF . 77.50 -9.55 6.74
C35 LHG OF . 76.91 -10.47 7.80
C36 LHG OF . 77.41 -11.90 7.67
C37 LHG OF . 76.85 -12.88 8.70
C38 LHG OF . 77.38 -14.29 8.57
MG CLA PF . 85.27 -18.07 7.07
CHA CLA PF . 84.22 -21.29 7.83
CHB CLA PF . 88.40 -19.24 6.43
CHC CLA PF . 86.23 -14.88 6.23
CHD CLA PF . 82.02 -16.90 7.80
NA CLA PF . 86.14 -19.97 7.13
C1A CLA PF . 85.54 -21.20 7.46
C2A CLA PF . 86.55 -22.34 7.38
C3A CLA PF . 87.87 -21.64 6.99
C4A CLA PF . 87.46 -20.18 6.83
CMA CLA PF . 88.93 -21.81 8.06
CAA CLA PF . 86.14 -23.34 6.30
CBA CLA PF . 87.25 -24.31 5.96
CGA CLA PF . 86.70 -25.53 5.30
O1A CLA PF . 85.77 -26.26 5.68
O2A CLA PF . 87.33 -25.83 4.12
NB CLA PF . 86.99 -17.21 6.47
C1B CLA PF . 88.16 -17.87 6.25
C2B CLA PF . 89.20 -16.91 5.77
C3B CLA PF . 88.59 -15.67 5.71
C4B CLA PF . 87.17 -15.86 6.15
CMB CLA PF . 90.56 -17.31 5.44
CAB CLA PF . 89.09 -14.38 5.31
CBB CLA PF . 90.31 -13.90 5.59
NC CLA PF . 84.29 -16.23 7.03
C1C CLA PF . 84.87 -15.05 6.65
C2C CLA PF . 83.89 -13.97 6.72
C3C CLA PF . 82.70 -14.53 7.16
C4C CLA PF . 82.96 -15.95 7.36
CMC CLA PF . 84.16 -12.57 6.36
CAC CLA PF . 81.42 -13.84 7.40
CBC CLA PF . 80.45 -14.04 6.26
ND CLA PF . 83.50 -18.85 7.67
C1D CLA PF . 82.25 -18.25 7.95
C2D CLA PF . 81.30 -19.29 8.40
C3D CLA PF . 82.00 -20.49 8.35
C4D CLA PF . 83.37 -20.15 7.90
CMD CLA PF . 79.91 -19.05 8.78
CAD CLA PF . 81.95 -21.92 8.56
OBD CLA PF . 81.01 -22.63 8.91
CBD CLA PF . 83.38 -22.48 8.27
CGD CLA PF . 83.97 -23.17 9.47
O1D CLA PF . 84.60 -22.66 10.39
O2D CLA PF . 83.76 -24.51 9.49
CED CLA PF . 83.30 -25.09 10.71
C1 CLA PF . 86.70 -26.83 3.30
C2 CLA PF . 87.51 -28.07 3.41
C3 CLA PF . 88.59 -28.31 2.65
C4 CLA PF . 89.38 -29.55 2.77
C5 CLA PF . 89.05 -27.31 1.62
C6 CLA PF . 90.46 -26.85 1.85
C7 CLA PF . 90.56 -26.00 3.11
C8 CLA PF . 91.93 -25.37 3.29
C9 CLA PF . 93.02 -26.42 3.25
C10 CLA PF . 92.00 -24.59 4.59
MG CL0 QF . -43.56 -13.11 -36.66
CHA CL0 QF . -45.52 -11.38 -34.37
CHB CL0 QF . -42.49 -10.17 -37.97
CHC CL0 QF . -41.35 -14.86 -38.60
CHD CL0 QF . -44.72 -16.14 -35.26
NA CL0 QF . -44.01 -11.12 -36.26
C1A CL0 QF . -44.82 -10.58 -35.24
C2A CL0 QF . -44.85 -9.07 -35.32
C3A CL0 QF . -44.20 -8.79 -36.68
C4A CL0 QF . -43.49 -10.09 -37.00
CMA CL0 QF . -45.28 -8.56 -37.70
CAA CL0 QF . -44.02 -8.46 -34.19
CBA CL0 QF . -44.00 -6.95 -34.26
CGA CL0 QF . -43.19 -6.37 -33.13
O1A CL0 QF . -42.88 -5.20 -32.93
O2A CL0 QF . -42.75 -7.32 -32.25
NB CL0 QF . -42.20 -12.61 -38.04
C1B CL0 QF . -41.82 -11.33 -38.36
C2B CL0 QF . -40.60 -11.38 -39.22
C3B CL0 QF . -40.27 -12.70 -39.40
C4B CL0 QF . -41.31 -13.50 -38.67
CMB CL0 QF . -39.93 -10.18 -39.72
CAB CL0 QF . -39.23 -13.34 -40.14
CBB CL0 QF . -38.86 -13.03 -41.39
NC CL0 QF . -43.18 -15.14 -36.94
C1C CL0 QF . -42.24 -15.64 -37.81
C2C CL0 QF . -42.24 -17.09 -37.75
C3C CL0 QF . -43.16 -17.46 -36.78
C4C CL0 QF . -43.75 -16.23 -36.27
CMC CL0 QF . -41.38 -17.95 -38.57
CAC CL0 QF . -43.52 -18.82 -36.37
CBC CL0 QF . -44.64 -19.37 -37.21
ND CL0 QF . -44.91 -13.69 -35.26
C1D CL0 QF . -45.26 -14.98 -34.77
C2D CL0 QF . -46.25 -14.81 -33.67
C3D CL0 QF . -46.39 -13.45 -33.49
C4D CL0 QF . -45.52 -12.80 -34.48
CMD CL0 QF . -46.89 -15.91 -32.96
CAD CL0 QF . -47.08 -12.40 -32.76
OBD CL0 QF . -47.97 -12.48 -31.93
CBD CL0 QF . -46.45 -11.04 -33.23
CGD CL0 QF . -45.73 -10.39 -32.08
O1D CL0 QF . -44.76 -10.83 -31.46
O2D CL0 QF . -46.24 -9.17 -31.72
CED CL0 QF . -45.67 -8.55 -30.57
C1 CL0 QF . -42.22 -6.84 -31.00
C2 CL0 QF . -41.42 -7.95 -30.43
C3 CL0 QF . -41.65 -8.47 -29.21
C4 CL0 QF . -42.73 -7.99 -28.33
C5 CL0 QF . -40.81 -9.59 -28.70
C6 CL0 QF . -41.59 -10.88 -28.56
C7 CL0 QF . -40.70 -12.09 -28.76
C8 CL0 QF . -39.58 -12.17 -27.72
C9 CL0 QF . -38.65 -13.32 -28.04
C10 CL0 QF . -40.14 -12.31 -26.31
C11 CL0 QF . -39.08 -12.02 -25.27
C12 CL0 QF . -39.66 -11.98 -23.87
C13 CL0 QF . -38.87 -11.05 -22.97
C14 CL0 QF . -39.15 -11.35 -21.52
C15 CL0 QF . -39.18 -9.59 -23.29
C16 CL0 QF . -38.07 -8.68 -22.85
C17 CL0 QF . -37.93 -7.47 -23.76
C18 CL0 QF . -39.07 -6.48 -23.56
C19 CL0 QF . -38.54 -5.15 -23.07
C20 CL0 QF . -39.84 -6.29 -24.85
CAA F6C RF . -34.46 -9.30 -29.68
CAB F6C RF . -36.08 -1.57 -25.43
CAC F6C RF . -40.97 -1.09 -31.56
CAD F6C RF . -37.57 -8.32 -33.38
NA F6C RF . -36.77 -6.97 -28.83
CBA F6C RF . -33.89 -10.70 -29.56
CBB F6C RF . -35.28 -1.22 -24.43
CBC F6C RF . -42.43 -1.49 -31.41
CBD F6C RF . -36.98 -9.02 -32.12
NB F6C RF . -37.36 -4.53 -27.29
OBD F6C RF . -37.45 -8.77 -34.50
CGA F6C RF . -32.96 -10.76 -28.39
CGD F6C RF . -37.72 -10.28 -31.79
ND F6C RF . -38.20 -5.72 -31.05
CED F6C RF . -37.85 -12.61 -32.25
CHA F6C RF . -37.08 -8.02 -31.00
CHB F6C RF . -36.01 -6.46 -26.55
CHC F6C RF . -38.21 -2.22 -27.50
CHD F6C RF . -39.63 -3.91 -31.89
CMA F6C RF . -36.69 -9.59 -26.71
CMB F6C RF . -34.62 -4.44 -24.78
CMC F6C RF . -40.09 -0.05 -28.67
CMD F6C RF . -39.64 -5.68 -34.53
OMB F6C RF . -34.82 -4.53 -23.58
C1 F6C RF . -31.40 -12.19 -27.24
C1A F6C RF . -36.60 -8.04 -29.72
C1B F6C RF . -36.39 -5.11 -26.53
C1C F6C RF . -38.91 -2.35 -28.73
C1D F6C RF . -39.01 -5.13 -32.06
O1A F6C RF . -32.86 -9.98 -27.45
O1D F6C RF . -38.82 -10.39 -31.23
C2 F6C RF . -29.99 -11.80 -27.47
C2A F6C RF . -35.83 -9.18 -29.06
C2B F6C RF . -35.70 -4.09 -25.68
C2C F6C RF . -39.76 -1.33 -29.31
C2D F6C RF . -38.99 -6.00 -33.25
O2A F6C RF . -32.14 -11.85 -28.43
O2D F6C RF . -37.07 -11.42 -32.15
C3 F6C RF . -28.94 -12.57 -27.15
C3A F6C RF . -35.77 -8.77 -27.58
C3B F6C RF . -36.31 -2.89 -25.95
C3C F6C RF . -40.11 -1.78 -30.59
C3D F6C RF . -38.19 -7.08 -32.92
C4 F6C RF . -29.06 -13.91 -26.55
C4A F6C RF . -36.20 -7.30 -27.63
C4B F6C RF . -37.38 -3.15 -26.96
C4C F6C RF . -39.52 -3.10 -30.74
C4D F6C RF . -37.79 -6.89 -31.52
C5 F6C RF . -27.57 -12.06 -27.43
C6 F6C RF . -27.03 -11.25 -26.27
C7 F6C RF . -25.91 -10.34 -26.70
C8 F6C RF . -25.31 -9.59 -25.50
C9 F6C RF . -26.38 -8.74 -24.85
C10 F6C RF . -24.13 -8.74 -25.91
C11 F6C RF . -23.15 -8.64 -24.76
C12 F6C RF . -21.85 -7.97 -25.15
C13 F6C RF . -21.01 -8.83 -26.06
C14 F6C RF . -20.84 -10.23 -25.51
C15 F6C RF . -19.64 -8.19 -26.32
NC F6C RF . -38.80 -3.41 -29.59
MG F6C RF . -37.75 -5.16 -29.16
C16 F6C RF . -18.70 -9.14 -27.03
C17 F6C RF . -17.69 -8.41 -27.89
C18 F6C RF . -16.27 -8.63 -27.40
C19 F6C RF . -15.90 -10.09 -27.42
C20 F6C RF . -15.29 -7.85 -28.26
MG CLA SF . -41.25 -0.33 -50.59
CHA CLA SF . -41.10 1.10 -53.75
CHB CLA SF . -44.05 -2.02 -51.51
CHC CLA SF . -41.12 -2.03 -47.62
CHD CLA SF . -38.30 1.40 -49.73
NA CLA SF . -42.41 -0.37 -52.32
C1A CLA SF . -42.16 0.26 -53.55
C2A CLA SF . -43.26 -0.04 -54.55
C3A CLA SF . -44.31 -0.78 -53.70
C4A CLA SF . -43.56 -1.11 -52.41
CMA CLA SF . -45.51 0.10 -53.44
CAA CLA SF . -42.68 -0.91 -55.66
CBA CLA SF . -43.30 -2.30 -55.73
CGA CLA SF . -44.60 -2.21 -56.46
O1A CLA SF . -45.00 -1.29 -57.17
O2A CLA SF . -45.41 -3.29 -56.28
NB CLA SF . -42.38 -1.75 -49.72
C1B CLA SF . -43.44 -2.38 -50.30
C2B CLA SF . -43.88 -3.50 -49.44
C3B CLA SF . -43.06 -3.52 -48.33
C4B CLA SF . -42.10 -2.39 -48.49
CMB CLA SF . -45.03 -4.35 -49.80
CAB CLA SF . -43.03 -4.37 -47.17
CBB CLA SF . -43.70 -5.50 -46.97
NC CLA SF . -39.99 -0.25 -48.94
C1C CLA SF . -40.15 -1.02 -47.81
C2C CLA SF . -39.10 -0.68 -46.85
C3C CLA SF . -38.27 0.25 -47.47
C4C CLA SF . -38.83 0.51 -48.78
CMC CLA SF . -38.97 -1.25 -45.51
CAC CLA SF . -37.08 0.89 -46.90
CBC CLA SF . -37.37 2.29 -46.40
ND CLA SF . -40.06 1.09 -51.40
C1D CLA SF . -38.85 1.68 -50.96
C2D CLA SF . -38.33 2.57 -52.01
C3D CLA SF . -39.15 2.39 -53.10
C4D CLA SF . -40.19 1.43 -52.69
CMD CLA SF . -37.15 3.42 -51.86
CAD CLA SF . -39.47 2.80 -54.47
OBD CLA SF . -38.98 3.69 -55.15
CBD CLA SF . -40.63 1.88 -54.96
CGD CLA SF . -41.73 2.60 -55.68
O1D CLA SF . -42.52 3.43 -55.23
O2D CLA SF . -41.82 2.27 -57.00
CED CLA SF . -42.96 2.72 -57.73
C1 CLA SF . -46.82 -3.07 -56.45
C2 CLA SF . -47.32 -2.44 -55.20
C3 CLA SF . -47.46 -3.11 -54.04
C4 CLA SF . -47.12 -4.55 -53.93
C5 CLA SF . -47.97 -2.44 -52.82
C6 CLA SF . -49.15 -3.14 -52.21
C7 CLA SF . -50.43 -2.85 -52.98
C8 CLA SF . -51.66 -3.24 -52.17
C9 CLA SF . -51.54 -4.68 -51.71
C10 CLA SF . -52.94 -3.05 -52.96
C11 CLA SF . -54.16 -3.30 -52.10
C12 CLA SF . -55.32 -2.40 -52.47
C13 CLA SF . -56.43 -2.46 -51.43
C14 CLA SF . -57.75 -2.06 -52.03
C15 CLA SF . -56.11 -1.59 -50.23
C16 CLA SF . -57.04 -1.88 -49.08
C17 CLA SF . -57.76 -0.64 -48.58
C18 CLA SF . -56.87 0.21 -47.67
C19 CLA SF . -56.51 1.52 -48.33
C20 CLA SF . -57.56 0.45 -46.35
MG CLA TF . -63.50 11.23 -47.53
CHA CLA TF . -61.39 11.30 -50.27
CHB CLA TF . -62.44 8.09 -46.79
CHC CLA TF . -65.63 11.22 -44.83
CHD CLA TF . -64.62 14.49 -48.38
NA CLA TF . -62.11 9.95 -48.39
C1A CLA TF . -61.33 10.15 -49.53
C2A CLA TF . -60.44 8.95 -49.81
C3A CLA TF . -60.84 7.94 -48.73
C4A CLA TF . -61.86 8.69 -47.89
CMA CLA TF . -61.43 6.68 -49.33
CAA CLA TF . -58.99 9.34 -49.61
CBA CLA TF . -58.04 8.30 -50.14
CGA CLA TF . -57.54 8.70 -51.49
O1A CLA TF . -57.65 9.81 -52.03
O2A CLA TF . -56.91 7.70 -52.14
NB CLA TF . -63.96 9.90 -46.08
C1B CLA TF . -63.41 8.67 -45.95
C2B CLA TF . -63.99 7.99 -44.77
C3B CLA TF . -64.90 8.85 -44.20
C4B CLA TF . -64.88 10.09 -45.03
CMB CLA TF . -63.60 6.64 -44.36
CAB CLA TF . -65.70 8.64 -43.02
CBB CLA TF . -66.90 9.17 -42.74
NC CLA TF . -64.86 12.62 -46.75
C1C CLA TF . -65.62 12.40 -45.64
C2C CLA TF . -66.46 13.56 -45.36
C3C CLA TF . -66.19 14.49 -46.37
C4C CLA TF . -65.17 13.89 -47.23
CMC CLA TF . -67.40 13.67 -44.25
CAC CLA TF . -66.78 15.82 -46.54
CBC CLA TF . -68.11 15.77 -47.25
ND CLA TF . -63.10 12.64 -48.92
C1D CLA TF . -63.65 13.93 -49.18
C2D CLA TF . -63.03 14.49 -50.40
C3D CLA TF . -62.15 13.52 -50.86
C4D CLA TF . -62.24 12.39 -49.91
CMD CLA TF . -63.33 15.80 -50.97
CAD CLA TF . -61.18 13.16 -51.88
OBD CLA TF . -60.77 13.80 -52.84
CBD CLA TF . -60.69 11.71 -51.55
CGD CLA TF . -61.04 10.75 -52.66
O1D CLA TF . -62.09 10.13 -52.83
O2D CLA TF . -60.03 10.56 -53.56
CED CLA TF . -60.20 9.52 -54.52
C1 CLA TF . -57.52 7.23 -53.37
C2 CLA TF . -56.97 8.06 -54.46
C3 CLA TF . -56.79 7.61 -55.70
C4 CLA TF . -56.24 8.47 -56.77
C5 CLA TF . -57.14 6.21 -56.08
C6 CLA TF . -58.43 6.11 -56.87
C7 CLA TF . -59.51 5.43 -56.04
C8 CLA TF . -60.72 5.05 -56.87
C9 CLA TF . -61.68 4.21 -56.05
C10 CLA TF . -60.30 4.28 -58.13
C11 CLA TF . -61.49 3.69 -58.86
C12 CLA TF . -61.09 2.48 -59.66
C13 CLA TF . -62.18 2.06 -60.64
C14 CLA TF . -61.72 0.88 -61.48
C15 CLA TF . -62.63 3.23 -61.50
C16 CLA TF . -63.39 2.77 -62.73
C17 CLA TF . -63.62 3.93 -63.69
C18 CLA TF . -64.50 3.52 -64.86
C19 CLA TF . -65.94 3.37 -64.44
C20 CLA TF . -64.39 4.55 -65.97
MG CLA UF . -67.16 13.24 -38.90
CHA CLA UF . -67.97 16.45 -39.94
CHB CLA UF . -69.52 13.44 -36.46
CHC CLA UF . -66.38 10.03 -37.97
CHD CLA UF . -64.72 13.09 -41.47
NA CLA UF . -68.51 14.73 -38.31
C1A CLA UF . -68.69 16.00 -38.87
C2A CLA UF . -69.79 16.76 -38.13
C3A CLA UF . -70.20 15.81 -36.98
C4A CLA UF . -69.37 14.56 -37.26
CMA CLA UF . -69.88 16.39 -35.63
CAA CLA UF . -70.96 17.04 -39.06
CBA CLA UF . -72.30 16.61 -38.50
CGA CLA UF . -73.30 16.56 -39.61
O1A CLA UF . -73.81 17.49 -40.24
O2A CLA UF . -73.65 15.29 -39.94
NB CLA UF . -67.79 11.99 -37.46
C1B CLA UF . -68.81 12.23 -36.60
C2B CLA UF . -69.10 11.01 -35.79
C3B CLA UF . -68.22 10.04 -36.21
C4B CLA UF . -67.38 10.65 -37.28
CMB CLA UF . -70.15 10.97 -34.78
CAB CLA UF . -68.06 8.68 -35.78
CBB CLA UF . -68.15 8.24 -34.53
NC CLA UF . -65.79 11.83 -39.59
C1C CLA UF . -65.62 10.57 -39.06
C2C CLA UF . -64.58 9.86 -39.77
C3C CLA UF . -64.11 10.73 -40.76
C4C CLA UF . -64.88 11.96 -40.64
CMC CLA UF . -64.12 8.50 -39.48
CAC CLA UF . -63.05 10.46 -41.75
CBC CLA UF . -61.68 10.84 -41.23
ND CLA UF . -66.48 14.43 -40.39
C1D CLA UF . -65.46 14.26 -41.37
C2D CLA UF . -65.37 15.48 -42.19
C3D CLA UF . -66.31 16.35 -41.69
C4D CLA UF . -66.97 15.66 -40.57
CMD CLA UF . -64.44 15.66 -43.31
CAD CLA UF . -66.93 17.67 -41.82
OBD CLA UF . -66.70 18.55 -42.63
CBD CLA UF . -67.99 17.78 -40.69
CGD CLA UF . -67.73 18.94 -39.77
O1D CLA UF . -67.01 18.96 -38.77
O2D CLA UF . -68.40 20.07 -40.11
CED CLA UF . -67.96 21.29 -39.51
C1 CLA UF . -74.99 15.07 -40.44
C2 CLA UF . -75.21 13.60 -40.36
C3 CLA UF . -76.26 12.99 -40.91
C4 CLA UF . -77.31 13.73 -41.66
C5 CLA UF . -76.43 11.51 -40.79
C6 CLA UF . -76.37 10.80 -42.14
C7 CLA UF . -75.04 11.04 -42.82
C8 CLA UF . -74.84 10.12 -44.01
C9 CLA UF . -73.96 8.94 -43.64
C10 CLA UF . -74.24 10.87 -45.20
C11 CLA UF . -75.07 10.69 -46.45
C12 CLA UF . -76.47 11.25 -46.28
C13 CLA UF . -77.37 10.85 -47.44
C14 CLA UF . -76.90 11.48 -48.74
C15 CLA UF . -78.83 11.22 -47.17
MG CLA VF . -65.36 13.75 -27.48
CHA CLA VF . -65.99 12.10 -24.50
CHB CLA VF . -66.91 11.26 -29.18
CHC CLA VF . -64.78 15.47 -30.40
CHD CLA VF . -63.70 16.31 -25.66
NA CLA VF . -66.28 11.97 -26.91
C1A CLA VF . -66.44 11.46 -25.62
C2A CLA VF . -67.18 10.13 -25.64
C3A CLA VF . -67.28 9.81 -27.15
C4A CLA VF . -66.82 11.10 -27.82
CMA CLA VF . -66.38 8.67 -27.51
CAA CLA VF . -68.56 10.28 -25.02
CBA CLA VF . -69.63 9.55 -25.79
CGA CLA VF . -69.55 8.07 -25.53
O1A CLA VF . -69.81 7.14 -26.28
O2A CLA VF . -69.10 7.79 -24.26
NB CLA VF . -65.75 13.41 -29.43
C1B CLA VF . -66.47 12.38 -29.91
C2B CLA VF . -66.74 12.58 -31.37
C3B CLA VF . -66.14 13.78 -31.71
C4B CLA VF . -65.49 14.31 -30.48
CMB CLA VF . -67.49 11.61 -32.17
CAB CLA VF . -66.03 14.48 -32.98
CBB CLA VF . -66.81 14.31 -34.05
NC CLA VF . -64.39 15.55 -27.94
C1C CLA VF . -64.24 16.04 -29.21
C2C CLA VF . -63.48 17.28 -29.18
C3C CLA VF . -63.21 17.54 -27.83
C4C CLA VF . -63.77 16.44 -27.06
CMC CLA VF . -63.12 18.07 -30.35
CAC CLA VF . -62.45 18.68 -27.29
CBC CLA VF . -61.02 18.32 -26.98
ND CLA VF . -64.91 14.17 -25.56
C1D CLA VF . -64.23 15.25 -24.94
C2D CLA VF . -64.22 15.04 -23.47
C3D CLA VF . -64.88 13.84 -23.25
C4D CLA VF . -65.28 13.34 -24.58
CMD CLA VF . -63.61 15.95 -22.51
CAD CLA VF . -65.34 12.88 -22.27
OBD CLA VF . -65.25 12.91 -21.05
CBD CLA VF . -66.05 11.72 -23.04
CGD CLA VF . -65.39 10.40 -22.76
O1D CLA VF . -65.86 9.28 -22.97
O2D CLA VF . -64.15 10.49 -22.22
CED CLA VF . -63.06 9.86 -22.92
C1 CLA VF . -68.36 6.57 -24.09
C2 CLA VF . -69.31 5.50 -23.72
C3 CLA VF . -69.62 5.19 -22.46
C4 CLA VF . -69.01 5.91 -21.31
C5 CLA VF . -70.58 4.10 -22.12
C6 CLA VF . -71.10 3.37 -23.35
C7 CLA VF . -72.48 3.86 -23.72
C8 CLA VF . -73.44 2.73 -24.08
C9 CLA VF . -74.36 3.17 -25.20
C10 CLA VF . -74.24 2.28 -22.87
C11 CLA VF . -74.80 0.88 -23.02
C12 CLA VF . -76.30 0.88 -23.27
C13 CLA VF . -77.11 1.07 -22.00
C14 CLA VF . -77.24 -0.23 -21.25
C15 CLA VF . -78.49 1.63 -22.31
C16 CLA VF . -79.16 2.22 -21.08
C17 CLA VF . -80.60 2.60 -21.37
C18 CLA VF . -81.32 3.16 -20.16
C19 CLA VF . -80.86 2.54 -18.86
C20 CLA VF . -81.19 4.68 -20.10
MG CLA WF . -65.28 5.13 -30.70
CHA CLA WF . -64.58 7.23 -33.37
CHB CLA WF . -63.37 7.08 -28.67
CHC CLA WF . -66.13 3.11 -28.05
CHD CLA WF . -67.22 3.11 -32.86
NA CLA WF . -64.15 6.86 -31.00
C1A CLA WF . -64.00 7.60 -32.19
C2A CLA WF . -63.10 8.81 -31.96
C3A CLA WF . -62.62 8.65 -30.50
C4A CLA WF . -63.44 7.46 -29.99
CMA CLA WF . -61.14 8.35 -30.43
CAA CLA WF . -63.88 10.10 -32.12
CBA CLA WF . -63.05 11.31 -31.80
CGA CLA WF . -61.96 11.47 -32.81
O1A CLA WF . -62.03 11.96 -33.94
O2A CLA WF . -60.76 10.99 -32.38
NB CLA WF . -64.88 5.13 -28.72
C1B CLA WF . -64.05 6.00 -28.08
C2B CLA WF . -63.93 5.62 -26.64
C3B CLA WF . -64.70 4.50 -26.47
C4B CLA WF . -65.31 4.16 -27.79
CMB CLA WF . -63.10 6.34 -25.69
CAB CLA WF . -64.94 3.71 -25.30
CBB CLA WF . -65.55 4.14 -24.20
NC CLA WF . -66.44 3.41 -30.50
C1C CLA WF . -66.65 2.74 -29.32
C2C CLA WF . -67.52 1.59 -29.56
C3C CLA WF . -67.83 1.59 -30.92
C4C CLA WF . -67.15 2.74 -31.50
CMC CLA WF . -67.94 0.64 -28.52
CAC CLA WF . -68.67 0.62 -31.63
CBC CLA WF . -67.86 -0.53 -32.18
ND CLA WF . -65.72 5.05 -32.66
C1D CLA WF . -66.56 4.19 -33.42
C2D CLA WF . -66.59 4.65 -34.82
C3D CLA WF . -65.83 5.81 -34.86
C4D CLA WF . -65.34 6.02 -33.49
CMD CLA WF . -67.31 3.98 -35.91
CAD CLA WF . -65.30 6.87 -35.69
OBD CLA WF . -65.38 7.02 -36.91
CBD CLA WF . -64.56 7.86 -34.75
CGD CLA WF . -63.17 8.21 -35.23
O1D CLA WF . -62.85 9.10 -36.01
O2D CLA WF . -62.19 7.40 -34.73
CED CLA WF . -61.53 6.53 -35.64
C1 CLA WF . -59.59 11.60 -32.95
C2 CLA WF . -58.45 10.68 -32.73
C3 CLA WF . -58.26 9.56 -33.45
C4 CLA WF . -59.18 9.17 -34.54
C5 CLA WF . -57.09 8.66 -33.19
C6 CLA WF . -57.32 7.24 -33.66
C7 CLA WF . -57.93 6.39 -32.55
C8 CLA WF . -57.46 4.95 -32.64
C9 CLA WF . -58.25 4.19 -33.68
C10 CLA WF . -57.59 4.26 -31.28
C11 CLA WF . -58.98 4.44 -30.71
C12 CLA WF . -59.14 3.71 -29.39
C13 CLA WF . -60.60 3.72 -28.95
C14 CLA WF . -60.72 3.54 -27.45
C15 CLA WF . -61.40 2.64 -29.67
C16 CLA WF . -62.42 3.25 -30.61
C17 CLA WF . -62.96 2.21 -31.57
C18 CLA WF . -63.10 2.76 -32.99
C19 CLA WF . -61.94 3.65 -33.35
C20 CLA WF . -63.20 1.62 -33.98
MG CLA XF . -75.51 -7.14 -39.88
CHA CLA XF . -75.73 -9.65 -42.26
CHB CLA XF . -72.11 -7.27 -40.05
CHC CLA XF . -75.36 -4.58 -37.58
CHD CLA XF . -79.05 -7.04 -39.74
NA CLA XF . -74.16 -8.29 -40.99
C1A CLA XF . -74.45 -9.27 -41.94
C2A CLA XF . -73.17 -9.85 -42.54
C3A CLA XF . -72.04 -9.15 -41.74
C4A CLA XF . -72.81 -8.14 -40.87
CMA CLA XF . -71.24 -10.13 -40.92
CAA CLA XF . -73.09 -9.42 -44.00
CBA CLA XF . -73.38 -7.95 -44.16
CGA CLA XF . -73.49 -7.54 -45.59
O1A CLA XF . -73.61 -8.24 -46.59
O2A CLA XF . -73.46 -6.19 -45.76
NB CLA XF . -74.02 -6.15 -38.96
C1B CLA XF . -72.69 -6.32 -39.20
C2B CLA XF . -71.90 -5.33 -38.39
C3B CLA XF . -72.82 -4.57 -37.70
C4B CLA XF . -74.18 -5.08 -38.06
CMB CLA XF . -70.45 -5.28 -38.44
CAB CLA XF . -72.65 -3.47 -36.78
CBB CLA XF . -71.56 -3.20 -36.05
NC CLA XF . -76.95 -6.03 -38.85
C1C CLA XF . -76.66 -5.04 -37.95
C2C CLA XF . -77.89 -4.47 -37.42
C3C CLA XF . -78.94 -5.16 -38.04
C4C CLA XF . -78.34 -6.14 -38.93
CMC CLA XF . -77.97 -3.38 -36.46
CAC CLA XF . -80.38 -4.94 -37.82
CBC CLA XF . -81.01 -4.12 -38.93
ND CLA XF . -77.08 -8.06 -40.78
C1D CLA XF . -78.48 -7.95 -40.61
C2D CLA XF . -79.15 -8.92 -41.50
C3D CLA XF . -78.14 -9.60 -42.16
C4D CLA XF . -76.87 -9.03 -41.67
CMD CLA XF . -80.60 -9.08 -41.62
CAD CLA XF . -77.81 -10.62 -43.13
OBD CLA XF . -78.56 -11.32 -43.81
CBD CLA XF . -76.26 -10.72 -43.19
CGD CLA XF . -75.78 -12.07 -42.77
O1D CLA XF . -75.18 -12.37 -41.73
O2D CLA XF . -76.05 -13.08 -43.64
CED CLA XF . -75.92 -14.42 -43.18
MG CLA YF . -66.18 -11.07 -37.58
CHA CLA YF . -67.43 -10.72 -34.37
CHB CLA YF . -68.36 -8.69 -38.68
CHC CLA YF . -64.72 -11.24 -40.69
CHD CLA YF . -63.91 -13.49 -36.38
NA CLA YF . -67.67 -9.94 -36.65
C1A CLA YF . -68.02 -9.92 -35.30
C2A CLA YF . -69.15 -8.92 -35.04
C3A CLA YF . -69.54 -8.45 -36.46
C4A CLA YF . -68.45 -9.05 -37.35
CMA CLA YF . -70.91 -8.92 -36.85
CAA CLA YF . -68.61 -7.76 -34.22
CBA CLA YF . -68.60 -6.45 -35.00
CGA CLA YF . -67.21 -5.93 -35.13
O1A CLA YF . -66.15 -6.45 -34.77
O2A CLA YF . -67.16 -4.70 -35.74
NB CLA YF . -66.47 -10.13 -39.34
C1B CLA YF . -67.42 -9.18 -39.59
C2B CLA YF . -67.34 -8.76 -41.02
C3B CLA YF . -66.31 -9.48 -41.60
C4B CLA YF . -65.75 -10.36 -40.53
CMB CLA YF . -68.25 -7.78 -41.60
CAB CLA YF . -65.80 -9.50 -42.94
CBB CLA YF . -66.55 -9.52 -44.05
NC CLA YF . -64.63 -12.21 -38.39
C1C CLA YF . -64.21 -12.12 -39.68
C2C CLA YF . -63.09 -13.03 -39.91
C3C CLA YF . -62.85 -13.67 -38.69
C4C CLA YF . -63.82 -13.14 -37.74
CMC CLA YF . -62.38 -13.22 -41.17
CAC CLA YF . -61.83 -14.69 -38.40
CBC CLA YF . -62.38 -16.10 -38.47
ND CLA YF . -65.80 -12.03 -35.84
C1D CLA YF . -64.81 -12.98 -35.48
C2D CLA YF . -64.94 -13.28 -34.04
C3D CLA YF . -65.93 -12.44 -33.56
C4D CLA YF . -66.41 -11.67 -34.72
CMD CLA YF . -64.12 -14.25 -33.31
CAD CLA YF . -66.71 -12.03 -32.40
OBD CLA YF . -66.69 -12.46 -31.25
CBD CLA YF . -67.63 -10.85 -32.87
CGD CLA YF . -69.06 -11.07 -32.48
O1D CLA YF . -69.59 -10.84 -31.39
O2D CLA YF . -69.85 -11.59 -33.46
CED CLA YF . -71.26 -11.45 -33.32
C1 CLA YF . -66.22 -3.75 -35.22
C2 CLA YF . -65.15 -3.60 -36.23
C3 CLA YF . -64.50 -2.43 -36.42
C4 CLA YF . -64.82 -1.21 -35.65
C5 CLA YF . -63.43 -2.32 -37.45
C6 CLA YF . -63.53 -1.05 -38.25
C7 CLA YF . -64.67 -1.11 -39.25
C8 CLA YF . -64.21 -1.26 -40.70
C9 CLA YF . -62.72 -1.00 -40.84
C10 CLA YF . -65.00 -0.30 -41.60
C11 CLA YF . -64.38 -0.18 -42.98
C12 CLA YF . -64.67 -1.39 -43.85
C13 CLA YF . -63.93 -1.29 -45.18
C14 CLA YF . -64.48 -0.15 -46.02
C15 CLA YF . -64.02 -2.60 -45.95
MG CLA ZF . -65.41 -12.69 -47.98
CHA CLA ZF . -68.22 -11.93 -46.10
CHB CLA ZF . -66.95 -11.48 -50.76
CHC CLA ZF . -62.54 -13.28 -49.75
CHD CLA ZF . -63.87 -13.96 -45.06
NA CLA ZF . -67.28 -11.84 -48.34
C1A CLA ZF . -68.31 -11.60 -47.42
C2A CLA ZF . -69.51 -10.92 -48.10
C3A CLA ZF . -69.13 -10.93 -49.59
C4A CLA ZF . -67.67 -11.42 -49.58
CMA CLA ZF . -70.04 -11.82 -50.40
CAA CLA ZF . -69.50 -9.45 -47.71
CBA CLA ZF . -70.51 -9.06 -46.65
CGA CLA ZF . -69.96 -7.88 -45.90
O1A CLA ZF . -68.99 -7.85 -45.14
O2A CLA ZF . -70.63 -6.71 -46.15
NB CLA ZF . -64.84 -12.41 -49.88
C1B CLA ZF . -65.63 -11.93 -50.88
C2B CLA ZF . -64.88 -11.99 -52.18
C3B CLA ZF . -63.63 -12.51 -51.90
C4B CLA ZF . -63.59 -12.77 -50.44
CMB CLA ZF . -65.50 -11.56 -53.44
CAB CLA ZF . -62.49 -12.78 -52.75
CBB CLA ZF . -62.43 -12.70 -54.08
NC CLA ZF . -63.54 -13.49 -47.49
C1C CLA ZF . -62.50 -13.62 -48.37
C2C CLA ZF . -61.34 -14.19 -47.69
C3C CLA ZF . -61.73 -14.39 -46.36
C4C CLA ZF . -63.10 -13.94 -46.24
CMC CLA ZF . -60.05 -14.46 -48.31
CAC CLA ZF . -60.90 -14.93 -45.27
CBC CLA ZF . -60.32 -13.85 -44.39
ND CLA ZF . -65.88 -12.97 -46.03
C1D CLA ZF . -65.16 -13.52 -44.95
C2D CLA ZF . -66.03 -13.50 -43.74
C3D CLA ZF . -67.22 -12.91 -44.12
C4D CLA ZF . -67.07 -12.58 -45.56
CMD CLA ZF . -65.64 -14.02 -42.44
CAD CLA ZF . -68.54 -12.48 -43.72
OBD CLA ZF . -69.09 -12.59 -42.62
CBD CLA ZF . -69.22 -11.84 -44.96
CGD CLA ZF . -70.50 -12.55 -45.29
O1D CLA ZF . -70.70 -13.38 -46.19
O2D CLA ZF . -71.54 -12.21 -44.49
CED CLA ZF . -72.71 -13.03 -44.51
C1 CLA ZF . -70.10 -5.49 -45.58
C2 CLA ZF . -70.58 -5.43 -44.18
C3 CLA ZF . -71.23 -4.37 -43.67
C4 CLA ZF . -71.69 -4.34 -42.26
C5 CLA ZF . -71.55 -3.16 -44.49
C6 CLA ZF . -71.04 -1.89 -43.86
C7 CLA ZF . -72.00 -0.74 -44.08
C8 CLA ZF . -71.28 0.54 -44.51
C9 CLA ZF . -70.03 0.77 -43.68
C10 CLA ZF . -72.21 1.75 -44.45
C11 CLA ZF . -72.14 2.48 -43.12
C12 CLA ZF . -73.37 2.22 -42.27
MG CLA AG . -82.08 17.39 -23.66
CHA CLA AG . -83.85 20.34 -23.17
CHB CLA AG . -79.66 18.51 -21.53
CHC CLA AG . -80.54 14.32 -23.88
CHD CLA AG . -84.65 16.25 -25.80
NA CLA AG . -81.80 19.17 -22.59
C1A CLA AG . -82.66 20.26 -22.50
C2A CLA AG . -82.07 21.34 -21.60
C3A CLA AG . -80.65 20.82 -21.31
C4A CLA AG . -80.68 19.39 -21.83
CMA CLA AG . -79.60 21.66 -22.01
CAA CLA AG . -82.87 21.46 -20.31
CBA CLA AG . -83.29 20.11 -19.79
CGA CLA AG . -83.79 20.21 -18.37
O1A CLA AG . -83.39 20.93 -17.46
O2A CLA AG . -84.84 19.36 -18.12
NB CLA AG . -80.41 16.57 -22.88
C1B CLA AG . -79.59 17.17 -21.98
C2B CLA AG . -78.54 16.21 -21.53
C3B CLA AG . -78.78 15.03 -22.19
C4B CLA AG . -79.97 15.25 -23.06
CMB CLA AG . -77.50 16.57 -20.57
CAB CLA AG . -78.09 13.76 -22.15
CBB CLA AG . -76.77 13.59 -22.04
NC CLA AG . -82.50 15.64 -24.71
C1C CLA AG . -81.72 14.51 -24.67
C2C CLA AG . -82.31 13.48 -25.51
C3C CLA AG . -83.48 14.00 -26.04
C4C CLA AG . -83.60 15.36 -25.53
CMC CLA AG . -81.75 12.13 -25.69
CAC CLA AG . -84.44 13.34 -26.94
CBC CLA AG . -84.09 13.53 -28.39
ND CLA AG . -83.78 18.12 -24.46
C1D CLA AG . -84.77 17.53 -25.30
C2D CLA AG . -85.87 18.51 -25.51
C3D CLA AG . -85.56 19.60 -24.72
C4D CLA AG . -84.28 19.30 -24.06
CMD CLA AG . -87.02 18.28 -26.37
CAD CLA AG . -85.97 20.93 -24.30
OBD CLA AG . -86.91 21.61 -24.67
CBD CLA AG . -84.94 21.39 -23.22
CGD CLA AG . -84.41 22.79 -23.46
O1D CLA AG . -83.80 23.51 -22.68
O2D CLA AG . -84.67 23.28 -24.70
CED CLA AG . -85.31 24.56 -24.76
C1 CLA AG . -84.70 18.48 -16.98
C2 CLA AG . -85.64 17.35 -17.19
C3 CLA AG . -86.96 17.46 -16.98
C4 CLA AG . -87.59 18.72 -16.54
C5 CLA AG . -87.87 16.29 -17.21
C6 CLA AG . -87.23 15.19 -18.03
C7 CLA AG . -88.28 14.36 -18.73
C8 CLA AG . -88.33 12.90 -18.29
C9 CLA AG . -87.46 12.62 -17.09
C10 CLA AG . -87.95 11.97 -19.44
C11 CLA AG . -88.02 10.52 -19.03
C12 CLA AG . -87.93 9.59 -20.23
MG CLA BG . -75.38 19.10 -38.68
CHA CLA BG . -72.71 21.31 -38.72
CHB CLA BG . -76.45 20.34 -41.65
CHC CLA BG . -77.80 16.65 -38.76
CHD CLA BG . -74.19 17.80 -35.60
NA CLA BG . -74.71 20.62 -39.93
C1A CLA BG . -73.56 21.41 -39.79
C2A CLA BG . -73.42 22.39 -40.94
C3A CLA BG . -74.71 22.18 -41.76
C4A CLA BG . -75.35 20.95 -41.09
CMA CLA BG . -75.62 23.38 -41.71
CAA CLA BG . -72.19 22.07 -41.78
CBA CLA BG . -72.44 20.96 -42.77
CGA CLA BG . -71.67 19.73 -42.38
O1A CLA BG . -71.64 19.17 -41.29
O2A CLA BG . -70.93 19.21 -43.41
NB CLA BG . -76.86 18.60 -39.95
C1B CLA BG . -77.12 19.22 -41.13
C2B CLA BG . -78.26 18.55 -41.81
C3B CLA BG . -78.65 17.51 -41.00
C4B CLA BG . -77.76 17.53 -39.80
CMB CLA BG . -78.79 18.98 -43.10
CAB CLA BG . -79.69 16.54 -41.21
CBB CLA BG . -80.73 16.33 -40.38
NC CLA BG . -75.93 17.54 -37.38
C1C CLA BG . -76.94 16.67 -37.62
C2C CLA BG . -77.02 15.69 -36.54
C3C CLA BG . -76.00 16.02 -35.64
C4C CLA BG . -75.31 17.19 -36.18
CMC CLA BG . -77.97 14.59 -36.46
CAC CLA BG . -75.67 15.32 -34.39
CBC CLA BG . -74.47 14.41 -34.54
ND CLA BG . -73.90 19.49 -37.36
C1D CLA BG . -73.51 18.88 -36.14
C2D CLA BG . -72.31 19.56 -35.61
C3D CLA BG . -71.95 20.48 -36.57
C4D CLA BG . -72.96 20.39 -37.64
CMD CLA BG . -71.66 19.23 -34.35
CAD CLA BG . -71.02 21.54 -36.94
OBD CLA BG . -70.06 21.99 -36.31
CBD CLA BG . -71.44 22.04 -38.35
CGD CLA BG . -71.58 23.54 -38.43
O1D CLA BG . -72.36 24.27 -37.81
O2D CLA BG . -70.73 24.12 -39.33
CED CLA BG . -69.76 25.03 -38.82
C1 CLA BG . -70.53 17.83 -43.26
C2 CLA BG . -71.25 17.05 -44.30
C3 CLA BG . -71.30 15.71 -44.31
C4 CLA BG . -72.03 14.96 -45.36
C5 CLA BG . -70.62 14.91 -43.25
C6 CLA BG . -71.36 13.63 -42.91
C7 CLA BG . -70.43 12.60 -42.33
C8 CLA BG . -70.93 12.07 -40.99
C9 CLA BG . -71.09 13.20 -40.00
C10 CLA BG . -69.98 11.01 -40.43
C11 CLA BG . -70.74 9.81 -39.90
C12 CLA BG . -71.06 9.95 -38.42
C13 CLA BG . -72.56 9.92 -38.17
C14 CLA BG . -73.03 11.22 -37.55
C15 CLA BG . -72.93 8.74 -37.26
C16 CLA BG . -74.44 8.57 -37.20
C17 CLA BG . -75.00 8.03 -38.49
C18 CLA BG . -75.46 6.58 -38.34
C19 CLA BG . -76.61 6.28 -39.27
C20 CLA BG . -74.31 5.63 -38.60
MG CLA CG . -81.83 17.82 -12.41
CHA CLA CG . -80.58 20.57 -14.11
CHB CLA CG . -81.55 19.51 -9.46
CHC CLA CG . -83.14 15.09 -10.78
CHD CLA CG . -82.13 16.11 -15.50
NA CLA CG . -81.16 19.73 -11.91
C1A CLA CG . -80.69 20.74 -12.76
C2A CLA CG . -80.31 21.99 -11.96
C3A CLA CG . -80.56 21.60 -10.49
C4A CLA CG . -81.14 20.19 -10.61
CMA CLA CG . -79.30 21.63 -9.67
CAA CLA CG . -81.18 23.18 -12.35
CBA CLA CG . -82.66 22.83 -12.25
CGA CLA CG . -83.24 22.65 -13.62
O1A CLA CG . -83.40 23.50 -14.50
O2A CLA CG . -83.62 21.36 -13.88
NB CLA CG . -82.25 17.38 -10.49
C1B CLA CG . -82.09 18.22 -9.43
C2B CLA CG . -82.57 17.56 -8.18
C3B CLA CG . -83.03 16.30 -8.55
C4B CLA CG . -82.81 16.18 -10.03
CMB CLA CG . -82.54 18.22 -6.88
CAB CLA CG . -83.59 15.23 -7.78
CBB CLA CG . -83.35 14.96 -6.50
NC CLA CG . -82.49 15.95 -13.03
C1C CLA CG . -82.99 14.98 -12.20
C2C CLA CG . -83.35 13.79 -12.96
C3C CLA CG . -83.09 14.08 -14.30
C4C CLA CG . -82.55 15.44 -14.34
CMC CLA CG . -83.91 12.56 -12.39
CAC CLA CG . -83.30 13.21 -15.46
CBC CLA CG . -82.21 12.17 -15.63
ND CLA CG . -81.47 18.19 -14.37
C1D CLA CG . -81.62 17.39 -15.53
C2D CLA CG . -81.16 18.17 -16.70
C3D CLA CG . -80.75 19.40 -16.22
C4D CLA CG . -80.96 19.36 -14.76
CMD CLA CG . -81.16 17.67 -18.08
CAD CLA CG . -80.20 20.69 -16.54
OBD CLA CG . -79.86 21.15 -17.64
CBD CLA CG . -80.07 21.48 -15.21
CGD CLA CG . -78.66 21.94 -14.94
O1D CLA CG . -77.88 21.52 -14.08
O2D CLA CG . -78.24 22.93 -15.77
CED CLA CG . -76.93 23.47 -15.55
C1 CLA CG . -84.33 20.67 -12.84
C2 CLA CG . -84.90 19.43 -13.43
C3 CLA CG . -85.70 18.59 -12.75
C4 CLA CG . -86.06 18.85 -11.34
C5 CLA CG . -86.26 17.36 -13.37
C6 CLA CG . -86.20 16.17 -12.44
C7 CLA CG . -87.49 15.36 -12.50
C8 CLA CG . -87.62 14.57 -13.79
C9 CLA CG . -88.27 13.23 -13.51
MG CLA DG . -75.10 14.43 -18.73
CHA CLA DG . -72.87 13.61 -21.26
CHB CLA DG . -76.05 11.16 -18.52
CHC CLA DG . -77.27 15.28 -16.22
CHD CLA DG . -74.07 17.81 -18.99
NA CLA DG . -74.53 12.68 -19.73
C1A CLA DG . -73.58 12.55 -20.76
C2A CLA DG . -73.46 11.09 -21.21
C3A CLA DG . -74.55 10.37 -20.38
C4A CLA DG . -75.08 11.46 -19.46
CMA CLA DG . -75.63 9.82 -21.26
CAA CLA DG . -72.08 10.54 -20.89
CBA CLA DG . -71.76 9.32 -21.73
CGA CLA DG . -72.12 8.08 -20.98
O1A CLA DG . -71.76 7.71 -19.86
O2A CLA DG . -72.98 7.27 -21.68
NB CLA DG . -76.41 13.41 -17.58
C1B CLA DG . -76.64 12.08 -17.63
C2B CLA DG . -77.65 11.71 -16.61
C3B CLA DG . -78.00 12.87 -15.96
C4B CLA DG . -77.22 13.98 -16.57
CMB CLA DG . -78.12 10.34 -16.41
CAB CLA DG . -78.93 13.13 -14.88
CBB CLA DG . -79.17 12.33 -13.84
NC CLA DG . -75.57 16.23 -17.79
C1C CLA DG . -76.50 16.35 -16.78
C2C CLA DG . -76.59 17.74 -16.35
C3C CLA DG . -75.68 18.45 -17.13
C4C CLA DG . -75.04 17.49 -18.03
CMC CLA DG . -77.48 18.24 -15.30
CAC CLA DG . -75.41 19.90 -17.06
CBC CLA DG . -74.36 20.25 -16.03
ND CLA DG . -73.80 15.51 -19.83
C1D CLA DG . -73.47 16.90 -19.85
C2D CLA DG . -72.46 17.15 -20.89
C3D CLA DG . -72.20 15.92 -21.47
C4D CLA DG . -73.05 14.94 -20.77
CMD CLA DG . -71.90 18.45 -21.21
CAD CLA DG . -71.44 15.20 -22.48
OBD CLA DG . -70.64 15.62 -23.30
CBD CLA DG . -71.84 13.69 -22.37
CGD CLA DG . -72.40 13.15 -23.65
O1D CLA DG . -72.03 12.15 -24.27
O2D CLA DG . -73.44 13.87 -24.16
CED CLA DG . -74.21 13.29 -25.21
C1 CLA DG . -74.01 6.62 -20.92
C2 CLA DG . -74.76 5.77 -21.89
C3 CLA DG . -76.10 5.65 -21.88
C4 CLA DG . -76.79 4.79 -22.87
C5 CLA DG . -76.94 6.38 -20.90
C6 CLA DG . -78.37 6.59 -21.39
C7 CLA DG . -78.49 7.83 -22.25
C8 CLA DG . -79.84 8.51 -22.06
C9 CLA DG . -79.82 9.90 -22.66
C10 CLA DG . -80.20 8.58 -20.58
C11 CLA DG . -81.68 8.83 -20.37
C12 CLA DG . -82.08 8.60 -18.93
C13 CLA DG . -83.51 9.04 -18.67
C14 CLA DG . -83.75 9.28 -17.20
C15 CLA DG . -84.51 8.01 -19.21
C16 CLA DG . -84.56 6.79 -18.33
C17 CLA DG . -85.61 5.79 -18.79
C18 CLA DG . -85.79 4.65 -17.80
C19 CLA DG . -84.45 4.17 -17.28
C20 CLA DG . -86.67 5.08 -16.65
MG CLA EG . -84.53 -5.25 -17.34
CHA CLA EG . -85.55 -7.65 -19.63
CHB CLA EG . -81.72 -4.70 -19.16
CHC CLA EG . -83.64 -2.81 -15.09
CHD CLA EG . -87.45 -5.92 -15.42
NA CLA EG . -83.78 -6.07 -19.10
C1A CLA EG . -84.35 -7.06 -19.91
C2A CLA EG . -83.45 -7.38 -21.11
C3A CLA EG . -82.20 -6.49 -20.87
C4A CLA EG . -82.57 -5.69 -19.63
CMA CLA EG . -80.95 -7.31 -20.65
CAA CLA EG . -84.11 -7.09 -22.44
CBA CLA EG . -84.14 -5.61 -22.78
CGA CLA EG . -85.09 -5.40 -23.91
O1A CLA EG . -86.02 -6.13 -24.27
O2A CLA EG . -84.87 -4.24 -24.59
NB CLA EG . -82.95 -4.03 -17.13
C1B CLA EG . -81.94 -3.89 -18.03
C2B CLA EG . -81.08 -2.73 -17.64
C3B CLA EG . -81.61 -2.20 -16.50
C4B CLA EG . -82.82 -3.01 -16.15
CMB CLA EG . -79.91 -2.34 -18.43
CAB CLA EG . -81.21 -1.07 -15.68
CBB CLA EG . -79.95 -0.67 -15.47
NC CLA EG . -85.38 -4.52 -15.57
C1C CLA EG . -84.84 -3.52 -14.81
C2C CLA EG . -85.68 -3.26 -13.65
C3C CLA EG . -86.76 -4.13 -13.74
C4C CLA EG . -86.56 -4.92 -14.95
CMC CLA EG . -85.40 -2.26 -12.63
CAC CLA EG . -87.90 -4.24 -12.81
CBC CLA EG . -87.56 -5.08 -11.60
ND CLA EG . -86.16 -6.44 -17.45
C1D CLA EG . -87.28 -6.64 -16.58
C2D CLA EG . -88.16 -7.68 -17.16
C3D CLA EG . -87.57 -8.06 -18.36
C4D CLA EG . -86.31 -7.30 -18.47
CMD CLA EG . -89.42 -8.13 -16.56
CAD CLA EG . -87.66 -8.92 -19.52
OBD CLA EG . -88.57 -9.66 -19.87
CBD CLA EG . -86.35 -8.72 -20.34
CGD CLA EG . -85.57 -10.00 -20.46
O1D CLA EG . -85.37 -10.67 -21.49
O2D CLA EG . -85.04 -10.44 -19.30
CED CLA EG . -84.10 -11.52 -19.36
C1 CLA EG . -85.97 -3.75 -25.39
C2 CLA EG . -86.87 -3.00 -24.47
C3 CLA EG . -88.21 -3.20 -24.44
C4 CLA EG . -88.89 -4.17 -25.33
C5 CLA EG . -89.07 -2.42 -23.50
C6 CLA EG . -88.31 -1.36 -22.74
C7 CLA EG . -89.22 -0.57 -21.83
C8 CLA EG . -88.46 0.06 -20.67
C9 CLA EG . -89.40 0.72 -19.70
C10 CLA EG . -87.44 1.07 -21.19
MG CLA FG . -87.91 -4.43 -5.98
CHA CLA FG . -90.83 -6.03 -5.02
CHB CLA FG . -89.55 -3.02 -8.61
CHC CLA FG . -85.03 -2.75 -6.81
CHD CLA FG . -86.26 -5.86 -3.20
NA CLA FG . -89.87 -4.55 -6.69
C1A CLA FG . -90.95 -5.26 -6.15
C2A CLA FG . -92.22 -5.06 -6.97
C3A CLA FG . -91.74 -4.18 -8.15
C4A CLA FG . -90.29 -3.88 -7.81
CMA CLA FG . -91.87 -4.89 -9.48
CAA CLA FG . -93.26 -4.31 -6.17
CBA CLA FG . -92.64 -3.15 -5.39
CGA CLA FG . -93.66 -2.11 -5.09
O1A CLA FG . -94.42 -1.52 -5.87
O2A CLA FG . -93.71 -1.78 -3.77
NB CLA FG . -87.38 -3.13 -7.43
C1B CLA FG . -88.20 -2.68 -8.42
C2B CLA FG . -87.46 -1.75 -9.31
C3B CLA FG . -86.18 -1.66 -8.81
C4B CLA FG . -86.11 -2.55 -7.61
CMB CLA FG . -88.06 -1.10 -10.46
CAB CLA FG . -85.07 -0.89 -9.34
CBB CLA FG . -84.21 -0.16 -8.64
NC CLA FG . -85.99 -4.35 -5.16
C1C CLA FG . -84.97 -3.60 -5.67
C2C CLA FG . -83.77 -3.78 -4.84
C3C CLA FG . -84.12 -4.64 -3.81
C4C CLA FG . -85.52 -5.00 -4.01
CMC CLA FG . -82.49 -3.11 -5.09
CAC CLA FG . -83.26 -5.12 -2.71
CBC CLA FG . -83.50 -4.37 -1.42
ND CLA FG . -88.35 -5.70 -4.47
C1D CLA FG . -87.58 -6.20 -3.39
C2D CLA FG . -88.44 -7.09 -2.57
C3D CLA FG . -89.69 -7.08 -3.16
C4D CLA FG . -89.59 -6.18 -4.32
CMD CLA FG . -87.98 -7.82 -1.38
CAD CLA FG . -91.05 -7.58 -3.11
OBD CLA FG . -91.56 -8.38 -2.33
CBD CLA FG . -91.83 -6.89 -4.28
CGD CLA FG . -92.49 -7.89 -5.19
O1D CLA FG . -93.59 -7.81 -5.74
O2D CLA FG . -91.74 -9.01 -5.42
CED CLA FG . -91.73 -9.54 -6.74
MG CLA GG . -92.01 -7.21 -20.25
CHA CLA GG . -93.16 -9.24 -22.83
CHB CLA GG . -89.15 -6.60 -22.00
CHC CLA GG . -90.96 -5.15 -17.71
CHD CLA GG . -95.00 -7.86 -18.47
NA CLA GG . -91.29 -7.85 -22.11
C1A CLA GG . -91.92 -8.68 -23.04
C2A CLA GG . -91.04 -8.88 -24.28
C3A CLA GG . -89.75 -8.09 -23.95
C4A CLA GG . -90.07 -7.46 -22.60
CMA CLA GG . -88.54 -8.98 -23.89
CAA CLA GG . -91.69 -8.32 -25.53
CBA CLA GG . -92.27 -6.94 -25.28
CGA CLA GG . -92.81 -6.37 -26.56
O1A CLA GG . -93.29 -6.97 -27.53
O2A CLA GG . -92.75 -5.01 -26.61
NB CLA GG . -90.38 -6.08 -19.92
C1B CLA GG . -89.32 -5.97 -20.76
C2B CLA GG . -88.30 -5.06 -20.17
C3B CLA GG . -88.79 -4.63 -18.96
C4B CLA GG . -90.12 -5.29 -18.78
CMB CLA GG . -87.04 -4.74 -20.83
CAB CLA GG . -88.20 -3.75 -17.98
CBB CLA GG . -88.77 -2.67 -17.45
NC CLA GG . -92.83 -6.63 -18.42
C1C CLA GG . -92.22 -5.79 -17.54
C2C CLA GG . -93.07 -5.59 -16.37
C3C CLA GG . -94.21 -6.35 -16.58
C4C CLA GG . -94.06 -7.00 -17.87
CMC CLA GG . -92.72 -4.75 -15.22
CAC CLA GG . -95.37 -6.48 -15.68
CBC CLA GG . -95.08 -7.40 -14.52
ND CLA GG . -93.68 -8.32 -20.49
C1D CLA GG . -94.84 -8.48 -19.70
C2D CLA GG . -95.79 -9.39 -20.40
C3D CLA GG . -95.18 -9.72 -21.59
C4D CLA GG . -93.89 -9.01 -21.62
CMD CLA GG . -97.08 -9.81 -19.86
CAD CLA GG . -95.30 -10.47 -22.83
OBD CLA GG . -96.19 -11.23 -23.20
CBD CLA GG . -94.02 -10.16 -23.68
CGD CLA GG . -93.30 -11.41 -24.10
O1D CLA GG . -93.49 -12.08 -25.11
O2D CLA GG . -92.32 -11.80 -23.24
CED CLA GG . -91.29 -12.65 -23.76
MG CLA HG . -75.43 -4.47 2.91
CHA CLA HG . -74.46 -7.31 4.65
CHB CLA HG . -78.63 -5.60 2.83
CHC CLA HG . -76.36 -1.56 1.30
CHD CLA HG . -72.13 -3.24 3.17
NA CLA HG . -76.37 -6.19 3.62
C1A CLA HG . -75.79 -7.26 4.34
C2A CLA HG . -76.85 -8.31 4.69
C3A CLA HG . -78.14 -7.76 4.04
C4A CLA HG . -77.70 -6.41 3.45
CMA CLA HG . -78.68 -8.70 2.99
CAA CLA HG . -77.11 -8.49 6.18
CBA CLA HG . -76.50 -7.54 7.19
CGA CLA HG . -76.83 -6.10 6.97
O1A CLA HG . -77.91 -5.60 6.65
O2A CLA HG . -75.75 -5.27 7.15
NB CLA HG . -77.17 -3.71 2.22
C1B CLA HG . -78.36 -4.35 2.24
C2B CLA HG . -79.40 -3.52 1.55
C3B CLA HG . -78.76 -2.39 1.12
C4B CLA HG . -77.33 -2.49 1.53
CMB CLA HG . -80.79 -3.95 1.41
CAB CLA HG . -79.26 -1.24 0.39
CBB CLA HG . -80.37 -0.57 0.67
NC CLA HG . -74.41 -2.74 2.31
C1C CLA HG . -74.99 -1.68 1.66
C2C CLA HG . -73.99 -0.65 1.41
C3C CLA HG . -72.79 -1.10 1.97
C4C CLA HG . -73.07 -2.42 2.53
CMC CLA HG . -74.24 0.62 0.74
CAC CLA HG . -71.50 -0.40 1.98
CBC CLA HG . -70.46 -1.06 1.10
ND CLA HG . -73.66 -5.11 3.61
C1D CLA HG . -72.38 -4.50 3.68
C2D CLA HG . -71.43 -5.42 4.34
C3D CLA HG . -72.16 -6.54 4.70
C4D CLA HG . -73.56 -6.27 4.27
CMD CLA HG . -70.01 -5.11 4.52
CAD CLA HG . -72.16 -7.85 5.33
OBD CLA HG . -71.24 -8.54 5.71
CBD CLA HG . -73.63 -8.33 5.40
CGD CLA HG . -73.77 -9.74 4.88
O1D CLA HG . -73.34 -10.77 5.40
O2D CLA HG . -74.41 -9.85 3.68
CED CLA HG . -75.10 -11.08 3.42
C1 CLA HG . -75.67 -4.09 6.33
C2 CLA HG . -74.62 -3.23 6.95
C3 CLA HG . -74.37 -1.96 6.57
C4 CLA HG . -73.32 -1.16 7.23
C5 CLA HG . -75.14 -1.32 5.47
C6 CLA HG . -74.66 0.07 5.10
C7 CLA HG . -75.56 1.14 5.68
C8 CLA HG . -75.64 2.39 4.81
C9 CLA HG . -76.40 2.09 3.53
C10 CLA HG . -74.25 2.91 4.48
C11 CLA HG . -74.24 4.41 4.28
C12 CLA HG . -73.97 4.81 2.84
C13 CLA HG . -72.52 5.21 2.60
C14 CLA HG . -71.70 4.02 2.13
C15 CLA HG . -71.89 5.85 3.84
C16 CLA HG . -70.38 5.74 3.84
C17 CLA HG . -69.71 6.94 3.20
C18 CLA HG . -68.24 6.70 2.91
C19 CLA HG . -67.51 8.01 2.65
C20 CLA HG . -67.58 5.94 4.03
MG CLA IG . -67.58 -5.49 -4.78
CHA CLA IG . -65.86 -7.19 -7.27
CHB CLA IG . -69.37 -8.30 -4.11
CHC CLA IG . -69.23 -3.77 -2.32
CHD CLA IG . -65.59 -2.63 -5.44
NA CLA IG . -67.60 -7.42 -5.59
C1A CLA IG . -66.80 -7.94 -6.62
C2A CLA IG . -67.13 -9.41 -6.89
C3A CLA IG . -68.30 -9.71 -5.93
C4A CLA IG . -68.45 -8.40 -5.14
CMA CLA IG . -69.56 -10.05 -6.66
CAA CLA IG . -65.93 -10.30 -6.61
CBA CLA IG . -66.27 -11.47 -5.71
CGA CLA IG . -65.90 -11.15 -4.29
O1A CLA IG . -65.73 -11.93 -3.35
O2A CLA IG . -65.76 -9.82 -4.06
NB CLA IG . -69.02 -5.95 -3.46
C1B CLA IG . -69.62 -7.17 -3.34
C2B CLA IG . -70.63 -7.11 -2.24
C3B CLA IG . -70.60 -5.85 -1.73
C4B CLA IG . -69.58 -5.08 -2.50
CMB CLA IG . -71.46 -8.27 -1.87
CAB CLA IG . -71.39 -5.27 -0.67
CBB CLA IG . -70.88 -4.74 0.45
NC CLA IG . -67.45 -3.54 -4.05
C1C CLA IG . -68.24 -3.05 -3.04
C2C CLA IG . -67.89 -1.65 -2.79
C3C CLA IG . -66.83 -1.33 -3.65
C4C CLA IG . -66.56 -2.53 -4.43
CMC CLA IG . -68.52 -0.78 -1.81
CAC CLA IG . -66.13 -0.04 -3.75
CBC CLA IG . -66.43 0.74 -5.00
ND CLA IG . -66.11 -4.96 -6.06
C1D CLA IG . -65.36 -3.75 -6.21
C2D CLA IG . -64.38 -3.93 -7.31
C3D CLA IG . -64.56 -5.22 -7.77
C4D CLA IG . -65.61 -5.82 -6.94
CMD CLA IG . -63.46 -2.89 -7.78
CAD CLA IG . -64.12 -6.22 -8.72
OBD CLA IG . -63.31 -6.13 -9.64
CBD CLA IG . -64.91 -7.53 -8.41
CGD CLA IG . -65.63 -8.02 -9.62
O1D CLA IG . -66.75 -7.68 -10.02
O2D CLA IG . -64.95 -8.95 -10.33
CED CLA IG . -65.32 -9.15 -11.70
C1 CLA IG . -65.56 -9.42 -2.68
C2 CLA IG . -65.64 -7.94 -2.64
C3 CLA IG . -64.78 -7.20 -1.93
C4 CLA IG . -63.69 -7.82 -1.12
C5 CLA IG . -64.89 -5.72 -1.90
C6 CLA IG . -65.82 -5.24 -0.80
C7 CLA IG . -65.41 -3.88 -0.28
C8 CLA IG . -66.06 -3.59 1.06
C9 CLA IG . -67.58 -3.53 0.92
C10 CLA IG . -65.52 -2.30 1.67
C11 CLA IG . -66.20 -1.06 1.11
C12 CLA IG . -66.68 -0.15 2.22
C13 CLA IG . -66.12 1.26 2.08
C14 CLA IG . -66.60 2.14 3.23
C15 CLA IG . -66.48 1.88 0.74
C16 CLA IG . -66.00 3.31 0.63
C17 CLA IG . -64.49 3.40 0.47
C18 CLA IG . -64.10 4.05 -0.85
C19 CLA IG . -64.56 3.23 -2.04
C20 CLA IG . -64.67 5.46 -0.93
MG CLA JG . -71.15 -3.39 -13.06
CHA CLA JG . -72.09 -6.32 -14.65
CHB CLA JG . -68.73 -5.07 -11.37
CHC CLA JG . -70.06 -0.41 -11.73
CHD CLA JG . -73.65 -1.65 -14.86
NA CLA JG . -70.55 -5.38 -13.01
C1A CLA JG . -71.06 -6.45 -13.76
C2A CLA JG . -70.31 -7.73 -13.44
C3A CLA JG . -69.41 -7.34 -12.23
C4A CLA JG . -69.55 -5.82 -12.19
CMA CLA JG . -69.87 -7.99 -10.96
CAA CLA JG . -69.46 -8.09 -14.64
CBA CLA JG . -68.01 -7.64 -14.54
CGA CLA JG . -67.84 -6.20 -14.94
O1A CLA JG . -68.70 -5.40 -15.31
O2A CLA JG . -66.54 -5.77 -14.87
NB CLA JG . -69.71 -2.85 -11.74
C1B CLA JG . -68.76 -3.68 -11.25
C2B CLA JG . -67.74 -2.89 -10.50
C3B CLA JG . -68.11 -1.57 -10.59
C4B CLA JG . -69.37 -1.53 -11.39
CMB CLA JG . -66.59 -3.53 -9.87
CAB CLA JG . -67.50 -0.37 -10.09
CBB CLA JG . -66.71 -0.28 -9.02
NC CLA JG . -71.78 -1.40 -13.24
C1C CLA JG . -71.18 -0.34 -12.59
C2C CLA JG . -71.83 0.90 -12.97
C3C CLA JG . -72.86 0.55 -13.86
C4C CLA JG . -72.81 -0.89 -14.02
CMC CLA JG . -71.40 2.20 -12.45
CAC CLA JG . -73.81 1.45 -14.56
CBC CLA JG . -74.56 2.41 -13.68
ND CLA JG . -72.58 -3.81 -14.41
C1D CLA JG . -73.56 -3.02 -15.07
C2D CLA JG . -74.37 -3.88 -15.95
C3D CLA JG . -73.84 -5.14 -15.85
C4D CLA JG . -72.73 -5.06 -14.88
CMD CLA JG . -75.48 -3.41 -16.79
CAD CLA JG . -73.91 -6.53 -16.30
OBD CLA JG . -74.65 -7.05 -17.12
CBD CLA JG . -72.82 -7.32 -15.51
CGD CLA JG . -73.44 -8.45 -14.72
O1D CLA JG . -74.63 -8.57 -14.41
O2D CLA JG . -72.57 -9.40 -14.31
CED CLA JG . -73.10 -10.68 -13.96
C1 CLA JG . -66.05 -5.27 -13.61
C2 CLA JG . -65.57 -3.89 -13.81
C3 CLA JG . -64.46 -3.41 -13.22
C4 CLA JG . -63.63 -4.27 -12.33
C5 CLA JG . -63.98 -2.01 -13.41
C6 CLA JG . -65.02 -1.07 -13.99
C7 CLA JG . -65.60 -0.20 -12.89
C8 CLA JG . -65.44 1.30 -13.14
C9 CLA JG . -65.56 1.62 -14.62
C10 CLA JG . -64.11 1.81 -12.60
C11 CLA JG . -64.22 3.23 -12.08
C12 CLA JG . -62.98 3.65 -11.31
C13 CLA JG . -62.09 4.58 -12.12
C14 CLA JG . -61.04 3.81 -12.90
C15 CLA JG . -61.42 5.63 -11.24
C16 CLA JG . -62.17 6.94 -11.27
C17 CLA JG . -61.29 8.11 -10.91
C18 CLA JG . -61.27 8.43 -9.42
C19 CLA JG . -60.69 9.79 -9.17
C20 CLA JG . -62.67 8.33 -8.84
MG CLA KG . -81.18 14.45 -4.10
CHA CLA KG . -79.91 17.68 -4.30
CHB CLA KG . -82.34 15.10 -0.98
CHC CLA KG . -82.47 11.28 -3.99
CHD CLA KG . -79.96 13.83 -7.37
NA CLA KG . -81.11 16.13 -2.86
C1A CLA KG . -80.54 17.38 -3.12
C2A CLA KG . -80.72 18.33 -1.93
C3A CLA KG . -81.42 17.46 -0.87
C4A CLA KG . -81.66 16.13 -1.60
CMA CLA KG . -80.57 17.26 0.36
CAA CLA KG . -81.60 19.51 -2.30
CBA CLA KG . -82.26 20.13 -1.08
CGA CLA KG . -83.32 21.10 -1.49
O1A CLA KG . -84.04 21.80 -0.77
O2A CLA KG . -83.48 21.20 -2.84
NB CLA KG . -82.21 13.40 -2.75
C1B CLA KG . -82.60 13.84 -1.53
C2B CLA KG . -83.37 12.77 -0.82
C3B CLA KG . -83.41 11.69 -1.67
C4B CLA KG . -82.67 12.06 -2.91
CMB CLA KG . -83.93 12.94 0.53
CAB CLA KG . -84.01 10.39 -1.50
CBB CLA KG . -83.89 9.61 -0.42
NC CLA KG . -81.19 12.85 -5.44
C1C CLA KG . -81.78 11.64 -5.19
C2C CLA KG . -81.60 10.75 -6.33
C3C CLA KG . -80.90 11.47 -7.29
C4C CLA KG . -80.65 12.80 -6.72
CMC CLA KG . -82.10 9.38 -6.41
CAC CLA KG . -80.48 11.01 -8.62
CBC CLA KG . -81.35 11.57 -9.72
ND CLA KG . -80.15 15.45 -5.53
C1D CLA KG . -79.73 15.08 -6.84
C2D CLA KG . -79.01 16.21 -7.45
C3D CLA KG . -79.05 17.24 -6.52
C4D CLA KG . -79.77 16.72 -5.35
CMD CLA KG . -78.41 16.20 -8.78
CAD CLA KG . -78.67 18.60 -6.22
OBD CLA KG . -78.03 19.39 -6.91
CBD CLA KG . -79.21 18.93 -4.80
CGD CLA KG . -78.12 19.39 -3.86
O1D CLA KG . -78.03 20.47 -3.29
O2D CLA KG . -77.15 18.46 -3.65
CED CLA KG . -76.16 18.75 -2.65
C1 CLA KG . -84.81 21.03 -3.36
C2 CLA KG . -85.08 19.57 -3.34
C3 CLA KG . -86.04 19.01 -4.10
C4 CLA KG . -86.88 19.80 -5.03
C5 CLA KG . -86.28 17.54 -4.05
C6 CLA KG . -85.33 16.82 -3.10
C7 CLA KG . -85.37 15.33 -3.33
C8 CLA KG . -86.67 14.70 -2.84
C9 CLA KG . -86.87 14.98 -1.36
C10 CLA KG . -86.68 13.20 -3.09
C11 CLA KG . -86.24 12.86 -4.49
C12 CLA KG . -86.34 11.37 -4.77
C13 CLA KG . -85.76 11.02 -6.14
C14 CLA KG . -86.24 11.98 -7.21
C15 CLA KG . -86.11 9.58 -6.52
MG CLA LG . -65.29 11.39 -5.97
CHA CLA LG . -63.41 14.19 -5.16
CHB CLA LG . -64.56 11.85 -9.26
CHC CLA LG . -67.05 8.53 -6.69
CHD CLA LG . -65.95 10.91 -2.52
NA CLA LG . -64.18 12.82 -7.02
C1A CLA LG . -63.46 13.90 -6.49
C2A CLA LG . -62.77 14.69 -7.62
C3A CLA LG . -63.23 13.98 -8.91
C4A CLA LG . -64.05 12.79 -8.38
CMA CLA LG . -64.03 14.88 -9.80
CAA CLA LG . -61.26 14.60 -7.49
CBA CLA LG . -60.74 13.18 -7.46
CGA CLA LG . -60.45 12.74 -6.05
O1A CLA LG . -60.18 13.43 -5.07
O2A CLA LG . -60.50 11.39 -5.88
NB CLA LG . -65.73 10.39 -7.66
C1B CLA LG . -65.32 10.73 -8.91
C2B CLA LG . -65.80 9.72 -9.88
C3B CLA LG . -66.51 8.77 -9.16
C4B CLA LG . -66.47 9.19 -7.74
CMB CLA LG . -65.54 9.79 -11.32
CAB CLA LG . -67.19 7.58 -9.60
CBB CLA LG . -66.67 6.66 -10.42
NC CLA LG . -66.34 10.00 -4.81
C1C CLA LG . -66.99 8.91 -5.33
C2C CLA LG . -67.61 8.16 -4.24
C3C CLA LG . -67.29 8.81 -3.05
C4C CLA LG . -66.49 9.97 -3.42
CMC CLA LG . -68.40 6.94 -4.44
CAC CLA LG . -67.69 8.42 -1.69
CBC CLA LG . -69.02 8.97 -1.28
ND CLA LG . -64.88 12.32 -4.22
C1D CLA LG . -65.20 12.01 -2.87
C2D CLA LG . -64.61 13.04 -1.99
C3D CLA LG . -63.92 13.92 -2.81
C4D CLA LG . -64.10 13.40 -4.19
CMD CLA LG . -64.75 13.07 -0.53
CAD CLA LG . -63.12 15.12 -2.89
OBD CLA LG . -62.78 15.88 -1.99
CBD CLA LG . -62.73 15.31 -4.38
CGD CLA LG . -63.12 16.66 -4.89
O1D CLA LG . -64.25 17.06 -5.20
O2D CLA LG . -62.07 17.53 -5.00
CED CLA LG . -61.70 17.96 -6.30
C1 CLA LG . -61.81 10.78 -5.77
C2 CLA LG . -61.90 10.22 -4.40
C3 CLA LG . -62.62 9.14 -4.09
C4 CLA LG . -62.67 8.62 -2.70
C5 CLA LG . -63.41 8.41 -5.11
C6 CLA LG . -63.60 6.94 -4.77
C7 CLA LG . -63.45 6.07 -6.01
C8 CLA LG . -64.77 5.43 -6.43
C9 CLA LG . -65.47 4.78 -5.25
C10 CLA LG . -64.56 4.42 -7.55
C11 CLA LG . -64.05 3.09 -7.05
C12 CLA LG . -62.58 2.88 -7.36
C13 CLA LG . -62.21 1.40 -7.40
C14 CLA LG . -63.00 0.69 -8.47
C15 CLA LG . -62.42 0.74 -6.04
C16 CLA LG . -61.15 0.79 -5.21
C17 CLA LG . -61.46 0.84 -3.72
C18 CLA LG . -61.94 -0.51 -3.21
C19 CLA LG . -60.77 -1.39 -2.81
C20 CLA LG . -62.87 -0.34 -2.04
MG CLA MG . -68.59 16.94 3.54
CHA CLA MG . -69.81 20.06 4.42
CHB CLA MG . -65.74 17.57 5.31
CHC CLA MG . -67.42 13.83 2.66
CHD CLA MG . -71.57 16.34 1.72
NA CLA MG . -67.92 18.56 4.67
C1A CLA MG . -68.58 19.77 4.94
C2A CLA MG . -67.73 20.69 5.82
C3A CLA MG . -66.45 19.86 6.08
C4A CLA MG . -66.70 18.56 5.31
CMA CLA MG . -65.21 20.57 5.61
CAA CLA MG . -68.42 21.00 7.14
CBA CLA MG . -68.75 19.73 7.91
CGA CLA MG . -69.17 20.10 9.30
O1A CLA MG . -69.33 21.21 9.79
O2A CLA MG . -69.38 19.00 10.09
NB CLA MG . -66.91 15.89 3.93
C1B CLA MG . -65.85 16.33 4.64
C2B CLA MG . -64.77 15.30 4.63
C3B CLA MG . -65.23 14.25 3.88
C4B CLA MG . -66.61 14.61 3.43
CMB CLA MG . -63.49 15.48 5.32
CAB CLA MG . -64.63 12.98 3.54
CBB CLA MG . -63.36 12.82 3.16
NC CLA MG . -69.36 15.37 2.40
C1C CLA MG . -68.72 14.18 2.18
C2C CLA MG . -69.55 13.31 1.36
C3C CLA MG . -70.72 14.02 1.09
C4C CLA MG . -70.59 15.32 1.75
CMC CLA MG . -69.19 11.98 0.93
CAC CLA MG . -71.87 13.57 0.29
CBC CLA MG . -73.03 13.13 1.16
ND CLA MG . -70.30 17.92 3.11
C1D CLA MG . -71.45 17.56 2.35
C2D CLA MG . -72.41 18.67 2.37
C3D CLA MG . -71.83 19.68 3.14
C4D CLA MG . -70.53 19.15 3.57
CMD CLA MG . -73.70 18.67 1.68
CAD CLA MG . -71.96 21.02 3.67
OBD CLA MG . -72.87 21.83 3.50
CBD CLA MG . -70.70 21.28 4.54
CGD CLA MG . -69.96 22.53 4.13
O1D CLA MG . -69.70 23.52 4.81
O2D CLA MG . -69.53 22.52 2.84
CED CLA MG . -68.31 23.21 2.53
C1 CLA MG . -70.70 18.88 10.67
C2 CLA MG . -70.78 17.51 11.25
C3 CLA MG . -71.94 16.90 11.52
C4 CLA MG . -73.25 17.54 11.25
C5 CLA MG . -71.97 15.52 12.08
C6 CLA MG . -70.68 14.77 11.86
C7 CLA MG . -70.64 13.48 12.66
C8 CLA MG . -69.58 12.52 12.16
C9 CLA MG . -68.23 13.22 12.04
C10 CLA MG . -69.97 11.93 10.81
C11 CLA MG . -69.38 10.55 10.61
CAA F6C NG . -58.36 21.35 4.90
CAB F6C NG . -53.12 14.45 1.12
CAC F6C NG . -60.68 12.40 -0.40
CAD F6C NG . -62.49 19.77 2.66
NA F6C NG . -57.73 18.93 2.50
CBA F6C NG . -57.96 20.19 5.79
CBB F6C NG . -52.90 13.93 -0.09
CBC F6C NG . -60.92 12.47 -1.89
CBD F6C NG . -61.21 20.58 3.05
NB F6C NG . -56.08 16.67 1.54
OBD F6C NG . -63.63 20.19 2.79
CGA F6C NG . -59.10 19.23 5.96
CGD F6C NG . -61.14 21.89 2.31
ND F6C NG . -60.06 17.33 1.76
CED F6C NG . -62.03 24.09 2.10
CHA F6C NG . -60.03 19.69 2.75
CHB F6C NG . -55.26 18.77 2.53
CHC F6C NG . -56.16 14.38 0.63
CHD F6C NG . -61.00 15.26 0.82
CMA F6C NG . -55.81 21.81 2.37
CMB F6C NG . -52.52 17.36 2.38
CMC F6C NG . -57.53 11.87 -0.55
CMD F6C NG . -63.76 16.75 1.36
OMB F6C NG . -52.43 17.85 3.50
C1 F6C NG . -59.82 16.97 5.59
C1A F6C NG . -58.68 19.89 2.88
C1B F6C NG . -55.10 17.48 2.02
C1C F6C NG . -57.57 14.24 0.50
C1D F6C NG . -61.16 16.52 1.37
O1A F6C NG . -60.18 19.39 6.53
O1D F6C NG . -60.40 22.18 1.38
C2 F6C NG . -59.41 15.84 4.71
C2A F6C NG . -58.00 21.14 3.45
C2B F6C NG . -53.79 16.77 1.94
C2C F6C NG . -58.23 13.06 -0.05
C2D F6C NG . -62.41 17.26 1.63
O2A F6C NG . -58.85 18.02 5.37
O2D F6C NG . -62.01 22.83 2.76
C3 F6C NG . -59.38 14.57 5.12
C3A F6C NG . -56.49 20.84 3.30
C3B F6C NG . -54.04 15.53 1.40
C3C F6C NG . -59.60 13.31 0.03
C3D F6C NG . -62.03 18.49 2.15
C4 F6C NG . -59.76 14.18 6.51
C4A F6C NG . -56.46 19.41 2.74
C4B F6C NG . -55.50 15.44 1.15
C4C F6C NG . -59.77 14.63 0.59
C4D F6C NG . -60.56 18.48 2.21
C5 F6C NG . -58.96 13.48 4.20
C6 F6C NG . -59.96 12.33 4.16
NC F6C NG . -58.51 15.17 0.86
MG F6C NG . -58.05 17.04 1.67
MG CLA OG . -52.79 17.42 -6.63
CHA CLA OG . -56.19 17.19 -6.01
CHB CLA OG . -52.16 16.55 -3.40
CHC CLA OG . -49.44 17.49 -7.35
CHD CLA OG . -53.52 18.36 -9.98
NA CLA OG . -54.01 16.96 -4.99
C1A CLA OG . -55.40 16.90 -4.94
C2A CLA OG . -55.89 16.52 -3.54
C3A CLA OG . -54.59 16.44 -2.71
C4A CLA OG . -53.49 16.65 -3.76
CMA CLA OG . -54.55 17.49 -1.64
CAA CLA OG . -56.60 15.17 -3.55
CBA CLA OG . -55.89 14.15 -4.41
CGA CLA OG . -56.78 12.99 -4.74
O1A CLA OG . -57.27 12.16 -3.98
O2A CLA OG . -57.06 12.89 -6.08
NB CLA OG . -51.12 17.08 -5.58
C1B CLA OG . -51.06 16.73 -4.26
C2B CLA OG . -49.64 16.58 -3.83
C3B CLA OG . -48.87 16.85 -4.94
C4B CLA OG . -49.80 17.17 -6.07
CMB CLA OG . -49.25 16.23 -2.48
CAB CLA OG . -47.44 16.84 -5.08
CBB CLA OG . -46.75 16.03 -5.89
NC CLA OG . -51.69 17.86 -8.34
C1C CLA OG . -50.32 17.81 -8.41
C2C CLA OG . -49.89 18.15 -9.77
C3C CLA OG . -51.03 18.41 -10.51
C4C CLA OG . -52.16 18.21 -9.61
CMC CLA OG . -48.49 18.20 -10.20
CAC CLA OG . -51.11 18.79 -11.93
CBC CLA OG . -50.85 20.26 -12.15
ND CLA OG . -54.43 17.76 -7.77
C1D CLA OG . -54.58 18.15 -9.13
C2D CLA OG . -56.03 18.26 -9.43
C3D CLA OG . -56.70 17.89 -8.27
C4D CLA OG . -55.65 17.59 -7.28
CMD CLA OG . -56.59 18.65 -10.72
CAD CLA OG . -57.98 17.72 -7.63
OBD CLA OG . -59.10 17.91 -8.09
CBD CLA OG . -57.70 17.23 -6.17
CGD CLA OG . -58.33 18.10 -5.13
O1D CLA OG . -59.22 17.80 -4.32
O2D CLA OG . -57.83 19.37 -5.08
CED CLA OG . -57.97 20.09 -3.84
C1 CLA OG . -57.24 11.56 -6.62
C2 CLA OG . -55.91 10.91 -6.68
C3 CLA OG . -55.39 10.38 -7.80
C4 CLA OG . -54.06 9.75 -7.81
C5 CLA OG . -56.14 10.39 -9.09
C6 CLA OG . -55.26 10.37 -10.32
C7 CLA OG . -54.97 11.78 -10.81
C8 CLA OG . -54.28 11.81 -12.18
C9 CLA OG . -54.96 10.89 -13.16
C10 CLA OG . -52.80 11.47 -12.05
C11 CLA OG . -51.97 12.22 -13.07
C12 CLA OG . -50.49 12.18 -12.72
C13 CLA OG . -49.64 12.86 -13.79
C14 CLA OG . -48.19 12.43 -13.66
C15 CLA OG . -49.76 14.37 -13.72
C16 CLA OG . -48.78 15.06 -14.64
C17 CLA OG . -48.96 16.56 -14.64
C18 CLA OG . -47.92 17.27 -15.49
C19 CLA OG . -48.18 17.03 -16.96
C20 CLA OG . -47.92 18.75 -15.21
CAA F6C PG . -64.82 11.37 -16.23
CAB F6C PG . -58.24 15.09 -10.09
CAC F6C PG . -63.59 20.86 -11.41
CAD F6C PG . -67.86 15.02 -15.09
NA F6C PG . -63.47 13.50 -13.72
CBA F6C PG . -65.18 9.93 -16.53
CBB F6C PG . -57.73 14.42 -9.06
CBC F6C PG . -62.74 22.07 -11.71
CBD F6C PG . -67.11 13.65 -15.15
NB F6C PG . -61.23 14.78 -12.28
OBD F6C PG . -69.00 15.19 -15.53
CGA F6C PG . -65.60 9.80 -17.96
CGD F6C PG . -67.88 12.56 -14.47
ND F6C PG . -64.84 16.06 -13.53
CED F6C PG . -68.48 11.62 -12.36
CHA F6C PG . -65.75 13.88 -14.53
CHB F6C PG . -61.33 12.45 -13.06
CHC F6C PG . -60.49 16.85 -11.14
CHD F6C PG . -64.86 18.41 -12.80
CMA F6C PG . -62.88 9.96 -13.68
CMB F6C PG . -58.79 12.13 -11.37
CMC F6C PG . -60.66 19.78 -10.33
CMD F6C PG . -67.75 18.38 -14.10
OMB F6C PG . -58.78 11.31 -12.28
C1 F6C PG . -67.54 9.43 -19.32
C1A F6C PG . -64.66 13.05 -14.34
C1B F6C PG . -60.76 13.51 -12.34
C1C F6C PG . -61.61 17.69 -11.48
C1D F6C PG . -65.47 17.34 -13.42
O1A F6C PG . -64.99 10.15 -18.97
O1D F6C PG . -68.77 11.86 -14.95
C2 F6C PG . -68.05 10.83 -19.26
C2A F6C PG . -64.53 11.59 -14.76
C2B F6C PG . -59.52 13.38 -11.51
C2C F6C PG . -61.71 19.08 -11.09
C2D F6C PG . -66.82 17.27 -14.02
O2A F6C PG . -66.82 9.18 -18.09
O2D F6C PG . -67.56 12.36 -13.16
C3 F6C PG . -69.09 11.20 -18.50
C3A F6C PG . -63.05 11.24 -14.46
C3B F6C PG . -59.29 14.63 -10.97
C3C F6C PG . -62.95 19.54 -11.55
C3D F6C PG . -66.99 15.96 -14.44
C4 F6C PG . -69.82 10.25 -17.64
C4A F6C PG . -62.56 12.47 -13.68
C4B F6C PG . -60.36 15.53 -11.46
C4C F6C PG . -63.57 18.40 -12.22
C4D F6C PG . -65.73 15.26 -14.12
C5 F6C PG . -69.55 12.62 -18.47
C6 F6C PG . -68.99 13.45 -19.61
C7 F6C PG . -68.61 14.83 -19.12
C8 F6C PG . -68.53 15.85 -20.24
C9 F6C PG . -67.61 15.34 -21.34
C10 F6C PG . -68.03 17.19 -19.73
C11 F6C PG . -66.68 17.08 -19.05
C12 F6C PG . -66.60 17.95 -17.82
C13 F6C PG . -65.75 19.20 -18.04
C14 F6C PG . -65.19 19.71 -16.72
C15 F6C PG . -66.54 20.30 -18.73
NC F6C PG . -62.72 17.30 -12.17
MG F6C PG . -63.04 15.38 -12.93
C16 F6C PG . -65.62 21.35 -19.33
C17 F6C PG . -66.39 22.58 -19.75
C18 F6C PG . -65.64 23.39 -20.81
C19 F6C PG . -66.31 24.73 -21.03
C20 F6C PG . -64.20 23.60 -20.41
MG CLA QG . -49.98 2.34 -15.63
CHA CLA QG . -51.10 -0.63 -14.22
CHB CLA QG . -50.16 3.84 -12.58
CHC CLA QG . -48.72 5.20 -17.04
CHD CLA QG . -49.84 0.73 -18.78
NA CLA QG . -50.53 1.69 -13.72
C1A CLA QG . -50.96 0.41 -13.35
C2A CLA QG . -51.23 0.36 -11.86
C3A CLA QG . -51.09 1.82 -11.39
C4A CLA QG . -50.53 2.52 -12.64
CMA CLA QG . -52.41 2.40 -10.94
CAA CLA QG . -50.10 -0.45 -11.26
CBA CLA QG . -49.97 -0.29 -9.76
CGA CLA QG . -48.82 -1.13 -9.29
O1A CLA QG . -48.20 -2.00 -9.91
O2A CLA QG . -48.43 -0.84 -8.02
NB CLA QG . -49.58 4.18 -14.95
C1B CLA QG . -49.65 4.58 -13.65
C2B CLA QG . -49.10 5.97 -13.52
C3B CLA QG . -48.69 6.36 -14.77
C4B CLA QG . -48.98 5.23 -15.70
CMB CLA QG . -49.05 6.65 -12.23
CAB CLA QG . -48.07 7.58 -15.22
CBB CLA QG . -47.20 8.32 -14.53
NC CLA QG . -49.40 2.87 -17.57
C1C CLA QG . -48.91 4.09 -17.91
C2C CLA QG . -48.59 4.11 -19.34
C3C CLA QG . -48.92 2.85 -19.84
C4C CLA QG . -49.43 2.08 -18.71
CMC CLA QG . -48.03 5.26 -20.06
CAC CLA QG . -48.78 2.38 -21.23
CBC CLA QG . -47.61 1.44 -21.41
ND CLA QG . -50.31 0.50 -16.39
C1D CLA QG . -50.26 -0.03 -17.71
C2D CLA QG . -50.69 -1.44 -17.69
C3D CLA QG . -51.02 -1.73 -16.39
C4D CLA QG . -50.79 -0.48 -15.62
CMD CLA QG . -50.72 -2.30 -18.87
CAD CLA QG . -51.50 -2.73 -15.44
OBD CLA QG . -51.77 -3.90 -15.65
CBD CLA QG . -51.61 -2.03 -14.06
CGD CLA QG . -53.04 -1.99 -13.58
O1D CLA QG . -53.76 -1.00 -13.44
O2D CLA QG . -53.58 -3.21 -13.26
CED CLA QG . -54.99 -3.26 -13.02
C1 CLA QG . -47.48 -1.75 -7.44
C2 CLA QG . -47.94 -2.05 -6.06
C3 CLA QG . -47.56 -1.33 -5.00
C4 CLA QG . -46.64 -0.17 -5.11
C5 CLA QG . -48.05 -1.68 -3.64
C6 CLA QG . -49.08 -0.68 -3.13
C7 CLA QG . -49.97 -1.33 -2.09
C8 CLA QG . -50.88 -0.30 -1.40
C9 CLA QG . -51.61 0.54 -2.41
C10 CLA QG . -50.06 0.58 -0.46
MG CLA RG . -57.11 -5.44 -7.84
CHA CLA RG . -55.03 -2.81 -8.70
CHB CLA RG . -59.05 -3.32 -6.03
CHC CLA RG . -59.13 -8.09 -7.02
CHD CLA RG . -55.03 -7.62 -9.70
NA CLA RG . -57.03 -3.39 -7.45
C1A CLA RG . -56.08 -2.46 -7.90
C2A CLA RG . -56.40 -1.06 -7.35
C3A CLA RG . -57.64 -1.29 -6.45
C4A CLA RG . -57.95 -2.77 -6.65
CMA CLA RG . -57.35 -0.96 -5.01
CAA CLA RG . -56.70 -0.05 -8.44
CBA CLA RG . -56.64 1.35 -7.85
CGA CLA RG . -57.10 2.38 -8.84
O1A CLA RG . -56.76 2.51 -10.02
O2A CLA RG . -57.99 3.26 -8.32
NB CLA RG . -58.75 -5.67 -6.69
C1B CLA RG . -59.46 -4.67 -6.11
C2B CLA RG . -60.73 -5.20 -5.56
C3B CLA RG . -60.76 -6.54 -5.84
C4B CLA RG . -59.49 -6.86 -6.56
CMB CLA RG . -61.69 -4.34 -4.86
CAB CLA RG . -61.73 -7.57 -5.55
CBB CLA RG . -63.04 -7.40 -5.31
NC CLA RG . -57.07 -7.48 -8.29
C1C CLA RG . -57.99 -8.38 -7.82
C2C CLA RG . -57.65 -9.71 -8.30
C3C CLA RG . -56.50 -9.59 -9.08
C4C CLA RG . -56.13 -8.18 -9.05
CMC CLA RG . -58.42 -10.92 -8.00
CAC CLA RG . -55.76 -10.66 -9.78
CBC CLA RG . -54.64 -11.23 -8.94
ND CLA RG . -55.46 -5.31 -8.99
C1D CLA RG . -54.69 -6.29 -9.68
C2D CLA RG . -53.54 -5.64 -10.32
C3D CLA RG . -53.63 -4.30 -9.99
C4D CLA RG . -54.83 -4.15 -9.15
CMD CLA RG . -52.53 -6.32 -11.15
CAD CLA RG . -53.03 -3.00 -10.12
OBD CLA RG . -52.03 -2.67 -10.75
CBD CLA RG . -53.89 -2.00 -9.28
CGD CLA RG . -53.08 -1.33 -8.20
O1D CLA RG . -52.53 -1.87 -7.21
O2D CLA RG . -52.94 0.00 -8.36
CED CLA RG . -53.10 0.83 -7.20
C1 CLA RG . -58.21 4.49 -9.06
C2 CLA RG . -57.87 5.61 -8.16
C3 CLA RG . -58.62 5.99 -7.12
C4 CLA RG . -59.90 5.32 -6.77
C5 CLA RG . -58.23 7.14 -6.25
C6 CLA RG . -58.25 6.78 -4.77
C7 CLA RG . -58.08 8.04 -3.93
C8 CLA RG . -57.15 7.82 -2.75
C9 CLA RG . -57.92 7.77 -1.46
C10 CLA RG . -56.08 8.91 -2.69
C11 CLA RG . -55.04 8.62 -1.65
C12 CLA RG . -53.90 9.64 -1.69
C13 CLA RG . -52.81 9.31 -0.69
C14 CLA RG . -52.33 7.88 -0.85
C15 CLA RG . -53.28 9.55 0.75
C16 CLA RG . -52.13 9.38 1.74
C17 CLA RG . -51.27 10.63 1.82
C18 CLA RG . -49.98 10.39 2.58
C19 CLA RG . -50.19 9.53 3.80
C20 CLA RG . -48.94 9.77 1.67
MG CLA SG . -60.84 -6.16 -30.14
CHA CLA SG . -64.20 -6.81 -30.70
CHB CLA SG . -60.42 -9.34 -29.02
CHC CLA SG . -57.47 -5.55 -29.90
CHD CLA SG . -61.34 -2.86 -31.31
NA CLA SG . -62.13 -7.77 -29.85
C1A CLA SG . -63.49 -7.85 -30.14
C2A CLA SG . -64.06 -9.22 -29.75
C3A CLA SG . -62.88 -9.88 -28.99
C4A CLA SG . -61.71 -8.95 -29.30
CMA CLA SG . -63.15 -9.97 -27.51
CAA CLA SG . -64.47 -10.01 -30.99
CBA CLA SG . -63.30 -10.43 -31.86
CGA CLA SG . -63.04 -9.41 -32.92
O1A CLA SG . -62.18 -8.53 -32.94
O2A CLA SG . -63.92 -9.49 -33.97
NB CLA SG . -59.26 -7.21 -29.46
C1B CLA SG . -59.27 -8.55 -29.27
C2B CLA SG . -57.88 -9.11 -29.33
C3B CLA SG . -57.05 -8.04 -29.58
C4B CLA SG . -57.91 -6.82 -29.66
CMB CLA SG . -57.60 -10.53 -29.14
CAB CLA SG . -55.62 -7.96 -29.75
CBB CLA SG . -54.81 -8.94 -30.17
NC CLA SG . -59.64 -4.48 -30.48
C1C CLA SG . -58.28 -4.45 -30.28
C2C CLA SG . -57.77 -3.12 -30.57
C3C CLA SG . -58.86 -2.36 -31.02
C4C CLA SG . -60.03 -3.23 -30.95
CMC CLA SG . -56.37 -2.71 -30.45
CAC CLA SG . -58.85 -0.95 -31.43
CBC CLA SG . -58.92 -0.78 -32.93
ND CLA SG . -62.36 -5.03 -30.84
C1D CLA SG . -62.44 -3.70 -31.28
C2D CLA SG . -63.82 -3.40 -31.70
C3D CLA SG . -64.52 -4.57 -31.54
C4D CLA SG . -63.58 -5.56 -30.98
CMD CLA SG . -64.27 -2.10 -32.22
CAD CLA SG . -65.82 -5.22 -31.66
OBD CLA SG . -66.86 -4.79 -32.13
CBD CLA SG . -65.65 -6.67 -31.10
CGD CLA SG . -66.61 -6.91 -29.97
O1D CLA SG . -66.65 -6.32 -28.89
O2D CLA SG . -67.50 -7.90 -30.20
CED CLA SG . -68.80 -7.76 -29.61
C1 CLA SG . -63.33 -9.46 -35.29
C2 CLA SG . -63.96 -8.33 -36.01
C3 CLA SG . -63.78 -8.10 -37.32
C4 CLA SG . -64.44 -6.95 -38.01
C5 CLA SG . -62.91 -8.98 -38.15
C6 CLA SG . -62.18 -8.22 -39.23
C7 CLA SG . -61.81 -9.14 -40.39
C8 CLA SG . -61.43 -8.40 -41.66
C9 CLA SG . -62.15 -7.06 -41.76
C10 CLA SG . -61.75 -9.25 -42.89
C11 CLA SG . -60.74 -9.04 -44.00
C12 CLA SG . -61.40 -8.60 -45.29
C13 CLA SG . -61.95 -9.78 -46.08
C14 CLA SG . -61.42 -9.77 -47.50
C15 CLA SG . -63.47 -9.79 -46.10
MG CLA TG . -65.81 -3.31 -23.11
CHA CLA TG . -67.67 -6.02 -21.99
CHB CLA TG . -66.10 -4.45 -26.30
CHC CLA TG . -64.13 -0.53 -24.19
CHD CLA TG . -65.56 -2.15 -19.78
NA CLA TG . -66.70 -5.00 -23.97
C1A CLA TG . -67.45 -5.99 -23.34
C2A CLA TG . -67.91 -7.05 -24.34
C3A CLA TG . -67.25 -6.61 -25.66
C4A CLA TG . -66.64 -5.25 -25.31
CMA CLA TG . -66.18 -7.60 -26.07
CAA CLA TG . -69.43 -7.13 -24.47
CBA CLA TG . -70.03 -5.89 -25.10
CGA CLA TG . -71.15 -5.39 -24.23
O1A CLA TG . -72.33 -5.21 -24.51
O2A CLA TG . -70.72 -5.13 -22.96
NB CLA TG . -65.18 -2.64 -24.90
C1B CLA TG . -65.52 -3.19 -26.10
C2B CLA TG . -65.15 -2.25 -27.20
C3B CLA TG . -64.58 -1.14 -26.61
C4B CLA TG . -64.59 -1.38 -25.14
CMB CLA TG . -65.39 -2.59 -28.61
CAB CLA TG . -64.04 0.08 -27.16
CBB CLA TG . -63.96 0.42 -28.44
NC CLA TG . -64.96 -1.67 -22.15
C1C CLA TG . -64.29 -0.66 -22.78
C2C CLA TG . -63.80 0.31 -21.81
C3C CLA TG . -64.24 -0.13 -20.56
C4C CLA TG . -64.97 -1.37 -20.78
CMC CLA TG . -63.02 1.51 -22.13
CAC CLA TG . -63.99 0.51 -19.25
CBC CLA TG . -65.17 1.31 -18.76
ND CLA TG . -66.41 -3.91 -21.27
C1D CLA TG . -66.25 -3.33 -19.99
C2D CLA TG . -66.91 -4.20 -18.99
C3D CLA TG . -67.47 -5.25 -19.71
C4D CLA TG . -67.13 -5.01 -21.12
CMD CLA TG . -66.95 -3.95 -17.56
CAD CLA TG . -68.22 -6.49 -19.64
OBD CLA TG . -68.64 -7.08 -18.65
CBD CLA TG . -68.40 -7.00 -21.10
CGD CLA TG . -67.91 -8.40 -21.29
O1D CLA TG . -66.76 -8.83 -21.10
O2D CLA TG . -68.86 -9.27 -21.73
CED CLA TG . -68.53 -10.65 -21.79
C1 CLA TG . -71.74 -4.83 -21.98
C2 CLA TG . -71.00 -4.46 -20.75
C3 CLA TG . -71.52 -4.58 -19.51
C4 CLA TG . -72.87 -5.12 -19.29
C5 CLA TG . -70.73 -4.20 -18.31
C6 CLA TG . -70.89 -2.73 -17.95
C7 CLA TG . -70.24 -2.45 -16.60
C8 CLA TG . -69.48 -1.12 -16.61
C9 CLA TG . -68.66 -1.00 -15.35
C10 CLA TG . -70.44 0.06 -16.74
C11 CLA TG . -69.71 1.32 -17.16
C12 CLA TG . -69.95 2.45 -16.18
C13 CLA TG . -69.57 3.80 -16.77
C14 CLA TG . -70.37 4.09 -18.02
C15 CLA TG . -68.08 3.88 -17.07
C16 CLA TG . -67.46 5.12 -16.44
C17 CLA TG . -65.98 4.95 -16.23
C18 CLA TG . -65.34 6.16 -15.56
C19 CLA TG . -65.88 6.34 -14.15
C20 CLA TG . -63.84 6.02 -15.53
MG CLA UG . -57.35 12.44 -30.29
CHA CLA UG . -56.04 14.86 -32.40
CHB CLA UG . -60.31 14.09 -30.22
CHC CLA UG . -58.66 9.87 -28.42
CHD CLA UG . -54.27 10.71 -30.46
NA CLA UG . -58.03 14.21 -31.15
C1A CLA UG . -57.34 15.07 -32.03
C2A CLA UG . -58.22 16.25 -32.45
C3A CLA UG . -59.51 16.04 -31.62
C4A CLA UG . -59.29 14.69 -30.94
CMA CLA UG . -59.66 17.14 -30.60
CAA CLA UG . -58.53 16.20 -33.93
CBA CLA UG . -59.21 14.91 -34.32
CGA CLA UG . -58.67 14.39 -35.63
O1A CLA UG . -57.55 14.57 -36.11
O2A CLA UG . -59.57 13.64 -36.33
NB CLA UG . -59.15 12.03 -29.50
C1B CLA UG . -60.23 12.86 -29.54
C2B CLA UG . -61.33 12.28 -28.73
C3B CLA UG . -60.88 11.08 -28.22
C4B CLA UG . -59.48 10.92 -28.70
CMB CLA UG . -62.62 12.94 -28.58
CAB CLA UG . -61.50 10.10 -27.37
CBB CLA UG . -62.53 10.29 -26.54
NC CLA UG . -56.58 10.65 -29.55
C1C CLA UG . -57.30 9.74 -28.81
C2C CLA UG . -56.48 8.59 -28.49
C3C CLA UG . -55.22 8.82 -29.06
C4C CLA UG . -55.30 10.11 -29.73
CMC CLA UG . -56.94 7.43 -27.72
CAC CLA UG . -54.06 7.93 -29.03
CBC CLA UG . -53.91 7.13 -30.29
ND CLA UG . -55.50 12.74 -31.08
C1D CLA UG . -54.33 11.93 -31.09
C2D CLA UG . -53.30 12.60 -31.90
C3D CLA UG . -53.89 13.75 -32.42
C4D CLA UG . -55.27 13.75 -31.91
CMD CLA UG . -51.94 12.11 -32.09
CAD CLA UG . -53.72 14.94 -33.23
OBD CLA UG . -52.70 15.36 -33.77
CBD CLA UG . -55.11 15.63 -33.32
CGD CLA UG . -55.04 17.10 -33.01
O1D CLA UG . -54.66 18.01 -33.74
O2D CLA UG . -55.44 17.44 -31.75
CED CLA UG . -55.54 18.83 -31.44
C1 CLA UG . -59.19 12.28 -36.60
C2 CLA UG . -58.96 12.18 -38.06
C3 CLA UG . -58.46 11.08 -38.68
C4 CLA UG . -58.25 11.04 -40.14
C5 CLA UG . -58.08 9.86 -37.90
C6 CLA UG . -58.64 8.59 -38.52
C7 CLA UG . -57.53 7.63 -38.91
C8 CLA UG . -57.37 6.48 -37.92
C9 CLA UG . -56.01 6.52 -37.27
C10 CLA UG . -57.60 5.13 -38.60
C11 CLA UG . -57.62 4.00 -37.58
C12 CLA UG . -57.54 2.64 -38.23
C13 CLA UG . -58.80 1.80 -37.98
C14 CLA UG . -59.36 2.05 -36.59
C15 CLA UG . -58.53 0.31 -38.16
C16 CLA UG . -58.18 -0.04 -39.59
C17 CLA UG . -59.26 0.40 -40.56
C18 CLA UG . -59.30 -0.45 -41.83
C19 CLA UG . -59.95 0.30 -42.97
C20 CLA UG . -57.93 -0.94 -42.23
MG CLA VG . -41.05 16.77 -8.06
CHA CLA VG . -41.28 19.73 -6.28
CHB CLA VG . -37.79 16.47 -7.11
CHC CLA VG . -40.88 13.79 -9.78
CHD CLA VG . -44.43 17.13 -9.03
NA CLA VG . -39.76 17.93 -6.89
C1A CLA VG . -40.05 19.13 -6.21
C2A CLA VG . -38.83 19.65 -5.47
C3A CLA VG . -37.72 18.65 -5.84
C4A CLA VG . -38.46 17.58 -6.67
CMA CLA VG . -36.62 19.30 -6.64
CAA CLA VG . -39.06 19.64 -3.97
CBA CLA VG . -39.29 18.23 -3.44
CGA CLA VG . -39.14 18.19 -1.95
O1A CLA VG . -38.80 19.09 -1.18
O2A CLA VG . -39.44 16.97 -1.43
NB CLA VG . -39.60 15.41 -8.42
C1B CLA VG . -38.35 15.43 -7.88
C2B CLA VG . -37.64 14.16 -8.22
C3B CLA VG . -38.51 13.41 -8.97
C4B CLA VG . -39.77 14.19 -9.11
CMB CLA VG . -36.27 13.89 -7.78
CAB CLA VG . -38.36 12.10 -9.57
CBB CLA VG . -37.73 11.06 -9.02
NC CLA VG . -42.41 15.68 -9.21
C1C CLA VG . -42.13 14.49 -9.82
C2C CLA VG . -43.30 14.01 -10.54
C3C CLA VG . -44.31 14.94 -10.32
C4C CLA VG . -43.74 15.99 -9.48
CMC CLA VG . -43.36 12.78 -11.32
CAC CLA VG . -45.68 14.91 -10.85
CBC CLA VG . -46.68 14.44 -9.81
ND CLA VG . -42.56 18.06 -7.73
C1D CLA VG . -43.90 18.11 -8.21
C2D CLA VG . -44.55 19.33 -7.70
C3D CLA VG . -43.60 19.99 -6.95
C4D CLA VG . -42.37 19.16 -7.01
CMD CLA VG . -45.93 19.71 -7.97
CAD CLA VG . -43.29 21.14 -6.14
OBD CLA VG . -44.01 22.08 -5.83
CBD CLA VG . -41.80 21.03 -5.71
CGD CLA VG . -40.99 22.19 -6.21
O1D CLA VG . -40.52 23.13 -5.57
O2D CLA VG . -40.78 22.17 -7.55
CED CLA VG . -40.18 23.31 -8.16
C1 CLA VG . -38.61 16.52 -0.33
C2 CLA VG . -38.64 15.04 -0.33
C3 CLA VG . -37.75 14.29 0.33
C4 CLA VG . -37.80 12.81 0.32
C5 CLA VG . -36.66 14.92 1.13
MG CLA WG . -31.86 12.40 -6.98
CHA CLA WG . -32.03 15.77 -6.22
CHB CLA WG . -29.08 12.96 -8.86
CHC CLA WG . -31.68 9.02 -7.62
CHD CLA WG . -34.75 11.86 -5.01
NA CLA WG . -30.76 14.11 -7.45
C1A CLA WG . -30.99 15.43 -7.04
C2A CLA WG . -29.93 16.37 -7.60
C3A CLA WG . -29.09 15.47 -8.54
C4A CLA WG . -29.66 14.07 -8.27
CMA CLA WG . -29.25 15.86 -9.98
CAA CLA WG . -29.04 16.90 -6.48
CBA CLA WG . -28.53 15.76 -5.61
CGA CLA WG . -27.64 16.24 -4.51
O1A CLA WG . -27.39 17.40 -4.17
O2A CLA WG . -27.06 15.22 -3.83
NB CLA WG . -30.63 11.22 -8.07
C1B CLA WG . -29.51 11.63 -8.70
C2B CLA WG . -28.79 10.46 -9.26
C3B CLA WG . -29.51 9.34 -8.92
C4B CLA WG . -30.70 9.81 -8.15
CMB CLA WG . -27.54 10.64 -10.00
CAB CLA WG . -29.30 7.94 -9.18
CBB CLA WG . -28.17 7.36 -9.62
NC CLA WG . -33.02 10.75 -6.43
C1C CLA WG . -32.76 9.46 -6.82
C2C CLA WG . -33.77 8.57 -6.26
C3C CLA WG . -34.63 9.36 -5.50
C4C CLA WG . -34.16 10.73 -5.62
CMC CLA WG . -33.83 7.12 -6.47
CAC CLA WG . -35.82 8.93 -4.75
CBC CLA WG . -37.06 8.91 -5.59
ND CLA WG . -33.14 13.49 -5.86
C1D CLA WG . -34.28 13.15 -5.11
C2D CLA WG . -34.84 14.38 -4.49
C3D CLA WG . -34.03 15.41 -4.91
C4D CLA WG . -32.98 14.82 -5.75
CMD CLA WG . -36.03 14.43 -3.64
CAD CLA WG . -33.77 16.84 -4.84
OBD CLA WG . -34.39 17.72 -4.27
CBD CLA WG . -32.49 17.12 -5.70
CGD CLA WG . -32.78 18.06 -6.83
O1D CLA WG . -33.29 17.79 -7.92
O2D CLA WG . -32.44 19.35 -6.58
CED CLA WG . -32.90 20.35 -7.51
C1 CLA WG . -27.11 15.27 -2.38
C2 CLA WG . -26.92 13.88 -1.89
C3 CLA WG . -27.18 13.50 -0.63
C4 CLA WG . -27.68 14.46 0.38
C5 CLA WG . -26.97 12.09 -0.19
C6 CLA WG . -28.18 11.49 0.48
C7 CLA WG . -28.17 9.98 0.36
C8 CLA WG . -29.07 9.29 1.37
C9 CLA WG . -29.33 7.86 0.96
C10 CLA WG . -30.39 10.04 1.54
MG CLA XG . -26.81 -3.29 -10.23
CHA CLA XG . -26.73 -0.18 -11.76
CHB CLA XG . -25.06 -4.61 -12.83
CHC CLA XG . -26.74 -6.31 -8.58
CHD CLA XG . -28.64 -1.88 -7.54
NA CLA XG . -26.06 -2.50 -12.01
C1A CLA XG . -26.12 -1.18 -12.46
C2A CLA XG . -25.43 -1.04 -13.81
C3A CLA XG . -25.11 -2.49 -14.21
C4A CLA XG . -25.41 -3.27 -12.93
CMA CLA XG . -25.96 -2.95 -15.36
CAA CLA XG . -24.16 -0.22 -13.64
CBA CLA XG . -23.41 -0.05 -14.94
CGA CLA XG . -24.11 0.96 -15.80
O1A CLA XG . -24.98 1.78 -15.49
O2A CLA XG . -23.68 0.93 -17.09
NB CLA XG . -26.10 -5.13 -10.66
C1B CLA XG . -25.30 -5.43 -11.71
C2B CLA XG . -24.69 -6.78 -11.53
C3B CLA XG . -25.16 -7.25 -10.32
C4B CLA XG . -26.07 -6.22 -9.76
CMB CLA XG . -23.77 -7.39 -12.48
CAB CLA XG . -24.88 -8.51 -9.66
CBB CLA XG . -24.24 -8.63 -8.50
NC CLA XG . -27.59 -3.97 -8.42
C1C CLA XG . -27.46 -5.25 -7.95
C2C CLA XG . -28.14 -5.38 -6.67
C3C CLA XG . -28.66 -4.12 -6.36
C4C CLA XG . -28.30 -3.24 -7.46
CMC CLA XG . -28.22 -6.61 -5.88
CAC CLA XG . -29.43 -3.74 -5.16
CBC CLA XG . -30.90 -4.01 -5.32
ND CLA XG . -27.53 -1.49 -9.70
C1D CLA XG . -28.28 -1.04 -8.58
C2D CLA XG . -28.56 0.41 -8.73
C3D CLA XG . -27.98 0.79 -9.92
C4D CLA XG . -27.36 -0.42 -10.49
CMD CLA XG . -29.30 1.22 -7.77
CAD CLA XG . -27.72 1.88 -10.84
OBD CLA XG . -28.02 3.06 -10.74
CBD CLA XG . -26.94 1.28 -12.05
CGD CLA XG . -27.72 1.47 -13.33
O1D CLA XG . -28.46 0.67 -13.89
O2D CLA XG . -27.54 2.70 -13.91
CED CLA XG . -28.53 3.14 -14.83
C1 CLA XG . -24.07 2.04 -17.94
C2 CLA XG . -23.49 1.75 -19.27
C3 CLA XG . -23.52 2.62 -20.28
C4 CLA XG . -24.13 3.97 -20.16
C5 CLA XG . -22.91 2.26 -21.60
C6 CLA XG . -21.91 1.12 -21.46
C7 CLA XG . -21.55 0.55 -22.81
C8 CLA XG . -20.97 1.58 -23.76
C9 CLA XG . -20.75 0.99 -25.13
C10 CLA XG . -19.67 2.16 -23.23
C11 CLA XG . -19.27 3.41 -23.98
C12 CLA XG . -18.07 4.09 -23.35
C13 CLA XG . -17.63 5.29 -24.18
C14 CLA XG . -18.55 6.48 -23.94
C15 CLA XG . -17.57 4.97 -25.67
C16 CLA XG . -16.54 5.83 -26.37
C17 CLA XG . -16.80 5.87 -27.87
C18 CLA XG . -15.61 6.38 -28.66
C19 CLA XG . -16.02 6.80 -30.06
C20 CLA XG . -14.93 7.54 -27.96
MG CLA YG . -24.39 -11.40 -15.50
CHA CLA YG . -22.24 -13.59 -13.91
CHB CLA YG . -25.82 -10.64 -12.50
CHC CLA YG . -26.43 -9.14 -17.10
CHD CLA YG . -22.89 -12.23 -18.60
NA CLA YG . -24.05 -12.03 -13.54
C1A CLA YG . -23.10 -12.94 -13.08
C2A CLA YG . -23.18 -13.11 -11.56
C3A CLA YG . -24.42 -12.28 -11.17
C4A CLA YG . -24.80 -11.58 -12.48
CMA CLA YG . -25.53 -13.16 -10.66
CAA CLA YG . -21.95 -12.51 -10.90
CBA CLA YG . -21.59 -11.15 -11.45
CGA CLA YG . -21.08 -10.23 -10.38
O1A CLA YG . -20.88 -10.46 -9.19
O2A CLA YG . -20.82 -8.97 -10.85
NB CLA YG . -25.92 -10.21 -14.92
C1B CLA YG . -26.25 -9.95 -13.64
C2B CLA YG . -27.17 -8.78 -13.58
C3B CLA YG . -27.35 -8.35 -14.87
C4B CLA YG . -26.54 -9.24 -15.74
CMB CLA YG . -27.71 -8.24 -12.33
CAB CLA YG . -28.10 -7.23 -15.38
CBB CLA YG . -28.00 -5.98 -14.91
NC CLA YG . -24.63 -10.81 -17.49
C1C CLA YG . -25.53 -9.88 -17.92
C2C CLA YG . -25.43 -9.72 -19.37
C3C CLA YG . -24.42 -10.58 -19.80
C4C CLA YG . -23.93 -11.27 -18.61
CMC CLA YG . -26.24 -8.80 -20.17
CAC CLA YG . -23.94 -10.78 -21.18
CBC CLA YG . -24.81 -11.72 -21.96
ND CLA YG . -22.86 -12.53 -16.16
C1D CLA YG . -22.38 -12.83 -17.46
C2D CLA YG . -21.30 -13.84 -17.36
C3D CLA YG . -21.20 -14.16 -16.02
C4D CLA YG . -22.21 -13.34 -15.32
CMD CLA YG . -20.54 -14.35 -18.51
CAD CLA YG . -20.51 -14.93 -15.01
OBD CLA YG . -19.55 -15.68 -15.13
CBD CLA YG . -21.21 -14.66 -13.66
CGD CLA YG . -21.89 -15.92 -13.19
O1D CLA YG . -22.31 -16.84 -13.88
O2D CLA YG . -22.02 -16.02 -11.83
CED CLA YG . -23.01 -16.94 -11.35
C1 CLA YG . -19.99 -8.12 -10.02
C2 CLA YG . -20.80 -6.92 -9.68
C3 CLA YG . -20.27 -5.81 -9.11
C4 CLA YG . -18.84 -5.71 -8.77
C5 CLA YG . -21.12 -4.62 -8.78
C6 CLA YG . -22.60 -4.94 -8.70
C7 CLA YG . -23.43 -3.67 -8.69
C8 CLA YG . -23.59 -3.09 -7.28
C9 CLA YG . -24.12 -4.13 -6.33
C10 CLA YG . -24.52 -1.88 -7.32
C11 CLA YG . -24.77 -1.31 -5.94
C12 CLA YG . -25.56 -0.02 -5.99
C13 CLA YG . -25.96 0.43 -4.59
C14 CLA YG . -27.22 -0.27 -4.13
C15 CLA YG . -26.17 1.95 -4.53
C16 CLA YG . -25.88 2.48 -3.15
C17 CLA YG . -26.29 3.93 -2.99
C18 CLA YG . -25.50 4.64 -1.88
C19 CLA YG . -26.17 5.95 -1.51
C20 CLA YG . -25.36 3.77 -0.66
MG CLA ZG . -55.37 -5.93 0.18
CHA CLA ZG . -58.41 -6.93 1.52
CHB CLA ZG . -56.83 -5.64 -2.88
CHC CLA ZG . -52.37 -4.81 -1.07
CHD CLA ZG . -53.92 -6.23 3.39
NA CLA ZG . -57.31 -6.25 -0.53
C1A CLA ZG . -58.44 -6.64 0.19
C2A CLA ZG . -59.67 -6.75 -0.71
C3A CLA ZG . -59.10 -6.41 -2.12
C4A CLA ZG . -57.65 -6.06 -1.85
CMA CLA ZG . -59.23 -7.60 -3.03
CAA CLA ZG . -60.72 -5.72 -0.32
CBA CLA ZG . -60.10 -4.37 0.00
CGA CLA ZG . -61.17 -3.38 0.34
O1A CLA ZG . -62.21 -3.13 -0.28
O2A CLA ZG . -60.92 -2.69 1.49
NB CLA ZG . -54.74 -5.30 -1.62
C1B CLA ZG . -55.47 -5.31 -2.76
C2B CLA ZG . -54.61 -4.92 -3.92
C3B CLA ZG . -53.35 -4.68 -3.41
C4B CLA ZG . -53.42 -4.93 -1.94
CMB CLA ZG . -55.14 -4.84 -5.28
CAB CLA ZG . -52.12 -4.28 -4.05
CBB CLA ZG . -51.82 -4.40 -5.35
NC CLA ZG . -53.49 -5.60 1.02
C1C CLA ZG . -52.40 -5.13 0.32
C2C CLA ZG . -51.26 -4.99 1.22
C3C CLA ZG . -51.69 -5.39 2.47
C4C CLA ZG . -53.10 -5.77 2.34
CMC CLA ZG . -49.94 -4.51 0.82
CAC CLA ZG . -50.90 -5.43 3.71
CBC CLA ZG . -51.13 -4.20 4.56
ND CLA ZG . -55.94 -6.51 2.03
C1D CLA ZG . -55.24 -6.58 3.27
C2D CLA ZG . -56.17 -7.06 4.31
C3D CLA ZG . -57.40 -7.23 3.70
C4D CLA ZG . -57.20 -6.84 2.28
CMD CLA ZG . -55.79 -7.30 5.71
CAD CLA ZG . -58.79 -7.63 3.85
OBD CLA ZG . -59.38 -8.07 4.83
CBD CLA ZG . -59.49 -7.40 2.47
CGD CLA ZG . -60.15 -8.64 1.95
O1D CLA ZG . -61.31 -8.75 1.54
O2D CLA ZG . -59.36 -9.74 1.95
CED CLA ZG . -59.60 -10.73 0.94
C1 CLA ZG . -61.36 -1.32 1.53
C2 CLA ZG . -60.64 -0.66 2.65
C3 CLA ZG . -61.08 -0.71 3.92
C4 CLA ZG . -62.32 -1.42 4.29
C5 CLA ZG . -60.33 -0.04 5.02
C6 CLA ZG . -58.96 0.45 4.58
C7 CLA ZG . -57.87 -0.06 5.50
C8 CLA ZG . -57.54 0.93 6.60
C9 CLA ZG . -56.07 0.82 6.98
MG CLA AH . -61.44 -5.94 8.04
CHA CLA AH . -64.77 -6.71 7.52
CHB CLA AH . -61.18 -4.94 4.79
CHC CLA AH . -58.14 -5.17 8.61
CHD CLA AH . -61.75 -7.02 11.40
NA CLA AH . -62.78 -5.85 6.44
C1A CLA AH . -64.13 -6.21 6.42
C2A CLA AH . -64.76 -5.99 5.04
C3A CLA AH . -63.57 -5.47 4.19
C4A CLA AH . -62.42 -5.40 5.19
CMA CLA AH . -63.26 -6.39 3.03
CAA CLA AH . -65.89 -4.99 5.07
CBA CLA AH . -65.40 -3.56 5.15
CGA CLA AH . -65.34 -3.10 6.57
O1A CLA AH . -65.73 -3.68 7.58
O2A CLA AH . -64.74 -1.88 6.71
NB CLA AH . -59.93 -5.25 6.90
C1B CLA AH . -60.05 -4.83 5.61
C2B CLA AH . -58.76 -4.21 5.16
C3B CLA AH . -57.90 -4.27 6.24
C4B CLA AH . -58.63 -4.93 7.35
CMB CLA AH . -58.59 -3.66 3.81
CAB CLA AH . -56.54 -3.81 6.39
CBB CLA AH . -55.60 -3.76 5.44
NC CLA AH . -60.19 -6.07 9.70
C1C CLA AH . -58.87 -5.70 9.71
C2C CLA AH . -58.29 -5.94 11.03
C3C CLA AH . -59.31 -6.45 11.82
C4C CLA AH . -60.50 -6.54 10.98
CMC CLA AH . -56.90 -5.65 11.39
CAC CLA AH . -59.23 -6.86 13.23
CBC CLA AH . -58.78 -8.28 13.39
ND CLA AH . -62.89 -6.62 9.26
C1D CLA AH . -62.88 -7.07 10.61
C2D CLA AH . -64.23 -7.56 10.97
C3D CLA AH . -65.00 -7.44 9.83
C4D CLA AH . -64.11 -6.87 8.79
CMD CLA AH . -64.61 -8.07 12.29
CAD CLA AH . -66.30 -7.63 9.22
OBD CLA AH . -67.34 -8.04 9.72
CBD CLA AH . -66.17 -7.22 7.72
CGD CLA AH . -66.43 -8.36 6.79
O1D CLA AH . -65.76 -9.38 6.62
O2D CLA AH . -67.57 -8.21 6.05
CED CLA AH . -68.62 -7.46 6.66
C1 CLA AH . -65.63 -0.74 6.74
C2 CLA AH . -65.48 -0.11 8.07
C3 CLA AH . -66.11 1.04 8.41
C4 CLA AH . -67.00 1.76 7.46
C5 CLA AH . -65.94 1.63 9.76
C6 CLA AH . -67.26 1.91 10.45
MG CLA BH . -49.73 -8.79 -11.77
CHA CLA BH . -50.06 -9.43 -8.38
CHB CLA BH . -48.66 -5.64 -11.07
CHC CLA BH . -49.54 -8.17 -15.15
CHD CLA BH . -50.93 -12.05 -12.46
NA CLA BH . -49.38 -7.75 -10.00
C1A CLA BH . -49.58 -8.19 -8.68
C2A CLA BH . -49.21 -7.09 -7.67
C3A CLA BH . -48.74 -5.93 -8.56
C4A CLA BH . -48.92 -6.46 -9.99
CMA CLA BH . -49.57 -4.68 -8.34
CAA CLA BH . -48.12 -7.59 -6.73
CBA CLA BH . -47.31 -6.47 -6.12
CGA CLA BH . -47.91 -5.98 -4.84
O1A CLA BH . -48.99 -5.41 -4.68
O2A CLA BH . -47.12 -6.21 -3.75
NB CLA BH . -49.18 -7.22 -12.90
C1B CLA BH . -48.80 -6.00 -12.43
C2B CLA BH . -48.56 -5.07 -13.57
C3B CLA BH . -48.82 -5.79 -14.73
C4B CLA BH . -49.20 -7.16 -14.31
CMB CLA BH . -48.15 -3.69 -13.37
CAB CLA BH . -48.75 -5.43 -16.12
CBB CLA BH . -48.65 -4.20 -16.64
NC CLA BH . -50.13 -9.93 -13.48
C1C CLA BH . -49.97 -9.48 -14.77
C2C CLA BH . -50.35 -10.52 -15.72
C3C CLA BH . -50.76 -11.61 -14.95
C4C CLA BH . -50.61 -11.23 -13.55
CMC CLA BH . -50.30 -10.40 -17.17
CAC CLA BH . -51.23 -12.91 -15.45
CBC CLA BH . -50.20 -13.99 -15.30
ND CLA BH . -50.31 -10.42 -10.73
C1D CLA BH . -50.79 -11.69 -11.13
C2D CLA BH . -51.14 -12.49 -9.93
C3D CLA BH . -50.89 -11.66 -8.85
C4D CLA BH . -50.37 -10.39 -9.39
CMD CLA BH . -51.65 -13.85 -9.95
CAD CLA BH . -50.92 -11.53 -7.41
OBD CLA BH . -51.28 -12.33 -6.55
CBD CLA BH . -50.39 -10.10 -7.06
CGD CLA BH . -51.39 -9.28 -6.28
O1D CLA BH . -51.23 -8.79 -5.17
O2D CLA BH . -52.56 -9.08 -6.94
CED CLA BH . -53.31 -7.91 -6.57
C1 CLA BH . -46.80 -5.07 -2.92
C2 CLA BH . -46.57 -5.59 -1.55
C3 CLA BH . -46.17 -4.83 -0.52
C4 CLA BH . -45.96 -5.41 0.82
C5 CLA BH . -45.91 -3.37 -0.71
C6 CLA BH . -45.13 -2.75 0.44
C7 CLA BH . -43.63 -2.78 0.18
C8 CLA BH . -42.83 -2.47 1.44
C9 CLA BH . -42.91 -1.00 1.78
C10 CLA BH . -41.37 -2.89 1.28
MG CLA CH . -39.49 -4.38 -7.56
CHA CLA CH . -42.18 -6.49 -7.00
CHB CLA CH . -41.36 -2.56 -9.75
CHC CLA CH . -36.83 -2.25 -7.98
CHD CLA CH . -37.57 -6.31 -5.28
NA CLA CH . -41.44 -4.53 -8.25
C1A CLA CH . -42.41 -5.48 -7.90
C2A CLA CH . -43.73 -5.22 -8.62
C3A CLA CH . -43.40 -4.05 -9.57
C4A CLA CH . -41.97 -3.66 -9.17
CMA CLA CH . -43.51 -4.45 -11.02
CAA CLA CH . -44.77 -4.79 -7.61
CBA CLA CH . -44.40 -3.49 -6.91
CGA CLA CH . -43.87 -3.70 -5.53
O1A CLA CH . -44.48 -3.74 -4.46
O2A CLA CH . -42.50 -3.84 -5.49
NB CLA CH . -39.14 -2.73 -8.68
C1B CLA CH . -40.06 -2.12 -9.46
C2B CLA CH . -39.49 -0.87 -10.03
C3B CLA CH . -38.20 -0.77 -9.53
C4B CLA CH . -37.97 -1.96 -8.67
CMB CLA CH . -40.23 0.02 -10.92
CAB CLA CH . -37.22 0.26 -9.77
CBB CLA CH . -36.67 1.03 -8.82
NC CLA CH . -37.55 -4.31 -6.78
C1C CLA CH . -36.62 -3.35 -7.10
C2C CLA CH . -35.39 -3.60 -6.38
C3C CLA CH . -35.59 -4.75 -5.62
C4C CLA CH . -36.95 -5.19 -5.87
CMC CLA CH . -34.18 -2.77 -6.48
CAC CLA CH . -34.63 -5.40 -4.73
CBC CLA CH . -34.85 -5.04 -3.27
ND CLA CH . -39.75 -6.00 -6.38
C1D CLA CH . -38.87 -6.71 -5.51
C2D CLA CH . -39.60 -7.84 -4.91
C3D CLA CH . -40.89 -7.79 -5.43
C4D CLA CH . -40.92 -6.64 -6.35
CMD CLA CH . -39.04 -8.78 -3.95
CAD CLA CH . -42.21 -8.39 -5.43
OBD CLA CH . -42.66 -9.30 -4.76
CBD CLA CH . -43.06 -7.61 -6.49
CGD CLA CH . -43.49 -8.51 -7.61
O1D CLA CH . -42.77 -9.14 -8.39
O2D CLA CH . -44.84 -8.62 -7.74
CED CLA CH . -45.33 -9.51 -8.76
C1 CLA CH . -41.86 -3.64 -4.21
C2 CLA CH . -40.46 -3.26 -4.51
C3 CLA CH . -39.57 -2.93 -3.56
C4 CLA CH . -39.92 -2.91 -2.12
C5 CLA CH . -38.17 -2.55 -3.92
C6 CLA CH . -37.75 -1.23 -3.32
C7 CLA CH . -37.64 -0.16 -4.38
C8 CLA CH . -37.19 1.17 -3.79
C9 CLA CH . -38.31 2.19 -3.87
C10 CLA CH . -35.94 1.68 -4.51
C11 CLA CH . -34.70 1.40 -3.72
C12 CLA CH . -33.56 0.92 -4.61
C13 CLA CH . -33.07 2.01 -5.54
C14 CLA CH . -33.22 1.58 -6.99
C15 CLA CH . -31.64 2.39 -5.25
C16 CLA CH . -31.53 3.80 -4.71
C17 CLA CH . -30.43 4.58 -5.40
C18 CLA CH . -29.84 5.67 -4.51
C19 CLA CH . -29.15 6.73 -5.35
C20 CLA CH . -30.89 6.31 -3.64
MG CLA DH . -41.86 4.82 -10.56
CHA CLA DH . -44.12 2.23 -10.20
CHB CLA DH . -43.97 6.38 -12.72
CHC CLA DH . -39.58 7.37 -10.88
CHD CLA DH . -39.69 3.18 -8.30
NA CLA DH . -43.74 4.35 -11.33
C1A CLA DH . -44.53 3.22 -11.06
C2A CLA DH . -45.84 3.25 -11.85
C3A CLA DH . -45.74 4.57 -12.67
C4A CLA DH . -44.39 5.16 -12.22
CMA CLA DH . -45.78 4.32 -14.15
CAA CLA DH . -47.08 3.23 -10.97
CBA CLA DH . -47.03 4.19 -9.81
CGA CLA DH . -48.19 3.92 -8.90
O1A CLA DH . -48.49 2.88 -8.32
O2A CLA DH . -49.01 5.00 -8.75
NB CLA DH . -41.74 6.49 -11.69
C1B CLA DH . -42.78 7.03 -12.37
C2B CLA DH . -42.49 8.45 -12.73
C3B CLA DH . -41.24 8.73 -12.21
C4B CLA DH . -40.77 7.49 -11.53
CMB CLA DH . -43.43 9.30 -13.47
CAB CLA DH . -40.47 9.95 -12.22
CBB CLA DH . -40.34 10.76 -13.25
NC CLA DH . -39.97 5.19 -9.74
C1C CLA DH . -39.20 6.29 -10.02
C2C CLA DH . -37.93 6.22 -9.31
C3C CLA DH . -37.98 5.05 -8.56
C4C CLA DH . -39.25 4.40 -8.84
CMC CLA DH . -36.88 7.22 -9.37
CAC CLA DH . -36.92 4.53 -7.67
CBC CLA DH . -37.17 4.88 -6.23
ND CLA DH . -41.89 3.18 -9.39
C1D CLA DH . -40.91 2.60 -8.55
C2D CLA DH . -41.44 1.32 -8.01
C3D CLA DH . -42.67 1.14 -8.59
C4D CLA DH . -42.89 2.31 -9.48
CMD CLA DH . -40.74 0.46 -7.05
CAD CLA DH . -43.85 0.31 -8.70
OBD CLA DH . -44.14 -0.69 -8.06
CBD CLA DH . -44.76 0.92 -9.80
CGD CLA DH . -44.86 -0.01 -10.98
O1D CLA DH . -43.94 -0.64 -11.51
O2D CLA DH . -46.12 -0.16 -11.48
CED CLA DH . -46.23 -0.60 -12.84
C1 CLA DH . -50.16 4.83 -7.89
C2 CLA DH . -49.72 5.14 -6.51
C3 CLA DH . -49.94 4.31 -5.48
C4 CLA DH . -50.64 3.02 -5.63
C5 CLA DH . -49.49 4.66 -4.10
MG CLA EH . -51.14 6.57 -63.75
CHA CLA EH . -47.94 5.38 -64.39
CHB CLA EH . -51.82 6.50 -67.10
CHC CLA EH . -54.38 7.48 -63.07
CHD CLA EH . -50.39 6.62 -60.30
NA CLA EH . -50.03 6.05 -65.44
C1A CLA EH . -48.73 5.56 -65.50
C2A CLA EH . -48.30 5.29 -66.94
C3A CLA EH . -49.47 5.88 -67.77
C4A CLA EH . -50.54 6.15 -66.72
CMA CLA EH . -49.07 7.13 -68.49
CAA CLA EH . -48.17 3.80 -67.25
CBA CLA EH . -48.77 2.85 -66.23
CGA CLA EH . -50.25 2.95 -66.14
O1A CLA EH . -51.09 2.86 -67.04
O2A CLA EH . -50.69 3.18 -64.86
NB CLA EH . -52.77 6.96 -64.87
C1B CLA EH . -52.87 6.81 -66.21
C2B CLA EH . -54.28 7.03 -66.65
C3B CLA EH . -55.00 7.31 -65.53
C4B CLA EH . -54.06 7.27 -64.38
CMB CLA EH . -54.70 6.95 -68.05
CAB CLA EH . -56.41 7.59 -65.38
CBB CLA EH . -56.93 8.78 -65.09
NC CLA EH . -52.17 7.02 -62.00
C1C CLA EH . -53.49 7.38 -61.95
C2C CLA EH . -53.89 7.61 -60.57
C3C CLA EH . -52.77 7.36 -59.78
C4C CLA EH . -51.70 6.98 -60.69
CMC CLA EH . -55.23 8.02 -60.15
CAC CLA EH . -52.68 7.45 -58.32
CBC CLA EH . -52.83 6.11 -57.64
ND CLA EH . -49.56 6.18 -62.56
C1D CLA EH . -49.39 6.22 -61.16
C2D CLA EH . -48.01 5.80 -60.83
C3D CLA EH . -47.41 5.46 -62.03
C4D CLA EH . -48.42 5.70 -63.08
CMD CLA EH . -47.45 5.75 -59.48
CAD CLA EH . -46.20 5.01 -62.70
OBD CLA EH . -45.10 4.75 -62.22
CBD CLA EH . -46.53 4.88 -64.21
CGD CLA EH . -45.56 5.61 -65.09
O1D CLA EH . -45.11 6.75 -64.94
O2D CLA EH . -45.14 4.89 -66.17
CED CLA EH . -44.32 5.54 -67.14
C1 CLA EH . -51.13 2.03 -64.11
C2 CLA EH . -52.10 2.51 -63.10
C3 CLA EH . -51.77 2.84 -61.85
C4 CLA EH . -50.38 2.75 -61.35
C5 CLA EH . -52.80 3.31 -60.88
C6 CLA EH . -53.97 3.97 -61.58
C7 CLA EH . -55.28 3.31 -61.21
C8 CLA EH . -56.34 4.32 -60.80
C9 CLA EH . -56.89 3.99 -59.43
C10 CLA EH . -57.47 4.38 -61.83
C11 CLA EH . -58.24 5.67 -61.72
C12 CLA EH . -59.30 5.79 -62.81
C13 CLA EH . -60.01 7.13 -62.76
C14 CLA EH . -60.64 7.37 -61.40
C15 CLA EH . -61.07 7.22 -63.86
C16 CLA EH . -61.98 8.43 -63.68
C17 CLA EH . -62.55 8.88 -65.01
C18 CLA EH . -63.99 9.37 -64.89
C19 CLA EH . -64.04 10.74 -64.22
C20 CLA EH . -64.64 9.44 -66.25
MG CLA FH . -53.37 2.22 -45.87
CHA CLA FH . -54.16 4.94 -43.86
CHB CLA FH . -54.88 0.15 -43.63
CHC CLA FH . -52.72 -0.41 -47.97
CHD CLA FH . -51.79 4.42 -48.14
NA CLA FH . -54.33 2.53 -44.04
C1A CLA FH . -54.57 3.74 -43.37
C2A CLA FH . -55.30 3.51 -42.05
C3A CLA FH . -55.37 1.97 -41.95
C4A CLA FH . -54.84 1.49 -43.29
CMA CLA FH . -54.53 1.45 -40.80
CAA CLA FH . -56.68 4.13 -42.06
CBA CLA FH . -57.70 3.28 -42.80
CGA CLA FH . -57.83 3.77 -44.21
O1A CLA FH . -57.16 4.62 -44.81
O2A CLA FH . -58.84 3.14 -44.90
NB CLA FH . -53.65 0.23 -45.77
C1B CLA FH . -54.41 -0.40 -44.85
C2B CLA FH . -54.69 -1.79 -45.28
C3B CLA FH . -54.09 -1.97 -46.51
C4B CLA FH . -53.42 -0.67 -46.84
CMB CLA FH . -55.50 -2.74 -44.49
CAB CLA FH . -54.07 -3.12 -47.36
CBB CLA FH . -52.97 -3.71 -47.84
NC CLA FH . -52.40 2.05 -47.70
C1C CLA FH . -52.22 0.87 -48.38
C2C CLA FH . -51.50 1.11 -49.62
C3C CLA FH . -51.25 2.47 -49.68
C4C CLA FH . -51.82 3.06 -48.47
CMC CLA FH . -51.14 0.08 -50.60
CAC CLA FH . -50.55 3.21 -50.75
CBC CLA FH . -49.05 3.18 -50.60
ND CLA FH . -53.06 4.21 -46.06
C1D CLA FH . -52.36 4.99 -47.02
C2D CLA FH . -52.39 6.40 -46.61
C3D CLA FH . -53.09 6.45 -45.42
C4D CLA FH . -53.46 5.06 -45.10
CMD CLA FH . -51.80 7.51 -47.38
CAD CLA FH . -53.60 7.29 -44.35
OBD CLA FH . -53.58 8.51 -44.23
CBD CLA FH . -54.24 6.34 -43.29
CGD CLA FH . -53.53 6.44 -41.97
O1D CLA FH . -52.62 5.72 -41.56
O2D CLA FH . -53.97 7.45 -41.17
CED CLA FH . -53.08 7.92 -40.15
C1 CLA FH . -60.15 3.71 -44.77
C2 CLA FH . -60.86 3.42 -46.05
C3 CLA FH . -62.17 3.12 -46.11
C4 CLA FH . -63.00 3.04 -44.89
C5 CLA FH . -62.82 2.85 -47.41
C6 CLA FH . -63.67 4.01 -47.90
C7 CLA FH . -64.74 3.55 -48.86
C8 CLA FH . -64.14 2.91 -50.11
C9 CLA FH . -63.72 3.96 -51.11
C10 CLA FH . -65.14 1.96 -50.76
C11 CLA FH . -64.75 0.51 -50.55
C12 CLA FH . -65.77 -0.45 -51.11
C13 CLA FH . -65.36 -1.89 -50.90
C14 CLA FH . -65.31 -2.21 -49.42
C15 CLA FH . -64.02 -2.19 -51.54
C16 CLA FH . -63.82 -3.69 -51.70
C17 CLA FH . -62.38 -4.08 -51.43
C18 CLA FH . -61.97 -5.29 -52.26
C19 CLA FH . -61.26 -4.87 -53.54
C20 CLA FH . -61.08 -6.22 -51.45
C1 PQN GH . -43.57 6.80 -47.98
O1 PQN GH . -43.07 5.82 -47.47
C2 PQN GH . -44.32 6.69 -49.26
C2M PQN GH . -44.45 5.32 -49.86
C3 PQN GH . -44.86 7.79 -49.83
C4 PQN GH . -44.73 9.13 -49.21
O4 PQN GH . -45.22 10.10 -49.74
C5 PQN GH . -43.98 9.26 -47.94
C6 PQN GH . -43.84 10.50 -47.34
C7 PQN GH . -43.14 10.62 -46.16
C8 PQN GH . -42.57 9.49 -45.56
C9 PQN GH . -42.72 8.25 -46.15
C10 PQN GH . -43.42 8.13 -47.35
C11 PQN GH . -45.63 7.72 -51.12
C12 PQN GH . -47.10 7.63 -50.80
C13 PQN GH . -48.07 8.38 -51.30
C14 PQN GH . -47.84 9.49 -52.30
C15 PQN GH . -49.49 8.16 -50.87
C16 PQN GH . -50.31 7.42 -51.93
C17 PQN GH . -51.74 7.17 -51.47
C18 PQN GH . -52.64 6.50 -52.51
C19 PQN GH . -52.86 7.41 -53.72
C20 PQN GH . -53.97 6.09 -51.87
C21 PQN GH . -54.74 5.03 -52.64
C22 PQN GH . -54.08 3.66 -52.59
C23 PQN GH . -55.04 2.47 -52.77
C24 PQN GH . -54.32 1.14 -52.56
C25 PQN GH . -55.70 2.54 -54.15
C26 PQN GH . -56.87 1.58 -54.36
C27 PQN GH . -57.27 1.46 -55.83
C28 PQN GH . -58.48 0.56 -56.09
C29 PQN GH . -58.23 -0.84 -55.53
C30 PQN GH . -58.82 0.46 -57.57
FE1 SF4 HH . -37.00 15.96 -42.27
FE2 SF4 HH . -35.46 16.09 -40.01
FE3 SF4 HH . -37.03 18.21 -40.72
FE4 SF4 HH . -34.80 17.60 -42.18
S1 SF4 HH . -34.87 18.28 -40.01
S2 SF4 HH . -36.88 18.13 -42.98
S3 SF4 HH . -34.82 15.32 -42.05
S4 SF4 HH . -37.75 16.12 -40.12
C1 BCR IH . -74.46 18.12 6.17
C2 BCR IH . -73.55 18.44 7.37
C3 BCR IH . -72.08 18.26 7.05
C4 BCR IH . -71.85 16.81 6.68
C5 BCR IH . -72.80 16.28 5.65
C6 BCR IH . -73.97 16.93 5.36
C7 BCR IH . -74.94 16.54 4.34
C8 BCR IH . -75.36 15.31 3.96
C9 BCR IH . -76.36 15.05 2.95
C10 BCR IH . -76.71 13.76 2.73
C11 BCR IH . -77.71 13.27 1.82
C33 BCR IH . -72.20 15.12 4.91
C31 BCR IH . -74.59 19.35 5.27
C32 BCR IH . -75.86 17.82 6.74
C34 BCR IH . -76.96 16.21 2.21
C12 BCR IH . -77.74 12.00 1.33
C13 BCR IH . -78.77 11.52 0.45
C14 BCR IH . -78.84 10.18 0.22
C15 BCR IH . -79.80 9.49 -0.58
C16 BCR IH . -79.82 8.13 -0.65
C17 BCR IH . -80.79 7.38 -1.38
C18 BCR IH . -80.69 6.13 -1.90
C19 BCR IH . -81.86 5.59 -2.55
C20 BCR IH . -82.18 4.27 -2.55
C21 BCR IH . -83.36 3.74 -3.15
C22 BCR IH . -83.74 2.43 -3.16
C23 BCR IH . -85.00 2.07 -3.78
C24 BCR IH . -85.52 0.83 -3.76
C25 BCR IH . -86.80 0.36 -4.34
C26 BCR IH . -87.32 0.73 -5.53
C27 BCR IH . -88.64 0.21 -6.00
C28 BCR IH . -89.02 -1.11 -5.36
C29 BCR IH . -88.92 -0.98 -3.86
C30 BCR IH . -87.52 -0.57 -3.38
C35 BCR IH . -79.72 12.51 -0.14
C36 BCR IH . -79.46 5.28 -1.80
C37 BCR IH . -82.92 1.33 -2.53
C38 BCR IH . -86.54 1.32 -6.67
C39 BCR IH . -86.66 -1.82 -3.13
C40 BCR IH . -87.72 0.13 -2.03
C1 BCR JH . -80.96 -1.05 -24.72
C2 BCR JH . -79.73 -1.00 -25.63
C3 BCR JH . -79.16 -2.37 -25.88
C4 BCR JH . -78.72 -2.99 -24.56
C5 BCR JH . -79.70 -2.80 -23.44
C6 BCR JH . -80.66 -1.86 -23.46
C7 BCR JH . -81.47 -1.52 -22.27
C8 BCR JH . -82.76 -1.82 -22.11
C9 BCR JH . -83.64 -1.53 -20.98
C10 BCR JH . -83.14 -1.05 -19.82
C11 BCR JH . -83.95 -0.77 -18.66
C33 BCR JH . -79.47 -3.76 -22.30
C31 BCR JH . -82.14 -1.67 -25.49
C32 BCR JH . -81.32 0.41 -24.37
C34 BCR JH . -85.10 -1.81 -21.18
C12 BCR JH . -83.72 0.17 -17.71
C13 BCR JH . -84.58 0.39 -16.58
C14 BCR JH . -84.12 1.14 -15.54
C15 BCR JH . -84.82 1.45 -14.32
C16 BCR JH . -84.35 2.34 -13.41
C17 BCR JH . -85.05 2.64 -12.19
C18 BCR JH . -84.58 3.43 -11.18
C19 BCR JH . -85.39 3.62 -9.99
C20 BCR JH . -85.04 4.37 -8.93
C21 BCR JH . -85.85 4.53 -7.75
C22 BCR JH . -85.59 5.31 -6.67
C23 BCR JH . -86.54 5.32 -5.58
C24 BCR JH . -86.81 6.35 -4.76
C25 BCR JH . -87.76 6.34 -3.64
C26 BCR JH . -87.45 5.83 -2.44
C27 BCR JH . -88.47 5.74 -1.33
C28 BCR JH . -89.59 6.75 -1.44
C29 BCR JH . -90.13 6.77 -2.87
C30 BCR JH . -89.05 7.16 -3.88
C35 BCR JH . -85.93 -0.23 -16.60
C36 BCR JH . -83.26 4.11 -11.21
C37 BCR JH . -84.37 6.17 -6.55
C38 BCR JH . -86.05 5.77 -1.91
C39 BCR JH . -88.73 8.65 -3.78
C40 BCR JH . -89.62 6.89 -5.27
C1 BCR KH . -88.40 7.92 -10.44
C2 BCR KH . -89.86 8.22 -10.08
C3 BCR KH . -90.79 7.13 -10.55
C4 BCR KH . -90.72 7.02 -12.07
C5 BCR KH . -89.34 7.11 -12.64
C6 BCR KH . -88.28 7.55 -11.92
C7 BCR KH . -87.01 7.92 -12.55
C8 BCR KH . -85.96 7.11 -12.76
C9 BCR KH . -84.70 7.51 -13.38
C10 BCR KH . -83.85 6.53 -13.79
C11 BCR KH . -82.57 6.70 -14.43
C33 BCR KH . -89.32 6.94 -14.14
C31 BCR KH . -87.87 6.77 -9.57
C32 BCR KH . -87.59 9.18 -10.12
C34 BCR KH . -84.43 8.97 -13.55
C12 BCR KH . -81.82 5.65 -14.84
C13 BCR KH . -80.53 5.75 -15.50
C14 BCR KH . -79.88 4.59 -15.80
C15 BCR KH . -78.61 4.44 -16.44
C16 BCR KH . -78.08 3.22 -16.72
C17 BCR KH . -76.82 3.01 -17.36
C18 BCR KH . -76.33 1.80 -17.76
C19 BCR KH . -75.04 1.72 -18.40
C20 BCR KH . -74.57 0.59 -18.97
C21 BCR KH . -73.31 0.42 -19.63
C22 BCR KH . -72.96 -0.68 -20.35
C23 BCR KH . -71.66 -0.75 -20.99
C24 BCR KH . -71.16 0.06 -21.93
C25 BCR KH . -69.84 -0.07 -22.55
C26 BCR KH . -68.76 0.57 -22.08
C27 BCR KH . -67.62 1.02 -22.96
C28 BCR KH . -67.53 0.27 -24.27
C29 BCR KH . -68.91 0.13 -24.89
C30 BCR KH . -69.88 -0.63 -23.98
C35 BCR KH . -80.00 7.11 -15.81
C36 BCR KH . -77.09 0.53 -17.56
C37 BCR KH . -73.89 -1.84 -20.55
C38 BCR KH . -68.40 0.62 -20.62
C39 BCR KH . -69.53 -2.11 -23.96
C40 BCR KH . -71.28 -0.47 -24.60
C1 BCR LH . -54.03 18.91 -15.96
C2 BCR LH . -53.41 19.52 -17.22
C3 BCR LH . -53.49 18.61 -18.42
C4 BCR LH . -52.73 17.34 -18.13
C5 BCR LH . -53.10 16.71 -16.81
C6 BCR LH . -53.68 17.43 -15.82
C7 BCR LH . -54.18 16.82 -14.58
C8 BCR LH . -53.43 16.26 -13.62
C9 BCR LH . -53.95 15.69 -12.39
C10 BCR LH . -53.06 15.38 -11.42
C11 BCR LH . -53.36 14.82 -10.13
C33 BCR LH . -53.08 15.20 -16.88
C31 BCR LH . -55.56 19.07 -16.02
C32 BCR LH . -53.51 19.70 -14.77
C34 BCR LH . -55.43 15.48 -12.29
C12 BCR LH . -52.45 14.75 -9.14
C13 BCR LH . -52.70 14.21 -7.83
C14 BCR LH . -51.67 14.13 -6.95
C15 BCR LH . -51.73 13.64 -5.60
C16 BCR LH . -50.63 13.47 -4.82
C17 BCR LH . -50.72 13.00 -3.48
C18 BCR LH . -49.72 12.60 -2.66
C19 BCR LH . -48.37 12.58 -3.17
C20 BCR LH . -47.25 12.61 -2.41
C21 BCR LH . -45.94 12.59 -2.98
C22 BCR LH . -44.76 12.51 -2.32
C23 BCR LH . -43.54 12.47 -3.11
C24 BCR LH . -42.30 12.78 -2.68
C25 BCR LH . -41.07 12.73 -3.50
C26 BCR LH . -40.08 11.85 -3.22
C27 BCR LH . -38.78 11.83 -3.98
C28 BCR LH . -38.79 12.69 -5.23
C29 BCR LH . -39.45 14.01 -4.92
C30 BCR LH . -40.93 13.82 -4.55
C35 BCR LH . -54.10 13.79 -7.51
C36 BCR LH . -49.94 12.12 -1.26
C37 BCR LH . -44.62 12.43 -0.83
C38 BCR LH . -40.08 10.94 -2.03
C39 BCR LH . -41.72 13.46 -5.82
C40 BCR LH . -41.44 15.18 -4.04
C1 BCR MH . -48.15 10.99 -18.60
C2 BCR MH . -47.63 12.17 -19.43
C3 BCR MH . -48.20 13.48 -18.95
C4 BCR MH . -49.71 13.48 -19.09
C5 BCR MH . -50.37 12.20 -18.68
C6 BCR MH . -49.68 11.05 -18.48
C7 BCR MH . -50.30 9.83 -17.99
C8 BCR MH . -50.67 9.60 -16.72
C9 BCR MH . -51.30 8.40 -16.21
C10 BCR MH . -51.64 8.39 -14.89
C11 BCR MH . -52.27 7.32 -14.17
C33 BCR MH . -51.86 12.27 -18.78
C31 BCR MH . -47.50 11.01 -17.21
C32 BCR MH . -47.73 9.69 -19.31
C34 BCR MH . -51.52 7.26 -17.16
C12 BCR MH . -52.62 7.45 -12.87
C13 BCR MH . -53.25 6.42 -12.08
C14 BCR MH . -53.32 6.61 -10.74
C15 BCR MH . -53.89 5.71 -9.77
C16 BCR MH . -53.76 5.93 -8.44
C17 BCR MH . -54.31 5.05 -7.46
C18 BCR MH . -54.18 5.17 -6.10
C19 BCR MH . -54.79 4.17 -5.27
C20 BCR MH . -54.48 3.99 -3.97
C21 BCR MH . -55.09 2.99 -3.13
C22 BCR MH . -54.78 2.73 -1.84
C23 BCR MH . -55.51 1.68 -1.14
C24 BCR MH . -54.94 0.80 -0.30
C25 BCR MH . -55.61 -0.29 0.43
C26 BCR MH . -56.43 -1.20 -0.14
C27 BCR MH . -56.41 -2.65 0.25
C28 BCR MH . -55.49 -3.00 1.40
C29 BCR MH . -55.45 -1.86 2.40
C30 BCR MH . -54.89 -0.59 1.76
C35 BCR MH . -53.79 5.21 -12.78
C36 BCR MH . -53.41 6.28 -5.45
C37 BCR MH . -53.75 3.48 -1.07
C38 BCR MH . -57.75 -0.83 -0.76
C39 BCR MH . -53.39 -0.75 1.51
C40 BCR MH . -55.10 0.56 2.76
C1 BCR NH . -58.78 -7.25 -36.07
C2 BCR NH . -57.75 -7.53 -34.98
C3 BCR NH . -57.96 -6.68 -33.74
C4 BCR NH . -57.93 -5.20 -34.10
C5 BCR NH . -58.69 -4.86 -35.35
C6 BCR NH . -58.82 -5.75 -36.36
C7 BCR NH . -59.35 -5.36 -37.67
C8 BCR NH . -58.65 -4.91 -38.72
C9 BCR NH . -59.23 -4.55 -39.99
C10 BCR NH . -58.55 -4.79 -41.15
C11 BCR NH . -57.26 -5.40 -41.34
C33 BCR NH . -59.72 -3.79 -35.08
C31 BCR NH . -60.17 -7.71 -35.60
C32 BCR NH . -58.40 -8.06 -37.31
C34 BCR NH . -60.58 -3.90 -39.98
C12 BCR NH . -56.75 -5.55 -42.58
C13 BCR NH . -55.48 -6.15 -42.93
C14 BCR NH . -55.22 -6.35 -44.26
C15 BCR NH . -54.06 -6.93 -44.85
C16 BCR NH . -53.95 -7.18 -46.18
C17 BCR NH . -52.78 -7.79 -46.75
C18 BCR NH . -52.40 -7.87 -48.05
C19 BCR NH . -53.22 -7.26 -49.08
C20 BCR NH . -53.23 -7.70 -50.36
C21 BCR NH . -54.00 -7.10 -51.40
C22 BCR NH . -53.80 -7.29 -52.73
C23 BCR NH . -54.64 -6.57 -53.66
C24 BCR NH . -55.12 -7.04 -54.83
C25 BCR NH . -55.97 -6.29 -55.77
C26 BCR NH . -55.51 -5.94 -56.99
C27 BCR NH . -56.46 -5.53 -58.07
C28 BCR NH . -57.85 -6.08 -57.84
C29 BCR NH . -58.35 -5.66 -56.47
C30 BCR NH . -57.40 -5.98 -55.31
C35 BCR NH . -54.54 -6.53 -41.84
C36 BCR NH . -51.16 -8.53 -48.53
C37 BCR NH . -52.71 -8.16 -53.29
C38 BCR NH . -54.19 -6.40 -57.55
C39 BCR NH . -57.95 -7.14 -54.48
C40 BCR NH . -57.40 -4.73 -54.43
O1 LHG OH . -54.10 22.18 -42.19
C1 LHG OH . -52.82 21.60 -42.23
C2 LHG OH . -52.81 20.30 -41.43
O2 LHG OH . -53.34 20.56 -40.16
C3 LHG OH . -51.41 19.71 -41.39
O3 LHG OH . -51.42 18.37 -40.92
P LHG OH . -50.05 17.49 -40.96
O4 LHG OH . -49.09 18.05 -39.93
O5 LHG OH . -49.61 17.29 -42.37
O6 LHG OH . -50.63 16.10 -40.33
C4 LHG OH . -51.66 15.39 -40.98
C5 LHG OH . -51.83 14.06 -40.24
C6 LHG OH . -51.87 14.22 -38.72
O7 LHG OH . -53.07 13.54 -40.72
C7 LHG OH . -53.13 12.30 -41.20
O9 LHG OH . -52.46 11.40 -40.79
C8 LHG OH . -54.13 12.17 -42.32
C9 LHG OH . -55.20 11.10 -42.18
C10 LHG OH . -55.98 10.87 -43.48
O8 LHG OH . -52.91 13.39 -38.22
C23 LHG OH . -53.94 13.97 -37.60
O10 LHG OH . -54.33 15.07 -37.89
C24 LHG OH . -54.51 13.09 -36.51
C11 LHG OH . -56.99 9.73 -43.36
C12 LHG OH . -57.80 9.51 -44.63
C13 LHG OH . -58.77 8.33 -44.53
C14 LHG OH . -59.65 8.38 -43.28
C15 LHG OH . -60.27 7.04 -42.89
C16 LHG OH . -60.80 6.99 -41.46
C17 LHG OH . -61.44 5.66 -41.11
C18 LHG OH . -61.82 5.54 -39.64
C19 LHG OH . -62.64 4.29 -39.33
C25 LHG OH . -54.39 11.61 -36.79
C26 LHG OH . -54.12 10.78 -35.53
C27 LHG OH . -53.68 9.36 -35.82
C28 LHG OH . -52.30 9.03 -35.24
C29 LHG OH . -51.96 7.55 -35.24
C30 LHG OH . -53.10 6.64 -34.78
C31 LHG OH . -52.71 5.18 -34.64
C32 LHG OH . -53.89 4.23 -34.78
C33 LHG OH . -53.48 2.76 -34.74
C34 LHG OH . -54.55 1.83 -35.29
C1B LMT PH . -45.47 -18.51 0.79
C2B LMT PH . -44.89 -19.64 -0.08
C3B LMT PH . -45.17 -19.39 -1.56
C4B LMT PH . -46.67 -19.14 -1.75
C5B LMT PH . -47.12 -18.00 -0.84
C6B LMT PH . -48.58 -17.64 -0.93
O1B LMT PH . -44.74 -17.34 0.57
O2B LMT PH . -43.51 -19.73 0.20
O3B LMT PH . -44.72 -20.52 -2.27
O4' LMT PH . -46.87 -18.83 -3.11
O5B LMT PH . -46.81 -18.32 0.51
O6B LMT PH . -49.36 -18.75 -0.54
C1' LMT PH . -42.88 -14.21 2.39
C2' LMT PH . -42.05 -15.48 2.36
C3' LMT PH . -42.70 -16.43 1.37
C4' LMT PH . -44.18 -16.66 1.67
C5' LMT PH . -44.91 -15.33 1.88
C6' LMT PH . -46.29 -15.51 2.45
O1' LMT PH . -42.36 -13.31 3.30
O2' LMT PH . -40.74 -15.14 1.98
O3' LMT PH . -41.96 -17.62 1.38
O5' LMT PH . -44.19 -14.53 2.79
O6' LMT PH . -46.18 -16.14 3.71
C1 LMT PH . -42.49 -11.96 2.93
C2 LMT PH . -42.77 -11.07 4.13
C3 LMT PH . -43.05 -9.60 3.79
C4 LMT PH . -43.37 -8.67 4.96
C5 LMT PH . -43.81 -7.27 4.55
C6 LMT PH . -44.15 -6.34 5.72
C7 LMT PH . -44.40 -4.88 5.34
C8 LMT PH . -45.71 -4.57 4.59
C1B LMT QH . -42.27 6.97 -8.34
C2B LMT QH . -41.59 8.28 -7.94
C3B LMT QH . -42.55 9.35 -7.45
C4B LMT QH . -43.67 9.48 -8.46
C5B LMT QH . -44.44 8.15 -8.45
C6B LMT QH . -45.62 8.11 -9.39
O1B LMT QH . -42.03 5.95 -7.39
O2B LMT QH . -40.60 7.98 -6.98
O3B LMT QH . -41.81 10.54 -7.33
O4' LMT QH . -44.48 10.57 -8.07
O5B LMT QH . -43.59 7.08 -8.83
O6B LMT QH . -46.61 9.04 -9.02
C1' LMT QH . -43.43 3.11 -4.92
C2' LMT QH . -44.55 3.71 -5.75
C3' LMT QH . -43.92 4.55 -6.86
C4' LMT QH . -42.90 5.57 -6.34
C5' LMT QH . -41.98 4.94 -5.28
C6' LMT QH . -41.19 5.97 -4.51
O1' LMT QH . -43.95 2.34 -3.91
O2' LMT QH . -45.33 2.67 -6.27
O3' LMT QH . -44.99 5.15 -7.55
O5' LMT QH . -42.72 4.18 -4.34
O6' LMT QH . -40.26 5.29 -3.69
C1 LMT QH . -43.26 1.11 -3.70
C2 LMT QH . -42.80 1.00 -2.26
C3 LMT QH . -41.57 1.85 -1.91
C4 LMT QH . -40.96 1.67 -0.52
C5 LMT QH . -39.77 2.57 -0.21
C1B LMT RH . -87.61 27.22 -21.41
C2B LMT RH . -87.66 28.41 -20.45
C3B LMT RH . -89.10 28.88 -20.26
C4B LMT RH . -89.73 29.16 -21.63
C5B LMT RH . -89.61 27.91 -22.51
C6B LMT RH . -90.14 28.08 -23.91
O1B LMT RH . -88.20 26.12 -20.80
O2B LMT RH . -87.08 28.02 -19.24
O3B LMT RH . -89.07 30.03 -19.46
O4' LMT RH . -91.07 29.50 -21.42
O5B LMT RH . -88.24 27.53 -22.61
O6B LMT RH . -89.42 29.08 -24.58
C1' LMT RH . -87.76 22.11 -20.17
C2' LMT RH . -86.63 22.95 -19.59
C3' LMT RH . -87.10 24.40 -19.57
C4' LMT RH . -87.59 24.86 -20.94
C5' LMT RH . -88.63 23.87 -21.49
C6' LMT RH . -88.99 24.16 -22.93
O1' LMT RH . -87.36 20.80 -20.29
O2' LMT RH . -86.33 22.49 -18.30
O3' LMT RH . -86.01 25.18 -19.11
O5' LMT RH . -88.07 22.57 -21.46
O6' LMT RH . -89.94 23.21 -23.36
C1 LMT RH . -88.43 19.87 -20.42
C2 LMT RH . -88.16 18.89 -21.53
C3 LMT RH . -86.83 18.13 -21.43
C4 LMT RH . -86.71 16.83 -22.22
C5 LMT RH . -85.35 16.15 -22.15
C6 LMT RH . -84.67 16.25 -20.77
C7 LMT RH . -83.29 15.60 -20.70
C8 LMT RH . -83.21 14.11 -20.99
C9 LMT RH . -81.91 13.42 -20.56
C10 LMT RH . -81.34 13.88 -19.22
C11 LMT RH . -79.90 13.44 -19.01
C12 LMT RH . -79.67 11.99 -19.40
C1 LMG SH . -53.30 23.96 8.96
O1 LMG SH . -52.91 22.93 9.79
C2 LMG SH . -54.80 24.16 9.15
O2 LMG SH . -55.43 23.02 8.64
C3 LMG SH . -55.22 25.41 8.39
O3 LMG SH . -56.60 25.59 8.61
C4 LMG SH . -54.38 26.62 8.81
O4 LMG SH . -54.66 26.92 10.16
C5 LMG SH . -52.92 26.27 8.58
O5 LMG SH . -52.38 28.57 8.47
C6 LMG SH . -51.94 27.34 9.02
O6 LMG SH . -52.59 25.11 9.33
C7 LMG SH . -51.67 22.32 9.51
C8 LMG SH . -51.95 20.84 9.26
C9 LMG SH . -52.60 20.54 7.93
O7 LMG SH . -50.67 20.22 9.36
C10 LMG SH . -50.15 19.95 10.56
O9 LMG SH . -49.21 20.54 11.03
C11 LMG SH . -50.90 18.83 11.22
C12 LMG SH . -50.10 18.22 12.37
C13 LMG SH . -50.78 16.98 12.95
C14 LMG SH . -50.69 15.78 12.01
C15 LMG SH . -49.27 15.55 11.47
C16 LMG SH . -48.97 14.08 11.24
C17 LMG SH . -47.48 13.79 11.13
C18 LMG SH . -47.10 12.37 11.49
C19 LMG SH . -45.61 12.15 11.75
C20 LMG SH . -45.31 10.80 12.39
C21 LMG SH . -46.07 10.60 13.70
C22 LMG SH . -46.14 9.14 14.14
C23 LMG SH . -47.53 8.53 14.05
C24 LMG SH . -47.62 7.35 13.08
C25 LMG SH . -47.27 7.70 11.64
C26 LMG SH . -47.03 6.49 10.74
C27 LMG SH . -48.22 5.55 10.68
O8 LMG SH . -52.99 19.17 7.90
C28 LMG SH . -53.96 18.83 7.06
O10 LMG SH . -54.64 19.63 6.47
C29 LMG SH . -54.07 17.33 6.94
C30 LMG SH . -55.07 16.86 5.89
C31 LMG SH . -55.40 15.37 6.00
C32 LMG SH . -55.36 14.66 4.66
C33 LMG SH . -55.26 13.15 4.75
C34 LMG SH . -55.21 12.40 3.42
CAA F6C TH . -25.65 8.59 -12.13
CAB F6C TH . -17.20 10.15 -15.71
CAC F6C TH . -21.90 8.19 -22.03
CAD F6C TH . -27.99 8.62 -16.58
NA F6C TH . -23.69 9.74 -14.68
CBA F6C TH . -24.84 7.40 -12.58
CBB F6C TH . -16.59 10.27 -16.90
CBC F6C TH . -22.13 6.71 -22.17
CBD F6C TH . -27.47 8.96 -15.15
NB F6C TH . -20.94 9.86 -15.75
OBD F6C TH . -29.17 8.40 -16.84
CGA F6C TH . -25.75 6.31 -13.07
CGD F6C TH . -28.16 10.18 -14.58
ND F6C TH . -24.54 9.01 -17.37
CED F6C TH . -29.88 10.97 -13.11
CHA F6C TH . -25.99 9.18 -15.27
CHB F6C TH . -21.66 10.37 -13.44
CHC F6C TH . -19.55 9.48 -17.75
CHD F6C TH . -23.98 8.53 -19.71
CMA F6C TH . -24.06 11.89 -12.13
CMB F6C TH . -18.66 10.72 -12.96
CMC F6C TH . -19.06 8.80 -20.74
CMD F6C TH . -27.10 8.06 -19.95
OMB F6C TH . -17.63 11.40 -12.91
C1 F6C TH . -24.38 6.18 -15.05
C1A F6C TH . -25.05 9.56 -14.36
C1B F6C TH . -20.70 10.18 -14.45
C1C F6C TH . -20.59 9.17 -18.68
C1D F6C TH . -24.90 8.64 -18.69
O1A F6C TH . -26.53 5.63 -12.41
O1D F6C TH . -27.95 11.36 -14.86
C2 F6C TH . -23.69 4.88 -14.83
C2A F6C TH . -25.30 9.85 -12.89
C2B F6C TH . -19.24 10.36 -14.25
C2C F6C TH . -20.36 8.84 -20.08
C2D F6C TH . -26.37 8.43 -18.75
O2A F6C TH . -25.67 6.09 -14.42
O2D F6C TH . -29.13 9.88 -13.66
C3 F6C TH . -22.39 4.71 -15.11
C3A F6C TH . -23.95 10.42 -12.40
C3B F6C TH . -18.63 10.12 -15.45
C3C F6C TH . -21.61 8.57 -20.64
C3D F6C TH . -26.83 8.60 -17.45
C4 F6C TH . -21.71 3.41 -14.90
C4A F6C TH . -23.01 10.15 -13.57
C4B F6C TH . -19.71 9.80 -16.43
C4C F6C TH . -22.59 8.74 -19.58
C4D F6C TH . -25.65 8.96 -16.65
C5 F6C TH . -21.58 5.82 -15.68
C6 F6C TH . -20.09 5.53 -15.74
C7 F6C TH . -19.35 6.21 -14.60
C8 F6C TH . -17.89 6.52 -14.96
C9 F6C TH . -17.74 6.74 -16.45
C10 F6C TH . -16.96 5.42 -14.46
C11 F6C TH . -15.76 5.21 -15.36
C12 F6C TH . -14.81 4.17 -14.82
C13 F6C TH . -14.37 3.19 -15.91
C14 F6C TH . -14.01 1.84 -15.30
C15 F6C TH . -13.20 3.74 -16.71
NC F6C TH . -21.93 9.10 -18.40
MG F6C TH . -22.76 9.46 -16.53
C16 F6C TH . -12.65 2.71 -17.68
C17 F6C TH . -11.59 3.30 -18.59
C18 F6C TH . -11.01 2.26 -19.53
C19 F6C TH . -12.07 1.70 -20.45
C20 F6C TH . -9.88 2.86 -20.35
O1 LHG UH . -41.43 13.38 -79.48
C1 LHG UH . -42.73 13.89 -79.26
C2 LHG UH . -43.60 13.68 -80.49
O2 LHG UH . -44.66 14.60 -80.45
C3 LHG UH . -44.05 12.23 -80.63
O3 LHG UH . -42.95 11.33 -80.60
P LHG UH . -42.81 10.21 -79.40
O4 LHG UH . -44.13 9.50 -79.25
O5 LHG UH . -42.12 10.79 -78.22
O6 LHG UH . -41.82 9.17 -80.19
C4 LHG UH . -40.49 9.52 -80.49
C5 LHG UH . -39.64 8.25 -80.44
C6 LHG UH . -40.10 7.22 -79.42
O7 LHG UH . -39.74 7.68 -81.76
C7 LHG UH . -38.84 6.79 -82.13
O9 LHG UH . -37.67 6.87 -81.87
C8 LHG UH . -39.43 5.65 -82.93
C9 LHG UH . -38.90 4.24 -82.67
C10 LHG UH . -38.60 3.50 -83.98
O8 LHG UH . -41.14 6.45 -80.02
C23 LHG UH . -42.21 6.17 -79.28
O10 LHG UH . -43.25 6.79 -79.38
C24 LHG UH . -41.97 5.00 -78.38
C11 LHG UH . -38.67 1.99 -83.83
C12 LHG UH . -40.06 1.49 -83.46
C13 LHG UH . -40.13 0.02 -83.08
C14 LHG UH . -39.76 -0.94 -84.22
C15 LHG UH . -40.93 -1.26 -85.15
C16 LHG UH . -40.87 -0.57 -86.50
C17 LHG UH . -42.19 -0.64 -87.25
C18 LHG UH . -42.07 -0.48 -88.76
C19 LHG UH . -41.41 -1.68 -89.44
C20 LHG UH . -42.06 -3.01 -89.05
C21 LHG UH . -43.49 -3.20 -89.56
C22 LHG UH . -44.21 -4.39 -88.96
C25 LHG UH . -42.34 3.66 -78.99
C26 LHG UH . -41.14 2.83 -79.43
C27 LHG UH . -40.70 1.80 -78.39
C28 LHG UH . -41.56 0.54 -78.43
C29 LHG UH . -41.23 -0.41 -79.58
C30 LHG UH . -42.28 -1.49 -79.81
C31 LHG UH . -43.71 -0.94 -79.82
C32 LHG UH . -44.73 -1.94 -80.35
C33 LHG UH . -44.68 -3.30 -79.67
C34 LHG UH . -46.06 -3.95 -79.57
C35 LHG UH . -46.03 -5.46 -79.38
C36 LHG UH . -47.42 -6.03 -79.12
C37 LHG UH . -47.63 -7.46 -79.60
C38 LHG UH . -46.76 -8.50 -78.88
MG CLA VH . -37.72 -14.10 -37.27
CHA CLA VH . -35.73 -13.86 -40.11
CHB CLA VH . -37.77 -10.72 -37.03
CHC CLA VH . -40.09 -14.39 -34.82
CHD CLA VH . -37.70 -17.62 -37.62
NA CLA VH . -36.78 -12.58 -38.33
C1A CLA VH . -36.02 -12.67 -39.50
C2A CLA VH . -35.53 -11.29 -39.94
C3A CLA VH . -35.87 -10.41 -38.70
C4A CLA VH . -36.89 -11.27 -37.96
CMA CLA VH . -34.64 -10.18 -37.86
CAA CLA VH . -36.23 -10.79 -41.19
CBA CLA VH . -35.55 -9.53 -41.69
CGA CLA VH . -36.30 -8.94 -42.84
O1A CLA VH . -36.31 -7.77 -43.22
O2A CLA VH . -37.05 -9.85 -43.53
NB CLA VH . -38.70 -12.79 -36.10
C1B CLA VH . -38.71 -11.45 -36.28
C2B CLA VH . -39.87 -10.85 -35.56
C3B CLA VH . -40.53 -11.89 -34.93
C4B CLA VH . -39.77 -13.13 -35.24
CMB CLA VH . -40.19 -9.42 -35.54
CAB CLA VH . -41.69 -11.89 -34.08
CBB CLA VH . -41.81 -11.18 -32.95
NC CLA VH . -38.62 -15.72 -36.30
C1C CLA VH . -39.54 -15.60 -35.30
C2C CLA VH . -39.95 -16.92 -34.84
C3C CLA VH . -39.32 -17.85 -35.68
C4C CLA VH . -38.49 -17.08 -36.59
CMC CLA VH . -40.90 -17.18 -33.76
CAC CLA VH . -39.43 -19.31 -35.61
CBC CLA VH . -38.49 -19.90 -34.60
ND CLA VH . -36.78 -15.48 -38.41
C1D CLA VH . -36.92 -16.90 -38.50
C2D CLA VH . -36.12 -17.39 -39.63
C3D CLA VH . -35.66 -16.28 -40.29
C4D CLA VH . -36.12 -15.11 -39.51
CMD CLA VH . -35.96 -18.81 -39.97
CAD CLA VH . -34.85 -15.78 -41.39
OBD CLA VH . -34.14 -16.39 -42.19
CBD CLA VH . -35.00 -14.22 -41.39
CGD CLA VH . -33.70 -13.51 -41.62
O1D CLA VH . -32.60 -13.74 -41.12
O2D CLA VH . -33.78 -12.50 -42.53
CED CLA VH . -33.08 -12.68 -43.76
C1 CLA VH . -37.58 -9.42 -44.80
C2 CLA VH . -38.70 -10.31 -45.13
C3 CLA VH . -38.58 -11.37 -45.94
C4 CLA VH . -37.29 -11.72 -46.59
C5 CLA VH . -39.75 -12.25 -46.24
C6 CLA VH . -39.58 -13.64 -45.66
C7 CLA VH . -40.91 -14.35 -45.55
C8 CLA VH . -41.50 -14.71 -46.91
C9 CLA VH . -42.81 -15.45 -46.72
C10 CLA VH . -40.53 -15.56 -47.72
C11 CLA VH . -40.31 -15.00 -49.12
C12 CLA VH . -41.43 -15.39 -50.06
C13 CLA VH . -41.06 -15.19 -51.52
C14 CLA VH . -39.78 -15.91 -51.87
C15 CLA VH . -40.95 -13.71 -51.88
C16 CLA VH . -42.32 -13.08 -52.10
C17 CLA VH . -42.25 -12.01 -53.17
C18 CLA VH . -43.38 -10.99 -53.08
C19 CLA VH . -43.50 -10.21 -54.37
C20 CLA VH . -44.70 -11.66 -52.76
MG CLA WH . -41.68 -7.72 -47.42
CHA CLA WH . -43.04 -9.57 -44.82
CHB CLA WH . -43.81 -9.22 -49.58
CHC CLA WH . -40.50 -5.67 -49.88
CHD CLA WH . -39.42 -6.25 -45.11
NA CLA WH . -43.12 -9.22 -47.21
C1A CLA WH . -43.55 -9.86 -46.06
C2A CLA WH . -44.60 -10.93 -46.37
C3A CLA WH . -44.61 -10.96 -47.92
C4A CLA WH . -43.79 -9.72 -48.29
CMA CLA WH . -43.98 -12.22 -48.46
CAA CLA WH . -45.97 -10.61 -45.81
CBA CLA WH . -46.84 -11.84 -45.75
CGA CLA WH . -47.81 -11.82 -46.89
O1A CLA WH . -48.00 -10.93 -47.71
O2A CLA WH . -48.56 -12.96 -46.99
NB CLA WH . -41.99 -7.57 -49.40
C1B CLA WH . -43.09 -8.09 -50.00
C2B CLA WH . -43.47 -7.27 -51.19
C3B CLA WH . -42.54 -6.26 -51.28
C4B CLA WH . -41.58 -6.45 -50.16
CMB CLA WH . -44.63 -7.60 -52.02
CAB CLA WH . -42.38 -5.17 -52.22
CBB CLA WH . -43.08 -4.96 -53.34
NC CLA WH . -40.17 -6.28 -47.50
C1C CLA WH . -39.82 -5.60 -48.63
C2C CLA WH . -38.69 -4.72 -48.35
C3C CLA WH . -38.42 -4.84 -46.99
C4C CLA WH . -39.34 -5.84 -46.46
CMC CLA WH . -38.03 -3.85 -49.33
CAC CLA WH . -37.35 -4.18 -46.23
CBC CLA WH . -36.10 -5.03 -46.14
ND CLA WH . -41.27 -7.82 -45.44
C1D CLA WH . -40.32 -7.16 -44.61
C2D CLA WH . -40.52 -7.58 -43.22
C3D CLA WH . -41.59 -8.46 -43.22
C4D CLA WH . -42.00 -8.60 -44.64
CMD CLA WH . -39.75 -7.08 -42.08
CAD CLA WH . -42.46 -9.32 -42.43
OBD CLA WH . -42.54 -9.46 -41.22
CBD CLA WH . -43.39 -10.07 -43.44
CGD CLA WH . -43.32 -11.57 -43.33
O1D CLA WH . -44.20 -12.39 -43.60
O2D CLA WH . -42.14 -12.04 -42.86
CED CLA WH . -42.17 -13.34 -42.25
C1 CLA WH . -49.35 -13.07 -48.19
C2 CLA WH . -50.71 -13.56 -47.85
C3 CLA WH . -51.60 -12.83 -47.15
C4 CLA WH . -51.28 -11.48 -46.65
C5 CLA WH . -52.95 -13.37 -46.84
C6 CLA WH . -54.07 -12.58 -47.51
C7 CLA WH . -54.83 -11.74 -46.50
C8 CLA WH . -56.07 -11.06 -47.07
C9 CLA WH . -57.28 -11.94 -46.87
C10 CLA WH . -55.90 -10.74 -48.56
C11 CLA WH . -57.04 -9.90 -49.08
C12 CLA WH . -57.06 -8.52 -48.45
C13 CLA WH . -58.04 -7.61 -49.19
C14 CLA WH . -57.72 -7.57 -50.68
C15 CLA WH . -58.04 -6.19 -48.63
C16 CLA WH . -58.07 -6.20 -47.11
C17 CLA WH . -58.75 -4.96 -46.56
C18 CLA WH . -60.22 -5.20 -46.27
C19 CLA WH . -60.56 -4.84 -44.84
C20 CLA WH . -61.10 -4.43 -47.23
MG CLA XH . -34.95 1.87 -27.40
CHA CLA XH . -34.89 4.16 -24.81
CHB CLA XH . -32.55 0.04 -25.83
CHC CLA XH . -35.45 -0.64 -29.68
CHD CLA XH . -37.36 3.85 -29.04
NA CLA XH . -33.86 2.12 -25.64
C1A CLA XH . -34.01 3.13 -24.67
C2A CLA XH . -33.01 2.92 -23.55
C3A CLA XH . -32.08 1.81 -24.07
C4A CLA XH . -32.88 1.26 -25.25
CMA CLA XH . -30.74 2.33 -24.49
CAA CLA XH . -33.77 2.48 -22.31
CBA CLA XH . -32.87 2.35 -21.10
CGA CLA XH . -32.33 0.97 -20.99
O1A CLA XH . -32.94 -0.10 -21.11
O2A CLA XH . -31.00 0.93 -20.68
NB CLA XH . -34.16 0.04 -27.70
C1B CLA XH . -33.21 -0.54 -26.93
C2B CLA XH . -32.96 -1.93 -27.39
C3B CLA XH . -33.77 -2.13 -28.49
C4B CLA XH . -34.54 -0.87 -28.70
CMB CLA XH . -31.98 -2.82 -26.78
CAB CLA XH . -33.93 -3.28 -29.34
CBB CLA XH . -34.10 -4.53 -28.90
NC CLA XH . -36.14 1.69 -29.10
C1C CLA XH . -36.17 0.57 -29.89
C2C CLA XH . -37.13 0.77 -30.96
C3C CLA XH . -37.67 2.04 -30.81
C4C CLA XH . -37.04 2.61 -29.62
CMC CLA XH . -37.42 -0.23 -31.99
CAC CLA XH . -38.67 2.69 -31.67
CBC CLA XH . -39.98 2.93 -30.99
ND CLA XH . -35.80 3.68 -27.15
C1D CLA XH . -36.82 4.35 -27.88
C2D CLA XH . -37.18 5.60 -27.17
C3D CLA XH . -36.50 5.56 -25.97
C4D CLA XH . -35.67 4.34 -26.00
CMD CLA XH . -38.14 6.59 -27.67
CAD CLA XH . -36.18 6.27 -24.74
OBD CLA XH . -36.50 7.38 -24.37
CBD CLA XH . -35.26 5.31 -23.90
CGD CLA XH . -34.11 6.00 -23.23
O1D CLA XH . -33.08 6.45 -23.74
O2D CLA XH . -34.29 6.11 -21.88
CED CLA XH . -33.16 6.43 -21.06
C1 CLA XH . -30.40 -0.38 -20.54
C2 CLA XH . -29.92 -0.79 -21.89
C3 CLA XH . -30.32 -1.92 -22.48
C4 CLA XH . -31.28 -2.85 -21.86
C5 CLA XH . -29.80 -2.28 -23.84
C6 CLA XH . -29.29 -3.70 -23.91
C7 CLA XH . -27.97 -3.86 -23.19
C8 CLA XH . -27.41 -5.26 -23.29
C9 CLA XH . -28.48 -6.29 -23.05
C10 CLA XH . -26.27 -5.47 -22.30
C11 CLA XH . -24.93 -5.01 -22.85
C12 CLA XH . -23.79 -5.49 -21.98
C13 CLA XH . -22.52 -4.67 -22.16
C14 CLA XH . -22.76 -3.22 -21.77
C15 CLA XH . -22.01 -4.74 -23.60
C16 CLA XH . -20.71 -3.97 -23.74
C17 CLA XH . -19.67 -4.77 -24.50
C18 CLA XH . -18.83 -3.88 -25.41
C19 CLA XH . -17.87 -4.70 -26.23
C20 CLA XH . -19.73 -3.06 -26.32
MG CLA YH . -8.06 4.10 -41.86
CHA CLA YH . -6.55 7.18 -41.32
CHB CLA YH . -5.73 3.40 -44.24
CHC CLA YH . -9.43 0.97 -42.18
CHD CLA YH . -10.40 4.86 -39.32
NA CLA YH . -6.44 5.16 -42.66
C1A CLA YH . -5.97 6.43 -42.29
C2A CLA YH . -4.75 6.81 -43.11
C3A CLA YH . -4.61 5.65 -44.13
C4A CLA YH . -5.66 4.64 -43.66
CMA CLA YH . -4.88 6.11 -45.55
CAA CLA YH . -3.51 6.88 -42.23
CBA CLA YH . -3.25 5.59 -41.46
CGA CLA YH . -3.83 5.65 -40.08
O1A CLA YH . -3.93 6.61 -39.33
O2A CLA YH . -4.26 4.43 -39.62
NB CLA YH . -7.68 2.50 -43.01
C1B CLA YH . -6.65 2.39 -43.89
C2B CLA YH . -6.61 1.01 -44.46
C3B CLA YH . -7.66 0.32 -43.88
C4B CLA YH . -8.34 1.26 -42.95
CMB CLA YH . -5.61 0.59 -45.44
CAB CLA YH . -8.08 -1.05 -44.07
CBB CLA YH . -8.10 -1.71 -45.23
NC CLA YH . -9.66 3.13 -40.95
C1C CLA YH . -10.06 1.85 -41.25
C2C CLA YH . -11.21 1.49 -40.43
C3C CLA YH . -11.47 2.59 -39.59
C4C CLA YH . -10.49 3.61 -39.93
CMC CLA YH . -11.91 0.22 -40.47
CAC CLA YH . -12.53 2.70 -38.59
CBC CLA YH . -13.79 3.33 -39.14
ND CLA YH . -8.49 5.66 -40.64
C1D CLA YH . -9.47 5.84 -39.63
C2D CLA YH . -9.29 7.17 -39.01
C3D CLA YH . -8.19 7.74 -39.62
C4D CLA YH . -7.72 6.74 -40.62
CMD CLA YH . -10.14 7.72 -37.95
CAD CLA YH . -7.32 8.89 -39.71
OBD CLA YH . -7.37 9.95 -39.10
CBD CLA YH . -6.22 8.55 -40.77
CGD CLA YH . -6.12 9.61 -41.84
O1D CLA YH . -6.71 9.64 -42.92
O2D CLA YH . -5.26 10.62 -41.53
CED CLA YH . -4.31 11.01 -42.52
C1 CLA YH . -5.68 4.28 -39.39
C2 CLA YH . -5.88 4.21 -37.93
C3 CLA YH . -6.65 3.28 -37.33
C4 CLA YH . -6.82 3.26 -35.85
C5 CLA YH . -7.36 2.24 -38.12
C6 CLA YH . -8.38 1.46 -37.30
C7 CLA YH . -7.98 0.00 -37.18
C8 CLA YH . -8.91 -0.81 -36.28
C9 CLA YH . -10.36 -0.47 -36.57
C10 CLA YH . -8.59 -0.58 -34.81
C11 CLA YH . -9.41 -1.50 -33.91
C12 CLA YH . -8.86 -1.53 -32.50
C13 CLA YH . -9.82 -2.25 -31.55
C14 CLA YH . -11.07 -1.44 -31.34
C15 CLA YH . -9.15 -2.57 -30.22
C16 CLA YH . -8.14 -3.69 -30.35
C17 CLA YH . -7.73 -4.23 -29.00
C18 CLA YH . -6.39 -4.94 -29.04
C19 CLA YH . -6.09 -5.61 -27.71
C20 CLA YH . -6.36 -5.98 -30.15
MG CLA ZH . -9.68 2.06 -53.63
CHA CLA ZH . -9.85 -0.37 -56.09
CHB CLA ZH . -8.89 -0.32 -51.33
CHC CLA ZH . -9.52 4.51 -51.22
CHD CLA ZH . -10.61 4.49 -56.03
NA CLA ZH . -9.40 -0.01 -53.73
C1A CLA ZH . -9.52 -0.84 -54.85
C2A CLA ZH . -9.23 -2.29 -54.49
C3A CLA ZH . -9.06 -2.25 -52.96
C4A CLA ZH . -9.10 -0.76 -52.62
CMA CLA ZH . -10.17 -2.99 -52.27
CAA CLA ZH . -7.95 -2.73 -55.18
CBA CLA ZH . -6.86 -3.12 -54.19
CGA CLA ZH . -6.96 -4.57 -53.86
O1A CLA ZH . -6.75 -5.13 -52.78
O2A CLA ZH . -7.31 -5.33 -54.94
NB CLA ZH . -9.30 2.08 -51.65
C1B CLA ZH . -8.93 1.01 -50.90
C2B CLA ZH . -8.59 1.45 -49.52
C3B CLA ZH . -8.76 2.81 -49.48
C4B CLA ZH . -9.22 3.24 -50.84
CMB CLA ZH . -8.16 0.50 -48.49
CAB CLA ZH . -8.59 3.78 -48.43
CBB CLA ZH . -7.97 3.60 -47.26
NC CLA ZH . -10.00 4.12 -53.64
C1C CLA ZH . -9.89 4.92 -52.53
C2C CLA ZH . -10.21 6.30 -52.90
C3C CLA ZH . -10.51 6.30 -54.25
C4C CLA ZH . -10.39 4.93 -54.71
CMC CLA ZH . -10.19 7.43 -51.96
CAC CLA ZH . -10.90 7.45 -55.09
CBC CLA ZH . -12.38 7.49 -55.36
ND CLA ZH . -10.08 2.13 -55.61
C1D CLA ZH . -10.47 3.19 -56.47
C2D CLA ZH . -10.69 2.65 -57.83
C3D CLA ZH . -10.46 1.29 -57.74
C4D CLA ZH . -10.10 1.02 -56.34
CMD CLA ZH . -11.08 3.45 -58.99
CAD CLA ZH . -10.42 0.03 -58.46
OBD CLA ZH . -10.62 -0.20 -59.64
CBD CLA ZH . -10.08 -1.08 -57.41
CGD CLA ZH . -11.17 -2.10 -57.30
O1D CLA ZH . -11.06 -3.33 -57.26
O2D CLA ZH . -12.42 -1.56 -57.20
CED CLA ZH . -13.51 -2.43 -56.87
C1 CLA ZH . -8.43 -6.24 -54.76
C2 CLA ZH . -9.15 -6.23 -56.06
C3 CLA ZH . -9.66 -7.35 -56.61
C4 CLA ZH . -9.53 -8.66 -55.95
C5 CLA ZH . -10.38 -7.33 -57.91
C6 CLA ZH . -10.12 -6.05 -58.71
C7 CLA ZH . -8.88 -6.19 -59.55
C8 CLA ZH . -8.66 -4.98 -60.45
C9 CLA ZH . -7.97 -5.39 -61.73
C10 CLA ZH . -7.83 -3.92 -59.72
C11 CLA ZH . -7.80 -2.61 -60.50
C12 CLA ZH . -7.15 -1.51 -59.69
C13 CLA ZH . -7.11 -0.20 -60.45
C14 CLA ZH . -6.11 -0.27 -61.58
C15 CLA ZH . -6.80 0.97 -59.53
C16 CLA ZH . -7.32 2.28 -60.11
C17 CLA ZH . -7.10 3.44 -59.17
C18 CLA ZH . -5.72 4.05 -59.32
C19 CLA ZH . -5.62 4.89 -60.57
C20 CLA ZH . -5.37 4.89 -58.11
MG CLA AI . -11.94 -5.19 -48.21
CHA CLA AI . -11.91 -2.30 -46.29
CHB CLA AI . -13.36 -3.48 -50.78
CHC CLA AI . -11.85 -8.06 -50.09
CHD CLA AI . -10.48 -6.94 -45.49
NA CLA AI . -12.53 -3.20 -48.46
C1A CLA AI . -12.42 -2.15 -47.55
C2A CLA AI . -12.95 -0.85 -48.15
C3A CLA AI . -13.52 -1.29 -49.52
C4A CLA AI . -13.11 -2.76 -49.62
CMA CLA AI . -15.02 -1.14 -49.56
CAA CLA AI . -11.81 0.11 -48.38
CBA CLA AI . -11.99 1.41 -47.62
CGA CLA AI . -13.23 2.09 -48.11
O1A CLA AI . -13.72 2.05 -49.24
O2A CLA AI . -13.83 2.84 -47.15
NB CLA AI . -12.46 -5.67 -50.10
C1B CLA AI . -13.05 -4.84 -50.98
C2B CLA AI . -13.36 -5.58 -52.24
C3B CLA AI . -12.94 -6.87 -52.05
C4B CLA AI . -12.37 -6.94 -50.68
CMB CLA AI . -14.02 -4.93 -53.38
CAB CLA AI . -13.01 -8.02 -52.91
CBB CLA AI . -13.00 -8.03 -54.24
NC CLA AI . -11.30 -7.15 -47.84
C1C CLA AI . -11.36 -8.16 -48.76
C2C CLA AI . -10.83 -9.38 -48.17
C3C CLA AI . -10.43 -9.07 -46.87
C4C CLA AI . -10.73 -7.66 -46.68
CMC CLA AI . -10.74 -10.68 -48.86
CAC CLA AI . -9.85 -9.99 -45.88
CBC CLA AI . -10.90 -10.71 -45.08
ND CLA AI . -11.39 -4.80 -46.30
C1D CLA AI . -10.78 -5.61 -45.30
C2D CLA AI . -10.55 -4.78 -44.10
C3D CLA AI . -10.99 -3.51 -44.41
C4D CLA AI . -11.47 -3.57 -45.80
CMD CLA AI . -9.98 -5.27 -42.84
CAD CLA AI . -11.17 -2.16 -43.95
OBD CLA AI . -10.98 -1.68 -42.83
CBD CLA AI . -11.71 -1.32 -45.15
CGD CLA AI . -12.96 -0.56 -44.82
O1D CLA AI . -13.06 0.54 -44.26
O2D CLA AI . -14.11 -1.20 -45.18
CED CLA AI . -15.09 -1.43 -44.16
C1 CLA AI . -14.95 2.23 -46.47
C2 CLA AI . -16.14 2.40 -47.35
C3 CLA AI . -17.27 1.70 -47.19
C4 CLA AI . -18.42 1.91 -48.09
C5 CLA AI . -17.40 0.68 -46.11
C6 CLA AI . -18.63 -0.19 -46.26
C7 CLA AI . -18.29 -1.51 -46.93
C8 CLA AI . -19.42 -2.53 -46.78
C9 CLA AI . -19.13 -3.46 -45.61
C10 CLA AI . -19.63 -3.30 -48.08
C11 CLA AI . -19.11 -4.72 -48.04
C12 CLA AI . -18.74 -5.24 -49.41
C13 CLA AI . -17.24 -5.44 -49.53
C14 CLA AI . -16.87 -6.00 -50.89
C15 CLA AI . -16.73 -6.38 -48.44
C16 CLA AI . -15.42 -5.90 -47.86
C17 CLA AI . -14.95 -6.80 -46.75
C18 CLA AI . -14.52 -6.00 -45.53
C19 CLA AI . -15.60 -5.04 -45.09
C20 CLA AI . -14.17 -6.94 -44.38
MG CLA BI . -4.59 -16.29 -35.16
CHA CLA BI . -5.57 -17.35 -32.01
CHB CLA BI . -7.80 -15.41 -35.86
CHC CLA BI . -3.55 -15.19 -38.23
CHD CLA BI . -1.27 -17.26 -34.39
NA CLA BI . -6.37 -16.37 -34.09
C1A CLA BI . -6.58 -16.86 -32.79
C2A CLA BI . -8.04 -16.73 -32.39
C3A CLA BI . -8.74 -16.27 -33.68
C4A CLA BI . -7.57 -15.98 -34.63
CMA CLA BI . -9.64 -17.35 -34.24
CAA CLA BI . -8.22 -15.71 -31.28
CBA CLA BI . -7.59 -14.37 -31.60
CGA CLA BI . -6.20 -14.29 -31.05
O1A CLA BI . -5.78 -14.61 -29.94
O2A CLA BI . -5.29 -13.80 -31.96
NB CLA BI . -5.51 -15.54 -36.78
C1B CLA BI . -6.80 -15.10 -36.81
C2B CLA BI . -7.03 -14.24 -38.01
C3B CLA BI . -5.82 -14.17 -38.68
C4B CLA BI . -4.85 -15.00 -37.91
CMB CLA BI . -8.32 -13.62 -38.29
CAB CLA BI . -5.45 -13.48 -39.88
CBB CLA BI . -5.87 -12.27 -40.26
NC CLA BI . -2.74 -16.27 -36.14
C1C CLA BI . -2.55 -15.79 -37.41
C2C CLA BI . -1.16 -15.95 -37.80
C3C CLA BI . -0.51 -16.51 -36.70
C4C CLA BI . -1.51 -16.71 -35.67
CMC CLA BI . -0.60 -15.57 -39.10
CAC CLA BI . 0.92 -16.87 -36.61
CBC CLA BI . 1.76 -15.72 -36.11
ND CLA BI . -3.57 -17.02 -33.57
C1D CLA BI . -2.22 -17.42 -33.40
C2D CLA BI . -2.05 -17.97 -32.04
C3D CLA BI . -3.30 -17.95 -31.46
C4D CLA BI . -4.21 -17.38 -32.46
CMD CLA BI . -0.77 -18.43 -31.49
CAD CLA BI . -4.08 -18.23 -30.28
OBD CLA BI . -3.71 -18.62 -29.17
CBD CLA BI . -5.57 -17.95 -30.63
CGD CLA BI . -6.36 -19.24 -30.64
O1D CLA BI . -6.13 -20.23 -31.33
O2D CLA BI . -7.42 -19.26 -29.79
CED CLA BI . -8.22 -20.45 -29.79
C1 CLA BI . -3.91 -14.10 -31.73
C2 CLA BI . -3.14 -13.58 -32.89
C3 CLA BI . -1.79 -13.58 -32.92
C4 CLA BI . -0.97 -14.09 -31.80
C5 CLA BI . -1.05 -13.05 -34.10
C6 CLA BI . -1.96 -12.63 -35.24
C7 CLA BI . -1.14 -12.20 -36.44
C8 CLA BI . -2.03 -11.76 -37.59
C9 CLA BI . -1.30 -11.93 -38.92
C10 CLA BI . -2.45 -10.31 -37.42
C11 CLA BI . -3.48 -9.90 -38.46
C12 CLA BI . -3.86 -8.45 -38.30
C13 CLA BI . -4.94 -8.04 -39.30
C14 CLA BI . -4.57 -8.47 -40.70
C15 CLA BI . -5.19 -6.54 -39.26
C16 CLA BI . -6.66 -6.23 -39.08
C17 CLA BI . -7.01 -4.85 -39.58
C18 CLA BI . -8.35 -4.35 -39.05
C19 CLA BI . -8.84 -3.15 -39.85
C20 CLA BI . -9.38 -5.45 -39.07
MG CLA CI . -14.05 -18.07 -36.89
CHA CLA CI . -13.38 -19.40 -40.02
CHB CLA CI . -11.27 -16.11 -37.15
CHC CLA CI . -14.94 -16.50 -33.97
CHD CLA CI . -17.03 -19.96 -36.78
NA CLA CI . -12.55 -17.87 -38.32
C1A CLA CI . -12.45 -18.51 -39.56
C2A CLA CI . -11.22 -18.04 -40.32
C3A CLA CI . -10.44 -17.23 -39.26
C4A CLA CI . -11.47 -17.04 -38.15
CMA CLA CI . -9.22 -17.98 -38.77
CAA CLA CI . -11.68 -17.14 -41.46
CBA CLA CI . -12.60 -15.99 -41.04
CGA CLA CI . -14.04 -16.39 -40.91
O1A CLA CI . -14.70 -17.14 -41.64
O2A CLA CI . -14.68 -15.90 -39.80
NB CLA CI . -13.22 -16.64 -35.73
C1B CLA CI . -12.16 -15.87 -36.09
C2B CLA CI . -12.05 -14.70 -35.17
C3B CLA CI . -13.08 -14.81 -34.27
C4B CLA CI . -13.83 -16.05 -34.62
CMB CLA CI . -10.99 -13.69 -35.31
CAB CLA CI . -13.47 -13.98 -33.16
CBB CLA CI . -12.67 -13.20 -32.44
NC CLA CI . -15.64 -18.29 -35.56
C1C CLA CI . -15.79 -17.57 -34.40
C2C CLA CI . -17.00 -17.97 -33.72
C3C CLA CI . -17.63 -18.92 -34.54
C4C CLA CI . -16.76 -19.10 -35.69
CMC CLA CI . -17.48 -17.41 -32.45
CAC CLA CI . -18.89 -19.61 -34.30
CBC CLA CI . -20.03 -19.00 -35.08
ND CLA CI . -14.97 -19.47 -38.02
C1D CLA CI . -16.22 -20.12 -37.88
C2D CLA CI . -16.46 -20.97 -39.07
C3D CLA CI . -15.39 -20.73 -39.93
C4D CLA CI . -14.51 -19.78 -39.23
CMD CLA CI . -17.63 -21.82 -39.25
CAD CLA CI . -14.78 -21.05 -41.20
OBD CLA CI . -15.13 -21.86 -42.06
CBD CLA CI . -13.53 -20.13 -41.35
CGD CLA CI . -12.30 -20.89 -41.78
O1D CLA CI . -12.00 -21.25 -42.91
O2D CLA CI . -11.43 -21.20 -40.77
CED CLA CI . -10.19 -21.80 -41.15
C1 CLA CI . -15.97 -16.50 -39.53
C2 CLA CI . -16.50 -15.97 -38.26
C3 CLA CI . -17.76 -16.22 -37.85
C4 CLA CI . -18.69 -17.06 -38.66
C5 CLA CI . -18.30 -15.69 -36.57
C6 CLA CI . -17.35 -14.72 -35.90
C7 CLA CI . -17.77 -13.29 -36.17
C8 CLA CI . -16.57 -12.35 -36.15
C9 CLA CI . -17.02 -10.92 -35.96
C10 CLA CI . -15.76 -12.49 -37.43
C11 CLA CI . -14.35 -11.99 -37.26
C12 CLA CI . -13.38 -12.76 -38.14
C13 CLA CI . -12.90 -11.94 -39.32
C14 CLA CI . -13.84 -12.09 -40.50
C15 CLA CI . -11.49 -12.35 -39.72
C16 CLA CI . -10.87 -11.36 -40.70
C17 CLA CI . -10.20 -10.21 -39.99
C18 CLA CI . -9.48 -9.28 -40.96
C19 CLA CI . -8.35 -10.01 -41.67
C20 CLA CI . -10.47 -8.75 -41.98
MG CLA DI . -18.18 -17.09 -27.13
CHA CLA DI . -15.51 -17.69 -29.25
CHB CLA DI . -16.59 -14.35 -25.90
CHC CLA DI . -21.01 -16.34 -25.33
CHD CLA DI . -19.77 -19.98 -28.39
NA CLA DI . -16.33 -16.22 -27.48
C1A CLA DI . -15.36 -16.61 -28.42
C2A CLA DI . -14.13 -15.70 -28.36
C3A CLA DI . -14.41 -14.84 -27.10
C4A CLA DI . -15.88 -15.13 -26.80
CMA CLA DI . -13.51 -15.28 -25.98
CAA CLA DI . -14.00 -14.85 -29.62
CBA CLA DI . -14.62 -13.48 -29.48
CGA CLA DI . -16.00 -13.50 -30.03
O1A CLA DI . -16.97 -14.16 -29.67
O2A CLA DI . -16.17 -12.65 -31.10
NB CLA DI . -18.70 -15.65 -25.83
C1B CLA DI . -17.93 -14.56 -25.54
C2B CLA DI . -18.75 -13.60 -24.75
C3B CLA DI . -19.99 -14.14 -24.58
C4B CLA DI . -19.97 -15.46 -25.26
CMB CLA DI . -18.21 -12.32 -24.28
CAB CLA DI . -21.15 -13.64 -23.88
CBB CLA DI . -21.16 -13.22 -22.63
NC CLA DI . -20.03 -18.03 -26.86
C1C CLA DI . -21.03 -17.55 -26.07
C2C CLA DI . -22.18 -18.45 -26.12
C3C CLA DI . -21.84 -19.49 -26.99
C4C CLA DI . -20.48 -19.21 -27.46
CMC CLA DI . -23.43 -18.26 -25.38
CAC CLA DI . -22.66 -20.64 -27.38
CBC CLA DI . -22.48 -21.80 -26.43
ND CLA DI . -17.76 -18.57 -28.44
C1D CLA DI . -18.52 -19.69 -28.89
C2D CLA DI . -17.74 -20.40 -29.91
C3D CLA DI . -16.59 -19.67 -30.11
C4D CLA DI . -16.65 -18.54 -29.17
CMD CLA DI . -18.20 -21.61 -30.60
CAD CLA DI . -15.32 -19.57 -30.81
OBD CLA DI . -14.83 -20.31 -31.65
CBD CLA DI . -14.62 -18.26 -30.31
CGD CLA DI . -13.23 -18.53 -29.81
O1D CLA DI . -12.90 -19.26 -28.87
O2D CLA DI . -12.26 -17.86 -30.47
CED CLA DI . -10.94 -17.91 -29.93
C1 CLA DI . -15.71 -11.29 -30.90
C2 CLA DI . -15.57 -10.70 -32.25
C3 CLA DI . -14.68 -9.73 -32.53
C4 CLA DI . -13.76 -9.18 -31.50
C5 CLA DI . -14.58 -9.15 -33.90
C6 CLA DI . -13.16 -9.07 -34.41
C7 CLA DI . -12.97 -7.85 -35.26
C8 CLA DI . -13.16 -8.13 -36.74
C9 CLA DI . -12.05 -7.49 -37.55
C10 CLA DI . -14.52 -7.63 -37.22
C11 CLA DI . -14.68 -7.85 -38.71
C12 CLA DI . -16.14 -7.99 -39.11
C13 CLA DI . -16.30 -8.93 -40.30
C14 CLA DI . -15.22 -8.69 -41.34
C15 CLA DI . -17.68 -8.79 -40.94
C16 CLA DI . -18.49 -10.06 -40.78
C17 CLA DI . -17.86 -11.24 -41.47
C18 CLA DI . -18.76 -12.46 -41.43
C19 CLA DI . -19.90 -12.33 -42.42
C20 CLA DI . -17.97 -13.72 -41.70
MG CLA EI . 7.21 -0.80 -57.95
CHA CLA EI . 9.52 1.41 -59.30
CHB CLA EI . 4.79 0.51 -59.96
CHC CLA EI . 5.03 -3.18 -56.78
CHD CLA EI . 9.77 -2.14 -55.91
NA CLA EI . 7.18 0.75 -59.36
C1A CLA EI . 8.25 1.53 -59.81
C2A CLA EI . 7.79 2.54 -60.86
C3A CLA EI . 6.26 2.37 -60.86
C4A CLA EI . 6.04 1.11 -60.02
CMA CLA EI . 5.58 3.58 -60.25
CAA CLA EI . 8.38 2.21 -62.22
CBA CLA EI . 8.39 0.73 -62.50
CGA CLA EI . 8.82 0.46 -63.91
O1A CLA EI . 9.34 1.23 -64.72
O2A CLA EI . 8.58 -0.83 -64.30
NB CLA EI . 5.26 -1.21 -58.26
C1B CLA EI . 4.48 -0.63 -59.20
C2B CLA EI . 3.18 -1.37 -59.31
C3B CLA EI . 3.24 -2.41 -58.41
C4B CLA EI . 4.57 -2.32 -57.73
CMB CLA EI . 2.12 -0.98 -60.24
CAB CLA EI . 2.29 -3.44 -58.09
CBB CLA EI . 0.98 -3.26 -57.95
NC CLA EI . 7.37 -2.35 -56.56
C1C CLA EI . 6.34 -3.19 -56.22
C2C CLA EI . 6.80 -4.15 -55.22
C3C CLA EI . 8.14 -3.86 -54.99
C4C CLA EI . 8.49 -2.73 -55.84
CMC CLA EI . 5.97 -5.20 -54.64
CAC CLA EI . 9.05 -4.56 -54.06
CBC CLA EI . 9.14 -3.87 -52.72
ND CLA EI . 9.18 -0.48 -57.61
C1D CLA EI . 10.11 -1.10 -56.74
C2D CLA EI . 11.42 -0.43 -56.90
C3D CLA EI . 11.26 0.53 -57.88
C4D CLA EI . 9.85 0.45 -58.29
CMD CLA EI . 12.62 -0.79 -56.14
CAD CLA EI . 11.89 1.58 -58.65
OBD CLA EI . 13.05 1.97 -58.64
CBD CLA EI . 10.79 2.18 -59.59
CGD CLA EI . 10.60 3.65 -59.37
O1D CLA EI . 9.64 4.22 -58.84
O2D CLA EI . 11.63 4.42 -59.82
CED CLA EI . 11.69 5.78 -59.39
C1 CLA EI . 9.73 -1.62 -64.69
C2 CLA EI . 9.31 -2.43 -65.85
C3 CLA EI . 9.76 -3.68 -66.08
C4 CLA EI . 9.32 -4.48 -67.25
C5 CLA EI . 10.74 -4.33 -65.16
C6 CLA EI . 10.14 -5.52 -64.43
C7 CLA EI . 11.23 -6.47 -63.98
C8 CLA EI . 11.19 -6.74 -62.49
C9 CLA EI . 12.56 -6.56 -61.88
C10 CLA EI . 10.65 -8.14 -62.20
C11 CLA EI . 10.88 -8.56 -60.77
C12 CLA EI . 10.20 -9.87 -60.43
C13 CLA EI . 8.69 -9.70 -60.29
C14 CLA EI . 8.36 -8.93 -59.02
C15 CLA EI . 7.94 -11.02 -60.31
C16 CLA EI . 8.85 -12.22 -60.09
C17 CLA EI . 8.39 -13.42 -60.87
C18 CLA EI . 9.33 -14.61 -60.73
C19 CLA EI . 9.06 -15.64 -61.81
C20 CLA EI . 10.77 -14.17 -60.79
MG CLA FI . 6.15 -3.48 -68.48
CHA CLA FI . 6.05 -0.10 -67.73
CHB CLA FI . 6.49 -2.74 -71.79
CHC CLA FI . 6.30 -6.85 -69.17
CHD CLA FI . 5.76 -4.22 -65.04
NA CLA FI . 6.25 -1.69 -69.56
C1A CLA FI . 6.20 -0.38 -69.05
C2A CLA FI . 6.31 0.64 -70.19
C3A CLA FI . 6.37 -0.23 -71.46
C4A CLA FI . 6.38 -1.67 -70.92
CMA CLA FI . 5.19 0.00 -72.37
CAA CLA FI . 7.55 1.52 -70.09
CBA CLA FI . 8.73 0.86 -69.41
CGA CLA FI . 9.34 -0.21 -70.28
O1A CLA FI . 9.52 -0.19 -71.49
O2A CLA FI . 9.71 -1.31 -69.58
NB CLA FI . 6.36 -4.58 -70.16
C1B CLA FI . 6.49 -4.09 -71.42
C2B CLA FI . 6.63 -5.21 -72.38
C3B CLA FI . 6.57 -6.38 -71.65
C4B CLA FI . 6.40 -6.00 -70.22
CMB CLA FI . 6.78 -5.02 -73.82
CAB CLA FI . 6.65 -7.74 -72.11
CBB CLA FI . 7.53 -8.65 -71.68
NC CLA FI . 6.05 -5.22 -67.31
C1C CLA FI . 6.13 -6.49 -67.80
C2C CLA FI . 6.03 -7.44 -66.70
C3C CLA FI . 5.88 -6.70 -65.53
C4C CLA FI . 5.88 -5.30 -65.92
CMC CLA FI . 6.07 -8.90 -66.86
CAC CLA FI . 5.73 -7.24 -64.17
CBC CLA FI . 7.01 -7.21 -63.39
ND CLA FI . 5.94 -2.46 -66.75
C1D CLA FI . 5.78 -2.89 -65.40
C2D CLA FI . 5.66 -1.69 -64.53
C3D CLA FI . 5.76 -0.59 -65.37
C4D CLA FI . 5.93 -1.13 -66.74
CMD CLA FI . 5.48 -1.73 -63.09
CAD CLA FI . 5.75 0.85 -65.47
OBD CLA FI . 5.64 1.69 -64.58
CBD CLA FI . 5.94 1.22 -66.97
CGD CLA FI . 4.82 2.05 -67.51
O1D CLA FI . 3.91 1.71 -68.28
O2D CLA FI . 4.83 3.34 -67.07
CED CLA FI . 3.83 4.22 -67.56
MG CLA GI . -0.62 -2.67 -61.74
CHA CLA GI . -2.60 -1.99 -58.97
CHB CLA GI . -0.66 -5.99 -60.95
CHC CLA GI . 1.51 -3.27 -64.37
CHD CLA GI . -0.49 0.78 -62.45
NA CLA GI . -1.54 -3.79 -60.23
C1A CLA GI . -2.31 -3.32 -59.16
C2A CLA GI . -2.80 -4.48 -58.28
C3A CLA GI . -2.20 -5.73 -58.97
C4A CLA GI . -1.42 -5.14 -60.15
CMA CLA GI . -1.33 -6.52 -58.04
CAA CLA GI . -4.31 -4.56 -58.27
CBA CLA GI . -4.83 -5.31 -57.06
CGA CLA GI . -4.82 -6.79 -57.32
O1A CLA GI . -4.23 -7.68 -56.71
O2A CLA GI . -5.60 -7.14 -58.38
NB CLA GI . 0.28 -4.31 -62.49
C1B CLA GI . 0.12 -5.59 -62.05
C2B CLA GI . 0.90 -6.53 -62.89
C3B CLA GI . 1.51 -5.77 -63.87
C4B CLA GI . 1.12 -4.35 -63.63
CMB CLA GI . 0.91 -7.97 -62.66
CAB CLA GI . 2.37 -6.14 -64.97
CBB CLA GI . 2.29 -7.28 -65.67
NC CLA GI . 0.28 -1.46 -63.19
C1C CLA GI . 1.10 -1.92 -64.18
C2C CLA GI . 1.56 -0.81 -65.00
C3C CLA GI . 1.02 0.35 -64.45
C4C CLA GI . 0.22 -0.07 -63.30
CMC CLA GI . 2.43 -0.94 -66.17
CAC CLA GI . 1.21 1.72 -64.93
CBC CLA GI . 0.39 2.08 -66.13
ND CLA GI . -1.48 -0.98 -61.06
C1D CLA GI . -1.27 0.39 -61.39
C2D CLA GI . -2.03 1.23 -60.44
C3D CLA GI . -2.58 0.37 -59.52
C4D CLA GI . -2.17 -0.99 -59.91
CMD CLA GI . -2.14 2.69 -60.52
CAD CLA GI . -3.41 0.25 -58.34
OBD CLA GI . -4.08 1.09 -57.76
CBD CLA GI . -3.31 -1.23 -57.87
CGD CLA GI . -2.53 -1.25 -56.59
O1D CLA GI . -2.17 -0.26 -55.94
O2D CLA GI . -2.16 -2.47 -56.12
CED CLA GI . -1.09 -2.48 -55.19
C1 CLA GI . -6.31 -8.38 -58.30
C2 CLA GI . -5.56 -9.37 -59.11
C3 CLA GI . -6.15 -10.35 -59.80
C4 CLA GI . -5.37 -11.32 -60.60
C5 CLA GI . -7.63 -10.54 -59.80
C6 CLA GI . -8.21 -10.67 -61.19
C7 CLA GI . -9.47 -11.51 -61.17
C8 CLA GI . -10.66 -10.77 -61.75
C9 CLA GI . -11.55 -10.25 -60.63
C10 CLA GI . -11.48 -11.67 -62.67
C11 CLA GI . -11.45 -11.15 -64.10
MG CLA HI . 2.46 -23.22 -57.22
CHA CLA HI . 2.97 -25.20 -54.43
CHB CLA HI . -0.09 -21.64 -55.61
CHC CLA HI . 2.08 -21.17 -59.96
CHD CLA HI . 5.09 -24.93 -58.86
NA CLA HI . 1.60 -23.41 -55.33
C1A CLA HI . 1.97 -24.28 -54.30
C2A CLA HI . 1.09 -24.10 -53.07
C3A CLA HI . 0.04 -23.06 -53.54
C4A CLA HI . 0.54 -22.65 -54.92
CMA CLA HI . -1.34 -23.67 -53.61
CAA CLA HI . 1.92 -23.53 -51.94
CBA CLA HI . 2.65 -22.26 -52.35
CGA CLA HI . 3.89 -22.05 -51.55
O1A CLA HI . 4.04 -22.08 -50.33
O2A CLA HI . 4.98 -21.79 -52.33
NB CLA HI . 1.20 -21.72 -57.72
C1B CLA HI . 0.26 -21.18 -56.90
C2B CLA HI . -0.37 -20.01 -57.56
C3B CLA HI . 0.23 -19.87 -58.79
C4B CLA HI . 1.25 -20.96 -58.90
CMB CLA HI . -1.42 -19.21 -56.93
CAB CLA HI . 0.03 -18.90 -59.83
CBB CLA HI . -1.16 -18.49 -60.29
NC CLA HI . 3.41 -23.08 -59.07
C1C CLA HI . 3.11 -22.16 -60.03
C2C CLA HI . 3.98 -22.35 -61.19
C3C CLA HI . 4.82 -23.42 -60.89
C4C CLA HI . 4.46 -23.88 -59.56
CMC CLA HI . 3.94 -21.53 -62.40
CAC CLA HI . 5.88 -23.98 -61.75
CBC CLA HI . 5.36 -24.99 -62.73
ND CLA HI . 3.79 -24.68 -56.79
C1D CLA HI . 4.79 -25.32 -57.58
C2D CLA HI . 5.40 -26.40 -56.77
C3D CLA HI . 4.76 -26.38 -55.55
C4D CLA HI . 3.75 -25.30 -55.62
CMD CLA HI . 6.49 -27.25 -57.23
CAD CLA HI . 4.67 -26.98 -54.22
OBD CLA HI . 5.35 -27.85 -53.71
CBD CLA HI . 3.47 -26.28 -53.50
CGD CLA HI . 2.36 -27.27 -53.22
O1D CLA HI . 1.25 -27.31 -53.74
O2D CLA HI . 2.67 -28.21 -52.28
CED CLA HI . 2.26 -29.55 -52.56
C1 CLA HI . 5.75 -20.61 -52.00
C2 CLA HI . 6.97 -21.07 -51.28
C3 CLA HI . 8.15 -21.25 -51.89
C4 CLA HI . 9.36 -21.70 -51.15
C5 CLA HI . 8.31 -21.00 -53.35
C6 CLA HI . 9.00 -19.68 -53.65
C7 CLA HI . 8.95 -19.38 -55.14
C8 CLA HI . 8.21 -18.09 -55.42
C9 CLA HI . 6.74 -18.22 -55.06
C10 CLA HI . 8.36 -17.67 -56.89
C11 CLA HI . 8.55 -16.18 -57.02
C12 CLA HI . 7.25 -15.45 -57.30
C13 CLA HI . 6.91 -14.39 -56.26
C14 CLA HI . 7.85 -14.42 -55.06
C15 CLA HI . 5.47 -14.50 -55.80
C16 CLA HI . 4.58 -13.52 -56.53
C17 CLA HI . 5.09 -12.09 -56.38
C18 CLA HI . 4.18 -11.10 -57.07
C19 CLA HI . 2.85 -10.99 -56.35
C20 CLA HI . 4.84 -9.74 -57.14
MG CLA II . 5.76 -26.31 -68.24
CHA CLA II . 8.17 -28.80 -68.48
CHB CLA II . 7.90 -24.40 -66.40
CHC CLA II . 3.45 -23.78 -68.29
CHD CLA II . 3.63 -28.28 -70.26
NA CLA II . 7.70 -26.60 -67.54
C1A CLA II . 8.54 -27.70 -67.76
C2A CLA II . 9.89 -27.50 -67.08
C3A CLA II . 9.72 -26.17 -66.30
C4A CLA II . 8.35 -25.66 -66.77
CMA CLA II . 9.77 -26.37 -64.82
CAA CLA II . 10.95 -27.38 -68.17
CBA CLA II . 10.86 -26.05 -68.90
CGA CLA II . 11.83 -26.00 -70.04
O1A CLA II . 12.12 -25.04 -70.76
O2A CLA II . 12.43 -27.21 -70.29
NB CLA II . 5.69 -24.45 -67.48
C1B CLA II . 6.66 -23.84 -66.77
C2B CLA II . 6.26 -22.46 -66.41
C3B CLA II . 4.99 -22.27 -66.94
C4B CLA II . 4.62 -23.54 -67.63
CMB CLA II . 7.12 -21.56 -65.64
CAB CLA II . 4.10 -21.14 -66.93
CBB CLA II . 4.27 -19.96 -66.32
NC CLA II . 3.86 -26.10 -69.06
C1C CLA II . 3.08 -24.98 -68.95
C2C CLA II . 1.83 -25.18 -69.66
C3C CLA II . 1.88 -26.44 -70.25
C4C CLA II . 3.17 -27.02 -69.87
CMC CLA II . 0.75 -24.19 -69.73
CAC CLA II . 0.86 -27.09 -71.08
CBC CLA II . 1.17 -27.01 -72.55
ND CLA II . 5.77 -28.16 -69.08
C1D CLA II . 4.84 -28.83 -69.91
C2D CLA II . 5.40 -30.16 -70.29
C3D CLA II . 6.67 -30.20 -69.75
C4D CLA II . 6.86 -28.92 -69.04
CMD CLA II . 4.69 -31.16 -71.08
CAD CLA II . 7.87 -31.00 -69.56
OBD CLA II . 8.10 -32.16 -69.86
CBD CLA II . 8.91 -30.08 -68.83
CGD CLA II . 9.55 -30.75 -67.65
O1D CLA II . 10.51 -31.53 -67.66
O2D CLA II . 8.99 -30.44 -66.45
CED CLA II . 9.81 -30.60 -65.29
MG CLA JI . -6.55 -26.06 -77.29
CHA CLA JI . -8.05 -29.04 -78.23
CHB CLA JI . -3.68 -27.74 -76.57
CHC CLA JI . -5.04 -23.05 -76.58
CHD CLA JI . -9.55 -24.35 -78.09
NA CLA JI . -5.99 -28.07 -77.36
C1A CLA JI . -6.76 -29.16 -77.81
C2A CLA JI . -5.96 -30.46 -77.71
C3A CLA JI . -4.63 -30.02 -77.04
C4A CLA JI . -4.75 -28.50 -76.99
CMA CLA JI . -4.44 -30.64 -75.68
CAA CLA JI . -5.68 -31.00 -79.11
CBA CLA JI . -5.23 -29.90 -80.04
CGA CLA JI . -4.56 -30.46 -81.26
O1A CLA JI . -3.86 -31.47 -81.36
O2A CLA JI . -4.78 -29.71 -82.38
NB CLA JI . -4.73 -25.51 -76.66
C1B CLA JI . -3.67 -26.33 -76.47
C2B CLA JI . -2.45 -25.53 -76.14
C3B CLA JI . -2.83 -24.21 -76.15
C4B CLA JI . -4.29 -24.18 -76.47
CMB CLA JI . -1.15 -26.16 -75.89
CAB CLA JI . -2.08 -23.00 -75.90
CBB CLA JI . -0.77 -22.81 -76.10
NC CLA JI . -7.20 -24.08 -77.30
C1C CLA JI . -6.42 -23.00 -76.97
C2C CLA JI . -7.18 -21.77 -77.09
C3C CLA JI . -8.45 -22.13 -77.53
C4C CLA JI . -8.46 -23.58 -77.66
CMC CLA JI . -6.66 -20.43 -76.83
CAC CLA JI . -9.59 -21.24 -77.81
CBC CLA JI . -9.78 -20.97 -79.29
ND CLA JI . -8.40 -26.52 -77.96
C1D CLA JI . -9.54 -25.73 -78.25
C2D CLA JI . -10.64 -26.60 -78.73
C3D CLA JI . -10.12 -27.88 -78.75
C4D CLA JI . -8.72 -27.78 -78.27
CMD CLA JI . -11.97 -26.14 -79.10
CAD CLA JI . -10.38 -29.28 -79.02
OBD CLA JI . -11.41 -29.81 -79.42
CBD CLA JI . -9.06 -30.06 -78.73
CGD CLA JI . -9.31 -31.17 -77.74
O1D CLA JI . -9.91 -32.23 -77.94
O2D CLA JI . -8.80 -30.96 -76.50
CED CLA JI . -8.61 -32.09 -75.65
C1 CLA JI . -3.81 -29.84 -83.44
C2 CLA JI . -2.66 -28.97 -83.11
C3 CLA JI . -2.65 -27.64 -83.35
C4 CLA JI . -3.80 -26.95 -83.99
C5 CLA JI . -1.47 -26.81 -83.00
C6 CLA JI . -0.92 -26.05 -84.19
C7 CLA JI . 0.01 -24.94 -83.75
C8 CLA JI . -0.72 -23.66 -83.37
C9 CLA JI . -1.85 -23.37 -84.34
C10 CLA JI . 0.24 -22.48 -83.32
C11 CLA JI . -0.48 -21.16 -83.10
C12 CLA JI . 0.48 -20.02 -82.90
MG CLA KI . -14.08 -22.59 -69.94
CHA CLA KI . -16.25 -23.01 -67.27
CHB CLA KI . -13.07 -25.82 -69.61
CHC CLA KI . -12.04 -22.17 -72.68
CHD CLA KI . -15.17 -19.23 -70.24
NA CLA KI . -14.59 -24.14 -68.65
C1A CLA KI . -15.53 -24.13 -67.60
C2A CLA KI . -15.60 -25.48 -66.91
C3A CLA KI . -14.50 -26.32 -67.61
C4A CLA KI . -14.01 -25.38 -68.72
CMA CLA KI . -13.39 -26.68 -66.66
CAA CLA KI . -16.96 -26.14 -67.17
CBA CLA KI . -16.81 -27.41 -67.98
CGA CLA KI . -18.07 -27.74 -68.71
O1A CLA KI . -19.02 -28.43 -68.34
O2A CLA KI . -18.12 -27.16 -69.95
NB CLA KI . -12.86 -23.79 -71.00
C1B CLA KI . -12.52 -25.05 -70.66
C2B CLA KI . -11.41 -25.54 -71.51
C3B CLA KI . -11.11 -24.52 -72.38
C4B CLA KI . -12.03 -23.39 -72.07
CMB CLA KI . -10.81 -26.85 -71.34
CAB CLA KI . -10.11 -24.49 -73.41
CBB CLA KI . -10.35 -24.37 -74.71
NC CLA KI . -13.68 -20.98 -71.21
C1C CLA KI . -12.81 -21.03 -72.27
C2C CLA KI . -12.78 -19.75 -72.96
C3C CLA KI . -13.66 -18.91 -72.26
C4C CLA KI . -14.22 -19.69 -71.17
CMC CLA KI . -11.96 -19.45 -74.12
CAC CLA KI . -13.96 -17.50 -72.57
CBC CLA KI . -15.23 -17.36 -73.38
ND CLA KI . -15.31 -21.32 -68.96
C1D CLA KI . -15.70 -19.98 -69.21
C2D CLA KI . -16.70 -19.58 -68.19
C3D CLA KI . -16.92 -20.70 -67.41
C4D CLA KI . -16.06 -21.76 -67.95
CMD CLA KI . -17.29 -18.24 -68.10
CAD CLA KI . -17.66 -21.25 -66.29
OBD CLA KI . -18.41 -20.70 -65.51
CBD CLA KI . -17.27 -22.76 -66.20
CGD CLA KI . -16.72 -23.11 -64.84
O1D CLA KI . -15.57 -22.96 -64.44
O2D CLA KI . -17.64 -23.65 -63.98
CED CLA KI . -17.39 -23.49 -62.59
C1 CLA KI . -18.74 -27.95 -71.00
C2 CLA KI . -18.47 -27.24 -72.28
C3 CLA KI . -19.12 -26.13 -72.66
C4 CLA KI . -20.19 -25.52 -71.84
C5 CLA KI . -18.81 -25.46 -73.95
C6 CLA KI . -18.19 -24.09 -73.76
C7 CLA KI . -16.91 -24.19 -72.95
C8 CLA KI . -16.26 -22.82 -72.71
C9 CLA KI . -17.23 -21.88 -72.03
C10 CLA KI . -15.77 -22.21 -74.02
C11 CLA KI . -14.79 -23.13 -74.71
C12 CLA KI . -13.94 -22.39 -75.73
C13 CLA KI . -14.78 -21.93 -76.92
C14 CLA KI . -15.46 -23.11 -77.59
C15 CLA KI . -13.91 -21.19 -77.94
C16 CLA KI . -14.75 -20.28 -78.82
C17 CLA KI . -14.75 -18.85 -78.32
C18 CLA KI . -13.37 -18.22 -78.41
C19 CLA KI . -12.93 -18.09 -79.85
C20 CLA KI . -13.37 -16.86 -77.74
MG CLA LI . -9.83 -19.32 -62.69
CHA CLA LI . -9.72 -21.68 -60.16
CHB CLA LI . -12.76 -20.64 -63.79
CHC CLA LI . -9.97 -16.88 -65.10
CHD CLA LI . -6.77 -17.99 -61.52
NA CLA LI . -11.01 -20.92 -62.06
C1A CLA LI . -10.80 -21.79 -60.99
C2A CLA LI . -11.91 -22.83 -60.89
C3A CLA LI . -12.74 -22.58 -62.17
C4A CLA LI . -12.15 -21.29 -62.73
CMA CLA LI . -12.64 -23.72 -63.16
CAA CLA LI . -12.75 -22.60 -59.64
CBA CLA LI . -14.15 -22.13 -59.96
CGA CLA LI . -14.17 -20.63 -60.05
O1A CLA LI . -13.21 -19.87 -60.15
O2A CLA LI . -15.45 -20.12 -60.01
NB CLA LI . -11.06 -18.92 -64.23
C1B CLA LI . -12.29 -19.46 -64.38
C2B CLA LI . -13.12 -18.62 -65.29
C3B CLA LI . -12.34 -17.55 -65.67
C4B CLA LI . -11.02 -17.73 -65.00
CMB CLA LI . -14.50 -18.95 -65.63
CAB CLA LI . -12.62 -16.43 -66.52
CBB CLA LI . -13.29 -16.48 -67.67
NC CLA LI . -8.57 -17.74 -63.22
C1C CLA LI . -8.81 -16.89 -64.26
C2C CLA LI . -7.71 -15.93 -64.37
C3C CLA LI . -6.82 -16.21 -63.34
C4C CLA LI . -7.36 -17.36 -62.63
CMC CLA LI . -7.64 -14.86 -65.38
CAC CLA LI . -5.56 -15.53 -63.04
CBC CLA LI . -5.64 -14.70 -61.79
ND CLA LI . -8.54 -19.64 -61.17
C1D CLA LI . -7.30 -19.05 -60.81
C2D CLA LI . -6.76 -19.72 -59.62
C3D CLA LI . -7.66 -20.73 -59.31
C4D CLA LI . -8.74 -20.65 -60.32
CMD CLA LI . -5.52 -19.35 -58.94
CAD CLA LI . -8.00 -21.82 -58.41
OBD CLA LI . -7.43 -22.17 -57.38
CBD CLA LI . -9.27 -22.51 -58.97
CGD CLA LI . -8.99 -23.92 -59.40
O1D CLA LI . -8.64 -24.31 -60.52
O2D CLA LI . -9.14 -24.85 -58.41
CED CLA LI . -9.04 -26.22 -58.78
C1 CLA LI . -16.04 -19.66 -61.25
C2 CLA LI . -15.37 -18.38 -61.58
C3 CLA LI . -15.93 -17.41 -62.32
C4 CLA LI . -17.29 -17.53 -62.88
C5 CLA LI . -15.17 -16.15 -62.61
C6 CLA LI . -14.15 -15.80 -61.54
C7 CLA LI . -12.75 -16.18 -61.95
C8 CLA LI . -11.71 -15.76 -60.90
C9 CLA LI . -10.55 -15.04 -61.55
C10 CLA LI . -11.21 -16.96 -60.11
C11 CLA LI . -10.55 -16.53 -58.81
C12 CLA LI . -9.71 -17.63 -58.20
C13 CLA LI . -10.28 -18.11 -56.87
C14 CLA LI . -9.52 -17.52 -55.70
C15 CLA LI . -10.27 -19.63 -56.78
MG CLA MI . -11.91 -5.50 -73.72
CHA CLA MI . -13.02 -2.73 -75.50
CHB CLA MI . -12.14 -3.70 -70.83
CHC CLA MI . -10.97 -8.31 -71.98
CHD CLA MI . -11.68 -7.29 -76.75
NA CLA MI . -12.48 -3.54 -73.27
C1A CLA MI . -12.93 -2.54 -74.15
C2A CLA MI . -13.26 -1.26 -73.41
C3A CLA MI . -12.80 -1.55 -71.95
C4A CLA MI . -12.47 -3.04 -72.00
CMA CLA MI . -11.61 -0.70 -71.56
CAA CLA MI . -14.77 -1.03 -73.43
CBA CLA MI . -15.52 -2.33 -73.22
CGA CLA MI . -17.01 -2.11 -73.10
O1A CLA MI . -17.74 -1.42 -73.80
O2A CLA MI . -17.56 -2.78 -72.04
NB CLA MI . -11.56 -5.91 -71.78
C1B CLA MI . -11.81 -5.06 -70.74
C2B CLA MI . -11.65 -5.80 -69.46
C3B CLA MI . -11.32 -7.09 -69.77
C4B CLA MI . -11.25 -7.18 -71.26
CMB CLA MI . -11.84 -5.17 -68.16
CAB CLA MI . -11.08 -8.21 -68.89
CBB CLA MI . -11.97 -9.16 -68.62
NC CLA MI . -11.40 -7.43 -74.28
C1C CLA MI . -11.03 -8.42 -73.40
C2C CLA MI . -10.72 -9.65 -74.13
C3C CLA MI . -10.94 -9.37 -75.48
C4C CLA MI . -11.36 -7.98 -75.57
CMC CLA MI . -10.30 -10.90 -73.52
CAC CLA MI . -10.77 -10.29 -76.62
CBC CLA MI . -9.42 -10.17 -77.27
ND CLA MI . -12.27 -5.17 -75.68
C1D CLA MI . -12.11 -5.99 -76.83
C2D CLA MI . -12.47 -5.20 -78.03
C3D CLA MI . -12.83 -3.95 -77.58
C4D CLA MI . -12.69 -3.98 -76.11
CMD CLA MI . -12.44 -5.71 -79.41
CAD CLA MI . -13.30 -2.62 -77.94
OBD CLA MI . -13.58 -2.17 -79.04
CBD CLA MI . -13.39 -1.80 -76.62
CGD CLA MI . -12.46 -0.62 -76.63
O1D CLA MI . -11.27 -0.60 -76.98
O2D CLA MI . -13.02 0.55 -76.21
CED CLA MI . -12.20 1.72 -76.20
C1 CLA MI . -17.95 -4.16 -72.26
C2 CLA MI . -19.26 -4.14 -72.96
C3 CLA MI . -20.13 -5.18 -72.91
C4 CLA MI . -21.42 -5.13 -73.62
C5 CLA MI . -19.83 -6.41 -72.13
C6 CLA MI . -20.03 -7.67 -72.95
C7 CLA MI . -19.91 -8.92 -72.09
C8 CLA MI . -20.00 -10.20 -72.91
C9 CLA MI . -21.11 -10.12 -73.93
C10 CLA MI . -20.21 -11.41 -72.01
C11 CLA MI . -19.20 -12.50 -72.28
C12 CLA MI . -19.34 -13.66 -71.30
C13 CLA MI . -18.16 -14.62 -71.42
C14 CLA MI . -18.61 -16.05 -71.23
C15 CLA MI . -17.05 -14.28 -70.43
C16 CLA MI . -17.60 -13.98 -69.04
C17 CLA MI . -16.60 -13.23 -68.20
C18 CLA MI . -16.78 -13.50 -66.71
C19 CLA MI . -16.48 -14.96 -66.40
C20 CLA MI . -15.88 -12.61 -65.89
MG CLA NI . 4.21 -8.37 -75.74
CHA CLA NI . 3.98 -4.96 -76.37
CHB CLA NI . 5.41 -8.88 -78.89
CHC CLA NI . 4.48 -11.72 -75.03
CHD CLA NI . 2.96 -7.80 -72.48
NA CLA NI . 4.62 -7.10 -77.36
C1A CLA NI . 4.46 -5.70 -77.42
C2A CLA NI . 4.88 -5.18 -78.79
C3A CLA NI . 5.23 -6.46 -79.59
C4A CLA NI . 5.09 -7.57 -78.56
CMA CLA NI . 4.33 -6.66 -80.77
CAA CLA NI . 6.08 -4.26 -78.67
CBA CLA NI . 7.38 -5.02 -78.91
CGA CLA NI . 8.46 -4.47 -78.03
O1A CLA NI . 9.27 -3.56 -78.27
O2A CLA NI . 8.52 -5.10 -76.82
NB CLA NI . 4.84 -9.99 -76.77
C1B CLA NI . 5.30 -9.99 -78.04
C2B CLA NI . 5.68 -11.38 -78.44
C3B CLA NI . 5.43 -12.18 -77.35
C4B CLA NI . 4.88 -11.32 -76.28
CMB CLA NI . 6.21 -11.71 -79.76
CAB CLA NI . 5.61 -13.61 -77.21
CBB CLA NI . 6.38 -14.19 -76.31
NC CLA NI . 3.79 -9.53 -74.06
C1C CLA NI . 3.97 -10.89 -73.99
C2C CLA NI . 3.58 -11.38 -72.67
C3C CLA NI . 3.16 -10.27 -71.95
C4C CLA NI . 3.29 -9.12 -72.83
CMC CLA NI . 3.64 -12.78 -72.25
CAC CLA NI . 2.66 -10.24 -70.57
CBC CLA NI . 3.73 -9.84 -69.59
ND CLA NI . 3.58 -6.80 -74.64
C1D CLA NI . 3.10 -6.70 -73.31
C2D CLA NI . 2.78 -5.29 -73.02
C3D CLA NI . 3.10 -4.58 -74.16
C4D CLA NI . 3.60 -5.57 -75.14
CMD CLA NI . 2.25 -4.80 -71.75
CAD CLA NI . 3.13 -3.27 -74.79
OBD CLA NI . 2.80 -2.19 -74.33
CBD CLA NI . 3.71 -3.49 -76.23
CGD CLA NI . 2.77 -2.97 -77.29
O1D CLA NI . 1.63 -3.35 -77.53
O2D CLA NI . 3.29 -1.97 -78.05
CED CLA NI . 2.48 -0.83 -78.31
C1 CLA NI . 9.55 -6.10 -76.66
C2 CLA NI . 8.91 -7.43 -76.84
C3 CLA NI . 9.34 -8.54 -76.24
C4 CLA NI . 10.50 -8.54 -75.32
C5 CLA NI . 8.66 -9.85 -76.46
C6 CLA NI . 8.18 -10.50 -75.18
C7 CLA NI . 8.85 -11.85 -74.99
C8 CLA NI . 8.40 -12.53 -73.71
C9 CLA NI . 8.98 -11.84 -72.49
C10 CLA NI . 8.80 -14.00 -73.70
MG CLA OI . -7.19 -3.87 -84.01
CHA CLA OI . -5.03 -1.71 -85.66
CHB CLA OI . -9.76 -2.80 -85.98
CHC CLA OI . -9.29 -6.07 -82.39
CHD CLA OI . -4.49 -4.98 -82.01
NA CLA OI . -7.34 -2.48 -85.56
C1A CLA OI . -6.32 -1.68 -86.12
C2A CLA OI . -6.87 -0.80 -87.24
C3A CLA OI . -8.38 -1.14 -87.28
C4A CLA OI . -8.52 -2.22 -86.20
CMA CLA OI . -9.24 0.06 -86.99
CAA CLA OI . -6.21 -1.11 -88.57
CBA CLA OI . -6.65 -2.46 -89.10
CGA CLA OI . -5.96 -2.75 -90.40
O1A CLA OI . -6.18 -3.66 -91.20
O2A CLA OI . -4.97 -1.85 -90.68
NB CLA OI . -9.15 -4.35 -84.15
C1B CLA OI . -10.04 -3.80 -85.02
C2B CLA OI . -11.38 -4.40 -84.81
C3B CLA OI . -11.25 -5.32 -83.79
C4B CLA OI . -9.83 -5.30 -83.37
CMB CLA OI . -12.55 -4.00 -85.60
CAB CLA OI . -12.23 -6.20 -83.18
CBB CLA OI . -13.52 -5.93 -83.01
NC CLA OI . -6.93 -5.26 -82.48
C1C CLA OI . -7.92 -6.05 -81.97
C2C CLA OI . -7.39 -6.90 -80.90
C3C CLA OI . -6.03 -6.61 -80.80
C4C CLA OI . -5.75 -5.57 -81.80
CMC CLA OI . -8.17 -7.87 -80.13
CAC CLA OI . -5.06 -7.21 -79.88
CBC CLA OI . -4.18 -8.23 -80.56
ND CLA OI . -5.22 -3.48 -83.81
C1D CLA OI . -4.22 -4.01 -82.94
C2D CLA OI . -2.94 -3.33 -83.23
C3D CLA OI . -3.19 -2.44 -84.26
C4D CLA OI . -4.63 -2.57 -84.59
CMD CLA OI . -1.69 -3.60 -82.53
CAD CLA OI . -2.64 -1.42 -85.13
OBD CLA OI . -1.49 -0.96 -85.18
CBD CLA OI . -3.79 -0.95 -86.07
CGD CLA OI . -3.99 0.53 -86.03
O1D CLA OI . -3.97 1.33 -86.97
O2D CLA OI . -4.24 1.02 -84.78
CED CLA OI . -5.15 2.12 -84.66
MG CLA PI . -16.78 0.44 -84.19
CHA CLA PI . -13.72 1.94 -84.89
CHB CLA PI . -18.38 2.96 -85.83
CHC CLA PI . -19.74 -1.22 -83.74
CHD CLA PI . -15.06 -2.18 -82.55
NA CLA PI . -16.13 2.17 -85.16
C1A CLA PI . -14.81 2.62 -85.37
C2A CLA PI . -14.82 3.93 -86.15
C3A CLA PI . -16.30 4.37 -86.10
C4A CLA PI . -17.01 3.07 -85.70
CMA CLA PI . -16.55 5.47 -85.12
CAA CLA PI . -14.52 3.71 -87.63
CBA CLA PI . -13.10 3.41 -88.01
CGA CLA PI . -12.96 1.94 -88.27
O1A CLA PI . -11.97 1.31 -88.67
O2A CLA PI . -14.11 1.24 -88.02
NB CLA PI . -18.70 0.83 -84.62
C1B CLA PI . -19.13 1.82 -85.45
C2B CLA PI . -20.52 1.58 -85.89
C3B CLA PI . -20.92 0.39 -85.30
C4B CLA PI . -19.77 -0.08 -84.48
CMB CLA PI . -21.24 2.49 -86.78
CAB CLA PI . -22.16 -0.36 -85.36
CBB CLA PI . -23.35 0.10 -85.74
NC CLA PI . -17.30 -1.34 -83.25
C1C CLA PI . -18.59 -1.82 -83.15
C2C CLA PI . -18.60 -3.07 -82.41
C3C CLA PI . -17.27 -3.38 -82.12
C4C CLA PI . -16.46 -2.29 -82.65
CMC CLA PI . -19.81 -3.84 -82.10
CAC CLA PI . -16.78 -4.57 -81.39
CBC CLA PI . -16.12 -4.27 -80.07
ND CLA PI . -14.86 -0.05 -83.76
C1D CLA PI . -14.30 -1.15 -83.06
C2D CLA PI . -12.83 -0.98 -83.00
C3D CLA PI . -12.56 0.19 -83.69
C4D CLA PI . -13.85 0.72 -84.14
CMD CLA PI . -11.91 -1.91 -82.35
CAD CLA PI . -11.52 1.12 -84.12
OBD CLA PI . -10.31 1.07 -83.93
CBD CLA PI . -12.24 2.25 -84.92
CGD CLA PI . -11.94 3.61 -84.37
O1D CLA PI . -12.66 4.31 -83.66
O2D CLA PI . -10.70 4.09 -84.72
CED CLA PI . -10.37 5.42 -84.32
C1 CLA PI . -13.97 -0.15 -87.65
C2 CLA PI . -15.33 -0.61 -87.26
C3 CLA PI . -15.78 -1.85 -87.54
C4 CLA PI . -14.96 -2.83 -88.27
C5 CLA PI . -17.15 -2.27 -87.15
C6 CLA PI . -17.19 -3.68 -86.58
C7 CLA PI . -18.57 -4.01 -86.06
C8 CLA PI . -19.67 -3.73 -87.09
MG CLA QI . -21.22 2.94 -75.07
CHA CLA QI . -17.97 1.89 -75.63
CHB CLA QI . -22.31 0.97 -77.61
CHC CLA QI . -24.43 3.93 -74.37
CHD CLA QI . -20.05 4.93 -72.37
NA CLA QI . -20.25 1.66 -76.40
C1A CLA QI . -18.89 1.35 -76.47
C2A CLA QI . -18.61 0.34 -77.59
C3A CLA QI . -20.00 0.12 -78.22
C4A CLA QI . -20.94 0.96 -77.37
CMA CLA QI . -20.04 0.50 -79.68
CAA CLA QI . -18.10 -0.95 -76.97
CBA CLA QI . -17.96 -2.08 -77.96
CGA CLA QI . -17.85 -3.37 -77.22
O1A CLA QI . -18.76 -4.15 -76.89
O2A CLA QI . -16.57 -3.68 -76.87
NB CLA QI . -23.02 2.56 -75.87
C1B CLA QI . -23.26 1.70 -76.89
C2B CLA QI . -24.73 1.62 -77.14
C3B CLA QI . -25.35 2.45 -76.23
C4B CLA QI . -24.26 3.06 -75.40
CMB CLA QI . -25.30 0.75 -78.17
CAB CLA QI . -26.74 2.77 -75.98
CBB CLA QI . -27.78 2.47 -76.74
NC CLA QI . -22.06 4.22 -73.65
C1C CLA QI . -23.41 4.48 -73.55
C2C CLA QI . -23.65 5.40 -72.45
C3C CLA QI . -22.42 5.67 -71.87
C4C CLA QI . -21.42 4.93 -72.63
CMC CLA QI . -24.96 5.88 -72.06
CAC CLA QI . -22.15 6.56 -70.71
CBC CLA QI . -22.01 5.80 -69.43
ND CLA QI . -19.45 3.38 -74.18
C1D CLA QI . -19.11 4.20 -73.08
C2D CLA QI . -17.65 4.14 -72.86
C3D CLA QI . -17.15 3.27 -73.82
C4D CLA QI . -18.32 2.82 -74.60
CMD CLA QI . -16.92 4.86 -71.83
CAD CLA QI . -15.97 2.63 -74.37
OBD CLA QI . -14.80 2.74 -74.04
CBD CLA QI . -16.46 1.70 -75.53
CGD CLA QI . -15.76 1.97 -76.83
O1D CLA QI . -15.37 1.15 -77.65
O2D CLA QI . -15.57 3.29 -77.11
CED CLA QI . -15.34 3.66 -78.47
C1 CLA QI . -16.39 -4.85 -76.02
C2 CLA QI . -16.13 -6.00 -76.92
C3 CLA QI . -16.90 -7.11 -76.92
C4 CLA QI . -18.08 -7.24 -76.03
C5 CLA QI . -16.61 -8.25 -77.83
C6 CLA QI . -15.43 -7.99 -78.76
C7 CLA QI . -14.47 -9.16 -78.73
C8 CLA QI . -14.26 -9.81 -80.09
C9 CLA QI . -12.83 -10.30 -80.23
C10 CLA QI . -14.60 -8.86 -81.23
MG CLA RI . -12.12 0.45 -68.04
CHA CLA RI . -10.09 -1.29 -65.83
CHB CLA RI . -14.75 -1.55 -67.21
CHC CLA RI . -14.03 2.09 -70.37
CHD CLA RI . -9.37 2.51 -68.87
NA CLA RI . -12.36 -1.13 -66.69
C1A CLA RI . -11.39 -1.72 -65.86
C2A CLA RI . -12.02 -2.85 -65.03
C3A CLA RI . -13.53 -2.76 -65.36
C4A CLA RI . -13.57 -1.75 -66.52
CMA CLA RI . -14.14 -4.09 -65.73
CAA CLA RI . -11.82 -2.64 -63.54
CBA CLA RI . -11.16 -3.85 -62.90
CGA CLA RI . -12.09 -5.02 -62.94
O1A CLA RI . -13.26 -5.08 -62.55
O2A CLA RI . -11.52 -6.13 -63.50
NB CLA RI . -14.05 0.34 -68.63
C1B CLA RI . -14.91 -0.65 -68.27
C2B CLA RI . -16.10 -0.62 -69.17
C3B CLA RI . -15.90 0.40 -70.06
C4B CLA RI . -14.60 1.03 -69.73
CMB CLA RI . -17.21 -1.56 -69.03
CAB CLA RI . -16.72 0.88 -71.14
CBB CLA RI . -18.05 1.06 -71.09
NC CLA RI . -11.77 2.04 -69.35
C1C CLA RI . -12.70 2.58 -70.19
C2C CLA RI . -12.14 3.70 -70.92
C3C CLA RI . -10.81 3.79 -70.53
C4C CLA RI . -10.58 2.76 -69.53
CMC CLA RI . -12.87 4.51 -71.90
CAC CLA RI . -9.82 4.78 -70.99
CBC CLA RI . -9.64 5.92 -70.01
ND CLA RI . -10.18 0.64 -67.50
C1D CLA RI . -9.16 1.52 -67.93
C2D CLA RI . -7.91 1.20 -67.21
C3D CLA RI . -8.21 0.12 -66.40
C4D CLA RI . -9.63 -0.19 -66.61
CMD CLA RI . -6.65 1.91 -67.38
CAD CLA RI . -7.71 -0.81 -65.41
OBD CLA RI . -6.59 -0.90 -64.91
CBD CLA RI . -8.88 -1.75 -65.04
CGD CLA RI . -8.52 -3.19 -65.31
O1D CLA RI . -7.79 -3.92 -64.63
O2D CLA RI . -9.06 -3.70 -66.44
CED CLA RI . -8.39 -4.82 -67.04
C1 CLA RI . -12.22 -7.37 -63.30
C2 CLA RI . -13.14 -7.56 -64.45
C3 CLA RI . -14.20 -8.38 -64.40
C4 CLA RI . -14.52 -9.15 -63.19
C5 CLA RI . -15.10 -8.56 -65.58
C6 CLA RI . -14.73 -7.70 -66.77
C7 CLA RI . -15.63 -8.03 -67.95
C8 CLA RI . -15.38 -7.12 -69.15
C9 CLA RI . -15.67 -5.67 -68.80
C10 CLA RI . -16.23 -7.56 -70.33
C11 CLA RI . -15.72 -6.98 -71.63
C12 CLA RI . -14.58 -7.79 -72.22
C13 CLA RI . -15.02 -9.21 -72.54
C14 CLA RI . -14.14 -10.22 -71.82
C15 CLA RI . -15.01 -9.49 -74.04
C16 CLA RI . -15.29 -10.95 -74.33
C17 CLA RI . -14.92 -11.32 -75.75
C18 CLA RI . -15.18 -12.79 -76.03
C19 CLA RI . -14.57 -13.66 -74.96
C20 CLA RI . -16.66 -13.07 -76.16
MG CLA SI . -27.95 -7.55 -61.44
CHA CLA SI . -27.69 -10.98 -61.92
CHB CLA SI . -27.78 -7.07 -64.80
CHC CLA SI . -28.51 -4.20 -60.94
CHD CLA SI . -28.14 -8.10 -57.95
NA CLA SI . -27.74 -8.83 -63.06
C1A CLA SI . -27.66 -10.23 -63.06
C2A CLA SI . -27.53 -10.77 -64.47
C3A CLA SI . -27.28 -9.50 -65.33
C4A CLA SI . -27.65 -8.38 -64.35
CMA CLA SI . -25.85 -9.42 -65.80
CAA CLA SI . -28.89 -11.32 -64.84
CBA CLA SI . -29.07 -11.51 -66.33
CGA CLA SI . -30.46 -12.01 -66.60
O1A CLA SI . -31.41 -12.09 -65.83
O2A CLA SI . -30.62 -12.45 -67.89
NB CLA SI . -28.05 -5.93 -62.64
C1B CLA SI . -28.07 -5.97 -63.99
C2B CLA SI . -28.44 -4.63 -64.54
C3B CLA SI . -28.66 -3.81 -63.46
C4B CLA SI . -28.40 -4.63 -62.23
CMB CLA SI . -28.55 -4.37 -65.98
CAB CLA SI . -29.04 -2.43 -63.37
CBB CLA SI . -28.71 -1.46 -64.24
NC CLA SI . -28.22 -6.36 -59.75
C1C CLA SI . -28.42 -5.01 -59.78
C2C CLA SI . -28.56 -4.50 -58.42
C3C CLA SI . -28.48 -5.60 -57.56
C4C CLA SI . -28.27 -6.78 -58.41
CMC CLA SI . -28.78 -3.09 -58.06
CAC CLA SI . -28.58 -5.61 -56.10
CBC CLA SI . -29.94 -6.05 -55.62
ND CLA SI . -27.91 -9.12 -60.17
C1D CLA SI . -27.99 -9.20 -58.75
C2D CLA SI . -27.87 -10.63 -58.35
C3D CLA SI . -27.77 -11.35 -59.52
C4D CLA SI . -27.80 -10.36 -60.62
CMD CLA SI . -27.90 -11.10 -56.97
CAD CLA SI . -27.63 -12.67 -60.12
OBD CLA SI . -27.54 -13.76 -59.57
CBD CLA SI . -27.60 -12.47 -61.67
CGD CLA SI . -26.36 -13.11 -62.25
O1D CLA SI . -26.14 -14.31 -62.41
O2D CLA SI . -25.41 -12.23 -62.67
CED CLA SI . -24.18 -12.78 -63.14
C1 CLA SI . -31.20 -11.52 -68.81
C2 CLA SI . -32.48 -12.12 -69.27
C3 CLA SI . -32.55 -12.92 -70.34
C4 CLA SI . -33.85 -13.51 -70.77
C5 CLA SI . -31.35 -13.25 -71.16
C6 CLA SI . -31.68 -13.54 -72.61
C7 CLA SI . -30.94 -12.60 -73.53
C8 CLA SI . -29.68 -13.24 -74.10
C9 CLA SI . -28.80 -12.18 -74.76
C10 CLA SI . -30.03 -14.33 -75.10
C11 CLA SI . -28.79 -14.87 -75.78
C12 CLA SI . -29.08 -16.14 -76.56
C13 CLA SI . -29.63 -15.83 -77.95
C14 CLA SI . -31.10 -16.18 -78.03
C15 CLA SI . -28.86 -16.57 -79.03
C16 CLA SI . -28.75 -15.76 -80.30
C17 CLA SI . -29.64 -16.30 -81.39
C18 CLA SI . -29.25 -17.73 -81.78
C19 CLA SI . -30.23 -18.28 -82.80
C20 CLA SI . -27.84 -17.77 -82.32
MG CLA TI . -24.37 -19.14 -66.86
CHA CLA TI . -25.33 -15.82 -66.71
CHB CLA TI . -22.04 -18.36 -69.22
CHC CLA TI . -23.40 -22.43 -66.91
CHD CLA TI . -26.82 -19.91 -64.43
NA CLA TI . -23.80 -17.36 -67.81
C1A CLA TI . -24.32 -16.07 -67.61
C2A CLA TI . -23.62 -15.05 -68.51
C3A CLA TI . -22.66 -15.91 -69.35
C4A CLA TI . -22.82 -17.31 -68.76
CMA CLA TI . -23.02 -15.88 -70.82
CAA CLA TI . -22.85 -14.02 -67.71
CBA CLA TI . -22.76 -12.70 -68.45
CGA CLA TI . -21.65 -11.88 -67.89
O1A CLA TI . -21.13 -11.94 -66.77
O2A CLA TI . -21.18 -10.92 -68.76
NB CLA TI . -22.99 -20.20 -67.88
C1B CLA TI . -22.09 -19.69 -68.76
C2B CLA TI . -21.15 -20.76 -69.21
C3B CLA TI . -21.54 -21.92 -68.56
C4B CLA TI . -22.70 -21.57 -67.71
CMB CLA TI . -20.08 -20.51 -70.17
CAB CLA TI . -21.00 -23.25 -68.62
CBB CLA TI . -19.71 -23.58 -68.71
NC CLA TI . -25.02 -20.86 -65.86
C1C CLA TI . -24.48 -22.10 -66.05
C2C CLA TI . -25.18 -23.07 -65.21
C3C CLA TI . -26.14 -22.36 -64.48
C4C CLA TI . -26.03 -20.96 -64.90
CMC CLA TI . -24.89 -24.50 -65.16
CAC CLA TI . -27.09 -22.89 -63.51
CBC CLA TI . -28.48 -23.06 -64.06
ND CLA TI . -25.78 -18.17 -65.81
C1D CLA TI . -26.71 -18.60 -64.83
C2D CLA TI . -27.50 -17.44 -64.36
C3D CLA TI . -27.01 -16.35 -65.06
C4D CLA TI . -25.93 -16.85 -65.94
CMD CLA TI . -28.57 -17.50 -63.37
CAD CLA TI . -27.12 -14.93 -65.28
OBD CLA TI . -27.89 -14.14 -64.75
CBD CLA TI . -26.04 -14.53 -66.33
CGD CLA TI . -26.63 -13.83 -67.53
O1D CLA TI . -26.38 -12.69 -67.93
O2D CLA TI . -27.55 -14.57 -68.21
CED CLA TI . -28.16 -13.97 -69.35
C1 CLA TI . -20.10 -10.10 -68.29
C2 CLA TI . -20.69 -8.82 -67.81
C3 CLA TI . -20.14 -8.08 -66.84
C4 CLA TI . -18.89 -8.49 -66.16
C5 CLA TI . -20.77 -6.80 -66.40
C6 CLA TI . -19.89 -5.60 -66.69
C7 CLA TI . -20.65 -4.32 -66.49
C8 CLA TI . -19.82 -3.09 -66.86
C9 CLA TI . -18.67 -2.93 -65.88
C10 CLA TI . -20.66 -1.83 -66.89
C11 CLA TI . -21.98 -2.04 -67.61
C12 CLA TI . -21.85 -2.05 -69.11
C13 CLA TI . -23.13 -2.53 -69.78
C14 CLA TI . -22.95 -2.66 -71.28
C15 CLA TI . -24.31 -1.61 -69.46
C16 CLA TI . -25.63 -2.30 -69.75
C17 CLA TI . -26.81 -1.41 -69.47
C18 CLA TI . -28.10 -2.20 -69.27
C19 CLA TI . -29.30 -1.29 -69.22
C20 CLA TI . -28.27 -3.22 -70.37
MG CLA UI . -19.31 -14.19 -45.56
CHA CLA UI . -16.29 -15.75 -44.80
CHB CLA UI . -20.86 -17.21 -45.57
CHC CLA UI . -22.27 -12.57 -46.12
CHD CLA UI . -17.64 -11.07 -45.51
NA CLA UI . -18.65 -16.15 -45.28
C1A CLA UI . -17.35 -16.60 -44.97
C2A CLA UI . -17.32 -18.12 -44.87
C3A CLA UI . -18.72 -18.54 -45.35
C4A CLA UI . -19.48 -17.23 -45.41
CMA CLA UI . -18.67 -19.22 -46.70
CAA CLA UI . -17.06 -18.59 -43.44
CBA CLA UI . -17.95 -17.90 -42.42
CGA CLA UI . -19.17 -18.71 -42.17
O1A CLA UI . -19.28 -19.81 -41.61
O2A CLA UI . -20.31 -18.12 -42.64
NB CLA UI . -21.20 -14.79 -45.90
C1B CLA UI . -21.65 -16.04 -45.65
C2B CLA UI . -23.13 -16.04 -45.48
C3B CLA UI . -23.53 -14.73 -45.63
C4B CLA UI . -22.31 -13.92 -45.92
CMB CLA UI . -23.91 -17.24 -45.20
CAB CLA UI . -24.85 -14.12 -45.58
CBB CLA UI . -25.79 -14.43 -44.70
NC CLA UI . -19.84 -12.19 -45.83
C1C CLA UI . -21.11 -11.76 -46.09
C2C CLA UI . -21.12 -10.31 -46.28
C3C CLA UI . -19.82 -9.87 -46.06
C4C CLA UI . -19.02 -11.06 -45.79
CMC CLA UI . -22.31 -9.51 -46.58
CAC CLA UI . -19.32 -8.49 -46.12
CBC CLA UI . -19.06 -7.89 -44.75
ND CLA UI . -17.44 -13.49 -45.22
C1D CLA UI . -16.88 -12.18 -45.24
C2D CLA UI . -15.45 -12.25 -44.89
C3D CLA UI . -15.19 -13.59 -44.68
C4D CLA UI . -16.44 -14.32 -44.93
CMD CLA UI . -14.56 -11.10 -44.77
CAD CLA UI . -14.19 -14.58 -44.32
OBD CLA UI . -13.03 -14.40 -43.95
CBD CLA UI . -14.84 -15.97 -44.45
CGD CLA UI . -14.10 -16.78 -45.48
O1D CLA UI . -13.85 -16.45 -46.64
O2D CLA UI . -13.65 -17.98 -45.04
CED CLA UI . -12.28 -18.30 -45.30
C1 CLA UI . -20.70 -16.87 -42.04
C2 CLA UI . -21.70 -17.20 -40.99
C3 CLA UI . -22.52 -16.31 -40.44
C4 CLA UI . -23.49 -16.70 -39.40
C5 CLA UI . -22.49 -14.86 -40.82
C6 CLA UI . -22.68 -13.92 -39.65
C7 CLA UI . -21.38 -13.72 -38.90
C8 CLA UI . -21.42 -12.53 -37.95
C9 CLA UI . -22.15 -12.88 -36.67
C10 CLA UI . -22.08 -11.32 -38.60
C11 CLA UI . -21.90 -10.08 -37.76
C12 CLA UI . -20.46 -9.60 -37.75
C13 CLA UI . -20.08 -8.95 -36.42
C14 CLA UI . -20.50 -9.83 -35.25
C15 CLA UI . -20.68 -7.56 -36.28
C16 CLA UI . -19.60 -6.49 -36.32
C17 CLA UI . -18.53 -6.73 -35.28
MG CLA VI . -14.57 -15.08 -53.01
CHA CLA VI . -13.56 -18.40 -53.22
CHB CLA VI . -14.19 -15.19 -49.63
CHC CLA VI . -15.31 -11.74 -52.90
CHD CLA VI . -14.89 -15.02 -56.54
NA CLA VI . -14.01 -16.58 -51.67
C1A CLA VI . -13.61 -17.89 -51.96
C2A CLA VI . -13.27 -18.65 -50.67
C3A CLA VI . -13.75 -17.68 -49.56
C4A CLA VI . -13.99 -16.37 -50.32
CMA CLA VI . -15.01 -18.20 -48.92
CAA CLA VI . -11.79 -18.96 -50.58
CBA CLA VI . -10.97 -17.88 -49.92
CGA CLA VI . -10.06 -17.23 -50.91
O1A CLA VI . -10.35 -16.49 -51.85
O2A CLA VI . -8.74 -17.51 -50.69
NB CLA VI . -14.80 -13.74 -51.54
C1B CLA VI . -14.45 -13.94 -50.24
C2B CLA VI . -14.39 -12.64 -49.52
C3B CLA VI . -14.71 -11.66 -50.43
C4B CLA VI . -14.98 -12.35 -51.73
CMB CLA VI . -14.05 -12.55 -48.10
CAB CLA VI . -14.81 -10.23 -50.31
CBB CLA VI . -15.06 -9.53 -49.20
NC CLA VI . -15.08 -13.66 -54.46
C1C CLA VI . -15.37 -12.35 -54.19
C2C CLA VI . -15.71 -11.65 -55.41
C3C CLA VI . -15.55 -12.57 -56.45
C4C CLA VI . -15.15 -13.83 -55.84
CMC CLA VI . -16.09 -10.24 -55.50
CAC CLA VI . -15.75 -12.33 -57.89
CBC CLA VI . -14.46 -12.13 -58.64
ND CLA VI . -14.34 -16.37 -54.56
C1D CLA VI . -14.50 -16.21 -55.96
C2D CLA VI . -14.20 -17.50 -56.62
C3D CLA VI . -13.84 -18.37 -55.62
C4D CLA VI . -13.94 -17.62 -54.36
CMD CLA VI . -14.29 -17.72 -58.06
CAD CLA VI . -13.45 -19.72 -55.28
OBD CLA VI . -13.31 -20.70 -56.01
CBD CLA VI . -13.20 -19.77 -53.74
CGD CLA VI . -14.02 -20.83 -53.05
O1D CLA VI . -15.24 -20.86 -52.90
O2D CLA VI . -13.28 -21.85 -52.54
CED CLA VI . -13.95 -22.79 -51.69
C1 CLA VI . -7.82 -16.39 -50.65
C2 CLA VI . -7.07 -16.37 -51.95
C3 CLA VI . -6.08 -15.50 -52.19
C4 CLA VI . -5.65 -14.50 -51.17
C5 CLA VI . -5.33 -15.48 -53.48
C6 CLA VI . -5.91 -16.42 -54.52
C7 CLA VI . -5.00 -16.48 -55.74
C8 CLA VI . -5.09 -15.22 -56.60
C9 CLA VI . -6.52 -14.98 -57.02
C10 CLA VI . -4.20 -15.33 -57.84
C11 CLA VI . -2.73 -15.23 -57.49
C12 CLA VI . -1.91 -14.88 -58.72
C13 CLA VI . -0.43 -15.22 -58.53
C14 CLA VI . 0.24 -14.23 -57.60
C15 CLA VI . 0.28 -15.26 -59.88
C16 CLA VI . 1.79 -15.34 -59.72
C17 CLA VI . 2.46 -15.64 -61.04
C18 CLA VI . 3.95 -15.32 -61.01
C19 CLA VI . 4.68 -16.21 -60.03
C20 CLA VI . 4.55 -15.48 -62.39
MG CLA WI . -17.64 3.61 -51.09
CHA CLA WI . -18.08 6.83 -49.89
CHB CLA WI . -14.33 4.23 -51.55
CHC CLA WI . -17.22 0.34 -52.08
CHD CLA WI . -21.08 2.98 -50.50
NA CLA WI . -16.43 5.28 -50.79
C1A CLA WI . -16.80 6.53 -50.26
C2A CLA WI . -15.58 7.46 -50.19
C3A CLA WI . -14.44 6.63 -50.80
C4A CLA WI . -15.08 5.28 -51.07
CMA CLA WI . -13.90 7.26 -52.05
CAA CLA WI . -15.26 7.86 -48.77
CBA CLA WI . -15.19 6.68 -47.82
CGA CLA WI . -15.75 7.12 -46.50
O1A CLA WI . -16.89 7.49 -46.25
O2A CLA WI . -14.83 7.12 -45.49
NB CLA WI . -16.08 2.49 -51.68
C1B CLA WI . -14.80 2.94 -51.85
C2B CLA WI . -13.95 1.85 -52.39
C3B CLA WI . -14.76 0.75 -52.55
C4B CLA WI . -16.12 1.14 -52.10
CMB CLA WI . -12.54 2.07 -52.67
CAB CLA WI . -14.48 -0.58 -53.03
CBB CLA WI . -13.36 -1.01 -53.62
NC CLA WI . -18.92 1.97 -51.28
C1C CLA WI . -18.53 0.72 -51.69
C2C CLA WI . -19.68 -0.19 -51.67
C3C CLA WI . -20.77 0.56 -51.22
C4C CLA WI . -20.28 1.91 -50.98
CMC CLA WI . -19.62 -1.59 -52.05
CAC CLA WI . -22.15 0.09 -51.01
CBC CLA WI . -22.39 -0.30 -49.57
ND CLA WI . -19.27 4.63 -50.46
C1D CLA WI . -20.62 4.26 -50.26
C2D CLA WI . -21.37 5.43 -49.76
C3D CLA WI . -20.45 6.44 -49.60
C4D CLA WI . -19.15 5.90 -50.03
CMD CLA WI . -22.81 5.43 -49.48
CAD CLA WI . -20.23 7.83 -49.21
OBD CLA WI . -21.05 8.66 -48.85
CBD CLA WI . -18.71 8.10 -49.33
CGD CLA WI . -18.40 9.31 -50.18
O1D CLA WI . -17.68 9.38 -51.18
O2D CLA WI . -19.01 10.45 -49.76
CED CLA WI . -19.29 11.45 -50.73
C1 CLA WI . -14.57 5.87 -44.80
C2 CLA WI . -15.88 5.28 -44.41
C3 CLA WI . -15.99 4.30 -43.49
C4 CLA WI . -14.82 3.74 -42.79
C5 CLA WI . -17.33 3.74 -43.15
C6 CLA WI . -17.40 3.10 -41.77
C7 CLA WI . -17.66 1.61 -41.88
C8 CLA WI . -19.09 1.29 -42.31
C9 CLA WI . -20.09 2.06 -41.48
C10 CLA WI . -19.37 -0.20 -42.24
C11 CLA WI . -19.73 -0.66 -40.85
C12 CLA WI . -18.62 -1.48 -40.21
C13 CLA WI . -19.04 -2.93 -40.02
C14 CLA WI . -19.83 -3.09 -38.73
C15 CLA WI . -17.83 -3.87 -40.00
C16 CLA WI . -17.00 -3.70 -41.25
C17 CLA WI . -15.63 -4.32 -41.12
C18 CLA WI . -14.72 -3.52 -40.19
C19 CLA WI . -13.30 -4.04 -40.26
C20 CLA WI . -14.76 -2.05 -40.52
MG CLA XI . -33.17 5.68 -73.82
CHA CLA XI . -32.51 7.95 -76.36
CHB CLA XI . -36.44 6.60 -73.85
CHC CLA XI . -33.80 3.29 -71.44
CHD CLA XI . -29.76 4.70 -73.87
NA CLA XI . -34.26 7.08 -74.92
C1A CLA XI . -33.81 7.92 -75.94
C2A CLA XI . -34.94 8.79 -76.49
C3A CLA XI . -36.13 8.44 -75.57
C4A CLA XI . -35.60 7.28 -74.71
CMA CLA XI . -36.57 9.61 -74.73
CAA CLA XI . -35.25 8.44 -77.93
CBA CLA XI . -36.03 7.14 -78.05
CGA CLA XI . -35.44 6.29 -79.13
O1A CLA XI . -34.35 6.41 -79.70
O2A CLA XI . -36.25 5.25 -79.51
NB CLA XI . -34.80 5.09 -72.80
C1B CLA XI . -36.06 5.54 -73.01
C2B CLA XI . -37.02 4.75 -72.19
C3B CLA XI . -36.28 3.81 -71.51
C4B CLA XI . -34.85 4.01 -71.89
CMB CLA XI . -38.47 5.00 -72.18
CAB CLA XI . -36.69 2.79 -70.58
CBB CLA XI . -37.69 1.93 -70.78
NC CLA XI . -31.98 4.29 -72.81
C1C CLA XI . -32.45 3.42 -71.87
C2C CLA XI . -31.35 2.59 -71.37
C3C CLA XI . -30.21 2.97 -72.07
C4C CLA XI . -30.62 4.03 -72.98
CMC CLA XI . -31.49 1.56 -70.34
CAC CLA XI . -28.85 2.42 -71.92
CBC CLA XI . -28.54 1.37 -72.96
ND CLA XI . -31.48 6.19 -74.80
C1D CLA XI . -30.14 5.70 -74.74
C2D CLA XI . -29.32 6.45 -75.71
C3D CLA XI . -30.16 7.33 -76.35
C4D CLA XI . -31.50 7.11 -75.76
CMD CLA XI . -27.88 6.24 -75.91
CAD CLA XI . -30.29 8.38 -77.36
OBD CLA XI . -29.43 8.88 -78.06
CBD CLA XI . -31.79 8.78 -77.41
CGD CLA XI . -31.99 10.25 -77.18
O1D CLA XI . -32.59 11.05 -77.91
O2D CLA XI . -31.42 10.72 -76.04
CED CLA XI . -32.23 11.52 -75.17
C1 CLA XI . -35.66 3.94 -79.46
C2 CLA XI . -36.64 2.99 -80.06
C3 CLA XI . -36.57 1.67 -79.88
C4 CLA XI . -37.56 0.75 -80.49
C5 CLA XI . -35.49 1.05 -79.07
C6 CLA XI . -35.12 -0.35 -79.52
C7 CLA XI . -34.40 -1.12 -78.43
C8 CLA XI . -35.21 -2.33 -77.97
C9 CLA XI . -36.34 -1.90 -77.06
C10 CLA XI . -34.33 -3.36 -77.25
C11 CLA XI . -33.05 -2.77 -76.71
C12 CLA XI . -32.77 -3.21 -75.28
C13 CLA XI . -31.55 -2.53 -74.67
C14 CLA XI . -31.21 -1.23 -75.38
C15 CLA XI . -30.35 -3.47 -74.65
C16 CLA XI . -29.07 -2.74 -74.33
C17 CLA XI . -27.86 -3.63 -74.48
C18 CLA XI . -26.56 -2.91 -74.18
C19 CLA XI . -25.37 -3.78 -74.51
C20 CLA XI . -26.48 -1.61 -74.96
MG CLA YI . -43.16 3.66 -73.23
CHA CLA YI . -41.91 6.57 -74.63
CHB CLA YI . -45.84 5.40 -72.04
CHC CLA YI . -44.48 0.72 -72.04
CHD CLA YI . -40.41 1.88 -74.57
NA CLA YI . -43.73 5.67 -73.30
C1A CLA YI . -43.09 6.72 -73.96
C2A CLA YI . -43.86 8.03 -73.78
C3A CLA YI . -44.98 7.66 -72.79
C4A CLA YI . -44.87 6.13 -72.70
CMA CLA YI . -44.78 8.32 -71.45
CAA CLA YI . -44.47 8.44 -75.11
CBA CLA YI . -44.82 7.24 -75.98
CGA CLA YI . -46.10 7.43 -76.73
O1A CLA YI . -47.16 7.90 -76.33
O2A CLA YI . -46.02 7.01 -78.03
NB CLA YI . -44.81 3.17 -72.17
C1B CLA YI . -45.84 4.01 -71.88
C2B CLA YI . -47.00 3.23 -71.36
C3B CLA YI . -46.61 1.91 -71.35
C4B CLA YI . -45.22 1.85 -71.86
CMB CLA YI . -48.25 3.87 -70.97
CAB CLA YI . -47.33 0.72 -70.96
CBB CLA YI . -48.21 0.62 -69.97
NC CLA YI . -42.52 1.68 -73.25
C1C CLA YI . -43.21 0.63 -72.68
C2C CLA YI . -42.47 -0.61 -72.87
C3C CLA YI . -41.34 -0.29 -73.62
C4C CLA YI . -41.38 1.15 -73.86
CMC CLA YI . -42.90 -1.92 -72.39
CAC CLA YI . -40.31 -1.22 -74.09
CBC CLA YI . -38.99 -1.09 -73.35
ND CLA YI . -41.50 4.06 -74.30
C1D CLA YI . -40.45 3.24 -74.79
C2D CLA YI . -39.48 4.08 -75.52
C3D CLA YI . -39.99 5.37 -75.49
C4D CLA YI . -41.25 5.30 -74.74
CMD CLA YI . -38.25 3.59 -76.14
CAD CLA YI . -39.78 6.76 -75.88
OBD CLA YI . -38.85 7.27 -76.49
CBD CLA YI . -41.02 7.56 -75.37
CGD CLA YI . -40.61 8.70 -74.48
O1D CLA YI . -40.22 8.65 -73.31
O2D CLA YI . -40.68 9.92 -75.08
CED CLA YI . -39.99 11.01 -74.47
C1 CLA YI . -46.10 5.59 -78.25
C2 CLA YI . -47.41 5.32 -78.88
C3 CLA YI . -47.73 4.11 -79.38
C4 CLA YI . -46.80 2.96 -79.32
C5 CLA YI . -49.06 3.86 -80.02
C6 CLA YI . -50.22 4.21 -79.10
C7 CLA YI . -50.88 2.97 -78.55
C8 CLA YI . -51.74 2.25 -79.60
C9 CLA YI . -52.70 3.23 -80.24
C10 CLA YI . -52.51 1.10 -78.97
C11 CLA YI . -53.57 0.55 -79.88
C12 CLA YI . -53.56 -0.97 -79.93
C13 CLA YI . -53.58 -1.58 -78.53
C14 CLA YI . -52.49 -2.63 -78.38
C15 CLA YI . -54.94 -2.17 -78.21
C16 CLA YI . -55.19 -3.48 -78.94
C17 CLA YI . -56.64 -3.84 -78.98
C18 CLA YI . -57.21 -4.11 -77.59
C19 CLA YI . -58.69 -4.41 -77.66
C20 CLA YI . -56.48 -5.25 -76.92
MG CLA ZI . -53.24 -6.48 -65.06
CHA CLA ZI . -51.76 -3.35 -65.02
CHB CLA ZI . -54.80 -5.78 -62.12
CHC CLA ZI . -54.84 -9.51 -65.26
CHD CLA ZI . -51.61 -7.15 -68.14
NA CLA ZI . -53.24 -4.82 -63.78
C1A CLA ZI . -52.57 -3.62 -63.94
C2A CLA ZI . -52.86 -2.66 -62.78
C3A CLA ZI . -53.69 -3.53 -61.80
C4A CLA ZI . -53.96 -4.81 -62.61
CMA CLA ZI . -52.96 -3.80 -60.51
CAA CLA ZI . -53.69 -1.50 -63.27
CBA CLA ZI . -54.75 -1.97 -64.26
CGA CLA ZI . -55.68 -0.88 -64.70
O1A CLA ZI . -56.70 -1.01 -65.38
O2A CLA ZI . -55.35 0.36 -64.25
NB CLA ZI . -54.52 -7.49 -63.87
C1B CLA ZI . -55.12 -6.99 -62.76
C2B CLA ZI . -56.19 -7.91 -62.30
C3B CLA ZI . -56.21 -8.98 -63.18
C4B CLA ZI . -55.14 -8.71 -64.19
CMB CLA ZI . -57.01 -7.62 -61.12
CAB CLA ZI . -57.04 -10.14 -63.26
CBB CLA ZI . -57.82 -10.63 -62.29
NC CLA ZI . -53.19 -8.05 -66.43
C1C CLA ZI . -53.92 -9.21 -66.31
C2C CLA ZI . -53.66 -10.08 -67.44
C3C CLA ZI . -52.76 -9.41 -68.26
C4C CLA ZI . -52.47 -8.13 -67.61
CMC CLA ZI . -54.27 -11.39 -67.64
CAC CLA ZI . -52.19 -9.89 -69.54
CBC CLA ZI . -50.85 -10.56 -69.36
ND CLA ZI . -51.99 -5.52 -66.32
C1D CLA ZI . -51.38 -5.92 -67.54
C2D CLA ZI . -50.51 -4.82 -68.03
C3D CLA ZI . -50.63 -3.81 -67.11
C4D CLA ZI . -51.55 -4.30 -66.06
CMD CLA ZI . -49.72 -4.86 -69.26
CAD CLA ZI . -50.23 -2.46 -66.73
OBD CLA ZI . -49.52 -1.67 -67.33
CBD CLA ZI . -50.91 -2.15 -65.36
CGD CLA ZI . -49.86 -1.93 -64.30
O1D CLA ZI . -49.39 -2.75 -63.51
O2D CLA ZI . -49.42 -0.64 -64.22
CED CLA ZI . -48.22 -0.41 -63.49
C1 CLA ZI . -56.16 1.45 -64.73
C2 CLA ZI . -55.67 1.78 -66.09
C3 CLA ZI . -54.93 2.87 -66.34
C4 CLA ZI . -54.53 3.81 -65.27
C5 CLA ZI . -54.45 3.18 -67.72
C6 CLA ZI . -54.49 1.98 -68.64
C7 CLA ZI . -53.27 1.10 -68.44
C8 CLA ZI . -53.26 -0.11 -69.38
C9 CLA ZI . -52.98 -1.38 -68.61
C10 CLA ZI . -52.23 0.09 -70.47
C11 CLA ZI . -52.85 0.62 -71.74
C12 CLA ZI . -53.42 -0.50 -72.60
C13 CLA ZI . -52.82 -0.49 -74.00
C14 CLA ZI . -53.27 -1.71 -74.78
C15 CLA ZI . -51.30 -0.43 -73.96
C16 CLA ZI . -50.70 -1.73 -73.47
C17 CLA ZI . -49.23 -1.59 -73.16
C18 CLA ZI . -48.53 -2.93 -73.13
C19 CLA ZI . -48.37 -3.48 -74.53
C20 CLA ZI . -47.17 -2.82 -72.47
CAA F6C AJ . -61.82 -16.10 -61.38
CAB F6C AJ . -53.93 -11.08 -59.34
CAC F6C AJ . -57.66 -12.16 -52.43
CAD F6C AJ . -62.38 -17.33 -56.63
NA F6C AJ . -59.11 -15.10 -59.43
CBA F6C AJ . -61.82 -15.32 -62.68
CBB F6C AJ . -53.51 -10.14 -60.20
CBC F6C AJ . -58.86 -11.27 -52.13
CBD F6C AJ . -62.07 -17.31 -58.16
NB F6C AJ . -57.02 -13.09 -58.90
OBD F6C AJ . -63.27 -18.01 -56.13
CGA F6C AJ . -63.15 -14.70 -62.88
CGD F6C AJ . -61.80 -18.68 -58.70
ND F6C AJ . -59.66 -15.03 -56.56
CED F6C AJ . -60.21 -20.12 -59.75
CHA F6C AJ . -60.90 -16.36 -58.36
CHB F6C AJ . -57.51 -14.15 -61.06
CHC F6C AJ . -55.93 -11.74 -57.14
CHD F6C AJ . -59.18 -14.13 -54.33
CMA F6C AJ . -58.39 -16.81 -62.36
CMB F6C AJ . -54.98 -12.69 -61.98
CMC F6C AJ . -55.66 -10.55 -54.32
CMD F6C AJ . -61.52 -16.09 -53.46
OMB F6C AJ . -55.70 -12.97 -62.92
C1 F6C AJ . -64.90 -14.22 -64.45
C1A F6C AJ . -60.20 -15.99 -59.47
C1B F6C AJ . -56.76 -13.34 -60.21
C1C F6C AJ . -56.72 -12.15 -56.03
C1D F6C AJ . -59.90 -14.96 -55.16
O1A F6C AJ . -63.89 -14.16 -62.05
O1D F6C AJ . -62.62 -19.60 -58.86
C2 F6C AJ . -64.74 -12.81 -64.90
C2A F6C AJ . -60.43 -16.49 -60.90
C2B F6C AJ . -55.52 -12.62 -60.63
C2C F6C AJ . -56.58 -11.62 -54.69
C2D F6C AJ . -61.01 -15.88 -54.81
O2A F6C AJ . -63.58 -14.74 -64.19
O2D F6C AJ . -60.49 -18.93 -59.03
C3 F6C AJ . -64.43 -12.48 -66.17
C3A F6C AJ . -59.33 -15.80 -61.72
C3B F6C AJ . -55.07 -11.94 -59.52
C3C F6C AJ . -57.44 -12.33 -53.87
C3D F6C AJ . -61.45 -16.43 -56.00
C4 F6C AJ . -64.23 -13.50 -67.21
C4A F6C AJ . -58.59 -14.94 -60.68
C4B F6C AJ . -56.02 -12.23 -58.41
C4C F6C AJ . -58.16 -13.27 -54.74
C4D F6C AJ . -60.58 -15.87 -57.06
C5 F6C AJ . -64.29 -11.06 -66.58
C6 F6C AJ . -64.63 -10.07 -65.47
C7 F6C AJ . -64.18 -8.67 -65.84
C8 F6C AJ . -64.48 -7.66 -64.75
C9 F6C AJ . -65.93 -7.72 -64.34
C10 F6C AJ . -64.13 -6.25 -65.22
C11 F6C AJ . -64.04 -5.28 -64.05
C12 F6C AJ . -62.96 -5.68 -63.07
C13 F6C AJ . -62.71 -4.57 -62.05
C14 F6C AJ . -62.21 -3.32 -62.73
C15 F6C AJ . -61.73 -5.02 -60.97
NC F6C AJ . -57.70 -13.10 -56.04
MG F6C AJ . -58.35 -14.10 -57.76
C16 F6C AJ . -61.54 -3.96 -59.91
C17 F6C AJ . -62.82 -3.71 -59.14
C18 F6C AJ . -62.57 -3.69 -57.63
C19 F6C AJ . -63.88 -3.59 -56.87
C20 F6C AJ . -61.83 -4.94 -57.20
MG CLA BJ . -27.47 -21.40 -73.93
CHA CLA BJ . -24.84 -23.56 -74.62
CHB CLA BJ . -25.93 -20.46 -71.04
CHC CLA BJ . -29.98 -19.12 -73.41
CHD CLA BJ . -29.08 -22.52 -76.87
NA CLA BJ . -25.68 -21.95 -73.00
C1A CLA BJ . -24.71 -22.86 -73.46
C2A CLA BJ . -23.57 -22.97 -72.45
C3A CLA BJ . -24.06 -22.14 -71.26
C4A CLA BJ . -25.30 -21.44 -71.79
CMA CLA BJ . -24.44 -23.06 -70.12
CAA CLA BJ . -22.24 -22.47 -72.99
CBA CLA BJ . -22.25 -21.02 -73.43
CGA CLA BJ . -20.97 -20.75 -74.17
O1A CLA BJ . -20.32 -21.53 -74.86
O2A CLA BJ . -20.51 -19.47 -74.01
NB CLA BJ . -27.89 -20.07 -72.48
C1B CLA BJ . -27.10 -19.77 -71.42
C2B CLA BJ . -27.65 -18.59 -70.70
C3B CLA BJ . -28.80 -18.21 -71.37
C4B CLA BJ . -28.97 -19.15 -72.51
CMB CLA BJ . -27.01 -18.02 -69.51
CAB CLA BJ . -29.73 -17.14 -71.10
CBB CLA BJ . -30.24 -16.84 -69.91
NC CLA BJ . -29.22 -20.93 -74.96
C1C CLA BJ . -30.11 -19.96 -74.56
C2C CLA BJ . -31.22 -19.89 -75.50
C3C CLA BJ . -30.97 -20.85 -76.48
C4C CLA BJ . -29.71 -21.50 -76.13
CMC CLA BJ . -32.35 -18.96 -75.40
CAC CLA BJ . -31.80 -21.15 -77.65
CBC CLA BJ . -31.29 -20.50 -78.91
ND CLA BJ . -27.11 -22.70 -75.44
C1D CLA BJ . -27.87 -23.09 -76.57
C2D CLA BJ . -27.12 -24.14 -77.31
C3D CLA BJ . -25.94 -24.33 -76.62
C4D CLA BJ . -25.99 -23.42 -75.46
CMD CLA BJ . -27.59 -24.79 -78.53
CAD CLA BJ . -24.69 -25.06 -76.56
OBD CLA BJ . -24.23 -25.89 -77.34
CBD CLA BJ . -23.96 -24.61 -75.25
CGD CLA BJ . -23.72 -25.77 -74.32
O1D CLA BJ . -24.49 -26.23 -73.48
O2D CLA BJ . -22.49 -26.34 -74.46
CED CLA BJ . -22.34 -27.70 -74.02
C1 CLA BJ . -20.65 -18.59 -75.15
C2 CLA BJ . -19.53 -18.89 -76.08
C3 CLA BJ . -19.61 -18.64 -77.41
C4 CLA BJ . -18.49 -18.94 -78.33
C5 CLA BJ . -20.84 -18.06 -78.01
C6 CLA BJ . -21.33 -18.85 -79.22
C7 CLA BJ . -22.00 -17.94 -80.22
C8 CLA BJ . -23.52 -17.95 -80.07
C9 CLA BJ . -24.13 -19.06 -80.90
C10 CLA BJ . -24.11 -16.60 -80.47
MG CLA CJ . -24.13 -23.43 -81.27
CHA CLA CJ . -21.14 -24.75 -82.42
CHB CLA CJ . -22.56 -22.32 -78.46
CHC CLA CJ . -27.06 -21.91 -80.32
CHD CLA CJ . -25.72 -24.64 -84.20
NA CLA CJ . -22.18 -23.57 -80.56
C1A CLA CJ . -21.05 -24.14 -81.20
C2A CLA CJ . -19.81 -24.04 -80.31
C3A CLA CJ . -20.36 -23.43 -78.99
C4A CLA CJ . -21.80 -23.07 -79.34
CMA CLA CJ . -20.27 -24.39 -77.83
CAA CLA CJ . -18.73 -23.19 -80.93
CBA CLA CJ . -18.96 -21.71 -80.77
CGA CLA CJ . -17.91 -20.94 -81.52
O1A CLA CJ . -16.69 -21.13 -81.54
O2A CLA CJ . -18.42 -19.92 -82.27
NB CLA CJ . -24.71 -22.37 -79.68
C1B CLA CJ . -23.90 -21.94 -78.68
C2B CLA CJ . -24.62 -20.96 -77.82
C3B CLA CJ . -25.90 -20.84 -78.34
C4B CLA CJ . -25.97 -21.74 -79.52
CMB CLA CJ . -23.97 -20.35 -76.67
CAB CLA CJ . -27.04 -20.05 -77.93
CBB CLA CJ . -27.13 -19.26 -76.86
NC CLA CJ . -26.05 -23.35 -82.09
C1C CLA CJ . -27.11 -22.69 -81.52
C2C CLA CJ . -28.30 -22.83 -82.34
C3C CLA CJ . -27.91 -23.59 -83.46
C4C CLA CJ . -26.51 -23.91 -83.29
CMC CLA CJ . -29.60 -22.26 -82.03
CAC CLA CJ . -28.77 -24.01 -84.58
CBC CLA CJ . -28.57 -23.14 -85.80
ND CLA CJ . -23.64 -24.51 -82.91
C1D CLA CJ . -24.38 -24.92 -84.05
C2D CLA CJ . -23.49 -25.65 -84.98
C3D CLA CJ . -22.22 -25.59 -84.42
C4D CLA CJ . -22.37 -24.88 -83.13
CMD CLA CJ . -23.90 -26.24 -86.24
CAD CLA CJ . -20.84 -25.97 -84.54
OBD CLA CJ . -20.29 -26.63 -85.42
CBD CLA CJ . -20.09 -25.41 -83.29
CGD CLA CJ . -19.47 -26.54 -82.55
O1D CLA CJ . -20.06 -27.33 -81.83
O2D CLA CJ . -18.13 -26.67 -82.71
CED CLA CJ . -17.65 -27.97 -83.04
MG CLA DJ . -21.03 -23.55 -88.59
CHA CLA DJ . -17.86 -24.21 -89.84
CHB CLA DJ . -19.68 -22.65 -85.61
CHC CLA DJ . -24.20 -22.86 -87.43
CHD CLA DJ . -22.40 -24.50 -91.72
NA CLA DJ . -19.08 -23.47 -87.86
C1A CLA DJ . -17.89 -23.77 -88.53
C2A CLA DJ . -16.67 -23.56 -87.63
C3A CLA DJ . -17.30 -23.18 -86.27
C4A CLA DJ . -18.80 -23.08 -86.58
CMA CLA DJ . -17.01 -24.21 -85.20
CAA CLA DJ . -15.82 -22.41 -88.14
CBA CLA DJ . -14.37 -22.80 -88.32
CGA CLA DJ . -13.76 -23.13 -87.00
O1A CLA DJ . -13.30 -22.38 -86.15
O2A CLA DJ . -13.75 -24.48 -86.74
NB CLA DJ . -21.80 -22.93 -86.83
C1B CLA DJ . -21.06 -22.53 -85.77
C2B CLA DJ . -21.96 -21.92 -84.74
C3B CLA DJ . -23.24 -21.96 -85.25
C4B CLA DJ . -23.15 -22.62 -86.58
CMB CLA DJ . -21.48 -21.37 -83.47
CAB CLA DJ . -24.47 -21.51 -84.65
CBB CLA DJ . -25.34 -20.67 -85.21
NC CLA DJ . -22.95 -23.68 -89.43
C1C CLA DJ . -24.11 -23.36 -88.76
C2C CLA DJ . -25.25 -23.57 -89.63
C3C CLA DJ . -24.75 -24.02 -90.85
C4C CLA DJ . -23.30 -24.08 -90.71
CMC CLA DJ . -26.64 -23.35 -89.25
CAC CLA DJ . -25.52 -24.36 -92.06
CBC CLA DJ . -25.66 -25.85 -92.27
ND CLA DJ . -20.36 -24.18 -90.38
C1D CLA DJ . -21.03 -24.55 -91.58
C2D CLA DJ . -20.02 -24.97 -92.59
C3D CLA DJ . -18.80 -24.86 -91.97
C4D CLA DJ . -19.06 -24.37 -90.60
CMD CLA DJ . -20.34 -25.42 -93.95
CAD CLA DJ . -17.36 -25.02 -92.11
OBD CLA DJ . -16.70 -25.39 -93.08
CBD CLA DJ . -16.72 -24.63 -90.73
CGD CLA DJ . -15.92 -25.77 -90.16
O1D CLA DJ . -15.16 -25.75 -89.19
O2D CLA DJ . -16.11 -26.96 -90.79
CED CLA DJ . -15.06 -27.91 -90.73
MG CLA EJ . -32.17 -18.40 -62.06
CHA CLA EJ . -32.48 -19.86 -65.19
CHB CLA EJ . -31.99 -15.33 -63.51
CHC CLA EJ . -31.71 -17.01 -58.95
CHD CLA EJ . -32.37 -21.62 -60.59
NA CLA EJ . -32.26 -17.73 -64.03
C1A CLA EJ . -32.40 -18.50 -65.20
C2A CLA EJ . -32.44 -17.60 -66.44
C3A CLA EJ . -32.33 -16.17 -65.87
C4A CLA EJ . -32.19 -16.40 -64.36
CMA CLA EJ . -31.14 -15.44 -66.44
CAA CLA EJ . -33.74 -17.74 -67.21
CBA CLA EJ . -33.58 -17.38 -68.67
CGA CLA EJ . -34.91 -17.39 -69.35
O1A CLA EJ . -35.90 -18.07 -69.09
O2A CLA EJ . -34.98 -16.52 -70.40
NB CLA EJ . -31.97 -16.52 -61.36
C1B CLA EJ . -31.83 -15.41 -62.12
C2B CLA EJ . -31.44 -14.25 -61.27
C3B CLA EJ . -31.36 -14.73 -59.97
C4B CLA EJ . -31.69 -16.17 -60.01
CMB CLA EJ . -31.21 -12.93 -61.83
CAB CLA EJ . -31.02 -14.07 -58.73
CBB CLA EJ . -30.63 -12.81 -58.56
NC CLA EJ . -32.09 -19.19 -60.12
C1C CLA EJ . -31.90 -18.43 -58.99
C2C CLA EJ . -31.89 -19.29 -57.81
C3C CLA EJ . -32.08 -20.60 -58.28
C4C CLA EJ . -32.20 -20.52 -59.73
CMC CLA EJ . -31.70 -18.82 -56.45
CAC CLA EJ . -32.16 -21.83 -57.47
CBC CLA EJ . -30.92 -22.69 -57.57
ND CLA EJ . -32.37 -20.32 -62.67
C1D CLA EJ . -32.43 -21.54 -61.96
C2D CLA EJ . -32.55 -22.65 -62.93
C3D CLA EJ . -32.54 -22.07 -64.18
C4D CLA EJ . -32.45 -20.61 -63.96
CMD CLA EJ . -32.62 -24.07 -62.57
CAD CLA EJ . -32.60 -22.27 -65.62
OBD CLA EJ . -32.64 -23.32 -66.25
CBD CLA EJ . -32.58 -20.87 -66.30
CGD CLA EJ . -31.43 -20.75 -67.26
O1D CLA EJ . -31.48 -20.52 -68.46
O2D CLA EJ . -30.20 -20.89 -66.68
CED CLA EJ . -29.06 -20.65 -67.48
C1 CLA EJ . -35.77 -16.92 -71.53
C2 CLA EJ . -35.20 -16.22 -72.72
C3 CLA EJ . -35.23 -16.74 -73.95
C4 CLA EJ . -35.85 -18.05 -74.23
C5 CLA EJ . -34.64 -16.01 -75.10
C6 CLA EJ . -35.68 -15.48 -76.06
C7 CLA EJ . -35.03 -14.66 -77.16
C8 CLA EJ . -34.28 -13.45 -76.62
C9 CLA EJ . -35.22 -12.26 -76.47
C10 CLA EJ . -33.11 -13.09 -77.51
C11 CLA EJ . -33.57 -12.64 -78.88
C12 CLA EJ . -32.41 -12.53 -79.86
C13 CLA EJ . -31.41 -11.47 -79.43
C14 CLA EJ . -31.98 -10.08 -79.65
C15 CLA EJ . -30.09 -11.62 -80.16
C16 CLA EJ . -28.93 -11.70 -79.19
C17 CLA EJ . -28.40 -10.33 -78.82
C18 CLA EJ . -27.08 -10.42 -78.07
C19 CLA EJ . -25.98 -11.00 -78.94
C20 CLA EJ . -26.67 -9.05 -77.57
MG CLA FJ . -41.71 -13.14 -67.42
CHA CLA FJ . -39.66 -15.94 -67.28
CHB CLA FJ . -39.21 -11.24 -66.11
CHC CLA FJ . -43.76 -10.39 -67.66
CHD CLA FJ . -44.29 -15.16 -68.77
NA CLA FJ . -39.76 -13.55 -66.79
C1A CLA FJ . -39.09 -14.78 -66.81
C2A CLA FJ . -37.68 -14.64 -66.28
C3A CLA FJ . -37.60 -13.17 -65.81
C4A CLA FJ . -38.94 -12.59 -66.27
CMA CLA FJ . -37.43 -13.08 -64.31
CAA CLA FJ . -36.66 -14.92 -67.38
CBA CLA FJ . -36.63 -13.85 -68.45
CGA CLA FJ . -37.74 -14.02 -69.45
O1A CLA FJ . -37.90 -14.88 -70.31
O2A CLA FJ . -38.70 -13.05 -69.32
NB CLA FJ . -41.54 -11.20 -66.90
C1B CLA FJ . -40.40 -10.60 -66.48
C2B CLA FJ . -40.58 -9.12 -66.45
C3B CLA FJ . -41.87 -8.87 -66.89
C4B CLA FJ . -42.50 -10.19 -67.18
CMB CLA FJ . -39.51 -8.22 -66.03
CAB CLA FJ . -42.61 -7.65 -67.08
CBB CLA FJ . -42.16 -6.40 -66.92
NC CLA FJ . -43.68 -12.84 -68.07
C1C CLA FJ . -44.32 -11.64 -68.07
C2C CLA FJ . -45.68 -11.79 -68.58
C3C CLA FJ . -45.82 -13.14 -68.91
C4C CLA FJ . -44.56 -13.79 -68.58
CMC CLA FJ . -46.65 -10.70 -68.72
CAC CLA FJ . -47.03 -13.79 -69.45
CBC CLA FJ . -47.92 -14.34 -68.38
ND CLA FJ . -41.97 -15.06 -67.97
C1D CLA FJ . -43.09 -15.77 -68.49
C2D CLA FJ . -42.72 -17.20 -68.66
C3D CLA FJ . -41.40 -17.31 -68.24
C4D CLA FJ . -41.00 -15.96 -67.79
CMD CLA FJ . -43.60 -18.22 -69.21
CAD CLA FJ . -40.26 -18.19 -68.06
OBD CLA FJ . -40.12 -19.36 -68.38
CBD CLA FJ . -39.14 -17.36 -67.37
CGD CLA FJ . -38.81 -17.90 -66.01
O1D CLA FJ . -39.57 -18.08 -65.06
O2D CLA FJ . -37.49 -18.23 -65.86
CED CLA FJ . -37.11 -18.87 -64.64
C1 CLA FJ . -39.24 -12.45 -70.51
C2 CLA FJ . -40.62 -12.92 -70.67
C3 CLA FJ . -41.56 -12.19 -71.30
C4 CLA FJ . -42.95 -12.66 -71.45
C5 CLA FJ . -41.23 -10.86 -71.87
C6 CLA FJ . -42.16 -9.78 -71.36
C7 CLA FJ . -41.80 -8.43 -71.96
C8 CLA FJ . -43.04 -7.57 -72.21
C9 CLA FJ . -42.64 -6.16 -72.58
C10 CLA FJ . -43.95 -7.58 -70.99
C11 CLA FJ . -45.01 -6.50 -71.06
C12 CLA FJ . -46.39 -7.04 -70.74
C13 CLA FJ . -47.10 -7.54 -72.00
C14 CLA FJ . -46.92 -6.54 -73.12
C15 CLA FJ . -48.57 -7.80 -71.72
C16 CLA FJ . -49.44 -7.65 -72.96
C17 CLA FJ . -49.56 -8.93 -73.75
C18 CLA FJ . -49.41 -8.72 -75.25
C19 CLA FJ . -49.99 -9.88 -76.03
C20 CLA FJ . -50.06 -7.42 -75.68
MG CLA GJ . -35.32 -4.64 -67.32
CHA CLA GJ . -34.21 -7.83 -66.51
CHB CLA GJ . -32.72 -3.30 -65.59
CHC CLA GJ . -36.43 -1.51 -68.19
CHD CLA GJ . -37.99 -6.09 -69.16
NA CLA GJ . -33.74 -5.45 -66.23
C1A CLA GJ . -33.45 -6.81 -66.01
C2A CLA GJ . -32.20 -6.97 -65.13
C3A CLA GJ . -31.84 -5.51 -64.76
C4A CLA GJ . -32.82 -4.68 -65.58
CMA CLA GJ . -31.98 -5.25 -63.28
CAA CLA GJ . -31.08 -7.62 -65.92
CBA CLA GJ . -30.90 -7.02 -67.30
CGA CLA GJ . -29.72 -7.63 -67.98
O1A CLA GJ . -29.40 -8.81 -68.05
O2A CLA GJ . -28.92 -6.70 -68.59
NB CLA GJ . -34.76 -2.76 -66.86
C1B CLA GJ . -33.56 -2.44 -66.31
C2B CLA GJ . -33.26 -0.99 -66.55
C3B CLA GJ . -34.30 -0.49 -67.29
C4B CLA GJ . -35.27 -1.60 -67.49
CMB CLA GJ . -32.03 -0.36 -66.07
CAB CLA GJ . -34.55 0.82 -67.83
CBB CLA GJ . -34.09 1.98 -67.35
NC CLA GJ . -36.93 -3.94 -68.45
C1C CLA GJ . -37.21 -2.61 -68.64
C2C CLA GJ . -38.44 -2.47 -69.42
C3C CLA GJ . -38.85 -3.77 -69.74
C4C CLA GJ . -37.90 -4.68 -69.12
CMC CLA GJ . -39.04 -1.20 -69.81
CAC CLA GJ . -40.03 -4.16 -70.53
CBC CLA GJ . -41.24 -4.40 -69.66
ND CLA GJ . -35.95 -6.49 -67.85
C1D CLA GJ . -37.08 -6.94 -68.57
C2D CLA GJ . -37.09 -8.42 -68.57
C3D CLA GJ . -36.01 -8.82 -67.79
C4D CLA GJ . -35.35 -7.57 -67.36
CMD CLA GJ . -38.09 -9.25 -69.25
CAD CLA GJ . -35.25 -9.93 -67.25
OBD CLA GJ . -35.41 -11.13 -67.43
CBD CLA GJ . -34.12 -9.32 -66.37
CGD CLA GJ . -34.30 -9.72 -64.93
O1D CLA GJ . -34.87 -9.08 -64.04
O2D CLA GJ . -33.77 -10.93 -64.60
CED CLA GJ . -34.21 -11.54 -63.38
C1 CLA GJ . -28.21 -7.15 -69.76
C2 CLA GJ . -29.23 -7.35 -70.83
C3 CLA GJ . -29.21 -8.41 -71.65
C4 CLA GJ . -28.17 -9.46 -71.57
C5 CLA GJ . -30.26 -8.57 -72.70
C6 CLA GJ . -29.79 -8.11 -74.08
C7 CLA GJ . -30.46 -8.92 -75.16
C8 CLA GJ . -31.43 -8.12 -76.02
C9 CLA GJ . -30.91 -6.71 -76.27
C10 CLA GJ . -32.80 -8.06 -75.36
C11 CLA GJ . -33.81 -7.31 -76.21
C12 CLA GJ . -34.18 -8.07 -77.46
C13 CLA GJ . -35.60 -7.73 -77.92
C14 CLA GJ . -36.28 -8.94 -78.52
C15 CLA GJ . -35.61 -6.57 -78.91
C16 CLA GJ . -37.01 -6.25 -79.38
C17 CLA GJ . -37.04 -5.05 -80.31
C18 CLA GJ . -38.44 -4.51 -80.47
C19 CLA GJ . -38.81 -3.60 -79.32
C20 CLA GJ . -38.57 -3.76 -81.79
CAA F6C HJ . -14.40 9.41 -22.62
CAB F6C HJ . -22.56 10.04 -27.38
CAC F6C HJ . -24.06 12.73 -20.04
CAD F6C HJ . -15.94 12.54 -19.13
NA F6C HJ . -17.37 10.89 -23.44
CBA F6C HJ . -15.42 8.30 -22.48
CBB F6C HJ . -22.71 10.44 -28.64
CBC F6C HJ . -24.40 14.20 -20.14
CBD F6C HJ . -15.22 11.90 -20.35
NB F6C HJ . -20.01 10.56 -24.72
OBD F6C HJ . -15.35 12.94 -18.13
CGA F6C HJ . -15.55 7.83 -21.06
CGD F6C HJ . -14.17 12.81 -20.92
ND F6C HJ . -18.81 12.00 -21.16
CED F6C HJ . -12.09 13.91 -20.51
CHA F6C HJ . -16.30 11.60 -21.37
CHB F6C HJ . -17.82 10.02 -25.71
CHC F6C HJ . -22.44 10.92 -24.45
CHD F6C HJ . -20.94 12.53 -20.05
CMA F6C HJ . -14.88 10.98 -25.86
CMB F6C HJ . -19.46 9.43 -28.21
CMC F6C HJ . -25.01 11.68 -22.90
CMD F6C HJ . -19.04 13.37 -17.66
OMB F6C HJ . -19.14 8.25 -28.35
C1 F6C HJ . -16.18 5.95 -19.70
C1A F6C HJ . -16.24 11.07 -22.64
C1B F6C HJ . -19.21 10.16 -25.75
C1C F6C HJ . -22.43 11.43 -23.13
C1D F6C HJ . -19.56 12.46 -20.04
O1A F6C HJ . -15.51 8.49 -20.02
O1D F6C HJ . -14.20 13.42 -21.98
C2 F6C HJ . -17.62 5.60 -19.83
C2A F6C HJ . -14.97 10.61 -23.36
C2B F6C HJ . -20.03 9.89 -26.95
C2C F6C HJ . -23.64 11.80 -22.39
C2D F6C HJ . -18.63 12.82 -18.95
O2A F6C HJ . -15.74 6.47 -20.97
O2D F6C HJ . -13.06 12.95 -20.13
C3 F6C HJ . -18.15 4.45 -19.40
C3A F6C HJ . -15.48 10.16 -24.75
C3B F6C HJ . -21.34 10.13 -26.60
C3C F6C HJ . -23.22 12.26 -21.14
C3D F6C HJ . -17.36 12.54 -19.42
C4 F6C HJ . -19.59 4.15 -19.57
C4A F6C HJ . -17.00 10.35 -24.64
C4B F6C HJ . -21.34 10.57 -25.18
C4C F6C HJ . -21.76 12.17 -21.13
C4D F6C HJ . -17.54 12.00 -20.78
C5 F6C HJ . -17.32 3.40 -18.75
C6 F6C HJ . -18.13 2.32 -18.03
C7 F6C HJ . -18.18 2.57 -16.54
C8 F6C HJ . -18.21 1.29 -15.71
C9 F6C HJ . -19.19 0.30 -16.30
C10 F6C HJ . -18.59 1.59 -14.26
C11 F6C HJ . -17.44 1.31 -13.31
C12 F6C HJ . -17.60 2.11 -12.02
C13 F6C HJ . -16.66 1.61 -10.93
C14 F6C HJ . -17.40 0.69 -9.98
C15 F6C HJ . -16.03 2.77 -10.18
NC F6C HJ . -21.33 11.68 -22.37
MG F6C HJ . -19.37 11.29 -22.97
C16 F6C HJ . -15.20 2.29 -9.00
C17 F6C HJ . -14.45 3.43 -8.35
C18 F6C HJ . -13.60 2.97 -7.17
C19 F6C HJ . -12.38 2.21 -7.62
C20 F6C HJ . -13.19 4.16 -6.33
MG CLA IJ . -24.79 -0.85 -31.40
CHA CLA IJ . -22.61 0.41 -33.78
CHB CLA IJ . -24.31 -3.99 -32.62
CHC CLA IJ . -26.91 -2.05 -28.98
CHD CLA IJ . -25.27 2.44 -30.17
NA CLA IJ . -23.64 -1.63 -32.96
C1A CLA IJ . -22.79 -0.94 -33.84
C2A CLA IJ . -22.14 -1.90 -34.84
C3A CLA IJ . -22.79 -3.27 -34.50
C4A CLA IJ . -23.64 -2.96 -33.27
CMA CLA IJ . -23.62 -3.78 -35.65
CAA CLA IJ . -20.63 -1.95 -34.65
CBA CLA IJ . -20.25 -2.53 -33.30
CGA CLA IJ . -18.78 -2.42 -33.11
O1A CLA IJ . -17.89 -2.35 -33.97
O2A CLA IJ . -18.40 -2.40 -31.80
NB CLA IJ . -25.52 -2.66 -30.93
C1B CLA IJ . -25.14 -3.83 -31.50
C2B CLA IJ . -25.72 -4.98 -30.74
C3B CLA IJ . -26.45 -4.44 -29.71
C4B CLA IJ . -26.34 -2.96 -29.82
CMB CLA IJ . -25.50 -6.38 -31.09
CAB CLA IJ . -27.21 -5.10 -28.68
CBB CLA IJ . -27.00 -4.98 -27.36
NC CLA IJ . -25.88 0.04 -29.86
C1C CLA IJ . -26.70 -0.64 -29.00
C2C CLA IJ . -27.32 0.29 -28.06
C3C CLA IJ . -26.85 1.56 -28.39
C4C CLA IJ . -25.95 1.39 -29.52
CMC CLA IJ . -28.24 -0.10 -27.00
CAC CLA IJ . -27.18 2.83 -27.72
CBC CLA IJ . -28.48 3.41 -28.22
ND CLA IJ . -24.09 1.01 -31.79
C1D CLA IJ . -24.39 2.29 -31.23
C2D CLA IJ . -23.64 3.33 -31.97
C3D CLA IJ . -22.93 2.66 -32.94
C4D CLA IJ . -23.26 1.23 -32.81
CMD CLA IJ . -23.68 4.75 -31.67
CAD CLA IJ . -21.99 2.78 -34.05
OBD CLA IJ . -21.42 3.77 -34.49
CBD CLA IJ . -21.80 1.35 -34.65
CGD CLA IJ . -22.26 1.30 -36.07
O1D CLA IJ . -23.39 0.99 -36.49
O2D CLA IJ . -21.32 1.65 -36.99
CED CLA IJ . -21.76 2.26 -38.20
C1 CLA IJ . -17.60 -3.51 -31.35
C2 CLA IJ . -16.95 -3.10 -30.09
C3 CLA IJ . -15.90 -2.26 -30.04
C4 CLA IJ . -15.29 -1.67 -31.26
C5 CLA IJ . -15.29 -1.88 -28.74
C6 CLA IJ . -16.16 -0.92 -27.95
C7 CLA IJ . -15.72 -0.87 -26.50
C8 CLA IJ . -16.41 0.24 -25.74
C9 CLA IJ . -16.38 1.55 -26.52
C10 CLA IJ . -15.78 0.44 -24.37
C11 CLA IJ . -16.25 -0.61 -23.38
C12 CLA IJ . -15.78 -0.29 -21.97
C13 CLA IJ . -16.44 -1.17 -20.91
C14 CLA IJ . -17.86 -1.53 -21.28
C15 CLA IJ . -16.41 -0.48 -19.56
C16 CLA IJ . -15.43 -1.11 -18.61
C17 CLA IJ . -16.02 -2.35 -17.94
C18 CLA IJ . -15.84 -2.29 -16.43
C19 CLA IJ . -16.81 -3.25 -15.75
C20 CLA IJ . -14.42 -2.62 -16.03
C1 PQN JJ . -31.29 7.15 -31.75
O1 PQN JJ . -32.04 6.24 -32.04
C2 PQN JJ . -30.50 7.13 -30.49
C2M PQN JJ . -30.69 5.92 -29.62
C3 PQN JJ . -29.67 8.14 -30.18
C4 PQN JJ . -29.52 9.31 -31.07
O4 PQN JJ . -28.78 10.23 -30.78
C5 PQN JJ . -30.30 9.36 -32.33
C6 PQN JJ . -30.16 10.44 -33.19
C7 PQN JJ . -30.89 10.46 -34.36
C8 PQN JJ . -31.75 9.42 -34.69
C9 PQN JJ . -31.88 8.34 -33.84
C10 PQN JJ . -31.15 8.31 -32.66
C11 PQN JJ . -28.87 8.17 -28.92
C12 PQN JJ . -27.53 7.51 -29.12
C13 PQN JJ . -26.36 8.08 -28.93
C14 PQN JJ . -26.19 9.51 -28.48
C15 PQN JJ . -25.09 7.30 -29.16
C16 PQN JJ . -24.58 6.69 -27.85
C17 PQN JJ . -23.34 5.83 -28.05
C18 PQN JJ . -22.68 5.36 -26.77
C19 PQN JJ . -22.16 6.53 -25.94
C20 PQN JJ . -21.58 4.35 -27.09
C21 PQN JJ . -22.02 3.20 -27.99
C22 PQN JJ . -20.85 2.51 -28.68
C23 PQN JJ . -21.25 1.37 -29.62
C24 PQN JJ . -21.91 0.23 -28.86
C25 PQN JJ . -20.02 0.89 -30.40
C26 PQN JJ . -19.24 1.99 -31.10
C27 PQN JJ . -18.10 1.43 -31.94
C28 PQN JJ . -17.09 2.47 -32.44
C29 PQN JJ . -16.61 3.32 -31.28
C30 PQN JJ . -15.90 1.81 -33.14
C1 BCR KJ . 6.05 -23.34 -72.13
C2 BCR KJ . 7.40 -23.73 -71.51
C3 BCR KJ . 7.50 -23.39 -70.04
C4 BCR KJ . 7.32 -21.89 -69.85
C5 BCR KJ . 6.13 -21.34 -70.59
C6 BCR KJ . 5.54 -21.99 -71.62
C7 BCR KJ . 4.34 -21.51 -72.30
C8 BCR KJ . 4.24 -20.41 -73.06
C9 BCR KJ . 3.05 -19.95 -73.75
C10 BCR KJ . 3.07 -18.69 -74.27
C11 BCR KJ . 2.03 -18.02 -74.98
C33 BCR KJ . 5.60 -20.09 -69.95
C31 BCR KJ . 5.01 -24.43 -71.84
C32 BCR KJ . 6.26 -23.27 -73.64
C34 BCR KJ . 1.88 -20.88 -73.86
C12 BCR KJ . 2.19 -16.78 -75.50
C13 BCR KJ . 1.19 -16.03 -76.24
C14 BCR KJ . 1.59 -14.91 -76.88
C15 BCR KJ . 0.79 -14.04 -77.69
C16 BCR KJ . 1.27 -12.91 -78.25
C17 BCR KJ . 0.48 -12.03 -79.07
C18 BCR KJ . 0.96 -10.96 -79.77
C19 BCR KJ . 0.03 -10.19 -80.56
C20 BCR KJ . 0.42 -9.22 -81.43
C21 BCR KJ . -0.47 -8.44 -82.23
C22 BCR KJ . -0.09 -7.55 -83.17
C23 BCR KJ . -1.10 -6.82 -83.92
C24 BCR KJ . -1.51 -7.13 -85.17
C25 BCR KJ . -2.53 -6.42 -85.95
C26 BCR KJ . -3.85 -6.68 -85.85
C27 BCR KJ . -4.88 -5.98 -86.70
C28 BCR KJ . -4.31 -4.77 -87.45
C29 BCR KJ . -3.00 -5.15 -88.09
C30 BCR KJ . -1.93 -5.56 -87.07
C35 BCR KJ . -0.21 -16.56 -76.27
C36 BCR KJ . 2.40 -10.56 -79.79
C37 BCR KJ . 1.34 -7.26 -83.50
C38 BCR KJ . -4.46 -7.63 -84.86
C39 BCR KJ . -1.26 -4.32 -86.49
C40 BCR KJ . -0.87 -6.37 -87.84
C1 BCR LJ . 7.05 -15.96 -66.76
C2 BCR LJ . 6.68 -16.94 -67.88
C3 BCR LJ . 5.49 -16.56 -68.76
C4 BCR LJ . 5.53 -15.10 -69.21
C5 BCR LJ . 6.29 -14.16 -68.33
C6 BCR LJ . 6.69 -14.51 -67.09
C7 BCR LJ . 7.22 -13.53 -66.14
C8 BCR LJ . 6.47 -12.71 -65.38
C9 BCR LJ . 6.99 -11.73 -64.43
C10 BCR LJ . 6.15 -11.26 -63.48
C11 BCR LJ . 4.78 -11.63 -63.26
C33 BCR LJ . 6.65 -12.88 -69.01
C31 BCR LJ . 8.56 -16.07 -66.47
C32 BCR LJ . 6.30 -16.42 -65.51
C34 BCR LJ . 8.42 -11.29 -64.59
C12 BCR LJ . 4.00 -11.03 -62.32
C13 BCR LJ . 2.63 -11.37 -62.05
C14 BCR LJ . 2.11 -11.01 -60.85
C15 BCR LJ . 0.78 -11.25 -60.37
C16 BCR LJ . 0.31 -10.79 -59.19
C17 BCR LJ . -1.01 -11.08 -58.73
C18 BCR LJ . -1.58 -10.72 -57.55
C19 BCR LJ . -2.94 -11.16 -57.32
C20 BCR LJ . -3.66 -11.02 -56.18
C21 BCR LJ . -5.00 -11.52 -56.07
C22 BCR LJ . -5.90 -11.30 -55.08
C23 BCR LJ . -7.20 -11.92 -55.21
C24 BCR LJ . -8.29 -11.63 -54.48
C25 BCR LJ . -9.62 -12.25 -54.59
C26 BCR LJ . -10.11 -12.77 -55.74
C27 BCR LJ . -11.15 -13.86 -55.74
C28 BCR LJ . -11.46 -14.44 -54.37
C29 BCR LJ . -11.56 -13.31 -53.37
C30 BCR LJ . -10.23 -12.56 -53.23
C35 BCR LJ . 1.85 -12.08 -63.11
C36 BCR LJ . -0.90 -9.92 -56.49
C37 BCR LJ . -5.63 -10.46 -53.86
C38 BCR LJ . -10.07 -12.07 -57.08
C39 BCR LJ . -9.24 -13.38 -52.40
C40 BCR LJ . -10.53 -11.26 -52.48
C1 BCR MJ . 11.72 -21.03 -68.30
C2 BCR MJ . 11.26 -19.94 -69.26
C3 BCR MJ . 12.16 -18.72 -69.25
C4 BCR MJ . 12.18 -18.13 -67.85
C5 BCR MJ . 12.37 -19.13 -66.75
C6 BCR MJ . 12.04 -20.44 -66.91
C7 BCR MJ . 12.10 -21.42 -65.84
C8 BCR MJ . 11.33 -21.42 -64.72
C9 BCR MJ . 11.40 -22.40 -63.66
C10 BCR MJ . 10.58 -22.26 -62.59
C11 BCR MJ . 9.63 -21.21 -62.37
C33 BCR MJ . 13.28 -18.64 -65.67
C31 BCR MJ . 12.97 -21.72 -68.85
C32 BCR MJ . 10.61 -22.07 -68.18
C34 BCR MJ . 12.37 -23.54 -63.80
C12 BCR MJ . 8.75 -21.24 -61.34
C13 BCR MJ . 7.77 -20.23 -61.03
C14 BCR MJ . 7.07 -20.37 -59.87
C15 BCR MJ . 6.07 -19.50 -59.35
C16 BCR MJ . 5.38 -19.79 -58.22
C17 BCR MJ . 4.38 -18.90 -57.68
C18 BCR MJ . 3.62 -19.11 -56.58
C19 BCR MJ . 2.68 -18.07 -56.22
C20 BCR MJ . 1.86 -18.08 -55.14
C21 BCR MJ . 0.98 -16.99 -54.86
C22 BCR MJ . -0.12 -17.00 -54.07
C23 BCR MJ . -0.48 -18.25 -53.42
C24 BCR MJ . -1.44 -18.40 -52.50
C25 BCR MJ . -1.83 -19.66 -51.84
C26 BCR MJ . -0.99 -20.38 -51.06
C27 BCR MJ . -1.40 -21.70 -50.46
C28 BCR MJ . -2.90 -21.91 -50.38
C29 BCR MJ . -3.56 -21.50 -51.67
C30 BCR MJ . -3.30 -20.03 -52.03
C35 BCR MJ . 7.59 -19.10 -61.99
C36 BCR MJ . 3.69 -20.34 -55.72
C37 BCR MJ . -1.00 -15.80 -53.83
C38 BCR MJ . 0.24 -19.82 -50.41
C39 BCR MJ . -4.18 -19.12 -51.18
C40 BCR MJ . -3.70 -19.84 -53.50
C1 BCR NJ . -17.98 -8.88 -84.00
C2 BCR NJ . -16.62 -9.51 -84.32
C3 BCR NJ . -16.62 -11.01 -84.13
C4 BCR NJ . -16.97 -11.35 -82.70
C5 BCR NJ . -18.11 -10.56 -82.12
C6 BCR NJ . -18.48 -9.37 -82.64
C7 BCR NJ . -19.39 -8.46 -81.92
C8 BCR NJ . -20.68 -8.23 -82.22
C9 BCR NJ . -21.60 -7.35 -81.54
C10 BCR NJ . -21.17 -6.67 -80.43
C11 BCR NJ . -21.96 -5.77 -79.65
C33 BCR NJ . -18.96 -11.37 -81.19
C31 BCR NJ . -18.99 -9.26 -85.10
C32 BCR NJ . -17.79 -7.36 -84.00
C34 BCR NJ . -22.99 -7.23 -82.09
C12 BCR NJ . -21.49 -4.81 -78.82
C13 BCR NJ . -22.33 -3.95 -78.03
C14 BCR NJ . -21.79 -3.20 -77.04
C15 BCR NJ . -22.51 -2.33 -76.17
C16 BCR NJ . -21.94 -1.52 -75.23
C17 BCR NJ . -22.75 -0.69 -74.38
C18 BCR NJ . -22.34 0.16 -73.39
C19 BCR NJ . -23.37 0.86 -72.66
C20 BCR NJ . -23.23 1.38 -71.42
C21 BCR NJ . -24.31 2.06 -70.75
C22 BCR NJ . -24.37 2.40 -69.44
C23 BCR NJ . -25.57 3.07 -68.96
C24 BCR NJ . -25.86 3.33 -67.68
C25 BCR NJ . -27.08 3.99 -67.19
C26 BCR NJ . -27.16 5.33 -67.03
C27 BCR NJ . -28.39 6.00 -66.47
C28 BCR NJ . -29.61 5.09 -66.39
C29 BCR NJ . -29.19 3.74 -65.83
C30 BCR NJ . -28.17 3.03 -66.72
C35 BCR NJ . -23.79 -3.92 -78.38
C36 BCR NJ . -20.91 0.38 -73.01
C37 BCR NJ . -23.27 2.14 -68.46
C38 BCR NJ . -26.16 6.31 -67.56
C39 BCR NJ . -28.88 2.41 -67.93
C40 BCR NJ . -27.56 1.90 -65.89
C1 BCR OJ . -24.12 -15.62 -75.17
C2 BCR OJ . -23.83 -17.09 -74.85
C3 BCR OJ . -25.05 -17.86 -74.41
C4 BCR OJ . -25.61 -17.23 -73.15
C5 BCR OJ . -25.80 -15.75 -73.28
C6 BCR OJ . -25.11 -15.01 -74.17
C7 BCR OJ . -25.11 -13.55 -74.15
C8 BCR OJ . -24.74 -12.80 -73.10
C9 BCR OJ . -24.73 -11.36 -73.04
C10 BCR OJ . -24.59 -10.80 -71.82
C11 BCR OJ . -24.56 -9.40 -71.52
C33 BCR OJ . -27.06 -15.30 -72.59
C31 BCR OJ . -24.70 -15.51 -76.59
C32 BCR OJ . -22.78 -14.88 -75.14
C34 BCR OJ . -24.88 -10.59 -74.31
C12 BCR OJ . -24.70 -8.93 -70.26
C13 BCR OJ . -24.67 -7.53 -69.92
C14 BCR OJ . -24.73 -7.19 -68.60
C15 BCR OJ . -24.71 -5.84 -68.13
C16 BCR OJ . -24.95 -5.47 -66.86
C17 BCR OJ . -24.89 -4.09 -66.51
C18 BCR OJ . -24.63 -3.53 -65.30
C19 BCR OJ . -24.62 -2.10 -65.26
C20 BCR OJ . -24.22 -1.29 -64.25
C21 BCR OJ . -24.27 0.12 -64.42
C22 BCR OJ . -23.69 1.09 -63.65
C23 BCR OJ . -23.89 2.46 -64.08
C24 BCR OJ . -23.24 3.53 -63.60
C25 BCR OJ . -23.44 4.92 -64.04
C26 BCR OJ . -24.60 5.60 -63.88
C27 BCR OJ . -24.74 7.03 -64.29
C28 BCR OJ . -23.42 7.73 -64.57
C29 BCR OJ . -22.54 6.84 -65.43
C30 BCR OJ . -22.21 5.51 -64.74
C35 BCR OJ . -24.58 -6.54 -71.02
C36 BCR OJ . -24.35 -4.31 -64.07
C37 BCR OJ . -22.87 0.81 -62.43
C38 BCR OJ . -25.78 5.11 -63.10
C39 BCR OJ . -21.08 5.71 -63.74
C40 BCR OJ . -21.71 4.56 -65.84
C1 BCR PJ . -59.75 -10.83 -66.43
C2 BCR PJ . -59.59 -12.33 -66.16
C3 BCR PJ . -60.72 -12.92 -65.33
C4 BCR PJ . -60.78 -12.20 -64.00
C5 BCR PJ . -60.83 -10.70 -64.14
C6 BCR PJ . -60.33 -10.08 -65.23
C7 BCR PJ . -60.24 -8.62 -65.34
C8 BCR PJ . -59.64 -7.80 -64.46
C9 BCR PJ . -59.52 -6.36 -64.53
C10 BCR PJ . -58.89 -5.74 -63.51
C11 BCR PJ . -58.62 -4.34 -63.31
C33 BCR PJ . -61.80 -10.10 -63.16
C31 BCR PJ . -60.63 -10.61 -67.67
C32 BCR PJ . -58.33 -10.31 -66.74
C34 BCR PJ . -60.09 -5.66 -65.73
C12 BCR PJ . -58.19 -3.86 -62.13
C13 BCR PJ . -57.86 -2.49 -61.83
C14 BCR PJ . -56.95 -2.28 -60.84
C15 BCR PJ . -56.41 -1.06 -60.33
C16 BCR PJ . -55.49 -1.09 -59.33
C17 BCR PJ . -54.85 0.06 -58.77
C18 BCR PJ . -54.16 0.10 -57.60
C19 BCR PJ . -53.53 1.34 -57.22
C20 BCR PJ . -52.33 1.34 -56.59
C21 BCR PJ . -51.57 2.48 -56.17
C22 BCR PJ . -50.48 2.41 -55.37
C23 BCR PJ . -49.74 3.61 -54.99
C24 BCR PJ . -48.65 4.04 -55.65
C25 BCR PJ . -47.83 5.23 -55.35
C26 BCR PJ . -48.19 6.48 -55.72
C27 BCR PJ . -47.18 7.58 -55.87
C28 BCR PJ . -45.86 7.33 -55.18
C29 BCR PJ . -45.40 5.92 -55.50
C30 BCR PJ . -46.38 4.84 -55.02
C35 BCR PJ . -58.51 -1.40 -62.62
C36 BCR PJ . -54.00 -1.08 -56.69
C37 BCR PJ . -49.96 1.11 -54.83
C38 BCR PJ . -49.60 7.00 -55.73
C39 BCR PJ . -46.23 4.62 -53.51
C40 BCR PJ . -45.99 3.54 -55.74
C1 BCR QJ . -20.89 -13.53 -31.65
C2 BCR QJ . -21.04 -15.03 -31.38
C3 BCR QJ . -20.08 -15.62 -30.37
C4 BCR QJ . -20.02 -14.81 -29.08
C5 BCR QJ . -20.14 -13.33 -29.24
C6 BCR QJ . -20.44 -12.74 -30.43
C7 BCR QJ . -20.76 -11.31 -30.52
C8 BCR QJ . -19.88 -10.33 -30.76
C9 BCR QJ . -20.16 -8.91 -30.87
C10 BCR QJ . -20.97 -8.32 -29.94
C11 BCR QJ . -21.32 -6.92 -29.91
C33 BCR QJ . -19.55 -12.59 -28.08
C31 BCR QJ . -22.23 -12.98 -32.17
C32 BCR QJ . -19.86 -13.39 -32.78
C34 BCR QJ . -19.55 -8.17 -32.00
C12 BCR QJ . -21.95 -6.32 -28.88
C13 BCR QJ . -22.31 -4.92 -28.85
C14 BCR QJ . -23.04 -4.45 -27.81
C15 BCR QJ . -23.47 -3.10 -27.61
C16 BCR QJ . -23.97 -2.64 -26.45
C17 BCR QJ . -24.40 -1.28 -26.26
C18 BCR QJ . -24.93 -0.73 -25.14
C19 BCR QJ . -25.30 0.66 -25.20
C20 BCR QJ . -25.71 1.41 -24.14
C21 BCR QJ . -26.07 2.79 -24.30
C22 BCR QJ . -26.71 3.59 -23.43
C23 BCR QJ . -26.97 4.95 -23.86
C24 BCR QJ . -27.55 5.92 -23.12
C25 BCR QJ . -27.80 7.29 -23.60
C26 BCR QJ . -26.83 8.10 -24.07
C27 BCR QJ . -27.15 9.33 -24.88
C28 BCR QJ . -28.59 9.41 -25.37
C29 BCR QJ . -29.51 9.03 -24.23
C30 BCR QJ . -29.29 7.58 -23.77
C35 BCR QJ . -21.83 -4.05 -29.98
C36 BCR QJ . -25.17 -1.47 -23.87
C37 BCR QJ . -27.17 3.17 -22.06
C38 BCR QJ . -25.41 8.07 -23.61
C39 BCR QJ . -29.91 6.62 -24.80
C40 BCR QJ . -30.02 7.40 -22.44
C1 LMG RJ . -19.79 13.80 -44.89
O1 LMG RJ . -20.65 12.85 -44.38
C2 LMG RJ . -20.27 14.21 -46.28
O2 LMG RJ . -20.18 13.09 -47.12
C3 LMG RJ . -19.37 15.35 -46.77
O3 LMG RJ . -19.82 15.73 -48.04
C4 LMG RJ . -19.35 16.50 -45.77
O4 LMG RJ . -20.63 17.08 -45.72
C5 LMG RJ . -18.90 15.94 -44.41
O5 LMG RJ . -20.23 17.24 -42.94
C6 LMG RJ . -18.90 16.94 -43.27
O6 LMG RJ . -19.78 14.90 -44.02
C7 LMG RJ . -20.17 12.16 -43.25
C8 LMG RJ . -21.33 11.36 -42.69
C9 LMG RJ . -21.80 10.21 -43.55
O7 LMG RJ . -20.85 10.87 -41.43
C10 LMG RJ . -21.71 10.76 -40.41
O9 LMG RJ . -22.85 11.11 -40.47
C11 LMG RJ . -21.04 10.14 -39.22
C12 LMG RJ . -21.09 8.61 -39.26
C13 LMG RJ . -20.26 7.99 -38.14
C14 LMG RJ . -20.28 6.47 -38.18
C15 LMG RJ . -19.18 5.82 -37.34
C16 LMG RJ . -18.84 4.42 -37.85
C17 LMG RJ . -17.87 3.64 -36.97
C18 LMG RJ . -17.65 2.21 -37.45
C19 LMG RJ . -16.50 1.48 -36.78
C20 LMG RJ . -16.27 0.10 -37.38
C21 LMG RJ . -15.03 -0.59 -36.82
C22 LMG RJ . -15.19 -1.01 -35.35
C23 LMG RJ . -13.92 -1.57 -34.73
C24 LMG RJ . -13.44 -2.89 -35.36
C25 LMG RJ . -13.67 -4.11 -34.49
C26 LMG RJ . -15.13 -4.49 -34.27
C27 LMG RJ . -15.31 -5.63 -33.28
O8 LMG RJ . -20.76 9.24 -43.60
C28 LMG RJ . -20.95 8.14 -44.32
O10 LMG RJ . -21.97 7.92 -44.92
C29 LMG RJ . -19.74 7.24 -44.28
C30 LMG RJ . -19.66 6.24 -45.42
C31 LMG RJ . -20.59 5.04 -45.27
C32 LMG RJ . -20.69 4.24 -46.55
C33 LMG RJ . -21.55 2.99 -46.45
C34 LMG RJ . -23.06 3.24 -46.48
C35 LMG RJ . -23.86 1.96 -46.61
C36 LMG RJ . -23.58 0.95 -45.51
C37 LMG RJ . -24.35 -0.35 -45.64
C38 LMG RJ . -24.43 -1.19 -44.38
C39 LMG RJ . -23.09 -1.84 -44.03
C40 LMG RJ . -23.14 -2.74 -42.81
C41 LMG RJ . -21.97 -3.69 -42.71
C42 LMG RJ . -22.00 -4.79 -43.78
C43 LMG RJ . -22.42 -6.16 -43.26
C44 LMG RJ . -21.50 -6.72 -42.18
C45 LMG RJ . -21.86 -8.15 -41.80
C3 LFA SJ . -52.81 -21.05 -70.50
C4 LFA SJ . -53.87 -20.00 -70.17
C5 LFA SJ . -53.33 -18.58 -70.17
C6 LFA SJ . -52.25 -18.34 -69.12
C7 LFA SJ . -51.54 -17.00 -69.28
C8 LFA SJ . -52.30 -15.83 -68.68
C9 LFA SJ . -52.04 -15.64 -67.19
C10 LFA SJ . -52.09 -14.19 -66.75
C11 LFA SJ . -51.69 -13.97 -65.30
C12 LFA SJ . -51.57 -12.50 -64.91
C13 LFA SJ . -50.67 -11.71 -65.86
C14 LFA SJ . -49.40 -11.17 -65.21
C15 LFA SJ . -48.43 -12.26 -64.76
C16 LFA SJ . -46.98 -11.80 -64.81
C17 LFA SJ . -46.04 -12.65 -63.97
C18 LFA SJ . -46.06 -12.28 -62.49
FE1 SF4 TJ . -32.10 30.01 -39.33
FE2 SF4 TJ . -31.51 32.68 -39.31
FE3 SF4 TJ . -31.70 31.35 -41.69
FE4 SF4 TJ . -29.59 30.87 -40.01
S1 SF4 TJ . -30.08 32.83 -41.08
S2 SF4 TJ . -30.84 29.32 -41.11
S3 SF4 TJ . -30.59 31.08 -37.98
S4 SF4 TJ . -33.37 31.69 -40.17
FE1 SF4 UJ . -36.27 36.01 -49.82
FE2 SF4 UJ . -35.44 37.52 -47.69
FE3 SF4 UJ . -37.73 38.19 -49.02
FE4 SF4 UJ . -35.29 38.54 -50.21
S1 SF4 UJ . -36.07 39.60 -48.36
S2 SF4 UJ . -37.16 37.63 -51.16
S3 SF4 UJ . -34.16 36.74 -49.40
S4 SF4 UJ . -37.35 36.28 -47.83
MG CLA VJ . -54.60 11.34 -58.20
CHA CLA VJ . -57.47 11.49 -60.12
CHB CLA VJ . -56.43 11.84 -55.38
CHC CLA VJ . -51.75 10.89 -56.32
CHD CLA VJ . -52.72 10.80 -61.15
NA CLA VJ . -56.63 11.66 -57.84
C1A CLA VJ . -57.68 11.66 -58.77
C2A CLA VJ . -59.01 11.92 -58.09
C3A CLA VJ . -58.62 12.18 -56.62
C4A CLA VJ . -57.12 11.87 -56.59
CMA CLA VJ . -58.92 13.60 -56.19
CAA CLA VJ . -59.90 10.68 -58.19
CBA CLA VJ . -61.36 11.01 -57.97
CGA CLA VJ . -62.15 9.73 -57.89
O1A CLA VJ . -61.92 8.73 -57.20
O2A CLA VJ . -63.26 9.72 -58.69
NB CLA VJ . -54.17 11.34 -56.22
C1B CLA VJ . -55.06 11.58 -55.23
C2B CLA VJ . -54.36 11.55 -53.91
C3B CLA VJ . -53.04 11.28 -54.16
C4B CLA VJ . -52.89 11.15 -55.65
CMB CLA VJ . -55.05 11.77 -52.64
CAB CLA VJ . -51.95 11.14 -53.23
CBB CLA VJ . -50.79 11.79 -53.30
NC CLA VJ . -52.59 10.96 -58.67
C1C CLA VJ . -51.59 10.81 -57.74
C2C CLA VJ . -50.33 10.52 -58.41
C3C CLA VJ . -50.61 10.50 -59.78
C4C CLA VJ . -52.03 10.78 -59.93
CMC CLA VJ . -49.05 10.28 -57.75
CAC CLA VJ . -49.66 10.24 -60.88
CBC CLA VJ . -49.13 11.51 -61.51
ND CLA VJ . -54.92 11.30 -60.18
C1D CLA VJ . -54.07 11.04 -61.29
C2D CLA VJ . -54.87 11.04 -62.54
C3D CLA VJ . -56.18 11.20 -62.15
C4D CLA VJ . -56.16 11.33 -60.67
CMD CLA VJ . -54.31 10.86 -63.88
CAD CLA VJ . -57.56 11.33 -62.58
OBD CLA VJ . -58.02 11.36 -63.71
CBD CLA VJ . -58.43 11.43 -61.29
CGD CLA VJ . -59.36 12.61 -61.34
O1D CLA VJ . -59.16 13.75 -60.90
O2D CLA VJ . -60.55 12.34 -61.95
CED CLA VJ . -61.63 13.24 -61.75
C1 CLA VJ . -63.52 8.47 -59.36
C2 CLA VJ . -64.91 8.53 -59.88
C3 CLA VJ . -65.43 7.55 -60.64
C4 CLA VJ . -64.65 6.34 -60.99
C5 CLA VJ . -66.83 7.63 -61.14
C6 CLA VJ . -66.91 7.96 -62.62
C7 CLA VJ . -67.25 6.73 -63.45
C8 CLA VJ . -68.75 6.55 -63.72
C9 CLA VJ . -69.48 7.88 -63.75
C10 CLA VJ . -69.39 5.62 -62.70
C11 CLA VJ . -70.67 5.01 -63.22
C12 CLA VJ . -70.48 4.30 -64.54
C13 CLA VJ . -69.64 3.02 -64.40
C14 CLA VJ . -69.37 2.40 -65.74
C15 CLA VJ . -70.33 2.02 -63.48
C16 CLA VJ . -69.43 0.82 -63.22
C17 CLA VJ . -70.18 -0.30 -62.55
C18 CLA VJ . -71.00 -1.12 -63.54
C19 CLA VJ . -70.13 -2.16 -64.23
C20 CLA VJ . -72.17 -1.78 -62.86
C1 BCR WJ . -53.26 5.44 -72.14
C2 BCR WJ . -54.73 5.31 -71.73
C3 BCR WJ . -55.27 3.92 -71.95
C4 BCR WJ . -55.21 3.58 -73.42
C5 BCR WJ . -53.91 3.96 -74.09
C6 BCR WJ . -53.01 4.76 -73.50
C7 BCR WJ . -51.64 4.91 -73.99
C8 BCR WJ . -50.71 3.93 -74.07
C9 BCR WJ . -49.35 4.11 -74.56
C10 BCR WJ . -48.55 3.02 -74.67
C11 BCR WJ . -47.19 3.02 -75.13
C33 BCR WJ . -53.91 3.64 -75.56
C31 BCR WJ . -52.36 4.81 -71.07
C32 BCR WJ . -52.93 6.94 -72.23
C34 BCR WJ . -48.92 5.50 -74.93
C12 BCR WJ . -46.45 1.91 -75.32
C13 BCR WJ . -45.08 1.91 -75.79
C14 BCR WJ . -44.46 0.73 -76.03
C15 BCR WJ . -44.98 -0.60 -75.90
C16 BCR WJ . -44.21 -1.69 -76.10
C17 BCR WJ . -44.71 -3.03 -75.98
C18 BCR WJ . -44.01 -4.19 -76.07
C19 BCR WJ . -44.72 -5.42 -75.92
C20 BCR WJ . -44.19 -6.67 -75.99
C21 BCR WJ . -45.01 -7.84 -75.84
C22 BCR WJ . -44.62 -9.12 -75.61
C23 BCR WJ . -45.66 -10.12 -75.48
C24 BCR WJ . -45.49 -11.40 -75.12
C25 BCR WJ . -46.55 -12.41 -74.99
C26 BCR WJ . -47.39 -12.73 -76.01
C27 BCR WJ . -48.67 -13.47 -75.77
C28 BCR WJ . -48.70 -14.28 -74.48
C29 BCR WJ . -48.18 -13.43 -73.34
C30 BCR WJ . -46.73 -12.96 -73.57
C35 BCR WJ . -44.42 3.24 -75.97
C36 BCR WJ . -42.52 -4.24 -76.33
C37 BCR WJ . -43.19 -9.55 -75.48
C38 BCR WJ . -46.98 -12.74 -77.45
C39 BCR WJ . -45.77 -14.14 -73.35
C40 BCR WJ . -46.43 -11.87 -72.53
C1 BCR XJ . -7.60 -9.87 -35.50
C2 BCR XJ . -6.51 -10.81 -35.99
C3 BCR XJ . -6.10 -11.81 -34.93
C4 BCR XJ . -5.53 -11.08 -33.74
C5 BCR XJ . -6.23 -9.79 -33.38
C6 BCR XJ . -7.28 -9.33 -34.09
C7 BCR XJ . -8.44 -8.68 -33.48
C8 BCR XJ . -8.45 -7.63 -32.64
C9 BCR XJ . -9.65 -7.02 -32.08
C10 BCR XJ . -9.86 -7.10 -30.74
C11 BCR XJ . -11.00 -6.55 -30.04
C33 BCR XJ . -5.32 -8.92 -32.55
C31 BCR XJ . -8.94 -10.61 -35.46
C32 BCR XJ . -7.71 -8.71 -36.49
C34 BCR XJ . -10.58 -6.33 -33.03
C12 BCR XJ . -11.02 -6.31 -28.72
C13 BCR XJ . -12.16 -5.77 -28.02
C14 BCR XJ . -12.33 -6.07 -26.70
C15 BCR XJ . -13.38 -5.65 -25.84
C16 BCR XJ . -13.35 -5.80 -24.50
C17 BCR XJ . -14.45 -5.40 -23.66
C18 BCR XJ . -14.63 -5.68 -22.35
C19 BCR XJ . -15.82 -5.19 -21.71
C20 BCR XJ . -16.33 -5.66 -20.55
C21 BCR XJ . -17.54 -5.15 -19.96
C22 BCR XJ . -18.14 -5.59 -18.84
C23 BCR XJ . -19.37 -4.95 -18.42
C24 BCR XJ . -20.47 -5.61 -18.00
C25 BCR XJ . -21.76 -5.06 -17.54
C26 BCR XJ . -22.20 -3.84 -17.87
C27 BCR XJ . -23.64 -3.58 -18.25
C28 BCR XJ . -24.54 -4.80 -18.23
C29 BCR XJ . -24.16 -5.68 -17.06
C30 BCR XJ . -22.73 -6.20 -17.19
C35 BCR XJ . -13.11 -4.90 -28.79
C36 BCR XJ . -13.68 -6.50 -21.54
C37 BCR XJ . -17.62 -6.72 -18.00
C38 BCR XJ . -21.55 -2.56 -17.41
C39 BCR XJ . -22.67 -7.28 -18.28
C40 BCR XJ . -22.34 -6.84 -15.85
C1 BCR YJ . -13.67 -9.63 -16.92
C2 BCR YJ . -12.29 -10.19 -17.24
C3 BCR YJ . -11.13 -9.60 -16.45
C4 BCR YJ . -11.38 -9.59 -14.94
C5 BCR YJ . -12.82 -9.53 -14.55
C6 BCR YJ . -13.80 -9.25 -15.44
C7 BCR YJ . -15.17 -8.95 -15.02
C8 BCR YJ . -15.61 -7.77 -14.55
C9 BCR YJ . -16.96 -7.49 -14.13
C10 BCR YJ . -17.28 -6.22 -13.79
C11 BCR YJ . -18.56 -5.74 -13.35
C33 BCR YJ . -13.02 -9.63 -13.06
C31 BCR YJ . -14.73 -10.67 -17.28
C32 BCR YJ . -13.88 -8.39 -17.80
C34 BCR YJ . -17.93 -8.63 -14.10
C12 BCR YJ . -18.78 -4.47 -12.97
C13 BCR YJ . -20.05 -3.95 -12.52
C14 BCR YJ . -20.11 -2.71 -11.99
C15 BCR YJ . -21.27 -2.05 -11.50
C16 BCR YJ . -21.26 -0.75 -11.09
C17 BCR YJ . -22.43 -0.09 -10.59
C18 BCR YJ . -22.59 1.23 -10.38
C19 BCR YJ . -23.85 1.68 -9.86
C20 BCR YJ . -24.08 2.90 -9.30
C21 BCR YJ . -25.36 3.29 -8.80
C22 BCR YJ . -25.65 4.37 -8.05
C23 BCR YJ . -24.54 5.25 -7.70
C24 BCR YJ . -24.63 6.48 -7.16
C25 BCR YJ . -23.50 7.34 -6.80
C26 BCR YJ . -22.91 7.28 -5.60
C27 BCR YJ . -21.74 8.15 -5.22
C28 BCR YJ . -21.11 8.88 -6.39
C29 BCR YJ . -22.21 9.45 -7.27
C30 BCR YJ . -23.10 8.37 -7.87
C35 BCR YJ . -21.25 -4.84 -12.67
C36 BCR YJ . -21.52 2.25 -10.66
C37 BCR YJ . -27.02 4.72 -7.57
C38 BCR YJ . -23.36 6.37 -4.48
C39 BCR YJ . -22.37 7.67 -9.03
C40 BCR YJ . -24.35 9.06 -8.44
C1 LMG ZJ . 3.61 -25.46 -21.13
O1 LMG ZJ . 4.35 -24.46 -20.53
C2 LMG ZJ . 4.54 -26.61 -21.51
O2 LMG ZJ . 5.47 -26.10 -22.44
C3 LMG ZJ . 3.69 -27.72 -22.11
O3 LMG ZJ . 4.57 -28.76 -22.48
C4 LMG ZJ . 2.60 -28.16 -21.14
O4 LMG ZJ . 3.19 -28.77 -20.03
C5 LMG ZJ . 1.79 -26.92 -20.75
O5 LMG ZJ . 0.02 -28.34 -20.06
C6 LMG ZJ . 0.75 -27.19 -19.68
O6 LMG ZJ . 2.63 -25.91 -20.23
C7 LMG ZJ . 4.18 -23.18 -21.06
C8 LMG ZJ . 5.48 -22.42 -20.85
C9 LMG ZJ . 6.72 -23.12 -21.34
O7 LMG ZJ . 5.30 -21.18 -21.54
C10 LMG ZJ . 5.63 -20.03 -20.94
O9 LMG ZJ . 4.96 -19.51 -20.09
C11 LMG ZJ . 6.92 -19.50 -21.50
C12 LMG ZJ . 6.69 -18.54 -22.68
C13 LMG ZJ . 5.98 -17.26 -22.26
C14 LMG ZJ . 5.47 -16.46 -23.44
C15 LMG ZJ . 4.59 -15.29 -23.05
C16 LMG ZJ . 3.87 -14.68 -24.25
C17 LMG ZJ . 3.03 -13.45 -23.90
O8 LMG ZJ . 6.55 -23.46 -22.72
C28 LMG ZJ . 7.59 -23.91 -23.40
O10 LMG ZJ . 7.69 -25.04 -23.80
C29 LMG ZJ . 8.62 -22.82 -23.61
C30 LMG ZJ . 8.70 -22.31 -25.04
C31 LMG ZJ . 8.58 -20.80 -25.16
C32 LMG ZJ . 9.49 -20.22 -26.23
C33 LMG ZJ . 8.81 -19.24 -27.17
C34 LMG ZJ . 8.11 -18.06 -26.49
C35 LMG ZJ . 6.77 -17.74 -27.15
C36 LMG ZJ . 6.36 -16.29 -27.01
C37 LMG ZJ . 4.95 -16.00 -27.53
C1 BCR AK . -60.34 -9.98 -57.71
C2 BCR AK . -59.58 -11.03 -58.51
C3 BCR AK . -60.43 -11.75 -59.53
C4 BCR AK . -61.56 -12.45 -58.81
C5 BCR AK . -62.26 -11.61 -57.79
C6 BCR AK . -61.74 -10.47 -57.30
C7 BCR AK . -62.55 -9.43 -56.64
C8 BCR AK . -62.94 -9.41 -55.36
C9 BCR AK . -63.74 -8.38 -54.73
C10 BCR AK . -63.98 -8.47 -53.40
C11 BCR AK . -64.74 -7.55 -52.60
C33 BCR AK . -63.64 -12.12 -57.46
C31 BCR AK . -60.49 -8.69 -58.54
C32 BCR AK . -59.51 -9.66 -56.46
C34 BCR AK . -64.25 -7.27 -55.60
C12 BCR AK . -65.12 -7.83 -51.32
C13 BCR AK . -65.87 -6.92 -50.49
C14 BCR AK . -65.59 -6.89 -49.16
C15 BCR AK . -66.19 -6.05 -48.17
C16 BCR AK . -65.85 -6.11 -46.85
C17 BCR AK . -66.43 -5.25 -45.87
C18 BCR AK . -66.15 -5.20 -44.54
C19 BCR AK . -66.85 -4.23 -43.73
C20 BCR AK . -66.79 -4.11 -42.39
C21 BCR AK . -67.51 -3.10 -41.67
C22 BCR AK . -67.67 -2.98 -40.33
C23 BCR AK . -68.42 -1.84 -39.84
C24 BCR AK . -69.11 -1.77 -38.68
C25 BCR AK . -69.87 -0.62 -38.18
C26 BCR AK . -69.52 0.02 -37.04
C27 BCR AK . -70.38 1.08 -36.40
C28 BCR AK . -71.52 1.59 -37.28
C29 BCR AK . -72.14 0.43 -38.03
C30 BCR AK . -71.13 -0.26 -38.95
C35 BCR AK . -66.92 -6.06 -51.13
C36 BCR AK . -65.14 -6.08 -43.87
C37 BCR AK . -67.09 -3.94 -39.32
C38 BCR AK . -68.39 -0.42 -36.14
C39 BCR AK . -70.78 0.71 -40.10
C40 BCR AK . -71.82 -1.49 -39.55
C1 BCR BK . -75.77 -12.79 -51.42
C2 BCR BK . -76.87 -13.85 -51.58
C3 BCR BK . -76.81 -14.52 -52.93
C4 BCR BK . -77.09 -13.49 -54.02
C5 BCR BK . -76.53 -12.13 -53.71
C6 BCR BK . -75.69 -11.91 -52.68
C7 BCR BK . -74.90 -10.66 -52.62
C8 BCR BK . -73.80 -10.28 -51.95
C9 BCR BK . -73.22 -8.96 -52.10
C10 BCR BK . -72.47 -8.38 -51.12
C11 BCR BK . -71.90 -7.07 -51.27
C33 BCR BK . -77.42 -11.05 -54.27
C31 BCR BK . -74.44 -13.50 -51.15
C32 BCR BK . -76.18 -11.95 -50.20
C34 BCR BK . -73.49 -8.28 -53.41
C12 BCR BK . -71.16 -6.35 -50.38
C13 BCR BK . -70.67 -5.03 -50.73
C14 BCR BK . -70.22 -4.15 -49.80
C15 BCR BK . -69.75 -2.84 -50.15
C16 BCR BK . -69.06 -1.95 -49.39
C17 BCR BK . -68.60 -2.13 -48.04
C18 BCR BK . -68.39 -1.16 -47.10
C19 BCR BK . -68.68 0.22 -47.40
C20 BCR BK . -68.19 1.29 -46.72
C21 BCR BK . -68.50 2.67 -47.01
C22 BCR BK . -68.05 3.77 -46.35
C23 BCR BK . -68.50 5.09 -46.78
C24 BCR BK . -67.98 6.27 -46.39
C25 BCR BK . -68.40 7.62 -46.79
C26 BCR BK . -69.18 8.38 -45.99
C27 BCR BK . -69.32 9.86 -46.22
C28 BCR BK . -68.19 10.46 -47.01
C29 BCR BK . -67.98 9.66 -48.28
C30 BCR BK . -67.74 8.16 -48.07
C35 BCR BK . -70.69 -4.68 -52.19
C36 BCR BK . -67.91 -1.48 -45.72
C37 BCR BK . -67.14 3.71 -45.17
C38 BCR BK . -69.65 7.96 -44.63
C39 BCR BK . -66.24 7.86 -48.04
C40 BCR BK . -68.35 7.47 -49.29
C1 LMG CK . -68.84 -23.30 -66.25
O1 LMG CK . -68.70 -22.55 -67.39
C2 LMG CK . -67.60 -23.12 -65.37
O2 LMG CK . -66.49 -23.59 -66.09
C3 LMG CK . -67.83 -23.94 -64.10
O3 LMG CK . -66.69 -23.82 -63.30
C4 LMG CK . -69.12 -23.51 -63.39
O4 LMG CK . -68.97 -22.20 -62.93
C5 LMG CK . -70.28 -23.62 -64.40
O5 LMG CK . -71.85 -23.71 -62.63
C6 LMG CK . -71.60 -23.09 -63.88
O6 LMG CK . -69.98 -22.87 -65.56
C7 LMG CK . -69.06 -21.19 -67.29
C8 LMG CK . -69.31 -20.69 -68.70
C9 LMG CK . -70.49 -21.33 -69.40
O7 LMG CK . -69.53 -19.29 -68.55
C10 LMG CK . -68.49 -18.48 -68.33
O9 LMG CK . -67.36 -18.76 -68.62
C11 LMG CK . -68.93 -17.22 -67.66
C12 LMG CK . -69.56 -16.24 -68.65
C13 LMG CK . -69.59 -14.82 -68.11
C14 LMG CK . -68.22 -14.33 -67.70
C15 LMG CK . -67.93 -12.90 -68.14
C16 LMG CK . -69.10 -11.96 -67.87
C17 LMG CK . -68.89 -10.56 -68.42
C18 LMG CK . -67.58 -9.92 -67.98
C19 LMG CK . -67.52 -8.41 -68.18
C20 LMG CK . -68.73 -7.69 -67.59
C21 LMG CK . -68.39 -6.33 -67.02
C22 LMG CK . -67.37 -5.55 -67.84
C23 LMG CK . -67.26 -4.08 -67.47
C24 LMG CK . -66.86 -3.85 -66.02
C25 LMG CK . -66.56 -2.39 -65.68
C26 LMG CK . -65.28 -1.84 -66.32
C27 LMG CK . -64.96 -0.44 -65.84
O8 LMG CK . -71.01 -20.41 -70.35
C28 LMG CK . -70.46 -20.32 -71.56
O10 LMG CK . -69.43 -20.86 -71.87
C29 LMG CK . -71.28 -19.44 -72.47
C30 LMG CK . -70.56 -18.21 -72.99
C31 LMG CK . -70.72 -17.00 -72.09
C32 LMG CK . -70.29 -15.70 -72.77
C33 LMG CK . -70.85 -14.44 -72.14
C34 LMG CK . -70.64 -13.15 -72.93
C35 LMG CK . -69.23 -12.60 -72.78
C36 LMG CK . -68.96 -11.39 -73.67
C37 LMG CK . -67.49 -10.95 -73.69
C38 LMG CK . -67.02 -10.24 -72.43
C39 LMG CK . -67.81 -8.96 -72.15
C40 LMG CK . -67.72 -7.92 -73.25
C41 LMG CK . -66.43 -7.11 -73.20
C42 LMG CK . -66.66 -5.64 -72.87
C43 LMG CK . -67.30 -5.39 -71.52
C44 LMG CK . -67.58 -3.92 -71.21
C45 LMG CK . -66.33 -3.05 -71.27
C1 BCR DK . -79.84 5.25 3.10
C2 BCR DK . -79.73 3.73 3.23
C3 BCR DK . -80.12 3.01 1.96
C4 BCR DK . -81.56 3.34 1.60
C5 BCR DK . -81.91 4.79 1.72
C6 BCR DK . -81.16 5.65 2.45
C7 BCR DK . -81.41 7.11 2.47
C8 BCR DK . -82.44 7.72 3.09
C9 BCR DK . -82.67 9.16 3.10
C10 BCR DK . -83.81 9.60 3.68
C11 BCR DK . -84.25 10.97 3.82
C33 BCR DK . -83.00 5.19 0.78
C31 BCR DK . -78.67 5.78 2.27
C32 BCR DK . -79.74 5.84 4.51
C34 BCR DK . -81.66 10.05 2.47
C12 BCR DK . -85.27 11.33 4.63
C13 BCR DK . -85.77 12.66 4.82
C14 BCR DK . -86.71 12.86 5.77
C15 BCR DK . -87.35 14.09 6.14
C16 BCR DK . -88.14 14.21 7.23
C17 BCR DK . -88.79 15.45 7.60
C18 BCR DK . -89.56 15.67 8.70
C19 BCR DK . -90.12 16.99 8.87
C35 BCR DK . -85.22 13.76 3.95
C36 BCR DK . -89.86 14.63 9.73
MG CLA EK . -87.93 7.58 7.24
CHA CLA EK . -88.23 7.42 10.70
CHB CLA EK . -89.32 10.68 7.26
CHC CLA EK . -87.58 7.71 3.82
CHD CLA EK . -86.51 4.33 7.26
NA CLA EK . -88.64 8.83 8.76
C1A CLA EK . -88.67 8.59 10.14
C2A CLA EK . -89.28 9.77 10.89
C3A CLA EK . -89.63 10.77 9.76
C4A CLA EK . -89.17 10.07 8.49
CMA CLA EK . -91.12 11.06 9.72
CAA CLA EK . -88.26 10.38 11.85
CBA CLA EK . -88.30 11.90 11.84
CGA CLA EK . -87.24 12.44 12.74
O1A CLA EK . -86.02 12.30 12.68
O2A CLA EK . -87.75 13.21 13.76
NB CLA EK . -88.31 8.97 5.83
C1B CLA EK . -88.96 10.14 6.02
C2B CLA EK . -89.25 10.78 4.71
C3B CLA EK . -88.76 9.95 3.73
C4B CLA EK . -88.16 8.78 4.43
CMB CLA EK . -89.95 12.06 4.60
CAB CLA EK . -88.78 10.07 2.30
CBB CLA EK . -89.86 10.34 1.56
NC CLA EK . -87.17 6.26 5.81
C1C CLA EK . -87.12 6.52 4.47
C2C CLA EK . -86.52 5.40 3.76
C3C CLA EK . -86.23 4.44 4.73
C4C CLA EK . -86.63 4.98 6.01
CMC CLA EK . -86.31 5.34 2.31
CAC CLA EK . -85.62 3.12 4.50
CBC CLA EK . -84.11 3.17 4.58
ND CLA EK . -87.50 6.15 8.59
C1D CLA EK . -86.91 4.86 8.47
C2D CLA EK . -86.82 4.24 9.80
C3D CLA EK . -87.31 5.17 10.70
C4D CLA EK . -87.71 6.34 9.89
CMD CLA EK . -86.31 2.91 10.08
CAD CLA EK . -87.62 5.47 12.08
OBD CLA EK . -87.49 4.75 13.07
CBD CLA EK . -88.18 6.92 12.13
CGD CLA EK . -89.53 6.99 12.79
O1D CLA EK . -89.77 7.22 13.98
O2D CLA EK . -90.57 6.77 11.95
CED CLA EK . -91.56 5.82 12.34
MG CLA FK . -70.66 1.42 10.92
CHA CLA FK . -69.62 -1.27 8.99
CHB CLA FK . -70.14 -0.40 13.73
CHC CLA FK . -71.71 4.11 12.77
CHD CLA FK . -71.18 3.27 7.95
NA CLA FK . -69.97 -0.52 11.28
C1A CLA FK . -69.58 -1.50 10.34
C2A CLA FK . -69.13 -2.77 11.03
C3A CLA FK . -69.33 -2.47 12.54
C4A CLA FK . -69.84 -1.03 12.54
CMA CLA FK . -70.30 -3.41 13.19
CAA CLA FK . -67.66 -3.05 10.75
CBA CLA FK . -67.14 -4.24 11.52
CGA CLA FK . -65.67 -4.09 11.80
O1A CLA FK . -65.07 -4.24 12.86
O2A CLA FK . -64.95 -3.73 10.70
NB CLA FK . -70.84 1.80 12.88
C1B CLA FK . -70.64 0.90 13.87
C2B CLA FK . -71.03 1.50 15.17
C3B CLA FK . -71.48 2.77 14.93
C4B CLA FK . -71.37 2.98 13.46
CMB CLA FK . -70.94 0.76 16.43
CAB CLA FK . -71.98 3.77 15.83
CBB CLA FK . -71.45 4.97 16.02
NC CLA FK . -71.32 3.35 10.44
C1C CLA FK . -71.68 4.29 11.36
C2C CLA FK . -72.08 5.52 10.69
C3C CLA FK . -71.93 5.28 9.32
C4C CLA FK . -71.46 3.92 9.17
CMC CLA FK . -72.53 6.74 11.36
CAC CLA FK . -72.20 6.23 8.22
CBC CLA FK . -73.50 5.95 7.51
ND CLA FK . -70.49 1.13 8.91
C1D CLA FK . -70.73 1.97 7.80
C2D CLA FK . -70.44 1.24 6.56
C3D CLA FK . -70.01 -0.02 6.95
C4D CLA FK . -70.06 -0.03 8.43
CMD CLA FK . -70.58 1.78 5.21
CAD CLA FK . -69.55 -1.32 6.52
OBD CLA FK . -69.38 -1.75 5.39
CBD CLA FK . -69.27 -2.17 7.81
CGD CLA FK . -70.08 -3.43 7.82
O1D CLA FK . -71.20 -3.62 7.33
O2D CLA FK . -69.47 -4.47 8.46
CED CLA FK . -70.32 -5.44 9.08
C1 CLA FK . -63.54 -3.50 10.90
C2 CLA FK . -63.01 -2.94 9.63
C3 CLA FK . -61.74 -2.51 9.51
C4 CLA FK . -60.77 -2.58 10.64
C5 CLA FK . -61.24 -1.95 8.22
CAA F6C GK . -15.58 -16.27 -15.22
CAB F6C GK . -13.44 -12.49 -24.01
CAC F6C GK . -19.62 -8.21 -21.24
CAD F6C GK . -18.52 -12.45 -14.39
NA F6C GK . -15.54 -13.89 -17.93
CBA F6C GK . -15.22 -16.15 -13.75
CBB F6C GK . -14.20 -12.01 -24.99
CBC F6C GK . -20.97 -8.75 -21.63
CBD F6C GK . -17.27 -13.38 -14.46
NB F6C GK . -15.03 -12.88 -20.65
OBD F6C GK . -19.19 -12.29 -13.38
CGA F6C GK . -13.75 -16.18 -13.56
CGD F6C GK . -16.18 -12.89 -13.55
ND F6C GK . -17.79 -12.03 -17.83
CED F6C GK . -15.25 -13.03 -11.35
CHA F6C GK . -16.81 -13.39 -15.90
CHB F6C GK . -13.86 -14.74 -19.54
CHC F6C GK . -15.72 -11.20 -22.32
CHD F6C GK . -19.05 -10.17 -18.87
CMA F6C GK . -12.68 -15.83 -17.06
CMB F6C GK . -12.27 -14.84 -22.17
CMC F6C GK . -17.43 -8.88 -23.45
CMD F6C GK . -20.54 -10.13 -16.11
OMB F6C GK . -12.48 -16.04 -22.07
C1 F6C GK . -11.89 -14.81 -12.80
C1A F6C GK . -15.82 -14.09 -16.57
C1B F6C GK . -14.10 -13.86 -20.62
C1C F6C GK . -16.84 -10.65 -21.64
C1D F6C GK . -18.79 -11.02 -17.81
O1A F6C GK . -12.95 -16.96 -14.06
O1D F6C GK . -15.21 -12.20 -13.84
C2 F6C GK . -11.70 -14.10 -14.08
C2A F6C GK . -14.90 -15.18 -16.01
C2B F6C GK . -13.34 -13.88 -21.89
C2C F6C GK . -17.64 -9.54 -22.15
C2D F6C GK . -19.43 -10.99 -16.48
O2A F6C GK . -13.29 -15.18 -12.72
O2D F6C GK . -16.33 -13.29 -12.26
C3 F6C GK . -10.51 -13.77 -14.61
C3A F6C GK . -14.16 -15.74 -17.25
C3B F6C GK . -13.85 -12.89 -22.69
C3C F6C GK . -18.59 -9.25 -21.18
C3D F6C GK . -18.68 -11.85 -15.69
C4 F6C GK . -10.43 -13.06 -15.90
C4A F6C GK . -14.53 -14.72 -18.33
C4B F6C GK . -14.94 -12.23 -21.90
C4C F6C GK . -18.36 -10.18 -20.09
C4D F6C GK . -17.66 -12.46 -16.58
C5 F6C GK . -9.21 -14.10 -13.93
C6 F6C GK . -8.36 -12.88 -13.62
C7 F6C GK . -7.19 -12.71 -14.56
C8 F6C GK . -6.17 -11.70 -14.05
C9 F6C GK . -5.75 -12.04 -12.63
C10 F6C GK . -6.69 -10.27 -14.11
C11 F6C GK . -5.55 -9.28 -14.17
C12 F6C GK . -5.98 -7.85 -13.94
C13 F6C GK . -4.78 -6.92 -13.86
C14 F6C GK . -4.95 -5.89 -12.77
C15 F6C GK . -4.50 -6.25 -15.21
NC F6C GK . -17.29 -11.02 -20.40
MG F6C GK . -16.41 -12.51 -19.23
C16 F6C GK . -5.45 -5.10 -15.48
C17 F6C GK . -5.33 -4.62 -16.91
C18 F6C GK . -6.27 -3.46 -17.23
C19 F6C GK . -7.55 -3.51 -16.42
C20 F6C GK . -5.57 -2.13 -17.05
MG CLA HK . -14.76 8.41 6.89
CHA CLA HK . -11.55 7.46 7.82
CHB CLA HK . -15.25 5.36 5.47
CHC CLA HK . -17.91 9.41 5.97
CHD CLA HK . -14.23 11.53 8.47
NA CLA HK . -13.57 6.70 6.69
C1A CLA HK . -12.26 6.50 7.15
C2A CLA HK . -11.77 5.09 6.79
C3A CLA HK . -12.96 4.46 6.04
C4A CLA HK . -14.01 5.57 6.05
CMA CLA HK . -12.60 4.04 4.64
CAA CLA HK . -11.43 4.29 8.05
CBA CLA HK . -12.63 4.09 8.96
CGA CLA HK . -12.75 5.22 9.93
O1A CLA HK . -11.90 5.68 10.69
O2A CLA HK . -14.00 5.77 9.94
NB CLA HK . -16.29 7.55 5.90
C1B CLA HK . -16.29 6.29 5.40
C2B CLA HK . -17.61 6.02 4.74
C3B CLA HK . -18.37 7.17 4.88
C4B CLA HK . -17.53 8.16 5.62
CMB CLA HK . -17.91 4.75 4.11
CAB CLA HK . -19.71 7.50 4.45
CBB CLA HK . -20.70 6.63 4.22
NC CLA HK . -15.86 10.16 7.17
C1C CLA HK . -17.13 10.36 6.70
C2C CLA HK . -17.59 11.69 7.07
C3C CLA HK . -16.56 12.28 7.79
C4C CLA HK . -15.47 11.31 7.84
CMC CLA HK . -18.90 12.24 6.74
CAC CLA HK . -16.54 13.63 8.38
CBC CLA HK . -16.81 13.59 9.87
ND CLA HK . -13.28 9.34 7.90
C1D CLA HK . -13.19 10.62 8.51
C2D CLA HK . -11.87 10.78 9.12
C3D CLA HK . -11.18 9.60 8.87
C4D CLA HK . -12.12 8.74 8.12
CMD CLA HK . -11.42 11.98 9.83
CAD CLA HK . -9.95 8.86 9.06
OBD CLA HK . -8.91 9.20 9.62
CBD CLA HK . -10.15 7.47 8.40
CGD CLA HK . -9.11 7.21 7.34
O1D CLA HK . -8.92 7.83 6.29
O2D CLA HK . -8.32 6.13 7.60
CED CLA HK . -7.05 6.06 6.96
C1 CLA HK . -14.13 7.08 10.55
C2 CLA HK . -15.48 7.58 10.19
C3 CLA HK . -15.99 8.74 10.66
C4 CLA HK . -15.22 9.62 11.58
C5 CLA HK . -17.34 9.20 10.27
C6 CLA HK . -18.09 8.20 9.39
C7 CLA HK . -19.47 8.70 9.07
C8 CLA HK . -20.25 7.71 8.20
C9 CLA HK . -21.67 8.19 8.00
C10 CLA HK . -20.22 6.33 8.84
C11 CLA HK . -21.32 5.42 8.30
C12 CLA HK . -21.29 4.07 8.99
C13 CLA HK . -22.61 3.33 8.83
C14 CLA HK . -23.67 3.90 9.75
C15 CLA HK . -22.43 1.84 9.07
C16 CLA HK . -21.82 1.17 7.86
C17 CLA HK . -20.75 0.17 8.25
C18 CLA HK . -21.32 -1.07 8.90
C19 CLA HK . -22.39 -1.70 8.02
C20 CLA HK . -20.23 -2.09 9.16
MG CLA IK . -19.22 6.00 -4.47
CHA CLA IK . -18.36 7.94 -1.73
CHB CLA IK . -20.89 3.84 -2.42
CHC CLA IK . -20.06 4.13 -7.23
CHD CLA IK . -17.42 8.23 -6.55
NA CLA IK . -19.58 5.94 -2.41
C1A CLA IK . -19.14 6.84 -1.44
C2A CLA IK . -19.63 6.45 -0.05
C3A CLA IK . -20.36 5.11 -0.30
C4A CLA IK . -20.30 4.94 -1.82
CMA CLA IK . -19.68 3.97 0.42
CAA CLA IK . -20.64 7.50 0.42
CBA CLA IK . -21.97 7.36 -0.29
CGA CLA IK . -22.60 8.69 -0.58
O1A CLA IK . -22.52 9.73 0.08
O2A CLA IK . -23.34 8.71 -1.73
NB CLA IK . -20.24 4.28 -4.76
C1B CLA IK . -20.89 3.58 -3.80
C2B CLA IK . -21.60 2.42 -4.42
C3B CLA IK . -21.37 2.49 -5.77
C4B CLA IK . -20.51 3.69 -6.01
CMB CLA IK . -22.39 1.46 -3.65
CAB CLA IK . -21.83 1.65 -6.83
CBB CLA IK . -21.27 0.50 -7.19
NC CLA IK . -18.82 6.17 -6.51
C1C CLA IK . -19.28 5.30 -7.46
C2C CLA IK . -18.84 5.72 -8.79
C3C CLA IK . -18.08 6.88 -8.59
C4C CLA IK . -18.07 7.15 -7.16
CMC CLA IK . -19.16 5.04 -10.03
CAC CLA IK . -17.42 7.68 -9.62
CBC CLA IK . -18.18 8.96 -9.90
ND CLA IK . -18.21 7.74 -4.27
C1D CLA IK . -17.47 8.52 -5.20
C2D CLA IK . -16.80 9.63 -4.47
C3D CLA IK . -17.11 9.45 -3.13
C4D CLA IK . -17.97 8.26 -3.07
CMD CLA IK . -15.98 10.66 -5.09
CAD CLA IK . -16.97 9.97 -1.79
OBD CLA IK . -16.42 10.98 -1.40
CBD CLA IK . -17.68 8.95 -0.84
CGD CLA IK . -16.67 8.24 0.01
O1D CLA IK . -15.69 7.60 -0.38
O2D CLA IK . -16.88 8.33 1.35
CED CLA IK . -16.05 7.52 2.17
C1 CLA IK . -24.02 9.95 -2.03
C2 CLA IK . -24.93 9.69 -3.19
C3 CLA IK . -25.26 10.64 -4.08
C4 CLA IK . -24.71 12.02 -3.99
C5 CLA IK . -26.16 10.36 -5.22
C6 CLA IK . -27.57 9.95 -4.81
C7 CLA IK . -28.25 11.03 -4.01
C8 CLA IK . -29.78 10.97 -4.13
C9 CLA IK . -30.36 12.37 -4.12
C10 CLA IK . -30.38 10.10 -3.03
C11 CLA IK . -31.80 10.49 -2.68
C12 CLA IK . -32.53 9.37 -1.97
C13 CLA IK . -33.55 9.89 -0.97
C14 CLA IK . -34.45 8.78 -0.48
C15 CLA IK . -34.39 11.04 -1.55
CAA F6C JK . -20.62 -10.21 4.09
CAB F6C JK . -24.48 -6.98 -3.89
CAC F6C JK . -22.50 -0.47 0.24
CAD F6C JK . -18.90 -5.76 5.35
NA F6C JK . -20.87 -7.94 1.51
CBA F6C JK . -20.15 -11.61 4.43
CBB F6C JK . -24.43 -7.56 -5.09
CBC F6C JK . -21.23 0.23 -0.17
CBD F6C JK . -18.98 -7.22 4.84
NB F6C JK . -22.31 -6.96 -0.87
OBD F6C JK . -18.35 -5.43 6.40
CGA F6C JK . -20.81 -12.06 5.70
CGD F6C JK . -17.60 -7.78 4.59
ND F6C JK . -20.76 -5.13 2.38
CED F6C JK . -15.72 -8.87 5.54
CHA F6C JK . -19.78 -7.19 3.56
CHB F6C JK . -21.79 -9.30 -0.32
CHC F6C JK . -23.25 -4.95 -1.97
CHD F6C JK . -21.22 -2.77 1.96
CMA F6C JK . -19.42 -11.00 0.78
CMB F6C JK . -23.51 -9.90 -2.78
CMC F6C JK . -23.77 -1.92 -2.31
CMD F6C JK . -19.67 -2.38 4.69
OMB F6C JK . -24.49 -10.51 -2.37
C1 F6C JK . -18.63 -11.82 6.71
C1A F6C JK . -20.17 -8.18 2.70
C1B F6C JK . -22.39 -8.29 -1.09
C1C F6C JK . -22.81 -3.96 -1.04
C1D F6C JK . -20.67 -3.77 2.74
O1A F6C JK . -22.01 -12.15 5.93
O1D F6C JK . -16.90 -7.62 3.58
C2 F6C JK . -18.75 -10.57 7.51
C2A F6C JK . -19.90 -9.68 2.88
C2B F6C JK . -23.23 -8.55 -2.30
C2C F6C JK . -23.05 -2.53 -1.20
C2D F6C JK . -19.93 -3.64 4.01
O2A F6C JK . -19.93 -12.44 6.68
O2D F6C JK . -17.11 -8.54 5.60
C3 F6C JK . -17.77 -10.14 8.33
C3A F6C JK . -20.48 -10.31 1.59
C3B F6C JK . -23.65 -7.32 -2.76
C3C F6C JK . -22.50 -1.91 -0.07
C3D F6C JK . -19.57 -4.92 4.38
C4 F6C JK . -16.50 -10.89 8.48
C4A F6C JK . -21.11 -9.11 0.86
C4B F6C JK . -23.06 -6.29 -1.86
C4C F6C JK . -21.90 -2.97 0.74
C4D F6C JK . -20.09 -5.82 3.32
C5 F6C JK . -17.93 -8.87 9.10
C6 F6C JK . -17.14 -8.86 10.39
C7 F6C JK . -17.22 -7.51 11.06
C8 F6C JK . -16.63 -6.41 10.18
C9 F6C JK . -15.12 -6.49 10.18
C10 F6C JK . -17.07 -5.03 10.66
C11 F6C JK . -17.18 -4.05 9.52
C12 F6C JK . -16.12 -2.98 9.59
C13 F6C JK . -16.55 -1.73 8.84
C14 F6C JK . -16.43 -1.92 7.35
C15 F6C JK . -15.77 -0.50 9.29
NC F6C JK . -22.12 -4.20 0.12
MG F6C JK . -21.52 -6.09 0.77
C16 F6C JK . -16.59 0.76 9.12
C17 F6C JK . -15.74 2.00 9.26
C18 F6C JK . -16.57 3.28 9.26
C19 F6C JK . -17.62 3.27 8.17
C20 F6C JK . -17.23 3.48 10.61
C1 BCR KK . -11.26 3.41 -33.61
C2 BCR KK . -10.87 3.96 -34.98
C3 BCR KK . -9.98 5.19 -34.87
C4 BCR KK . -10.75 6.30 -34.16
C5 BCR KK . -11.53 5.84 -32.96
C6 BCR KK . -11.73 4.54 -32.68
C7 BCR KK . -12.35 4.09 -31.43
C8 BCR KK . -11.83 4.22 -30.20
C9 BCR KK . -12.44 3.79 -28.96
C10 BCR KK . -12.15 4.50 -27.84
C11 BCR KK . -12.62 4.28 -26.50
C33 BCR KK . -12.32 6.97 -32.35
C31 BCR KK . -10.07 2.67 -32.99
C32 BCR KK . -12.39 2.40 -33.84
C34 BCR KK . -13.34 2.58 -28.98
C12 BCR KK . -12.28 5.09 -25.48
C13 BCR KK . -12.70 4.96 -24.10
C14 BCR KK . -12.29 5.90 -23.21
C15 BCR KK . -12.60 5.96 -21.81
C16 BCR KK . -12.20 6.98 -21.01
C17 BCR KK . -12.52 7.03 -19.62
C18 BCR KK . -12.35 8.08 -18.76
C19 BCR KK . -12.78 7.91 -17.39
C20 BCR KK . -12.68 8.82 -16.41
C21 BCR KK . -13.13 8.56 -15.07
C22 BCR KK . -13.35 9.47 -14.08
C23 BCR KK . -13.83 8.99 -12.80
C24 BCR KK . -13.29 9.25 -11.60
C25 BCR KK . -13.75 8.78 -10.29
C26 BCR KK . -13.77 7.48 -9.92
C27 BCR KK . -13.60 7.05 -8.49
C28 BCR KK . -13.04 8.13 -7.59
C29 BCR KK . -13.81 9.41 -7.82
C30 BCR KK . -13.75 9.92 -9.25
C35 BCR KK . -13.57 3.80 -23.74
C36 BCR KK . -11.76 9.39 -19.16
C37 BCR KK . -13.14 10.95 -14.24
C38 BCR KK . -14.24 6.34 -10.78
C39 BCR KK . -12.50 10.79 -9.44
C40 BCR KK . -14.97 10.81 -9.46
C1 LMG LK . -19.89 -17.94 3.98
O1 LMG LK . -21.22 -17.69 3.71
C2 LMG LK . -19.66 -19.44 3.98
O2 LMG LK . -20.44 -19.99 5.02
C3 LMG LK . -18.17 -19.67 4.22
O3 LMG LK . -17.96 -21.06 4.28
C4 LMG LK . -17.35 -18.98 3.13
O4 LMG LK . -17.67 -19.58 1.90
C5 LMG LK . -17.72 -17.49 3.15
O5 LMG LK . -15.72 -17.12 1.95
C6 LMG LK . -17.06 -16.70 2.03
O6 LMG LK . -19.11 -17.33 2.98
C7 LMG LK . -21.65 -16.38 4.00
C8 LMG LK . -23.00 -16.50 4.70
C9 LMG LK . -22.91 -16.81 6.19
O7 LMG LK . -23.61 -15.22 4.51
C10 LMG LK . -24.09 -14.89 3.31
O9 LMG LK . -24.35 -15.68 2.44
C11 LMG LK . -24.23 -13.40 3.19
C12 LMG LK . -25.32 -13.02 2.18
C13 LMG LK . -25.06 -11.66 1.53
C14 LMG LK . -24.96 -10.54 2.54
C15 LMG LK . -24.86 -9.16 1.89
C16 LMG LK . -24.61 -8.05 2.91
C17 LMG LK . -24.66 -6.66 2.30
C18 LMG LK . -24.43 -5.53 3.31
C19 LMG LK . -24.59 -4.14 2.71
C20 LMG LK . -24.91 -3.08 3.76
C21 LMG LK . -23.69 -2.69 4.59
C22 LMG LK . -23.35 -1.21 4.49
C23 LMG LK . -24.52 -0.28 4.87
O8 LMG LK . -22.39 -18.12 6.37
C28 LMG LK . -22.89 -18.87 7.35
O10 LMG LK . -24.00 -18.73 7.80
C29 LMG LK . -21.89 -19.90 7.83
C30 LMG LK . -22.22 -20.55 9.15
C31 LMG LK . -21.43 -19.97 10.34
C32 LMG LK . -22.22 -18.93 11.12
C33 LMG LK . -22.04 -17.49 10.62
C34 LMG LK . -22.89 -16.45 11.34
C35 LMG LK . -22.37 -15.04 11.15
C36 LMG LK . -22.97 -14.32 9.95
C37 LMG LK . -23.19 -12.82 10.18
C38 LMG LK . -23.34 -12.00 8.91
C39 LMG LK . -23.19 -10.50 9.18
C40 LMG LK . -22.77 -9.71 7.95
C41 LMG LK . -22.79 -8.20 8.15
C42 LMG LK . -22.38 -7.43 6.90
C43 LMG LK . -22.43 -5.92 7.05
C44 LMG LK . -21.49 -5.37 8.12
O1 LHG MK . -23.06 22.45 7.70
C1 LHG MK . -22.41 22.25 6.47
C2 LHG MK . -20.91 22.43 6.65
O2 LHG MK . -20.30 22.34 5.39
C3 LHG MK . -20.35 21.43 7.65
O3 LHG MK . -19.02 21.74 8.02
P LHG MK . -18.52 21.56 9.57
O4 LHG MK . -19.15 22.61 10.43
O5 LHG MK . -17.04 21.32 9.62
O6 LHG MK . -19.33 20.16 9.89
C4 LHG MK . -19.62 19.79 11.23
C5 LHG MK . -19.39 18.29 11.35
C6 LHG MK . -19.63 17.75 12.75
O7 LHG MK . -20.32 17.69 10.45
C7 LHG MK . -20.15 16.42 10.08
O9 LHG MK . -19.07 15.94 9.87
C8 LHG MK . -21.45 15.67 9.95
C9 LHG MK . -21.36 14.17 9.62
C10 LHG MK . -22.71 13.61 9.18
O8 LHG MK . -21.04 17.79 12.98
C23 LHG MK . -21.47 17.96 14.21
O10 LHG MK . -21.77 19.04 14.67
C24 LHG MK . -21.56 16.65 14.95
C11 LHG MK . -22.63 12.11 8.85
C12 LHG MK . -22.67 11.21 10.08
C13 LHG MK . -24.03 11.14 10.75
C14 LHG MK . -25.13 10.54 9.87
C15 LHG MK . -25.00 9.03 9.66
C16 LHG MK . -25.90 8.19 10.55
C17 LHG MK . -25.21 6.96 11.10
C18 LHG MK . -24.56 7.19 12.46
C19 LHG MK . -23.63 6.06 12.89
C20 LHG MK . -22.18 6.28 12.43
C21 LHG MK . -21.49 7.45 13.11
C22 LHG MK . -20.08 7.72 12.60
C25 LHG MK . -22.34 16.75 16.25
C26 LHG MK . -22.44 15.43 17.01
C27 LHG MK . -23.48 15.47 18.13
C28 LHG MK . -23.29 14.37 19.17
C29 LHG MK . -23.78 12.99 18.73
C30 LHG MK . -23.76 11.95 19.84
C31 LHG MK . -24.58 10.71 19.52
C32 LHG MK . -25.77 10.54 20.45
C33 LHG MK . -26.63 9.33 20.12
C34 LHG MK . -27.55 8.93 21.27
C35 LHG MK . -28.69 8.00 20.86
C36 LHG MK . -28.22 6.78 20.08
C37 LHG MK . -29.33 5.82 19.68
C38 LHG MK . -28.96 4.86 18.56
C1 LFA NK . -27.80 -16.62 -2.78
C2 LFA NK . -27.77 -15.49 -1.74
C3 LFA NK . -28.15 -14.14 -2.34
C4 LFA NK . -27.81 -12.97 -1.43
C5 LFA NK . -28.05 -11.60 -2.09
C6 LFA NK . -27.42 -10.45 -1.31
C7 LFA NK . -27.74 -9.08 -1.89
C8 LFA NK . -26.99 -7.96 -1.17
C9 LFA NK . -27.42 -6.56 -1.58
C10 LFA NK . -26.69 -5.48 -0.81
C11 LFA NK . -27.22 -4.07 -1.05
C12 LFA NK . -26.55 -3.03 -0.15
C13 LFA NK . -27.17 -1.65 -0.25
C14 LFA NK . -26.58 -0.67 0.77
C15 LFA NK . -27.18 0.73 0.69
C1 BCR OK . -26.86 4.05 5.70
C2 BCR OK . -27.72 4.88 6.67
C3 BCR OK . -28.17 6.19 6.08
C4 BCR OK . -26.97 7.02 5.70
C5 BCR OK . -25.91 6.26 4.95
C6 BCR OK . -25.80 4.93 5.04
C7 BCR OK . -24.85 4.19 4.18
C8 BCR OK . -23.59 3.90 4.49
C9 BCR OK . -22.63 3.19 3.67
C10 BCR OK . -21.53 2.69 4.27
C11 BCR OK . -20.45 1.99 3.65
C33 BCR OK . -25.33 7.08 3.83
C31 BCR OK . -27.75 3.41 4.63
C32 BCR OK . -26.21 2.93 6.52
C34 BCR OK . -22.92 3.06 2.20
C12 BCR OK . -19.36 1.60 4.35
C13 BCR OK . -18.21 0.91 3.79
C14 BCR OK . -17.08 0.92 4.52
C15 BCR OK . -15.81 0.36 4.20
C16 BCR OK . -14.72 0.59 4.98
C17 BCR OK . -13.43 0.07 4.67
C18 BCR OK . -12.35 0.00 5.50
C19 BCR OK . -11.14 -0.55 4.95
C20 BCR OK . -9.94 -0.52 5.54
C21 BCR OK . -8.78 -1.09 4.90
C22 BCR OK . -7.60 -1.44 5.48
C23 BCR OK . -6.60 -1.98 4.59
C24 BCR OK . -5.34 -2.30 4.95
C25 BCR OK . -4.32 -2.85 4.05
C26 BCR OK . -3.60 -2.09 3.20
C27 BCR OK . -2.39 -2.62 2.48
C28 BCR OK . -1.82 -3.89 3.09
C29 BCR OK . -2.95 -4.86 3.38
C30 BCR OK . -3.97 -4.31 4.37
C35 BCR OK . -18.34 0.25 2.45
C36 BCR OK . -12.36 0.44 6.93
C37 BCR OK . -7.30 -1.33 6.94
C38 BCR OK . -3.72 -0.60 3.09
C39 BCR OK . -3.45 -4.37 5.81
C40 BCR OK . -5.22 -5.19 4.29
CA CA PK . -19.22 -22.43 -10.77
O1 LHG QK . 6.20 13.17 -36.49
C1 LHG QK . 6.00 12.92 -35.12
C2 LHG QK . 5.60 14.19 -34.40
O2 LHG QK . 5.93 14.06 -33.04
C3 LHG QK . 4.13 14.53 -34.62
O3 LHG QK . 3.77 14.47 -36.01
P LHG QK . 2.29 13.94 -36.46
O4 LHG QK . 2.28 13.79 -37.96
O5 LHG QK . 1.22 14.69 -35.75
O6 LHG QK . 2.43 12.42 -35.86
C4 LHG QK . 3.02 11.38 -36.61
C5 LHG QK . 2.75 10.08 -35.86
C6 LHG QK . 3.41 10.03 -34.48
O7 LHG QK . 1.33 10.04 -35.72
C7 LHG QK . 0.72 8.93 -35.33
O9 LHG QK . 0.17 8.83 -34.26
C8 LHG QK . 0.80 7.81 -36.34
C9 LHG QK . -0.49 7.37 -37.01
C10 LHG QK . -1.50 6.77 -36.04
O8 LHG QK . 3.52 8.66 -34.11
C23 LHG QK . 3.76 8.39 -32.83
O10 LHG QK . 3.83 9.24 -31.98
C24 LHG QK . 3.91 6.90 -32.60
C11 LHG QK . -1.26 5.28 -35.79
C12 LHG QK . -1.47 4.42 -37.03
C13 LHG QK . -1.86 2.98 -36.72
C14 LHG QK . -1.01 2.33 -35.63
C15 LHG QK . -0.27 1.08 -36.09
C16 LHG QK . -1.15 0.07 -36.82
C17 LHG QK . -0.42 -1.24 -37.10
C18 LHG QK . -0.07 -2.02 -35.85
C19 LHG QK . 0.80 -3.24 -36.12
C20 LHG QK . 1.24 -3.96 -34.85
C21 LHG QK . 2.39 -4.94 -35.05
C22 LHG QK . 2.89 -5.61 -33.78
C25 LHG QK . 2.80 6.09 -33.24
C26 LHG QK . 1.74 5.61 -32.25
C27 LHG QK . 2.32 4.71 -31.16
C28 LHG QK . 1.42 3.50 -30.88
C29 LHG QK . 0.97 2.76 -32.14
C30 LHG QK . 0.51 1.33 -31.90
C31 LHG QK . -0.46 1.19 -30.72
C32 LHG QK . -1.39 -0.01 -30.85
C33 LHG QK . -0.67 -1.29 -31.22
C34 LHG QK . -1.59 -2.33 -31.84
C35 LHG QK . -2.70 -2.83 -30.91
C36 LHG QK . -2.22 -3.93 -29.98
C37 LHG QK . -1.81 -5.23 -30.68
C38 LHG QK . -1.42 -6.36 -29.75
C1 BCR RK . -4.26 -0.74 -40.26
C2 BCR RK . -4.43 0.78 -40.08
C3 BCR RK . -4.57 1.53 -41.39
C4 BCR RK . -3.34 1.31 -42.24
C5 BCR RK . -2.92 -0.13 -42.32
C6 BCR RK . -3.24 -1.03 -41.38
C7 BCR RK . -2.43 -2.24 -41.21
C8 BCR RK . -2.80 -3.53 -41.24
C9 BCR RK . -1.87 -4.62 -41.06
C10 BCR RK . -1.62 -5.10 -39.81
C11 BCR RK . -0.70 -6.16 -39.48
C33 BCR RK . -1.91 -0.37 -43.41
C31 BCR RK . -5.61 -1.37 -40.62
C32 BCR RK . -3.80 -1.27 -38.91
C34 BCR RK . -1.19 -5.14 -42.29
C12 BCR RK . -0.55 -6.69 -38.26
C13 BCR RK . 0.40 -7.74 -37.95
C14 BCR RK . 0.76 -7.94 -36.65
C15 BCR RK . 1.69 -8.88 -36.14
C16 BCR RK . 1.81 -9.21 -34.83
C17 BCR RK . 2.79 -10.13 -34.36
C18 BCR RK . 2.98 -10.63 -33.10
C19 BCR RK . 4.09 -11.53 -32.90
C20 BCR RK . 4.74 -11.71 -31.73
C21 BCR RK . 5.86 -12.59 -31.58
C22 BCR RK . 6.53 -12.88 -30.44
C23 BCR RK . 7.66 -13.79 -30.53
C24 BCR RK . 8.29 -14.39 -29.51
C25 BCR RK . 9.43 -15.30 -29.60
C26 BCR RK . 9.31 -16.61 -29.95
C27 BCR RK . 10.49 -17.55 -29.99
C28 BCR RK . 11.83 -16.86 -29.92
C29 BCR RK . 11.79 -15.79 -28.84
C30 BCR RK . 10.76 -14.70 -29.15
C35 BCR RK . 0.97 -8.53 -39.08
C36 BCR RK . 2.11 -10.28 -31.93
C37 BCR RK . 6.20 -12.31 -29.10
C38 BCR RK . 8.06 -17.22 -30.51
C39 BCR RK . 11.31 -13.76 -30.24
C40 BCR RK . 10.57 -13.89 -27.86
O1 LHG SK . -33.00 7.28 -86.16
C1 LHG SK . -32.15 7.91 -87.09
C2 LHG SK . -30.82 8.23 -86.43
O2 LHG SK . -30.17 7.03 -86.13
C3 LHG SK . -31.04 9.11 -85.20
O3 LHG SK . -29.80 9.58 -84.67
P LHG SK . -28.93 8.68 -83.62
O4 LHG SK . -28.31 9.60 -82.60
O5 LHG SK . -28.08 7.68 -84.35
O6 LHG SK . -30.16 7.92 -82.86
C4 LHG SK . -30.27 6.51 -82.88
C5 LHG SK . -29.87 5.99 -81.50
C6 LHG SK . -30.69 6.56 -80.35
O7 LHG SK . -30.08 4.57 -81.57
C7 LHG SK . -29.12 3.77 -82.03
O9 LHG SK . -28.11 4.17 -82.55
C8 LHG SK . -29.45 2.32 -81.85
C9 LHG SK . -29.06 1.68 -80.52
C10 LHG SK . -29.45 0.20 -80.44
O8 LHG SK . -31.54 5.53 -79.85
C23 LHG SK . -31.21 4.95 -78.70
O10 LHG SK . -30.07 4.84 -78.33
C24 LHG SK . -32.43 4.47 -77.96
C11 LHG SK . -29.77 -0.24 -79.02
C12 LHG SK . -29.57 -1.73 -78.79
C13 LHG SK . -28.18 -2.24 -79.15
C14 LHG SK . -28.00 -3.75 -78.99
C15 LHG SK . -27.09 -4.37 -80.05
C16 LHG SK . -27.16 -5.89 -80.11
C17 LHG SK . -26.48 -6.46 -81.35
C25 LHG SK . -32.33 3.03 -77.49
C26 LHG SK . -32.35 2.88 -75.97
C27 LHG SK . -33.75 2.64 -75.41
C28 LHG SK . -33.90 1.25 -74.80
C29 LHG SK . -35.29 0.95 -74.24
C30 LHG SK . -35.46 -0.48 -73.72
C31 LHG SK . -34.90 -0.70 -72.33
C32 LHG SK . -35.48 -1.93 -71.64
C33 LHG SK . -34.63 -3.18 -71.76
C34 LHG SK . -33.74 -3.40 -70.54
C35 LHG SK . -32.97 -4.72 -70.57
C36 LHG SK . -33.88 -5.93 -70.75
C37 LHG SK . -33.14 -7.27 -70.77
C38 LHG SK . -34.06 -8.47 -71.03
MG CLA TK . -40.20 -10.70 -76.89
CHA CLA TK . -40.23 -14.07 -76.06
CHB CLA TK . -42.57 -11.26 -79.26
CHC CLA TK . -40.20 -7.34 -77.61
CHD CLA TK . -37.68 -10.17 -74.45
NA CLA TK . -41.22 -12.40 -77.53
C1A CLA TK . -41.11 -13.72 -77.05
C2A CLA TK . -42.04 -14.67 -77.81
C3A CLA TK . -42.71 -13.76 -78.86
C4A CLA TK . -42.15 -12.37 -78.54
CMA CLA TK . -42.39 -14.18 -80.27
CAA CLA TK . -43.08 -15.27 -76.88
CBA CLA TK . -44.21 -15.93 -77.64
CGA CLA TK . -44.94 -16.89 -76.75
O1A CLA TK . -44.47 -17.80 -76.06
O2A CLA TK . -46.29 -16.71 -76.75
NB CLA TK . -41.19 -9.53 -78.19
C1B CLA TK . -42.14 -9.94 -79.07
C2B CLA TK . -42.65 -8.78 -79.85
C3B CLA TK . -41.99 -7.67 -79.38
C4B CLA TK . -41.04 -8.13 -78.32
CMB CLA TK . -43.68 -8.91 -80.87
CAB CLA TK . -42.08 -6.28 -79.76
CBB CLA TK . -42.17 -5.82 -81.01
NC CLA TK . -39.14 -9.06 -76.15
C1C CLA TK . -39.30 -7.77 -76.58
C2C CLA TK . -38.41 -6.88 -75.84
C3C CLA TK . -37.70 -7.68 -74.96
C4C CLA TK . -38.15 -9.05 -75.16
CMC CLA TK . -38.33 -5.43 -76.03
CAC CLA TK . -36.67 -7.24 -73.99
CBC CLA TK . -37.22 -7.11 -72.59
ND CLA TK . -39.17 -11.80 -75.54
C1D CLA TK . -38.15 -11.46 -74.61
C2D CLA TK . -37.71 -12.69 -73.91
C3D CLA TK . -38.50 -13.71 -74.40
C4D CLA TK . -39.38 -13.11 -75.43
CMD CLA TK . -36.67 -12.73 -72.89
CAD CLA TK . -38.80 -15.13 -74.35
OBD CLA TK . -38.34 -16.00 -73.62
CBD CLA TK . -39.90 -15.40 -75.43
CGD CLA TK . -39.45 -16.41 -76.45
O1D CLA TK . -38.80 -16.19 -77.47
O2D CLA TK . -39.81 -17.69 -76.16
CED CLA TK . -38.82 -18.70 -76.33
C1 CLA TK . -47.03 -17.40 -75.73
C2 CLA TK . -47.75 -18.52 -76.39
C3 CLA TK . -48.94 -18.37 -76.99
C4 CLA TK . -49.64 -19.49 -77.64
C5 CLA TK . -49.63 -17.04 -77.01
C6 CLA TK . -49.88 -16.54 -78.42
C7 CLA TK . -48.58 -16.20 -79.12
C8 CLA TK . -48.80 -15.54 -80.47
C9 CLA TK . -49.70 -16.40 -81.34
C10 CLA TK . -47.48 -15.29 -81.18
MG CL0 UK . -14.21 -3.94 56.54
CHA CL0 UK . -10.84 -3.30 57.05
CHB CL0 UK . -14.74 -0.63 55.96
CHC CL0 UK . -17.43 -4.69 55.63
CHD CL0 UK . -13.60 -7.37 57.15
NA CL0 UK . -12.98 -2.26 56.58
C1A CL0 UK . -11.59 -2.20 56.78
C2A CL0 UK . -11.11 -0.76 56.72
C3A CL0 UK . -12.43 0.04 56.77
C4A CL0 UK . -13.47 -1.01 56.39
CMA CL0 UK . -12.67 0.50 58.18
CAA CL0 UK . -10.38 -0.49 55.41
CBA CL0 UK . -9.79 0.90 55.36
CGA CL0 UK . -9.14 1.15 54.03
O1A CL0 UK . -8.74 2.22 53.56
O2A CL0 UK . -8.98 0.02 53.28
NB CL0 UK . -15.79 -2.86 55.93
C1B CL0 UK . -15.78 -1.53 55.65
C2B CL0 UK . -17.07 -1.15 54.98
C3B CL0 UK . -17.82 -2.30 54.89
C4B CL0 UK . -17.03 -3.40 55.51
CMB CL0 UK . -17.38 0.22 54.55
CAB CL0 UK . -19.14 -2.52 54.37
CBB CL0 UK . -20.21 -1.77 54.61
NC CL0 UK . -15.33 -5.70 56.49
C1C CL0 UK . -16.64 -5.77 56.11
C2C CL0 UK . -17.12 -7.15 56.20
C3C CL0 UK . -16.02 -7.92 56.60
C4C CL0 UK . -14.90 -6.99 56.78
CMC CL0 UK . -18.47 -7.59 55.89
CAC CL0 UK . -15.99 -9.36 56.84
CBC CL0 UK . -16.36 -9.70 58.26
ND CL0 UK . -12.66 -5.10 57.13
C1D CL0 UK . -12.54 -6.50 57.31
C2D CL0 UK . -11.13 -6.82 57.66
C3D CL0 UK . -10.44 -5.64 57.58
C4D CL0 UK . -11.42 -4.59 57.22
CMD CL0 UK . -10.65 -8.16 57.97
CAD CL0 UK . -9.16 -4.96 57.75
OBD CL0 UK . -8.09 -5.42 58.16
CBD CL0 UK . -9.35 -3.48 57.32
CGD CL0 UK . -8.53 -3.20 56.09
O1D CL0 UK . -8.63 -3.72 54.98
O2D CL0 UK . -7.58 -2.24 56.27
CED CL0 UK . -6.64 -2.04 55.21
C1 CL0 UK . -8.05 0.09 52.17
C2 CL0 UK . -8.35 -1.06 51.30
C3 CL0 UK . -7.44 -1.99 50.98
C4 CL0 UK . -6.04 -1.94 51.48
C5 CL0 UK . -7.80 -3.14 50.10
C6 CL0 UK . -7.74 -4.47 50.83
C7 CL0 UK . -8.73 -5.46 50.25
C8 CL0 UK . -8.46 -5.76 48.78
C9 CL0 UK . -9.55 -6.65 48.22
C10 CL0 UK . -7.10 -6.42 48.60
C11 CL0 UK . -6.68 -6.44 47.15
C12 CL0 UK . -5.27 -6.96 46.97
C13 CL0 UK . -4.57 -6.27 45.82
C14 CL0 UK . -3.31 -7.02 45.42
C15 CL0 UK . -4.23 -4.83 46.18
C16 CL0 UK . -3.93 -3.99 44.95
C17 CL0 UK . -4.31 -2.54 45.15
C18 CL0 UK . -3.27 -1.78 45.95
C19 CL0 UK . -2.75 -0.60 45.17
C20 CL0 UK . -3.86 -1.31 47.27
CAA F6C VK . -11.41 -1.87 44.91
CAB F6C VK . -4.51 3.69 43.78
CAC F6C VK . -7.02 5.76 50.91
CAD F6C VK . -12.64 0.00 49.35
NA F6C VK . -8.84 -0.25 46.40
CBA F6C VK . -12.09 -3.15 44.49
CBB F6C VK . -3.93 3.73 42.58
CBC F6C VK . -6.39 5.19 52.15
CBD F6C VK . -12.13 -1.03 48.30
NB F6C VK . -6.44 1.42 46.01
OBD F6C VK . -13.77 -0.02 49.80
CGA F6C VK . -11.50 -3.65 43.21
CGD F6C VK . -11.94 -2.39 48.92
ND F6C VK . -9.54 1.56 48.60
CED F6C VK . -13.14 -4.37 49.41
CHA F6C VK . -10.83 -0.49 47.76
CHB F6C VK . -7.15 -0.49 44.64
CHC F6C VK . -5.40 3.58 46.67
CHD F6C VK . -8.91 3.39 50.10
CMA F6C VK . -8.08 -3.42 45.57
CMB F6C VK . -5.69 0.92 42.41
CMC F6C VK . -4.72 5.81 48.69
CMD F6C VK . -11.67 2.65 51.49
OMB F6C VK . -4.64 0.42 42.01
C1 F6C VK . -11.62 -5.34 41.52
C1A F6C VK . -10.02 -0.91 46.75
C1B F6C VK . -6.50 0.74 44.84
C1C F6C VK . -6.14 3.81 47.87
C1D F6C VK . -9.76 2.37 49.73
O1A F6C VK . -10.61 -3.13 42.51
O1D F6C VK . -11.08 -2.73 49.73
C2 F6C VK . -12.36 -4.62 40.45
C2A F6C VK . -10.25 -2.13 45.86
C2B F6C VK . -5.78 1.45 43.76
C2C F6C VK . -5.85 4.89 48.80
C2D F6C VK . -11.05 1.97 50.35
O2A F6C VK . -12.05 -4.82 42.78
O2D F6C VK . -12.84 -3.32 48.50
C3 F6C VK . -12.87 -5.24 39.37
C3A F6C VK . -8.91 -2.25 45.09
C3B F6C VK . -5.28 2.61 44.32
C3C F6C VK . -6.88 4.87 49.75
C3D F6C VK . -11.55 0.94 49.58
C4 F6C VK . -12.73 -6.69 39.16
C4A F6C VK . -8.24 -0.92 45.37
C4B F6C VK . -5.68 2.59 45.76
C4C F6C VK . -7.74 3.75 49.41
C4D F6C VK . -10.53 0.67 48.54
C5 F6C VK . -13.59 -4.47 38.33
C6 F6C VK . -12.70 -4.20 37.13
C7 F6C VK . -13.28 -3.12 36.25
C8 F6C VK . -12.37 -2.82 35.07
C9 F6C VK . -11.00 -2.36 35.56
C10 F6C VK . -12.98 -1.77 34.15
C11 F6C VK . -12.43 -1.88 32.75
C12 F6C VK . -13.12 -0.94 31.80
C13 F6C VK . -14.53 -1.40 31.48
C14 F6C VK . -14.57 -2.86 31.11
C15 F6C VK . -15.15 -0.56 30.36
NC F6C VK . -7.25 3.13 48.26
MG F6C VK . -8.01 1.46 47.28
C16 F6C VK . -16.50 -1.08 29.94
C17 F6C VK . -17.38 0.01 29.35
C18 F6C VK . -17.68 -0.25 27.89
C19 F6C VK . -18.46 -1.53 27.71
C20 F6C VK . -18.48 0.91 27.32
MG CLA WK . -22.11 13.04 60.04
CHA CLA WK . -24.24 15.49 61.27
CHB CLA WK . -22.16 11.50 63.07
CHC CLA WK . -20.36 10.43 58.67
CHD CLA WK . -22.16 14.65 56.89
NA CLA WK . -22.99 13.49 61.87
C1A CLA WK . -23.87 14.53 62.17
C2A CLA WK . -24.29 14.49 63.64
C3A CLA WK . -23.37 13.39 64.23
C4A CLA WK . -22.79 12.72 62.98
CMA CLA WK . -22.28 14.01 65.08
CAA CLA WK . -25.77 14.12 63.71
CBA CLA WK . -26.02 12.78 64.39
CGA CLA WK . -25.98 12.96 65.87
O1A CLA WK . -26.07 14.01 66.50
O2A CLA WK . -25.81 11.80 66.56
NB CLA WK . -21.37 11.29 60.74
C1B CLA WK . -21.58 10.81 61.99
C2B CLA WK . -21.08 9.41 62.07
C3B CLA WK . -20.56 9.10 60.84
C4B CLA WK . -20.74 10.30 59.97
CMB CLA WK . -21.15 8.64 63.31
CAB CLA WK . -19.93 7.90 60.32
CBB CLA WK . -19.84 6.72 60.93
NC CLA WK . -21.32 12.66 58.14
C1C CLA WK . -20.61 11.55 57.81
C2C CLA WK . -20.19 11.62 56.43
C3C CLA WK . -20.74 12.79 55.90
C4C CLA WK . -21.46 13.43 57.00
CMC CLA WK . -19.37 10.64 55.73
CAC CLA WK . -20.61 13.31 54.54
CBC CLA WK . -19.58 14.43 54.47
ND CLA WK . -22.82 14.76 59.26
C1D CLA WK . -22.81 15.28 57.94
C2D CLA WK . -23.58 16.54 57.90
C3D CLA WK . -24.16 16.66 59.15
C4D CLA WK . -23.68 15.51 59.95
CMD CLA WK . -23.71 17.39 56.72
CAD CLA WK . -24.98 17.48 60.03
OBD CLA WK . -25.46 18.59 59.85
CBD CLA WK . -25.17 16.68 61.35
CGD CLA WK . -24.97 17.50 62.60
O1D CLA WK . -23.94 17.98 63.05
O2D CLA WK . -26.14 17.70 63.29
CED CLA WK . -26.04 18.12 64.65
C1 CLA WK . -25.21 11.93 67.87
C2 CLA WK . -23.74 12.04 67.68
C3 CLA WK . -22.97 11.00 67.32
C4 CLA WK . -23.52 9.65 67.08
C5 CLA WK . -21.50 11.18 67.13
C6 CLA WK . -20.69 10.19 67.95
C7 CLA WK . -20.63 10.60 69.40
C8 CLA WK . -19.56 9.81 70.15
C9 CLA WK . -19.77 8.32 69.95
C10 CLA WK . -19.54 10.15 71.64
C11 CLA WK . -18.37 9.49 72.32
C12 CLA WK . -17.81 10.33 73.45
C13 CLA WK . -16.46 9.80 73.93
C14 CLA WK . -16.18 10.25 75.35
C15 CLA WK . -15.33 10.24 73.02
C16 CLA WK . -14.06 9.47 73.32
C17 CLA WK . -12.89 10.39 73.61
C18 CLA WK . -12.25 10.93 72.34
C19 CLA WK . -12.48 12.42 72.19
C20 CLA WK . -10.77 10.63 72.32
MG CLA XK . -5.19 20.52 77.26
CHA CLA XK . -8.38 21.75 76.69
CHB CLA XK . -6.20 17.44 76.23
CHC CLA XK . -2.02 19.33 77.88
CHD CLA XK . -4.21 23.72 78.40
NA CLA XK . -6.99 19.75 76.55
C1A CLA XK . -8.21 20.43 76.38
C2A CLA XK . -9.28 19.50 75.82
C3A CLA XK . -8.57 18.13 75.72
C4A CLA XK . -7.15 18.44 76.18
CMA CLA XK . -9.23 17.11 76.60
CAA CLA XK . -9.65 19.95 74.42
CBA CLA XK . -10.88 19.24 73.90
CGA CLA XK . -12.07 20.13 74.06
O1A CLA XK . -12.10 21.33 74.30
O2A CLA XK . -13.26 19.46 73.90
NB CLA XK . -4.28 18.73 77.08
C1B CLA XK . -4.87 17.58 76.65
C2B CLA XK . -3.89 16.46 76.68
C3B CLA XK . -2.71 16.97 77.15
C4B CLA XK . -2.93 18.43 77.41
CMB CLA XK . -4.23 15.10 76.28
CAB CLA XK . -1.46 16.25 77.35
CBB CLA XK . -0.35 16.66 77.95
NC CLA XK . -3.43 21.39 77.99
C1C CLA XK . -2.25 20.72 78.16
C2C CLA XK . -1.24 21.62 78.68
C3C CLA XK . -1.85 22.86 78.83
C4C CLA XK . -3.24 22.71 78.40
CMC CLA XK . 0.13 21.24 78.98
CAC CLA XK . -1.24 24.10 79.34
CBC CLA XK . -1.37 24.24 80.84
ND CLA XK . -6.02 22.35 77.46
C1D CLA XK . -5.50 23.58 77.97
C2D CLA XK . -6.59 24.59 77.96
C3D CLA XK . -7.72 23.94 77.47
C4D CLA XK . -7.30 22.55 77.19
CMD CLA XK . -6.44 25.98 78.39
CAD CLA XK . -9.12 24.05 77.13
OBD CLA XK . -9.86 25.04 77.18
CBD CLA XK . -9.60 22.65 76.66
CGD CLA XK . -10.68 22.10 77.54
O1D CLA XK . -10.55 21.48 78.59
O2D CLA XK . -11.94 22.35 77.09
CED CLA XK . -13.02 21.70 77.77
C1 CLA XK . -14.11 19.38 75.05
C2 CLA XK . -14.97 20.59 75.02
C3 CLA XK . -16.22 20.62 75.49
C4 CLA XK . -17.04 21.86 75.43
C5 CLA XK . -16.85 19.42 76.08
C6 CLA XK . -16.93 19.47 77.59
C7 CLA XK . -15.97 18.48 78.22
C8 CLA XK . -16.23 18.25 79.70
C9 CLA XK . -15.46 17.05 80.19
C10 CLA XK . -17.72 18.07 79.97
C11 CLA XK . -17.99 17.63 81.39
C12 CLA XK . -19.25 16.79 81.49
C13 CLA XK . -19.70 16.62 82.93
C14 CLA XK . -21.03 15.87 82.98
C15 CLA XK . -19.80 17.96 83.63
C16 CLA XK . -20.57 17.86 84.93
C17 CLA XK . -20.86 19.23 85.51
C18 CLA XK . -21.46 19.15 86.91
C19 CLA XK . -20.40 18.78 87.93
C20 CLA XK . -22.10 20.48 87.28
MG CLA YK . 4.21 19.04 76.29
CHA CLA YK . 4.88 22.32 77.23
CHB CLA YK . 7.37 18.14 77.19
CHC CLA YK . 3.47 15.80 75.43
CHD CLA YK . 0.93 20.04 75.38
NA CLA YK . 5.84 20.09 77.07
C1A CLA YK . 5.93 21.45 77.40
C2A CLA YK . 7.31 21.79 77.94
C3A CLA YK . 8.10 20.47 77.83
C4A CLA YK . 7.04 19.48 77.33
CMA CLA YK . 9.24 20.56 76.87
CAA CLA YK . 7.21 22.27 79.38
CBA CLA YK . 8.08 21.49 80.34
CGA CLA YK . 7.63 21.76 81.74
O1A CLA YK . 7.71 22.80 82.40
O2A CLA YK . 7.06 20.66 82.32
NB CLA YK . 5.23 17.31 76.27
C1B CLA YK . 6.50 17.13 76.74
C2B CLA YK . 6.85 15.69 76.72
C3B CLA YK . 5.76 15.02 76.22
C4B CLA YK . 4.71 16.04 75.92
CMB CLA YK . 8.15 15.20 77.18
CAB CLA YK . 5.53 13.61 76.00
CBB CLA YK . 6.45 12.75 75.54
NC CLA YK . 2.51 18.10 75.53
C1C CLA YK . 2.43 16.76 75.23
C2C CLA YK . 1.10 16.45 74.71
C3C CLA YK . 0.38 17.65 74.71
C4C CLA YK . 1.28 18.68 75.22
CMC CLA YK . 0.66 15.13 74.29
CAC CLA YK . -1.00 17.86 74.26
CBC CLA YK . -1.09 18.16 72.78
ND CLA YK . 3.10 20.73 76.31
C1D CLA YK . 1.77 21.02 75.89
C2D CLA YK . 1.48 22.45 76.09
C3D CLA YK . 2.65 23.00 76.62
C4D CLA YK . 3.62 21.89 76.72
CMD CLA YK . 0.21 23.10 75.79
CAD CLA YK . 3.29 24.20 77.11
OBD CLA YK . 2.84 25.33 77.23
CBD CLA YK . 4.75 23.81 77.48
CGD CLA YK . 5.77 24.60 76.71
O1D CLA YK . 6.20 24.37 75.58
O2D CLA YK . 6.26 25.67 77.38
CED CLA YK . 6.92 26.68 76.61
C1 CLA YK . 7.24 20.50 83.74
C2 CLA YK . 6.93 19.07 84.01
C3 CLA YK . 6.75 18.57 85.25
C4 CLA YK . 6.84 19.42 86.46
C5 CLA YK . 6.44 17.13 85.45
C6 CLA YK . 5.07 16.90 86.06
C7 CLA YK . 3.97 17.47 85.19
C8 CLA YK . 2.59 17.06 85.67
C9 CLA YK . 2.02 15.95 84.79
C10 CLA YK . 1.64 18.25 85.69
C11 CLA YK . 1.02 18.45 87.06
C12 CLA YK . 2.07 18.75 88.11
C13 CLA YK . 1.48 18.72 89.51
C14 CLA YK . 0.41 19.78 89.67
C15 CLA YK . 2.56 18.90 90.58
MG CLA ZK . 12.84 15.74 69.30
CHA CLA ZK . 14.97 13.10 68.60
CHB CLA ZK . 11.28 13.84 71.65
CHC CLA ZK . 10.81 18.40 70.01
CHD CLA ZK . 14.46 17.65 66.79
NA CLA ZK . 13.10 13.79 69.98
C1A CLA ZK . 14.05 12.84 69.56
C2A CLA ZK . 13.90 11.53 70.33
C3A CLA ZK . 12.60 11.75 71.14
C4A CLA ZK . 12.29 13.23 70.93
CMA CLA ZK . 11.49 10.90 70.59
CAA CLA ZK . 15.09 11.32 71.24
CBA CLA ZK . 14.69 10.80 72.61
CGA CLA ZK . 14.35 9.34 72.53
O1A CLA ZK . 13.54 8.71 73.22
O2A CLA ZK . 15.05 8.68 71.56
NB CLA ZK . 11.32 16.06 70.57
C1B CLA ZK . 10.88 15.18 71.51
C2B CLA ZK . 9.89 15.85 72.40
C3B CLA ZK . 9.74 17.15 71.95
C4B CLA ZK . 10.65 17.29 70.77
CMB CLA ZK . 9.23 15.15 73.51
CAB CLA ZK . 8.92 18.23 72.40
CBB CLA ZK . 8.43 18.41 73.63
NC CLA ZK . 12.66 17.66 68.51
C1C CLA ZK . 11.73 18.58 68.94
C2C CLA ZK . 11.85 19.80 68.16
C3C CLA ZK . 12.91 19.61 67.27
C4C CLA ZK . 13.41 18.25 67.50
CMC CLA ZK . 11.01 20.98 68.33
CAC CLA ZK . 13.41 20.56 66.26
CBC CLA ZK . 12.86 20.27 64.89
ND CLA ZK . 14.36 15.50 67.98
C1D CLA ZK . 14.93 16.36 67.01
C2D CLA ZK . 16.04 15.66 66.33
C3D CLA ZK . 16.11 14.40 66.91
C4D CLA ZK . 15.04 14.35 67.91
CMD CLA ZK . 16.89 16.24 65.28
CAD CLA ZK . 16.78 13.11 66.93
OBD CLA ZK . 17.74 12.72 66.29
CBD CLA ZK . 16.06 12.24 68.00
CGD CLA ZK . 15.50 10.98 67.39
O1D CLA ZK . 15.23 9.92 67.97
O2D CLA ZK . 15.26 11.07 66.05
CED CLA ZK . 14.23 10.25 65.50
C1 CLA ZK . 14.40 7.55 70.95
C2 CLA ZK . 14.79 6.34 71.71
C3 CLA ZK . 15.87 5.59 71.40
C4 CLA ZK . 16.75 5.93 70.26
C5 CLA ZK . 16.22 4.37 72.19
C6 CLA ZK . 15.21 4.05 73.27
C7 CLA ZK . 15.70 4.51 74.63
C8 CLA ZK . 15.46 3.48 75.73
C9 CLA ZK . 15.13 4.18 77.02
C10 CLA ZK . 16.69 2.58 75.90
C11 CLA ZK . 16.34 1.25 76.55
C12 CLA ZK . 16.81 1.16 77.98
C13 CLA ZK . 18.30 0.85 78.09
C14 CLA ZK . 18.54 -0.64 77.96
C15 CLA ZK . 18.87 1.36 79.41
C16 CLA ZK . 20.39 1.40 79.38
C17 CLA ZK . 20.93 1.73 80.76
C18 CLA ZK . 22.46 1.74 80.81
C19 CLA ZK . 23.08 0.77 79.83
C20 CLA ZK . 23.00 3.13 80.60
MG CLA AL . 7.17 8.83 71.41
CHA CLA AL . 5.39 11.77 71.89
CHB CLA AL . 8.60 10.15 68.63
CHC CLA AL . 9.01 5.95 71.07
CHD CLA AL . 5.60 7.48 74.29
NA CLA AL . 6.99 10.66 70.43
C1A CLA AL . 6.21 11.77 70.81
C2A CLA AL . 6.40 12.92 69.82
C3A CLA AL . 7.30 12.31 68.72
C4A CLA AL . 7.68 10.95 69.29
CMA CLA AL . 6.55 12.16 67.42
CAA CLA AL . 7.09 14.09 70.49
CBA CLA AL . 7.40 15.20 69.50
CGA CLA AL . 6.12 15.81 69.01
O1A CLA AL . 5.41 16.64 69.56
O2A CLA AL . 5.76 15.34 67.78
NB CLA AL . 8.59 8.20 70.13
C1B CLA AL . 9.02 8.87 69.03
C2B CLA AL . 10.00 8.04 68.29
C3B CLA AL . 10.12 6.85 68.97
C4B CLA AL . 9.21 6.93 70.15
CMB CLA AL . 10.65 8.47 67.06
CAB CLA AL . 10.91 5.68 68.69
CBB CLA AL . 12.24 5.64 68.70
NC CLA AL . 7.26 7.03 72.47
C1C CLA AL . 8.09 5.99 72.15
C2C CLA AL . 7.91 4.90 73.11
C3C CLA AL . 6.95 5.33 74.02
C4C CLA AL . 6.55 6.67 73.62
CMC CLA AL . 8.62 3.63 73.07
CAC CLA AL . 6.42 4.58 75.18
CBC CLA AL . 5.19 3.79 74.80
ND CLA AL . 5.74 9.37 72.74
C1D CLA AL . 5.23 8.74 73.90
C2D CLA AL . 4.25 9.64 74.55
C3D CLA AL . 4.27 10.82 73.82
C4D CLA AL . 5.23 10.61 72.72
CMD CLA AL . 3.46 9.31 75.74
CAD CLA AL . 3.71 12.15 73.65
OBD CLA AL . 2.81 12.69 74.28
CBD CLA AL . 4.48 12.83 72.48
CGD CLA AL . 3.56 13.45 71.46
O1D CLA AL . 3.09 14.59 71.46
O2D CLA AL . 3.21 12.62 70.44
CED CLA AL . 1.84 12.24 70.33
C1 CLA AL . 4.97 16.23 66.96
C2 CLA AL . 4.30 15.42 65.93
C3 CLA AL . 3.23 14.64 66.18
C4 CLA AL . 2.64 14.55 67.54
C5 CLA AL . 2.59 13.84 65.10
C6 CLA AL . 1.82 12.64 65.61
C7 CLA AL . 2.69 11.41 65.65
C8 CLA AL . 1.88 10.13 65.46
C9 CLA AL . 1.15 9.76 66.73
C10 CLA AL . 2.78 8.99 65.01
C11 CLA AL . 3.98 8.85 65.92
C12 CLA AL . 4.86 7.68 65.53
C13 CLA AL . 5.88 7.38 66.61
C14 CLA AL . 7.10 6.68 66.03
C15 CLA AL . 5.28 6.54 67.72
C16 CLA AL . 5.20 7.32 69.02
C17 CLA AL . 4.27 6.64 70.01
C18 CLA AL . 3.40 7.64 70.76
C19 CLA AL . 2.91 8.74 69.85
C20 CLA AL . 2.23 6.92 71.40
MG CLA BL . 0.12 -0.48 85.70
CHA CLA BL . -2.61 -2.01 87.20
CHB CLA BL . -1.64 -0.19 82.80
CHC CLA BL . 2.81 1.13 84.28
CHD CLA BL . 1.91 -0.79 88.73
NA CLA BL . -1.81 -1.02 85.12
C1A CLA BL . -2.80 -1.64 85.89
C2A CLA BL . -4.08 -1.84 85.10
C3A CLA BL . -3.70 -1.36 83.68
C4A CLA BL . -2.29 -0.80 83.86
CMA CLA BL . -3.75 -2.47 82.67
CAA CLA BL . -5.16 -0.93 85.67
CBA CLA BL . -4.62 0.46 85.93
CGA CLA BL . -5.60 1.33 86.64
O1A CLA BL . -6.62 1.01 87.26
O2A CLA BL . -5.29 2.66 86.57
NB CLA BL . 0.52 0.29 83.88
C1B CLA BL . -0.34 0.35 82.83
C2B CLA BL . 0.28 1.06 81.69
C3B CLA BL . 1.55 1.45 82.11
C4B CLA BL . 1.71 0.95 83.51
CMB CLA BL . -0.41 1.29 80.42
CAB CLA BL . 2.60 2.16 81.43
CBB CLA BL . 2.84 2.18 80.12
NC CLA BL . 2.01 0.05 86.39
C1C CLA BL . 2.95 0.70 85.64
C2C CLA BL . 4.16 0.92 86.43
C3C CLA BL . 3.91 0.39 87.70
C4C CLA BL . 2.55 -0.16 87.66
CMC CLA BL . 5.37 1.59 85.96
CAC CLA BL . 4.83 0.36 88.85
CBC CLA BL . 4.52 1.46 89.84
ND CLA BL . -0.21 -1.19 87.56
C1D CLA BL . 0.62 -1.28 88.71
C2D CLA BL . -0.14 -1.95 89.80
C3D CLA BL . -1.38 -2.25 89.27
C4D CLA BL . -1.36 -1.76 87.87
CMD CLA BL . 0.37 -2.21 91.14
CAD CLA BL . -2.68 -2.83 89.52
OBD CLA BL . -3.12 -3.34 90.54
CBD CLA BL . -3.50 -2.73 88.19
CGD CLA BL . -3.87 -4.09 87.67
O1D CLA BL . -3.42 -4.67 86.68
O2D CLA BL . -4.83 -4.73 88.40
CED CLA BL . -4.95 -6.14 88.25
MG CLA CL . -3.72 -4.02 76.69
CHA CLA CL . -0.41 -4.91 76.25
CHB CLA CL . -2.77 -1.63 78.93
CHC CLA CL . -6.99 -2.96 76.88
CHD CLA CL . -4.65 -6.46 74.32
NA CLA CL . -1.89 -3.41 77.48
C1A CLA CL . -0.62 -3.90 77.15
C2A CLA CL . 0.47 -3.17 77.93
C3A CLA CL . -0.33 -2.27 78.90
C4A CLA CL . -1.77 -2.42 78.41
CMA CLA CL . -0.18 -2.73 80.33
CAA CLA CL . 1.26 -2.31 76.96
CBA CLA CL . 1.11 -0.82 77.23
CGA CLA CL . 0.55 -0.12 76.04
O1A CLA CL . 0.22 -0.60 74.95
O2A CLA CL . 0.41 1.22 76.23
NB CLA CL . -4.69 -2.55 77.69
C1B CLA CL . -4.13 -1.69 78.57
C2B CLA CL . -5.18 -0.80 79.14
C3B CLA CL . -6.37 -1.17 78.57
C4B CLA CL . -6.08 -2.30 77.64
CMB CLA CL . -4.88 0.24 80.13
CAB CLA CL . -7.71 -0.67 78.75
CBB CLA CL . -8.27 -0.37 79.93
NC CLA CL . -5.50 -4.65 75.80
C1C CLA CL . -6.72 -4.08 76.02
C2C CLA CL . -7.74 -4.76 75.22
C3C CLA CL . -7.08 -5.74 74.50
C4C CLA CL . -5.66 -5.66 74.86
CMC CLA CL . -9.17 -4.42 75.21
CAC CLA CL . -7.67 -6.68 73.54
CBC CLA CL . -7.98 -8.02 74.18
ND CLA CL . -2.82 -5.47 75.62
C1D CLA CL . -3.31 -6.39 74.65
C2D CLA CL . -2.18 -7.17 74.11
C3D CLA CL . -1.04 -6.66 74.69
C4D CLA CL . -1.49 -5.58 75.61
CMD CLA CL . -2.32 -8.26 73.13
CAD CLA CL . 0.40 -6.75 74.81
OBD CLA CL . 1.17 -7.54 74.30
CBD CLA CL . 0.86 -5.58 75.74
CGD CLA CL . 1.76 -6.06 76.84
O1D CLA CL . 2.98 -6.26 76.78
O2D CLA CL . 1.14 -6.28 78.03
CED CLA CL . 1.95 -6.33 79.21
C1 CLA CL . 0.80 2.08 75.14
C2 CLA CL . -0.45 2.66 74.58
C3 CLA CL . -0.49 3.87 74.00
C4 CLA CL . 0.73 4.71 73.87
C5 CLA CL . -1.76 4.43 73.46
C6 CLA CL . -1.99 5.86 73.89
C7 CLA CL . -2.31 5.95 75.37
C8 CLA CL . -3.73 6.43 75.67
C9 CLA CL . -4.47 6.79 74.41
C10 CLA CL . -3.70 7.61 76.63
C11 CLA CL . -5.05 8.28 76.76
C12 CLA CL . -6.01 7.43 77.58
C13 CLA CL . -7.42 8.02 77.53
C14 CLA CL . -7.51 9.30 78.34
C15 CLA CL . -8.46 7.02 78.03
MG CLA DL . -13.11 -1.83 81.05
CHA CLA DL . -10.01 -2.06 82.57
CHB CLA DL . -14.21 0.12 83.62
CHC CLA DL . -16.11 -1.47 79.41
CHD CLA DL . -11.93 -3.87 78.41
NA CLA DL . -12.22 -1.11 82.80
C1A CLA DL . -10.91 -1.30 83.25
C2A CLA DL . -10.66 -0.55 84.56
C3A CLA DL . -12.06 -0.01 84.93
C4A CLA DL . -12.90 -0.32 83.70
CMA CLA DL . -12.58 -0.65 86.18
CAA CLA DL . -9.83 0.67 84.25
CBA CLA DL . -8.36 0.58 84.59
CGA CLA DL . -7.60 1.47 83.66
O1A CLA DL . -7.44 1.35 82.44
O2A CLA DL . -7.04 2.56 84.28
NB CLA DL . -14.81 -0.83 81.43
C1B CLA DL . -15.09 -0.13 82.55
C2B CLA DL . -16.51 0.34 82.53
C3B CLA DL . -17.05 -0.10 81.34
C4B CLA DL . -15.98 -0.85 80.63
CMB CLA DL . -17.08 1.11 83.63
CAB CLA DL . -18.36 0.04 80.77
CBB CLA DL . -19.45 0.55 81.36
NC CLA DL . -13.87 -2.55 79.25
C1C CLA DL . -15.12 -2.26 78.76
C2C CLA DL . -15.31 -2.89 77.47
C3C CLA DL . -14.14 -3.59 77.19
C4C CLA DL . -13.24 -3.36 78.31
CMC CLA DL . -16.52 -2.80 76.66
CAC CLA DL . -13.84 -4.39 75.99
CBC CLA DL . -13.01 -3.63 74.97
ND CLA DL . -11.41 -2.81 80.57
C1D CLA DL . -11.07 -3.63 79.46
C2D CLA DL . -9.69 -4.12 79.65
C3D CLA DL . -9.23 -3.56 80.82
C4D CLA DL . -10.34 -2.74 81.35
CMD CLA DL . -9.01 -5.02 78.73
CAD CLA DL . -8.12 -3.44 81.75
OBD CLA DL . -7.03 -3.98 81.73
CBD CLA DL . -8.59 -2.48 82.89
CGD CLA DL . -8.49 -3.15 84.23
O1D CLA DL . -9.41 -3.61 84.91
O2D CLA DL . -7.22 -3.23 84.71
CED CLA DL . -6.99 -4.08 85.84
C1 CLA DL . -6.43 3.56 83.45
C2 CLA DL . -5.05 3.10 83.15
C3 CLA DL . -3.95 3.83 83.41
C4 CLA DL . -2.59 3.33 83.09
C5 CLA DL . -4.03 5.18 84.03
C6 CLA DL . -3.33 6.25 83.20
C7 CLA DL . -2.57 7.22 84.07
C8 CLA DL . -2.77 8.67 83.63
C9 CLA DL . -2.71 8.79 82.13
C10 CLA DL . -1.76 9.58 84.32
C11 CLA DL . -0.61 9.98 83.41
C12 CLA DL . 0.74 9.71 84.04
MG CLA EL . 24.99 16.14 81.94
CHA CLA EL . 27.23 18.54 83.05
CHB CLA EL . 25.98 16.70 78.73
CHC CLA EL . 23.01 13.52 80.92
CHD CLA EL . 24.05 15.53 85.30
NA CLA EL . 26.34 17.46 81.05
C1A CLA EL . 27.21 18.36 81.69
C2A CLA EL . 28.04 19.12 80.67
C3A CLA EL . 27.43 18.69 79.31
C4A CLA EL . 26.53 17.53 79.70
CMA CLA EL . 26.67 19.82 78.67
CAA CLA EL . 29.50 18.72 80.75
CBA CLA EL . 29.67 17.23 80.94
CGA CLA EL . 31.09 16.81 80.74
O1A CLA EL . 31.91 17.24 79.91
O2A CLA EL . 31.48 15.83 81.60
NB CLA EL . 24.56 15.29 80.17
C1B CLA EL . 25.11 15.62 78.97
C2B CLA EL . 24.66 14.67 77.92
C3B CLA EL . 23.82 13.76 78.53
C4B CLA EL . 23.73 14.15 79.97
CMB CLA EL . 25.08 14.78 76.52
CAB CLA EL . 23.09 12.64 78.00
CBB CLA EL . 22.53 12.56 76.79
NC CLA EL . 23.71 14.82 82.93
C1C CLA EL . 22.99 13.83 82.32
C2C CLA EL . 22.22 13.09 83.31
C3C CLA EL . 22.53 13.65 84.55
C4C CLA EL . 23.48 14.73 84.30
CMC CLA EL . 21.34 11.96 83.00
CAC CLA EL . 22.01 13.23 85.86
CBC CLA EL . 20.69 13.87 86.20
ND CLA EL . 25.39 16.92 83.76
C1D CLA EL . 24.96 16.55 85.07
C2D CLA EL . 25.65 17.42 86.05
C3D CLA EL . 26.53 18.20 85.34
C4D CLA EL . 26.35 17.83 83.92
CMD CLA EL . 25.40 17.38 87.50
CAD CLA EL . 27.52 19.26 85.39
OBD CLA EL . 27.90 19.91 86.35
CBD CLA EL . 28.08 19.44 83.94
CGD CLA EL . 28.13 20.87 83.49
O1D CLA EL . 28.73 21.34 82.52
O2D CLA EL . 27.43 21.74 84.28
CED CLA EL . 28.16 22.84 84.83
C1 CLA EL . 32.03 14.63 80.99
C2 CLA EL . 31.92 13.55 82.01
C3 CLA EL . 32.74 13.43 83.06
C4 CLA EL . 33.86 14.39 83.29
C5 CLA EL . 32.58 12.33 84.05
C6 CLA EL . 31.22 11.66 83.98
C7 CLA EL . 30.88 10.99 85.29
C8 CLA EL . 30.81 9.46 85.22
C9 CLA EL . 31.14 8.94 83.84
C10 CLA EL . 29.43 8.98 85.66
C11 CLA EL . 29.32 7.47 85.56
C12 CLA EL . 28.09 6.95 86.28
MG CLA FL . 10.25 23.60 82.94
CHA CLA FL . 9.75 25.94 80.44
CHB CLA FL . 8.76 25.68 85.19
CHC CLA FL . 10.47 21.11 85.30
CHD CLA FL . 11.76 21.45 80.56
NA CLA FL . 9.45 25.52 82.82
C1A CLA FL . 9.31 26.32 81.67
C2A CLA FL . 8.64 27.65 82.02
C3A CLA FL . 8.51 27.60 83.56
C4A CLA FL . 8.93 26.17 83.90
CMA CLA FL . 9.38 28.62 84.23
CAA CLA FL . 7.28 27.76 81.35
CBA CLA FL . 6.21 27.02 82.12
CGA CLA FL . 5.71 25.84 81.33
O1A CLA FL . 6.37 24.93 80.83
O2A CLA FL . 4.35 25.82 81.17
NB CLA FL . 9.73 23.43 84.88
C1B CLA FL . 9.12 24.39 85.62
C2B CLA FL . 8.87 23.88 87.00
C3B CLA FL . 9.35 22.60 87.04
C4B CLA FL . 9.91 22.29 85.69
CMB CLA FL . 8.21 24.67 88.04
CAB CLA FL . 9.34 21.65 88.14
CBB CLA FL . 10.42 21.09 88.67
NC CLA FL . 11.02 21.65 82.93
C1C CLA FL . 11.00 20.81 84.01
C2C CLA FL . 11.58 19.52 83.65
C3C CLA FL . 11.95 19.62 82.31
C4C CLA FL . 11.59 20.96 81.86
CMC CLA FL . 11.70 18.38 84.54
CAC CLA FL . 12.56 18.57 81.47
CBC CLA FL . 11.55 17.90 80.57
ND CLA FL . 10.76 23.67 80.99
C1D CLA FL . 11.37 22.71 80.12
C2D CLA FL . 11.48 23.29 78.77
C3D CLA FL . 10.85 24.51 78.82
C4D CLA FL . 10.41 24.69 80.22
CMD CLA FL . 12.09 22.61 77.63
CAD CLA FL . 10.48 25.72 78.09
OBD CLA FL . 10.70 26.00 76.93
CBD CLA FL . 9.71 26.63 79.09
CGD CLA FL . 10.26 28.03 79.14
O1D CLA FL . 11.40 28.40 79.44
O2D CLA FL . 9.34 28.99 78.81
CED CLA FL . 9.50 29.67 77.56
C1 CLA FL . 3.76 24.54 80.88
C2 CLA FL . 3.10 24.06 82.12
C3 CLA FL . 2.70 22.79 82.31
C4 CLA FL . 2.07 22.35 83.57
C5 CLA FL . 2.89 21.76 81.25
C6 CLA FL . 3.11 20.37 81.82
C7 CLA FL . 2.76 19.31 80.80
C8 CLA FL . 3.87 18.28 80.66
C9 CLA FL . 5.16 18.96 80.23
C10 CLA FL . 3.49 17.20 79.65
C11 CLA FL . 3.85 15.82 80.17
C12 CLA FL . 5.25 15.40 79.76
C13 CLA FL . 6.12 15.10 80.97
C14 CLA FL . 7.30 16.06 81.04
C15 CLA FL . 6.62 13.66 80.94
C16 CLA FL . 7.28 13.28 82.24
C17 CLA FL . 6.29 13.21 83.39
C18 CLA FL . 6.08 11.78 83.86
C19 CLA FL . 5.62 11.76 85.31
C20 CLA FL . 5.06 11.06 83.00
MG CLA GL . 34.14 12.67 76.42
CHA CLA GL . 33.15 15.95 75.90
CHB CLA GL . 37.01 13.26 74.67
CHC CLA GL . 35.10 9.42 77.03
CHD CLA GL . 31.17 12.11 78.26
NA CLA GL . 34.93 14.34 75.45
C1A CLA GL . 34.36 15.63 75.36
C2A CLA GL . 35.27 16.56 74.55
C3A CLA GL . 36.44 15.65 74.12
C4A CLA GL . 36.12 14.31 74.79
CMA CLA GL . 36.55 15.53 72.62
CAA CLA GL . 35.78 17.70 75.42
CBA CLA GL . 36.42 17.19 76.70
CGA CLA GL . 35.51 17.42 77.85
O1A CLA GL . 35.16 18.49 78.35
O2A CLA GL . 35.03 16.27 78.41
NB CLA GL . 35.74 11.54 75.92
C1B CLA GL . 36.82 11.98 75.23
C2B CLA GL . 37.83 10.88 75.13
C3B CLA GL . 37.29 9.78 75.79
C4B CLA GL . 35.95 10.20 76.30
CMB CLA GL . 39.10 11.05 74.43
CAB CLA GL . 37.81 8.47 76.02
CBB CLA GL . 38.65 7.80 75.21
NC CLA GL . 33.28 11.06 77.44
C1C CLA GL . 33.84 9.82 77.56
C2C CLA GL . 32.97 8.95 78.33
C3C CLA GL . 31.86 9.71 78.70
C4C CLA GL . 32.06 11.04 78.14
CMC CLA GL . 33.26 7.55 78.65
CAC CLA GL . 30.71 9.28 79.50
CBC CLA GL . 29.71 8.45 78.73
ND CLA GL . 32.51 13.72 76.98
C1D CLA GL . 31.35 13.37 77.73
C2D CLA GL . 30.46 14.55 77.81
C3D CLA GL . 31.10 15.56 77.12
C4D CLA GL . 32.37 15.00 76.63
CMD CLA GL . 29.17 14.57 78.49
CAD CLA GL . 31.04 16.95 76.68
OBD CLA GL . 30.15 17.78 76.85
CBD CLA GL . 32.35 17.23 75.90
CGD CLA GL . 32.09 17.71 74.49
O1D CLA GL . 32.28 17.10 73.43
O2D CLA GL . 31.58 18.98 74.42
CED CLA GL . 31.36 19.53 73.13
C1 CLA GL . 35.98 15.20 78.62
C2 CLA GL . 35.33 14.18 79.49
C3 CLA GL . 35.98 13.09 79.92
C4 CLA GL . 37.39 12.82 79.56
C5 CLA GL . 35.31 12.09 80.79
C6 CLA GL . 35.63 10.66 80.38
C7 CLA GL . 35.88 9.78 81.59
C8 CLA GL . 34.60 9.50 82.38
C9 CLA GL . 34.67 8.11 82.99
MG CLA HL . 24.71 12.37 73.71
CHA CLA HL . 21.32 12.70 73.00
CHB CLA HL . 24.18 9.16 74.71
CHC CLA HL . 28.06 12.10 74.39
CHD CLA HL . 25.20 15.72 72.67
NA CLA HL . 23.01 11.14 73.82
C1A CLA HL . 21.70 11.46 73.47
C2A CLA HL . 20.76 10.28 73.71
C3A CLA HL . 21.69 9.21 74.32
C4A CLA HL . 23.07 9.86 74.28
CMA CLA HL . 21.28 8.89 75.73
CAA CLA HL . 20.19 9.78 72.39
CBA CLA HL . 18.92 8.98 72.59
CGA CLA HL . 19.25 7.53 72.68
O1A CLA HL . 19.86 6.81 71.89
O2A CLA HL . 18.79 6.95 73.84
NB CLA HL . 25.89 10.91 74.41
C1B CLA HL . 25.50 9.65 74.75
C2B CLA HL . 26.67 8.86 75.19
C3B CLA HL . 27.78 9.68 75.11
C4B CLA HL . 27.29 11.00 74.62
CMB CLA HL . 26.56 7.46 75.63
CAB CLA HL . 29.16 9.46 75.40
CBB CLA HL . 29.85 8.32 75.18
NC CLA HL . 26.33 13.68 73.55
C1C CLA HL . 27.61 13.35 73.89
C2C CLA HL . 28.49 14.50 73.65
C3C CLA HL . 27.69 15.53 73.16
C4C CLA HL . 26.33 15.01 73.09
CMC CLA HL . 29.93 14.52 73.90
CAC CLA HL . 28.12 16.87 72.77
CBC CLA HL . 28.65 16.95 71.36
ND CLA HL . 23.59 13.90 73.00
C1D CLA HL . 23.91 15.22 72.61
C2D CLA HL . 22.68 15.92 72.19
C3D CLA HL . 21.65 14.99 72.32
C4D CLA HL . 22.27 13.75 72.83
CMD CLA HL . 22.61 17.30 71.72
CAD CLA HL . 20.23 14.75 72.18
OBD CLA HL . 19.34 15.51 71.81
CBD CLA HL . 19.98 13.27 72.61
CGD CLA HL . 18.99 13.15 73.74
O1D CLA HL . 18.00 12.41 73.80
O2D CLA HL . 19.26 13.96 74.80
CED CLA HL . 18.76 13.57 76.07
C1 CLA HL . 19.64 5.96 74.44
C2 CLA HL . 18.91 5.47 75.64
C3 CLA HL . 19.52 5.17 76.80
C4 CLA HL . 18.75 4.68 77.97
C5 CLA HL . 20.99 5.31 76.96
C6 CLA HL . 21.42 5.55 78.41
C7 CLA HL . 21.27 7.00 78.80
C8 CLA HL . 22.26 7.39 79.90
C9 CLA HL . 22.21 8.87 80.16
C10 CLA HL . 23.67 6.95 79.52
C11 CLA HL . 24.60 6.93 80.71
C12 CLA HL . 25.89 6.21 80.40
C13 CLA HL . 26.90 6.37 81.52
C14 CLA HL . 28.28 5.97 81.06
C15 CLA HL . 26.50 5.57 82.76
C16 CLA HL . 26.72 4.09 82.55
C17 CLA HL . 26.93 3.37 83.87
C18 CLA HL . 27.29 1.90 83.68
C19 CLA HL . 26.32 1.22 82.74
C20 CLA HL . 28.70 1.77 83.15
MG CLA IL . 23.29 -7.46 82.94
CHA CLA IL . 21.07 -9.04 85.09
CHB CLA IL . 20.69 -5.99 81.32
CHC CLA IL . 25.54 -5.83 80.91
CHD CLA IL . 25.97 -9.03 84.64
NA CLA IL . 21.21 -7.54 83.18
C1A CLA IL . 20.48 -8.25 84.15
C2A CLA IL . 18.98 -8.03 83.94
C3A CLA IL . 18.90 -7.13 82.68
C4A CLA IL . 20.37 -6.85 82.36
CMA CLA IL . 18.19 -7.82 81.55
CAA CLA IL . 18.33 -7.36 85.15
CBA CLA IL . 18.56 -5.87 85.19
CGA CLA IL . 18.16 -5.35 86.54
O1A CLA IL . 17.97 -5.98 87.58
O2A CLA IL . 18.00 -4.00 86.57
NB CLA IL . 23.14 -6.19 81.39
C1B CLA IL . 21.99 -5.65 80.92
C2B CLA IL . 22.29 -4.64 79.87
C3B CLA IL . 23.68 -4.59 79.75
C4B CLA IL . 24.23 -5.57 80.72
CMB CLA IL . 21.25 -3.89 79.18
CAB CLA IL . 24.52 -3.79 78.91
CBB CLA IL . 24.25 -3.37 77.67
NC CLA IL . 25.38 -7.46 82.80
C1C CLA IL . 26.08 -6.73 81.88
C2C CLA IL . 27.51 -6.97 82.07
C3C CLA IL . 27.64 -7.86 83.13
C4C CLA IL . 26.30 -8.17 83.58
CMC CLA IL . 28.56 -6.34 81.25
CAC CLA IL . 28.89 -8.40 83.68
CBC CLA IL . 29.44 -9.55 82.87
ND CLA IL . 23.55 -8.73 84.50
C1D CLA IL . 24.70 -9.31 85.08
C2D CLA IL . 24.29 -10.19 86.20
C3D CLA IL . 22.90 -10.11 86.26
C4D CLA IL . 22.49 -9.20 85.17
CMD CLA IL . 25.20 -10.96 87.05
CAD CLA IL . 21.70 -10.56 86.93
OBD CLA IL . 21.58 -11.31 87.89
CBD CLA IL . 20.49 -9.89 86.20
CGD CLA IL . 19.54 -10.92 85.66
O1D CLA IL . 18.38 -11.13 86.01
O2D CLA IL . 20.07 -11.69 84.67
CED CLA IL . 19.18 -12.52 83.94
C1 CLA IL . 18.05 -3.37 87.87
C2 CLA IL . 19.48 -3.11 88.16
C3 CLA IL . 20.06 -3.39 89.35
C4 CLA IL . 19.29 -3.99 90.47
C5 CLA IL . 21.49 -3.10 89.59
C6 CLA IL . 22.14 -2.34 88.45
C7 CLA IL . 23.58 -1.99 88.77
C8 CLA IL . 24.40 -1.75 87.52
C9 CLA IL . 25.86 -1.53 87.86
C10 CLA IL . 23.86 -0.55 86.73
MG CLA JL . 34.39 -10.92 80.49
CHA CLA JL . 35.97 -13.04 82.74
CHB CLA JL . 33.52 -8.85 83.05
CHC CLA JL . 32.95 -8.79 78.19
CHD CLA JL . 35.39 -13.06 77.84
NA CLA JL . 34.69 -10.98 82.55
C1A CLA JL . 35.38 -11.93 83.30
C2A CLA JL . 35.38 -11.58 84.78
C3A CLA JL . 34.52 -10.29 84.85
C4A CLA JL . 34.22 -10.00 83.38
CMA CLA JL . 33.26 -10.48 85.66
CAA CLA JL . 36.78 -11.27 85.26
CBA CLA JL . 37.52 -10.39 84.26
CGA CLA JL . 38.75 -9.81 84.87
O1A CLA JL . 38.86 -9.15 85.91
O2A CLA JL . 39.88 -10.08 84.16
NB CLA JL . 33.43 -9.15 80.60
C1B CLA JL . 33.16 -8.47 81.74
C2B CLA JL . 32.38 -7.24 81.43
C3B CLA JL . 32.22 -7.20 80.07
C4B CLA JL . 32.88 -8.43 79.51
CMB CLA JL . 31.95 -6.30 82.45
CAB CLA JL . 31.53 -6.21 79.27
CBB CLA JL . 31.99 -5.63 78.17
NC CLA JL . 34.19 -10.94 78.41
C1C CLA JL . 33.56 -9.96 77.67
C2C CLA JL . 33.62 -10.29 76.26
C3C CLA JL . 34.32 -11.50 76.16
C4C CLA JL . 34.68 -11.89 77.50
CMC CLA JL . 33.05 -9.47 75.19
CAC CLA JL . 34.65 -12.24 74.92
CBC CLA JL . 36.07 -12.00 74.46
ND CLA JL . 35.37 -12.68 80.27
C1D CLA JL . 35.72 -13.44 79.12
C2D CLA JL . 36.47 -14.64 79.57
C3D CLA JL . 36.58 -14.55 80.94
C4D CLA JL . 35.90 -13.29 81.32
CMD CLA JL . 36.97 -15.68 78.68
CAD CLA JL . 37.07 -15.16 82.16
OBD CLA JL . 37.65 -16.23 82.31
CBD CLA JL . 36.73 -14.19 83.34
CGD CLA JL . 35.95 -14.88 84.43
O1D CLA JL . 36.05 -14.70 85.65
O2D CLA JL . 35.03 -15.77 83.97
CED CLA JL . 33.75 -15.78 84.59
MG CLA KL . 23.77 -9.00 90.98
CHA CLA KL . 21.51 -10.08 93.38
CHB CLA KL . 21.24 -7.54 89.25
CHC CLA KL . 26.07 -7.87 88.68
CHD CLA KL . 26.39 -10.49 92.84
NA CLA KL . 21.71 -8.87 91.28
C1A CLA KL . 20.95 -9.37 92.34
C2A CLA KL . 19.47 -9.05 92.17
C3A CLA KL . 19.41 -8.31 90.81
C4A CLA KL . 20.88 -8.22 90.39
CMA CLA KL . 18.59 -9.05 89.79
CAA CLA KL . 18.96 -8.13 93.28
CBA CLA KL . 19.93 -7.01 93.54
CGA CLA KL . 19.34 -6.07 94.56
O1A CLA KL . 18.63 -6.32 95.52
O2A CLA KL . 19.70 -4.76 94.34
NB CLA KL . 23.68 -7.90 89.30
C1B CLA KL . 22.54 -7.39 88.75
C2B CLA KL . 22.87 -6.66 87.50
C3B CLA KL . 24.23 -6.73 87.33
C4B CLA KL . 24.77 -7.54 88.46
CMB CLA KL . 21.85 -6.00 86.68
CAB CLA KL . 25.05 -6.19 86.28
CBB CLA KL . 26.13 -5.43 86.44
NC CLA KL . 25.85 -9.18 90.79
C1C CLA KL . 26.57 -8.64 89.76
C2C CLA KL . 27.99 -8.96 89.93
C3C CLA KL . 28.09 -9.69 91.11
C4C CLA KL . 26.74 -9.82 91.65
CMC CLA KL . 29.05 -8.54 89.01
CAC CLA KL . 29.31 -10.23 91.72
CBC CLA KL . 29.80 -11.47 91.00
ND CLA KL . 23.97 -10.11 92.66
C1D CLA KL . 25.10 -10.64 93.32
C2D CLA KL . 24.66 -11.33 94.55
C3D CLA KL . 23.29 -11.15 94.62
C4D CLA KL . 22.91 -10.37 93.42
CMD CLA KL . 25.54 -12.04 95.48
CAD CLA KL . 22.07 -11.43 95.36
OBD CLA KL . 21.92 -12.11 96.38
CBD CLA KL . 20.91 -10.72 94.61
CGD CLA KL . 19.76 -11.64 94.30
O1D CLA KL . 18.79 -11.90 95.03
O2D CLA KL . 19.84 -12.25 93.09
CED CLA KL . 18.63 -12.79 92.56
MG CLA LL . 35.83 -12.78 65.39
CHA CLA LL . 35.85 -15.92 63.90
CHB CLA LL . 36.81 -14.15 68.33
CHC CLA LL . 35.93 -9.62 66.76
CHD CLA LL . 34.97 -11.37 62.26
NA CLA LL . 36.23 -14.74 65.99
C1A CLA LL . 36.20 -15.91 65.23
C2A CLA LL . 36.59 -17.12 66.07
C3A CLA LL . 36.82 -16.53 67.48
C4A CLA LL . 36.61 -15.02 67.28
CMA CLA LL . 35.87 -17.11 68.50
CAA CLA LL . 37.87 -17.85 65.65
CBA CLA LL . 38.76 -17.25 64.56
CGA CLA LL . 39.23 -15.86 64.85
O1A CLA LL . 39.64 -15.39 65.92
O2A CLA LL . 39.20 -15.05 63.75
NB CLA LL . 36.27 -12.03 67.21
C1B CLA LL . 36.64 -12.76 68.28
C2B CLA LL . 36.87 -11.85 69.45
C3B CLA LL . 36.62 -10.58 69.00
C4B CLA LL . 36.24 -10.67 67.57
CMB CLA LL . 37.29 -12.34 70.76
CAB CLA LL . 36.69 -9.31 69.69
CBB CLA LL . 37.71 -8.90 70.46
NC CLA LL . 35.47 -10.86 64.64
C1C CLA LL . 35.57 -9.71 65.39
C2C CLA LL . 35.27 -8.55 64.55
C3C CLA LL . 35.01 -9.04 63.27
C4C CLA LL . 35.15 -10.49 63.34
CMC CLA LL . 35.26 -7.16 65.00
CAC CLA LL . 34.68 -8.26 62.07
CBC CLA LL . 33.23 -8.43 61.63
ND CLA LL . 35.42 -13.42 63.51
C1D CLA LL . 35.09 -12.73 62.33
C2D CLA LL . 34.92 -13.71 61.23
C3D CLA LL . 35.17 -14.96 61.77
C4D CLA LL . 35.51 -14.72 63.20
CMD CLA LL . 34.54 -13.31 59.89
CAD CLA LL . 35.27 -16.39 61.56
OBD CLA LL . 35.06 -17.05 60.55
CBD CLA LL . 35.74 -17.04 62.89
CGD CLA LL . 34.80 -18.15 63.32
O1D CLA LL . 34.64 -19.23 62.75
O2D CLA LL . 34.08 -17.91 64.45
CED CLA LL . 33.78 -19.03 65.29
C1 CLA LL . 38.86 -13.66 63.94
C2 CLA LL . 39.19 -12.96 62.67
C3 CLA LL . 39.14 -11.63 62.52
C4 CLA LL . 39.48 -10.99 61.23
C5 CLA LL . 38.74 -10.74 63.64
C6 CLA LL . 38.79 -9.25 63.31
C7 CLA LL . 40.06 -8.62 63.84
C8 CLA LL . 39.87 -7.15 64.19
C9 CLA LL . 39.08 -7.01 65.48
C10 CLA LL . 39.18 -6.38 63.07
C11 CLA LL . 39.57 -4.92 63.06
C12 CLA LL . 38.43 -4.01 63.44
C13 CLA LL . 37.72 -3.40 62.23
C14 CLA LL . 36.53 -4.25 61.81
C15 CLA LL . 38.69 -3.19 61.06
C16 CLA LL . 37.98 -3.10 59.73
C17 CLA LL . 37.55 -1.69 59.38
C18 CLA LL . 36.47 -1.66 58.31
C19 CLA LL . 36.34 -0.28 57.70
C20 CLA LL . 36.76 -2.67 57.21
MG CLA ML . 25.55 -10.29 62.13
CHA CLA ML . 22.14 -10.83 61.94
CHB CLA ML . 25.95 -13.33 63.61
CHC CLA ML . 28.93 -9.69 62.27
CHD CLA ML . 25.10 -7.19 60.47
NA CLA ML . 24.23 -11.81 62.69
C1A CLA ML . 22.84 -11.86 62.52
C2A CLA ML . 22.26 -13.16 63.05
C3A CLA ML . 23.49 -13.89 63.63
C4A CLA ML . 24.65 -12.96 63.30
CMA CLA ML . 23.37 -14.10 65.12
CAA CLA ML . 21.62 -13.97 61.94
CBA CLA ML . 22.10 -15.40 61.88
CGA CLA ML . 23.18 -15.55 60.85
O1A CLA ML . 23.56 -16.57 60.28
O2A CLA ML . 23.80 -14.37 60.55
NB CLA ML . 27.14 -11.32 62.80
C1B CLA ML . 27.10 -12.56 63.37
C2B CLA ML . 28.48 -12.99 63.73
C3B CLA ML . 29.32 -11.97 63.36
C4B CLA ML . 28.48 -10.89 62.77
CMB CLA ML . 28.78 -14.27 64.37
CAB CLA ML . 30.75 -11.88 63.50
CBB CLA ML . 31.61 -11.72 62.49
NC CLA ML . 26.78 -8.71 61.51
C1C CLA ML . 28.14 -8.67 61.69
C2C CLA ML . 28.66 -7.42 61.15
C3C CLA ML . 27.59 -6.72 60.61
C4C CLA ML . 26.40 -7.54 60.84
CMC CLA ML . 30.06 -7.02 61.16
CAC CLA ML . 27.63 -5.41 59.94
CBC CLA ML . 27.05 -4.28 60.76
ND CLA ML . 24.01 -9.19 61.40
C1D CLA ML . 23.96 -7.94 60.73
C2D CLA ML . 22.56 -7.62 60.40
C3D CLA ML . 21.82 -8.68 60.88
C4D CLA ML . 22.77 -9.64 61.47
CMD CLA ML . 22.11 -6.40 59.73
CAD CLA ML . 20.48 -9.25 61.02
OBD CLA ML . 19.40 -8.76 60.74
CBD CLA ML . 20.65 -10.65 61.68
CGD CLA ML . 19.84 -10.77 62.93
O1D CLA ML . 20.17 -10.45 64.08
O2D CLA ML . 18.60 -11.29 62.74
CED CLA ML . 17.62 -11.07 63.76
C1 CLA ML . 24.96 -14.46 59.68
C2 CLA ML . 25.57 -13.11 59.64
C3 CLA ML . 25.99 -12.56 58.49
C4 CLA ML . 25.86 -13.26 57.18
C5 CLA ML . 26.61 -11.21 58.47
C6 CLA ML . 28.11 -11.28 58.65
C7 CLA ML . 28.81 -10.09 58.03
C8 CLA ML . 30.30 -10.32 57.92
C9 CLA ML . 30.95 -10.35 59.30
C10 CLA ML . 30.96 -9.28 57.03
C11 CLA ML . 31.36 -8.02 57.78
C12 CLA ML . 32.82 -7.67 57.52
C13 CLA ML . 32.97 -6.21 57.10
C14 CLA ML . 34.43 -5.82 57.04
C15 CLA ML . 32.21 -5.27 58.03
C16 CLA ML . 32.35 -3.83 57.59
C17 CLA ML . 31.60 -3.54 56.30
C18 CLA ML . 30.58 -2.42 56.47
C19 CLA ML . 29.64 -2.71 57.62
C20 CLA ML . 31.28 -1.10 56.69
MG CLA NL . 21.21 -5.82 68.99
CHA CLA NL . 19.31 -8.10 70.82
CHB CLA NL . 20.82 -7.74 66.22
CHC CLA NL . 22.83 -3.41 67.16
CHD CLA NL . 21.53 -3.84 71.90
NA CLA NL . 20.25 -7.64 68.61
C1A CLA NL . 19.50 -8.42 69.50
C2A CLA NL . 18.94 -9.65 68.79
C3A CLA NL . 19.64 -9.61 67.41
C4A CLA NL . 20.28 -8.23 67.38
CMA CLA NL . 20.67 -10.72 67.28
CAA CLA NL . 17.44 -9.45 68.63
CBA CLA NL . 17.01 -8.93 67.27
CGA CLA NL . 17.14 -7.44 67.17
O1A CLA NL . 17.54 -6.65 68.03
O2A CLA NL . 16.73 -6.93 65.97
NB CLA NL . 21.78 -5.65 67.08
C1B CLA NL . 21.44 -6.49 66.07
C2B CLA NL . 21.84 -5.91 64.76
C3B CLA NL . 22.42 -4.69 65.02
C4B CLA NL . 22.39 -4.51 66.50
CMB CLA NL . 21.59 -6.61 63.50
CAB CLA NL . 22.96 -3.69 64.14
CBB CLA NL . 23.52 -3.90 62.94
NC CLA NL . 22.06 -3.98 69.47
C1C CLA NL . 22.67 -3.16 68.56
C2C CLA NL . 23.13 -1.94 69.20
C3C CLA NL . 22.77 -2.05 70.55
C4C CLA NL . 22.10 -3.33 70.71
CMC CLA NL . 23.80 -0.87 68.46
CAC CLA NL . 22.96 -1.08 71.65
CBC CLA NL . 24.35 -0.52 71.79
ND CLA NL . 20.61 -5.89 70.92
C1D CLA NL . 20.83 -5.02 72.03
C2D CLA NL . 20.18 -5.58 73.22
C3D CLA NL . 19.56 -6.74 72.82
C4D CLA NL . 19.86 -6.90 71.38
CMD CLA NL . 20.19 -4.96 74.55
CAD CLA NL . 18.73 -7.88 73.21
OBD CLA NL . 18.21 -8.11 74.28
CBD CLA NL . 18.58 -8.79 71.96
CGD CLA NL . 19.10 -10.16 72.30
O1D CLA NL . 19.20 -10.66 73.44
O2D CLA NL . 19.49 -10.94 71.26
CED CLA NL . 19.15 -12.33 71.30
C1 CLA NL . 17.71 -6.87 64.91
C2 CLA NL . 17.84 -5.45 64.48
C3 CLA NL . 18.00 -5.10 63.18
C4 CLA NL . 18.06 -6.12 62.11
C5 CLA NL . 18.13 -3.68 62.75
C6 CLA NL . 18.35 -2.69 63.87
C7 CLA NL . 19.83 -2.38 64.01
C8 CLA NL . 20.19 -0.92 63.74
C9 CLA NL . 19.13 0.00 64.31
C10 CLA NL . 20.37 -0.66 62.25
C11 CLA NL . 20.83 0.75 61.98
C12 CLA NL . 21.19 0.97 60.52
C13 CLA NL . 20.57 2.26 59.98
C14 CLA NL . 19.19 1.98 59.41
C15 CLA NL . 21.45 2.92 58.94
C16 CLA NL . 22.10 4.17 59.49
C17 CLA NL . 22.40 5.18 58.41
C18 CLA NL . 23.73 4.93 57.70
C19 CLA NL . 24.17 6.16 56.94
C20 CLA NL . 24.79 4.52 58.67
MG CLA OL . 39.41 6.72 72.23
CHA CLA OL . 39.80 9.93 70.95
CHB CLA OL . 42.72 6.13 71.74
CHC CLA OL . 38.97 3.59 73.58
CHD CLA OL . 35.97 7.40 72.73
NA CLA OL . 40.99 7.86 71.45
C1A CLA OL . 40.95 9.18 70.98
C2A CLA OL . 42.33 9.64 70.50
C3A CLA OL . 43.21 8.37 70.69
C4A CLA OL . 42.25 7.37 71.35
CMA CLA OL . 43.74 7.86 69.38
CAA CLA OL . 42.86 10.78 71.36
CBA CLA OL . 44.37 10.89 71.26
CGA CLA OL . 44.89 11.81 72.32
O1A CLA OL . 46.07 12.12 72.56
O2A CLA OL . 43.92 12.37 73.09
NB CLA OL . 40.62 5.16 72.58
C1B CLA OL . 41.95 5.12 72.33
C2B CLA OL . 42.50 3.80 72.77
C3B CLA OL . 41.45 3.08 73.29
C4B CLA OL . 40.23 3.93 73.17
CMB CLA OL . 43.91 3.45 72.63
CAB CLA OL . 41.40 1.76 73.85
CBB CLA OL . 41.95 0.67 73.30
NC CLA OL . 37.76 5.68 72.99
C1C CLA OL . 37.82 4.41 73.48
C2C CLA OL . 36.49 4.00 73.93
C3C CLA OL . 35.64 5.08 73.70
C4C CLA OL . 36.44 6.13 73.11
CMC CLA OL . 36.17 2.69 74.52
CAC CLA OL . 34.20 5.15 74.00
CBC CLA OL . 33.91 5.97 75.23
ND CLA OL . 38.12 8.25 71.91
C1D CLA OL . 36.73 8.39 72.16
C2D CLA OL . 36.30 9.75 71.73
C3D CLA OL . 37.43 10.37 71.26
C4D CLA OL . 38.54 9.41 71.39
CMD CLA OL . 34.94 10.25 71.82
CAD CLA OL . 37.99 11.58 70.67
OBD CLA OL . 37.41 12.62 70.38
CBD CLA OL . 39.52 11.34 70.47
CGD CLA OL . 39.94 11.55 69.05
O1D CLA OL . 40.69 12.42 68.60
O2D CLA OL . 39.40 10.66 68.16
CED CLA OL . 39.84 10.71 66.81
C1 CLA OL . 44.08 12.27 74.52
C2 CLA OL . 43.75 10.87 74.88
C3 CLA OL . 43.34 10.50 76.11
C4 CLA OL . 43.19 11.49 77.20
C5 CLA OL . 43.01 9.09 76.41
C6 CLA OL . 43.12 8.19 75.19
C7 CLA OL . 42.46 6.85 75.45
C8 CLA OL . 43.27 5.97 76.39
C9 CLA OL . 44.65 5.73 75.82
C10 CLA OL . 42.56 4.65 76.65
C11 CLA OL . 41.10 4.85 76.99
C12 CLA OL . 40.40 3.53 77.25
C13 CLA OL . 38.90 3.72 77.44
C14 CLA OL . 38.61 4.87 78.39
C15 CLA OL . 38.24 2.44 77.95
MG CLA PL . 29.47 6.08 59.33
CHA CLA PL . 30.26 8.60 57.09
CHB CLA PL . 26.63 7.76 60.21
CHC CLA PL . 28.69 3.52 61.47
CHD CLA PL . 32.42 4.37 58.36
NA CLA PL . 28.62 7.90 58.74
C1A CLA PL . 29.10 8.81 57.78
C2A CLA PL . 28.16 10.00 57.63
C3A CLA PL . 27.07 9.74 58.69
C4A CLA PL . 27.45 8.37 59.27
CMA CLA PL . 27.02 10.81 59.75
CAA CLA PL . 27.55 10.05 56.24
CBA CLA PL . 26.81 8.77 55.91
CGA CLA PL . 27.65 7.89 55.04
O1A CLA PL . 28.57 8.20 54.27
O2A CLA PL . 27.30 6.56 55.13
NB CLA PL . 27.97 5.72 60.61
C1B CLA PL . 26.88 6.51 60.80
C2B CLA PL . 25.93 5.84 61.76
C3B CLA PL . 26.51 4.64 62.11
C4B CLA PL . 27.82 4.55 61.39
CMB CLA PL . 24.67 6.43 62.15
CAB CLA PL . 26.05 3.60 63.00
CBB CLA PL . 24.81 3.11 63.02
NC CLA PL . 30.40 4.28 59.84
C1C CLA PL . 29.91 3.39 60.75
C2C CLA PL . 30.80 2.24 60.85
C3C CLA PL . 31.86 2.48 59.96
C4C CLA PL . 31.59 3.76 59.33
CMC CLA PL . 30.57 1.10 61.72
CAC CLA PL . 33.01 1.59 59.70
CBC CLA PL . 34.17 1.84 60.63
ND CLA PL . 31.02 6.37 58.06
C1D CLA PL . 32.16 5.58 57.76
C2D CLA PL . 32.98 6.28 56.74
C3D CLA PL . 32.29 7.45 56.45
C4D CLA PL . 31.08 7.45 57.29
CMD CLA PL . 34.23 5.79 56.19
CAD CLA PL . 32.27 8.67 55.65
OBD CLA PL . 33.07 9.06 54.82
CBD CLA PL . 30.97 9.44 56.05
CGD CLA PL . 31.27 10.83 56.54
O1D CLA PL . 31.40 11.20 57.71
O2D CLA PL . 31.41 11.76 55.56
CED CLA PL . 31.27 13.13 55.91
C1 CLA PL . 27.80 5.82 56.25
C2 CLA PL . 28.75 4.81 55.72
C3 CLA PL . 28.97 3.62 56.30
C4 CLA PL . 29.93 2.64 55.73
C5 CLA PL . 28.25 3.21 57.54
C6 CLA PL . 28.07 1.71 57.65
C7 CLA PL . 26.69 1.35 58.17
C8 CLA PL . 26.73 0.77 59.57
C9 CLA PL . 27.78 -0.32 59.70
C10 CLA PL . 25.36 0.22 59.99
C11 CLA PL . 25.09 -1.15 59.42
C12 CLA PL . 24.11 -1.11 58.26
C13 CLA PL . 23.38 -2.43 58.07
C14 CLA PL . 22.62 -2.80 59.32
C15 CLA PL . 24.34 -3.55 57.70
C16 CLA PL . 24.47 -3.67 56.19
C17 CLA PL . 25.84 -4.16 55.78
C18 CLA PL . 26.02 -5.64 56.06
C19 CLA PL . 25.50 -6.48 54.92
C20 CLA PL . 27.49 -5.96 56.30
MG CLA QL . 40.66 7.68 57.39
CHA CLA QL . 43.04 10.17 57.80
CHB CLA QL . 40.98 7.92 54.01
CHC CLA QL . 38.32 5.19 57.05
CHD CLA QL . 40.36 7.46 60.91
NA CLA QL . 41.84 8.87 56.14
C1A CLA QL . 42.78 9.85 56.50
C2A CLA QL . 43.43 10.47 55.26
C3A CLA QL . 42.74 9.73 54.07
C4A CLA QL . 41.78 8.77 54.77
CMA CLA QL . 42.03 10.68 53.15
CAA CLA QL . 44.92 10.24 55.21
CBA CLA QL . 45.26 8.76 55.28
CGA CLA QL . 46.71 8.57 54.95
O1A CLA QL . 47.58 9.42 54.76
O2A CLA QL . 47.06 7.25 54.88
NB CLA QL . 39.82 6.73 55.83
C1B CLA QL . 40.06 6.99 54.52
C2B CLA QL . 39.19 6.14 53.67
C3B CLA QL . 38.43 5.36 54.52
C4B CLA QL . 38.83 5.73 55.91
CMB CLA QL . 39.23 6.19 52.20
CAB CLA QL . 37.44 4.36 54.25
CBB CLA QL . 36.48 4.44 53.32
NC CLA QL . 39.55 6.54 58.74
C1C CLA QL . 38.65 5.57 58.38
C2C CLA QL . 38.07 4.97 59.57
C3C CLA QL . 38.64 5.61 60.67
C4C CLA QL . 39.57 6.59 60.14
CMC CLA QL . 37.08 3.89 59.56
CAC CLA QL . 38.38 5.34 62.09
CBC CLA QL . 39.45 4.50 62.73
ND CLA QL . 41.45 8.58 59.02
C1D CLA QL . 41.25 8.39 60.42
C2D CLA QL . 42.11 9.33 61.16
C3D CLA QL . 42.81 10.05 60.21
C4D CLA QL . 42.37 9.54 58.90
CMD CLA QL . 42.15 9.43 62.62
CAD CLA QL . 43.78 11.10 59.97
OBD CLA QL . 44.36 11.82 60.77
CBD CLA QL . 43.98 11.19 58.42
CGD CLA QL . 43.73 12.57 57.87
O1D CLA QL . 44.52 13.28 57.25
O2D CLA QL . 42.48 13.04 58.11
CED CLA QL . 41.90 13.92 57.14
C1 CLA QL . 48.15 6.82 55.72
C2 CLA QL . 48.20 5.34 55.65
C3 CLA QL . 48.73 4.58 56.61
C4 CLA QL . 49.33 5.18 57.84
C5 CLA QL . 48.76 3.10 56.51
C6 CLA QL . 47.80 2.58 55.45
C7 CLA QL . 48.01 1.09 55.24
C8 CLA QL . 46.78 0.43 54.64
C9 CLA QL . 46.37 1.12 53.35
C10 CLA QL . 45.62 0.43 55.63
C11 CLA QL . 44.67 -0.72 55.38
CAA F6C RL . 38.58 12.38 47.48
CAB F6C RL . 30.67 7.76 45.05
CAC F6C RL . 32.20 5.51 52.55
CAD F6C RL . 38.11 11.14 52.23
NA F6C RL . 35.48 10.97 48.17
CBA F6C RL . 38.73 11.05 46.78
CBB F6C RL . 29.40 7.69 45.45
CBC F6C RL . 31.15 6.07 53.48
CBD F6C RL . 38.10 11.93 50.89
NB F6C RL . 33.13 9.39 47.33
OBD F6C RL . 38.89 11.37 53.15
CGA F6C RL . 39.04 9.97 47.77
CGD F6C RL . 37.89 13.40 51.12
ND F6C RL . 35.41 9.43 50.66
CED F6C RL . 38.95 15.47 51.66
CHA F6C RL . 37.00 11.35 50.04
CHB F6C RL . 34.31 11.10 46.00
CHC F6C RL . 31.62 7.54 47.98
CHD F6C RL . 34.37 7.71 52.06
CMA F6C RL . 35.51 13.93 46.34
CMB F6C RL . 32.46 10.11 43.74
CMC F6C RL . 30.41 5.46 49.90
CMD F6C RL . 36.62 8.54 54.11
OMB F6C RL . 33.50 10.11 43.09
C1 F6C RL . 38.29 7.90 48.71
C1A F6C RL . 36.55 11.64 48.78
C1B F6C RL . 33.36 10.07 46.18
C1C F6C RL . 32.12 7.30 49.29
C1D F6C RL . 35.32 8.68 51.85
O1A F6C RL . 40.06 9.82 48.45
O1D F6C RL . 36.82 14.00 51.27
C2 F6C RL . 36.99 7.18 48.81
C2A F6C RL . 37.14 12.70 47.84
C2B F6C RL . 32.46 9.58 45.11
C2C F6C RL . 31.56 6.30 50.19
C2D F6C RL . 36.39 9.12 52.79
O2A F6C RL . 38.03 9.05 47.89
O2D F6C RL . 39.03 14.14 51.16
C3 F6C RL . 36.89 5.85 48.71
C3A F6C RL . 36.22 12.63 46.59
C3B F6C RL . 31.69 8.58 45.66
C3C F6C RL . 32.36 6.33 51.34
C3D F6C RL . 37.05 10.16 52.15
C4 F6C RL . 38.06 4.97 48.48
C4A F6C RL . 35.26 11.49 46.92
C4B F6C RL . 32.11 8.45 47.08
C4C F6C RL . 33.37 7.35 51.13
C4D F6C RL . 36.40 10.31 50.83
C5 F6C RL . 35.56 5.17 48.82
C6 F6C RL . 35.55 4.06 49.85
NC F6C RL . 33.19 7.92 49.87
MG F6C RL . 34.29 9.45 48.98
MG CLA SL . 25.22 13.22 48.19
CHA CLA SL . 27.24 12.45 50.91
CHB CLA SL . 27.23 11.36 46.18
CHC CLA SL . 23.10 13.88 45.57
CHD CLA SL . 23.19 15.19 50.33
NA CLA SL . 26.95 12.10 48.52
C1A CLA SL . 27.63 11.89 49.73
C2A CLA SL . 28.86 11.00 49.53
C3A CLA SL . 28.87 10.75 48.00
C4A CLA SL . 27.60 11.43 47.51
CMA CLA SL . 30.10 11.35 47.36
CAA CLA SL . 28.72 9.68 50.28
CBA CLA SL . 27.32 9.10 50.13
CGA CLA SL . 27.07 8.04 51.16
O1A CLA SL . 27.63 6.95 51.30
O2A CLA SL . 26.08 8.37 52.05
NB CLA SL . 25.18 12.71 46.25
C1B CLA SL . 26.09 11.94 45.61
C2B CLA SL . 25.73 11.81 44.17
C3B CLA SL . 24.56 12.51 43.99
C4B CLA SL . 24.19 13.10 45.31
CMB CLA SL . 26.51 11.04 43.21
CAB CLA SL . 23.77 12.70 42.80
CBB CLA SL . 22.53 12.27 42.62
NC CLA SL . 23.47 14.34 48.00
C1C CLA SL . 22.76 14.46 46.83
C2C CLA SL . 21.58 15.29 47.05
C3C CLA SL . 21.61 15.67 48.39
C4C CLA SL . 22.79 15.07 48.97
CMC CLA SL . 20.60 15.62 46.03
CAC CLA SL . 20.63 16.51 49.10
CBC CLA SL . 20.85 17.99 48.85
ND CLA SL . 25.18 13.76 50.14
C1D CLA SL . 24.29 14.59 50.89
C2D CLA SL . 24.76 14.65 52.29
C3D CLA SL . 25.87 13.84 52.36
C4D CLA SL . 26.09 13.31 50.99
CMD CLA SL . 24.11 15.41 53.35
CAD CLA SL . 26.94 13.32 53.20
OBD CLA SL . 27.15 13.52 54.39
CBD CLA SL . 27.83 12.40 52.31
CGD CLA SL . 29.27 12.82 52.30
O1D CLA SL . 30.18 12.38 53.01
O2D CLA SL . 29.57 13.78 51.38
CED CLA SL . 30.92 14.24 51.32
C1 CLA SL . 25.26 7.30 52.57
C2 CLA SL . 24.36 6.86 51.48
C3 CLA SL . 23.02 6.81 51.60
C4 CLA SL . 22.17 6.36 50.47
C5 CLA SL . 22.33 7.19 52.86
C6 CLA SL . 20.91 7.69 52.66
C7 CLA SL . 20.86 9.20 52.53
C8 CLA SL . 19.44 9.76 52.54
C9 CLA SL . 18.61 9.16 53.65
C10 CLA SL . 18.75 9.55 51.19
C11 CLA SL . 17.80 10.67 50.86
C12 CLA SL . 17.40 10.64 49.40
C13 CLA SL . 16.37 11.73 49.07
C14 CLA SL . 15.72 11.46 47.73
C15 CLA SL . 17.00 13.12 49.10
C16 CLA SL . 16.05 14.17 48.58
C17 CLA SL . 16.67 15.56 48.63
C18 CLA SL . 15.72 16.62 48.09
C19 CLA SL . 14.59 16.88 49.05
C20 CLA SL . 16.48 17.90 47.82
CAA F6C TL . 20.87 9.74 63.80
CAB F6C TL . 24.10 11.69 54.84
CAC F6C TL . 27.54 16.98 59.70
CAD F6C TL . 24.54 12.37 65.65
NA F6C TL . 23.04 10.92 61.28
CBA F6C TL . 20.35 8.53 64.56
CBB F6C TL . 24.38 10.75 53.93
CBC F6C TL . 27.37 18.30 58.98
CBD F6C TL . 23.65 11.20 65.13
NB F6C TL . 23.60 11.85 58.52
OBD F6C TL . 24.79 12.56 66.84
CGA F6C TL . 19.22 8.96 65.45
CGD F6C TL . 24.18 9.86 65.58
ND F6C TL . 24.75 13.11 62.18
CED F6C TL . 25.75 8.13 65.16
CHA F6C TL . 23.60 11.33 63.62
CHB F6C TL . 22.20 9.94 59.17
CHC F6C TL . 24.91 13.45 57.17
CHD F6C TL . 26.15 15.06 61.65
CMA F6C TL . 21.54 7.68 61.03
CMB F6C TL . 22.27 9.31 56.16
CMC F6C TL . 26.66 15.89 56.69
CMD F6C TL . 26.47 15.19 64.80
OMB F6C TL . 21.28 8.81 56.71
C1 F6C TL . 20.04 8.17 67.55
C1A F6C TL . 22.95 10.60 62.64
C1B F6C TL . 22.90 10.73 58.25
C1C F6C TL . 25.44 14.24 58.24
C1D F6C TL . 25.58 14.20 62.57
O1A F6C TL . 18.47 9.93 65.31
O1D F6C TL . 23.98 9.31 66.66
C2 F6C TL . 20.16 9.58 68.01
C2A F6C TL . 22.01 9.41 62.86
C2B F6C TL . 22.94 10.45 56.78
C2C F6C TL . 26.31 15.41 58.03
C2D F6C TL . 25.70 14.21 64.03
O2A F6C TL . 19.04 8.14 66.52
O2D F6C TL . 24.98 9.23 64.68
C3 F6C TL . 21.13 9.97 68.83
C3A F6C TL . 21.44 9.13 61.44
C3B F6C TL . 23.71 11.44 56.20
C3C F6C TL . 26.68 15.86 59.31
C3D F6C TL . 24.98 13.11 64.49
C4 F6C TL . 22.16 9.03 69.34
C4A F6C TL . 22.28 10.05 60.55
C4B F6C TL . 24.13 12.35 57.31
C4C F6C TL . 26.02 14.97 60.26
C4D F6C TL . 24.40 12.48 63.29
C5 F6C TL . 21.24 11.39 69.27
C6 F6C TL . 20.51 12.34 68.35
C7 F6C TL . 21.41 13.49 67.94
C8 F6C TL . 20.94 14.82 68.52
C9 F6C TL . 19.42 14.94 68.46
C10 F6C TL . 21.57 15.99 67.78
C11 F6C TL . 21.42 15.85 66.28
C12 F6C TL . 22.71 16.21 65.55
C13 F6C TL . 22.59 17.53 64.80
C14 F6C TL . 23.60 17.59 63.67
C15 F6C TL . 22.79 18.72 65.74
NC F6C TL . 25.29 14.00 59.58
MG F6C TL . 24.15 12.44 60.37
C16 F6C TL . 22.27 20.00 65.09
C17 F6C TL . 22.72 21.21 65.86
C18 F6C TL . 21.78 22.40 65.67
C19 F6C TL . 22.39 23.67 66.24
C20 F6C TL . 21.45 22.60 64.20
MG CLA UL . 11.27 2.54 51.11
CHA CLA UL . 11.90 -0.81 51.66
CHB CLA UL . 14.36 2.89 49.70
CHC CLA UL . 10.53 5.82 50.44
CHD CLA UL . 8.09 2.14 52.62
NA CLA UL . 12.85 1.23 50.75
C1A CLA UL . 12.92 -0.13 51.05
C2A CLA UL . 14.24 -0.73 50.59
C3A CLA UL . 15.05 0.50 50.12
C4A CLA UL . 14.02 1.63 50.16
CMA CLA UL . 16.24 0.75 51.02
CAA CLA UL . 13.90 -1.58 49.38
CBA CLA UL . 15.10 -1.94 48.54
CGA CLA UL . 14.65 -2.76 47.37
O1A CLA UL . 13.55 -3.29 47.19
O2A CLA UL . 15.60 -2.91 46.40
NB CLA UL . 12.27 4.08 50.28
C1B CLA UL . 13.50 4.00 49.70
C2B CLA UL . 13.85 5.30 49.06
C3B CLA UL . 12.76 6.14 49.27
C4B CLA UL . 11.75 5.37 50.03
CMB CLA UL . 15.11 5.52 48.35
CAB CLA UL . 12.54 7.50 48.84
CBB CLA UL . 12.90 8.03 47.67
NC CLA UL . 9.61 3.76 51.48
C1C CLA UL . 9.52 5.07 51.11
C2C CLA UL . 8.22 5.61 51.51
C3C CLA UL . 7.53 4.57 52.14
C4C CLA UL . 8.41 3.41 52.10
CMC CLA UL . 7.78 6.98 51.27
CAC CLA UL . 6.18 4.62 52.70
CBC CLA UL . 5.16 3.92 51.84
ND CLA UL . 10.17 1.06 51.91
C1D CLA UL . 8.89 1.02 52.53
C2D CLA UL . 8.61 -0.35 53.01
C3D CLA UL . 9.74 -1.09 52.71
C4D CLA UL . 10.68 -0.17 52.03
CMD CLA UL . 7.38 -0.76 53.67
CAD CLA UL . 10.37 -2.39 52.75
OBD CLA UL . 9.92 -3.45 53.18
CBD CLA UL . 11.80 -2.24 52.14
CGD CLA UL . 12.87 -2.52 53.16
O1D CLA UL . 13.70 -1.73 53.61
O2D CLA UL . 12.92 -3.80 53.61
CED CLA UL . 13.81 -4.08 54.69
C1 CLA UL . 15.30 -3.86 45.37
C2 CLA UL . 16.52 -4.67 45.15
C3 CLA UL . 17.50 -4.30 44.32
C4 CLA UL . 17.43 -3.04 43.54
C5 CLA UL . 18.71 -5.14 44.14
C6 CLA UL . 19.96 -4.50 44.73
C7 CLA UL . 21.00 -5.55 45.05
C8 CLA UL . 22.34 -4.93 45.42
C9 CLA UL . 22.17 -3.85 46.47
C10 CLA UL . 23.04 -4.36 44.19
MG CLA VL . 18.23 -8.12 54.35
CHA CLA VL . 17.48 -5.16 52.73
CHB CLA VL . 21.34 -6.97 55.05
CHC CLA VL . 18.89 -11.08 55.96
CHD CLA VL . 14.97 -9.30 53.56
NA CLA VL . 19.23 -6.34 53.94
C1A CLA VL . 18.74 -5.22 53.25
C2A CLA VL . 19.82 -4.13 53.16
C3A CLA VL . 21.05 -4.78 53.84
C4A CLA VL . 20.52 -6.13 54.33
CMA CLA VL . 22.20 -4.95 52.88
CAA CLA VL . 19.43 -2.85 53.87
CBA CLA VL . 20.21 -1.69 53.30
CGA CLA VL . 20.12 -0.49 54.20
O1A CLA VL . 19.10 0.00 54.71
O2A CLA VL . 21.33 0.08 54.45
NB CLA VL . 19.83 -8.89 55.30
C1B CLA VL . 20.98 -8.24 55.55
C2B CLA VL . 21.84 -9.05 56.46
C3B CLA VL . 21.16 -10.22 56.72
C4B CLA VL . 19.87 -10.13 55.97
CMB CLA VL . 23.16 -8.59 56.91
CAB CLA VL . 21.49 -11.37 57.52
CBB CLA VL . 22.31 -11.41 58.56
NC CLA VL . 17.13 -9.87 54.68
C1C CLA VL . 17.60 -10.95 55.36
C2C CLA VL . 16.60 -12.00 55.38
C3C CLA VL . 15.48 -11.50 54.72
C4C CLA VL . 15.82 -10.16 54.28
CMC CLA VL . 16.77 -13.30 56.02
CAC CLA VL . 14.20 -12.18 54.49
CBC CLA VL . 14.14 -12.87 53.15
ND CLA VL . 16.57 -7.45 53.42
C1D CLA VL . 15.30 -8.03 53.15
C2D CLA VL . 14.48 -7.08 52.38
C3D CLA VL . 15.26 -5.97 52.20
C4D CLA VL . 16.55 -6.24 52.85
CMD CLA VL . 13.11 -7.32 51.93
CAD CLA VL . 15.35 -4.65 51.62
OBD CLA VL . 14.48 -4.03 51.01
CBD CLA VL . 16.77 -4.09 51.93
CGD CLA VL . 17.51 -3.73 50.68
O1D CLA VL . 17.56 -4.36 49.61
O2D CLA VL . 18.20 -2.56 50.76
CED CLA VL . 18.68 -1.98 49.55
C1 CLA VL . 21.31 1.40 55.05
C2 CLA VL . 22.29 2.22 54.30
C3 CLA VL . 23.62 2.09 54.44
C4 CLA VL . 24.23 1.10 55.36
C5 CLA VL . 24.56 2.94 53.67
C6 CLA VL . 25.58 2.11 52.90
C7 CLA VL . 26.62 3.01 52.26
C8 CLA VL . 27.08 2.49 50.89
C9 CLA VL . 28.48 1.93 50.98
C10 CLA VL . 27.01 3.61 49.85
C11 CLA VL . 27.25 3.06 48.45
C12 CLA VL . 27.01 4.13 47.41
C13 CLA VL . 27.28 3.61 46.00
C14 CLA VL . 26.43 2.39 45.71
C15 CLA VL . 28.76 3.28 45.80
C16 CLA VL . 29.06 2.90 44.36
C17 CLA VL . 29.11 4.12 43.47
C18 CLA VL . 29.11 3.76 41.99
C19 CLA VL . 29.98 2.56 41.70
C20 CLA VL . 27.70 3.51 41.50
MG CLA WL . 1.55 -1.45 68.12
CHA CLA WL . 2.45 -2.22 71.39
CHB CLA WL . 1.18 -4.77 67.46
CHC CLA WL . 0.40 -0.64 65.01
CHD CLA WL . 1.98 1.97 68.86
NA CLA WL . 1.83 -3.20 69.24
C1A CLA WL . 2.21 -3.30 70.59
C2A CLA WL . 2.32 -4.77 71.01
C3A CLA WL . 2.16 -5.54 69.67
C4A CLA WL . 1.68 -4.45 68.71
CMA CLA WL . 3.46 -6.15 69.21
CAA CLA WL . 1.23 -5.14 72.01
CBA CLA WL . -0.18 -5.10 71.42
CGA CLA WL . -0.80 -3.76 71.61
O1A CLA WL . -0.92 -2.85 70.79
O2A CLA WL . -1.26 -3.55 72.89
NB CLA WL . 1.01 -2.51 66.49
C1B CLA WL . 0.72 -3.84 66.51
C2B CLA WL . -0.18 -4.20 65.38
C3B CLA WL . -0.40 -3.03 64.68
C4B CLA WL . 0.36 -1.95 65.37
CMB CLA WL . -0.66 -5.56 65.14
CAB CLA WL . -1.18 -2.75 63.50
CBB CLA WL . -2.25 -3.43 63.08
NC CLA WL . 1.30 0.35 67.11
C1C CLA WL . 0.85 0.44 65.81
C2C CLA WL . 0.84 1.85 65.40
C3C CLA WL . 1.24 2.59 66.50
C4C CLA WL . 1.54 1.64 67.57
CMC CLA WL . 0.42 2.33 64.08
CAC CLA WL . 1.39 4.05 66.58
CBC CLA WL . 0.27 4.72 67.34
ND CLA WL . 2.08 -0.32 69.71
C1D CLA WL . 2.23 1.08 69.87
C2D CLA WL . 2.63 1.36 71.27
C3D CLA WL . 2.69 0.13 71.91
C4D CLA WL . 2.36 -0.88 70.88
CMD CLA WL . 2.87 2.69 71.81
CAD CLA WL . 2.95 -0.56 73.15
OBD CLA WL . 3.21 -0.11 74.26
CBD CLA WL . 2.85 -2.09 72.85
CGD CLA WL . 4.14 -2.79 73.16
O1D CLA WL . 5.24 -2.61 72.62
O2D CLA WL . 4.06 -3.70 74.17
CED CLA WL . 5.24 -3.93 74.94
C1 CLA WL . -2.60 -3.01 72.99
C2 CLA WL . -2.48 -1.75 73.77
C3 CLA WL . -3.55 -1.07 74.22
C4 CLA WL . -3.40 0.18 75.00
C5 CLA WL . -4.94 -1.53 73.96
C6 CLA WL . -5.89 -0.39 73.71
C7 CLA WL . -7.32 -0.80 74.03
C8 CLA WL . -8.26 0.39 74.23
C9 CLA WL . -7.52 1.59 74.78
C10 CLA WL . -9.40 0.01 75.16
C11 CLA WL . -10.71 0.66 74.75
C12 CLA WL . -11.33 1.44 75.88
C13 CLA WL . -12.14 0.55 76.81
C14 CLA WL . -13.56 1.06 76.95
C15 CLA WL . -11.48 0.45 78.19
MG CLA XL . 10.60 -1.71 68.98
CHA CLA XL . 11.42 -4.82 70.29
CHB CLA XL . 7.74 -1.71 70.82
CHC CLA XL . 9.91 1.43 67.80
CHD CLA XL . 13.60 -1.75 67.11
NA CLA XL . 9.73 -3.09 70.30
C1A CLA XL . 10.23 -4.32 70.73
C2A CLA XL . 9.26 -5.01 71.68
C3A CLA XL . 8.03 -4.08 71.67
C4A CLA XL . 8.51 -2.86 70.89
CMA CLA XL . 6.86 -4.75 70.99
CAA CLA XL . 9.84 -5.19 73.08
CBA CLA XL . 10.03 -3.87 73.81
CGA CLA XL . 11.42 -3.82 74.35
O1A CLA XL . 11.80 -3.67 75.51
O2A CLA XL . 12.36 -3.98 73.37
NB CLA XL . 9.08 -0.42 69.21
C1B CLA XL . 8.08 -0.54 70.12
C2B CLA XL . 7.36 0.76 70.28
C3B CLA XL . 7.97 1.65 69.43
C4B CLA XL . 9.07 0.91 68.73
CMB CLA XL . 6.24 0.92 71.20
CAB CLA XL . 7.72 3.04 69.14
CBB CLA XL . 6.64 3.75 69.47
NC CLA XL . 11.56 -0.42 67.65
C1C CLA XL . 11.08 0.80 67.29
C2C CLA XL . 11.99 1.42 66.32
C3C CLA XL . 13.06 0.54 66.15
C4C CLA XL . 12.77 -0.62 66.99
CMC CLA XL . 11.78 2.73 65.70
CAC CLA XL . 14.22 0.72 65.27
CBC CLA XL . 15.46 1.16 66.03
ND CLA XL . 12.16 -2.95 68.69
C1D CLA XL . 13.34 -2.85 67.91
C2D CLA XL . 14.15 -4.06 68.09
C3D CLA XL . 13.46 -4.85 68.99
C4D CLA XL . 12.24 -4.12 69.34
CMD CLA XL . 15.42 -4.32 67.43
CAD CLA XL . 13.44 -6.12 69.70
OBD CLA XL . 14.22 -7.04 69.66
CBD CLA XL . 12.15 -6.11 70.58
CGD CLA XL . 11.28 -7.32 70.34
O1D CLA XL . 10.77 -7.67 69.28
O2D CLA XL . 11.07 -8.07 71.46
CED CLA XL . 10.45 -9.35 71.29
C1 CLA XL . 13.73 -4.10 73.79
C2 CLA XL . 14.53 -4.11 72.54
C3 CLA XL . 15.71 -4.73 72.43
C4 CLA XL . 16.32 -5.47 73.57
C5 CLA XL . 16.48 -4.71 71.15
C6 CLA XL . 17.32 -3.46 70.98
C7 CLA XL . 18.24 -3.60 69.80
C8 CLA XL . 18.37 -2.30 69.01
C9 CLA XL . 19.08 -2.55 67.70
C10 CLA XL . 19.10 -1.24 69.83
C11 CLA XL . 18.87 0.16 69.29
C12 CLA XL . 20.16 0.80 68.84
C13 CLA XL . 20.05 2.31 68.73
C14 CLA XL . 19.58 2.92 70.04
C15 CLA XL . 19.11 2.72 67.60
C16 CLA XL . 19.77 3.68 66.64
C17 CLA XL . 19.17 3.59 65.26
C18 CLA XL . 19.79 4.58 64.28
C19 CLA XL . 21.20 4.19 63.94
C20 CLA XL . 18.95 4.69 63.03
MG CLA YL . 6.36 16.29 63.67
CHA CLA YL . 4.91 19.42 63.31
CHB CLA YL . 8.40 17.51 66.10
CHC CLA YL . 7.58 13.11 64.16
CHD CLA YL . 4.17 15.05 61.18
NA CLA YL . 6.62 18.18 64.53
C1A CLA YL . 5.90 19.35 64.26
C2A CLA YL . 6.40 20.50 65.13
C3A CLA YL . 7.59 19.89 65.90
C4A CLA YL . 7.54 18.42 65.50
CMA CLA YL . 8.88 20.54 65.49
CAA CLA YL . 5.31 20.96 66.10
CBA CLA YL . 4.87 19.84 67.01
CGA CLA YL . 3.37 19.86 67.17
O1A CLA YL . 2.53 20.30 66.39
O2A CLA YL . 2.95 19.29 68.35
NB CLA YL . 7.70 15.47 64.92
C1B CLA YL . 8.46 16.13 65.82
C2B CLA YL . 9.42 15.20 66.46
C3B CLA YL . 9.20 13.94 65.92
C4B CLA YL . 8.10 14.10 64.92
CMB CLA YL . 10.38 15.63 67.48
CAB CLA YL . 9.82 12.68 66.16
CBB CLA YL . 11.11 12.47 66.47
NC CLA YL . 5.97 14.43 62.80
C1C CLA YL . 6.58 13.26 63.16
C2C CLA YL . 6.04 12.16 62.39
C3C CLA YL . 5.07 12.70 61.53
C4C CLA YL . 5.03 14.14 61.81
CMC CLA YL . 6.47 10.77 62.53
CAC CLA YL . 4.24 11.98 60.57
CBC CLA YL . 2.86 11.69 61.11
ND CLA YL . 4.96 17.03 62.41
C1D CLA YL . 4.12 16.40 61.45
C2D CLA YL . 3.22 17.42 60.86
C3D CLA YL . 3.49 18.61 61.53
C4D CLA YL . 4.56 18.29 62.50
CMD CLA YL . 2.26 17.16 59.79
CAD CLA YL . 3.17 20.01 61.65
OBD CLA YL . 2.41 20.70 60.99
CBD CLA YL . 4.02 20.56 62.85
CGD CLA YL . 4.77 21.81 62.48
O1D CLA YL . 4.32 22.94 62.34
O2D CLA YL . 6.10 21.63 62.27
CED CLA YL . 6.92 22.81 62.18
C1 CLA YL . 2.06 18.16 68.24
C2 CLA YL . 0.74 18.60 68.75
C3 CLA YL . -0.37 17.84 68.69
C4 CLA YL . -1.67 18.34 69.21
C5 CLA YL . -0.37 16.47 68.09
C6 CLA YL . -1.03 15.44 69.00
C7 CLA YL . -2.20 14.79 68.31
C8 CLA YL . -1.88 13.40 67.77
C9 CLA YL . -1.97 13.38 66.27
C10 CLA YL . -2.81 12.35 68.36
C11 CLA YL . -2.33 10.94 68.05
C12 CLA YL . -3.38 9.89 68.37
C13 CLA YL . -2.89 8.87 69.39
C14 CLA YL . -1.42 8.55 69.19
C15 CLA YL . -3.71 7.58 69.34
C16 CLA YL . -5.15 7.80 69.73
C17 CLA YL . -5.28 8.42 71.12
C18 CLA YL . -6.60 8.07 71.79
C19 CLA YL . -6.96 9.10 72.84
C20 CLA YL . -7.73 7.92 70.80
MG CLA ZL . 18.37 14.29 38.57
CHA CLA ZL . 20.98 16.42 37.72
CHB CLA ZL . 17.51 14.02 35.30
CHC CLA ZL . 15.88 12.10 39.48
CHD CLA ZL . 19.31 14.59 41.98
NA CLA ZL . 19.13 15.10 36.82
C1A CLA ZL . 20.23 15.97 36.66
C2A CLA ZL . 20.45 16.33 35.20
C3A CLA ZL . 19.26 15.64 34.47
C4A CLA ZL . 18.58 14.85 35.59
CMA CLA ZL . 18.33 16.64 33.83
CAA CLA ZL . 21.77 15.80 34.68
CBA CLA ZL . 21.94 14.33 35.00
CGA CLA ZL . 22.93 13.71 34.06
O1A CLA ZL . 23.69 14.27 33.25
O2A CLA ZL . 22.96 12.34 34.15
NB CLA ZL . 16.93 13.30 37.58
C1B CLA ZL . 16.79 13.26 36.24
C2B CLA ZL . 15.73 12.27 35.87
C3B CLA ZL . 15.27 11.73 37.05
C4B CLA ZL . 16.03 12.37 38.15
CMB CLA ZL . 15.36 12.00 34.48
CAB CLA ZL . 14.27 10.71 37.29
CBB CLA ZL . 14.08 9.61 36.56
NC CLA ZL . 17.71 13.51 40.40
C1C CLA ZL . 16.67 12.64 40.54
C2C CLA ZL . 16.46 12.32 41.94
C3C CLA ZL . 17.45 13.01 42.66
C4C CLA ZL . 18.23 13.76 41.68
CMC CLA ZL . 15.42 11.42 42.46
CAC CLA ZL . 17.66 13.01 44.11
CBC CLA ZL . 18.80 12.11 44.53
ND CLA ZL . 19.80 15.21 39.66
C1D CLA ZL . 20.07 15.28 41.05
C2D CLA ZL . 21.22 16.19 41.29
C3D CLA ZL . 21.60 16.65 40.04
C4D CLA ZL . 20.69 16.02 39.06
CMD CLA ZL . 21.78 16.48 42.60
CAD CLA ZL . 22.52 17.49 39.32
OBD CLA ZL . 23.43 18.18 39.73
CBD CLA ZL . 22.13 17.39 37.80
CGD CLA ZL . 21.75 18.73 37.25
O1D CLA ZL . 22.34 19.38 36.38
O2D CLA ZL . 20.62 19.25 37.80
CED CLA ZL . 20.15 20.50 37.29
C1 CLA ZL . 23.44 11.65 32.98
C2 CLA ZL . 22.98 10.23 33.11
C3 CLA ZL . 22.81 9.43 32.06
C4 CLA ZL . 22.35 8.02 32.21
C5 CLA ZL . 23.07 9.91 30.67
MG CLA AM . 13.45 10.76 30.34
CHA CLA AM . 15.34 13.64 29.85
CHB CLA AM . 10.85 12.21 28.72
CHC CLA AM . 11.66 7.86 30.75
CHD CLA AM . 16.21 9.29 31.99
NA CLA AM . 13.16 12.63 29.45
C1A CLA AM . 14.08 13.69 29.34
C2A CLA AM . 13.46 14.87 28.60
C3A CLA AM . 11.99 14.44 28.37
C4A CLA AM . 11.98 12.99 28.86
CMA CLA AM . 11.03 15.30 29.16
CAA CLA AM . 14.15 15.06 27.25
CBA CLA AM . 14.10 13.78 26.43
CGA CLA AM . 14.85 13.90 25.14
O1A CLA AM . 15.48 14.86 24.68
O2A CLA AM . 14.78 12.74 24.40
NB CLA AM . 11.60 10.17 29.86
C1B CLA AM . 10.70 10.89 29.13
C2B CLA AM . 9.50 10.06 28.84
C3B CLA AM . 9.72 8.82 29.42
C4B CLA AM . 11.06 8.88 30.08
CMB CLA AM . 8.39 10.59 28.07
CAB CLA AM . 8.92 7.63 29.46
CBB CLA AM . 7.86 7.34 28.70
NC CLA AM . 13.86 8.93 31.23
C1C CLA AM . 12.98 7.88 31.29
C2C CLA AM . 13.58 6.76 32.00
C3C CLA AM . 14.88 7.15 32.34
C4C CLA AM . 15.05 8.52 31.85
CMC CLA AM . 12.92 5.49 32.27
CAC CLA AM . 15.89 6.36 33.06
CBC CLA AM . 15.76 6.51 34.56
ND CLA AM . 15.35 11.28 30.83
C1D CLA AM . 16.37 10.58 31.52
C2D CLA AM . 17.56 11.46 31.63
C3D CLA AM . 17.21 12.64 31.02
C4D CLA AM . 15.83 12.47 30.54
CMD CLA AM . 18.82 11.09 32.28
CAD CLA AM . 17.64 13.98 30.64
OBD CLA AM . 18.72 14.53 30.85
CBD CLA AM . 16.45 14.66 29.90
CGD CLA AM . 16.01 15.91 30.60
O1D CLA AM . 15.22 15.99 31.54
O2D CLA AM . 16.55 17.06 30.12
CED CLA AM . 16.38 18.25 30.89
C1 CLA AM . 15.99 12.31 23.75
C2 CLA AM . 15.83 10.86 23.46
C3 CLA AM . 16.85 10.06 23.11
C4 CLA AM . 18.24 10.56 22.99
C5 CLA AM . 16.61 8.61 22.85
C6 CLA AM . 17.52 7.70 23.66
C7 CLA AM . 16.88 6.33 23.84
C8 CLA AM . 17.88 5.25 24.20
C9 CLA AM . 17.16 4.03 24.73
C10 CLA AM . 18.90 5.75 25.21
MG CLA BM . 2.97 -2.26 28.64
CHA CLA BM . 2.78 1.19 29.04
CHB CLA BM . -0.43 -2.41 28.44
CHC CLA BM . 3.22 -5.62 28.03
CHD CLA BM . 6.49 -2.04 28.84
NA CLA BM . 1.45 -0.83 28.76
C1A CLA BM . 1.57 0.55 28.92
C2A CLA BM . 0.21 1.23 28.95
C3A CLA BM . -0.78 0.04 28.98
C4A CLA BM . 0.13 -1.17 28.69
CMA CLA BM . -1.47 -0.08 30.32
CAA CLA BM . 0.02 2.05 27.69
CBA CLA BM . -1.34 2.71 27.63
CGA CLA BM . -1.34 3.93 28.51
O1A CLA BM . -0.39 4.42 29.14
O2A CLA BM . -2.56 4.51 28.59
NB CLA BM . 1.65 -3.75 28.37
C1B CLA BM . 0.31 -3.58 28.18
C2B CLA BM . -0.29 -4.84 27.65
C3B CLA BM . 0.73 -5.74 27.53
C4B CLA BM . 1.97 -5.07 27.99
CMB CLA BM . -1.71 -4.99 27.33
CAB CLA BM . 0.70 -7.11 27.06
CBB CLA BM . 1.25 -7.55 25.93
NC CLA BM . 4.57 -3.59 28.52
C1C CLA BM . 4.43 -4.94 28.29
C2C CLA BM . 5.75 -5.56 28.29
C3C CLA BM . 6.68 -4.55 28.48
C4C CLA BM . 5.93 -3.31 28.63
CMC CLA BM . 5.99 -6.99 28.09
CAC CLA BM . 8.14 -4.68 28.56
CBC CLA BM . 8.62 -5.00 29.95
ND CLA BM . 4.37 -0.82 28.88
C1D CLA BM . 5.78 -0.86 28.96
C2D CLA BM . 6.29 0.51 29.16
C3D CLA BM . 5.19 1.34 29.18
C4D CLA BM . 4.02 0.45 29.01
CMD CLA BM . 7.72 0.86 29.28
CAD CLA BM . 4.71 2.69 29.31
OBD CLA BM . 5.34 3.74 29.44
CBD CLA BM . 3.15 2.64 29.24
CGD CLA BM . 2.53 3.19 30.48
O1D CLA BM . 2.05 2.57 31.44
O2D CLA BM . 2.53 4.55 30.54
CED CLA BM . 2.19 5.16 31.79
C1 CLA BM . -2.67 5.68 29.44
C2 CLA BM . -4.13 5.94 29.55
C3 CLA BM . -4.63 7.10 29.99
C4 CLA BM . -3.77 8.23 30.41
C5 CLA BM . -6.10 7.30 30.07
C6 CLA BM . -6.86 6.28 29.24
C7 CLA BM . -8.33 6.24 29.61
C8 CLA BM . -9.00 7.60 29.46
C9 CLA BM . -10.42 7.54 29.98
C10 CLA BM . -8.98 8.07 28.02
C11 CLA BM . -9.32 9.54 27.92
C12 CLA BM . -9.19 10.06 26.50
C13 CLA BM . -9.64 11.50 26.39
C14 CLA BM . -8.60 12.44 26.96
C15 CLA BM . -10.98 11.73 27.09
C16 CLA BM . -11.75 12.87 26.46
C17 CLA BM . -12.81 13.40 27.40
C18 CLA BM . -13.82 14.30 26.70
C19 CLA BM . -14.60 15.12 27.71
C20 CLA BM . -13.14 15.22 25.71
MG CLA CM . -5.26 -7.72 29.62
CHA CLA CM . -5.74 -10.09 27.14
CHB CLA CM . -1.90 -8.21 29.42
CHC CLA CM . -4.82 -5.28 31.99
CHD CLA CM . -8.77 -7.30 29.83
NA CLA CM . -4.04 -8.96 28.45
C1A CLA CM . -4.43 -9.86 27.46
C2A CLA CM . -3.22 -10.55 26.84
C3A CLA CM . -2.04 -10.05 27.70
C4A CLA CM . -2.68 -8.98 28.58
CMA CLA CM . -1.43 -11.17 28.50
CAA CLA CM . -3.04 -10.10 25.39
CBA CLA CM . -3.21 -8.59 25.24
CGA CLA CM . -2.25 -8.03 24.23
O1A CLA CM . -1.46 -8.63 23.51
O2A CLA CM . -2.30 -6.67 24.16
NB CLA CM . -3.67 -6.97 30.59
C1B CLA CM . -2.38 -7.20 30.27
C2B CLA CM . -1.49 -6.22 30.96
C3B CLA CM . -2.31 -5.39 31.69
C4B CLA CM . -3.71 -5.85 31.46
CMB CLA CM . -0.03 -6.21 30.81
CAB CLA CM . -1.99 -4.25 32.50
CBB CLA CM . -1.20 -3.24 32.12
NC CLA CM . -6.56 -6.52 30.72
C1C CLA CM . -6.17 -5.59 31.64
C2C CLA CM . -7.34 -4.94 32.22
C3C CLA CM . -8.46 -5.50 31.61
C4C CLA CM . -7.96 -6.50 30.66
CMC CLA CM . -7.30 -3.89 33.24
CAC CLA CM . -9.87 -5.17 31.85
CBC CLA CM . -10.43 -5.86 33.07
ND CLA CM . -6.90 -8.40 28.66
C1D CLA CM . -8.30 -8.19 28.89
C2D CLA CM . -9.06 -9.05 27.96
C3D CLA CM . -8.13 -9.79 27.25
C4D CLA CM . -6.81 -9.37 27.75
CMD CLA CM . -10.52 -9.07 27.88
CAD CLA CM . -7.90 -10.78 26.23
OBD CLA CM . -8.70 -11.35 25.49
CBD CLA CM . -6.37 -11.07 26.19
CGD CLA CM . -6.12 -12.49 26.64
O1D CLA CM . -6.81 -13.17 27.38
O2D CLA CM . -4.98 -13.05 26.14
CED CLA CM . -4.50 -14.21 26.82
C1 CLA CM . -1.73 -6.06 22.97
C2 CLA CM . -0.65 -5.14 23.42
C3 CLA CM . -0.02 -4.29 22.59
C4 CLA CM . -0.37 -4.18 21.15
C5 CLA CM . 1.07 -3.39 23.08
C6 CLA CM . 1.69 -3.84 24.38
C7 CLA CM . 2.54 -2.74 24.99
C8 CLA CM . 3.96 -2.71 24.44
C9 CLA CM . 4.59 -4.08 24.55
C10 CLA CM . 4.80 -1.68 25.19
C11 CLA CM . 6.24 -1.68 24.74
C12 CLA CM . 7.03 -0.55 25.37
C13 CLA CM . 8.51 -0.62 25.00
C14 CLA CM . 9.25 -1.57 25.90
C15 CLA CM . 9.17 0.76 25.02
C16 CLA CM . 10.31 0.82 24.03
C17 CLA CM . 11.16 2.06 24.23
C18 CLA CM . 11.92 2.45 22.98
C19 CLA CM . 13.03 3.43 23.30
C20 CLA CM . 12.51 1.23 22.28
MG CLA DM . 23.75 -11.17 49.11
CHA CLA DM . 25.92 -12.87 51.22
CHB CLA DM . 22.06 -10.00 51.80
CHC CLA DM . 21.73 -9.40 46.98
CHD CLA DM . 25.57 -12.41 46.33
NA CLA DM . 23.97 -11.41 51.17
C1A CLA DM . 24.95 -12.15 51.85
C2A CLA DM . 24.76 -12.05 53.36
C3A CLA DM . 23.47 -11.20 53.51
C4A CLA DM . 23.13 -10.82 52.07
CMA CLA DM . 22.37 -12.00 54.14
CAA CLA DM . 25.93 -11.34 54.02
CBA CLA DM . 26.38 -10.14 53.22
CGA CLA DM . 27.53 -9.45 53.90
O1A CLA DM . 27.63 -9.12 55.08
O2A CLA DM . 28.58 -9.19 53.06
NB CLA DM . 22.21 -9.90 49.35
C1B CLA DM . 21.62 -9.59 50.53
C2B CLA DM . 20.41 -8.75 50.28
C3B CLA DM . 20.32 -8.58 48.92
C4B CLA DM . 21.46 -9.31 48.31
CMB CLA DM . 19.57 -8.29 51.38
CAB CLA DM . 19.36 -7.88 48.10
CBB CLA DM . 18.21 -7.34 48.49
NC CLA DM . 23.66 -10.97 47.03
C1C CLA DM . 22.76 -10.19 46.37
C2C CLA DM . 23.00 -10.24 44.93
C3C CLA DM . 24.09 -11.09 44.75
C4C CLA DM . 24.50 -11.55 46.08
CMC CLA DM . 22.22 -9.52 43.92
CAC CLA DM . 24.70 -11.47 43.48
CBC CLA DM . 25.95 -10.65 43.18
ND CLA DM . 25.32 -12.41 48.78
C1D CLA DM . 25.97 -12.84 47.58
C2D CLA DM . 27.09 -13.74 47.95
C3D CLA DM . 27.10 -13.80 49.32
C4D CLA DM . 26.00 -12.94 49.79
CMD CLA DM . 27.96 -14.40 46.98
CAD CLA DM . 27.74 -14.37 50.50
OBD CLA DM . 28.66 -15.18 50.59
CBD CLA DM . 27.03 -13.75 51.74
CGD CLA DM . 26.49 -14.79 52.69
O1D CLA DM . 26.68 -14.90 53.90
O2D CLA DM . 25.68 -15.71 52.08
CED CLA DM . 24.63 -16.29 52.85
C1 CLA DM . 29.36 -8.02 53.36
C2 CLA DM . 30.18 -7.72 52.16
C3 CLA DM . 31.38 -8.26 51.94
C4 CLA DM . 32.01 -9.21 52.88
C5 CLA DM . 32.16 -7.92 50.71
C6 CLA DM . 31.37 -7.08 49.72
C7 CLA DM . 31.32 -7.75 48.36
C8 CLA DM . 32.49 -7.37 47.48
C9 CLA DM . 32.09 -7.40 46.02
MG CLA EM . 32.95 -14.49 50.82
CHA CLA EM . 33.78 -15.34 54.08
CHB CLA EM . 30.53 -12.41 52.00
CHC CLA EM . 32.17 -13.69 47.58
CHD CLA EM . 35.44 -16.73 49.67
NA CLA EM . 32.29 -13.96 52.74
C1A CLA EM . 32.77 -14.43 53.97
C2A CLA EM . 32.00 -13.79 55.14
C3A CLA EM . 30.95 -12.90 54.43
C4A CLA EM . 31.27 -13.08 52.94
CMA CLA EM . 29.55 -13.33 54.77
CAA CLA EM . 32.90 -12.97 56.04
CBA CLA EM . 33.28 -11.64 55.43
CGA CLA EM . 34.60 -11.75 54.71
O1A CLA EM . 35.39 -12.69 54.71
O2A CLA EM . 34.92 -10.63 54.00
NB CLA EM . 31.56 -13.33 49.95
C1B CLA EM . 30.72 -12.49 50.60
C2B CLA EM . 29.99 -11.63 49.62
C3B CLA EM . 30.46 -11.98 48.37
C4B CLA EM . 31.46 -13.07 48.57
CMB CLA EM . 29.03 -10.61 50.03
CAB CLA EM . 30.14 -11.48 47.06
CBB CLA EM . 28.96 -11.00 46.66
NC CLA EM . 33.69 -15.09 48.97
C1C CLA EM . 33.23 -14.63 47.76
C2C CLA EM . 33.95 -15.26 46.68
C3C CLA EM . 34.88 -16.13 47.27
C4C CLA EM . 34.71 -16.01 48.71
CMC CLA EM . 33.72 -15.01 45.25
CAC CLA EM . 35.85 -16.99 46.57
CBC CLA EM . 35.24 -18.32 46.19
ND CLA EM . 34.40 -15.67 51.62
C1D CLA EM . 35.31 -16.58 51.03
C2D CLA EM . 36.03 -17.30 52.11
C3D CLA EM . 35.50 -16.85 53.30
C4D CLA EM . 34.46 -15.86 52.93
CMD CLA EM . 37.10 -18.28 51.88
CAD CLA EM . 35.53 -16.93 54.75
OBD CLA EM . 36.30 -17.54 55.48
CBD CLA EM . 34.36 -16.04 55.27
CGD CLA EM . 33.26 -16.85 55.87
O1D CLA EM . 32.71 -17.84 55.37
O2D CLA EM . 32.83 -16.43 57.08
CED CLA EM . 33.86 -16.07 57.99
C1 CLA EM . 35.76 -9.67 54.68
C2 CLA EM . 36.98 -9.51 53.86
C3 CLA EM . 37.93 -8.61 54.14
C4 CLA EM . 37.84 -7.69 55.31
C5 CLA EM . 39.15 -8.48 53.29
C6 CLA EM . 40.44 -8.59 54.08
MG CLA FM . 10.40 -9.14 49.97
CHA CLA FM . 13.08 -10.95 48.73
CHB CLA FM . 11.60 -6.34 48.47
CHC CLA FM . 7.79 -7.38 51.36
CHD CLA FM . 9.24 -12.08 51.58
NA CLA FM . 12.06 -8.74 48.77
C1A CLA FM . 13.07 -9.63 48.36
C2A CLA FM . 14.11 -8.93 47.48
C3A CLA FM . 13.57 -7.48 47.39
C4A CLA FM . 12.31 -7.50 48.26
CMA CLA FM . 14.57 -6.48 47.89
CAA CLA FM . 14.21 -9.60 46.12
CBA CLA FM . 14.69 -8.67 45.03
CGA CLA FM . 16.19 -8.69 44.88
O1A CLA FM . 17.04 -8.33 45.69
O2A CLA FM . 16.59 -9.18 43.68
NB CLA FM . 9.79 -7.24 49.89
C1B CLA FM . 10.44 -6.22 49.27
C2B CLA FM . 9.76 -4.93 49.56
C3B CLA FM . 8.68 -5.22 50.38
C4B CLA FM . 8.69 -6.69 50.60
CMB CLA FM . 10.25 -3.65 49.04
CAB CLA FM . 7.68 -4.39 50.99
CBB CLA FM . 7.37 -3.13 50.68
NC CLA FM . 8.79 -9.66 51.21
C1C CLA FM . 7.85 -8.78 51.64
C2C CLA FM . 6.88 -9.46 52.49
C3C CLA FM . 7.29 -10.78 52.57
C4C CLA FM . 8.49 -10.90 51.75
CMC CLA FM . 5.72 -8.83 53.14
CAC CLA FM . 6.65 -11.87 53.31
CBC CLA FM . 5.90 -12.81 52.41
ND CLA FM . 10.95 -11.09 50.13
C1D CLA FM . 10.38 -12.19 50.82
C2D CLA FM . 11.24 -13.37 50.61
C3D CLA FM . 12.30 -12.95 49.83
C4D CLA FM . 12.07 -11.52 49.56
CMD CLA FM . 10.97 -14.70 51.16
CAD CLA FM . 13.54 -13.34 49.17
OBD CLA FM . 14.11 -14.41 49.16
CBD CLA FM . 14.07 -12.07 48.45
CGD CLA FM . 15.46 -11.68 48.89
O1D CLA FM . 16.48 -11.61 48.20
O2D CLA FM . 15.55 -11.34 50.21
CED CLA FM . 16.59 -10.43 50.58
C1 CLA FM . 17.46 -8.35 42.88
C2 CLA FM . 18.33 -9.28 42.13
C3 CLA FM . 19.31 -8.89 41.29
C4 CLA FM . 20.15 -9.88 40.57
C5 CLA FM . 19.60 -7.44 41.08
C6 CLA FM . 20.38 -7.18 39.80
C7 CLA FM . 19.47 -6.99 38.61
C8 CLA FM . 20.24 -7.08 37.29
C9 CLA FM . 21.06 -5.82 37.07
C10 CLA FM . 19.30 -7.32 36.12
MG CLA GM . 10.64 -5.45 38.62
CHA CLA GM . 11.61 -7.87 40.91
CHB CLA GM . 10.40 -3.17 41.15
CHC CLA GM . 9.79 -3.06 36.31
CHD CLA GM . 10.92 -7.85 36.04
NA CLA GM . 10.96 -5.53 40.69
C1A CLA GM . 11.35 -6.64 41.45
C2A CLA GM . 11.48 -6.26 42.92
C3A CLA GM . 10.99 -4.81 42.98
C4A CLA GM . 10.77 -4.45 41.50
CMA CLA GM . 9.73 -4.67 43.80
CAA CLA GM . 12.93 -6.33 43.33
CBA CLA GM . 13.87 -5.50 42.46
CGA CLA GM . 14.39 -6.26 41.29
O1A CLA GM . 14.90 -7.38 41.24
O2A CLA GM . 14.23 -5.58 40.12
NB CLA GM . 10.15 -3.50 38.72
C1B CLA GM . 10.16 -2.73 39.83
C2B CLA GM . 9.86 -1.32 39.49
C3B CLA GM . 9.69 -1.27 38.12
C4B CLA GM . 9.87 -2.66 37.61
CMB CLA GM . 9.79 -0.24 40.48
CAB CLA GM . 9.38 -0.14 37.29
CBB CLA GM . 10.15 0.30 36.28
NC CLA GM . 10.39 -5.46 36.55
C1C CLA GM . 10.03 -4.37 35.81
C2C CLA GM . 9.95 -4.74 34.40
C3C CLA GM . 10.27 -6.09 34.32
C4C CLA GM . 10.54 -6.54 35.68
CMC CLA GM . 9.60 -3.82 33.32
CAC CLA GM . 10.32 -6.92 33.11
CBC CLA GM . 11.73 -7.10 32.60
ND CLA GM . 11.16 -7.39 38.44
C1D CLA GM . 11.22 -8.27 37.32
C2D CLA GM . 11.64 -9.61 37.77
C3D CLA GM . 11.83 -9.51 39.14
C4D CLA GM . 11.50 -8.11 39.50
CMD CLA GM . 11.83 -10.77 36.90
CAD CLA GM . 12.23 -10.19 40.36
OBD CLA GM . 12.66 -11.32 40.52
CBD CLA GM . 12.03 -9.18 41.53
CGD CLA GM . 11.01 -9.68 42.51
O1D CLA GM . 9.82 -9.92 42.28
O2D CLA GM . 11.47 -9.87 43.76
CED CLA GM . 10.56 -10.41 44.73
C1 CLA GM . 14.71 -6.22 38.91
C2 CLA GM . 13.94 -5.62 37.79
C3 CLA GM . 14.43 -5.54 36.54
C4 CLA GM . 15.77 -6.05 36.17
C5 CLA GM . 13.63 -4.93 35.45
C6 CLA GM . 14.36 -3.82 34.72
C7 CLA GM . 14.03 -2.46 35.32
C8 CLA GM . 14.65 -1.33 34.51
C9 CLA GM . 15.44 -0.41 35.43
C10 CLA GM . 13.57 -0.54 33.77
C11 CLA GM . 13.63 -0.80 32.28
C12 CLA GM . 12.25 -0.90 31.66
C13 CLA GM . 11.57 0.46 31.57
C14 CLA GM . 10.31 0.50 32.41
C15 CLA GM . 11.25 0.82 30.13
C16 CLA GM . 12.14 1.93 29.62
C17 CLA GM . 11.34 3.05 28.97
C18 CLA GM . 12.15 3.86 27.97
C19 CLA GM . 11.53 5.22 27.75
C20 CLA GM . 13.59 4.00 28.43
MG CLA HM . 12.56 3.90 41.41
CHA CLA HM . 12.99 1.10 43.42
CHB CLA HM . 12.35 5.86 44.18
CHC CLA HM . 12.13 6.62 39.37
CHD CLA HM . 12.78 1.81 38.55
NA CLA HM . 12.66 3.51 43.46
C1A CLA HM . 12.84 2.28 44.11
C2A CLA HM . 12.83 2.45 45.63
C3A CLA HM . 12.59 3.97 45.83
C4A CLA HM . 12.53 4.50 44.40
CMA CLA HM . 11.33 4.24 46.59
CAA CLA HM . 14.11 1.98 46.30
CBA CLA HM . 15.38 2.57 45.70
CGA CLA HM . 16.56 1.84 46.28
O1A CLA HM . 16.78 0.63 46.28
O2A CLA HM . 17.46 2.67 46.87
NB CLA HM . 12.18 5.85 41.72
C1B CLA HM . 12.30 6.48 42.92
C2B CLA HM . 12.36 7.95 42.72
C3B CLA HM . 12.30 8.17 41.36
C4B CLA HM . 12.19 6.83 40.71
CMB CLA HM . 12.50 8.90 43.83
CAB CLA HM . 12.34 9.38 40.59
CBB CLA HM . 11.74 10.52 40.91
NC CLA HM . 12.46 4.16 39.34
C1C CLA HM . 12.26 5.36 38.72
C2C CLA HM . 12.21 5.18 37.27
C3C CLA HM . 12.42 3.83 37.04
C4C CLA HM . 12.57 3.19 38.34
CMC CLA HM . 12.01 6.26 36.30
CAC CLA HM . 12.46 3.16 35.73
CBC CLA HM . 13.87 2.98 35.22
ND CLA HM . 12.94 1.95 41.00
C1D CLA HM . 12.96 1.22 39.78
C2D CLA HM . 13.19 -0.21 40.09
C3D CLA HM . 13.23 -0.31 41.46
C4D CLA HM . 13.03 1.06 41.98
CMD CLA HM . 13.32 -1.26 39.08
CAD CLA HM . 13.41 -1.18 42.60
OBD CLA HM . 13.69 -2.37 42.63
CBD CLA HM . 13.16 -0.33 43.88
CGD CLA HM . 11.91 -0.79 44.59
O1D CLA HM . 10.84 -1.12 44.08
O2D CLA HM . 12.02 -0.83 45.95
CED CLA HM . 10.80 -0.86 46.70
C1 CLA HM . 18.68 2.05 47.35
C2 CLA HM . 19.61 1.96 46.19
C3 CLA HM . 20.42 0.91 46.00
C4 CLA HM . 20.46 -0.24 46.92
C5 CLA HM . 21.33 0.86 44.81
MG CLA IM . -25.75 23.02 74.36
CHA CLA IM . -28.19 22.46 71.95
CHB CLA IM . -28.15 24.04 76.56
CHC CLA IM . -23.34 23.30 76.79
CHD CLA IM . -23.30 21.94 72.05
NA CLA IM . -27.82 23.23 74.24
C1A CLA IM . -28.66 22.93 73.15
C2A CLA IM . -30.12 23.22 73.50
C3A CLA IM . -30.03 23.91 74.88
C4A CLA IM . -28.57 23.71 75.28
CMA CLA IM . -30.38 25.38 74.79
CAA CLA IM . -30.97 21.96 73.63
CBA CLA IM . -30.21 20.65 73.71
CGA CLA IM . -29.35 20.52 74.93
O1A CLA IM . -29.68 20.61 76.11
O2A CLA IM . -28.04 20.27 74.63
NB CLA IM . -25.75 23.58 76.29
C1B CLA IM . -26.83 23.92 77.03
C2B CLA IM . -26.44 24.17 78.45
C3B CLA IM . -25.08 23.96 78.51
C4B CLA IM . -24.62 23.59 77.14
CMB CLA IM . -27.38 24.55 79.49
CAB CLA IM . -24.18 24.06 79.63
CBB CLA IM . -23.73 25.21 80.14
NC CLA IM . -23.69 22.73 74.38
C1C CLA IM . -22.90 22.91 75.49
C2C CLA IM . -21.52 22.60 75.17
C3C CLA IM . -21.49 22.20 73.82
C4C CLA IM . -22.87 22.29 73.34
CMC CLA IM . -20.41 22.69 76.11
CAC CLA IM . -20.32 21.80 73.04
CBC CLA IM . -20.19 20.29 72.96
ND CLA IM . -25.68 22.42 72.43
C1D CLA IM . -24.61 21.99 71.61
C2D CLA IM . -25.14 21.62 70.27
C3D CLA IM . -26.52 21.79 70.36
C4D CLA IM . -26.79 22.27 71.72
CMD CLA IM . -24.33 21.16 69.15
CAD CLA IM . -27.78 21.72 69.65
OBD CLA IM . -28.01 21.44 68.48
CBD CLA IM . -28.90 22.09 70.68
CGD CLA IM . -29.80 23.19 70.17
O1D CLA IM . -29.48 24.18 69.52
O2D CLA IM . -31.10 23.02 70.52
CED CLA IM . -32.07 23.89 69.94
C1 CLA IM . -27.61 18.89 74.66
C2 CLA IM . -26.19 18.91 75.09
C3 CLA IM . -25.16 18.80 74.23
C4 CLA IM . -25.36 18.67 72.78
C5 CLA IM . -23.76 18.82 74.72
C6 CLA IM . -23.61 19.55 76.05
C7 CLA IM . -22.93 18.68 77.09
C8 CLA IM . -21.76 19.39 77.75
C9 CLA IM . -20.51 18.56 77.63
C10 CLA IM . -22.06 19.69 79.21
C11 CLA IM . -21.15 20.78 79.74
C12 CLA IM . -21.50 21.17 81.16
C13 CLA IM . -20.65 22.33 81.66
C14 CLA IM . -19.18 22.00 81.54
C15 CLA IM . -21.00 22.69 83.10
C16 CLA IM . -20.03 23.68 83.70
C17 CLA IM . -20.66 24.50 84.80
C18 CLA IM . -19.71 24.76 85.95
C19 CLA IM . -18.67 25.79 85.58
C20 CLA IM . -20.48 25.22 87.18
MG CLA JM . -11.72 12.56 68.26
CHA CLA JM . -8.76 14.33 67.78
CHB CLA JM . -9.93 9.70 68.68
CHC CLA JM . -14.66 10.90 68.88
CHD CLA JM . -13.53 15.56 67.77
NA CLA JM . -9.68 12.11 68.21
C1A CLA JM . -8.60 12.99 68.02
C2A CLA JM . -7.27 12.25 68.04
C3A CLA JM . -7.69 10.77 68.17
C4A CLA JM . -9.21 10.84 68.39
CMA CLA JM . -7.33 9.98 66.94
CAA CLA JM . -6.40 12.69 69.22
CBA CLA JM . -6.83 12.04 70.52
CGA CLA JM . -7.75 12.94 71.27
O1A CLA JM . -8.27 14.00 70.90
O2A CLA JM . -8.04 12.49 72.53
NB CLA JM . -12.21 10.64 68.61
C1B CLA JM . -11.32 9.65 68.89
C2B CLA JM . -12.03 8.47 69.47
C3B CLA JM . -13.36 8.80 69.52
C4B CLA JM . -13.49 10.19 68.99
CMB CLA JM . -11.34 7.25 69.87
CAB CLA JM . -14.47 8.02 70.01
CBB CLA JM . -15.59 7.74 69.34
NC CLA JM . -13.73 13.13 68.30
C1C CLA JM . -14.77 12.28 68.55
C2C CLA JM . -16.02 13.01 68.48
C3C CLA JM . -15.72 14.33 68.18
C4C CLA JM . -14.27 14.40 68.06
CMC CLA JM . -17.35 12.41 68.72
CAC CLA JM . -16.65 15.45 68.01
CBC CLA JM . -17.22 15.53 66.62
ND CLA JM . -11.32 14.51 67.93
C1D CLA JM . -12.15 15.64 67.70
C2D CLA JM . -11.31 16.82 67.43
C3D CLA JM . -10.00 16.38 67.48
C4D CLA JM . -10.06 14.94 67.76
CMD CLA JM . -11.82 18.17 67.19
CAD CLA JM . -8.60 16.74 67.36
OBD CLA JM . -8.10 17.85 67.19
CBD CLA JM . -7.78 15.44 67.48
CGD CLA JM . -7.01 15.14 66.23
O1D CLA JM . -7.37 14.43 65.28
O2D CLA JM . -5.79 15.74 66.15
CED CLA JM . -5.22 15.92 64.86
C1 CLA JM . -7.12 12.87 73.58
C2 CLA JM . -7.93 12.98 74.81
C3 CLA JM . -7.49 12.58 76.02
C4 CLA JM . -6.15 11.98 76.19
C5 CLA JM . -8.33 12.72 77.23
C6 CLA JM . -7.92 13.90 78.09
C7 CLA JM . -8.37 13.70 79.53
C8 CLA JM . -9.88 13.61 79.66
C9 CLA JM . -10.50 14.99 79.69
C10 CLA JM . -10.27 12.85 80.92
C11 CLA JM . -10.81 11.47 80.58
C12 CLA JM . -11.09 10.66 81.83
C13 CLA JM . -11.60 9.27 81.48
C14 CLA JM . -10.56 8.48 80.72
C15 CLA JM . -12.89 9.35 80.67
C16 CLA JM . -13.60 8.00 80.63
C17 CLA JM . -14.19 7.72 79.28
C18 CLA JM . -15.45 6.86 79.38
C19 CLA JM . -16.70 7.72 79.35
C20 CLA JM . -15.49 5.84 78.26
C1 PQN KM . -16.42 18.56 60.29
O1 PQN KM . -16.58 17.52 59.69
C2 PQN KM . -17.15 18.82 61.55
C2M PQN KM . -18.07 17.74 62.04
C3 PQN KM . -16.98 19.98 62.22
C4 PQN KM . -16.06 21.03 61.73
O4 PQN KM . -15.91 22.06 62.34
C5 PQN KM . -15.31 20.78 60.47
C6 PQN KM . -14.45 21.75 59.99
C7 PQN KM . -13.75 21.53 58.80
C8 PQN KM . -13.93 20.34 58.10
C9 PQN KM . -14.81 19.37 58.59
C10 PQN KM . -15.49 19.59 59.77
C11 PQN KM . -17.69 20.27 63.52
C12 PQN KM . -16.79 19.92 64.66
C13 PQN KM . -16.42 20.71 65.66
C14 PQN KM . -16.89 22.13 65.82
C15 PQN KM . -15.51 20.19 66.73
C16 PQN KM . -16.26 19.80 68.01
C17 PQN KM . -15.31 19.29 69.09
C18 PQN KM . -15.99 18.94 70.42
C19 PQN KM . -16.57 20.17 71.09
C20 PQN KM . -15.00 18.21 71.33
C21 PQN KM . -15.63 17.40 72.45
C22 PQN KM . -16.33 16.15 71.94
C23 PQN KM . -16.47 15.01 72.97
C24 PQN KM . -17.06 13.76 72.33
C25 PQN KM . -17.29 15.48 74.17
C26 PQN KM . -17.25 14.56 75.38
C27 PQN KM . -18.32 14.89 76.41
C28 PQN KM . -18.28 14.05 77.68
C29 PQN KM . -18.36 12.56 77.34
C30 PQN KM . -19.39 14.42 78.66
FE1 SF4 LM . -11.54 25.77 51.04
FE2 SF4 LM . -10.43 25.30 48.58
FE3 SF4 LM . -9.49 27.35 50.13
FE4 SF4 LM . -11.98 27.52 48.99
S1 SF4 LM . -9.97 27.43 47.91
S2 SF4 LM . -11.42 28.05 51.14
S3 SF4 LM . -12.65 25.35 49.10
S4 SF4 LM . -9.40 25.12 50.60
C1 BCR MM . 45.98 7.24 61.22
C2 BCR MM . 46.65 7.18 59.85
C3 BCR MM . 45.66 7.34 58.72
C4 BCR MM . 44.67 6.18 58.77
C5 BCR MM . 44.09 5.94 60.14
C6 BCR MM . 44.67 6.45 61.26
C7 BCR MM . 44.13 6.37 62.63
C8 BCR MM . 43.60 5.32 63.28
C9 BCR MM . 43.12 5.33 64.65
C10 BCR MM . 42.65 4.17 65.17
C11 BCR MM . 42.18 3.95 66.50
C33 BCR MM . 42.82 5.14 60.06
C31 BCR MM . 45.71 8.69 61.63
C32 BCR MM . 46.97 6.64 62.23
C34 BCR MM . 43.19 6.62 65.41
C12 BCR MM . 41.45 2.89 66.88
C13 BCR MM . 41.00 2.64 68.23
C14 BCR MM . 40.38 1.45 68.50
C15 BCR MM . 39.92 0.99 69.76
C16 BCR MM . 39.39 -0.25 69.91
C17 BCR MM . 38.95 -0.79 71.16
C18 BCR MM . 38.04 -1.77 71.41
C19 BCR MM . 37.85 -2.15 72.78
C20 BCR MM . 37.56 -3.42 73.17
C21 BCR MM . 37.42 -3.82 74.53
C22 BCR MM . 37.14 -5.08 74.97
C23 BCR MM . 37.07 -5.31 76.41
C24 BCR MM . 36.93 -6.54 76.95
C25 BCR MM . 36.88 -6.91 78.38
C26 BCR MM . 36.30 -6.20 79.37
C27 BCR MM . 36.36 -6.65 80.80
C28 BCR MM . 36.57 -8.14 80.94
C29 BCR MM . 37.80 -8.54 80.13
C30 BCR MM . 37.67 -8.20 78.64
C35 BCR MM . 41.29 3.68 69.27
C36 BCR MM . 37.25 -2.46 70.34
C37 BCR MM . 36.90 -6.24 74.06
C38 BCR MM . 35.20 -5.20 79.18
C39 BCR MM . 37.04 -9.35 77.87
C40 BCR MM . 39.11 -8.02 78.13
C1 BCR NM . 17.12 -0.57 82.92
C2 BCR NM . 15.81 -0.09 82.28
C3 BCR NM . 14.86 -1.23 82.00
C4 BCR NM . 15.50 -2.22 81.04
C5 BCR NM . 16.94 -2.53 81.35
C6 BCR NM . 17.71 -1.74 82.12
C7 BCR NM . 19.16 -1.92 82.24
C8 BCR NM . 19.80 -2.38 83.33
C9 BCR NM . 21.22 -2.59 83.54
C10 BCR NM . 22.11 -2.49 82.51
C11 BCR NM . 23.53 -2.71 82.65
C33 BCR NM . 17.40 -3.83 80.74
C31 BCR NM . 16.84 -1.00 84.37
C32 BCR NM . 18.07 0.63 82.94
C34 BCR NM . 21.65 -2.93 84.93
C12 BCR NM . 24.51 -2.10 81.95
C13 BCR NM . 25.91 -2.39 82.14
C14 BCR NM . 26.81 -1.98 81.22
C15 BCR NM . 28.23 -2.19 81.24
C16 BCR NM . 29.07 -1.65 80.32
C17 BCR NM . 30.49 -1.86 80.34
C18 BCR NM . 31.38 -1.46 79.39
C19 BCR NM . 32.78 -1.78 79.54
C20 BCR NM . 33.75 -1.40 78.67
C21 BCR NM . 35.13 -1.74 78.82
C22 BCR NM . 36.17 -1.35 78.03
C23 BCR NM . 37.50 -1.83 78.35
C24 BCR NM . 38.66 -1.18 78.12
C25 BCR NM . 40.01 -1.68 78.43
C26 BCR NM . 40.66 -2.54 77.61
C27 BCR NM . 41.99 -3.12 77.97
C28 BCR NM . 42.79 -2.27 78.95
C29 BCR NM . 41.89 -1.82 80.09
C30 BCR NM . 40.70 -0.99 79.61
C35 BCR NM . 26.30 -3.14 83.38
C36 BCR NM . 30.97 -0.68 78.17
C37 BCR NM . 36.01 -0.44 76.85
C38 BCR NM . 40.40 -2.62 76.13
C39 BCR NM . 41.18 0.40 79.18
C40 BCR NM . 39.75 -0.84 80.79
C1 BCR OM . 35.42 2.03 82.06
C2 BCR OM . 36.49 2.13 83.15
C3 BCR OM . 36.20 1.23 84.32
C4 BCR OM . 34.88 1.62 84.96
C5 BCR OM . 33.78 1.94 83.98
C6 BCR OM . 34.03 2.18 82.67
C7 BCR OM . 33.05 2.88 81.82
C8 BCR OM . 32.09 2.31 81.08
C9 BCR OM . 31.15 3.04 80.24
C10 BCR OM . 30.05 2.38 79.77
C11 BCR OM . 29.00 2.90 78.95
C33 BCR OM . 32.48 2.24 84.65
C31 BCR OM . 35.53 0.66 81.36
C32 BCR OM . 35.70 3.13 81.03
C34 BCR OM . 31.44 4.48 79.95
C12 BCR OM . 27.94 2.14 78.55
C13 BCR OM . 26.85 2.59 77.71
C14 BCR OM . 25.89 1.69 77.37
C15 BCR OM . 24.73 1.91 76.56
C16 BCR OM . 23.82 0.93 76.33
C17 BCR OM . 22.63 1.08 75.53
C18 BCR OM . 21.66 0.15 75.37
C19 BCR OM . 20.51 0.43 74.55
C20 BCR OM . 19.43 -0.39 74.48
C21 BCR OM . 18.25 -0.18 73.68
C22 BCR OM . 17.13 -0.94 73.78
C23 BCR OM . 15.98 -0.66 72.94
C24 BCR OM . 15.25 0.47 72.90
C25 BCR OM . 14.08 0.70 72.04
C26 BCR OM . 14.19 1.22 70.80
C27 BCR OM . 13.10 2.05 70.19
C28 BCR OM . 11.72 1.82 70.79
C29 BCR OM . 11.82 1.77 72.30
C30 BCR OM . 12.75 0.66 72.79
C35 BCR OM . 26.82 4.02 77.27
C36 BCR OM . 21.73 -1.20 76.01
C37 BCR OM . 17.00 -2.07 74.75
C38 BCR OM . 15.22 0.80 69.80
C39 BCR OM . 12.09 -0.71 72.59
C40 BCR OM . 12.95 0.88 74.29
C1 BCR PM . 18.80 17.72 53.55
C2 BCR PM . 17.72 18.79 53.52
C3 BCR PM . 16.45 18.36 54.23
C4 BCR PM . 15.88 17.15 53.53
C5 BCR PM . 16.90 16.07 53.29
C6 BCR PM . 18.22 16.32 53.29
C7 BCR PM . 19.25 15.28 53.18
C8 BCR PM . 19.46 14.49 52.12
C9 BCR PM . 20.49 13.48 52.03
C10 BCR PM . 20.75 12.94 50.81
C11 BCR PM . 21.73 11.94 50.51
C33 BCR PM . 16.30 14.69 53.44
C31 BCR PM . 19.52 17.74 54.91
C32 BCR PM . 19.82 18.07 52.46
C34 BCR PM . 21.21 13.09 53.28
C12 BCR PM . 22.08 11.62 49.24
C13 BCR PM . 23.08 10.64 48.90
C14 BCR PM . 23.29 10.35 47.58
C15 BCR PM . 24.23 9.43 47.05
C16 BCR PM . 24.32 9.12 45.73
C17 BCR PM . 25.30 8.20 45.23
C18 BCR PM . 25.35 7.63 43.99
C19 BCR PM . 24.31 7.95 43.05
C20 BCR PM . 24.41 7.83 41.71
C21 BCR PM . 23.32 8.14 40.82
C22 BCR PM . 23.27 7.96 39.48
C23 BCR PM . 22.05 8.34 38.79
C24 BCR PM . 21.92 8.58 37.48
C25 BCR PM . 20.67 8.94 36.78
C26 BCR PM . 20.12 8.14 35.87
C27 BCR PM . 18.89 8.51 35.07
C28 BCR PM . 18.19 9.75 35.59
C29 BCR PM . 19.23 10.80 35.93
C30 BCR PM . 20.14 10.36 37.07
C35 BCR PM . 23.84 9.99 50.01
C36 BCR PM . 26.43 6.68 43.56
C37 BCR PM . 24.39 7.39 38.67
C38 BCR PM . 20.74 6.84 35.39
C39 BCR PM . 19.35 10.38 38.38
C40 BCR PM . 21.28 11.38 37.16
C1 BCR QM . 11.08 11.84 50.24
C2 BCR QM . 10.58 13.27 50.08
C3 BCR QM . 11.69 14.29 50.25
C4 BCR QM . 12.28 14.18 51.64
C5 BCR QM . 12.48 12.76 52.12
C6 BCR QM . 11.91 11.71 51.52
C7 BCR QM . 12.18 10.33 51.93
C8 BCR QM . 13.29 9.63 51.66
C9 BCR QM . 13.57 8.27 52.06
C10 BCR QM . 14.80 7.77 51.78
C11 BCR QM . 15.30 6.46 52.07
C33 BCR QM . 13.13 12.73 53.47
C31 BCR QM . 11.92 11.45 49.01
C32 BCR QM . 9.86 10.91 50.29
C34 BCR QM . 12.49 7.50 52.75
C12 BCR QM . 16.57 6.09 51.77
C13 BCR QM . 17.15 4.80 52.03
C14 BCR QM . 18.32 4.50 51.42
C15 BCR QM . 19.07 3.27 51.52
C16 BCR QM . 20.16 3.03 50.76
C17 BCR QM . 20.90 1.82 50.84
C18 BCR QM . 22.01 1.50 50.12
C19 BCR QM . 22.62 0.21 50.33
C20 BCR QM . 23.45 -0.39 49.46
C21 BCR QM . 24.06 -1.67 49.68
C22 BCR QM . 24.89 -2.33 48.84
C23 BCR QM . 25.41 -3.62 49.23
C24 BCR QM . 25.50 -4.69 48.42
C25 BCR QM . 26.02 -6.03 48.75
C26 BCR QM . 25.59 -6.76 49.80
C27 BCR QM . 25.43 -8.25 49.72
C28 BCR QM . 25.82 -8.88 48.39
C29 BCR QM . 27.03 -8.15 47.83
C30 BCR QM . 26.69 -6.68 47.53
C35 BCR QM . 16.43 3.86 52.95
C36 BCR QM . 22.61 2.41 49.09
C37 BCR QM . 25.32 -1.77 47.51
C38 BCR QM . 25.78 -6.33 51.23
C39 BCR QM . 25.77 -6.60 46.32
C40 BCR QM . 28.01 -5.97 47.20
C1 BCR RM . -4.54 -0.21 69.16
C2 BCR RM . -4.22 -0.75 67.76
C3 BCR RM . -2.82 -0.38 67.30
C4 BCR RM . -2.63 1.12 67.32
C5 BCR RM . -3.18 1.80 68.55
C6 BCR RM . -4.25 1.30 69.19
C7 BCR RM . -4.94 2.04 70.26
C8 BCR RM . -5.99 2.87 70.11
C9 BCR RM . -6.62 3.60 71.20
C10 BCR RM . -7.96 3.84 71.15
C11 BCR RM . -8.92 3.48 70.16
C33 BCR RM . -2.11 2.60 69.26
C31 BCR RM . -3.67 -0.93 70.21
C32 BCR RM . -6.00 -0.52 69.47
C34 BCR RM . -5.74 4.05 72.32
C12 BCR RM . -10.23 3.82 70.29
C13 BCR RM . -11.31 3.52 69.40
C14 BCR RM . -12.58 3.82 69.81
C15 BCR RM . -13.81 3.60 69.11
C16 BCR RM . -15.02 3.82 69.66
C17 BCR RM . -16.24 3.58 68.94
C18 BCR RM . -17.50 4.01 69.23
C19 BCR RM . -17.73 4.84 70.39
C20 BCR RM . -18.91 4.88 71.04
C21 BCR RM . -19.18 5.72 72.16
C22 BCR RM . -20.43 6.02 72.63
C23 BCR RM . -20.54 6.92 73.77
C24 BCR RM . -21.43 6.84 74.77
C25 BCR RM . -21.54 7.77 75.89
C26 BCR RM . -22.61 8.58 76.03
C27 BCR RM . -22.91 9.24 77.34
C28 BCR RM . -22.27 8.50 78.51
C29 BCR RM . -20.78 8.37 78.26
C30 BCR RM . -20.38 7.77 76.91
C35 BCR RM . -10.99 2.89 68.07
C36 BCR RM . -18.70 3.69 68.41
C37 BCR RM . -21.69 5.49 72.02
C38 BCR RM . -23.83 8.48 75.17
C39 BCR RM . -19.84 6.34 77.09
C40 BCR RM . -19.22 8.64 76.40
O1 LHG SM . -1.42 29.78 65.66
C1 LHG SM . -2.23 29.38 64.58
C2 LHG SM . -2.03 27.90 64.31
O2 LHG SM . -0.65 27.64 64.17
C3 LHG SM . -2.84 27.47 63.09
O3 LHG SM . -2.95 26.05 63.01
P LHG SM . -3.91 25.40 61.85
O4 LHG SM . -3.26 25.64 60.51
O5 LHG SM . -5.32 25.78 62.10
O6 LHG SM . -3.66 23.82 62.18
C4 LHG SM . -4.08 23.25 63.39
C5 LHG SM . -3.66 21.78 63.38
C6 LHG SM . -2.27 21.57 62.81
O7 LHG SM . -3.70 21.39 64.75
C7 LHG SM . -4.53 20.42 65.14
O9 LHG SM . -4.89 19.53 64.42
C8 LHG SM . -4.97 20.57 66.57
C9 LHG SM . -4.77 19.38 67.50
C10 LHG SM . -5.54 19.50 68.81
O8 LHG SM . -1.69 20.40 63.41
C23 LHG SM . -0.53 20.54 64.04
O10 LHG SM . -0.16 21.60 64.49
C24 LHG SM . 0.24 19.25 64.07
C11 LHG SM . -5.35 18.30 69.72
C12 LHG SM . -6.05 18.42 71.06
C13 LHG SM . -5.91 17.17 71.93
C14 LHG SM . -4.47 16.67 72.04
C15 LHG SM . -4.32 15.26 72.59
C16 LHG SM . -3.00 14.60 72.26
C17 LHG SM . -2.82 13.23 72.91
C18 LHG SM . -1.53 12.53 72.51
C19 LHG SM . -1.28 11.24 73.29
C25 LHG SM . -0.63 18.01 64.18
C26 LHG SM . -0.08 16.83 63.37
C27 LHG SM . -1.09 15.71 63.20
C28 LHG SM . -1.25 15.26 61.75
C29 LHG SM . -1.88 13.89 61.57
C30 LHG SM . -1.33 12.83 62.52
C31 LHG SM . -1.86 11.43 62.22
C32 LHG SM . -1.84 10.51 63.43
C33 LHG SM . -2.39 9.13 63.16
C34 LHG SM . -2.73 8.35 64.42
C1B LMT TM . 15.25 -22.12 41.08
C2B LMT TM . 13.88 -22.80 41.07
C3B LMT TM . 12.92 -22.09 42.01
C4B LMT TM . 13.56 -21.95 43.40
C5B LMT TM . 14.90 -21.24 43.26
C6B LMT TM . 15.65 -21.06 44.55
O1B LMT TM . 15.16 -20.87 40.46
O2B LMT TM . 13.41 -22.83 39.75
O3B LMT TM . 11.73 -22.85 42.05
O4' LMT TM . 12.66 -21.22 44.21
O5B LMT TM . 15.74 -21.99 42.37
O6B LMT TM . 15.92 -22.30 45.15
C1' LMT TM . 16.87 -18.37 37.74
C2' LMT TM . 16.02 -19.47 37.11
C3' LMT TM . 15.17 -20.09 38.21
C4' LMT TM . 16.03 -20.56 39.39
C5' LMT TM . 17.00 -19.46 39.85
C6' LMT TM . 18.05 -19.98 40.81
O1' LMT TM . 17.68 -17.79 36.79
O2' LMT TM . 15.22 -18.88 36.11
O3' LMT TM . 14.44 -21.13 37.64
O5' LMT TM . 17.69 -18.95 38.73
O6' LMT TM . 18.82 -20.95 40.15
C1 LMT TM . 17.94 -16.40 37.03
C2 LMT TM . 19.32 -16.02 36.55
C3 LMT TM . 19.72 -14.58 36.84
C4 LMT TM . 21.12 -14.13 36.45
C5 LMT TM . 21.53 -12.75 36.96
C6 LMT TM . 22.94 -12.31 36.57
C7 LMT TM . 23.29 -10.85 36.90
C8 LMT TM . 23.44 -10.48 38.38
C1B LMT UM . 15.28 5.13 40.58
C2B LMT UM . 15.77 6.28 39.67
C3B LMT UM . 17.00 7.00 40.19
C4B LMT UM . 16.75 7.35 41.64
C5B LMT UM . 16.64 6.04 42.42
C6B LMT UM . 16.41 6.22 43.91
O1B LMT UM . 15.59 3.87 40.01
O2B LMT UM . 15.95 5.76 38.37
O3B LMT UM . 17.18 8.13 39.39
O4' LMT UM . 17.84 8.14 42.08
O5B LMT UM . 15.55 5.28 41.95
O6B LMT UM . 17.52 6.84 44.52
C1' LMT UM . 17.25 0.23 40.30
C2' LMT UM . 17.32 0.97 41.63
C3' LMT UM . 16.41 2.19 41.52
C4' LMT UM . 16.72 3.07 40.30
C5' LMT UM . 16.93 2.21 39.05
C6' LMT UM . 17.54 2.97 37.90
O1' LMT UM . 18.03 -0.90 40.34
O2' LMT UM . 16.89 0.09 42.64
O3' LMT UM . 16.55 2.87 42.74
O5' LMT UM . 17.76 1.10 39.32
O6' LMT UM . 17.56 2.15 36.76
C1 LMT UM . 17.45 -2.04 39.74
C2 LMT UM . 18.37 -2.60 38.67
C3 LMT UM . 18.42 -1.79 37.37
C4 LMT UM . 19.21 -2.38 36.20
C5 LMT UM . 19.32 -1.49 34.97
C1B LMT VM . 32.91 24.01 85.00
C2B LMT VM . 34.13 24.76 84.48
C3B LMT VM . 35.18 24.92 85.59
C4B LMT VM . 34.52 25.57 86.81
C5B LMT VM . 33.30 24.73 87.23
C6B LMT VM . 32.54 25.31 88.41
O1B LMT VM . 33.29 22.69 85.28
O2B LMT VM . 34.64 24.06 83.37
O3B LMT VM . 36.22 25.70 85.07
O4' LMT VM . 35.48 25.61 87.83
O5B LMT VM . 32.40 24.62 86.14
O6B LMT VM . 32.11 26.61 88.09
C1' LMT VM . 32.17 18.79 84.84
C2' LMT VM . 32.39 19.51 83.52
C3' LMT VM . 33.14 20.81 83.82
C4' LMT VM . 32.43 21.64 84.88
C5' LMT VM . 32.10 20.79 86.11
C6' LMT VM . 31.20 21.51 87.09
O1' LMT VM . 31.44 17.65 84.63
O2' LMT VM . 33.14 18.67 82.67
O3' LMT VM . 33.28 21.51 82.60
O5' LMT VM . 31.42 19.63 85.68
O6' LMT VM . 30.94 20.64 88.17
C1 LMT VM . 31.53 16.70 85.69
C2 LMT VM . 30.15 16.23 86.10
C3 LMT VM . 29.30 15.64 84.99
C4 LMT VM . 28.18 14.68 85.39
C5 LMT VM . 27.35 14.14 84.23
C6 LMT VM . 28.14 13.87 82.96
C7 LMT VM . 27.31 13.35 81.78
C8 LMT VM . 26.56 12.04 81.97
C9 LMT VM . 26.08 11.36 80.68
C10 LMT VM . 27.03 11.43 79.50
C11 LMT VM . 26.34 11.12 78.18
C12 LMT VM . 25.44 9.89 78.26
CAA F6C WM . 5.06 9.64 27.57
CAB F6C WM . -1.24 13.13 21.70
CAC F6C WM . -4.88 13.05 28.94
CAD F6C WM . 2.52 10.95 31.72
NA F6C WM . 2.48 11.79 26.96
CBA F6C WM . 3.90 8.77 27.15
CBB F6C WM . -2.41 13.78 21.69
CBC F6C WM . -5.41 11.69 29.34
CBD F6C WM . 3.57 10.83 30.57
NB F6C WM . 0.37 12.55 25.03
OBD F6C WM . 2.78 10.72 32.89
CGA F6C WM . 3.57 7.80 28.23
CGD F6C WM . 4.78 11.69 30.83
ND F6C WM . 0.41 11.94 29.02
CED F6C WM . 7.04 11.72 31.61
CHA F6C WM . 2.86 11.24 29.30
CHB F6C WM . 2.76 12.17 24.53
CHC F6C WM . -2.04 13.02 24.78
CHD F6C WM . -1.91 12.36 29.66
CMA F6C WM . 5.47 12.91 25.95
CMB F6C WM . 1.89 12.58 21.64
CMC F6C WM . -4.93 13.46 25.78
CMD F6C WM . -0.83 11.68 32.56
OMB F6C WM . 1.75 13.36 20.70
C1 F6C WM . 1.28 8.48 28.05
C1A F6C WM . 3.30 11.37 28.01
C1B F6C WM . 1.42 12.43 24.18
C1C F6C WM . -2.43 12.95 26.14
C1D F6C WM . -0.62 12.02 29.99
O1A F6C WM . 4.24 6.83 28.61
O1D F6C WM . 4.86 12.92 30.79
C2 F6C WM . 0.67 7.29 27.42
C2A F6C WM . 4.72 11.13 27.53
C2B F6C WM . 0.98 12.64 22.78
C2C F6C WM . -3.79 13.14 26.62
C2D F6C WM . -0.06 11.68 31.31
O2A F6C WM . 2.38 8.04 28.87
O2D F6C WM . 5.91 10.99 31.14
C3 F6C WM . -0.22 7.37 26.42
C3A F6C WM . 4.70 11.63 26.07
C3B F6C WM . -0.38 12.89 22.82
C3C F6C WM . -3.76 12.96 28.00
C3D F6C WM . 1.27 11.36 31.11
C4 F6C WM . -0.81 6.16 25.81
C4A F6C WM . 3.21 11.87 25.81
C4B F6C WM . -0.79 12.83 24.26
C4C F6C WM . -2.37 12.65 28.35
C4D F6C WM . 1.51 11.54 29.66
C5 F6C WM . -0.65 8.70 25.91
C6 F6C WM . -1.51 8.61 24.65
C7 F6C WM . -0.73 8.92 23.40
C8 F6C WM . -1.60 9.45 22.27
C9 F6C WM . -2.80 10.17 22.82
C10 F6C WM . -2.02 8.33 21.32
C11 F6C WM . -3.33 8.63 20.62
C12 F6C WM . -3.71 7.55 19.62
C13 F6C WM . -5.13 7.05 19.85
C14 F6C WM . -5.26 5.61 19.43
C15 F6C WM . -6.14 7.92 19.09
NC F6C WM . -1.60 12.66 27.20
MG F6C WM . 0.44 12.26 27.02
C16 F6C WM . -7.55 7.36 19.21
C17 F6C WM . -8.58 8.29 18.60
C18 F6C WM . -9.99 7.74 18.71
C19 F6C WM . -10.37 7.50 20.16
C20 F6C WM . -10.97 8.69 18.06
MG CLA XM . -17.76 -4.06 51.76
CHA CLA XM . -20.91 -2.67 51.31
CHB CLA XM . -16.36 -0.99 51.42
CHC CLA XM . -14.75 -5.41 52.71
CHD CLA XM . -19.29 -7.22 52.20
NA CLA XM . -18.52 -2.18 51.31
C1A CLA XM . -19.86 -1.79 51.20
C2A CLA XM . -19.96 -0.30 50.86
C3A CLA XM . -18.50 0.06 50.50
C4A CLA XM . -17.71 -1.10 51.12
CMA CLA XM . -18.31 0.10 49.02
CAA CLA XM . -20.47 0.52 52.03
CBA CLA XM . -20.70 1.95 51.59
CGA CLA XM . -21.06 2.82 52.76
O1A CLA XM . -20.91 4.04 52.88
O2A CLA XM . -21.66 2.13 53.78
NB CLA XM . -15.89 -3.35 51.96
C1B CLA XM . -15.57 -2.03 51.96
C2B CLA XM . -14.23 -1.84 52.60
C3B CLA XM . -13.78 -3.08 52.96
C4B CLA XM . -14.82 -4.06 52.54
CMB CLA XM . -13.58 -0.53 52.77
CAB CLA XM . -12.55 -3.49 53.59
CBB CLA XM . -11.33 -3.22 53.11
NC CLA XM . -17.12 -6.00 52.23
C1C CLA XM . -15.83 -6.33 52.54
C2C CLA XM . -15.72 -7.76 52.79
C3C CLA XM . -17.02 -8.26 52.71
C4C CLA XM . -17.89 -7.15 52.36
CMC CLA XM . -14.49 -8.46 53.13
CAC CLA XM . -17.43 -9.67 52.90
CBC CLA XM . -17.26 -10.47 51.64
ND CLA XM . -19.61 -4.86 51.57
C1D CLA XM . -20.10 -6.17 51.86
C2D CLA XM . -21.57 -6.17 51.73
C3D CLA XM . -21.94 -4.85 51.54
C4D CLA XM . -20.68 -4.07 51.48
CMD CLA XM . -22.42 -7.34 51.86
CAD CLA XM . -23.03 -3.92 51.30
OBD CLA XM . -24.21 -4.14 51.11
CBD CLA XM . -22.41 -2.48 51.31
CGD CLA XM . -22.96 -1.61 50.22
O1D CLA XM . -23.15 -1.89 49.03
O2D CLA XM . -23.31 -0.37 50.63
CED CLA XM . -24.69 -0.02 50.57
C1 CLA XM . -22.27 2.93 54.82
C2 CLA XM . -22.33 2.09 56.03
C3 CLA XM . -23.43 1.38 56.37
C4 CLA XM . -24.65 1.39 55.55
C5 CLA XM . -23.44 0.54 57.60
C6 CLA XM . -23.53 -0.93 57.29
C7 CLA XM . -23.07 -1.77 58.47
C8 CLA XM . -24.00 -1.69 59.66
C9 CLA XM . -23.48 -2.55 60.78
C10 CLA XM . -25.42 -2.13 59.27
C11 CLA XM . -26.45 -1.10 59.64
C12 CLA XM . -26.78 -1.15 61.13
C13 CLA XM . -28.12 -0.47 61.46
C14 CLA XM . -29.21 -0.93 60.52
C15 CLA XM . -28.00 1.04 61.44
C16 CLA XM . -27.28 1.57 62.66
C17 CLA XM . -27.84 2.91 63.10
C18 CLA XM . -26.86 3.73 63.93
C19 CLA XM . -27.58 4.88 64.62
C20 CLA XM . -26.17 2.86 64.96
MG CLA YM . -21.93 5.01 59.49
CHA CLA YM . -19.83 2.26 59.61
CHB CLA YM . -23.23 4.13 62.49
CHC CLA YM . -23.77 7.89 59.45
CHD CLA YM . -20.59 5.83 56.32
NA CLA YM . -21.62 3.40 60.78
C1A CLA YM . -20.69 2.35 60.66
C2A CLA YM . -20.85 1.36 61.82
C3A CLA YM . -22.12 1.86 62.56
C4A CLA YM . -22.37 3.22 61.92
CMA CLA YM . -23.29 0.92 62.37
CAA CLA YM . -19.63 1.31 62.73
CBA CLA YM . -19.62 0.05 63.57
CGA CLA YM . -20.12 0.37 64.94
O1A CLA YM . -20.46 1.46 65.40
O2A CLA YM . -20.16 -0.72 65.77
NB CLA YM . -23.35 5.78 60.68
C1B CLA YM . -23.51 5.41 61.97
C2B CLA YM . -24.01 6.54 62.80
C3B CLA YM . -24.16 7.60 61.95
C4B CLA YM . -23.77 7.14 60.59
CMB CLA YM . -24.26 6.40 64.23
CAB CLA YM . -24.62 8.96 62.17
CBB CLA YM . -25.05 9.49 63.31
NC CLA YM . -22.19 6.54 58.09
C1C CLA YM . -23.05 7.59 58.26
C2C CLA YM . -23.03 8.43 57.07
C3C CLA YM . -22.10 7.88 56.20
C4C CLA YM . -21.59 6.68 56.84
CMC CLA YM . -23.84 9.65 56.88
CAC CLA YM . -21.75 8.34 54.85
CBC CLA YM . -22.52 7.63 53.77
ND CLA YM . -20.55 4.27 58.21
C1D CLA YM . -20.08 4.71 56.95
C2D CLA YM . -18.99 3.82 56.50
C3D CLA YM . -18.81 2.90 57.51
C4D CLA YM . -19.83 3.20 58.53
CMD CLA YM . -18.25 3.98 55.25
CAD CLA YM . -18.06 1.73 57.97
OBD CLA YM . -17.09 1.18 57.48
CBD CLA YM . -18.71 1.28 59.32
CGD CLA YM . -19.16 -0.15 59.32
O1D CLA YM . -19.25 -0.92 60.29
O2D CLA YM . -19.49 -0.65 58.09
CED CLA YM . -19.43 -2.06 57.95
C1 CLA YM . -20.84 -0.50 67.03
C2 CLA YM . -20.10 -1.21 68.11
C3 CLA YM . -18.88 -0.86 68.53
C4 CLA YM . -18.15 0.28 67.93
C5 CLA YM . -18.19 -1.60 69.62
C6 CLA YM . -17.93 -0.74 70.85
C7 CLA YM . -16.46 -0.41 70.98
C8 CLA YM . -16.11 0.31 72.27
C9 CLA YM . -15.66 -0.68 73.33
C10 CLA YM . -17.28 1.14 72.80
C11 CLA YM . -16.88 2.00 73.97
C12 CLA YM . -15.87 3.07 73.57
C13 CLA YM . -15.69 4.09 74.68
C14 CLA YM . -17.02 4.69 75.09
C15 CLA YM . -14.73 5.21 74.28
C16 CLA YM . -13.45 4.65 73.68
C17 CLA YM . -12.28 5.57 73.94
C18 CLA YM . -11.40 5.07 75.07
C19 CLA YM . -9.95 4.96 74.65
C20 CLA YM . -11.53 5.96 76.29
MG CLA ZM . -5.39 7.70 43.45
CHA CLA ZM . -2.51 8.94 41.99
CHB CLA ZM . -5.87 5.69 40.74
CHC CLA ZM . -7.92 6.13 45.14
CHD CLA ZM . -4.90 9.87 46.19
NA CLA ZM . -4.39 7.44 41.64
C1A CLA ZM . -3.17 8.02 41.25
C2A CLA ZM . -2.78 7.54 39.86
C3A CLA ZM . -4.04 6.77 39.37
C4A CLA ZM . -4.83 6.60 40.66
CMA CLA ZM . -4.81 7.54 38.33
CAA CLA ZM . -1.59 6.62 39.98
CBA CLA ZM . -1.05 6.19 38.64
CGA CLA ZM . -1.69 4.90 38.21
O1A CLA ZM . -1.89 3.88 38.87
O2A CLA ZM . -2.07 4.91 36.89
NB CLA ZM . -6.66 6.20 43.02
C1B CLA ZM . -6.68 5.47 41.88
C2B CLA ZM . -7.66 4.37 41.99
C3B CLA ZM . -8.25 4.48 43.24
C4B CLA ZM . -7.62 5.65 43.90
CMB CLA ZM . -7.92 3.41 40.92
CAB CLA ZM . -9.28 3.69 43.87
CBB CLA ZM . -9.25 2.36 43.94
NC CLA ZM . -6.29 8.02 45.30
C1C CLA ZM . -7.32 7.25 45.78
C2C CLA ZM . -7.68 7.72 47.12
C3C CLA ZM . -6.84 8.78 47.42
C4C CLA ZM . -5.96 8.96 46.26
CMC CLA ZM . -8.73 7.12 47.92
CAC CLA ZM . -6.86 9.58 48.65
CBC CLA ZM . -5.60 9.41 49.47
ND CLA ZM . -4.14 9.21 43.94
C1D CLA ZM . -4.03 9.99 45.13
C2D CLA ZM . -2.85 10.88 45.01
C3D CLA ZM . -2.20 10.49 43.85
C4D CLA ZM . -3.05 9.45 43.23
CMD CLA ZM . -2.46 11.86 46.00
CAD CLA ZM . -1.11 10.74 42.93
OBD CLA ZM . -0.25 11.61 42.96
CBD CLA ZM . -1.19 9.66 41.80
CGD CLA ZM . -0.96 10.19 40.41
O1D CLA ZM . -1.68 10.92 39.74
O2D CLA ZM . 0.24 9.78 39.91
CED CLA ZM . 0.51 9.98 38.52
C1 CLA ZM . -2.67 3.70 36.39
C2 CLA ZM . -4.14 3.83 36.61
C3 CLA ZM . -4.85 2.96 37.34
C4 CLA ZM . -4.23 1.76 37.97
C5 CLA ZM . -6.32 3.13 37.53
C6 CLA ZM . -7.12 1.87 37.23
C7 CLA ZM . -7.18 1.61 35.73
C8 CLA ZM . -8.05 0.41 35.39
C9 CLA ZM . -7.73 -0.75 36.31
C10 CLA ZM . -7.84 -0.01 33.94
C11 CLA ZM . -8.76 0.74 32.99
C12 CLA ZM . -8.80 0.07 31.63
C13 CLA ZM . -9.24 1.03 30.53
C14 CLA ZM . -8.28 2.21 30.43
C15 CLA ZM . -10.66 1.52 30.74
C16 CLA ZM . -11.09 2.43 29.60
C17 CLA ZM . -12.47 2.07 29.10
C18 CLA ZM . -13.32 3.31 28.83
C19 CLA ZM . -14.72 2.93 28.44
C20 CLA ZM . -13.34 4.21 30.04
MG CLA AN . -28.84 17.49 26.39
CHA CLA AN . -28.04 20.34 24.57
CHB CLA AN . -32.12 17.88 25.52
CHC CLA AN . -29.55 14.55 28.00
CHD CLA AN . -25.42 17.11 27.19
NA CLA AN . -29.89 18.91 25.26
C1A CLA AN . -29.36 20.02 24.57
C2A CLA AN . -30.48 20.78 23.84
C3A CLA AN . -31.76 20.07 24.30
C4A CLA AN . -31.24 18.85 25.07
CMA CLA AN . -32.63 20.95 25.16
CAA CLA AN . -30.31 20.67 22.34
CBA CLA AN . -30.26 19.23 21.85
CGA CLA AN . -28.84 18.76 21.69
O1A CLA AN . -27.84 19.40 21.36
O2A CLA AN . -28.69 17.42 21.95
NB CLA AN . -30.52 16.43 26.72
C1B CLA AN . -31.75 16.73 26.24
C2B CLA AN . -32.71 15.65 26.60
C3B CLA AN . -32.00 14.70 27.29
C4B CLA AN . -30.59 15.18 27.39
CMB CLA AN . -34.12 15.69 26.20
CAB CLA AN . -32.43 13.45 27.87
CBB CLA AN . -33.59 13.23 28.50
NC CLA AN . -27.70 16.12 27.45
C1C CLA AN . -28.20 14.98 28.04
C2C CLA AN . -27.12 14.26 28.69
C3C CLA AN . -25.94 14.96 28.45
C4C CLA AN . -26.31 16.14 27.67
CMC CLA AN . -27.27 13.01 29.43
CAC CLA AN . -24.58 14.62 28.90
CBC CLA AN . -24.24 15.27 30.22
ND CLA AN . -27.11 18.49 26.07
C1D CLA AN . -25.77 18.21 26.44
C2D CLA AN . -24.89 19.27 25.90
C3D CLA AN . -25.71 20.11 25.17
C4D CLA AN . -27.07 19.58 25.30
CMD CLA AN . -23.44 19.34 26.10
CAD CLA AN . -25.79 21.31 24.35
OBD CLA AN . -24.89 22.09 24.03
CBD CLA AN . -27.27 21.47 23.91
CGD CLA AN . -27.84 22.83 24.24
O1D CLA AN . -28.43 23.17 25.26
O2D CLA AN . -27.65 23.74 23.25
CED CLA AN . -28.76 24.54 22.85
C1 CLA AN . -27.89 17.07 23.10
C2 CLA AN . -26.64 16.47 22.60
C3 CLA AN . -26.14 15.30 23.05
C4 CLA AN . -24.87 14.75 22.52
C5 CLA AN . -26.84 14.52 24.11
C6 CLA AN . -25.99 13.41 24.72
C7 CLA AN . -26.54 12.04 24.38
C8 CLA AN . -25.65 10.90 24.86
C9 CLA AN . -25.10 11.18 26.24
C10 CLA AN . -24.52 10.62 23.88
C11 CLA AN . -23.73 9.38 24.26
C12 CLA AN . -22.84 8.91 23.13
C13 CLA AN . -21.89 7.82 23.59
C14 CLA AN . -20.83 8.37 24.53
C15 CLA AN . -21.23 7.12 22.42
C16 CLA AN . -22.20 6.24 21.66
C17 CLA AN . -21.49 5.32 20.69
C18 CLA AN . -22.43 4.80 19.60
C19 CLA AN . -21.73 3.77 18.75
C20 CLA AN . -23.68 4.22 20.20
MG CLA BN . -38.37 19.49 33.46
CHA CLA BN . -41.14 18.06 34.96
CHB CLA BN . -37.71 16.55 31.87
CHC CLA BN . -35.62 20.95 32.00
CHD CLA BN . -39.02 22.49 35.21
NA CLA BN . -39.31 17.63 33.42
C1A CLA BN . -40.46 17.24 34.12
C2A CLA BN . -40.81 15.78 33.81
C3A CLA BN . -39.63 15.30 32.94
C4A CLA BN . -38.81 16.57 32.70
CMA CLA BN . -38.82 14.26 33.66
CAA CLA BN . -42.12 15.73 33.03
CBA CLA BN . -41.94 15.15 31.64
CGA CLA BN . -42.15 13.67 31.68
O1A CLA BN . -41.58 12.79 31.04
O2A CLA BN . -43.15 13.31 32.54
NB CLA BN . -36.93 18.86 32.19
C1B CLA BN . -36.87 17.64 31.60
C2B CLA BN . -35.74 17.60 30.63
C3B CLA BN . -35.14 18.84 30.66
C4B CLA BN . -35.89 19.66 31.65
CMB CLA BN . -35.43 16.40 29.85
CAB CLA BN . -34.01 19.38 29.94
CBB CLA BN . -33.55 18.97 28.76
NC CLA BN . -37.48 21.39 33.59
C1C CLA BN . -36.36 21.76 32.90
C2C CLA BN . -36.02 23.14 33.24
C3C CLA BN . -36.98 23.58 34.15
C4C CLA BN . -37.91 22.47 34.36
CMC CLA BN . -34.88 23.87 32.70
CAC CLA BN . -37.07 24.90 34.79
CBC CLA BN . -36.59 24.88 36.23
ND CLA BN . -39.76 20.20 34.75
C1D CLA BN . -39.90 21.45 35.40
C2D CLA BN . -41.09 21.40 36.27
C3D CLA BN . -41.61 20.12 36.14
C4D CLA BN . -40.74 19.41 35.19
CMD CLA BN . -41.57 22.51 37.09
CAD CLA BN . -42.65 19.20 36.54
OBD CLA BN . -43.60 19.38 37.29
CBD CLA BN . -42.36 17.84 35.82
CGD CLA BN . -42.12 16.74 36.82
O1D CLA BN . -42.58 15.60 36.81
O2D CLA BN . -41.27 17.09 37.83
CED CLA BN . -40.83 16.05 38.71
C1 CLA BN . -42.85 12.27 33.50
C2 CLA BN . -43.58 12.65 34.74
C3 CLA BN . -44.10 11.74 35.57
C4 CLA BN . -43.97 10.28 35.32
C5 CLA BN . -44.84 12.14 36.80
C6 CLA BN . -45.13 13.62 36.86
C7 CLA BN . -46.48 13.92 36.24
C8 CLA BN . -46.87 15.39 36.36
C9 CLA BN . -48.37 15.54 36.37
C10 CLA BN . -46.27 16.21 35.22
C11 CLA BN . -46.50 17.69 35.42
C12 CLA BN . -45.76 18.51 34.38
C13 CLA BN . -45.94 20.00 34.63
C14 CLA BN . -47.35 20.43 34.30
C15 CLA BN . -44.94 20.83 33.81
C16 CLA BN . -44.73 22.19 34.42
C17 CLA BN . -43.62 22.96 33.74
C18 CLA BN . -44.12 23.69 32.50
C19 CLA BN . -44.96 24.89 32.90
C20 CLA BN . -42.96 24.15 31.65
MG CLA CN . -35.47 10.63 33.50
CHA CLA CN . -32.90 12.66 32.35
CHB CLA CN . -36.30 12.97 35.81
CHC CLA CN . -38.06 8.62 34.52
CHD CLA CN . -34.55 8.20 31.09
NA CLA CN . -34.71 12.51 33.99
C1A CLA CN . -33.64 13.19 33.38
C2A CLA CN . -33.42 14.55 34.03
C3A CLA CN . -34.42 14.56 35.21
C4A CLA CN . -35.22 13.27 35.00
CMA CLA CN . -33.72 14.57 36.54
CAA CLA CN . -33.79 15.65 33.05
CBA CLA CN . -32.64 16.57 32.74
CGA CLA CN . -32.23 17.27 33.99
O1A CLA CN . -32.94 17.59 34.95
O2A CLA CN . -30.91 17.59 34.03
NB CLA CN . -36.93 10.80 34.87
C1B CLA CN . -37.09 11.82 35.75
C2B CLA CN . -38.22 11.53 36.67
C3B CLA CN . -38.72 10.30 36.31
C4B CLA CN . -37.91 9.81 35.17
CMB CLA CN . -38.62 12.45 37.74
CAB CLA CN . -39.80 9.51 36.86
CBB CLA CN . -40.92 9.98 37.42
NC CLA CN . -36.16 8.75 32.91
C1C CLA CN . -37.24 8.11 33.48
C2C CLA CN . -37.44 6.82 32.83
C3C CLA CN . -36.45 6.70 31.86
C4C CLA CN . -35.65 7.92 31.92
CMC CLA CN . -38.49 5.86 33.18
CAC CLA CN . -36.24 5.57 30.94
CBC CLA CN . -35.35 4.51 31.55
ND CLA CN . -34.04 10.38 32.10
C1D CLA CN . -33.79 9.35 31.16
C2D CLA CN . -32.61 9.73 30.33
C3D CLA CN . -32.22 10.98 30.77
C4D CLA CN . -33.16 11.35 31.85
CMD CLA CN . -32.04 8.90 29.27
CAD CLA CN . -31.28 12.07 30.61
OBD CLA CN . -30.30 12.13 29.88
CBD CLA CN . -31.72 13.20 31.58
CGD CLA CN . -30.60 13.67 32.46
O1D CLA CN . -29.72 14.49 32.19
O2D CLA CN . -30.58 13.09 33.69
CED CLA CN . -29.37 12.45 34.11
C1 CLA CN . -30.05 16.67 34.74
C2 CLA CN . -30.15 17.03 36.18
C3 CLA CN . -29.76 16.21 37.17
C4 CLA CN . -29.87 16.61 38.59
C5 CLA CN . -29.18 14.86 36.87
C6 CLA CN . -29.04 13.99 38.10
C7 CLA CN . -30.18 13.01 38.23
C8 CLA CN . -29.86 11.87 39.19
C9 CLA CN . -29.41 10.65 38.42
C10 CLA CN . -31.06 11.57 40.09
C11 CLA CN . -31.75 10.27 39.75
C12 CLA CN . -33.22 10.30 40.14
C13 CLA CN . -34.11 10.34 38.89
C14 CLA CN . -35.57 10.38 39.26
C15 CLA CN . -33.83 9.14 37.99
C16 CLA CN . -33.84 9.54 36.53
C17 CLA CN . -33.51 8.35 35.65
C18 CLA CN . -32.45 8.68 34.61
C19 CLA CN . -31.27 9.38 35.23
C20 CLA CN . -31.99 7.42 33.92
MG CLA DN . -32.19 -3.49 21.80
CHA CLA DN . -29.54 -5.66 21.28
CHB CLA DN . -30.96 -2.74 24.89
CHC CLA DN . -34.79 -1.30 22.24
CHD CLA DN . -33.45 -4.34 18.60
NA CLA DN . -30.51 -4.11 22.88
C1A CLA DN . -29.53 -5.03 22.49
C2A CLA DN . -28.48 -5.21 23.58
C3A CLA DN . -29.05 -4.40 24.76
C4A CLA DN . -30.26 -3.67 24.14
CMA CLA DN . -29.46 -5.30 25.90
CAA CLA DN . -27.14 -4.63 23.12
CBA CLA DN . -27.25 -3.20 22.62
CGA CLA DN . -27.42 -3.17 21.12
O1A CLA DN . -26.82 -3.81 20.27
O2A CLA DN . -28.39 -2.30 20.73
NB CLA DN . -32.83 -2.33 23.31
C1B CLA DN . -32.09 -2.03 24.42
C2B CLA DN . -32.65 -0.84 25.11
C3B CLA DN . -33.73 -0.43 24.37
C4B CLA DN . -33.86 -1.37 23.21
CMB CLA DN . -32.07 -0.28 26.33
CAB CLA DN . -34.64 0.68 24.54
CBB CLA DN . -34.30 1.91 24.90
NC CLA DN . -33.84 -2.94 20.63
C1C CLA DN . -34.80 -2.05 21.02
C2C CLA DN . -35.81 -1.93 19.98
C3C CLA DN . -35.42 -2.76 18.94
C4C CLA DN . -34.17 -3.41 19.36
CMC CLA DN . -36.99 -1.07 20.07
CAC CLA DN . -36.14 -2.99 17.68
CBC CLA DN . -35.77 -1.99 16.62
ND CLA DN . -31.62 -4.61 20.22
C1D CLA DN . -32.26 -4.91 18.99
C2D CLA DN . -31.42 -5.88 18.24
C3D CLA DN . -30.36 -6.18 19.06
C4D CLA DN . -30.54 -5.40 20.29
CMD CLA DN . -31.72 -6.37 16.89
CAD CLA DN . -29.12 -6.93 19.21
OBD CLA DN . -28.52 -7.62 18.40
CBD CLA DN . -28.63 -6.70 20.67
CGD CLA DN . -28.73 -7.98 21.46
O1D CLA DN . -29.73 -8.69 21.58
O2D CLA DN . -27.60 -8.35 22.11
CED CLA DN . -27.66 -9.56 22.88
C1 CLA DN . -28.98 -2.53 19.42
C2 CLA DN . -30.05 -1.53 19.23
C3 CLA DN . -30.83 -1.49 18.13
C4 CLA DN . -30.66 -2.45 17.02
C5 CLA DN . -31.90 -0.46 17.97
C6 CLA DN . -32.23 0.27 19.26
C7 CLA DN . -33.45 1.14 19.08
C8 CLA DN . -33.82 1.88 20.36
C9 CLA DN . -35.30 2.21 20.37
C10 CLA DN . -32.99 3.15 20.51
C11 CLA DN . -33.10 3.72 21.91
C12 CLA DN . -32.33 5.02 22.03
C13 CLA DN . -32.46 5.60 23.43
C14 CLA DN . -33.90 5.69 23.86
C15 CLA DN . -31.81 6.98 23.51
C16 CLA DN . -30.84 7.07 24.68
C17 CLA DN . -30.67 8.49 25.16
C18 CLA DN . -29.39 8.68 25.96
C19 CLA DN . -29.43 9.98 26.74
C20 CLA DN . -29.18 7.51 26.93
MG CLA EN . -29.85 -5.50 31.06
CHA CLA EN . -33.17 -5.59 32.06
CHB CLA EN . -30.67 -3.30 28.59
CHC CLA EN . -26.51 -5.14 30.34
CHD CLA EN . -29.03 -7.61 33.76
NA CLA EN . -31.64 -4.67 30.39
C1A CLA EN . -32.91 -4.83 30.95
C2A CLA EN . -33.94 -4.00 30.19
C3A CLA EN . -33.17 -3.53 28.94
C4A CLA EN . -31.72 -3.83 29.32
CMA CLA EN . -33.60 -4.26 27.70
CAA CLA EN . -34.33 -2.81 31.07
CBA CLA EN . -33.15 -1.98 31.59
CGA CLA EN . -32.52 -2.56 32.82
O1A CLA EN . -33.06 -3.06 33.80
O2A CLA EN . -31.15 -2.56 32.81
NB CLA EN . -28.80 -4.47 29.68
C1B CLA EN . -29.31 -3.53 28.85
C2B CLA EN . -28.21 -2.76 28.21
C3B CLA EN . -27.03 -3.27 28.70
C4B CLA EN . -27.39 -4.38 29.63
CMB CLA EN . -28.46 -1.68 27.26
CAB CLA EN . -25.65 -2.93 28.44
CBB CLA EN . -25.17 -2.38 27.32
NC CLA EN . -28.10 -6.32 31.84
C1C CLA EN . -26.84 -6.06 31.37
C2C CLA EN . -25.86 -6.80 32.15
C3C CLA EN . -26.57 -7.47 33.15
C4C CLA EN . -27.97 -7.16 32.95
CMC CLA EN . -24.42 -6.77 31.93
CAC CLA EN . -26.02 -8.35 34.19
CBC CLA EN . -25.91 -7.64 35.52
ND CLA EN . -30.83 -6.52 32.50
C1D CLA EN . -30.36 -7.30 33.58
C2D CLA EN . -31.50 -7.71 34.42
C3D CLA EN . -32.61 -7.09 33.88
C4D CLA EN . -32.13 -6.34 32.71
CMD CLA EN . -31.40 -8.56 35.60
CAD CLA EN . -34.05 -6.88 33.96
OBD CLA EN . -34.87 -7.37 34.74
CBD CLA EN . -34.43 -5.85 32.86
CGD CLA EN . -35.62 -6.28 32.04
O1D CLA EN . -36.81 -6.18 32.35
O2D CLA EN . -35.31 -6.83 30.84
CED CLA EN . -36.40 -7.14 29.96
C1 CLA EN . -30.54 -3.34 33.86
C2 CLA EN . -29.06 -3.32 33.69
C3 CLA EN . -28.23 -3.81 34.63
C4 CLA EN . -28.73 -4.40 35.89
C5 CLA EN . -26.75 -3.80 34.45
C6 CLA EN . -26.30 -3.05 33.21
C7 CLA EN . -25.77 -1.68 33.57
C8 CLA EN . -26.04 -0.67 32.46
C9 CLA EN . -25.23 0.59 32.69
C10 CLA EN . -27.53 -0.35 32.39
C11 CLA EN . -27.90 0.31 31.08
C12 CLA EN . -29.32 -0.03 30.68
C13 CLA EN . -30.24 1.18 30.76
C14 CLA EN . -30.78 1.35 32.17
C15 CLA EN . -31.39 1.06 29.77
C16 CLA EN . -32.10 2.38 29.56
C17 CLA EN . -31.42 3.24 28.52
C18 CLA EN . -32.21 4.50 28.22
C19 CLA EN . -33.57 4.17 27.64
C20 CLA EN . -32.38 5.30 29.49
MG CLA FN . -19.64 -8.38 30.05
CHA CLA FN . -22.80 -7.93 28.73
CHB CLA FN . -18.41 -6.10 27.85
CHC CLA FN . -16.60 -8.61 31.63
CHD CLA FN . -20.98 -10.75 32.32
NA CLA FN . -20.49 -7.27 28.50
C1A CLA FN . -21.83 -7.20 28.12
C2A CLA FN . -22.02 -6.25 26.95
C3A CLA FN . -20.56 -5.93 26.52
C4A CLA FN . -19.75 -6.44 27.70
CMA CLA FN . -20.23 -6.64 25.24
CAA CLA FN . -22.80 -5.01 27.34
CBA CLA FN . -21.92 -3.85 27.75
CGA CLA FN . -21.76 -3.83 29.24
O1A CLA FN . -21.28 -4.69 29.97
O2A CLA FN . -22.25 -2.70 29.81
NB CLA FN . -17.84 -7.54 29.77
C1B CLA FN . -17.57 -6.55 28.88
C2B CLA FN . -16.22 -6.01 29.17
C3B CLA FN . -15.70 -6.71 30.23
C4B CLA FN . -16.73 -7.71 30.62
CMB CLA FN . -15.63 -4.93 28.38
CAB CLA FN . -14.42 -6.60 30.88
CBB CLA FN . -13.24 -6.63 30.27
NC CLA FN . -18.91 -9.53 31.63
C1C CLA FN . -17.63 -9.48 32.10
C2C CLA FN . -17.46 -10.41 33.20
C3C CLA FN . -18.70 -11.01 33.42
C4C CLA FN . -19.61 -10.45 32.43
CMC CLA FN . -16.20 -10.63 33.92
CAC CLA FN . -19.03 -12.03 34.42
CBC CLA FN . -18.81 -13.43 33.89
ND CLA FN . -21.43 -9.27 30.40
C1D CLA FN . -21.84 -10.20 31.40
C2D CLA FN . -23.30 -10.43 31.26
C3D CLA FN . -23.72 -9.57 30.25
C4D CLA FN . -22.52 -8.87 29.76
CMD CLA FN . -24.08 -11.35 32.08
CAD CLA FN . -24.84 -9.12 29.44
OBD CLA FN . -26.01 -9.46 29.46
CBD CLA FN . -24.31 -8.00 28.50
CGD CLA FN . -24.62 -8.28 27.06
O1D CLA FN . -24.35 -9.29 26.41
O2D CLA FN . -25.28 -7.26 26.42
CED CLA FN . -25.55 -7.42 25.03
C1 CLA FN . -21.81 -1.45 29.23
C2 CLA FN . -22.78 -0.41 29.67
C3 CLA FN . -23.06 0.68 28.93
C4 CLA FN . -22.43 0.94 27.62
C5 CLA FN . -24.05 1.68 29.42
C6 CLA FN . -25.05 2.09 28.36
C7 CLA FN . -25.42 3.56 28.52
C8 CLA FN . -26.64 3.76 29.41
C9 CLA FN . -27.62 4.69 28.75
C10 CLA FN . -26.22 4.30 30.77
C11 CLA FN . -27.43 4.57 31.64
C12 CLA FN . -27.13 4.43 33.12
C13 CLA FN . -28.36 3.97 33.89
C14 CLA FN . -29.61 4.69 33.41
C15 CLA FN . -28.18 4.18 35.39
C16 CLA FN . -28.13 2.86 36.14
C17 CLA FN . -29.43 2.09 36.02
C18 CLA FN . -29.39 0.83 36.87
C19 CLA FN . -29.63 1.14 38.34
C20 CLA FN . -30.43 -0.17 36.38
MG CLA GN . -50.76 20.03 20.86
CHA CLA GN . -52.15 22.79 19.28
CHB CLA GN . -50.79 21.70 23.82
CHC CLA GN . -49.62 17.18 22.41
CHD CLA GN . -50.75 18.33 17.75
NA CLA GN . -51.34 21.95 21.43
C1A CLA GN . -51.92 22.95 20.63
C2A CLA GN . -52.21 24.20 21.45
C3A CLA GN . -51.56 23.90 22.82
C4A CLA GN . -51.22 22.40 22.71
CMA CLA GN . -50.34 24.74 23.03
CAA CLA GN . -53.71 24.42 21.59
CBA CLA GN . -54.46 23.13 21.82
CGA CLA GN . -55.89 23.41 22.17
O1A CLA GN . -56.50 24.47 22.12
O2A CLA GN . -56.56 22.30 22.63
NB CLA GN . -50.24 19.55 22.75
C1B CLA GN . -50.43 20.34 23.83
C2B CLA GN . -50.18 19.56 25.07
C3B CLA GN . -49.84 18.28 24.69
C4B CLA GN . -49.88 18.26 23.19
CMB CLA GN . -50.30 20.14 26.42
CAB CLA GN . -49.50 17.12 25.45
CBB CLA GN . -48.68 17.10 26.50
NC CLA GN . -50.24 18.12 20.19
C1C CLA GN . -49.78 17.11 20.99
C2C CLA GN . -49.52 15.92 20.19
C3C CLA GN . -49.86 16.24 18.88
C4C CLA GN . -50.30 17.63 18.88
CMC CLA GN . -49.02 14.65 20.73
CAC CLA GN . -49.76 15.35 17.71
CBC CLA GN . -48.47 15.53 16.95
ND CLA GN . -51.28 20.41 18.94
C1D CLA GN . -51.21 19.63 17.76
C2D CLA GN . -51.72 20.43 16.62
C3D CLA GN . -52.10 21.66 17.15
C4D CLA GN . -51.80 21.59 18.60
CMD CLA GN . -51.80 19.97 15.24
CAD CLA GN . -52.65 22.97 16.89
OBD CLA GN . -53.02 23.46 15.83
CBD CLA GN . -52.70 23.74 18.25
CGD CLA GN . -51.91 25.02 18.20
O1D CLA GN . -50.86 25.27 18.78
O2D CLA GN . -52.46 25.98 17.42
CED CLA GN . -51.75 27.20 17.26
C1 CLA GN . -57.67 21.84 21.84
C2 CLA GN . -58.70 21.38 22.80
C3 CLA GN . -59.50 20.33 22.58
C4 CLA GN . -60.52 19.90 23.57
C5 CLA GN . -59.40 19.52 21.33
C6 CLA GN . -58.97 18.09 21.60
C7 CLA GN . -59.46 17.17 20.49
C8 CLA GN . -58.31 16.39 19.87
C9 CLA GN . -58.43 16.41 18.35
C10 CLA GN . -58.30 14.95 20.37
C11 CLA GN . -57.38 14.07 19.56
C12 CLA GN . -57.22 12.69 20.17
C13 CLA GN . -56.28 12.73 21.37
C14 CLA GN . -54.83 12.81 20.92
C15 CLA GN . -56.47 11.53 22.29
C16 CLA GN . -56.93 10.30 21.53
C17 CLA GN . -58.04 9.57 22.26
C18 CLA GN . -58.44 8.27 21.57
C19 CLA GN . -59.77 7.77 22.10
C20 CLA GN . -58.53 8.46 20.07
MG CLA HN . -59.75 21.06 26.95
CHA CLA HN . -57.91 23.96 26.42
CHB CLA HN . -62.34 22.93 28.14
CHC CLA HN . -61.55 18.17 27.39
CHD CLA HN . -57.03 19.16 25.73
NA CLA HN . -60.05 23.12 27.22
C1A CLA HN . -59.17 24.17 26.93
C2A CLA HN . -59.80 25.52 27.29
C3A CLA HN . -61.16 25.14 27.90
C4A CLA HN . -61.21 23.62 27.74
CMA CLA HN . -61.27 25.56 29.35
CAA CLA HN . -59.98 26.44 26.09
CBA CLA HN . -60.18 25.71 24.77
CGA CLA HN . -61.52 25.03 24.72
O1A CLA HN . -62.60 25.45 25.13
O2A CLA HN . -61.47 23.80 24.14
NB CLA HN . -61.60 20.64 27.62
C1B CLA HN . -62.52 21.53 28.07
C2B CLA HN . -63.75 20.83 28.49
C3B CLA HN . -63.54 19.49 28.29
C4B CLA HN . -62.16 19.34 27.73
CMB CLA HN . -64.93 21.52 29.02
CAB CLA HN . -64.43 18.37 28.54
CBB CLA HN . -64.81 17.48 27.62
NC CLA HN . -59.35 19.04 26.62
C1C CLA HN . -60.23 18.03 26.87
C2C CLA HN . -59.63 16.74 26.52
C3C CLA HN . -58.35 17.02 26.06
C4C CLA HN . -58.18 18.47 26.12
CMC CLA HN . -60.29 15.45 26.67
CAC CLA HN . -57.35 16.04 25.60
CBC CLA HN . -57.31 15.92 24.08
ND CLA HN . -57.89 21.40 26.24
C1D CLA HN . -56.86 20.54 25.78
C2D CLA HN . -55.69 21.35 25.39
C3D CLA HN . -56.04 22.66 25.61
C4D CLA HN . -57.42 22.65 26.14
CMD CLA HN . -54.44 20.80 24.88
CAD CLA HN . -55.61 24.05 25.54
OBD CLA HN . -54.54 24.52 25.17
CBD CLA HN . -56.80 24.92 26.06
CGD CLA HN . -56.42 25.77 27.24
O1D CLA HN . -56.75 25.62 28.43
O2D CLA HN . -55.61 26.81 26.94
CED CLA HN . -55.25 27.71 28.00
MG CLA IN . -50.87 18.82 29.68
CHA CLA IN . -47.46 18.30 30.08
CHB CLA IN . -51.37 15.45 29.60
CHC CLA IN . -54.21 19.38 29.10
CHD CLA IN . -50.28 22.30 29.62
NA CLA IN . -49.61 17.16 29.88
C1A CLA IN . -48.21 17.15 30.01
C2A CLA IN . -47.69 15.71 30.11
C3A CLA IN . -48.96 14.85 30.01
C4A CLA IN . -50.08 15.88 29.82
CMA CLA IN . -48.89 13.88 28.85
CAA CLA IN . -47.01 15.47 31.46
CBA CLA IN . -46.03 14.33 31.39
CGA CLA IN . -46.72 13.02 31.64
O1A CLA IN . -46.75 12.02 30.93
O2A CLA IN . -47.41 13.01 32.82
NB CLA IN . -52.48 17.64 29.36
C1B CLA IN . -52.49 16.29 29.40
C2B CLA IN . -53.88 15.78 29.20
C3B CLA IN . -54.69 16.89 29.07
C4B CLA IN . -53.80 18.09 29.18
CMB CLA IN . -54.20 14.35 29.20
CAB CLA IN . -56.11 17.01 28.87
CBB CLA IN . -57.04 16.21 29.40
NC CLA IN . -52.04 20.54 29.47
C1C CLA IN . -53.39 20.53 29.26
C2C CLA IN . -53.88 21.91 29.15
C3C CLA IN . -52.77 22.74 29.26
C4C CLA IN . -51.61 21.87 29.46
CMC CLA IN . -55.28 22.28 28.93
CAC CLA IN . -52.76 24.21 29.21
CBC CLA IN . -53.26 24.89 30.47
ND CLA IN . -49.32 20.07 29.98
C1D CLA IN . -49.20 21.48 29.85
C2D CLA IN . -47.78 21.87 30.02
C3D CLA IN . -47.07 20.69 30.13
C4D CLA IN . -48.07 19.60 30.05
CMD CLA IN . -47.28 23.25 30.03
CAD CLA IN . -45.78 20.07 30.33
OBD CLA IN . -44.70 20.60 30.58
CBD CLA IN . -45.97 18.54 30.14
CGD CLA IN . -45.30 18.16 28.85
O1D CLA IN . -44.64 18.90 28.13
O2D CLA IN . -45.43 16.87 28.47
CED CLA IN . -45.19 16.61 27.09
C1 CLA IN . -47.45 11.76 33.53
C2 CLA IN . -48.79 11.17 33.30
C3 CLA IN . -49.42 10.40 34.21
C4 CLA IN . -50.76 9.83 33.93
C5 CLA IN . -48.80 10.06 35.52
C6 CLA IN . -49.71 10.38 36.69
C7 CLA IN . -49.42 9.47 37.86
C8 CLA IN . -49.06 10.24 39.13
C9 CLA IN . -47.57 10.26 39.32
C10 CLA IN . -49.74 9.63 40.34
C11 CLA IN . -50.74 10.58 40.96
MG CLA JN . -55.84 -1.59 26.47
CHA CLA JN . -54.52 -4.36 24.88
CHB CLA JN . -52.81 -0.94 27.85
CHC CLA JN . -57.19 1.22 27.93
CHD CLA JN . -59.01 -2.35 25.07
NA CLA JN . -53.98 -2.51 26.35
C1A CLA JN . -53.62 -3.65 25.62
C2A CLA JN . -52.15 -3.99 25.81
C3A CLA JN . -51.68 -2.97 26.87
C4A CLA JN . -52.89 -2.05 27.03
CMA CLA JN . -51.30 -3.64 28.16
CAA CLA JN . -51.41 -3.78 24.49
CBA CLA JN . -51.61 -2.37 23.97
CGA CLA JN . -51.49 -2.33 22.47
O1A CLA JN . -50.60 -2.78 21.76
O2A CLA JN . -52.55 -1.69 21.88
NB CLA JN . -55.14 -0.16 27.70
C1B CLA JN . -53.86 -0.04 28.11
C2B CLA JN . -53.69 1.23 28.88
C3B CLA JN . -54.93 1.84 28.91
C4B CLA JN . -55.87 0.96 28.16
CMB CLA JN . -52.41 1.64 29.45
CAB CLA JN . -55.34 3.08 29.51
CBB CLA JN . -55.01 3.50 30.74
NC CLA JN . -57.75 -0.73 26.48
C1C CLA JN . -58.07 0.43 27.13
C2C CLA JN . -59.47 0.75 26.92
C3C CLA JN . -60.00 -0.27 26.12
C4C CLA JN . -58.91 -1.20 25.85
CMC CLA JN . -60.15 1.94 27.46
CAC CLA JN . -61.38 -0.39 25.63
CBC CLA JN . -62.29 -1.12 26.61
ND CLA JN . -56.63 -2.96 25.20
C1D CLA JN . -57.96 -3.19 24.75
C2D CLA JN . -57.97 -4.42 23.92
C3D CLA JN . -56.67 -4.89 23.91
C4D CLA JN . -55.88 -3.96 24.75
CMD CLA JN . -59.15 -4.95 23.25
CAD CLA JN . -55.76 -5.91 23.42
OBD CLA JN . -55.95 -6.83 22.64
CBD CLA JN . -54.38 -5.65 24.11
CGD CLA JN . -54.05 -6.75 25.09
O1D CLA JN . -54.25 -6.75 26.30
O2D CLA JN . -53.48 -7.85 24.54
CED CLA JN . -53.51 -9.04 25.33
C1 CLA JN . -52.23 -0.65 20.93
C2 CLA JN . -52.33 -1.24 19.57
C3 CLA JN . -53.41 -1.12 18.80
C4 CLA JN . -53.49 -1.73 17.44
C5 CLA JN . -54.61 -0.35 19.26
C6 CLA JN . -54.65 1.06 18.71
C7 CLA JN . -55.73 1.87 19.40
C8 CLA JN . -55.15 3.07 20.14
C9 CLA JN . -54.26 2.62 21.28
C10 CLA JN . -56.26 3.99 20.66
C11 CLA JN . -55.90 5.44 20.50
C12 CLA JN . -55.26 6.01 21.76
C13 CLA JN . -53.93 6.71 21.50
C14 CLA JN . -53.33 6.34 20.16
C15 CLA JN . -52.93 6.40 22.62
C16 CLA JN . -52.87 7.54 23.62
C17 CLA JN . -52.51 8.85 22.95
C18 CLA JN . -52.24 9.94 23.97
C19 CLA JN . -50.98 9.63 24.77
C20 CLA JN . -52.09 11.29 23.29
MG CLA KN . -67.42 -0.36 29.00
CHA CLA KN . -69.61 -2.36 27.20
CHB CLA KN . -66.26 1.00 26.10
CHC CLA KN . -65.49 1.80 30.85
CHD CLA KN . -68.75 -1.71 31.99
NA CLA KN . -67.85 -0.68 26.99
C1A CLA KN . -68.81 -1.53 26.44
C2A CLA KN . -68.83 -1.45 24.92
C3A CLA KN . -67.65 -0.49 24.61
C4A CLA KN . -67.21 0.00 25.99
CMA CLA KN . -66.54 -1.21 23.88
CAA CLA KN . -70.17 -0.85 24.52
CBA CLA KN . -70.24 0.64 24.82
CGA CLA KN . -71.59 1.20 24.50
O1A CLA KN . -71.94 2.37 24.45
O2A CLA KN . -72.51 0.22 24.22
NB CLA KN . -66.11 1.11 28.56
C1B CLA KN . -65.78 1.53 27.31
C2B CLA KN . -64.82 2.67 27.39
C3B CLA KN . -64.61 2.91 28.74
C4B CLA KN . -65.42 1.91 29.49
CMB CLA KN . -64.30 3.34 26.20
CAB CLA KN . -63.78 3.87 29.42
CBB CLA KN . -62.79 4.60 28.91
NC CLA KN . -67.13 -0.07 31.05
C1C CLA KN . -66.27 0.86 31.58
C2C CLA KN . -66.33 0.80 33.03
C3C CLA KN . -67.27 -0.17 33.36
C4C CLA KN . -67.78 -0.71 32.10
CMC CLA KN . -65.53 1.65 33.93
CAC CLA KN . -67.70 -0.59 34.71
CBC CLA KN . -69.01 0.02 35.12
ND CLA KN . -68.74 -1.79 29.54
C1D CLA KN . -69.23 -2.22 30.80
C2D CLA KN . -70.25 -3.28 30.60
C3D CLA KN . -70.42 -3.38 29.23
C4D CLA KN . -69.49 -2.41 28.62
CMD CLA KN . -70.92 -4.01 31.66
CAD CLA KN . -71.10 -4.06 28.15
OBD CLA KN . -71.86 -5.02 28.18
CBD CLA KN . -70.69 -3.35 26.82
CGD CLA KN . -70.27 -4.32 25.75
O1D CLA KN . -71.00 -4.96 24.98
O2D CLA KN . -68.92 -4.49 25.64
CED CLA KN . -68.42 -4.95 24.38
MG CLA LN . -68.94 1.78 44.06
CHA CLA LN . -70.05 -0.84 46.06
CHB CLA LN . -70.28 0.26 41.33
CHC CLA LN . -68.02 4.50 42.18
CHD CLA LN . -67.61 3.34 46.96
NA CLA LN . -69.97 -0.01 43.77
C1A CLA LN . -70.34 -0.97 44.73
C2A CLA LN . -71.10 -2.13 44.08
C3A CLA LN . -71.03 -1.80 42.57
C4A CLA LN . -70.39 -0.42 42.53
CMA CLA LN . -70.23 -2.83 41.80
CAA CLA LN . -72.55 -2.13 44.53
CBA CLA LN . -73.12 -0.73 44.52
CGA CLA LN . -74.63 -0.76 44.50
O1A CLA LN . -75.37 -1.60 43.99
O2A CLA LN . -75.19 0.29 45.15
NB CLA LN . -69.07 2.26 42.12
C1B CLA LN . -69.71 1.54 41.16
C2B CLA LN . -69.74 2.30 39.88
C3B CLA LN . -69.11 3.51 40.12
C4B CLA LN . -68.67 3.50 41.54
CMB CLA LN . -70.38 1.77 38.68
CAB CLA LN . -68.85 4.64 39.27
CBB CLA LN . -69.27 4.84 38.02
NC CLA LN . -67.96 3.57 44.49
C1C CLA LN . -67.68 4.54 43.57
C2C CLA LN . -66.99 5.66 44.21
C3C CLA LN . -66.88 5.34 45.55
C4C CLA LN . -67.49 4.03 45.73
CMC CLA LN . -66.54 6.87 43.52
CAC CLA LN . -66.27 6.16 46.61
CBC CLA LN . -67.29 6.88 47.46
ND CLA LN . -68.80 1.40 46.05
C1D CLA LN . -68.22 2.12 47.12
C2D CLA LN . -68.41 1.36 48.38
C3D CLA LN . -69.11 0.22 48.03
C4D CLA LN . -69.33 0.29 46.57
CMD CLA LN . -67.92 1.78 49.69
CAD CLA LN . -69.70 -1.02 48.49
OBD CLA LN . -69.73 -1.49 49.63
CBD CLA LN . -70.33 -1.73 47.26
CGD CLA LN . -69.79 -3.13 47.10
O1D CLA LN . -70.02 -4.11 47.82
O2D CLA LN . -68.95 -3.29 46.03
CED CLA LN . -68.72 -4.64 45.59
C1 CLA LN . -76.54 0.62 44.78
C2 CLA LN . -76.48 1.47 43.57
C3 CLA LN . -76.24 2.79 43.61
C4 CLA LN . -76.01 3.51 44.88
C5 CLA LN . -76.18 3.59 42.35
C6 CLA LN . -77.13 4.78 42.39
C7 CLA LN . -76.83 5.76 41.27
C8 CLA LN . -75.71 6.73 41.59
C9 CLA LN . -75.83 7.24 43.03
C10 CLA LN . -75.72 7.91 40.63
C11 CLA LN . -74.72 8.96 41.01
C12 CLA LN . -74.64 10.08 39.99
MG CLA MN . -58.27 1.70 46.94
CHA CLA MN . -55.24 0.17 47.63
CHB CLA MN . -59.62 -1.32 46.14
CHC CLA MN . -61.29 3.26 46.41
CHD CLA MN . -56.82 4.82 47.78
NA CLA MN . -57.52 -0.25 46.90
C1A CLA MN . -56.24 -0.68 47.23
C2A CLA MN . -56.11 -2.21 47.08
C3A CLA MN . -57.49 -2.62 46.50
C4A CLA MN . -58.28 -1.32 46.52
CMA CLA MN . -57.36 -3.17 45.10
CAA CLA MN . -55.93 -2.86 48.45
CBA CLA MN . -57.11 -3.74 48.80
CGA CLA MN . -57.22 -3.92 50.29
O1A CLA MN . -56.73 -4.80 50.99
O2A CLA MN . -58.00 -2.96 50.87
NB CLA MN . -60.11 1.08 46.46
C1B CLA MN . -60.44 -0.18 46.09
C2B CLA MN . -61.83 -0.21 45.56
C3B CLA MN . -62.31 1.07 45.63
C4B CLA MN . -61.23 1.92 46.20
CMB CLA MN . -62.45 -1.42 45.04
CAB CLA MN . -63.60 1.58 45.25
CBB CLA MN . -64.50 2.07 46.09
NC CLA MN . -58.91 3.68 47.06
C1C CLA MN . -60.20 4.09 46.80
C2C CLA MN . -60.32 5.53 46.99
C3C CLA MN . -59.05 5.99 47.37
C4C CLA MN . -58.18 4.82 47.42
CMC CLA MN . -61.54 6.31 46.80
CAC CLA MN . -58.67 7.38 47.69
CBC CLA MN . -58.68 7.66 49.16
ND CLA MN . -56.45 2.41 47.47
C1D CLA MN . -56.00 3.71 47.82
C2D CLA MN . -54.57 3.65 48.20
C3D CLA MN . -54.22 2.31 48.12
C4D CLA MN . -55.44 1.58 47.69
CMD CLA MN . -53.75 4.79 48.57
CAD CLA MN . -53.16 1.33 48.26
OBD CLA MN . -51.98 1.48 48.51
CBD CLA MN . -53.79 -0.09 48.01
CGD CLA MN . -53.07 -0.82 46.93
O1D CLA MN . -53.22 -0.70 45.70
O2D CLA MN . -52.13 -1.70 47.37
CED CLA MN . -51.04 -2.01 46.49
C1 CLA MN . -58.83 -3.39 51.97
C2 CLA MN . -59.76 -2.27 52.26
C3 CLA MN . -59.40 -1.16 52.93
C4 CLA MN . -58.01 -0.98 53.45
C5 CLA MN . -60.36 -0.06 53.19
C6 CLA MN . -60.02 1.22 52.45
C7 CLA MN . -59.97 0.97 50.96
C8 CLA MN . -59.60 2.23 50.17
C9 CLA MN . -58.26 2.75 50.61
C10 CLA MN . -60.66 3.30 50.33
C11 CLA MN . -62.02 2.82 49.85
C12 CLA MN . -62.95 3.97 49.52
C13 CLA MN . -63.41 4.70 50.78
C14 CLA MN . -64.03 3.75 51.77
C15 CLA MN . -64.39 5.81 50.43
C16 CLA MN . -64.35 6.91 51.48
C17 CLA MN . -63.33 7.97 51.14
C18 CLA MN . -63.74 8.80 49.93
C19 CLA MN . -65.02 9.55 50.20
C20 CLA MN . -62.65 9.77 49.55
MG CLA NN . -53.19 2.67 39.54
CHA CLA NN . -52.03 -0.40 38.42
CHB CLA NN . -53.19 1.49 42.73
CHC CLA NN . -54.22 5.76 40.60
CHD CLA NN . -53.19 3.82 36.19
NA CLA NN . -52.71 0.83 40.40
C1A CLA NN . -52.23 -0.33 39.78
C2A CLA NN . -52.01 -1.46 40.79
C3A CLA NN . -52.57 -0.87 42.10
C4A CLA NN . -52.84 0.60 41.75
CMA CLA NN . -53.82 -1.58 42.55
CAA CLA NN . -50.52 -1.76 40.91
CBA CLA NN . -49.97 -1.35 42.26
CGA CLA NN . -49.49 0.07 42.21
O1A CLA NN . -49.76 0.92 41.35
O2A CLA NN . -48.67 0.40 43.26
NB CLA NN . -53.73 3.44 41.32
C1B CLA NN . -53.47 2.85 42.51
C2B CLA NN . -53.53 3.87 43.60
C3B CLA NN . -53.83 5.07 43.00
C4B CLA NN . -53.96 4.82 41.55
CMB CLA NN . -53.28 3.53 45.00
CAB CLA NN . -53.99 6.39 43.56
CBB CLA NN . -54.58 6.67 44.73
NC CLA NN . -53.65 4.45 38.56
C1C CLA NN . -54.08 5.58 39.19
C2C CLA NN . -54.34 6.63 38.21
C3C CLA NN . -54.03 6.09 36.97
C4C CLA NN . -53.60 4.72 37.19
CMC CLA NN . -54.82 7.97 38.53
CAC CLA NN . -54.13 6.76 35.66
CBC CLA NN . -52.78 7.10 35.07
ND CLA NN . -52.65 1.96 37.71
C1D CLA NN . -52.75 2.53 36.42
C2D CLA NN . -52.28 1.54 35.43
C3D CLA NN . -51.96 0.41 36.15
C4D CLA NN . -52.25 0.71 37.56
CMD CLA NN . -52.17 1.78 33.98
CAD CLA NN . -51.46 -0.96 36.10
OBD CLA NN . -51.01 -1.58 35.15
CBD CLA NN . -51.58 -1.55 37.53
CGD CLA NN . -52.57 -2.67 37.60
O1D CLA NN . -53.78 -2.59 37.83
O2D CLA NN . -52.05 -3.90 37.36
CED CLA NN . -52.85 -5.03 37.68
C1 CLA NN . -49.21 1.20 44.32
C2 CLA NN . -49.35 2.58 43.80
C3 CLA NN . -49.40 3.67 44.57
C4 CLA NN . -49.31 3.60 46.06
C5 CLA NN . -49.55 5.03 43.97
C6 CLA NN . -49.03 5.09 42.54
C7 CLA NN . -50.15 5.04 41.51
C8 CLA NN . -49.63 5.18 40.09
C9 CLA NN . -50.45 6.18 39.32
C10 CLA NN . -49.61 3.85 39.36
C11 CLA NN . -48.75 3.90 38.11
C12 CLA NN . -49.02 2.74 37.18
C13 CLA NN . -47.86 1.77 37.13
C14 CLA NN . -47.05 1.93 35.86
C15 CLA NN . -48.34 0.33 37.26
MG CLA ON . -56.30 19.17 45.46
CHA CLA ON . -56.28 22.25 47.04
CHB CLA ON . -53.22 19.82 44.17
CHC CLA ON . -56.32 16.05 44.05
CHD CLA ON . -59.51 18.56 46.83
NA CLA ON . -54.98 20.79 45.59
C1A CLA ON . -55.15 21.98 46.31
C2A CLA ON . -53.94 22.89 46.16
C3A CLA ON . -53.08 22.16 45.10
C4A CLA ON . -53.78 20.81 44.94
CMA CLA ON . -53.01 22.92 43.80
CAA CLA ON . -53.18 22.96 47.48
CBA CLA ON . -53.13 21.60 48.16
CGA CLA ON . -52.23 21.61 49.36
O1A CLA ON . -52.17 22.44 50.27
O2A CLA ON . -51.37 20.55 49.41
NB CLA ON . -55.03 18.15 44.28
C1B CLA ON . -53.79 18.56 43.94
C2B CLA ON . -53.08 17.45 43.24
C3B CLA ON . -53.93 16.37 43.20
C4B CLA ON . -55.20 16.80 43.87
CMB CLA ON . -51.71 17.57 42.73
CAB CLA ON . -53.73 15.06 42.65
CBB CLA ON . -53.42 13.98 43.37
NC CLA ON . -57.68 17.60 45.43
C1C CLA ON . -57.48 16.42 44.77
C2C CLA ON . -58.64 15.55 44.95
C3C CLA ON . -59.54 16.25 45.75
C4C CLA ON . -58.93 17.54 46.04
CMC CLA ON . -58.77 14.21 44.38
CAC CLA ON . -60.86 15.79 46.21
CBC CLA ON . -61.99 16.34 45.38
ND CLA ON . -57.63 20.12 46.66
C1D CLA ON . -58.92 19.77 47.13
C2D CLA ON . -59.45 20.88 47.95
C3D CLA ON . -58.48 21.86 47.96
C4D CLA ON . -57.37 21.34 47.13
CMD CLA ON . -60.76 20.87 48.60
CAD CLA ON . -58.09 23.18 48.43
OBD CLA ON . -58.70 23.96 49.15
CBD CLA ON . -56.68 23.48 47.84
CGD CLA ON . -56.70 24.69 46.95
O1D CLA ON . -57.45 24.91 45.98
O2D CLA ON . -55.77 25.63 47.26
CED CLA ON . -55.60 26.73 46.37
C1 CLA ON . -51.87 19.32 49.98
C2 CLA ON . -51.83 19.45 51.45
C3 CLA ON . -51.75 18.40 52.28
C4 CLA ON . -51.72 18.56 53.75
C5 CLA ON . -51.68 17.00 51.77
C6 CLA ON . -52.68 16.08 52.43
C7 CLA ON . -52.49 14.64 52.01
C8 CLA ON . -53.55 13.70 52.58
C9 CLA ON . -53.82 14.02 54.04
C10 CLA ON . -53.13 12.24 52.44
C11 CLA ON . -54.18 11.43 51.72
C12 CLA ON . -53.69 10.02 51.43
C13 CLA ON . -54.69 9.26 50.56
C14 CLA ON . -54.82 7.83 51.02
C15 CLA ON . -54.30 9.32 49.08
C16 CLA ON . -52.82 9.08 48.88
C17 CLA ON . -52.36 9.55 47.52
C18 CLA ON . -51.15 8.77 47.01
C19 CLA ON . -51.53 7.33 46.75
C20 CLA ON . -50.61 9.41 45.74
MG CLA PN . -66.49 18.81 32.43
CHA CLA PN . -65.73 22.18 32.68
CHB CLA PN . -69.79 19.53 32.89
CHC CLA PN . -67.20 15.45 32.12
CHD CLA PN . -63.06 18.11 31.94
NA CLA PN . -67.56 20.58 32.74
C1A CLA PN . -67.05 21.89 32.80
C2A CLA PN . -68.18 22.90 33.04
C3A CLA PN . -69.44 22.00 33.19
C4A CLA PN . -68.91 20.59 32.92
CMA CLA PN . -70.05 22.13 34.56
CAA CLA PN . -68.33 23.83 31.86
CBA CLA PN . -69.33 23.30 30.85
CGA CLA PN . -68.87 23.59 29.45
O1A CLA PN . -69.06 24.62 28.78
O2A CLA PN . -68.15 22.58 28.89
NB CLA PN . -68.18 17.70 32.48
C1B CLA PN . -69.43 18.18 32.67
C2B CLA PN . -70.41 17.06 32.63
C3B CLA PN . -69.70 15.91 32.42
C4B CLA PN . -68.25 16.30 32.32
CMB CLA PN . -71.86 17.24 32.81
CAB CLA PN . -70.15 14.55 32.30
CBB CLA PN . -69.98 13.77 31.23
NC CLA PN . -65.33 17.10 32.10
C1C CLA PN . -65.83 15.83 32.01
C2C CLA PN . -64.74 14.88 31.78
C3C CLA PN . -63.57 15.63 31.73
C4C CLA PN . -63.95 17.02 31.93
CMC CLA PN . -64.91 13.44 31.64
CAC CLA PN . -62.20 15.14 31.51
CBC CLA PN . -61.77 15.28 30.07
ND CLA PN . -64.75 19.83 32.35
C1D CLA PN . -63.41 19.42 32.14
C2D CLA PN . -62.53 20.62 32.17
C3D CLA PN . -63.37 21.69 32.38
C4D CLA PN . -64.74 21.16 32.48
CMD CLA PN . -61.08 20.58 32.01
CAD CLA PN . -63.45 23.13 32.54
OBD CLA PN . -62.55 23.96 32.55
CBD CLA PN . -64.96 23.49 32.72
CGD CLA PN . -65.22 24.24 34.00
O1D CLA PN . -65.11 23.83 35.16
O2D CLA PN . -65.63 25.52 33.80
CED CLA PN . -65.03 26.55 34.59
C1 CLA PN . -68.85 21.71 27.97
C2 CLA PN . -69.20 20.47 28.72
C3 CLA PN . -69.29 19.27 28.13
C4 CLA PN . -69.03 19.08 26.68
C5 CLA PN . -69.65 18.06 28.92
C6 CLA PN . -68.60 16.97 28.83
C7 CLA PN . -69.17 15.71 28.20
C8 CLA PN . -68.14 14.60 28.10
C9 CLA PN . -67.18 14.86 26.96
C10 CLA PN . -68.80 13.24 27.91
MG CLA QN . -66.32 24.72 46.02
CHA CLA QN . -67.91 27.51 44.71
CHB CLA QN . -66.36 26.14 49.11
CHC CLA QN . -64.81 21.90 47.27
CHD CLA QN . -66.34 23.26 42.79
NA CLA QN . -67.03 26.54 46.76
C1A CLA QN . -67.68 27.57 46.06
C2A CLA QN . -68.03 28.74 46.98
C3A CLA QN . -67.47 28.28 48.36
C4A CLA QN . -66.91 26.89 48.08
CMA CLA QN . -66.41 29.22 48.89
CAA CLA QN . -69.53 28.95 47.07
CBA CLA QN . -70.22 27.83 47.82
CGA CLA QN . -71.70 28.07 47.83
O1A CLA QN . -72.56 27.47 48.47
O2A CLA QN . -72.09 29.08 47.00
NB CLA QN . -65.71 24.13 47.84
C1B CLA QN . -65.81 24.86 48.99
C2B CLA QN . -65.23 24.08 50.13
C3B CLA QN . -64.79 22.89 49.62
C4B CLA QN . -65.09 22.90 48.15
CMB CLA QN . -65.21 24.61 51.49
CAB CLA QN . -64.15 21.76 50.25
CBB CLA QN . -63.30 21.81 51.27
NC CLA QN . -65.68 22.92 45.18
C1C CLA QN . -65.08 21.91 45.87
C2C CLA QN . -64.76 20.80 44.98
C3C CLA QN . -65.21 21.18 43.71
C4C CLA QN . -65.79 22.51 43.84
CMC CLA QN . -64.12 19.55 45.39
CAC CLA QN . -65.12 20.40 42.47
CBC CLA QN . -66.44 19.77 42.09
ND CLA QN . -66.92 25.22 44.16
C1D CLA QN . -66.88 24.52 42.92
C2D CLA QN . -67.47 25.38 41.86
C3D CLA QN . -67.88 26.54 42.49
C4D CLA QN . -67.53 26.38 43.91
CMD CLA QN . -67.57 25.02 40.45
CAD CLA QN . -68.49 27.85 42.33
OBD CLA QN . -68.88 28.40 41.31
CBD CLA QN . -68.57 28.49 43.75
CGD CLA QN . -67.93 29.84 43.80
O1D CLA QN . -68.41 30.89 44.28
O2D CLA QN . -66.68 29.90 43.27
CED CLA QN . -65.69 30.64 43.98
MG CLA RN . -60.54 27.86 54.19
CHA CLA RN . -61.97 29.83 51.69
CHB CLA RN . -60.24 30.61 56.16
CHC CLA RN . -59.43 25.84 56.72
CHD CLA RN . -60.93 25.03 52.10
NA CLA RN . -61.00 29.89 53.92
C1A CLA RN . -61.61 30.51 52.83
C2A CLA RN . -61.76 32.02 53.09
C3A CLA RN . -60.86 32.24 54.32
C4A CLA RN . -60.70 30.82 54.87
CMA CLA RN . -59.53 32.86 53.96
CAA CLA RN . -63.16 32.36 53.57
CBA CLA RN . -64.25 32.32 52.53
CGA CLA RN . -65.03 31.04 52.67
O1A CLA RN . -66.03 30.66 52.05
O2A CLA RN . -64.52 30.21 53.64
NB CLA RN . -59.85 28.18 56.05
C1B CLA RN . -60.01 29.35 56.73
C2B CLA RN . -59.89 29.11 58.20
C3B CLA RN . -59.67 27.76 58.36
C4B CLA RN . -59.62 27.16 57.00
CMB CLA RN . -60.02 30.20 59.17
CAB CLA RN . -59.48 26.95 59.54
CBB CLA RN . -59.07 27.39 60.74
NC CLA RN . -60.16 25.82 54.35
C1C CLA RN . -59.66 25.21 55.46
C2C CLA RN . -59.50 23.79 55.22
C3C CLA RN . -59.99 23.53 53.94
C4C CLA RN . -60.40 24.82 53.39
CMC CLA RN . -58.97 22.84 56.20
CAC CLA RN . -60.04 22.23 53.26
CBC CLA RN . -59.12 22.10 52.08
ND CLA RN . -61.24 27.45 52.33
C1D CLA RN . -61.34 26.24 51.59
C2D CLA RN . -61.90 26.54 50.26
C3D CLA RN . -62.16 27.89 50.24
C4D CLA RN . -61.74 28.42 51.56
CMD CLA RN . -62.13 25.55 49.21
CAD CLA RN . -62.66 29.01 49.47
OBD CLA RN . -63.08 29.04 48.31
CBD CLA RN . -62.57 30.27 50.39
CGD CLA RN . -61.79 31.39 49.75
O1D CLA RN . -60.61 31.67 49.92
O2D CLA RN . -62.52 32.16 48.90
CED CLA RN . -61.83 33.13 48.10
C1 CLA RN . -64.79 28.80 53.49
C2 CLA RN . -64.00 28.10 54.53
C3 CLA RN . -64.42 26.97 55.12
C4 CLA RN . -65.71 26.34 54.77
C5 CLA RN . -63.60 26.30 56.17
C6 CLA RN . -63.60 24.78 56.02
C7 CLA RN . -62.69 24.14 57.07
C8 CLA RN . -62.99 24.64 58.48
MG CLA SN . -50.12 26.62 53.58
CHA CLA SN . -52.40 26.05 51.04
CHB CLA SN . -52.42 25.51 55.83
CHC CLA SN . -47.76 26.98 56.03
CHD CLA SN . -47.77 27.71 51.17
NA CLA SN . -52.10 25.94 53.44
C1A CLA SN . -52.86 25.74 52.28
C2A CLA SN . -54.26 25.20 52.59
C3A CLA SN . -54.29 25.20 54.14
C4A CLA SN . -52.84 25.56 54.53
CMA CLA SN . -55.31 26.18 54.62
CAA CLA SN . -54.37 23.77 52.08
CBA CLA SN . -55.75 23.20 52.29
CGA CLA SN . -55.72 21.73 52.02
O1A CLA SN . -55.42 20.81 52.78
O2A CLA SN . -56.08 21.41 50.74
NB CLA SN . -50.11 26.36 55.58
C1B CLA SN . -51.13 25.82 56.30
C2B CLA SN . -50.66 25.59 57.71
C3B CLA SN . -49.35 26.00 57.76
C4B CLA SN . -48.97 26.50 56.41
CMB CLA SN . -51.50 25.00 58.75
CAB CLA SN . -48.41 25.99 58.86
CBB CLA SN . -48.69 26.17 60.15
NC CLA SN . -48.14 27.28 53.59
C1C CLA SN . -47.36 27.35 54.71
C2C CLA SN . -46.03 27.83 54.36
C3C CLA SN . -46.02 28.03 52.98
C4C CLA SN . -47.35 27.68 52.50
CMC CLA SN . -44.96 28.03 55.32
CAC CLA SN . -44.89 28.50 52.15
CBC CLA SN . -44.18 27.37 51.45
ND CLA SN . -50.04 26.88 51.59
C1D CLA SN . -49.03 27.34 50.71
C2D CLA SN . -49.55 27.33 49.33
C3D CLA SN . -50.84 26.85 49.41
C4D CLA SN . -51.09 26.58 50.82
CMD CLA SN . -48.80 27.76 48.16
CAD CLA SN . -52.05 26.52 48.68
OBD CLA SN . -52.30 26.62 47.48
CBD CLA SN . -53.08 25.96 49.71
CGD CLA SN . -54.38 26.72 49.74
O1D CLA SN . -55.51 26.27 49.91
O2D CLA SN . -54.25 28.07 49.60
CED CLA SN . -55.36 28.88 50.00
C1 CLA SN . -55.85 20.05 50.34
C2 CLA SN . -57.10 19.30 50.63
C3 CLA SN . -57.15 18.23 51.44
C4 CLA SN . -55.92 17.71 52.12
C5 CLA SN . -58.41 17.50 51.71
C6 CLA SN . -59.63 18.19 51.12
C7 CLA SN . -60.47 17.20 50.33
C8 CLA SN . -61.91 17.11 50.83
C9 CLA SN . -62.86 16.96 49.66
C10 CLA SN . -62.30 18.31 51.67
MG CLA TN . -49.54 22.74 42.54
CHA CLA TN . -49.29 20.56 39.84
CHB CLA TN . -48.35 20.32 44.60
CHC CLA TN . -49.97 24.87 45.19
CHD CLA TN . -50.77 25.24 40.35
NA CLA TN . -48.88 20.78 42.23
C1A CLA TN . -48.86 20.04 41.04
C2A CLA TN . -48.29 18.64 41.27
C3A CLA TN . -47.83 18.68 42.75
C4A CLA TN . -48.39 20.02 43.26
CMA CLA TN . -48.30 17.50 43.56
CAA CLA TN . -47.09 18.35 40.39
CBA CLA TN . -47.28 17.07 39.60
CGA CLA TN . -47.28 15.90 40.53
O1A CLA TN . -46.44 15.60 41.38
O2A CLA TN . -48.38 15.09 40.36
NB CLA TN . -49.16 22.64 44.51
C1B CLA TN . -48.81 21.51 45.18
C2B CLA TN . -48.97 21.72 46.64
C3B CLA TN . -49.43 23.00 46.82
C4B CLA TN . -49.55 23.61 45.46
CMB CLA TN . -48.67 20.68 47.62
CAB CLA TN . -49.75 23.73 48.01
CBB CLA TN . -48.99 23.77 49.11
NC CLA TN . -50.20 24.71 42.72
C1C CLA TN . -50.26 25.40 43.90
C2C CLA TN . -50.72 26.76 43.67
C3C CLA TN . -50.99 26.86 42.31
C4C CLA TN . -50.65 25.57 41.71
CMC CLA TN . -50.90 27.78 44.70
CAC CLA TN . -51.48 28.03 41.57
CBC CLA TN . -50.36 28.78 40.87
ND CLA TN . -49.93 22.94 40.56
C1D CLA TN . -50.44 24.01 39.80
C2D CLA TN . -50.55 23.60 38.38
C3D CLA TN . -50.14 22.28 38.35
C4D CLA TN . -49.75 21.92 39.73
CMD CLA TN . -51.03 24.44 37.30
CAD CLA TN . -49.89 21.12 37.51
OBD CLA TN . -50.03 20.99 36.30
CBD CLA TN . -49.37 19.99 38.44
CGD CLA TN . -50.26 18.78 38.35
O1D CLA TN . -50.30 17.94 37.46
O2D CLA TN . -51.13 18.64 39.40
CED CLA TN . -52.32 17.89 39.16
C1 CLA TN . -48.32 13.80 40.99
C2 CLA TN . -48.92 13.93 42.34
C3 CLA TN . -48.71 13.03 43.31
C4 CLA TN . -47.86 11.84 43.08
C5 CLA TN . -49.33 13.17 44.66
C6 CLA TN . -50.14 14.43 44.83
C7 CLA TN . -50.84 14.42 46.18
C8 CLA TN . -51.56 15.73 46.48
C9 CLA TN . -50.60 16.90 46.44
C10 CLA TN . -52.24 15.67 47.84
C11 CLA TN . -53.34 16.70 47.96
C12 CLA TN . -54.63 16.25 47.30
C13 CLA TN . -55.18 14.99 47.94
C14 CLA TN . -55.34 13.89 46.91
C15 CLA TN . -56.51 15.25 48.65
C16 CLA TN . -57.12 13.96 49.16
C17 CLA TN . -58.58 14.15 49.53
C18 CLA TN . -59.20 12.84 50.02
C19 CLA TN . -58.93 11.71 49.05
C20 CLA TN . -58.68 12.48 51.40
MG CLA UN . -39.62 11.42 54.01
CHA CLA UN . -41.32 8.41 54.32
CHB CLA UN . -42.30 13.05 55.34
CHC CLA UN . -37.80 14.32 53.95
CHD CLA UN . -36.88 9.67 52.60
NA CLA UN . -41.50 10.81 54.69
C1A CLA UN . -42.02 9.51 54.75
C2A CLA UN . -43.41 9.51 55.33
C3A CLA UN . -43.79 11.01 55.38
C4A CLA UN . -42.44 11.69 55.14
CMA CLA UN . -44.79 11.37 54.33
CAA CLA UN . -43.28 8.98 56.74
CBA CLA UN . -44.50 9.28 57.60
CGA CLA UN . -44.24 8.75 58.98
O1A CLA UN . -43.20 8.30 59.45
O2A CLA UN . -45.34 8.81 59.78
NB CLA UN . -40.01 13.34 54.48
C1B CLA UN . -41.12 13.78 55.14
C2B CLA UN . -40.91 15.17 55.61
C3B CLA UN . -39.64 15.54 55.22
C4B CLA UN . -39.05 14.39 54.49
CMB CLA UN . -41.93 15.91 56.36
CAB CLA UN . -38.90 16.77 55.41
CBB CLA UN . -39.42 18.00 55.48
NC CLA UN . -37.70 11.91 53.35
C1C CLA UN . -37.17 13.17 53.40
C2C CLA UN . -35.82 13.15 52.86
C3C CLA UN . -35.55 11.84 52.49
C4C CLA UN . -36.75 11.06 52.80
CMC CLA UN . -34.94 14.32 52.76
CAC CLA UN . -34.31 11.31 51.90
CBC CLA UN . -33.45 10.60 52.92
ND CLA UN . -39.14 9.51 53.55
C1D CLA UN . -37.99 8.94 52.95
C2D CLA UN . -38.20 7.48 52.81
C3D CLA UN . -39.45 7.21 53.37
C4D CLA UN . -40.00 8.52 53.78
CMD CLA UN . -37.23 6.54 52.25
CAD CLA UN . -40.44 6.21 53.66
OBD CLA UN . -40.39 4.99 53.49
CBD CLA UN . -41.68 6.94 54.26
CGD CLA UN . -42.92 6.64 53.48
O1D CLA UN . -43.55 5.59 53.42
O2D CLA UN . -43.40 7.69 52.74
CED CLA UN . -44.58 7.47 51.96
C1 CLA UN . -45.44 9.94 60.66
C2 CLA UN . -45.45 9.40 62.04
C3 CLA UN . -46.57 9.00 62.66
C4 CLA UN . -46.54 8.46 64.03
C5 CLA UN . -47.89 9.06 61.98
C6 CLA UN . -49.03 9.31 62.96
C7 CLA UN . -49.78 10.58 62.62
C8 CLA UN . -51.06 10.31 61.86
C9 CLA UN . -51.62 11.61 61.30
C10 CLA UN . -52.09 9.64 62.76
C11 CLA UN . -53.40 9.43 62.03
C12 CLA UN . -54.33 8.48 62.76
C13 CLA UN . -55.09 9.18 63.88
C14 CLA UN . -54.60 8.71 65.24
C15 CLA UN . -56.58 8.97 63.74
C16 CLA UN . -57.37 10.19 64.18
C17 CLA UN . -58.05 9.97 65.51
C18 CLA UN . -59.05 8.83 65.47
C19 CLA UN . -59.63 8.56 66.85
C20 CLA UN . -60.16 9.11 64.48
MG CLA VN . -49.80 2.84 54.29
CHA CLA VN . -48.04 5.79 54.78
CHB CLA VN . -52.51 4.61 53.27
CHC CLA VN . -51.45 -0.12 53.75
CHD CLA VN . -46.94 1.03 55.37
NA CLA VN . -50.19 4.88 54.08
C1A CLA VN . -49.33 5.96 54.33
C2A CLA VN . -50.02 7.30 54.05
C3A CLA VN . -51.47 6.87 53.67
C4A CLA VN . -51.41 5.35 53.67
CMA CLA VN . -52.47 7.40 54.67
CAA CLA VN . -49.38 8.05 52.90
CBA CLA VN . -49.53 9.55 53.07
CGA CLA VN . -49.29 10.24 51.76
O1A CLA VN . -48.59 9.86 50.82
O2A CLA VN . -49.96 11.42 51.65
NB CLA VN . -51.64 2.34 53.65
C1B CLA VN . -52.59 3.22 53.22
C2B CLA VN . -53.76 2.46 52.69
C3B CLA VN . -53.46 1.12 52.82
C4B CLA VN . -52.11 1.04 53.44
CMB CLA VN . -54.94 3.14 52.15
CAB CLA VN . -54.23 -0.05 52.48
CBB CLA VN . -55.01 -0.20 51.42
NC CLA VN . -49.28 0.83 54.55
C1C CLA VN . -50.12 -0.22 54.28
C2C CLA VN . -49.46 -1.47 54.58
C3C CLA VN . -48.17 -1.16 55.02
C4C CLA VN . -48.08 0.29 54.99
CMC CLA VN . -50.07 -2.79 54.43
CAC CLA VN . -47.12 -2.09 55.44
CBC CLA VN . -46.99 -2.19 56.95
ND CLA VN . -47.93 3.24 54.95
C1D CLA VN . -46.85 2.40 55.35
C2D CLA VN . -45.70 3.25 55.73
C3D CLA VN . -46.11 4.55 55.53
C4D CLA VN . -47.50 4.50 55.04
CMD CLA VN . -44.42 2.74 56.21
CAD CLA VN . -45.73 5.94 55.62
OBD CLA VN . -44.67 6.42 56.00
CBD CLA VN . -46.96 6.78 55.11
CGD CLA VN . -47.39 7.80 56.13
O1D CLA VN . -47.40 9.03 56.01
O2D CLA VN . -47.84 7.27 57.30
CED CLA VN . -48.17 8.16 58.35
C1 CLA VN . -49.77 12.15 50.41
C2 CLA VN . -48.67 13.13 50.65
C3 CLA VN . -47.86 13.55 49.69
C4 CLA VN . -47.98 13.06 48.28
C5 CLA VN . -46.78 14.54 49.96
C6 CLA VN . -46.97 15.84 49.21
C7 CLA VN . -45.99 16.89 49.70
C8 CLA VN . -46.25 18.24 49.04
C9 CLA VN . -45.92 18.17 47.56
C10 CLA VN . -45.43 19.35 49.70
C11 CLA VN . -45.47 19.26 51.21
C12 CLA VN . -46.74 19.80 51.79
C13 CLA VN . -46.88 19.45 53.26
C14 CLA VN . -48.23 19.86 53.81
C15 CLA VN . -45.77 20.08 54.10
C16 CLA VN . -45.65 19.42 55.45
C17 CLA VN . -44.53 20.01 56.28
C18 CLA VN . -44.07 19.05 57.38
C19 CLA VN . -43.13 19.75 58.34
C20 CLA VN . -45.25 18.48 58.13
MG CLA WN . -33.07 0.58 39.46
CHA CLA WN . -34.39 -0.82 36.58
CHB CLA WN . -33.43 -2.38 41.08
CHC CLA WN . -31.59 1.99 42.22
CHD CLA WN . -32.69 3.65 37.72
NA CLA WN . -33.85 -1.27 38.90
C1A CLA WN . -34.36 -1.66 37.65
C2A CLA WN . -34.82 -3.12 37.69
C3A CLA WN . -34.71 -3.49 39.19
C4A CLA WN . -33.94 -2.31 39.78
CMA CLA WN . -36.06 -3.66 39.83
CAA CLA WN . -33.96 -4.03 36.83
CBA CLA WN . -32.47 -3.84 37.08
CGA CLA WN . -31.99 -4.82 38.10
O1A CLA WN . -31.89 -6.05 38.01
O2A CLA WN . -31.65 -4.23 39.28
NB CLA WN . -32.70 -0.05 41.34
C1B CLA WN . -32.72 -1.35 41.72
C2B CLA WN . -31.90 -1.54 42.94
C3B CLA WN . -31.38 -0.32 43.27
C4B CLA WN . -31.90 0.66 42.26
CMB CLA WN . -31.75 -2.85 43.59
CAB CLA WN . -30.52 0.10 44.35
CBB CLA WN . -29.47 -0.59 44.80
NC CLA WN . -32.34 2.49 39.90
C1C CLA WN . -31.82 2.86 41.11
C2C CLA WN . -31.45 4.26 41.10
C3C CLA WN . -31.71 4.73 39.80
C4C CLA WN . -32.29 3.61 39.07
CMC CLA WN . -30.86 4.99 42.22
CAC CLA WN . -31.50 6.09 39.30
CBC CLA WN . -30.30 6.20 38.39
ND CLA WN . -33.40 1.30 37.60
C1D CLA WN . -33.21 2.59 37.02
C2D CLA WN . -33.62 2.54 35.60
C3D CLA WN . -34.05 1.25 35.37
C4D CLA WN . -33.92 0.53 36.65
CMD CLA WN . -33.52 3.67 34.67
CAD CLA WN . -34.55 0.31 34.40
OBD CLA WN . -34.72 0.46 33.19
CBD CLA WN . -34.87 -1.01 35.15
CGD CLA WN . -36.33 -1.34 35.03
O1D CLA WN . -37.27 -0.60 35.32
O2D CLA WN . -36.60 -2.57 34.54
CED CLA WN . -37.53 -2.65 33.46
C1 CLA WN . -30.56 -3.29 39.25
C2 CLA WN . -29.37 -4.05 39.67
C3 CLA WN . -28.20 -3.47 40.02
C4 CLA WN . -27.04 -4.29 40.43
C5 CLA WN . -28.03 -1.99 40.01
C6 CLA WN . -26.64 -1.55 39.58
C7 CLA WN . -26.54 -1.50 38.06
C8 CLA WN . -25.33 -0.69 37.58
C9 CLA WN . -24.05 -1.50 37.71
C10 CLA WN . -25.19 0.62 38.34
C11 CLA WN . -24.13 1.50 37.72
C12 CLA WN . -24.60 2.10 36.42
C13 CLA WN . -23.47 2.26 35.41
C14 CLA WN . -22.63 1.00 35.33
C15 CLA WN . -22.58 3.46 35.74
C16 CLA WN . -22.73 4.56 34.69
C17 CLA WN . -22.43 4.04 33.30
MG CLA XN . -41.66 2.81 38.85
CHA CLA XN . -43.44 -0.12 38.33
CHB CLA XN . -39.11 1.59 36.97
CHC CLA XN . -40.06 5.83 39.17
CHD CLA XN . -44.37 4.06 40.75
NA CLA XN . -41.33 1.01 37.86
C1A CLA XN . -42.20 -0.08 37.75
C2A CLA XN . -41.57 -1.21 36.92
C3A CLA XN . -40.11 -0.72 36.74
C4A CLA XN . -40.17 0.74 37.20
CMA CLA XN . -39.18 -1.54 37.59
CAA CLA XN . -42.30 -1.40 35.61
CBA CLA XN . -41.76 -0.53 34.49
CGA CLA XN . -42.75 0.52 34.09
O1A CLA XN . -43.11 1.51 34.73
O2A CLA XN . -43.31 0.30 32.86
NB CLA XN . -39.88 3.55 38.25
C1B CLA XN . -39.05 2.94 37.38
C2B CLA XN . -38.01 3.90 36.91
C3B CLA XN . -38.27 5.10 37.54
C4B CLA XN . -39.46 4.88 38.40
CMB CLA XN . -36.96 3.51 35.96
CAB CLA XN . -37.62 6.39 37.47
CBB CLA XN . -36.43 6.67 36.95
NC CLA XN . -42.12 4.60 39.84
C1C CLA XN . -41.30 5.70 39.86
C2C CLA XN . -41.92 6.75 40.66
C3C CLA XN . -43.15 6.27 41.07
C4C CLA XN . -43.27 4.92 40.56
CMC CLA XN . -41.32 8.07 40.91
CAC CLA XN . -44.16 6.96 41.90
CBC CLA XN . -45.29 7.52 41.06
ND CLA XN . -43.46 2.17 39.47
C1D CLA XN . -44.49 2.78 40.25
C2D CLA XN . -45.61 1.83 40.40
C3D CLA XN . -45.26 0.70 39.69
C4D CLA XN . -43.92 0.97 39.13
CMD CLA XN . -46.82 2.12 41.16
CAD CLA XN . -45.64 -0.64 39.29
OBD CLA XN . -46.64 -1.29 39.59
CBD CLA XN . -44.50 -1.19 38.38
CGD CLA XN . -43.95 -2.50 38.86
O1D CLA XN . -43.39 -2.73 39.92
O2D CLA XN . -44.09 -3.52 37.97
CED CLA XN . -43.50 -4.78 38.30
C1 CLA XN . -43.30 1.41 31.94
C2 CLA XN . -44.69 1.97 31.89
C3 CLA XN . -45.03 2.97 31.05
C4 CLA XN . -44.05 3.57 30.12
C5 CLA XN . -46.42 3.51 31.00
C6 CLA XN . -47.35 2.93 32.05
C7 CLA XN . -48.77 3.40 31.82
C8 CLA XN . -48.97 4.85 32.24
C9 CLA XN . -48.59 5.04 33.69
C10 CLA XN . -50.42 5.29 32.05
C11 CLA XN . -50.80 5.39 30.58
C12 CLA XN . -52.05 6.24 30.39
C13 CLA XN . -52.69 6.01 29.03
C14 CLA XN . -51.90 6.66 27.93
C15 CLA XN . -54.14 6.51 29.03
C16 CLA XN . -54.73 6.52 27.64
C17 CLA XN . -56.23 6.67 27.70
C18 CLA XN . -56.80 7.20 26.38
C19 CLA XN . -56.72 6.15 25.29
C20 CLA XN . -58.24 7.64 26.57
MG CLA YN . -32.08 19.25 39.18
CHA CLA YN . -29.77 21.80 38.75
CHB CLA YN . -33.76 20.32 36.42
CHC CLA YN . -34.23 16.59 39.54
CHD CLA YN . -30.24 18.12 41.98
NA CLA YN . -31.80 20.82 37.84
C1A CLA YN . -30.77 21.77 37.81
C2A CLA YN . -30.94 22.74 36.64
C3A CLA YN . -32.25 22.27 35.97
C4A CLA YN . -32.65 21.05 36.78
CMA CLA YN . -33.30 23.36 36.01
CAA CLA YN . -29.78 22.65 35.66
CBA CLA YN . -29.46 21.23 35.23
CGA CLA YN . -27.98 21.12 35.07
O1A CLA YN . -27.11 21.27 35.92
O2A CLA YN . -27.58 20.84 33.78
NB CLA YN . -33.67 18.57 38.16
C1B CLA YN . -34.24 19.17 37.09
C2B CLA YN . -35.48 18.45 36.69
C3B CLA YN . -35.63 17.38 37.57
C4B CLA YN . -34.48 17.46 38.52
CMB CLA YN . -36.29 18.89 35.55
CAB CLA YN . -36.62 16.35 37.66
CBB CLA YN . -37.75 16.24 36.95
NC CLA YN . -32.22 17.67 40.54
C1C CLA YN . -33.17 16.69 40.48
C2C CLA YN . -32.95 15.72 41.55
C3C CLA YN . -31.82 16.15 42.24
C4C CLA YN . -31.36 17.37 41.60
CMC CLA YN . -33.78 14.54 41.79
CAC CLA YN . -31.18 15.49 43.40
CBC CLA YN . -30.00 14.64 42.98
ND CLA YN . -30.46 19.84 40.24
C1D CLA YN . -29.80 19.28 41.37
C2D CLA YN . -28.63 20.12 41.71
C3D CLA YN . -28.58 21.11 40.74
C4D CLA YN . -29.72 20.87 39.84
CMD CLA YN . -27.75 19.89 42.84
CAD CLA YN . -27.87 22.28 40.26
OBD CLA YN . -26.91 22.86 40.74
CBD CLA YN . -28.58 22.72 38.94
CGD CLA YN . -28.97 24.17 38.94
O1D CLA YN . -30.09 24.66 38.83
O2D CLA YN . -27.92 25.02 39.11
CED CLA YN . -28.17 26.25 39.80
C1 CLA YN . -27.57 19.47 33.34
C2 CLA YN . -26.87 18.66 34.37
C3 CLA YN . -26.41 17.42 34.13
C4 CLA YN . -26.60 16.76 32.81
C5 CLA YN . -25.71 16.63 35.19
C6 CLA YN . -24.75 15.60 34.67
C7 CLA YN . -25.22 14.19 35.03
C8 CLA YN . -25.10 13.89 36.52
C9 CLA YN . -23.71 14.22 37.03
C10 CLA YN . -25.46 12.45 36.82
C11 CLA YN . -24.29 11.50 36.64
C12 CLA YN . -24.45 10.64 35.39
C13 CLA YN . -24.65 9.17 35.74
C14 CLA YN . -23.31 8.46 35.89
C15 CLA YN . -25.51 8.47 34.70
C16 CLA YN . -26.88 9.12 34.59
C17 CLA YN . -27.65 8.62 33.38
C18 CLA YN . -27.07 9.13 32.06
C19 CLA YN . -27.99 8.81 30.90
C20 CLA YN . -26.83 10.63 32.13
MG CLA ZN . -42.63 27.49 63.29
CHA CLA ZN . -44.20 30.56 63.69
CHB CLA ZN . -40.84 28.03 66.12
CHC CLA ZN . -41.24 24.36 62.93
CHD CLA ZN . -44.56 26.95 60.36
NA CLA ZN . -42.53 29.07 64.65
C1A CLA ZN . -43.28 30.25 64.66
C2A CLA ZN . -42.90 31.14 65.85
C3A CLA ZN . -41.75 30.36 66.52
C4A CLA ZN . -41.69 29.05 65.73
CMA CLA ZN . -40.44 31.12 66.42
CAA CLA ZN . -44.07 31.28 66.81
CBA CLA ZN . -44.22 30.07 67.72
CGA CLA ZN . -45.65 29.63 67.75
O1A CLA ZN . -46.59 30.00 67.02
O2A CLA ZN . -45.92 28.71 68.73
NB CLA ZN . -41.28 26.42 64.32
C1B CLA ZN . -40.71 26.78 65.49
C2B CLA ZN . -39.86 25.67 66.01
C3B CLA ZN . -39.97 24.64 65.11
C4B CLA ZN . -40.87 25.10 64.01
CMB CLA ZN . -39.10 25.77 67.26
CAB CLA ZN . -39.38 23.33 65.11
CBB CLA ZN . -39.36 22.50 66.16
NC CLA ZN . -42.85 25.96 61.88
C1C CLA ZN . -42.17 24.77 61.92
C2C CLA ZN . -42.55 23.93 60.80
C3C CLA ZN . -43.51 24.65 60.07
C4C CLA ZN . -43.68 25.93 60.76
CMC CLA ZN . -42.01 22.60 60.52
CAC CLA ZN . -44.19 24.23 58.84
CBC CLA ZN . -45.52 23.57 59.13
ND CLA ZN . -44.02 28.49 62.20
C1D CLA ZN . -44.74 28.15 61.02
C2D CLA ZN . -45.65 29.27 60.67
C3D CLA ZN . -45.48 30.21 61.66
C4D CLA ZN . -44.46 29.68 62.59
CMD CLA ZN . -46.52 29.29 59.51
CAD CLA ZN . -45.87 31.52 62.15
OBD CLA ZN . -46.65 32.33 61.66
CBD CLA ZN . -45.10 31.76 63.48
CGD CLA ZN . -44.30 33.05 63.46
O1D CLA ZN . -44.36 33.98 64.26
O2D CLA ZN . -43.43 33.13 62.42
CED CLA ZN . -42.17 33.78 62.66
C1 CLA ZN . -46.66 27.55 68.31
C2 CLA ZN . -47.01 26.80 69.55
C3 CLA ZN . -47.31 25.49 69.54
C4 CLA ZN . -47.66 24.76 70.78
C5 CLA ZN . -47.34 24.70 68.27
C6 CLA ZN . -48.35 23.58 68.29
C7 CLA ZN . -48.08 22.57 67.18
C8 CLA ZN . -47.76 21.18 67.74
C9 CLA ZN . -46.34 21.14 68.27
C10 CLA ZN . -47.97 20.09 66.70
C11 CLA ZN . -47.88 20.61 65.29
C12 CLA ZN . -47.21 19.62 64.35
C13 CLA ZN . -46.95 20.18 62.96
C14 CLA ZN . -47.23 21.68 62.88
C15 CLA ZN . -47.74 19.42 61.90
C16 CLA ZN . -47.86 20.20 60.61
C17 CLA ZN . -48.87 19.56 59.68
C18 CLA ZN . -48.99 20.30 58.36
C19 CLA ZN . -50.12 19.74 57.52
C20 CLA ZN . -49.21 21.78 58.59
MG CLA AO . -38.21 24.40 72.01
CHA CLA AO . -38.91 27.72 71.30
CHB CLA AO . -35.40 25.36 73.68
CHC CLA AO . -37.67 21.12 72.89
CHD CLA AO . -41.20 23.46 70.37
NA CLA AO . -37.30 26.24 72.37
C1A CLA AO . -37.76 27.51 72.02
C2A CLA AO . -36.80 28.60 72.51
C3A CLA AO . -35.61 27.80 73.07
C4A CLA AO . -36.12 26.35 73.06
CMA CLA AO . -34.37 27.96 72.22
CAA CLA AO . -37.44 29.40 73.63
CBA CLA AO . -38.43 28.57 74.43
CGA CLA AO . -38.35 28.85 75.89
O1A CLA AO . -37.34 29.03 76.58
O2A CLA AO . -39.57 28.89 76.50
NB CLA AO . -36.77 23.41 73.03
C1B CLA AO . -35.76 24.00 73.73
C2B CLA AO . -35.07 22.99 74.58
C3B CLA AO . -35.71 21.78 74.36
C4B CLA AO . -36.79 22.04 73.36
CMB CLA AO . -33.95 23.33 75.45
CAB CLA AO . -35.47 20.48 74.90
CBB CLA AO . -34.29 19.94 75.19
NC CLA AO . -39.23 22.61 71.64
C1C CLA AO . -38.80 21.38 72.07
C2C CLA AO . -39.74 20.36 71.62
C3C CLA AO . -40.76 21.02 70.95
C4C CLA AO . -40.44 22.44 70.96
CMC CLA AO . -39.61 18.92 71.88
CAC CLA AO . -41.96 20.41 70.33
CBC CLA AO . -41.89 20.36 68.82
ND CLA AO . -39.71 25.31 71.00
C1D CLA AO . -40.88 24.81 70.39
C2D CLA AO . -41.63 25.93 69.80
C3D CLA AO . -40.91 27.07 70.12
C4D CLA AO . -39.74 26.63 70.88
CMD CLA AO . -42.89 25.81 69.05
CAD CLA AO . -40.84 28.53 70.00
OBD CLA AO . -41.58 29.29 69.41
CBD CLA AO . -39.57 28.98 70.80
CGD CLA AO . -38.65 29.79 69.94
O1D CLA AO . -37.84 29.38 69.09
O2D CLA AO . -38.73 31.13 70.13
CED CLA AO . -38.13 32.00 69.17
C1 CLA AO . -40.17 27.61 76.82
C2 CLA AO . -40.19 27.50 78.30
C3 CLA AO . -40.82 26.48 78.94
C4 CLA AO . -41.52 25.41 78.21
C5 CLA AO . -40.81 26.40 80.42
C6 CLA AO . -39.43 26.16 81.00
C7 CLA AO . -39.24 24.70 81.35
C8 CLA AO . -39.90 24.30 82.66
C9 CLA AO . -39.62 25.33 83.74
C10 CLA AO . -39.46 22.92 83.11
C11 CLA AO . -39.86 22.61 84.52
C12 CLA AO . -40.42 21.20 84.67
C13 CLA AO . -39.44 20.16 84.13
C14 CLA AO . -40.13 19.21 83.17
C15 CLA AO . -38.78 19.38 85.26
C16 CLA AO . -39.70 18.34 85.85
C17 CLA AO . -39.27 17.92 87.24
C18 CLA AO . -37.91 17.24 87.24
C19 CLA AO . -37.49 16.87 88.64
C20 CLA AO . -37.95 15.99 86.37
MG CLA BO . -30.46 11.09 77.82
CHA CLA BO . -30.03 14.16 76.25
CHB CLA BO . -27.09 10.60 77.78
CHC CLA BO . -30.94 8.19 79.58
CHD CLA BO . -33.96 11.70 77.89
NA CLA BO . -28.85 12.19 77.09
C1A CLA BO . -28.87 13.46 76.48
C2A CLA BO . -27.46 13.92 76.12
C3A CLA BO . -26.58 12.70 76.47
C4A CLA BO . -27.56 11.75 77.18
CMA CLA BO . -25.97 12.06 75.24
CAA CLA BO . -27.05 15.10 76.99
CBA CLA BO . -27.57 14.92 78.41
CGA CLA BO . -27.05 15.95 79.36
O1A CLA BO . -27.13 15.95 80.59
O2A CLA BO . -26.41 17.00 78.76
NB CLA BO . -29.25 9.63 78.48
C1B CLA BO . -27.90 9.66 78.45
C2B CLA BO . -27.35 8.52 79.25
C3B CLA BO . -28.43 7.84 79.76
C4B CLA BO . -29.65 8.53 79.28
CMB CLA BO . -25.90 8.31 79.39
CAB CLA BO . -28.52 6.68 80.62
CBB CLA BO . -27.54 5.80 80.89
NC CLA BO . -32.15 10.11 78.56
C1C CLA BO . -32.11 8.91 79.23
C2C CLA BO . -33.46 8.52 79.61
C3C CLA BO . -34.32 9.52 79.15
C4C CLA BO . -33.48 10.51 78.49
CMC CLA BO . -33.80 7.30 80.34
CAC CLA BO . -35.79 9.57 79.28
CBC CLA BO . -36.50 9.00 78.07
ND CLA BO . -31.75 12.54 77.22
C1D CLA BO . -33.17 12.65 77.30
C2D CLA BO . -33.58 13.93 76.68
C3D CLA BO . -32.41 14.55 76.27
C4D CLA BO . -31.30 13.64 76.63
CMD CLA BO . -34.96 14.40 76.56
CAD CLA BO . -31.83 15.71 75.64
OBD CLA BO . -32.37 16.73 75.20
CBD CLA BO . -30.28 15.48 75.59
CGD CLA BO . -29.79 15.46 74.17
O1D CLA BO . -29.46 14.48 73.50
O2D CLA BO . -29.73 16.70 73.59
CED CLA BO . -29.39 16.74 72.20
C1 CLA BO . -26.01 18.08 79.62
C2 CLA BO . -27.21 18.92 79.85
C3 CLA BO . -27.42 20.08 79.19
C4 CLA BO . -26.45 20.60 78.20
C5 CLA BO . -28.64 20.89 79.43
C6 CLA BO . -29.81 20.08 79.97
C7 CLA BO . -30.49 19.32 78.85
C8 CLA BO . -31.69 18.52 79.34
C9 CLA BO . -31.64 17.11 78.83
C10 CLA BO . -32.98 19.19 78.91
C11 CLA BO . -33.54 20.08 80.00
C12 CLA BO . -34.30 19.28 81.03
C13 CLA BO . -35.72 19.79 81.20
C14 CLA BO . -36.54 18.84 82.06
C15 CLA BO . -36.41 20.01 79.86
C16 CLA BO . -36.78 18.70 79.20
C17 CLA BO . -37.23 18.90 77.77
C18 CLA BO . -37.94 17.67 77.23
C19 CLA BO . -39.33 17.56 77.82
C20 CLA BO . -38.04 17.74 75.71
CAA F6C CO . -26.88 0.00 84.41
CAB F6C CO . -27.11 4.78 76.11
CAC F6C CO . -20.14 0.99 76.24
CAD F6C CO . -23.20 -2.85 82.78
NA F6C CO . -26.21 0.52 81.04
CBA F6C CO . -27.67 1.17 84.96
CBB F6C CO . -27.67 5.98 76.07
CBC F6C CO . -19.03 1.59 77.09
CBD F6C CO . -24.58 -2.26 83.23
NB F6C CO . -26.03 2.43 78.79
OBD F6C CO . -22.63 -3.76 83.38
CGA F6C CO . -27.00 1.69 86.19
CGD F6C CO . -25.64 -3.32 83.36
ND F6C CO . -23.59 -0.46 80.18
CED F6C CO . -27.72 -4.15 82.54
CHA F6C CO . -24.95 -1.20 82.22
CHB F6C CO . -27.93 2.13 80.31
CHC F6C CO . -24.63 3.19 76.90
CHD F6C CO . -21.67 -0.34 78.64
CMA F6C CO . -29.51 0.03 81.90
CMB F6C CO . -29.34 4.08 78.38
CMC F6C CO . -22.04 3.33 75.23
CMD F6C CO . -20.58 -2.70 80.45
OMB F6C CO . -29.91 3.98 79.47
C1 F6C CO . -27.29 2.51 88.41
C1A F6C CO . -26.04 -0.39 82.08
C1B F6C CO . -27.30 2.68 79.19
C1C F6C CO . -23.50 2.34 77.10
C1D F6C CO . -22.31 -0.90 79.72
O1A F6C CO . -25.80 1.80 86.41
O1D F6C CO . -25.73 -4.17 84.24
C2 F6C CO . -27.21 3.99 88.38
C2A F6C CO . -27.28 -0.39 82.99
C2B F6C CO . -27.96 3.63 78.24
C2C F6C CO . -22.29 2.39 76.31
C2D F6C CO . -21.84 -1.99 80.61
O2A F6C CO . -27.88 2.08 87.16
O2D F6C CO . -26.57 -3.32 82.37
C3 F6C CO . -28.24 4.79 88.72
C3A F6C CO . -28.21 0.66 82.35
C3B F6C CO . -27.02 3.92 77.27
C3C F6C CO . -21.47 1.34 76.75
C3D F6C CO . -22.80 -2.13 81.59
C4 F6C CO . -29.55 4.24 89.15
C4A F6C CO . -27.41 1.16 81.14
C4B F6C CO . -25.78 3.17 77.61
C4C F6C CO . -22.18 0.71 77.85
C4D F6C CO . -23.87 -1.15 81.27
C5 F6C CO . -28.12 6.27 88.67
C6 F6C CO . -26.72 6.75 88.31
C7 F6C CO . -26.73 8.24 87.99
C8 F6C CO . -25.35 8.76 87.62
C9 F6C CO . -24.33 8.38 88.67
C10 F6C CO . -25.38 10.27 87.44
C11 F6C CO . -24.14 10.78 86.73
C12 F6C CO . -23.98 10.17 85.35
C13 F6C CO . -22.89 10.88 84.56
C14 F6C CO . -23.24 12.33 84.34
C15 F6C CO . -22.63 10.18 83.23
NC F6C CO . -23.40 1.36 78.05
MG F6C CO . -24.85 0.96 79.50
C16 F6C CO . -21.45 10.78 82.50
C17 F6C CO . -20.17 10.61 83.29
C18 F6C CO . -19.00 10.20 82.40
C19 F6C CO . -17.77 9.89 83.22
C20 F6C CO . -19.38 9.00 81.55
MG CLA DO . -54.89 2.85 60.49
CHA CLA DO . -57.43 1.33 58.67
CHB CLA DO . -52.92 2.87 57.71
CHC CLA DO . -52.49 4.53 62.27
CHD CLA DO . -56.92 2.66 63.38
NA CLA DO . -55.15 2.19 58.52
C1A CLA DO . -56.30 1.60 57.96
C2A CLA DO . -56.06 1.25 56.49
C3A CLA DO . -54.56 1.56 56.30
C4A CLA DO . -54.16 2.28 57.58
CMA CLA DO . -53.80 0.26 56.20
CAA CLA DO . -56.94 2.05 55.53
CBA CLA DO . -56.80 3.55 55.65
CGA CLA DO . -57.84 4.18 54.78
O1A CLA DO . -58.95 3.73 54.48
O2A CLA DO . -57.47 5.39 54.26
NB CLA DO . -53.04 3.54 60.07
C1B CLA DO . -52.45 3.53 58.86
C2B CLA DO . -51.19 4.32 58.90
C3B CLA DO . -51.06 4.79 60.19
C4B CLA DO . -52.23 4.30 60.96
CMB CLA DO . -50.32 4.49 57.74
CAB CLA DO . -50.03 5.60 60.81
CBB CLA DO . -48.71 5.43 60.65
NC CLA DO . -54.74 3.48 62.47
C1C CLA DO . -53.66 4.15 62.99
C2C CLA DO . -53.89 4.43 64.40
C3C CLA DO . -55.14 3.90 64.72
C4C CLA DO . -55.67 3.29 63.50
CMC CLA DO . -52.95 5.14 65.27
CAC CLA DO . -55.81 3.94 66.02
CBC CLA DO . -56.85 5.03 66.11
ND CLA DO . -56.74 2.20 60.97
C1D CLA DO . -57.44 2.15 62.21
C2D CLA DO . -58.75 1.50 61.99
C3D CLA DO . -58.81 1.21 60.64
C4D CLA DO . -57.53 1.64 60.06
CMD CLA DO . -59.76 1.27 63.03
CAD CLA DO . -59.61 0.62 59.57
OBD CLA DO . -60.74 0.16 59.60
CBD CLA DO . -58.73 0.66 58.28
CGD CLA DO . -58.48 -0.72 57.73
O1D CLA DO . -57.59 -1.52 58.06
O2D CLA DO . -59.35 -1.10 56.75
CED CLA DO . -59.54 -2.49 56.52
C1 CLA DO . -58.05 6.57 54.88
C2 CLA DO . -59.43 6.73 54.36
C3 CLA DO . -60.39 7.40 55.02
C4 CLA DO . -61.75 7.55 54.47
C5 CLA DO . -60.11 8.04 56.34
C6 CLA DO . -61.15 7.67 57.38
C7 CLA DO . -61.32 8.79 58.39
C8 CLA DO . -60.46 8.59 59.62
C9 CLA DO . -61.22 7.82 60.68
C10 CLA DO . -59.98 9.93 60.18
MG CLA EO . -63.12 3.83 61.15
CHA CLA EO . -65.91 3.29 59.14
CHB CLA EO . -61.17 4.03 58.37
CHC CLA EO . -60.47 4.62 63.16
CHD CLA EO . -65.20 3.55 64.01
NA CLA EO . -63.50 3.63 59.10
C1A CLA EO . -64.72 3.43 58.46
C2A CLA EO . -64.55 3.35 56.94
C3A CLA EO . -63.01 3.40 56.76
C4A CLA EO . -62.50 3.71 58.16
CMA CLA EO . -62.45 2.11 56.21
CAA CLA EO . -65.25 4.47 56.21
CBA CLA EO . -64.49 5.77 56.25
CGA CLA EO . -65.31 6.86 55.62
O1A CLA EO . -66.00 6.81 54.60
O2A CLA EO . -65.25 8.04 56.31
NB CLA EO . -61.17 4.19 60.83
C1B CLA EO . -60.59 4.34 59.62
C2B CLA EO . -59.22 4.89 59.78
C3B CLA EO . -59.00 5.05 61.13
C4B CLA EO . -60.25 4.61 61.82
CMB CLA EO . -58.36 5.13 58.61
CAB CLA EO . -57.88 5.55 61.88
CBB CLA EO . -56.68 5.90 61.41
NC CLA EO . -62.87 3.99 63.21
C1C CLA EO . -61.69 4.30 63.83
C2C CLA EO . -61.87 4.34 65.27
C3C CLA EO . -63.22 4.06 65.51
C4C CLA EO . -63.84 3.84 64.22
CMC CLA EO . -60.81 4.64 66.23
CAC CLA EO . -63.88 3.98 66.82
CBC CLA EO . -64.67 5.22 67.14
ND CLA EO . -65.08 3.46 61.56
C1D CLA EO . -65.80 3.38 62.77
C2D CLA EO . -67.23 3.11 62.47
C3D CLA EO . -67.32 3.10 61.09
C4D CLA EO . -65.96 3.31 60.58
CMD CLA EO . -68.28 2.96 63.48
CAD CLA EO . -68.20 2.92 59.95
OBD CLA EO . -69.40 2.68 59.91
CBD CLA EO . -67.32 3.07 58.67
CGD CLA EO . -67.37 1.82 57.86
O1D CLA EO . -66.77 0.78 58.11
O2D CLA EO . -68.17 1.88 56.77
CED CLA EO . -69.04 0.76 56.54
MG CLA FO . -70.50 6.56 61.91
CHA CLA FO . -73.22 6.71 59.75
CHB CLA FO . -68.39 6.49 59.24
CHC CLA FO . -67.85 6.49 64.09
CHD CLA FO . -72.75 6.63 64.65
NA CLA FO . -70.79 6.59 59.84
C1A CLA FO . -72.00 6.66 59.13
C2A CLA FO . -71.75 6.66 57.63
C3A CLA FO . -70.22 6.47 57.51
C4A CLA FO . -69.74 6.53 58.95
CMA CLA FO . -69.86 5.16 56.84
CAA CLA FO . -72.15 8.01 57.03
CBA CLA FO . -73.13 7.86 55.89
CGA CLA FO . -72.48 7.14 54.74
O1A CLA FO . -71.72 7.59 53.88
O2A CLA FO . -72.80 5.81 54.70
NB CLA FO . -68.50 6.45 61.71
C1B CLA FO . -67.83 6.53 60.54
C2B CLA FO . -66.37 6.67 60.79
C3B CLA FO . -66.20 6.67 62.16
C4B CLA FO . -67.56 6.52 62.76
CMB CLA FO . -65.37 6.78 59.73
CAB CLA FO . -64.99 6.78 62.92
CBB CLA FO . -64.76 7.67 63.90
NC CLA FO . -70.34 6.54 64.00
C1C CLA FO . -69.16 6.50 64.67
C2C CLA FO . -69.40 6.47 66.11
C3C CLA FO . -70.79 6.54 66.28
C4C CLA FO . -71.37 6.58 64.93
CMC CLA FO . -68.37 6.42 67.14
CAC CLA FO . -71.53 6.55 67.55
CBC CLA FO . -72.16 5.22 67.88
ND CLA FO . -72.50 6.67 62.21
C1D CLA FO . -73.30 6.67 63.39
C2D CLA FO . -74.72 6.73 63.01
C3D CLA FO . -74.75 6.74 61.62
C4D CLA FO . -73.35 6.70 61.18
CMD CLA FO . -75.84 6.76 63.95
CAD CLA FO . -75.58 6.78 60.44
OBD CLA FO . -76.81 6.85 60.34
CBD CLA FO . -74.64 6.74 59.20
CGD CLA FO . -74.93 5.55 58.33
O1D CLA FO . -74.49 5.31 57.19
O2D CLA FO . -75.79 4.65 58.87
CED CLA FO . -76.61 3.89 57.99
MG CLA GO . -42.00 1.05 58.86
CHA CLA GO . -44.91 0.74 60.70
CHB CLA GO . -42.18 4.44 59.15
CHC CLA GO . -39.20 1.31 56.88
CHD CLA GO . -41.85 -2.47 58.58
NA CLA GO . -43.32 2.35 59.81
C1A CLA GO . -44.48 2.03 60.54
C2A CLA GO . -45.16 3.28 61.08
C3A CLA GO . -44.24 4.43 60.61
C4A CLA GO . -43.16 3.71 59.80
CMA CLA GO . -44.99 5.42 59.77
CAA CLA GO . -45.23 3.28 62.60
CBA CLA GO . -46.34 4.18 63.10
CGA CLA GO . -46.30 4.25 64.60
O1A CLA GO . -45.89 3.41 65.41
O2A CLA GO . -46.78 5.43 65.09
NB CLA GO . -40.87 2.58 58.20
C1B CLA GO . -41.15 3.89 58.36
C2B CLA GO . -40.23 4.72 57.54
C3B CLA GO . -39.38 3.84 56.89
C4B CLA GO . -39.78 2.48 57.31
CMB CLA GO . -40.32 6.18 57.51
CAB CLA GO . -38.30 4.06 55.96
CBB CLA GO . -37.85 5.22 55.49
NC CLA GO . -40.74 -0.34 57.93
C1C CLA GO . -39.65 -0.01 57.18
C2C CLA GO . -39.00 -1.22 56.69
C3C CLA GO . -39.74 -2.30 57.17
C4C CLA GO . -40.84 -1.73 57.94
CMC CLA GO . -37.81 -1.23 55.84
CAC CLA GO . -39.49 -3.73 56.93
CBC CLA GO . -40.45 -4.37 55.97
ND CLA GO . -43.08 -0.54 59.46
C1D CLA GO . -42.91 -1.94 59.28
C2D CLA GO . -44.03 -2.65 59.93
C3D CLA GO . -44.85 -1.67 60.47
C4D CLA GO . -44.20 -0.37 60.16
CMD CLA GO . -44.20 -4.10 59.94
CAD CLA GO . -46.06 -1.38 61.21
OBD CLA GO . -46.91 -2.14 61.63
CBD CLA GO . -46.13 0.17 61.40
CGD CLA GO . -47.40 0.73 60.83
O1D CLA GO . -48.26 1.39 61.41
O2D CLA GO . -47.58 0.47 59.50
CED CLA GO . -48.61 1.18 58.81
C1 CLA GO . -47.49 5.36 66.34
C2 CLA GO . -48.48 6.48 66.33
C3 CLA GO . -49.65 6.42 66.98
C4 CLA GO . -50.07 5.22 67.75
C5 CLA GO . -50.60 7.57 66.94
C6 CLA GO . -50.69 8.30 68.27
C7 CLA GO . -51.59 9.51 68.14
C8 CLA GO . -51.07 10.51 67.12
C9 CLA GO . -50.10 11.48 67.78
C10 CLA GO . -52.21 11.28 66.47
C11 CLA GO . -53.02 12.05 67.49
C12 CLA GO . -54.31 12.59 66.90
C13 CLA GO . -54.03 13.63 65.83
C14 CLA GO . -53.50 14.91 66.44
C15 CLA GO . -55.28 13.91 65.00
C16 CLA GO . -55.05 13.63 63.53
C17 CLA GO . -54.33 14.77 62.84
C18 CLA GO . -54.31 14.59 61.33
C19 CLA GO . -55.72 14.59 60.76
C20 CLA GO . -53.49 15.68 60.68
MG CLA HO . -40.04 6.86 69.32
CHA CLA HO . -41.87 4.41 67.68
CHB CLA HO . -39.46 8.42 66.36
CHC CLA HO . -38.33 9.30 71.02
CHD CLA HO . -40.67 5.19 72.38
NA CLA HO . -40.58 6.46 67.35
C1A CLA HO . -41.34 5.39 66.86
C2A CLA HO . -41.52 5.47 65.35
C3A CLA HO . -40.63 6.68 64.95
C4A CLA HO . -40.19 7.25 66.30
CMA CLA HO . -39.46 6.25 64.11
CAA CLA HO . -42.98 5.72 64.99
CBA CLA HO . -43.48 7.10 65.41
CGA CLA HO . -43.84 7.15 66.87
O1A CLA HO . -44.78 6.61 67.46
O2A CLA HO . -42.96 7.90 67.59
NB CLA HO . -39.03 8.51 68.79
C1B CLA HO . -39.00 9.04 67.54
C2B CLA HO . -38.39 10.40 67.57
C3B CLA HO . -38.07 10.65 68.89
C4B CLA HO . -38.47 9.45 69.67
CMB CLA HO . -38.23 11.21 66.37
CAB CLA HO . -37.47 11.79 69.54
CBB CLA HO . -37.00 12.90 68.96
NC CLA HO . -39.57 7.16 71.34
C1C CLA HO . -38.85 8.22 71.80
C2C CLA HO . -38.69 8.11 73.25
C3C CLA HO . -39.37 6.96 73.64
C4C CLA HO . -39.91 6.37 72.43
CMC CLA HO . -37.97 9.08 74.09
CAC CLA HO . -39.50 6.42 75.00
CBC CLA HO . -38.38 5.46 75.34
ND CLA HO . -41.06 5.23 69.96
C1D CLA HO . -41.22 4.64 71.24
C2D CLA HO . -42.05 3.42 71.11
C3D CLA HO . -42.34 3.29 69.77
C4D CLA HO . -41.69 4.44 69.09
CMD CLA HO . -42.45 2.56 72.22
CAD CLA HO . -43.03 2.53 68.74
OBD CLA HO . -43.77 1.56 68.85
CBD CLA HO . -42.69 3.19 67.37
CGD CLA HO . -41.94 2.23 66.47
O1D CLA HO . -40.87 1.66 66.71
O2D CLA HO . -42.53 1.99 65.27
CED CLA HO . -41.94 1.03 64.42
C1 CLA HO . -43.50 8.82 68.56
C2 CLA HO . -43.15 8.30 69.90
C3 CLA HO . -42.95 9.12 70.95
C4 CLA HO . -42.59 8.61 72.29
C5 CLA HO . -43.07 10.60 70.81
C6 CLA HO . -41.85 11.33 71.33
C7 CLA HO . -42.01 12.83 71.20
C8 CLA HO . -41.32 13.57 72.34
C9 CLA HO . -41.31 15.06 72.07
C10 CLA HO . -39.90 13.05 72.53
C11 CLA HO . -39.07 13.96 73.42
C12 CLA HO . -38.39 13.19 74.53
C13 CLA HO . -39.28 13.08 75.77
C14 CLA HO . -39.95 14.42 76.05
C15 CLA HO . -38.49 12.59 76.97
C16 CLA HO . -39.05 13.11 78.28
C17 CLA HO . -40.07 12.16 78.87
C18 CLA HO . -41.29 12.90 79.43
C19 CLA HO . -42.05 12.02 80.40
C20 CLA HO . -40.89 14.19 80.11
MG CLA IO . -39.96 15.41 62.96
CHA CLA IO . -40.94 12.27 61.86
CHB CLA IO . -39.30 16.33 59.76
CHC CLA IO . -39.04 18.51 64.11
CHD CLA IO . -40.71 14.42 66.28
NA CLA IO . -40.08 14.43 61.13
C1A CLA IO . -40.52 13.12 60.88
C2A CLA IO . -40.45 12.80 59.38
C3A CLA IO . -39.81 14.06 58.77
C4A CLA IO . -39.72 15.02 59.95
CMA CLA IO . -38.45 13.77 58.17
CAA CLA IO . -41.84 12.57 58.81
CBA CLA IO . -42.82 13.64 59.25
CGA CLA IO . -44.16 13.40 58.61
O1A CLA IO . -44.78 12.35 58.52
O2A CLA IO . -44.72 14.54 58.09
NB CLA IO . -39.19 17.06 62.11
C1B CLA IO . -39.17 17.30 60.78
C2B CLA IO . -38.98 18.75 60.51
C3B CLA IO . -38.91 19.37 61.74
C4B CLA IO . -39.04 18.30 62.77
CMB CLA IO . -38.93 19.29 59.14
CAB CLA IO . -38.76 20.75 62.13
CBB CLA IO . -38.51 21.79 61.32
NC CLA IO . -39.87 16.29 64.86
C1C CLA IO . -39.43 17.55 65.10
C2C CLA IO . -39.45 17.83 66.53
C3C CLA IO . -39.98 16.69 67.15
C4C CLA IO . -40.22 15.72 66.09
CMC CLA IO . -39.03 19.09 67.14
CAC CLA IO . -40.19 16.48 68.58
CBC CLA IO . -39.04 15.77 69.24
ND CLA IO . -40.73 13.80 63.91
C1D CLA IO . -40.96 13.50 65.28
C2D CLA IO . -41.47 12.12 65.41
C3D CLA IO . -41.48 11.60 64.12
C4D CLA IO . -41.00 12.67 63.24
CMD CLA IO . -41.86 11.49 66.66
CAD CLA IO . -41.79 10.46 63.28
OBD CLA IO . -42.28 9.38 63.59
CBD CLA IO . -41.38 10.83 61.83
CGD CLA IO . -40.26 9.96 61.35
O1D CLA IO . -39.04 10.14 61.49
O2D CLA IO . -40.65 8.82 60.72
CED CLA IO . -39.76 7.71 60.74
C1 CLA IO . -46.16 14.59 58.07
C2 CLA IO . -46.62 14.68 59.47
C3 CLA IO . -47.68 14.01 59.95
C4 CLA IO . -48.48 13.11 59.09
C5 CLA IO . -48.10 14.14 61.37
C6 CLA IO . -49.29 15.06 61.56
C7 CLA IO . -50.12 14.62 62.75
C8 CLA IO . -50.06 15.59 63.92
C9 CLA IO . -50.04 17.03 63.44
C10 CLA IO . -48.84 15.31 64.80
C11 CLA IO . -48.83 16.20 66.03
C12 CLA IO . -49.97 15.89 66.98
C13 CLA IO . -49.58 16.20 68.42
C14 CLA IO . -50.26 15.23 69.37
C15 CLA IO . -49.91 17.63 68.81
C16 CLA IO . -49.55 17.92 70.25
C17 CLA IO . -49.84 19.35 70.64
C18 CLA IO . -49.13 19.76 71.92
C19 CLA IO . -47.70 20.15 71.63
C20 CLA IO . -49.86 20.89 72.60
CAA F6C JO . -8.41 15.16 22.52
CAB F6C JO . -8.25 16.57 31.87
CAC F6C JO . -0.65 16.37 29.54
CAD F6C JO . -3.76 16.70 21.98
NA F6C JO . -7.18 16.52 25.40
CBA F6C JO . -8.18 13.97 23.45
CBB F6C JO . -9.07 17.35 32.58
CBC F6C JO . -0.07 17.72 29.88
CBD F6C JO . -5.32 16.61 21.97
NB F6C JO . -7.11 16.40 28.34
OBD F6C JO . -3.08 16.79 20.97
CGA F6C JO . -7.17 13.01 22.89
CGD F6C JO . -5.94 17.76 21.23
ND F6C JO . -4.27 16.62 25.51
CED F6C JO . -6.16 18.86 19.13
CHA F6C JO . -5.75 16.57 23.42
CHB F6C JO . -9.12 16.45 26.92
CHC F6C JO . -5.64 16.40 30.33
CHD F6C JO . -2.19 16.52 26.81
CMA F6C JO . -10.27 17.70 24.33
CMB F6C JO . -10.60 16.61 29.60
CMC F6C JO . -2.92 16.30 31.79
CMD F6C JO . -0.85 16.66 23.95
OMB F6C JO . -11.29 15.65 29.27
C1 F6C JO . -6.43 10.72 23.02
C1A F6C JO . -6.99 16.52 24.00
C1B F6C JO . -8.46 16.45 28.16
C1C F6C JO . -4.38 16.42 29.66
C1D F6C JO . -2.85 16.59 25.60
O1A F6C JO . -6.15 13.24 22.26
O1D F6C JO . -6.63 18.67 21.70
C2 F6C JO . -6.03 10.28 24.39
C2A F6C JO . -8.32 16.47 23.27
C2B F6C JO . -9.14 16.53 29.47
C2C F6C JO . -3.09 16.36 30.35
C2D F6C JO . -2.28 16.64 24.25
O2A F6C JO . -7.48 11.70 23.17
O2D F6C JO . -5.71 17.75 19.89
C3 F6C JO . -5.82 8.99 24.72
C3A F6C JO . -9.38 16.49 24.40
C3B F6C JO . -8.17 16.52 30.44
C3C F6C JO . -2.11 16.41 29.35
C3D F6C JO . -3.34 16.67 23.37
C4 F6C JO . -5.42 8.62 26.10
C4A F6C JO . -8.52 16.48 25.67
C4B F6C JO . -6.86 16.43 29.73
C4C F6C JO . -2.81 16.48 28.07
C4D F6C JO . -4.56 16.62 24.21
C5 F6C JO . -5.96 7.90 23.73
C6 F6C JO . -5.41 6.55 24.20
C7 F6C JO . -4.05 6.28 23.62
C8 F6C JO . -3.83 4.81 23.27
C9 F6C JO . -4.23 3.91 24.42
C10 F6C JO . -2.37 4.56 22.90
C11 F6C JO . -2.22 4.07 21.47
C12 F6C JO . -0.83 4.35 20.93
C13 F6C JO . -0.57 3.61 19.64
C14 F6C JO . 0.23 2.34 19.91
C15 F6C JO . 0.17 4.49 18.63
NC F6C JO . -4.19 16.48 28.31
MG F6C JO . -5.73 16.54 26.90
C16 F6C JO . 0.55 3.72 17.37
C17 F6C JO . 1.19 4.62 16.34
C18 F6C JO . 1.54 3.87 15.06
C19 F6C JO . 0.30 3.45 14.31
C20 F6C JO . 2.41 4.75 14.17
MG CLA KO . -14.32 7.57 36.61
CHA CLA KO . -16.83 9.78 35.69
CHB CLA KO . -16.64 5.10 37.00
CHC CLA KO . -11.78 5.39 37.42
CHD CLA KO . -11.94 10.16 36.20
NA CLA KO . -16.40 7.48 36.38
C1A CLA KO . -17.26 8.51 35.98
C2A CLA KO . -18.71 8.03 35.95
C3A CLA KO . -18.62 6.58 36.48
C4A CLA KO . -17.11 6.35 36.62
CMA CLA KO . -19.34 6.42 37.78
CAA CLA KO . -19.25 8.06 34.53
CBA CLA KO . -18.48 7.15 33.60
CGA CLA KO . -18.99 7.29 32.20
O1A CLA KO . -20.07 7.75 31.83
O2A CLA KO . -18.12 6.85 31.25
NB CLA KO . -14.23 5.63 37.17
C1B CLA KO . -15.28 4.77 37.16
C2B CLA KO . -14.80 3.38 37.40
C3B CLA KO . -13.43 3.46 37.52
C4B CLA KO . -13.04 4.89 37.37
CMB CLA KO . -15.67 2.22 37.46
CAB CLA KO . -12.46 2.41 37.75
CBB CLA KO . -11.44 2.11 36.94
NC CLA KO . -12.25 7.76 36.79
C1C CLA KO . -11.41 6.73 37.15
C2C CLA KO . -10.03 7.22 37.20
C3C CLA KO . -10.06 8.56 36.84
C4C CLA KO . -11.46 8.89 36.58
CMC CLA KO . -8.86 6.40 37.55
CAC CLA KO . -8.93 9.49 36.73
CBC CLA KO . -8.52 10.07 38.06
ND CLA KO . -14.30 9.50 36.04
C1D CLA KO . -13.27 10.46 35.95
C2D CLA KO . -13.85 11.76 35.54
C3D CLA KO . -15.20 11.56 35.40
C4D CLA KO . -15.44 10.14 35.74
CMD CLA KO . -13.07 12.99 35.32
CAD CLA KO . -16.49 12.14 35.08
OBD CLA KO . -16.76 13.27 34.69
CBD CLA KO . -17.57 11.03 35.29
CGD CLA KO . -18.54 11.44 36.36
O1D CLA KO . -18.47 11.18 37.56
O2D CLA KO . -19.59 12.17 35.91
CED CLA KO . -20.21 13.07 36.84
C1 CLA KO . -18.59 5.79 30.40
C2 CLA KO . -17.69 5.73 29.22
C3 CLA KO . -17.75 6.63 28.22
C4 CLA KO . -18.73 7.74 28.20
C5 CLA KO . -16.84 6.53 27.05
C6 CLA KO . -15.49 7.16 27.32
C7 CLA KO . -14.47 6.71 26.30
C8 CLA KO . -13.15 7.46 26.43
C9 CLA KO . -13.39 8.95 26.55
C10 CLA KO . -12.25 7.18 25.23
C11 CLA KO . -11.60 5.82 25.32
C12 CLA KO . -10.55 5.63 24.24
C13 CLA KO . -9.71 4.37 24.45
C14 CLA KO . -9.53 4.06 25.92
C15 CLA KO . -8.36 4.51 23.78
C16 CLA KO . -8.34 3.90 22.38
C17 CLA KO . -8.14 2.40 22.42
C18 CLA KO . -6.85 1.99 21.73
C19 CLA KO . -6.17 0.87 22.49
C20 CLA KO . -7.11 1.58 20.30
C1 PQN LO . -8.79 14.51 41.86
O1 PQN LO . -8.99 13.69 42.73
C2 PQN LO . -8.13 14.13 40.59
C2M PQN LO . -7.76 12.69 40.43
C3 PQN LO . -7.91 15.05 39.63
C4 PQN LO . -8.30 16.47 39.82
O4 PQN LO . -8.09 17.29 38.95
C5 PQN LO . -8.95 16.86 41.08
C6 PQN LO . -9.33 18.18 41.28
C7 PQN LO . -9.94 18.55 42.47
C8 PQN LO . -10.17 17.60 43.46
C9 PQN LO . -9.80 16.29 43.26
C10 PQN LO . -9.19 15.91 42.07
C11 PQN LO . -7.24 14.71 38.32
C12 PQN LO . -8.26 14.30 37.30
C13 PQN LO . -8.46 14.90 36.12
C14 PQN LO . -7.67 16.09 35.66
C15 PQN LO . -9.50 14.38 35.18
C16 PQN LO . -8.91 13.39 34.18
C17 PQN LO . -9.95 12.80 33.24
C18 PQN LO . -9.37 11.96 32.10
C19 PQN LO . -8.49 12.79 31.18
C20 PQN LO . -10.50 11.27 31.34
C21 PQN LO . -11.45 10.45 32.23
C22 PQN LO . -12.79 10.19 31.57
C23 PQN LO . -13.77 9.39 32.44
C24 PQN LO . -13.24 7.97 32.70
C25 PQN LO . -15.15 9.35 31.78
C26 PQN LO . -15.69 10.71 31.38
C27 PQN LO . -17.12 10.61 30.85
C28 PQN LO . -17.61 11.82 30.05
C29 PQN LO . -16.56 12.24 29.03
C30 PQN LO . -18.93 11.53 29.35
C1 BCR MO . -69.67 3.80 30.30
C2 BCR MO . -69.94 3.39 28.84
C3 BCR MO . -68.67 3.17 28.04
C4 BCR MO . -67.86 4.45 28.02
C5 BCR MO . -67.71 5.10 29.37
C6 BCR MO . -68.53 4.83 30.40
C7 BCR MO . -68.37 5.37 31.75
C8 BCR MO . -68.55 6.65 32.12
C9 BCR MO . -68.39 7.20 33.45
C10 BCR MO . -68.38 8.55 33.58
C11 BCR MO . -68.25 9.32 34.79
C33 BCR MO . -66.56 6.07 29.41
C31 BCR MO . -69.33 2.56 31.14
C32 BCR MO . -70.97 4.40 30.84
C34 BCR MO . -68.26 6.25 34.60
C12 BCR MO . -68.31 10.67 34.79
C13 BCR MO . -68.20 11.52 35.96
C14 BCR MO . -68.49 12.84 35.82
C15 BCR MO . -68.46 13.85 36.83
C16 BCR MO . -68.77 15.14 36.59
C17 BCR MO . -68.75 16.16 37.58
C18 BCR MO . -69.13 17.46 37.42
C19 BCR MO . -69.08 18.36 38.54
C20 BCR MO . -69.63 19.59 38.52
C21 BCR MO . -69.59 20.51 39.64
C22 BCR MO . -70.22 21.71 39.67
C23 BCR MO . -70.09 22.53 40.87
C24 BCR MO . -71.00 22.58 41.86
C25 BCR MO . -70.91 23.41 43.07
C26 BCR MO . -70.28 23.00 44.19
C27 BCR MO . -70.25 23.83 45.44
C28 BCR MO . -70.71 25.26 45.23
C29 BCR MO . -71.99 25.26 44.42
C30 BCR MO . -71.81 24.64 43.03
C35 BCR MO . -67.79 10.88 37.25
C36 BCR MO . -69.63 17.99 36.11
C37 BCR MO . -71.02 22.27 38.53
C38 BCR MO . -69.50 21.73 44.31
C39 BCR MO . -71.23 25.69 42.07
C40 BCR MO . -73.21 24.26 42.52
C1 BCR NO . -63.14 8.91 26.34
C2 BCR NO . -64.24 8.36 27.26
C3 BCR NO . -64.31 8.94 28.66
C4 BCR NO . -64.21 10.46 28.70
C5 BCR NO . -63.49 11.09 27.55
C6 BCR NO . -62.77 10.36 26.67
C7 BCR NO . -61.88 10.99 25.70
C8 BCR NO . -60.63 11.42 25.94
C9 BCR NO . -59.75 12.05 24.96
C10 BCR NO . -58.41 12.07 25.22
C11 BCR NO . -57.73 11.52 26.36
C33 BCR NO . -63.72 12.57 27.45
C31 BCR NO . -63.61 8.83 24.88
C32 BCR NO . -61.92 8.01 26.50
C34 BCR NO . -60.37 12.65 23.73
C12 BCR NO . -56.41 11.67 26.56
C13 BCR NO . -55.66 11.13 27.68
C14 BCR NO . -54.31 10.98 27.53
C15 BCR NO . -53.39 10.46 28.49
C16 BCR NO . -52.05 10.44 28.30
C17 BCR NO . -51.16 9.88 29.28
C18 BCR NO . -49.81 9.75 29.21
C19 BCR NO . -49.15 9.13 30.34
C20 BCR NO . -47.84 8.79 30.41
C21 BCR NO . -47.31 8.16 31.58
C22 BCR NO . -46.01 7.92 31.90
C23 BCR NO . -45.74 7.26 33.16
C24 BCR NO . -44.54 7.17 33.76
C25 BCR NO . -44.23 6.50 35.02
C26 BCR NO . -45.11 6.37 36.04
C27 BCR NO . -45.01 5.26 37.06
C28 BCR NO . -43.96 4.21 36.75
C29 BCR NO . -42.70 4.90 36.25
C30 BCR NO . -42.95 5.67 34.95
C35 BCR NO . -56.40 10.78 28.92
C36 BCR NO . -48.99 10.18 28.04
C37 BCR NO . -44.85 8.31 31.03
C38 BCR NO . -45.96 7.50 36.57
C39 BCR NO . -43.03 4.68 33.77
C40 BCR NO . -41.74 6.58 34.72
C1 BCR OO . -68.31 5.20 23.34
C2 BCR OO . -68.49 6.51 24.12
C3 BCR OO . -68.47 7.74 23.23
C4 BCR OO . -67.14 7.81 22.49
C5 BCR OO . -66.68 6.49 21.90
C6 BCR OO . -67.13 5.31 22.37
C7 BCR OO . -66.63 4.02 21.90
C8 BCR OO . -65.38 3.55 22.04
C9 BCR OO . -64.90 2.26 21.56
C10 BCR OO . -63.60 1.95 21.78
C11 BCR OO . -62.60 2.75 22.42
C33 BCR OO . -66.06 6.67 20.54
C31 BCR OO . -69.59 4.89 22.56
C32 BCR OO . -68.07 4.09 24.37
C34 BCR OO . -65.88 1.36 20.88
C12 BCR OO . -61.36 2.29 22.69
C13 BCR OO . -60.30 3.03 23.33
C14 BCR OO . -59.09 2.42 23.42
C15 BCR OO . -57.89 2.96 23.99
C16 BCR OO . -56.75 2.23 24.10
C17 BCR OO . -55.54 2.77 24.65
C18 BCR OO . -54.36 2.12 24.84
C19 BCR OO . -53.27 2.87 25.41
C20 BCR OO . -52.01 2.41 25.62
C21 BCR OO . -50.99 3.24 26.18
C22 BCR OO . -49.85 2.83 26.79
C23 BCR OO . -49.62 1.40 26.90
C24 BCR OO . -48.46 0.82 27.29
C25 BCR OO . -48.20 -0.61 27.41
C26 BCR OO . -48.24 -1.47 26.37
C27 BCR OO . -48.00 -2.95 26.55
C28 BCR OO . -47.30 -3.32 27.84
C29 BCR OO . -47.91 -2.56 29.00
C30 BCR OO . -47.81 -1.04 28.84
C35 BCR OO . -60.59 4.41 23.84
C36 BCR OO . -54.13 0.69 24.47
C37 BCR OO . -48.82 3.76 27.36
C38 BCR OO . -48.16 -1.06 24.94
C39 BCR OO . -46.38 -0.56 29.14
C40 BCR OO . -48.75 -0.41 29.87
C1 BCR PO . -62.99 18.92 55.95
C2 BCR PO . -64.10 18.57 54.95
C3 BCR PO . -64.47 17.10 54.99
C4 BCR PO . -63.26 16.26 54.66
C5 BCR PO . -61.99 16.70 55.33
C6 BCR PO . -61.82 17.94 55.82
C7 BCR PO . -60.51 18.46 56.22
C8 BCR PO . -60.10 18.68 57.47
C9 BCR PO . -58.79 19.18 57.89
C10 BCR PO . -57.86 19.47 56.93
C11 BCR PO . -56.53 19.95 57.17
C33 BCR PO . -61.08 15.54 55.67
C31 BCR PO . -63.57 18.88 57.37
C32 BCR PO . -62.55 20.37 55.65
C34 BCR PO . -58.55 19.36 59.35
C12 BCR PO . -55.76 20.58 56.26
C13 BCR PO . -54.42 21.03 56.55
C14 BCR PO . -53.63 21.47 55.54
C15 BCR PO . -52.28 21.92 55.67
C16 BCR PO . -51.51 22.42 54.67
C17 BCR PO . -50.15 22.81 54.90
C18 BCR PO . -49.23 23.29 54.02
C19 BCR PO . -47.92 23.59 54.53
C20 BCR PO . -46.79 23.66 53.79
C21 BCR PO . -45.50 23.95 54.38
C22 BCR PO . -44.29 23.81 53.79
C23 BCR PO . -43.11 24.15 54.58
C24 BCR PO . -41.84 23.92 54.22
C25 BCR PO . -40.65 24.26 55.01
C26 BCR PO . -40.01 25.45 54.93
C27 BCR PO . -38.75 25.75 55.68
C28 BCR PO . -38.44 24.74 56.77
C29 BCR PO . -38.64 23.34 56.23
C30 BCR PO . -40.08 23.07 55.80
C35 BCR PO . -53.96 20.98 57.97
C36 BCR PO . -49.51 23.50 52.57
C37 BCR PO . -44.08 23.33 52.39
C38 BCR PO . -40.56 26.64 54.19
C39 BCR PO . -40.95 22.82 57.04
C40 BCR PO . -40.08 21.80 54.94
C1 BCR QO . -55.38 9.00 57.66
C2 BCR QO . -55.76 7.56 57.37
C3 BCR QO . -55.14 6.57 58.35
C4 BCR QO . -53.64 6.66 58.27
C5 BCR QO . -53.12 8.06 58.34
C6 BCR QO . -53.90 9.13 58.03
C7 BCR QO . -53.36 10.48 57.91
C8 BCR QO . -52.42 10.86 57.03
C9 BCR QO . -51.86 12.19 56.90
C10 BCR QO . -50.75 12.31 56.12
C11 BCR QO . -50.03 13.51 55.85
C33 BCR QO . -51.78 8.13 59.02
C31 BCR QO . -56.24 9.56 58.80
C32 BCR QO . -55.69 9.80 56.38
C34 BCR QO . -52.54 13.33 57.60
C12 BCR QO . -48.79 13.49 55.33
C13 BCR QO . -48.01 14.66 55.03
C14 BCR QO . -46.80 14.52 54.44
C15 BCR QO . -45.94 15.59 54.08
C16 BCR QO . -44.69 15.44 53.57
C17 BCR QO . -43.94 16.60 53.26
C18 BCR QO . -42.83 16.72 52.49
C19 BCR QO . -42.31 18.07 52.37
C20 BCR QO . -41.34 18.51 51.54
C21 BCR QO . -40.99 19.90 51.57
C22 BCR QO . -40.27 20.59 50.66
C23 BCR QO . -40.08 22.00 50.93
C24 BCR QO . -39.60 22.91 50.06
C25 BCR QO . -39.41 24.34 50.34
C26 BCR QO . -38.52 24.83 51.21
C27 BCR QO . -38.28 26.31 51.35
C28 BCR QO . -38.84 27.13 50.21
C29 BCR QO . -40.27 26.69 49.92
C30 BCR QO . -40.34 25.22 49.49
C35 BCR QO . -48.60 16.00 55.39
C36 BCR QO . -42.14 15.59 51.80
C37 BCR QO . -39.69 20.02 49.41
C38 BCR QO . -37.49 24.01 51.95
C39 BCR QO . -39.96 25.07 48.01
C40 BCR QO . -41.79 24.78 49.67
C1 BCR RO . -30.15 6.90 84.49
C2 BCR RO . -30.56 5.42 84.44
C3 BCR RO . -29.57 4.50 85.13
C4 BCR RO . -28.21 4.65 84.49
C5 BCR RO . -27.75 6.08 84.41
C6 BCR RO . -28.63 7.09 84.40
C7 BCR RO . -28.22 8.50 84.27
C8 BCR RO . -27.50 9.02 83.26
C9 BCR RO . -27.08 10.40 83.10
C10 BCR RO . -26.31 10.68 82.02
C11 BCR RO . -25.76 11.94 81.59
C33 BCR RO . -26.28 6.20 84.73
C31 BCR RO . -30.67 7.54 85.79
C32 BCR RO . -30.84 7.58 83.30
C34 BCR RO . -27.52 11.41 84.12
C12 BCR RO . -24.86 12.02 80.59
C13 BCR RO . -24.28 13.22 80.06
C14 BCR RO . -23.82 13.17 78.79
C15 BCR RO . -23.22 14.18 77.97
C16 BCR RO . -22.88 13.92 76.69
C17 BCR RO . -22.31 14.85 75.77
C18 BCR RO . -21.65 14.55 74.62
C19 BCR RO . -21.18 15.63 73.78
C20 BCR RO . -21.27 15.56 72.44
C21 BCR RO . -20.86 16.55 71.48
C22 BCR RO . -20.77 16.32 70.15
C23 BCR RO . -20.37 17.39 69.24
C24 BCR RO . -21.23 18.12 68.53
C25 BCR RO . -20.94 19.21 67.58
C26 BCR RO . -20.64 20.45 67.97
C27 BCR RO . -20.79 21.64 67.05
C28 BCR RO . -20.89 21.29 65.59
C29 BCR RO . -21.88 20.15 65.42
C30 BCR RO . -21.45 18.88 66.17
C35 BCR RO . -24.21 14.44 80.93
C36 BCR RO . -21.40 13.14 74.17
C37 BCR RO . -21.07 14.99 69.52
C38 BCR RO . -19.86 20.80 69.22
C39 BCR RO . -20.36 18.14 65.38
C40 BCR RO . -22.69 17.97 66.24
C1 BCR SO . -20.88 -3.73 34.30
C2 BCR SO . -21.12 -5.24 34.46
C3 BCR SO . -20.93 -6.08 33.20
C4 BCR SO . -19.64 -5.76 32.48
C5 BCR SO . -19.15 -4.35 32.55
C6 BCR SO . -19.77 -3.40 33.28
C7 BCR SO . -19.19 -2.07 33.50
C8 BCR SO . -19.40 -1.01 32.72
C9 BCR SO . -18.85 0.33 32.90
C10 BCR SO . -17.52 0.48 33.16
C11 BCR SO . -16.85 1.73 33.35
C33 BCR SO . -18.20 -4.03 31.43
C31 BCR SO . -20.54 -3.12 35.66
C32 BCR SO . -22.21 -3.12 33.82
C34 BCR SO . -19.79 1.49 32.78
C12 BCR SO . -15.51 1.89 33.34
C13 BCR SO . -14.83 3.16 33.53
C14 BCR SO . -13.47 3.16 33.64
C15 BCR SO . -12.65 4.31 33.82
C16 BCR SO . -11.30 4.27 33.71
C17 BCR SO . -10.47 5.43 33.89
C18 BCR SO . -9.12 5.51 33.76
C19 BCR SO . -8.49 6.79 34.00
C20 BCR SO . -7.19 7.08 33.81
C21 BCR SO . -6.67 8.39 34.10
C22 BCR SO . -5.38 8.76 34.20
C23 BCR SO . -5.13 10.16 34.52
C24 BCR SO . -3.94 10.76 34.60
C25 BCR SO . -3.73 12.18 34.93
C26 BCR SO . -4.28 13.18 34.22
C27 BCR SO . -4.40 14.58 34.77
C28 BCR SO . -4.10 14.70 36.25
C29 BCR SO . -2.88 13.88 36.58
C30 BCR SO . -3.09 12.40 36.30
C35 BCR SO . -15.66 4.40 33.56
C36 BCR SO . -8.25 4.36 33.39
C37 BCR SO . -4.20 7.85 34.04
C38 BCR SO . -4.57 13.12 32.75
C39 BCR SO . -3.96 11.77 37.39
C40 BCR SO . -1.71 11.71 36.34
C1 LMG TO . -22.48 26.40 37.38
O1 LMG TO . -21.99 25.26 37.96
C2 LMG TO . -23.23 27.23 38.41
O2 LMG TO . -24.34 26.48 38.82
C3 LMG TO . -23.64 28.55 37.76
O3 LMG TO . -24.33 29.29 38.72
C4 LMG TO . -22.43 29.28 37.18
O4 LMG TO . -21.59 29.67 38.25
C5 LMG TO . -21.73 28.32 36.21
O5 LMG TO . -19.46 28.90 36.58
C6 LMG TO . -20.46 28.87 35.59
O6 LMG TO . -21.38 27.13 36.88
C7 LMG TO . -21.55 24.27 37.07
C8 LMG TO . -20.84 23.20 37.89
C9 LMG TO . -21.74 22.38 38.80
O7 LMG TO . -20.21 22.36 36.93
C10 LMG TO . -19.01 21.83 37.21
O9 LMG TO . -18.42 22.08 38.23
C11 LMG TO . -18.56 20.91 36.12
C12 LMG TO . -19.10 19.49 36.29
C13 LMG TO . -18.79 18.62 35.08
C14 LMG TO . -19.33 17.21 35.23
C15 LMG TO . -19.40 16.42 33.92
C16 LMG TO . -20.44 15.31 33.98
C17 LMG TO . -20.46 14.39 32.77
C18 LMG TO . -21.49 13.28 32.87
C19 LMG TO . -21.71 12.48 31.60
C20 LMG TO . -22.86 11.49 31.72
C21 LMG TO . -23.14 10.72 30.44
C22 LMG TO . -22.04 9.73 30.09
C23 LMG TO . -22.20 9.07 28.73
C24 LMG TO . -23.43 8.18 28.60
C25 LMG TO . -23.12 6.69 28.46
C26 LMG TO . -22.37 6.09 29.64
C27 LMG TO . -21.92 4.66 29.36
O8 LMG TO . -22.59 21.60 37.97
C28 LMG TO . -23.49 20.81 38.57
O10 LMG TO . -23.58 20.71 39.76
C29 LMG TO . -24.35 20.11 37.56
C30 LMG TO . -25.65 19.55 38.12
C31 LMG TO . -25.49 18.28 38.93
C32 LMG TO . -26.74 17.96 39.73
C33 LMG TO . -26.69 16.67 40.52
C34 LMG TO . -25.98 16.75 41.86
C35 LMG TO . -26.18 15.51 42.70
C36 LMG TO . -25.73 14.23 42.02
C37 LMG TO . -25.96 12.97 42.85
C38 LMG TO . -25.19 11.74 42.38
C39 LMG TO . -25.76 11.16 41.09
C40 LMG TO . -25.04 9.90 40.64
C41 LMG TO . -25.84 9.10 39.60
C42 LMG TO . -27.07 8.43 40.18
C43 LMG TO . -26.91 6.94 40.46
C44 LMG TO . -26.65 6.10 39.21
C45 LMG TO . -26.67 4.61 39.49
C3 LFA UO . -40.20 -0.54 81.11
C4 LFA UO . -39.08 0.21 81.83
C5 LFA UO . -38.81 1.58 81.24
C6 LFA UO . -38.40 1.54 79.76
C7 LFA UO . -38.39 2.92 79.11
C8 LFA UO . -37.14 3.74 79.44
C9 LFA UO . -35.95 3.41 78.55
C10 LFA UO . -35.08 4.62 78.24
C11 LFA UO . -33.98 4.34 77.24
C12 LFA UO . -33.19 5.58 76.85
C13 LFA UO . -34.08 6.74 76.42
C14 LFA UO . -33.93 7.12 74.95
C15 LFA UO . -34.45 6.08 73.99
C16 LFA UO . -35.06 6.69 72.73
C17 LFA UO . -35.14 5.73 71.55
C18 LFA UO . -33.79 5.53 70.87
FE1 SF4 VO . -6.53 38.36 44.28
FE2 SF4 VO . -5.85 40.91 43.56
FE3 SF4 VO . -8.18 40.45 44.94
FE4 SF4 VO . -7.96 39.66 42.33
S1 SF4 VO . -7.91 41.80 43.12
S2 SF4 VO . -8.80 38.44 44.05
S3 SF4 VO . -5.76 39.05 42.25
S4 SF4 VO . -6.06 40.09 45.68
FE1 SF4 WO . -11.03 47.17 52.40
FE2 SF4 WO . -9.14 47.93 50.56
FE3 SF4 WO . -8.95 48.79 53.16
FE4 SF4 WO . -10.92 49.76 51.53
S1 SF4 WO . -8.68 50.04 51.28
S2 SF4 WO . -11.15 49.05 53.69
S3 SF4 WO . -11.40 47.92 50.28
S4 SF4 WO . -8.81 46.64 52.41
MG CLA XO . -18.01 25.21 74.42
CHA CLA XO . -18.19 25.72 77.85
CHB CLA XO . -14.69 24.53 74.70
CHC CLA XO . -17.96 24.44 71.08
CHD CLA XO . -21.47 25.91 74.20
NA CLA XO . -16.67 25.18 76.02
C1A CLA XO . -16.94 25.40 77.38
C2A CLA XO . -15.67 25.27 78.23
C3A CLA XO . -14.56 25.04 77.17
C4A CLA XO . -15.34 24.90 75.86
CMA CLA XO . -13.58 26.19 77.12
CAA CLA XO . -15.77 24.06 79.14
CBA CLA XO . -14.80 24.13 80.30
CGA CLA XO . -14.80 22.82 81.03
O1A CLA XO . -14.75 21.68 80.57
O2A CLA XO . -14.88 22.96 82.39
NB CLA XO . -16.60 24.58 73.14
C1B CLA XO . -15.29 24.38 73.44
C2B CLA XO . -14.55 23.96 72.21
C3B CLA XO . -15.47 23.93 71.18
C4B CLA XO . -16.79 24.34 71.75
CMB CLA XO . -13.13 23.66 72.20
CAB CLA XO . -15.27 23.59 69.80
CBB CLA XO . -15.62 24.34 68.75
NC CLA XO . -19.45 25.22 72.91
C1C CLA XO . -19.22 24.86 71.62
C2C CLA XO . -20.45 24.95 70.84
C3C CLA XO . -21.45 25.37 71.72
C4C CLA XO . -20.81 25.54 73.03
CMC CLA XO . -20.57 24.63 69.42
CAC CLA XO . -22.86 25.60 71.42
CBC CLA XO . -23.17 27.05 71.11
ND CLA XO . -19.50 25.82 75.65
C1D CLA XO . -20.88 26.04 75.44
C2D CLA XO . -21.53 26.39 76.73
C3D CLA XO . -20.54 26.27 77.69
C4D CLA XO . -19.30 25.89 76.97
CMD CLA XO . -22.93 26.73 76.89
CAD CLA XO . -20.21 26.39 79.10
OBD CLA XO . -20.91 26.76 80.04
CBD CLA XO . -18.71 25.98 79.25
CGD CLA XO . -17.91 27.00 79.99
O1D CLA XO . -17.29 27.96 79.51
O2D CLA XO . -17.91 26.82 81.34
CED CLA XO . -16.93 27.52 82.11
C1 CLA XO . -15.76 22.04 83.07
C2 CLA XO . -15.50 22.17 84.52
C3 CLA XO . -16.19 21.47 85.44
C4 CLA XO . -17.26 20.52 85.05
C5 CLA XO . -15.89 21.60 86.89
C6 CLA XO . -16.93 22.41 87.65
C7 CLA XO . -17.89 21.51 88.42
C8 CLA XO . -17.46 21.21 89.86
C9 CLA XO . -16.67 22.36 90.46
C10 CLA XO . -16.66 19.91 89.93
C11 CLA XO . -16.56 19.38 91.34
C12 CLA XO . -17.92 19.07 91.94
C13 CLA XO . -18.67 17.99 91.16
C14 CLA XO . -20.11 17.92 91.58
C15 CLA XO . -18.00 16.63 91.31
C16 CLA XO . -18.73 15.57 90.51
C17 CLA XO . -18.32 14.17 90.92
C18 CLA XO . -18.88 13.78 92.28
C19 CLA XO . -20.28 13.23 92.16
C20 CLA XO . -17.97 12.78 92.95
C1 BCR YO . -32.00 24.70 80.23
C2 BCR YO . -31.02 24.28 81.33
C3 BCR YO . -31.40 22.97 81.99
C4 BCR YO . -32.75 23.14 82.67
C5 BCR YO . -33.77 23.88 81.83
C6 BCR YO . -33.44 24.53 80.70
C7 BCR YO . -34.44 24.97 79.73
C8 BCR YO . -35.29 24.19 79.03
C9 BCR YO . -36.27 24.67 78.07
C10 BCR YO . -37.10 23.78 77.48
C11 BCR YO . -38.11 24.07 76.51
C33 BCR YO . -35.07 24.07 82.57
C31 BCR YO . -31.75 23.87 78.97
C32 BCR YO . -31.72 26.17 79.91
C34 BCR YO . -36.30 26.14 77.78
C12 BCR YO . -38.98 23.16 76.01
C13 BCR YO . -39.99 23.45 75.03
C14 BCR YO . -40.90 22.49 74.70
C15 BCR YO . -41.00 21.16 75.20
C16 BCR YO . -41.92 20.28 74.71
C17 BCR YO . -42.06 18.94 75.20
C18 BCR YO . -42.89 17.98 74.73
C19 BCR YO . -42.87 16.69 75.39
C20 BCR YO . -43.61 15.62 75.07
C21 BCR YO . -43.51 14.39 75.79
C22 BCR YO . -43.96 13.16 75.43
C23 BCR YO . -43.72 12.06 76.37
C24 BCR YO . -43.94 10.76 76.14
C25 BCR YO . -43.71 9.67 77.09
C26 BCR YO . -44.25 9.63 78.31
C27 BCR YO . -43.72 8.73 79.40
C28 BCR YO . -42.93 7.54 78.88
C29 BCR YO . -41.95 8.01 77.82
C30 BCR YO . -42.65 8.66 76.63
C35 BCR YO . -40.00 24.83 74.42
C36 BCR YO . -43.83 18.17 73.58
C37 BCR YO . -44.66 12.85 74.16
C38 BCR YO . -45.63 10.14 78.64
C39 BCR YO . -43.31 7.58 75.77
C40 BCR YO . -41.56 9.34 75.79
O1 LHG ZO . -40.55 35.86 72.74
C1 LHG ZO . -39.62 36.14 73.76
C2 LHG ZO . -40.32 36.25 75.11
O2 LHG ZO . -39.50 36.98 75.98
C3 LHG ZO . -40.73 34.88 75.65
O3 LHG ZO . -41.51 34.15 74.72
P LHG ZO . -40.97 32.72 74.12
O4 LHG ZO . -40.51 31.87 75.27
O5 LHG ZO . -40.09 32.95 72.93
O6 LHG ZO . -42.42 32.12 73.66
C4 LHG ZO . -43.12 32.68 72.57
C5 LHG ZO . -43.95 31.58 71.92
C6 LHG ZO . -43.29 30.21 71.94
O7 LHG ZO . -45.17 31.52 72.66
C7 LHG ZO . -46.22 30.90 72.14
O9 LHG ZO . -46.55 31.02 70.98
C8 LHG ZO . -46.96 30.04 73.12
C9 LHG ZO . -47.51 28.70 72.63
C10 LHG ZO . -48.98 28.51 73.02
O8 LHG ZO . -43.58 29.61 73.20
C23 LHG ZO . -42.61 28.97 73.82
O10 LHG ZO . -41.96 29.45 74.72
C24 LHG ZO . -42.44 27.57 73.27
C11 LHG ZO . -49.37 27.05 73.16
C12 LHG ZO . -48.63 26.33 74.30
C13 LHG ZO . -48.78 24.82 74.28
C14 LHG ZO . -50.21 24.31 74.46
C15 LHG ZO . -50.60 24.10 75.92
C16 LHG ZO . -51.35 25.27 76.55
C17 LHG ZO . -51.29 25.25 78.08
C18 LHG ZO . -52.48 25.91 78.75
C19 LHG ZO . -53.76 25.10 78.64
C20 LHG ZO . -53.59 23.64 79.09
C21 LHG ZO . -53.33 23.47 80.58
C22 LHG ZO . -52.95 22.05 80.99
C25 LHG ZO . -43.25 26.53 74.01
C26 LHG ZO . -44.41 25.97 73.18
C27 LHG ZO . -44.07 24.66 72.48
C28 LHG ZO . -44.17 23.45 73.41
C29 LHG ZO . -45.60 23.01 73.73
C30 LHG ZO . -45.70 21.97 74.85
C31 LHG ZO . -44.84 22.30 76.06
C32 LHG ZO . -45.14 21.44 77.28
C33 LHG ZO . -45.13 19.94 76.98
C34 LHG ZO . -44.49 19.13 78.10
C35 LHG ZO . -45.00 17.71 78.22
C36 LHG ZO . -44.17 16.88 79.19
C37 LHG ZO . -44.90 15.68 79.81
C38 LHG ZO . -45.45 14.70 78.79
C1 BCR AP . -28.79 2.35 24.13
C2 BCR AP . -30.06 1.82 23.49
C3 BCR AP . -29.79 0.53 22.72
C4 BCR AP . -28.83 0.83 21.59
C5 BCR AP . -27.72 1.78 21.93
C6 BCR AP . -27.62 2.36 23.14
C7 BCR AP . -26.34 2.64 23.81
C8 BCR AP . -25.31 3.36 23.36
C9 BCR AP . -24.07 3.60 24.08
C10 BCR AP . -22.93 3.01 23.65
C11 BCR AP . -21.64 3.16 24.27
C33 BCR AP . -27.13 2.36 20.67
C31 BCR AP . -28.43 1.49 25.35
C32 BCR AP . -29.08 3.78 24.62
C34 BCR AP . -24.14 4.49 25.28
C12 BCR AP . -20.46 2.94 23.64
C13 BCR AP . -19.17 3.09 24.28
C14 BCR AP . -18.14 2.34 23.82
C15 BCR AP . -16.79 2.33 24.32
C16 BCR AP . -15.77 1.71 23.71
C17 BCR AP . -14.45 1.68 24.24
C18 BCR AP . -13.39 0.94 23.82
C19 BCR AP . -12.15 1.05 24.53
C20 BCR AP . -11.12 0.18 24.46
C21 BCR AP . -9.91 0.33 25.21
C22 BCR AP . -8.85 -0.52 25.24
C23 BCR AP . -7.72 -0.19 26.08
C24 BCR AP . -7.07 -1.08 26.85
C25 BCR AP . -5.93 -0.85 27.74
C26 BCR AP . -5.55 0.37 28.17
C27 BCR AP . -5.10 0.60 29.60
C28 BCR AP . -5.12 -0.61 30.49
C29 BCR AP . -4.65 -1.82 29.70
C30 BCR AP . -5.59 -2.13 28.54
C35 BCR AP . -19.06 4.05 25.43
C36 BCR AP . -13.47 -0.01 22.65
C37 BCR AP . -8.79 -1.78 24.43
C38 BCR AP . -5.00 1.44 27.27
C39 BCR AP . -6.89 -2.74 29.09
C40 BCR AP . -4.91 -3.16 27.64
C1 BCR BP . -10.82 -4.52 20.70
C2 BCR BP . -11.92 -4.78 19.67
C3 BCR BP . -11.59 -4.40 18.24
C4 BCR BP . -10.26 -4.94 17.77
C5 BCR BP . -9.24 -5.16 18.85
C6 BCR BP . -9.42 -4.69 20.10
C7 BCR BP . -8.34 -4.68 21.09
C8 BCR BP . -7.36 -3.77 21.17
C9 BCR BP . -6.29 -3.78 22.15
C10 BCR BP . -5.43 -2.74 22.18
C11 BCR BP . -4.31 -2.58 23.07
C33 BCR BP . -7.96 -5.76 18.35
C31 BCR BP . -10.98 -5.48 21.89
C32 BCR BP . -11.00 -3.09 21.22
C34 BCR BP . -6.21 -4.96 23.08
C12 BCR BP . -3.43 -1.57 22.95
C13 BCR BP . -2.29 -1.37 23.82
C14 BCR BP . -1.39 -0.41 23.51
C15 BCR BP . -0.22 -0.07 24.25
C16 BCR BP . 0.56 1.00 23.95
C17 BCR BP . 1.74 1.32 24.70
C18 BCR BP . 2.47 2.45 24.63
C19 BCR BP . 3.65 2.57 25.46
C20 BCR BP . 4.62 3.47 25.31
C21 BCR BP . 5.77 3.54 26.18
C22 BCR BP . 6.89 4.27 25.99
C23 BCR BP . 6.97 5.08 24.78
C24 BCR BP . 7.88 6.04 24.52
C25 BCR BP . 7.93 6.84 23.29
C26 BCR BP . 8.62 6.43 22.20
C27 BCR BP . 8.69 7.24 20.93
C28 BCR BP . 7.71 8.40 20.89
C29 BCR BP . 7.71 9.11 22.22
C30 BCR BP . 7.25 8.20 23.37
C35 BCR BP . -2.17 -2.25 25.03
C36 BCR BP . 2.14 3.60 23.73
C37 BCR BP . 8.05 4.29 26.93
C38 BCR BP . 9.43 5.16 22.14
C39 BCR BP . 5.72 8.03 23.31
C40 BCR BP . 7.61 8.91 24.69
C1 LMG CP . -27.72 -16.10 8.76
O1 LMG CP . -27.22 -15.29 7.75
C2 LMG CP . -28.88 -16.91 8.20
O2 LMG CP . -29.89 -16.01 7.81
C3 LMG CP . -29.37 -17.85 9.30
O3 LMG CP . -30.44 -18.59 8.78
C4 LMG CP . -28.23 -18.72 9.81
O4 LMG CP . -27.83 -19.61 8.80
C5 LMG CP . -27.08 -17.80 10.26
O5 LMG CP . -26.21 -19.57 11.57
C6 LMG CP . -25.82 -18.56 10.67
O6 LMG CP . -26.70 -16.94 9.21
C7 LMG CP . -27.15 -13.92 8.06
C8 LMG CP . -27.30 -13.15 6.75
C9 LMG CP . -28.54 -13.53 5.95
O7 LMG CP . -27.35 -11.78 7.13
C10 LMG CP . -26.69 -10.86 6.42
O9 LMG CP . -25.50 -10.72 6.46
C11 LMG CP . -27.65 -10.05 5.58
C12 LMG CP . -28.10 -8.78 6.30
C13 LMG CP . -27.03 -7.70 6.29
C14 LMG CP . -26.72 -7.19 7.70
C15 LMG CP . -26.54 -5.68 7.78
C16 LMG CP . -26.31 -5.20 9.21
C17 LMG CP . -26.01 -3.72 9.32
O8 LMG CP . -29.69 -13.35 6.76
C28 LMG CP . -30.90 -13.45 6.19
O10 LMG CP . -31.66 -14.34 6.42
C29 LMG CP . -31.14 -12.29 5.26
C30 LMG CP . -32.28 -11.37 5.69
C31 LMG CP . -31.83 -9.95 6.00
C32 LMG CP . -32.84 -8.91 5.53
C33 LMG CP . -32.95 -7.69 6.44
C34 LMG CP . -31.66 -6.92 6.66
C35 LMG CP . -31.53 -6.42 8.10
C36 LMG CP . -30.50 -5.31 8.27
C37 LMG CP . -30.25 -4.93 9.73
C1 BCR DP . -22.37 4.55 80.89
C2 BCR DP . -23.75 3.92 80.69
C3 BCR DP . -24.42 3.52 81.98
C4 BCR DP . -23.56 2.50 82.69
C5 BCR DP . -22.11 2.88 82.77
C6 BCR DP . -21.56 3.82 81.97
C7 BCR DP . -20.29 4.47 82.29
C8 BCR DP . -19.06 4.00 82.05
C9 BCR DP . -17.82 4.67 82.37
C10 BCR DP . -16.66 4.11 81.96
C11 BCR DP . -15.32 4.60 82.16
C33 BCR DP . -21.42 2.24 83.94
C31 BCR DP . -22.53 6.03 81.30
C32 BCR DP . -21.64 4.48 79.56
C34 BCR DP . -17.89 5.96 83.14
C12 BCR DP . -14.21 3.87 81.93
C13 BCR DP . -12.86 4.36 82.12
C14 BCR DP . -11.90 3.95 81.26
C15 BCR DP . -10.52 4.32 81.25
C16 BCR DP . -9.64 3.87 80.33
C17 BCR DP . -8.26 4.27 80.32
C18 BCR DP . -7.29 3.88 79.44
C19 BCR DP . -5.97 4.44 79.60
C20 BCR DP . -4.86 4.08 78.92
C21 BCR DP . -3.60 4.72 79.14
C22 BCR DP . -2.38 4.35 78.65
C23 BCR DP . -1.24 5.17 79.00
C24 BCR DP . 0.05 4.77 79.09
C25 BCR DP . 1.21 5.61 79.44
C26 BCR DP . 2.20 5.84 78.56
C27 BCR DP . 3.49 6.53 78.95
C28 BCR DP . 3.47 7.19 80.32
C29 BCR DP . 2.73 6.31 81.29
C30 BCR DP . 1.27 6.09 80.89
C35 BCR DP . -12.61 5.30 83.26
C36 BCR DP . -7.52 2.93 78.32
C37 BCR DP . -2.16 3.16 77.77
C38 BCR DP . 2.26 5.25 77.18
C39 BCR DP . 0.51 7.41 81.03
C40 BCR DP . 0.67 5.07 81.87
C1 BCR EP . -11.09 -1.78 91.78
C2 BCR EP . -11.10 -2.82 92.90
C3 BCR EP . -12.48 -2.97 93.53
C4 BCR EP . -12.86 -1.66 94.19
C5 BCR EP . -12.40 -0.43 93.44
C6 BCR EP . -11.85 -0.52 92.21
C7 BCR EP . -11.73 0.70 91.39
C8 BCR EP . -11.53 0.93 90.07
C9 BCR EP . -11.47 2.27 89.53
C10 BCR EP . -10.82 2.55 88.37
C11 BCR EP . -10.75 3.88 87.81
C33 BCR EP . -12.10 0.70 94.39
C31 BCR EP . -11.74 -2.41 90.53
C32 BCR EP . -9.61 -1.48 91.51
C34 BCR EP . -12.17 3.34 90.32
C12 BCR EP . -10.11 4.32 86.70
C13 BCR EP . -10.17 5.71 86.32
C14 BCR EP . -9.31 6.26 85.42
C15 BCR EP . -9.35 7.65 85.05
C16 BCR EP . -8.75 8.29 84.02
C17 BCR EP . -7.92 7.71 83.01
C18 BCR EP . -6.91 8.31 82.32
C19 BCR EP . -6.53 9.67 82.62
C20 BCR EP . -5.84 10.50 81.79
C21 BCR EP . -5.46 11.84 82.10
C22 BCR EP . -4.74 12.69 81.32
C23 BCR EP . -4.42 14.02 81.82
C24 BCR EP . -3.91 15.04 81.08
C25 BCR EP . -3.57 16.39 81.54
C26 BCR EP . -2.28 16.76 81.75
C27 BCR EP . -1.89 18.20 81.89
C28 BCR EP . -2.86 19.15 81.24
C29 BCR EP . -4.26 18.85 81.72
C30 BCR EP . -4.72 17.40 81.52
C35 BCR EP . -11.23 6.53 86.98
C36 BCR EP . -6.12 7.59 81.27
C37 BCR EP . -4.22 12.32 79.96
C38 BCR EP . -1.11 15.88 81.43
C39 BCR EP . -5.50 17.27 80.21
C40 BCR EP . -5.67 17.12 82.69
C1 LMG FP . -30.08 -5.77 93.42
O1 LMG FP . -30.81 -4.65 93.76
C2 LMG FP . -29.87 -5.80 91.91
O2 LMG FP . -31.14 -5.87 91.31
C3 LMG FP . -29.01 -7.02 91.60
O3 LMG FP . -28.85 -7.09 90.21
C4 LMG FP . -27.70 -6.99 92.38
O4 LMG FP . -26.93 -5.92 91.91
C5 LMG FP . -28.02 -6.86 93.86
O5 LMG FP . -25.89 -7.70 94.45
C6 LMG FP . -26.81 -6.67 94.75
O6 LMG FP . -28.85 -5.72 94.08
C7 LMG FP . -30.07 -3.46 93.93
C8 LMG FP . -30.92 -2.53 94.77
C9 LMG FP . -31.19 -3.00 96.19
O7 LMG FP . -30.19 -1.30 94.78
C10 LMG FP . -30.24 -0.50 93.71
O9 LMG FP . -31.13 -0.55 92.89
C11 LMG FP . -29.06 0.42 93.68
C12 LMG FP . -29.23 1.58 94.68
C13 LMG FP . -28.31 2.75 94.34
C14 LMG FP . -28.51 3.25 92.92
C15 LMG FP . -28.37 4.76 92.80
C16 LMG FP . -27.19 5.30 93.60
C17 LMG FP . -27.07 6.81 93.55
C18 LMG FP . -27.04 7.37 92.13
C19 LMG FP . -26.71 8.87 92.05
C20 LMG FP . -25.42 9.23 92.77
C21 LMG FP . -24.71 10.41 92.12
C22 LMG FP . -25.64 11.44 91.52
C23 LMG FP . -24.97 12.75 91.14
C24 LMG FP . -23.89 12.61 90.07
C25 LMG FP . -23.33 13.93 89.56
C26 LMG FP . -24.26 14.68 88.62
C27 LMG FP . -23.59 15.88 87.98
O8 LMG FP . -31.39 -1.86 97.02
C28 LMG FP . -32.60 -1.30 97.09
O10 LMG FP . -33.51 -1.60 96.37
C29 LMG FP . -32.66 -0.27 98.19
C30 LMG FP . -32.89 1.15 97.72
C31 LMG FP . -31.61 1.92 97.44
C32 LMG FP . -31.87 3.40 97.19
C33 LMG FP . -30.62 4.28 97.32
C34 LMG FP . -30.88 5.78 97.38
C35 LMG FP . -31.23 6.37 96.01
C36 LMG FP . -31.64 7.84 96.08
C37 LMG FP . -32.19 8.39 94.76
C38 LMG FP . -31.15 8.65 93.69
C39 LMG FP . -30.09 9.65 94.11
C40 LMG FP . -30.65 11.01 94.49
C41 LMG FP . -30.97 11.89 93.28
C42 LMG FP . -30.12 13.16 93.21
C43 LMG FP . -28.62 12.90 93.11
C44 LMG FP . -27.77 14.17 93.10
C45 LMG FP . -28.12 15.12 91.98
C1 BCR GP . 41.46 -4.23 68.45
C2 BCR GP . 40.96 -5.67 68.42
C3 BCR GP . 39.81 -5.89 69.39
C4 BCR GP . 40.27 -5.60 70.81
C5 BCR GP . 41.08 -4.34 70.94
C6 BCR GP . 41.67 -3.74 69.88
C7 BCR GP . 42.32 -2.42 69.97
C8 BCR GP . 43.51 -2.16 70.52
C9 BCR GP . 44.13 -0.85 70.62
C10 BCR GP . 45.31 -0.75 71.29
C11 BCR GP . 46.09 0.42 71.50
C33 BCR GP . 40.98 -3.75 72.31
C31 BCR GP . 40.46 -3.31 67.73
C32 BCR GP . 42.78 -4.19 67.67
C34 BCR GP . 43.46 0.30 69.95
C12 BCR GP . 47.36 0.38 71.98
C13 BCR GP . 48.22 1.51 72.23
C14 BCR GP . 49.51 1.25 72.58
C15 BCR GP . 50.55 2.20 72.87
C16 BCR GP . 51.85 1.84 73.05
C17 BCR GP . 52.89 2.77 73.34
C18 BCR GP . 54.21 2.52 73.49
C19 BCR GP . 55.09 3.62 73.78
C35 BCR GP . 47.65 2.89 72.10
C36 BCR GP . 54.82 1.15 73.34
MG CLA HP . 49.38 -4.28 73.37
CHA CLA HP . 52.25 -5.69 72.00
CHB CLA HP . 51.19 -1.57 74.34
CHC CLA HP . 46.51 -2.93 74.68
CHD CLA HP . 47.55 -7.15 72.37
NA CLA HP . 51.39 -3.75 73.18
C1A CLA HP . 52.44 -4.46 72.56
C2A CLA HP . 53.76 -3.69 72.65
C3A CLA HP . 53.38 -2.41 73.42
C4A CLA HP . 51.88 -2.55 73.66
CMA CLA HP . 54.14 -2.28 74.71
CAA CLA HP . 54.27 -3.35 71.26
CBA CLA HP . 54.89 -1.97 71.20
CGA CLA HP . 55.29 -1.64 69.79
O1A CLA HP . 54.58 -1.58 68.79
O2A CLA HP . 56.63 -1.38 69.66
NB CLA HP . 48.92 -2.55 74.27
C1B CLA HP . 49.82 -1.59 74.65
C2B CLA HP . 49.13 -0.56 75.47
C3B CLA HP . 47.81 -0.93 75.58
C4B CLA HP . 47.66 -2.21 74.81
CMB CLA HP . 49.82 0.60 76.04
CAB CLA HP . 46.71 -0.32 76.26
CBB CLA HP . 46.72 0.07 77.54
NC CLA HP . 47.40 -4.92 73.49
C1C CLA HP . 46.38 -4.21 74.06
C2C CLA HP . 45.13 -4.93 73.96
C3C CLA HP . 45.42 -6.14 73.31
C4C CLA HP . 46.85 -6.12 73.02
CMC CLA HP . 43.85 -4.46 74.47
CAC CLA HP . 44.48 -7.21 72.99
CBC CLA HP . 43.99 -7.14 71.56
ND CLA HP . 49.76 -6.05 72.46
C1D CLA HP . 48.91 -7.13 72.11
C2D CLA HP . 49.72 -8.18 71.43
C3D CLA HP . 51.01 -7.68 71.37
C4D CLA HP . 50.97 -6.35 72.01
CMD CLA HP . 49.21 -9.45 70.94
CAD CLA HP . 52.38 -7.92 70.96
OBD CLA HP . 52.86 -8.93 70.43
CBD CLA HP . 53.20 -6.65 71.32
CGD CLA HP . 54.39 -6.97 72.19
O1D CLA HP . 55.55 -7.17 71.83
O2D CLA HP . 54.10 -7.03 73.52
CED CLA HP . 54.66 -8.10 74.27
MG CLA IP . 42.18 -9.58 56.96
CHA CLA IP . 39.19 -11.35 57.13
CHB CLA IP . 43.63 -12.19 55.32
CHC CLA IP . 45.10 -7.79 56.82
CHD CLA IP . 40.62 -6.89 58.64
NA CLA IP . 41.49 -11.45 56.32
C1A CLA IP . 40.21 -12.01 56.48
C2A CLA IP . 40.14 -13.40 55.85
C3A CLA IP . 41.56 -13.63 55.30
C4A CLA IP . 42.31 -12.34 55.66
CMA CLA IP . 42.22 -14.83 55.93
CAA CLA IP . 39.15 -13.42 54.70
CBA CLA IP . 39.11 -14.75 53.99
CGA CLA IP . 38.72 -14.56 52.56
O1A CLA IP . 39.27 -15.00 51.54
O2A CLA IP . 37.62 -13.78 52.41
NB CLA IP . 44.01 -9.91 56.18
C1B CLA IP . 44.43 -11.06 55.60
C2B CLA IP . 45.88 -10.99 55.31
C3B CLA IP . 46.32 -9.75 55.73
C4B CLA IP . 45.13 -9.04 56.29
CMB CLA IP . 46.62 -12.08 54.69
CAB CLA IP . 47.63 -9.17 55.68
CBB CLA IP . 47.97 -8.07 55.00
NC CLA IP . 42.75 -7.68 57.61
C1C CLA IP . 44.00 -7.14 57.44
C2C CLA IP . 44.03 -5.79 57.99
C3C CLA IP . 42.76 -5.54 58.52
C4C CLA IP . 41.96 -6.73 58.27
CMC CLA IP . 45.21 -4.92 57.98
CAC CLA IP . 42.30 -4.31 59.19
CBC CLA IP . 42.29 -4.42 60.69
ND CLA IP . 40.36 -9.16 57.74
C1D CLA IP . 39.86 -8.02 58.41
C2D CLA IP . 38.45 -8.26 58.79
C3D CLA IP . 38.14 -9.53 58.32
C4D CLA IP . 39.37 -10.05 57.67
CMD CLA IP . 37.59 -7.32 59.50
CAD CLA IP . 37.12 -10.57 58.21
OBD CLA IP . 35.96 -10.57 58.62
CBD CLA IP . 37.77 -11.76 57.44
CGD CLA IP . 37.73 -13.03 58.24
O1D CLA IP . 37.82 -13.15 59.47
O2D CLA IP . 37.57 -14.16 57.50
CED CLA IP . 37.58 -15.42 58.18
C1 CLA IP . 37.23 -13.48 51.05
C2 CLA IP . 36.12 -12.49 51.13
C3 CLA IP . 35.58 -11.92 50.03
C4 CLA IP . 36.05 -12.24 48.66
C5 CLA IP . 34.46 -10.94 50.15
CAA F6C JP . -10.89 -11.48 22.21
CAB F6C JP . -17.69 -4.67 24.08
CAC F6C JP . -11.05 -2.25 27.88
CAD F6C JP . -7.50 -8.47 24.02
NA F6C JP . -12.28 -8.31 23.21
CBA F6C JP . -9.82 -11.85 21.21
CBB F6C JP . -17.99 -3.96 25.18
CBC F6C JP . -10.90 -2.79 29.28
CBD F6C JP . -8.47 -9.20 23.04
NB F6C JP . -14.37 -6.36 23.96
OBD F6C JP . -6.30 -8.73 24.10
CGA F6C JP . -10.34 -11.66 19.84
CGD F6C JP . -8.07 -8.96 21.61
ND F6C JP . -10.48 -6.82 24.97
CED F6C JP . -6.72 -9.71 19.79
CHA F6C JP . -9.86 -8.67 23.32
CHB F6C JP . -14.67 -8.37 22.57
CHC F6C JP . -14.81 -4.28 25.20
CHD F6C JP . -10.09 -4.86 26.42
CMA F6C JP . -13.61 -10.13 20.46
CMB F6C JP . -17.57 -7.38 22.38
CMC F6C JP . -14.11 -1.91 27.05
CMD F6C JP . -7.13 -5.92 26.42
OMB F6C JP . -17.79 -8.56 22.61
C1 F6C JP . -10.01 -10.46 17.75
C1A F6C JP . -11.11 -8.99 22.83
C1B F6C JP . -15.11 -7.21 23.21
C1C F6C JP . -13.54 -4.12 25.82
C1D F6C JP . -9.64 -5.98 25.76
O1A F6C JP . -11.41 -12.10 19.42
O1D F6C JP . -8.50 -8.10 20.84
C2 F6C JP . -10.96 -9.36 18.06
C2A F6C JP . -11.47 -10.12 21.85
C2B F6C JP . -16.50 -6.69 23.12
C2C F6C JP . -13.19 -2.99 26.67
C2D F6C JP . -8.25 -6.49 25.68
O2A F6C JP . -9.50 -10.98 18.99
O2D F6C JP . -7.11 -9.82 21.16
C3 F6C JP . -11.82 -8.80 17.18
C3A F6C JP . -13.02 -10.13 21.85
C3B F6C JP . -16.56 -5.54 23.87
C3C F6C JP . -11.86 -3.15 27.03
C3D F6C JP . -8.28 -7.49 24.73
C4 F6C JP . -12.73 -7.73 17.62
C4A F6C JP . -13.37 -8.84 22.58
C4B F6C JP . -15.19 -5.31 24.41
C4C F6C JP . -11.40 -4.38 26.38
C4D F6C JP . -9.68 -7.65 24.30
C5 F6C JP . -11.92 -9.23 15.76
C6 F6C JP . -11.68 -8.11 14.76
C7 F6C JP . -12.95 -7.57 14.13
C8 F6C JP . -12.67 -6.68 12.92
C9 F6C JP . -11.86 -7.43 11.88
C10 F6C JP . -11.94 -5.39 13.29
C11 F6C JP . -12.24 -4.31 12.29
C12 F6C JP . -11.26 -3.15 12.36
C13 F6C JP . -11.46 -2.18 11.21
C14 F6C JP . -10.15 -1.59 10.75
C15 F6C JP . -12.46 -1.08 11.56
NC F6C JP . -12.46 -4.94 25.67
MG F6C JP . -12.43 -6.66 24.47
C16 F6C JP . -11.85 -0.01 12.43
C17 F6C JP . -12.90 0.93 12.98
C18 F6C JP . -12.33 2.06 13.84
C19 F6C JP . -11.08 1.63 14.58
C20 F6C JP . -12.05 3.29 13.00
MG CLA KP . 15.36 3.96 9.08
CHA CLA KP . 14.29 3.09 5.89
CHB CLA KP . 13.36 1.55 10.41
CHC CLA KP . 16.45 4.87 12.21
CHD CLA KP . 17.50 6.37 7.65
NA CLA KP . 14.04 2.56 8.26
C1A CLA KP . 13.72 2.36 6.90
C2A CLA KP . 12.71 1.22 6.74
C3A CLA KP . 12.45 0.76 8.20
C4A CLA KP . 13.34 1.67 9.03
CMA CLA KP . 11.00 0.88 8.58
CAA CLA KP . 13.28 0.07 5.92
CBA CLA KP . 14.50 -0.57 6.55
CGA CLA KP . 15.75 0.13 6.10
O1A CLA KP . 16.14 0.39 4.97
O2A CLA KP . 16.54 0.51 7.16
NB CLA KP . 14.97 3.32 10.96
C1B CLA KP . 14.13 2.33 11.30
C2B CLA KP . 14.09 2.18 12.77
C3B CLA KP . 14.96 3.12 13.29
C4B CLA KP . 15.53 3.86 12.14
CMB CLA KP . 13.26 1.18 13.44
CAB CLA KP . 15.34 3.42 14.65
CBB CLA KP . 15.37 2.58 15.69
NC CLA KP . 16.72 5.37 9.78
C1C CLA KP . 17.01 5.58 11.11
C2C CLA KP . 18.00 6.64 11.24
C3C CLA KP . 18.30 7.07 9.95
C4C CLA KP . 17.50 6.26 9.05
CMC CLA KP . 18.53 7.14 12.52
CAC CLA KP . 19.25 8.12 9.56
CBC CLA KP . 20.56 7.56 9.06
ND CLA KP . 15.82 4.63 7.23
C1D CLA KP . 16.73 5.63 6.79
C2D CLA KP . 16.67 5.71 5.31
C3D CLA KP . 15.72 4.77 4.92
C4D CLA KP . 15.24 4.13 6.15
CMD CLA KP . 17.46 6.63 4.50
CAD CLA KP . 15.04 4.15 3.80
OBD CLA KP . 15.13 4.37 2.60
CBD CLA KP . 14.10 3.05 4.40
CGD CLA KP . 12.66 3.27 4.01
O1D CLA KP . 11.94 4.25 4.28
O2D CLA KP . 12.13 2.27 3.26
CED CLA KP . 11.02 2.57 2.42
C1 CLA KP . 17.55 1.51 6.88
C2 CLA KP . 18.08 1.94 8.20
C3 CLA KP . 19.08 2.83 8.32
C4 CLA KP . 19.74 3.44 7.14
C5 CLA KP . 19.59 3.25 9.66
C6 CLA KP . 18.91 2.53 10.80
C7 CLA KP . 19.48 2.99 12.13
C8 CLA KP . 18.80 2.30 13.31
C9 CLA KP . 19.43 2.73 14.61
C10 CLA KP . 18.86 0.78 13.15
C11 CLA KP . 18.53 0.05 14.43
C12 CLA KP . 18.55 -1.44 14.22
C13 CLA KP . 18.83 -2.18 15.53
C14 CLA KP . 20.27 -2.06 15.93
C15 CLA KP . 18.44 -3.65 15.42
C16 CLA KP . 16.93 -3.82 15.51
C17 CLA KP . 16.40 -4.73 14.43
C18 CLA KP . 16.73 -6.20 14.71
C19 CLA KP . 16.29 -6.60 16.09
C20 CLA KP . 16.06 -7.08 13.68
MG CLA LP . 7.39 5.18 18.53
CHA CLA LP . 9.90 6.13 16.33
CHB CLA LP . 9.08 2.29 19.19
CHC CLA LP . 4.90 4.31 20.73
CHD CLA LP . 5.68 8.18 17.77
NA CLA LP . 9.21 4.38 17.87
C1A CLA LP . 10.11 4.93 16.96
C2A CLA LP . 11.33 4.03 16.78
C3A CLA LP . 10.99 2.78 17.62
C4A CLA LP . 9.67 3.16 18.30
CMA CLA LP . 10.84 1.55 16.77
CAA CLA LP . 12.54 4.73 17.35
CBA CLA LP . 12.54 4.73 18.87
CGA CLA LP . 13.05 6.01 19.44
O1A CLA LP . 13.90 6.78 18.97
O2A CLA LP . 12.49 6.34 20.64
NB CLA LP . 7.03 3.58 19.71
C1B CLA LP . 7.86 2.52 19.87
C2B CLA LP . 7.29 1.59 20.88
C3B CLA LP . 6.11 2.14 21.31
C4B CLA LP . 5.93 3.44 20.58
CMB CLA LP . 7.93 0.34 21.28
CAB CLA LP . 5.17 1.67 22.29
CBB CLA LP . 4.07 0.98 22.01
NC CLA LP . 5.62 6.10 19.15
C1C CLA LP . 4.76 5.56 20.07
C2C CLA LP . 3.63 6.46 20.27
C3C CLA LP . 3.85 7.55 19.43
C4C CLA LP . 5.10 7.31 18.72
CMC CLA LP . 2.52 6.23 21.19
CAC CLA LP . 2.99 8.74 19.28
CBC CLA LP . 3.59 9.95 19.97
ND CLA LP . 7.71 6.84 17.42
C1D CLA LP . 6.89 7.97 17.14
C2D CLA LP . 7.55 8.83 16.14
C3D CLA LP . 8.72 8.16 15.79
C4D CLA LP . 8.75 6.93 16.60
CMD CLA LP . 7.03 10.09 15.63
CAD CLA LP . 9.92 8.19 14.98
OBD CLA LP . 10.33 9.04 14.21
CBD CLA LP . 10.67 6.84 15.24
CGD CLA LP . 10.63 5.99 14.00
O1D CLA LP . 9.64 5.61 13.38
O2D CLA LP . 11.86 5.61 13.54
CED CLA LP . 11.86 4.65 12.49
C1 CLA LP . 12.98 7.53 21.28
C2 CLA LP . 12.39 7.60 22.64
C3 CLA LP . 12.15 8.77 23.27
C4 CLA LP . 12.47 10.07 22.65
C5 CLA LP . 11.54 8.80 24.64
C6 CLA LP . 12.38 8.12 25.70
C7 CLA LP . 13.74 8.79 25.86
C8 CLA LP . 14.30 8.64 27.27
C9 CLA LP . 15.05 9.90 27.66
C10 CLA LP . 15.18 7.40 27.38
C11 CLA LP . 16.26 7.54 28.44
C12 CLA LP . 16.77 6.19 28.90
C13 CLA LP . 18.26 6.22 29.23
C14 CLA LP . 18.70 4.91 29.85
C15 CLA LP . 18.60 7.38 30.17
CAA F6C MP . 9.30 -13.03 17.04
CAB F6C MP . 5.77 -7.64 23.92
CAC F6C MP . 10.45 -2.78 19.71
CAD F6C MP . 11.11 -9.14 14.59
NA F6C MP . 8.13 -10.03 18.29
CBA F6C MP . 8.89 -14.37 16.46
CBB F6C MP . 4.57 -7.75 24.50
CBC F6C MP . 9.78 -1.88 18.70
CBD F6C MP . 10.20 -10.33 15.01
NB F6C MP . 7.19 -8.43 20.58
OBD F6C MP . 11.83 -9.15 13.60
CGA F6C MP . 10.07 -15.31 16.50
CGD F6C MP . 9.16 -10.61 13.96
ND F6C MP . 9.76 -7.71 17.57
CED F6C MP . 8.67 -11.77 11.94
CHA F6C MP . 9.55 -9.93 16.31
CHB F6C MP . 6.57 -10.76 20.07
CHC F6C MP . 7.44 -6.26 21.77
CHD F6C MP . 10.45 -5.39 17.96
CMA F6C MP . 5.78 -12.48 17.60
CMB F6C MP . 5.20 -10.65 22.79
CMC F6C MP . 8.45 -3.37 22.13
CMD F6C MP . 12.10 -5.82 15.29
OMB F6C MP . 5.81 -11.53 23.39
C1 F6C MP . 10.01 -15.16 14.08
C1A F6C MP . 8.68 -10.61 17.13
C1B F6C MP . 6.59 -9.61 20.87
C1C F6C MP . 8.34 -5.63 20.86
C1D F6C MP . 10.49 -6.54 17.21
O1A F6C MP . 10.77 -15.60 17.47
O1D F6C MP . 8.09 -10.03 13.78
C2 F6C MP . 11.17 -14.30 13.73
C2A F6C MP . 8.17 -12.03 16.94
C2B F6C MP . 5.92 -9.52 22.20
C2C F6C MP . 8.83 -4.26 21.03
C2D F6C MP . 11.23 -6.79 15.95
O2A F6C MP . 10.35 -15.88 15.29
O2D F6C MP . 9.46 -11.64 13.13
C3 F6C MP . 11.54 -14.07 12.47
C3A F6C MP . 7.17 -12.23 18.11
C3B F6C MP . 6.17 -8.26 22.69
C3C F6C MP . 9.69 -4.02 19.97
C3D F6C MP . 10.92 -8.08 15.57
C4 F6C MP . 10.82 -14.67 11.33
C4A F6C MP . 7.29 -10.92 18.90
C4B F6C MP . 6.97 -7.55 21.66
C4C F6C MP . 9.71 -5.23 19.15
C4D F6C MP . 9.99 -8.61 16.60
C5 F6C MP . 12.71 -13.20 12.17
C6 F6C MP . 13.40 -13.55 10.86
C7 F6C MP . 14.42 -12.49 10.49
C8 F6C MP . 13.78 -11.12 10.36
C9 F6C MP . 13.00 -11.02 9.05
C10 F6C MP . 14.82 -10.01 10.42
C11 F6C MP . 14.24 -8.73 10.98
C12 F6C MP . 14.15 -7.64 9.93
C13 F6C MP . 14.23 -6.27 10.58
C14 F6C MP . 12.91 -5.90 11.21
C15 F6C MP . 14.66 -5.21 9.57
NC F6C MP . 8.87 -6.18 19.73
MG F6C MP . 8.46 -8.12 19.06
C16 F6C MP . 15.38 -4.07 10.26
C17 F6C MP . 15.52 -2.86 9.35
C18 F6C MP . 16.38 -1.77 9.96
C19 F6C MP . 16.00 -1.51 11.40
C20 F6C MP . 17.84 -2.13 9.86
C1 BCR NP . -20.90 13.70 25.44
C2 BCR NP . -21.98 14.77 25.56
C3 BCR NP . -21.78 15.89 24.56
C4 BCR NP . -20.46 16.58 24.82
C5 BCR NP . -19.32 15.65 25.15
C6 BCR NP . -19.50 14.33 25.37
C7 BCR NP . -18.41 13.35 25.28
C8 BCR NP . -17.48 13.29 24.33
C9 BCR NP . -16.39 12.32 24.23
C10 BCR NP . -15.35 12.63 23.42
C11 BCR NP . -14.17 11.85 23.15
C33 BCR NP . -18.11 16.42 25.61
C31 BCR NP . -21.15 12.84 24.19
C32 BCR NP . -21.02 12.80 26.68
C34 BCR NP . -16.49 11.05 25.04
C12 BCR NP . -13.15 12.34 22.40
C13 BCR NP . -11.93 11.64 22.05
C14 BCR NP . -11.10 12.24 21.17
C15 BCR NP . -9.85 11.76 20.65
C16 BCR NP . -8.95 12.57 20.03
C17 BCR NP . -7.71 12.10 19.48
C18 BCR NP . -6.67 12.84 19.07
C19 BCR NP . -5.51 12.15 18.53
C20 BCR NP . -4.31 12.70 18.23
C21 BCR NP . -3.24 11.92 17.67
C22 BCR NP . -1.97 12.32 17.43
C23 BCR NP . -1.05 11.37 16.83
C24 BCR NP . 0.28 11.31 17.00
C25 BCR NP . 1.20 10.35 16.38
C26 BCR NP . 1.03 9.02 16.36
C27 BCR NP . 1.90 8.11 15.52
C28 BCR NP . 2.62 8.83 14.40
C29 BCR NP . 3.31 10.06 14.96
C30 BCR NP . 2.35 11.04 15.63
C35 BCR NP . -11.67 10.30 22.69
C36 BCR NP . -6.63 14.34 19.13
C37 BCR NP . -1.45 13.70 17.75
C38 BCR NP . 0.09 8.23 17.24
C39 BCR NP . 1.78 12.02 14.59
C40 BCR NP . 3.20 11.86 16.63
C1 LMG OP . 6.23 -20.18 17.05
O1 LMG OP . 6.76 -20.02 18.31
C2 LMG OP . 5.61 -21.57 16.94
O2 LMG OP . 6.63 -22.51 17.14
C3 LMG OP . 5.00 -21.68 15.55
O3 LMG OP . 4.47 -22.97 15.42
C4 LMG OP . 3.97 -20.57 15.34
O4 LMG OP . 2.92 -20.78 16.24
C5 LMG OP . 4.67 -19.23 15.56
O5 LMG OP . 2.91 -18.19 14.36
C6 LMG OP . 3.72 -18.04 15.50
O6 LMG OP . 5.25 -19.19 16.84
C7 LMG OP . 7.65 -18.94 18.46
C8 LMG OP . 8.79 -19.42 19.35
C9 LMG OP . 9.86 -20.21 18.64
O7 LMG OP . 9.34 -18.22 19.89
C10 LMG OP . 8.67 -17.51 20.81
O9 LMG OP . 7.78 -17.96 21.49
C11 LMG OP . 9.17 -16.10 20.86
C12 LMG OP . 8.92 -15.46 22.23
C13 LMG OP . 8.72 -13.96 22.16
C14 LMG OP . 9.95 -13.23 21.62
C15 LMG OP . 9.79 -11.71 21.65
C16 LMG OP . 10.94 -11.01 20.94
C17 LMG OP . 10.92 -9.49 21.10
C18 LMG OP . 12.08 -8.78 20.41
C19 LMG OP . 12.13 -7.29 20.68
C20 LMG OP . 13.49 -6.67 20.40
C21 LMG OP . 13.73 -6.43 18.91
C22 LMG OP . 14.10 -4.98 18.59
C23 LMG OP . 15.34 -4.49 19.30
O8 LMG OP . 9.31 -21.43 18.15
C28 LMG OP . 10.07 -22.52 18.17
O10 LMG OP . 11.00 -22.67 18.92
C29 LMG OP . 9.63 -23.52 17.13
C30 LMG OP . 10.63 -24.64 16.84
C31 LMG OP . 11.45 -24.42 15.58
C32 LMG OP . 12.79 -23.75 15.86
C33 LMG OP . 12.77 -22.23 15.77
C34 LMG OP . 14.09 -21.56 16.12
C35 LMG OP . 14.16 -20.11 15.64
C36 LMG OP . 13.73 -19.09 16.68
C37 LMG OP . 14.54 -17.79 16.64
C38 LMG OP . 13.85 -16.59 17.27
C39 LMG OP . 14.52 -15.27 16.88
C40 LMG OP . 13.62 -14.07 17.07
C41 LMG OP . 14.32 -12.74 16.85
C42 LMG OP . 13.41 -11.53 17.07
C43 LMG OP . 14.08 -10.18 16.87
C44 LMG OP . 14.61 -9.96 15.45
O1 LHG PP . 25.05 15.84 14.94
C1 LHG PP . 23.70 16.21 15.01
C2 LHG PP . 23.15 16.47 13.62
O2 LHG PP . 21.83 16.96 13.73
C3 LHG PP . 23.26 15.23 12.74
O3 LHG PP . 23.05 15.54 11.37
P LHG PP . 24.01 14.87 10.21
O4 LHG PP . 25.38 15.47 10.32
O5 LHG PP . 23.30 14.83 8.91
O6 LHG PP . 24.12 13.38 10.87
C4 LHG PP . 25.20 12.52 10.54
C5 LHG PP . 24.66 11.11 10.40
C6 LHG PP . 25.71 10.09 9.99
O7 LHG PP . 24.16 10.77 11.69
C7 LHG PP . 23.29 9.77 11.82
O9 LHG PP . 22.45 9.51 11.00
C8 LHG PP . 23.48 8.99 13.10
C9 LHG PP . 22.76 7.65 13.22
C10 LHG PP . 22.74 7.13 14.66
O8 LHG PP . 26.60 9.95 11.08
C23 LHG PP . 27.86 9.63 10.83
O10 LHG PP . 28.75 10.45 10.75
C24 LHG PP . 28.04 8.14 10.69
C11 LHG PP . 21.99 5.80 14.80
C12 LHG PP . 22.78 4.60 14.30
C13 LHG PP . 23.97 4.22 15.18
C14 LHG PP . 23.58 3.83 16.61
C15 LHG PP . 22.77 2.54 16.70
C16 LHG PP . 23.55 1.35 17.24
C17 LHG PP . 23.26 0.06 16.48
C18 LHG PP . 24.08 -0.10 15.21
C19 LHG PP . 23.56 -1.17 14.27
C20 LHG PP . 22.63 -0.62 13.19
C21 LHG PP . 23.32 0.32 12.20
C22 LHG PP . 22.39 0.91 11.15
C25 LHG PP . 29.50 7.71 10.74
C26 LHG PP . 29.69 6.20 10.61
C27 LHG PP . 31.11 5.76 10.97
C28 LHG PP . 31.47 4.39 10.40
C29 LHG PP . 30.82 3.21 11.13
C30 LHG PP . 31.35 1.85 10.68
C31 LHG PP . 31.04 0.73 11.66
C32 LHG PP . 32.30 0.08 12.22
C33 LHG PP . 32.03 -0.99 13.27
C34 LHG PP . 33.27 -1.80 13.62
C35 LHG PP . 33.12 -2.64 14.88
C36 LHG PP . 31.86 -3.50 14.88
C37 LHG PP . 31.68 -4.35 16.14
C38 LHG PP . 30.26 -4.84 16.36
C1 LFA QP . 5.00 -17.28 27.04
C2 LFA QP . 6.20 -16.53 26.47
C3 LFA QP . 6.21 -15.06 26.86
C4 LFA QP . 7.29 -14.24 26.15
C5 LFA QP . 7.26 -12.76 26.51
C6 LFA QP . 8.15 -11.92 25.60
C7 LFA QP . 8.20 -10.45 25.98
C8 LFA QP . 8.79 -9.58 24.88
C9 LFA QP . 9.19 -8.18 25.35
C10 LFA QP . 9.85 -7.36 24.24
C11 LFA QP . 10.45 -6.05 24.72
C12 LFA QP . 11.22 -5.32 23.62
C13 LFA QP . 11.95 -4.07 24.10
C14 LFA QP . 12.79 -3.43 23.01
C15 LFA QP . 13.59 -2.21 23.48
CA CA RP . -7.64 -19.19 23.67
O1 LHG SP . -27.55 25.34 10.58
C1 LHG SP . -26.38 24.78 10.05
C2 LHG SP . -25.26 25.81 10.04
O2 LHG SP . -24.30 25.42 9.10
C3 LHG SP . -24.68 26.04 11.44
O3 LHG SP . -25.69 26.39 12.38
P LHG SP . -25.59 25.84 13.93
O4 LHG SP . -26.86 26.24 14.64
O5 LHG SP . -24.25 26.14 14.50
O6 LHG SP . -25.75 24.25 13.58
C4 LHG SP . -27.02 23.64 13.49
C5 LHG SP . -26.79 22.14 13.51
C6 LHG SP . -25.98 21.64 12.33
O7 LHG SP . -26.09 21.90 14.73
C7 LHG SP . -25.87 20.66 15.16
O9 LHG SP . -24.78 20.14 15.17
C8 LHG SP . -27.12 19.97 15.63
C9 LHG SP . -27.27 19.68 17.12
C10 LHG SP . -26.19 18.71 17.64
O8 LHG SP . -26.24 20.24 12.16
C23 LHG SP . -25.43 19.55 11.37
O10 LHG SP . -24.49 20.04 10.81
C24 LHG SP . -25.84 18.11 11.31
C11 LHG SP . -26.59 17.25 17.49
C12 LHG SP . -27.83 16.88 18.30
C13 LHG SP . -27.95 15.39 18.59
C14 LHG SP . -27.66 14.50 17.38
C15 LHG SP . -28.79 13.52 17.04
C16 LHG SP . -29.31 12.75 18.25
C17 LHG SP . -30.35 11.71 17.87
C18 LHG SP . -29.79 10.56 17.02
C19 LHG SP . -30.86 9.61 16.52
C20 LHG SP . -30.31 8.53 15.59
C21 LHG SP . -31.37 7.79 14.78
C22 LHG SP . -30.82 6.77 13.80
C25 LHG SP . -26.09 17.49 12.67
C26 LHG SP . -24.99 16.54 13.13
C27 LHG SP . -24.81 15.34 12.18
C28 LHG SP . -24.58 14.04 12.93
C29 LHG SP . -25.60 13.77 14.03
C30 LHG SP . -25.67 12.31 14.49
C31 LHG SP . -24.30 11.71 14.82
C32 LHG SP . -24.40 10.49 15.74
C33 LHG SP . -25.42 9.47 15.27
C34 LHG SP . -25.98 8.65 16.42
C35 LHG SP . -24.95 7.80 17.14
C36 LHG SP . -24.66 6.49 16.44
C37 LHG SP . -25.83 5.50 16.42
C38 LHG SP . -25.51 4.17 15.76
C1 BCR TP . -31.03 12.83 22.64
C2 BCR TP . -30.28 14.16 22.59
C3 BCR TP . -31.00 15.29 23.27
C4 BCR TP . -32.36 15.50 22.61
C5 BCR TP . -33.12 14.23 22.39
C6 BCR TP . -32.52 13.03 22.30
C7 BCR TP . -33.17 11.92 21.60
C8 BCR TP . -33.47 10.69 22.05
C9 BCR TP . -34.15 9.71 21.23
C10 BCR TP . -33.42 8.84 20.47
C11 BCR TP . -33.96 7.84 19.59
C33 BCR TP . -34.57 14.47 22.08
C31 BCR TP . -30.90 12.21 24.03
C32 BCR TP . -30.33 11.90 21.63
C34 BCR TP . -35.64 9.71 21.26
C12 BCR TP . -33.21 6.93 18.93
C13 BCR TP . -33.78 5.94 18.02
C14 BCR TP . -32.95 5.35 17.12
C15 BCR TP . -33.29 4.38 16.12
C16 BCR TP . -32.38 3.64 15.44
C17 BCR TP . -32.78 2.71 14.42
C18 BCR TP . -32.01 1.83 13.73
C19 BCR TP . -32.67 1.03 12.72
C20 BCR TP . -32.08 0.54 11.62
C21 BCR TP . -32.79 -0.22 10.62
C22 BCR TP . -32.27 -0.82 9.52
C23 BCR TP . -33.20 -1.53 8.64
C24 BCR TP . -32.85 -2.39 7.67
C25 BCR TP . -33.79 -3.09 6.77
C26 BCR TP . -34.49 -4.18 7.15
C27 BCR TP . -35.39 -4.94 6.21
C28 BCR TP . -35.68 -4.21 4.90
C29 BCR TP . -34.39 -3.61 4.37
C30 BCR TP . -33.80 -2.57 5.33
C35 BCR TP . -35.24 5.62 18.13
C36 BCR TP . -30.53 1.64 13.94
C37 BCR TP . -30.82 -0.77 9.14
C38 BCR TP . -34.66 -4.63 8.57
C39 BCR TP . -34.60 -1.26 5.26
C40 BCR TP . -32.36 -2.28 4.86
O1 LHG UP . -52.06 33.40 68.84
C1 LHG UP . -53.00 34.36 68.41
C2 LHG UP . -52.97 34.47 66.90
O2 LHG UP . -53.43 33.26 66.35
C3 LHG UP . -51.56 34.85 66.42
O3 LHG UP . -51.56 35.21 65.05
P LHG UP . -51.44 34.06 63.87
O4 LHG UP . -50.63 34.64 62.74
O5 LHG UP . -52.77 33.43 63.62
O6 LHG UP . -50.45 33.02 64.64
C4 LHG UP . -50.88 31.70 64.94
C5 LHG UP . -50.16 30.74 64.00
C6 LHG UP . -48.65 30.73 64.14
O7 LHG UP . -50.67 29.45 64.34
C7 LHG UP . -51.79 29.00 63.77
O9 LHG UP . -52.51 29.67 63.08
C8 LHG UP . -52.07 27.55 64.10
C9 LHG UP . -51.40 26.50 63.22
C10 LHG UP . -51.58 25.08 63.76
O8 LHG UP . -48.26 29.49 64.74
C23 LHG UP . -47.71 28.58 63.95
O10 LHG UP . -47.96 28.47 62.78
C24 LHG UP . -46.73 27.72 64.72
C11 LHG UP . -50.41 24.17 63.40
C12 LHG UP . -50.82 22.72 63.20
C13 LHG UP . -51.92 22.53 62.16
C14 LHG UP . -52.35 21.07 61.98
C15 LHG UP . -53.84 20.91 61.69
C16 LHG UP . -54.36 19.49 61.86
C17 LHG UP . -55.88 19.42 61.88
C25 LHG UP . -46.86 26.24 64.44
C26 LHG UP . -45.63 25.62 63.79
C27 LHG UP . -44.63 25.06 64.81
C28 LHG UP . -44.62 23.54 64.84
C29 LHG UP . -43.54 22.94 65.74
C30 LHG UP . -43.56 21.41 65.80
C31 LHG UP . -42.92 20.74 64.59
C32 LHG UP . -42.48 19.31 64.88
C33 LHG UP . -43.39 18.25 64.26
C34 LHG UP . -42.89 17.74 62.92
C35 LHG UP . -43.70 16.59 62.35
C36 LHG UP . -43.89 15.46 63.35
C37 LHG UP . -44.70 14.27 62.82
C38 LHG UP . -44.95 13.18 63.85
MG CLA VP . -47.60 12.57 72.27
CHA CLA VP . -48.11 9.14 72.17
CHB CLA VP . -48.62 12.63 75.51
CHC CLA VP . -47.00 15.95 72.33
CHD CLA VP . -46.61 12.46 68.87
NA CLA VP . -48.25 11.10 73.61
C1A CLA VP . -48.38 9.72 73.38
C2A CLA VP . -48.89 9.01 74.64
C3A CLA VP . -49.10 10.15 75.65
C4A CLA VP . -48.61 11.39 74.90
CMA CLA VP . -50.54 10.28 76.08
CAA CLA VP . -47.85 8.01 75.16
CBA CLA VP . -48.18 7.55 76.56
CGA CLA VP . -47.46 6.26 76.85
O1A CLA VP . -47.47 5.21 76.20
O2A CLA VP . -46.72 6.31 78.00
NB CLA VP . -47.78 14.02 73.66
C1B CLA VP . -48.21 13.85 74.93
C2B CLA VP . -48.22 15.15 75.64
C3B CLA VP . -47.76 16.09 74.75
C4B CLA VP . -47.48 15.39 73.47
CMB CLA VP . -48.64 15.28 77.04
CAB CLA VP . -47.55 17.51 74.90
CBB CLA VP . -48.36 18.35 75.55
NC CLA VP . -46.92 13.95 70.85
C1C CLA VP . -46.74 15.28 71.10
C2C CLA VP . -46.24 15.94 69.90
C3C CLA VP . -46.14 14.96 68.91
C4C CLA VP . -46.58 13.71 69.52
CMC CLA VP . -45.92 17.37 69.79
CAC CLA VP . -45.68 15.14 67.52
CBC CLA VP . -44.25 14.70 67.33
ND CLA VP . -47.38 11.18 70.81
C1D CLA VP . -46.99 11.28 69.45
C2D CLA VP . -47.06 9.93 68.84
C3D CLA VP . -47.45 9.06 69.84
C4D CLA VP . -47.65 9.90 71.04
CMD CLA VP . -46.73 9.64 67.45
CAD CLA VP . -47.77 7.69 70.19
OBD CLA VP . -47.72 6.68 69.51
CBD CLA VP . -48.22 7.70 71.70
CGD CLA VP . -49.61 7.16 71.86
O1D CLA VP . -50.67 7.79 71.84
O2D CLA VP . -49.66 5.81 72.07
CED CLA VP . -50.66 5.08 71.36
C1 CLA VP . -45.81 5.21 78.22
C2 CLA VP . -46.44 4.32 79.24
C3 CLA VP . -46.32 4.52 80.55
C4 CLA VP . -46.96 3.62 81.55
C5 CLA VP . -45.51 5.65 81.10
C6 CLA VP . -46.33 6.58 81.96
C7 CLA VP . -47.38 7.32 81.14
C8 CLA VP . -48.11 8.37 81.95
C9 CLA VP . -48.67 7.77 83.24
C10 CLA VP . -49.23 8.99 81.14
#